data_7AM2
#
_entry.id   7AM2
#
_cell.length_a   1.00
_cell.length_b   1.00
_cell.length_c   1.00
_cell.angle_alpha   90.00
_cell.angle_beta   90.00
_cell.angle_gamma   90.00
#
_symmetry.space_group_name_H-M   'P 1'
#
loop_
_entity.id
_entity.type
_entity.pdbx_description
1 polymer 'Ribosomal protein L3-like protein'
2 polymer uL4m
3 polymer 'RIBOSOMAL_L9 domain-containing protein'
4 polymer 'Putative ribosomal protein L11'
5 polymer '50S ribosomal protein L13-like protein'
6 polymer 'Ribosomal_L18e/L15P domain-containing protein'
7 polymer 'Putative 50S ribosomal protein L17'
8 polymer bL19m
9 polymer bL20m
10 polymer bL21m
11 polymer uL22m
12 polymer uL23m
13 polymer uL24m
14 polymer bL28m
15 polymer uL29m
16 polymer uL30m
17 polymer bL32m
18 polymer bL35m
19 polymer mL41
20 polymer mL94
21 polymer 'TRUD domain-containing protein'
22 polymer UA
23 polymer mL95
24 polymer 'RNA uridylyltransferase'
25 polymer mL67
26 polymer mL71
27 polymer mL81
28 polymer mL98
29 polymer 'Putative ribosomal protein L14'
30 polymer mL86
31 polymer mL87
32 polymer mL53
33 polymer mL63
34 polymer mL68
35 polymer mL80
36 polymer mL74
37 polymer 'L51_S25_CI-B8 domain-containing protein'
38 polymer mL42
39 polymer mL52,mL52
40 polymer mL93
41 polymer mL75
42 polymer mL85
43 polymer mL100
44 polymer mL49
45 polymer mL89
46 polymer 'Peptidyl-prolyl cis-trans isomerase'
47 polymer mL72
48 polymer mL84
49 polymer mL76
50 polymer mL99
51 polymer mL88
52 polymer mL70
53 polymer mL59/64
54 polymer 'Peptidyl-prolyl cis-trans isomerase'
55 polymer 'LIM zinc-binding domain-containing protein'
56 polymer 'DNAj-like protein'
57 polymer 'SpoU_methylase domain-containing protein'
58 polymer 'Pseudouridylate synthase-like protein'
59 polymer 'Acyl carrier protein'
60 polymer L0R8F8
61 polymer 'G domain-containing protein'
62 polymer 'GTPase Der'
63 polymer 'DEAD/DEAH box helicase-like protein'
64 polymer 'G domain-containing protein'
65 polymer mL78
66 polymer U6
67 polymer U1
68 polymer U3
69 polymer U4
70 polymer U5
71 polymer mL78
72 polymer U2
73 polymer 'Ribosomal RNA'
74 polymer R1
75 polymer R2
76 polymer R5
77 polymer U8
78 non-polymer "GUANOSINE-5'-TRIPHOSPHATE"
79 non-polymer "ADENOSINE-5'-TRIPHOSPHATE"
#
loop_
_entity_poly.entity_id
_entity_poly.type
_entity_poly.pdbx_seq_one_letter_code
_entity_poly.pdbx_strand_id
1 'polypeptide(L)'
;MHRFRVCALGAAFCVARRWRSGGGPGDRRVRTDWYRCYPSLMEEKDRDMYHCYYPYLFDHGDKMSLYPKIPDNPREWQVE
QLQTTYDAIREDKYDAFVRLRAKFPELYQDTYAWDNPPPFGEFNMFYSVRFGMIGVKAFTCKDYDDLGNQFDCTAFWFPD
NQIVKHSTRNGDVGTDKVYVGAMNVPVEFHKPHVAAFYKAAGVPVKHVSAGFPVTPDAYAPVGTKLDVRHFKPGQEVTIT
FQNTDYGYQGVMFRHGFDGGYVWLGDSKWQRRPGCMGAEGQKRIYPGHRMAGQTGASAETYDGVPVWRIDYKNSLIYLPT
LIDADVGTYVKFRDTINTKGYTLWNEHRGTPPFPTFIPSEEEDLSKLATDEGQLTSPPLYMYFRDEFAAAQLVTQADVED
AKSAKPATAAPKKKVYDLKKYTEARKKYRKNLQKARKYKLMGVRTRAHEKQQEARRAKILKYKRVKT
;
A
2 'polypeptide(L)'
;MYDSRSSGVHDVAPRDGVDFMYEGPQQVLPGAHPLPLFHPDNSVTRPPVSPYLPSPQRPHPYFTTELPELPHFQTTRPIV
YTVGTMKQRIVAPVFDLANNVTHTRELDPFIFGFYPETEEMAKNLSYWLVRCQNFSSKWDYENREIWRKAKKNWPNTGMG
MARVGDRKNHAHPWGAHSKPVKPWNLLMPTMDVKTWSKSNRMLVTLKMLQGKLQIVERLTLPEPTQEAYLQLCRTMGWDV
RHKGGGALFMDGGSRLTPSSEYDRAFFFGSFFNGRNKLVRPTLLCDEPYDYNRTSSKARTKGPKGQKNPIPINRFNAYDA
LTHDTLIITEGALLQLEDEMYTHKLAMLPPHIRAQLPERGFLDSEVLGDVPPALQTVQMEAAARTEEAEQAMYAPYYDNP
YHPWQDEGEASYAVDAVEGTVQRYIKSRKTSWAMLS
;
B
3 'polypeptide(L)'
;MRRSAWVFVAPWVPPPRHDVKVTMPPPPGGEVGGSYGVSTGYSDRLARTPYWKRMALSTYALRMKENETRYPMSPHREGE
YDLRYTVTAYPDHIKHRPLLEIGEAHQIPTIEIPVIFLVNLWDEERLTWFGRQYETVYVNRNVAREELLPQRYAIYATEE
AYKLLGLPVVNHSIHEEIPKTPHAYKKLLEKQSYTEERWKYTIEYLFRKYEADPPELQDKSEDGWDGVEELATSATAGGA
GDSLAKRKGPVKQRKARKIKLF
;
C
4 'polypeptide(L)'
;MLRRSAVRYLKARPKTVNIEPGSNRFLDPNVEAKAKDIFAVPEFPNKAVLHNWRFFIKAGKAATGPPVGQEFSKLGLKAM
DFAKAFNDRTKPHFKDDIELIVRIQVYFDKSYIFRIEPPPTAWFLLRAIRKKRGETGPVVLRGNYCAYLTLEMCYEIAKM
KQMSWGKVEYPPIEVRVRRVVGQARRMGIAIIGIDTVHSSPVKGMTEKQYLEESEKHRKVHMIQYEALKAKELESAPLIE
RLHRPNMAPLTNTQLEEGLKDANLLNALWKSSHPKSLFTQDTRDREMARRYLNTRGWFKEMTPEEMRVVFLNYRLPKQED
HQRQLNMTNGQAQSQAYWSRDAASPQ
;
E
5 'polypeptide(L)'
;MSKQWLCREGERWWLLDARGQQLPHVAKIAAQYMTGQHRPDFTPGMMTGDHVVITNIKDAVMTGDNWIRVPITWQTAYPG
GKYRVRLSEMYERDPCMVMWWYLKDEVNRHFVRKLKTRTAPLEKAWLYEDSVHPHAEKNPRPLVWTDTATMGWRYKDPTF
QRRWSPNQFMS
;
F
6 'polypeptide(L)'
;MLSISAVQRRYRLFHPVHQTVPFHFNPVQSIFPLIYENNLLAKPRLSWKDYEGRKEFDADHPLPVVGTRLNERTTTHKWS
HWDQYINPQITQSWMYLTQTPEYVGPRSGHNVIKMGWMKIGGSWKYSRSYNDARRGFAKGQWQERKMTPRFMLAPRVSAG
GPRNRYEGKASFSRLSLSKLLWAVDTGRLNPNETITLYHLRNAKVIADREVVWPGMVLLAGNVERVPYPLHIELQNASAK
AIQLLEEAGGSFTNVYMSHEGLYQELHPEEFPTFMEQELPERKGLENFATNSRKRGWLAQWYEDESRYAHPGAGRRTAHY
IRPPTDRDFPATIEEYELAKHHQKWHLNQPGSATVLPWHSLNTADMARRSAGRL
;
G
7 'polypeptide(L)'
;MLRWSRLLRGRPPPVMGHAKRMRFAGVDDNPSVTHKPWDTSEPLMADYGWERGKLPKFRARSPFHRQQIARRMVTELIRK
DYVIVGGARAPALRILADHVVELAKAGDTDSRQQLAYFLHDPLMVDKAFDEYPRRFRDMNAKYAMMTRLKGRRRSDNVAM
YFVEYKNRDMSDNHKGEDYTAGPERFFLPPRIIETEKGIQRPPHMQMAFDRWASKFKTEEFHHWWRLRHAKLRYWGVRNV
PHPSDVDPLWTEKEEEEWHNEMLANTSDFEDFDLDDDSYEAAGEGGSQGGSSSLSGIGPEPQKKY
;
I
8 'polypeptide(L)'
;MGYTRERTNRHFFVSRANAFFSRLPISRIQRALAMEAIKKGSMKPWKHTKEQIIGSPITCNFEYNPRPVRLIGTVMDAHT
EETSIKGGLKVYARSEEANMMLWIPAGNPKLKYEVTAAKGSFEHYLDERSKWDEAWLTGRARMK
;
J
9 'polypeptide(L)'
;MLRSTGVSLYYRATAELDRLRGMLRGRARLERKVGLKRITFLMRTQTRYRVEQKAHWERAIVRKNVDSAAHEHGSGWQHL
RNDLARQNLMLLPRTQQQLAQYEPLAFRAVMELCASRVAPPPPPMTAQVPEEAYATRPEDPKVAHPAARRQLEECVERML
CTGRSDVLQREGPRTTQAWMDAWKEYDLGSAAQK
;
K
10 'polypeptide(L)'
;MLRSANPTIAKALQPLIEGPKFAVVYCGNHQYKVSPGDVIAVQRLRAPIGSQIALKKVLMVGGPRFTAIGRPLLEHVRVT
ADVEEQKRMRNVVSLFSTPGRRRLRWLDAQHAATILRIREVVYEPTVVGELDKYDGVLLKDFHADRHPNPVFTANDGYDL
YYPKDWNKVEEASAFLEMMEAPPTEK
;
L
11 'polypeptide(L)'
;MPKPAPRYNIGLRPAPKRQNVGGQFLATQKHYARELWYKRQYYSTRPFAIQKHMGSTPRILLDRTLWRSCWLTKSNLPDV
NRWEKVVNSQRVTEDRWALVEEDGVMYQVNWKMYCERLETELQKAQDQLPQYSFMMKAVPSAWKKLDIELSVLRGLSVRE
AMAQCKLSPRKGHMAVFRALEVAQQGAEGKGLDKEHLRIAYITCMPGPTDKQVDIRSRGYYAWKTKKSSHLLLTLAEDPE
MVLPDRTAIPYASLMTMKRAGLRTEPTMLDVPAITAEGI
;
M
12 'polypeptide(L)'
;MKRLSSHHAIVCGAASATAASTRFGDVVGGGSSCTATSPLFAAQRGRFYRPLVNQGINLWRSRMGRLHKGWTTWEYNRDV
IPDPRPFPEPAVNNYFGRSRIWNPIAGKIGLVNRKAEEWGWPHQRPPPTGLRRSPEYFPFFFSRYFPDVEVRLVLDSVLN
NETTRPIFHIPQDMSKQELVNYLKNIYNIDNVVRIRVRNMRGRRFKNEVGEIKSLPDYKVAVVELDSPVSIVFKQIKGTE
DTPDNKPAAQIT
;
N
13 'polypeptide(L)'
;MGCVRVRTGCRIRCVRASFTYTQAQMYARYRTRSRFYKRPEKMLKAYNVSPNLLRLPKVKPGLLKGIYTDEKIDLRDRER
LELVESIRHPKERDFYQDHTYHNQWIARDLESHQKIQIAGRYPYFSPDYEIKPWIWYPGDTVEVVSGEGAGQRGAIIAVV
KYKNEILVQNVNVQDVVIPASETRPEQVVQREHPISVLRVRHVDPSTNQLCHLEIVKVRNKETGELEERRISLESGALLP
IPAPEETVEAGDPLKDTAIQDADEETYDREKEMPLLVVRRLQAMENYFVDSLQKSHEYHKALQMRNAQDMQTFQKDVLVR
ATEKLAAAAAVAGHGAMAEAGSQAASVATESSQAGDAEEDAVKGTITVETVVAEVLKSEQRFRSDAAAPGVPGWWQNMID
AYVSVLEEEEATIEAEAAAQAQAAEADRRAEQLMADATAEAGQSMEEDGTMEGGDEDLDEQDGDLDEDASRSDRSK
;
O
14 'polypeptide(L)'
;MLRQSSLLCFSTFALNPETSRAPHGPPRGLINRYISMGLPPWAAWCNRVNRHALYRMSDVSPRSFLPKAPHEMDVIWMNE
RVRERVRTSRQVQHVYRQLKYPFVKTGIHYSDTLDHWVQVPMVEAAMFEIEKDGGFDNFILKRSGPELRSTYGERIRRHL
LVRQKETQKNFVLDQQAKALAEVTQAELMKATSEEELDAVLAKYGMDAEEFKRLMAKRVMEQRKSVAAAGLRSK
;
Q
15 'polypeptide(L)'
;MRCSARRANVAALYEFVDGNFLNNKRPAIPGGAWPLESLRRKSLADLQQIWLSLLKERNMLSTIKEHYLRHQEELGAMPA
PSRLKMVEESMENVKRVVKERDAEATAEAVRIFKERLAKGIYRYPPGPPPPPGAHDPTSTVKLVLSRRVDEERLRELLGR
FNVFEAHKGIVKLTMQLPEDVLTQKRDAEQLWQQYMAERRNVEEYYKWPGSSTGSAESASVYDHTVVELAPGVYSGHRGT
SAIESNCVDDSNDGAHGVVQAARLPVPPPKTRPPPPRNPLEHIKYQQRSVLSKAVIQLGYFPNITTTAPRFTKADDVPRP
VHPDEIEGPWEVRVTYDAKDGLAYVQSLSLTSIDGAAVLSVEEEFPAAAQPYAAVDPVYQEAVRREMAQEETLMKWPNVP
KWKYQYDLYTKKHLAQVVQYNYSNVVDYVDREVLLTGRSVWESPIDIDPTCGGMKSVPAHAKKPKRYMTHGLAEVGVTDI
;
R
16 'polypeptide(L)'
;MRRCVMAKGEDPAHVAGWDDRQDAVEWWWTEANDSRGRQRLEAAAAVAAAAASSTVGLPLFPRFSPGRRRRRRPPAPPPP
PPPLFLSRHLHSMPWLWCTCVKMQMYYTPTALTCPLSNSLAAHVGHIIVGVAALLPYSMLLFLTVMCNPRKHEPVLRAQR
IRWLTFHSLMFRLLRCITASPAVAASVAVAAAQTPTSLRPAAVCRRGVHLAPSVLAASAPPPPPQQQQQPTSAAVPASTA
TSTTTIAAGPYRRVGNVFIVTCIDHPFKFSWEVNRMLRELRLEFMGQTTVVPDIPPVRKRIWRVRHVVRVDQLDLDEAKA
LIGIPEHISFRDLAGQIPPTFGRGGSVANPHMRSKMNFMRLRRMRLRDVMHRDQLEKRLLEERHHALQQQQQQQQGGGEA
AAAAAATTA
;
S
17 'polypeptide(L)'
;MLQRTTLRCYSALVGQATPVLLGSKGGTPKRKKNPMQLRRKTYGLHFKERYLKLEEWYFCPLCAEPKKQGEWCRREDCRQ
IKP
;
T
18 'polypeptide(L)'
;MFRISLICFPKAGCEEITRQGRRVVLKPQEYFAQHRMQVWQMRFKEMGPPFSRVWVALGGKMRRRRIGRQIDVKDMRYYW
RPIEPQYQRLYMSRLRIKDHSNKRVQPMRLRATNNDIGQASSLKEWERSSDRKYGAALAPPKKRDFEFRVF
;
V
19 'polypeptide(L)'
;MLWCTGPRRIVFHNAPSVYPFTKPFHDTPYDQDRGRFDKTKNILRENKWPAWMDHGADGTGFGIGLNRTHPLSKLRGNLR
RNPSEIPRVLNMMIQGVWHKSGNKLYFRGGKPPNPSTHPYLTGEPCPVYGWKVTDPGVIREFNLPQPEDKTRYKPYVALQ
ERKIMGMQAPTKEHSAASTSAASTDSKPLMKRLFFWK
;
Z
20 'polypeptide(L)'
;MAQWIPKTAWKVSNLNKRYGAPYVAKGYASLDPRCSLDAYSSFQQTVTSADMKKALLSIDSTSSGALVIDVRSEPERRLR
PLLSPAIVALHPHDILSGAACPILPSNKERAEMFVVASEAQRAVNACTALRRWGFSRVTAVSVDAVSEAIAAVQKPADAA
TSSSTKS
;
BA
21 'polypeptide(L)'
;MKALGRGPITRLANTAAPGGFAAPGAVYNRDDWNAGRDVSAEERQCGILTRLCTLAATAPREAASPACGLAPLEAVIRVQ
STDAHVTEVDANGGGAFLEKAPKGRWRKISRSKTLLVEDTATPFSNSDKSFSPRVQSYGEYVRRIGKLPEGRPLLRFAMF
RDGYSLDSVCHRLRYEIGVPHDGVYLHEPPGGSFAAVTQFGVAVGVTREQLPHASRHYNVHALIFDDRGYHALDELPRLS
VAPQAYLHRILLRCVSGDEAAVAQRLRHLSSNGFINYFGLESFGIGSNTLFDMAAFAFRREPHRSVGAYLQTLAECSPLH
HQPYLSYANAEESTVAGAVAEWLRVCERAKLPRETRELLRKLHCYHLSQCHPSDATTISMEDVWKACPIMHRAEQSAAAF
VWNAMASQRLLSFGSRPVKGDLVCRIGNRGAIEIAEVASDTDASHYTIDDVVLPIPCGGTPAAELRYPTHSVNEAFFTQF
AKKHSLSFLFNSGVDPTPRAAATLGPYRRLVSRPRNLQAAVLQDPSSCAALKSDLFLLQEHQPTEGWSLDYRQRVREPSN
FNVSERFRERMSCIRKRRAGEHSVALAFVLPAGSSPWVALREAFHMHYGTFHDFYGVS
;
CA
22 'polypeptide(L)'
;AAAAAAAAAAAAAAAAAAAAAAAAAAAAAAAAAAAAAAAAAAAAAAAAAAAAAAAAAAAAAAAAAAAAAAAAAAAAAAAA
AAAAAAAAAAAAAAAAAAAAAAAAAAAAAAAAAAAAAAAAAAAAAAAAAAAAAAAAAAAAAAAAAAAAAAAAAAAAAAAA
AAAAAAAAAAAAAAAAAAAAAAAAAAAAAAAAAAAAAAAAAAA
;
UA
23 'polypeptide(L)'
;MLHRSCVLVDSFKEHYHRVHLPRRLALQRYIKREEARLSRHKGKAVAAAAAAGVQPGEVAYKYNRWWVSNDHEFVHQFAF
VEDPDVTREKRNTLPLVTKENIWKEPQQTFFLPFAPFVRVVDYAKDPDTKFLKPVNIPRWKDYMQRTKPIVPRTWY
;
BB
24 'polypeptide(L)'
;MIARDPPQEGRLPDPSRLPYDDERFAEMLLEMEVNGVIDETWQDAKKARMEDVKEIANILSSLKVRDLCCVDVSEKTSNF
DYMMFGTCEGARHIHLAAWAVQDADKVHRISKIKRQQTDELWEVVPVGRIVVNLMVESFREEMTLERKWAVTRSMDPLAA
ANAPISEGRQVKAHGLWTLTLNLQDLEDFEVDYCKDILMRQM
;
CB
25 'polypeptide(L)'
;MRFDNAAPPPPPPPEAAGSTTTSSSTAASALPRVSYRTLPSSMYPKEVSSDFIPFPLPKHDASMGFGPVRLRNVPDIEEA
RARMAKAAQGPPRGSASTQLQDADGDNAEAASALWAELSGETTATSVGLSTTSVTGASPEDPEALSRPPDAQDEDLVGYH
VHRHFPLLDVLGCDRSVNDLLAQFWNRPQREARTATVLDFAATLQRHSNEELTRVLYELSSLFEWDGNGLQFIAAKVLKY
GRSYTVSSELTKAFVQLVDAMTVAFVEEQPHRLAESPALLAQVLHFLALVKIMEPNKWYTLNPNAPQNRADYTHPRGVNR
TCGHVTTGRALLDFLEDMVTSGHNWTGEAAVDDQQGSLARSPVPQHATNRFTEGWSEDDILDVMAGFSGVMPDGKASSPV
LYALLDELWMRWSKVGFVLSGSEQAVRLERLYMLLQVMDMQRDAVLDALLGGQLRAHSTAPSTSTLPTLFCERDDTPPLT
LAQSLTQTRGPDFFSAVSRDKRAMVKAAALRLLTASLAKARDDSDAVLHQALVESGTELLQSLTSKSAALSFAQREQFDV
ITLRAVPHMADVAERLAEQRAEAPFFPLTASAGGLPDTAAVLAHLSSHPAPYIVLCKGRRVHPVRTLVSNLDHVAAVENV
FLLHSSGVSKCVDALVAVARRLRSGKDALIVTASCLRALQAAAQYGATEKRRATADRALDIVSYELEAGRAILMPVTDEL
YLHDAGTYCDEDLMLWTLAAYLARDVPLVKVHTIMSSRSRARNPQHALRGEHSPLTSTDDLYNKSTPLLQALRSKELRAV
THHPVVQRPVRDPPQTLYNVNPIRARFVYRRDKALFDKYHVTARNLAPGFSQGALNSDLRALGFYTPDHPQVPYTPLSEL
KCHPVPANPPASQ
;
BK
26 'polypeptide(L)'
;MLRRQCVVLSYQRGSWAPGSKHQKHMSLNPTMYLYRFAGPHGPGPYVMKYWWTLGCFPTGIERPFRLPEFLASYQQQHVP
IEVEEWLQCFVKNPYEELKDATSSLLKCLEEVPIRENTRGYRSIESGVSSFAAPLAQFERQLNVRVPSLAVRAALGSPAL
RERLKDDLFEYNESLSACGSTPHRRLARLAFDEPLTLPGGINNSDDSENLRGQISVPMSEAIGSYASPNPSTSDDEKKLI
RLLTTFSEGCTLKEDYESAFSLLSSSLGFSHDDNTDGVVHSNASAAAILGGLYKEAEFHGRQAALLEPQAMSSRKSGGRG
YVLWATATAYQEDFDRASRIVEKGLEVFPDNADLKSIQEKLAGAVPAASSASPLCTRMVRSKGQQARALLHGSGRSFDNE
FDWVVFKNKLYPSKMNPSSNEMGSVFRRVGDFGGHISTSRSLEPL
;
BQ
27 'polypeptide(L)'
;MRAAPTRLAPSTVASLGRSHCGSQAYHLDAAGAAGWRRRRRLTGVSMTTTHTVAPAVSALPFSLSTARRTYYWPYPENLV
PEGATTSPFQSSPVPSVRERIIREYALGPLFGSRTPCCVLGFAGTARDVAACKRDVRRWVARALGKSEADVELGALVQAK
EMLLHRSGTDESPRLGDGPGSRPDAEQRRVTRYARLPVQARTLLEVYLPGEEHGEVDAAADADATILAHGYFLQEQLHRH
MTTTASSGSDPTGRRDSEDCQPEEPARKMQSHCQGCSEPNDEADVKSSVAALHDVCGVIYCEVPVLDESDFAFDQLCGKE
VDDETTERVTDRWTRRAMQQQPQL
;
BN
28 'polypeptide(L)'
;MLGGLRPLAAATRRTVGGALVSPALITPSRALSVRTEDFFSKEAVSHARRVSWAPHTTEKKVGAFAKLSRSNFNDPLPVS
FQSEPYFEEEIEAYRAHHRPDVYVYKYNVSPTHLSLRE
;
BE
29 'polypeptide(L)'
;MLRFFRARLAPTTTDAAAKLPAGNPVNKTWFRHNLIIRRKGSYRSRWGNGTEGYGAGVPLSDQVKLHCVDNTNCKHVRLI
AKATAERFAHCRVFPAVAHRVSVQRFKGRGGGGEVSRHRVKPGNIYWVCLFTRRQTNTRMSGLQTNFDRNTCIIMNDQRV
PLGTRVMYCAGRHVNHKYHLKAVVLANFFV
;
BO
30 'polypeptide(L)'
;MRPSALCLGGFTMKYKRGTGLWDEDHVNDFDANKYLSARSTMRWYYGMERLQTRNNMNARRATQSYNNNMGLHHSGRGAF
ERELERRGIQVDKYPLTTTTGAARVAEMVLLRRQELEAHAKKAMESQRQARRRDAPSEWYDETEGPLNPRFLASMQSNYT
QVITELPSSPVTGRRELPGASFA
;
At
31 'polypeptide(L)'
;MMLQHTSLLCRKALQSYPVPPRARNYERRWSSSRTNPYNRMFWRTVLNEDFARPSFWVSDFRHKYLAKHGMDYQGRVPAS
PAPGMYQGFSDVHKILANHPKPQRESRHLPVMPMTPRVVFEHAQEKRIDYAKKMHRDRRLVEQLRTHEFWGWYMKLQRVR
GRWCKEHGVSSRGVYGPAVDAAELWG
;
Au
32 'polypeptide(L)'
;MTAPASHYTFANLKKLGLCAPQVALSRQPRLRPHVGHLNGLVYPLPYYAMWRGNHDKYTYNQATPARWGEGNTNTMYHQH
YAHAKCPTDYGRGGREFQFLSVKRGKLKRKPLPTVQYVDPNSKPQWVFKSWHNPLSAPSMWEREVQYPEHTPAHTGAKRP
LAVVAPKTSHKHLFLMHMEKVTVTVSPLLFGYGHTLQKAALDFYRRGLSARSPFPSDKMFLYYSIDHITPKIEVTWLDGS
VYVPPLIEGVKAQDLIQMVMEQAWLAADRMSAEGRVLNPIAIDDYKWEQLIAFKQKRAKGAEAAKGGAKKK
;
Ae
33 'polypeptide(L)'
;MLRRSPVPRRYRTAWRELLHPLPVWARRQQWLKRDTVEMNEAILREPYYRIKTFAQPAAFVSPRVSESAAHEPDTQQSSR
YGVDRQLRGPRRAVSPERLQELREQLQFVGSIGPKVPPAAGAGTAYQDEYGTRLRPRYPQSWDTVPPHQPSRSEI
;
Af
34 'polypeptide(L)'
;MHLHISSIPHRNSNNSKGGVLDATGPMLSAKRGALLLQAYHRPGEVISYKAGDYHLVPKKFTVGKRIAVRSYLDRNRTEL
SDRTFMPQKNWFRPYDLQDGCFDRDHERLSYRFYNLETKVIWKAFDTPELIGMLLHDETVKGNSGMYAPDMLDAALHYTR
EARYWRCIGITKPFYDRNTLRAHCWEDNGLQVGTLVMSQAMRHALMDLERAVRRKELGLEPNYLWDRWGPIGFIDGARAD
YLPRFEHNPYVDPDGVDVTEIDVLPFNTHEQIRERYRDFIEPDTAPFEEVFRSPSHGSLTTLADIPNASVVALYKDLKLK
AGTPVAGDAVELAPADVRTLFYLSANPEWRAVADGKASWEEVVDAMQPVQAELDEKIDAARLLQNTRHNAERVRAFFEEK
CGFHDFMYTPDKTITAAVLCYLTELRRICTETAWGAALAKCLTDMERVQGMGRDAFLVYRHIEDAILDKKRRLWAGRFAG
ESHEESTLDYLLENFGRRAERPRNVGTTGVEFDREQEPIGRQVQRRVLDSDKANKLAEIRRSRGKMWSKKRSVFDALHEK
QLQNFNYGVH
;
Ah
35 'polypeptide(L)'
;MQRCLARLFQAGVHTPHGSRYNAARMKNWPVQEVPQNFNFTNEQRFKAKAVPRDTGKIPRDFLLSVLYRNQPCEVASLWE
HCLHDPQIVLDSKRHLREVLQQARAEGFVSFEKDAVTDRWVCHLTRERFEEVRALVGARAEAQDLYSGLRGASATETSAY
SESFREMNEDTKREHFRLLSEQVADTTTHLRKFQRMEMDYLPYTDLNGKVNFMWWYEMSDTRDATALPEAAAEGSPKLSE
;
Ap
36 'polypeptide(L)'
;MLSSAHRAAFARPTATLWASARSFGAGPTRLLLGLEQVQDVPTSTDRKPTGMHRGPGKRQTAPKEAAQYQFIKKWDLQMR
ETWDELEPFKGLPKPKVQFGNEAAEVIWPYALLLENVIKVHPYTKSIYVYYSQRQSTPLGELAARVAKRVSQAYLIPITF
HNSHVYVEAEMLLEYSETPWVVVHCLDGTHKLIPVKPQAGQTVKEGAEEVLNGIVSACNEIGSAVKNPKEVMRLLSERPL
QNQYVRVNYQWYGDTPEERMSHLVKWDYEPEEVVPQLRNRTQHVLDWMNYDGNLPTHNSVRVNIHREAARMRKPNVSAGP
KTFFNSSGSRANARTARFDNSRSSQS
;
Al
37 'polypeptide(L)'
;MSRNGELCLQRIIVSYSPNKGNPAMRQFMATHLPEFHRQYPQVKIDIRPRQWPESSITGIYRDGSEKAYSIRFLSSMGIN
VRFHRLVNEGNDYNHSFSASHLHLQRRSVQGTWNPYLWNYEGTRARHKPPAQWSRKLTEKEWDYYVQQYGAQMKAEEDTI
ADRVRRYTDIPEASTEEVNQRWKEHVMPRLQTDLEYNLSHWKKQHRTGAGRPAPPTLNEYSLFSVPDHSSLGQDAIDMLR
RREAQREEDWWRERKGQLKPPE
;
Ab
38 'polypeptide(L)'
;MLRLTQAVLRVQSHQKKRAQHPNAGTRFGRVYNRGFVRYGFGGFGMSVYSSKKDRTFKVMPVPPPPPATTAVEQRDDFAD
NRGLSATTRTLSPTFRMFALEDGGVLVSHPSHAQIMRWNQRVHTEEGKAANSTVMDEYVNSRIQAIIADNTIENTSLSQW
RKAHMWNVIKSHGKLQRRWGTPDFVMGARSTLYNN
;
Aa
39 'polypeptide(L)'
;MRRRDWCGVCLPAATLHALARRYSEYRSSYTGARSAPWAAPEAAPAYPSARSPFPLERPRFRKTHIEWMLHHGHGDRYGK
YGPSREIADFEYADGTPSSISGKRFALKHHQDHLLVQLIRSAAIVERFEEEELLPRIPGTPEQRSWDPEIPLFLEDVDEF
GRPPRPVAGNMVARVIEERFAQESGRTPVNLANKHAGEVLEPNTMFATYDPAAFVSDDIKKDVRRPFWSRRRWALSDNFM
VPMSPKPKNTIKDE
;
BP
40 'polypeptide(L)'
;MLRFTQVIRKNPVVFKQGQGMFSHQLKRILNKKSLHKYNWDPLHMYDPRKLVHANRYVDHDTYEEKYDPHWEHNAHLVPD
QQFYNIPVPKEYKDAYWWRDLQARRVQCPTEWVHFRMHTKDKLKYDFQDLAFRKKFEYSYEDVVANAKDMCS
;
Az
41 'polypeptide(L)'
;MLRRTEIALKKGWTHNPGHTRRGGKNLAWRPKISDAKLSQFVPLALVHPRRHPNNWQERQFNALGYTKWPKDIGFYNAGD
NFEVTPEAAWRLYVHARDEPYWGKLHCEKTIITLLPVVEKAPKENMERVLDVFRHYLKRYGADHYIYNAVMQAAAFAKNY
EQAEQLFKEMETLGLEPNAQSYVNMMLAAKLCGLPPEKSEAYFKRAVKDGAMQSVMRMDTEFRMWMDQLDRLGSFTASSG
YLSVNEEGAKPMPRDMWAIWGWHRSESKFISRRDLIMQQVRARVHSGKELVGTVYTKTRRQPWAKFNGMLRHDYNGPSYR
APTIFPDAPEYTNEAGHKAF
;
Am
42 'polypeptide(L)'
;MRRLPLFCRRPSRCCGATASGSGSSSAAVLAASAAPSVLVLAARGIATSGRVTNEDRRWWLVHLECAPDVTPGTFVSWLD
CCGTHTTKKLIERNIWTIEQVAELDSDRVDELKYKEGCLKMDVVWEHARTIITPLKQREVSGGVESQLQSRILELRKKRE
LERQRELLARERATVSDKREETLRRLRESVAAKKAALRKKLDEQHGEATPAASESASTEAHRGTAEAAVEDEAVGNIVDR
MSGGNPPRA
;
As
43 'polypeptide(L)'
;MLARYLDPSVHPLRVGQVVAYDYLHAAKTWQWTLGTVREIKDYTAVVQQWGLHTGDIDTLRSILLKEVDTENGRMKNYHD
MLAIAREKLASIRRSNEDRVSHVRGHFDKAREKVELIDEVDLRKVTAQAAPSPVAVAVLKAVWAVAKCDPTAVEFYEWAD
VQLEYRKPAALDEIAKTDVLAKLYPSAESLQQSLEQDPKLNYKAAARDSPVVASLHAWVITALAYQQAYNLLAHDKRIQE
QNDAIAAAIAGMKACRAKIAKLKDELSSKDTAALPGQVTSFTRTSVLVTIPLSAVISPVNVDTDVKRCVLTKDEVEQIPI
DAKITRYAQKQKLAITGSHLLDQYAAATTTHIYVTELEDRLFFFQHYMASALRDAQTAAVDAHQRLAVSLHELEAFRQKR
HDAKKARAAEPELADADGVEPSSGPTSSRSPTGRAAPRGQSAAPRGTASQQHKLLGPAYQSIDPATIANEPLYAVTIEEY
KAKDAAGERAMDEAERMADEVQRLAVELEDAKAAADKLAEELAAKDEELAAHRQKRHDAQQARASDPALAAADAVAPRSG
KGAASPHVGAVQRQAVDPATVPVAPAVIAEEPLYVATAEELQHVRDFADQLAEELEAFRQKRHDAKKARAAEPELADADG
VEPSSGPTSSRSPTGRAAPRGQSAAPRGTASQQHKLLGPAYQSIDPATIANEPLYAVTIEEYKAKDAAGERAMDEAERMA
DEVQRLAVELEDAKAAADKLAEELAAKDEELAAHRQKRHDAQQARASDPALAAADAVAPRSGKGAASPHVGAVQRQAVDP
ATVPVAPAVIAEEPLYVATAEELQHVRDFADQLAEELEAFRQKRHDAKKARAAEPELADADGVEPSSGPTSSRSPTGRAA
PRGQSAAPRGTASQQHKLLGPAYQSIDPATIANEPLYAVTIEEYKAKDAAGERAMDEAERMADEVQRLAVELEDAKAAAD
KLAEELAAKDEELAAHRQKRHDAQQARASDPALAAADAVAPRSGKGAASPHVGAVQRQAVDPATVPVAPAVIAEEPLYVA
TAEELQHVRDFADQAAHDAATREAEVAGTVENLRNELDDVREMNAKLEDEVFALKEQLSDAEDAYKKLAGALVVAEDERQ
ELCDDLEAALDELEQKKDEYDELLGNLEEVQGLLEAADVAGRTAVEALEQRNRDMADLQGELANALDASKENENLRALLD
AKEREIDRLKEYNSFWTDTVGTGKQKVTHRLTKIFDGDWTRLMRHRPEALKAAFVIDSSNACHVPGDQIFLVSNSFTRRL
LTRTDHCPKCDRLSTFRFMSVSGMVGRMPYKPVDTPGPSYATLYWRKQRSGKIASQPLNEVCNKNEF
;
BG
44 'polypeptide(L)'
;MQPRRMAGHFNPTPQANSLAATHYAHTPELRHMADGAAMSLSGQRIPLLKPTLSKWSRQLRSDIYDELLKLPLRYALHDF
RTLQAHIHAVPATATNASCTAAAGERLPPGVYHASSGLSSASPDAPAYYAVAGRDSAVGYAPPLGPADPVDVIPFFVHRS
SNGHLPGKVYSMNAKTLMPAFYMRIQNIEGDMFRFEEELMKIFPTKKIFVRSHSVYVYNVNLDGRAVLHHWLLGLGF
;
Ad
45 'polypeptide(L)'
;MSSGAVGRGSFHSVVAGANPRRIPTYYNSAYELIQLHRAHREVTRNFLVRDKVFDNKFPGCSLANGLFKMVPNKRGNFHT
RELTESIRHRTIWGQRIQQQRTINAAILEDATKVLSPAQMEDRFSYRTPDAAAYFSPQEYTAANNWPNYWQHPTEKHVVP
KPRWRREPELGGITRVRDAVATPIADY
;
Aw
46 'polypeptide(L)'
;MWRLSRVALQSNRAALYMPYTPVATNPVVYFDITAEGDALGRVSVELFRDVVPRTSENFRSLCTGERGYGQCLLYYKGTP
FHRIIPGFVMQGGDILTKDGRSNVSVFGYPFPDESFEGKAGKHLPGTVGMAHSGPNQNGSQFFFNLGRNEQLDRKFVVVG
QVLGGWEIVNQVVKLCGSRCGTPVSRAWISDCGQSGGYMAEETQEALQGERAQHVIPGKEVLDLIQPRY
;
BH
47 'polypeptide(L)'
;MCTRVFDVSQRFILLVSLPPLSLSLRPSCCSRKAATRRRRSTASVLLATDALSLFVRTHYPSPLLFLLLPNFPLPIHSPR
KQMRAAVGAVLQPSSSVGALRCQARFITRLYTSYFKGELFPNQLARPLERLPRGVSLAAARKGQQAAAPSSSGSGNPATT
ASLDVVTWGDVDSTDLVHANEQSRAVAPQAGLAPRRPYVPLGEVAKLELQGDYLTEGGLHQEALEYYGVVAKAYELAYPK
DHPQVAGIRLKLAGAFRRTGRLTSSKANCEAVLQMLDSAVQPPLELIVEALFELGLTSEAMSDAAAGTVFEEAVALVDMF
HNSGQSHKMLRLLPRLGRRFNLNFEEKFVYFSPFDYDRVFALADQCLERAEVFYQARNDRAGVMRVLQQRKELIDKKFFN
MRDFAGRIHTMRGHWKRRAQVLTNAPTPDELLRYSPTIHQVYRDFKYELNAPIGREKEVQPGVNRVVHDMGNPYRRSGVR
SQRMFRDAEKNFEKYIRADAFEA
;
Aj
48 'polypeptide(L)'
;MLRWSRLLREMAPELQLEYIPIIFTRTILGPQGGFAGEERLIKREVAQKYMSEGNAVTPSAEFHQGVWCYNPDSEQYDRF
VERNAEFLDFAARKRQWLDVYWRVNTGYLLFGRQSWGQGWLLNCPLRKKDIAQKLWEQYKVRVDPRLIEFREKDRRTGIQ
DLGHNWCWLYLPGAEELAIDREVYDNKRVKVRMHIRKMSSYGALY
;
Ar
49 'polypeptide(L)'
;MLQCTALVLKSQHKNVLRKGRPHMQKYKELNRWQREAQGITKWEQGHSHRPQPYVERFNPEGAGLTRGTSAYAWKWWHTQ
YPWLPNVAPADYVPPSPRGIRPAAWDDEFADVVLSMSDEEIQSYLLDKLTEVIFAETQRDGYELRRLDFEGKPLTELPER
RIIENFVFEEETLRERVLDRVVEGVFRLVPTSTDRLELKSVANIIDFVLTHVTVARKPLQHEIPEAARTVMRSHPLQPQL
GFVHALPTDNRDAVVQEWERMHHLDWQFGKAVYEPRSAENERGNLTWLREVRHHEAREAFQADVDSGEARRRHMAKIKAA
AQVPHTGTTSQ
;
An
50 'polypeptide(L)'
;MRRTVRALYNSFERGWKDKTVHPLDRRGRFNLDEAAAELQLDEAYVASLYKPLHYTYSMKGQRYPAEQGRTSRPGSLAAS
RDRMFPLYRRNYKLNRELRVLDHRRISTD
;
BF
51 'polypeptide(L)'
;MFQRTCTPRLLACTSALLKRSGKPSDLPDYKQVYLPYDTAPTKTELDRERRKFMHAYSGRMEHRKMVEVKDVPQNMYTYG
KEGMSIPISIFKDQADPVIGPEWTYPGIFENKIVAQHWYMEELFDREKSNTFESPWQRQVLDNQVKRRLGKVAWRMSMLN
IKTIDIFHKERGASKRPGAGDTKAPATPAGKK
;
Av
52 'polypeptide(L)'
;MSVFPGLCGDVATTNYRVFLGTLPNLAVEERFLRQVQPVFPWYASRKHVKEQASEFLEIDLASCDPELLLRYTHVYYVRR
QLYDELVDRQLTLMETGKAAKVADSALLTCLAQVNAAITPRLQYELHLLQQAKKACRVPRRRELNPDAALEAHDYLCMMR
VVEEDVGGIPDAEMQARAYLPREVLEAKVKELAAMIFGDGGSATKGTGAALERKEQKLLQRMIPADYNKVGAVEKLRPVD
VTALYRFTGERVCGRPADKPFARALWGHVFRKVGSHPLYLQRASLYWARHSGLDPQSATSAMPADLATAVCVQQALFPAL
KYRCQYLYTSPDIARQQWRTGHVVPLLRLFPLLGAPAAEDLAAQLVVEGEWAKLGIEADTNLLHDTVLRQLKDMVEQVSA
LYESDAGAVLKRVEDGAKVLCPSLSERESLTMRGAPEDTSREVSAAAAARVANAAPA
;
BM
53 'polypeptide(L)'
;MAFRGSSARLAATPGVGIAPETTPVKYVPEMLNIQNAKWWNGRGKPVYRSTYNEKSWLEKARWGAFTKGSRPVMRQRYSA
AALKEALEMVPEGFETCDVPRPPQRIRAQSEGVVGRWYTNYWTLHSVRYQCQLAGVEWQFGERQRPRTNYDEPHMYTDFE
ETKAIRDYRSRWINVNRSLVGMSRRMKESEEEARYLHFKKVQDTFWSNRKVLVNRIKSMHNQGTLQSAKDLPIKTINIKA
FLAE
;
Ag
54 'polypeptide(L)'
;MRVWVLAPHSLPPASFRPIFEARPPSSPTHSFHLLPTPIYLYITCTDAVDLYVCAVTSLLAEWTTTMFARSTIRWAAGAG
HAFMDIAIGSQPPHRVTFELFTKRCPIASENFLKLCTGENVLPQVSSIDGIGEPSFRDQFLPQLTYRNTTVHRVCKGYLV
QGGDIVSGQGTGQLSIYGESFDAPEEVKASKFDRMGLLGTAVSAPHLNGSQFFILTADKAPHLNGTCICFGRVVDGWTVV
KAIEAIPLTAAGEPAERVVVVECGKL
;
Bl
55 'polypeptide(L)'
;MYFYRRIPSLASKMNHMRQFSLPRSSAAIIMAASTAALAVPCRAMHGKPASGHKVRTQHSRRWWMQSKAHHLTAVPHEEA
RSRPHFPAYTEDVDQPMVVPDGVCCFNCDKPIDGDDINSYVWVPSGNARVPTTQGYFFHVKCFKCWNCKYRIIHNQFYSK
DSRAWCLSCALGRDIRVPTRRWHTSYVNTHRTGSRLTGQFFPRHRHQMEFLFSPKE
;
Ax
56 'polypeptide(L)'
;MRGAPTYATALGSACLPFALDCDAILQASRRYSSTSAHGARSSAAASTSKLNYYRNLGVDTDATPQEVKTAYRQLALKYH
PDVVEETHRAHAEMLFRRVSEAYEVLSDPVRRRAHDAELGIQTRRKQQPSATAPAGAPSAANAKAGTRAGSPAGGARPSS
AFAERRKHTSSTASSTSSTTFQQQQQQQRRRYRKPFVRGDANRVFSDAFDGKTLDEILFDVQRRRRQEKAGRVAAERRHE
KGGGAGHAASNGTTKSSSSPQPLMGESGPLDHDARLRHVMETAAELFAQRAQRQYGHGVLRHIRGVAGPLPDGPAPPPEV
YMPFRPFVGMPVPPGVRTPPEPTLGKVLDSQEATVDSSSTPASRDAAWYEIPTQFHTHTYADGTPQSRSASLAKATKYIH
GMPHNMGQLYSYHRPY
;
BS
57 'polypeptide(L)'
;MGEQRSVARMSKSAYRHPLAPKDPSQRNVTIPIRASRAAASASSSSASAALSAEDLKKQAQKVLLLQMQQKVLWEGTVID
DVNHALVQHFLKLSTNDKYRQARQMLVIGGRAMIEELCRAGHRPRHLMVECGKPIPEFLHDRRKTDVVLVDRSVSVAVTP
GSDGYVGDFAIPTPPMKEKLIANHQRLNRVLVLDNIEDPGVLGTLLRTASGYQYDAIIATNHCADLYDHRVVRAARGAHF
QTSVPIYTLKDEDGDDVYGLLNHIVERNNLLPLCYIAQADAAGVDGETAGTQTGFVSSPEAPVGRVFRSSVVGAAPVPLP
APRQSDSSYAASLSRELASVSQAREELLSDFCLDRFTGASSAEDDARSGYILFAGPNHKRNMLRRLERSLSRRSTRLLLD
SLPSPSEAPSDLLIAMSVVLYTLRPRGNWDYLPVDTKHEHSTLDLQAKHASVDIGVNRLRVSVDDINLDEAEQQDRAHEA
NEFMRWRRLARRRGSDYDHWMAAEQRRVQAMVRRERQRRVAPWMPLRDAKTKPMPDWVPNIIDEYRQSLDRDALARERDI
STSYQRPPR
;
BY,BX
58 'polypeptide(L)'
;MRRLFLLLAWQPSFAKHLSELEPVPQRAPVEKRRRQHIPLSLQAREELSRKSNELQYHVVTQDWFGQRVDDFVTQHHPEW
DYETVKRLVQQGHIYRYRKNGKKRYTRLTDRLEFDELVVVPTASFWERQLAPPSGVELQSSSTSQQQERRQKFHLSAKTR
EMAQEMVLFKNEHVIVINKPSGVPIMPTHDPLAMNITDLLPAWRYTNTQTPVICHNLDTETSGCVVLARSANTHRMLGRM
FVKRVVPNSVYWGFAVGKPPVNFGRIRMHFEVQKGQGGDVIVARPTPTADSKVGIAEFVVNASALEFGSFISFYPLTTRR
HQERIMAAHALRAPLLGDAKYGGESAFPHSLSLFWDPARKDVPLHLHHRKIQLPYKNGAGEFVCVTAPLPPHMEKTFKRL
GWPVDADDPLIPG
;
BZ
59 'polypeptide(L)'
;MQRQVIRRLGNRSAFPLVAAVARSSQIRGAVRGDSGSRARVIPSFMCSLRAYSGGHHEEPSSRSGQYLLDKSDVLTRVLE
VVKNFEKVDASKVTPESHFVKDLGLNSLDVVEVVFAIEQEFILDIPDHDAEKIQSIPDAVEYIAQNPMAK
;
CC
60 'polypeptide(L)'
;MPLCASPVRLQLCRTPSVLGAGGKWWKEGPPDYTRANRRRMELEQQRIESSQHLPPIEPTAEQACHLYRRLLKEGYKTLV
VTDKDFYRRKVRYELEVTSRQTSSRVRGIMFEKGHWMLENKLGGII
;
CD
61 'polypeptide(L)'
;MRATLRQCNVFDPAFMRKVKRTLSAYKGSMETSAKKSMSREAFVDIDEKGAAWYLGHMQSAANMLADKVKDADFILEIRD
ARLPFTTENPNIRKLTAGKPRLIIFNKAELSNEDSNRAIQEYYERNGAFALFTSARRCWRDVVEAVQRFTTHILPPLPYK
TVAHVGLVVGMPNVGKSTLINSLRLAHEYQFHREDFRRSRSPETVSITPGTTRGMKLVPLSKDPPVVLYDTPGLTLPGCF
TKESGLKLAACGIIPTNDVSLPQGMVARYIYDILVASGSSEHMAECLHLPRVPISFDDCVAMICERSGTSGQTEMGNLDP
VRAHRFFVHDFIMGNLGKITLDVLPRRLLRSSQSSIPLLESGSSTAATDGAQAAAGDDDGYAWTHHVETSDVVERYPDHM
RDVLQSLKGPLHHDGVPRRHQAPSVKNLDSPSDCTVISRKKGPISRVTAFDEQLKRHTRLTPGR
;
BT
62 'polypeptide(L)'
;MEDTARTDEQRRRVAGWTPVVKTLGDHRLRVAIVGRMNSGKSSLFNLLCEDPTMPAKKNIVKDFNGITRDCVEAHAALDD
LHFTVIDTPGLLGGKLVEEAFRTVETADAAIFVTAVDEDVSAEEHDLIQYLAAKKMPTCLLVNKMDLVPEEEEALVLDVY
NRLGLGKAVPFSARKREGLDMLSALLEPLYHIHAMRKVENDWDIEDLAMAGDEAAMEEIRDRNCTDRYIRVAIVGRTNSG
KTSLVNRLVGYERNRAADESNTTRDPIEIACMYKGRKLKLIDTAGLARQRYRTDREFLSRIHSLSLNEIRYAHVVIVVFD
ATEGHPNKYDMSILHKVAQEGRPFVLCANKWDAVLDQSATAEAIDFKIKRQVQEVKYSNAVVVSAHTGMNLTLLMDQVLE
LYDTWNKRVRRSELTKFWRKLEKSVIIPYHVARVGRITQISTRPPTFLLQLQTKKEESQLPKALQEMMKNAITEEFGFRG
VPLRLVQEVKDSNPDYI
;
BU
63 'polypeptide(L)'
;MAVASTRLPTVGCSCSVATLAYSRTYVRSSNTRSTGSSSGSIISSSLPWSQHRCQVRTLIVPRQLKAYGGTFSQSIGERV
DHAASHQVLQSLSPARTAQSPLLAKPVKTKVVDNFADMLVTPALQEALADMGVSTPSPIQQTAIEAVLQRKNTVIAAPHG
EGKTLAYLLPLYQNMEKDRDVYKIPLRERRPRMILLAPTKELVEQLQTVCARLDAATGLTSVCFTSRKRSKYHLSRMLKN
TMADVLVMDPKLILRLLRTRRLFIEDLRYFAVDEADAMMSSLHDHDAVQLLMKVQKRNQFKYLWPVQTQYVFVTAYMTRK
LEYIVGRKISDPVTCMFRQLMHRPQARLRHRFYAIRREPEKFTVLMHLLRKNGHVPLPIDTDVAEVDVHTNPRKLSGSLA
EWHEAVQRCAWKEQHEQEKSSGSGEAVTDDVVDVDEVAVRAPEEASAAVPSVGLSATENAAADDDYDHDSYARYTLERVR
PLHWEHLTTVAAPFTCPIRRTVFAEGRRTIIFFRNIDATTAVFHQLRSAGFAVSLLHASLPYKVRKEMYADFASGRTNIL
CATDVAARGLDLHVDMVINFDVPTNALAYLSRSGRTARMGREGQVLNLYNKHQGVIVSAIKAFLKDNLPMEGLTNRKADM
MQPRYAEWRTHKINALARSYVSLITRKTIPAHLERTYVHHNATWRPVFHPQKTGIHGGVAPRQQQKLMDRVREQAVWFRR
GQLARRKGGRAKFGSRTMKHGVWNDIGGVASREVVNEAQNPSPAGPNFGPPSGPPQ
;
BW
64 'polypeptide(L)'
;MSFATSITCVLFYMLQLSLLLRGALCISYRALKSAAAAPVAAAGVSAASSRLGGAWEGSIERAEALENLSNEVFGRGNRH
LKNVETLTALPEGLHSFPEVCFIGKPGCGKSSLISCLLHNHRLGKAGATAGTTRLLQFFNVGDALLLVDTPGYGGWRGRE
VGQRLAEQANAFSILFRYLALRNGSNLKRVYWLMESSAPTPVSFQPRDEELLTFLSRERIPFSVVLTKIDRHWRHYAEQQ
RTADRVGNDGFVHPRHRRPETHDQGFFTRTSLPQDGVARNMQEVYEFLGTDQVPILGVSANRLQPNRSRNLELLQHDIVH
YCTQDLLHSEELSFRNMHKLSYAPPTADRIHEIQLRYPVESFVVPENNNMSLARMVEHHEEMKARFCENNVCARRLSAKD
VAACHLESVAKLKAACKHDTAERERAEKVRPTATYLFESTLAAAVTSLPLPGDVAGLLRASEAQGTATASVSRVGGLPER
WKECDDHNAEACAADVCASRRFRVRPLLVGERQTSRDSLGDILERALDEEEPRQDFAGSIVDKGEKTANAASPPHCAHAE
TTSSSHTLNPVPDEAPVPQPYRVDAVLLQEQPLEALPLPAMLDPDAHYVTAIDGTPIPRSMISVSVEQLAVSKDDELAHF
ATKSGAGAYEELIVADQEKSNAGADLFMETSDVAHLPEEVQTQLEEACARLTRSAARKQKERFLTKYVERKRKERSIYMQ
AEGYMCPWLGRSEGRSVVQGFAGSCGTGKGGAVMRDLKQKGFGGKSYSARTMKNRGRATKKTGFWAA
;
BV
65 'polypeptide(L)'
;(UNK)(UNK)(UNK)(UNK)(UNK)(UNK)(UNK)(UNK)(UNK)(UNK)(UNK)(UNK)(UNK)(UNK)(UNK)(UNK)
(UNK)(UNK)(UNK)(UNK)(UNK)(UNK)(UNK)(UNK)(UNK)(UNK)(UNK)(UNK)(UNK)(UNK)(UNK)(UNK)
(UNK)(UNK)(UNK)(UNK)(UNK)(UNK)(UNK)(UNK)
;
U7
66 'polypeptide(L)'
;AAAAAAAAAAAAAAAAAAAAAAAAAAAAAAAAAAAAAAAAAAAAAAAAAAAAAAAAAAAAAAAAAAAAAAAAAAAAAAAA
AAAAAAAAAAAAAAAAAAAAAAAAAAAAAAAAAAAAAAAAAAAAAAAAAAAAAAAAAAAAAAAAAAAAAAAAAAAAAAAA
AAAAAAAAAAAAAAAAAAAAAAAAAAA
;
U6
67 'polypeptide(L)' AAAAAAAAAAAAAAAAAAAAAAAAAAAAAAAAAAAAAAAAAAAAAA U1
68 'polypeptide(L)' AAAAAAAAAAAAAAAAAAAAAAAAAAAAAAAAAAAAAAAAAAAAAAAAAAAAAAAAAAAAAAAAAAAAAAAAAAA U3
69 'polypeptide(L)'
;AAAAAAAAAAAAAAAAAAAAAAAAAAAAAAAAAAAAAAAAAAAAAAAAAAAAAAAAAAAAAAAAAAAAAAAAAAAAAAAA
AAAAAAAAAAAAAAAAAAAAAAAAAAAAAAAAAAAAAAAAAAAAAAAAAAAAAAAA
;
U4
70 'polypeptide(L)'
;AAAAAAAAAAAAAAAAAAAAAAAAAAAAAAAAAAAAAAAAAAAAAAAAAAAAAAAAAAAAAAAAAAAAAAAAAAAAAAAA
AAAAAAAAAAAAAA
;
U5
71 'polypeptide(L)'
;MILITSNCARVAAFARKAACRGALCDRHRCISGGGRGDLFTRHASAFKPPAFGVLRGLTHSSQTTHPQTGQLRARKLIQH
AMHDRTLSGSGHHRTAVATWSYLLPSLRQNVEQAVPDTLYEKLLTDEVPLTPAESRQLADAHRLLRFELQKRIGLLEDSL
ADAALPYLLQWPALFQRAWLRLPMDQGSASVTDAKRDAVVPAPPSFVHAPAALPITEWAPTLSPASPSACSNGLIGRGAL
VPRLAQLTRHVIRCVEEDLGRLEHGSEPREDGAPRSRRQVTLEAAWRAQWASLLSWHAGTS
;
BR
72 'polypeptide(L)' AAAAAAAAAAAAAAAAAAAAAAAAAAAAAAAAAAAAA U2
73 'polyribonucleotide'
;UUUCAAAAAUUGACUAAUUUUGAUAUUGUUUUGGCUCUGGACUAAUUAAUUCUCCUUUAAUUUUAUUAUCUAAAAUUUGC
AUACUUACAUAUUAAAGUAGUUAGUUUAGAUAUGAAAAUUAGUUAGAUUUCCAUUUGAAUUAGUUAUGUUAAAUAUAGAA
UUAGUUAGGGUUGAUAAUGAAAUCAAUUAAGUUUAUAUAUAAAGUUAGUUAGUCAAUAUGAAUUUUUUUGCAAACAUUUC
CGGUUGACUUCAUGUGAUUACACGUACUCCGUUUUGUUUUUAUGUGUCAUGAUUUGCAUUGAUUUUUUCGCAACCACACC
AUAAAUCUAAUAUACUCAACAGCACCUACCAAGAGUUAAAAAUGAAAUUAAAUAAAAAUAAAAAAUAAAAUAAAAAUAAA
AUAAAAAUAAAUUUAAAAAUAAAAAUAAGUUUAAAAAAUAAAUUAAAAUAAAAAAUUAUAAAAUGGAAAUUGAAAAAUAA
AUUACAAAUAAAAGAUUAAAUUUGAAUUAAUUACAGAAAUUAGACACAACACGCCCGAUCGAUUUCAUGCAUACACUUUU
ACUUCGUUUUCGGUUUACGUUUUGUUGUUUGUAUUGGCUCGAUGGAUGAAUAUAAAAAGCUUAAAUACAAAAUUUCCAAC
AAUUGGAUAAGCAAGAGUUAAAAAAUGAAAUUAAAUAAAAAUAAAAAAUAAAAUAAAAUAAAAUUAAAAUAAAAUAAAAA
AUAAAAAAUUAAAAAUAAAAUUAAAAUAAAAAGUUAGAAAAUAAAAAAUUUAAAAAAUAUAAUUUGAAAAAUAAAUUACA
AAUAAAAGAUUAAAUUUGAAUUAAUUGCAGACACUAGACACACAUUUCCGAUCGAUUUCACGUAUACAUUUGUACUUCGU
UUUUGGUUUAUGUUUUGUUGUUUGCACUGAUCGAGCAAAAUUUUUAUUUUAUAUAUAAUUUAAACUUUUGUUGUUGUUUG
UUAGUAAGCAAAAAUAUUUAUGUCAUUUUAAUAUUAUUUAUGUACUUACUAUUAUUUUGAUAAAUUUUAACUUUAAAUAG
CAUAAAAACUACAAUCAAUAAAGCAUAAAAAAAUUUAUUUAUGAUUAUAUUAAUAUAAAAUGACCUAAUAUAAUGAAAAU
ACUUUAGUGUUAAGUUAUUUGUUUUAUUAUGAAAUAAGUUGCACUAUUUAUUGAAUUAAUAAAGAAAGAAUAGAAAUAAA
UAAGUUAUAAUAUCUUUAAUUUAUUUAUAAUUUCUUUGCAUUUGUAUUUAGUGUGAGUUUACAUUUAAUUUUAUAUUAUU
UUAGUGUUAGUAUAUAUUUAAAUUUAAUCAAAGUUAUUAUUAAAUAAUAUUGAUUUUGGAUGAAUUUAAUUUUUAAUUAU
AUUUUUGAAUUUUAAUUUUAUUAUUUUGAUUUAAUAUUUUUAAAAUAUUAUAUAUUUUAGAUUUAAAUUUGUUGUUUUAU
AUUUAGUUUAAUGUUUAUAAAUUGAUAAUUAAUUUGUUUUAUUUUAAAGUUUUUAUGAACUGUGAUUUAUAGUUUAUUAU
UUUUAGUUUAAUGUUUAAAUAUUUAACUAGUGAUGGCACAGUUGUUCUAUAUGUACCUAUAAAAAAUAGUAAAAUUAUUU
UAAUUAAAUUAAUAAAUAAUUAUUAAACUAAUUUUAUAUUAAUAUUAUGAAAAAUUUAAAAAUUAUUUUUUUUUUUUAAU
UUUUAUAUAUUGAAGUAAUAUGUAUUGAAUUGAAUAUUAAAAAUACAAAUUUAAUUUGUAAUUAAUAAAUAUAUUUUAUU
UUAAUAGAUGUUUAAUGUUAAUUAAUUUAUUAUUUUAAUAUUUAAUAUUUGUUUAUACAAAAGUAACUUUUUUUGAAUAU
AAAGAAUUAUUAUUAUAAAUAUUAUUUUAAAAAUAUAAAAAUAUUGUUAAUAAAAUUAUCAAGUUUCAAAAGCGUUUAUU
AAAUGCGUCGGUCUAAGUAUUAUAUUUAAGAUUAUUCUUGUAUAUAGAUUUUUAUUUUAAUAAUUCUACAUAAUUAAAAA
UUAACCUCAAAUUAUAUUUAUUAGUAGCAUAGUAAUUUAUUAACUGAUUAUUAAAGCGUUCCAUAGAAAAUUUUAAAAUU
AUAACAAUCUAAAUAAAUAAUAAAUUAAAAUAAAAAUUUUAAAAAAAAUUAAAAAAUUAAAAUAGGGCAAGUCCUACUCU
CCUUUACAAAGAGAACGUUUAUAUGUAAUUGUAUGUUUGAUUGGGGCAAUACUAUAUCUAUUUAUAUAGAAAAAGAACUA
UAUUUAUUGAAAUAAUAAAAGGUUCGAGCAGGUUAACAAGCAUUAAUACUAAAUGUGUUUCAUCGUCUACUUAUUGCUAA
AUUAUAAUUGAUUGUUCAUCAAAAAAGCAAUUCGUUAGUUGGGUUUUAAAAUCGUUGUAAAGCAGAUUUGUUUAUAUAUU
UAAUUUUUGUAUAUAGUUAAAAAUUAAUAUUAGUACGCAAGGAUUCAUUAUUUGUAAUUUAAAUAUAUUAAAUGUUAUUU
UAUUAAAUAAAAUAAAAUAAGUCAAUUGUUAUUAUUCAUAUUAAUUUUUUUAAAAGUUUUUUAAUUUUAUAUUAGUUUAU
UUGUUUAAAAAGUAUCUAAUUAAUUCAUUAUUUAGGAAUAGUUAAUAAUAAUUUAUAAUUCUGAUUAGAUUUGUUUGUUA
AUGCUAUUAAAGGGGUGUGGAAAAAGUGUUAAAUUUUUGAUAUAUUUAAAUAAUAAAUAAAAUAUAACUUAUUAGUCAGA
AAUGGAUGCCAGCCGUUGCGGUAAUUUCUAUGCUUUUAAAUAUUAUACAUUUAUUUUAUAAAUUUGUUACUAUAUAUUUU
UAGUCAAUAAAACUAAUAAUUAUUUUUAUUUGUUUUUAAACACCGUUUGGUAUAUGCAAAUAAAAAAUGACAUUAAUUAU
UAAUUAUAUUAUAUUAUAUUUAUUCAUUUAAGUCAACAAUAUCUAUUUACUGUUUUUGACAACAUGAUAAGGAUUAUAAA
UGGUAUUGCAAAUUUUAUAAUCAAAACUAAUUUAUUAUAUUAAAUUAGCAUGUUUAGAUAAAACAAUAAAUUUAGAAGGU
AUUGUUGCCCACCAUUCUUUGUAAUAAAGACAACGUGCAGUAAUUAAUGUAUUUAUAAAAAUAUAUUUUUUAAUGUUAAA
UUUUCGUUGCCUUUUUUAUUAUUUAGAAAAUUUAUGAAUUUAUACAAAUCAAUAAUGAAAAUUAUAGUAUUAUUAUUUAU
GAGGAGAAUUUUCGGAAGGAGGGAUUUUCGGACCAGGAAUGUCCAGAGAGGUUUCGGGCAUCAGCGAUUGAUUUUGGGAG
AACGGAGCCGCCGAGUGAAAUUUGCCCAGAGCAGAGUCGGGAGAAGAGUGGAUCGACCGAAGAAAAGACCGUUUUUCGGA
AGGGGAGCAGGUCCAACCGAUUUUUUUGCCAACUUGCACAGGAGGGAGCCAGAAGCGCACUCAAAGUUAGUUUUGGGAGA
UUUGAAGGGAGAAAUUUCCGAGUUUAUUCAUAUAUUUUUUAGUUUGUGUUAGCAAAUUUUGAAAUACAACUUUUUUGCAA
AUUGGAAGAAAACCUCCCAAAUGUAGCUUCCCAAUCUUCCUCUCUAAUCCAUUCCCAACGGUCUUUCCCCCAUCAUCCUC
AGAUGUCUCUUCCCCCCCAAAAAAUCCUAAAAAUCCAAGUUCAUCUCGCUCUCUCUCCCCUCAAUUUCCUUAAAAACUCG
CUUCCUAAACUUAUCCCGAAAACCCCGCUCUUCUUCCCUCUAAAUCUUUAUCUCCUCCCCUCCAAAUCUCCCUCAAAUCU
CUCCUCUCUUCUCCCGAAACUUUAAUCUUUUUAUUUUAUAAAUAAAUUUGGUAUUUAAAAUAUUAUAAUUAAAUAUUCUA
AAUUAUUUAAUAAUAUUAGAAAUGAAUACUUUAUUAAAAUAAUAUUAAUGUGUAAUAUAUUUAAUCAUAUUAGAAUUCCG
UUUAAAUUGAAAUAUAUUGAAUUGUAAUUAUCAAUACAAUAUAAGUUAUUAAAUAAUAAUUUAAUUUUAUAUGUUUUAUA
AUUGUAAUUAUUUAGUUUUGAAAGUUUAUAUAUAAACAAGAUAUAACCUUUUUAUUUUUUAAUACAAUUUUAAAUGAAAU
UUAUGAUUUAUUAUUAUUAAAUAUUACUGGCAGACUACAUGAAAAAUAUAAAAAGGCAUUUGUAUAGGUUUACUUUUGGA
CCUCAACAUCCUGCAGCUCAUGGCGUUUUAUGUUGUUUAUUAUAUCUUUCUGGAGAAUAUAUAGUUUAUAUUGAUGUAAU
AAUUGGUUAUUUGCAUCGUGGUACAGAAAAGUUAUGUGAAUAUAAAACUGUAGAACAGUGUUUACCGAUGAAGACUGGAU
UAUGUGAGUGUCGUUUGCAACGAGCAUUUACUGUCAUUGUGUUUUGAGUAUAUGUUGAGGUGUUGUCUUGCUAUUCGCUG
UGCAUUUAUGCGUUUAUUAAUGUGUGAGUUUACGCGUUGUUUCAAUGGACUUCUUUGUUGCUCUUGUAUGGUUAUGGAUA
UAGGAUCAUUGUCGCCAAUGCUUUGAUCGUUUGAAGAACGUGAUAAGUUGAUGACUUUUUUUGAUUUGUGUUGUGGUUGU
AGAAUGCAUUUAGCAUUUAUGUGCUUAUUAGGUUUACUUGAUGAUUUUGUAUUUGGGUUUAUAGAUUUUUUAUUGAUGUU
GUGUAUAUCAUGUUUAUUUGUUUUAGAUUUAUAUGAUUUGCUUUUUAUUGGAAAUAGACUUUUAUAUUUGCGUUUGCGCG
GGUUAGCAUUUUUUGAUGUUUUUGAUUUAUGUUUUAAUAGUAUAAGUGGUUGUUUGUCUAGAUCGUUGGGUAUGGUAUGA
GAUGUUAGAUUAUAUAGUUGUUACGAAUUAUAUUUUAUGUUAGUUUUUGAUUAUUGUUUUUGUUAUUUAGGUGAUGCAUU
UGAUAGACUUUUUUUGCGACUUUUUGAUAUGCGUAUGAGUAUACUUCUAUGUAAACAAUGCUUUUUUGUAGGUUUUUUUG
UCUUUGGAUUUGUGUGUUUAUUUGAUUAUAUGUAUGUUGAUGUAACUAUAGAAACUAUAAUUAGUUUAUUUUAUAGUUUA
UGAUGUUGCAUAUUACCAGGAUGUUCAUUUGCUAAUGUUGAACAUCCUAAAGGCGAAUACAGUAUUUUUUUAUGUUUUUU
AUAUGGAUUUAUAUCACGUUUACGUAUACGUUGUGCAGAUUUUGUGCAUAUUUGUUUAUUAGAUGUGAUGAUGCGAGGGU
UUAUGUUGCACGACUUAGUAGCAGUUAUUGGUAAUGUUGAUGUUGUUUUUGGUUCUGUAGAUCGAUAAGCUAUUUAUUUA
UAUACAAAAAUGAAAGAUGAAUCUAAAAAUUGGUGCGGAGGGGUUUGAUUUUUGUUGGGGUUCUGUCUUACCUGCUAUUU
GUAUAGUUUAUUUAACUUUUUGUUUAUGUGGAUUAUUUUGUAUUAUGUUUGGUAGUUUUGUUUUUAUUGAUUAUUGUUUU
AUUUGUUUUUUUUCUUGUCUUGUAUUUUGUUUAGUAUGCUUGUUGUGCGAUUUAUUUGUAGAUUCAUUACGGGGUUUGUU
UGAUGUUUGUUGUUUUAUACGUUGUAUUCAAUAUUGUUUUGUAUGGUUUAUAAUUAGUGAAUUACUUCUUUUUUUAUCUU
UAUUUUAUGUAGUUUUCAGUUUAGUUUUAUUUGUGAGUGUUGAAUUUGCAUUUGUAUUUGUUAUGCCUAUUAUGUUUAGU
UGUUUAAUUUGUGAUUUUGGUUUUGUAUUUUAUUGAUAUUUUAUUGAUAUUUUUAAUUUAUUAAUUAAUACAUUUUUAUU
AUUUGUAAGUGGUUUAUUUGUUAAUUUUGUUUUAUUUUUAUUUUGAUUUCGUUUUUUUUUAUGUGUUUUAUUUAUGUUAU
GAGUCGGUAUAUUAUUUGGCUUUUUGUUUAUGUGAAAUCAAGUUUGAGAGUUUUCAUUAUUAUUUGUGACUUGUAGUUGU
GGCGUAUUUGGAUCAAUACUUUUUUUAAUCGAUUUAUUGCAUUUUAGUCAUGUCUUUUUAGGUAUAUUUUUGUUAUUUUU
AUGUUUUAGUCGUUGUUUUAAUUUUUUAUGUAUGGAUACACGUUUUGUAUUUCUAUAUGUAGUGUGCCUAUAUUGGCAUU
UUGUUGAUUGCGUUUGAUUUUUUUUAUUACGAUUUGUAUAUUUUGAUGUUUUAAGUGUGGUUUACUUAUAUGCAUAAAGG
CUCAAUUUUGAAUUUUUAAAUUUUAUUCUAAAAAGCGGAGAGGAAAGAAAAGGCUUUUAACUUCAGGUUGUUUAUUGCGU
AUUUAUGGUGUGGGUUUUAGUUUAGGUUUUUUUAUUUGUAUGCAGAUAAUUUGUGGUGUGUGUUUAGCAUGAUUAUUUUU
UAGUUGUUUUAUAUGUACUAAUUGAUAUUUUGUUUUAUUUUUGUGAGAUUUUGAUUUGGGAUUUGUAAUACGAAGCACAC
AUAUUUGUUUUACAUCGUUGUUAUUUUUUCUUCUUUAUGUUCAUAUAUUUAAGUGUAUAGUAUUAAUAAUUUUAUUUGAU
ACACAUAUUUUAGUAUGGGUGGUAGGUUUUGUGAUAUAUAUAUUUAUAGUAAUAAUAGGUUUUAUUGGCUAUGUUUUACC
AUGUACAAUGAUGUCGUAUUGGGGUUUAACAGUGUUCAGUAACAUUUUAGCAACUGUCCCAGUUAUUGGUACUUGACUUU
GUUAUUGAAUAUGAGGUAGUGAGUAUAUUAAUGAUUUUACAUUGUUAAAAUUACAUGUGUUGCAUGUGCUAUUACCUUUU
GUAUUAAUACUUGUAAUAUUUAUGCAUUUGUUUUGUUUACAUUAUUUUAUGAGUUCAGAUGGUUUUUGUGAUCGAUUUGC
AUUUUAUUGCGAACGUUUAUGUUUUUGUAUGUGAUUUUAUUUACGAGAUAUGUUUUUGGCUUUUUUGAUAUUAUUUUUUG
UAAUUUAUUUUAUUUUUAUAAAUUGAUAUUUUGUUUUUCAUGAAGAAUCUUGAGUUAUAGUUGAUACAUUAAAAACAUCU
GAUAAGAUUCUUCCUGAGUGAUUUUUUUUAUUUUUAUUUGGUUUUUUAAAAGCUGUACCAGAUAAAUUUACUGGUUUAUU
AUUAAUGGUUAUUUUAUUAUUUUCCUUAUUUUUGUUUAUAUUAAAUUGCAUAUUAUGAUUUGUUUAUUGUAGAAGUUCAU
UGUUGUGAUUUACAUAUUCAUUAGUUUUAUUUUAUAGUAUAUUUAUGAGUGGUUUUUUAGCACUGUAUGUUAUAUUAGCA
UAUCCUAUAUGAAUGGAAUUACAAUUUUGAGUGUUGCUUUUGUUUAUGUUAGUUGUAUGUAGAUUAGAUUAAAAAUUUAU
AUAUUUUUUAUUAAGCGUUAAUAUAUUAAAUUUUAUUUAGAAUAGUAUUAAUAAUCAAAGGGUUGGAAGAAAUUUGCGAA
AGAAAGGGAUCUUAGAAAGGAAAUUUUAGUUUAAGACCGAGAAGGGGAGAAGGGAGAGAGAGAUUCGUGUUAUUUAAUUU
UUAUGGAUUAAUUGCGUAUUACUGUAUAACAUAUUUAAAUGUCUAUAUUUUAUUUUGUAUUGUAUUUAUGUAUUAUAUGG
CUUUUUUAUUUUGUUUUUGCAUUUUAUUAGAUUUUAUAUUAUUUGGAAGUCUUUUAGUAGGAGAUGCGUUUAUGGAUGUU
UUUUUUUUACGUUAUCUAUUAUGCUUUUUGGAGUGUUUUUCAUUAUUAUGUAGAUGUAUAUCUACUUUUUUACGAAUGUU
UUGUAAUCUUUUGUCUUCGCAUUUUUUGAUGCUUAUGUUUUGUGAUUUUGUAUAUUUUUUUAUUGUAUUUCUAUUAUUUU
UUUUAAUGUGUGAUAUUAUUUAUUUUAUGAUAUUUUCAUUCGCCAUGCUAUUUUGCAUAAUAUUUUAUUUAUUUUUAUAU
GCAUUAGAUAUGUUUUGCGCAUUAUUACAAAUAUUUAUAUUUUGUAAUAUGAUAAUGCAAUUAAUCAUGGAUUUUUUAUU
GUUAUUAAUUUUUCAUUAAUUUAUAGAAUUAAAUCGAAUAAGUUAAUUAUAUCAAAAAAUAGUAUAAAUAUACUACAACU
UAAUAUAAAAAAUAGGUUUGAAAAUCGCACAGUAUGUAAUCGUACAACUCAGAAUCCUAUAAAUUGAUAAGAAAAUAUAA
AGAUGUUAAUUAUUAGUCUAAAAUAAAAAAUAUAAAUAAUAACCAACCAUAUUAUUGAAAAGAAAAUAAUACAAAUUCCC
AUAUAACUUAAGUGAAGUAGUAAACAAAAUACUUUUAAAAAAAAACCAAAUACUAUUGGAAUAGCACCAAUACAUAAAAA
AAUACUUGCUAAUAAUACACUAAUUAAUAAAUUAUUAAAAAAGCUAAAAAAAAUAAAGUUAAUUAAAAAAUAAUUUUCAU
UAUAUUUAAUAUCGAACAUAUUAUAUACUAUAAAAAAAUAAUAUAAAAUUAUUAAUAUAAUCAGACUUAAUGAGUAAAUU
AAAUGAAAAUUUAGAUACAUAUAAAAGAUGUAAUUUUUAUUAGAAAUAAAUAUUAAAAAUAAAAAACUAAAAUUAUUAAC
GCUAAGUACAAAUAAAAGACUUACAAUUGCAAAACUAUUUAAUCCAAUUAACACGCAUGUAAUGCAUUGUAUUAUAAUAA
GUUUUAUAAAUAUUAUAUAAAAGUAAAUAAAGCAAAUAAGCAAAAUAAUAAGUAUAAAGCAAAAUAAGACAUAAAAUGUU
AGCAUGUAGAUAAAUAUAAACACUCCAAGCCGAAUGUAUAAUUGUUCUAAAAAUAAAAUCAAUAUUGCAAUAUAUAAUUU
AAAUAAUAUAAGUAAUAUAUAAAAUAAGCAUAAUAUACCUAAUCAUUCUUCAUCAAAUAUUAGAAAACAAAAAUCACAGA
GAUAAAAACAGUAAUUUAGUAACAUAUAAUAUAGCAAGACAAAUAAUAAUAUAAAGUUUAUUAAAUUUAUCAUAUAAUAA
UAUCAUAAUAUUAGUAUUUUAUAACCGAAUCUACUUGAUAUUAAUAUAAGAAAAAGUAAUAAGCUAAAUAAUUCAAAUAG
UAUUGAAAUAAAAAGUAUAUGUAUUACAUUUAAAAACAUAAAAAUUAUUAUAUAUUGUAUAAUUAUUAUCAUGAAUACGA
AUCUAGUAUCAAAGUUUAAAAAACAAAAAAGAAAAAAAAAGCAAAAUAAAAAAAGUAGUAAAAAGAUAAAGCAUAUAUAU
GAGUCUAAAAUUGUUAGUAUUAUUAUGUUAAUAAUUACAAUUCAUAUUAAAUCAAAUGAUAAAUAAAAAAGUGAAUUAUA
AUCACAUAAGAUAAUAAAACUAUAAAGUAAUAAAAAUAAUAUUAUAUGUAUUAAGUAUAGAAACAGAAGGAUUUCGAAAG
GAGAGGACAGUUUAAGGAUUUUGAGGAGAAAUUUCGAGGGGAAAGGGGGGAACCAGAAGAACAUAGAAGUCAGUUUUCGA
UAUUAAAAUAAUAUAGCAAUUAUUUUUGUAGUGAACAGUCAAAUAAAAGUAAGAACGCACAUGUAGAAUAAAAAAAUAAG
UAUAAAUGCUUGCGCUGUUGUAAUUUUUAGUCUAUAACCAAUUACCCUUGGAUAAAAAAACCCAAUAAUUAAGAUAAUUA
UAGCUUUAAAACAUAUAAAUAAGCCCCCAAAACAGAGACUGGCUAAUAAUAAUGUUGUCAGUAACACAUGAUUUAUUUCA
AGAACGGAAUAUAAUAUAAAAAAGAAUCCUGAUAGUUCUGUAAUCAACCCAGCGACUAAUUCACUUUCACAUUCCAUAUA
GUCGAAUGGUAGUUUUAAUCCGUCUAGAAGCAUACUUAUUCAAAAUAUACAUACAAAUAAGAUGCCGGCAAUAUAAAAGU
UUGUAAUAUAAAUCUGCCCAACACAAAUGUCUUUAAUGCAAAAAAAGCUAAAGUAGUCUAACGAAUAUACAGUUGUGUAU
AAUAAAAAUAAGCCACUUUCAGAAAUAAUACUAAAAAACAUAGUGCGCAUUGCAGAAAGAUAUACAAAGCAACUAGAGAA
UAAAAAGCAACCUACAAAAAAUGUGCUAAACAUAUUACUGAAAACAUGUACGCACAUCAUUAUUGUAAUAGUGAAUCCUG
UGUCUAAUAACAGUAUAAAACCUAUAGGAAAAUAAAACCAACCAAUAAAAAUGCAGCAUGUAGUAAUUAACAUUGCACCU
AUUAAGUAAAUGAUUUCAAAACUAAUUACAAAAAUGAUAAAUUUAAUAAAAAGUUUUAUUCCGUCAGUUAUUGGUGUUAA
AAUUCCAAAAAAACAAAGGGCCGGACCUAUUCGUAUUUGAACUAAAGCUAAAAUUCUUCUUUCACAAAGACUUACAAAGC
CGGUCAAGACAAGAACAACUAAAAUGUCAAUAAUAAUAAUGAUAAUAAUAUCUAUAUUUAACAUUUUUAAUUAUGGCUUU
UAUUUUAUCAUUUUGAAUGAUUUUUUUACUGGAUUCUGUAAUUGUUUUAUUAUCUUUUGUGUGUUUUGUAUGUAUAUGGA
UAUGCGCUUUAUUAUUUUCAGCAUGUUUAUUAGUGUCGAAAUUAAAUAAUGUUUAUUGUACUUGGGAUUUCACGGCAUCU
AAGUUUAUUGAUGUGUAUUGAUUCAUUAUUGGAGGUAUGUUUUCAUUAGGACUUUUACUUAGGUUAUGUUUGUUAUUAUA
UUUUGGUCAUUUAAAUUUUGUUAGUUUUGAUUUAUGCAAAGUUGUUGGAUUUCAAUGGUAUUGAGUCUAUUUUAUUUUUG
GAGAAACAACAAUAUUUAGUAAUUUAAUUUUGGAAAGUGAUUAUAUGAUUGGUGAUUUACGUUUAUUACAGUGUAAUCAU
GUUUUAACUUUAUUAAGUUUAGUUAUAUAUAAAUUAUGAUUAUCUGCUGUUGAUGUUAUACAUUCAUUUGCAAUUUCAAG
UUUAGGUAUUAAAGUAGAGAACCUGGUCGUUGUAAUGAAAUAGUUUUAUUUUCAUCAAAUAAUGCUACAGUGUAUGGGCA
AUGUAGUGAACUUUGUGGUGUAUUACAUGGAUUUAUGCCAAUAGUGAUUUGUUUUAUAUAGGUAUAUAAUCUAUAUCAUA
AUAUUAGGGGAAAGAAGGACUGAGUCGAAUAUUUGAUUUAUUAUGUAUUAGGAGUUAUGAUUUUAUAUUAUGAUGAUUUG
AUUUAGACUUUAUUUUAUAUGAUUUCGUUUUUGAUUUUGUAGUGUGUAUAACUUUUAUUUUUGUGUUUGUCUUAGGUUUU
UUUCUUAGAAUAUUUUUUAGUUUUGUAUUUGUGUUAUUAUUUAUAGUUUUUUUUGGUUUAUUUAUGCUUACGUUUAUGUA
UAUAGGUUAUUUUAUAUAUUAUAUUUAUAUAUUAUAUAAUUUUAUAUGUUAUUUUUUUUGUUUUAGUAUUUCGUAUUUAU
UAUAUUAUAUUGAGUUUUUUACAUAUUUAUUAUGUUUUAUAUUUAUAGAUUUUAUAUCGUUUUCUAUCCAUUUAAUUUCU
UAUUUUGGCAUUAUUUAUAUAUUUAAUGUUAUAUUUUGUUCGUAUUUAUUUUGUCUAUUUUAUUUUAUAAUUUGUUUUAU
AUUUUGUUUUAUAUUUUUUGUUAUUCGAUGUUUAUUUAUAAUAGUUUAUGAUUUUUUGUUUUUUAAUUUUGAUAUAUAUU
UAUCAUUUUUAAUGUGUGAUAUGUUGUAUAUCGAUUAUAUAUGUUUUUUAUUGAUAUAUUUUGGUUUUAUAUUUUCAUUU
AUAUUAGGCUUUUUUUGUUUUAUAUUUGUUUUAAAUUAUGUUUUUUUAGUAUUAUUUUUUGUCUUGGCGUUAUUUUUUGG
GUUUUUAUUUUUAUCAUAUGGUAUUUUUAUAUUUUUUAUUUAUUAUUUUUUUUGAUUAUUCGUUAUAUAUAGUCGUACAU
GUUUUACAUUAGUGCAAUCGGUAAUUAUAUUUUUUAAAUUUUUAUACUUUGAUGUUUUUUUUAUAUUUAUAUUUUUAUUG
AUAUUGUUUAUUAUUUGUUUUUUUGGUUUCUUUUUAAAAGAUUUUUUAUUUUUGAAUUUUUUUUUUGAUAUGUUUAUUGU
AUUAAUAAGUUAUGAUGUGAAUAAUUAUUGUGCAUUUUAUAAUCAUUAUCAACAGUUUUGUGUUACUCAAUUAUUGUCUA
UUUAUAUGUAAAAAAAUAAAAAUAAAGAUUGUCAAAAAUAUAUAAAAAAAACAAAGCAGAAACACAAUAUUAAAAACAGG
UAGUCUAAAACUAUAUGCGCAAAGUCAACUAGUAAUAAAUAUAAAACCAUUACACAAGGUAUUCAGGUUGAGAAGUAGAA
AAAGCAGUAUAGGCUGAAUACGAAUAGAUUAACAAAGAAUAAACAAUAGUCUCAAAAUAAAAACACACAGAACAGUGCGC
AUAAAAACAAAAUUAAGCUUGCUAAUAAUAGCAUUCCGUAGAGCAUGAAUGAACUUCAAAAUAAAAAUGACACAGGAUAG
UCAGAUAUUCUACGAGGAAAUGCAUACAUACCUAAACUAUGCAUUGGGAAAAAAACCAUAUUAGAUCCUAUAAAAAGCGU
ACUAAUAAAGUAAAACAUUCAGAAUAAAUAUAAUUCUAUAGGUAGUCAUUUUGCAAGAAAGUGAAUAAAUCCUGCAAGAA
AUCCAACAACAGCACCUAAAGAUAAAACGUAGUGAAAGUGACCGACUACAAAGUAUGUGUCAUGUAACAUGAUGUCUAUA
CCAACAUUCGCCAAAAAAAGCCCUGUUACAGCACCAGACAAAAACAUAAAAAUAAACAUUAUAACAAAAUAUAUCUCAAA
UGUAAUUAUAAUAUCUGUAUAAAUAAAACUAUAGAUCCAAUUGAAUAGCUUGACACAUGUGGGUAGGCCAAUCAAAAUAG
AUACUCCACCAAAAUAUGCUCUAGAAUCAACAUCCAUCCCUACAACAAACAUGUGAUGCGCUCACACAAACAUACCUAAG
AUCGCAAUUAAUAUCAUUGAAUAUAUCAUUGCAACCGCACUGAACACACAGCGAAAUCCGACUAUUUCAAUAAUAGUAGA
GAUAAGACCAAAUACAGGUAAUAAUAUUAUAUAAACUUCAGGAUGACCAAAAAAUCAAAACAGGUGUUGAAAUAGAAUCA
AGUCACCACCACCAACAACAUCAUAAAAUGAAGUAUUAAAGUUUCUGUCACAUAAAAUCAAGGUCACACCUCCCGCUAAU
ACUGGUAAAGUUAUUAUUAACAAAAUAGCAGUUAUAAGCGCAGCUCAAAUAAAUAGCGAUCACGAUAAAAAACUAAAGAA
UUUUCUACGACAGCAAAAUACAGUACCAAGUAAAUUUAUAGAGUUUAAAAUACUUGAUACACCUAAUAGAUGAACCGCAA
ACAUAACAAAGUCACAAGCCAAACUUGAAUGAAAGUCUAUACAUAUUAAAGUAGGAUAUAGCGUCCAACCCACACCCAUA
CCUUCCUCAGUCAAAAAACCGCUUACAACACAGCCAAAUCCGGCCAAGUACAUUCAAAAACUCAUGUUGUUUAAACGUGG
AAAAACCAUAUCGGGAAAACCUGCCAUAACAGGAAUAAAGUAGUUCACAAGACCUCCCAUCAUAACAGGCAUUAUAAACG
CAAAAACCAUUAUCAAUCCAUGCGAGGUAAUUAAAACGUUAUAAAACUGGUAAUCUCCAAACAAAACACCACAUCCUAUA
AUAGAAAGUUCAAGUCUAAUAAAUAGUGAAUAAACAUAUCCAACGAAUCCUGAUAGGAUUGCAACUAAGAGAUAACACAA
ACCAAUCAUUUUAUGCGAAACACUUAAACACACCAAACAAAGUCAAAACAUUUUCAAUAUAAAAAAUUUAAAUUUAAUUU
GUUUGAUUUUAUAUAUAGUAAUAAUCCAAUCAAUUUUCGCUCUCGCCUUUCUCCCACCCCCUUCUGCUUUCUUCCCUCCA
ACCUCUCUUCUUCCCCUCCCUACCUUUCUUCCCCUUCUAUUUCAGUUCCUUCUCCCCCUCCCUCCUAAUCCCUGCUCUUC
CAAAGUCUCUCUUUCUUCCCCUAAAGUCUUUCCCUGCUUUCUAAUUUACUGAUUAAAAUAGUAUACGUGCUUGGUUAAUG
UGUAUUGACUUCAGUCAAAAUAUAAAAGUAGAGCUAGAUUAAAGUAACUAAAUAAUAAAAUUUAAUAGAUGUUUAAGUUU
AUAUUGAUUACUUUGAUUUUUUUGUUAUUAUUUUUAAUAGUCAUAUUUAUAUUUAUUAAUUAUAGUUUUUGUUUAGCAUU
GCAAUUAAAUUAUGUUUAUAUAAAUAUAUAUCUAAAUUAUAUUAGUCUAUGAUUUAUUUUUUUCAUGGGAGUUAUUGUAU
AUUUUCUUGUUUUUCUUUUGUCACGUAAGUUAGUGUCUUACACAAAAUAUUUUUAUGUUUUAUGCUCGUAUUUAUUUAUA
UUUUUUGAUGUUGUAUUUAUAAUUUUAAUAGAUGACUUUAUGUGUUUUAUGAUUUUAUUUGAAAGUUUAUUUUUUCCAAU
UUGUUUUGUAAGUUUAUUUUUUAAUUUUAAUAAUAGAUUUAUAUUUGCUAUAUUUUAUUUGGUAGUAUUUAGUUCCUUAA
GCUCAAUAAUGUGUAUUAUGAUUUGUAUAUUAAUUAUUUUUCAUUUUAAUGUUUUGAGUCUGCAUAGUUUUGUUGAUGUG
UGUAUUUUUGAUAGUUUAUACUUAGGUAUGUAUAUAUGAGUGUUAUUAUUUAUAAUGUUUGCUAUUAAGUAUCCAAUCUG
ACCAAUGCAUGUAUGAUUACCAGAAAUGCAUGUAGAAGUCAAUACUGAAUUAAGUGUGUUGUUAGCAAGUGUUGUGUUAA
AAAUAGGUUUUUUCGGUCUUUAUAAAUUUUUAUUUUUGAGUUUUAAUCAACUUUCGUUAUGGUUUUUAGGUUUUGUGGAU
UGUUUAGUGAUGUUAGGUUUGACAUUUUUGGCUAUUACGUUAUUAUUUUUGAGUGAUUAUAAAAAAAUAAUCGCAAAUUG
GUCUGUUAUACAUACGGGUAUAGCCUUAAUUUUAUUGUGACAUAACGAUAUAUUGUUUUUAGGUUUAUUGAUUUUUUGUA
AUUUAUCACAUAUAAUAAGUUCUGCAUUAAUGUUUAUAAUGGUCGGAUAUAUGUAUGAUAAUUAUGGUAUUCGAAUAUUU
UUAUUAUUGGUGUCUUUUUUUGGUAUUAGUUUGUGGAGUUCAUUAUUUUUAGGGAUUUUUUUAUUUAAUAUAGAUUUCCC
AUUUAUGCUGUUAUUUUAUGUUGAUAUAUUUUUAUUGUAUGGGCUAAUUUCAUUAUCAUUUGUAUAUAUUUGUUGUUUUU
ACAUAAUAAUAUUAGCAAUAUUUCUAUCAUCGAUAUAUAUAUAUAUAUGCUUAAGUUUUUAUUCUUUUAUAUGAGUAGAU
AAAUACUUACGUUUAGAUUUAACAAUAAAUGAUAUUUAUCUAUAUUUUGUUAUAAGCGUGAUGGUUAUUUUUCUAUUUUA
UUUAAUUUAUUUGUUAUUUUAAUUAAUUUUAUUACACUAUUUUUUUUUCCGUCCAGAUCUUUUAACAAAUCCCAUUCUCC
CCCCUUUUCCUUCCCCCCUUUUUUAAAACCUUAAAAGUCCCCUUCUGCGAACUUCUUAUGUCUCGUGUUCUGUCUCCCCU
GUCUCCCGCUCUGCCCUCUUUCCCUCUUUUCCAAACUAAUCCUAUUGACCUUUAAUCUAAAGUUAAAAACGUGAAUUUUU
GAGUGAGUUGCUUUUUGUUAUUUUAGGGAAAAGCCACGAACCAAGCUCCGGAACCGACGGAAUUGCAAAGAAGAAAAGAA
AUUUUGUAUGCUUUUGGGGAUCCUAGUUGAAGGAAUUUUGGGGGGAGAGCCAGGAGAAAGAUUUCACGGAAUUUGUUUUC
GUAAGCUAAAUUAUAAAUUUUAAUAUUAUAAGUAUUUAAUAUUCGACUUUAUUUUUAUAUUCAGAAUUAAAAAUGUUUAU
GUUUUUUUUUAUGUUUUUUUUCAUGUUUGGAUUUGUUUGUGGUAUAUUUUUUGUUGGAAGGCAUAUGUUAAGUUUUUGAU
UAUCAAUAGUUUUAUGUGUUUUUUUAGUUUUAUCUGUACUAUUUAGUUGUUUUUGUCUUAGUGUAUGUAUAUAUGGGUAC
UGCUUUUAUGAUUUUUGUUUAAUUUUAAUUUUAGACUUUUGUUUUGUUUGAUUAACUUUUUAUUGUAAUGGUUUUUAUAU
AUUUAUUUUAUAUUUAAUUGAUAUUGUGUUUUGUUUUAUAGUUUUUUAUGCAUUCUAUUAUAUGUAUUUUGAUGUAAUGU
UAGCCCGUUUUUUCCAUAUAUUUUGAUGAUUUGUUUUGUGUAUGAAUUUUUUUAUAUUGUCGUAUGACUUUUUAACAGCU
UAUUGUGGUUGAGAGUUGUUAGGUUUAUUUUCAUUUUUUUUGAUAUCAUAUUUUUGAUAUAGAUUUUAUGCGUUAAAAUU
UGCUUUUAAAGCUUUUUUCAUAAGUAAAAUAGGCGAUGUUUUGCUAUUAUUAGCAUUUACAAUAUCAUUUUUAAUAAAUG
GCUAUUGUGUGAUUACAUUUUAUUUUUUAUCGUUUUUAUGUGUGGAUUAUGUUUUAUUAUUGUUUAUAAUAAUUUUAUUA
UUAUUGUGUGGUUUUACUAAGUCUACUCAAUUUGGUUUACAUAUUUGACUGCCAGAUGCAAUGGAAGGACCAAUCCCAGU
GUCUGCACUAAUUCAUGCUGCAACAUUAGUUGUAUGUGGUAUUAUAUUGGUUAGUUUUAUUUUUUGAUGUUUUGAUUUUU
GAUUUUGUUAUUUUUAUGGAUUGCUUGGUUGAGCUAGUUUGAUUUUAGUAAUGAUGAGUUUAUGUGUUUUUUAUAAUUUU
GAUGUAAAAAGGUAUGUUGCAUUUAGUACUAUAUGCCAAAUAAGUUUUUCUAUGUUUUGUUGUUUAUGUCUAGAUCUAUA
UGUAGGUUGUUUAAUUUUUUGUUAUCAUAUGUUUUAUAAAGCAACUUUAUUUAUUGUGCUAGGUGUUUGAAUUCAUUUUU
UUUUUGGAUUGCAGGAUAUACGUUGUUAUUUUUUUACAUAUUUUUGUGGUUGUAUUUUAGCACGUAUGUUAUUGAUAUUU
GCUUUGUUAAACUCAUGUUCAUUAUGAUUUUUGUGUGGAUUUUAUUGUAAAGAUCUUCUUUUAUGUAUGUUAAUGUUAAC
AUCAUUUUUUUUUAUAUUAGAGUUUUUGUGUGUGUGUAUAUUUUUUAUAUUUUUUACUGUGUUAUAUAAUUAUUUUUUGU
UAUUUUUUUUGUGUUUUGUAUUUAAAUGCUUUUGUUUAAUUGAUACACUUUUUUUAAUUUUUGAUUUUGAAUGCUGUCUU
GUAUAUUGUACAUUUUGUUUAUAUAUGUGUUUUAUACUAAUUUUUUUUGUUUUAGAUUUUUUAUAUGUUUUUAUUUUUUC
AAGUUAUUGCUUAUUUUGAUCUUUUUAUUUAUAUUAUAUGUCUUUUUUUGAUAUUGCGAUAUUUACUAUAUUUGUAAUGA
UUUCAUUAAGUUUUGUAUAUUAUGGUUGUAUUAUAUUUUAUUUUUUUAAUAUUGAUUGUAUUAUGUUUUUUUGACGAAUA
UUUUUGUUUAUAACUGUCGGAUUUUUAUUUUUUAUAUUUUCGGUAUGAUAUUUUAUUUGUUUUUAUAUAUAUAUAUUUAU
GUUUGUGUGAAAUAUUGUUAUAUAUUUUAGAUAUAAUUUAAAGUAUUGUUUAUUUUUUUGUAUGUUAUUUAUAAUAUACA
UUUAGUAGAGCUAUGCAAAUUUAAUUUUGAAUUAAAUUCAGUCUAUCAGAGUAUAUUUUAUUUAGAAAUUUAUAUUAUCU
UUUAACUCCAAGUUUUUUAAGUAGUGUUUUGCUAUUUUUUGUUAGAAUAUUAAUUGUAAAAUACAUAAUUUAUCUAAAUA
AUUAAUUAAUGAAAAGUAACUAAGACAAAAAAUGGUAUAAAAAGUAAAAUAAGUAUUAUAGAUAAUAGUUAAUUUUUAAU
UUUAUUAUGCAAGCACAACGAAUUUAUUUUUAGUAAUAAUACGCCAAUAUGUUAUAUUUCCUGCCCAAUGAUUGUAUGAA
CAAUUUUUGUAUGAUAAAUAAGUCGCCCACACCACGAAAUAACAAAUUUUUGCACGCCACAACAAAUUUAUGAACGAGUU
UCUGUAUGCCACAACAAAUUUAUGAACGAGUUUCUGUAUGCCACAACAAAUUUAUGAACGAGUUUCUGUAUGCCACAACA
AAUUUAUGAACGAGUUUUUGUAUGCCACAACAAAUUUAUGAACUCUGUAUGCCACAACAAAUUUAUGAACGAAUUUCUGU
AUGCCACAACAAAUUUAUGAACGAGUUUCUGUAUGCCACAACAAAUUUAUGAACGAGUUUCUGUAUGCCACAACAAAUUU
AUGAACAAGUUUCUGUAUGACACAACAAAUUUAUGAACGAGUUUCUGUAUGACACAACAAAUUUAUGAACUCUGUAUGCC
ACAACAAAUUUAUGAACGAGUUUCUGUAUGCCACAACAAAUUUAUGAACGAGUUUCUGUAUGCCACAACAAAUUUAUGAA
CGAGUUUCUGUAUGCCACAACAAAUUUAUGAACGAGUUUCUGUAUGCCACAACAAAUUUAUGAACUCUGUAUGCCACAAC
AAAUUUAUGAACGAAUUUCUGUAUGCCACAACAAAUUUAUGAACGAGUUUUUGUAUGCCACAACAAAUUUAUGAACAAGU
UUCUGUAUGACACAACAAAUUUAUGAACGAGUUUCUGUAUGCCACGAACAAAUUUAUGAACGAGUUUCUGUAUGACACAA
CAAAUUUAUGAACGAGUUUCUGUAUGACACAACAAAUUUAUGAACGAGUUUCUGUAUGACACAACAAAUUUAUGAAUGAG
UUUCUGUAUGACACAACAAAUUUAUGAACGAGUUUCUGUAUGCCACGAUAAACAUAUUUAUAUUAUAUUAUAUUAUAUUA
UAUUAUAUUAUAUUAUAUUAUAUUAUAUUAUAUUAUAUUAUUAUAUUAUAUUAUAUUAUAUUAUAUUAUAUUAUUUAUAU
UAUUAUAUUAUUAUAUUAUAUUAUAUUAUAUUAUAUUAUAUUAUAUUAUAUUAUAUUAUAUAUUAUUAUAUUAUUAUAUU
AUUAUUAUAUUAUUAUAUUAUCAUUAUUAUUAGAAUAUUUACUAAUAUAUAUAUAUAUCUAUAUCAAGCUUGUUAGAAAA
AACUAUGUUUUUUCUAACAAGAUUGAUACUCUCGGUAUGG
;
1
74 'polyribonucleotide' AUU R1
75 'polyribonucleotide' UUUUUUUUUUUUUUUUUUUUUUUUUUUUUUUUUUU R2
76 'polyribonucleotide' UUUUU R5
77 'polypeptide(L)' AAAAAAAAAAAAAAAAAAAAAAAAAAAAAAAAAAAAAAAAAAAAAAAAAAAAAAAAAAA U8
#
# COMPACT_ATOMS: atom_id res chain seq x y z
N TRP A 34 -7.00 56.28 26.06
CA TRP A 34 -8.42 56.23 26.34
C TRP A 34 -8.65 56.37 27.83
N TYR A 35 -7.73 55.87 28.63
CA TYR A 35 -7.64 56.36 29.99
C TYR A 35 -7.49 57.86 29.94
N ARG A 36 -8.16 58.55 30.86
CA ARG A 36 -8.31 60.00 30.87
C ARG A 36 -9.32 60.47 29.81
N CYS A 37 -10.17 59.57 29.32
CA CYS A 37 -11.27 59.95 28.45
C CYS A 37 -12.62 59.60 29.05
N TYR A 38 -12.68 59.39 30.36
CA TYR A 38 -13.97 59.10 30.95
C TYR A 38 -14.52 60.33 31.66
N PRO A 39 -15.80 60.64 31.48
CA PRO A 39 -16.40 61.72 32.27
C PRO A 39 -16.62 61.26 33.70
N SER A 40 -17.03 62.19 34.54
CA SER A 40 -17.23 61.88 35.96
C SER A 40 -18.30 60.80 36.10
N LEU A 41 -17.91 59.66 36.66
CA LEU A 41 -18.84 58.56 36.82
C LEU A 41 -19.90 58.91 37.86
N MET A 42 -21.13 58.56 37.55
CA MET A 42 -22.25 58.79 38.45
C MET A 42 -23.40 57.92 38.01
N GLU A 43 -23.99 57.16 38.92
CA GLU A 43 -24.99 56.18 38.55
C GLU A 43 -26.36 56.85 38.45
N GLU A 44 -27.41 56.06 38.33
CA GLU A 44 -28.77 56.56 38.44
C GLU A 44 -29.37 56.32 39.81
N LYS A 45 -28.97 55.26 40.51
CA LYS A 45 -29.51 55.07 41.84
C LYS A 45 -29.00 56.09 42.83
N ASP A 46 -28.09 56.97 42.42
CA ASP A 46 -27.54 57.99 43.30
C ASP A 46 -27.90 59.40 42.87
N ARG A 47 -28.87 59.57 41.97
CA ARG A 47 -29.42 60.89 41.69
C ARG A 47 -30.76 61.02 42.41
N ASP A 48 -30.68 61.25 43.71
CA ASP A 48 -31.85 61.36 44.57
C ASP A 48 -31.87 62.74 45.22
N MET A 49 -32.82 62.93 46.13
CA MET A 49 -32.99 64.24 46.75
C MET A 49 -31.73 64.70 47.47
N TYR A 50 -31.01 63.78 48.08
CA TYR A 50 -29.87 64.14 48.90
C TYR A 50 -28.59 64.31 48.10
N HIS A 51 -28.68 64.42 46.78
CA HIS A 51 -27.52 64.63 45.96
C HIS A 51 -27.62 65.81 45.01
N CYS A 52 -28.83 66.22 44.63
CA CYS A 52 -28.96 67.31 43.68
C CYS A 52 -28.25 68.54 44.21
N TYR A 53 -27.59 69.26 43.29
CA TYR A 53 -26.91 70.49 43.65
C TYR A 53 -27.90 71.56 44.09
N TYR A 54 -29.02 71.65 43.39
CA TYR A 54 -30.08 72.60 43.68
C TYR A 54 -31.23 71.89 44.38
N PRO A 55 -32.26 72.60 44.82
CA PRO A 55 -33.42 71.90 45.39
C PRO A 55 -33.95 70.82 44.46
N TYR A 56 -34.03 69.60 44.98
CA TYR A 56 -34.61 68.52 44.20
C TYR A 56 -36.11 68.72 44.08
N LEU A 57 -36.62 68.74 42.85
CA LEU A 57 -37.98 69.13 42.57
C LEU A 57 -38.78 67.92 42.13
N PHE A 58 -39.75 67.52 42.93
CA PHE A 58 -40.68 66.46 42.57
C PHE A 58 -41.80 67.03 41.71
N ASP A 59 -42.31 66.21 40.81
CA ASP A 59 -43.35 66.62 39.88
C ASP A 59 -44.72 66.19 40.40
N HIS A 60 -45.71 67.07 40.23
CA HIS A 60 -47.03 66.84 40.79
C HIS A 60 -48.13 67.11 39.78
N GLY A 61 -47.83 66.97 38.49
CA GLY A 61 -48.86 67.23 37.50
C GLY A 61 -48.94 68.69 37.13
N ASP A 62 -49.82 69.41 37.82
CA ASP A 62 -49.97 70.85 37.59
C ASP A 62 -48.65 71.58 37.70
N LYS A 63 -47.84 71.26 38.69
CA LYS A 63 -46.66 72.05 38.99
C LYS A 63 -45.65 71.21 39.74
N MET A 64 -44.41 71.68 39.74
CA MET A 64 -43.38 71.04 40.54
C MET A 64 -43.66 71.28 42.01
N SER A 65 -42.93 70.56 42.85
CA SER A 65 -43.03 70.72 44.29
C SER A 65 -41.83 70.06 44.93
N LEU A 66 -41.64 70.35 46.21
CA LEU A 66 -40.52 69.81 46.95
C LEU A 66 -40.85 68.51 47.66
N TYR A 67 -42.12 68.17 47.78
CA TYR A 67 -42.50 67.00 48.53
C TYR A 67 -42.98 65.90 47.59
N PRO A 68 -42.87 64.65 48.00
CA PRO A 68 -43.39 63.56 47.17
C PRO A 68 -44.89 63.73 46.97
N LYS A 69 -45.38 63.21 45.86
CA LYS A 69 -46.81 63.19 45.63
C LYS A 69 -47.49 62.34 46.69
N ILE A 70 -48.51 62.90 47.35
CA ILE A 70 -49.27 62.14 48.34
C ILE A 70 -50.35 61.36 47.62
N PRO A 71 -50.33 60.03 47.69
CA PRO A 71 -51.35 59.25 46.97
C PRO A 71 -52.74 59.63 47.44
N ASP A 72 -53.65 59.74 46.48
CA ASP A 72 -55.00 60.20 46.82
C ASP A 72 -55.74 59.17 47.64
N ASN A 73 -55.68 57.92 47.23
CA ASN A 73 -56.35 56.84 47.94
C ASN A 73 -55.56 56.56 49.21
N PRO A 74 -56.04 56.97 50.38
CA PRO A 74 -55.24 56.84 51.60
C PRO A 74 -54.95 55.41 51.97
N ARG A 75 -55.67 54.45 51.39
CA ARG A 75 -55.36 53.06 51.67
C ARG A 75 -54.03 52.64 51.06
N GLU A 76 -53.52 53.40 50.09
CA GLU A 76 -52.22 53.11 49.52
C GLU A 76 -51.07 53.43 50.46
N TRP A 77 -51.24 54.40 51.35
CA TRP A 77 -50.15 54.87 52.20
C TRP A 77 -49.55 53.74 53.03
N GLN A 78 -48.30 53.40 52.77
CA GLN A 78 -47.67 52.32 53.51
C GLN A 78 -47.21 52.80 54.87
N VAL A 79 -46.99 51.83 55.77
CA VAL A 79 -46.55 52.15 57.11
C VAL A 79 -45.21 52.87 57.07
N GLU A 80 -44.97 53.69 58.09
CA GLU A 80 -43.80 54.57 58.22
C GLU A 80 -43.38 55.17 56.88
N GLN A 81 -44.32 55.83 56.23
CA GLN A 81 -44.06 56.60 55.02
C GLN A 81 -44.68 57.98 55.24
N LEU A 82 -43.87 58.93 55.68
CA LEU A 82 -44.36 60.25 56.04
C LEU A 82 -44.86 60.98 54.80
N GLN A 83 -46.17 61.06 54.65
CA GLN A 83 -46.73 61.90 53.60
C GLN A 83 -46.59 63.35 54.02
N THR A 84 -45.42 63.94 53.76
CA THR A 84 -45.14 65.28 54.26
C THR A 84 -46.04 66.29 53.58
N THR A 85 -46.87 66.98 54.36
CA THR A 85 -47.62 68.10 53.83
C THR A 85 -46.83 69.40 53.88
N TYR A 86 -45.99 69.57 54.90
CA TYR A 86 -45.14 70.75 54.98
C TYR A 86 -43.91 70.44 55.82
N ASP A 87 -42.76 70.40 55.17
CA ASP A 87 -41.47 70.29 55.84
C ASP A 87 -40.80 71.65 55.80
N ALA A 88 -40.25 72.08 56.94
CA ALA A 88 -39.61 73.39 56.96
C ALA A 88 -38.26 73.35 56.27
N ILE A 89 -37.45 72.34 56.55
CA ILE A 89 -36.09 72.31 56.04
C ILE A 89 -36.08 72.29 54.52
N ARG A 90 -36.94 71.46 53.92
CA ARG A 90 -37.10 71.50 52.47
C ARG A 90 -37.65 72.83 52.01
N GLU A 91 -38.42 73.51 52.85
CA GLU A 91 -39.06 74.77 52.49
C GLU A 91 -38.27 75.98 52.94
N ASP A 92 -37.43 75.84 53.96
CA ASP A 92 -36.58 76.94 54.38
C ASP A 92 -35.36 77.06 53.47
N LYS A 93 -34.55 76.00 53.43
CA LYS A 93 -33.37 76.02 52.57
C LYS A 93 -33.72 76.43 51.15
N TYR A 94 -34.89 76.03 50.68
CA TYR A 94 -35.32 76.43 49.35
C TYR A 94 -35.76 77.88 49.32
N ASP A 95 -36.32 78.38 50.42
CA ASP A 95 -36.84 79.74 50.43
C ASP A 95 -35.70 80.74 50.39
N ALA A 96 -34.71 80.56 51.26
CA ALA A 96 -33.52 81.41 51.18
C ALA A 96 -32.88 81.32 49.81
N PHE A 97 -32.89 80.14 49.20
CA PHE A 97 -32.24 79.93 47.93
C PHE A 97 -32.84 80.81 46.84
N VAL A 98 -34.17 80.79 46.71
CA VAL A 98 -34.81 81.54 45.63
C VAL A 98 -34.71 83.03 45.87
N ARG A 99 -34.85 83.47 47.13
CA ARG A 99 -34.76 84.89 47.41
C ARG A 99 -33.37 85.42 47.09
N LEU A 100 -32.34 84.64 47.41
CA LEU A 100 -30.97 85.06 47.16
C LEU A 100 -30.67 85.19 45.66
N ARG A 101 -31.40 84.47 44.82
CA ARG A 101 -31.19 84.56 43.38
C ARG A 101 -31.95 85.72 42.76
N ALA A 102 -33.08 86.10 43.35
CA ALA A 102 -33.80 87.26 42.88
C ALA A 102 -33.18 88.57 43.37
N LYS A 103 -32.35 88.51 44.41
CA LYS A 103 -31.78 89.71 45.00
C LYS A 103 -30.31 89.92 44.65
N PHE A 104 -29.53 88.84 44.51
CA PHE A 104 -28.11 88.92 44.19
C PHE A 104 -27.85 88.12 42.91
N PRO A 105 -28.30 88.60 41.77
CA PRO A 105 -28.12 87.82 40.54
C PRO A 105 -26.67 87.46 40.25
N GLU A 106 -25.74 88.42 40.36
CA GLU A 106 -24.37 88.18 39.90
C GLU A 106 -23.72 87.01 40.63
N LEU A 107 -23.82 86.99 41.96
CA LEU A 107 -23.16 85.92 42.71
C LEU A 107 -23.75 84.56 42.36
N TYR A 108 -25.06 84.51 42.16
CA TYR A 108 -25.77 83.28 41.84
C TYR A 108 -26.03 83.17 40.35
N GLN A 109 -25.07 83.63 39.55
CA GLN A 109 -25.22 83.55 38.10
C GLN A 109 -25.21 82.11 37.64
N ASP A 110 -24.24 81.33 38.07
CA ASP A 110 -24.13 79.96 37.59
C ASP A 110 -25.30 79.11 38.00
N THR A 111 -26.29 79.64 38.73
CA THR A 111 -27.51 78.91 39.01
C THR A 111 -28.71 79.55 38.34
N TYR A 112 -28.53 80.05 37.12
CA TYR A 112 -29.64 80.59 36.34
C TYR A 112 -30.03 79.71 35.18
N ALA A 113 -29.30 78.62 34.93
CA ALA A 113 -29.74 77.64 33.94
C ALA A 113 -30.59 76.56 34.58
N TRP A 114 -30.73 76.55 35.90
CA TRP A 114 -31.58 75.59 36.56
C TRP A 114 -33.05 75.88 36.30
N ASP A 115 -33.47 77.13 36.54
CA ASP A 115 -34.85 77.51 36.34
C ASP A 115 -35.09 78.20 35.00
N ASN A 116 -34.06 78.82 34.42
CA ASN A 116 -34.15 79.39 33.09
C ASN A 116 -33.26 78.57 32.16
N PRO A 117 -33.80 77.54 31.52
CA PRO A 117 -32.99 76.72 30.64
C PRO A 117 -32.71 77.45 29.33
N PRO A 118 -31.64 77.08 28.63
CA PRO A 118 -31.35 77.73 27.36
C PRO A 118 -32.41 77.37 26.32
N PRO A 119 -32.72 78.29 25.43
CA PRO A 119 -33.77 78.00 24.43
C PRO A 119 -33.23 77.08 23.35
N PHE A 120 -34.05 76.79 22.35
CA PHE A 120 -33.59 75.97 21.24
C PHE A 120 -32.93 76.84 20.18
N GLY A 121 -32.14 76.21 19.32
CA GLY A 121 -31.29 76.99 18.45
C GLY A 121 -30.22 77.66 19.28
N GLU A 122 -29.78 78.83 18.82
CA GLU A 122 -28.87 79.70 19.55
C GLU A 122 -27.52 79.06 19.81
N PHE A 123 -27.22 77.93 19.17
CA PHE A 123 -25.89 77.32 19.20
C PHE A 123 -25.45 77.00 20.64
N ASN A 124 -26.11 76.00 21.21
CA ASN A 124 -25.52 75.35 22.37
C ASN A 124 -24.18 74.75 21.98
N MET A 125 -23.16 74.97 22.81
CA MET A 125 -21.81 74.53 22.44
C MET A 125 -21.64 73.03 22.57
N PHE A 126 -22.29 72.41 23.56
CA PHE A 126 -22.17 70.98 23.79
C PHE A 126 -23.09 70.17 22.92
N TYR A 127 -23.92 70.79 22.15
CA TYR A 127 -24.94 70.01 21.46
C TYR A 127 -24.96 70.25 19.96
N SER A 128 -24.79 71.49 19.52
CA SER A 128 -24.96 71.81 18.11
C SER A 128 -23.81 71.31 17.27
N VAL A 129 -24.13 70.67 16.17
CA VAL A 129 -23.15 70.22 15.18
C VAL A 129 -23.56 70.84 13.85
N ARG A 130 -22.73 71.74 13.33
CA ARG A 130 -23.03 72.38 12.06
C ARG A 130 -22.79 71.38 10.94
N PHE A 131 -22.86 71.87 9.71
CA PHE A 131 -22.52 71.07 8.55
C PHE A 131 -21.24 71.59 7.92
N GLY A 132 -20.65 70.78 7.07
CA GLY A 132 -19.42 71.16 6.41
C GLY A 132 -19.67 71.58 4.97
N MET A 133 -18.75 71.22 4.08
CA MET A 133 -18.92 71.56 2.68
C MET A 133 -17.97 70.70 1.87
N ILE A 134 -18.21 70.66 0.57
CA ILE A 134 -17.46 69.81 -0.35
C ILE A 134 -16.36 70.63 -0.99
N GLY A 135 -15.12 70.24 -0.76
CA GLY A 135 -14.00 70.92 -1.37
C GLY A 135 -13.27 70.05 -2.37
N VAL A 136 -12.53 70.69 -3.27
CA VAL A 136 -11.81 70.01 -4.33
C VAL A 136 -10.33 70.26 -4.14
N LYS A 137 -9.52 69.22 -4.22
CA LYS A 137 -8.08 69.40 -4.08
C LYS A 137 -7.55 70.14 -5.30
N ALA A 138 -7.05 71.36 -5.10
CA ALA A 138 -6.64 72.21 -6.20
C ALA A 138 -5.15 72.09 -6.50
N PHE A 139 -4.29 72.31 -5.52
CA PHE A 139 -2.85 72.24 -5.72
C PHE A 139 -2.19 72.18 -4.35
N THR A 140 -0.86 72.25 -4.34
CA THR A 140 -0.07 72.27 -3.12
C THR A 140 0.97 73.38 -3.20
N CYS A 141 1.42 73.81 -2.03
CA CYS A 141 2.47 74.82 -1.90
C CYS A 141 3.03 74.72 -0.48
N LYS A 142 3.86 75.69 -0.11
CA LYS A 142 4.49 75.69 1.21
C LYS A 142 4.40 77.08 1.82
N ASP A 143 3.96 77.13 3.08
CA ASP A 143 3.82 78.39 3.80
C ASP A 143 4.69 78.38 5.05
N TYR A 144 4.93 79.57 5.59
CA TYR A 144 5.77 79.76 6.75
C TYR A 144 5.10 80.73 7.70
N ASP A 145 5.06 80.38 8.98
CA ASP A 145 4.57 81.29 10.01
C ASP A 145 5.61 82.37 10.28
N ASP A 146 5.34 83.21 11.29
CA ASP A 146 6.35 84.16 11.71
C ASP A 146 7.61 83.44 12.15
N LEU A 147 7.46 82.36 12.90
CA LEU A 147 8.56 81.46 13.20
C LEU A 147 9.06 80.84 11.91
N GLY A 148 10.26 80.28 11.96
CA GLY A 148 10.87 79.81 10.74
C GLY A 148 10.31 78.50 10.20
N ASN A 149 9.16 78.09 10.69
CA ASN A 149 8.59 76.79 10.32
C ASN A 149 8.16 76.80 8.86
N GLN A 150 8.08 75.61 8.29
CA GLN A 150 7.75 75.43 6.88
C GLN A 150 6.66 74.38 6.76
N PHE A 151 5.48 74.81 6.33
CA PHE A 151 4.36 73.89 6.19
C PHE A 151 4.22 73.44 4.75
N ASP A 152 3.51 72.33 4.57
CA ASP A 152 3.25 71.74 3.27
C ASP A 152 1.76 71.89 3.00
N CYS A 153 1.39 72.97 2.33
CA CYS A 153 -0.01 73.37 2.25
C CYS A 153 -0.69 72.74 1.04
N THR A 154 -2.00 72.49 1.21
CA THR A 154 -2.85 71.87 0.21
C THR A 154 -4.06 72.77 0.00
N ALA A 155 -4.13 73.41 -1.15
CA ALA A 155 -5.20 74.35 -1.42
C ALA A 155 -6.46 73.60 -1.85
N PHE A 156 -7.51 73.70 -1.06
CA PHE A 156 -8.80 73.09 -1.39
C PHE A 156 -9.74 74.14 -1.91
N TRP A 157 -10.38 73.85 -3.03
CA TRP A 157 -11.29 74.79 -3.68
C TRP A 157 -12.72 74.38 -3.42
N PHE A 158 -13.51 75.30 -2.87
CA PHE A 158 -14.90 75.04 -2.50
C PHE A 158 -15.81 75.79 -3.46
N PRO A 159 -16.10 75.22 -4.62
CA PRO A 159 -16.64 76.04 -5.71
C PRO A 159 -18.01 76.64 -5.48
N ASP A 160 -19.04 75.82 -5.36
CA ASP A 160 -20.41 76.33 -5.50
C ASP A 160 -21.36 75.65 -4.52
N ASN A 161 -20.91 75.39 -3.31
CA ASN A 161 -21.67 74.55 -2.40
C ASN A 161 -23.04 75.14 -2.11
N GLN A 162 -24.01 74.27 -1.85
CA GLN A 162 -25.38 74.65 -1.57
C GLN A 162 -26.07 73.51 -0.85
N ILE A 163 -26.86 73.85 0.15
CA ILE A 163 -27.69 72.85 0.80
C ILE A 163 -28.80 72.46 -0.18
N VAL A 164 -28.73 71.25 -0.71
CA VAL A 164 -29.68 70.80 -1.72
C VAL A 164 -30.90 70.12 -1.11
N LYS A 165 -30.79 69.54 0.08
CA LYS A 165 -31.97 69.00 0.76
C LYS A 165 -31.60 68.57 2.16
N HIS A 166 -32.61 68.49 3.02
CA HIS A 166 -32.50 67.94 4.35
C HIS A 166 -33.31 66.65 4.41
N SER A 167 -32.90 65.74 5.28
CA SER A 167 -33.58 64.46 5.40
C SER A 167 -33.49 63.98 6.83
N THR A 168 -34.53 63.27 7.27
CA THR A 168 -34.57 62.68 8.60
C THR A 168 -35.16 61.28 8.50
N ARG A 169 -34.56 60.34 9.24
CA ARG A 169 -35.05 58.97 9.27
C ARG A 169 -36.36 58.94 10.05
N ASN A 170 -37.46 59.07 9.32
CA ASN A 170 -38.81 58.97 9.88
C ASN A 170 -39.03 59.97 11.01
N GLY A 171 -38.37 61.12 10.93
CA GLY A 171 -38.50 62.09 11.98
C GLY A 171 -37.93 61.66 13.32
N ASP A 172 -37.05 60.66 13.34
CA ASP A 172 -36.41 60.27 14.58
C ASP A 172 -35.51 61.39 15.07
N VAL A 173 -34.97 61.22 16.26
CA VAL A 173 -34.21 62.27 16.93
C VAL A 173 -32.75 62.20 16.49
N GLY A 174 -32.17 63.37 16.22
CA GLY A 174 -30.76 63.48 15.88
C GLY A 174 -30.34 62.79 14.61
N THR A 175 -31.22 62.07 13.94
CA THR A 175 -30.90 61.42 12.68
C THR A 175 -30.95 62.38 11.51
N ASP A 176 -30.86 63.68 11.76
CA ASP A 176 -30.95 64.67 10.72
C ASP A 176 -29.72 64.63 9.83
N LYS A 177 -29.90 65.04 8.59
CA LYS A 177 -28.81 65.12 7.64
C LYS A 177 -29.00 66.36 6.79
N VAL A 178 -27.91 66.81 6.19
CA VAL A 178 -27.93 67.97 5.31
C VAL A 178 -26.99 67.66 4.16
N TYR A 179 -27.53 67.63 2.95
CA TYR A 179 -26.73 67.36 1.75
C TYR A 179 -26.31 68.66 1.10
N VAL A 180 -25.06 68.71 0.64
CA VAL A 180 -24.45 69.93 0.15
C VAL A 180 -23.85 69.65 -1.22
N GLY A 181 -24.40 70.26 -2.26
CA GLY A 181 -23.88 70.07 -3.60
C GLY A 181 -22.58 70.79 -3.82
N ALA A 182 -22.09 70.70 -5.06
CA ALA A 182 -20.85 71.34 -5.45
C ALA A 182 -20.76 71.36 -6.96
N MET A 183 -20.17 72.44 -7.49
CA MET A 183 -19.76 72.50 -8.89
C MET A 183 -20.95 72.32 -9.85
N ASN A 184 -21.77 73.36 -9.91
CA ASN A 184 -22.82 73.44 -10.92
C ASN A 184 -22.32 72.98 -12.29
N VAL A 185 -23.18 72.26 -13.00
CA VAL A 185 -22.79 71.47 -14.16
C VAL A 185 -23.95 71.50 -15.15
N PRO A 186 -23.74 71.30 -16.45
CA PRO A 186 -24.88 71.25 -17.37
C PRO A 186 -25.75 70.03 -17.09
N VAL A 187 -26.99 70.08 -17.59
CA VAL A 187 -27.87 68.93 -17.39
C VAL A 187 -27.45 67.75 -18.24
N GLU A 188 -26.66 68.00 -19.29
CA GLU A 188 -26.17 66.97 -20.19
C GLU A 188 -25.01 66.20 -19.61
N PHE A 189 -24.72 66.38 -18.32
CA PHE A 189 -23.58 65.76 -17.66
C PHE A 189 -23.98 64.54 -16.85
N HIS A 190 -24.91 64.70 -15.92
CA HIS A 190 -25.32 63.61 -15.07
C HIS A 190 -26.18 62.62 -15.85
N LYS A 191 -26.26 61.41 -15.33
CA LYS A 191 -27.27 60.48 -15.80
C LYS A 191 -28.64 61.06 -15.49
N PRO A 192 -29.69 60.63 -16.21
CA PRO A 192 -31.02 61.19 -15.92
C PRO A 192 -31.46 60.93 -14.50
N HIS A 193 -31.30 59.70 -14.03
CA HIS A 193 -31.89 59.33 -12.74
C HIS A 193 -31.25 60.06 -11.57
N VAL A 194 -30.14 60.76 -11.77
CA VAL A 194 -29.57 61.59 -10.74
C VAL A 194 -29.83 63.07 -10.99
N ALA A 195 -29.74 63.53 -12.25
CA ALA A 195 -30.11 64.90 -12.56
C ALA A 195 -31.56 65.16 -12.19
N ALA A 196 -32.42 64.16 -12.39
CA ALA A 196 -33.83 64.30 -12.00
C ALA A 196 -33.98 64.57 -10.52
N PHE A 197 -33.00 64.20 -9.71
CA PHE A 197 -33.07 64.49 -8.28
C PHE A 197 -32.81 65.96 -8.02
N TYR A 198 -31.81 66.55 -8.69
CA TYR A 198 -31.59 67.98 -8.54
C TYR A 198 -32.68 68.80 -9.21
N LYS A 199 -33.38 68.22 -10.18
CA LYS A 199 -34.57 68.85 -10.73
C LYS A 199 -35.79 68.70 -9.82
N ALA A 200 -35.60 68.12 -8.64
CA ALA A 200 -36.67 68.05 -7.65
C ALA A 200 -36.64 69.25 -6.73
N ALA A 201 -35.53 69.43 -6.00
CA ALA A 201 -35.40 70.49 -5.02
C ALA A 201 -35.08 71.84 -5.66
N GLY A 202 -35.03 71.92 -6.99
CA GLY A 202 -34.87 73.18 -7.67
C GLY A 202 -33.49 73.77 -7.66
N VAL A 203 -32.57 73.25 -6.86
CA VAL A 203 -31.22 73.79 -6.78
C VAL A 203 -30.57 73.64 -8.14
N PRO A 204 -29.51 74.40 -8.45
CA PRO A 204 -28.80 74.16 -9.70
C PRO A 204 -28.25 72.74 -9.71
N VAL A 205 -28.29 72.11 -10.89
CA VAL A 205 -27.80 70.74 -11.00
C VAL A 205 -26.33 70.73 -10.66
N LYS A 206 -26.00 70.06 -9.56
CA LYS A 206 -24.65 70.06 -9.02
C LYS A 206 -23.83 68.93 -9.62
N HIS A 207 -22.53 68.97 -9.40
CA HIS A 207 -21.70 67.86 -9.82
C HIS A 207 -21.81 66.69 -8.85
N VAL A 208 -21.78 66.96 -7.55
CA VAL A 208 -21.85 65.91 -6.57
C VAL A 208 -22.34 66.51 -5.26
N SER A 209 -22.89 65.67 -4.40
CA SER A 209 -23.45 66.13 -3.13
C SER A 209 -23.36 65.04 -2.10
N ALA A 210 -22.67 65.30 -1.01
CA ALA A 210 -22.61 64.39 0.12
C ALA A 210 -23.37 64.99 1.28
N GLY A 211 -23.62 64.18 2.30
CA GLY A 211 -24.49 64.57 3.39
C GLY A 211 -23.78 64.52 4.74
N PHE A 212 -24.14 65.45 5.61
CA PHE A 212 -23.57 65.60 6.92
C PHE A 212 -24.67 65.51 7.97
N PRO A 213 -24.44 64.79 9.03
CA PRO A 213 -25.46 64.69 10.08
C PRO A 213 -25.44 65.93 10.97
N VAL A 214 -26.44 66.77 10.82
CA VAL A 214 -26.52 68.01 11.57
C VAL A 214 -27.52 67.85 12.70
N THR A 215 -27.43 68.73 13.67
CA THR A 215 -28.47 68.79 14.68
C THR A 215 -29.61 69.67 14.18
N PRO A 216 -30.84 69.42 14.63
CA PRO A 216 -31.98 70.18 14.10
C PRO A 216 -31.87 71.67 14.30
N ASP A 217 -30.98 72.15 15.16
CA ASP A 217 -30.77 73.58 15.31
C ASP A 217 -29.79 74.15 14.28
N ALA A 218 -29.05 73.29 13.61
CA ALA A 218 -28.06 73.74 12.64
C ALA A 218 -28.59 73.80 11.23
N TYR A 219 -29.90 73.66 11.05
CA TYR A 219 -30.48 73.60 9.73
C TYR A 219 -30.37 74.95 9.02
N ALA A 220 -30.68 74.93 7.73
CA ALA A 220 -30.70 76.12 6.91
C ALA A 220 -31.58 75.78 5.73
N PRO A 221 -32.34 76.74 5.21
CA PRO A 221 -33.25 76.43 4.12
C PRO A 221 -32.50 75.90 2.92
N VAL A 222 -33.16 75.04 2.15
CA VAL A 222 -32.53 74.47 0.96
C VAL A 222 -32.12 75.61 0.03
N GLY A 223 -30.90 75.54 -0.48
CA GLY A 223 -30.44 76.50 -1.46
C GLY A 223 -29.53 77.59 -0.92
N THR A 224 -29.27 77.61 0.38
CA THR A 224 -28.41 78.63 0.95
C THR A 224 -27.00 78.56 0.35
N LYS A 225 -26.65 79.54 -0.48
CA LYS A 225 -25.34 79.52 -1.10
C LYS A 225 -24.26 79.59 -0.04
N LEU A 226 -23.53 78.51 0.14
CA LEU A 226 -22.54 78.45 1.21
C LEU A 226 -21.25 79.14 0.79
N ASP A 227 -20.76 80.01 1.65
CA ASP A 227 -19.47 80.63 1.47
C ASP A 227 -18.40 79.77 2.12
N VAL A 228 -17.14 80.03 1.74
CA VAL A 228 -16.04 79.28 2.33
C VAL A 228 -15.74 79.78 3.74
N ARG A 229 -16.13 81.01 4.06
CA ARG A 229 -15.85 81.60 5.37
C ARG A 229 -16.57 80.84 6.47
N HIS A 230 -17.38 79.86 6.08
CA HIS A 230 -18.01 78.94 7.02
C HIS A 230 -17.02 78.37 8.02
N PHE A 231 -15.75 78.28 7.66
CA PHE A 231 -14.71 77.71 8.51
C PHE A 231 -13.87 78.83 9.11
N LYS A 232 -13.36 78.60 10.28
CA LYS A 232 -12.53 79.62 10.90
C LYS A 232 -11.06 79.21 10.86
N PRO A 233 -10.16 80.16 10.71
CA PRO A 233 -8.78 79.83 10.35
C PRO A 233 -7.99 79.06 11.39
N GLY A 234 -8.60 78.62 12.48
CA GLY A 234 -7.83 77.87 13.43
C GLY A 234 -8.40 76.53 13.80
N GLN A 235 -9.66 76.29 13.46
CA GLN A 235 -10.35 75.09 13.90
C GLN A 235 -9.74 73.85 13.25
N GLU A 236 -9.88 72.73 13.95
CA GLU A 236 -9.41 71.45 13.46
C GLU A 236 -10.50 70.81 12.62
N VAL A 237 -10.24 70.70 11.32
CA VAL A 237 -11.24 70.30 10.34
C VAL A 237 -10.94 68.90 9.86
N THR A 238 -11.96 68.05 9.83
CA THR A 238 -11.85 66.69 9.35
C THR A 238 -12.20 66.60 7.87
N ILE A 239 -11.42 65.83 7.11
CA ILE A 239 -11.69 65.63 5.70
C ILE A 239 -11.79 64.14 5.42
N THR A 240 -12.41 63.82 4.29
CA THR A 240 -12.60 62.44 3.86
C THR A 240 -12.58 62.43 2.34
N PHE A 241 -11.85 61.47 1.77
CA PHE A 241 -11.60 61.48 0.34
C PHE A 241 -11.23 60.08 -0.11
N GLN A 242 -11.12 59.90 -1.41
CA GLN A 242 -10.71 58.64 -2.00
C GLN A 242 -9.25 58.76 -2.39
N ASN A 243 -8.37 58.22 -1.55
CA ASN A 243 -6.95 58.40 -1.75
C ASN A 243 -6.49 57.72 -3.05
N THR A 244 -5.23 57.95 -3.40
CA THR A 244 -4.77 57.62 -4.74
C THR A 244 -4.77 56.11 -4.97
N ASP A 245 -5.25 55.70 -6.13
CA ASP A 245 -5.39 54.29 -6.48
C ASP A 245 -4.03 53.70 -6.82
N TYR A 246 -3.70 52.57 -6.19
CA TYR A 246 -2.42 51.93 -6.44
C TYR A 246 -2.53 50.59 -7.15
N GLY A 247 -3.73 50.10 -7.39
CA GLY A 247 -3.88 48.93 -8.25
C GLY A 247 -4.00 47.63 -7.50
N TYR A 248 -2.91 46.87 -7.47
CA TYR A 248 -2.92 45.56 -6.82
C TYR A 248 -1.48 45.28 -6.42
N GLN A 249 -1.18 45.46 -5.14
CA GLN A 249 0.18 45.38 -4.65
C GLN A 249 0.33 44.18 -3.73
N GLY A 250 1.58 43.76 -3.54
CA GLY A 250 1.87 42.60 -2.73
C GLY A 250 1.79 42.93 -1.26
N VAL A 251 2.48 42.10 -0.47
CA VAL A 251 2.51 42.35 0.96
C VAL A 251 3.62 43.32 1.30
N MET A 252 4.77 43.19 0.65
CA MET A 252 5.89 44.09 0.92
C MET A 252 5.53 45.54 0.66
N PHE A 253 4.49 45.80 -0.11
CA PHE A 253 4.02 47.15 -0.38
C PHE A 253 2.78 47.51 0.42
N ARG A 254 1.81 46.60 0.52
CA ARG A 254 0.59 46.90 1.25
C ARG A 254 0.88 47.00 2.74
N HIS A 255 1.31 45.91 3.36
CA HIS A 255 1.61 45.88 4.78
C HIS A 255 3.08 45.65 5.05
N GLY A 256 3.95 45.91 4.08
CA GLY A 256 5.34 45.47 4.13
C GLY A 256 6.00 45.55 5.48
N PHE A 257 6.39 44.40 6.01
CA PHE A 257 6.91 44.28 7.37
C PHE A 257 8.14 43.38 7.36
N ASP A 258 8.73 43.22 8.53
CA ASP A 258 9.87 42.33 8.70
C ASP A 258 9.46 40.94 9.17
N GLY A 259 8.41 40.86 9.98
CA GLY A 259 7.97 39.61 10.55
C GLY A 259 6.89 39.81 11.60
N GLY A 260 5.94 38.88 11.67
CA GLY A 260 4.80 39.01 12.55
C GLY A 260 3.81 37.89 12.34
N TYR A 261 2.53 38.24 12.18
CA TYR A 261 1.45 37.28 11.91
C TYR A 261 1.38 36.22 13.02
N VAL A 262 0.96 36.68 14.19
CA VAL A 262 0.66 35.69 15.22
C VAL A 262 -0.80 35.83 15.67
N TRP A 263 -1.10 36.93 16.36
CA TRP A 263 -2.38 37.10 17.07
C TRP A 263 -2.87 35.76 17.61
N LEU A 264 -1.96 35.03 18.24
CA LEU A 264 -2.28 33.66 18.64
C LEU A 264 -3.41 33.65 19.66
N GLY A 265 -3.36 34.57 20.61
CA GLY A 265 -4.50 34.79 21.49
C GLY A 265 -4.87 33.55 22.28
N ASP A 266 -6.18 33.29 22.32
CA ASP A 266 -6.73 32.28 23.23
C ASP A 266 -6.21 30.87 22.94
N SER A 267 -5.83 30.59 21.69
CA SER A 267 -5.42 29.24 21.33
C SER A 267 -4.27 28.78 22.23
N LYS A 268 -4.37 27.55 22.69
CA LYS A 268 -3.44 27.05 23.69
C LYS A 268 -2.08 26.77 23.07
N TRP A 269 -1.08 26.59 23.94
CA TRP A 269 0.29 26.32 23.53
C TRP A 269 1.09 25.95 24.76
N GLN A 270 2.27 25.38 24.54
CA GLN A 270 3.07 24.82 25.63
C GLN A 270 4.06 25.87 26.13
N ARG A 271 3.92 26.23 27.39
CA ARG A 271 5.02 26.73 28.18
C ARG A 271 5.01 25.96 29.49
N ARG A 272 6.19 25.68 30.03
CA ARG A 272 6.25 24.89 31.25
C ARG A 272 5.65 23.50 31.04
N PRO A 273 6.41 22.58 30.44
CA PRO A 273 5.84 21.27 30.06
C PRO A 273 5.14 20.54 31.19
N GLY A 274 4.36 19.52 30.81
CA GLY A 274 3.55 18.80 31.76
C GLY A 274 2.31 18.26 31.10
N CYS A 275 1.14 18.63 31.63
CA CYS A 275 -0.10 18.26 30.98
C CYS A 275 -0.19 19.01 29.66
N MET A 276 0.31 18.41 28.57
CA MET A 276 0.41 19.13 27.31
C MET A 276 -0.26 18.38 26.17
N GLY A 277 -1.42 18.88 25.76
CA GLY A 277 -1.95 18.69 24.43
C GLY A 277 -2.47 20.03 23.94
N ALA A 278 -1.92 20.56 22.86
CA ALA A 278 -2.20 21.92 22.42
C ALA A 278 -2.74 21.90 21.00
N GLU A 279 -3.39 23.00 20.62
CA GLU A 279 -4.02 23.14 19.33
C GLU A 279 -3.34 24.22 18.51
N GLY A 280 -3.38 24.04 17.18
CA GLY A 280 -2.77 24.99 16.28
C GLY A 280 -3.74 25.40 15.19
N GLN A 281 -3.25 26.22 14.29
CA GLN A 281 -4.08 26.81 13.25
C GLN A 281 -4.39 25.79 12.17
N LYS A 282 -5.62 25.83 11.67
CA LYS A 282 -6.03 24.98 10.55
C LYS A 282 -6.86 25.74 9.54
N ARG A 283 -6.71 27.06 9.48
CA ARG A 283 -7.45 27.90 8.55
C ARG A 283 -6.82 29.27 8.58
N ILE A 284 -6.94 29.99 7.46
CA ILE A 284 -6.44 31.36 7.39
C ILE A 284 -7.45 32.23 8.13
N TYR A 285 -7.15 32.54 9.38
CA TYR A 285 -8.12 33.24 10.21
C TYR A 285 -8.50 34.57 9.58
N PRO A 286 -9.73 35.02 9.78
CA PRO A 286 -10.18 36.28 9.17
C PRO A 286 -9.23 37.41 9.50
N GLY A 287 -9.12 38.35 8.57
CA GLY A 287 -8.17 39.41 8.72
C GLY A 287 -6.73 38.98 8.60
N HIS A 288 -6.35 38.35 7.50
CA HIS A 288 -4.95 38.09 7.23
C HIS A 288 -4.37 39.30 6.52
N ARG A 289 -3.15 39.15 5.98
CA ARG A 289 -2.47 40.28 5.35
C ARG A 289 -1.81 39.91 4.03
N MET A 290 -2.54 39.30 3.10
CA MET A 290 -1.95 39.04 1.80
C MET A 290 -2.17 40.22 0.86
N ALA A 291 -1.91 40.00 -0.42
CA ALA A 291 -2.01 41.06 -1.40
C ALA A 291 -3.46 41.51 -1.57
N GLY A 292 -3.62 42.69 -2.15
CA GLY A 292 -4.94 43.27 -2.29
C GLY A 292 -4.98 44.51 -3.15
N GLN A 293 -5.95 45.39 -2.90
CA GLN A 293 -6.20 46.50 -3.80
C GLN A 293 -5.23 47.65 -3.58
N THR A 294 -4.85 47.90 -2.33
CA THR A 294 -3.95 49.00 -1.99
C THR A 294 -4.54 50.36 -2.40
N GLY A 295 -5.59 50.74 -1.71
CA GLY A 295 -5.88 52.16 -1.64
C GLY A 295 -6.70 52.79 -2.73
N ALA A 296 -7.97 52.41 -2.87
CA ALA A 296 -8.97 53.29 -3.45
C ALA A 296 -10.06 53.59 -2.46
N SER A 297 -9.78 53.44 -1.17
CA SER A 297 -10.77 53.49 -0.11
C SER A 297 -11.18 54.92 0.20
N ALA A 298 -11.80 55.13 1.35
CA ALA A 298 -12.16 56.47 1.81
C ALA A 298 -11.30 56.83 3.01
N GLU A 299 -10.22 57.56 2.77
CA GLU A 299 -9.34 58.01 3.83
C GLU A 299 -10.05 59.05 4.70
N THR A 300 -9.53 59.25 5.92
CA THR A 300 -10.11 60.23 6.82
C THR A 300 -9.03 60.79 7.74
N TYR A 301 -8.66 62.06 7.52
CA TYR A 301 -7.87 62.82 8.48
C TYR A 301 -8.85 63.56 9.38
N ASP A 302 -8.73 63.37 10.69
CA ASP A 302 -9.72 63.92 11.61
C ASP A 302 -9.15 64.94 12.57
N GLY A 303 -8.04 65.59 12.23
CA GLY A 303 -7.52 66.60 13.12
C GLY A 303 -6.82 67.76 12.44
N VAL A 304 -7.03 67.92 11.13
CA VAL A 304 -6.28 68.92 10.37
C VAL A 304 -6.77 70.31 10.72
N PRO A 305 -5.91 71.20 11.18
CA PRO A 305 -6.33 72.58 11.44
C PRO A 305 -6.20 73.47 10.22
N VAL A 306 -7.21 74.31 10.01
CA VAL A 306 -7.23 75.19 8.85
C VAL A 306 -6.12 76.22 8.97
N TRP A 307 -5.60 76.64 7.82
CA TRP A 307 -4.41 77.48 7.77
C TRP A 307 -4.68 78.85 7.18
N ARG A 308 -5.27 78.91 5.99
CA ARG A 308 -5.47 80.17 5.30
C ARG A 308 -6.77 80.07 4.52
N ILE A 309 -7.80 80.76 4.98
CA ILE A 309 -9.08 80.79 4.28
C ILE A 309 -9.03 81.94 3.28
N ASP A 310 -9.03 81.60 2.00
CA ASP A 310 -9.13 82.59 0.94
C ASP A 310 -10.60 82.66 0.56
N TYR A 311 -11.28 83.72 0.98
CA TYR A 311 -12.71 83.83 0.74
C TYR A 311 -13.05 84.62 -0.50
N LYS A 312 -12.05 85.04 -1.28
CA LYS A 312 -12.36 85.57 -2.60
C LYS A 312 -12.38 84.45 -3.64
N ASN A 313 -11.34 83.63 -3.65
CA ASN A 313 -11.24 82.50 -4.55
C ASN A 313 -11.86 81.23 -3.99
N SER A 314 -12.48 81.30 -2.82
CA SER A 314 -13.05 80.15 -2.15
C SER A 314 -12.04 79.03 -2.02
N LEU A 315 -10.90 79.36 -1.40
CA LEU A 315 -9.82 78.41 -1.16
C LEU A 315 -9.59 78.27 0.33
N ILE A 316 -9.24 77.06 0.75
CA ILE A 316 -8.79 76.79 2.11
C ILE A 316 -7.47 76.06 2.01
N TYR A 317 -6.49 76.48 2.79
CA TYR A 317 -5.20 75.82 2.85
C TYR A 317 -5.08 75.00 4.11
N LEU A 318 -4.61 73.77 3.99
CA LEU A 318 -4.39 72.91 5.13
C LEU A 318 -2.92 72.51 5.17
N PRO A 319 -2.29 72.56 6.32
CA PRO A 319 -0.84 72.31 6.36
C PRO A 319 -0.49 70.84 6.32
N THR A 320 -1.13 70.06 5.45
CA THR A 320 -0.84 68.64 5.33
C THR A 320 -0.96 68.23 3.87
N LEU A 321 -0.16 67.24 3.51
CA LEU A 321 -0.26 66.62 2.20
C LEU A 321 -1.19 65.41 2.30
N ILE A 322 -2.17 65.35 1.42
CA ILE A 322 -3.07 64.20 1.36
C ILE A 322 -2.62 63.31 0.22
N ASP A 323 -2.88 62.02 0.36
CA ASP A 323 -2.47 61.03 -0.63
C ASP A 323 -3.61 60.79 -1.63
N ALA A 324 -4.11 61.89 -2.18
CA ALA A 324 -5.25 61.85 -3.07
C ALA A 324 -4.89 62.50 -4.39
N ASP A 325 -5.51 62.01 -5.45
CA ASP A 325 -5.31 62.64 -6.75
C ASP A 325 -5.88 64.05 -6.73
N VAL A 326 -5.27 64.93 -7.52
CA VAL A 326 -5.81 66.27 -7.68
C VAL A 326 -7.16 66.16 -8.37
N GLY A 327 -8.10 66.99 -7.94
CA GLY A 327 -9.44 66.97 -8.48
C GLY A 327 -10.44 66.17 -7.66
N THR A 328 -9.99 65.44 -6.65
CA THR A 328 -10.92 64.70 -5.81
C THR A 328 -11.87 65.65 -5.09
N TYR A 329 -12.96 65.09 -4.60
CA TYR A 329 -13.86 65.79 -3.71
C TYR A 329 -13.60 65.35 -2.28
N VAL A 330 -13.53 66.32 -1.37
CA VAL A 330 -13.24 66.04 0.03
C VAL A 330 -14.32 66.67 0.88
N LYS A 331 -15.01 65.87 1.67
CA LYS A 331 -16.06 66.40 2.51
C LYS A 331 -15.46 66.94 3.79
N PHE A 332 -15.70 68.22 4.06
CA PHE A 332 -15.13 68.89 5.21
C PHE A 332 -16.10 68.84 6.37
N ARG A 333 -15.59 68.56 7.56
CA ARG A 333 -16.38 68.64 8.78
C ARG A 333 -15.58 69.42 9.81
N ASP A 334 -16.04 69.43 11.05
CA ASP A 334 -15.26 69.97 12.15
C ASP A 334 -14.96 68.86 13.14
N THR A 335 -13.76 68.89 13.70
CA THR A 335 -13.46 68.00 14.82
C THR A 335 -14.25 68.50 16.01
N ILE A 336 -15.36 67.83 16.29
CA ILE A 336 -16.29 68.30 17.30
C ILE A 336 -15.61 68.49 18.64
N ASN A 337 -14.77 67.54 19.03
CA ASN A 337 -13.99 67.68 20.25
C ASN A 337 -12.60 67.18 19.97
N THR A 338 -11.65 67.52 20.84
CA THR A 338 -10.26 67.16 20.63
C THR A 338 -9.49 67.30 21.93
N LYS A 339 -8.81 66.23 22.34
CA LYS A 339 -7.94 66.23 23.51
C LYS A 339 -8.75 66.37 24.81
N GLY A 340 -10.06 66.53 24.69
CA GLY A 340 -10.94 66.65 25.84
C GLY A 340 -11.74 67.93 25.89
N TYR A 341 -11.58 68.84 24.95
CA TYR A 341 -12.25 70.14 24.98
C TYR A 341 -12.98 70.37 23.68
N THR A 342 -14.23 70.80 23.78
CA THR A 342 -15.01 71.11 22.60
C THR A 342 -14.29 72.12 21.73
N LEU A 343 -14.52 72.04 20.43
CA LEU A 343 -13.84 72.92 19.49
C LEU A 343 -14.36 74.35 19.59
N TRP A 344 -15.67 74.52 19.63
CA TRP A 344 -16.28 75.84 19.69
C TRP A 344 -16.62 76.24 21.11
N ASN A 345 -15.62 76.20 21.99
CA ASN A 345 -15.90 76.36 23.41
C ASN A 345 -15.85 77.83 23.82
N GLU A 346 -15.95 78.03 25.13
CA GLU A 346 -16.01 79.39 25.68
C GLU A 346 -14.79 80.21 25.32
N HIS A 347 -13.59 79.64 25.47
CA HIS A 347 -12.36 80.41 25.32
C HIS A 347 -12.08 80.73 23.86
N ARG A 348 -11.82 79.70 23.06
CA ARG A 348 -11.54 79.90 21.64
C ARG A 348 -12.81 80.40 20.97
N GLY A 349 -12.71 80.69 19.68
CA GLY A 349 -13.81 81.31 18.97
C GLY A 349 -15.07 80.46 18.97
N THR A 350 -16.14 81.07 18.50
CA THR A 350 -17.40 80.38 18.30
C THR A 350 -17.82 80.58 16.86
N PRO A 351 -18.32 79.54 16.20
CA PRO A 351 -18.41 79.56 14.76
C PRO A 351 -19.55 80.45 14.31
N PRO A 352 -19.64 80.76 13.02
CA PRO A 352 -20.89 81.30 12.48
C PRO A 352 -21.89 80.16 12.46
N PHE A 353 -22.84 80.15 13.39
CA PHE A 353 -23.41 78.86 13.73
C PHE A 353 -24.22 78.23 12.61
N PRO A 354 -25.38 78.78 12.19
CA PRO A 354 -26.14 78.09 11.16
C PRO A 354 -25.27 77.91 9.93
N THR A 355 -24.78 79.03 9.43
CA THR A 355 -23.77 79.07 8.39
C THR A 355 -23.16 80.46 8.42
N PHE A 356 -22.36 80.78 7.42
CA PHE A 356 -21.82 82.12 7.28
C PHE A 356 -22.62 82.85 6.21
N ILE A 357 -23.46 83.79 6.64
CA ILE A 357 -24.23 84.64 5.73
C ILE A 357 -23.48 85.95 5.58
N PRO A 358 -23.22 86.41 4.38
CA PRO A 358 -22.47 87.65 4.18
C PRO A 358 -23.38 88.86 4.39
N SER A 359 -22.81 90.04 4.11
CA SER A 359 -23.56 91.29 4.23
C SER A 359 -24.39 91.53 3.00
N GLU A 360 -24.90 92.75 2.83
CA GLU A 360 -25.62 93.11 1.60
C GLU A 360 -24.71 93.79 0.60
N GLU A 361 -23.73 94.56 1.06
CA GLU A 361 -22.82 95.28 0.19
C GLU A 361 -21.48 94.57 0.04
N GLU A 362 -21.32 93.41 0.69
CA GLU A 362 -20.05 92.71 0.65
C GLU A 362 -19.87 92.04 -0.71
N ASP A 363 -19.35 92.79 -1.67
CA ASP A 363 -19.11 92.30 -3.02
C ASP A 363 -17.65 91.87 -3.08
N LEU A 364 -17.43 90.55 -3.02
CA LEU A 364 -16.07 90.04 -3.04
C LEU A 364 -15.32 90.46 -4.30
N SER A 365 -16.04 90.65 -5.40
CA SER A 365 -15.41 91.06 -6.65
C SER A 365 -14.83 92.46 -6.59
N LYS A 366 -15.07 93.20 -5.50
CA LYS A 366 -14.50 94.53 -5.38
C LYS A 366 -13.04 94.47 -4.96
N LEU A 367 -12.66 93.43 -4.22
CA LEU A 367 -11.34 93.36 -3.62
C LEU A 367 -10.51 92.26 -4.26
N ALA A 368 -9.21 92.50 -4.35
CA ALA A 368 -8.29 91.53 -4.93
C ALA A 368 -8.11 90.33 -4.02
N THR A 369 -7.69 89.21 -4.61
CA THR A 369 -7.49 87.98 -3.86
C THR A 369 -6.47 88.15 -2.74
N ASP A 370 -5.60 89.16 -2.83
CA ASP A 370 -4.64 89.44 -1.78
C ASP A 370 -5.25 90.19 -0.61
N GLU A 371 -6.53 90.51 -0.67
CA GLU A 371 -7.22 91.14 0.45
C GLU A 371 -8.21 90.23 1.14
N GLY A 372 -8.81 89.29 0.43
CA GLY A 372 -9.75 88.37 1.03
C GLY A 372 -9.09 87.18 1.71
N GLN A 373 -7.97 87.42 2.39
CA GLN A 373 -7.24 86.36 3.06
C GLN A 373 -7.42 86.47 4.56
N LEU A 374 -7.41 85.31 5.22
CA LEU A 374 -7.58 85.23 6.68
C LEU A 374 -6.63 84.15 7.18
N THR A 375 -5.44 84.56 7.57
CA THR A 375 -4.43 83.60 7.99
C THR A 375 -4.78 83.05 9.37
N SER A 376 -3.88 82.26 9.94
CA SER A 376 -4.11 81.54 11.18
C SER A 376 -3.13 81.99 12.25
N PRO A 377 -3.45 81.77 13.52
CA PRO A 377 -2.45 81.89 14.58
C PRO A 377 -1.34 80.88 14.38
N PRO A 378 -0.24 81.00 15.11
CA PRO A 378 0.84 80.02 14.98
C PRO A 378 0.39 78.65 15.49
N LEU A 379 0.63 77.61 14.69
CA LEU A 379 0.29 76.26 15.10
C LEU A 379 1.34 75.68 16.05
N TYR A 380 2.54 76.25 16.09
CA TYR A 380 3.62 75.78 16.94
C TYR A 380 4.02 76.89 17.90
N MET A 381 4.34 76.50 19.14
CA MET A 381 4.74 77.50 20.12
C MET A 381 6.18 77.95 19.94
N TYR A 382 6.99 77.20 19.20
CA TYR A 382 8.40 77.50 19.11
C TYR A 382 8.97 76.99 17.80
N PHE A 383 9.94 77.72 17.27
CA PHE A 383 10.68 77.33 16.08
C PHE A 383 11.16 75.90 16.19
N ARG A 384 10.75 75.06 15.24
CA ARG A 384 10.89 73.62 15.40
C ARG A 384 12.21 73.07 14.89
N ASP A 385 13.13 73.90 14.40
CA ASP A 385 14.48 73.41 14.17
C ASP A 385 15.24 73.29 15.47
N GLU A 386 15.02 74.22 16.39
CA GLU A 386 15.60 74.13 17.72
C GLU A 386 14.57 73.51 18.66
N PHE A 387 14.86 73.52 19.95
CA PHE A 387 14.00 72.87 20.93
C PHE A 387 13.27 73.92 21.75
N ALA A 388 12.39 73.45 22.63
CA ALA A 388 11.63 74.35 23.45
C ALA A 388 12.57 75.11 24.38
N ALA A 389 12.46 76.43 24.37
CA ALA A 389 13.32 77.28 25.18
C ALA A 389 13.15 76.98 26.67
N TYR B 2 -39.14 -10.63 -12.66
CA TYR B 2 -40.35 -11.31 -13.11
C TYR B 2 -41.55 -10.41 -12.99
N ASP B 3 -42.55 -10.65 -13.83
CA ASP B 3 -43.76 -9.84 -13.88
C ASP B 3 -43.46 -8.38 -14.13
N SER B 4 -42.22 -8.06 -14.47
CA SER B 4 -41.94 -6.83 -15.19
C SER B 4 -42.46 -7.06 -16.60
N ARG B 5 -42.41 -6.04 -17.45
CA ARG B 5 -43.14 -6.05 -18.72
C ARG B 5 -44.62 -6.31 -18.43
N SER B 6 -45.21 -5.34 -17.74
CA SER B 6 -46.61 -5.43 -17.34
C SER B 6 -47.56 -4.97 -18.44
N SER B 7 -47.04 -4.51 -19.57
CA SER B 7 -47.90 -4.07 -20.67
C SER B 7 -47.04 -3.95 -21.92
N GLY B 8 -47.70 -3.98 -23.06
CA GLY B 8 -47.02 -3.94 -24.33
C GLY B 8 -46.70 -5.29 -24.93
N VAL B 9 -47.33 -6.36 -24.46
CA VAL B 9 -47.04 -7.68 -25.00
C VAL B 9 -47.96 -7.99 -26.16
N HIS B 10 -49.26 -8.11 -25.91
CA HIS B 10 -50.24 -8.34 -26.94
C HIS B 10 -50.91 -7.03 -27.30
N ASP B 11 -50.90 -6.70 -28.58
CA ASP B 11 -51.75 -5.62 -29.04
C ASP B 11 -53.21 -5.96 -28.75
N VAL B 12 -53.97 -4.97 -28.29
CA VAL B 12 -55.30 -5.24 -27.73
C VAL B 12 -56.26 -5.19 -28.92
N ALA B 13 -56.30 -6.30 -29.64
CA ALA B 13 -57.15 -6.48 -30.81
C ALA B 13 -56.95 -7.91 -31.30
N PRO B 14 -57.91 -8.50 -31.99
CA PRO B 14 -57.67 -9.81 -32.60
C PRO B 14 -56.94 -9.65 -33.92
N ARG B 15 -56.50 -10.76 -34.46
CA ARG B 15 -55.94 -10.75 -35.81
C ARG B 15 -57.10 -10.78 -36.81
N ASP B 16 -56.79 -10.86 -38.09
CA ASP B 16 -57.81 -10.66 -39.12
C ASP B 16 -58.79 -11.82 -39.16
N GLY B 17 -58.30 -13.02 -39.48
CA GLY B 17 -59.18 -14.15 -39.65
C GLY B 17 -58.66 -15.41 -38.99
N VAL B 18 -57.72 -15.26 -38.06
CA VAL B 18 -57.11 -16.39 -37.39
C VAL B 18 -57.43 -16.45 -35.91
N ASP B 19 -57.80 -15.34 -35.29
CA ASP B 19 -58.08 -15.32 -33.87
C ASP B 19 -59.55 -15.64 -33.62
N PHE B 20 -59.80 -16.55 -32.70
CA PHE B 20 -61.14 -16.93 -32.30
C PHE B 20 -61.27 -16.73 -30.80
N MET B 21 -62.33 -16.04 -30.39
CA MET B 21 -62.61 -15.96 -28.97
C MET B 21 -63.06 -17.33 -28.48
N TYR B 22 -63.30 -17.43 -27.19
CA TYR B 22 -63.73 -18.68 -26.58
C TYR B 22 -65.24 -18.78 -26.66
N GLU B 23 -65.74 -19.79 -27.37
CA GLU B 23 -67.18 -20.02 -27.41
C GLU B 23 -67.68 -20.42 -26.03
N GLY B 24 -67.11 -21.48 -25.47
CA GLY B 24 -67.55 -22.01 -24.20
C GLY B 24 -66.99 -23.40 -23.98
N PRO B 25 -67.33 -24.02 -22.86
CA PRO B 25 -66.82 -25.35 -22.54
C PRO B 25 -67.48 -26.49 -23.31
N GLN B 26 -68.29 -26.20 -24.32
CA GLN B 26 -68.89 -27.28 -25.11
C GLN B 26 -68.03 -27.64 -26.32
N GLN B 27 -67.26 -26.70 -26.84
CA GLN B 27 -66.38 -26.93 -27.97
C GLN B 27 -64.94 -27.12 -27.51
N VAL B 28 -64.11 -27.60 -28.41
CA VAL B 28 -62.74 -28.01 -28.11
C VAL B 28 -61.77 -27.23 -29.00
N LEU B 29 -60.69 -26.72 -28.40
CA LEU B 29 -59.64 -25.93 -29.02
C LEU B 29 -58.60 -26.84 -29.64
N PRO B 30 -57.78 -26.31 -30.57
CA PRO B 30 -56.67 -27.10 -31.12
C PRO B 30 -55.54 -27.19 -30.09
N GLY B 31 -55.19 -28.41 -29.72
CA GLY B 31 -54.05 -28.65 -28.87
C GLY B 31 -54.39 -29.01 -27.44
N ALA B 32 -55.57 -28.62 -26.96
CA ALA B 32 -55.90 -28.80 -25.55
C ALA B 32 -55.91 -30.26 -25.16
N HIS B 33 -55.26 -30.58 -24.04
CA HIS B 33 -55.24 -31.93 -23.51
C HIS B 33 -54.86 -31.85 -22.04
N PRO B 34 -55.51 -32.61 -21.17
CA PRO B 34 -55.25 -32.47 -19.73
C PRO B 34 -53.94 -33.09 -19.26
N LEU B 35 -53.04 -33.41 -20.18
CA LEU B 35 -51.73 -33.96 -19.87
C LEU B 35 -50.63 -33.09 -20.44
N PRO B 36 -49.52 -32.94 -19.73
CA PRO B 36 -48.41 -32.14 -20.27
C PRO B 36 -47.65 -32.86 -21.38
N LEU B 37 -47.89 -32.45 -22.62
CA LEU B 37 -47.25 -33.06 -23.79
C LEU B 37 -46.49 -31.98 -24.55
N PHE B 38 -45.19 -32.16 -24.69
CA PHE B 38 -44.42 -31.19 -25.46
C PHE B 38 -44.51 -31.43 -26.96
N HIS B 39 -44.58 -32.70 -27.38
CA HIS B 39 -44.80 -33.06 -28.77
C HIS B 39 -46.20 -33.62 -28.90
N PRO B 40 -47.22 -32.79 -29.11
CA PRO B 40 -48.60 -33.28 -29.08
C PRO B 40 -48.95 -33.93 -30.40
N ASP B 41 -49.39 -35.18 -30.34
CA ASP B 41 -49.61 -35.97 -31.54
C ASP B 41 -50.91 -36.75 -31.41
N ASN B 42 -51.65 -36.79 -32.51
CA ASN B 42 -52.82 -37.64 -32.63
C ASN B 42 -52.50 -38.77 -33.59
N SER B 43 -53.50 -39.59 -33.87
CA SER B 43 -53.33 -40.71 -34.78
C SER B 43 -53.41 -40.30 -36.23
N VAL B 44 -53.25 -39.02 -36.54
CA VAL B 44 -53.14 -38.56 -37.91
C VAL B 44 -51.74 -38.03 -38.21
N THR B 45 -51.10 -37.37 -37.25
CA THR B 45 -49.79 -36.79 -37.50
C THR B 45 -48.67 -37.81 -37.32
N ARG B 46 -48.74 -38.61 -36.26
CA ARG B 46 -47.79 -39.70 -36.02
C ARG B 46 -48.58 -40.99 -35.91
N PRO B 47 -49.17 -41.46 -37.01
CA PRO B 47 -50.04 -42.61 -36.93
C PRO B 47 -49.22 -43.87 -36.66
N PRO B 48 -49.49 -44.54 -35.54
CA PRO B 48 -48.75 -45.77 -35.25
C PRO B 48 -49.19 -46.88 -36.19
N VAL B 49 -48.22 -47.59 -36.75
CA VAL B 49 -48.50 -48.70 -37.65
C VAL B 49 -48.66 -49.94 -36.79
N SER B 50 -49.91 -50.27 -36.46
CA SER B 50 -50.19 -51.36 -35.54
C SER B 50 -51.61 -51.83 -35.78
N PRO B 51 -51.92 -53.06 -35.45
CA PRO B 51 -53.31 -53.53 -35.54
C PRO B 51 -54.24 -52.69 -34.70
N TYR B 52 -53.99 -52.64 -33.41
CA TYR B 52 -54.83 -51.89 -32.49
C TYR B 52 -54.23 -50.50 -32.29
N LEU B 53 -54.80 -49.77 -31.36
CA LEU B 53 -54.26 -48.50 -30.92
C LEU B 53 -53.76 -48.65 -29.50
N PRO B 54 -52.55 -48.19 -29.20
CA PRO B 54 -52.00 -48.38 -27.85
C PRO B 54 -52.98 -47.90 -26.80
N SER B 55 -52.98 -48.59 -25.66
CA SER B 55 -54.04 -48.38 -24.69
C SER B 55 -53.54 -48.87 -23.34
N PRO B 56 -54.17 -48.43 -22.24
CA PRO B 56 -53.90 -49.07 -20.94
C PRO B 56 -54.61 -50.40 -20.77
N GLN B 57 -55.57 -50.73 -21.62
CA GLN B 57 -56.27 -52.01 -21.50
C GLN B 57 -55.45 -53.13 -22.12
N ARG B 58 -55.21 -53.06 -23.41
CA ARG B 58 -54.44 -54.08 -24.08
C ARG B 58 -52.95 -53.78 -23.92
N PRO B 59 -52.16 -54.71 -23.39
CA PRO B 59 -50.77 -54.38 -23.03
C PRO B 59 -49.91 -53.93 -24.20
N HIS B 60 -50.30 -54.19 -25.43
CA HIS B 60 -49.50 -53.74 -26.54
C HIS B 60 -50.34 -53.75 -27.80
N PRO B 61 -50.15 -52.82 -28.70
CA PRO B 61 -51.00 -52.71 -29.89
C PRO B 61 -50.66 -53.74 -30.95
N TYR B 62 -50.79 -55.01 -30.59
CA TYR B 62 -50.52 -56.09 -31.52
C TYR B 62 -51.37 -57.27 -31.13
N PHE B 63 -51.34 -58.32 -31.95
CA PHE B 63 -52.07 -59.53 -31.62
C PHE B 63 -51.31 -60.29 -30.55
N THR B 64 -52.02 -60.71 -29.52
CA THR B 64 -51.46 -61.60 -28.50
C THR B 64 -51.93 -63.03 -28.69
N THR B 65 -52.44 -63.37 -29.86
CA THR B 65 -53.01 -64.69 -30.13
C THR B 65 -53.14 -64.86 -31.63
N GLU B 66 -52.93 -66.09 -32.09
CA GLU B 66 -52.86 -66.38 -33.51
C GLU B 66 -54.16 -66.07 -34.23
N LEU B 67 -54.17 -65.03 -35.05
CA LEU B 67 -55.33 -64.79 -35.90
C LEU B 67 -55.31 -65.78 -37.06
N PRO B 68 -56.39 -66.50 -37.30
CA PRO B 68 -56.33 -67.67 -38.16
C PRO B 68 -56.60 -67.38 -39.63
N GLU B 69 -56.61 -66.11 -40.04
CA GLU B 69 -56.84 -65.78 -41.44
C GLU B 69 -55.55 -65.45 -42.17
N LEU B 70 -54.42 -65.87 -41.64
CA LEU B 70 -53.13 -65.72 -42.29
C LEU B 70 -52.11 -66.54 -41.51
N PRO B 71 -51.18 -67.21 -42.21
CA PRO B 71 -50.36 -68.24 -41.55
C PRO B 71 -49.53 -67.66 -40.41
N HIS B 72 -49.18 -68.53 -39.47
CA HIS B 72 -48.45 -68.14 -38.28
C HIS B 72 -47.03 -68.67 -38.33
N PHE B 73 -46.05 -67.77 -38.19
CA PHE B 73 -44.65 -68.12 -38.10
C PHE B 73 -44.20 -68.11 -36.65
N GLN B 74 -43.26 -68.98 -36.32
CA GLN B 74 -42.65 -68.95 -35.01
C GLN B 74 -41.29 -68.28 -35.07
N THR B 75 -40.77 -67.92 -33.91
CA THR B 75 -39.42 -67.40 -33.87
C THR B 75 -38.42 -68.49 -34.23
N THR B 76 -37.18 -68.08 -34.50
CA THR B 76 -36.17 -69.05 -34.85
C THR B 76 -35.70 -69.82 -33.62
N ARG B 77 -35.41 -69.10 -32.55
CA ARG B 77 -34.97 -69.67 -31.28
C ARG B 77 -36.11 -69.65 -30.27
N PRO B 78 -36.28 -70.73 -29.51
CA PRO B 78 -37.39 -70.81 -28.56
C PRO B 78 -37.27 -69.74 -27.48
N ILE B 79 -38.41 -69.27 -27.01
CA ILE B 79 -38.47 -68.10 -26.15
C ILE B 79 -38.63 -68.51 -24.70
N VAL B 80 -37.77 -67.97 -23.84
CA VAL B 80 -37.87 -68.11 -22.40
C VAL B 80 -38.01 -66.72 -21.82
N TYR B 81 -38.93 -66.57 -20.88
CA TYR B 81 -39.25 -65.26 -20.32
C TYR B 81 -38.34 -64.96 -19.14
N THR B 82 -37.91 -63.70 -19.06
CA THR B 82 -36.92 -63.28 -18.07
C THR B 82 -37.45 -62.13 -17.24
N VAL B 83 -36.54 -61.47 -16.51
CA VAL B 83 -36.93 -60.46 -15.53
C VAL B 83 -37.76 -59.37 -16.17
N GLY B 84 -37.18 -58.65 -17.12
CA GLY B 84 -37.88 -57.53 -17.71
C GLY B 84 -38.81 -57.87 -18.85
N THR B 85 -39.04 -59.15 -19.13
CA THR B 85 -39.87 -59.51 -20.25
C THR B 85 -41.32 -59.13 -20.00
N MET B 86 -42.12 -59.16 -21.07
CA MET B 86 -43.51 -58.72 -20.99
C MET B 86 -44.46 -59.81 -20.52
N LYS B 87 -44.03 -61.07 -20.51
CA LYS B 87 -44.80 -62.18 -19.98
C LYS B 87 -46.08 -62.45 -20.77
N GLN B 88 -46.15 -62.02 -22.02
CA GLN B 88 -47.29 -62.29 -22.88
C GLN B 88 -46.81 -62.44 -24.31
N ARG B 89 -47.53 -63.24 -25.08
CA ARG B 89 -47.17 -63.41 -26.49
C ARG B 89 -47.18 -62.06 -27.19
N ILE B 90 -46.28 -61.90 -28.15
CA ILE B 90 -46.22 -60.69 -28.97
C ILE B 90 -46.22 -61.16 -30.40
N VAL B 91 -47.40 -61.24 -31.00
CA VAL B 91 -47.57 -61.69 -32.37
C VAL B 91 -47.73 -60.45 -33.24
N ALA B 92 -46.79 -60.22 -34.12
CA ALA B 92 -46.77 -58.98 -34.87
C ALA B 92 -46.91 -59.25 -36.35
N PRO B 93 -47.90 -58.66 -37.02
CA PRO B 93 -48.08 -58.92 -38.44
C PRO B 93 -46.98 -58.28 -39.27
N VAL B 94 -46.24 -59.11 -39.99
CA VAL B 94 -45.20 -58.59 -40.87
C VAL B 94 -45.83 -58.08 -42.16
N PHE B 95 -45.14 -57.18 -42.83
CA PHE B 95 -45.70 -56.53 -44.00
C PHE B 95 -44.93 -56.92 -45.24
N ASP B 96 -45.46 -56.49 -46.38
CA ASP B 96 -44.86 -56.72 -47.68
C ASP B 96 -44.61 -55.38 -48.35
N LEU B 97 -43.63 -55.35 -49.25
CA LEU B 97 -43.28 -54.11 -49.93
C LEU B 97 -44.44 -53.52 -50.74
N ALA B 98 -45.52 -54.27 -50.92
CA ALA B 98 -46.73 -53.77 -51.55
C ALA B 98 -47.74 -53.26 -50.54
N ASN B 99 -47.30 -53.00 -49.31
CA ASN B 99 -48.17 -52.53 -48.24
C ASN B 99 -49.31 -53.50 -47.97
N ASN B 100 -48.96 -54.73 -47.63
CA ASN B 100 -49.93 -55.77 -47.30
C ASN B 100 -49.56 -56.38 -45.95
N VAL B 101 -50.27 -57.44 -45.59
CA VAL B 101 -50.01 -58.18 -44.36
C VAL B 101 -49.97 -59.64 -44.76
N THR B 102 -48.78 -60.16 -45.03
CA THR B 102 -48.68 -61.54 -45.50
C THR B 102 -48.92 -62.53 -44.36
N HIS B 103 -48.04 -62.53 -43.37
CA HIS B 103 -48.13 -63.50 -42.30
C HIS B 103 -47.91 -62.83 -40.97
N THR B 104 -48.23 -63.57 -39.91
CA THR B 104 -48.05 -63.10 -38.56
C THR B 104 -46.98 -63.95 -37.89
N ARG B 105 -46.28 -63.35 -36.96
CA ARG B 105 -45.04 -63.91 -36.46
C ARG B 105 -44.86 -63.54 -35.00
N GLU B 106 -44.46 -64.51 -34.18
CA GLU B 106 -44.17 -64.19 -32.79
C GLU B 106 -42.95 -63.30 -32.72
N LEU B 107 -42.81 -62.60 -31.59
CA LEU B 107 -41.64 -61.79 -31.32
C LEU B 107 -41.05 -62.20 -29.98
N ASP B 108 -39.72 -62.36 -29.96
CA ASP B 108 -39.06 -62.83 -28.77
C ASP B 108 -39.25 -61.84 -27.63
N PRO B 109 -39.83 -62.25 -26.50
CA PRO B 109 -40.05 -61.30 -25.41
C PRO B 109 -38.75 -60.75 -24.85
N PHE B 110 -37.64 -61.46 -25.01
CA PHE B 110 -36.38 -60.98 -24.48
C PHE B 110 -35.96 -59.68 -25.13
N ILE B 111 -36.04 -59.62 -26.45
CA ILE B 111 -35.63 -58.42 -27.18
C ILE B 111 -36.76 -57.42 -27.29
N PHE B 112 -37.92 -57.85 -27.78
CA PHE B 112 -39.00 -56.91 -28.06
C PHE B 112 -40.00 -56.79 -26.93
N GLY B 113 -39.87 -57.57 -25.88
CA GLY B 113 -40.82 -57.48 -24.79
C GLY B 113 -40.16 -57.10 -23.48
N PHE B 114 -38.98 -56.50 -23.55
CA PHE B 114 -38.30 -56.05 -22.34
C PHE B 114 -38.88 -54.69 -21.94
N TYR B 115 -39.68 -54.69 -20.89
CA TYR B 115 -40.42 -53.49 -20.52
C TYR B 115 -39.47 -52.34 -20.24
N PRO B 116 -39.69 -51.17 -20.83
CA PRO B 116 -38.70 -50.09 -20.74
C PRO B 116 -38.62 -49.47 -19.35
N GLU B 117 -37.42 -48.97 -19.05
CA GLU B 117 -37.17 -48.18 -17.87
C GLU B 117 -36.34 -46.97 -18.26
N THR B 118 -36.65 -45.83 -17.66
CA THR B 118 -35.99 -44.59 -18.05
C THR B 118 -34.60 -44.46 -17.45
N GLU B 119 -34.37 -45.01 -16.26
CA GLU B 119 -33.06 -44.90 -15.64
C GLU B 119 -32.00 -45.72 -16.35
N GLU B 120 -32.36 -46.40 -17.45
CA GLU B 120 -31.39 -47.12 -18.25
C GLU B 120 -31.34 -46.67 -19.70
N MET B 121 -32.47 -46.33 -20.29
CA MET B 121 -32.42 -45.68 -21.60
C MET B 121 -31.76 -44.32 -21.54
N ALA B 122 -31.67 -43.73 -20.35
CA ALA B 122 -30.87 -42.53 -20.16
C ALA B 122 -29.40 -42.82 -20.41
N LYS B 123 -28.87 -43.88 -19.79
CA LYS B 123 -27.48 -44.26 -20.03
C LYS B 123 -27.20 -44.46 -21.50
N ASN B 124 -28.20 -44.91 -22.26
CA ASN B 124 -28.03 -45.01 -23.70
C ASN B 124 -27.94 -43.62 -24.34
N LEU B 125 -28.77 -42.69 -23.90
CA LEU B 125 -28.75 -41.35 -24.46
C LEU B 125 -27.57 -40.56 -23.94
N SER B 126 -27.35 -40.59 -22.63
CA SER B 126 -26.20 -39.90 -22.06
C SER B 126 -24.90 -40.38 -22.67
N TYR B 127 -24.81 -41.65 -23.01
CA TYR B 127 -23.63 -42.12 -23.72
C TYR B 127 -23.55 -41.51 -25.11
N TRP B 128 -24.68 -41.46 -25.81
CA TRP B 128 -24.64 -40.96 -27.17
C TRP B 128 -24.30 -39.48 -27.22
N LEU B 129 -25.05 -38.67 -26.49
CA LEU B 129 -24.87 -37.22 -26.53
C LEU B 129 -23.45 -36.79 -26.24
N VAL B 130 -22.62 -37.66 -25.66
CA VAL B 130 -21.22 -37.37 -25.41
C VAL B 130 -20.33 -38.08 -26.41
N ARG B 131 -20.71 -39.29 -26.84
CA ARG B 131 -19.94 -39.97 -27.87
C ARG B 131 -20.15 -39.29 -29.22
N CYS B 132 -21.39 -38.99 -29.58
CA CYS B 132 -21.69 -38.26 -30.81
C CYS B 132 -21.32 -36.80 -30.61
N GLN B 133 -20.03 -36.52 -30.73
CA GLN B 133 -19.51 -35.22 -30.34
C GLN B 133 -18.12 -34.99 -30.91
N ASN B 134 -17.93 -33.93 -31.69
CA ASN B 134 -16.63 -33.65 -32.27
C ASN B 134 -15.70 -33.11 -31.19
N PHE B 135 -14.71 -33.91 -30.82
CA PHE B 135 -13.78 -33.49 -29.77
C PHE B 135 -12.70 -32.59 -30.32
N SER B 136 -12.10 -32.99 -31.44
CA SER B 136 -11.01 -32.22 -32.03
C SER B 136 -11.37 -30.76 -32.27
N SER B 137 -12.65 -30.44 -32.39
CA SER B 137 -13.04 -29.04 -32.47
C SER B 137 -12.87 -28.31 -31.16
N LYS B 138 -12.88 -29.03 -30.04
CA LYS B 138 -12.79 -28.43 -28.72
C LYS B 138 -11.32 -28.26 -28.34
N TRP B 139 -10.66 -27.38 -29.07
CA TRP B 139 -9.23 -27.13 -28.93
C TRP B 139 -9.02 -25.65 -28.73
N ASP B 140 -8.46 -25.26 -27.60
CA ASP B 140 -8.15 -23.88 -27.29
C ASP B 140 -6.65 -23.76 -27.02
N TYR B 141 -6.13 -22.54 -27.14
CA TYR B 141 -4.72 -22.34 -26.87
C TYR B 141 -4.44 -22.42 -25.38
N GLU B 142 -3.17 -22.40 -25.03
CA GLU B 142 -2.70 -22.44 -23.65
C GLU B 142 -1.79 -21.25 -23.39
N ASN B 143 -1.28 -21.16 -22.17
CA ASN B 143 -0.35 -20.08 -21.83
C ASN B 143 0.93 -20.18 -22.65
N ARG B 144 1.38 -21.40 -22.90
CA ARG B 144 2.68 -21.66 -23.52
C ARG B 144 2.60 -21.86 -25.02
N GLU B 145 1.58 -21.32 -25.67
CA GLU B 145 1.46 -21.35 -27.12
C GLU B 145 1.20 -19.99 -27.71
N ILE B 146 1.62 -18.93 -27.01
CA ILE B 146 1.23 -17.57 -27.36
C ILE B 146 2.33 -16.78 -28.04
N TRP B 147 3.58 -17.25 -27.98
CA TRP B 147 4.68 -16.61 -28.69
C TRP B 147 4.82 -15.13 -28.29
N ARG B 148 5.18 -14.93 -27.03
CA ARG B 148 5.51 -13.60 -26.56
C ARG B 148 6.88 -13.64 -25.89
N LYS B 149 7.37 -12.44 -25.59
CA LYS B 149 8.64 -12.29 -24.90
C LYS B 149 8.66 -13.15 -23.64
N ALA B 150 9.86 -13.56 -23.23
CA ALA B 150 9.97 -14.33 -22.00
C ALA B 150 10.18 -13.45 -20.79
N LYS B 151 10.84 -12.30 -20.97
CA LYS B 151 11.12 -11.42 -19.84
C LYS B 151 9.85 -10.72 -19.38
N LYS B 152 9.82 -10.42 -18.07
CA LYS B 152 8.78 -9.54 -17.54
C LYS B 152 8.70 -8.29 -18.38
N ASN B 153 7.50 -7.99 -18.89
CA ASN B 153 7.38 -6.92 -19.85
C ASN B 153 7.65 -5.53 -19.26
N TRP B 154 7.96 -5.44 -17.97
CA TRP B 154 8.53 -4.23 -17.38
C TRP B 154 9.01 -4.56 -15.98
N PRO B 155 10.07 -3.89 -15.51
CA PRO B 155 10.49 -4.06 -14.12
C PRO B 155 9.33 -3.79 -13.17
N ASN B 156 9.07 -4.76 -12.29
CA ASN B 156 7.83 -4.82 -11.54
C ASN B 156 7.68 -3.71 -10.51
N THR B 157 8.73 -2.94 -10.21
CA THR B 157 8.71 -2.03 -9.07
C THR B 157 8.64 -0.57 -9.47
N GLY B 158 9.62 -0.07 -10.21
CA GLY B 158 9.71 1.37 -10.45
C GLY B 158 8.62 1.91 -11.34
N MET B 159 7.90 1.04 -12.04
CA MET B 159 6.90 1.50 -13.00
C MET B 159 5.55 1.69 -12.33
N GLY B 160 4.86 2.75 -12.73
CA GLY B 160 3.50 2.97 -12.29
C GLY B 160 2.54 2.06 -13.03
N MET B 161 2.67 0.76 -12.82
CA MET B 161 1.88 -0.24 -13.53
C MET B 161 1.47 -1.30 -12.51
N ALA B 162 0.98 -2.43 -13.00
CA ALA B 162 0.61 -3.56 -12.15
C ALA B 162 1.75 -4.57 -12.08
N ARG B 163 1.81 -5.27 -10.96
CA ARG B 163 2.87 -6.24 -10.72
C ARG B 163 2.66 -7.48 -11.58
N VAL B 164 3.06 -7.41 -12.85
CA VAL B 164 2.82 -8.48 -13.80
C VAL B 164 4.06 -8.68 -14.65
N GLY B 165 4.35 -9.93 -14.98
CA GLY B 165 5.48 -10.24 -15.83
C GLY B 165 5.13 -11.23 -16.91
N ASP B 166 5.58 -10.98 -18.14
CA ASP B 166 5.32 -11.84 -19.28
C ASP B 166 3.81 -12.00 -19.52
N ARG B 167 3.19 -10.90 -19.90
CA ARG B 167 1.74 -10.87 -20.01
C ARG B 167 1.31 -11.75 -21.17
N LYS B 168 1.04 -13.02 -20.89
CA LYS B 168 0.45 -13.92 -21.87
C LYS B 168 -0.66 -14.75 -21.22
N ASN B 169 -1.51 -14.15 -20.41
CA ASN B 169 -2.40 -14.89 -19.55
C ASN B 169 -3.85 -14.66 -19.97
N HIS B 170 -4.76 -15.40 -19.33
CA HIS B 170 -6.17 -15.34 -19.71
C HIS B 170 -6.80 -13.99 -19.43
N ALA B 171 -6.19 -13.17 -18.58
CA ALA B 171 -6.75 -11.86 -18.36
C ALA B 171 -6.60 -10.97 -19.58
N HIS B 172 -5.68 -11.26 -20.45
CA HIS B 172 -5.37 -10.40 -21.57
C HIS B 172 -6.03 -10.91 -22.84
N PRO B 173 -6.27 -10.03 -23.82
CA PRO B 173 -6.95 -10.45 -25.04
C PRO B 173 -6.08 -11.24 -26.00
N TRP B 174 -4.88 -11.64 -25.59
CA TRP B 174 -4.04 -12.52 -26.39
C TRP B 174 -3.67 -13.81 -25.67
N GLY B 175 -3.78 -13.84 -24.35
CA GLY B 175 -3.38 -14.99 -23.58
C GLY B 175 -4.35 -16.14 -23.76
N ALA B 176 -4.20 -17.14 -22.89
CA ALA B 176 -5.07 -18.30 -22.97
C ALA B 176 -5.08 -19.00 -21.62
N HIS B 177 -6.03 -19.90 -21.46
CA HIS B 177 -6.21 -20.56 -20.18
C HIS B 177 -5.00 -21.39 -19.81
N SER B 178 -4.63 -21.33 -18.54
CA SER B 178 -3.53 -22.15 -18.05
C SER B 178 -3.84 -23.63 -18.22
N LYS B 179 -5.07 -24.03 -17.91
CA LYS B 179 -5.51 -25.40 -18.05
C LYS B 179 -6.67 -25.42 -19.03
N PRO B 180 -6.40 -25.28 -20.32
CA PRO B 180 -7.47 -25.11 -21.30
C PRO B 180 -8.05 -26.45 -21.70
N VAL B 181 -8.99 -26.41 -22.63
CA VAL B 181 -9.71 -27.60 -23.04
C VAL B 181 -9.10 -28.07 -24.36
N LYS B 182 -8.22 -29.01 -24.28
CA LYS B 182 -7.73 -29.65 -25.48
C LYS B 182 -8.52 -30.91 -25.73
N PRO B 183 -8.54 -31.43 -26.97
CA PRO B 183 -9.31 -32.65 -27.24
C PRO B 183 -9.02 -33.77 -26.28
N TRP B 184 -7.76 -34.14 -26.11
CA TRP B 184 -7.41 -35.34 -25.36
C TRP B 184 -7.72 -35.22 -23.87
N ASN B 185 -8.12 -34.05 -23.39
CA ASN B 185 -8.53 -33.96 -22.00
C ASN B 185 -9.92 -34.51 -21.77
N LEU B 186 -10.74 -34.59 -22.82
CA LEU B 186 -12.17 -34.85 -22.68
C LEU B 186 -12.39 -36.32 -22.38
N LEU B 187 -13.63 -36.77 -22.49
CA LEU B 187 -13.97 -38.14 -22.15
C LEU B 187 -14.82 -38.77 -23.23
N MET B 188 -14.40 -39.93 -23.71
CA MET B 188 -15.26 -40.84 -24.44
C MET B 188 -15.71 -41.91 -23.47
N PRO B 189 -16.93 -41.84 -22.94
CA PRO B 189 -17.31 -42.74 -21.86
C PRO B 189 -17.28 -44.19 -22.31
N THR B 190 -17.02 -45.08 -21.35
CA THR B 190 -17.05 -46.50 -21.66
C THR B 190 -18.48 -47.02 -21.61
N MET B 191 -18.73 -48.12 -22.31
CA MET B 191 -20.06 -48.71 -22.33
C MET B 191 -19.91 -50.19 -22.67
N ASP B 192 -20.22 -51.05 -21.71
CA ASP B 192 -20.04 -52.48 -21.85
C ASP B 192 -21.20 -53.10 -22.61
N VAL B 193 -21.24 -54.43 -22.65
CA VAL B 193 -22.31 -55.12 -23.34
C VAL B 193 -23.55 -55.28 -22.46
N LYS B 194 -23.38 -55.39 -21.14
CA LYS B 194 -24.52 -55.40 -20.23
C LYS B 194 -25.44 -54.22 -20.52
N THR B 195 -24.94 -53.03 -20.29
CA THR B 195 -25.75 -51.82 -20.29
C THR B 195 -25.96 -51.26 -21.68
N TRP B 196 -25.35 -51.83 -22.70
CA TRP B 196 -25.67 -51.40 -24.04
C TRP B 196 -26.84 -52.20 -24.60
N SER B 197 -26.71 -53.53 -24.60
CA SER B 197 -27.82 -54.37 -25.00
C SER B 197 -29.06 -54.05 -24.19
N LYS B 198 -28.94 -54.16 -22.86
CA LYS B 198 -30.10 -53.96 -21.99
C LYS B 198 -30.78 -52.64 -22.27
N SER B 199 -30.00 -51.58 -22.51
CA SER B 199 -30.61 -50.31 -22.88
C SER B 199 -31.28 -50.40 -24.23
N ASN B 200 -30.62 -51.01 -25.21
CA ASN B 200 -31.17 -51.02 -26.57
C ASN B 200 -32.43 -51.88 -26.64
N ARG B 201 -32.42 -53.03 -25.97
CA ARG B 201 -33.59 -53.89 -26.00
C ARG B 201 -34.80 -53.23 -25.38
N MET B 202 -34.58 -52.32 -24.43
CA MET B 202 -35.67 -51.57 -23.85
C MET B 202 -36.08 -50.38 -24.70
N LEU B 203 -35.42 -50.16 -25.83
CA LEU B 203 -35.83 -49.14 -26.79
C LEU B 203 -36.64 -49.69 -27.93
N VAL B 204 -36.32 -50.90 -28.40
CA VAL B 204 -37.18 -51.59 -29.34
C VAL B 204 -38.43 -52.12 -28.68
N THR B 205 -38.51 -52.07 -27.35
CA THR B 205 -39.78 -52.38 -26.69
C THR B 205 -40.64 -51.15 -26.60
N LEU B 206 -40.08 -50.03 -26.17
CA LEU B 206 -40.83 -48.78 -26.18
C LEU B 206 -41.32 -48.46 -27.59
N LYS B 207 -40.54 -48.79 -28.60
CA LYS B 207 -41.00 -48.59 -29.96
C LYS B 207 -42.13 -49.54 -30.33
N MET B 208 -42.35 -50.59 -29.53
CA MET B 208 -43.54 -51.41 -29.70
C MET B 208 -44.71 -50.89 -28.87
N LEU B 209 -44.47 -50.67 -27.58
CA LEU B 209 -45.54 -50.20 -26.69
C LEU B 209 -46.21 -48.95 -27.22
N GLN B 210 -45.47 -48.15 -27.99
CA GLN B 210 -46.07 -46.99 -28.62
C GLN B 210 -46.80 -47.34 -29.90
N GLY B 211 -46.50 -48.49 -30.49
CA GLY B 211 -47.12 -48.89 -31.72
C GLY B 211 -46.39 -48.47 -32.98
N LYS B 212 -45.18 -47.93 -32.87
CA LYS B 212 -44.42 -47.48 -34.02
C LYS B 212 -43.52 -48.56 -34.59
N LEU B 213 -43.80 -49.82 -34.30
CA LEU B 213 -43.00 -50.94 -34.74
C LEU B 213 -43.67 -51.65 -35.90
N GLN B 214 -42.87 -52.18 -36.81
CA GLN B 214 -43.41 -52.80 -38.02
C GLN B 214 -42.35 -53.69 -38.64
N ILE B 215 -42.62 -54.99 -38.69
CA ILE B 215 -41.71 -55.95 -39.30
C ILE B 215 -41.98 -55.99 -40.79
N VAL B 216 -40.93 -56.07 -41.59
CA VAL B 216 -41.08 -56.06 -43.04
C VAL B 216 -40.40 -57.31 -43.61
N GLU B 217 -40.98 -57.84 -44.69
CA GLU B 217 -40.42 -59.02 -45.35
C GLU B 217 -39.05 -58.70 -45.95
N ARG B 218 -39.01 -57.76 -46.88
CA ARG B 218 -37.80 -57.41 -47.60
C ARG B 218 -37.74 -55.90 -47.75
N LEU B 219 -36.52 -55.38 -47.84
CA LEU B 219 -36.33 -53.94 -48.02
C LEU B 219 -35.56 -53.64 -49.30
N THR B 220 -35.61 -54.55 -50.26
CA THR B 220 -34.88 -54.36 -51.50
C THR B 220 -35.61 -53.41 -52.43
N LEU B 221 -34.85 -52.52 -53.04
CA LEU B 221 -35.51 -51.79 -54.12
C LEU B 221 -35.35 -52.56 -55.42
N PRO B 222 -36.38 -52.60 -56.26
CA PRO B 222 -36.25 -53.30 -57.54
C PRO B 222 -35.24 -52.68 -58.48
N GLU B 223 -34.77 -51.46 -58.20
CA GLU B 223 -33.74 -50.80 -58.98
C GLU B 223 -33.04 -49.80 -58.07
N PRO B 224 -31.76 -49.51 -58.31
CA PRO B 224 -30.96 -48.79 -57.31
C PRO B 224 -31.20 -47.29 -57.26
N THR B 225 -32.29 -46.81 -57.84
CA THR B 225 -32.50 -45.38 -57.91
C THR B 225 -32.94 -44.83 -56.56
N GLN B 226 -33.08 -43.51 -56.51
CA GLN B 226 -33.75 -42.85 -55.39
C GLN B 226 -35.24 -42.69 -55.62
N GLU B 227 -35.70 -42.80 -56.86
CA GLU B 227 -37.12 -42.80 -57.13
C GLU B 227 -37.79 -44.01 -56.50
N ALA B 228 -37.19 -45.19 -56.68
CA ALA B 228 -37.76 -46.41 -56.12
C ALA B 228 -37.75 -46.40 -54.61
N TYR B 229 -36.86 -45.61 -54.00
CA TYR B 229 -36.90 -45.46 -52.56
C TYR B 229 -38.08 -44.60 -52.13
N LEU B 230 -38.16 -43.38 -52.68
CA LEU B 230 -39.24 -42.48 -52.31
C LEU B 230 -40.59 -43.03 -52.71
N GLN B 231 -40.64 -43.78 -53.81
CA GLN B 231 -41.90 -44.42 -54.16
C GLN B 231 -42.23 -45.59 -53.25
N LEU B 232 -41.22 -46.25 -52.70
CA LEU B 232 -41.47 -47.33 -51.75
C LEU B 232 -42.06 -46.81 -50.46
N CYS B 233 -41.76 -45.57 -50.09
CA CYS B 233 -42.27 -45.01 -48.85
C CYS B 233 -43.69 -44.49 -49.01
N ARG B 234 -44.06 -44.03 -50.19
CA ARG B 234 -45.41 -43.54 -50.40
C ARG B 234 -46.41 -44.69 -50.37
N THR B 235 -46.08 -45.82 -51.00
CA THR B 235 -47.00 -46.96 -50.99
C THR B 235 -47.04 -47.63 -49.63
N MET B 236 -45.87 -47.83 -49.00
CA MET B 236 -45.84 -48.44 -47.69
C MET B 236 -46.19 -47.45 -46.59
N GLY B 237 -46.20 -46.16 -46.89
CA GLY B 237 -46.69 -45.17 -45.97
C GLY B 237 -45.68 -44.61 -45.01
N TRP B 238 -44.42 -44.50 -45.42
CA TRP B 238 -43.37 -43.99 -44.54
C TRP B 238 -43.19 -42.50 -44.80
N ASP B 239 -43.94 -41.69 -44.05
CA ASP B 239 -43.65 -40.26 -44.01
C ASP B 239 -42.18 -40.07 -43.65
N VAL B 240 -41.41 -39.55 -44.60
CA VAL B 240 -39.97 -39.43 -44.38
C VAL B 240 -39.53 -38.02 -44.73
N ARG B 241 -40.48 -37.11 -44.90
CA ARG B 241 -40.12 -35.72 -45.10
C ARG B 241 -39.30 -35.22 -43.92
N HIS B 242 -38.52 -34.17 -44.18
CA HIS B 242 -37.55 -33.73 -43.20
C HIS B 242 -38.21 -33.28 -41.90
N LYS B 243 -39.40 -32.69 -41.98
CA LYS B 243 -40.08 -32.18 -40.79
C LYS B 243 -40.98 -33.23 -40.14
N GLY B 244 -41.84 -33.87 -40.92
CA GLY B 244 -42.65 -34.95 -40.39
C GLY B 244 -41.80 -36.08 -39.87
N GLY B 245 -42.34 -36.79 -38.88
CA GLY B 245 -41.58 -37.88 -38.27
C GLY B 245 -41.24 -38.94 -39.30
N GLY B 246 -40.02 -39.48 -39.19
CA GLY B 246 -39.48 -40.36 -40.21
C GLY B 246 -39.17 -41.75 -39.67
N ALA B 247 -38.86 -42.65 -40.59
CA ALA B 247 -38.66 -44.05 -40.29
C ALA B 247 -37.23 -44.34 -39.89
N LEU B 248 -37.05 -45.45 -39.17
CA LEU B 248 -35.74 -45.97 -38.80
C LEU B 248 -35.62 -47.37 -39.36
N PHE B 249 -34.60 -47.61 -40.16
CA PHE B 249 -34.51 -48.81 -40.98
C PHE B 249 -33.40 -49.72 -40.48
N MET B 250 -33.72 -50.62 -39.55
CA MET B 250 -32.84 -51.75 -39.31
C MET B 250 -33.02 -52.72 -40.46
N ASP B 251 -31.92 -53.12 -41.09
CA ASP B 251 -31.95 -53.85 -42.34
C ASP B 251 -31.18 -55.15 -42.22
N GLY B 252 -31.82 -56.26 -42.60
CA GLY B 252 -31.17 -57.55 -42.51
C GLY B 252 -31.54 -58.55 -43.59
N GLY B 253 -32.15 -58.11 -44.68
CA GLY B 253 -32.53 -58.99 -45.74
C GLY B 253 -33.74 -59.84 -45.39
N SER B 254 -34.13 -60.70 -46.34
CA SER B 254 -35.39 -61.42 -46.22
C SER B 254 -35.30 -62.48 -45.14
N ARG B 255 -36.39 -63.23 -44.99
CA ARG B 255 -36.44 -64.26 -43.95
C ARG B 255 -35.56 -65.44 -44.31
N LEU B 256 -35.64 -65.90 -45.55
CA LEU B 256 -34.84 -67.05 -45.97
C LEU B 256 -33.39 -66.66 -46.26
N THR B 257 -33.15 -65.42 -46.65
CA THR B 257 -31.81 -64.94 -46.98
C THR B 257 -31.40 -63.81 -46.05
N PRO B 258 -31.15 -64.11 -44.78
CA PRO B 258 -30.62 -63.07 -43.88
C PRO B 258 -29.26 -62.62 -44.35
N SER B 259 -28.92 -61.36 -44.08
CA SER B 259 -27.63 -60.82 -44.47
C SER B 259 -27.30 -59.64 -43.58
N SER B 260 -26.18 -59.72 -42.86
CA SER B 260 -25.82 -58.65 -41.94
C SER B 260 -25.57 -57.34 -42.68
N GLU B 261 -25.14 -57.39 -43.92
CA GLU B 261 -24.98 -56.18 -44.69
C GLU B 261 -26.24 -55.89 -45.49
N TYR B 262 -26.38 -54.65 -45.92
CA TYR B 262 -27.61 -54.21 -46.55
C TYR B 262 -27.67 -54.76 -47.98
N ASP B 263 -28.64 -54.27 -48.75
CA ASP B 263 -28.78 -54.63 -50.15
C ASP B 263 -28.32 -53.43 -50.99
N ARG B 264 -27.36 -53.67 -51.88
CA ARG B 264 -26.82 -52.58 -52.70
C ARG B 264 -27.92 -51.80 -53.39
N ALA B 265 -29.03 -52.46 -53.72
CA ALA B 265 -30.18 -51.74 -54.24
C ALA B 265 -30.69 -50.75 -53.22
N PHE B 266 -30.94 -51.22 -51.99
CA PHE B 266 -31.48 -50.34 -50.97
C PHE B 266 -30.44 -49.36 -50.48
N PHE B 267 -29.23 -49.86 -50.18
CA PHE B 267 -28.18 -49.00 -49.67
C PHE B 267 -27.99 -47.76 -50.54
N PHE B 268 -27.97 -47.94 -51.85
CA PHE B 268 -27.77 -46.82 -52.75
C PHE B 268 -28.99 -45.93 -52.84
N GLY B 269 -30.18 -46.51 -52.78
CA GLY B 269 -31.38 -45.71 -52.70
C GLY B 269 -31.71 -45.21 -51.32
N SER B 270 -31.01 -45.71 -50.29
CA SER B 270 -31.28 -45.29 -48.93
C SER B 270 -30.79 -43.90 -48.61
N PHE B 271 -30.15 -43.22 -49.55
CA PHE B 271 -29.55 -41.91 -49.30
C PHE B 271 -30.50 -40.83 -49.79
N PHE B 272 -31.09 -40.10 -48.86
CA PHE B 272 -32.06 -39.07 -49.17
C PHE B 272 -32.09 -38.11 -47.99
N ASN B 273 -32.03 -36.82 -48.29
CA ASN B 273 -31.91 -35.78 -47.26
C ASN B 273 -33.25 -35.60 -46.56
N GLY B 274 -33.52 -36.48 -45.61
CA GLY B 274 -34.73 -36.40 -44.83
C GLY B 274 -34.60 -37.05 -43.47
N ARG B 275 -35.72 -37.42 -42.87
CA ARG B 275 -35.71 -38.10 -41.57
C ARG B 275 -35.65 -39.61 -41.74
N ASN B 276 -34.69 -40.08 -42.52
CA ASN B 276 -34.48 -41.49 -42.75
C ASN B 276 -33.16 -41.91 -42.12
N LYS B 277 -33.13 -43.10 -41.54
CA LYS B 277 -31.86 -43.64 -41.09
C LYS B 277 -31.74 -45.08 -41.55
N LEU B 278 -30.54 -45.62 -41.38
CA LEU B 278 -30.25 -47.00 -41.76
C LEU B 278 -29.18 -47.51 -40.82
N VAL B 279 -29.48 -48.55 -40.06
CA VAL B 279 -28.59 -49.00 -39.00
C VAL B 279 -28.25 -50.47 -39.19
N ARG B 280 -27.22 -50.90 -38.47
CA ARG B 280 -26.78 -52.28 -38.56
C ARG B 280 -27.75 -53.18 -37.80
N PRO B 281 -28.01 -54.39 -38.29
CA PRO B 281 -29.01 -55.28 -37.70
C PRO B 281 -28.55 -56.04 -36.47
N THR B 282 -27.94 -55.33 -35.52
CA THR B 282 -27.52 -55.91 -34.25
C THR B 282 -27.70 -54.89 -33.15
N LEU B 283 -28.01 -55.39 -31.96
CA LEU B 283 -28.10 -54.54 -30.78
C LEU B 283 -26.89 -54.67 -29.87
N LEU B 284 -26.27 -55.83 -29.81
CA LEU B 284 -25.04 -56.00 -29.06
C LEU B 284 -23.92 -55.18 -29.67
N CYS B 285 -22.81 -55.06 -28.94
CA CYS B 285 -21.66 -54.32 -29.43
C CYS B 285 -20.39 -54.90 -28.82
N ASP B 286 -19.26 -54.50 -29.39
CA ASP B 286 -17.96 -55.06 -29.05
C ASP B 286 -17.58 -54.71 -27.61
N GLU B 287 -16.69 -55.52 -27.05
CA GLU B 287 -16.26 -55.30 -25.68
C GLU B 287 -15.31 -54.11 -25.61
N PRO B 288 -15.52 -53.20 -24.68
CA PRO B 288 -14.73 -51.96 -24.64
C PRO B 288 -13.32 -52.23 -24.14
N TYR B 289 -12.34 -51.78 -24.90
CA TYR B 289 -10.95 -51.79 -24.49
C TYR B 289 -10.39 -50.38 -24.59
N ASP B 290 -9.26 -50.17 -23.92
CA ASP B 290 -8.49 -48.94 -24.06
C ASP B 290 -7.03 -49.28 -23.85
N TYR B 291 -6.18 -48.90 -24.79
CA TYR B 291 -4.76 -49.21 -24.66
C TYR B 291 -3.98 -48.07 -24.03
N ASN B 292 -4.25 -46.83 -24.45
CA ASN B 292 -3.59 -45.68 -23.90
C ASN B 292 -4.25 -45.28 -22.59
N ARG B 293 -4.41 -46.27 -21.70
CA ARG B 293 -5.20 -46.03 -20.50
C ARG B 293 -4.45 -45.16 -19.50
N THR B 294 -3.13 -45.12 -19.59
CA THR B 294 -2.30 -44.37 -18.65
C THR B 294 -1.42 -43.37 -19.38
N SER B 295 -1.99 -42.67 -20.36
CA SER B 295 -1.29 -41.63 -21.13
C SER B 295 0.08 -42.08 -21.59
N SER B 296 0.24 -43.40 -21.78
CA SER B 296 1.53 -43.95 -22.17
C SER B 296 1.95 -43.41 -23.53
N LYS B 297 1.10 -43.55 -24.54
CA LYS B 297 1.33 -42.93 -25.83
C LYS B 297 0.97 -41.45 -25.72
N ALA B 298 1.95 -40.64 -25.36
CA ALA B 298 1.74 -39.22 -25.18
C ALA B 298 1.71 -38.45 -26.48
N ARG B 299 1.71 -39.12 -27.61
CA ARG B 299 1.54 -38.47 -28.90
C ARG B 299 0.10 -38.53 -29.40
N THR B 300 -0.80 -39.05 -28.59
CA THR B 300 -2.15 -39.35 -29.03
C THR B 300 -3.01 -38.10 -29.10
N LYS B 301 -4.02 -38.15 -29.96
CA LYS B 301 -5.07 -37.15 -30.02
C LYS B 301 -6.40 -37.89 -29.97
N GLY B 302 -7.35 -37.34 -29.23
CA GLY B 302 -8.59 -38.04 -29.01
C GLY B 302 -8.81 -38.25 -27.53
N PRO B 303 -10.07 -38.36 -27.14
CA PRO B 303 -10.41 -38.27 -25.71
C PRO B 303 -9.84 -39.41 -24.90
N LYS B 304 -9.65 -39.15 -23.62
CA LYS B 304 -9.38 -40.23 -22.68
C LYS B 304 -10.55 -41.20 -22.68
N GLY B 305 -10.33 -42.38 -22.13
CA GLY B 305 -11.35 -43.38 -22.05
C GLY B 305 -11.29 -44.36 -23.20
N GLN B 306 -12.40 -45.08 -23.37
CA GLN B 306 -12.46 -46.18 -24.32
C GLN B 306 -11.99 -45.76 -25.70
N LYS B 307 -10.99 -46.46 -26.22
CA LYS B 307 -10.47 -46.27 -27.57
C LYS B 307 -11.11 -47.21 -28.57
N ASN B 308 -12.39 -47.53 -28.38
CA ASN B 308 -13.09 -48.49 -29.23
C ASN B 308 -14.55 -48.06 -29.34
N PRO B 309 -14.79 -46.82 -29.76
CA PRO B 309 -16.12 -46.23 -29.59
C PRO B 309 -17.15 -46.92 -30.48
N ILE B 310 -18.41 -46.69 -30.13
CA ILE B 310 -19.51 -47.31 -30.87
C ILE B 310 -19.70 -46.55 -32.18
N PRO B 311 -19.74 -47.21 -33.32
CA PRO B 311 -19.91 -46.48 -34.59
C PRO B 311 -21.32 -45.90 -34.69
N ILE B 312 -21.42 -44.80 -35.42
CA ILE B 312 -22.65 -44.01 -35.40
C ILE B 312 -23.83 -44.75 -36.00
N ASN B 313 -23.60 -45.73 -36.87
CA ASN B 313 -24.69 -46.36 -37.57
C ASN B 313 -25.30 -47.51 -36.80
N ARG B 314 -25.00 -47.64 -35.51
CA ARG B 314 -25.71 -48.62 -34.72
C ARG B 314 -27.05 -48.06 -34.27
N PHE B 315 -27.82 -48.87 -33.56
CA PHE B 315 -29.09 -48.44 -33.00
C PHE B 315 -28.82 -47.80 -31.63
N ASN B 316 -29.11 -46.51 -31.52
CA ASN B 316 -28.88 -45.72 -30.32
C ASN B 316 -30.21 -45.22 -29.78
N ALA B 317 -30.15 -44.33 -28.80
CA ALA B 317 -31.34 -43.75 -28.21
C ALA B 317 -31.64 -42.35 -28.73
N TYR B 318 -30.73 -41.74 -29.48
CA TYR B 318 -31.03 -40.41 -30.01
C TYR B 318 -31.80 -40.50 -31.31
N ASP B 319 -31.43 -41.43 -32.19
CA ASP B 319 -32.21 -41.65 -33.40
C ASP B 319 -33.29 -42.68 -33.22
N ALA B 320 -33.36 -43.34 -32.07
CA ALA B 320 -34.52 -44.13 -31.74
C ALA B 320 -35.74 -43.26 -31.51
N LEU B 321 -35.55 -41.98 -31.22
CA LEU B 321 -36.65 -41.08 -30.95
C LEU B 321 -36.76 -39.92 -31.91
N THR B 322 -35.67 -39.53 -32.56
CA THR B 322 -35.72 -38.54 -33.64
C THR B 322 -36.23 -39.15 -34.93
N HIS B 323 -36.32 -40.48 -35.01
CA HIS B 323 -37.04 -41.19 -36.06
C HIS B 323 -38.12 -42.02 -35.39
N ASP B 324 -39.38 -41.69 -35.66
CA ASP B 324 -40.44 -42.27 -34.86
C ASP B 324 -40.69 -43.74 -35.20
N THR B 325 -40.88 -44.06 -36.47
CA THR B 325 -41.24 -45.41 -36.85
C THR B 325 -39.99 -46.28 -36.94
N LEU B 326 -40.04 -47.45 -36.32
CA LEU B 326 -38.99 -48.45 -36.44
C LEU B 326 -39.41 -49.48 -37.48
N ILE B 327 -38.49 -49.82 -38.38
CA ILE B 327 -38.78 -50.65 -39.54
C ILE B 327 -37.75 -51.77 -39.55
N ILE B 328 -38.07 -52.89 -38.94
CA ILE B 328 -37.18 -54.04 -38.90
C ILE B 328 -37.54 -54.99 -40.02
N THR B 329 -36.52 -55.60 -40.62
CA THR B 329 -36.70 -56.65 -41.60
C THR B 329 -36.57 -58.00 -40.92
N GLU B 330 -37.16 -59.03 -41.54
CA GLU B 330 -37.18 -60.33 -40.89
C GLU B 330 -35.81 -60.98 -40.86
N GLY B 331 -34.93 -60.63 -41.80
CA GLY B 331 -33.56 -61.07 -41.68
C GLY B 331 -32.90 -60.50 -40.45
N ALA B 332 -33.09 -59.21 -40.20
CA ALA B 332 -32.58 -58.61 -38.97
C ALA B 332 -33.10 -59.33 -37.75
N LEU B 333 -34.34 -59.82 -37.80
CA LEU B 333 -34.91 -60.52 -36.66
C LEU B 333 -34.07 -61.74 -36.30
N LEU B 334 -33.80 -62.60 -37.29
CA LEU B 334 -33.08 -63.84 -37.02
C LEU B 334 -31.75 -63.57 -36.35
N GLN B 335 -31.02 -62.56 -36.81
CA GLN B 335 -29.72 -62.26 -36.20
C GLN B 335 -29.85 -61.80 -34.77
N LEU B 336 -30.89 -61.02 -34.47
CA LEU B 336 -31.13 -60.62 -33.09
C LEU B 336 -31.41 -61.83 -32.21
N GLU B 337 -32.23 -62.75 -32.69
CA GLU B 337 -32.52 -63.94 -31.91
C GLU B 337 -31.32 -64.86 -31.81
N ASP B 338 -30.40 -64.82 -32.77
CA ASP B 338 -29.24 -65.69 -32.68
C ASP B 338 -28.20 -65.14 -31.72
N GLU B 339 -27.83 -63.87 -31.89
CA GLU B 339 -26.76 -63.32 -31.06
C GLU B 339 -27.20 -63.13 -29.62
N MET B 340 -28.48 -62.85 -29.39
CA MET B 340 -28.97 -62.72 -28.03
C MET B 340 -29.30 -64.05 -27.40
N TYR B 341 -29.26 -65.14 -28.16
CA TYR B 341 -29.66 -66.44 -27.63
C TYR B 341 -28.78 -66.86 -26.47
N THR B 342 -27.48 -67.03 -26.73
CA THR B 342 -26.54 -67.43 -25.70
C THR B 342 -26.46 -66.40 -24.58
N HIS B 343 -27.09 -65.26 -24.78
CA HIS B 343 -27.10 -64.23 -23.75
C HIS B 343 -28.23 -64.43 -22.77
N LYS B 344 -29.44 -64.70 -23.26
CA LYS B 344 -30.56 -64.90 -22.35
C LYS B 344 -30.43 -66.19 -21.57
N LEU B 345 -29.69 -67.16 -22.10
CA LEU B 345 -29.55 -68.44 -21.42
C LEU B 345 -28.61 -68.34 -20.24
N ALA B 346 -27.47 -67.65 -20.41
CA ALA B 346 -26.57 -67.43 -19.29
C ALA B 346 -27.14 -66.47 -18.26
N MET B 347 -28.22 -65.75 -18.59
CA MET B 347 -28.88 -64.84 -17.66
C MET B 347 -30.09 -65.47 -16.99
N LEU B 348 -30.05 -66.77 -16.73
CA LEU B 348 -31.12 -67.48 -16.06
C LEU B 348 -30.60 -68.08 -14.76
N PRO B 349 -31.48 -68.32 -13.79
CA PRO B 349 -31.06 -69.01 -12.58
C PRO B 349 -30.68 -70.43 -12.88
N PRO B 350 -29.88 -71.05 -12.00
CA PRO B 350 -29.45 -72.43 -12.27
C PRO B 350 -30.59 -73.42 -12.35
N HIS B 351 -31.49 -73.42 -11.37
CA HIS B 351 -32.60 -74.37 -11.36
C HIS B 351 -33.43 -74.30 -12.63
N ILE B 352 -33.44 -73.16 -13.30
CA ILE B 352 -34.17 -73.03 -14.55
C ILE B 352 -33.27 -73.30 -15.74
N ARG B 353 -32.00 -72.91 -15.66
CA ARG B 353 -31.07 -73.22 -16.73
C ARG B 353 -30.87 -74.72 -16.91
N ALA B 354 -31.23 -75.52 -15.90
CA ALA B 354 -31.07 -76.96 -15.96
C ALA B 354 -32.25 -77.65 -16.63
N GLN B 355 -33.33 -76.93 -16.94
CA GLN B 355 -34.43 -77.49 -17.69
C GLN B 355 -34.34 -77.19 -19.18
N LEU B 356 -33.47 -76.28 -19.58
CA LEU B 356 -33.33 -75.99 -21.01
C LEU B 356 -32.94 -77.20 -21.84
N PRO B 357 -31.98 -78.05 -21.44
CA PRO B 357 -31.66 -79.21 -22.28
C PRO B 357 -32.81 -80.14 -22.51
N GLU B 358 -33.85 -80.06 -21.69
CA GLU B 358 -35.04 -80.88 -21.93
C GLU B 358 -35.95 -80.23 -22.95
N ARG B 359 -36.19 -78.93 -22.82
CA ARG B 359 -37.15 -78.24 -23.66
C ARG B 359 -36.60 -77.88 -25.03
N GLY B 360 -35.57 -78.58 -25.49
CA GLY B 360 -35.06 -78.32 -26.82
C GLY B 360 -34.44 -76.95 -26.98
N PHE B 361 -33.90 -76.39 -25.92
CA PHE B 361 -33.18 -75.13 -26.01
C PHE B 361 -31.73 -75.33 -26.41
N LEU B 362 -31.14 -76.47 -26.08
CA LEU B 362 -29.71 -76.71 -26.20
C LEU B 362 -29.40 -77.80 -27.20
N ASP B 363 -30.08 -77.77 -28.34
CA ASP B 363 -29.81 -78.75 -29.39
C ASP B 363 -28.60 -78.28 -30.19
N SER B 364 -27.45 -78.92 -29.94
CA SER B 364 -26.17 -78.41 -30.43
C SER B 364 -25.95 -78.82 -31.88
N GLU B 365 -25.99 -77.84 -32.78
CA GLU B 365 -25.73 -78.09 -34.19
C GLU B 365 -24.38 -78.73 -34.44
N VAL B 366 -23.51 -78.81 -33.44
CA VAL B 366 -22.18 -79.39 -33.63
C VAL B 366 -22.14 -80.87 -33.24
N LEU B 367 -22.90 -81.27 -32.23
CA LEU B 367 -23.01 -82.68 -31.90
C LEU B 367 -24.03 -83.41 -32.77
N GLY B 368 -24.50 -82.78 -33.85
CA GLY B 368 -25.40 -83.44 -34.75
C GLY B 368 -26.77 -83.75 -34.19
N ASP B 369 -27.06 -83.37 -32.95
CA ASP B 369 -28.36 -83.67 -32.37
C ASP B 369 -29.50 -82.90 -33.02
N VAL B 370 -29.20 -82.05 -34.00
CA VAL B 370 -30.21 -81.32 -34.75
C VAL B 370 -29.60 -80.87 -36.07
N PRO B 371 -30.34 -80.90 -37.17
CA PRO B 371 -29.85 -80.30 -38.41
C PRO B 371 -29.51 -78.83 -38.20
N PRO B 372 -28.62 -78.28 -39.02
CA PRO B 372 -28.11 -76.93 -38.73
C PRO B 372 -29.18 -75.88 -38.97
N ALA B 373 -29.22 -74.90 -38.07
CA ALA B 373 -30.25 -73.88 -38.13
C ALA B 373 -30.00 -72.94 -39.30
N LEU B 374 -31.07 -72.26 -39.71
CA LEU B 374 -30.96 -71.27 -40.77
C LEU B 374 -30.06 -70.14 -40.32
N GLN B 375 -28.98 -69.93 -41.05
CA GLN B 375 -27.96 -68.97 -40.66
C GLN B 375 -27.83 -67.88 -41.70
N THR B 376 -27.23 -66.77 -41.27
CA THR B 376 -27.04 -65.63 -42.16
C THR B 376 -26.20 -66.04 -43.36
N VAL B 377 -26.45 -65.36 -44.49
CA VAL B 377 -25.76 -65.70 -45.73
C VAL B 377 -24.26 -65.68 -45.54
N GLN B 378 -23.75 -64.68 -44.82
CA GLN B 378 -22.30 -64.62 -44.60
C GLN B 378 -21.86 -65.64 -43.57
N MET B 379 -22.59 -65.77 -42.47
CA MET B 379 -22.19 -66.68 -41.42
C MET B 379 -22.48 -68.14 -41.75
N GLU B 380 -23.19 -68.40 -42.84
CA GLU B 380 -23.25 -69.77 -43.34
C GLU B 380 -22.13 -70.02 -44.33
N ALA B 381 -21.84 -69.03 -45.18
CA ALA B 381 -20.70 -69.12 -46.07
C ALA B 381 -19.43 -69.49 -45.32
N ALA B 382 -19.25 -68.91 -44.13
CA ALA B 382 -18.09 -69.23 -43.33
C ALA B 382 -18.21 -70.59 -42.65
N ALA B 383 -19.42 -71.14 -42.61
CA ALA B 383 -19.60 -72.50 -42.12
C ALA B 383 -19.45 -73.53 -43.22
N ARG B 384 -19.63 -73.14 -44.47
CA ARG B 384 -19.29 -74.03 -45.58
C ARG B 384 -17.80 -74.06 -45.83
N THR B 385 -17.12 -72.93 -45.65
CA THR B 385 -15.66 -72.91 -45.72
C THR B 385 -15.05 -73.74 -44.60
N GLU B 386 -15.46 -73.49 -43.36
CA GLU B 386 -14.89 -74.21 -42.24
C GLU B 386 -15.17 -75.70 -42.35
N GLU B 387 -16.35 -76.07 -42.83
CA GLU B 387 -16.64 -77.48 -43.02
C GLU B 387 -15.80 -78.05 -44.15
N ALA B 388 -15.53 -77.23 -45.17
CA ALA B 388 -14.77 -77.71 -46.32
C ALA B 388 -13.38 -78.15 -45.92
N GLU B 389 -12.67 -77.29 -45.21
CA GLU B 389 -11.30 -77.55 -44.78
C GLU B 389 -11.20 -78.40 -43.54
N GLN B 390 -12.29 -79.04 -43.11
CA GLN B 390 -12.26 -79.87 -41.92
C GLN B 390 -11.37 -81.10 -42.14
N ALA B 391 -10.81 -81.23 -43.34
CA ALA B 391 -10.02 -82.39 -43.72
C ALA B 391 -8.53 -82.13 -43.86
N MET B 392 -8.13 -80.89 -44.16
CA MET B 392 -6.72 -80.63 -44.43
C MET B 392 -5.84 -80.85 -43.22
N TYR B 393 -6.39 -80.80 -42.01
CA TYR B 393 -5.62 -81.02 -40.80
C TYR B 393 -5.55 -82.48 -40.41
N ALA B 394 -5.72 -83.39 -41.36
CA ALA B 394 -5.70 -84.81 -41.00
C ALA B 394 -4.30 -85.32 -40.69
N PRO B 395 -3.30 -85.17 -41.56
CA PRO B 395 -2.03 -85.88 -41.33
C PRO B 395 -1.13 -85.25 -40.28
N TYR B 396 -1.53 -84.17 -39.63
CA TYR B 396 -0.64 -83.47 -38.70
C TYR B 396 -1.10 -83.64 -37.26
N TYR B 397 -0.14 -83.71 -36.35
CA TYR B 397 -0.42 -83.89 -34.94
C TYR B 397 -0.90 -82.62 -34.27
N ASP B 398 -1.07 -81.55 -35.04
CA ASP B 398 -1.58 -80.28 -34.52
C ASP B 398 -3.02 -80.04 -34.94
N ASN B 399 -3.72 -81.09 -35.36
CA ASN B 399 -5.10 -80.95 -35.81
C ASN B 399 -5.91 -80.24 -34.74
N PRO B 400 -6.74 -79.25 -35.12
CA PRO B 400 -7.59 -78.59 -34.13
C PRO B 400 -8.87 -79.34 -33.84
N TYR B 401 -9.35 -80.17 -34.76
CA TYR B 401 -10.58 -80.90 -34.54
C TYR B 401 -10.40 -82.19 -33.77
N HIS B 402 -9.22 -82.81 -33.88
CA HIS B 402 -8.85 -83.97 -33.06
C HIS B 402 -7.55 -83.63 -32.34
N PRO B 403 -7.60 -82.77 -31.32
CA PRO B 403 -6.37 -82.42 -30.60
C PRO B 403 -6.03 -83.44 -29.52
N TRP B 404 -4.73 -83.70 -29.39
CA TRP B 404 -4.20 -84.65 -28.43
C TRP B 404 -4.76 -86.05 -28.68
N GLN B 405 -4.38 -86.59 -29.83
CA GLN B 405 -4.79 -87.93 -30.20
C GLN B 405 -4.20 -89.00 -29.28
N ASP B 406 -3.11 -88.70 -28.58
CA ASP B 406 -2.34 -89.73 -27.89
C ASP B 406 -2.36 -89.58 -26.38
N GLU B 407 -3.38 -88.94 -25.84
CA GLU B 407 -3.37 -88.76 -24.39
C GLU B 407 -3.72 -90.01 -23.63
N GLY B 408 -3.71 -91.17 -24.28
CA GLY B 408 -4.01 -92.41 -23.60
C GLY B 408 -2.81 -93.33 -23.49
N GLU B 409 -1.78 -93.06 -24.29
CA GLU B 409 -0.59 -93.88 -24.28
C GLU B 409 0.63 -93.19 -23.72
N ALA B 410 0.53 -91.89 -23.43
CA ALA B 410 1.66 -91.14 -22.88
C ALA B 410 2.13 -91.76 -21.57
N SER B 411 3.45 -91.84 -21.40
CA SER B 411 4.06 -92.44 -20.22
C SER B 411 5.01 -91.41 -19.61
N TYR B 412 4.47 -90.55 -18.74
CA TYR B 412 5.22 -89.42 -18.24
C TYR B 412 6.36 -89.90 -17.34
N ALA B 413 7.55 -89.35 -17.57
CA ALA B 413 8.74 -89.73 -16.82
C ALA B 413 9.47 -88.47 -16.35
N VAL B 414 9.69 -88.38 -15.05
CA VAL B 414 10.40 -87.27 -14.44
C VAL B 414 11.86 -87.66 -14.31
N ASP B 415 12.76 -86.75 -14.69
CA ASP B 415 14.19 -86.94 -14.51
C ASP B 415 14.75 -85.84 -13.61
N ALA B 416 15.81 -86.16 -12.88
CA ALA B 416 16.27 -85.14 -11.90
C ALA B 416 17.63 -84.59 -12.31
N VAL B 417 18.03 -84.80 -13.56
CA VAL B 417 19.27 -84.11 -14.02
C VAL B 417 18.87 -82.80 -14.69
N GLU B 418 17.80 -82.85 -15.51
CA GLU B 418 17.18 -81.64 -16.05
C GLU B 418 15.83 -81.44 -15.39
N GLY B 419 15.38 -80.19 -15.37
CA GLY B 419 14.07 -79.90 -14.83
C GLY B 419 13.02 -80.28 -15.85
N THR B 420 12.78 -81.57 -16.03
CA THR B 420 11.95 -82.04 -17.11
C THR B 420 11.00 -83.12 -16.63
N VAL B 421 9.72 -82.96 -16.93
CA VAL B 421 8.78 -84.05 -16.94
C VAL B 421 8.47 -84.36 -18.41
N GLN B 422 9.00 -85.46 -18.90
CA GLN B 422 8.81 -85.86 -20.29
C GLN B 422 7.82 -87.00 -20.38
N ARG B 423 7.14 -87.07 -21.52
CA ARG B 423 6.19 -88.14 -21.79
C ARG B 423 6.63 -88.93 -23.01
N TYR B 424 6.46 -90.23 -22.93
CA TYR B 424 6.82 -91.14 -24.01
C TYR B 424 5.55 -91.79 -24.53
N ILE B 425 5.46 -91.89 -25.85
CA ILE B 425 4.39 -92.61 -26.51
C ILE B 425 5.03 -93.85 -27.09
N LYS B 426 4.86 -94.98 -26.40
CA LYS B 426 5.45 -96.25 -26.81
C LYS B 426 6.97 -96.13 -26.94
N SER B 427 7.58 -95.73 -25.83
CA SER B 427 9.04 -95.68 -25.66
C SER B 427 9.72 -94.66 -26.55
N ARG B 428 8.95 -93.84 -27.26
CA ARG B 428 9.51 -92.80 -28.11
C ARG B 428 9.09 -91.45 -27.56
N LYS B 429 10.08 -90.62 -27.23
CA LYS B 429 9.83 -89.34 -26.60
C LYS B 429 9.07 -88.42 -27.53
N THR B 430 7.91 -87.95 -27.09
CA THR B 430 7.11 -87.04 -27.87
C THR B 430 6.90 -85.67 -27.25
N SER B 431 7.36 -85.45 -26.02
CA SER B 431 7.41 -84.10 -25.50
C SER B 431 8.29 -83.23 -26.39
N TRP B 432 8.15 -81.92 -26.25
CA TRP B 432 8.95 -80.97 -27.00
C TRP B 432 9.60 -80.00 -26.03
N ALA B 433 10.92 -79.99 -26.00
CA ALA B 433 11.62 -78.96 -25.24
C ALA B 433 11.29 -77.60 -25.83
N MET B 434 10.72 -76.71 -25.02
CA MET B 434 10.28 -75.43 -25.55
C MET B 434 11.49 -74.53 -25.80
N LEU B 435 11.52 -73.92 -26.98
CA LEU B 435 12.67 -73.16 -27.43
C LEU B 435 12.76 -71.86 -26.65
N SER B 436 13.64 -71.83 -25.66
CA SER B 436 13.93 -70.65 -24.86
C SER B 436 12.73 -70.14 -24.04
N VAL C 9 26.08 -31.60 -55.61
CA VAL C 9 25.95 -32.35 -56.85
C VAL C 9 26.93 -33.51 -56.84
N ALA C 10 26.66 -34.53 -57.64
CA ALA C 10 27.56 -35.67 -57.78
C ALA C 10 27.29 -36.33 -59.12
N PRO C 11 28.11 -36.06 -60.12
CA PRO C 11 28.07 -36.89 -61.32
C PRO C 11 28.49 -38.30 -60.99
N TRP C 12 27.71 -39.27 -61.44
CA TRP C 12 28.03 -40.69 -61.26
C TRP C 12 28.16 -41.05 -59.77
N VAL C 13 27.01 -41.09 -59.11
CA VAL C 13 26.94 -41.73 -57.79
C VAL C 13 27.57 -43.11 -57.89
N PRO C 14 28.51 -43.45 -57.02
CA PRO C 14 29.21 -44.73 -57.15
C PRO C 14 28.28 -45.90 -56.90
N PRO C 15 28.67 -47.10 -57.31
CA PRO C 15 27.81 -48.26 -57.10
C PRO C 15 27.99 -48.81 -55.70
N PRO C 16 27.13 -49.76 -55.29
CA PRO C 16 27.33 -50.39 -53.98
C PRO C 16 28.65 -51.13 -53.88
N ARG C 17 28.95 -51.70 -52.72
CA ARG C 17 30.27 -52.25 -52.49
C ARG C 17 30.44 -53.63 -53.13
N HIS C 18 29.63 -54.60 -52.70
CA HIS C 18 29.77 -55.98 -53.16
C HIS C 18 28.42 -56.49 -53.65
N ASP C 19 28.07 -56.15 -54.89
CA ASP C 19 26.85 -56.65 -55.52
C ASP C 19 27.14 -57.84 -56.42
N VAL C 20 28.14 -58.65 -56.05
CA VAL C 20 28.55 -59.76 -56.91
C VAL C 20 27.44 -60.79 -57.07
N LYS C 21 26.64 -61.01 -56.03
CA LYS C 21 25.52 -61.93 -56.15
C LYS C 21 24.53 -61.40 -57.20
N VAL C 22 23.67 -62.30 -57.67
CA VAL C 22 22.76 -61.95 -58.74
C VAL C 22 21.33 -61.89 -58.20
N THR C 23 21.07 -62.62 -57.11
CA THR C 23 19.74 -62.64 -56.52
C THR C 23 19.67 -61.93 -55.18
N MET C 24 20.51 -62.28 -54.23
CA MET C 24 20.42 -61.64 -52.93
C MET C 24 21.10 -60.28 -52.95
N PRO C 25 20.60 -59.33 -52.17
CA PRO C 25 21.17 -57.98 -52.18
C PRO C 25 22.51 -57.95 -51.49
N PRO C 26 23.33 -56.94 -51.78
CA PRO C 26 24.67 -56.89 -51.22
C PRO C 26 24.64 -56.72 -49.71
N PRO C 27 25.70 -57.10 -49.02
CA PRO C 27 25.72 -56.98 -47.58
C PRO C 27 25.88 -55.53 -47.16
N PRO C 28 25.59 -55.19 -45.91
CA PRO C 28 25.77 -53.80 -45.47
C PRO C 28 27.23 -53.39 -45.53
N GLY C 29 27.45 -52.09 -45.49
CA GLY C 29 28.80 -51.57 -45.52
C GLY C 29 29.56 -51.90 -44.26
N GLY C 30 30.83 -51.53 -44.27
CA GLY C 30 31.70 -51.89 -43.17
C GLY C 30 32.09 -53.35 -43.22
N GLU C 31 31.08 -54.22 -43.20
CA GLU C 31 31.27 -55.64 -43.50
C GLU C 31 32.17 -55.82 -44.72
N VAL C 32 31.87 -55.10 -45.80
CA VAL C 32 32.68 -55.09 -47.00
C VAL C 32 33.54 -53.85 -47.11
N GLY C 33 33.55 -52.99 -46.10
CA GLY C 33 34.39 -51.82 -46.13
C GLY C 33 33.61 -50.60 -46.55
N GLY C 34 33.17 -49.82 -45.56
CA GLY C 34 32.35 -48.67 -45.82
C GLY C 34 32.06 -47.91 -44.55
N SER C 35 30.79 -47.53 -44.36
CA SER C 35 30.39 -46.80 -43.17
C SER C 35 29.31 -47.59 -42.46
N TYR C 36 29.56 -47.94 -41.21
CA TYR C 36 28.55 -48.61 -40.41
C TYR C 36 27.36 -47.68 -40.19
N GLY C 37 26.19 -48.26 -40.03
CA GLY C 37 25.01 -47.45 -39.81
C GLY C 37 23.73 -47.97 -40.40
N VAL C 38 23.79 -49.04 -41.19
CA VAL C 38 22.60 -49.71 -41.68
C VAL C 38 22.78 -51.21 -41.53
N SER C 39 21.70 -51.90 -41.17
CA SER C 39 21.71 -53.35 -41.05
C SER C 39 21.12 -54.04 -42.26
N THR C 40 20.93 -53.34 -43.36
CA THR C 40 20.41 -53.92 -44.59
C THR C 40 21.39 -53.68 -45.73
N GLY C 41 21.04 -54.23 -46.88
CA GLY C 41 21.77 -53.95 -48.10
C GLY C 41 20.79 -53.80 -49.24
N TYR C 42 20.92 -52.75 -50.03
CA TYR C 42 19.98 -52.48 -51.10
C TYR C 42 20.75 -52.18 -52.37
N SER C 43 20.63 -53.07 -53.35
CA SER C 43 21.16 -52.85 -54.69
C SER C 43 20.01 -52.41 -55.58
N ASP C 44 20.02 -51.12 -55.94
CA ASP C 44 18.97 -50.61 -56.83
C ASP C 44 18.95 -51.36 -58.15
N ARG C 45 20.11 -51.80 -58.62
CA ARG C 45 20.15 -52.64 -59.82
C ARG C 45 19.42 -53.95 -59.60
N LEU C 46 19.49 -54.50 -58.39
CA LEU C 46 18.84 -55.77 -58.11
C LEU C 46 17.32 -55.63 -58.05
N ALA C 47 16.84 -54.56 -57.43
CA ALA C 47 15.40 -54.36 -57.32
C ALA C 47 14.79 -54.02 -58.67
N ARG C 48 15.39 -53.06 -59.38
CA ARG C 48 14.86 -52.67 -60.68
C ARG C 48 14.91 -53.81 -61.68
N THR C 49 15.84 -54.73 -61.52
CA THR C 49 15.82 -55.97 -62.29
C THR C 49 14.58 -56.76 -61.92
N PRO C 50 13.73 -57.14 -62.87
CA PRO C 50 12.47 -57.79 -62.50
C PRO C 50 12.66 -59.21 -62.03
N TYR C 51 11.58 -59.91 -61.71
CA TYR C 51 11.75 -61.23 -61.11
C TYR C 51 12.10 -62.28 -62.15
N TRP C 52 11.35 -62.32 -63.26
CA TRP C 52 11.64 -63.29 -64.30
C TRP C 52 13.07 -63.15 -64.81
N LYS C 53 13.64 -61.97 -64.70
CA LYS C 53 15.05 -61.79 -65.04
C LYS C 53 15.95 -62.31 -63.92
N ARG C 54 15.67 -61.91 -62.69
CA ARG C 54 16.54 -62.28 -61.58
C ARG C 54 16.60 -63.79 -61.40
N MET C 55 15.52 -64.50 -61.71
CA MET C 55 15.53 -65.95 -61.66
C MET C 55 16.11 -66.55 -62.93
N ALA C 56 16.09 -65.82 -64.04
CA ALA C 56 16.65 -66.32 -65.30
C ALA C 56 18.15 -66.54 -65.17
N LEU C 57 18.87 -65.52 -64.77
CA LEU C 57 20.32 -65.54 -64.79
C LEU C 57 20.93 -66.43 -63.73
N SER C 58 20.13 -67.27 -63.06
CA SER C 58 20.67 -68.17 -62.04
C SER C 58 20.03 -69.54 -62.20
N THR C 59 20.60 -70.51 -61.51
CA THR C 59 20.08 -71.88 -61.47
C THR C 59 19.86 -72.28 -60.02
N TYR C 60 19.04 -73.32 -59.84
CA TYR C 60 18.68 -73.73 -58.50
C TYR C 60 19.91 -74.06 -57.66
N ALA C 61 20.89 -74.73 -58.25
CA ALA C 61 22.12 -75.01 -57.53
C ALA C 61 22.79 -73.73 -57.08
N LEU C 62 22.66 -72.65 -57.85
CA LEU C 62 23.30 -71.40 -57.49
C LEU C 62 22.46 -70.59 -56.52
N ARG C 63 21.13 -70.65 -56.67
CA ARG C 63 20.25 -69.91 -55.76
C ARG C 63 20.47 -70.35 -54.32
N MET C 64 20.66 -71.65 -54.10
CA MET C 64 21.00 -72.16 -52.79
C MET C 64 22.45 -71.90 -52.42
N LYS C 65 23.17 -71.11 -53.22
CA LYS C 65 24.56 -70.79 -52.93
C LYS C 65 24.80 -69.30 -52.79
N GLU C 66 23.78 -68.46 -52.87
CA GLU C 66 23.88 -67.08 -52.45
C GLU C 66 22.77 -66.66 -51.50
N ASN C 67 21.71 -67.46 -51.38
CA ASN C 67 20.89 -67.41 -50.18
C ASN C 67 21.62 -67.98 -48.98
N GLU C 68 22.87 -68.39 -49.16
CA GLU C 68 23.61 -69.09 -48.14
C GLU C 68 23.65 -68.29 -46.85
N THR C 69 23.53 -68.99 -45.73
CA THR C 69 23.47 -68.36 -44.43
C THR C 69 24.75 -68.61 -43.63
N ARG C 70 25.17 -67.60 -42.89
CA ARG C 70 26.25 -67.69 -41.92
C ARG C 70 25.81 -67.15 -40.58
N TYR C 71 24.50 -67.26 -40.31
CA TYR C 71 23.80 -66.40 -39.35
C TYR C 71 24.59 -66.03 -38.10
N PRO C 72 25.20 -66.95 -37.36
CA PRO C 72 25.97 -66.51 -36.19
C PRO C 72 27.28 -65.83 -36.53
N MET C 73 27.67 -65.71 -37.80
CA MET C 73 28.97 -65.15 -38.16
C MET C 73 28.85 -64.30 -39.41
N SER C 74 29.92 -63.58 -39.72
CA SER C 74 29.94 -62.75 -40.91
C SER C 74 30.66 -63.47 -42.04
N PRO C 75 30.08 -63.44 -43.24
CA PRO C 75 30.73 -64.10 -44.38
C PRO C 75 31.89 -63.31 -44.96
N HIS C 76 32.08 -62.05 -44.56
CA HIS C 76 33.14 -61.21 -45.09
C HIS C 76 34.19 -60.82 -44.06
N ARG C 77 33.79 -60.52 -42.83
CA ARG C 77 34.72 -60.13 -41.78
C ARG C 77 34.98 -61.36 -40.90
N GLU C 78 36.12 -61.99 -41.11
CA GLU C 78 36.42 -63.25 -40.44
C GLU C 78 36.42 -63.07 -38.93
N GLY C 79 35.90 -64.08 -38.23
CA GLY C 79 35.82 -64.04 -36.79
C GLY C 79 34.82 -63.05 -36.22
N GLU C 80 34.06 -62.38 -37.07
CA GLU C 80 33.16 -61.31 -36.64
C GLU C 80 31.72 -61.75 -36.78
N TYR C 81 30.88 -61.33 -35.82
CA TYR C 81 29.46 -61.60 -35.89
C TYR C 81 28.83 -60.88 -37.07
N ASP C 82 27.68 -61.38 -37.50
CA ASP C 82 27.00 -60.85 -38.68
C ASP C 82 26.42 -59.50 -38.33
N LEU C 83 27.07 -58.44 -38.76
CA LEU C 83 26.55 -57.13 -38.34
C LEU C 83 25.36 -56.72 -39.10
N ARG C 84 24.79 -57.66 -39.84
CA ARG C 84 23.42 -57.52 -40.27
C ARG C 84 22.44 -57.92 -39.18
N TYR C 85 22.86 -58.82 -38.28
CA TYR C 85 21.99 -59.38 -37.27
C TYR C 85 22.36 -58.95 -35.85
N THR C 86 23.27 -58.00 -35.70
CA THR C 86 23.57 -57.48 -34.38
C THR C 86 22.52 -56.44 -33.98
N VAL C 87 22.66 -55.90 -32.76
CA VAL C 87 21.74 -54.87 -32.31
C VAL C 87 21.91 -53.61 -33.15
N THR C 88 23.16 -53.25 -33.45
CA THR C 88 23.46 -52.06 -34.21
C THR C 88 24.49 -52.38 -35.27
N ALA C 89 24.41 -51.67 -36.38
CA ALA C 89 25.29 -51.91 -37.52
C ALA C 89 26.75 -51.60 -37.23
N TYR C 90 27.07 -51.17 -36.09
CA TYR C 90 28.47 -50.82 -35.91
C TYR C 90 29.27 -52.05 -35.49
N PRO C 91 30.58 -52.06 -35.74
CA PRO C 91 31.36 -53.25 -35.40
C PRO C 91 31.35 -53.48 -33.91
N ASP C 92 31.70 -54.71 -33.52
CA ASP C 92 31.59 -55.09 -32.13
C ASP C 92 32.38 -54.15 -31.25
N HIS C 93 31.93 -54.02 -30.00
CA HIS C 93 32.50 -53.06 -29.07
C HIS C 93 33.23 -53.72 -27.91
N ILE C 94 32.92 -54.96 -27.58
CA ILE C 94 33.61 -55.63 -26.48
C ILE C 94 34.82 -56.40 -26.99
N LYS C 95 34.68 -57.08 -28.12
CA LYS C 95 35.81 -57.74 -28.76
C LYS C 95 36.72 -56.76 -29.48
N HIS C 96 36.54 -55.46 -29.23
CA HIS C 96 37.36 -54.42 -29.82
C HIS C 96 37.81 -53.40 -28.78
N ARG C 97 37.79 -53.75 -27.51
CA ARG C 97 38.05 -52.79 -26.46
C ARG C 97 39.51 -52.33 -26.51
N PRO C 98 39.79 -51.11 -26.05
CA PRO C 98 41.18 -50.64 -26.05
C PRO C 98 42.02 -51.31 -24.98
N LEU C 99 43.23 -50.83 -24.78
CA LEU C 99 44.10 -51.39 -23.77
C LEU C 99 43.53 -51.21 -22.36
N LEU C 100 43.44 -49.96 -21.92
CA LEU C 100 43.05 -49.68 -20.55
C LEU C 100 41.54 -49.64 -20.41
N GLU C 101 41.04 -50.23 -19.33
CA GLU C 101 39.62 -50.19 -19.03
C GLU C 101 39.27 -48.77 -18.56
N ILE C 102 38.04 -48.59 -18.09
CA ILE C 102 37.57 -47.24 -17.81
C ILE C 102 38.30 -46.66 -16.60
N GLY C 103 38.66 -47.50 -15.64
CA GLY C 103 39.29 -46.99 -14.44
C GLY C 103 40.49 -47.80 -13.99
N GLU C 104 41.17 -48.46 -14.92
CA GLU C 104 42.32 -49.27 -14.57
C GLU C 104 43.61 -48.52 -14.88
N ALA C 105 44.68 -48.89 -14.17
CA ALA C 105 45.95 -48.21 -14.29
C ALA C 105 46.77 -48.81 -15.43
N HIS C 106 47.67 -47.99 -15.98
CA HIS C 106 48.48 -48.40 -17.12
C HIS C 106 49.65 -49.25 -16.63
N GLN C 107 49.32 -50.40 -16.05
CA GLN C 107 50.30 -51.29 -15.45
C GLN C 107 50.77 -52.36 -16.43
N ILE C 108 50.80 -52.07 -17.72
CA ILE C 108 51.29 -52.99 -18.74
C ILE C 108 52.78 -53.23 -18.50
N PRO C 109 53.18 -54.43 -18.13
CA PRO C 109 54.58 -54.63 -17.72
C PRO C 109 55.56 -54.68 -18.87
N THR C 110 56.82 -55.00 -18.57
CA THR C 110 57.86 -55.14 -19.57
C THR C 110 57.56 -56.35 -20.43
N ILE C 111 57.29 -56.14 -21.69
CA ILE C 111 57.02 -57.23 -22.61
C ILE C 111 58.27 -57.48 -23.44
N GLU C 112 58.52 -58.74 -23.77
CA GLU C 112 59.63 -59.12 -24.62
C GLU C 112 59.09 -59.81 -25.86
N ILE C 113 59.54 -59.38 -27.02
CA ILE C 113 58.98 -59.84 -28.29
C ILE C 113 59.98 -60.71 -29.03
N PRO C 114 59.54 -61.72 -29.78
CA PRO C 114 60.49 -62.53 -30.53
C PRO C 114 60.87 -61.86 -31.82
N VAL C 115 62.13 -62.02 -32.21
CA VAL C 115 62.63 -61.53 -33.48
C VAL C 115 63.63 -62.54 -34.03
N ILE C 116 63.44 -62.93 -35.27
CA ILE C 116 64.43 -63.74 -35.96
C ILE C 116 65.67 -62.90 -36.18
N PHE C 117 66.83 -63.52 -36.07
CA PHE C 117 68.10 -62.83 -36.18
C PHE C 117 68.75 -63.12 -37.52
N LEU C 118 69.07 -62.06 -38.26
CA LEU C 118 69.66 -62.17 -39.58
C LEU C 118 71.17 -62.00 -39.56
N VAL C 119 71.77 -61.90 -38.37
CA VAL C 119 73.18 -61.56 -38.21
C VAL C 119 73.64 -62.16 -36.89
N ASN C 120 74.83 -62.78 -36.91
CA ASN C 120 75.36 -63.38 -35.70
C ASN C 120 75.83 -62.31 -34.73
N LEU C 121 74.91 -61.54 -34.19
CA LEU C 121 75.27 -60.38 -33.38
C LEU C 121 76.02 -60.81 -32.14
N TRP C 122 77.23 -60.29 -31.99
CA TRP C 122 78.14 -60.72 -30.89
C TRP C 122 78.30 -59.58 -29.89
N ASP C 123 77.66 -59.68 -28.72
CA ASP C 123 77.73 -58.57 -27.74
C ASP C 123 79.18 -58.41 -27.32
N GLU C 124 79.68 -57.19 -27.34
CA GLU C 124 81.07 -56.95 -26.87
C GLU C 124 81.18 -57.25 -25.39
N GLU C 125 80.21 -56.78 -24.59
CA GLU C 125 80.34 -56.90 -23.12
C GLU C 125 80.32 -58.36 -22.65
N ARG C 126 79.44 -59.21 -23.17
CA ARG C 126 79.36 -60.59 -22.62
C ARG C 126 80.05 -61.59 -23.55
N LEU C 127 80.49 -61.16 -24.74
CA LEU C 127 81.07 -62.10 -25.73
C LEU C 127 79.98 -63.10 -26.08
N THR C 128 78.71 -62.74 -25.84
CA THR C 128 77.59 -63.67 -26.04
C THR C 128 76.79 -63.30 -27.27
N TRP C 129 76.48 -64.29 -28.10
CA TRP C 129 75.61 -64.02 -29.27
C TRP C 129 74.27 -63.56 -28.73
N PHE C 130 73.78 -62.39 -29.13
CA PHE C 130 72.35 -62.16 -29.08
C PHE C 130 71.62 -63.29 -29.77
N GLY C 131 72.23 -63.84 -30.83
CA GLY C 131 71.70 -64.98 -31.55
C GLY C 131 72.41 -65.19 -32.88
N ARG C 132 72.36 -66.40 -33.40
CA ARG C 132 72.95 -66.67 -34.71
C ARG C 132 71.95 -66.33 -35.80
N GLN C 133 72.34 -66.54 -37.05
CA GLN C 133 71.43 -66.26 -38.16
C GLN C 133 70.28 -67.24 -38.13
N TYR C 134 69.06 -66.71 -38.30
CA TYR C 134 67.81 -67.49 -38.23
C TYR C 134 67.65 -68.12 -36.85
N GLU C 135 67.47 -67.24 -35.87
CA GLU C 135 67.34 -67.64 -34.48
C GLU C 135 66.45 -66.63 -33.78
N THR C 136 65.26 -67.07 -33.36
CA THR C 136 64.25 -66.20 -32.78
C THR C 136 64.45 -66.16 -31.27
N VAL C 137 64.65 -64.97 -30.72
CA VAL C 137 64.95 -64.79 -29.31
C VAL C 137 64.06 -63.67 -28.77
N TYR C 138 63.57 -63.86 -27.56
CA TYR C 138 62.73 -62.87 -26.91
C TYR C 138 63.61 -61.79 -26.32
N VAL C 139 63.63 -60.63 -26.95
CA VAL C 139 64.43 -59.50 -26.50
C VAL C 139 63.52 -58.39 -26.04
N ASN C 140 64.10 -57.40 -25.36
CA ASN C 140 63.35 -56.25 -24.91
C ASN C 140 62.73 -55.54 -26.10
N ARG C 141 61.73 -54.70 -25.83
CA ARG C 141 60.94 -54.15 -26.92
C ARG C 141 61.66 -53.00 -27.63
N ASN C 142 62.25 -52.08 -26.89
CA ASN C 142 62.89 -50.94 -27.54
C ASN C 142 64.16 -51.35 -28.27
N VAL C 143 64.93 -52.29 -27.70
CA VAL C 143 66.07 -52.83 -28.41
C VAL C 143 65.65 -53.31 -29.79
N ALA C 144 64.60 -54.14 -29.84
CA ALA C 144 64.08 -54.57 -31.12
C ALA C 144 63.44 -53.42 -31.89
N ARG C 145 63.13 -52.32 -31.21
CA ARG C 145 62.49 -51.19 -31.88
C ARG C 145 63.50 -50.17 -32.37
N GLU C 146 64.60 -49.99 -31.65
CA GLU C 146 65.55 -48.93 -31.95
C GLU C 146 66.96 -49.42 -32.21
N GLU C 147 67.29 -50.67 -31.90
CA GLU C 147 68.65 -51.17 -32.03
C GLU C 147 68.76 -52.28 -33.06
N LEU C 148 67.94 -53.31 -32.96
CA LEU C 148 68.10 -54.49 -33.80
C LEU C 148 67.41 -54.35 -35.15
N LEU C 149 66.35 -53.57 -35.22
CA LEU C 149 65.62 -53.43 -36.47
C LEU C 149 66.21 -52.38 -37.43
N PRO C 150 66.65 -51.20 -36.95
CA PRO C 150 67.21 -50.22 -37.88
C PRO C 150 68.48 -50.69 -38.58
N GLN C 151 69.50 -51.09 -37.83
CA GLN C 151 70.56 -51.88 -38.45
C GLN C 151 69.96 -53.22 -38.83
N ARG C 152 70.05 -53.59 -40.10
CA ARG C 152 69.24 -54.70 -40.55
C ARG C 152 69.76 -55.99 -39.94
N TYR C 153 69.63 -56.11 -38.62
CA TYR C 153 70.17 -57.22 -37.88
C TYR C 153 69.12 -58.21 -37.41
N ALA C 154 67.84 -57.90 -37.59
CA ALA C 154 66.75 -58.74 -37.14
C ALA C 154 65.46 -58.19 -37.72
N ILE C 155 64.42 -59.03 -37.75
CA ILE C 155 63.11 -58.62 -38.20
C ILE C 155 62.08 -59.19 -37.24
N TYR C 156 60.90 -58.58 -37.24
CA TYR C 156 59.85 -58.99 -36.33
C TYR C 156 59.42 -60.40 -36.64
N ALA C 157 59.43 -61.25 -35.62
CA ALA C 157 59.19 -62.66 -35.85
C ALA C 157 57.71 -62.96 -36.03
N THR C 158 57.08 -62.28 -36.99
CA THR C 158 55.71 -62.64 -37.34
C THR C 158 55.68 -63.99 -38.02
N GLU C 159 54.53 -64.62 -37.99
CA GLU C 159 54.41 -65.94 -38.57
C GLU C 159 54.37 -65.90 -40.08
N GLU C 160 54.66 -64.77 -40.70
CA GLU C 160 54.84 -64.69 -42.14
C GLU C 160 56.28 -64.40 -42.54
N ALA C 161 57.15 -64.05 -41.60
CA ALA C 161 58.57 -63.98 -41.88
C ALA C 161 59.27 -65.31 -41.65
N TYR C 162 58.69 -66.17 -40.80
CA TYR C 162 59.15 -67.55 -40.72
C TYR C 162 59.03 -68.25 -42.06
N LYS C 163 58.09 -67.81 -42.90
CA LYS C 163 57.94 -68.39 -44.22
C LYS C 163 58.89 -67.75 -45.22
N LEU C 164 59.06 -66.43 -45.14
CA LEU C 164 59.97 -65.75 -46.05
C LEU C 164 61.41 -66.19 -45.83
N LEU C 165 61.75 -66.53 -44.59
CA LEU C 165 63.11 -66.87 -44.26
C LEU C 165 63.38 -68.36 -44.28
N GLY C 166 62.62 -69.11 -45.07
CA GLY C 166 62.81 -70.56 -45.14
C GLY C 166 62.79 -71.25 -43.81
N LEU C 167 62.18 -70.63 -42.80
CA LEU C 167 62.16 -71.18 -41.46
C LEU C 167 60.91 -72.03 -41.26
N PRO C 168 60.87 -72.83 -40.20
CA PRO C 168 59.62 -73.50 -39.82
C PRO C 168 58.77 -72.55 -39.00
N VAL C 169 57.53 -72.32 -39.43
CA VAL C 169 56.67 -71.32 -38.83
C VAL C 169 56.20 -71.84 -37.48
N VAL C 170 56.71 -71.26 -36.40
CA VAL C 170 56.34 -71.65 -35.04
C VAL C 170 55.53 -70.53 -34.42
N ASN C 171 54.55 -70.92 -33.60
CA ASN C 171 53.66 -69.94 -32.97
C ASN C 171 54.31 -69.36 -31.73
N HIS C 172 54.04 -68.08 -31.48
CA HIS C 172 54.64 -67.40 -30.34
C HIS C 172 53.64 -66.61 -29.52
N SER C 173 52.36 -66.60 -29.89
CA SER C 173 51.39 -65.74 -29.22
C SER C 173 51.89 -64.31 -29.14
N ILE C 174 52.47 -63.84 -30.25
CA ILE C 174 53.19 -62.56 -30.23
C ILE C 174 52.19 -61.43 -30.14
N HIS C 175 51.99 -60.93 -28.92
CA HIS C 175 51.10 -59.80 -28.68
C HIS C 175 49.69 -60.07 -29.18
N GLU C 176 49.29 -61.34 -29.23
CA GLU C 176 47.89 -61.64 -29.57
C GLU C 176 46.98 -60.90 -28.62
N GLU C 177 47.07 -61.22 -27.34
CA GLU C 177 46.58 -60.34 -26.29
C GLU C 177 47.78 -59.61 -25.70
N ILE C 178 47.61 -58.33 -25.39
CA ILE C 178 48.62 -57.55 -24.70
C ILE C 178 48.34 -57.65 -23.20
N PRO C 179 49.18 -58.33 -22.43
CA PRO C 179 48.88 -58.52 -21.00
C PRO C 179 49.00 -57.24 -20.21
N LYS C 180 47.87 -56.70 -19.75
CA LYS C 180 47.87 -55.43 -19.04
C LYS C 180 48.45 -55.54 -17.63
N THR C 181 48.70 -56.74 -17.14
CA THR C 181 49.05 -56.95 -15.75
C THR C 181 50.28 -57.83 -15.70
N PRO C 182 51.16 -57.64 -14.70
CA PRO C 182 52.29 -58.57 -14.54
C PRO C 182 51.85 -60.00 -14.30
N HIS C 183 50.70 -60.21 -13.65
CA HIS C 183 50.11 -61.54 -13.61
C HIS C 183 49.61 -61.97 -14.98
N ALA C 184 48.96 -61.05 -15.70
CA ALA C 184 48.51 -61.36 -17.05
C ALA C 184 49.70 -61.63 -17.97
N TYR C 185 50.86 -61.06 -17.66
CA TYR C 185 52.06 -61.32 -18.44
C TYR C 185 52.69 -62.63 -18.02
N LYS C 186 52.98 -62.78 -16.73
CA LYS C 186 53.61 -63.99 -16.24
C LYS C 186 52.73 -65.22 -16.43
N LYS C 187 51.49 -65.05 -16.84
CA LYS C 187 50.69 -66.17 -17.32
C LYS C 187 50.88 -66.38 -18.81
N LEU C 188 50.89 -65.30 -19.59
CA LEU C 188 51.17 -65.41 -21.01
C LEU C 188 52.54 -66.03 -21.26
N LEU C 189 53.49 -65.81 -20.35
CA LEU C 189 54.75 -66.51 -20.43
C LEU C 189 54.55 -68.01 -20.29
N GLU C 190 53.64 -68.42 -19.42
CA GLU C 190 53.39 -69.84 -19.23
C GLU C 190 52.67 -70.45 -20.41
N LYS C 191 52.31 -69.66 -21.41
CA LYS C 191 51.71 -70.20 -22.62
C LYS C 191 52.76 -70.57 -23.65
N GLN C 192 53.71 -69.67 -23.92
CA GLN C 192 54.78 -70.00 -24.83
C GLN C 192 55.61 -71.16 -24.31
N SER C 193 55.77 -71.24 -22.99
CA SER C 193 56.42 -72.39 -22.39
C SER C 193 55.67 -73.68 -22.67
N TYR C 194 54.42 -73.58 -23.13
CA TYR C 194 53.67 -74.72 -23.61
C TYR C 194 53.78 -74.91 -25.12
N THR C 195 53.97 -73.82 -25.87
CA THR C 195 54.14 -73.96 -27.30
C THR C 195 55.55 -74.42 -27.65
N GLU C 196 56.56 -73.81 -27.05
CA GLU C 196 57.94 -74.11 -27.37
C GLU C 196 58.49 -75.28 -26.58
N GLU C 197 57.76 -75.76 -25.58
CA GLU C 197 58.17 -76.94 -24.82
C GLU C 197 56.98 -77.87 -24.63
N ARG C 198 56.27 -78.13 -25.73
CA ARG C 198 55.11 -79.00 -25.66
C ARG C 198 55.46 -80.34 -25.01
N TRP C 199 56.55 -80.96 -25.46
CA TRP C 199 56.98 -82.24 -24.90
C TRP C 199 57.34 -82.14 -23.43
N LYS C 200 57.59 -80.93 -22.91
CA LYS C 200 57.82 -80.79 -21.48
C LYS C 200 56.57 -81.08 -20.68
N TYR C 201 55.40 -81.03 -21.32
CA TYR C 201 54.14 -81.22 -20.62
C TYR C 201 53.33 -82.41 -21.10
N THR C 202 53.44 -82.80 -22.38
CA THR C 202 52.63 -83.89 -22.93
C THR C 202 52.54 -85.07 -21.98
N ILE C 203 53.66 -85.39 -21.35
CA ILE C 203 53.68 -86.30 -20.21
C ILE C 203 54.72 -85.72 -19.26
N GLU C 204 55.07 -86.45 -18.21
CA GLU C 204 56.17 -86.09 -17.34
C GLU C 204 57.37 -85.61 -18.13
N TYR C 205 58.01 -84.57 -17.61
CA TYR C 205 59.30 -84.16 -18.15
C TYR C 205 60.29 -85.32 -18.06
N LEU C 206 60.59 -85.78 -16.85
CA LEU C 206 61.34 -87.01 -16.62
C LEU C 206 61.13 -87.45 -15.17
N PHE C 207 60.39 -88.54 -14.97
CA PHE C 207 59.97 -88.91 -13.62
C PHE C 207 61.15 -89.45 -12.83
N ARG C 208 62.00 -88.51 -12.40
CA ARG C 208 63.02 -88.82 -11.40
C ARG C 208 62.41 -89.44 -10.16
N LYS C 209 61.14 -89.14 -9.88
CA LYS C 209 60.53 -89.55 -8.63
C LYS C 209 60.31 -91.05 -8.56
N TYR C 210 60.08 -91.72 -9.70
CA TYR C 210 59.61 -93.10 -9.71
C TYR C 210 60.56 -94.00 -10.48
N GLU C 211 61.86 -93.91 -10.18
CA GLU C 211 62.84 -94.85 -10.74
C GLU C 211 63.97 -95.00 -9.73
N ALA C 212 63.88 -96.05 -8.90
CA ALA C 212 64.91 -96.38 -7.92
C ALA C 212 65.16 -95.20 -6.97
N ASP C 213 64.14 -94.92 -6.16
CA ASP C 213 64.13 -93.68 -5.38
C ASP C 213 65.23 -93.64 -4.32
N PRO C 214 65.38 -94.64 -3.44
CA PRO C 214 66.60 -94.72 -2.61
C PRO C 214 67.61 -95.70 -3.19
N PRO C 215 68.34 -95.34 -4.25
CA PRO C 215 69.25 -96.31 -4.85
C PRO C 215 70.65 -96.27 -4.23
N GLU C 216 71.00 -95.15 -3.60
CA GLU C 216 72.33 -94.95 -3.04
C GLU C 216 72.38 -95.26 -1.55
N LEU C 217 71.43 -96.05 -1.06
CA LEU C 217 71.62 -96.70 0.23
C LEU C 217 72.83 -97.61 0.20
N GLN C 218 73.18 -98.13 -0.98
CA GLN C 218 74.28 -99.06 -1.18
C GLN C 218 75.43 -98.42 -1.94
N ASP C 219 76.61 -99.04 -1.80
CA ASP C 219 77.78 -98.73 -2.61
C ASP C 219 78.19 -97.26 -2.52
N LYS C 220 78.52 -96.81 -1.32
CA LYS C 220 79.19 -95.53 -1.09
C LYS C 220 78.54 -94.37 -1.84
N PRO D 14 -10.89 26.92 141.00
CA PRO D 14 -10.67 28.37 140.93
C PRO D 14 -11.91 29.12 140.50
N LYS D 15 -11.80 29.93 139.43
CA LYS D 15 -12.91 30.74 138.94
C LYS D 15 -12.91 30.74 137.43
N THR D 16 -13.96 30.18 136.84
CA THR D 16 -14.16 30.26 135.40
C THR D 16 -14.69 31.65 135.04
N VAL D 17 -14.17 32.20 133.94
CA VAL D 17 -14.47 33.58 133.58
C VAL D 17 -15.94 33.78 133.27
N ASN D 18 -16.63 32.73 132.85
CA ASN D 18 -18.04 32.79 132.50
C ASN D 18 -18.71 31.49 132.93
N ILE D 19 -19.92 31.61 133.47
CA ILE D 19 -20.68 30.41 133.79
C ILE D 19 -21.41 29.87 132.56
N GLU D 20 -21.48 30.68 131.50
CA GLU D 20 -21.73 30.24 130.09
C GLU D 20 -20.38 29.97 129.42
N PRO D 21 -19.83 28.74 129.44
CA PRO D 21 -18.47 28.51 128.95
C PRO D 21 -18.22 28.53 127.43
N GLY D 22 -17.47 29.50 126.91
CA GLY D 22 -17.31 29.63 125.46
C GLY D 22 -18.38 30.53 124.82
N SER D 23 -19.25 31.14 125.61
CA SER D 23 -20.30 32.05 125.07
C SER D 23 -19.71 33.38 124.60
N ASN D 24 -19.04 34.13 125.51
CA ASN D 24 -18.13 35.23 125.21
C ASN D 24 -18.26 35.57 123.74
N ARG D 25 -19.30 36.34 123.41
CA ARG D 25 -19.61 36.65 122.01
C ARG D 25 -18.50 37.44 121.35
N PHE D 26 -17.82 38.30 122.11
CA PHE D 26 -16.78 39.15 121.57
C PHE D 26 -15.93 39.67 122.73
N LEU D 27 -15.01 40.59 122.42
CA LEU D 27 -14.12 41.15 123.42
C LEU D 27 -14.88 42.10 124.35
N ASP D 28 -14.13 42.75 125.24
CA ASP D 28 -14.74 43.68 126.17
C ASP D 28 -15.26 44.90 125.44
N PRO D 29 -16.25 45.59 126.00
CA PRO D 29 -16.90 46.70 125.28
C PRO D 29 -16.04 47.95 125.18
N ASN D 30 -14.75 47.84 125.48
CA ASN D 30 -13.83 48.97 125.38
C ASN D 30 -13.00 48.90 124.10
N VAL D 31 -12.24 47.82 123.90
CA VAL D 31 -11.43 47.71 122.70
C VAL D 31 -12.30 47.63 121.45
N GLU D 32 -13.52 47.12 121.60
CA GLU D 32 -14.37 46.96 120.43
C GLU D 32 -14.86 48.31 119.92
N ALA D 33 -15.29 49.19 120.83
CA ALA D 33 -15.58 50.57 120.44
C ALA D 33 -14.41 51.18 119.69
N LYS D 34 -13.19 50.82 120.07
CA LYS D 34 -12.02 51.22 119.28
C LYS D 34 -11.85 50.32 118.07
N ALA D 35 -12.11 49.02 118.20
CA ALA D 35 -12.02 48.13 117.06
C ALA D 35 -12.99 48.50 115.95
N LYS D 36 -14.08 49.19 116.28
CA LYS D 36 -14.92 49.85 115.28
C LYS D 36 -14.45 51.26 114.96
N ASP D 37 -13.51 51.81 115.74
CA ASP D 37 -13.11 53.20 115.58
C ASP D 37 -12.02 53.37 114.55
N ILE D 38 -10.86 52.75 114.77
CA ILE D 38 -9.75 52.92 113.83
C ILE D 38 -9.81 51.94 112.67
N PHE D 39 -10.59 50.87 112.78
CA PHE D 39 -10.87 50.00 111.66
C PHE D 39 -12.11 50.43 110.90
N ALA D 40 -12.65 51.60 111.21
CA ALA D 40 -13.82 52.12 110.50
C ALA D 40 -13.50 52.27 109.01
N VAL D 41 -14.41 51.78 108.18
CA VAL D 41 -14.23 51.81 106.74
C VAL D 41 -14.64 53.19 106.24
N PRO D 42 -13.73 53.96 105.64
CA PRO D 42 -14.12 55.25 105.07
C PRO D 42 -14.95 55.03 103.82
N GLU D 43 -16.16 55.58 103.81
CA GLU D 43 -17.12 55.28 102.76
C GLU D 43 -16.62 55.80 101.41
N PHE D 44 -16.95 55.04 100.37
CA PHE D 44 -16.54 55.41 99.02
C PHE D 44 -17.14 56.75 98.63
N PRO D 45 -16.36 57.58 97.94
CA PRO D 45 -16.97 58.72 97.23
C PRO D 45 -17.55 58.29 95.89
N ASN D 46 -17.74 56.98 95.72
CA ASN D 46 -18.40 56.36 94.58
C ASN D 46 -17.62 56.50 93.29
N LYS D 47 -16.38 56.95 93.34
CA LYS D 47 -15.62 57.25 92.13
C LYS D 47 -15.22 55.94 91.43
N ALA D 48 -14.44 56.07 90.37
CA ALA D 48 -13.98 54.95 89.58
C ALA D 48 -12.52 54.65 89.91
N VAL D 49 -12.26 53.51 90.55
CA VAL D 49 -10.92 53.17 90.98
C VAL D 49 -10.01 52.93 89.76
N LEU D 50 -8.71 53.00 89.99
CA LEU D 50 -7.74 52.45 89.06
C LEU D 50 -7.18 51.12 89.55
N HIS D 51 -6.52 51.13 90.71
CA HIS D 51 -5.90 49.92 91.24
C HIS D 51 -6.15 49.86 92.72
N ASN D 52 -6.52 48.68 93.21
CA ASN D 52 -6.56 48.43 94.65
C ASN D 52 -5.19 47.91 95.08
N TRP D 53 -4.70 48.43 96.19
CA TRP D 53 -3.42 48.02 96.75
C TRP D 53 -3.62 47.53 98.17
N ARG D 54 -2.81 46.56 98.56
CA ARG D 54 -2.78 46.05 99.93
C ARG D 54 -1.31 45.96 100.34
N PHE D 55 -0.86 46.92 101.13
CA PHE D 55 0.53 46.93 101.57
C PHE D 55 0.65 46.34 102.97
N PHE D 56 1.88 46.30 103.46
CA PHE D 56 2.20 45.68 104.75
C PHE D 56 3.07 46.65 105.53
N ILE D 57 2.44 47.51 106.31
CA ILE D 57 3.13 48.59 107.01
C ILE D 57 3.13 48.28 108.50
N LYS D 58 4.29 48.42 109.13
CA LYS D 58 4.37 48.41 110.58
C LYS D 58 3.77 49.70 111.11
N ALA D 59 2.72 49.58 111.93
CA ALA D 59 1.92 50.74 112.29
C ALA D 59 2.74 51.83 112.96
N GLY D 60 3.85 51.48 113.61
CA GLY D 60 4.67 52.48 114.24
C GLY D 60 5.37 53.37 113.24
N LYS D 61 6.36 52.82 112.55
CA LYS D 61 7.12 53.56 111.53
C LYS D 61 6.41 53.35 110.21
N ALA D 62 5.36 54.13 109.97
CA ALA D 62 4.66 54.17 108.69
C ALA D 62 5.52 54.98 107.74
N ALA D 63 6.44 54.29 107.07
CA ALA D 63 7.42 54.94 106.22
C ALA D 63 7.28 54.44 104.79
N THR D 64 7.81 55.23 103.86
CA THR D 64 7.75 54.90 102.44
C THR D 64 8.66 53.71 102.17
N GLY D 65 8.07 52.51 102.14
CA GLY D 65 8.83 51.31 101.90
C GLY D 65 9.32 51.23 100.47
N PRO D 66 9.93 50.09 100.14
CA PRO D 66 10.41 49.89 98.77
C PRO D 66 9.28 49.90 97.76
N PRO D 67 8.19 49.10 97.96
CA PRO D 67 7.10 49.15 96.96
C PRO D 67 6.10 50.24 97.25
N VAL D 68 5.95 50.60 98.53
CA VAL D 68 4.91 51.55 98.92
C VAL D 68 5.20 52.92 98.34
N GLY D 69 6.46 53.36 98.44
CA GLY D 69 6.84 54.59 97.79
C GLY D 69 6.92 54.45 96.29
N GLN D 70 7.34 53.27 95.81
CA GLN D 70 7.48 53.08 94.36
C GLN D 70 6.13 53.16 93.66
N GLU D 71 5.19 52.29 94.04
CA GLU D 71 3.90 52.25 93.36
C GLU D 71 3.17 53.58 93.49
N PHE D 72 3.20 54.18 94.68
CA PHE D 72 2.66 55.53 94.81
C PHE D 72 3.31 56.48 93.83
N SER D 73 4.63 56.40 93.68
CA SER D 73 5.35 57.25 92.76
C SER D 73 5.32 56.74 91.34
N LYS D 74 4.62 55.64 91.06
CA LYS D 74 4.35 55.28 89.68
C LYS D 74 3.48 56.30 88.99
N LEU D 75 2.90 57.23 89.74
CA LEU D 75 1.86 58.12 89.25
C LEU D 75 2.18 59.59 89.40
N GLY D 76 3.40 59.95 89.77
CA GLY D 76 3.67 61.32 90.14
C GLY D 76 3.07 61.74 91.47
N LEU D 77 2.52 60.80 92.21
CA LEU D 77 1.90 61.08 93.50
C LEU D 77 3.00 61.24 94.54
N LYS D 78 2.60 61.27 95.82
CA LYS D 78 3.53 61.34 96.93
C LYS D 78 3.48 60.05 97.73
N ALA D 79 4.48 59.88 98.58
CA ALA D 79 4.56 58.70 99.45
C ALA D 79 4.36 59.02 100.92
N MET D 80 4.81 60.20 101.37
CA MET D 80 4.78 60.52 102.78
C MET D 80 3.40 60.97 103.24
N ASP D 81 2.64 61.66 102.38
CA ASP D 81 1.33 62.15 102.77
C ASP D 81 0.43 61.02 103.22
N PHE D 82 0.42 59.91 102.48
CA PHE D 82 -0.23 58.71 102.98
C PHE D 82 0.42 58.25 104.28
N ALA D 83 1.75 58.26 104.32
CA ALA D 83 2.47 57.73 105.47
C ALA D 83 2.12 58.50 106.74
N LYS D 84 2.42 59.80 106.77
CA LYS D 84 2.22 60.57 107.99
C LYS D 84 0.76 60.62 108.40
N ALA D 85 -0.15 60.83 107.44
CA ALA D 85 -1.57 60.78 107.74
C ALA D 85 -2.01 59.39 108.16
N PHE D 86 -1.22 58.37 107.84
CA PHE D 86 -1.42 57.05 108.43
C PHE D 86 -0.54 56.87 109.66
N ASN D 87 0.65 57.45 109.66
CA ASN D 87 1.52 57.38 110.83
C ASN D 87 0.88 58.10 112.02
N ASP D 88 0.62 59.40 111.88
CA ASP D 88 0.10 60.16 113.00
C ASP D 88 -1.29 59.70 113.40
N ARG D 89 -2.13 59.30 112.43
CA ARG D 89 -3.40 58.69 112.80
C ARG D 89 -3.17 57.45 113.66
N THR D 90 -2.08 56.74 113.41
CA THR D 90 -1.77 55.52 114.15
C THR D 90 -0.65 55.72 115.16
N LYS D 91 -0.33 56.97 115.51
CA LYS D 91 0.62 57.19 116.60
C LYS D 91 0.06 56.69 117.93
N PRO D 92 -1.14 57.11 118.37
CA PRO D 92 -1.74 56.47 119.54
C PRO D 92 -2.60 55.28 119.15
N HIS D 93 -3.27 54.65 120.13
CA HIS D 93 -4.25 53.60 119.91
C HIS D 93 -3.65 52.29 119.38
N PHE D 94 -2.36 52.30 119.08
CA PHE D 94 -1.70 51.14 118.52
C PHE D 94 -0.54 50.73 119.42
N LYS D 95 -0.36 49.42 119.56
CA LYS D 95 0.78 48.94 120.34
C LYS D 95 2.07 49.16 119.57
N ASP D 96 3.18 48.80 120.21
CA ASP D 96 4.47 48.92 119.55
C ASP D 96 4.77 47.71 118.69
N ASP D 97 5.56 47.94 117.64
CA ASP D 97 6.08 46.86 116.80
C ASP D 97 4.96 46.04 116.16
N ILE D 98 3.89 46.72 115.76
CA ILE D 98 2.73 46.09 115.13
C ILE D 98 2.73 46.43 113.65
N GLU D 99 2.54 45.41 112.82
CA GLU D 99 2.48 45.56 111.38
C GLU D 99 1.04 45.44 110.92
N LEU D 100 0.70 46.14 109.84
CA LEU D 100 -0.69 46.23 109.42
C LEU D 100 -0.83 46.09 107.92
N ILE D 101 -1.93 45.46 107.52
CA ILE D 101 -2.35 45.40 106.13
C ILE D 101 -3.15 46.66 105.84
N VAL D 102 -2.73 47.42 104.83
CA VAL D 102 -3.43 48.64 104.44
C VAL D 102 -3.99 48.45 103.05
N ARG D 103 -5.30 48.42 102.95
CA ARG D 103 -5.99 48.30 101.67
C ARG D 103 -6.24 49.71 101.13
N ILE D 104 -5.56 50.04 100.04
CA ILE D 104 -5.66 51.37 99.44
C ILE D 104 -6.49 51.29 98.18
N GLN D 105 -7.40 52.26 98.00
CA GLN D 105 -8.31 52.32 96.87
C GLN D 105 -8.09 53.66 96.17
N VAL D 106 -7.35 53.65 95.08
CA VAL D 106 -7.02 54.86 94.34
C VAL D 106 -7.98 55.00 93.16
N TYR D 107 -8.36 56.22 92.84
CA TYR D 107 -9.35 56.49 91.80
C TYR D 107 -8.67 57.04 90.55
N PHE D 108 -9.49 57.41 89.56
CA PHE D 108 -8.96 57.91 88.29
C PHE D 108 -8.28 59.27 88.46
N ASP D 109 -8.85 60.12 89.31
CA ASP D 109 -8.36 61.49 89.44
C ASP D 109 -7.25 61.57 90.48
N LYS D 110 -6.55 60.45 90.67
CA LYS D 110 -5.54 60.33 91.71
C LYS D 110 -6.16 60.53 93.09
N SER D 111 -7.40 60.08 93.25
CA SER D 111 -8.10 60.15 94.51
C SER D 111 -8.00 58.81 95.22
N TYR D 112 -7.67 58.83 96.51
CA TYR D 112 -7.40 57.59 97.22
C TYR D 112 -7.91 57.66 98.65
N ILE D 113 -8.41 56.53 99.12
CA ILE D 113 -9.02 56.40 100.43
C ILE D 113 -8.61 55.06 101.01
N PHE D 114 -7.72 55.06 101.98
CA PHE D 114 -7.15 53.82 102.49
C PHE D 114 -7.92 53.31 103.70
N ARG D 115 -8.08 52.01 103.78
CA ARG D 115 -8.63 51.36 104.95
C ARG D 115 -7.49 50.83 105.81
N ILE D 116 -7.83 50.28 106.98
CA ILE D 116 -6.85 49.65 107.87
C ILE D 116 -7.45 48.35 108.37
N GLU D 117 -6.83 47.23 108.02
CA GLU D 117 -7.25 45.85 108.17
C GLU D 117 -6.61 45.20 109.38
N PRO D 118 -7.36 44.39 110.12
CA PRO D 118 -6.79 43.68 111.28
C PRO D 118 -5.68 42.75 110.84
N PRO D 119 -4.64 42.58 111.65
CA PRO D 119 -3.51 41.76 111.24
C PRO D 119 -3.88 40.30 111.16
N PRO D 120 -3.84 39.72 109.96
CA PRO D 120 -4.39 38.37 109.77
C PRO D 120 -3.48 37.25 110.24
N THR D 121 -3.84 36.01 109.86
CA THR D 121 -3.37 34.81 110.53
C THR D 121 -1.94 34.43 110.16
N ALA D 122 -1.53 34.68 108.91
CA ALA D 122 -0.31 34.07 108.38
C ALA D 122 0.89 34.34 109.29
N TRP D 123 1.24 35.61 109.46
CA TRP D 123 2.27 35.98 110.41
C TRP D 123 1.70 36.24 111.80
N PHE D 124 0.53 35.69 112.12
CA PHE D 124 -0.06 35.86 113.45
C PHE D 124 0.37 34.75 114.41
N LEU D 125 0.60 33.55 113.90
CA LEU D 125 0.90 32.41 114.75
C LEU D 125 2.15 32.63 115.58
N LEU D 126 3.10 33.42 115.09
CA LEU D 126 4.30 33.73 115.85
C LEU D 126 3.95 34.20 117.25
N ARG D 127 2.87 34.98 117.37
CA ARG D 127 2.35 35.39 118.66
C ARG D 127 1.41 34.35 119.27
N ALA D 128 1.20 33.22 118.61
CA ALA D 128 0.26 32.21 119.07
C ALA D 128 0.91 30.86 119.33
N ILE D 129 1.93 30.49 118.56
CA ILE D 129 2.56 29.19 118.69
C ILE D 129 4.06 29.30 118.92
N ARG D 130 4.55 30.51 119.21
CA ARG D 130 5.94 30.73 119.60
C ARG D 130 6.89 30.19 118.53
N LYS D 131 6.71 30.67 117.30
CA LYS D 131 7.47 30.16 116.16
C LYS D 131 7.70 31.30 115.16
N LYS D 132 8.18 30.94 113.98
CA LYS D 132 8.59 31.92 112.98
C LYS D 132 8.31 31.38 111.59
N ARG D 133 8.41 32.27 110.60
CA ARG D 133 8.15 31.91 109.21
C ARG D 133 9.15 30.87 108.73
N GLY D 134 8.67 29.92 107.93
CA GLY D 134 9.49 28.85 107.40
C GLY D 134 9.54 27.64 108.30
N GLU D 135 9.70 27.88 109.61
CA GLU D 135 9.56 26.80 110.56
C GLU D 135 8.13 26.29 110.62
N THR D 136 7.18 27.11 110.18
CA THR D 136 5.83 26.67 109.86
C THR D 136 5.71 26.28 108.38
N GLY D 137 6.63 25.45 107.92
CA GLY D 137 6.64 25.00 106.55
C GLY D 137 5.43 24.14 106.25
N PRO D 138 4.93 24.22 105.00
CA PRO D 138 3.73 23.45 104.64
C PRO D 138 3.95 21.95 104.66
N VAL D 139 2.91 21.20 104.30
CA VAL D 139 2.97 19.74 104.40
C VAL D 139 3.99 19.17 103.41
N VAL D 140 4.29 19.90 102.34
CA VAL D 140 5.29 19.42 101.39
C VAL D 140 6.71 19.72 101.84
N LEU D 141 6.90 20.74 102.69
CA LEU D 141 8.25 21.16 103.05
C LEU D 141 8.84 20.34 104.19
N ARG D 142 8.20 20.41 105.36
CA ARG D 142 8.76 19.79 106.56
C ARG D 142 8.17 18.43 106.85
N GLY D 143 6.85 18.37 107.06
CA GLY D 143 6.20 17.19 107.59
C GLY D 143 5.86 17.27 109.06
N ASN D 144 6.70 17.88 109.88
CA ASN D 144 6.33 18.20 111.24
C ASN D 144 5.69 19.58 111.25
N TYR D 145 5.40 20.08 112.44
CA TYR D 145 4.89 21.43 112.56
C TYR D 145 5.21 21.98 113.94
N CYS D 146 4.56 23.09 114.27
CA CYS D 146 4.85 23.83 115.48
C CYS D 146 3.92 23.40 116.62
N ALA D 147 3.90 24.19 117.69
CA ALA D 147 3.10 23.86 118.87
C ALA D 147 1.64 23.64 118.52
N TYR D 148 0.99 22.74 119.25
CA TYR D 148 -0.35 22.28 118.91
C TYR D 148 -1.37 23.39 119.13
N LEU D 149 -2.60 23.11 118.72
CA LEU D 149 -3.75 23.97 118.99
C LEU D 149 -4.92 23.09 119.38
N THR D 150 -5.94 23.71 119.96
CA THR D 150 -7.13 23.00 120.41
C THR D 150 -8.33 23.87 120.03
N LEU D 151 -9.55 23.36 120.30
CA LEU D 151 -10.77 23.90 119.73
C LEU D 151 -11.36 25.05 120.54
N GLU D 152 -10.51 25.77 121.27
CA GLU D 152 -10.82 27.12 121.73
C GLU D 152 -9.72 28.11 121.39
N MET D 153 -8.46 27.66 121.30
CA MET D 153 -7.37 28.53 120.86
C MET D 153 -7.57 29.00 119.44
N CYS D 154 -8.32 28.25 118.64
CA CYS D 154 -8.62 28.64 117.28
C CYS D 154 -9.87 29.49 117.18
N TYR D 155 -10.77 29.39 118.16
CA TYR D 155 -11.96 30.24 118.15
C TYR D 155 -11.63 31.67 118.50
N GLU D 156 -10.72 31.90 119.45
CA GLU D 156 -10.43 33.25 119.91
C GLU D 156 -9.76 34.09 118.84
N ILE D 157 -8.98 33.48 117.94
CA ILE D 157 -8.22 34.26 116.97
C ILE D 157 -9.15 34.89 115.93
N ALA D 158 -10.27 34.22 115.62
CA ALA D 158 -11.22 34.79 114.68
C ALA D 158 -11.92 36.01 115.23
N LYS D 159 -11.99 36.15 116.56
CA LYS D 159 -12.64 37.31 117.15
C LYS D 159 -11.93 38.60 116.79
N MET D 160 -10.67 38.53 116.40
CA MET D 160 -9.92 39.71 116.01
C MET D 160 -10.02 40.00 114.51
N LYS D 161 -10.47 39.03 113.71
CA LYS D 161 -10.58 39.18 112.27
C LYS D 161 -12.04 39.35 111.90
N GLN D 162 -12.38 40.50 111.35
CA GLN D 162 -13.74 40.78 110.89
C GLN D 162 -13.65 41.57 109.59
N MET D 163 -13.97 40.90 108.47
CA MET D 163 -14.21 41.63 107.24
C MET D 163 -15.47 42.48 107.33
N SER D 164 -16.31 42.21 108.32
CA SER D 164 -17.58 42.89 108.49
C SER D 164 -17.52 43.73 109.77
N TRP D 165 -17.16 45.01 109.63
CA TRP D 165 -17.18 45.93 110.74
C TRP D 165 -18.48 46.72 110.84
N GLY D 166 -19.15 46.93 109.70
CA GLY D 166 -20.51 47.43 109.75
C GLY D 166 -21.48 46.46 110.39
N LYS D 167 -21.11 45.17 110.44
CA LYS D 167 -21.89 44.15 111.13
C LYS D 167 -20.91 43.28 111.91
N VAL D 168 -20.73 43.58 113.20
CA VAL D 168 -19.73 42.88 114.00
C VAL D 168 -20.08 41.41 114.12
N GLU D 169 -21.29 41.10 114.58
CA GLU D 169 -21.72 39.73 114.80
C GLU D 169 -22.15 39.03 113.51
N TYR D 170 -22.08 39.70 112.38
CA TYR D 170 -22.51 39.12 111.11
C TYR D 170 -21.33 39.05 110.16
N PRO D 171 -20.95 37.87 109.67
CA PRO D 171 -21.59 36.63 110.10
C PRO D 171 -20.96 36.16 111.40
N PRO D 172 -21.72 35.40 112.21
CA PRO D 172 -21.16 34.93 113.49
C PRO D 172 -19.88 34.11 113.31
N ILE D 173 -19.18 33.87 114.42
CA ILE D 173 -17.83 33.32 114.35
C ILE D 173 -17.81 31.97 113.66
N GLU D 174 -18.92 31.24 113.69
CA GLU D 174 -18.92 29.84 113.29
C GLU D 174 -18.64 29.63 111.81
N VAL D 175 -18.90 30.63 110.97
CA VAL D 175 -18.74 30.41 109.53
C VAL D 175 -17.33 30.74 109.05
N ARG D 176 -16.70 31.76 109.63
CA ARG D 176 -15.37 32.18 109.22
C ARG D 176 -14.27 31.58 110.07
N VAL D 177 -14.59 30.99 111.23
CA VAL D 177 -13.57 30.36 112.05
C VAL D 177 -12.90 29.21 111.33
N ARG D 178 -13.62 28.57 110.40
CA ARG D 178 -13.01 27.50 109.60
C ARG D 178 -11.88 28.02 108.72
N ARG D 179 -11.84 29.33 108.47
CA ARG D 179 -10.85 29.88 107.55
C ARG D 179 -9.47 29.94 108.19
N VAL D 180 -9.35 30.57 109.35
CA VAL D 180 -8.05 30.77 109.98
C VAL D 180 -7.39 29.43 110.26
N VAL D 181 -8.15 28.47 110.79
CA VAL D 181 -7.63 27.14 111.03
C VAL D 181 -7.24 26.43 109.74
N GLY D 182 -7.60 27.00 108.59
CA GLY D 182 -7.24 26.44 107.31
C GLY D 182 -5.83 26.79 106.89
N GLN D 183 -5.51 28.09 106.84
CA GLN D 183 -4.18 28.50 106.40
C GLN D 183 -3.10 28.03 107.35
N ALA D 184 -3.38 28.02 108.66
CA ALA D 184 -2.44 27.45 109.61
C ALA D 184 -2.26 25.95 109.37
N ARG D 185 -3.32 25.28 108.91
CA ARG D 185 -3.19 23.89 108.48
C ARG D 185 -2.74 23.80 107.02
N ARG D 186 -3.08 24.78 106.20
CA ARG D 186 -2.43 24.90 104.89
C ARG D 186 -0.93 25.12 105.02
N MET D 187 -0.48 25.61 106.17
CA MET D 187 0.93 25.69 106.51
C MET D 187 1.39 24.51 107.36
N GLY D 188 0.54 23.51 107.58
CA GLY D 188 0.92 22.28 108.23
C GLY D 188 0.61 22.22 109.72
N ILE D 189 0.46 23.37 110.39
CA ILE D 189 0.20 23.36 111.82
C ILE D 189 -1.17 22.73 112.08
N ALA D 190 -1.22 21.85 113.07
CA ALA D 190 -2.41 21.05 113.31
C ALA D 190 -2.96 21.29 114.71
N ILE D 191 -4.25 21.03 114.85
CA ILE D 191 -5.00 21.18 116.09
C ILE D 191 -5.15 19.80 116.74
N ILE D 192 -5.26 19.80 118.06
CA ILE D 192 -5.53 18.54 118.77
C ILE D 192 -6.92 18.02 118.39
N GLY D 193 -7.89 18.92 118.23
CA GLY D 193 -9.22 18.51 117.80
C GLY D 193 -9.26 17.90 116.42
N ILE D 194 -8.18 18.05 115.64
CA ILE D 194 -8.06 17.44 114.33
C ILE D 194 -6.83 16.53 114.33
N ASP D 195 -6.66 15.80 113.23
CA ASP D 195 -5.44 15.03 112.97
C ASP D 195 -5.15 13.97 114.01
N THR D 196 -6.02 13.81 115.01
CA THR D 196 -5.65 13.08 116.21
C THR D 196 -6.58 11.89 116.43
N VAL D 197 -6.28 11.15 117.50
CA VAL D 197 -7.09 9.99 117.87
C VAL D 197 -8.06 10.35 118.99
N HIS D 198 -7.58 11.06 120.01
CA HIS D 198 -8.42 11.53 121.10
C HIS D 198 -8.27 13.05 121.22
N SER D 199 -9.20 13.64 121.96
CA SER D 199 -9.25 15.09 122.13
C SER D 199 -8.49 15.52 123.38
N SER D 200 -8.71 16.76 123.80
CA SER D 200 -7.99 17.30 124.95
C SER D 200 -8.31 16.50 126.21
N PRO D 201 -7.29 16.12 127.00
CA PRO D 201 -7.57 15.50 128.30
C PRO D 201 -7.72 16.56 129.39
N VAL D 202 -8.87 16.56 130.07
CA VAL D 202 -9.14 17.51 131.14
C VAL D 202 -9.35 16.71 132.42
N LYS D 203 -8.41 16.84 133.35
CA LYS D 203 -8.45 16.07 134.60
C LYS D 203 -9.44 16.62 135.61
N GLY D 204 -10.16 17.69 135.30
CA GLY D 204 -11.19 18.17 136.19
C GLY D 204 -12.45 17.35 136.18
N MET D 205 -12.47 16.26 135.42
CA MET D 205 -13.66 15.44 135.22
C MET D 205 -13.22 14.15 134.54
N THR D 206 -14.20 13.36 134.08
CA THR D 206 -13.89 12.18 133.29
C THR D 206 -13.14 12.56 132.03
N GLU D 207 -11.88 12.09 131.94
CA GLU D 207 -11.07 12.39 130.77
C GLU D 207 -11.67 11.82 129.49
N LYS D 208 -12.49 10.78 129.61
CA LYS D 208 -13.06 10.09 128.46
C LYS D 208 -14.46 10.61 128.14
N GLN D 209 -15.33 10.74 129.15
CA GLN D 209 -16.74 11.04 128.90
C GLN D 209 -16.97 12.46 128.44
N TYR D 210 -15.95 13.33 128.44
CA TYR D 210 -16.12 14.69 127.97
C TYR D 210 -16.63 14.72 126.53
N LEU D 211 -16.32 13.69 125.75
CA LEU D 211 -16.90 13.56 124.42
C LEU D 211 -18.43 13.48 124.52
N GLU D 212 -18.94 12.54 125.32
CA GLU D 212 -20.36 12.42 125.56
C GLU D 212 -20.89 13.46 126.52
N GLU D 213 -20.01 14.18 127.22
CA GLU D 213 -20.44 15.27 128.09
C GLU D 213 -20.69 16.55 127.30
N SER D 214 -20.08 16.69 126.13
CA SER D 214 -20.22 17.88 125.31
C SER D 214 -21.10 17.67 124.09
N GLU D 215 -21.59 16.45 123.85
CA GLU D 215 -22.55 16.23 122.78
C GLU D 215 -23.84 17.01 123.01
N LYS D 216 -24.17 17.32 124.28
CA LYS D 216 -25.30 18.19 124.56
C LYS D 216 -24.89 19.65 124.47
N HIS D 217 -23.63 19.97 124.76
CA HIS D 217 -23.10 21.29 124.45
C HIS D 217 -23.20 21.57 122.96
N ARG D 218 -23.24 20.52 122.14
CA ARG D 218 -23.60 20.69 120.74
C ARG D 218 -25.05 21.14 120.59
N LYS D 219 -25.94 20.66 121.48
CA LYS D 219 -27.36 20.89 121.26
C LYS D 219 -27.78 22.30 121.62
N VAL D 220 -27.24 22.85 122.72
CA VAL D 220 -27.63 24.23 123.14
C VAL D 220 -27.30 25.18 121.97
N HIS D 221 -26.66 24.66 120.93
CA HIS D 221 -26.23 25.53 119.80
C HIS D 221 -26.97 25.14 118.53
N MET D 222 -27.67 24.02 118.54
CA MET D 222 -28.75 23.76 117.61
C MET D 222 -29.84 24.83 117.75
N ILE D 223 -30.20 25.14 118.99
CA ILE D 223 -31.16 26.21 119.25
C ILE D 223 -30.52 27.57 118.95
N GLN D 224 -29.20 27.67 119.06
CA GLN D 224 -28.52 28.95 118.86
C GLN D 224 -28.08 29.16 117.42
N TYR D 225 -27.56 28.11 116.77
CA TYR D 225 -27.17 28.24 115.36
C TYR D 225 -28.35 28.70 114.51
N GLU D 226 -29.52 28.12 114.74
CA GLU D 226 -30.75 28.56 114.11
C GLU D 226 -31.38 29.73 114.84
N ALA D 227 -30.62 30.43 115.67
CA ALA D 227 -31.05 31.68 116.29
C ALA D 227 -30.08 32.81 116.05
N LEU D 228 -28.77 32.51 115.98
CA LEU D 228 -27.82 33.55 115.61
C LEU D 228 -27.98 33.97 114.16
N LYS D 229 -28.17 33.01 113.26
CA LYS D 229 -28.48 33.31 111.88
C LYS D 229 -29.93 33.70 111.68
N ALA D 230 -30.81 33.33 112.62
CA ALA D 230 -32.21 33.71 112.50
C ALA D 230 -32.40 35.20 112.74
N LYS D 231 -31.56 35.81 113.58
CA LYS D 231 -31.62 37.25 113.74
C LYS D 231 -30.89 38.00 112.63
N GLU D 232 -30.13 37.30 111.79
CA GLU D 232 -29.50 37.95 110.64
C GLU D 232 -30.53 38.42 109.64
N LEU D 233 -31.29 37.49 109.08
CA LEU D 233 -32.24 37.86 108.03
C LEU D 233 -33.38 38.73 108.56
N GLU D 234 -33.64 38.70 109.86
CA GLU D 234 -34.61 39.59 110.47
C GLU D 234 -34.01 40.92 110.90
N SER D 235 -32.70 41.09 110.76
CA SER D 235 -32.05 42.39 110.84
C SER D 235 -31.90 43.04 109.47
N ALA D 236 -32.41 42.39 108.44
CA ALA D 236 -32.39 42.82 107.05
C ALA D 236 -33.81 42.97 106.52
N PRO D 237 -33.98 43.51 105.31
CA PRO D 237 -35.31 43.49 104.69
C PRO D 237 -35.83 42.07 104.52
N LEU D 238 -37.15 41.95 104.47
CA LEU D 238 -37.82 40.67 104.32
C LEU D 238 -38.04 40.33 102.85
N MET E 1 -45.72 36.14 1.91
CA MET E 1 -45.35 34.73 1.83
C MET E 1 -46.58 33.84 1.75
N SER E 2 -46.92 33.35 0.55
CA SER E 2 -48.04 32.42 0.42
C SER E 2 -47.58 30.97 0.43
N LYS E 3 -46.79 30.55 -0.56
CA LYS E 3 -45.86 29.43 -0.39
C LYS E 3 -46.45 28.23 0.34
N GLN E 4 -47.29 27.44 -0.34
CA GLN E 4 -47.91 26.25 0.26
C GLN E 4 -46.95 25.57 1.22
N TRP E 5 -47.50 25.05 2.32
CA TRP E 5 -46.89 24.78 3.64
C TRP E 5 -46.85 26.01 4.53
N LEU E 6 -47.69 27.01 4.32
CA LEU E 6 -47.73 28.17 5.19
C LEU E 6 -49.02 28.26 6.00
N CYS E 7 -50.18 28.29 5.34
CA CYS E 7 -51.49 28.22 6.01
C CYS E 7 -51.72 29.40 6.96
N ARG E 8 -51.86 30.58 6.37
CA ARG E 8 -52.31 31.76 7.09
C ARG E 8 -53.83 31.90 7.10
N GLU E 9 -54.56 30.81 6.93
CA GLU E 9 -55.99 30.88 6.65
C GLU E 9 -56.86 30.52 7.84
N GLY E 10 -56.33 29.87 8.87
CA GLY E 10 -57.11 29.53 10.04
C GLY E 10 -56.48 30.09 11.29
N GLU E 11 -55.96 31.30 11.18
CA GLU E 11 -55.14 31.88 12.23
C GLU E 11 -55.97 32.26 13.44
N ARG E 12 -55.37 32.08 14.60
CA ARG E 12 -55.90 32.61 15.86
C ARG E 12 -54.79 33.39 16.51
N TRP E 13 -55.14 34.54 17.08
CA TRP E 13 -54.17 35.48 17.63
C TRP E 13 -54.23 35.41 19.13
N TRP E 14 -53.23 34.79 19.73
CA TRP E 14 -53.20 34.62 21.17
C TRP E 14 -52.54 35.81 21.82
N LEU E 15 -52.51 35.79 23.15
CA LEU E 15 -51.87 36.86 23.91
C LEU E 15 -51.39 36.28 25.23
N LEU E 16 -50.09 36.27 25.41
CA LEU E 16 -49.46 35.67 26.58
C LEU E 16 -48.84 36.79 27.40
N ASP E 17 -49.57 37.25 28.41
CA ASP E 17 -49.01 38.27 29.29
C ASP E 17 -47.87 37.65 30.07
N ALA E 18 -46.65 38.05 29.74
CA ALA E 18 -45.45 37.47 30.34
C ALA E 18 -45.19 37.98 31.75
N ARG E 19 -46.07 38.80 32.31
CA ARG E 19 -45.80 39.42 33.60
C ARG E 19 -45.71 38.36 34.68
N GLY E 20 -44.57 38.33 35.38
CA GLY E 20 -44.38 37.43 36.48
C GLY E 20 -44.14 35.99 36.10
N GLN E 21 -44.27 35.62 34.84
CA GLN E 21 -44.10 34.23 34.45
C GLN E 21 -42.64 33.97 34.08
N GLN E 22 -42.19 32.75 34.35
CA GLN E 22 -40.78 32.42 34.17
C GLN E 22 -40.40 32.42 32.70
N LEU E 23 -39.29 33.09 32.39
CA LEU E 23 -38.89 33.22 31.00
C LEU E 23 -38.52 31.91 30.32
N PRO E 24 -37.93 30.91 30.98
CA PRO E 24 -37.75 29.61 30.33
C PRO E 24 -39.02 28.81 30.16
N HIS E 25 -40.18 29.36 30.52
CA HIS E 25 -41.44 28.65 30.42
C HIS E 25 -42.45 29.33 29.51
N VAL E 26 -42.51 30.66 29.54
CA VAL E 26 -43.28 31.38 28.53
C VAL E 26 -42.75 31.04 27.14
N ALA E 27 -41.48 30.71 27.03
CA ALA E 27 -40.91 30.29 25.77
C ALA E 27 -41.35 28.89 25.36
N LYS E 28 -41.94 28.13 26.27
CA LYS E 28 -42.38 26.78 25.94
C LYS E 28 -43.80 26.78 25.42
N ILE E 29 -44.72 27.38 26.16
CA ILE E 29 -46.12 27.43 25.74
C ILE E 29 -46.27 28.18 24.44
N ALA E 30 -45.57 29.31 24.31
CA ALA E 30 -45.65 30.07 23.08
C ALA E 30 -45.13 29.29 21.88
N ALA E 31 -44.27 28.29 22.12
CA ALA E 31 -43.78 27.50 21.01
C ALA E 31 -44.79 26.45 20.56
N GLN E 32 -45.52 25.86 21.51
CA GLN E 32 -46.59 24.95 21.13
C GLN E 32 -47.67 25.65 20.33
N TYR E 33 -47.72 26.98 20.38
CA TYR E 33 -48.72 27.75 19.66
C TYR E 33 -48.21 28.32 18.36
N MET E 34 -46.93 28.65 18.28
CA MET E 34 -46.38 29.11 17.02
C MET E 34 -46.10 27.93 16.09
N THR E 35 -45.43 26.90 16.59
CA THR E 35 -45.29 25.68 15.81
C THR E 35 -46.63 25.02 15.55
N GLY E 36 -47.69 25.47 16.19
CA GLY E 36 -49.01 24.93 15.96
C GLY E 36 -49.17 23.51 16.44
N GLN E 37 -48.62 23.19 17.61
CA GLN E 37 -48.75 21.84 18.13
C GLN E 37 -50.04 21.66 18.92
N HIS E 38 -50.61 22.75 19.42
CA HIS E 38 -51.90 22.71 20.12
C HIS E 38 -53.04 22.40 19.17
N ARG E 39 -52.75 22.14 17.93
CA ARG E 39 -53.81 21.90 16.98
C ARG E 39 -53.96 20.42 16.72
N PRO E 40 -55.16 19.87 16.81
CA PRO E 40 -55.37 18.45 16.49
C PRO E 40 -55.13 18.11 15.04
N ASP E 41 -54.98 19.10 14.15
CA ASP E 41 -54.71 18.82 12.75
C ASP E 41 -53.24 19.00 12.41
N PHE E 42 -52.36 18.91 13.41
CA PHE E 42 -50.95 19.22 13.21
C PHE E 42 -50.25 18.09 12.47
N THR E 43 -49.76 18.39 11.28
CA THR E 43 -48.88 17.52 10.53
C THR E 43 -47.58 18.26 10.26
N PRO E 44 -46.42 17.65 10.50
CA PRO E 44 -45.17 18.42 10.55
C PRO E 44 -44.83 19.15 9.27
N GLY E 45 -45.28 18.67 8.12
CA GLY E 45 -45.06 19.41 6.89
C GLY E 45 -45.73 20.76 6.90
N MET E 46 -47.02 20.80 7.21
CA MET E 46 -47.72 22.07 7.32
C MET E 46 -47.22 22.85 8.53
N MET E 47 -46.90 24.12 8.31
CA MET E 47 -46.60 25.02 9.42
C MET E 47 -47.84 25.85 9.73
N THR E 48 -48.84 25.18 10.28
CA THR E 48 -50.08 25.84 10.70
C THR E 48 -49.81 26.51 12.03
N GLY E 49 -49.54 27.80 12.00
CA GLY E 49 -49.16 28.52 13.19
C GLY E 49 -50.23 29.49 13.63
N ASP E 50 -50.18 29.88 14.89
CA ASP E 50 -51.11 30.84 15.46
C ASP E 50 -50.33 31.94 16.15
N HIS E 51 -50.49 33.16 15.67
CA HIS E 51 -49.70 34.28 16.18
C HIS E 51 -49.87 34.46 17.67
N VAL E 52 -48.76 34.58 18.37
CA VAL E 52 -48.74 34.87 19.79
C VAL E 52 -48.21 36.26 19.99
N VAL E 53 -48.78 36.97 20.97
CA VAL E 53 -48.39 38.33 21.29
C VAL E 53 -47.97 38.34 22.75
N ILE E 54 -46.67 38.20 23.00
CA ILE E 54 -46.16 38.08 24.38
C ILE E 54 -45.87 39.50 24.85
N THR E 55 -46.90 40.16 25.36
CA THR E 55 -46.70 41.48 25.91
C THR E 55 -46.04 41.40 27.27
N ASN E 56 -45.64 42.55 27.79
CA ASN E 56 -45.07 42.67 29.13
C ASN E 56 -43.90 41.71 29.32
N ILE E 57 -42.88 41.91 28.49
CA ILE E 57 -41.68 41.07 28.57
C ILE E 57 -40.81 41.48 29.75
N LYS E 58 -40.62 42.79 29.92
CA LYS E 58 -39.71 43.27 30.94
C LYS E 58 -40.10 42.84 32.34
N ASP E 59 -41.27 42.24 32.51
CA ASP E 59 -41.71 41.74 33.81
C ASP E 59 -41.45 40.25 33.97
N ALA E 60 -40.64 39.66 33.08
CA ALA E 60 -40.32 38.25 33.18
C ALA E 60 -39.60 37.95 34.50
N VAL E 61 -39.43 36.67 34.77
CA VAL E 61 -38.83 36.20 36.00
C VAL E 61 -37.76 35.18 35.67
N MET E 62 -36.71 35.13 36.48
CA MET E 62 -35.66 34.13 36.35
C MET E 62 -35.27 33.66 37.74
N THR E 63 -35.66 32.44 38.08
CA THR E 63 -35.48 31.90 39.42
C THR E 63 -34.05 32.05 39.90
N GLY E 64 -33.89 32.65 41.08
CA GLY E 64 -32.57 32.77 41.66
C GLY E 64 -31.69 33.74 40.90
N ASP E 65 -30.38 33.53 41.02
CA ASP E 65 -29.40 34.38 40.36
C ASP E 65 -29.23 34.06 38.89
N ASN E 66 -30.16 33.31 38.30
CA ASN E 66 -30.07 33.02 36.88
C ASN E 66 -30.20 34.26 36.02
N TRP E 67 -30.35 35.44 36.60
CA TRP E 67 -30.13 36.66 35.85
C TRP E 67 -28.67 37.03 35.79
N ILE E 68 -27.85 36.44 36.64
CA ILE E 68 -26.44 36.80 36.73
C ILE E 68 -25.51 35.66 36.33
N ARG E 69 -26.00 34.43 36.26
CA ARG E 69 -25.14 33.28 35.99
C ARG E 69 -25.79 32.36 34.97
N VAL E 70 -26.26 32.94 33.88
CA VAL E 70 -26.69 32.16 32.71
C VAL E 70 -26.16 32.89 31.48
N PRO E 71 -25.32 32.28 30.68
CA PRO E 71 -24.71 33.00 29.56
C PRO E 71 -25.45 32.82 28.25
N ILE E 72 -25.52 33.87 27.45
CA ILE E 72 -25.93 33.76 26.06
C ILE E 72 -24.64 33.79 25.26
N THR E 73 -24.05 32.62 25.07
CA THR E 73 -22.75 32.51 24.44
C THR E 73 -22.90 32.23 22.95
N TRP E 74 -22.13 32.96 22.16
CA TRP E 74 -22.10 32.73 20.71
C TRP E 74 -20.68 32.96 20.24
N GLN E 75 -20.15 32.04 19.45
CA GLN E 75 -18.76 32.09 19.02
C GLN E 75 -18.71 32.44 17.55
N THR E 76 -18.24 33.64 17.22
CA THR E 76 -18.22 34.09 15.84
C THR E 76 -17.03 33.49 15.12
N ALA E 77 -16.74 34.00 13.92
CA ALA E 77 -15.72 33.37 13.07
C ALA E 77 -14.34 33.87 13.41
N TYR E 78 -14.20 35.15 13.74
CA TYR E 78 -12.89 35.69 14.05
C TYR E 78 -12.27 34.92 15.21
N PRO E 79 -11.01 34.52 15.10
CA PRO E 79 -10.36 33.84 16.22
C PRO E 79 -10.31 34.77 17.42
N GLY E 80 -10.50 34.20 18.60
CA GLY E 80 -10.68 35.05 19.76
C GLY E 80 -11.95 35.85 19.69
N GLY E 81 -12.96 35.34 19.02
CA GLY E 81 -14.26 35.99 18.92
C GLY E 81 -15.32 35.42 19.83
N LYS E 82 -14.99 34.47 20.69
CA LYS E 82 -15.97 33.90 21.60
C LYS E 82 -16.54 34.98 22.49
N TYR E 83 -17.86 35.13 22.47
CA TYR E 83 -18.56 36.13 23.27
C TYR E 83 -19.35 35.43 24.35
N ARG E 84 -19.24 35.91 25.58
CA ARG E 84 -20.08 35.47 26.69
C ARG E 84 -20.82 36.68 27.23
N VAL E 85 -22.12 36.54 27.41
CA VAL E 85 -22.99 37.64 27.80
C VAL E 85 -24.07 37.07 28.70
N ARG E 86 -24.17 37.62 29.91
CA ARG E 86 -25.19 37.14 30.83
C ARG E 86 -26.57 37.51 30.33
N LEU E 87 -27.59 37.14 31.09
CA LEU E 87 -28.91 37.67 30.80
C LEU E 87 -29.03 39.11 31.25
N SER E 88 -28.49 39.43 32.42
CA SER E 88 -28.43 40.82 32.87
C SER E 88 -27.52 41.68 32.01
N GLU E 89 -26.82 41.10 31.05
CA GLU E 89 -26.00 41.87 30.11
C GLU E 89 -26.67 42.03 28.76
N MET E 90 -27.47 41.07 28.35
CA MET E 90 -28.30 41.21 27.16
C MET E 90 -29.58 41.95 27.46
N TYR E 91 -30.05 41.90 28.72
CA TYR E 91 -31.18 42.70 29.12
C TYR E 91 -30.85 44.19 29.11
N GLU E 92 -29.58 44.56 29.24
CA GLU E 92 -29.21 45.94 28.99
C GLU E 92 -29.48 46.32 27.54
N ARG E 93 -29.10 45.45 26.60
CA ARG E 93 -29.25 45.76 25.18
C ARG E 93 -30.72 45.78 24.78
N ASP E 94 -31.39 44.64 24.89
CA ASP E 94 -32.78 44.59 24.48
C ASP E 94 -33.50 43.45 25.17
N PRO E 95 -34.45 43.74 26.05
CA PRO E 95 -35.13 42.65 26.78
C PRO E 95 -35.77 41.61 25.90
N CYS E 96 -36.25 41.98 24.71
CA CYS E 96 -36.83 40.98 23.82
C CYS E 96 -35.78 40.05 23.23
N MET E 97 -34.51 40.43 23.26
CA MET E 97 -33.46 39.54 22.76
C MET E 97 -33.22 38.35 23.67
N VAL E 98 -33.71 38.39 24.91
CA VAL E 98 -33.56 37.26 25.79
C VAL E 98 -34.75 36.32 25.66
N MET E 99 -35.92 36.85 25.34
CA MET E 99 -37.08 36.01 25.09
C MET E 99 -37.01 35.39 23.70
N TRP E 100 -36.61 36.18 22.70
CA TRP E 100 -36.42 35.65 21.36
C TRP E 100 -35.29 34.64 21.31
N TRP E 101 -34.41 34.64 22.30
CA TRP E 101 -33.37 33.64 22.37
C TRP E 101 -33.87 32.39 23.04
N TYR E 102 -34.77 32.54 24.01
CA TYR E 102 -35.36 31.38 24.66
C TYR E 102 -36.46 30.75 23.82
N LEU E 103 -37.04 31.50 22.89
CA LEU E 103 -37.90 30.88 21.88
C LEU E 103 -37.08 30.06 20.90
N LYS E 104 -35.97 30.63 20.42
CA LYS E 104 -35.09 29.94 19.50
C LYS E 104 -34.61 28.60 20.06
N ASP E 105 -34.55 28.48 21.39
CA ASP E 105 -34.20 27.22 22.01
C ASP E 105 -35.32 26.19 21.94
N GLU E 106 -36.56 26.64 21.76
CA GLU E 106 -37.71 25.74 21.76
C GLU E 106 -38.19 25.39 20.37
N VAL E 107 -38.24 26.36 19.46
CA VAL E 107 -38.59 26.05 18.09
C VAL E 107 -37.54 25.15 17.46
N ASN E 108 -36.27 25.42 17.74
CA ASN E 108 -35.20 24.57 17.22
C ASN E 108 -35.41 23.13 17.63
N ARG E 109 -35.81 22.91 18.88
CA ARG E 109 -35.87 21.58 19.46
C ARG E 109 -36.54 20.57 18.55
N HIS E 110 -37.56 20.97 17.80
CA HIS E 110 -38.25 20.08 16.89
C HIS E 110 -38.05 20.44 15.43
N PHE E 111 -37.35 21.53 15.13
CA PHE E 111 -37.29 21.99 13.76
C PHE E 111 -35.89 22.45 13.35
N VAL E 112 -34.84 21.94 14.01
CA VAL E 112 -33.49 22.36 13.65
C VAL E 112 -33.10 21.96 12.25
N ARG E 113 -33.74 20.93 11.68
CA ARG E 113 -33.20 20.33 10.48
C ARG E 113 -33.25 21.28 9.29
N LYS E 114 -34.39 21.91 9.04
CA LYS E 114 -34.59 22.65 7.81
C LYS E 114 -34.77 24.12 8.10
N LEU E 115 -34.12 24.96 7.30
CA LEU E 115 -34.16 26.39 7.54
C LEU E 115 -35.58 26.94 7.48
N LYS E 116 -36.38 26.46 6.54
CA LYS E 116 -37.74 26.93 6.41
C LYS E 116 -38.57 26.63 7.65
N THR E 117 -38.21 25.59 8.41
CA THR E 117 -38.92 25.29 9.64
C THR E 117 -38.23 25.84 10.87
N ARG E 118 -36.97 26.23 10.77
CA ARG E 118 -36.29 26.84 11.91
C ARG E 118 -36.81 28.23 12.18
N THR E 119 -36.92 29.05 11.12
CA THR E 119 -37.14 30.47 11.25
C THR E 119 -38.58 30.89 11.14
N ALA E 120 -39.35 30.23 10.27
CA ALA E 120 -40.73 30.65 10.06
C ALA E 120 -41.57 30.66 11.34
N PRO E 121 -41.49 29.69 12.24
CA PRO E 121 -42.26 29.80 13.49
C PRO E 121 -41.80 30.93 14.37
N LEU E 122 -40.58 31.41 14.20
CA LEU E 122 -40.12 32.49 15.06
C LEU E 122 -40.78 33.80 14.72
N GLU E 123 -41.16 33.99 13.47
CA GLU E 123 -41.77 35.25 13.06
C GLU E 123 -43.20 35.37 13.51
N LYS E 124 -43.70 34.43 14.30
CA LYS E 124 -45.07 34.46 14.76
C LYS E 124 -45.22 35.10 16.12
N ALA E 125 -44.14 35.24 16.88
CA ALA E 125 -44.19 35.85 18.19
C ALA E 125 -43.86 37.33 18.09
N TRP E 126 -44.64 38.14 18.77
CA TRP E 126 -44.48 39.59 18.78
C TRP E 126 -44.14 39.98 20.21
N LEU E 127 -42.86 40.21 20.47
CA LEU E 127 -42.36 40.40 21.82
C LEU E 127 -42.43 41.88 22.16
N TYR E 128 -43.35 42.25 23.03
CA TYR E 128 -43.56 43.64 23.42
C TYR E 128 -43.23 43.82 24.89
N GLU E 129 -42.34 44.76 25.20
CA GLU E 129 -41.84 44.89 26.55
C GLU E 129 -42.84 45.51 27.52
N ASP E 130 -43.99 45.96 27.05
CA ASP E 130 -44.95 46.60 27.93
C ASP E 130 -46.34 46.36 27.37
N SER E 131 -47.31 47.16 27.80
CA SER E 131 -48.68 46.95 27.37
C SER E 131 -48.86 47.25 25.89
N VAL E 132 -48.36 48.40 25.45
CA VAL E 132 -48.69 48.91 24.12
C VAL E 132 -48.23 47.93 23.05
N HIS E 133 -49.11 47.70 22.07
CA HIS E 133 -48.83 46.87 20.91
C HIS E 133 -49.84 47.20 19.83
N PRO E 134 -49.44 47.28 18.57
CA PRO E 134 -50.34 47.73 17.52
C PRO E 134 -51.40 46.73 17.09
N HIS E 135 -51.60 45.65 17.84
CA HIS E 135 -52.51 44.59 17.40
C HIS E 135 -53.82 44.62 18.14
N ALA E 136 -54.34 45.81 18.45
CA ALA E 136 -55.69 45.89 18.99
C ALA E 136 -56.69 45.32 18.00
N GLU E 137 -56.44 45.52 16.70
CA GLU E 137 -57.36 45.08 15.67
C GLU E 137 -57.24 43.60 15.36
N LYS E 138 -56.31 42.89 16.00
CA LYS E 138 -56.22 41.45 15.82
C LYS E 138 -56.84 40.69 16.98
N ASN E 139 -57.44 41.39 17.93
CA ASN E 139 -58.20 40.77 19.01
C ASN E 139 -57.41 39.65 19.70
N PRO E 140 -56.24 39.94 20.23
CA PRO E 140 -55.46 38.86 20.84
C PRO E 140 -56.18 38.29 22.05
N ARG E 141 -56.62 37.07 21.92
CA ARG E 141 -57.39 36.43 22.98
C ARG E 141 -56.45 35.92 24.06
N PRO E 142 -56.66 36.27 25.31
CA PRO E 142 -55.70 35.90 26.35
C PRO E 142 -55.72 34.42 26.65
N LEU E 143 -54.72 33.70 26.17
CA LEU E 143 -54.73 32.26 26.31
C LEU E 143 -54.58 31.87 27.77
N VAL E 144 -55.39 30.92 28.21
CA VAL E 144 -55.34 30.44 29.58
C VAL E 144 -54.33 29.31 29.65
N TRP E 145 -53.59 29.28 30.75
CA TRP E 145 -52.49 28.34 30.93
C TRP E 145 -51.97 28.47 32.35
N THR E 146 -51.67 27.34 32.98
CA THR E 146 -51.15 27.34 34.34
C THR E 146 -49.88 26.50 34.37
N ASP E 147 -48.77 27.15 34.67
CA ASP E 147 -47.47 26.49 34.63
C ASP E 147 -47.35 25.37 35.66
N ARG F 10 -45.47 1.82 33.99
CA ARG F 10 -44.61 1.53 35.12
C ARG F 10 -43.61 0.45 34.78
N TYR F 11 -42.48 0.48 35.47
CA TYR F 11 -41.38 -0.44 35.20
C TYR F 11 -41.85 -1.88 35.23
N ARG F 12 -42.30 -2.34 36.39
CA ARG F 12 -42.81 -3.70 36.58
C ARG F 12 -44.27 -3.61 36.94
N LEU F 13 -45.14 -4.17 36.10
CA LEU F 13 -46.55 -4.20 36.40
C LEU F 13 -46.83 -5.21 37.50
N PHE F 14 -47.98 -5.05 38.15
CA PHE F 14 -48.43 -5.97 39.17
C PHE F 14 -49.87 -6.34 38.89
N HIS F 15 -50.09 -7.56 38.43
CA HIS F 15 -51.41 -8.06 38.13
C HIS F 15 -51.44 -9.52 38.53
N PRO F 16 -52.59 -10.06 38.89
CA PRO F 16 -52.69 -11.51 39.08
C PRO F 16 -52.42 -12.18 37.77
N VAL F 17 -51.30 -12.90 37.66
CA VAL F 17 -50.81 -13.29 36.35
C VAL F 17 -51.63 -14.46 35.81
N HIS F 18 -52.65 -14.86 36.56
CA HIS F 18 -53.64 -15.78 36.02
C HIS F 18 -54.46 -15.06 34.97
N GLN F 19 -54.23 -13.76 34.82
CA GLN F 19 -54.90 -12.95 33.83
C GLN F 19 -54.18 -12.94 32.48
N THR F 20 -52.87 -13.18 32.46
CA THR F 20 -52.18 -13.13 31.20
C THR F 20 -52.60 -14.25 30.26
N VAL F 21 -53.11 -15.35 30.80
CA VAL F 21 -53.62 -16.45 29.99
C VAL F 21 -55.10 -16.65 30.30
N PRO F 22 -55.96 -15.71 29.92
CA PRO F 22 -57.36 -15.77 30.37
C PRO F 22 -58.10 -16.95 29.78
N PHE F 23 -58.86 -17.63 30.63
CA PHE F 23 -59.60 -18.84 30.26
C PHE F 23 -61.06 -18.56 29.99
N HIS F 24 -61.38 -17.40 29.43
CA HIS F 24 -62.77 -17.06 29.19
C HIS F 24 -63.26 -17.65 27.88
N PHE F 25 -62.47 -17.59 26.84
CA PHE F 25 -62.85 -18.13 25.54
C PHE F 25 -62.42 -19.57 25.34
N ASN F 26 -61.90 -20.21 26.39
CA ASN F 26 -61.57 -21.63 26.35
C ASN F 26 -61.69 -22.20 27.75
N PRO F 27 -62.90 -22.54 28.17
CA PRO F 27 -63.05 -23.42 29.32
C PRO F 27 -62.98 -24.87 28.87
N VAL F 28 -62.96 -25.79 29.82
CA VAL F 28 -62.91 -27.19 29.46
C VAL F 28 -64.09 -27.57 28.59
N GLN F 29 -65.19 -26.84 28.70
CA GLN F 29 -66.30 -27.05 27.78
C GLN F 29 -65.93 -26.75 26.34
N SER F 30 -64.77 -26.14 26.09
CA SER F 30 -64.30 -25.93 24.74
C SER F 30 -63.52 -27.11 24.21
N ILE F 31 -62.78 -27.79 25.07
CA ILE F 31 -62.05 -28.99 24.70
C ILE F 31 -62.77 -30.27 25.09
N PHE F 32 -63.69 -30.21 26.06
CA PHE F 32 -64.64 -31.29 26.36
C PHE F 32 -66.02 -30.74 26.10
N PRO F 33 -66.60 -31.00 24.93
CA PRO F 33 -67.90 -30.37 24.62
C PRO F 33 -69.04 -30.83 25.51
N LEU F 34 -69.16 -32.13 25.75
CA LEU F 34 -70.22 -32.69 26.59
C LEU F 34 -69.63 -33.09 27.92
N ILE F 35 -69.55 -32.12 28.83
CA ILE F 35 -69.07 -32.36 30.19
C ILE F 35 -70.13 -31.99 31.22
N TYR F 36 -70.73 -30.80 31.07
CA TYR F 36 -71.87 -30.48 31.92
C TYR F 36 -73.02 -31.43 31.68
N GLU F 37 -73.18 -31.90 30.45
CA GLU F 37 -73.77 -33.21 30.22
C GLU F 37 -72.74 -34.24 30.65
N ASN F 38 -72.99 -34.97 31.73
CA ASN F 38 -71.92 -35.72 32.37
C ASN F 38 -71.51 -36.86 31.44
N ASN F 39 -70.62 -36.52 30.51
CA ASN F 39 -70.21 -37.44 29.46
C ASN F 39 -68.69 -37.52 29.33
N LEU F 40 -68.00 -36.42 29.60
CA LEU F 40 -66.54 -36.34 29.59
C LEU F 40 -65.93 -36.86 28.27
N LEU F 41 -66.30 -36.20 27.18
CA LEU F 41 -65.77 -36.52 25.86
C LEU F 41 -64.77 -35.48 25.44
N ALA F 42 -63.66 -35.93 24.86
CA ALA F 42 -62.55 -35.06 24.48
C ALA F 42 -62.51 -34.90 22.97
N LYS F 43 -62.46 -33.66 22.52
CA LYS F 43 -62.30 -33.33 21.11
C LYS F 43 -61.34 -32.16 21.00
N PRO F 44 -60.06 -32.40 21.26
CA PRO F 44 -59.07 -31.33 21.15
C PRO F 44 -58.54 -31.22 19.73
N ARG F 45 -57.88 -30.09 19.46
CA ARG F 45 -57.16 -29.90 18.22
C ARG F 45 -55.70 -30.24 18.51
N LEU F 46 -55.24 -31.36 17.96
CA LEU F 46 -54.05 -32.01 18.48
C LEU F 46 -52.76 -31.32 18.05
N SER F 47 -52.76 -30.62 16.93
CA SER F 47 -51.56 -29.91 16.51
C SER F 47 -51.91 -28.95 15.38
N TRP F 48 -51.26 -27.78 15.40
CA TRP F 48 -51.38 -26.84 14.30
C TRP F 48 -51.10 -27.52 12.98
N LYS F 49 -50.29 -28.57 12.99
CA LYS F 49 -49.94 -29.30 11.78
C LYS F 49 -51.11 -30.11 11.25
N ASP F 50 -52.10 -30.42 12.08
CA ASP F 50 -53.24 -31.23 11.67
C ASP F 50 -54.21 -30.50 10.76
N TYR F 51 -54.08 -29.18 10.62
CA TYR F 51 -55.11 -28.37 9.98
C TYR F 51 -55.43 -28.88 8.60
N GLU F 52 -56.69 -29.27 8.40
CA GLU F 52 -57.10 -29.84 7.11
C GLU F 52 -57.03 -28.82 6.00
N GLY F 53 -57.81 -27.76 6.10
CA GLY F 53 -57.87 -26.77 5.05
C GLY F 53 -59.08 -25.87 5.24
N ARG F 54 -59.41 -25.17 4.18
CA ARG F 54 -60.57 -24.29 4.17
C ARG F 54 -61.72 -25.00 3.48
N LYS F 55 -62.77 -25.31 4.24
CA LYS F 55 -63.99 -25.88 3.70
C LYS F 55 -65.08 -24.84 3.75
N GLU F 56 -65.73 -24.61 2.62
CA GLU F 56 -66.82 -23.66 2.58
C GLU F 56 -68.02 -24.18 3.36
N PHE F 57 -68.88 -23.26 3.79
CA PHE F 57 -70.07 -23.63 4.54
C PHE F 57 -71.13 -24.25 3.64
N ASP F 58 -71.10 -23.96 2.34
CA ASP F 58 -72.06 -24.50 1.38
C ASP F 58 -71.60 -24.10 -0.02
N ALA F 59 -72.32 -24.61 -1.02
CA ALA F 59 -71.97 -24.34 -2.41
C ALA F 59 -72.38 -22.95 -2.86
N ASP F 60 -73.37 -22.34 -2.20
CA ASP F 60 -73.77 -20.98 -2.56
C ASP F 60 -72.63 -20.00 -2.34
N HIS F 61 -71.74 -20.28 -1.39
CA HIS F 61 -70.69 -19.37 -0.97
C HIS F 61 -69.33 -20.02 -1.24
N PRO F 62 -68.89 -20.03 -2.49
CA PRO F 62 -67.64 -20.69 -2.82
C PRO F 62 -66.45 -19.91 -2.30
N LEU F 63 -65.32 -20.60 -2.21
CA LEU F 63 -64.09 -19.93 -1.83
C LEU F 63 -63.41 -19.35 -3.07
N PRO F 64 -62.73 -18.22 -2.93
CA PRO F 64 -62.16 -17.53 -4.09
C PRO F 64 -60.86 -18.16 -4.53
N VAL F 65 -60.34 -17.66 -5.65
CA VAL F 65 -59.03 -18.09 -6.14
C VAL F 65 -58.05 -16.94 -6.04
N VAL F 66 -57.32 -16.87 -4.94
CA VAL F 66 -56.31 -15.85 -4.72
C VAL F 66 -55.00 -16.57 -4.45
N GLY F 67 -54.10 -16.54 -5.42
CA GLY F 67 -52.96 -17.43 -5.37
C GLY F 67 -51.85 -16.95 -4.47
N THR F 68 -51.06 -17.92 -4.03
CA THR F 68 -49.84 -17.70 -3.25
C THR F 68 -48.64 -18.13 -4.07
N ARG F 69 -47.45 -17.95 -3.52
CA ARG F 69 -46.27 -18.36 -4.25
C ARG F 69 -46.16 -19.88 -4.33
N LEU F 70 -46.80 -20.59 -3.39
CA LEU F 70 -46.87 -22.04 -3.47
C LEU F 70 -47.75 -22.53 -4.61
N ASN F 71 -48.42 -21.62 -5.32
CA ASN F 71 -49.15 -21.96 -6.53
C ASN F 71 -48.71 -21.12 -7.72
N GLU F 72 -48.61 -19.81 -7.56
CA GLU F 72 -48.51 -18.94 -8.73
C GLU F 72 -47.15 -19.02 -9.41
N ARG F 73 -46.15 -19.62 -8.78
CA ARG F 73 -44.89 -19.88 -9.46
C ARG F 73 -44.62 -21.37 -9.36
N THR F 74 -45.03 -22.10 -10.40
CA THR F 74 -44.70 -23.50 -10.59
C THR F 74 -44.45 -23.72 -12.07
N THR F 75 -43.57 -24.66 -12.37
CA THR F 75 -43.20 -24.98 -13.74
C THR F 75 -43.78 -26.34 -14.12
N THR F 76 -44.03 -26.52 -15.42
CA THR F 76 -44.74 -27.67 -15.94
C THR F 76 -44.18 -28.97 -15.37
N HIS F 77 -45.03 -29.98 -15.29
CA HIS F 77 -44.65 -31.26 -14.71
C HIS F 77 -43.97 -32.10 -15.78
N LYS F 78 -42.65 -31.98 -15.87
CA LYS F 78 -41.89 -32.87 -16.72
C LYS F 78 -41.91 -34.27 -16.14
N TRP F 79 -42.17 -35.25 -17.00
CA TRP F 79 -42.57 -36.57 -16.55
C TRP F 79 -41.48 -37.24 -15.75
N SER F 80 -41.83 -37.69 -14.55
CA SER F 80 -40.90 -38.41 -13.70
C SER F 80 -40.72 -39.81 -14.27
N HIS F 81 -40.02 -40.66 -13.54
CA HIS F 81 -39.79 -42.01 -14.06
C HIS F 81 -40.98 -42.92 -13.82
N TRP F 82 -41.75 -42.68 -12.77
CA TRP F 82 -42.95 -43.49 -12.54
C TRP F 82 -44.03 -43.15 -13.55
N ASP F 83 -44.00 -41.95 -14.13
CA ASP F 83 -44.98 -41.61 -15.15
C ASP F 83 -44.72 -42.37 -16.43
N GLN F 84 -43.48 -42.33 -16.92
CA GLN F 84 -43.11 -43.11 -18.09
C GLN F 84 -42.97 -44.59 -17.80
N TYR F 85 -43.17 -45.01 -16.56
CA TYR F 85 -43.35 -46.42 -16.26
C TYR F 85 -44.80 -46.81 -16.43
N ILE F 86 -45.70 -46.02 -15.84
CA ILE F 86 -47.13 -46.29 -15.95
C ILE F 86 -47.54 -46.35 -17.41
N ASN F 87 -47.20 -45.32 -18.17
CA ASN F 87 -47.68 -45.17 -19.54
C ASN F 87 -46.54 -44.72 -20.43
N PRO F 88 -45.89 -45.63 -21.12
CA PRO F 88 -44.76 -45.24 -21.97
C PRO F 88 -45.16 -44.45 -23.20
N GLN F 89 -46.41 -44.03 -23.31
CA GLN F 89 -46.82 -43.15 -24.40
C GLN F 89 -46.38 -41.72 -24.20
N ILE F 90 -45.73 -41.41 -23.08
CA ILE F 90 -45.34 -40.04 -22.77
C ILE F 90 -43.83 -39.84 -22.87
N THR F 91 -43.11 -40.81 -23.43
CA THR F 91 -41.69 -40.64 -23.73
C THR F 91 -41.55 -40.18 -25.17
N GLN F 92 -42.08 -38.99 -25.43
CA GLN F 92 -42.22 -38.51 -26.80
C GLN F 92 -40.86 -38.27 -27.44
N SER F 93 -40.00 -37.49 -26.80
CA SER F 93 -38.70 -37.16 -27.37
C SER F 93 -37.60 -37.47 -26.38
N TRP F 94 -36.37 -37.23 -26.81
CA TRP F 94 -35.22 -37.67 -26.03
C TRP F 94 -34.98 -36.80 -24.80
N MET F 95 -35.48 -35.57 -24.80
CA MET F 95 -35.36 -34.76 -23.60
C MET F 95 -36.23 -35.29 -22.47
N TYR F 96 -37.04 -36.31 -22.72
CA TYR F 96 -37.85 -36.92 -21.68
C TYR F 96 -37.04 -37.92 -20.88
N LEU F 97 -36.14 -38.64 -21.53
CA LEU F 97 -35.31 -39.66 -20.87
C LEU F 97 -34.25 -38.94 -20.05
N THR F 98 -34.67 -38.41 -18.92
CA THR F 98 -33.76 -37.76 -18.01
C THR F 98 -33.04 -38.80 -17.18
N GLN F 99 -31.84 -38.46 -16.73
CA GLN F 99 -30.95 -39.42 -16.10
C GLN F 99 -31.47 -39.80 -14.72
N THR F 100 -30.63 -40.49 -13.96
CA THR F 100 -31.02 -40.96 -12.64
C THR F 100 -31.49 -39.79 -11.79
N PRO F 101 -32.56 -39.96 -10.99
CA PRO F 101 -32.94 -38.89 -10.07
C PRO F 101 -31.91 -38.68 -8.99
N GLU F 102 -31.17 -39.72 -8.62
CA GLU F 102 -30.10 -39.57 -7.63
C GLU F 102 -29.03 -38.59 -8.09
N TYR F 103 -28.82 -38.44 -9.38
CA TYR F 103 -27.93 -37.41 -9.88
C TYR F 103 -28.65 -36.07 -9.79
N VAL F 104 -28.01 -35.10 -9.15
CA VAL F 104 -28.68 -33.84 -8.83
C VAL F 104 -28.21 -32.70 -9.71
N GLY F 105 -27.17 -32.91 -10.51
CA GLY F 105 -26.62 -31.86 -11.33
C GLY F 105 -25.14 -31.75 -11.07
N PRO F 106 -24.44 -31.00 -11.90
CA PRO F 106 -23.01 -30.79 -11.67
C PRO F 106 -22.78 -30.04 -10.37
N ARG F 107 -21.60 -30.22 -9.80
CA ARG F 107 -21.22 -29.50 -8.59
C ARG F 107 -21.21 -28.01 -8.87
N SER F 108 -21.79 -27.24 -7.97
CA SER F 108 -21.95 -25.81 -8.21
C SER F 108 -21.76 -25.00 -6.93
N GLY F 109 -20.93 -25.49 -6.02
CA GLY F 109 -20.63 -24.76 -4.80
C GLY F 109 -19.20 -25.08 -4.40
N HIS F 110 -18.74 -24.38 -3.38
CA HIS F 110 -17.34 -24.45 -2.96
C HIS F 110 -17.27 -25.03 -1.56
N ASN F 111 -16.73 -26.24 -1.42
CA ASN F 111 -16.70 -26.84 -0.10
C ASN F 111 -15.66 -26.18 0.78
N VAL F 112 -15.93 -24.95 1.18
CA VAL F 112 -15.04 -24.24 2.10
C VAL F 112 -14.95 -25.05 3.38
N ILE F 113 -13.76 -25.54 3.70
CA ILE F 113 -13.62 -26.38 4.87
C ILE F 113 -13.87 -25.56 6.13
N LYS F 114 -14.37 -26.22 7.16
CA LYS F 114 -14.81 -25.61 8.40
C LYS F 114 -15.90 -24.57 8.22
N MET F 115 -16.48 -24.46 7.02
CA MET F 115 -17.59 -23.55 6.80
C MET F 115 -18.73 -24.13 5.98
N GLY F 116 -18.52 -25.18 5.21
CA GLY F 116 -19.59 -25.81 4.47
C GLY F 116 -19.69 -25.29 3.06
N TRP F 117 -20.68 -25.82 2.34
CA TRP F 117 -20.86 -25.43 0.96
C TRP F 117 -21.22 -23.96 0.87
N MET F 118 -20.65 -23.26 -0.10
CA MET F 118 -20.89 -21.84 -0.26
C MET F 118 -21.20 -21.54 -1.70
N LYS F 119 -22.01 -20.51 -1.91
CA LYS F 119 -22.38 -20.11 -3.26
C LYS F 119 -21.17 -19.60 -4.01
N ILE F 120 -21.18 -19.79 -5.32
CA ILE F 120 -20.27 -19.06 -6.18
C ILE F 120 -20.60 -17.59 -6.08
N GLY F 121 -19.59 -16.73 -6.21
CA GLY F 121 -19.85 -15.33 -6.00
C GLY F 121 -20.11 -14.95 -4.57
N GLY F 122 -20.03 -15.90 -3.64
CA GLY F 122 -20.32 -15.62 -2.25
C GLY F 122 -19.20 -14.92 -1.54
N SER F 123 -18.98 -15.26 -0.27
CA SER F 123 -17.98 -14.59 0.55
C SER F 123 -16.74 -15.47 0.66
N TRP F 124 -15.59 -14.89 0.35
CA TRP F 124 -14.32 -15.59 0.39
C TRP F 124 -13.49 -15.20 1.59
N LYS F 125 -13.98 -14.27 2.41
CA LYS F 125 -13.25 -13.80 3.58
C LYS F 125 -12.83 -14.94 4.49
N TYR F 126 -13.54 -16.06 4.47
CA TYR F 126 -13.31 -17.16 5.40
C TYR F 126 -12.92 -18.44 4.69
N SER F 127 -12.22 -18.32 3.57
CA SER F 127 -11.78 -19.46 2.79
C SER F 127 -10.28 -19.42 2.59
N ARG F 128 -9.55 -19.13 3.66
CA ARG F 128 -8.10 -19.12 3.56
C ARG F 128 -7.57 -20.53 3.34
N SER F 129 -7.84 -21.44 4.27
CA SER F 129 -7.32 -22.79 4.14
C SER F 129 -7.93 -23.52 2.95
N TYR F 130 -9.01 -22.99 2.38
CA TYR F 130 -9.55 -23.59 1.17
C TYR F 130 -8.70 -23.21 -0.04
N ASN F 131 -8.24 -21.96 -0.11
CA ASN F 131 -7.30 -21.59 -1.16
C ASN F 131 -5.96 -22.29 -1.02
N ASP F 132 -5.74 -23.00 0.08
CA ASP F 132 -4.54 -23.82 0.22
C ASP F 132 -4.79 -25.23 -0.31
N ALA F 133 -5.95 -25.79 -0.01
CA ALA F 133 -6.26 -27.13 -0.48
C ALA F 133 -6.40 -27.19 -1.99
N ARG F 134 -6.99 -26.16 -2.60
CA ARG F 134 -7.13 -26.16 -4.05
C ARG F 134 -5.77 -26.09 -4.73
N ARG F 135 -4.85 -25.30 -4.18
CA ARG F 135 -3.51 -25.24 -4.74
C ARG F 135 -2.73 -26.53 -4.52
N GLY F 136 -3.35 -27.56 -3.97
CA GLY F 136 -2.65 -28.80 -3.68
C GLY F 136 -1.54 -28.66 -2.66
N PHE F 137 -1.37 -27.49 -2.07
CA PHE F 137 -0.31 -27.28 -1.10
C PHE F 137 -0.66 -27.98 0.20
N ALA F 138 0.18 -28.92 0.63
CA ALA F 138 -0.11 -29.70 1.85
C ALA F 138 0.84 -29.36 3.01
N LYS F 139 0.35 -28.64 4.02
CA LYS F 139 1.13 -28.41 5.26
C LYS F 139 1.25 -29.75 5.98
N GLY F 140 0.18 -30.55 5.99
CA GLY F 140 0.16 -31.86 6.66
C GLY F 140 0.37 -31.81 8.16
N GLN F 141 -0.25 -30.83 8.85
CA GLN F 141 -0.18 -30.77 10.33
C GLN F 141 1.28 -30.68 10.76
N TRP F 142 2.11 -29.95 10.01
CA TRP F 142 3.58 -29.90 10.30
C TRP F 142 3.89 -28.86 11.37
N GLN F 143 2.88 -28.13 11.84
CA GLN F 143 3.14 -27.20 12.96
C GLN F 143 3.32 -28.06 14.22
N GLU F 144 2.97 -29.33 14.16
CA GLU F 144 3.27 -30.17 15.35
C GLU F 144 4.73 -30.58 15.34
N ARG F 145 5.60 -29.63 15.69
CA ARG F 145 7.05 -29.95 15.84
C ARG F 145 7.21 -30.63 17.19
N LYS F 146 6.45 -30.15 18.18
CA LYS F 146 6.61 -30.63 19.56
C LYS F 146 6.35 -32.13 19.73
N MET F 147 5.28 -32.67 19.13
CA MET F 147 4.94 -34.09 19.41
C MET F 147 5.43 -35.02 18.31
N THR F 148 6.41 -35.87 18.62
CA THR F 148 7.02 -36.74 17.60
C THR F 148 6.13 -37.93 17.33
N PRO F 149 5.69 -38.21 16.04
CA PRO F 149 4.76 -39.28 15.70
C PRO F 149 5.44 -40.64 15.77
N ARG F 150 4.62 -41.69 15.69
CA ARG F 150 5.15 -43.05 15.67
C ARG F 150 6.11 -43.27 14.51
N PHE F 151 6.04 -42.41 13.49
CA PHE F 151 6.90 -42.56 12.33
C PHE F 151 8.37 -42.58 12.71
N MET F 152 8.82 -41.59 13.48
CA MET F 152 10.24 -41.47 13.78
C MET F 152 10.70 -42.45 14.85
N LEU F 153 9.77 -43.12 15.53
CA LEU F 153 10.13 -43.97 16.65
C LEU F 153 9.71 -45.42 16.45
N ALA F 154 9.41 -45.83 15.22
CA ALA F 154 8.91 -47.17 14.97
C ALA F 154 10.02 -48.02 14.39
N PRO F 155 10.65 -48.90 15.16
CA PRO F 155 11.66 -49.79 14.59
C PRO F 155 11.05 -50.66 13.51
N ARG F 156 11.65 -50.61 12.33
CA ARG F 156 11.16 -51.39 11.20
C ARG F 156 11.90 -52.72 11.17
N VAL F 157 11.15 -53.81 11.31
CA VAL F 157 11.69 -55.15 11.16
C VAL F 157 12.00 -55.39 9.70
N SER F 158 12.73 -56.46 9.40
CA SER F 158 12.65 -57.03 8.06
C SER F 158 13.07 -56.05 6.98
N ALA F 159 14.38 -55.85 6.81
CA ALA F 159 14.91 -54.89 5.84
C ALA F 159 14.10 -54.84 4.55
N GLY F 160 13.44 -55.94 4.21
CA GLY F 160 12.42 -55.92 3.18
C GLY F 160 11.14 -55.23 3.62
N GLY F 161 10.46 -55.77 4.62
CA GLY F 161 9.23 -55.21 5.11
C GLY F 161 8.39 -56.22 5.86
N PRO F 162 7.31 -55.78 6.47
CA PRO F 162 6.43 -56.70 7.20
C PRO F 162 5.75 -57.73 6.32
N ARG F 163 5.39 -57.37 5.09
CA ARG F 163 4.78 -58.34 4.20
C ARG F 163 5.43 -58.24 2.83
N ASN F 164 6.74 -58.09 2.81
CA ASN F 164 7.47 -57.91 1.56
C ASN F 164 7.25 -59.10 0.65
N ARG F 165 6.53 -58.90 -0.44
CA ARG F 165 6.27 -60.01 -1.36
C ARG F 165 7.40 -60.16 -2.38
N TYR F 166 8.58 -60.50 -1.87
CA TYR F 166 9.72 -60.79 -2.70
C TYR F 166 9.37 -61.82 -3.76
N GLU F 167 10.15 -61.86 -4.82
CA GLU F 167 9.95 -62.87 -5.85
C GLU F 167 10.14 -64.26 -5.25
N GLY F 168 9.21 -65.15 -5.56
CA GLY F 168 9.26 -66.51 -5.06
C GLY F 168 8.36 -66.77 -3.87
N LYS F 169 7.96 -65.72 -3.16
CA LYS F 169 7.07 -65.88 -2.02
C LYS F 169 5.79 -66.55 -2.47
N ALA F 170 5.47 -67.70 -1.87
CA ALA F 170 4.32 -68.50 -2.28
C ALA F 170 3.09 -67.98 -1.58
N SER F 171 2.48 -66.96 -2.17
CA SER F 171 1.26 -66.34 -1.62
C SER F 171 0.10 -66.68 -2.55
N PHE F 172 -0.67 -67.69 -2.17
CA PHE F 172 -1.77 -68.14 -3.00
C PHE F 172 -2.98 -67.21 -2.83
N SER F 173 -3.81 -67.18 -3.87
CA SER F 173 -5.07 -66.44 -3.81
C SER F 173 -6.16 -67.35 -3.25
N ARG F 174 -6.80 -66.91 -2.18
CA ARG F 174 -7.71 -67.78 -1.44
C ARG F 174 -8.94 -68.09 -2.27
N LEU F 175 -9.27 -69.39 -2.35
CA LEU F 175 -10.50 -69.86 -2.97
C LEU F 175 -11.30 -70.58 -1.89
N SER F 176 -12.46 -70.04 -1.56
CA SER F 176 -13.32 -70.69 -0.59
C SER F 176 -13.77 -72.04 -1.12
N LEU F 177 -13.85 -73.02 -0.23
CA LEU F 177 -14.39 -74.31 -0.67
C LEU F 177 -15.89 -74.22 -0.89
N SER F 178 -16.58 -73.38 -0.11
CA SER F 178 -18.02 -73.24 -0.26
C SER F 178 -18.38 -72.54 -1.56
N LYS F 179 -17.44 -71.85 -2.19
CA LYS F 179 -17.69 -71.29 -3.50
C LYS F 179 -17.63 -72.35 -4.58
N LEU F 180 -16.92 -73.44 -4.33
CA LEU F 180 -16.84 -74.56 -5.24
C LEU F 180 -18.08 -75.44 -5.16
N LEU F 181 -18.43 -75.88 -3.95
CA LEU F 181 -19.61 -76.72 -3.78
C LEU F 181 -20.89 -76.01 -4.18
N TRP F 182 -20.86 -74.70 -4.34
CA TRP F 182 -22.02 -73.98 -4.82
C TRP F 182 -22.09 -73.96 -6.33
N ALA F 183 -20.97 -74.21 -7.00
CA ALA F 183 -20.94 -74.17 -8.46
C ALA F 183 -21.02 -75.54 -9.09
N VAL F 184 -21.05 -76.62 -8.29
CA VAL F 184 -21.28 -77.94 -8.86
C VAL F 184 -22.74 -78.35 -8.75
N ASP F 185 -23.52 -77.72 -7.88
CA ASP F 185 -24.95 -77.94 -7.82
C ASP F 185 -25.74 -76.88 -8.53
N THR F 186 -25.19 -75.67 -8.64
CA THR F 186 -25.69 -74.71 -9.60
C THR F 186 -25.62 -75.27 -11.02
N GLY F 187 -24.60 -76.06 -11.30
CA GLY F 187 -24.47 -76.71 -12.59
C GLY F 187 -23.29 -76.28 -13.40
N ARG F 188 -22.40 -75.45 -12.85
CA ARG F 188 -21.24 -75.00 -13.60
C ARG F 188 -20.17 -76.07 -13.71
N LEU F 189 -20.01 -76.90 -12.69
CA LEU F 189 -18.96 -77.91 -12.69
C LEU F 189 -19.58 -79.29 -12.76
N ASN F 190 -19.03 -80.13 -13.61
CA ASN F 190 -19.50 -81.49 -13.79
C ASN F 190 -18.75 -82.39 -12.83
N PRO F 191 -19.38 -82.90 -11.76
CA PRO F 191 -18.64 -83.67 -10.76
C PRO F 191 -18.12 -84.99 -11.27
N ASN F 192 -18.37 -85.35 -12.53
CA ASN F 192 -17.80 -86.57 -13.07
C ASN F 192 -16.31 -86.43 -13.32
N GLU F 193 -15.86 -85.22 -13.56
CA GLU F 193 -14.53 -85.00 -14.10
C GLU F 193 -13.59 -84.39 -13.07
N THR F 194 -12.30 -84.58 -13.30
CA THR F 194 -11.27 -84.09 -12.38
C THR F 194 -11.20 -82.57 -12.51
N ILE F 195 -11.81 -81.88 -11.55
CA ILE F 195 -11.93 -80.43 -11.60
C ILE F 195 -10.56 -79.80 -11.41
N THR F 196 -10.13 -78.99 -12.38
CA THR F 196 -8.84 -78.33 -12.32
C THR F 196 -9.01 -76.82 -12.48
N LEU F 197 -7.89 -76.12 -12.62
CA LEU F 197 -7.96 -74.66 -12.75
C LEU F 197 -8.53 -74.23 -14.10
N TYR F 198 -8.46 -75.09 -15.11
CA TYR F 198 -8.96 -74.67 -16.42
C TYR F 198 -10.46 -74.47 -16.39
N HIS F 199 -11.19 -75.39 -15.76
CA HIS F 199 -12.63 -75.28 -15.73
C HIS F 199 -13.07 -74.03 -14.98
N LEU F 200 -12.54 -73.84 -13.77
CA LEU F 200 -12.90 -72.70 -12.94
C LEU F 200 -12.83 -71.41 -13.74
N ARG F 201 -11.74 -71.20 -14.48
CA ARG F 201 -11.65 -70.02 -15.30
C ARG F 201 -12.68 -70.03 -16.42
N ASN F 202 -12.91 -71.19 -17.03
CA ASN F 202 -13.85 -71.26 -18.14
C ASN F 202 -15.29 -71.38 -17.68
N ALA F 203 -15.53 -72.05 -16.56
CA ALA F 203 -16.86 -72.05 -15.97
C ALA F 203 -17.19 -70.72 -15.30
N LYS F 204 -16.32 -69.74 -15.43
CA LYS F 204 -16.48 -68.43 -14.79
C LYS F 204 -16.78 -68.55 -13.31
N VAL F 205 -16.40 -69.67 -12.70
CA VAL F 205 -16.49 -69.78 -11.26
C VAL F 205 -15.66 -68.69 -10.61
N ILE F 206 -14.40 -68.56 -11.01
CA ILE F 206 -13.52 -67.52 -10.50
C ILE F 206 -13.01 -66.69 -11.67
N ALA F 207 -12.86 -65.39 -11.44
CA ALA F 207 -12.30 -64.55 -12.46
C ALA F 207 -10.84 -64.89 -12.67
N ASP F 208 -10.25 -64.30 -13.70
CA ASP F 208 -8.84 -64.50 -14.01
C ASP F 208 -7.94 -63.53 -13.29
N ARG F 209 -8.49 -62.46 -12.73
CA ARG F 209 -7.69 -61.58 -11.89
C ARG F 209 -7.32 -62.24 -10.57
N GLU F 210 -8.05 -63.28 -10.16
CA GLU F 210 -7.70 -63.98 -8.93
C GLU F 210 -6.45 -64.82 -9.12
N VAL F 211 -6.34 -65.51 -10.26
CA VAL F 211 -5.28 -66.46 -10.51
C VAL F 211 -3.98 -65.70 -10.77
N VAL F 212 -3.05 -65.74 -9.81
CA VAL F 212 -1.68 -65.32 -10.04
C VAL F 212 -0.79 -66.39 -9.43
N TRP F 213 0.41 -66.54 -9.97
CA TRP F 213 1.30 -67.59 -9.53
C TRP F 213 1.57 -67.46 -8.04
N PRO F 214 1.48 -68.55 -7.25
CA PRO F 214 0.98 -69.86 -7.65
C PRO F 214 -0.53 -69.89 -7.56
N GLY F 215 -1.18 -70.82 -8.25
CA GLY F 215 -2.58 -70.61 -8.58
C GLY F 215 -3.54 -70.24 -7.47
N MET F 216 -3.94 -71.18 -6.62
CA MET F 216 -5.06 -70.95 -5.72
C MET F 216 -4.77 -71.65 -4.40
N VAL F 217 -5.80 -71.71 -3.57
CA VAL F 217 -5.76 -72.48 -2.33
C VAL F 217 -7.21 -72.74 -1.92
N LEU F 218 -7.49 -73.96 -1.52
CA LEU F 218 -8.85 -74.38 -1.19
C LEU F 218 -8.99 -74.36 0.32
N LEU F 219 -9.87 -73.50 0.82
CA LEU F 219 -10.05 -73.31 2.26
C LEU F 219 -11.44 -73.74 2.67
N ALA F 220 -11.52 -74.65 3.64
CA ALA F 220 -12.79 -75.20 4.11
C ALA F 220 -13.13 -74.55 5.44
N GLY F 221 -13.73 -73.38 5.39
CA GLY F 221 -14.20 -72.68 6.57
C GLY F 221 -15.72 -72.60 6.53
N ASN F 222 -16.34 -72.90 7.66
CA ASN F 222 -17.82 -72.87 7.78
C ASN F 222 -18.41 -73.89 6.81
N VAL F 223 -17.62 -74.90 6.45
CA VAL F 223 -18.09 -76.06 5.70
C VAL F 223 -17.70 -77.29 6.49
N GLU F 224 -18.64 -78.22 6.63
CA GLU F 224 -18.41 -79.39 7.47
C GLU F 224 -18.53 -80.71 6.75
N ARG F 225 -19.23 -80.76 5.62
CA ARG F 225 -19.47 -82.01 4.92
C ARG F 225 -19.48 -81.72 3.44
N VAL F 226 -19.11 -82.72 2.65
CA VAL F 226 -19.20 -82.67 1.20
C VAL F 226 -19.84 -83.98 0.75
N PRO F 227 -21.04 -83.97 0.21
CA PRO F 227 -21.79 -85.22 0.05
C PRO F 227 -21.31 -86.10 -1.09
N TYR F 228 -21.04 -85.51 -2.23
CA TYR F 228 -20.60 -86.29 -3.37
C TYR F 228 -19.10 -86.37 -3.43
N PRO F 229 -18.54 -87.45 -3.98
CA PRO F 229 -17.10 -87.53 -4.13
C PRO F 229 -16.60 -86.50 -5.13
N LEU F 230 -15.43 -85.96 -4.86
CA LEU F 230 -14.91 -84.86 -5.64
C LEU F 230 -13.41 -85.02 -5.83
N HIS F 231 -12.93 -84.75 -7.04
CA HIS F 231 -11.53 -84.93 -7.37
C HIS F 231 -10.98 -83.63 -7.94
N ILE F 232 -10.05 -83.03 -7.22
CA ILE F 232 -9.65 -81.65 -7.45
C ILE F 232 -8.14 -81.57 -7.60
N GLU F 233 -7.68 -80.68 -8.48
CA GLU F 233 -6.28 -80.37 -8.64
C GLU F 233 -6.08 -78.89 -8.32
N LEU F 234 -5.67 -78.59 -7.10
CA LEU F 234 -5.38 -77.22 -6.72
C LEU F 234 -4.00 -77.18 -6.09
N GLN F 235 -3.52 -75.96 -5.83
CA GLN F 235 -2.23 -75.73 -5.19
C GLN F 235 -2.46 -75.55 -3.70
N ASN F 236 -2.08 -76.56 -2.93
CA ASN F 236 -2.01 -76.46 -1.47
C ASN F 236 -3.35 -76.05 -0.87
N ALA F 237 -4.31 -76.96 -0.96
CA ALA F 237 -5.48 -76.80 -0.13
C ALA F 237 -5.08 -76.94 1.34
N SER F 238 -5.92 -76.41 2.21
CA SER F 238 -5.62 -76.49 3.63
C SER F 238 -5.84 -77.91 4.14
N ALA F 239 -5.61 -78.12 5.43
CA ALA F 239 -5.70 -79.45 6.02
C ALA F 239 -7.15 -79.94 6.03
N LYS F 240 -8.03 -79.23 6.73
CA LYS F 240 -9.42 -79.65 6.78
C LYS F 240 -10.08 -79.63 5.41
N ALA F 241 -9.60 -78.81 4.49
CA ALA F 241 -10.12 -78.87 3.12
C ALA F 241 -9.75 -80.18 2.47
N ILE F 242 -8.56 -80.71 2.77
CA ILE F 242 -8.16 -82.01 2.25
C ILE F 242 -8.97 -83.12 2.88
N GLN F 243 -9.04 -83.13 4.22
CA GLN F 243 -9.74 -84.19 4.92
C GLN F 243 -11.20 -84.28 4.48
N LEU F 244 -11.84 -83.13 4.27
CA LEU F 244 -13.21 -83.12 3.79
C LEU F 244 -13.33 -83.90 2.48
N LEU F 245 -12.51 -83.56 1.49
CA LEU F 245 -12.61 -84.21 0.20
C LEU F 245 -12.25 -85.68 0.29
N GLU F 246 -11.23 -86.03 1.07
CA GLU F 246 -10.85 -87.43 1.20
C GLU F 246 -11.94 -88.22 1.91
N GLU F 247 -12.60 -87.63 2.89
CA GLU F 247 -13.65 -88.34 3.62
C GLU F 247 -14.87 -88.62 2.76
N ALA F 248 -15.04 -87.91 1.64
CA ALA F 248 -16.23 -88.05 0.82
C ALA F 248 -16.04 -89.08 -0.28
N GLY F 249 -15.04 -89.94 -0.19
CA GLY F 249 -14.75 -90.83 -1.29
C GLY F 249 -13.84 -90.18 -2.30
N GLY F 250 -14.13 -88.93 -2.63
CA GLY F 250 -13.31 -88.18 -3.56
C GLY F 250 -11.91 -87.97 -3.01
N SER F 251 -11.09 -87.31 -3.83
CA SER F 251 -9.68 -87.12 -3.50
C SER F 251 -9.28 -85.69 -3.82
N PHE F 252 -8.02 -85.37 -3.52
CA PHE F 252 -7.45 -84.09 -3.85
C PHE F 252 -5.96 -84.29 -4.08
N THR F 253 -5.39 -83.50 -4.99
CA THR F 253 -3.96 -83.50 -5.20
C THR F 253 -3.47 -82.06 -5.25
N ASN F 254 -2.18 -81.90 -5.05
CA ASN F 254 -1.54 -80.59 -4.95
C ASN F 254 -0.66 -80.41 -6.16
N VAL F 255 -1.23 -79.83 -7.22
CA VAL F 255 -0.50 -79.67 -8.48
C VAL F 255 0.21 -78.32 -8.39
N TYR F 256 1.34 -78.33 -7.70
CA TYR F 256 2.19 -77.14 -7.62
C TYR F 256 3.14 -77.15 -8.80
N MET F 257 3.18 -76.05 -9.56
CA MET F 257 3.97 -76.03 -10.77
C MET F 257 4.58 -74.64 -10.96
N SER F 258 5.59 -74.59 -11.82
CA SER F 258 6.24 -73.34 -12.16
C SER F 258 5.27 -72.42 -12.90
N HIS F 259 5.72 -71.21 -13.21
CA HIS F 259 4.84 -70.26 -13.88
C HIS F 259 4.38 -70.80 -15.22
N GLU F 260 5.32 -71.08 -16.12
CA GLU F 260 4.95 -71.56 -17.45
C GLU F 260 4.11 -72.83 -17.36
N GLY F 261 4.11 -73.51 -16.22
CA GLY F 261 3.15 -74.58 -16.03
C GLY F 261 1.73 -74.07 -15.91
N LEU F 262 1.55 -72.94 -15.21
CA LEU F 262 0.23 -72.34 -15.10
C LEU F 262 -0.28 -71.89 -16.46
N TYR F 263 0.56 -71.21 -17.24
CA TYR F 263 0.11 -70.77 -18.55
C TYR F 263 -0.16 -71.94 -19.48
N GLN F 264 0.77 -72.90 -19.55
CA GLN F 264 0.56 -74.05 -20.42
C GLN F 264 -0.66 -74.84 -20.03
N GLU F 265 -1.29 -74.53 -18.91
CA GLU F 265 -2.46 -75.24 -18.44
C GLU F 265 -3.73 -74.43 -18.56
N LEU F 266 -3.71 -73.17 -18.15
CA LEU F 266 -4.91 -72.34 -18.23
C LEU F 266 -5.29 -72.02 -19.67
N HIS F 267 -4.34 -72.02 -20.59
CA HIS F 267 -4.59 -71.72 -22.01
C HIS F 267 -4.14 -72.88 -22.87
N PRO F 268 -4.76 -74.06 -22.70
CA PRO F 268 -4.25 -75.24 -23.37
C PRO F 268 -4.50 -75.25 -24.86
N GLU F 269 -5.42 -74.43 -25.34
CA GLU F 269 -5.67 -74.35 -26.78
C GLU F 269 -4.67 -73.46 -27.51
N GLU F 270 -3.54 -73.14 -26.90
CA GLU F 270 -2.49 -72.38 -27.55
C GLU F 270 -1.24 -73.21 -27.76
N PHE F 271 -1.27 -74.50 -27.44
CA PHE F 271 -0.13 -75.39 -27.63
C PHE F 271 -0.65 -76.65 -28.31
N PRO F 272 -0.13 -77.02 -29.45
CA PRO F 272 -0.56 -78.26 -30.09
C PRO F 272 -0.18 -79.49 -29.29
N THR F 273 1.08 -79.58 -28.88
CA THR F 273 1.61 -80.74 -28.18
C THR F 273 2.05 -80.35 -26.78
N PHE F 274 2.70 -81.28 -26.11
CA PHE F 274 3.05 -81.12 -24.70
C PHE F 274 4.49 -80.64 -24.60
N MET F 275 4.67 -79.34 -24.44
CA MET F 275 5.99 -78.80 -24.14
C MET F 275 6.41 -79.26 -22.75
N GLU F 276 7.59 -79.85 -22.65
CA GLU F 276 8.04 -80.42 -21.40
C GLU F 276 8.08 -79.37 -20.30
N GLN F 277 7.54 -79.72 -19.13
CA GLN F 277 7.27 -78.76 -18.07
C GLN F 277 8.31 -78.92 -16.97
N GLU F 278 8.89 -77.81 -16.56
CA GLU F 278 9.97 -77.83 -15.59
C GLU F 278 9.44 -78.13 -14.19
N LEU F 279 10.27 -78.81 -13.41
CA LEU F 279 9.96 -79.07 -12.02
C LEU F 279 9.84 -77.75 -11.25
N PRO F 280 9.13 -77.75 -10.14
CA PRO F 280 9.13 -76.58 -9.28
C PRO F 280 10.51 -76.35 -8.68
N GLU F 281 10.75 -75.10 -8.29
CA GLU F 281 12.03 -74.77 -7.69
C GLU F 281 12.16 -75.42 -6.31
N ARG F 282 13.35 -75.32 -5.73
CA ARG F 282 13.64 -76.08 -4.52
C ARG F 282 12.76 -75.66 -3.35
N LYS F 283 12.56 -74.36 -3.16
CA LYS F 283 11.74 -73.90 -2.04
C LYS F 283 10.28 -74.30 -2.21
N GLY F 284 9.82 -74.42 -3.45
CA GLY F 284 8.48 -74.93 -3.69
C GLY F 284 8.42 -76.43 -3.71
N LEU F 285 9.52 -77.08 -4.07
CA LEU F 285 9.55 -78.54 -4.06
C LEU F 285 9.35 -79.08 -2.65
N GLU F 286 10.26 -78.77 -1.75
CA GLU F 286 10.23 -79.40 -0.44
C GLU F 286 9.01 -79.01 0.37
N ASN F 287 8.36 -77.90 0.01
CA ASN F 287 7.23 -77.43 0.80
C ASN F 287 5.92 -78.04 0.35
N PHE F 288 5.64 -77.98 -0.95
CA PHE F 288 4.34 -78.39 -1.48
C PHE F 288 4.40 -79.65 -2.31
N ALA F 289 5.18 -79.66 -3.39
CA ALA F 289 5.16 -80.80 -4.31
C ALA F 289 5.66 -82.07 -3.62
N THR F 290 6.87 -82.03 -3.13
CA THR F 290 7.39 -83.24 -2.53
C THR F 290 6.80 -83.54 -1.19
N ASN F 291 5.72 -82.88 -0.76
CA ASN F 291 5.18 -83.08 0.57
C ASN F 291 4.18 -84.23 0.52
N SER F 292 4.51 -85.33 1.20
CA SER F 292 3.62 -86.48 1.22
C SER F 292 2.30 -86.13 1.89
N ARG F 293 2.31 -85.20 2.84
CA ARG F 293 1.11 -84.90 3.60
C ARG F 293 0.13 -84.06 2.79
N LYS F 294 0.63 -83.14 1.98
CA LYS F 294 -0.19 -82.22 1.21
C LYS F 294 -0.63 -82.79 -0.12
N ARG F 295 -0.57 -84.11 -0.29
CA ARG F 295 -0.96 -84.76 -1.54
C ARG F 295 -0.20 -84.20 -2.73
N GLY F 296 1.01 -83.70 -2.49
CA GLY F 296 1.79 -83.13 -3.58
C GLY F 296 2.05 -84.17 -4.65
N TRP F 297 2.04 -83.72 -5.90
CA TRP F 297 2.09 -84.67 -7.00
C TRP F 297 3.45 -85.33 -7.10
N LEU F 298 4.52 -84.59 -6.84
CA LEU F 298 5.84 -85.19 -6.89
C LEU F 298 6.17 -86.00 -5.64
N ALA F 299 5.20 -86.26 -4.77
CA ALA F 299 5.52 -86.98 -3.54
C ALA F 299 5.79 -88.45 -3.81
N GLN F 300 4.96 -89.09 -4.65
CA GLN F 300 5.19 -90.50 -4.95
C GLN F 300 6.46 -90.70 -5.76
N TRP F 301 6.91 -89.65 -6.46
CA TRP F 301 8.16 -89.74 -7.20
C TRP F 301 9.36 -89.49 -6.30
N TYR F 302 9.26 -88.52 -5.40
CA TYR F 302 10.31 -88.24 -4.44
C TYR F 302 10.53 -89.40 -3.47
N GLU F 303 9.54 -90.27 -3.39
CA GLU F 303 9.63 -91.39 -2.44
C GLU F 303 9.97 -92.64 -3.25
N ASP F 304 10.46 -92.43 -4.47
CA ASP F 304 10.73 -93.58 -5.36
C ASP F 304 11.81 -94.48 -4.74
N GLU F 305 12.88 -93.90 -4.20
CA GLU F 305 13.99 -94.69 -3.58
C GLU F 305 14.78 -95.38 -4.68
N SER F 306 14.11 -96.15 -5.51
CA SER F 306 14.80 -96.86 -6.62
C SER F 306 15.48 -95.79 -7.46
N ARG F 307 14.79 -94.69 -7.72
CA ARG F 307 15.44 -93.58 -8.44
C ARG F 307 14.87 -92.26 -7.87
N TYR F 308 15.58 -91.15 -8.04
CA TYR F 308 15.17 -89.86 -7.43
C TYR F 308 15.30 -89.88 -5.92
N ALA F 309 14.65 -90.84 -5.28
CA ALA F 309 14.93 -90.99 -3.84
C ALA F 309 16.16 -91.91 -3.76
N HIS F 310 17.13 -91.69 -4.66
CA HIS F 310 18.40 -92.43 -4.58
C HIS F 310 18.93 -93.08 -5.85
N PRO F 311 18.84 -92.48 -7.03
CA PRO F 311 19.49 -92.95 -8.25
C PRO F 311 19.65 -94.32 -8.95
N GLY F 312 20.89 -94.69 -9.31
CA GLY F 312 21.12 -95.91 -10.12
C GLY F 312 21.35 -95.61 -11.60
N ALA F 313 21.63 -94.34 -11.96
CA ALA F 313 21.61 -93.86 -13.37
C ALA F 313 22.91 -93.16 -13.78
N GLY F 314 23.83 -92.96 -12.83
CA GLY F 314 25.13 -92.33 -13.14
C GLY F 314 25.11 -90.82 -13.11
N ARG F 315 24.38 -90.16 -14.00
CA ARG F 315 24.23 -88.68 -13.92
C ARG F 315 23.40 -88.36 -12.67
N ARG F 316 22.29 -89.08 -12.53
CA ARG F 316 21.32 -88.87 -11.45
C ARG F 316 22.01 -88.88 -10.11
N THR F 317 23.10 -89.62 -10.02
CA THR F 317 23.68 -89.78 -8.67
C THR F 317 24.06 -88.43 -8.10
N ALA F 318 24.60 -87.51 -8.90
CA ALA F 318 24.84 -86.17 -8.29
C ALA F 318 23.50 -85.45 -8.44
N HIS F 319 22.86 -85.08 -7.32
CA HIS F 319 21.58 -84.31 -7.37
C HIS F 319 21.94 -83.04 -8.12
N TYR F 320 23.16 -82.55 -7.89
CA TYR F 320 23.70 -81.44 -8.71
C TYR F 320 23.87 -81.94 -10.17
N ILE F 321 24.29 -83.19 -10.44
CA ILE F 321 24.51 -83.81 -11.80
C ILE F 321 25.85 -83.39 -12.40
N ARG F 322 26.72 -84.37 -12.68
CA ARG F 322 28.00 -84.02 -13.33
C ARG F 322 28.17 -84.73 -14.67
N PRO F 323 27.17 -85.43 -15.25
CA PRO F 323 27.30 -86.01 -16.57
C PRO F 323 28.03 -85.02 -17.50
N PRO F 324 27.68 -83.69 -17.55
CA PRO F 324 28.30 -82.66 -18.40
C PRO F 324 29.16 -81.64 -17.66
N THR F 325 29.15 -80.36 -18.08
CA THR F 325 29.91 -79.28 -17.39
C THR F 325 31.41 -79.41 -17.66
N ASP F 326 31.80 -80.20 -18.65
CA ASP F 326 33.23 -80.34 -19.03
C ASP F 326 33.39 -79.86 -20.47
N ARG F 327 32.62 -78.84 -20.86
CA ARG F 327 32.72 -78.26 -22.22
C ARG F 327 33.79 -77.16 -22.27
N ASP F 328 34.41 -76.84 -21.13
CA ASP F 328 35.43 -75.76 -21.06
C ASP F 328 36.73 -76.11 -21.79
N PHE F 329 37.37 -75.14 -22.44
CA PHE F 329 38.70 -75.35 -23.11
C PHE F 329 38.64 -76.57 -24.03
N PRO F 330 37.76 -76.61 -25.04
CA PRO F 330 37.54 -77.83 -25.82
C PRO F 330 38.68 -78.52 -26.58
N ALA F 331 39.48 -77.78 -27.35
CA ALA F 331 40.64 -78.44 -28.02
C ALA F 331 41.62 -78.92 -26.94
N THR F 332 41.89 -78.07 -25.95
CA THR F 332 42.78 -78.48 -24.84
C THR F 332 42.09 -79.60 -24.07
N ILE F 333 40.76 -79.50 -23.84
CA ILE F 333 40.06 -80.65 -23.20
C ILE F 333 39.95 -81.76 -24.26
N GLU F 334 38.79 -81.92 -24.91
CA GLU F 334 38.68 -82.86 -26.06
C GLU F 334 38.77 -84.28 -25.53
N GLU F 335 38.84 -84.45 -24.21
CA GLU F 335 39.04 -85.81 -23.72
C GLU F 335 37.91 -86.17 -22.77
N TYR F 336 37.26 -87.31 -23.02
CA TYR F 336 36.23 -87.77 -22.06
C TYR F 336 36.22 -89.29 -22.09
N GLU F 337 35.65 -89.91 -21.06
CA GLU F 337 35.48 -91.38 -21.03
C GLU F 337 34.06 -91.68 -20.57
N LEU F 338 33.04 -91.37 -21.37
CA LEU F 338 31.65 -91.43 -20.83
C LEU F 338 30.61 -91.75 -21.91
N ALA F 339 29.59 -92.56 -21.55
CA ALA F 339 28.49 -92.89 -22.48
C ALA F 339 27.16 -92.44 -21.85
N LYS F 340 26.34 -91.75 -22.62
CA LYS F 340 25.05 -91.19 -22.11
C LYS F 340 24.08 -92.33 -21.78
N HIS F 341 23.41 -92.24 -20.62
CA HIS F 341 22.37 -93.24 -20.27
C HIS F 341 21.06 -92.50 -20.08
N HIS F 342 20.04 -92.85 -20.87
CA HIS F 342 18.71 -92.22 -20.73
C HIS F 342 18.06 -92.55 -19.37
N GLN F 343 18.16 -93.82 -18.94
CA GLN F 343 17.57 -94.27 -17.66
C GLN F 343 18.53 -95.24 -16.98
N GLY G 10 2.59 63.82 6.40
CA GLY G 10 2.95 65.08 7.03
C GLY G 10 3.83 65.94 6.15
N ARG G 11 5.04 66.26 6.65
CA ARG G 11 6.02 66.99 5.85
C ARG G 11 6.54 66.09 4.73
N PRO G 12 6.94 64.84 4.99
CA PRO G 12 7.16 63.93 3.88
C PRO G 12 5.85 63.55 3.25
N PRO G 13 5.78 63.44 1.92
CA PRO G 13 4.54 63.05 1.29
C PRO G 13 4.06 61.72 1.86
N PRO G 14 2.74 61.54 1.97
CA PRO G 14 2.24 60.31 2.59
C PRO G 14 2.69 59.06 1.89
N VAL G 15 3.10 59.17 0.63
CA VAL G 15 3.81 58.12 -0.07
C VAL G 15 5.18 58.66 -0.46
N MET G 16 6.20 57.82 -0.33
CA MET G 16 7.56 58.27 -0.58
C MET G 16 7.79 58.35 -2.08
N GLY G 17 9.06 58.45 -2.48
CA GLY G 17 9.36 58.50 -3.89
C GLY G 17 9.04 57.20 -4.61
N HIS G 18 9.20 56.07 -3.94
CA HIS G 18 9.14 54.76 -4.58
C HIS G 18 7.75 54.14 -4.37
N ALA G 19 6.87 54.35 -5.37
CA ALA G 19 5.56 53.70 -5.42
C ALA G 19 4.91 53.94 -6.78
N LYS G 20 4.45 52.86 -7.42
CA LYS G 20 3.87 52.95 -8.76
C LYS G 20 2.37 53.20 -8.63
N ARG G 21 1.87 54.23 -9.32
CA ARG G 21 0.50 54.66 -9.03
C ARG G 21 -0.53 53.72 -9.65
N MET G 22 -0.68 53.77 -10.97
CA MET G 22 -1.63 52.92 -11.69
C MET G 22 -1.59 53.32 -13.16
N ARG G 23 -2.31 52.57 -13.97
CA ARG G 23 -2.72 53.06 -15.28
C ARG G 23 -4.11 53.68 -15.15
N PHE G 24 -4.30 54.82 -15.81
CA PHE G 24 -5.55 55.60 -15.71
C PHE G 24 -5.73 56.19 -14.31
N ALA G 25 -4.61 56.42 -13.63
CA ALA G 25 -4.66 57.00 -12.30
C ALA G 25 -4.86 58.51 -12.42
N GLY G 26 -4.64 59.23 -11.32
CA GLY G 26 -4.68 60.67 -11.33
C GLY G 26 -3.28 61.27 -11.33
N VAL G 27 -3.25 62.60 -11.40
CA VAL G 27 -1.95 63.28 -11.45
C VAL G 27 -1.25 63.19 -10.10
N ASP G 28 -1.92 63.61 -9.03
CA ASP G 28 -1.39 63.52 -7.68
C ASP G 28 -0.05 64.26 -7.56
N ASP G 29 -0.13 65.58 -7.73
CA ASP G 29 1.07 66.39 -7.79
C ASP G 29 1.76 66.48 -6.44
N ASN G 30 3.08 66.65 -6.49
CA ASN G 30 3.93 66.63 -5.31
C ASN G 30 5.32 67.11 -5.73
N PRO G 31 6.21 67.39 -4.76
CA PRO G 31 7.60 67.66 -5.13
C PRO G 31 8.45 66.39 -5.18
N SER G 32 9.17 66.21 -6.29
CA SER G 32 10.03 65.04 -6.50
C SER G 32 11.19 65.46 -7.40
N VAL G 33 12.29 64.72 -7.31
CA VAL G 33 13.53 65.14 -7.95
C VAL G 33 14.21 64.01 -8.72
N THR G 34 13.43 63.06 -9.24
CA THR G 34 14.01 61.86 -9.87
C THR G 34 13.38 61.59 -11.23
N HIS G 35 13.30 62.61 -12.09
CA HIS G 35 12.62 62.44 -13.37
C HIS G 35 13.43 63.11 -14.47
N LYS G 36 12.81 63.21 -15.66
CA LYS G 36 13.37 63.83 -16.86
C LYS G 36 14.63 63.12 -17.34
N PRO G 37 14.51 61.93 -17.95
CA PRO G 37 15.70 61.23 -18.44
C PRO G 37 16.33 61.90 -19.66
N TRP G 38 15.51 62.30 -20.62
CA TRP G 38 15.97 62.88 -21.86
C TRP G 38 15.59 64.36 -21.94
N ASP G 39 15.80 64.93 -23.12
CA ASP G 39 15.15 66.17 -23.49
C ASP G 39 13.67 65.84 -23.72
N THR G 40 12.94 65.77 -22.62
CA THR G 40 11.54 65.39 -22.67
C THR G 40 10.74 66.38 -23.50
N SER G 41 9.58 65.94 -23.97
CA SER G 41 8.61 66.78 -24.66
C SER G 41 9.14 67.28 -26.00
N GLU G 42 10.37 66.94 -26.33
CA GLU G 42 10.92 67.37 -27.61
C GLU G 42 10.53 66.39 -28.70
N PRO G 43 10.46 66.85 -29.97
CA PRO G 43 9.86 66.04 -31.04
C PRO G 43 10.29 64.58 -31.07
N LEU G 44 11.39 64.23 -30.44
CA LEU G 44 11.75 62.83 -30.19
C LEU G 44 12.08 62.70 -28.71
N MET G 45 11.04 62.48 -27.93
CA MET G 45 11.18 62.35 -26.48
C MET G 45 11.67 60.96 -26.09
N ALA G 46 11.16 59.93 -26.77
CA ALA G 46 11.49 58.53 -26.58
C ALA G 46 11.01 57.96 -25.24
N ASP G 47 10.27 58.72 -24.45
CA ASP G 47 9.72 58.16 -23.22
C ASP G 47 8.51 57.31 -23.54
N TYR G 48 8.31 56.25 -22.77
CA TYR G 48 7.29 55.27 -23.09
C TYR G 48 6.76 54.65 -21.82
N GLY G 49 5.48 54.86 -21.55
CA GLY G 49 4.87 54.30 -20.37
C GLY G 49 3.37 54.38 -20.42
N TRP G 50 2.75 54.59 -19.26
CA TRP G 50 1.30 54.55 -19.18
C TRP G 50 0.74 55.84 -18.59
N GLU G 51 1.43 56.44 -17.63
CA GLU G 51 0.95 57.69 -17.07
C GLU G 51 0.97 58.78 -18.14
N ARG G 52 -0.07 59.61 -18.13
CA ARG G 52 -0.47 60.36 -19.31
C ARG G 52 0.66 61.11 -19.99
N GLY G 53 1.63 61.63 -19.26
CA GLY G 53 2.64 62.44 -19.90
C GLY G 53 3.56 61.70 -20.83
N LYS G 54 3.21 60.47 -21.18
CA LYS G 54 4.08 59.58 -21.94
C LYS G 54 3.35 59.04 -23.16
N LEU G 55 4.08 58.40 -23.98
CA LEU G 55 3.55 57.66 -25.10
C LEU G 55 3.19 56.24 -24.69
N PRO G 56 2.13 55.67 -25.24
CA PRO G 56 1.74 54.31 -24.86
C PRO G 56 2.79 53.31 -25.32
N LYS G 57 3.32 52.53 -24.39
CA LYS G 57 4.41 51.61 -24.71
C LYS G 57 3.81 50.34 -25.30
N PHE G 58 3.78 50.29 -26.62
CA PHE G 58 3.34 49.08 -27.29
C PHE G 58 4.28 47.92 -26.96
N ARG G 59 3.85 46.72 -27.31
CA ARG G 59 4.63 45.53 -27.01
C ARG G 59 5.78 45.44 -28.01
N ALA G 60 6.99 45.73 -27.53
CA ALA G 60 8.21 45.52 -28.26
C ALA G 60 9.13 44.66 -27.42
N ARG G 61 10.16 44.10 -28.06
CA ARG G 61 11.04 43.18 -27.36
C ARG G 61 12.06 43.88 -26.47
N SER G 62 12.18 45.20 -26.56
CA SER G 62 13.14 45.97 -25.78
C SER G 62 12.93 47.45 -26.04
N PRO G 63 13.46 48.35 -25.21
CA PRO G 63 13.32 49.78 -25.51
C PRO G 63 13.99 50.16 -26.81
N PHE G 64 15.17 49.61 -27.07
CA PHE G 64 15.82 49.83 -28.36
C PHE G 64 14.94 49.34 -29.49
N HIS G 65 14.53 48.08 -29.43
CA HIS G 65 13.65 47.54 -30.44
C HIS G 65 12.31 48.27 -30.49
N ARG G 66 11.97 49.01 -29.44
CA ARG G 66 10.78 49.85 -29.52
C ARG G 66 11.02 51.05 -30.42
N GLN G 67 12.20 51.63 -30.36
CA GLN G 67 12.53 52.74 -31.26
C GLN G 67 12.54 52.27 -32.70
N GLN G 68 13.25 51.16 -32.97
CA GLN G 68 13.34 50.63 -34.33
C GLN G 68 11.97 50.43 -34.93
N ILE G 69 11.04 49.86 -34.16
CA ILE G 69 9.65 49.80 -34.61
C ILE G 69 9.14 51.20 -34.94
N ALA G 70 9.28 52.12 -33.97
CA ALA G 70 8.74 53.46 -34.15
C ALA G 70 9.37 54.17 -35.33
N ARG G 71 10.65 53.95 -35.58
CA ARG G 71 11.30 54.61 -36.71
C ARG G 71 10.72 54.14 -38.03
N ARG G 72 10.64 52.82 -38.21
CA ARG G 72 10.14 52.27 -39.46
C ARG G 72 8.63 52.35 -39.59
N MET G 73 7.92 52.65 -38.51
CA MET G 73 6.52 52.99 -38.63
C MET G 73 6.37 54.42 -39.14
N VAL G 74 7.32 55.29 -38.83
CA VAL G 74 7.23 56.68 -39.24
C VAL G 74 7.63 56.84 -40.70
N THR G 75 8.76 56.24 -41.09
CA THR G 75 9.21 56.38 -42.47
C THR G 75 8.41 55.54 -43.45
N GLU G 76 7.32 54.95 -43.01
CA GLU G 76 6.29 54.45 -43.91
C GLU G 76 5.07 55.35 -43.96
N LEU G 77 4.97 56.30 -43.03
CA LEU G 77 3.97 57.34 -43.13
C LEU G 77 4.44 58.51 -43.98
N ILE G 78 5.73 58.57 -44.29
CA ILE G 78 6.24 59.64 -45.13
C ILE G 78 6.33 59.23 -46.60
N ARG G 79 6.32 57.93 -46.90
CA ARG G 79 6.16 57.50 -48.27
C ARG G 79 4.69 57.44 -48.66
N LYS G 80 3.94 56.56 -48.03
CA LYS G 80 2.49 56.52 -48.15
C LYS G 80 1.93 57.28 -46.96
N ASP G 81 1.26 58.39 -47.21
CA ASP G 81 0.84 59.25 -46.11
C ASP G 81 -0.21 58.61 -45.21
N TYR G 82 -0.58 57.36 -45.46
CA TYR G 82 -1.42 56.58 -44.56
C TYR G 82 -0.59 55.43 -43.98
N VAL G 83 -1.20 54.71 -43.04
CA VAL G 83 -0.60 53.50 -42.51
C VAL G 83 -1.70 52.74 -41.77
N ILE G 84 -1.57 51.43 -41.73
CA ILE G 84 -2.49 50.58 -40.99
C ILE G 84 -1.67 49.89 -39.92
N VAL G 85 -1.65 50.47 -38.72
CA VAL G 85 -0.86 49.95 -37.62
C VAL G 85 -1.80 49.16 -36.73
N GLY G 86 -1.25 48.50 -35.73
CA GLY G 86 -2.05 47.68 -34.85
C GLY G 86 -1.81 47.98 -33.39
N GLY G 87 -2.89 48.04 -32.61
CA GLY G 87 -2.75 48.19 -31.19
C GLY G 87 -2.21 49.56 -30.81
N ALA G 88 -1.37 49.57 -29.80
CA ALA G 88 -0.81 50.82 -29.29
C ALA G 88 0.24 51.37 -30.17
N ARG G 89 0.41 50.94 -31.41
CA ARG G 89 1.31 51.64 -32.31
C ARG G 89 0.66 52.88 -32.89
N ALA G 90 -0.67 52.87 -33.06
CA ALA G 90 -1.35 54.03 -33.63
C ALA G 90 -1.24 55.26 -32.73
N PRO G 91 -1.67 55.22 -31.47
CA PRO G 91 -1.55 56.44 -30.65
C PRO G 91 -0.12 56.95 -30.60
N ALA G 92 0.84 56.05 -30.48
CA ALA G 92 2.25 56.40 -30.46
C ALA G 92 2.82 56.59 -31.84
N LEU G 93 1.98 56.67 -32.86
CA LEU G 93 2.43 57.13 -34.16
C LEU G 93 1.79 58.44 -34.55
N ARG G 94 0.48 58.59 -34.33
CA ARG G 94 -0.15 59.90 -34.47
C ARG G 94 0.57 60.94 -33.63
N ILE G 95 1.01 60.55 -32.43
CA ILE G 95 1.81 61.47 -31.62
C ILE G 95 3.14 61.73 -32.29
N LEU G 96 3.76 60.68 -32.82
CA LEU G 96 5.03 60.86 -33.47
C LEU G 96 4.90 61.41 -34.88
N ALA G 97 3.75 61.24 -35.52
CA ALA G 97 3.58 61.84 -36.84
C ALA G 97 3.55 63.36 -36.76
N ASP G 98 3.02 63.91 -35.67
CA ASP G 98 3.01 65.37 -35.54
C ASP G 98 4.39 65.88 -35.16
N HIS G 99 5.09 65.17 -34.28
CA HIS G 99 6.46 65.57 -33.92
C HIS G 99 7.30 65.77 -35.17
N VAL G 100 7.18 64.88 -36.15
CA VAL G 100 7.90 65.07 -37.39
C VAL G 100 7.49 66.37 -38.06
N VAL G 101 6.22 66.77 -37.91
CA VAL G 101 5.74 67.97 -38.57
C VAL G 101 5.96 69.23 -37.73
N GLU G 102 5.90 69.12 -36.40
CA GLU G 102 6.42 70.21 -35.60
C GLU G 102 7.90 70.42 -35.89
N LEU G 103 8.56 69.36 -36.38
CA LEU G 103 9.95 69.40 -36.76
C LEU G 103 10.15 69.80 -38.21
N ALA G 104 9.11 69.72 -39.02
CA ALA G 104 9.25 70.13 -40.42
C ALA G 104 9.27 71.65 -40.53
N LYS G 105 8.35 72.31 -39.83
CA LYS G 105 8.26 73.77 -39.92
C LYS G 105 9.50 74.44 -39.33
N ALA G 106 10.16 73.79 -38.38
CA ALA G 106 11.37 74.38 -37.80
C ALA G 106 12.42 74.62 -38.88
N GLY G 107 12.68 73.61 -39.70
CA GLY G 107 13.50 73.76 -40.88
C GLY G 107 14.93 74.21 -40.65
N ASP G 108 15.31 74.43 -39.39
CA ASP G 108 16.67 74.88 -39.12
C ASP G 108 17.67 73.83 -39.56
N THR G 109 18.93 74.25 -39.67
CA THR G 109 19.97 73.36 -40.16
C THR G 109 20.11 72.11 -39.32
N ASP G 110 19.56 72.11 -38.10
CA ASP G 110 19.64 70.97 -37.22
C ASP G 110 18.44 70.05 -37.32
N SER G 111 17.27 70.57 -37.68
CA SER G 111 16.10 69.71 -37.81
C SER G 111 16.39 68.57 -38.78
N ARG G 112 16.86 68.90 -39.97
CA ARG G 112 17.17 67.84 -40.93
C ARG G 112 18.25 66.91 -40.40
N GLN G 113 19.11 67.40 -39.51
CA GLN G 113 20.02 66.51 -38.81
C GLN G 113 19.39 65.94 -37.55
N GLN G 114 18.26 66.49 -37.11
CA GLN G 114 17.50 65.84 -36.06
C GLN G 114 16.64 64.72 -36.63
N LEU G 115 16.21 64.86 -37.88
CA LEU G 115 15.34 63.88 -38.50
C LEU G 115 16.09 62.86 -39.33
N ALA G 116 17.31 63.18 -39.77
CA ALA G 116 18.13 62.17 -40.44
C ALA G 116 18.60 61.12 -39.47
N TYR G 117 18.67 61.44 -38.18
CA TYR G 117 19.05 60.43 -37.20
C TYR G 117 17.93 59.45 -36.96
N PHE G 118 16.68 59.90 -37.00
CA PHE G 118 15.57 59.03 -36.66
C PHE G 118 15.22 58.09 -37.80
N LEU G 119 14.84 58.63 -38.94
CA LEU G 119 14.34 57.81 -40.04
C LEU G 119 15.43 56.90 -40.59
N HIS G 120 15.01 55.70 -40.98
CA HIS G 120 15.88 54.78 -41.71
C HIS G 120 16.11 55.21 -43.15
N ASP G 121 15.63 56.39 -43.54
CA ASP G 121 15.70 56.81 -44.93
C ASP G 121 16.07 58.28 -45.03
N PRO G 122 17.21 58.63 -45.63
CA PRO G 122 17.55 60.04 -45.83
C PRO G 122 16.82 60.68 -46.99
N LEU G 123 16.09 59.92 -47.81
CA LEU G 123 15.29 60.55 -48.86
C LEU G 123 14.01 61.12 -48.30
N MET G 124 13.27 60.33 -47.54
CA MET G 124 11.96 60.75 -47.04
C MET G 124 12.06 62.03 -46.23
N VAL G 125 13.18 62.25 -45.54
CA VAL G 125 13.37 63.48 -44.78
C VAL G 125 13.18 64.68 -45.67
N ASP G 126 13.71 64.63 -46.89
CA ASP G 126 13.48 65.72 -47.83
C ASP G 126 12.01 65.86 -48.18
N LYS G 127 11.37 64.76 -48.57
CA LYS G 127 9.94 64.81 -48.84
C LYS G 127 9.16 65.31 -47.64
N ALA G 128 9.59 64.92 -46.44
CA ALA G 128 8.95 65.43 -45.23
C ALA G 128 9.11 66.94 -45.13
N PHE G 129 10.32 67.43 -45.33
CA PHE G 129 10.57 68.86 -45.24
C PHE G 129 10.09 69.63 -46.46
N ASP G 130 9.76 68.95 -47.54
CA ASP G 130 9.27 69.65 -48.74
C ASP G 130 7.78 69.89 -48.64
N GLU G 131 7.00 68.84 -48.35
CA GLU G 131 5.55 69.00 -48.37
C GLU G 131 5.05 69.73 -47.13
N TYR G 132 5.49 69.30 -45.95
CA TYR G 132 4.79 69.65 -44.73
C TYR G 132 4.77 71.15 -44.41
N PRO G 133 5.80 71.95 -44.71
CA PRO G 133 5.64 73.39 -44.55
C PRO G 133 4.52 73.95 -45.42
N ARG G 134 4.59 73.71 -46.74
CA ARG G 134 3.57 74.23 -47.63
C ARG G 134 2.21 73.60 -47.40
N ARG G 135 2.15 72.50 -46.65
CA ARG G 135 0.95 71.70 -46.50
C ARG G 135 0.29 71.88 -45.14
N PHE G 136 1.08 71.98 -44.08
CA PHE G 136 0.57 72.14 -42.72
C PHE G 136 0.89 73.52 -42.14
N ARG G 137 1.08 74.51 -43.01
CA ARG G 137 1.43 75.84 -42.54
C ARG G 137 0.31 76.40 -41.67
N ASP G 138 -0.92 76.38 -42.16
CA ASP G 138 -2.05 76.96 -41.44
C ASP G 138 -2.88 75.93 -40.71
N MET G 139 -2.22 74.92 -40.12
CA MET G 139 -2.84 74.00 -39.19
C MET G 139 -2.01 74.00 -37.91
N ASN G 140 -2.65 74.33 -36.79
CA ASN G 140 -1.91 74.47 -35.55
C ASN G 140 -1.26 73.17 -35.14
N ALA G 141 -2.05 72.15 -34.81
CA ALA G 141 -1.52 70.92 -34.26
C ALA G 141 -2.44 69.76 -34.64
N LYS G 142 -2.13 68.59 -34.12
CA LYS G 142 -2.81 67.34 -34.46
C LYS G 142 -2.88 67.17 -35.99
N TYR G 143 -1.70 67.03 -36.57
CA TYR G 143 -1.60 66.98 -38.03
C TYR G 143 -2.04 65.64 -38.59
N ALA G 144 -1.88 64.55 -37.86
CA ALA G 144 -2.20 63.22 -38.36
C ALA G 144 -3.57 62.77 -37.88
N MET G 145 -4.32 62.16 -38.78
CA MET G 145 -5.58 61.55 -38.40
C MET G 145 -5.33 60.13 -37.89
N MET G 146 -6.22 59.66 -37.02
CA MET G 146 -6.13 58.29 -36.51
C MET G 146 -7.52 57.67 -36.53
N THR G 147 -7.88 57.02 -37.63
CA THR G 147 -9.17 56.38 -37.76
C THR G 147 -9.04 54.92 -37.35
N ARG G 148 -9.92 54.49 -36.46
CA ARG G 148 -9.92 53.10 -36.03
C ARG G 148 -10.77 52.29 -37.00
N LEU G 149 -10.18 51.28 -37.62
CA LEU G 149 -10.91 50.47 -38.59
C LEU G 149 -11.83 49.48 -37.89
N LYS G 150 -12.93 49.15 -38.57
CA LYS G 150 -13.87 48.20 -38.01
C LYS G 150 -13.39 46.76 -38.13
N GLY G 151 -12.27 46.52 -38.78
CA GLY G 151 -11.72 45.19 -38.86
C GLY G 151 -10.80 44.89 -37.69
N ARG G 152 -10.21 43.69 -37.74
CA ARG G 152 -9.22 43.28 -36.78
C ARG G 152 -8.35 42.21 -37.40
N ARG G 153 -7.05 42.31 -37.18
CA ARG G 153 -6.15 41.22 -37.54
C ARG G 153 -6.63 39.94 -36.89
N ARG G 154 -7.04 38.96 -37.71
CA ARG G 154 -7.55 37.72 -37.15
C ARG G 154 -6.45 36.98 -36.40
N SER G 155 -5.21 37.06 -36.88
CA SER G 155 -4.09 36.35 -36.26
C SER G 155 -4.06 36.58 -34.76
N ASP G 156 -3.93 37.83 -34.35
CA ASP G 156 -4.07 38.23 -32.96
C ASP G 156 -5.08 39.35 -32.91
N ASN G 157 -6.03 39.25 -32.00
CA ASN G 157 -7.16 40.17 -32.01
C ASN G 157 -6.63 41.55 -31.60
N VAL G 158 -6.02 42.21 -32.59
CA VAL G 158 -5.40 43.51 -32.40
C VAL G 158 -6.16 44.49 -33.28
N ALA G 159 -6.77 45.50 -32.68
CA ALA G 159 -7.56 46.46 -33.42
C ALA G 159 -6.66 47.28 -34.33
N MET G 160 -6.96 47.27 -35.63
CA MET G 160 -6.14 47.96 -36.61
C MET G 160 -6.64 49.38 -36.80
N TYR G 161 -5.76 50.35 -36.59
CA TYR G 161 -6.07 51.75 -36.82
C TYR G 161 -5.47 52.18 -38.15
N PHE G 162 -6.03 53.24 -38.72
CA PHE G 162 -5.66 53.73 -40.04
C PHE G 162 -5.19 55.16 -39.86
N VAL G 163 -3.92 55.32 -39.49
CA VAL G 163 -3.35 56.64 -39.28
C VAL G 163 -3.05 57.28 -40.62
N GLU G 164 -3.19 58.59 -40.72
CA GLU G 164 -2.92 59.28 -41.96
C GLU G 164 -2.71 60.76 -41.68
N TYR G 165 -2.09 61.44 -42.64
CA TYR G 165 -1.92 62.88 -42.52
C TYR G 165 -3.15 63.60 -43.02
N LYS G 166 -3.39 64.79 -42.47
CA LYS G 166 -4.69 65.41 -42.63
C LYS G 166 -4.81 66.13 -43.97
N ASN G 167 -4.08 67.23 -44.13
CA ASN G 167 -4.27 68.08 -45.29
C ASN G 167 -3.61 67.42 -46.49
N ARG G 168 -4.41 66.92 -47.42
CA ARG G 168 -3.85 66.31 -48.62
C ARG G 168 -4.42 66.91 -49.91
N ASP G 169 -5.13 68.03 -49.84
CA ASP G 169 -5.53 68.74 -51.04
C ASP G 169 -4.45 69.70 -51.53
N MET G 170 -3.86 70.47 -50.62
CA MET G 170 -2.72 71.31 -50.97
C MET G 170 -1.41 70.56 -50.93
N SER G 171 -1.44 69.23 -50.79
CA SER G 171 -0.21 68.46 -50.79
C SER G 171 0.44 68.52 -52.17
N ASP G 172 1.67 68.02 -52.25
CA ASP G 172 2.42 68.03 -53.49
C ASP G 172 2.38 66.68 -54.20
N ASN G 173 2.68 65.60 -53.50
CA ASN G 173 2.83 64.29 -54.12
C ASN G 173 1.58 63.42 -54.04
N HIS G 174 0.71 63.65 -53.07
CA HIS G 174 -0.52 62.89 -53.00
C HIS G 174 -1.69 63.85 -53.10
N LYS G 175 -1.61 64.77 -54.07
CA LYS G 175 -2.60 65.83 -54.15
C LYS G 175 -3.99 65.28 -54.39
N GLY G 176 -4.12 64.18 -55.11
CA GLY G 176 -5.44 63.65 -55.42
C GLY G 176 -5.52 62.14 -55.34
N GLU G 177 -4.72 61.53 -54.48
CA GLU G 177 -4.71 60.09 -54.38
C GLU G 177 -5.88 59.59 -53.54
N ASP G 178 -6.18 58.31 -53.69
CA ASP G 178 -7.34 57.68 -53.07
C ASP G 178 -6.88 56.41 -52.35
N TYR G 179 -7.44 56.18 -51.18
CA TYR G 179 -6.98 55.11 -50.31
C TYR G 179 -8.13 54.25 -49.81
N THR G 180 -9.15 54.06 -50.65
CA THR G 180 -10.18 53.08 -50.31
C THR G 180 -9.60 51.68 -50.27
N ALA G 181 -8.98 51.27 -51.36
CA ALA G 181 -8.18 50.05 -51.39
C ALA G 181 -6.89 50.35 -52.13
N GLY G 182 -5.91 49.48 -51.94
CA GLY G 182 -4.58 49.70 -52.48
C GLY G 182 -4.54 49.62 -53.99
N PRO G 183 -3.34 49.69 -54.53
CA PRO G 183 -3.20 49.59 -55.98
C PRO G 183 -3.40 48.17 -56.46
N GLU G 184 -3.17 47.93 -57.75
CA GLU G 184 -3.36 46.58 -58.29
C GLU G 184 -2.27 45.63 -57.80
N ARG G 185 -1.02 46.08 -57.75
CA ARG G 185 0.05 45.17 -57.34
C ARG G 185 1.10 45.85 -56.47
N PHE G 186 0.71 46.83 -55.67
CA PHE G 186 1.53 47.40 -54.61
C PHE G 186 2.79 48.10 -55.10
N PHE G 187 3.12 47.99 -56.39
CA PHE G 187 4.25 48.72 -56.94
C PHE G 187 3.80 49.65 -58.06
N LEU G 188 2.55 50.06 -58.04
CA LEU G 188 2.03 51.02 -58.99
C LEU G 188 1.65 52.30 -58.27
N PRO G 189 1.63 53.43 -58.97
CA PRO G 189 1.03 54.62 -58.41
C PRO G 189 -0.43 54.36 -58.07
N PRO G 190 -0.81 54.51 -56.81
CA PRO G 190 -2.15 54.11 -56.38
C PRO G 190 -3.28 54.88 -57.03
N ARG G 191 -4.50 54.48 -56.73
CA ARG G 191 -5.67 55.04 -57.38
C ARG G 191 -5.73 56.55 -57.17
N ILE G 192 -6.32 57.23 -58.14
CA ILE G 192 -6.40 58.68 -58.13
C ILE G 192 -7.86 59.08 -58.18
N ILE G 193 -8.17 60.24 -57.63
CA ILE G 193 -9.53 60.78 -57.74
C ILE G 193 -9.79 61.17 -59.18
N GLU G 194 -10.82 60.57 -59.78
CA GLU G 194 -11.06 60.62 -61.22
C GLU G 194 -11.09 62.05 -61.79
N THR G 195 -11.27 63.06 -60.94
CA THR G 195 -11.27 64.42 -61.46
C THR G 195 -9.87 64.90 -61.86
N GLU G 196 -8.82 64.25 -61.34
CA GLU G 196 -7.44 64.67 -61.60
C GLU G 196 -6.66 63.45 -62.11
N LYS G 197 -6.71 63.22 -63.41
CA LYS G 197 -6.00 62.08 -64.00
C LYS G 197 -4.56 62.46 -64.35
N GLY G 198 -4.40 63.44 -65.23
CA GLY G 198 -3.09 63.89 -65.65
C GLY G 198 -2.53 64.96 -64.72
N ILE G 199 -2.53 64.68 -63.44
CA ILE G 199 -1.98 65.60 -62.44
C ILE G 199 -0.50 65.32 -62.31
N GLN G 200 0.30 66.38 -62.28
CA GLN G 200 1.75 66.26 -62.31
C GLN G 200 2.28 66.08 -60.89
N ARG G 201 2.74 64.88 -60.58
CA ARG G 201 3.43 64.64 -59.33
C ARG G 201 4.84 65.20 -59.41
N PRO G 202 5.53 65.34 -58.28
CA PRO G 202 6.94 65.77 -58.32
C PRO G 202 7.75 64.88 -59.24
N PRO G 203 8.79 65.42 -59.87
CA PRO G 203 9.55 64.64 -60.85
C PRO G 203 10.58 63.73 -60.23
N HIS G 204 10.79 63.80 -58.92
CA HIS G 204 11.81 62.99 -58.28
C HIS G 204 11.25 61.91 -57.38
N MET G 205 10.08 62.13 -56.79
CA MET G 205 9.46 61.09 -55.98
C MET G 205 8.96 59.93 -56.82
N GLN G 206 9.07 60.02 -58.14
CA GLN G 206 8.93 58.87 -59.02
C GLN G 206 10.26 58.22 -59.35
N MET G 207 11.34 59.01 -59.41
CA MET G 207 12.65 58.43 -59.67
C MET G 207 13.10 57.52 -58.55
N ALA G 208 12.54 57.68 -57.35
CA ALA G 208 12.75 56.70 -56.31
C ALA G 208 11.69 55.62 -56.34
N PHE G 209 10.66 55.79 -57.16
CA PHE G 209 9.62 54.78 -57.34
C PHE G 209 9.86 53.96 -58.59
N ASP G 210 10.03 54.60 -59.75
CA ASP G 210 10.32 53.85 -60.96
C ASP G 210 11.58 53.04 -60.80
N ARG G 211 12.60 53.61 -60.15
CA ARG G 211 13.78 52.84 -59.82
C ARG G 211 13.42 51.65 -58.95
N TRP G 212 12.38 51.77 -58.14
CA TRP G 212 12.01 50.72 -57.20
C TRP G 212 10.96 49.79 -57.78
N ALA G 213 9.90 50.32 -58.35
CA ALA G 213 8.81 49.49 -58.87
C ALA G 213 9.27 48.64 -60.05
N SER G 214 10.54 48.74 -60.43
CA SER G 214 11.08 47.98 -61.55
C SER G 214 12.15 47.00 -61.09
N LYS G 215 12.10 46.58 -59.83
CA LYS G 215 12.80 45.39 -59.40
C LYS G 215 11.88 44.21 -59.20
N PHE G 216 10.58 44.46 -59.09
CA PHE G 216 9.59 43.42 -59.04
C PHE G 216 9.13 42.99 -60.42
N LYS G 217 9.86 43.39 -61.45
CA LYS G 217 9.48 43.10 -62.83
C LYS G 217 10.37 42.03 -63.47
N THR G 218 11.36 41.53 -62.74
CA THR G 218 12.33 40.61 -63.28
C THR G 218 11.94 39.17 -62.98
N GLU G 219 12.48 38.25 -63.77
CA GLU G 219 12.22 36.83 -63.56
C GLU G 219 12.76 36.33 -62.23
N GLU G 220 13.81 36.96 -61.71
CA GLU G 220 14.36 36.50 -60.44
C GLU G 220 13.42 36.80 -59.30
N PHE G 221 12.75 37.96 -59.34
CA PHE G 221 11.73 38.23 -58.33
C PHE G 221 10.63 37.17 -58.38
N HIS G 222 10.19 36.82 -59.60
CA HIS G 222 9.21 35.75 -59.73
C HIS G 222 9.69 34.47 -59.07
N HIS G 223 10.98 34.16 -59.22
CA HIS G 223 11.56 33.02 -58.53
C HIS G 223 11.77 33.28 -57.05
N TRP G 224 11.53 34.50 -56.59
CA TRP G 224 11.40 34.75 -55.17
C TRP G 224 9.95 34.58 -54.73
N TRP G 225 9.03 35.13 -55.52
CA TRP G 225 7.61 35.09 -55.19
C TRP G 225 7.09 33.67 -55.06
N ARG G 226 7.61 32.76 -55.89
CA ARG G 226 7.16 31.37 -55.83
C ARG G 226 7.88 30.62 -54.73
N LEU G 227 9.20 30.78 -54.66
CA LEU G 227 9.97 30.20 -53.56
C LEU G 227 9.37 30.56 -52.22
N ARG G 228 8.88 31.80 -52.08
CA ARG G 228 8.35 32.25 -50.81
C ARG G 228 7.19 31.37 -50.37
N HIS G 229 6.46 30.77 -51.30
CA HIS G 229 5.40 29.85 -50.92
C HIS G 229 5.98 28.59 -50.32
N ALA G 230 6.94 27.98 -51.02
CA ALA G 230 7.62 26.80 -50.48
C ALA G 230 8.11 27.06 -49.08
N LYS G 231 8.64 28.26 -48.85
CA LYS G 231 9.06 28.62 -47.51
C LYS G 231 7.87 28.59 -46.55
N LEU G 232 6.69 28.98 -47.02
CA LEU G 232 5.58 29.14 -46.09
C LEU G 232 4.92 27.80 -45.74
N ARG G 233 4.58 27.00 -46.75
CA ARG G 233 3.94 25.72 -46.47
C ARG G 233 4.84 24.83 -45.64
N TYR G 234 6.16 24.92 -45.82
CA TYR G 234 7.06 24.24 -44.90
C TYR G 234 7.00 24.90 -43.53
N TRP G 235 6.99 26.21 -43.50
CA TRP G 235 6.83 26.97 -42.27
C TRP G 235 5.45 26.92 -41.75
N GLY G 236 4.61 26.03 -42.26
CA GLY G 236 3.35 25.73 -41.64
C GLY G 236 2.22 26.67 -41.94
N VAL G 237 2.48 27.82 -42.56
CA VAL G 237 1.40 28.74 -42.88
C VAL G 237 0.42 28.06 -43.82
N ARG G 238 -0.83 27.96 -43.40
CA ARG G 238 -1.82 27.29 -44.22
C ARG G 238 -2.18 28.15 -45.42
N ASN G 239 -3.11 27.64 -46.23
CA ASN G 239 -3.78 28.41 -47.25
C ASN G 239 -2.82 28.96 -48.31
N VAL G 240 -1.57 28.52 -48.34
CA VAL G 240 -0.60 28.97 -49.33
C VAL G 240 -0.61 27.97 -50.47
N PRO G 241 -1.09 28.33 -51.66
CA PRO G 241 -1.17 27.37 -52.76
C PRO G 241 0.22 26.98 -53.24
N HIS G 242 0.30 25.77 -53.79
CA HIS G 242 1.58 25.16 -54.08
C HIS G 242 2.40 26.02 -55.03
N PRO G 243 3.72 26.08 -54.86
CA PRO G 243 4.55 26.89 -55.76
C PRO G 243 4.48 26.46 -57.21
N SER G 244 3.78 25.37 -57.53
CA SER G 244 3.63 24.97 -58.93
C SER G 244 2.69 25.92 -59.66
N ASP G 245 1.44 25.98 -59.24
CA ASP G 245 0.45 26.87 -59.85
C ASP G 245 0.47 28.19 -59.10
N VAL G 246 1.42 29.04 -59.48
CA VAL G 246 1.53 30.37 -58.91
C VAL G 246 1.68 31.35 -60.07
N ASP G 247 0.69 32.21 -60.24
CA ASP G 247 0.75 33.25 -61.26
C ASP G 247 1.91 34.18 -60.98
N PRO G 248 2.61 34.64 -62.01
CA PRO G 248 3.69 35.61 -61.78
C PRO G 248 3.12 36.95 -61.35
N LEU G 249 3.92 37.68 -60.59
CA LEU G 249 3.51 39.00 -60.15
C LEU G 249 3.44 39.98 -61.31
N TRP G 250 4.58 40.24 -61.94
CA TRP G 250 4.64 41.20 -63.03
C TRP G 250 4.99 40.47 -64.32
N THR G 251 4.08 40.50 -65.27
CA THR G 251 4.30 39.96 -66.60
C THR G 251 4.58 41.11 -67.57
N GLU G 252 4.68 40.77 -68.84
CA GLU G 252 4.90 41.77 -69.88
C GLU G 252 3.58 42.34 -70.40
N LYS G 253 2.72 41.47 -70.93
CA LYS G 253 1.45 41.93 -71.49
C LYS G 253 0.60 42.64 -70.44
N GLU G 254 0.59 42.11 -69.22
CA GLU G 254 -0.20 42.73 -68.16
C GLU G 254 0.16 44.21 -67.97
N GLU G 255 1.42 44.56 -68.21
CA GLU G 255 1.86 45.91 -67.92
C GLU G 255 1.27 46.95 -68.85
N GLU G 256 0.84 46.55 -70.06
CA GLU G 256 0.34 47.54 -71.01
C GLU G 256 -0.81 48.34 -70.42
N GLU G 257 -1.64 47.69 -69.60
CA GLU G 257 -2.72 48.41 -68.94
C GLU G 257 -2.20 49.57 -68.11
N TRP G 258 -1.01 49.42 -67.54
CA TRP G 258 -0.38 50.52 -66.83
C TRP G 258 0.42 51.40 -67.77
N HIS G 259 0.86 50.84 -68.91
CA HIS G 259 1.43 51.62 -70.00
C HIS G 259 0.38 52.48 -70.69
N ASN G 260 -0.87 52.50 -70.20
CA ASN G 260 -1.88 53.35 -70.80
C ASN G 260 -1.60 54.82 -70.54
N GLU G 261 -1.56 55.23 -69.27
CA GLU G 261 -1.22 56.60 -68.90
C GLU G 261 0.29 56.71 -68.72
N MET G 262 1.00 56.52 -69.84
CA MET G 262 2.45 56.52 -69.89
C MET G 262 2.95 57.37 -71.04
N LEU G 263 2.41 58.58 -71.17
CA LEU G 263 2.82 59.52 -72.21
C LEU G 263 3.09 60.89 -71.59
N ALA G 264 3.91 60.95 -70.54
CA ALA G 264 4.16 62.20 -69.86
C ALA G 264 5.34 62.97 -70.47
N ASN G 265 6.53 62.37 -70.51
CA ASN G 265 7.74 63.08 -70.89
C ASN G 265 8.42 62.56 -72.15
N THR G 266 8.19 61.31 -72.53
CA THR G 266 8.72 60.80 -73.79
C THR G 266 7.58 60.34 -74.69
N GLY H 2 -15.20 38.62 0.57
CA GLY H 2 -14.28 39.17 1.58
C GLY H 2 -15.03 39.79 2.73
N TYR H 3 -14.31 40.15 3.80
CA TYR H 3 -14.96 40.84 4.93
C TYR H 3 -14.51 42.30 4.95
N THR H 4 -13.76 42.78 3.95
CA THR H 4 -13.19 44.15 4.11
C THR H 4 -13.49 45.20 3.03
N ARG H 5 -13.71 44.83 1.76
CA ARG H 5 -14.10 45.86 0.76
C ARG H 5 -13.18 47.07 0.72
N GLU H 6 -11.89 46.91 0.43
CA GLU H 6 -10.97 48.08 0.50
C GLU H 6 -11.41 49.18 -0.47
N ARG H 7 -11.68 48.88 -1.73
CA ARG H 7 -12.04 49.95 -2.71
C ARG H 7 -13.44 50.44 -2.40
N THR H 8 -13.78 51.68 -2.74
CA THR H 8 -15.18 52.16 -2.58
C THR H 8 -15.59 52.88 -3.86
N ASN H 9 -16.70 52.48 -4.47
CA ASN H 9 -17.11 53.06 -5.77
C ASN H 9 -18.36 53.91 -5.59
N ARG H 10 -18.40 54.76 -4.57
CA ARG H 10 -19.52 55.67 -4.47
C ARG H 10 -19.33 56.83 -5.43
N HIS H 11 -20.45 57.34 -5.96
CA HIS H 11 -20.36 58.38 -6.97
C HIS H 11 -19.66 59.63 -6.44
N PHE H 12 -19.74 59.87 -5.14
CA PHE H 12 -19.07 61.03 -4.57
C PHE H 12 -17.55 60.88 -4.65
N PHE H 13 -17.04 59.72 -4.26
CA PHE H 13 -15.60 59.54 -4.20
C PHE H 13 -14.98 59.42 -5.59
N VAL H 14 -15.50 58.50 -6.40
CA VAL H 14 -14.87 58.19 -7.68
C VAL H 14 -14.98 59.32 -8.69
N SER H 15 -15.72 60.37 -8.38
CA SER H 15 -15.76 61.51 -9.27
C SER H 15 -14.44 62.28 -9.22
N ARG H 16 -14.21 63.09 -10.25
CA ARG H 16 -13.03 63.92 -10.32
C ARG H 16 -13.42 65.27 -10.86
N ALA H 17 -12.93 66.33 -10.22
CA ALA H 17 -13.27 67.69 -10.62
C ALA H 17 -12.22 68.31 -11.53
N ASN H 18 -11.50 67.48 -12.29
CA ASN H 18 -10.45 67.99 -13.16
C ASN H 18 -10.99 68.59 -14.45
N ALA H 19 -12.29 68.52 -14.68
CA ALA H 19 -12.86 69.12 -15.87
C ALA H 19 -13.12 70.61 -15.72
N PHE H 20 -13.47 71.07 -14.52
CA PHE H 20 -13.82 72.47 -14.31
C PHE H 20 -12.72 73.23 -13.60
N PHE H 21 -11.49 72.75 -13.61
CA PHE H 21 -10.45 73.45 -12.86
C PHE H 21 -10.10 74.77 -13.51
N SER H 22 -10.19 74.86 -14.83
CA SER H 22 -9.87 76.11 -15.51
C SER H 22 -10.73 77.26 -15.00
N ARG H 23 -11.93 76.96 -14.48
CA ARG H 23 -12.75 77.96 -13.81
C ARG H 23 -12.11 78.46 -12.52
N LEU H 24 -10.94 77.95 -12.16
CA LEU H 24 -10.16 78.42 -11.02
C LEU H 24 -8.78 78.79 -11.50
N PRO H 25 -8.39 80.06 -11.44
CA PRO H 25 -7.10 80.46 -12.00
C PRO H 25 -5.94 80.07 -11.10
N ILE H 26 -5.43 78.85 -11.22
CA ILE H 26 -4.46 78.34 -10.27
C ILE H 26 -3.15 79.14 -10.34
N SER H 27 -2.50 79.12 -11.50
CA SER H 27 -1.21 79.80 -11.60
C SER H 27 -1.34 81.29 -11.37
N ARG H 28 -2.51 81.86 -11.64
CA ARG H 28 -2.74 83.25 -11.31
C ARG H 28 -2.75 83.48 -9.81
N ILE H 29 -3.00 82.44 -9.03
CA ILE H 29 -3.06 82.59 -7.58
C ILE H 29 -1.66 82.54 -6.98
N GLN H 30 -0.89 81.50 -7.32
CA GLN H 30 0.42 81.32 -6.70
C GLN H 30 1.33 82.53 -6.96
N ARG H 31 1.10 83.27 -8.04
CA ARG H 31 1.70 84.59 -8.15
C ARG H 31 1.20 85.48 -7.04
N ALA H 32 -0.12 85.69 -6.97
CA ALA H 32 -0.71 86.50 -5.93
C ALA H 32 -0.52 85.93 -4.54
N LEU H 33 0.09 84.75 -4.44
CA LEU H 33 0.46 84.16 -3.15
C LEU H 33 1.96 84.25 -2.89
N ALA H 34 2.78 84.27 -3.94
CA ALA H 34 4.18 84.64 -3.78
C ALA H 34 4.31 86.14 -3.60
N MET H 35 3.55 86.90 -4.38
CA MET H 35 3.55 88.35 -4.23
C MET H 35 3.26 88.76 -2.80
N GLU H 36 2.39 88.03 -2.12
CA GLU H 36 2.16 88.32 -0.71
C GLU H 36 3.40 88.02 0.11
N ALA H 37 4.24 87.09 -0.35
CA ALA H 37 5.41 86.73 0.43
C ALA H 37 6.52 87.76 0.29
N ILE H 38 6.65 88.39 -0.88
CA ILE H 38 7.63 89.46 -1.02
C ILE H 38 7.08 90.77 -0.51
N LYS H 39 5.77 90.93 -0.45
CA LYS H 39 5.18 92.06 0.25
C LYS H 39 5.46 91.96 1.74
N LYS H 40 5.35 90.76 2.30
CA LYS H 40 5.94 90.47 3.59
C LYS H 40 7.46 90.44 3.45
N GLY H 41 8.16 90.29 4.57
CA GLY H 41 9.60 90.41 4.54
C GLY H 41 10.31 89.24 3.89
N SER H 42 9.66 88.09 3.77
CA SER H 42 10.40 86.83 3.60
C SER H 42 10.63 86.46 2.16
N MET H 43 11.11 87.39 1.34
CA MET H 43 11.51 87.07 -0.05
C MET H 43 11.67 88.36 -0.84
N LYS H 44 12.48 88.31 -1.89
CA LYS H 44 12.62 89.49 -2.76
C LYS H 44 12.50 89.00 -4.20
N PRO H 45 11.86 89.73 -5.11
CA PRO H 45 11.64 89.20 -6.44
C PRO H 45 12.96 88.85 -7.15
N TRP H 46 12.97 87.75 -7.92
CA TRP H 46 14.17 87.39 -8.70
C TRP H 46 13.84 86.81 -10.07
N LYS H 47 14.66 87.08 -11.10
CA LYS H 47 14.48 86.45 -12.44
C LYS H 47 15.82 85.90 -12.94
N HIS H 48 16.30 84.81 -12.34
CA HIS H 48 17.59 84.18 -12.73
C HIS H 48 17.41 83.36 -14.00
N THR H 49 18.50 82.84 -14.56
CA THR H 49 18.41 82.00 -15.78
C THR H 49 19.55 80.98 -15.82
N LYS H 50 19.58 80.09 -14.84
CA LYS H 50 20.37 78.84 -14.73
C LYS H 50 21.84 79.14 -15.00
N GLU H 51 22.16 79.67 -16.18
CA GLU H 51 23.56 80.08 -16.37
C GLU H 51 23.84 81.27 -15.46
N GLN H 52 22.89 82.19 -15.33
CA GLN H 52 23.20 83.44 -14.58
C GLN H 52 23.52 83.15 -13.13
N ILE H 53 22.70 82.37 -12.43
CA ILE H 53 22.95 82.18 -10.98
C ILE H 53 24.19 81.35 -10.70
N ILE H 54 24.40 80.27 -11.45
CA ILE H 54 25.44 79.29 -11.06
C ILE H 54 26.76 79.99 -10.77
N GLY H 55 27.37 79.68 -9.63
CA GLY H 55 28.70 80.21 -9.27
C GLY H 55 28.65 81.53 -8.56
N SER H 56 27.49 82.20 -8.51
CA SER H 56 27.38 83.55 -7.92
C SER H 56 27.39 83.44 -6.39
N PRO H 57 28.15 84.28 -5.61
CA PRO H 57 28.29 84.15 -4.16
C PRO H 57 27.01 84.42 -3.34
N ILE H 58 26.88 83.80 -2.17
CA ILE H 58 25.68 84.00 -1.29
C ILE H 58 26.12 84.44 0.13
N THR H 59 25.46 85.47 0.68
CA THR H 59 25.72 86.05 2.03
C THR H 59 25.04 85.29 3.17
N CYS H 60 23.82 84.79 3.00
CA CYS H 60 23.06 84.04 4.04
C CYS H 60 22.70 84.85 5.30
N ASN H 61 22.91 84.35 6.53
CA ASN H 61 22.50 84.98 7.82
C ASN H 61 21.80 83.89 8.64
N PHE H 62 20.55 83.54 8.33
CA PHE H 62 19.93 82.32 8.91
C PHE H 62 19.42 82.35 10.36
N GLU H 63 19.31 83.52 10.98
CA GLU H 63 18.71 83.57 12.33
C GLU H 63 19.19 82.38 13.17
N TYR H 64 18.28 81.69 13.86
CA TYR H 64 18.67 80.62 14.79
C TYR H 64 18.90 81.23 16.17
N ASN H 65 18.72 80.47 17.25
CA ASN H 65 18.76 81.08 18.62
C ASN H 65 20.09 81.57 19.20
N PRO H 66 21.22 80.84 19.13
CA PRO H 66 22.43 81.28 19.83
C PRO H 66 22.87 82.59 19.22
N ARG H 67 22.93 82.63 17.90
CA ARG H 67 23.31 83.86 17.16
C ARG H 67 22.97 83.56 15.71
N PRO H 68 22.89 84.55 14.81
CA PRO H 68 22.65 84.22 13.42
C PRO H 68 23.89 83.49 12.87
N VAL H 69 23.71 82.64 11.86
CA VAL H 69 24.86 81.92 11.22
C VAL H 69 25.38 82.74 10.04
N ARG H 70 26.45 83.55 10.19
CA ARG H 70 26.84 84.33 9.00
C ARG H 70 27.75 83.44 8.15
N LEU H 71 27.30 83.05 6.95
CA LEU H 71 28.07 82.09 6.13
C LEU H 71 28.08 82.54 4.67
N ILE H 72 29.23 82.45 3.98
CA ILE H 72 29.34 82.93 2.57
C ILE H 72 29.60 81.75 1.66
N GLY H 73 28.85 81.62 0.57
CA GLY H 73 28.99 80.40 -0.28
C GLY H 73 28.49 80.59 -1.70
N THR H 74 28.80 79.66 -2.59
CA THR H 74 28.44 79.84 -4.02
C THR H 74 27.14 79.13 -4.36
N VAL H 75 26.26 79.82 -5.07
CA VAL H 75 24.97 79.21 -5.51
C VAL H 75 25.28 78.16 -6.54
N MET H 76 24.39 77.18 -6.74
CA MET H 76 24.68 76.08 -7.69
C MET H 76 23.42 75.44 -8.31
N ASP H 77 22.20 75.85 -7.99
CA ASP H 77 21.05 75.19 -8.61
C ASP H 77 19.96 76.12 -9.11
N ALA H 78 19.40 76.99 -8.27
CA ALA H 78 18.31 77.88 -8.65
C ALA H 78 17.13 77.09 -9.20
N HIS H 79 16.48 76.37 -8.29
CA HIS H 79 15.48 75.37 -8.62
C HIS H 79 14.28 75.92 -9.38
N THR H 80 14.01 77.22 -9.33
CA THR H 80 12.74 77.73 -9.84
C THR H 80 12.85 78.70 -11.00
N GLU H 81 13.93 79.47 -11.10
CA GLU H 81 14.20 80.35 -12.22
C GLU H 81 13.32 81.59 -12.25
N GLU H 82 12.40 81.73 -11.30
CA GLU H 82 11.63 82.96 -11.13
C GLU H 82 11.23 83.06 -9.67
N THR H 83 10.31 83.97 -9.35
CA THR H 83 9.98 84.27 -7.97
C THR H 83 8.89 83.36 -7.41
N SER H 84 8.72 82.16 -7.95
CA SER H 84 7.67 81.31 -7.44
C SER H 84 8.00 80.85 -6.01
N ILE H 85 7.01 80.25 -5.36
CA ILE H 85 7.18 79.81 -3.98
C ILE H 85 8.12 78.64 -3.85
N LYS H 86 8.55 78.05 -4.96
CA LYS H 86 9.46 76.91 -4.89
C LYS H 86 10.85 77.35 -4.44
N GLY H 87 11.42 78.34 -5.12
CA GLY H 87 12.69 78.91 -4.68
C GLY H 87 13.85 77.94 -4.81
N GLY H 88 14.52 77.65 -3.70
CA GLY H 88 15.59 76.67 -3.70
C GLY H 88 16.88 77.22 -4.24
N LEU H 89 18.00 76.92 -3.59
CA LEU H 89 19.22 77.41 -4.22
C LEU H 89 20.33 76.38 -4.36
N LYS H 90 20.55 75.54 -3.35
CA LYS H 90 21.67 74.59 -3.34
C LYS H 90 23.01 75.31 -3.49
N VAL H 91 23.38 76.02 -2.43
CA VAL H 91 24.69 76.65 -2.35
C VAL H 91 25.70 75.64 -1.83
N TYR H 92 26.99 75.97 -1.90
CA TYR H 92 28.06 75.09 -1.44
C TYR H 92 28.67 75.52 -0.12
N ALA H 93 29.03 76.79 0.00
CA ALA H 93 29.17 77.58 1.23
C ALA H 93 30.42 77.31 2.06
N ARG H 94 31.19 76.25 1.82
CA ARG H 94 32.60 76.17 2.20
C ARG H 94 32.98 77.00 3.41
N SER H 95 32.33 76.78 4.55
CA SER H 95 32.46 77.72 5.67
C SER H 95 33.89 77.76 6.20
N GLU H 96 34.42 76.60 6.56
CA GLU H 96 35.70 76.45 7.21
C GLU H 96 36.25 75.11 6.75
N GLU H 97 37.12 74.50 7.56
CA GLU H 97 37.53 73.11 7.35
C GLU H 97 36.35 72.21 7.00
N ALA H 98 35.14 72.59 7.42
CA ALA H 98 33.93 71.86 7.06
C ALA H 98 33.36 72.39 5.77
N ASN H 99 32.96 71.48 4.89
CA ASN H 99 32.18 71.81 3.70
C ASN H 99 30.73 71.45 3.94
N MET H 100 29.81 72.26 3.43
CA MET H 100 28.40 72.04 3.75
C MET H 100 27.54 72.54 2.59
N MET H 101 27.22 71.63 1.67
CA MET H 101 26.19 71.92 0.68
C MET H 101 24.84 71.93 1.37
N LEU H 102 23.93 72.78 0.89
CA LEU H 102 22.66 72.92 1.58
C LEU H 102 21.64 73.60 0.67
N TRP H 103 20.38 73.56 1.11
CA TRP H 103 19.23 74.01 0.34
C TRP H 103 18.53 75.14 1.08
N ILE H 104 18.05 76.13 0.34
CA ILE H 104 17.34 77.25 0.94
C ILE H 104 15.95 77.36 0.33
N PRO H 105 14.88 77.12 1.09
CA PRO H 105 13.53 77.16 0.51
C PRO H 105 13.14 78.51 -0.08
N ALA H 106 13.85 79.58 0.27
CA ALA H 106 13.66 80.89 -0.36
C ALA H 106 12.28 81.47 -0.11
N GLY H 107 11.69 81.17 1.05
CA GLY H 107 10.51 81.88 1.48
C GLY H 107 10.49 82.04 2.98
N ASN H 108 11.52 81.51 3.63
CA ASN H 108 11.53 81.39 5.07
C ASN H 108 11.83 82.74 5.72
N PRO H 109 11.11 83.11 6.77
CA PRO H 109 11.49 84.35 7.50
C PRO H 109 12.88 84.30 8.09
N LYS H 110 13.17 83.27 8.88
CA LYS H 110 14.43 83.22 9.60
C LYS H 110 15.59 82.72 8.76
N LEU H 111 15.33 82.14 7.59
CA LEU H 111 16.38 81.71 6.68
C LEU H 111 16.48 82.74 5.57
N LYS H 112 17.18 83.83 5.88
CA LYS H 112 17.36 84.92 4.94
C LYS H 112 18.79 84.92 4.44
N TYR H 113 19.00 85.59 3.32
CA TYR H 113 20.28 85.54 2.61
C TYR H 113 20.31 86.66 1.59
N GLU H 114 21.30 86.60 0.71
CA GLU H 114 21.39 87.51 -0.42
C GLU H 114 22.40 86.95 -1.39
N VAL H 115 22.10 87.05 -2.67
CA VAL H 115 23.03 86.61 -3.71
C VAL H 115 23.57 87.85 -4.42
N THR H 116 24.83 87.76 -4.83
CA THR H 116 25.48 88.81 -5.59
C THR H 116 26.04 88.18 -6.86
N ALA H 117 26.04 88.95 -7.95
CA ALA H 117 26.48 88.44 -9.24
C ALA H 117 27.58 89.33 -9.79
N ALA H 118 28.80 89.15 -9.30
CA ALA H 118 29.96 89.76 -9.93
C ALA H 118 31.08 88.75 -10.09
N LYS H 119 31.37 88.01 -9.02
CA LYS H 119 32.35 86.93 -9.02
C LYS H 119 31.71 85.60 -9.36
N GLY H 120 30.39 85.57 -9.48
CA GLY H 120 29.68 84.38 -9.87
C GLY H 120 29.82 84.08 -11.35
N SER H 121 31.04 84.13 -11.85
CA SER H 121 31.29 83.70 -13.21
C SER H 121 31.16 82.19 -13.27
N PHE H 122 30.40 81.71 -14.26
CA PHE H 122 30.19 80.28 -14.40
C PHE H 122 31.50 79.50 -14.35
N GLU H 123 32.57 80.04 -14.95
CA GLU H 123 33.86 79.37 -14.89
C GLU H 123 34.44 79.33 -13.48
N HIS H 124 33.78 79.96 -12.51
CA HIS H 124 34.12 79.74 -11.12
C HIS H 124 33.30 78.63 -10.50
N TYR H 125 32.06 78.50 -10.95
CA TYR H 125 31.16 77.42 -10.51
C TYR H 125 31.82 76.09 -10.81
N LEU H 126 32.48 75.97 -11.96
CA LEU H 126 33.03 74.65 -12.32
C LEU H 126 34.04 74.22 -11.26
N ASP H 127 34.89 75.14 -10.81
CA ASP H 127 35.92 74.82 -9.78
C ASP H 127 35.24 74.45 -8.46
N GLU H 128 34.23 75.20 -8.07
CA GLU H 128 33.58 74.93 -6.77
C GLU H 128 33.04 73.52 -6.89
N ARG H 129 32.48 73.19 -8.05
CA ARG H 129 31.88 71.86 -8.23
C ARG H 129 32.97 70.82 -8.01
N SER H 130 34.16 71.04 -8.57
CA SER H 130 35.29 70.10 -8.34
C SER H 130 35.72 70.11 -6.88
N LYS H 131 35.74 71.27 -6.24
CA LYS H 131 36.22 71.37 -4.84
C LYS H 131 35.35 70.48 -3.96
N TRP H 132 34.04 70.51 -4.15
CA TRP H 132 33.12 69.65 -3.36
C TRP H 132 33.38 68.19 -3.65
N ASP H 133 33.48 67.81 -4.92
CA ASP H 133 33.60 66.36 -5.20
C ASP H 133 34.81 65.84 -4.44
N GLU H 134 35.91 66.58 -4.49
CA GLU H 134 37.08 66.15 -3.75
C GLU H 134 36.76 66.00 -2.26
N ALA H 135 36.20 67.05 -1.66
CA ALA H 135 35.81 66.95 -0.26
C ALA H 135 34.77 65.86 -0.06
N TRP H 136 33.87 65.66 -1.03
CA TRP H 136 32.88 64.60 -0.91
C TRP H 136 33.55 63.24 -0.99
N LEU H 137 34.27 62.98 -2.08
CA LEU H 137 34.85 61.67 -2.31
C LEU H 137 35.89 61.31 -1.26
N THR H 138 36.72 62.27 -0.86
CA THR H 138 37.81 62.02 0.08
C THR H 138 37.42 62.23 1.53
N GLY H 139 36.15 62.04 1.87
CA GLY H 139 35.75 62.06 3.26
C GLY H 139 34.98 60.81 3.63
N ARG H 140 35.15 59.75 2.85
CA ARG H 140 34.34 58.56 2.99
C ARG H 140 34.86 57.59 4.05
N ALA H 141 35.86 57.99 4.83
CA ALA H 141 36.50 57.12 5.82
C ALA H 141 37.07 55.86 5.17
N ARG H 142 37.43 55.95 3.89
CA ARG H 142 38.10 54.84 3.21
C ARG H 142 39.60 55.06 3.26
N TYR I 10 -21.12 -10.99 -6.17
CA TYR I 10 -22.35 -11.72 -5.93
C TYR I 10 -23.43 -11.23 -6.88
N TYR I 11 -24.66 -11.11 -6.39
CA TYR I 11 -25.78 -10.61 -7.17
C TYR I 11 -26.15 -9.24 -6.64
N ARG I 12 -25.84 -8.21 -7.40
CA ARG I 12 -26.10 -6.84 -6.99
C ARG I 12 -27.48 -6.42 -7.17
N ALA I 13 -28.38 -7.26 -7.66
CA ALA I 13 -29.72 -6.82 -8.03
C ALA I 13 -29.62 -5.67 -9.01
N THR I 14 -28.63 -5.72 -9.90
CA THR I 14 -28.38 -4.63 -10.82
C THR I 14 -29.40 -4.59 -11.94
N ALA I 15 -30.20 -5.63 -12.12
CA ALA I 15 -31.26 -5.57 -13.11
C ALA I 15 -32.36 -4.62 -12.65
N GLU I 16 -32.92 -4.87 -11.47
CA GLU I 16 -33.97 -4.02 -10.95
C GLU I 16 -33.48 -2.60 -10.75
N LEU I 17 -32.38 -2.43 -10.03
CA LEU I 17 -31.79 -1.16 -9.66
C LEU I 17 -31.19 -0.45 -10.80
N ASP I 18 -31.41 -0.85 -12.04
CA ASP I 18 -30.99 -0.06 -13.19
C ASP I 18 -32.13 0.74 -13.81
N ARG I 19 -33.37 0.29 -13.66
CA ARG I 19 -34.49 1.12 -14.07
C ARG I 19 -34.65 2.33 -13.17
N LEU I 20 -34.27 2.20 -11.90
CA LEU I 20 -34.42 3.31 -10.96
C LEU I 20 -33.48 4.45 -11.27
N ARG I 21 -32.42 4.21 -12.04
CA ARG I 21 -31.42 5.23 -12.30
C ARG I 21 -31.99 6.38 -13.10
N GLY I 22 -33.28 6.31 -13.45
CA GLY I 22 -33.90 7.42 -14.12
C GLY I 22 -34.19 8.59 -13.22
N MET I 23 -34.52 8.33 -11.96
CA MET I 23 -34.94 9.37 -11.02
C MET I 23 -33.84 9.73 -10.06
N LEU I 24 -32.61 9.89 -10.54
CA LEU I 24 -31.49 10.35 -9.75
C LEU I 24 -30.89 11.59 -10.40
N ARG I 25 -29.99 12.25 -9.68
CA ARG I 25 -29.45 13.52 -10.14
C ARG I 25 -28.35 13.27 -11.18
N GLY I 26 -27.60 14.33 -11.50
CA GLY I 26 -26.89 14.37 -12.76
C GLY I 26 -25.83 13.29 -12.95
N ARG I 27 -25.33 12.73 -11.87
CA ARG I 27 -24.24 11.76 -12.00
C ARG I 27 -24.72 10.32 -11.93
N ALA I 28 -25.49 9.99 -10.89
CA ALA I 28 -26.04 8.65 -10.77
C ALA I 28 -26.98 8.31 -11.92
N ARG I 29 -27.64 9.29 -12.51
CA ARG I 29 -28.49 9.01 -13.66
C ARG I 29 -27.68 8.60 -14.88
N LEU I 30 -26.48 9.17 -15.03
CA LEU I 30 -25.69 8.93 -16.24
C LEU I 30 -24.92 7.61 -16.14
N GLU I 31 -24.01 7.51 -15.17
CA GLU I 31 -23.05 6.41 -15.13
C GLU I 31 -23.61 5.26 -14.30
N ARG I 32 -23.65 4.08 -14.91
CA ARG I 32 -24.32 2.94 -14.31
C ARG I 32 -23.71 2.52 -12.98
N LYS I 33 -22.38 2.57 -12.85
CA LYS I 33 -21.74 2.15 -11.61
C LYS I 33 -22.12 3.07 -10.46
N VAL I 34 -21.79 4.36 -10.60
CA VAL I 34 -22.03 5.30 -9.52
C VAL I 34 -23.52 5.43 -9.19
N GLY I 35 -24.40 5.05 -10.11
CA GLY I 35 -25.81 5.05 -9.79
C GLY I 35 -26.21 3.90 -8.90
N LEU I 36 -25.56 2.74 -9.07
CA LEU I 36 -25.92 1.59 -8.26
C LEU I 36 -25.50 1.78 -6.81
N LYS I 37 -24.25 2.23 -6.58
CA LYS I 37 -23.80 2.50 -5.23
C LYS I 37 -24.69 3.50 -4.51
N ARG I 38 -25.40 4.35 -5.26
CA ARG I 38 -26.33 5.31 -4.67
C ARG I 38 -27.70 4.69 -4.47
N ILE I 39 -28.31 4.17 -5.55
CA ILE I 39 -29.66 3.63 -5.43
C ILE I 39 -29.68 2.42 -4.51
N THR I 40 -28.59 1.67 -4.42
CA THR I 40 -28.52 0.59 -3.45
C THR I 40 -28.14 1.08 -2.07
N PHE I 41 -27.73 2.34 -1.95
CA PHE I 41 -27.55 2.95 -0.65
C PHE I 41 -28.82 3.60 -0.15
N LEU I 42 -29.62 4.13 -1.07
CA LEU I 42 -30.92 4.67 -0.70
C LEU I 42 -31.91 3.57 -0.35
N MET I 43 -32.04 2.57 -1.22
CA MET I 43 -32.99 1.49 -0.96
C MET I 43 -32.62 0.70 0.28
N ARG I 44 -31.33 0.63 0.61
CA ARG I 44 -30.91 -0.08 1.79
C ARG I 44 -31.10 0.73 3.07
N THR I 45 -31.46 2.00 2.95
CA THR I 45 -31.75 2.82 4.11
C THR I 45 -33.22 3.14 4.26
N GLN I 46 -34.01 3.06 3.19
CA GLN I 46 -35.46 3.03 3.38
C GLN I 46 -35.84 1.79 4.17
N THR I 47 -35.40 0.62 3.71
CA THR I 47 -35.69 -0.60 4.45
C THR I 47 -35.02 -0.61 5.81
N ARG I 48 -33.98 0.20 6.00
CA ARG I 48 -33.39 0.32 7.32
C ARG I 48 -34.16 1.28 8.20
N TYR I 49 -34.77 2.31 7.62
CA TYR I 49 -35.57 3.23 8.39
C TYR I 49 -36.99 2.73 8.58
N ARG I 50 -37.50 1.94 7.65
CA ARG I 50 -38.86 1.45 7.77
C ARG I 50 -39.00 0.49 8.93
N VAL I 51 -38.11 -0.49 9.02
CA VAL I 51 -38.23 -1.53 10.04
C VAL I 51 -37.66 -1.12 11.38
N GLU I 52 -36.96 0.01 11.46
CA GLU I 52 -36.27 0.40 12.69
C GLU I 52 -36.82 1.68 13.30
N GLN I 53 -36.83 2.78 12.55
CA GLN I 53 -37.07 4.08 13.15
C GLN I 53 -38.33 4.76 12.68
N LYS I 54 -38.99 4.26 11.64
CA LYS I 54 -40.19 4.96 11.16
C LYS I 54 -41.32 4.85 12.16
N ALA I 55 -41.40 3.72 12.86
CA ALA I 55 -42.45 3.55 13.85
C ALA I 55 -42.33 4.58 14.97
N HIS I 56 -41.23 4.53 15.73
CA HIS I 56 -41.09 5.37 16.92
C HIS I 56 -41.25 6.85 16.61
N TRP I 57 -41.13 7.26 15.36
CA TRP I 57 -41.37 8.66 15.01
C TRP I 57 -42.83 8.88 14.63
N GLU I 58 -43.31 8.13 13.64
CA GLU I 58 -44.68 8.30 13.19
C GLU I 58 -45.69 7.85 14.23
N ARG I 59 -45.24 7.12 15.23
CA ARG I 59 -46.11 6.72 16.33
C ARG I 59 -46.22 7.78 17.40
N ALA I 60 -45.40 8.83 17.34
CA ALA I 60 -45.49 9.92 18.29
C ALA I 60 -46.10 11.17 17.69
N ILE I 61 -46.21 11.26 16.36
CA ILE I 61 -46.98 12.34 15.76
C ILE I 61 -48.46 12.06 15.93
N VAL I 62 -48.82 10.83 16.30
CA VAL I 62 -50.22 10.53 16.55
C VAL I 62 -50.55 10.69 18.03
N ARG I 63 -49.69 10.23 18.92
CA ARG I 63 -49.90 10.49 20.34
C ARG I 63 -49.76 11.96 20.69
N LYS I 64 -49.36 12.79 19.74
CA LYS I 64 -49.39 14.23 19.92
C LYS I 64 -50.66 14.85 19.37
N ASN I 65 -51.29 14.22 18.38
CA ASN I 65 -52.51 14.77 17.83
C ASN I 65 -53.72 14.38 18.65
N VAL I 66 -53.77 13.16 19.18
CA VAL I 66 -54.88 12.87 20.06
C VAL I 66 -54.70 13.58 21.39
N ASP I 67 -53.46 13.78 21.82
CA ASP I 67 -53.23 14.55 23.03
C ASP I 67 -53.62 16.01 22.83
N SER I 68 -53.08 16.65 21.80
CA SER I 68 -53.40 18.06 21.57
C SER I 68 -54.89 18.27 21.42
N ALA I 69 -55.61 17.28 20.89
CA ALA I 69 -57.05 17.31 20.81
C ALA I 69 -57.72 16.98 22.12
N ALA I 70 -56.96 16.58 23.13
CA ALA I 70 -57.49 16.40 24.46
C ALA I 70 -57.29 17.61 25.34
N HIS I 71 -56.28 18.43 25.05
CA HIS I 71 -56.11 19.64 25.84
C HIS I 71 -57.25 20.62 25.62
N GLU I 72 -57.92 20.54 24.47
CA GLU I 72 -59.07 21.39 24.21
C GLU I 72 -60.25 20.95 25.07
N HIS I 73 -60.03 19.96 25.94
CA HIS I 73 -61.04 19.49 26.88
C HIS I 73 -60.42 19.27 28.26
N GLY I 74 -59.40 20.05 28.58
CA GLY I 74 -58.82 20.02 29.91
C GLY I 74 -58.17 18.73 30.32
N SER I 75 -58.15 17.71 29.47
CA SER I 75 -57.47 16.47 29.77
C SER I 75 -56.26 16.33 28.86
N GLY I 76 -55.57 15.20 28.98
CA GLY I 76 -54.39 14.99 28.20
C GLY I 76 -54.16 13.50 27.98
N TRP I 77 -53.18 13.21 27.14
CA TRP I 77 -52.86 11.82 26.85
C TRP I 77 -52.43 11.09 28.11
N GLN I 78 -51.79 11.79 29.05
CA GLN I 78 -51.36 11.13 30.27
C GLN I 78 -52.53 10.55 31.04
N HIS I 79 -53.69 11.18 30.95
CA HIS I 79 -54.89 10.73 31.63
C HIS I 79 -55.84 9.99 30.70
N LEU I 80 -55.93 10.42 29.45
CA LEU I 80 -56.81 9.77 28.49
C LEU I 80 -56.40 8.33 28.24
N ARG I 81 -55.11 8.10 28.08
CA ARG I 81 -54.63 6.74 27.80
C ARG I 81 -55.01 5.78 28.90
N ASN I 82 -54.94 6.21 30.16
CA ASN I 82 -55.26 5.31 31.25
C ASN I 82 -56.75 5.08 31.41
N ASP I 83 -57.59 5.98 30.88
CA ASP I 83 -59.03 5.86 31.06
C ASP I 83 -59.78 5.46 29.79
N LEU I 84 -59.13 5.43 28.64
CA LEU I 84 -59.71 4.71 27.51
C LEU I 84 -59.64 3.21 27.76
N ALA I 85 -58.67 2.76 28.55
CA ALA I 85 -58.55 1.34 28.86
C ALA I 85 -59.40 0.98 30.06
N ARG I 86 -59.49 1.88 31.04
CA ARG I 86 -60.28 1.59 32.24
C ARG I 86 -61.72 1.26 31.87
N GLN I 87 -62.26 1.93 30.86
CA GLN I 87 -63.62 1.70 30.42
C GLN I 87 -63.74 0.60 29.39
N ASN I 88 -62.66 -0.11 29.09
CA ASN I 88 -62.66 -1.22 28.15
C ASN I 88 -62.95 -0.76 26.72
N LEU I 89 -62.69 0.50 26.42
CA LEU I 89 -63.15 1.08 25.16
C LEU I 89 -62.50 0.43 23.94
N MET I 90 -61.23 0.02 24.03
CA MET I 90 -60.55 -0.70 22.96
C MET I 90 -60.51 0.11 21.66
N LEU I 91 -59.79 1.23 21.72
CA LEU I 91 -59.58 2.08 20.56
C LEU I 91 -58.09 2.20 20.29
N LEU I 92 -57.67 1.81 19.09
CA LEU I 92 -56.29 1.97 18.69
C LEU I 92 -55.88 3.44 18.81
N PRO I 93 -54.64 3.73 19.17
CA PRO I 93 -54.23 5.14 19.28
C PRO I 93 -54.20 5.86 17.95
N ARG I 94 -54.31 5.17 16.82
CA ARG I 94 -54.56 5.85 15.56
C ARG I 94 -56.03 6.15 15.35
N THR I 95 -56.93 5.38 15.95
CA THR I 95 -58.35 5.65 15.83
C THR I 95 -58.73 6.91 16.59
N GLN I 96 -58.19 7.09 17.79
CA GLN I 96 -58.47 8.29 18.55
C GLN I 96 -57.98 9.53 17.83
N GLN I 97 -57.02 9.41 16.93
CA GLN I 97 -56.63 10.54 16.12
C GLN I 97 -57.58 10.74 14.95
N GLN I 98 -58.17 9.67 14.44
CA GLN I 98 -59.18 9.81 13.41
C GLN I 98 -60.42 10.50 13.94
N LEU I 99 -60.84 10.15 15.14
CA LEU I 99 -62.02 10.78 15.73
C LEU I 99 -61.74 12.24 16.07
N ALA I 100 -60.60 12.51 16.69
CA ALA I 100 -60.25 13.87 17.08
C ALA I 100 -60.13 14.81 15.90
N GLN I 101 -60.18 14.31 14.67
CA GLN I 101 -59.96 15.13 13.49
C GLN I 101 -61.12 15.12 12.53
N TYR I 102 -61.95 14.08 12.51
CA TYR I 102 -63.09 14.01 11.62
C TYR I 102 -64.42 14.00 12.35
N GLU I 103 -64.51 13.29 13.45
CA GLU I 103 -65.71 13.26 14.27
C GLU I 103 -65.41 13.92 15.60
N PRO I 104 -65.29 15.25 15.64
CA PRO I 104 -64.82 15.90 16.86
C PRO I 104 -65.78 15.74 18.01
N LEU I 105 -67.05 15.53 17.71
CA LEU I 105 -68.04 15.36 18.77
C LEU I 105 -67.92 14.00 19.42
N ALA I 106 -67.83 12.94 18.62
CA ALA I 106 -67.68 11.60 19.18
C ALA I 106 -66.47 11.53 20.09
N PHE I 107 -65.35 12.10 19.67
CA PHE I 107 -64.19 12.17 20.56
C PHE I 107 -64.55 12.85 21.86
N ARG I 108 -65.10 14.07 21.76
CA ARG I 108 -65.53 14.78 22.96
C ARG I 108 -66.46 13.93 23.79
N ALA I 109 -67.38 13.21 23.12
CA ALA I 109 -68.30 12.35 23.85
C ALA I 109 -67.55 11.30 24.65
N VAL I 110 -66.50 10.73 24.08
CA VAL I 110 -65.62 9.84 24.84
C VAL I 110 -65.04 10.59 26.02
N MET I 111 -64.39 11.72 25.76
CA MET I 111 -63.71 12.46 26.81
C MET I 111 -64.63 12.81 27.97
N GLU I 112 -65.94 12.90 27.71
CA GLU I 112 -66.89 13.07 28.80
C GLU I 112 -67.10 11.77 29.56
N LEU I 113 -67.06 10.63 28.86
CA LEU I 113 -67.28 9.35 29.51
C LEU I 113 -66.17 9.04 30.49
N CYS I 114 -64.91 9.13 30.06
CA CYS I 114 -63.80 8.81 30.94
C CYS I 114 -63.76 9.73 32.15
N ALA I 115 -64.21 10.97 31.99
CA ALA I 115 -64.31 11.88 33.12
C ALA I 115 -65.53 11.62 33.99
N SER I 116 -66.59 11.05 33.42
CA SER I 116 -67.76 10.69 34.20
C SER I 116 -67.42 9.66 35.26
N ARG I 117 -68.28 9.57 36.27
CA ARG I 117 -68.13 8.55 37.29
C ARG I 117 -68.96 7.31 36.98
N VAL I 118 -68.87 6.81 35.75
CA VAL I 118 -69.68 5.68 35.30
C VAL I 118 -68.90 4.41 35.51
N ALA I 119 -69.56 3.40 36.04
CA ALA I 119 -68.89 2.13 36.33
C ALA I 119 -68.42 1.50 35.04
N PRO I 120 -67.14 1.16 34.92
CA PRO I 120 -66.67 0.43 33.74
C PRO I 120 -67.30 -0.94 33.69
N PRO I 121 -67.35 -1.56 32.52
CA PRO I 121 -68.02 -2.85 32.41
C PRO I 121 -67.27 -3.90 33.21
N PRO I 122 -67.99 -4.81 33.87
CA PRO I 122 -67.34 -5.74 34.77
C PRO I 122 -66.51 -6.75 34.00
N PRO I 123 -65.41 -7.24 34.57
CA PRO I 123 -64.56 -8.16 33.84
C PRO I 123 -65.33 -9.37 33.40
N PRO I 124 -65.01 -9.92 32.23
CA PRO I 124 -65.75 -11.08 31.72
C PRO I 124 -65.69 -12.24 32.71
N MET I 125 -66.80 -12.97 32.78
CA MET I 125 -66.93 -14.02 33.76
C MET I 125 -66.27 -15.30 33.26
N THR I 126 -65.91 -16.15 34.21
CA THR I 126 -65.35 -17.46 33.89
C THR I 126 -66.49 -18.39 33.51
N ALA I 127 -66.19 -19.68 33.41
CA ALA I 127 -67.18 -20.68 33.05
C ALA I 127 -67.89 -21.15 34.31
N GLN I 128 -69.20 -20.96 34.37
CA GLN I 128 -70.00 -21.36 35.52
C GLN I 128 -70.62 -22.71 35.24
N VAL I 129 -70.44 -23.63 36.18
CA VAL I 129 -71.11 -24.92 36.10
C VAL I 129 -72.57 -24.72 36.46
N PRO I 130 -73.51 -25.08 35.59
CA PRO I 130 -74.92 -25.01 35.98
C PRO I 130 -75.21 -26.00 37.09
N GLU I 131 -76.26 -25.73 37.86
CA GLU I 131 -76.65 -26.67 38.90
C GLU I 131 -77.01 -28.02 38.32
N GLU I 132 -77.72 -28.04 37.20
CA GLU I 132 -78.22 -29.27 36.59
C GLU I 132 -77.11 -30.25 36.20
N ALA I 133 -75.86 -29.81 36.15
CA ALA I 133 -74.77 -30.75 35.91
C ALA I 133 -74.64 -31.74 37.05
N TYR I 134 -74.86 -31.28 38.29
CA TYR I 134 -74.78 -32.16 39.45
C TYR I 134 -76.06 -32.93 39.68
N ALA I 135 -77.20 -32.36 39.29
CA ALA I 135 -78.49 -32.96 39.59
C ALA I 135 -78.56 -34.38 39.05
N THR I 136 -78.68 -35.33 39.97
CA THR I 136 -78.55 -36.74 39.64
C THR I 136 -79.61 -37.19 38.65
N ARG I 137 -79.17 -37.71 37.54
CA ARG I 137 -80.03 -38.21 36.47
C ARG I 137 -80.48 -39.64 36.79
N PRO I 138 -81.76 -39.95 36.65
CA PRO I 138 -82.21 -41.32 36.86
C PRO I 138 -81.87 -42.23 35.69
N GLU I 139 -82.42 -43.45 35.69
CA GLU I 139 -82.26 -44.36 34.57
C GLU I 139 -83.45 -44.23 33.62
N ASP I 140 -83.47 -43.10 32.91
CA ASP I 140 -84.55 -42.78 32.00
C ASP I 140 -83.99 -42.53 30.61
N PRO I 141 -84.34 -43.34 29.61
CA PRO I 141 -83.72 -43.19 28.28
C PRO I 141 -84.48 -42.27 27.35
N LYS I 142 -85.77 -42.06 27.63
CA LYS I 142 -86.61 -41.34 26.68
C LYS I 142 -86.31 -39.85 26.70
N VAL I 143 -86.41 -39.22 27.88
CA VAL I 143 -86.24 -37.78 28.03
C VAL I 143 -84.77 -37.43 27.94
N ALA I 144 -84.46 -36.22 27.49
CA ALA I 144 -83.10 -35.74 27.38
C ALA I 144 -82.51 -35.41 28.74
N HIS I 145 -81.20 -35.20 28.77
CA HIS I 145 -80.52 -34.84 30.01
C HIS I 145 -81.03 -33.47 30.47
N PRO I 146 -81.15 -33.26 31.79
CA PRO I 146 -81.63 -31.96 32.27
C PRO I 146 -80.77 -30.79 31.84
N ALA I 147 -79.47 -30.96 31.68
CA ALA I 147 -78.60 -29.84 31.35
C ALA I 147 -78.75 -29.41 29.91
N ALA I 148 -79.05 -30.34 28.99
CA ALA I 148 -79.19 -29.96 27.59
C ALA I 148 -80.48 -29.22 27.34
N ARG I 149 -81.56 -29.56 28.06
CA ARG I 149 -82.81 -28.85 27.86
C ARG I 149 -82.72 -27.39 28.27
N ARG I 150 -81.72 -27.02 29.06
CA ARG I 150 -81.47 -25.63 29.42
C ARG I 150 -80.40 -24.99 28.54
N GLN I 151 -79.31 -25.71 28.30
CA GLN I 151 -78.27 -25.20 27.42
C GLN I 151 -78.79 -24.97 26.01
N LEU I 152 -79.65 -25.88 25.53
CA LEU I 152 -80.24 -25.68 24.21
C LEU I 152 -81.13 -24.45 24.20
N GLU I 153 -81.95 -24.28 25.23
CA GLU I 153 -82.74 -23.06 25.35
C GLU I 153 -81.84 -21.84 25.32
N GLU I 154 -80.70 -21.91 26.01
CA GLU I 154 -79.74 -20.80 25.99
C GLU I 154 -79.29 -20.49 24.57
N CYS I 155 -79.13 -21.53 23.74
CA CYS I 155 -78.60 -21.34 22.39
C CYS I 155 -79.65 -20.78 21.44
N VAL I 156 -80.92 -21.05 21.68
CA VAL I 156 -81.94 -20.57 20.75
C VAL I 156 -82.38 -19.16 21.11
N GLU I 157 -82.33 -18.80 22.39
CA GLU I 157 -82.58 -17.40 22.74
C GLU I 157 -81.48 -16.51 22.19
N ARG I 158 -80.22 -16.89 22.41
CA ARG I 158 -79.12 -16.18 21.80
C ARG I 158 -79.19 -16.25 20.28
N MET I 159 -79.92 -17.22 19.74
CA MET I 159 -80.08 -17.31 18.30
C MET I 159 -81.08 -16.31 17.77
N LEU I 160 -82.11 -15.99 18.55
CA LEU I 160 -83.13 -15.05 18.12
C LEU I 160 -82.81 -13.62 18.53
N CYS I 161 -82.04 -13.43 19.60
CA CYS I 161 -81.68 -12.09 20.04
C CYS I 161 -80.78 -11.41 19.03
N THR I 162 -79.93 -12.17 18.35
CA THR I 162 -79.01 -11.58 17.37
C THR I 162 -79.74 -11.21 16.09
N GLY I 163 -79.48 -10.01 15.60
CA GLY I 163 -80.11 -9.53 14.40
C GLY I 163 -81.61 -9.37 14.51
N ARG I 164 -82.24 -8.85 13.46
CA ARG I 164 -83.69 -8.82 13.39
C ARG I 164 -84.11 -9.68 12.22
N SER I 165 -83.53 -10.87 12.12
CA SER I 165 -83.90 -11.81 11.07
C SER I 165 -85.38 -12.15 11.17
N ASP I 166 -86.16 -11.70 10.20
CA ASP I 166 -87.51 -12.20 10.03
C ASP I 166 -87.39 -13.62 9.50
N VAL I 167 -87.41 -14.59 10.40
CA VAL I 167 -87.12 -15.95 9.98
C VAL I 167 -88.35 -16.43 9.23
N LEU I 168 -88.39 -16.13 7.93
CA LEU I 168 -89.60 -16.21 7.11
C LEU I 168 -90.73 -15.41 7.79
N GLN I 169 -90.50 -14.10 7.90
CA GLN I 169 -91.26 -13.20 8.76
C GLN I 169 -91.64 -13.88 10.07
N ARG I 170 -90.63 -14.49 10.68
CA ARG I 170 -90.79 -15.32 11.87
C ARG I 170 -91.85 -16.39 11.64
N GLU I 171 -91.60 -17.23 10.62
CA GLU I 171 -92.44 -18.39 10.38
C GLU I 171 -92.01 -19.59 11.21
N GLY I 172 -90.73 -19.71 11.51
CA GLY I 172 -90.30 -20.68 12.49
C GLY I 172 -91.05 -20.46 13.77
N PRO I 173 -91.06 -21.46 14.66
CA PRO I 173 -91.86 -21.38 15.89
C PRO I 173 -91.85 -20.01 16.52
N ARG I 174 -93.03 -19.43 16.73
CA ARG I 174 -93.10 -18.05 17.19
C ARG I 174 -92.55 -17.90 18.60
N THR I 175 -92.57 -18.96 19.39
CA THR I 175 -92.06 -18.94 20.76
C THR I 175 -90.97 -20.00 20.93
N THR I 176 -90.24 -19.90 22.03
CA THR I 176 -89.04 -20.70 22.20
C THR I 176 -89.35 -22.16 22.52
N GLN I 177 -90.25 -22.41 23.47
CA GLN I 177 -90.54 -23.79 23.85
C GLN I 177 -91.00 -24.60 22.66
N ALA I 178 -91.49 -23.94 21.62
CA ALA I 178 -91.85 -24.61 20.38
C ALA I 178 -90.69 -24.69 19.40
N TRP I 179 -89.70 -23.80 19.52
CA TRP I 179 -88.54 -23.92 18.65
C TRP I 179 -87.67 -25.08 19.09
N MET I 180 -87.61 -25.36 20.39
CA MET I 180 -86.90 -26.54 20.85
C MET I 180 -87.63 -27.84 20.48
N ASP I 181 -88.85 -27.75 19.98
CA ASP I 181 -89.59 -28.93 19.52
C ASP I 181 -89.60 -29.05 18.00
N ALA I 182 -88.67 -28.40 17.31
CA ALA I 182 -88.57 -28.57 15.89
C ALA I 182 -88.09 -29.96 15.48
N TRP I 183 -87.82 -30.85 16.44
CA TRP I 183 -87.53 -32.23 16.08
C TRP I 183 -88.80 -33.05 15.94
N LYS I 184 -89.89 -32.62 16.54
CA LYS I 184 -91.17 -33.27 16.36
C LYS I 184 -91.86 -32.87 15.08
N GLU I 185 -91.35 -31.82 14.40
CA GLU I 185 -91.92 -31.40 13.14
C GLU I 185 -91.64 -32.39 12.03
N TYR I 186 -90.59 -33.21 12.18
CA TYR I 186 -90.21 -34.18 11.16
C TYR I 186 -90.59 -35.60 11.55
N ASP I 187 -91.44 -35.76 12.56
CA ASP I 187 -91.99 -37.05 12.91
C ASP I 187 -93.41 -37.17 12.36
N LEU I 188 -93.82 -38.41 12.11
CA LEU I 188 -95.13 -38.66 11.53
C LEU I 188 -96.21 -38.81 12.60
N LEU J 2 -85.70 2.24 17.01
CA LEU J 2 -85.01 2.25 18.30
C LEU J 2 -85.91 1.69 19.41
N ARG J 3 -85.46 0.60 20.02
CA ARG J 3 -86.20 -0.01 21.11
C ARG J 3 -85.90 0.73 22.41
N SER J 4 -86.92 0.86 23.26
CA SER J 4 -86.76 1.45 24.59
C SER J 4 -88.01 1.19 25.39
N ALA J 5 -87.84 1.16 26.72
CA ALA J 5 -88.96 0.89 27.62
C ALA J 5 -89.73 2.16 27.96
N ASN J 6 -89.03 3.19 28.46
CA ASN J 6 -89.68 4.46 28.77
C ASN J 6 -90.24 5.06 27.49
N PRO J 7 -91.54 5.35 27.44
CA PRO J 7 -92.12 5.86 26.19
C PRO J 7 -91.63 7.24 25.81
N THR J 8 -91.22 8.06 26.80
CA THR J 8 -90.73 9.39 26.47
C THR J 8 -89.38 9.33 25.77
N ILE J 9 -88.52 8.41 26.22
CA ILE J 9 -87.20 8.26 25.60
C ILE J 9 -87.35 7.84 24.15
N ALA J 10 -88.20 6.84 23.89
CA ALA J 10 -88.47 6.43 22.51
C ALA J 10 -89.22 7.49 21.71
N LYS J 11 -89.53 8.63 22.31
CA LYS J 11 -90.15 9.74 21.58
C LYS J 11 -89.24 10.94 21.45
N ALA J 12 -88.09 10.96 22.12
CA ALA J 12 -87.11 12.01 21.97
C ALA J 12 -85.81 11.54 21.36
N LEU J 13 -85.33 10.36 21.76
CA LEU J 13 -84.13 9.79 21.15
C LEU J 13 -84.41 9.19 19.79
N GLN J 14 -85.67 8.85 19.51
CA GLN J 14 -86.01 8.23 18.23
C GLN J 14 -85.60 9.06 17.03
N PRO J 15 -85.74 10.39 17.00
CA PRO J 15 -85.23 11.16 15.87
C PRO J 15 -83.73 11.42 15.88
N LEU J 16 -83.01 11.00 16.92
CA LEU J 16 -81.57 11.23 16.92
C LEU J 16 -80.84 10.26 16.01
N ILE J 17 -81.31 9.01 15.92
CA ILE J 17 -80.59 7.96 15.20
C ILE J 17 -80.85 8.00 13.70
N GLU J 18 -81.53 9.02 13.20
CA GLU J 18 -81.84 9.09 11.78
C GLU J 18 -80.87 10.01 11.05
N GLY J 19 -80.77 9.80 9.74
CA GLY J 19 -79.82 10.51 8.93
C GLY J 19 -78.66 9.63 8.54
N PRO J 20 -77.52 10.22 8.20
CA PRO J 20 -76.32 9.44 7.97
C PRO J 20 -75.75 8.91 9.27
N LYS J 21 -74.93 7.87 9.15
CA LYS J 21 -74.34 7.22 10.30
C LYS J 21 -72.98 6.65 9.93
N PHE J 22 -72.05 6.77 10.86
CA PHE J 22 -70.74 6.16 10.69
C PHE J 22 -70.52 5.11 11.76
N ALA J 23 -69.50 4.28 11.56
CA ALA J 23 -69.16 3.24 12.50
C ALA J 23 -67.68 2.94 12.37
N VAL J 24 -67.07 2.51 13.47
CA VAL J 24 -65.65 2.18 13.43
C VAL J 24 -65.46 0.71 13.76
N VAL J 25 -65.37 -0.11 12.71
CA VAL J 25 -65.26 -1.55 12.83
C VAL J 25 -63.82 -1.96 13.10
N TYR J 26 -63.62 -3.23 13.44
CA TYR J 26 -62.32 -3.74 13.86
C TYR J 26 -62.05 -4.99 13.04
N CYS J 27 -61.49 -4.81 11.84
CA CYS J 27 -61.36 -5.91 10.88
C CYS J 27 -59.90 -6.12 10.55
N GLY J 28 -59.40 -7.32 10.82
CA GLY J 28 -58.04 -7.65 10.46
C GLY J 28 -57.01 -6.92 11.31
N ASN J 29 -57.25 -6.83 12.60
CA ASN J 29 -56.39 -6.13 13.54
C ASN J 29 -56.22 -4.65 13.21
N HIS J 30 -57.05 -4.12 12.33
CA HIS J 30 -57.05 -2.70 12.00
C HIS J 30 -58.39 -2.12 12.40
N GLN J 31 -58.54 -0.82 12.21
CA GLN J 31 -59.75 -0.12 12.63
C GLN J 31 -60.11 0.90 11.57
N TYR J 32 -61.32 0.79 11.04
CA TYR J 32 -61.77 1.63 9.94
C TYR J 32 -62.99 2.42 10.35
N LYS J 33 -62.95 3.73 10.16
CA LYS J 33 -64.12 4.58 10.36
C LYS J 33 -65.00 4.47 9.12
N VAL J 34 -66.08 3.72 9.24
CA VAL J 34 -66.90 3.33 8.10
C VAL J 34 -68.15 4.20 8.04
N SER J 35 -68.62 4.45 6.83
CA SER J 35 -69.83 5.22 6.53
C SER J 35 -70.48 4.59 5.30
N PRO J 36 -71.73 4.93 4.96
CA PRO J 36 -72.45 4.14 3.96
C PRO J 36 -72.00 4.32 2.52
N GLY J 37 -70.87 4.98 2.27
CA GLY J 37 -70.42 5.10 0.91
C GLY J 37 -68.92 5.01 0.73
N ASP J 38 -68.22 4.29 1.60
CA ASP J 38 -66.76 4.30 1.59
C ASP J 38 -66.21 3.03 0.97
N VAL J 39 -64.95 3.12 0.55
CA VAL J 39 -64.14 1.96 0.21
C VAL J 39 -62.94 1.95 1.14
N ILE J 40 -62.76 0.84 1.85
CA ILE J 40 -61.64 0.68 2.77
C ILE J 40 -60.89 -0.58 2.41
N ALA J 41 -59.58 -0.46 2.26
CA ALA J 41 -58.72 -1.60 1.98
C ALA J 41 -58.37 -2.31 3.27
N VAL J 42 -58.81 -3.56 3.42
CA VAL J 42 -58.49 -4.35 4.59
C VAL J 42 -57.55 -5.46 4.17
N GLN J 43 -56.94 -6.10 5.17
CA GLN J 43 -56.11 -7.24 4.86
C GLN J 43 -56.96 -8.37 4.30
N ARG J 44 -56.35 -9.18 3.43
CA ARG J 44 -57.08 -10.08 2.53
C ARG J 44 -58.15 -10.87 3.24
N LEU J 45 -59.39 -10.74 2.78
CA LEU J 45 -60.51 -11.55 3.18
C LEU J 45 -60.77 -12.60 2.11
N ARG J 46 -61.22 -13.79 2.52
CA ARG J 46 -61.55 -14.84 1.57
C ARG J 46 -63.02 -14.70 1.17
N ALA J 47 -63.31 -13.62 0.46
CA ALA J 47 -64.64 -13.31 -0.02
C ALA J 47 -64.61 -13.09 -1.52
N PRO J 48 -65.25 -13.95 -2.32
CA PRO J 48 -65.17 -13.77 -3.77
C PRO J 48 -65.81 -12.45 -4.19
N ILE J 49 -65.18 -11.80 -5.16
CA ILE J 49 -65.54 -10.45 -5.60
C ILE J 49 -67.03 -10.33 -5.85
N GLY J 50 -67.58 -9.16 -5.55
CA GLY J 50 -68.98 -8.89 -5.80
C GLY J 50 -69.94 -9.47 -4.79
N SER J 51 -69.48 -10.33 -3.88
CA SER J 51 -70.36 -10.94 -2.90
C SER J 51 -70.60 -9.99 -1.73
N GLN J 52 -71.83 -10.00 -1.21
CA GLN J 52 -72.15 -9.18 -0.05
C GLN J 52 -71.44 -9.70 1.19
N ILE J 53 -71.30 -8.83 2.19
CA ILE J 53 -70.46 -9.13 3.34
C ILE J 53 -70.90 -8.24 4.49
N ALA J 54 -70.68 -8.72 5.72
CA ALA J 54 -71.10 -8.00 6.90
C ALA J 54 -70.01 -8.09 7.95
N LEU J 55 -69.74 -6.98 8.62
CA LEU J 55 -68.67 -6.89 9.61
C LEU J 55 -69.24 -7.10 11.01
N LYS J 56 -68.65 -8.04 11.74
CA LYS J 56 -69.18 -8.45 13.03
C LYS J 56 -68.66 -7.63 14.20
N LYS J 57 -67.41 -7.20 14.14
CA LYS J 57 -66.79 -6.47 15.24
C LYS J 57 -66.97 -4.98 15.02
N VAL J 58 -67.80 -4.35 15.85
CA VAL J 58 -68.09 -2.92 15.75
C VAL J 58 -67.84 -2.28 17.12
N LEU J 59 -67.13 -1.16 17.13
CA LEU J 59 -66.70 -0.53 18.36
C LEU J 59 -67.44 0.74 18.71
N MET J 60 -67.94 1.46 17.72
CA MET J 60 -68.62 2.72 17.99
C MET J 60 -69.40 3.13 16.75
N VAL J 61 -70.66 3.50 16.95
CA VAL J 61 -71.47 4.10 15.90
C VAL J 61 -71.70 5.55 16.28
N GLY J 62 -71.91 6.39 15.28
CA GLY J 62 -72.12 7.79 15.54
C GLY J 62 -72.88 8.44 14.41
N GLY J 63 -73.65 9.46 14.75
CA GLY J 63 -74.38 10.22 13.78
C GLY J 63 -74.26 11.69 14.07
N PRO J 64 -75.00 12.52 13.34
CA PRO J 64 -74.84 13.98 13.49
C PRO J 64 -75.09 14.48 14.89
N ARG J 65 -75.89 13.80 15.72
CA ARG J 65 -76.06 14.25 17.09
C ARG J 65 -76.16 13.09 18.08
N PHE J 66 -75.50 11.98 17.80
CA PHE J 66 -75.38 10.90 18.77
C PHE J 66 -74.14 10.09 18.44
N THR J 67 -73.58 9.47 19.46
CA THR J 67 -72.55 8.44 19.29
C THR J 67 -72.83 7.34 20.30
N ALA J 68 -72.95 6.11 19.81
CA ALA J 68 -73.13 4.95 20.69
C ALA J 68 -71.76 4.42 21.03
N ILE J 69 -71.31 4.68 22.25
CA ILE J 69 -69.98 4.27 22.71
C ILE J 69 -70.14 2.87 23.30
N GLY J 70 -70.06 1.86 22.44
CA GLY J 70 -69.99 0.51 22.94
C GLY J 70 -68.63 0.27 23.58
N ARG J 71 -68.64 -0.26 24.80
CA ARG J 71 -67.38 -0.27 25.50
C ARG J 71 -66.43 -1.26 24.83
N PRO J 72 -66.62 -2.57 24.91
CA PRO J 72 -65.73 -3.42 24.11
C PRO J 72 -66.22 -3.50 22.68
N LEU J 73 -67.53 -3.59 22.51
CA LEU J 73 -68.15 -3.79 21.20
C LEU J 73 -69.64 -3.48 21.32
N LEU J 74 -70.26 -3.26 20.17
CA LEU J 74 -71.66 -2.86 20.08
C LEU J 74 -72.45 -4.01 19.47
N GLU J 75 -73.42 -4.53 20.22
CA GLU J 75 -74.29 -5.57 19.71
C GLU J 75 -75.45 -4.92 18.97
N HIS J 76 -75.92 -5.61 17.91
CA HIS J 76 -77.10 -5.21 17.14
C HIS J 76 -76.85 -3.91 16.39
N VAL J 77 -75.75 -3.85 15.65
CA VAL J 77 -75.50 -2.78 14.69
C VAL J 77 -75.12 -3.42 13.36
N ARG J 78 -75.79 -2.99 12.29
CA ARG J 78 -75.66 -3.61 10.99
C ARG J 78 -74.77 -2.73 10.12
N VAL J 79 -73.66 -3.29 9.66
CA VAL J 79 -72.77 -2.64 8.71
C VAL J 79 -72.38 -3.68 7.67
N THR J 80 -72.81 -3.48 6.43
CA THR J 80 -72.62 -4.46 5.37
C THR J 80 -71.90 -3.81 4.20
N ALA J 81 -70.95 -4.56 3.63
CA ALA J 81 -70.12 -4.07 2.55
C ALA J 81 -70.13 -5.10 1.43
N ASP J 82 -69.72 -4.64 0.25
CA ASP J 82 -69.64 -5.51 -0.93
C ASP J 82 -68.22 -5.52 -1.41
N VAL J 83 -67.62 -6.71 -1.48
CA VAL J 83 -66.22 -6.84 -1.87
C VAL J 83 -66.07 -6.39 -3.32
N GLU J 84 -65.33 -5.32 -3.54
CA GLU J 84 -65.15 -4.83 -4.90
C GLU J 84 -63.92 -5.44 -5.56
N GLU J 85 -62.78 -5.40 -4.89
CA GLU J 85 -61.53 -5.86 -5.48
C GLU J 85 -60.82 -6.80 -4.52
N GLN J 86 -60.00 -7.67 -5.10
CA GLN J 86 -59.12 -8.54 -4.34
C GLN J 86 -57.78 -8.44 -5.05
N LYS J 87 -56.94 -7.51 -4.60
CA LYS J 87 -55.77 -7.12 -5.35
C LYS J 87 -54.55 -7.10 -4.44
N ARG J 88 -53.39 -7.04 -5.08
CA ARG J 88 -52.11 -6.84 -4.40
C ARG J 88 -51.74 -5.38 -4.50
N MET J 89 -51.42 -4.76 -3.37
CA MET J 89 -51.15 -3.33 -3.34
C MET J 89 -49.75 -3.05 -3.87
N ARG J 90 -49.26 -1.83 -3.67
CA ARG J 90 -47.95 -1.47 -4.18
C ARG J 90 -46.86 -2.24 -3.44
N ASN J 91 -45.76 -2.46 -4.15
CA ASN J 91 -44.67 -3.26 -3.62
C ASN J 91 -43.83 -2.42 -2.65
N VAL J 92 -43.54 -2.99 -1.49
CA VAL J 92 -42.62 -2.37 -0.55
C VAL J 92 -41.34 -3.17 -0.66
N VAL J 93 -40.43 -2.68 -1.49
CA VAL J 93 -39.19 -3.39 -1.78
C VAL J 93 -38.16 -3.08 -0.70
N SER J 94 -37.50 -4.12 -0.22
CA SER J 94 -36.48 -4.00 0.80
C SER J 94 -35.20 -4.70 0.35
N LEU J 95 -34.07 -4.26 0.88
CA LEU J 95 -32.77 -4.83 0.55
C LEU J 95 -32.03 -5.12 1.84
N PHE J 96 -31.64 -6.37 2.03
CA PHE J 96 -30.97 -6.79 3.27
C PHE J 96 -29.59 -7.31 2.91
N SER J 97 -28.63 -6.41 2.80
CA SER J 97 -27.25 -6.75 2.48
C SER J 97 -26.34 -6.09 3.51
N THR J 98 -25.96 -6.85 4.53
CA THR J 98 -24.99 -6.36 5.48
C THR J 98 -23.67 -6.08 4.76
N PRO J 99 -22.84 -5.20 5.29
CA PRO J 99 -21.59 -4.87 4.59
C PRO J 99 -20.56 -5.97 4.64
N GLY J 100 -20.54 -6.80 5.68
CA GLY J 100 -19.49 -7.79 5.78
C GLY J 100 -19.58 -8.88 4.73
N ARG J 101 -20.71 -9.56 4.70
CA ARG J 101 -20.88 -10.70 3.82
C ARG J 101 -21.24 -10.24 2.42
N ARG J 102 -20.87 -11.04 1.43
CA ARG J 102 -21.10 -10.69 0.04
C ARG J 102 -22.42 -11.24 -0.46
N ARG J 103 -23.51 -10.94 0.22
CA ARG J 103 -24.82 -11.41 -0.21
C ARG J 103 -25.82 -10.29 -0.09
N LEU J 104 -26.75 -10.25 -1.03
CA LEU J 104 -27.76 -9.21 -1.11
C LEU J 104 -29.10 -9.88 -1.31
N ARG J 105 -30.03 -9.63 -0.39
CA ARG J 105 -31.33 -10.28 -0.39
C ARG J 105 -32.38 -9.26 -0.76
N TRP J 106 -32.97 -9.43 -1.92
CA TRP J 106 -34.00 -8.52 -2.43
C TRP J 106 -35.34 -9.13 -2.08
N LEU J 107 -35.91 -8.69 -0.98
CA LEU J 107 -37.18 -9.20 -0.51
C LEU J 107 -38.26 -8.19 -0.87
N ASP J 108 -39.03 -8.48 -1.90
CA ASP J 108 -40.05 -7.59 -2.40
C ASP J 108 -41.41 -8.18 -2.04
N ALA J 109 -42.11 -7.54 -1.11
CA ALA J 109 -43.41 -8.02 -0.66
C ALA J 109 -44.46 -6.98 -1.00
N GLN J 110 -45.49 -7.39 -1.72
CA GLN J 110 -46.63 -6.52 -1.99
C GLN J 110 -47.82 -7.01 -1.17
N HIS J 111 -48.54 -6.07 -0.58
CA HIS J 111 -49.57 -6.42 0.38
C HIS J 111 -50.82 -6.93 -0.31
N ALA J 112 -51.46 -7.90 0.32
CA ALA J 112 -52.69 -8.49 -0.19
C ALA J 112 -53.85 -7.86 0.52
N ALA J 113 -54.56 -6.95 -0.15
CA ALA J 113 -55.68 -6.26 0.43
C ALA J 113 -56.95 -6.61 -0.32
N THR J 114 -58.04 -5.92 0.05
CA THR J 114 -59.34 -6.11 -0.60
C THR J 114 -60.19 -4.90 -0.27
N ILE J 115 -60.88 -4.37 -1.28
CA ILE J 115 -61.56 -3.09 -1.20
C ILE J 115 -63.03 -3.36 -0.95
N LEU J 116 -63.52 -2.99 0.23
CA LEU J 116 -64.89 -3.25 0.64
C LEU J 116 -65.70 -1.97 0.52
N ARG J 117 -66.46 -1.85 -0.55
CA ARG J 117 -67.35 -0.71 -0.74
C ARG J 117 -68.58 -0.93 0.13
N ILE J 118 -68.73 -0.11 1.17
CA ILE J 118 -69.78 -0.34 2.15
C ILE J 118 -71.12 0.12 1.61
N ARG J 119 -72.14 -0.71 1.80
CA ARG J 119 -73.48 -0.36 1.36
C ARG J 119 -74.17 0.56 2.35
N GLU J 120 -74.39 0.09 3.57
CA GLU J 120 -75.19 0.86 4.51
C GLU J 120 -74.81 0.48 5.94
N VAL J 121 -75.00 1.45 6.83
CA VAL J 121 -74.99 1.22 8.27
C VAL J 121 -76.37 1.56 8.77
N VAL J 122 -76.93 0.71 9.62
CA VAL J 122 -78.22 0.97 10.25
C VAL J 122 -78.15 0.49 11.69
N TYR J 123 -78.71 1.28 12.60
CA TYR J 123 -78.53 1.02 14.02
C TYR J 123 -79.85 1.16 14.74
N GLU J 124 -80.19 0.16 15.56
CA GLU J 124 -81.39 0.19 16.39
C GLU J 124 -81.01 -0.29 17.79
N PRO J 125 -80.65 0.63 18.68
CA PRO J 125 -80.24 0.25 20.03
C PRO J 125 -81.38 0.25 21.03
N THR J 126 -81.25 -0.62 22.02
CA THR J 126 -82.21 -0.70 23.12
C THR J 126 -81.55 -0.17 24.40
N VAL J 127 -82.07 0.93 24.91
CA VAL J 127 -81.49 1.58 26.08
C VAL J 127 -82.10 0.99 27.34
N VAL J 128 -81.43 1.18 28.46
CA VAL J 128 -81.97 0.80 29.75
C VAL J 128 -82.66 1.97 30.42
N GLY J 129 -82.13 3.17 30.23
CA GLY J 129 -82.67 4.36 30.85
C GLY J 129 -81.74 5.54 30.64
N GLU J 130 -81.41 6.24 31.71
CA GLU J 130 -80.54 7.40 31.67
C GLU J 130 -79.66 7.38 32.90
N LEU J 131 -78.43 7.87 32.76
CA LEU J 131 -77.52 7.94 33.89
C LEU J 131 -76.72 9.24 33.83
N ASP J 132 -76.64 9.94 34.95
CA ASP J 132 -75.94 11.21 34.96
C ASP J 132 -74.44 10.98 35.03
N LYS J 133 -73.69 11.88 34.39
CA LYS J 133 -72.25 11.67 34.24
C LYS J 133 -71.55 11.67 35.58
N TYR J 134 -71.64 12.79 36.30
CA TYR J 134 -70.85 12.97 37.51
C TYR J 134 -71.34 12.15 38.68
N ASP J 135 -72.26 11.23 38.42
CA ASP J 135 -72.57 10.16 39.36
C ASP J 135 -73.13 9.01 38.52
N GLY J 136 -72.29 8.00 38.27
CA GLY J 136 -72.65 6.96 37.32
C GLY J 136 -73.72 6.03 37.83
N VAL J 137 -74.86 6.60 38.23
CA VAL J 137 -76.03 5.86 38.66
C VAL J 137 -77.12 6.06 37.62
N LEU J 138 -77.90 5.01 37.39
CA LEU J 138 -79.06 5.13 36.51
C LEU J 138 -80.05 6.12 37.10
N LEU J 139 -80.63 6.94 36.23
CA LEU J 139 -81.68 7.86 36.64
C LEU J 139 -83.02 7.15 36.62
N LYS J 140 -83.91 7.55 37.54
CA LYS J 140 -85.24 6.97 37.56
C LYS J 140 -86.06 7.43 36.36
N ASP J 141 -86.01 8.73 36.05
CA ASP J 141 -86.84 9.31 35.00
C ASP J 141 -86.02 10.30 34.20
N PHE J 142 -86.48 10.56 32.98
CA PHE J 142 -85.74 11.36 32.01
C PHE J 142 -86.60 12.53 31.56
N HIS J 143 -86.17 13.74 31.91
CA HIS J 143 -86.84 14.96 31.48
C HIS J 143 -86.09 15.54 30.29
N ALA J 144 -86.78 15.65 29.16
CA ALA J 144 -86.12 15.92 27.89
C ALA J 144 -85.49 17.29 27.80
N ASP J 145 -85.62 18.13 28.83
CA ASP J 145 -85.05 19.48 28.78
C ASP J 145 -84.00 19.71 29.85
N ARG J 146 -84.26 19.31 31.10
CA ARG J 146 -83.34 19.57 32.19
C ARG J 146 -82.14 18.64 32.07
N HIS J 147 -80.95 19.23 31.91
CA HIS J 147 -79.74 18.44 31.98
C HIS J 147 -79.64 17.79 33.35
N PRO J 148 -79.22 16.53 33.44
CA PRO J 148 -79.22 15.85 34.74
C PRO J 148 -78.24 16.47 35.70
N ASN J 149 -77.21 17.14 35.20
CA ASN J 149 -76.16 17.71 36.04
C ASN J 149 -75.66 18.97 35.36
N PRO J 150 -76.04 20.12 35.86
CA PRO J 150 -75.59 21.37 35.24
C PRO J 150 -74.12 21.65 35.53
N VAL J 151 -73.62 22.76 35.01
CA VAL J 151 -72.22 23.13 35.16
C VAL J 151 -72.17 24.59 35.62
N PHE J 152 -71.12 24.93 36.37
CA PHE J 152 -71.01 26.27 36.95
C PHE J 152 -69.58 26.76 36.84
N THR J 153 -69.39 28.04 37.09
CA THR J 153 -68.09 28.66 36.90
C THR J 153 -67.06 28.06 37.85
N ALA J 154 -65.79 28.36 37.57
CA ALA J 154 -64.68 27.86 38.36
C ALA J 154 -63.92 28.95 39.08
N ASN J 155 -64.27 30.21 38.86
CA ASN J 155 -63.54 31.34 39.42
C ASN J 155 -64.16 31.69 40.76
N ASP J 156 -63.55 31.20 41.84
CA ASP J 156 -63.98 31.52 43.19
C ASP J 156 -63.40 32.83 43.70
N GLY J 157 -62.66 33.55 42.87
CA GLY J 157 -62.13 34.84 43.26
C GLY J 157 -60.95 34.71 44.21
N TYR J 158 -60.86 33.58 44.90
CA TYR J 158 -59.79 33.38 45.86
C TYR J 158 -58.42 33.44 45.20
N ASP J 159 -58.32 33.01 43.95
CA ASP J 159 -57.03 32.89 43.29
C ASP J 159 -56.68 34.21 42.61
N LEU J 160 -55.66 34.89 43.13
CA LEU J 160 -55.29 36.20 42.62
C LEU J 160 -54.89 36.12 41.16
N TYR J 161 -54.28 35.03 40.74
CA TYR J 161 -53.82 34.84 39.37
C TYR J 161 -54.59 33.74 38.65
N TYR J 162 -55.89 33.68 38.86
CA TYR J 162 -56.69 32.75 38.09
C TYR J 162 -56.76 33.25 36.66
N PRO J 163 -56.24 32.51 35.69
CA PRO J 163 -56.16 33.03 34.32
C PRO J 163 -57.52 33.33 33.73
N LYS J 164 -57.78 34.60 33.46
CA LYS J 164 -59.04 35.02 32.86
C LYS J 164 -58.99 34.80 31.35
N ASP J 165 -59.99 34.12 30.83
CA ASP J 165 -60.19 34.11 29.39
C ASP J 165 -60.91 35.41 29.00
N TRP J 166 -61.42 35.48 27.78
CA TRP J 166 -62.32 36.58 27.43
C TRP J 166 -63.41 36.71 28.47
N ASN J 167 -63.99 37.90 28.62
CA ASN J 167 -65.11 38.05 29.54
C ASN J 167 -66.26 37.13 29.15
N LYS J 168 -66.49 36.97 27.85
CA LYS J 168 -67.63 36.18 27.39
C LYS J 168 -67.43 34.70 27.63
N VAL J 169 -66.18 34.22 27.55
CA VAL J 169 -65.90 32.84 27.84
C VAL J 169 -66.13 32.51 29.31
N GLU J 170 -66.08 33.52 30.19
CA GLU J 170 -66.25 33.26 31.60
C GLU J 170 -67.70 32.96 31.96
N GLU J 171 -68.64 33.70 31.37
CA GLU J 171 -70.05 33.47 31.59
C GLU J 171 -70.67 33.00 30.29
N ALA J 172 -71.14 31.75 30.28
CA ALA J 172 -71.78 31.20 29.09
C ALA J 172 -72.61 30.01 29.54
N SER J 173 -73.85 29.96 29.09
CA SER J 173 -74.78 28.94 29.53
C SER J 173 -74.50 27.63 28.80
N ALA J 174 -75.41 26.68 28.91
CA ALA J 174 -75.37 25.43 28.16
C ALA J 174 -76.77 25.26 27.58
N PHE J 175 -76.91 25.55 26.29
CA PHE J 175 -78.23 25.60 25.68
C PHE J 175 -78.91 24.24 25.73
N LEU J 176 -80.24 24.27 25.76
CA LEU J 176 -81.00 23.04 25.59
C LEU J 176 -80.93 22.60 24.14
N GLU J 177 -80.77 21.31 23.92
CA GLU J 177 -80.53 20.78 22.58
C GLU J 177 -81.44 19.63 22.19
N MET J 178 -82.18 19.02 23.12
CA MET J 178 -83.01 17.88 22.75
C MET J 178 -84.27 18.29 22.01
N MET J 179 -84.53 19.59 21.86
CA MET J 179 -85.72 20.06 21.17
C MET J 179 -85.37 21.14 20.16
N PRO K 2 -19.22 -49.43 -16.21
CA PRO K 2 -19.40 -48.17 -16.93
C PRO K 2 -19.85 -47.04 -16.03
N LYS K 3 -18.92 -46.20 -15.63
CA LYS K 3 -19.30 -45.00 -14.90
C LYS K 3 -20.18 -44.15 -15.78
N PRO K 4 -21.30 -43.64 -15.27
CA PRO K 4 -22.25 -42.92 -16.14
C PRO K 4 -21.60 -41.73 -16.83
N ALA K 5 -22.17 -41.38 -17.96
CA ALA K 5 -21.57 -40.42 -18.89
C ALA K 5 -21.58 -39.01 -18.29
N PRO K 6 -20.58 -38.20 -18.63
CA PRO K 6 -20.46 -36.86 -18.05
C PRO K 6 -21.23 -35.82 -18.84
N ARG K 7 -22.51 -36.07 -19.02
CA ARG K 7 -23.36 -35.14 -19.77
C ARG K 7 -23.67 -33.96 -18.87
N TYR K 8 -22.84 -32.92 -18.94
CA TYR K 8 -23.05 -31.74 -18.09
C TYR K 8 -24.10 -30.84 -18.71
N ASN K 9 -23.74 -30.21 -19.81
CA ASN K 9 -24.73 -29.47 -20.59
C ASN K 9 -25.28 -30.53 -21.52
N ILE K 10 -26.44 -31.04 -21.12
CA ILE K 10 -27.15 -32.12 -21.80
C ILE K 10 -27.01 -31.99 -23.30
N GLY K 11 -27.08 -30.76 -23.78
CA GLY K 11 -27.56 -30.59 -25.13
C GLY K 11 -29.06 -30.48 -25.00
N LEU K 12 -29.60 -29.41 -25.54
CA LEU K 12 -28.82 -28.59 -26.42
C LEU K 12 -28.83 -27.12 -26.00
N ARG K 13 -28.50 -26.89 -24.74
CA ARG K 13 -28.13 -25.56 -24.29
C ARG K 13 -26.64 -25.36 -24.52
N PRO K 14 -26.19 -24.15 -24.88
CA PRO K 14 -24.78 -23.97 -25.23
C PRO K 14 -23.87 -24.20 -24.04
N ALA K 15 -22.57 -24.29 -24.34
CA ALA K 15 -21.59 -24.70 -23.35
C ALA K 15 -21.40 -23.62 -22.29
N PRO K 16 -20.94 -24.00 -21.09
CA PRO K 16 -20.70 -23.00 -20.04
C PRO K 16 -19.52 -22.10 -20.35
N LYS K 17 -19.18 -21.19 -19.43
CA LYS K 17 -18.04 -20.31 -19.58
C LYS K 17 -17.21 -20.35 -18.30
N ARG K 18 -16.35 -21.36 -18.19
CA ARG K 18 -15.21 -21.39 -17.28
C ARG K 18 -15.48 -20.86 -15.88
N GLN K 19 -16.23 -21.59 -15.07
CA GLN K 19 -16.47 -21.20 -13.69
C GLN K 19 -15.30 -21.60 -12.80
N ASN K 20 -15.39 -21.23 -11.52
CA ASN K 20 -14.48 -21.76 -10.52
C ASN K 20 -14.77 -23.22 -10.22
N VAL K 21 -15.81 -23.78 -10.81
CA VAL K 21 -16.23 -25.16 -10.56
C VAL K 21 -16.36 -25.86 -11.90
N GLY K 22 -16.11 -27.15 -11.89
CA GLY K 22 -16.30 -27.94 -13.09
C GLY K 22 -15.26 -29.04 -13.19
N GLY K 23 -15.70 -30.19 -13.67
CA GLY K 23 -14.81 -31.31 -13.83
C GLY K 23 -13.70 -31.02 -14.82
N GLN K 24 -12.70 -31.91 -14.80
CA GLN K 24 -11.67 -31.84 -15.82
C GLN K 24 -12.22 -32.17 -17.19
N PHE K 25 -13.41 -32.75 -17.25
CA PHE K 25 -14.04 -33.15 -18.50
C PHE K 25 -15.04 -32.14 -19.03
N LEU K 26 -15.63 -31.33 -18.15
CA LEU K 26 -16.58 -30.32 -18.59
C LEU K 26 -15.92 -29.39 -19.59
N ALA K 27 -16.33 -29.47 -20.85
CA ALA K 27 -15.72 -28.67 -21.91
C ALA K 27 -16.37 -27.30 -21.92
N THR K 28 -15.69 -26.31 -21.35
CA THR K 28 -16.20 -24.96 -21.28
C THR K 28 -16.13 -24.31 -22.65
N GLN K 29 -16.45 -23.02 -22.71
CA GLN K 29 -16.39 -22.27 -23.95
C GLN K 29 -14.97 -21.76 -24.16
N LYS K 30 -14.61 -21.56 -25.44
CA LYS K 30 -13.28 -21.10 -25.77
C LYS K 30 -13.01 -19.73 -25.17
N HIS K 31 -11.79 -19.56 -24.67
CA HIS K 31 -11.37 -18.28 -24.14
C HIS K 31 -11.62 -17.18 -25.15
N TYR K 32 -12.16 -16.06 -24.68
CA TYR K 32 -12.49 -14.93 -25.54
C TYR K 32 -13.50 -15.30 -26.62
N ALA K 33 -14.60 -15.93 -26.23
CA ALA K 33 -15.67 -16.27 -27.16
C ALA K 33 -16.94 -16.37 -26.34
N ARG K 34 -17.88 -15.45 -26.54
CA ARG K 34 -19.10 -15.47 -25.77
C ARG K 34 -19.88 -16.75 -26.04
N GLU K 35 -20.64 -17.19 -25.05
CA GLU K 35 -21.42 -18.41 -25.18
C GLU K 35 -22.80 -18.16 -25.76
N LEU K 36 -23.38 -16.99 -25.53
CA LEU K 36 -24.64 -16.59 -26.15
C LEU K 36 -24.31 -15.65 -27.29
N TRP K 37 -24.48 -16.13 -28.52
CA TRP K 37 -23.88 -15.49 -29.67
C TRP K 37 -24.37 -14.06 -29.86
N TYR K 38 -25.67 -13.82 -29.68
CA TYR K 38 -26.22 -12.51 -29.93
C TYR K 38 -26.00 -11.52 -28.80
N LYS K 39 -25.44 -11.98 -27.67
CA LYS K 39 -25.22 -11.12 -26.51
C LYS K 39 -23.82 -10.54 -26.60
N ARG K 40 -23.53 -9.90 -27.73
CA ARG K 40 -22.24 -9.24 -27.87
C ARG K 40 -22.06 -8.21 -26.79
N GLN K 41 -23.07 -7.36 -26.66
CA GLN K 41 -23.11 -6.24 -25.76
C GLN K 41 -24.21 -6.52 -24.75
N TYR K 42 -23.82 -6.72 -23.48
CA TYR K 42 -24.65 -7.42 -22.50
C TYR K 42 -26.14 -7.09 -22.60
N TYR K 43 -26.47 -5.87 -22.97
CA TYR K 43 -27.85 -5.48 -23.18
C TYR K 43 -28.32 -5.65 -24.61
N SER K 44 -27.65 -6.47 -25.41
CA SER K 44 -28.06 -6.63 -26.80
C SER K 44 -29.39 -7.37 -26.85
N THR K 45 -30.38 -6.75 -27.50
CA THR K 45 -31.66 -7.39 -27.63
C THR K 45 -31.56 -8.57 -28.59
N ARG K 46 -32.32 -9.60 -28.29
CA ARG K 46 -32.26 -10.82 -29.08
C ARG K 46 -32.80 -10.55 -30.49
N PRO K 47 -32.14 -11.04 -31.54
CA PRO K 47 -32.63 -10.82 -32.89
C PRO K 47 -33.99 -11.47 -33.10
N PHE K 48 -34.69 -11.00 -34.12
CA PHE K 48 -36.08 -11.44 -34.28
C PHE K 48 -36.19 -12.82 -34.89
N ALA K 49 -35.75 -12.98 -36.13
CA ALA K 49 -35.99 -14.23 -36.86
C ALA K 49 -34.68 -14.88 -37.28
N ILE K 50 -33.61 -14.60 -36.56
CA ILE K 50 -32.27 -15.06 -36.91
C ILE K 50 -31.78 -15.90 -35.75
N GLN K 51 -31.80 -17.21 -35.90
CA GLN K 51 -31.22 -18.13 -34.93
C GLN K 51 -30.04 -18.82 -35.58
N LYS K 52 -28.85 -18.63 -35.01
CA LYS K 52 -27.67 -19.27 -35.55
C LYS K 52 -27.73 -20.75 -35.26
N HIS K 53 -27.67 -21.57 -36.30
CA HIS K 53 -27.82 -23.00 -36.10
C HIS K 53 -26.59 -23.54 -35.39
N MET K 54 -26.49 -23.28 -34.10
CA MET K 54 -25.43 -23.88 -33.29
C MET K 54 -25.66 -25.36 -33.20
N GLY K 55 -24.78 -26.14 -33.80
CA GLY K 55 -24.89 -27.57 -33.65
C GLY K 55 -24.50 -28.28 -34.93
N SER K 56 -25.10 -29.45 -35.13
CA SER K 56 -24.74 -30.31 -36.25
C SER K 56 -25.19 -29.67 -37.55
N THR K 57 -24.96 -30.37 -38.65
CA THR K 57 -25.36 -29.86 -39.96
C THR K 57 -26.86 -29.64 -39.95
N PRO K 58 -27.35 -28.51 -40.47
CA PRO K 58 -28.76 -28.18 -40.29
C PRO K 58 -29.63 -29.03 -41.19
N ARG K 59 -30.78 -29.42 -40.66
CA ARG K 59 -31.71 -30.22 -41.45
C ARG K 59 -32.26 -29.41 -42.61
N ILE K 60 -32.97 -28.33 -42.29
CA ILE K 60 -33.43 -27.38 -43.29
C ILE K 60 -32.77 -26.05 -42.97
N LEU K 61 -32.08 -25.47 -43.94
CA LEU K 61 -31.38 -24.21 -43.76
C LEU K 61 -32.04 -23.15 -44.62
N LEU K 62 -32.73 -22.22 -43.98
CA LEU K 62 -33.30 -21.09 -44.70
C LEU K 62 -32.19 -20.15 -45.15
N ASP K 63 -32.57 -19.04 -45.75
CA ASP K 63 -31.62 -18.04 -46.18
C ASP K 63 -31.36 -17.00 -45.12
N ARG K 64 -32.31 -16.78 -44.20
CA ARG K 64 -32.14 -15.78 -43.16
C ARG K 64 -31.60 -16.34 -41.86
N THR K 65 -31.12 -17.58 -41.85
CA THR K 65 -30.52 -18.15 -40.66
C THR K 65 -29.06 -18.45 -40.90
N LEU K 66 -28.23 -18.10 -39.91
CA LEU K 66 -26.79 -18.20 -40.02
C LEU K 66 -26.33 -19.63 -39.84
N TRP K 67 -25.22 -19.96 -40.51
CA TRP K 67 -24.61 -21.27 -40.35
C TRP K 67 -23.14 -21.11 -40.71
N ARG K 68 -22.29 -20.99 -39.69
CA ARG K 68 -20.87 -20.70 -39.88
C ARG K 68 -20.69 -19.44 -40.69
N SER K 69 -21.35 -18.37 -40.27
CA SER K 69 -21.33 -17.13 -41.05
C SER K 69 -21.72 -15.97 -40.16
N CYS K 70 -21.61 -14.77 -40.72
CA CYS K 70 -22.15 -13.55 -40.15
C CYS K 70 -23.35 -13.12 -40.97
N TRP K 71 -24.07 -12.12 -40.48
CA TRP K 71 -25.21 -11.64 -41.25
C TRP K 71 -24.73 -10.93 -42.50
N LEU K 72 -25.52 -11.05 -43.57
CA LEU K 72 -25.18 -10.42 -44.84
C LEU K 72 -26.47 -10.20 -45.61
N THR K 73 -26.90 -8.94 -45.70
CA THR K 73 -28.15 -8.62 -46.38
C THR K 73 -28.12 -9.00 -47.85
N LYS K 74 -26.94 -9.12 -48.46
CA LYS K 74 -26.90 -9.55 -49.84
C LYS K 74 -27.15 -11.05 -49.98
N SER K 75 -26.86 -11.83 -48.95
CA SER K 75 -27.01 -13.28 -49.02
C SER K 75 -27.96 -13.85 -48.00
N ASN K 76 -28.02 -13.28 -46.80
CA ASN K 76 -28.92 -13.79 -45.79
C ASN K 76 -30.33 -13.27 -45.95
N LEU K 77 -30.57 -12.37 -46.89
CA LEU K 77 -31.90 -11.81 -47.13
C LEU K 77 -31.93 -11.34 -48.58
N PRO K 78 -32.30 -12.21 -49.49
CA PRO K 78 -32.21 -11.87 -50.91
C PRO K 78 -33.19 -10.78 -51.31
N ASP K 79 -34.46 -10.98 -51.00
CA ASP K 79 -35.51 -10.00 -51.27
C ASP K 79 -36.25 -9.71 -49.99
N VAL K 80 -36.19 -8.45 -49.54
CA VAL K 80 -36.82 -8.08 -48.28
C VAL K 80 -38.33 -7.96 -48.41
N ASN K 81 -38.86 -7.98 -49.63
CA ASN K 81 -40.30 -7.98 -49.81
C ASN K 81 -40.91 -9.35 -49.54
N ARG K 82 -40.08 -10.39 -49.46
CA ARG K 82 -40.53 -11.76 -49.25
C ARG K 82 -40.30 -12.14 -47.80
N TRP K 83 -40.70 -13.37 -47.47
CA TRP K 83 -40.51 -13.87 -46.12
C TRP K 83 -40.56 -15.40 -46.19
N GLU K 84 -39.39 -16.02 -46.09
CA GLU K 84 -39.29 -17.46 -46.31
C GLU K 84 -39.78 -18.24 -45.11
N LYS K 85 -40.55 -19.28 -45.37
CA LYS K 85 -41.08 -20.17 -44.33
C LYS K 85 -40.66 -21.60 -44.64
N VAL K 86 -41.26 -22.54 -43.92
CA VAL K 86 -41.13 -23.97 -44.22
C VAL K 86 -42.52 -24.58 -44.06
N VAL K 87 -43.19 -24.83 -45.17
CA VAL K 87 -44.47 -25.51 -45.16
C VAL K 87 -44.27 -26.88 -45.77
N ASN K 88 -44.52 -27.92 -44.99
CA ASN K 88 -44.34 -29.31 -45.41
C ASN K 88 -42.91 -29.55 -45.89
N SER K 89 -41.94 -29.05 -45.11
CA SER K 89 -40.52 -29.22 -45.39
C SER K 89 -40.11 -28.61 -46.72
N GLN K 90 -40.89 -27.65 -47.22
CA GLN K 90 -40.57 -26.95 -48.46
C GLN K 90 -40.22 -25.51 -48.12
N ARG K 91 -39.04 -25.08 -48.51
CA ARG K 91 -38.64 -23.70 -48.27
C ARG K 91 -39.43 -22.81 -49.21
N VAL K 92 -40.61 -22.39 -48.80
CA VAL K 92 -41.45 -21.50 -49.59
C VAL K 92 -41.31 -20.09 -49.05
N THR K 93 -41.49 -19.10 -49.93
CA THR K 93 -41.27 -17.70 -49.62
C THR K 93 -42.55 -16.94 -49.94
N GLU K 94 -43.38 -16.73 -48.94
CA GLU K 94 -44.66 -16.05 -49.15
C GLU K 94 -44.42 -14.56 -49.26
N ASP K 95 -45.49 -13.79 -49.16
CA ASP K 95 -45.38 -12.34 -49.13
C ASP K 95 -45.09 -11.88 -47.71
N ARG K 96 -44.42 -10.74 -47.60
CA ARG K 96 -44.19 -10.12 -46.30
C ARG K 96 -45.30 -9.13 -46.03
N TRP K 97 -45.83 -9.14 -44.82
CA TRP K 97 -46.90 -8.22 -44.49
C TRP K 97 -46.55 -7.45 -43.22
N ALA K 98 -47.54 -6.74 -42.71
CA ALA K 98 -47.40 -5.96 -41.49
C ALA K 98 -48.75 -5.96 -40.78
N LEU K 99 -48.70 -5.85 -39.46
CA LEU K 99 -49.92 -5.90 -38.66
C LEU K 99 -50.45 -4.49 -38.41
N VAL K 100 -50.88 -3.87 -39.51
CA VAL K 100 -51.39 -2.50 -39.49
C VAL K 100 -52.71 -2.47 -38.74
N GLU K 101 -53.18 -1.27 -38.42
CA GLU K 101 -54.33 -1.10 -37.56
C GLU K 101 -55.62 -0.95 -38.37
N GLU K 102 -56.73 -1.14 -37.67
CA GLU K 102 -58.05 -1.17 -38.29
C GLU K 102 -59.02 -0.62 -37.27
N ASP K 103 -60.31 -0.92 -37.44
CA ASP K 103 -61.37 -0.49 -36.52
C ASP K 103 -61.21 -1.05 -35.12
N GLY K 104 -60.23 -1.91 -34.88
CA GLY K 104 -60.16 -2.67 -33.65
C GLY K 104 -59.73 -4.09 -33.96
N VAL K 105 -59.39 -4.34 -35.22
CA VAL K 105 -58.80 -5.60 -35.66
C VAL K 105 -57.42 -5.26 -36.20
N MET K 106 -56.62 -6.30 -36.44
CA MET K 106 -55.29 -6.16 -37.01
C MET K 106 -55.23 -7.02 -38.26
N TYR K 107 -55.28 -6.38 -39.43
CA TYR K 107 -55.26 -7.11 -40.69
C TYR K 107 -53.96 -6.82 -41.42
N GLN K 108 -53.40 -7.86 -42.01
CA GLN K 108 -52.07 -7.79 -42.61
C GLN K 108 -52.16 -7.17 -44.00
N VAL K 109 -51.34 -6.16 -44.25
CA VAL K 109 -51.25 -5.56 -45.56
C VAL K 109 -49.83 -5.72 -46.07
N ASN K 110 -49.66 -5.54 -47.38
CA ASN K 110 -48.37 -5.79 -48.02
C ASN K 110 -47.27 -4.98 -47.36
N TRP K 111 -46.22 -5.66 -46.91
CA TRP K 111 -45.13 -4.99 -46.22
C TRP K 111 -44.28 -4.16 -47.16
N LYS K 112 -44.36 -4.38 -48.46
CA LYS K 112 -43.78 -3.44 -49.40
C LYS K 112 -44.71 -2.27 -49.66
N MET K 113 -46.02 -2.49 -49.62
CA MET K 113 -46.96 -1.40 -49.75
C MET K 113 -47.08 -0.60 -48.48
N TYR K 114 -47.02 -1.24 -47.32
CA TYR K 114 -47.08 -0.52 -46.07
C TYR K 114 -45.91 0.44 -45.90
N CYS K 115 -44.79 0.16 -46.57
CA CYS K 115 -43.61 1.00 -46.47
C CYS K 115 -43.48 1.98 -47.62
N GLU K 116 -44.25 1.79 -48.70
CA GLU K 116 -44.26 2.79 -49.75
C GLU K 116 -45.02 4.03 -49.30
N ARG K 117 -46.01 3.86 -48.44
CA ARG K 117 -46.69 5.01 -47.88
C ARG K 117 -45.74 5.83 -47.01
N LEU K 118 -45.23 5.21 -45.94
CA LEU K 118 -44.39 5.93 -44.99
C LEU K 118 -43.22 6.60 -45.69
N GLU K 119 -42.58 5.90 -46.63
CA GLU K 119 -41.50 6.53 -47.38
C GLU K 119 -41.96 7.76 -48.13
N THR K 120 -43.25 7.88 -48.41
CA THR K 120 -43.80 9.02 -49.13
C THR K 120 -44.66 9.91 -48.26
N GLU K 121 -45.60 9.33 -47.51
CA GLU K 121 -46.50 10.16 -46.70
C GLU K 121 -45.71 10.96 -45.67
N LEU K 122 -44.58 10.45 -45.21
CA LEU K 122 -43.71 11.24 -44.35
C LEU K 122 -42.87 12.19 -45.18
N GLN K 123 -42.20 11.69 -46.21
CA GLN K 123 -41.42 12.56 -47.08
C GLN K 123 -42.29 13.65 -47.68
N LYS K 124 -43.56 13.35 -47.95
CA LYS K 124 -44.49 14.39 -48.37
C LYS K 124 -45.09 15.14 -47.20
N ALA K 125 -44.88 14.69 -45.96
CA ALA K 125 -45.29 15.50 -44.83
C ALA K 125 -44.31 16.62 -44.58
N GLN K 126 -43.02 16.27 -44.50
CA GLN K 126 -42.01 17.25 -44.12
C GLN K 126 -41.83 18.32 -45.18
N ASP K 127 -41.72 17.93 -46.45
CA ASP K 127 -41.44 18.91 -47.48
C ASP K 127 -42.47 20.04 -47.51
N GLN K 128 -43.65 19.81 -46.95
CA GLN K 128 -44.67 20.85 -46.84
C GLN K 128 -44.73 21.42 -45.42
N LEU K 129 -43.55 21.57 -44.81
CA LEU K 129 -43.38 22.19 -43.50
C LEU K 129 -42.43 23.38 -43.68
N PRO K 130 -42.84 24.59 -43.35
CA PRO K 130 -42.01 25.76 -43.67
C PRO K 130 -40.75 25.84 -42.83
N GLN K 131 -39.76 25.01 -43.15
CA GLN K 131 -38.45 25.06 -42.50
C GLN K 131 -37.38 24.86 -43.55
N TYR K 132 -36.14 24.77 -43.10
CA TYR K 132 -35.07 24.26 -43.94
C TYR K 132 -34.06 23.57 -43.01
N SER K 133 -34.25 22.28 -42.82
CA SER K 133 -33.34 21.52 -41.98
C SER K 133 -32.03 21.32 -42.70
N PHE K 134 -30.92 21.53 -41.99
CA PHE K 134 -29.63 21.59 -42.65
C PHE K 134 -28.53 21.25 -41.63
N MET K 135 -28.02 20.03 -41.70
CA MET K 135 -26.92 19.61 -40.86
C MET K 135 -25.63 19.70 -41.65
N MET K 136 -24.68 20.47 -41.14
CA MET K 136 -23.34 20.53 -41.70
C MET K 136 -22.44 19.67 -40.83
N LYS K 137 -21.86 18.63 -41.43
CA LYS K 137 -21.01 17.73 -40.69
C LYS K 137 -19.56 18.19 -40.74
N ALA K 138 -18.82 17.85 -39.69
CA ALA K 138 -17.38 18.12 -39.60
C ALA K 138 -17.09 19.62 -39.70
N VAL K 139 -17.57 20.36 -38.73
CA VAL K 139 -17.09 21.73 -38.53
C VAL K 139 -15.78 21.67 -37.74
N PRO K 140 -14.72 22.29 -38.24
CA PRO K 140 -13.41 22.12 -37.58
C PRO K 140 -13.24 22.97 -36.33
N SER K 141 -13.77 22.46 -35.23
CA SER K 141 -13.66 23.12 -33.92
C SER K 141 -14.16 22.15 -32.87
N ALA K 142 -13.68 22.33 -31.64
CA ALA K 142 -14.18 21.53 -30.55
C ALA K 142 -15.66 21.81 -30.35
N TRP K 143 -16.37 20.85 -29.79
CA TRP K 143 -17.81 21.04 -29.59
C TRP K 143 -18.13 21.70 -28.27
N LYS K 144 -17.36 21.43 -27.22
CA LYS K 144 -17.62 22.07 -25.95
C LYS K 144 -17.47 23.58 -26.04
N LYS K 145 -16.57 24.06 -26.91
CA LYS K 145 -16.45 25.49 -27.16
C LYS K 145 -17.45 25.98 -28.19
N LEU K 146 -17.87 25.10 -29.10
CA LEU K 146 -18.84 25.51 -30.11
C LEU K 146 -20.20 25.73 -29.50
N ASP K 147 -20.57 24.93 -28.50
CA ASP K 147 -21.89 25.03 -27.91
C ASP K 147 -22.10 26.39 -27.26
N ILE K 148 -21.13 26.83 -26.46
CA ILE K 148 -21.28 28.05 -25.67
C ILE K 148 -21.59 29.23 -26.57
N GLU K 149 -21.07 29.22 -27.79
CA GLU K 149 -21.32 30.29 -28.73
C GLU K 149 -22.42 29.97 -29.72
N LEU K 150 -23.19 28.92 -29.49
CA LEU K 150 -24.46 28.72 -30.17
C LEU K 150 -25.64 29.01 -29.27
N SER K 151 -25.44 29.01 -27.96
CA SER K 151 -26.49 29.42 -27.04
C SER K 151 -26.81 30.89 -27.18
N VAL K 152 -25.90 31.68 -27.74
CA VAL K 152 -26.22 33.07 -28.02
C VAL K 152 -27.22 33.16 -29.16
N LEU K 153 -27.02 32.39 -30.22
CA LEU K 153 -27.89 32.46 -31.40
C LEU K 153 -29.24 31.81 -31.20
N ARG K 154 -29.42 31.01 -30.15
CA ARG K 154 -30.70 30.35 -29.96
C ARG K 154 -31.80 31.38 -29.80
N GLY K 155 -32.73 31.39 -30.76
CA GLY K 155 -33.82 32.33 -30.76
C GLY K 155 -33.61 33.55 -31.63
N LEU K 156 -32.36 33.89 -31.95
CA LEU K 156 -32.11 35.05 -32.80
C LEU K 156 -32.69 34.83 -34.18
N SER K 157 -33.24 35.89 -34.76
CA SER K 157 -33.69 35.82 -36.14
C SER K 157 -32.50 35.85 -37.08
N VAL K 158 -32.66 35.17 -38.23
CA VAL K 158 -31.53 35.03 -39.15
C VAL K 158 -30.99 36.38 -39.56
N ARG K 159 -31.83 37.40 -39.60
CA ARG K 159 -31.33 38.74 -39.91
C ARG K 159 -30.40 39.24 -38.81
N GLU K 160 -30.62 38.79 -37.58
CA GLU K 160 -29.80 39.22 -36.45
C GLU K 160 -28.97 38.09 -35.88
N ALA K 161 -28.77 37.02 -36.65
CA ALA K 161 -27.79 35.99 -36.33
C ALA K 161 -26.59 36.06 -37.26
N MET K 162 -26.83 36.17 -38.56
CA MET K 162 -25.75 36.51 -39.49
C MET K 162 -25.17 37.88 -39.18
N ALA K 163 -25.92 38.72 -38.47
CA ALA K 163 -25.41 40.03 -38.12
C ALA K 163 -24.57 39.99 -36.85
N GLN K 164 -24.90 39.09 -35.91
CA GLN K 164 -24.16 38.97 -34.66
C GLN K 164 -23.10 37.91 -34.70
N CYS K 165 -23.11 37.04 -35.71
CA CYS K 165 -21.97 36.17 -35.94
C CYS K 165 -20.87 36.88 -36.70
N LYS K 166 -21.23 37.86 -37.50
CA LYS K 166 -20.24 38.57 -38.30
C LYS K 166 -19.47 39.60 -37.50
N LEU K 167 -19.86 39.85 -36.25
CA LEU K 167 -19.17 40.84 -35.44
C LEU K 167 -18.39 40.23 -34.28
N SER K 168 -18.83 39.10 -33.74
CA SER K 168 -18.07 38.43 -32.69
C SER K 168 -16.78 37.85 -33.26
N PRO K 169 -15.77 37.60 -32.42
CA PRO K 169 -14.45 37.23 -32.94
C PRO K 169 -14.23 35.74 -33.10
N ARG K 170 -15.03 34.93 -32.41
CA ARG K 170 -14.74 33.51 -32.28
C ARG K 170 -14.94 32.78 -33.60
N LYS K 171 -14.14 31.72 -33.79
CA LYS K 171 -14.25 30.92 -35.00
C LYS K 171 -15.61 30.26 -35.09
N GLY K 172 -16.14 29.80 -33.97
CA GLY K 172 -17.43 29.12 -33.98
C GLY K 172 -18.50 29.94 -34.65
N HIS K 173 -18.38 31.26 -34.59
CA HIS K 173 -19.32 32.12 -35.29
C HIS K 173 -19.01 32.21 -36.79
N MET K 174 -17.73 32.20 -37.16
CA MET K 174 -17.42 32.09 -38.58
C MET K 174 -17.89 30.76 -39.14
N ALA K 175 -17.86 29.71 -38.31
CA ALA K 175 -18.39 28.42 -38.75
C ALA K 175 -19.89 28.50 -39.00
N VAL K 176 -20.63 29.12 -38.08
CA VAL K 176 -22.08 29.19 -38.24
C VAL K 176 -22.44 30.07 -39.42
N PHE K 177 -21.80 31.23 -39.54
CA PHE K 177 -22.15 32.17 -40.60
C PHE K 177 -22.03 31.52 -41.97
N ARG K 178 -20.92 30.83 -42.23
CA ARG K 178 -20.79 30.13 -43.50
C ARG K 178 -21.85 29.05 -43.66
N ALA K 179 -22.24 28.40 -42.57
CA ALA K 179 -23.33 27.44 -42.64
C ALA K 179 -24.68 28.12 -42.68
N LEU K 180 -24.83 29.22 -41.95
CA LEU K 180 -26.07 29.98 -42.01
C LEU K 180 -26.23 30.74 -43.31
N GLU K 181 -25.24 30.73 -44.19
CA GLU K 181 -25.43 31.24 -45.53
C GLU K 181 -25.82 30.13 -46.51
N VAL K 182 -25.10 29.01 -46.47
CA VAL K 182 -25.45 27.88 -47.34
C VAL K 182 -26.83 27.35 -47.00
N ALA K 183 -27.19 27.37 -45.72
CA ALA K 183 -28.53 27.00 -45.29
C ALA K 183 -29.53 28.11 -45.45
N GLN K 184 -29.12 29.25 -46.01
CA GLN K 184 -30.03 30.35 -46.29
C GLN K 184 -30.40 30.43 -47.76
N GLN K 185 -29.41 30.27 -48.65
CA GLN K 185 -29.71 30.21 -50.07
C GLN K 185 -30.39 28.89 -50.45
N GLY K 186 -30.02 27.80 -49.79
CA GLY K 186 -30.70 26.54 -50.04
C GLY K 186 -32.19 26.61 -49.78
N ALA K 187 -32.60 27.39 -48.77
CA ALA K 187 -34.02 27.54 -48.49
C ALA K 187 -34.73 28.36 -49.55
N GLU K 188 -34.01 29.25 -50.25
CA GLU K 188 -34.64 30.05 -51.29
C GLU K 188 -35.12 29.17 -52.42
N GLY K 189 -34.26 28.26 -52.89
CA GLY K 189 -34.69 27.25 -53.83
C GLY K 189 -35.76 26.33 -53.28
N LYS K 190 -36.00 26.39 -51.97
CA LYS K 190 -37.10 25.67 -51.33
C LYS K 190 -38.34 26.52 -51.17
N GLY K 191 -38.31 27.78 -51.61
CA GLY K 191 -39.50 28.60 -51.60
C GLY K 191 -39.81 29.30 -50.30
N LEU K 192 -38.81 29.49 -49.44
CA LEU K 192 -39.00 30.21 -48.18
C LEU K 192 -38.42 31.60 -48.30
N ASP K 193 -39.13 32.59 -47.73
CA ASP K 193 -38.67 33.96 -47.79
C ASP K 193 -37.36 34.13 -47.02
N LYS K 194 -36.56 35.09 -47.47
CA LYS K 194 -35.31 35.42 -46.78
C LYS K 194 -35.54 36.30 -45.56
N GLU K 195 -36.67 37.00 -45.49
CA GLU K 195 -36.89 37.92 -44.39
C GLU K 195 -37.42 37.21 -43.15
N HIS K 196 -38.57 36.56 -43.26
CA HIS K 196 -39.23 35.95 -42.12
C HIS K 196 -38.58 34.67 -41.66
N LEU K 197 -37.35 34.41 -42.08
CA LEU K 197 -36.61 33.26 -41.59
C LEU K 197 -36.16 33.52 -40.16
N ARG K 198 -36.37 32.55 -39.29
CA ARG K 198 -36.00 32.66 -37.90
C ARG K 198 -35.48 31.33 -37.43
N ILE K 199 -34.34 31.35 -36.75
CA ILE K 199 -33.72 30.11 -36.30
C ILE K 199 -34.66 29.39 -35.34
N ALA K 200 -34.79 28.08 -35.51
CA ALA K 200 -35.66 27.27 -34.69
C ALA K 200 -34.87 26.32 -33.81
N TYR K 201 -34.07 25.45 -34.41
CA TYR K 201 -33.24 24.52 -33.66
C TYR K 201 -31.83 24.58 -34.21
N ILE K 202 -30.85 24.63 -33.30
CA ILE K 202 -29.46 24.63 -33.68
C ILE K 202 -28.68 23.91 -32.58
N THR K 203 -28.14 22.74 -32.90
CA THR K 203 -27.55 21.88 -31.91
C THR K 203 -26.07 21.68 -32.22
N CYS K 204 -25.40 20.91 -31.37
CA CYS K 204 -23.98 20.62 -31.55
C CYS K 204 -23.71 19.21 -31.08
N MET K 205 -23.42 18.34 -32.01
CA MET K 205 -23.05 16.98 -31.68
C MET K 205 -21.54 16.83 -31.79
N PRO K 206 -20.94 16.00 -30.95
CA PRO K 206 -19.52 15.71 -31.14
C PRO K 206 -19.30 15.01 -32.47
N GLY K 207 -18.16 15.29 -33.09
CA GLY K 207 -17.86 14.73 -34.39
C GLY K 207 -16.63 13.84 -34.37
N PRO K 208 -16.09 13.55 -35.55
CA PRO K 208 -14.88 12.74 -35.62
C PRO K 208 -13.67 13.54 -35.14
N THR K 209 -12.70 12.83 -34.57
CA THR K 209 -11.52 13.44 -33.99
C THR K 209 -10.26 12.97 -34.69
N ASP K 210 -9.23 13.81 -34.65
CA ASP K 210 -7.91 13.50 -35.15
C ASP K 210 -6.98 13.31 -33.96
N LYS K 211 -5.68 13.16 -34.23
CA LYS K 211 -4.74 12.98 -33.13
C LYS K 211 -3.33 13.33 -33.57
N GLN K 212 -2.80 14.42 -33.04
CA GLN K 212 -1.38 14.71 -33.15
C GLN K 212 -0.63 14.07 -32.01
N VAL K 213 0.56 13.55 -32.31
CA VAL K 213 1.45 13.16 -31.23
C VAL K 213 1.97 14.43 -30.56
N ASP K 214 2.07 14.39 -29.24
CA ASP K 214 2.54 15.54 -28.46
C ASP K 214 3.81 15.09 -27.77
N ILE K 215 4.94 15.32 -28.42
CA ILE K 215 6.23 15.00 -27.82
C ILE K 215 6.44 15.91 -26.63
N ARG K 216 6.71 15.32 -25.48
CA ARG K 216 6.97 16.07 -24.26
C ARG K 216 8.33 15.67 -23.71
N SER K 217 8.65 16.23 -22.56
CA SER K 217 9.99 16.07 -22.03
C SER K 217 10.17 14.70 -21.38
N ARG K 218 11.42 14.43 -20.99
CA ARG K 218 11.80 13.23 -20.24
C ARG K 218 11.32 11.96 -20.93
N GLY K 219 11.19 11.99 -22.25
CA GLY K 219 10.80 10.83 -22.99
C GLY K 219 9.33 10.53 -22.97
N TYR K 220 8.53 11.30 -22.24
CA TYR K 220 7.09 11.11 -22.25
C TYR K 220 6.49 11.69 -23.52
N TYR K 221 5.21 11.42 -23.73
CA TYR K 221 4.49 11.99 -24.85
C TYR K 221 3.01 11.77 -24.64
N ALA K 222 2.20 12.46 -25.45
CA ALA K 222 0.76 12.40 -25.36
C ALA K 222 0.21 12.67 -26.73
N TRP K 223 -1.11 12.69 -26.85
CA TRP K 223 -1.76 12.79 -28.14
C TRP K 223 -2.78 13.91 -28.12
N LYS K 224 -2.37 15.08 -28.61
CA LYS K 224 -3.26 16.20 -28.83
C LYS K 224 -4.38 15.80 -29.76
N THR K 225 -5.61 15.70 -29.25
CA THR K 225 -6.74 15.33 -30.09
C THR K 225 -7.38 16.58 -30.67
N LYS K 226 -7.55 16.61 -31.98
CA LYS K 226 -8.09 17.76 -32.69
C LYS K 226 -9.56 17.47 -32.95
N LYS K 227 -10.41 17.94 -32.04
CA LYS K 227 -11.82 17.58 -32.07
C LYS K 227 -12.57 18.42 -33.10
N SER K 228 -13.48 17.77 -33.82
CA SER K 228 -14.41 18.41 -34.73
C SER K 228 -15.82 18.23 -34.21
N SER K 229 -16.78 18.77 -34.94
CA SER K 229 -18.15 18.72 -34.48
C SER K 229 -19.11 18.80 -35.65
N HIS K 230 -20.37 18.51 -35.38
CA HIS K 230 -21.45 18.67 -36.33
C HIS K 230 -22.34 19.83 -35.88
N LEU K 231 -23.04 20.42 -36.83
CA LEU K 231 -23.85 21.61 -36.57
C LEU K 231 -25.21 21.43 -37.24
N LEU K 232 -26.13 20.77 -36.54
CA LEU K 232 -27.47 20.59 -37.06
C LEU K 232 -28.31 21.83 -36.80
N LEU K 233 -29.00 22.30 -37.84
CA LEU K 233 -29.69 23.57 -37.81
C LEU K 233 -30.96 23.48 -38.64
N THR K 234 -32.03 24.12 -38.16
CA THR K 234 -33.31 24.13 -38.86
C THR K 234 -33.88 25.55 -38.78
N LEU K 235 -34.14 26.16 -39.92
CA LEU K 235 -34.61 27.53 -39.99
C LEU K 235 -36.13 27.51 -40.15
N ALA K 236 -36.84 27.68 -39.03
CA ALA K 236 -38.28 27.80 -39.12
C ALA K 236 -38.64 29.10 -39.84
N GLU K 237 -39.93 29.23 -40.15
CA GLU K 237 -40.44 30.41 -40.84
C GLU K 237 -41.66 30.89 -40.09
N ASP K 238 -41.61 32.12 -39.58
CA ASP K 238 -42.74 32.73 -38.91
C ASP K 238 -43.08 34.03 -39.60
N PRO K 239 -44.32 34.22 -40.06
CA PRO K 239 -44.64 35.46 -40.76
C PRO K 239 -44.65 36.68 -39.87
N GLU K 240 -45.21 36.57 -38.66
CA GLU K 240 -45.40 37.74 -37.81
C GLU K 240 -44.14 38.14 -37.06
N MET K 241 -42.97 37.69 -37.51
CA MET K 241 -41.71 38.04 -36.88
C MET K 241 -41.33 39.48 -37.18
N VAL K 242 -41.72 40.40 -36.31
CA VAL K 242 -41.36 41.81 -36.46
C VAL K 242 -40.03 42.03 -35.78
N LEU K 243 -39.20 42.88 -36.37
CA LEU K 243 -37.83 42.99 -35.94
C LEU K 243 -37.55 44.35 -35.30
N PRO K 244 -36.63 44.40 -34.35
CA PRO K 244 -36.23 45.70 -33.79
C PRO K 244 -35.46 46.52 -34.81
N ASP K 245 -35.67 47.83 -34.75
CA ASP K 245 -35.04 48.76 -35.68
C ASP K 245 -33.53 48.70 -35.51
N ARG K 246 -32.83 48.37 -36.60
CA ARG K 246 -31.38 48.47 -36.64
C ARG K 246 -30.91 49.50 -37.64
N THR K 247 -31.83 50.14 -38.36
CA THR K 247 -31.45 51.15 -39.32
C THR K 247 -31.03 52.44 -38.63
N ALA K 248 -31.41 52.60 -37.35
CA ALA K 248 -31.31 53.89 -36.69
C ALA K 248 -29.87 54.36 -36.59
N ILE K 249 -29.52 55.34 -37.41
CA ILE K 249 -28.18 55.94 -37.31
C ILE K 249 -28.05 56.66 -35.98
N PRO K 250 -26.91 56.61 -35.32
CA PRO K 250 -26.72 57.40 -34.09
C PRO K 250 -26.86 58.90 -34.36
N TYR K 251 -26.93 59.66 -33.28
CA TYR K 251 -27.02 61.11 -33.43
C TYR K 251 -25.68 61.70 -33.85
N ALA K 252 -24.62 61.33 -33.15
CA ALA K 252 -23.31 61.89 -33.43
C ALA K 252 -22.91 61.65 -34.87
N SER K 253 -23.38 60.55 -35.47
CA SER K 253 -23.14 60.35 -36.89
C SER K 253 -24.09 61.17 -37.74
N LEU K 254 -25.25 61.52 -37.21
CA LEU K 254 -26.11 62.43 -37.97
C LEU K 254 -25.61 63.85 -37.96
N MET K 255 -24.41 64.14 -37.46
CA MET K 255 -23.76 65.37 -37.85
C MET K 255 -23.00 65.09 -39.13
N THR K 256 -23.70 64.44 -40.06
CA THR K 256 -23.35 64.39 -41.47
C THR K 256 -23.96 65.56 -42.21
N MET K 257 -24.68 66.43 -41.50
CA MET K 257 -25.19 67.65 -42.10
C MET K 257 -24.05 68.52 -42.62
N LYS K 258 -23.03 68.74 -41.79
CA LYS K 258 -21.75 69.19 -42.30
C LYS K 258 -21.29 68.22 -43.38
N ARG K 259 -20.71 68.77 -44.45
CA ARG K 259 -20.33 68.12 -45.69
C ARG K 259 -21.54 67.89 -46.60
N ALA K 260 -22.76 68.02 -46.12
CA ALA K 260 -23.90 67.85 -46.99
C ALA K 260 -25.03 68.78 -46.56
N ARG L 47 6.55 -46.80 -19.60
CA ARG L 47 5.98 -45.52 -20.00
C ARG L 47 6.85 -44.42 -19.40
N PHE L 48 6.65 -43.17 -19.79
CA PHE L 48 7.59 -42.12 -19.30
C PHE L 48 7.49 -41.93 -17.80
N TYR L 49 6.28 -41.89 -17.24
CA TYR L 49 6.09 -41.63 -15.80
C TYR L 49 6.39 -40.15 -15.56
N ARG L 50 5.40 -39.36 -15.16
CA ARG L 50 5.64 -37.89 -15.07
C ARG L 50 6.62 -37.57 -13.96
N PRO L 51 7.29 -36.39 -14.00
CA PRO L 51 8.35 -36.10 -13.06
C PRO L 51 8.00 -36.20 -11.57
N LEU L 52 6.87 -35.67 -11.10
CA LEU L 52 6.42 -35.74 -9.67
C LEU L 52 6.80 -34.45 -8.92
N VAL L 53 5.82 -33.73 -8.37
CA VAL L 53 6.14 -32.50 -7.55
C VAL L 53 5.18 -32.36 -6.36
N ASN L 54 5.21 -33.30 -5.40
CA ASN L 54 4.38 -33.18 -4.16
C ASN L 54 5.22 -33.54 -2.94
N GLN L 55 6.17 -32.69 -2.55
CA GLN L 55 7.09 -33.03 -1.43
C GLN L 55 6.28 -33.16 -0.14
N GLY L 56 6.50 -34.22 0.65
CA GLY L 56 5.80 -34.35 1.94
C GLY L 56 6.48 -35.29 2.93
N ILE L 57 5.97 -36.52 3.05
CA ILE L 57 6.55 -37.51 4.02
C ILE L 57 7.97 -37.87 3.57
N ASN L 58 8.18 -38.04 2.27
CA ASN L 58 9.58 -38.26 1.83
C ASN L 58 10.18 -36.87 1.64
N LEU L 59 9.85 -36.18 0.55
CA LEU L 59 10.26 -34.76 0.41
C LEU L 59 11.75 -34.56 0.70
N TRP L 60 12.65 -35.29 0.05
CA TRP L 60 14.09 -34.99 0.33
C TRP L 60 14.85 -34.80 -0.98
N ARG L 61 14.39 -33.88 -1.83
CA ARG L 61 14.99 -33.74 -3.19
C ARG L 61 16.46 -33.39 -3.09
N SER L 62 16.94 -32.98 -1.92
CA SER L 62 18.35 -32.54 -1.73
C SER L 62 19.32 -33.66 -2.07
N ARG L 63 18.90 -34.93 -2.00
CA ARG L 63 19.87 -36.03 -2.21
C ARG L 63 19.86 -36.48 -3.66
N MET L 64 19.39 -37.70 -3.90
CA MET L 64 19.46 -38.29 -5.27
C MET L 64 18.72 -37.41 -6.25
N GLY L 65 17.63 -36.75 -5.80
CA GLY L 65 16.81 -35.92 -6.69
C GLY L 65 17.63 -35.03 -7.58
N ARG L 66 17.82 -35.42 -8.84
CA ARG L 66 18.50 -34.52 -9.81
C ARG L 66 17.51 -33.42 -10.17
N LEU L 67 17.98 -32.22 -10.49
CA LEU L 67 17.00 -31.13 -10.73
C LEU L 67 16.17 -31.50 -11.96
N HIS L 68 14.85 -31.47 -11.82
CA HIS L 68 13.96 -31.76 -12.97
C HIS L 68 13.33 -30.42 -13.36
N LYS L 69 13.87 -29.34 -12.80
CA LYS L 69 13.41 -27.99 -13.20
C LYS L 69 13.89 -27.81 -14.62
N GLY L 70 14.79 -28.69 -15.08
CA GLY L 70 15.24 -28.62 -16.46
C GLY L 70 13.98 -28.56 -17.29
N TRP L 71 13.94 -27.63 -18.23
CA TRP L 71 12.73 -27.39 -19.03
C TRP L 71 11.97 -28.67 -19.34
N THR L 72 10.63 -28.59 -19.38
CA THR L 72 9.78 -29.79 -19.55
C THR L 72 9.66 -30.13 -21.04
N THR L 73 10.63 -30.86 -21.57
CA THR L 73 10.58 -31.29 -22.99
C THR L 73 9.39 -32.21 -23.23
N TRP L 74 9.11 -33.13 -22.30
CA TRP L 74 8.00 -34.13 -22.43
C TRP L 74 6.65 -33.48 -22.70
N GLU L 75 6.34 -32.37 -22.05
CA GLU L 75 5.01 -31.74 -22.20
C GLU L 75 4.85 -31.15 -23.59
N TYR L 76 5.88 -30.48 -24.11
CA TYR L 76 5.77 -29.76 -25.41
C TYR L 76 6.01 -30.76 -26.52
N ASN L 77 6.25 -32.01 -26.15
CA ASN L 77 6.62 -33.05 -27.14
C ASN L 77 6.05 -32.83 -28.55
N ARG L 78 5.01 -32.02 -28.72
CA ARG L 78 4.61 -31.70 -30.07
C ARG L 78 5.82 -31.10 -30.79
N ASP L 79 6.42 -31.88 -31.68
CA ASP L 79 7.70 -31.54 -32.27
C ASP L 79 7.45 -30.88 -33.63
N VAL L 80 7.17 -29.57 -33.57
CA VAL L 80 7.19 -28.67 -34.72
C VAL L 80 7.78 -27.34 -34.22
N ILE L 81 8.81 -26.85 -34.91
CA ILE L 81 9.67 -25.83 -34.30
C ILE L 81 8.87 -24.57 -34.00
N PRO L 82 9.09 -23.91 -32.87
CA PRO L 82 8.48 -22.60 -32.66
C PRO L 82 9.14 -21.55 -33.55
N ASP L 83 8.65 -20.39 -33.45
CA ASP L 83 9.24 -19.40 -34.34
C ASP L 83 10.19 -18.50 -33.58
N PRO L 84 11.27 -18.05 -34.24
CA PRO L 84 12.29 -17.27 -33.53
C PRO L 84 11.75 -15.95 -33.03
N ARG L 85 12.04 -15.66 -31.77
CA ARG L 85 11.43 -14.49 -31.12
C ARG L 85 11.75 -13.19 -31.83
N PRO L 86 12.99 -12.91 -32.22
CA PRO L 86 13.18 -11.84 -33.22
C PRO L 86 12.81 -12.36 -34.59
N PHE L 87 11.66 -11.97 -35.10
CA PHE L 87 11.10 -12.63 -36.28
C PHE L 87 11.80 -12.17 -37.56
N PRO L 88 12.51 -13.06 -38.24
CA PRO L 88 13.16 -12.69 -39.50
C PRO L 88 12.10 -12.33 -40.54
N GLU L 89 12.19 -11.11 -41.05
CA GLU L 89 11.24 -10.63 -42.05
C GLU L 89 11.28 -11.52 -43.29
N PRO L 90 10.23 -11.49 -44.10
CA PRO L 90 10.29 -12.13 -45.40
C PRO L 90 11.46 -11.57 -46.20
N ALA L 91 12.09 -12.44 -46.98
CA ALA L 91 13.24 -12.04 -47.77
C ALA L 91 12.86 -11.29 -49.03
N VAL L 92 11.63 -10.79 -49.12
CA VAL L 92 11.22 -9.95 -50.24
C VAL L 92 11.46 -8.50 -49.87
N ASN L 93 11.93 -7.72 -50.83
CA ASN L 93 12.21 -6.31 -50.59
C ASN L 93 10.93 -5.51 -50.72
N ASN L 94 10.54 -4.85 -49.63
CA ASN L 94 9.31 -4.11 -49.55
C ASN L 94 9.45 -2.68 -50.07
N TYR L 95 10.59 -2.05 -49.83
CA TYR L 95 10.82 -0.68 -50.24
C TYR L 95 10.68 -0.56 -51.75
N PHE L 96 10.19 0.59 -52.19
CA PHE L 96 9.99 0.81 -53.61
C PHE L 96 10.40 2.20 -54.07
N GLY L 97 10.88 3.05 -53.19
CA GLY L 97 11.27 4.39 -53.55
C GLY L 97 12.51 4.42 -54.41
N ARG L 98 13.16 5.58 -54.41
CA ARG L 98 14.24 5.83 -55.35
C ARG L 98 15.52 5.14 -54.94
N SER L 99 15.58 4.59 -53.73
CA SER L 99 16.76 3.89 -53.23
C SER L 99 16.61 2.38 -53.31
N ARG L 100 15.82 1.88 -54.25
CA ARG L 100 15.65 0.45 -54.43
C ARG L 100 16.98 -0.15 -54.87
N ILE L 101 17.64 -0.86 -53.97
CA ILE L 101 18.92 -1.48 -54.28
C ILE L 101 18.69 -2.83 -54.92
N TRP L 102 19.75 -3.38 -55.50
CA TRP L 102 19.72 -4.66 -56.17
C TRP L 102 20.29 -5.73 -55.26
N ASN L 103 19.56 -6.81 -55.07
CA ASN L 103 20.01 -7.89 -54.20
C ASN L 103 21.14 -8.66 -54.85
N PRO L 104 22.32 -8.73 -54.26
CA PRO L 104 23.39 -9.52 -54.86
C PRO L 104 23.19 -11.01 -54.68
N ILE L 105 22.63 -11.44 -53.56
CA ILE L 105 22.56 -12.88 -53.25
C ILE L 105 21.91 -13.64 -54.39
N ALA L 106 22.61 -14.66 -54.88
CA ALA L 106 22.16 -15.43 -56.04
C ALA L 106 21.14 -16.46 -55.60
N GLY L 107 19.93 -16.38 -56.14
CA GLY L 107 18.86 -17.25 -55.75
C GLY L 107 19.09 -18.68 -56.21
N LYS L 108 18.10 -19.52 -55.94
CA LYS L 108 18.12 -20.91 -56.33
C LYS L 108 17.19 -21.20 -57.50
N ILE L 109 15.93 -20.78 -57.39
CA ILE L 109 14.96 -21.05 -58.45
C ILE L 109 15.22 -20.17 -59.66
N GLY L 110 16.00 -19.11 -59.52
CA GLY L 110 16.32 -18.28 -60.66
C GLY L 110 16.93 -19.07 -61.81
N LEU L 111 17.98 -19.85 -61.53
CA LEU L 111 18.58 -20.68 -62.56
C LEU L 111 17.64 -21.78 -63.03
N VAL L 112 16.98 -22.46 -62.09
CA VAL L 112 16.09 -23.56 -62.44
C VAL L 112 14.95 -23.12 -63.33
N ASN L 113 14.73 -21.82 -63.47
CA ASN L 113 13.83 -21.29 -64.49
C ASN L 113 14.57 -20.82 -65.73
N ARG L 114 15.81 -20.34 -65.59
CA ARG L 114 16.63 -20.08 -66.76
C ARG L 114 17.25 -21.34 -67.33
N LYS L 115 17.21 -22.45 -66.61
CA LYS L 115 17.48 -23.73 -67.23
C LYS L 115 16.41 -24.07 -68.24
N ALA L 116 15.16 -24.17 -67.77
CA ALA L 116 14.06 -24.58 -68.62
C ALA L 116 13.70 -23.58 -69.70
N GLU L 117 14.29 -22.39 -69.68
CA GLU L 117 13.98 -21.40 -70.71
C GLU L 117 15.08 -21.26 -71.76
N GLU L 118 16.22 -21.91 -71.56
CA GLU L 118 17.17 -22.09 -72.64
C GLU L 118 17.19 -23.50 -73.17
N TRP L 119 16.65 -24.46 -72.42
CA TRP L 119 16.49 -25.84 -72.85
C TRP L 119 15.59 -26.55 -71.85
N GLY L 120 14.57 -27.26 -72.31
CA GLY L 120 13.65 -27.91 -71.40
C GLY L 120 14.39 -28.70 -70.35
N TRP L 121 14.30 -28.26 -69.09
CA TRP L 121 15.24 -28.76 -68.09
C TRP L 121 14.92 -30.18 -67.64
N PRO L 122 13.74 -30.47 -67.08
CA PRO L 122 13.51 -31.83 -66.61
C PRO L 122 13.36 -32.84 -67.75
N HIS L 123 13.05 -32.41 -68.97
CA HIS L 123 12.85 -33.34 -70.08
C HIS L 123 14.05 -33.42 -71.01
N GLN L 124 14.42 -32.32 -71.65
CA GLN L 124 15.45 -32.36 -72.67
C GLN L 124 16.83 -32.28 -72.02
N ARG L 125 17.80 -32.91 -72.67
CA ARG L 125 19.14 -33.04 -72.11
C ARG L 125 19.92 -31.75 -72.26
N PRO L 126 20.90 -31.52 -71.38
CA PRO L 126 21.66 -30.27 -71.41
C PRO L 126 22.43 -30.13 -72.71
N PRO L 127 22.49 -28.92 -73.26
CA PRO L 127 23.30 -28.68 -74.44
C PRO L 127 24.76 -28.92 -74.14
N PRO L 128 25.50 -29.57 -75.04
CA PRO L 128 26.93 -29.73 -74.82
C PRO L 128 27.61 -28.41 -74.57
N THR L 129 28.58 -28.43 -73.65
CA THR L 129 29.16 -27.20 -73.15
C THR L 129 29.92 -26.46 -74.25
N GLY L 130 30.51 -27.19 -75.19
CA GLY L 130 31.12 -26.54 -76.33
C GLY L 130 30.14 -25.65 -77.07
N LEU L 131 28.89 -26.09 -77.16
CA LEU L 131 27.85 -25.26 -77.74
C LEU L 131 27.25 -24.32 -76.70
N ARG L 132 27.11 -24.79 -75.46
CA ARG L 132 26.54 -23.96 -74.41
C ARG L 132 27.36 -22.70 -74.18
N ARG L 133 28.68 -22.82 -74.24
CA ARG L 133 29.57 -21.68 -74.04
C ARG L 133 30.05 -21.10 -75.36
N SER L 134 29.19 -21.10 -76.36
CA SER L 134 29.52 -20.66 -77.72
C SER L 134 28.59 -19.54 -78.15
N PRO L 135 29.00 -18.74 -79.14
CA PRO L 135 28.07 -17.77 -79.74
C PRO L 135 26.93 -18.41 -80.51
N GLU L 136 26.86 -19.73 -80.56
CA GLU L 136 25.77 -20.43 -81.21
C GLU L 136 24.77 -21.00 -80.22
N TYR L 137 25.07 -20.94 -78.93
CA TYR L 137 24.06 -21.22 -77.90
C TYR L 137 22.86 -20.32 -78.14
N PHE L 138 21.71 -20.93 -78.38
CA PHE L 138 20.53 -20.22 -78.84
C PHE L 138 20.31 -18.89 -78.12
N PRO L 139 20.26 -18.85 -76.78
CA PRO L 139 20.04 -17.55 -76.12
C PRO L 139 21.05 -16.50 -76.52
N PHE L 140 22.28 -16.88 -76.80
CA PHE L 140 23.23 -15.95 -77.38
C PHE L 140 23.11 -15.86 -78.89
N PHE L 141 22.60 -16.91 -79.53
CA PHE L 141 22.41 -16.87 -80.98
C PHE L 141 21.36 -15.85 -81.36
N PHE L 142 20.24 -15.83 -80.64
CA PHE L 142 19.13 -14.94 -80.92
C PHE L 142 19.48 -13.50 -80.55
N SER L 143 20.74 -13.25 -80.24
CA SER L 143 21.19 -11.93 -79.83
C SER L 143 22.10 -11.25 -80.83
N ARG L 144 22.85 -12.01 -81.62
CA ARG L 144 23.69 -11.42 -82.65
C ARG L 144 22.95 -11.25 -83.97
N TYR L 145 21.78 -11.85 -84.11
CA TYR L 145 20.98 -11.75 -85.33
C TYR L 145 19.56 -11.31 -85.07
N PHE L 146 19.12 -11.27 -83.82
CA PHE L 146 17.77 -10.84 -83.46
C PHE L 146 17.83 -10.00 -82.20
N PRO L 147 18.44 -8.82 -82.26
CA PRO L 147 18.47 -7.95 -81.08
C PRO L 147 17.07 -7.58 -80.64
N ASP L 148 16.92 -7.26 -79.36
CA ASP L 148 15.63 -6.82 -78.80
C ASP L 148 15.91 -5.68 -77.82
N VAL L 149 15.91 -4.45 -78.32
CA VAL L 149 16.07 -3.27 -77.49
C VAL L 149 14.88 -2.36 -77.73
N GLU L 150 14.78 -1.32 -76.91
CA GLU L 150 13.67 -0.37 -76.99
C GLU L 150 14.25 1.03 -76.79
N VAL L 151 14.37 1.77 -77.87
CA VAL L 151 14.95 3.11 -77.85
C VAL L 151 13.80 4.10 -78.04
N ARG L 152 13.26 4.57 -76.94
CA ARG L 152 12.07 5.41 -76.96
C ARG L 152 12.50 6.86 -76.82
N LEU L 153 12.49 7.58 -77.92
CA LEU L 153 12.78 9.01 -77.91
C LEU L 153 11.60 9.77 -77.32
N VAL L 154 11.88 10.67 -76.39
CA VAL L 154 10.82 11.45 -75.78
C VAL L 154 10.24 12.41 -76.82
N LEU L 155 9.00 12.18 -77.22
CA LEU L 155 8.32 13.12 -78.09
C LEU L 155 8.31 14.52 -77.51
N ASP L 156 8.37 14.63 -76.19
CA ASP L 156 8.38 15.96 -75.57
C ASP L 156 9.61 16.74 -75.97
N SER L 157 10.75 16.06 -76.16
CA SER L 157 11.99 16.76 -76.46
C SER L 157 11.89 17.51 -77.78
N VAL L 158 11.82 16.78 -78.88
CA VAL L 158 11.74 17.45 -80.19
C VAL L 158 10.29 17.54 -80.63
N LEU L 159 9.59 18.53 -80.12
CA LEU L 159 8.33 19.01 -80.61
C LEU L 159 8.62 20.21 -81.51
N ASN L 160 7.63 21.09 -81.69
CA ASN L 160 7.75 22.26 -82.54
C ASN L 160 9.10 22.99 -82.41
N ASN L 161 9.77 22.85 -81.27
CA ASN L 161 11.08 23.46 -81.12
C ASN L 161 12.10 22.75 -82.03
N GLU L 162 13.30 23.31 -82.07
CA GLU L 162 14.39 22.77 -82.88
C GLU L 162 15.58 22.51 -81.98
N THR L 163 15.96 21.24 -81.85
CA THR L 163 16.97 20.84 -80.89
C THR L 163 18.05 20.00 -81.56
N THR L 164 19.31 20.37 -81.34
CA THR L 164 20.44 19.61 -81.83
C THR L 164 20.90 18.55 -80.84
N ARG L 165 20.14 18.32 -79.79
CA ARG L 165 20.46 17.31 -78.78
C ARG L 165 19.18 16.59 -78.41
N PRO L 166 18.79 15.58 -79.18
CA PRO L 166 17.66 14.74 -78.77
C PRO L 166 18.03 13.92 -77.55
N ILE L 167 17.02 13.29 -76.97
CA ILE L 167 17.16 12.56 -75.72
C ILE L 167 16.42 11.23 -75.84
N PHE L 168 17.05 10.17 -75.34
CA PHE L 168 16.55 8.81 -75.55
C PHE L 168 16.38 8.09 -74.22
N HIS L 169 15.31 7.31 -74.11
CA HIS L 169 15.04 6.48 -72.95
C HIS L 169 15.52 5.06 -73.23
N ILE L 170 16.83 4.91 -73.32
CA ILE L 170 17.40 3.62 -73.72
C ILE L 170 17.46 2.69 -72.51
N PRO L 171 17.40 1.38 -72.71
CA PRO L 171 17.52 0.46 -71.58
C PRO L 171 18.87 0.64 -70.88
N GLN L 172 18.98 0.01 -69.71
CA GLN L 172 20.15 0.24 -68.88
C GLN L 172 21.36 -0.60 -69.29
N ASP L 173 21.16 -1.65 -70.08
CA ASP L 173 22.28 -2.46 -70.51
C ASP L 173 23.07 -1.82 -71.63
N MET L 174 22.47 -0.91 -72.38
CA MET L 174 23.09 -0.38 -73.59
C MET L 174 24.06 0.75 -73.26
N SER L 175 25.30 0.60 -73.71
CA SER L 175 26.35 1.55 -73.38
C SER L 175 26.26 2.74 -74.33
N LYS L 176 27.29 3.58 -74.35
CA LYS L 176 27.31 4.69 -75.29
C LYS L 176 27.52 4.21 -76.72
N GLN L 177 28.59 3.46 -76.95
CA GLN L 177 28.87 2.93 -78.28
C GLN L 177 27.69 2.11 -78.79
N GLU L 178 27.18 1.19 -77.96
CA GLU L 178 26.07 0.34 -78.35
C GLU L 178 24.87 1.15 -78.83
N LEU L 179 24.76 2.41 -78.44
CA LEU L 179 23.65 3.21 -78.92
C LEU L 179 23.96 3.81 -80.29
N VAL L 180 25.17 4.36 -80.45
CA VAL L 180 25.54 4.96 -81.72
C VAL L 180 25.44 3.92 -82.84
N ASN L 181 25.98 2.73 -82.60
CA ASN L 181 25.82 1.64 -83.55
C ASN L 181 24.38 1.21 -83.73
N TYR L 182 23.47 1.72 -82.91
CA TYR L 182 22.05 1.42 -83.06
C TYR L 182 21.31 2.49 -83.84
N LEU L 183 21.82 3.71 -83.84
CA LEU L 183 21.23 4.75 -84.68
C LEU L 183 21.72 4.63 -86.11
N LYS L 184 22.99 4.32 -86.29
CA LYS L 184 23.62 4.30 -87.60
C LYS L 184 23.20 3.10 -88.44
N ASN L 185 22.74 2.02 -87.82
CA ASN L 185 22.45 0.80 -88.54
C ASN L 185 20.97 0.55 -88.76
N ILE L 186 20.11 1.12 -87.93
CA ILE L 186 18.68 0.87 -87.99
C ILE L 186 17.92 2.11 -88.42
N TYR L 187 18.36 3.29 -88.00
CA TYR L 187 17.74 4.53 -88.41
C TYR L 187 18.65 5.37 -89.28
N ASN L 188 19.86 4.89 -89.55
CA ASN L 188 20.82 5.56 -90.43
C ASN L 188 21.10 6.99 -89.97
N ILE L 189 21.00 7.24 -88.67
CA ILE L 189 21.38 8.52 -88.09
C ILE L 189 22.85 8.44 -87.73
N ASP L 190 23.68 9.11 -88.51
CA ASP L 190 25.13 9.00 -88.39
C ASP L 190 25.77 10.36 -88.23
N ASN L 191 25.20 11.18 -87.35
CA ASN L 191 25.76 12.49 -87.02
C ASN L 191 25.77 12.68 -85.51
N VAL L 192 26.23 11.69 -84.79
CA VAL L 192 26.40 11.78 -83.36
C VAL L 192 27.77 12.35 -83.06
N VAL L 193 27.85 13.24 -82.08
CA VAL L 193 29.13 13.80 -81.63
C VAL L 193 29.55 13.21 -80.28
N ARG L 194 28.73 13.39 -79.26
CA ARG L 194 29.02 12.82 -77.95
C ARG L 194 27.72 12.36 -77.31
N ILE L 195 27.78 11.21 -76.64
CA ILE L 195 26.63 10.65 -75.97
C ILE L 195 26.88 10.75 -74.47
N ARG L 196 25.96 11.39 -73.77
CA ARG L 196 26.02 11.43 -72.32
C ARG L 196 25.13 10.34 -71.74
N VAL L 197 25.27 10.09 -70.45
CA VAL L 197 24.52 9.02 -69.81
C VAL L 197 23.98 9.50 -68.47
N ARG L 198 22.67 9.37 -68.28
CA ARG L 198 21.99 9.66 -67.03
C ARG L 198 21.16 8.45 -66.69
N ASN L 199 21.75 7.48 -66.00
CA ASN L 199 21.00 6.31 -65.59
C ASN L 199 19.95 6.72 -64.60
N MET L 200 18.69 6.75 -65.02
CA MET L 200 17.60 7.20 -64.18
C MET L 200 16.76 6.01 -63.77
N ARG L 201 16.37 5.97 -62.50
CA ARG L 201 15.51 4.91 -62.01
C ARG L 201 14.09 5.12 -62.54
N GLY L 202 13.41 4.02 -62.82
CA GLY L 202 12.06 4.10 -63.35
C GLY L 202 11.12 4.83 -62.41
N ARG L 203 10.02 5.31 -62.96
CA ARG L 203 9.12 6.15 -62.18
C ARG L 203 8.11 5.31 -61.41
N ARG L 204 7.92 5.66 -60.15
CA ARG L 204 6.91 5.01 -59.32
C ARG L 204 5.55 5.65 -59.57
N PHE L 205 4.52 5.01 -59.01
CA PHE L 205 3.20 5.59 -58.87
C PHE L 205 2.33 4.59 -58.12
N LYS L 206 1.21 5.10 -57.60
CA LYS L 206 0.23 4.27 -56.93
C LYS L 206 -1.07 4.30 -57.70
N ASN L 207 -1.68 3.14 -57.87
CA ASN L 207 -2.89 3.04 -58.69
C ASN L 207 -4.07 3.58 -57.88
N GLU L 208 -5.28 3.35 -58.38
CA GLU L 208 -6.47 3.92 -57.76
C GLU L 208 -6.71 3.33 -56.37
N VAL L 209 -6.53 2.03 -56.22
CA VAL L 209 -6.56 1.42 -54.90
C VAL L 209 -5.47 2.01 -54.03
N GLY L 210 -4.28 2.16 -54.58
CA GLY L 210 -3.16 2.68 -53.82
C GLY L 210 -2.07 1.64 -53.68
N GLU L 211 -1.91 0.79 -54.68
CA GLU L 211 -0.88 -0.24 -54.67
C GLU L 211 0.34 0.27 -55.43
N ILE L 212 1.51 0.15 -54.81
CA ILE L 212 2.72 0.74 -55.37
C ILE L 212 3.12 -0.01 -56.63
N LYS L 213 3.32 0.74 -57.70
CA LYS L 213 3.76 0.19 -58.98
C LYS L 213 4.93 1.01 -59.48
N SER L 214 5.63 0.49 -60.48
CA SER L 214 6.78 1.19 -61.04
C SER L 214 6.89 0.85 -62.52
N LEU L 215 7.45 1.80 -63.27
CA LEU L 215 7.80 1.73 -64.67
C LEU L 215 9.25 1.30 -64.84
N PRO L 216 9.51 0.31 -65.70
CA PRO L 216 10.85 -0.27 -65.79
C PRO L 216 11.94 0.79 -65.94
N ASP L 217 13.05 0.57 -65.23
CA ASP L 217 14.16 1.50 -65.25
C ASP L 217 14.66 1.72 -66.67
N TYR L 218 15.28 2.86 -66.90
CA TYR L 218 15.75 3.24 -68.23
C TYR L 218 17.07 3.97 -68.09
N LYS L 219 17.46 4.65 -69.15
CA LYS L 219 18.64 5.49 -69.15
C LYS L 219 18.38 6.66 -70.05
N VAL L 220 18.91 7.82 -69.70
CA VAL L 220 18.76 9.04 -70.50
C VAL L 220 20.11 9.32 -71.14
N ALA L 221 20.14 9.32 -72.46
CA ALA L 221 21.36 9.49 -73.24
C ALA L 221 21.21 10.73 -74.09
N VAL L 222 21.85 11.83 -73.68
CA VAL L 222 21.76 13.08 -74.42
C VAL L 222 22.72 12.98 -75.61
N VAL L 223 22.20 12.55 -76.74
CA VAL L 223 23.01 12.34 -77.93
C VAL L 223 23.24 13.67 -78.62
N GLU L 224 24.49 14.12 -78.63
CA GLU L 224 24.84 15.39 -79.27
C GLU L 224 24.82 15.18 -80.78
N LEU L 225 23.78 15.68 -81.43
CA LEU L 225 23.70 15.61 -82.88
C LEU L 225 24.52 16.72 -83.51
N ASP L 226 24.79 16.55 -84.81
CA ASP L 226 25.49 17.57 -85.57
C ASP L 226 24.53 18.61 -86.17
N SER L 227 23.31 18.21 -86.48
CA SER L 227 22.37 19.07 -87.17
C SER L 227 21.13 19.31 -86.32
N PRO L 228 20.60 20.52 -86.30
CA PRO L 228 19.35 20.79 -85.58
C PRO L 228 18.19 20.02 -86.21
N VAL L 229 17.61 19.11 -85.43
CA VAL L 229 16.48 18.30 -85.86
C VAL L 229 15.25 18.72 -85.05
N SER L 230 14.10 18.72 -85.70
CA SER L 230 12.85 19.06 -85.05
C SER L 230 11.80 18.04 -85.44
N ILE L 231 10.54 18.36 -85.14
CA ILE L 231 9.40 17.54 -85.54
C ILE L 231 8.31 18.51 -85.99
N VAL L 232 7.85 18.35 -87.23
CA VAL L 232 6.91 19.31 -87.83
C VAL L 232 5.52 18.86 -87.42
N PHE L 233 5.12 19.27 -86.22
CA PHE L 233 3.79 18.97 -85.74
C PHE L 233 2.76 19.67 -86.61
N LYS L 234 1.85 18.89 -87.19
CA LYS L 234 0.91 19.43 -88.18
C LYS L 234 0.04 20.51 -87.56
N GLN L 235 0.24 21.75 -87.98
CA GLN L 235 -0.43 22.90 -87.39
C GLN L 235 -0.68 23.97 -88.44
N MET M 26 -28.14 41.75 -20.44
CA MET M 26 -28.86 40.60 -20.98
C MET M 26 -27.90 39.53 -21.44
N TYR M 27 -28.30 38.28 -21.30
CA TYR M 27 -27.43 37.16 -21.60
C TYR M 27 -28.29 35.98 -22.04
N ALA M 28 -27.62 34.90 -22.43
CA ALA M 28 -28.27 33.65 -22.82
C ALA M 28 -28.14 32.65 -21.68
N ARG M 29 -28.62 31.44 -21.91
CA ARG M 29 -28.69 30.44 -20.86
C ARG M 29 -27.55 29.44 -20.91
N TYR M 30 -27.38 28.78 -22.03
CA TYR M 30 -26.30 27.85 -22.37
C TYR M 30 -26.40 26.49 -21.67
N ARG M 31 -27.15 26.39 -20.57
CA ARG M 31 -27.70 25.11 -20.10
C ARG M 31 -26.84 23.90 -20.44
N THR M 32 -25.60 23.84 -19.94
CA THR M 32 -24.61 22.88 -20.44
C THR M 32 -25.19 21.47 -20.56
N ARG M 33 -24.80 20.77 -21.61
CA ARG M 33 -25.42 19.50 -21.96
C ARG M 33 -24.78 18.34 -21.19
N SER M 34 -25.56 17.29 -21.02
CA SER M 34 -25.08 16.10 -20.33
C SER M 34 -24.27 15.21 -21.25
N ARG M 35 -24.68 15.08 -22.50
CA ARG M 35 -23.98 14.22 -23.45
C ARG M 35 -22.55 14.68 -23.71
N PHE M 36 -22.14 15.82 -23.16
CA PHE M 36 -20.74 16.21 -23.25
C PHE M 36 -19.94 15.74 -22.06
N TYR M 37 -20.61 15.33 -20.99
CA TYR M 37 -19.91 14.73 -19.86
C TYR M 37 -19.49 13.31 -20.20
N LYS M 38 -20.46 12.42 -20.41
CA LYS M 38 -20.20 11.03 -20.75
C LYS M 38 -21.11 10.65 -21.89
N ARG M 39 -20.54 10.37 -23.04
CA ARG M 39 -21.34 10.07 -24.21
C ARG M 39 -21.89 8.66 -24.12
N PRO M 40 -23.20 8.47 -24.25
CA PRO M 40 -23.74 7.11 -24.31
C PRO M 40 -23.08 6.30 -25.40
N GLU M 41 -23.10 4.98 -25.23
CA GLU M 41 -22.23 4.14 -26.02
C GLU M 41 -22.95 3.56 -27.23
N LYS M 42 -22.16 3.00 -28.15
CA LYS M 42 -22.73 2.38 -29.32
C LYS M 42 -23.38 1.06 -28.95
N MET M 43 -24.39 0.69 -29.73
CA MET M 43 -25.04 -0.60 -29.63
C MET M 43 -24.43 -1.47 -30.72
N LEU M 44 -23.44 -2.27 -30.33
CA LEU M 44 -22.68 -3.06 -31.27
C LEU M 44 -23.48 -4.28 -31.71
N LYS M 45 -23.37 -4.60 -32.99
CA LYS M 45 -24.08 -5.73 -33.57
C LYS M 45 -23.28 -7.00 -33.35
N ALA M 46 -23.97 -8.07 -32.96
CA ALA M 46 -23.37 -9.39 -32.81
C ALA M 46 -23.53 -10.14 -34.12
N TYR M 47 -22.42 -10.57 -34.70
CA TYR M 47 -22.43 -11.28 -35.98
C TYR M 47 -23.02 -10.39 -37.07
N ASN M 48 -22.72 -9.10 -36.99
CA ASN M 48 -23.21 -8.09 -37.93
C ASN M 48 -24.73 -8.03 -37.99
N VAL M 49 -25.43 -8.66 -37.05
CA VAL M 49 -26.87 -8.76 -37.08
C VAL M 49 -27.49 -7.56 -36.40
N SER M 50 -28.19 -6.73 -37.15
CA SER M 50 -29.11 -5.80 -36.53
C SER M 50 -30.27 -6.60 -35.99
N PRO M 51 -30.61 -6.47 -34.72
CA PRO M 51 -31.47 -7.47 -34.07
C PRO M 51 -32.86 -7.56 -34.68
N ASN M 52 -33.59 -6.46 -34.65
CA ASN M 52 -34.97 -6.44 -35.11
C ASN M 52 -35.10 -5.61 -36.37
N LEU M 53 -34.20 -5.85 -37.33
CA LEU M 53 -34.38 -5.33 -38.67
C LEU M 53 -35.59 -5.98 -39.33
N LEU M 54 -35.72 -7.30 -39.21
CA LEU M 54 -36.83 -8.04 -39.77
C LEU M 54 -38.14 -7.83 -39.04
N ARG M 55 -38.16 -7.02 -37.99
CA ARG M 55 -39.34 -6.92 -37.15
C ARG M 55 -40.14 -5.65 -37.39
N LEU M 56 -39.47 -4.52 -37.62
CA LEU M 56 -40.15 -3.25 -37.82
C LEU M 56 -39.85 -2.72 -39.21
N PRO M 57 -40.76 -1.93 -39.78
CA PRO M 57 -40.60 -1.45 -41.15
C PRO M 57 -39.34 -0.61 -41.34
N LYS M 58 -38.83 -0.62 -42.56
CA LYS M 58 -37.61 0.10 -42.92
C LYS M 58 -37.95 1.09 -44.03
N VAL M 59 -37.91 2.38 -43.68
CA VAL M 59 -38.26 3.45 -44.60
C VAL M 59 -37.02 4.30 -44.84
N LYS M 60 -37.15 5.35 -45.65
CA LYS M 60 -36.09 6.32 -45.91
C LYS M 60 -35.32 6.59 -44.63
N PRO M 61 -33.99 6.52 -44.66
CA PRO M 61 -33.21 6.55 -43.41
C PRO M 61 -33.30 7.84 -42.62
N GLY M 62 -34.09 8.81 -43.06
CA GLY M 62 -34.19 10.07 -42.37
C GLY M 62 -35.52 10.37 -41.72
N LEU M 63 -36.51 9.49 -41.85
CA LEU M 63 -37.88 9.80 -41.50
C LEU M 63 -38.31 9.24 -40.15
N LEU M 64 -38.08 7.95 -39.91
CA LEU M 64 -38.34 7.38 -38.58
C LEU M 64 -37.10 7.31 -37.71
N LYS M 65 -35.90 7.32 -38.32
CA LYS M 65 -34.67 7.44 -37.55
C LYS M 65 -34.72 8.65 -36.63
N GLY M 66 -35.04 9.82 -37.19
CA GLY M 66 -35.37 10.98 -36.40
C GLY M 66 -34.67 12.26 -36.78
N ILE M 67 -33.38 12.20 -37.10
CA ILE M 67 -32.69 13.41 -37.50
C ILE M 67 -32.98 13.65 -38.97
N TYR M 68 -34.02 14.42 -39.25
CA TYR M 68 -34.41 14.69 -40.63
C TYR M 68 -33.80 16.01 -41.04
N THR M 69 -32.82 15.96 -41.94
CA THR M 69 -32.28 17.14 -42.59
C THR M 69 -32.78 17.20 -44.02
N ASP M 70 -32.85 18.41 -44.56
CA ASP M 70 -33.24 18.57 -45.95
C ASP M 70 -32.04 18.70 -46.88
N GLU M 71 -30.87 19.04 -46.36
CA GLU M 71 -29.65 19.04 -47.17
C GLU M 71 -28.46 18.79 -46.27
N LYS M 72 -27.95 17.58 -46.26
CA LYS M 72 -26.73 17.25 -45.54
C LYS M 72 -25.53 17.80 -46.30
N ILE M 73 -24.60 18.39 -45.57
CA ILE M 73 -23.33 18.83 -46.11
C ILE M 73 -22.20 18.18 -45.33
N ASP M 74 -21.34 17.47 -46.04
CA ASP M 74 -20.12 16.93 -45.46
C ASP M 74 -19.01 17.91 -45.79
N LEU M 75 -18.29 18.36 -44.76
CA LEU M 75 -17.23 19.32 -45.00
C LEU M 75 -15.90 18.67 -45.32
N ARG M 76 -15.75 17.38 -45.06
CA ARG M 76 -14.50 16.69 -45.33
C ARG M 76 -14.31 16.37 -46.81
N ASP M 77 -15.21 16.81 -47.67
CA ASP M 77 -15.10 16.53 -49.09
C ASP M 77 -13.97 17.35 -49.70
N ARG M 78 -13.82 17.25 -51.03
CA ARG M 78 -12.84 18.05 -51.74
C ARG M 78 -13.41 19.38 -52.20
N GLU M 79 -14.69 19.40 -52.61
CA GLU M 79 -15.29 20.63 -53.10
C GLU M 79 -15.26 21.71 -52.02
N ARG M 80 -15.53 21.34 -50.77
CA ARG M 80 -15.64 22.29 -49.67
C ARG M 80 -14.30 22.57 -49.01
N LEU M 81 -13.20 22.43 -49.73
CA LEU M 81 -11.89 22.63 -49.12
C LEU M 81 -11.64 24.09 -48.76
N GLU M 82 -11.99 25.01 -49.67
CA GLU M 82 -11.81 26.42 -49.39
C GLU M 82 -12.73 26.91 -48.29
N LEU M 83 -13.76 26.14 -47.95
CA LEU M 83 -14.68 26.51 -46.88
C LEU M 83 -14.13 26.13 -45.52
N VAL M 84 -13.36 25.06 -45.44
CA VAL M 84 -12.79 24.65 -44.15
C VAL M 84 -11.39 25.19 -43.96
N GLU M 85 -10.55 25.14 -45.00
CA GLU M 85 -9.18 25.62 -44.88
C GLU M 85 -9.11 27.11 -44.55
N SER M 86 -10.21 27.83 -44.67
CA SER M 86 -10.29 29.23 -44.30
C SER M 86 -11.01 29.47 -42.98
N ILE M 87 -11.93 28.59 -42.62
CA ILE M 87 -12.65 28.75 -41.36
C ILE M 87 -11.69 28.69 -40.18
N ARG M 88 -10.74 27.77 -40.22
CA ARG M 88 -9.79 27.66 -39.13
C ARG M 88 -8.87 28.88 -39.08
N HIS M 89 -8.34 29.17 -37.90
CA HIS M 89 -7.58 30.38 -37.69
C HIS M 89 -6.34 30.43 -38.58
N PRO M 90 -5.83 31.63 -38.84
CA PRO M 90 -4.46 31.72 -39.37
C PRO M 90 -3.40 31.28 -38.39
N LYS M 91 -3.71 31.25 -37.08
CA LYS M 91 -2.73 30.81 -36.10
C LYS M 91 -2.68 29.30 -35.96
N GLU M 92 -3.50 28.56 -36.69
CA GLU M 92 -3.51 27.10 -36.61
C GLU M 92 -2.63 26.57 -37.74
N ARG M 93 -1.33 26.56 -37.51
CA ARG M 93 -0.41 26.04 -38.51
C ARG M 93 -0.39 24.53 -38.47
N ASP M 94 -0.44 23.91 -39.64
CA ASP M 94 -0.36 22.46 -39.77
C ASP M 94 0.80 22.12 -40.69
N PHE M 95 1.82 21.49 -40.13
CA PHE M 95 3.03 21.16 -40.84
C PHE M 95 2.81 19.91 -41.70
N TYR M 96 3.86 19.46 -42.38
CA TYR M 96 3.77 18.36 -43.33
C TYR M 96 2.65 18.60 -44.34
N GLN M 97 2.67 19.77 -44.96
CA GLN M 97 1.73 20.06 -46.03
C GLN M 97 2.12 19.41 -47.34
N ASP M 98 3.40 19.08 -47.51
CA ASP M 98 3.93 18.68 -48.80
C ASP M 98 4.76 17.40 -48.71
N HIS M 99 5.41 17.19 -47.58
CA HIS M 99 6.23 16.01 -47.36
C HIS M 99 5.76 15.30 -46.11
N THR M 100 5.77 13.97 -46.13
CA THR M 100 5.45 13.20 -44.95
C THR M 100 6.73 12.81 -44.23
N TYR M 101 6.58 12.23 -43.05
CA TYR M 101 7.75 11.96 -42.20
C TYR M 101 8.34 10.59 -42.47
N HIS M 102 7.56 9.53 -42.29
CA HIS M 102 8.03 8.20 -42.61
C HIS M 102 8.09 8.02 -44.12
N ASN M 103 8.71 6.94 -44.55
CA ASN M 103 8.84 6.66 -45.97
C ASN M 103 7.54 6.04 -46.45
N GLN M 104 6.91 6.69 -47.43
CA GLN M 104 5.61 6.27 -47.92
C GLN M 104 5.71 5.46 -49.18
N TRP M 105 6.89 5.32 -49.76
CA TRP M 105 7.03 4.45 -50.91
C TRP M 105 7.32 3.02 -50.52
N ILE M 106 7.22 2.69 -49.23
CA ILE M 106 7.11 1.30 -48.83
C ILE M 106 5.76 0.76 -49.28
N ALA M 107 5.69 -0.54 -49.51
CA ALA M 107 4.40 -1.15 -49.85
C ALA M 107 3.69 -1.59 -48.59
N ARG M 108 2.39 -1.30 -48.53
CA ARG M 108 1.59 -1.53 -47.34
C ARG M 108 0.27 -2.15 -47.74
N ASP M 109 -0.37 -2.84 -46.79
CA ASP M 109 -1.68 -3.41 -47.04
C ASP M 109 -2.75 -2.33 -46.87
N LEU M 110 -4.01 -2.77 -46.88
CA LEU M 110 -5.14 -1.90 -46.64
C LEU M 110 -5.70 -2.17 -45.25
N GLU M 111 -6.60 -1.30 -44.82
CA GLU M 111 -7.33 -1.56 -43.60
C GLU M 111 -8.13 -2.85 -43.73
N SER M 112 -8.44 -3.47 -42.60
CA SER M 112 -9.29 -4.65 -42.62
C SER M 112 -10.59 -4.38 -43.36
N HIS M 113 -11.32 -3.35 -42.92
CA HIS M 113 -12.57 -2.98 -43.56
C HIS M 113 -12.40 -2.59 -45.01
N GLN M 114 -11.19 -2.23 -45.42
CA GLN M 114 -10.97 -1.78 -46.79
C GLN M 114 -11.00 -2.94 -47.78
N LYS M 115 -10.27 -4.01 -47.47
CA LYS M 115 -10.34 -5.20 -48.31
C LYS M 115 -11.78 -5.71 -48.40
N ILE M 116 -12.45 -5.80 -47.25
CA ILE M 116 -13.81 -6.31 -47.20
C ILE M 116 -14.69 -5.60 -48.21
N GLN M 117 -14.42 -4.33 -48.46
CA GLN M 117 -15.20 -3.61 -49.47
C GLN M 117 -14.70 -3.92 -50.87
N ILE M 118 -13.39 -4.12 -51.02
CA ILE M 118 -12.79 -4.34 -52.34
C ILE M 118 -12.84 -5.78 -52.80
N ALA M 119 -13.12 -6.72 -51.90
CA ALA M 119 -13.28 -8.10 -52.31
C ALA M 119 -14.67 -8.36 -52.86
N GLY M 120 -15.68 -7.65 -52.36
CA GLY M 120 -17.02 -7.82 -52.86
C GLY M 120 -17.27 -7.13 -54.18
N ARG M 121 -16.49 -6.11 -54.50
CA ARG M 121 -16.69 -5.40 -55.76
C ARG M 121 -16.17 -6.21 -56.94
N TYR M 122 -14.98 -6.80 -56.80
CA TYR M 122 -14.27 -7.44 -57.89
C TYR M 122 -14.01 -8.91 -57.57
N PRO M 123 -15.06 -9.72 -57.45
CA PRO M 123 -14.85 -11.09 -56.97
C PRO M 123 -14.20 -11.98 -58.00
N TYR M 124 -14.38 -11.69 -59.28
CA TYR M 124 -13.85 -12.56 -60.34
C TYR M 124 -12.34 -12.64 -60.33
N PHE M 125 -11.65 -11.77 -59.59
CA PHE M 125 -10.21 -11.90 -59.48
C PHE M 125 -9.80 -13.21 -58.85
N SER M 126 -10.73 -14.00 -58.37
CA SER M 126 -10.42 -15.33 -57.88
C SER M 126 -10.01 -16.21 -59.07
N PRO M 127 -9.29 -17.30 -58.81
CA PRO M 127 -8.92 -18.20 -59.90
C PRO M 127 -10.12 -19.02 -60.35
N ASP M 128 -10.45 -18.92 -61.64
CA ASP M 128 -11.60 -19.60 -62.23
C ASP M 128 -12.90 -19.17 -61.54
N TYR M 129 -13.23 -17.89 -61.73
CA TYR M 129 -14.54 -17.43 -61.33
C TYR M 129 -15.63 -17.75 -62.34
N GLU M 130 -15.26 -18.00 -63.60
CA GLU M 130 -16.27 -18.29 -64.61
C GLU M 130 -17.01 -19.57 -64.26
N ILE M 131 -18.11 -19.81 -64.95
CA ILE M 131 -18.89 -21.02 -64.72
C ILE M 131 -18.30 -22.14 -65.57
N LYS M 132 -18.01 -23.28 -64.91
CA LYS M 132 -17.13 -24.29 -65.49
C LYS M 132 -17.50 -24.70 -66.91
N PRO M 133 -18.75 -25.06 -67.23
CA PRO M 133 -19.17 -25.02 -68.63
C PRO M 133 -19.86 -23.71 -68.93
N TRP M 134 -19.66 -23.13 -70.10
CA TRP M 134 -20.29 -21.87 -70.46
C TRP M 134 -21.44 -22.17 -71.40
N ILE M 135 -22.66 -22.01 -70.90
CA ILE M 135 -23.86 -22.37 -71.65
C ILE M 135 -24.71 -21.17 -72.02
N TRP M 136 -24.32 -19.97 -71.63
CA TRP M 136 -25.09 -18.78 -71.95
C TRP M 136 -24.41 -18.00 -73.07
N TYR M 137 -25.17 -17.74 -74.13
CA TYR M 137 -24.64 -17.17 -75.35
C TYR M 137 -25.57 -16.09 -75.87
N PRO M 138 -25.06 -15.15 -76.66
CA PRO M 138 -25.93 -14.10 -77.21
C PRO M 138 -26.96 -14.68 -78.15
N GLY M 139 -28.22 -14.36 -77.91
CA GLY M 139 -29.32 -14.87 -78.69
C GLY M 139 -30.08 -15.99 -78.05
N ASP M 140 -29.63 -16.49 -76.90
CA ASP M 140 -30.36 -17.53 -76.20
C ASP M 140 -31.71 -17.03 -75.72
N THR M 141 -32.64 -17.95 -75.56
CA THR M 141 -33.98 -17.64 -75.09
C THR M 141 -34.08 -18.05 -73.63
N VAL M 142 -34.01 -17.08 -72.73
CA VAL M 142 -33.88 -17.35 -71.30
C VAL M 142 -34.89 -16.54 -70.52
N GLU M 143 -35.34 -17.11 -69.41
CA GLU M 143 -36.22 -16.44 -68.46
C GLU M 143 -35.53 -16.37 -67.10
N VAL M 144 -35.75 -15.28 -66.38
CA VAL M 144 -35.24 -15.15 -65.03
C VAL M 144 -36.01 -16.09 -64.11
N VAL M 145 -35.53 -16.27 -62.89
CA VAL M 145 -36.13 -17.21 -61.95
C VAL M 145 -36.48 -16.53 -60.63
N SER M 146 -35.51 -15.91 -59.99
CA SER M 146 -35.69 -15.39 -58.64
C SER M 146 -35.22 -13.95 -58.56
N GLY M 147 -35.51 -13.33 -57.41
CA GLY M 147 -35.08 -11.98 -57.16
C GLY M 147 -36.04 -10.93 -57.65
N GLU M 148 -35.53 -9.90 -58.30
CA GLU M 148 -36.37 -8.85 -58.84
C GLU M 148 -37.05 -9.35 -60.11
N GLY M 149 -38.37 -9.18 -60.17
CA GLY M 149 -39.14 -9.59 -61.32
C GLY M 149 -38.93 -11.04 -61.66
N ALA M 150 -39.36 -11.93 -60.77
CA ALA M 150 -39.21 -13.37 -60.97
C ALA M 150 -40.19 -13.84 -62.03
N GLY M 151 -39.70 -14.17 -63.22
CA GLY M 151 -40.52 -14.85 -64.19
C GLY M 151 -40.65 -14.20 -65.56
N GLN M 152 -39.82 -13.22 -65.86
CA GLN M 152 -39.92 -12.56 -67.16
C GLN M 152 -39.05 -13.27 -68.20
N ARG M 153 -39.48 -13.18 -69.45
CA ARG M 153 -38.82 -13.84 -70.57
C ARG M 153 -38.24 -12.81 -71.52
N GLY M 154 -36.99 -13.03 -71.94
CA GLY M 154 -36.32 -12.11 -72.83
C GLY M 154 -35.05 -12.73 -73.38
N ALA M 155 -34.71 -12.41 -74.63
CA ALA M 155 -33.57 -13.04 -75.28
C ALA M 155 -32.28 -12.31 -74.91
N ILE M 156 -31.23 -13.09 -74.64
CA ILE M 156 -29.93 -12.53 -74.37
C ILE M 156 -29.45 -11.73 -75.57
N ILE M 157 -28.76 -10.62 -75.30
CA ILE M 157 -28.11 -9.85 -76.35
C ILE M 157 -26.60 -9.86 -76.20
N ALA M 158 -26.08 -9.95 -74.98
CA ALA M 158 -24.64 -9.95 -74.75
C ALA M 158 -24.37 -10.66 -73.44
N VAL M 159 -23.17 -11.20 -73.32
CA VAL M 159 -22.79 -11.96 -72.13
C VAL M 159 -21.44 -11.48 -71.64
N VAL M 160 -21.34 -11.22 -70.34
CA VAL M 160 -20.07 -10.89 -69.71
C VAL M 160 -19.57 -12.17 -69.03
N LYS M 161 -18.73 -12.92 -69.76
CA LYS M 161 -18.41 -14.28 -69.38
C LYS M 161 -17.66 -14.35 -68.07
N TYR M 162 -16.61 -13.54 -67.92
CA TYR M 162 -15.73 -13.62 -66.77
C TYR M 162 -16.46 -13.26 -65.48
N LYS M 163 -17.70 -12.78 -65.59
CA LYS M 163 -18.45 -12.32 -64.44
C LYS M 163 -19.67 -13.17 -64.13
N ASN M 164 -19.94 -14.23 -64.89
CA ASN M 164 -21.12 -15.05 -64.70
C ASN M 164 -22.39 -14.21 -64.72
N GLU M 165 -22.52 -13.31 -65.68
CA GLU M 165 -23.71 -12.50 -65.80
C GLU M 165 -24.13 -12.37 -67.26
N ILE M 166 -25.21 -11.62 -67.48
CA ILE M 166 -25.93 -11.66 -68.74
C ILE M 166 -26.61 -10.31 -68.94
N LEU M 167 -26.65 -9.85 -70.19
CA LEU M 167 -27.47 -8.71 -70.59
C LEU M 167 -28.67 -9.25 -71.35
N VAL M 168 -29.86 -9.02 -70.82
CA VAL M 168 -31.10 -9.58 -71.36
C VAL M 168 -32.08 -8.46 -71.62
N GLN M 169 -32.83 -8.58 -72.72
CA GLN M 169 -33.71 -7.50 -73.15
C GLN M 169 -34.83 -7.27 -72.14
N ASN M 170 -35.03 -5.99 -71.80
CA ASN M 170 -36.16 -5.48 -71.02
C ASN M 170 -36.17 -5.95 -69.57
N VAL M 171 -35.21 -6.78 -69.15
CA VAL M 171 -35.18 -7.30 -67.79
C VAL M 171 -34.10 -6.57 -67.02
N ASN M 172 -34.48 -6.02 -65.86
CA ASN M 172 -33.57 -5.24 -65.01
C ASN M 172 -33.01 -4.04 -65.76
N VAL M 173 -33.91 -3.15 -66.16
CA VAL M 173 -33.54 -1.96 -66.92
C VAL M 173 -33.40 -0.77 -65.98
N GLN M 174 -32.31 -0.04 -66.11
CA GLN M 174 -32.05 1.11 -65.27
C GLN M 174 -31.53 2.25 -66.14
N ASP M 175 -31.41 3.42 -65.52
CA ASP M 175 -31.13 4.67 -66.22
C ASP M 175 -29.67 5.01 -66.05
N VAL M 176 -28.85 4.68 -67.04
CA VAL M 176 -27.43 4.96 -67.01
C VAL M 176 -27.20 6.45 -67.20
N VAL M 177 -27.01 7.17 -66.10
CA VAL M 177 -26.78 8.60 -66.19
C VAL M 177 -25.40 8.85 -66.79
N ILE M 178 -25.31 9.83 -67.67
CA ILE M 178 -24.06 10.12 -68.36
C ILE M 178 -23.61 11.52 -67.98
N PRO M 179 -22.79 11.66 -66.95
CA PRO M 179 -22.20 12.97 -66.67
C PRO M 179 -21.32 13.41 -67.84
N ALA M 180 -21.35 14.70 -68.14
CA ALA M 180 -20.64 15.22 -69.29
C ALA M 180 -19.98 16.54 -68.93
N SER M 181 -18.97 16.89 -69.73
CA SER M 181 -18.23 18.13 -69.55
C SER M 181 -19.02 19.28 -70.15
N GLU M 182 -18.37 20.43 -70.32
CA GLU M 182 -19.09 21.65 -70.71
C GLU M 182 -19.79 21.53 -72.05
N THR M 183 -19.44 20.55 -72.87
CA THR M 183 -20.06 20.43 -74.19
C THR M 183 -21.48 19.90 -74.07
N ARG M 184 -21.62 18.75 -73.56
CA ARG M 184 -22.96 18.20 -73.43
C ARG M 184 -23.49 18.42 -72.02
N PRO M 185 -24.79 18.55 -71.87
CA PRO M 185 -25.33 18.67 -70.51
C PRO M 185 -25.36 17.32 -69.83
N GLU M 186 -25.92 17.27 -68.63
CA GLU M 186 -26.13 15.99 -67.97
C GLU M 186 -27.09 15.16 -68.79
N GLN M 187 -26.64 14.02 -69.29
CA GLN M 187 -27.48 13.15 -70.11
C GLN M 187 -27.84 11.90 -69.31
N VAL M 188 -29.09 11.49 -69.40
CA VAL M 188 -29.55 10.24 -68.82
C VAL M 188 -29.93 9.30 -69.93
N VAL M 189 -29.64 8.02 -69.76
CA VAL M 189 -29.92 6.99 -70.76
C VAL M 189 -30.40 5.75 -70.04
N GLN M 190 -31.56 5.25 -70.43
CA GLN M 190 -32.03 3.99 -69.90
C GLN M 190 -31.31 2.82 -70.57
N ARG M 191 -31.04 1.79 -69.79
CA ARG M 191 -30.31 0.64 -70.32
C ARG M 191 -30.43 -0.54 -69.36
N GLU M 192 -30.85 -1.70 -69.87
CA GLU M 192 -30.90 -2.89 -69.04
C GLU M 192 -29.50 -3.27 -68.59
N HIS M 193 -29.42 -4.03 -67.51
CA HIS M 193 -28.16 -4.19 -66.83
C HIS M 193 -27.69 -5.63 -66.82
N PRO M 194 -26.40 -5.86 -66.62
CA PRO M 194 -25.89 -7.23 -66.46
C PRO M 194 -26.51 -7.90 -65.25
N ILE M 195 -27.16 -9.04 -65.49
CA ILE M 195 -27.76 -9.83 -64.43
C ILE M 195 -27.05 -11.17 -64.37
N SER M 196 -26.93 -11.71 -63.17
CA SER M 196 -26.17 -12.94 -62.97
C SER M 196 -26.88 -14.12 -63.61
N VAL M 197 -26.09 -15.02 -64.20
CA VAL M 197 -26.63 -16.20 -64.87
C VAL M 197 -27.09 -17.21 -63.83
N LEU M 198 -26.76 -16.95 -62.57
CA LEU M 198 -27.17 -17.86 -61.51
C LEU M 198 -28.67 -17.82 -61.27
N ARG M 199 -29.36 -16.81 -61.79
CA ARG M 199 -30.77 -16.59 -61.53
C ARG M 199 -31.62 -16.60 -62.80
N VAL M 200 -31.09 -17.12 -63.89
CA VAL M 200 -31.85 -17.25 -65.13
C VAL M 200 -31.75 -18.67 -65.64
N ARG M 201 -32.78 -19.10 -66.35
CA ARG M 201 -32.80 -20.40 -67.00
C ARG M 201 -33.41 -20.23 -68.39
N HIS M 202 -33.31 -21.27 -69.19
CA HIS M 202 -33.57 -21.18 -70.62
C HIS M 202 -35.02 -21.46 -70.96
N VAL M 203 -35.53 -20.75 -71.97
CA VAL M 203 -36.85 -20.99 -72.51
C VAL M 203 -36.71 -22.06 -73.59
N ASP M 204 -37.05 -23.30 -73.24
CA ASP M 204 -36.96 -24.41 -74.17
C ASP M 204 -37.85 -24.14 -75.38
N PRO M 205 -37.31 -24.15 -76.60
CA PRO M 205 -38.12 -23.80 -77.78
C PRO M 205 -39.36 -24.68 -77.98
N SER M 206 -39.52 -25.75 -77.21
CA SER M 206 -40.73 -26.57 -77.29
C SER M 206 -41.53 -26.53 -75.99
N THR M 207 -40.91 -26.90 -74.86
CA THR M 207 -41.63 -27.01 -73.60
C THR M 207 -41.78 -25.68 -72.88
N ASN M 208 -40.93 -24.70 -73.19
CA ASN M 208 -41.01 -23.37 -72.57
C ASN M 208 -41.04 -23.48 -71.05
N GLN M 209 -40.21 -24.35 -70.49
CA GLN M 209 -40.09 -24.53 -69.05
C GLN M 209 -38.62 -24.50 -68.64
N LEU M 210 -38.35 -24.89 -67.40
CA LEU M 210 -36.98 -25.03 -66.94
C LEU M 210 -36.28 -26.15 -67.71
N CYS M 211 -35.02 -25.91 -68.09
CA CYS M 211 -34.27 -26.90 -68.85
C CYS M 211 -32.79 -26.56 -68.75
N HIS M 212 -32.01 -27.46 -68.14
CA HIS M 212 -30.58 -27.30 -68.12
C HIS M 212 -30.00 -27.69 -69.48
N LEU M 213 -28.78 -27.25 -69.74
CA LEU M 213 -28.27 -27.35 -71.13
C LEU M 213 -26.78 -27.74 -71.06
N GLU M 214 -26.45 -28.96 -71.47
CA GLU M 214 -25.07 -29.43 -71.30
C GLU M 214 -24.41 -29.64 -72.65
N ILE M 215 -23.15 -29.23 -72.77
CA ILE M 215 -22.42 -29.54 -74.03
C ILE M 215 -22.42 -31.06 -74.06
N VAL M 216 -22.75 -31.65 -75.19
CA VAL M 216 -22.86 -33.13 -75.17
C VAL M 216 -22.00 -33.69 -76.29
N LYS M 217 -21.60 -34.95 -76.17
CA LYS M 217 -20.74 -35.61 -77.19
C LYS M 217 -21.43 -36.89 -77.64
N VAL M 218 -21.01 -37.46 -78.77
CA VAL M 218 -21.66 -38.68 -79.34
C VAL M 218 -22.72 -38.25 -80.35
N ARG M 219 -22.86 -39.06 -81.38
CA ARG M 219 -23.59 -38.84 -82.62
C ARG M 219 -24.98 -39.49 -82.51
N ASN M 220 -26.01 -38.79 -82.98
CA ASN M 220 -27.34 -39.38 -83.02
C ASN M 220 -27.90 -39.51 -84.41
N LYS M 221 -28.07 -38.39 -85.14
CA LYS M 221 -28.73 -38.38 -86.46
C LYS M 221 -27.90 -37.49 -87.39
N GLU M 222 -26.90 -38.07 -88.03
CA GLU M 222 -25.99 -37.35 -88.93
C GLU M 222 -25.62 -35.99 -88.36
N THR M 223 -24.92 -35.99 -87.24
CA THR M 223 -24.34 -34.76 -86.72
C THR M 223 -22.98 -34.53 -87.38
N GLY M 224 -22.75 -33.29 -87.81
CA GLY M 224 -21.60 -33.00 -88.66
C GLY M 224 -20.28 -33.46 -88.07
N GLU M 225 -20.01 -33.06 -86.82
CA GLU M 225 -18.88 -33.58 -86.07
C GLU M 225 -19.25 -34.82 -85.28
N LEU M 226 -20.40 -35.42 -85.58
CA LEU M 226 -20.91 -36.59 -84.86
C LEU M 226 -21.14 -36.26 -83.38
N GLU M 227 -21.78 -35.12 -83.14
CA GLU M 227 -21.92 -34.58 -81.79
C GLU M 227 -22.97 -33.50 -81.77
N GLU M 228 -23.80 -33.52 -80.72
CA GLU M 228 -24.72 -32.42 -80.43
C GLU M 228 -23.94 -31.33 -79.69
N ARG M 229 -24.49 -30.11 -79.67
CA ARG M 229 -23.71 -29.04 -79.06
C ARG M 229 -24.37 -28.37 -77.85
N ARG M 230 -25.66 -28.56 -77.64
CA ARG M 230 -26.28 -28.11 -76.39
C ARG M 230 -27.61 -28.84 -76.23
N ILE M 231 -27.67 -29.78 -75.30
CA ILE M 231 -28.78 -30.70 -75.22
C ILE M 231 -29.74 -30.25 -74.13
N SER M 232 -31.02 -30.20 -74.47
CA SER M 232 -32.07 -30.00 -73.49
C SER M 232 -32.47 -31.35 -72.91
N LEU M 233 -32.72 -31.36 -71.61
CA LEU M 233 -33.01 -32.64 -70.94
C LEU M 233 -34.46 -33.06 -71.11
N GLU M 234 -35.39 -32.12 -71.00
CA GLU M 234 -36.81 -32.47 -71.00
C GLU M 234 -37.27 -32.90 -72.40
N SER M 235 -37.23 -31.99 -73.36
CA SER M 235 -37.72 -32.33 -74.70
C SER M 235 -36.69 -33.13 -75.48
N GLY M 236 -35.42 -32.73 -75.40
CA GLY M 236 -34.36 -33.42 -76.08
C GLY M 236 -33.86 -32.78 -77.35
N ALA M 237 -34.57 -31.77 -77.87
CA ALA M 237 -34.10 -31.02 -79.01
C ALA M 237 -32.81 -30.32 -78.62
N LEU M 238 -31.71 -30.61 -79.32
CA LEU M 238 -30.46 -30.02 -78.91
C LEU M 238 -30.43 -28.55 -79.33
N LEU M 239 -29.26 -27.95 -79.14
CA LEU M 239 -28.98 -26.58 -79.56
C LEU M 239 -27.53 -26.52 -80.00
N PRO M 240 -27.18 -25.56 -80.85
CA PRO M 240 -25.79 -25.35 -81.20
C PRO M 240 -25.13 -24.40 -80.21
N ILE M 241 -23.81 -24.27 -80.36
CA ILE M 241 -23.03 -23.29 -79.61
C ILE M 241 -22.29 -22.43 -80.64
N PRO M 242 -22.77 -21.23 -80.89
CA PRO M 242 -22.22 -20.44 -82.00
C PRO M 242 -20.82 -19.95 -81.71
N ALA M 243 -20.29 -19.13 -82.60
CA ALA M 243 -19.00 -18.56 -82.32
C ALA M 243 -19.13 -17.07 -82.03
N PRO M 244 -18.43 -16.56 -81.02
CA PRO M 244 -18.33 -15.11 -80.87
C PRO M 244 -17.72 -14.51 -82.13
N GLU M 245 -18.10 -13.27 -82.41
CA GLU M 245 -17.74 -12.64 -83.67
C GLU M 245 -16.38 -11.96 -83.58
N GLU M 246 -15.56 -12.16 -84.61
CA GLU M 246 -14.34 -11.38 -84.78
C GLU M 246 -14.63 -10.15 -85.63
N THR M 247 -13.76 -9.16 -85.51
CA THR M 247 -13.97 -7.89 -86.19
C THR M 247 -13.76 -8.04 -87.69
N VAL M 248 -14.71 -7.52 -88.47
CA VAL M 248 -14.64 -7.60 -89.92
C VAL M 248 -13.99 -6.36 -90.51
N GLU M 249 -14.24 -5.18 -89.94
CA GLU M 249 -13.70 -3.93 -90.43
C GLU M 249 -12.47 -3.47 -89.68
N ALA M 250 -11.60 -4.41 -89.29
CA ALA M 250 -10.34 -4.07 -88.65
C ALA M 250 -9.20 -4.23 -89.65
N GLY M 251 -8.25 -3.30 -89.59
CA GLY M 251 -7.08 -3.37 -90.45
C GLY M 251 -6.58 -2.03 -90.92
N ASP M 252 -5.25 -1.86 -90.95
CA ASP M 252 -4.62 -0.65 -91.48
C ASP M 252 -3.92 -0.98 -92.78
N PRO M 253 -4.43 -0.55 -93.94
CA PRO M 253 -3.79 -0.91 -95.21
C PRO M 253 -2.38 -0.38 -95.36
N LEU M 254 -2.04 0.69 -94.64
CA LEU M 254 -0.69 1.23 -94.72
C LEU M 254 0.30 0.46 -93.85
N LYS M 255 -0.19 -0.43 -92.98
CA LYS M 255 0.70 -1.16 -92.08
C LYS M 255 0.38 -2.65 -91.98
N ASP M 256 -0.58 -3.15 -92.75
CA ASP M 256 -0.99 -4.55 -92.67
C ASP M 256 -0.52 -5.29 -93.91
N THR M 257 0.45 -6.18 -93.73
CA THR M 257 0.86 -7.10 -94.79
C THR M 257 -0.33 -7.93 -95.25
N ALA M 258 -0.59 -7.92 -96.55
CA ALA M 258 -1.70 -8.69 -97.09
C ALA M 258 -1.46 -10.18 -96.86
N ILE M 259 -2.54 -10.96 -96.95
CA ILE M 259 -2.48 -12.37 -96.61
C ILE M 259 -1.53 -13.15 -97.50
N GLN M 260 -1.09 -12.56 -98.62
CA GLN M 260 -0.22 -13.31 -99.53
C GLN M 260 1.25 -13.17 -99.18
N ASP M 261 1.69 -11.97 -98.81
CA ASP M 261 3.06 -11.82 -98.32
C ASP M 261 3.30 -12.57 -97.01
N ALA M 262 2.24 -13.00 -96.34
CA ALA M 262 2.34 -13.92 -95.23
C ALA M 262 2.19 -15.37 -95.68
N ASP M 263 2.09 -15.61 -96.98
CA ASP M 263 1.91 -16.96 -97.53
C ASP M 263 3.00 -17.33 -98.53
N GLU M 264 4.08 -16.56 -98.58
CA GLU M 264 5.17 -16.83 -99.51
C GLU M 264 6.24 -17.60 -98.76
N GLU M 265 6.20 -18.92 -98.87
CA GLU M 265 7.10 -19.79 -98.12
C GLU M 265 8.51 -19.68 -98.68
N THR M 266 9.38 -19.03 -97.94
CA THR M 266 10.78 -18.86 -98.32
C THR M 266 11.71 -19.77 -97.55
N TYR M 267 11.17 -20.71 -96.80
CA TYR M 267 11.93 -21.54 -95.86
C TYR M 267 12.33 -22.82 -96.58
N ASP M 268 13.48 -22.79 -97.26
CA ASP M 268 14.07 -23.98 -97.87
C ASP M 268 15.01 -24.60 -96.85
N ARG M 269 14.52 -25.58 -96.12
CA ARG M 269 15.30 -26.12 -95.02
C ARG M 269 16.49 -26.95 -95.48
N GLU M 270 16.73 -27.05 -96.79
CA GLU M 270 17.82 -27.84 -97.33
C GLU M 270 19.04 -27.02 -97.69
N LYS M 271 19.04 -25.73 -97.36
CA LYS M 271 20.24 -24.91 -97.53
C LYS M 271 20.51 -24.03 -96.32
N GLU M 272 19.69 -24.11 -95.27
CA GLU M 272 19.90 -23.38 -94.03
C GLU M 272 20.09 -24.32 -92.84
N MET M 273 19.28 -25.35 -92.72
CA MET M 273 19.45 -26.32 -91.66
C MET M 273 20.75 -27.11 -91.85
N PRO M 274 21.10 -27.52 -93.07
CA PRO M 274 22.46 -28.01 -93.28
C PRO M 274 23.54 -26.98 -92.98
N LEU M 275 23.19 -25.69 -92.96
CA LEU M 275 24.16 -24.68 -92.56
C LEU M 275 24.17 -24.47 -91.05
N LEU M 276 23.01 -24.53 -90.40
CA LEU M 276 22.97 -24.44 -88.95
C LEU M 276 23.84 -25.52 -88.32
N VAL M 277 23.66 -26.77 -88.74
CA VAL M 277 24.39 -27.88 -88.16
C VAL M 277 25.90 -27.73 -88.33
N VAL M 278 26.35 -26.89 -89.26
CA VAL M 278 27.77 -26.58 -89.33
C VAL M 278 28.14 -25.56 -88.28
N ARG M 279 27.31 -24.54 -88.10
CA ARG M 279 27.59 -23.54 -87.07
C ARG M 279 27.60 -24.15 -85.68
N ARG M 280 26.82 -25.21 -85.48
CA ARG M 280 26.82 -25.90 -84.18
C ARG M 280 28.00 -26.85 -84.07
N LEU M 281 28.21 -27.68 -85.09
CA LEU M 281 29.23 -28.73 -84.99
C LEU M 281 30.64 -28.15 -84.92
N GLN M 282 30.88 -27.01 -85.57
CA GLN M 282 32.17 -26.35 -85.42
C GLN M 282 32.46 -26.03 -83.97
N ALA M 283 31.46 -25.57 -83.23
CA ALA M 283 31.67 -25.19 -81.83
C ALA M 283 31.92 -26.42 -80.96
N MET M 284 31.18 -27.50 -81.21
CA MET M 284 31.38 -28.72 -80.43
C MET M 284 32.76 -29.30 -80.71
N GLU M 285 33.11 -29.45 -81.98
CA GLU M 285 34.42 -29.97 -82.34
C GLU M 285 35.55 -29.10 -81.82
N ASN M 286 35.25 -27.85 -81.45
CA ASN M 286 36.31 -26.96 -80.97
C ASN M 286 36.60 -27.21 -79.50
N TYR M 287 35.60 -27.03 -78.64
CA TYR M 287 35.85 -27.17 -77.21
C TYR M 287 36.31 -28.58 -76.88
N PHE M 288 35.79 -29.59 -77.58
CA PHE M 288 36.20 -30.95 -77.28
C PHE M 288 37.71 -31.12 -77.47
N VAL M 289 38.21 -30.78 -78.66
CA VAL M 289 39.65 -30.84 -78.86
C VAL M 289 40.34 -29.78 -78.02
N ASP M 290 39.66 -28.68 -77.71
CA ASP M 290 40.20 -27.73 -76.75
C ASP M 290 40.11 -28.24 -75.33
N SER M 291 39.30 -29.26 -75.08
CA SER M 291 39.30 -29.93 -73.80
C SER M 291 40.39 -30.98 -73.71
N LEU M 292 41.24 -31.06 -74.72
CA LEU M 292 42.39 -31.94 -74.73
C LEU M 292 43.69 -31.20 -74.41
N GLN M 293 43.59 -29.93 -74.00
CA GLN M 293 44.74 -29.22 -73.46
C GLN M 293 45.22 -29.89 -72.17
N LYS M 294 44.42 -29.86 -71.10
CA LYS M 294 44.82 -30.53 -69.88
C LYS M 294 44.98 -32.02 -70.09
N SER M 295 44.25 -32.58 -71.04
CA SER M 295 44.49 -33.97 -71.38
C SER M 295 45.86 -34.15 -72.00
N HIS M 296 46.43 -33.10 -72.60
CA HIS M 296 47.77 -33.19 -73.15
C HIS M 296 48.77 -32.35 -72.36
N GLU M 297 48.50 -31.06 -72.16
CA GLU M 297 49.46 -30.20 -71.47
C GLU M 297 49.68 -30.58 -70.03
N TYR M 298 48.88 -31.49 -69.47
CA TYR M 298 49.12 -32.01 -68.13
C TYR M 298 49.52 -33.47 -68.12
N HIS M 299 48.96 -34.27 -69.02
CA HIS M 299 49.28 -35.69 -69.01
C HIS M 299 50.59 -36.00 -69.73
N LYS M 300 50.93 -35.22 -70.75
CA LYS M 300 52.19 -35.46 -71.45
C LYS M 300 53.36 -35.40 -70.49
N ALA M 301 53.30 -34.50 -69.51
CA ALA M 301 54.39 -34.38 -68.55
C ALA M 301 54.52 -35.62 -67.70
N LEU M 302 53.41 -36.28 -67.37
CA LEU M 302 53.51 -37.46 -66.55
C LEU M 302 54.13 -38.62 -67.30
N GLN M 303 53.59 -38.96 -68.47
CA GLN M 303 54.15 -40.04 -69.28
C GLN M 303 55.60 -39.80 -69.67
N MET M 304 56.11 -38.58 -69.50
CA MET M 304 57.53 -38.35 -69.64
C MET M 304 58.30 -38.98 -68.49
N ARG M 305 57.88 -38.71 -67.25
CA ARG M 305 58.49 -39.38 -66.11
C ARG M 305 58.36 -40.89 -66.18
N ASN M 306 57.60 -41.40 -67.14
CA ASN M 306 57.62 -42.82 -67.45
C ASN M 306 58.60 -43.12 -68.56
N ALA M 307 58.48 -42.43 -69.70
CA ALA M 307 59.41 -42.60 -70.79
C ALA M 307 60.80 -42.11 -70.45
N GLN M 308 60.96 -41.32 -69.40
CA GLN M 308 62.28 -41.02 -68.88
C GLN M 308 62.74 -42.07 -67.87
N ASP M 309 61.86 -42.98 -67.48
CA ASP M 309 62.23 -44.06 -66.58
C ASP M 309 62.69 -45.30 -67.34
N MET M 310 62.02 -45.65 -68.43
CA MET M 310 62.51 -46.73 -69.25
C MET M 310 63.92 -46.44 -69.74
N GLN M 311 64.19 -45.19 -70.09
CA GLN M 311 65.54 -44.82 -70.50
C GLN M 311 66.54 -45.07 -69.39
N THR M 312 66.28 -44.52 -68.20
CA THR M 312 67.19 -44.73 -67.08
C THR M 312 67.07 -46.11 -66.48
N PHE M 313 66.12 -46.92 -66.93
CA PHE M 313 66.13 -48.34 -66.58
C PHE M 313 66.91 -49.15 -67.61
N GLN M 314 66.81 -48.78 -68.88
CA GLN M 314 67.64 -49.41 -69.90
C GLN M 314 69.11 -49.18 -69.62
N LYS M 315 69.47 -47.96 -69.18
CA LYS M 315 70.87 -47.65 -68.95
C LYS M 315 71.44 -48.48 -67.81
N ASP M 316 70.71 -48.59 -66.70
CA ASP M 316 71.27 -49.21 -65.51
C ASP M 316 71.70 -50.63 -65.77
N VAL M 317 70.81 -51.44 -66.36
CA VAL M 317 71.17 -52.83 -66.65
C VAL M 317 72.48 -52.88 -67.41
N LEU M 318 72.65 -52.00 -68.39
CA LEU M 318 73.88 -51.96 -69.16
C LEU M 318 75.06 -51.47 -68.33
N VAL M 319 74.81 -50.87 -67.17
CA VAL M 319 75.88 -50.51 -66.25
C VAL M 319 75.87 -51.36 -64.99
N ARG M 320 74.88 -52.22 -64.80
CA ARG M 320 74.89 -53.15 -63.69
C ARG M 320 75.36 -54.54 -64.09
N ALA M 321 75.05 -54.97 -65.31
CA ALA M 321 75.52 -56.27 -65.76
C ALA M 321 77.04 -56.34 -65.76
N THR M 322 77.71 -55.20 -65.97
CA THR M 322 79.16 -55.18 -65.89
C THR M 322 79.65 -55.63 -64.53
N GLU M 323 79.11 -55.04 -63.46
CA GLU M 323 79.46 -55.47 -62.11
C GLU M 323 79.07 -56.91 -61.87
N LYS M 324 78.18 -57.47 -62.69
CA LYS M 324 77.84 -58.87 -62.54
C LYS M 324 78.89 -59.79 -63.19
N LEU M 325 79.92 -59.22 -63.80
CA LEU M 325 80.98 -60.03 -64.35
C LEU M 325 82.12 -60.21 -63.34
N PHE N 10 23.95 -67.75 22.08
CA PHE N 10 24.76 -66.92 22.98
C PHE N 10 23.99 -65.69 23.44
N SER N 11 24.00 -64.64 22.63
CA SER N 11 23.60 -63.32 23.12
C SER N 11 23.16 -62.46 21.94
N THR N 12 23.13 -61.13 22.16
CA THR N 12 22.59 -60.17 21.20
C THR N 12 23.04 -60.41 19.77
N PHE N 13 24.19 -61.03 19.56
CA PHE N 13 24.71 -61.28 18.21
C PHE N 13 24.25 -62.65 17.72
N ALA N 14 23.00 -62.99 18.03
CA ALA N 14 22.50 -64.36 18.05
C ALA N 14 22.71 -65.16 16.76
N LEU N 15 21.98 -64.80 15.70
CA LEU N 15 22.00 -65.58 14.46
C LEU N 15 21.61 -67.04 14.70
N ASN N 16 20.46 -67.25 15.36
CA ASN N 16 19.97 -68.58 15.63
C ASN N 16 19.53 -69.27 14.33
N PRO N 17 19.06 -70.54 14.40
CA PRO N 17 18.50 -71.19 13.20
C PRO N 17 17.44 -70.40 12.44
N GLU N 18 16.90 -69.33 13.02
CA GLU N 18 15.95 -68.50 12.30
C GLU N 18 16.66 -67.64 11.25
N THR N 19 15.97 -67.34 10.15
CA THR N 19 16.58 -66.78 8.96
C THR N 19 16.22 -65.31 8.78
N SER N 20 16.87 -64.66 7.81
CA SER N 20 16.61 -63.27 7.43
C SER N 20 15.60 -63.15 6.29
N ARG N 21 15.17 -64.28 5.76
CA ARG N 21 13.86 -64.46 5.15
C ARG N 21 13.67 -63.91 3.74
N ALA N 22 14.39 -62.85 3.37
CA ALA N 22 14.67 -62.47 1.99
C ALA N 22 15.52 -61.22 2.03
N PRO N 23 16.74 -61.25 2.61
CA PRO N 23 17.32 -60.00 3.14
C PRO N 23 17.24 -58.81 2.21
N HIS N 24 17.60 -59.04 0.92
CA HIS N 24 17.60 -57.93 -0.09
C HIS N 24 17.45 -58.29 -1.58
N GLY N 25 18.53 -58.16 -2.38
CA GLY N 25 18.44 -58.28 -3.85
C GLY N 25 17.85 -59.59 -4.32
N PRO N 26 16.88 -59.59 -5.25
CA PRO N 26 16.19 -60.81 -5.67
C PRO N 26 17.03 -61.71 -6.58
N PRO N 27 16.75 -63.02 -6.70
CA PRO N 27 17.61 -63.90 -7.49
C PRO N 27 17.65 -63.51 -8.97
N ARG N 28 16.52 -63.30 -9.62
CA ARG N 28 16.64 -62.81 -11.02
C ARG N 28 15.92 -61.49 -11.15
N GLY N 29 15.39 -61.01 -10.04
CA GLY N 29 14.78 -59.67 -10.09
C GLY N 29 15.87 -58.78 -10.58
N LEU N 30 17.09 -59.08 -10.16
CA LEU N 30 18.21 -58.32 -10.71
C LEU N 30 19.34 -59.22 -11.18
N ILE N 31 19.77 -60.16 -10.35
CA ILE N 31 21.02 -60.92 -10.67
C ILE N 31 20.96 -61.65 -12.01
N ASN N 32 19.89 -62.36 -12.34
CA ASN N 32 19.81 -62.99 -13.69
C ASN N 32 19.65 -61.93 -14.78
N ARG N 33 18.89 -60.87 -14.53
CA ARG N 33 18.62 -59.86 -15.58
C ARG N 33 19.93 -59.19 -15.97
N TYR N 34 20.81 -58.98 -14.98
CA TYR N 34 22.13 -58.37 -15.25
C TYR N 34 23.04 -59.42 -15.86
N ILE N 35 23.10 -60.60 -15.26
CA ILE N 35 24.01 -61.59 -15.80
C ILE N 35 23.72 -61.85 -17.27
N SER N 36 22.45 -61.83 -17.64
CA SER N 36 22.02 -62.09 -19.00
C SER N 36 22.18 -60.90 -19.92
N MET N 37 22.92 -59.87 -19.50
CA MET N 37 23.17 -58.74 -20.38
C MET N 37 24.62 -58.27 -20.31
N GLY N 38 25.51 -59.04 -19.72
CA GLY N 38 26.91 -58.72 -19.73
C GLY N 38 27.44 -58.05 -18.49
N LEU N 39 26.74 -58.15 -17.37
CA LEU N 39 27.17 -57.52 -16.14
C LEU N 39 27.21 -58.53 -15.00
N PRO N 40 28.06 -58.30 -14.00
CA PRO N 40 28.20 -59.26 -12.94
C PRO N 40 27.04 -59.15 -11.96
N PRO N 41 26.87 -60.14 -11.08
CA PRO N 41 25.76 -60.07 -10.13
C PRO N 41 25.81 -58.87 -9.23
N TRP N 42 27.01 -58.41 -8.87
CA TRP N 42 27.11 -57.25 -7.99
C TRP N 42 26.75 -55.97 -8.70
N ALA N 43 26.43 -56.01 -10.00
CA ALA N 43 25.98 -54.79 -10.66
C ALA N 43 24.56 -54.43 -10.29
N ALA N 44 23.83 -55.34 -9.64
CA ALA N 44 22.46 -55.04 -9.27
C ALA N 44 22.41 -53.92 -8.24
N TRP N 45 23.44 -53.83 -7.40
CA TRP N 45 23.48 -52.81 -6.36
C TRP N 45 23.91 -51.49 -6.98
N CYS N 46 23.21 -51.08 -8.02
CA CYS N 46 23.31 -49.75 -8.58
C CYS N 46 22.32 -48.84 -7.89
N ASN N 47 22.52 -47.54 -8.03
CA ASN N 47 21.71 -46.59 -7.28
C ASN N 47 20.28 -46.55 -7.82
N ARG N 48 20.13 -46.26 -9.10
CA ARG N 48 18.82 -46.16 -9.71
C ARG N 48 18.89 -46.69 -11.13
N VAL N 49 17.74 -47.12 -11.63
CA VAL N 49 17.65 -47.67 -12.98
C VAL N 49 16.23 -47.46 -13.49
N ASN N 50 16.11 -46.93 -14.70
CA ASN N 50 14.87 -46.94 -15.46
C ASN N 50 15.20 -47.43 -16.86
N ARG N 51 14.15 -47.67 -17.65
CA ARG N 51 14.31 -48.38 -18.91
C ARG N 51 15.38 -47.76 -19.79
N HIS N 52 15.60 -46.46 -19.68
CA HIS N 52 16.71 -45.85 -20.40
C HIS N 52 18.02 -45.93 -19.64
N ALA N 53 17.99 -46.02 -18.31
CA ALA N 53 19.25 -46.25 -17.63
C ALA N 53 19.77 -47.64 -17.88
N LEU N 54 18.88 -48.62 -18.05
CA LEU N 54 19.31 -49.95 -18.42
C LEU N 54 19.93 -49.95 -19.80
N TYR N 55 19.33 -49.21 -20.74
CA TYR N 55 19.89 -49.10 -22.08
C TYR N 55 21.32 -48.59 -22.04
N ARG N 56 21.66 -47.80 -21.04
CA ARG N 56 23.02 -47.29 -20.92
C ARG N 56 23.94 -48.31 -20.27
N MET N 57 23.42 -49.17 -19.40
CA MET N 57 24.26 -50.15 -18.75
C MET N 57 24.58 -51.31 -19.68
N SER N 58 23.64 -51.70 -20.54
CA SER N 58 23.88 -52.80 -21.45
C SER N 58 24.92 -52.48 -22.52
N ASP N 59 25.33 -51.21 -22.62
CA ASP N 59 26.43 -50.82 -23.52
C ASP N 59 26.12 -51.18 -24.96
N VAL N 60 24.86 -51.05 -25.35
CA VAL N 60 24.44 -51.39 -26.70
C VAL N 60 25.14 -50.49 -27.71
N SER N 61 25.36 -49.23 -27.33
CA SER N 61 26.04 -48.27 -28.18
C SER N 61 26.98 -47.47 -27.29
N PRO N 62 28.29 -47.57 -27.47
CA PRO N 62 29.22 -46.88 -26.58
C PRO N 62 28.97 -45.38 -26.56
N ARG N 63 29.07 -44.80 -25.37
CA ARG N 63 28.87 -43.36 -25.17
C ARG N 63 30.21 -42.63 -25.10
N SER N 64 30.93 -42.68 -26.21
CA SER N 64 32.23 -42.04 -26.30
C SER N 64 32.40 -41.52 -27.72
N PHE N 65 33.31 -40.57 -27.89
CA PHE N 65 33.46 -39.94 -29.19
C PHE N 65 34.94 -39.81 -29.54
N LEU N 66 35.19 -39.20 -30.67
CA LEU N 66 36.49 -38.95 -31.25
C LEU N 66 36.85 -37.49 -31.08
N PRO N 67 38.11 -37.15 -30.83
CA PRO N 67 38.43 -35.73 -30.61
C PRO N 67 38.18 -34.88 -31.82
N LYS N 68 38.48 -35.38 -33.01
CA LYS N 68 38.24 -34.66 -34.25
C LYS N 68 37.35 -35.51 -35.15
N ALA N 69 36.84 -34.88 -36.21
CA ALA N 69 36.09 -35.62 -37.20
C ALA N 69 36.97 -36.72 -37.77
N PRO N 70 36.39 -37.87 -38.14
CA PRO N 70 37.23 -38.99 -38.58
C PRO N 70 38.10 -38.66 -39.77
N HIS N 71 37.53 -37.99 -40.78
CA HIS N 71 38.26 -37.69 -42.01
C HIS N 71 39.47 -36.79 -41.78
N GLU N 72 39.61 -36.18 -40.61
CA GLU N 72 40.69 -35.25 -40.35
C GLU N 72 41.51 -35.59 -39.13
N MET N 73 41.27 -36.74 -38.50
CA MET N 73 42.10 -37.16 -37.38
C MET N 73 43.53 -37.40 -37.86
N ASP N 74 44.49 -37.13 -36.99
CA ASP N 74 45.90 -37.27 -37.34
C ASP N 74 46.62 -38.29 -36.49
N VAL N 75 46.50 -38.21 -35.17
CA VAL N 75 47.12 -39.20 -34.30
C VAL N 75 46.41 -40.53 -34.47
N ILE N 76 47.18 -41.59 -34.69
CA ILE N 76 46.60 -42.89 -35.01
C ILE N 76 45.89 -43.43 -33.77
N TRP N 77 44.58 -43.59 -33.84
CA TRP N 77 43.78 -44.18 -32.78
C TRP N 77 43.20 -45.48 -33.30
N MET N 78 43.64 -46.60 -32.72
CA MET N 78 43.23 -47.90 -33.25
C MET N 78 41.80 -48.24 -32.86
N ASN N 79 41.55 -48.41 -31.57
CA ASN N 79 40.21 -48.64 -31.05
C ASN N 79 39.93 -47.75 -29.86
N GLU N 80 40.64 -46.63 -29.76
CA GLU N 80 40.50 -45.73 -28.62
C GLU N 80 39.58 -44.59 -28.99
N ARG N 81 38.74 -44.22 -28.06
CA ARG N 81 37.93 -43.01 -28.15
C ARG N 81 37.94 -42.36 -26.78
N VAL N 82 37.68 -41.06 -26.74
CA VAL N 82 37.67 -40.37 -25.46
C VAL N 82 36.45 -40.81 -24.68
N ARG N 83 36.67 -41.42 -23.53
CA ARG N 83 35.60 -41.99 -22.73
C ARG N 83 35.55 -41.27 -21.39
N GLU N 84 34.38 -40.79 -21.02
CA GLU N 84 34.26 -40.15 -19.73
C GLU N 84 34.29 -41.19 -18.61
N ARG N 85 34.75 -40.76 -17.44
CA ARG N 85 34.75 -41.61 -16.26
C ARG N 85 33.89 -40.94 -15.20
N VAL N 86 33.03 -41.72 -14.57
CA VAL N 86 32.09 -41.23 -13.58
C VAL N 86 32.42 -41.84 -12.24
N ARG N 87 32.81 -41.01 -11.28
CA ARG N 87 33.01 -41.41 -9.90
C ARG N 87 32.11 -40.56 -9.02
N THR N 88 31.52 -41.19 -8.02
CA THR N 88 30.44 -40.58 -7.25
C THR N 88 31.01 -39.74 -6.10
N SER N 89 30.15 -39.39 -5.14
CA SER N 89 30.58 -38.68 -3.95
C SER N 89 30.77 -39.67 -2.80
N ARG N 90 31.18 -39.15 -1.64
CA ARG N 90 31.29 -39.98 -0.44
C ARG N 90 29.95 -40.57 -0.03
N GLN N 91 28.89 -40.10 -0.65
CA GLN N 91 27.54 -40.64 -0.52
C GLN N 91 27.01 -40.70 -1.94
N VAL N 92 25.71 -40.85 -2.11
CA VAL N 92 25.19 -40.99 -3.46
C VAL N 92 24.39 -39.75 -3.83
N GLN N 93 24.86 -38.59 -3.38
CA GLN N 93 24.16 -37.34 -3.67
C GLN N 93 24.46 -36.84 -5.08
N HIS N 94 25.70 -36.97 -5.54
CA HIS N 94 26.11 -36.38 -6.80
C HIS N 94 27.28 -37.17 -7.37
N VAL N 95 27.57 -36.94 -8.65
CA VAL N 95 28.67 -37.62 -9.31
C VAL N 95 29.55 -36.59 -10.01
N TYR N 96 30.82 -36.92 -10.15
CA TYR N 96 31.74 -36.12 -10.95
C TYR N 96 32.04 -36.84 -12.25
N ARG N 97 32.25 -36.06 -13.30
CA ARG N 97 32.50 -36.58 -14.63
C ARG N 97 33.77 -35.98 -15.19
N GLN N 98 34.49 -36.76 -16.00
CA GLN N 98 35.77 -36.34 -16.55
C GLN N 98 36.11 -37.23 -17.73
N LEU N 99 36.54 -36.61 -18.83
CA LEU N 99 36.94 -37.38 -19.99
C LEU N 99 38.30 -38.03 -19.76
N LYS N 100 38.43 -39.26 -20.23
CA LYS N 100 39.67 -40.03 -20.09
C LYS N 100 40.23 -40.32 -21.47
N TYR N 101 41.48 -39.94 -21.68
CA TYR N 101 42.15 -39.99 -22.96
C TYR N 101 43.11 -41.16 -23.04
N PRO N 102 43.55 -41.53 -24.24
CA PRO N 102 44.60 -42.54 -24.34
C PRO N 102 45.98 -41.90 -24.29
N PHE N 103 46.98 -42.76 -24.12
CA PHE N 103 48.38 -42.37 -24.17
C PHE N 103 48.80 -42.26 -25.62
N VAL N 104 49.35 -41.11 -26.01
CA VAL N 104 49.78 -40.90 -27.39
C VAL N 104 51.30 -40.87 -27.38
N LYS N 105 51.91 -42.02 -27.63
CA LYS N 105 53.35 -42.13 -27.67
C LYS N 105 53.88 -41.66 -29.00
N THR N 106 54.84 -40.75 -28.97
CA THR N 106 55.52 -40.38 -30.20
C THR N 106 56.20 -41.60 -30.78
N GLY N 107 55.67 -42.10 -31.89
CA GLY N 107 56.16 -43.36 -32.40
C GLY N 107 57.34 -43.19 -33.33
N ILE N 108 58.55 -43.33 -32.79
CA ILE N 108 59.76 -43.32 -33.59
C ILE N 108 59.99 -44.76 -34.03
N HIS N 109 59.46 -45.10 -35.20
CA HIS N 109 59.58 -46.46 -35.71
C HIS N 109 60.44 -46.44 -36.96
N TYR N 110 61.35 -47.41 -37.05
CA TYR N 110 62.19 -47.57 -38.23
C TYR N 110 61.46 -48.43 -39.24
N SER N 111 61.15 -47.86 -40.38
CA SER N 111 60.52 -48.58 -41.48
C SER N 111 61.59 -49.06 -42.44
N ASP N 112 61.52 -50.33 -42.82
CA ASP N 112 62.54 -50.90 -43.69
C ASP N 112 62.39 -50.38 -45.11
N THR N 113 61.16 -50.27 -45.61
CA THR N 113 60.94 -50.00 -47.02
C THR N 113 61.66 -48.73 -47.46
N LEU N 114 61.45 -47.64 -46.73
CA LEU N 114 62.22 -46.41 -46.94
C LEU N 114 63.24 -46.33 -45.81
N ASP N 115 64.51 -46.48 -46.16
CA ASP N 115 65.53 -46.65 -45.12
C ASP N 115 65.74 -45.38 -44.33
N HIS N 116 64.95 -45.20 -43.29
CA HIS N 116 65.08 -44.06 -42.39
C HIS N 116 64.13 -44.30 -41.22
N TRP N 117 64.27 -43.46 -40.21
CA TRP N 117 63.23 -43.46 -39.18
C TRP N 117 62.01 -42.71 -39.70
N VAL N 118 60.90 -42.89 -39.01
CA VAL N 118 59.70 -42.11 -39.29
C VAL N 118 58.91 -41.96 -38.01
N GLN N 119 58.69 -40.72 -37.58
CA GLN N 119 58.08 -40.45 -36.29
C GLN N 119 56.64 -40.01 -36.54
N VAL N 120 55.73 -40.98 -36.48
CA VAL N 120 54.29 -40.72 -36.47
C VAL N 120 53.82 -40.85 -35.03
N PRO N 121 52.83 -40.09 -34.61
CA PRO N 121 52.32 -40.26 -33.25
C PRO N 121 51.25 -41.35 -33.18
N MET N 122 51.37 -42.25 -32.22
CA MET N 122 50.48 -43.39 -32.11
C MET N 122 50.08 -43.58 -30.67
N VAL N 123 49.01 -44.36 -30.47
CA VAL N 123 48.42 -44.56 -29.16
C VAL N 123 49.25 -45.55 -28.36
N GLU N 124 48.92 -45.71 -27.08
CA GLU N 124 49.56 -46.74 -26.28
C GLU N 124 49.43 -48.12 -26.92
N ALA N 125 48.37 -48.33 -27.70
CA ALA N 125 48.03 -49.63 -28.27
C ALA N 125 48.64 -49.86 -29.63
N ALA N 126 48.73 -48.83 -30.46
CA ALA N 126 49.35 -48.98 -31.77
C ALA N 126 50.84 -49.26 -31.67
N MET N 127 51.43 -49.08 -30.50
CA MET N 127 52.79 -49.55 -30.28
C MET N 127 52.87 -51.06 -30.20
N PHE N 128 51.76 -51.73 -29.87
CA PHE N 128 51.72 -53.18 -29.83
C PHE N 128 51.15 -53.79 -31.09
N GLU N 129 50.33 -53.05 -31.83
CA GLU N 129 49.83 -53.56 -33.10
C GLU N 129 50.94 -53.73 -34.13
N ILE N 130 52.10 -53.15 -33.89
CA ILE N 130 53.18 -53.22 -34.87
C ILE N 130 53.91 -54.55 -34.77
N GLU N 131 54.33 -54.93 -33.56
CA GLU N 131 55.08 -56.15 -33.38
C GLU N 131 54.32 -57.36 -33.91
N LYS N 132 53.07 -57.53 -33.46
CA LYS N 132 52.25 -58.62 -33.94
C LYS N 132 51.91 -58.52 -35.42
N ASP N 133 52.24 -57.40 -36.07
CA ASP N 133 51.95 -57.24 -37.49
C ASP N 133 53.20 -57.27 -38.37
N GLY N 134 54.39 -57.20 -37.79
CA GLY N 134 55.62 -57.39 -38.54
C GLY N 134 56.48 -56.17 -38.68
N GLY N 135 56.00 -54.98 -38.36
CA GLY N 135 56.78 -53.78 -38.47
C GLY N 135 55.87 -52.61 -38.76
N PHE N 136 56.48 -51.51 -39.22
CA PHE N 136 55.69 -50.34 -39.57
C PHE N 136 55.13 -50.41 -40.98
N ASP N 137 55.55 -51.37 -41.79
CA ASP N 137 54.99 -51.44 -43.13
C ASP N 137 53.64 -52.14 -43.12
N ASN N 138 53.55 -53.33 -42.52
CA ASN N 138 52.29 -54.06 -42.55
C ASN N 138 51.21 -53.31 -41.76
N PHE N 139 51.57 -52.80 -40.59
CA PHE N 139 50.59 -52.14 -39.74
C PHE N 139 49.91 -50.98 -40.45
N ILE N 140 50.55 -50.42 -41.47
CA ILE N 140 49.91 -49.36 -42.25
C ILE N 140 49.10 -49.95 -43.38
N LEU N 141 49.69 -50.85 -44.16
CA LEU N 141 49.02 -51.37 -45.35
C LEU N 141 47.92 -52.38 -45.00
N LYS N 142 47.97 -53.00 -43.83
CA LYS N 142 46.91 -53.91 -43.43
C LYS N 142 45.61 -53.16 -43.23
N ARG N 143 45.62 -52.16 -42.34
CA ARG N 143 44.48 -51.27 -42.19
C ARG N 143 44.23 -50.51 -43.49
N SER N 144 43.05 -49.92 -43.62
CA SER N 144 42.69 -49.30 -44.88
C SER N 144 41.75 -48.14 -44.63
N GLY N 145 42.26 -46.92 -44.80
CA GLY N 145 41.43 -45.73 -44.80
C GLY N 145 40.61 -45.59 -43.53
N PRO N 146 39.31 -45.83 -43.64
CA PRO N 146 38.45 -45.78 -42.46
C PRO N 146 38.94 -46.61 -41.27
N GLU N 147 39.68 -47.70 -41.52
CA GLU N 147 40.27 -48.45 -40.42
C GLU N 147 41.42 -47.66 -39.79
N LEU N 148 42.28 -47.09 -40.62
CA LEU N 148 43.41 -46.28 -40.15
C LEU N 148 43.03 -44.82 -40.30
N ARG N 149 42.34 -44.31 -39.28
CA ARG N 149 41.67 -43.02 -39.40
C ARG N 149 42.62 -41.86 -39.67
N SER N 150 43.90 -42.03 -39.41
CA SER N 150 44.82 -40.91 -39.45
C SER N 150 44.92 -40.32 -40.85
N THR N 151 45.44 -39.09 -40.91
CA THR N 151 45.87 -38.50 -42.16
C THR N 151 47.37 -38.60 -42.37
N TYR N 152 48.13 -38.92 -41.31
CA TYR N 152 49.52 -39.30 -41.49
C TYR N 152 49.62 -40.68 -42.12
N GLY N 153 48.56 -41.47 -41.97
CA GLY N 153 48.48 -42.77 -42.58
C GLY N 153 48.17 -42.69 -44.06
N GLU N 154 48.30 -41.50 -44.62
CA GLU N 154 48.33 -41.32 -46.06
C GLU N 154 49.64 -40.72 -46.54
N ARG N 155 50.16 -39.70 -45.86
CA ARG N 155 51.48 -39.20 -46.20
C ARG N 155 52.52 -40.32 -46.18
N ILE N 156 52.31 -41.35 -45.36
CA ILE N 156 53.32 -42.37 -45.19
C ILE N 156 52.91 -43.63 -45.95
N ARG N 157 51.61 -43.86 -46.11
CA ARG N 157 51.20 -45.05 -46.85
C ARG N 157 51.47 -44.86 -48.33
N ARG N 158 51.15 -43.68 -48.86
CA ARG N 158 51.51 -43.40 -50.25
C ARG N 158 53.01 -43.36 -50.46
N HIS N 159 53.80 -43.49 -49.39
CA HIS N 159 55.25 -43.59 -49.49
C HIS N 159 55.72 -45.03 -49.48
N LEU N 160 55.19 -45.86 -48.57
CA LEU N 160 55.53 -47.28 -48.59
C LEU N 160 55.13 -47.90 -49.92
N LEU N 161 53.92 -47.59 -50.40
CA LEU N 161 53.45 -48.18 -51.65
C LEU N 161 54.38 -47.85 -52.80
N VAL N 162 54.77 -46.59 -52.94
CA VAL N 162 55.68 -46.22 -54.02
C VAL N 162 57.08 -46.72 -53.72
N ARG N 163 57.41 -46.92 -52.44
CA ARG N 163 58.72 -47.46 -52.11
C ARG N 163 58.75 -48.97 -52.27
N GLN N 164 57.61 -49.63 -52.16
CA GLN N 164 57.56 -51.06 -52.45
C GLN N 164 57.45 -51.30 -53.95
N LYS N 165 56.67 -50.48 -54.65
CA LYS N 165 56.57 -50.60 -56.10
C LYS N 165 57.93 -50.42 -56.76
N GLU N 166 58.82 -49.67 -56.12
CA GLU N 166 60.17 -49.54 -56.64
C GLU N 166 61.00 -50.77 -56.30
N THR N 167 60.92 -51.23 -55.06
CA THR N 167 61.69 -52.40 -54.64
C THR N 167 61.48 -53.57 -55.58
N GLN N 168 60.27 -53.73 -56.11
CA GLN N 168 60.01 -54.73 -57.13
C GLN N 168 60.40 -54.27 -58.53
N LYS N 169 60.94 -53.07 -58.67
CA LYS N 169 61.56 -52.68 -59.92
C LYS N 169 63.06 -52.88 -59.87
N ASN N 170 63.69 -52.50 -58.75
CA ASN N 170 65.10 -52.77 -58.59
C ASN N 170 65.36 -54.27 -58.65
N PHE N 171 64.38 -55.08 -58.28
CA PHE N 171 64.55 -56.52 -58.33
C PHE N 171 64.59 -57.02 -59.78
N VAL N 172 63.54 -56.74 -60.54
CA VAL N 172 63.51 -57.14 -61.95
C VAL N 172 64.67 -56.51 -62.70
N LEU N 173 65.10 -55.31 -62.27
CA LEU N 173 66.30 -54.69 -62.81
C LEU N 173 67.53 -55.59 -62.68
N ASP N 174 67.50 -56.55 -61.76
CA ASP N 174 68.60 -57.50 -61.59
C ASP N 174 68.37 -58.79 -62.36
N GLN N 175 67.15 -59.33 -62.30
CA GLN N 175 66.84 -60.48 -63.14
C GLN N 175 66.90 -60.11 -64.61
N GLN N 176 66.72 -58.83 -64.94
CA GLN N 176 67.05 -58.35 -66.27
C GLN N 176 68.55 -58.17 -66.45
N ALA N 177 69.33 -58.18 -65.36
CA ALA N 177 70.77 -57.99 -65.43
C ALA N 177 71.51 -59.32 -65.36
N LYS N 178 71.11 -60.21 -64.46
CA LYS N 178 71.63 -61.57 -64.49
C LYS N 178 71.29 -62.28 -65.78
N ALA N 179 70.21 -61.86 -66.45
CA ALA N 179 69.94 -62.36 -67.79
C ALA N 179 70.95 -61.84 -68.79
N LEU N 180 71.37 -60.58 -68.64
CA LEU N 180 72.39 -60.03 -69.53
C LEU N 180 73.78 -60.55 -69.20
N ALA N 181 73.98 -61.09 -68.00
CA ALA N 181 75.28 -61.64 -67.67
C ALA N 181 75.55 -62.94 -68.43
N GLU N 182 74.54 -63.78 -68.59
CA GLU N 182 74.77 -65.07 -69.22
C GLU N 182 75.05 -64.92 -70.71
N VAL N 183 74.35 -64.00 -71.39
CA VAL N 183 74.64 -63.74 -72.79
C VAL N 183 75.98 -63.03 -72.99
N THR N 184 76.62 -62.63 -71.89
CA THR N 184 77.99 -62.16 -71.95
C THR N 184 78.98 -63.20 -71.47
N GLN N 185 78.64 -63.96 -70.41
CA GLN N 185 79.58 -64.94 -69.88
C GLN N 185 80.03 -65.93 -70.94
N ALA N 186 79.13 -66.30 -71.86
CA ALA N 186 79.55 -67.11 -73.00
C ALA N 186 80.34 -66.27 -74.00
N GLU N 187 79.83 -65.07 -74.32
CA GLU N 187 80.56 -64.17 -75.21
C GLU N 187 81.88 -63.70 -74.60
N LEU N 188 82.02 -63.78 -73.27
CA LEU N 188 83.27 -63.45 -72.61
C LEU N 188 84.27 -64.59 -72.61
N MET N 189 83.83 -65.80 -72.94
CA MET N 189 84.74 -66.94 -72.89
C MET N 189 85.80 -66.87 -73.97
N LYS N 190 85.48 -66.24 -75.11
CA LYS N 190 86.44 -66.15 -76.21
C LYS N 190 87.53 -65.16 -75.81
N ALA N 191 88.59 -65.66 -75.19
CA ALA N 191 89.68 -64.85 -74.67
C ALA N 191 90.84 -64.77 -75.64
N THR N 192 90.54 -64.75 -76.94
CA THR N 192 91.58 -64.74 -77.96
C THR N 192 92.45 -63.49 -77.85
N SER N 193 91.85 -62.35 -77.53
CA SER N 193 92.60 -61.12 -77.43
C SER N 193 91.85 -60.17 -76.51
N GLU N 194 92.57 -59.62 -75.52
CA GLU N 194 91.95 -58.70 -74.58
C GLU N 194 91.62 -57.35 -75.20
N GLU N 195 92.00 -57.13 -76.46
CA GLU N 195 91.68 -55.88 -77.16
C GLU N 195 90.37 -55.97 -77.92
N GLU N 196 89.96 -57.16 -78.33
CA GLU N 196 88.60 -57.36 -78.84
C GLU N 196 87.61 -57.61 -77.72
N LEU N 197 88.10 -57.73 -76.48
CA LEU N 197 87.20 -57.80 -75.33
C LEU N 197 86.31 -56.57 -75.26
N ASP N 198 86.77 -55.44 -75.78
CA ASP N 198 85.91 -54.28 -75.92
C ASP N 198 84.76 -54.57 -76.88
N ALA N 199 85.05 -55.23 -78.00
CA ALA N 199 83.99 -55.59 -78.92
C ALA N 199 83.04 -56.63 -78.33
N VAL N 200 83.51 -57.41 -77.36
CA VAL N 200 82.61 -58.29 -76.61
C VAL N 200 81.58 -57.47 -75.84
N LEU N 201 82.04 -56.41 -75.17
CA LEU N 201 81.13 -55.54 -74.44
C LEU N 201 80.47 -54.52 -75.34
N ALA N 202 81.16 -54.10 -76.41
CA ALA N 202 80.56 -53.13 -77.33
C ALA N 202 79.33 -53.69 -78.03
N LYS N 203 79.32 -55.00 -78.30
CA LYS N 203 78.10 -55.62 -78.82
C LYS N 203 76.95 -55.47 -77.84
N TYR N 204 77.26 -55.43 -76.54
CA TYR N 204 76.26 -55.23 -75.51
C TYR N 204 76.35 -53.85 -74.86
N GLY N 205 77.18 -52.96 -75.40
CA GLY N 205 77.21 -51.58 -74.96
C GLY N 205 77.86 -51.34 -73.63
N MET N 206 78.43 -52.37 -73.01
CA MET N 206 79.10 -52.21 -71.73
C MET N 206 80.47 -51.58 -71.93
N ASP N 207 80.84 -50.68 -71.01
CA ASP N 207 82.06 -49.92 -71.19
C ASP N 207 83.25 -50.70 -70.66
N ALA N 208 84.29 -50.82 -71.49
CA ALA N 208 85.43 -51.65 -71.15
C ALA N 208 86.16 -51.13 -69.92
N GLU N 209 86.18 -49.81 -69.72
CA GLU N 209 86.95 -49.22 -68.64
C GLU N 209 86.55 -49.79 -67.29
N GLU N 210 85.31 -49.52 -66.86
CA GLU N 210 84.85 -49.94 -65.55
C GLU N 210 84.81 -51.46 -65.42
N PHE N 211 84.73 -52.19 -66.52
CA PHE N 211 84.71 -53.64 -66.44
C PHE N 211 86.06 -54.19 -66.03
N LYS N 212 87.11 -53.88 -66.81
CA LYS N 212 88.44 -54.32 -66.45
C LYS N 212 88.88 -53.69 -65.14
N ARG N 213 88.45 -52.45 -64.87
CA ARG N 213 88.69 -51.85 -63.57
C ARG N 213 88.15 -52.72 -62.45
N LEU N 214 86.88 -53.11 -62.54
CA LEU N 214 86.35 -54.09 -61.59
C LEU N 214 87.16 -55.38 -61.65
N MET N 215 87.49 -55.83 -62.85
CA MET N 215 88.37 -56.98 -62.99
C MET N 215 89.77 -56.68 -62.47
N ALA N 216 90.15 -55.41 -62.38
CA ALA N 216 91.38 -55.03 -61.71
C ALA N 216 91.19 -54.87 -60.21
N LYS N 217 89.97 -54.57 -59.77
CA LYS N 217 89.64 -54.78 -58.37
C LYS N 217 89.61 -56.27 -58.05
N ARG N 218 89.13 -57.07 -59.00
CA ARG N 218 89.08 -58.52 -58.83
C ARG N 218 90.44 -59.09 -58.46
N VAL N 219 91.52 -58.43 -58.88
CA VAL N 219 92.85 -58.90 -58.51
C VAL N 219 93.24 -58.46 -57.10
N MET N 220 92.54 -57.46 -56.55
CA MET N 220 92.77 -57.02 -55.18
C MET N 220 91.59 -57.35 -54.27
N GLU N 221 90.36 -57.10 -54.75
CA GLU N 221 89.17 -57.44 -53.98
C GLU N 221 89.10 -58.93 -53.68
N GLN N 222 89.73 -59.77 -54.50
CA GLN N 222 89.86 -61.17 -54.14
C GLN N 222 91.06 -61.39 -53.24
N ARG N 223 92.23 -60.92 -53.65
CA ARG N 223 93.46 -61.16 -52.91
C ARG N 223 93.57 -60.32 -51.65
N LYS N 224 92.50 -59.60 -51.28
CA LYS N 224 92.38 -59.08 -49.93
C LYS N 224 92.01 -60.18 -48.95
N SER N 225 91.29 -61.21 -49.42
CA SER N 225 91.00 -62.39 -48.62
C SER N 225 91.99 -63.48 -49.04
N VAL N 226 93.17 -63.43 -48.44
CA VAL N 226 94.23 -64.36 -48.75
C VAL N 226 95.01 -64.64 -47.47
N ASN O 9 20.41 13.03 -89.20
CA ASN O 9 19.37 12.88 -90.20
C ASN O 9 18.05 13.40 -89.67
N VAL O 10 17.81 14.69 -89.89
CA VAL O 10 16.63 15.35 -89.35
C VAL O 10 15.35 14.68 -89.82
N ALA O 11 15.29 14.31 -91.10
CA ALA O 11 14.09 13.70 -91.65
C ALA O 11 13.92 12.24 -91.24
N ALA O 12 14.91 11.65 -90.56
CA ALA O 12 14.81 10.25 -90.16
C ALA O 12 14.10 10.06 -88.83
N LEU O 13 14.00 11.09 -88.01
CA LEU O 13 13.32 10.96 -86.73
C LEU O 13 11.81 10.92 -86.86
N TYR O 14 11.28 10.91 -88.08
CA TYR O 14 9.85 10.76 -88.30
C TYR O 14 9.45 9.32 -88.57
N GLU O 15 10.42 8.41 -88.64
CA GLU O 15 10.15 7.00 -88.46
C GLU O 15 10.29 6.59 -87.01
N PHE O 16 10.43 7.57 -86.12
CA PHE O 16 10.21 7.33 -84.70
C PHE O 16 8.74 7.48 -84.36
N VAL O 17 8.12 8.54 -84.81
CA VAL O 17 6.81 8.95 -84.35
C VAL O 17 5.74 8.20 -85.11
N ASP O 18 4.57 8.07 -84.49
CA ASP O 18 3.39 7.60 -85.19
C ASP O 18 2.95 8.64 -86.21
N GLY O 19 2.54 8.17 -87.38
CA GLY O 19 2.11 9.06 -88.43
C GLY O 19 0.84 9.81 -88.09
N ASN O 20 -0.27 9.07 -87.96
CA ASN O 20 -1.56 9.72 -87.83
C ASN O 20 -1.64 10.64 -86.63
N PHE O 21 -0.92 10.31 -85.56
CA PHE O 21 -0.89 11.21 -84.41
C PHE O 21 -0.27 12.55 -84.78
N LEU O 22 0.90 12.52 -85.43
CA LEU O 22 1.54 13.75 -85.86
C LEU O 22 0.64 14.54 -86.79
N ASN O 23 -0.19 13.85 -87.57
CA ASN O 23 -1.17 14.49 -88.43
C ASN O 23 -2.49 14.76 -87.73
N ASN O 24 -2.50 14.65 -86.40
CA ASN O 24 -3.68 14.91 -85.56
C ASN O 24 -4.81 13.93 -85.80
N LYS O 25 -4.59 12.90 -86.61
CA LYS O 25 -5.64 11.94 -86.95
C LYS O 25 -5.60 10.77 -85.98
N ARG O 26 -6.76 10.39 -85.45
CA ARG O 26 -6.83 9.29 -84.51
C ARG O 26 -6.32 8.01 -85.17
N PRO O 27 -5.78 7.09 -84.38
CA PRO O 27 -5.06 5.95 -84.97
C PRO O 27 -6.00 4.89 -85.50
N ALA O 28 -5.40 3.88 -86.12
CA ALA O 28 -6.11 2.71 -86.60
C ALA O 28 -5.88 1.53 -85.66
N ILE O 29 -6.55 0.43 -85.95
CA ILE O 29 -6.32 -0.82 -85.23
C ILE O 29 -5.97 -1.89 -86.26
N PRO O 30 -4.70 -2.11 -86.57
CA PRO O 30 -4.35 -3.10 -87.58
C PRO O 30 -4.91 -4.47 -87.25
N GLY O 31 -5.06 -5.28 -88.29
CA GLY O 31 -5.83 -6.51 -88.21
C GLY O 31 -5.38 -7.42 -87.08
N GLY O 32 -4.20 -8.00 -87.23
CA GLY O 32 -3.70 -8.91 -86.22
C GLY O 32 -2.22 -9.17 -86.46
N ALA O 33 -1.60 -9.77 -85.46
CA ALA O 33 -0.17 -10.05 -85.51
C ALA O 33 0.08 -11.31 -86.33
N TRP O 34 1.28 -11.82 -86.23
CA TRP O 34 1.67 -12.98 -87.00
C TRP O 34 1.12 -14.25 -86.38
N PRO O 35 0.33 -15.03 -87.11
CA PRO O 35 0.00 -16.38 -86.63
C PRO O 35 1.23 -17.26 -86.65
N LEU O 36 1.18 -18.33 -85.88
CA LEU O 36 2.32 -19.24 -85.81
C LEU O 36 2.50 -19.99 -87.13
N GLU O 37 1.42 -20.59 -87.63
CA GLU O 37 1.54 -21.52 -88.74
C GLU O 37 2.15 -20.87 -89.98
N SER O 38 1.90 -19.58 -90.19
CA SER O 38 2.46 -18.89 -91.34
C SER O 38 3.86 -18.35 -91.07
N LEU O 39 4.20 -18.12 -89.80
CA LEU O 39 5.48 -17.48 -89.51
C LEU O 39 6.65 -18.42 -89.74
N ARG O 40 6.51 -19.69 -89.33
CA ARG O 40 7.64 -20.60 -89.43
C ARG O 40 7.89 -21.08 -90.86
N ARG O 41 7.01 -20.73 -91.80
CA ARG O 41 7.24 -21.03 -93.21
C ARG O 41 8.20 -20.05 -93.86
N LYS O 42 8.66 -19.04 -93.16
CA LYS O 42 9.59 -18.06 -93.71
C LYS O 42 11.01 -18.45 -93.37
N SER O 43 11.93 -18.10 -94.27
CA SER O 43 13.33 -18.35 -94.01
C SER O 43 13.79 -17.58 -92.78
N LEU O 44 14.84 -18.09 -92.15
CA LEU O 44 15.38 -17.38 -90.99
C LEU O 44 16.02 -16.06 -91.37
N ALA O 45 16.39 -15.88 -92.65
CA ALA O 45 17.01 -14.63 -93.07
C ALA O 45 15.96 -13.59 -93.45
N ASP O 46 14.87 -14.01 -94.09
CA ASP O 46 13.75 -13.11 -94.29
C ASP O 46 12.84 -13.05 -93.08
N LEU O 47 13.06 -13.92 -92.09
CA LEU O 47 12.45 -13.71 -90.78
C LEU O 47 13.05 -12.49 -90.11
N GLN O 48 14.36 -12.33 -90.23
CA GLN O 48 15.04 -11.17 -89.66
C GLN O 48 14.38 -9.88 -90.13
N GLN O 49 14.07 -9.78 -91.42
CA GLN O 49 13.42 -8.58 -91.93
C GLN O 49 12.09 -8.33 -91.23
N ILE O 50 11.39 -9.39 -90.86
CA ILE O 50 10.14 -9.19 -90.14
C ILE O 50 10.40 -8.81 -88.70
N TRP O 51 11.53 -9.25 -88.14
CA TRP O 51 11.87 -8.89 -86.77
C TRP O 51 12.16 -7.40 -86.66
N LEU O 52 13.12 -6.90 -87.43
CA LEU O 52 13.47 -5.49 -87.34
C LEU O 52 12.34 -4.59 -87.79
N SER O 53 11.46 -5.06 -88.68
CA SER O 53 10.26 -4.29 -88.98
C SER O 53 9.37 -4.21 -87.75
N LEU O 54 9.32 -5.28 -86.96
CA LEU O 54 8.65 -5.21 -85.66
C LEU O 54 9.43 -4.28 -84.73
N LEU O 55 10.74 -4.49 -84.63
CA LEU O 55 11.55 -3.73 -83.71
C LEU O 55 11.36 -2.23 -83.90
N LYS O 56 11.35 -1.76 -85.13
CA LYS O 56 11.20 -0.34 -85.38
C LYS O 56 9.78 0.16 -85.15
N GLU O 57 8.87 -0.69 -84.69
CA GLU O 57 7.54 -0.24 -84.32
C GLU O 57 7.30 -0.17 -82.82
N ARG O 58 7.89 -1.08 -82.04
CA ARG O 58 7.86 -0.88 -80.60
C ARG O 58 8.58 0.40 -80.21
N ASN O 59 9.66 0.74 -80.91
CA ASN O 59 10.27 2.05 -80.74
C ASN O 59 9.42 3.16 -81.32
N MET O 60 8.43 2.81 -82.13
CA MET O 60 7.48 3.78 -82.65
C MET O 60 6.29 3.96 -81.73
N LEU O 61 5.98 2.96 -80.92
CA LEU O 61 4.89 3.06 -79.95
C LEU O 61 5.39 3.52 -78.59
N SER O 62 6.45 2.90 -78.08
CA SER O 62 6.94 3.33 -76.78
C SER O 62 7.52 4.73 -76.79
N THR O 63 7.79 5.30 -77.96
CA THR O 63 8.04 6.73 -78.06
C THR O 63 6.75 7.53 -78.14
N ILE O 64 5.61 6.85 -78.24
CA ILE O 64 4.31 7.50 -78.19
C ILE O 64 3.57 7.17 -76.90
N LYS O 65 3.79 5.99 -76.32
CA LYS O 65 3.13 5.66 -75.06
C LYS O 65 3.47 6.66 -73.99
N GLU O 66 4.77 6.91 -73.77
CA GLU O 66 5.14 7.79 -72.68
C GLU O 66 4.65 9.21 -72.90
N HIS O 67 4.59 9.67 -74.15
CA HIS O 67 3.98 10.96 -74.41
C HIS O 67 2.51 10.99 -74.00
N TYR O 68 1.89 9.84 -73.86
CA TYR O 68 0.53 9.73 -73.36
C TYR O 68 0.48 9.41 -71.88
N LEU O 69 1.63 9.37 -71.22
CA LEU O 69 1.68 9.40 -69.77
C LEU O 69 2.75 10.36 -69.27
N ARG O 70 3.37 11.12 -70.17
CA ARG O 70 4.11 12.33 -69.81
C ARG O 70 3.23 13.56 -69.83
N HIS O 71 2.13 13.51 -70.59
CA HIS O 71 1.10 14.52 -70.66
C HIS O 71 -0.25 13.89 -70.37
N GLN O 72 -0.31 13.09 -69.31
CA GLN O 72 -1.51 12.36 -68.97
C GLN O 72 -2.73 13.26 -68.86
N GLU O 73 -2.52 14.54 -68.56
CA GLU O 73 -3.65 15.43 -68.36
C GLU O 73 -4.27 15.84 -69.69
N GLU O 74 -3.50 16.48 -70.57
CA GLU O 74 -4.06 17.01 -71.80
C GLU O 74 -4.59 15.92 -72.71
N LEU O 75 -3.97 14.74 -72.68
CA LEU O 75 -4.28 13.68 -73.64
C LEU O 75 -5.08 12.55 -73.02
N GLY O 76 -4.56 11.91 -71.99
CA GLY O 76 -5.28 10.84 -71.32
C GLY O 76 -4.96 9.49 -71.92
N ALA O 77 -6.01 8.73 -72.26
CA ALA O 77 -5.84 7.37 -72.72
C ALA O 77 -5.39 7.34 -74.18
N MET O 78 -4.36 6.55 -74.45
CA MET O 78 -3.83 6.44 -75.81
C MET O 78 -4.79 5.64 -76.67
N PRO O 79 -5.33 6.19 -77.75
CA PRO O 79 -6.35 5.47 -78.51
C PRO O 79 -5.76 4.26 -79.19
N ALA O 80 -6.58 3.22 -79.29
CA ALA O 80 -6.16 1.94 -79.85
C ALA O 80 -4.89 1.46 -79.16
N PRO O 81 -4.98 1.00 -77.92
CA PRO O 81 -3.80 0.45 -77.24
C PRO O 81 -3.51 -0.97 -77.66
N SER O 82 -4.43 -1.64 -78.34
CA SER O 82 -4.20 -3.00 -78.83
C SER O 82 -2.96 -3.11 -79.70
N ARG O 83 -2.43 -1.98 -80.18
CA ARG O 83 -1.18 -2.01 -80.93
C ARG O 83 -0.08 -2.69 -80.15
N LEU O 84 -0.11 -2.57 -78.82
CA LEU O 84 0.94 -3.14 -77.99
C LEU O 84 0.62 -4.54 -77.50
N LYS O 85 -0.23 -5.28 -78.22
CA LYS O 85 -0.29 -6.72 -78.06
C LYS O 85 0.02 -7.41 -79.37
N MET O 86 -0.47 -6.86 -80.48
CA MET O 86 -0.11 -7.37 -81.80
C MET O 86 1.39 -7.29 -82.01
N VAL O 87 2.00 -6.13 -81.75
CA VAL O 87 3.44 -6.04 -81.88
C VAL O 87 4.13 -6.92 -80.85
N GLU O 88 3.43 -7.33 -79.81
CA GLU O 88 4.04 -8.19 -78.81
C GLU O 88 4.04 -9.64 -79.26
N GLU O 89 2.85 -10.23 -79.43
CA GLU O 89 2.77 -11.63 -79.78
C GLU O 89 3.56 -11.93 -81.05
N SER O 90 3.54 -11.01 -82.01
CA SER O 90 4.30 -11.20 -83.23
C SER O 90 5.79 -11.25 -82.96
N MET O 91 6.25 -10.73 -81.82
CA MET O 91 7.63 -10.93 -81.40
C MET O 91 7.79 -12.26 -80.67
N GLU O 92 6.90 -12.57 -79.75
CA GLU O 92 6.94 -13.84 -79.05
C GLU O 92 6.46 -15.01 -79.90
N ASN O 93 5.87 -14.74 -81.07
CA ASN O 93 5.65 -15.79 -82.06
C ASN O 93 6.85 -15.99 -82.96
N VAL O 94 7.88 -15.17 -82.81
CA VAL O 94 9.14 -15.41 -83.49
C VAL O 94 10.10 -16.20 -82.61
N LYS O 95 10.15 -15.91 -81.32
CA LYS O 95 11.03 -16.67 -80.45
C LYS O 95 10.72 -18.16 -80.50
N ARG O 96 9.47 -18.52 -80.75
CA ARG O 96 9.13 -19.94 -80.88
C ARG O 96 9.82 -20.55 -82.09
N VAL O 97 9.52 -20.02 -83.27
CA VAL O 97 9.96 -20.61 -84.52
C VAL O 97 11.48 -20.61 -84.65
N VAL O 98 12.17 -19.80 -83.86
CA VAL O 98 13.63 -19.83 -83.83
C VAL O 98 14.16 -20.64 -82.65
N LYS O 99 13.32 -20.95 -81.66
CA LYS O 99 13.67 -21.97 -80.69
C LYS O 99 13.19 -23.35 -81.12
N GLU O 100 12.26 -23.41 -82.08
CA GLU O 100 11.94 -24.69 -82.70
C GLU O 100 13.03 -25.10 -83.68
N ARG O 101 13.39 -24.17 -84.58
CA ARG O 101 14.41 -24.49 -85.58
C ARG O 101 15.76 -24.74 -84.95
N ASP O 102 16.00 -24.21 -83.75
CA ASP O 102 17.24 -24.47 -83.02
C ASP O 102 17.18 -25.75 -82.21
N ALA O 103 16.15 -26.56 -82.39
CA ALA O 103 16.18 -27.95 -81.94
C ALA O 103 16.44 -28.89 -83.10
N GLU O 104 15.69 -28.72 -84.20
CA GLU O 104 15.95 -29.45 -85.43
C GLU O 104 17.39 -29.35 -85.89
N ALA O 105 18.12 -28.33 -85.43
CA ALA O 105 19.52 -28.15 -85.79
C ALA O 105 20.46 -28.74 -84.76
N THR O 106 20.31 -28.35 -83.49
CA THR O 106 21.18 -28.88 -82.45
C THR O 106 21.01 -30.37 -82.29
N ALA O 107 19.81 -30.90 -82.51
CA ALA O 107 19.62 -32.35 -82.44
C ALA O 107 20.53 -33.06 -83.43
N GLU O 108 20.70 -32.51 -84.63
CA GLU O 108 21.57 -33.13 -85.62
C GLU O 108 23.03 -32.93 -85.29
N ALA O 109 23.42 -31.74 -84.84
CA ALA O 109 24.80 -31.53 -84.42
C ALA O 109 25.18 -32.46 -83.29
N VAL O 110 24.32 -32.57 -82.28
CA VAL O 110 24.57 -33.45 -81.14
C VAL O 110 24.24 -34.89 -81.53
N ARG O 111 23.79 -35.10 -82.76
CA ARG O 111 23.69 -36.45 -83.28
C ARG O 111 24.95 -36.85 -84.05
N ILE O 112 25.40 -35.98 -84.94
CA ILE O 112 26.62 -36.25 -85.67
C ILE O 112 27.82 -36.21 -84.73
N PHE O 113 27.73 -35.45 -83.65
CA PHE O 113 28.85 -35.40 -82.72
C PHE O 113 28.91 -36.62 -81.82
N LYS O 114 27.85 -37.41 -81.77
CA LYS O 114 27.87 -38.58 -80.90
C LYS O 114 28.40 -39.82 -81.59
N GLU O 115 28.68 -39.74 -82.89
CA GLU O 115 29.47 -40.79 -83.52
C GLU O 115 30.93 -40.39 -83.58
N ARG O 116 31.21 -39.12 -83.80
CA ARG O 116 32.58 -38.63 -83.76
C ARG O 116 33.23 -38.84 -82.40
N LEU O 117 32.42 -39.07 -81.36
CA LEU O 117 32.97 -39.36 -80.04
C LEU O 117 33.06 -40.85 -79.77
N ALA O 118 32.51 -41.69 -80.63
CA ALA O 118 32.71 -43.12 -80.52
C ALA O 118 33.82 -43.61 -81.45
N LYS O 119 33.98 -42.98 -82.61
CA LYS O 119 35.06 -43.33 -83.51
C LYS O 119 36.37 -42.67 -83.14
N GLY O 120 36.33 -41.65 -82.29
CA GLY O 120 37.54 -41.09 -81.71
C GLY O 120 38.58 -40.64 -82.69
N ILE O 121 38.28 -39.60 -83.45
CA ILE O 121 39.20 -39.12 -84.48
C ILE O 121 39.88 -37.81 -84.12
N TYR O 122 39.36 -37.07 -83.14
CA TYR O 122 39.94 -35.79 -82.77
C TYR O 122 41.25 -35.97 -82.02
N ARG O 123 42.02 -34.88 -81.93
CA ARG O 123 43.23 -34.83 -81.12
C ARG O 123 43.66 -33.40 -80.91
N TYR O 124 44.32 -33.14 -79.78
CA TYR O 124 44.94 -31.86 -79.49
C TYR O 124 46.30 -31.79 -80.18
N PRO O 125 47.11 -32.83 -80.17
CA PRO O 125 48.15 -32.93 -81.17
C PRO O 125 47.55 -33.46 -82.46
N PRO O 126 47.26 -32.57 -83.42
CA PRO O 126 46.44 -32.98 -84.56
C PRO O 126 47.19 -33.95 -85.43
N GLY O 127 46.55 -35.08 -85.73
CA GLY O 127 47.14 -36.12 -86.51
C GLY O 127 46.20 -37.28 -86.61
N PRO O 128 46.43 -38.16 -87.58
CA PRO O 128 45.57 -39.32 -87.75
C PRO O 128 45.56 -40.17 -86.50
N PRO O 129 44.37 -40.55 -86.02
CA PRO O 129 44.29 -41.50 -84.93
C PRO O 129 44.93 -42.83 -85.33
N PRO O 130 45.72 -43.42 -84.44
CA PRO O 130 46.41 -44.67 -84.77
C PRO O 130 45.43 -45.74 -85.20
N PRO O 131 45.88 -46.74 -85.95
CA PRO O 131 44.96 -47.74 -86.50
C PRO O 131 44.30 -48.52 -85.37
N PRO O 132 43.00 -48.74 -85.47
CA PRO O 132 42.24 -49.27 -84.31
C PRO O 132 42.79 -50.55 -83.72
N GLY O 133 42.83 -51.63 -84.50
CA GLY O 133 43.10 -52.94 -83.93
C GLY O 133 44.50 -53.14 -83.42
N ALA O 134 45.43 -52.20 -83.68
CA ALA O 134 46.82 -52.44 -83.33
C ALA O 134 47.03 -52.46 -81.83
N HIS O 135 46.52 -51.45 -81.12
CA HIS O 135 46.79 -51.29 -79.70
C HIS O 135 46.26 -52.44 -78.86
N ASP O 136 45.26 -53.17 -79.34
CA ASP O 136 44.54 -54.14 -78.53
C ASP O 136 44.98 -55.57 -78.86
N PRO O 137 45.96 -56.11 -78.13
CA PRO O 137 46.52 -57.42 -78.48
C PRO O 137 45.79 -58.58 -77.82
N THR O 138 44.46 -58.55 -77.89
CA THR O 138 43.65 -59.54 -77.22
C THR O 138 42.74 -60.24 -78.22
N SER O 139 42.18 -61.37 -77.80
CA SER O 139 41.30 -62.15 -78.65
C SER O 139 40.23 -62.79 -77.78
N THR O 140 38.97 -62.46 -78.07
CA THR O 140 37.87 -63.03 -77.31
C THR O 140 37.41 -64.33 -77.94
N VAL O 141 36.66 -65.11 -77.15
CA VAL O 141 36.23 -66.43 -77.58
C VAL O 141 34.75 -66.60 -77.25
N LYS O 142 33.90 -66.47 -78.26
CA LYS O 142 32.47 -66.59 -78.04
C LYS O 142 32.07 -68.04 -77.81
N LEU O 143 32.55 -68.63 -76.72
CA LEU O 143 32.09 -69.94 -76.34
C LEU O 143 30.60 -69.92 -76.03
N VAL O 144 29.93 -71.04 -76.29
CA VAL O 144 28.49 -71.17 -76.04
C VAL O 144 28.23 -72.51 -75.36
N LEU O 145 27.45 -72.49 -74.29
CA LEU O 145 27.13 -73.68 -73.51
C LEU O 145 25.65 -73.98 -73.62
N SER O 146 25.23 -75.08 -73.00
CA SER O 146 23.81 -75.42 -72.94
C SER O 146 23.21 -75.11 -71.57
N ARG O 147 23.73 -75.74 -70.53
CA ARG O 147 23.34 -75.43 -69.16
C ARG O 147 24.22 -74.33 -68.60
N ARG O 148 23.71 -73.64 -67.59
CA ARG O 148 24.54 -72.65 -66.92
C ARG O 148 25.63 -73.35 -66.12
N VAL O 149 26.87 -73.01 -66.41
CA VAL O 149 28.00 -73.45 -65.61
C VAL O 149 28.41 -72.27 -64.74
N ASP O 150 29.20 -72.57 -63.71
CA ASP O 150 29.62 -71.53 -62.79
C ASP O 150 30.61 -70.60 -63.48
N GLU O 151 30.65 -69.35 -63.04
CA GLU O 151 31.50 -68.36 -63.66
C GLU O 151 32.93 -68.38 -63.12
N GLU O 152 33.22 -69.25 -62.17
CA GLU O 152 34.59 -69.47 -61.72
C GLU O 152 35.11 -70.85 -62.10
N ARG O 153 34.23 -71.77 -62.46
CA ARG O 153 34.67 -73.02 -63.08
C ARG O 153 35.36 -72.75 -64.40
N LEU O 154 34.77 -71.88 -65.22
CA LEU O 154 35.39 -71.50 -66.49
C LEU O 154 36.63 -70.65 -66.27
N ARG O 155 36.66 -69.85 -65.21
CA ARG O 155 37.82 -69.01 -64.94
C ARG O 155 39.06 -69.83 -64.63
N GLU O 156 38.91 -71.13 -64.37
CA GLU O 156 40.03 -72.01 -64.15
C GLU O 156 40.19 -73.09 -65.21
N LEU O 157 39.09 -73.56 -65.79
CA LEU O 157 39.16 -74.68 -66.70
C LEU O 157 39.64 -74.27 -68.08
N LEU O 158 39.12 -73.18 -68.61
CA LEU O 158 39.47 -72.75 -69.96
C LEU O 158 40.37 -71.51 -69.95
N GLY O 159 41.00 -71.21 -68.82
CA GLY O 159 42.01 -70.18 -68.79
C GLY O 159 43.31 -70.68 -69.40
N ARG O 160 44.43 -70.21 -68.89
CA ARG O 160 45.74 -70.64 -69.36
C ARG O 160 46.48 -71.37 -68.26
N PHE O 161 47.17 -72.44 -68.63
CA PHE O 161 47.95 -73.22 -67.69
C PHE O 161 49.38 -72.77 -67.58
N ASN O 162 49.96 -72.26 -68.67
CA ASN O 162 51.38 -72.00 -68.76
C ASN O 162 51.75 -70.59 -68.34
N VAL O 163 50.88 -69.91 -67.59
CA VAL O 163 51.16 -68.57 -67.10
C VAL O 163 51.24 -68.62 -65.59
N PHE O 164 52.14 -67.85 -65.02
CA PHE O 164 52.28 -67.74 -63.57
C PHE O 164 51.81 -66.36 -63.14
N GLU O 165 50.51 -66.26 -62.92
CA GLU O 165 49.90 -65.04 -62.42
C GLU O 165 48.67 -65.43 -61.60
N ALA O 166 48.00 -64.42 -61.08
CA ALA O 166 46.70 -64.66 -60.46
C ALA O 166 45.62 -64.87 -61.51
N HIS O 167 45.58 -63.98 -62.52
CA HIS O 167 44.49 -63.96 -63.47
C HIS O 167 44.50 -65.17 -64.41
N LYS O 168 45.64 -65.82 -64.56
CA LYS O 168 45.78 -67.00 -65.41
C LYS O 168 45.38 -66.67 -66.85
N GLY O 169 46.01 -65.65 -67.42
CA GLY O 169 45.86 -65.31 -68.82
C GLY O 169 44.57 -64.59 -69.17
N ILE O 170 43.45 -65.11 -68.66
CA ILE O 170 42.14 -64.65 -69.09
C ILE O 170 41.84 -63.28 -68.51
N VAL O 171 41.42 -62.35 -69.37
CA VAL O 171 41.14 -61.00 -68.93
C VAL O 171 39.76 -60.91 -68.28
N LYS O 172 38.73 -61.42 -68.94
CA LYS O 172 37.39 -61.46 -68.35
C LYS O 172 36.52 -62.41 -69.13
N LEU O 173 35.66 -63.16 -68.42
CA LEU O 173 34.64 -63.98 -69.05
C LEU O 173 33.27 -63.43 -68.68
N THR O 174 32.30 -63.63 -69.58
CA THR O 174 31.00 -62.98 -69.45
C THR O 174 29.91 -63.99 -69.78
N MET O 175 29.27 -64.53 -68.75
CA MET O 175 28.19 -65.49 -68.90
C MET O 175 26.86 -64.73 -69.01
N GLN O 176 26.32 -64.67 -70.22
CA GLN O 176 25.03 -64.02 -70.46
C GLN O 176 24.04 -65.03 -70.99
N LEU O 177 22.89 -64.53 -71.44
CA LEU O 177 21.87 -65.34 -72.08
C LEU O 177 21.45 -64.65 -73.36
N PRO O 178 21.37 -65.38 -74.48
CA PRO O 178 21.00 -64.74 -75.75
C PRO O 178 19.58 -64.20 -75.70
N GLU O 179 19.42 -62.99 -76.26
CA GLU O 179 18.17 -62.25 -76.13
C GLU O 179 16.97 -62.97 -76.74
N ASP O 180 17.17 -64.06 -77.45
CA ASP O 180 16.04 -64.90 -77.81
C ASP O 180 15.59 -65.73 -76.62
N VAL O 181 16.55 -66.23 -75.82
CA VAL O 181 16.21 -66.98 -74.63
C VAL O 181 15.75 -66.06 -73.51
N LEU O 182 16.05 -64.76 -73.60
CA LEU O 182 15.62 -63.83 -72.57
C LEU O 182 14.15 -63.49 -72.68
N THR O 183 13.53 -63.72 -73.83
CA THR O 183 12.09 -63.57 -73.96
C THR O 183 11.36 -64.89 -73.86
N GLN O 184 11.93 -65.96 -74.40
CA GLN O 184 11.36 -67.28 -74.21
C GLN O 184 11.26 -67.62 -72.73
N LYS O 185 12.28 -67.26 -71.95
CA LYS O 185 12.21 -67.53 -70.51
C LYS O 185 11.25 -66.58 -69.82
N ARG O 186 11.06 -65.38 -70.37
CA ARG O 186 10.07 -64.48 -69.77
C ARG O 186 8.66 -65.03 -69.95
N ASP O 187 8.32 -65.40 -71.18
CA ASP O 187 6.96 -65.83 -71.48
C ASP O 187 6.64 -67.21 -70.92
N ALA O 188 7.64 -67.96 -70.48
CA ALA O 188 7.39 -69.22 -69.81
C ALA O 188 7.22 -69.06 -68.32
N GLU O 189 7.28 -67.82 -67.81
CA GLU O 189 6.89 -67.57 -66.43
C GLU O 189 5.40 -67.31 -66.32
N GLN O 190 4.89 -66.42 -67.17
CA GLN O 190 3.46 -66.11 -67.15
C GLN O 190 2.64 -67.36 -67.44
N LEU O 191 3.02 -68.11 -68.48
CA LEU O 191 2.35 -69.38 -68.74
C LEU O 191 2.44 -70.31 -67.54
N TRP O 192 3.50 -70.20 -66.75
CA TRP O 192 3.55 -70.98 -65.52
C TRP O 192 2.75 -70.32 -64.42
N GLN O 193 2.63 -69.00 -64.44
CA GLN O 193 1.77 -68.33 -63.47
C GLN O 193 0.31 -68.41 -63.87
N GLN O 194 0.02 -68.24 -65.16
CA GLN O 194 -1.33 -68.52 -65.63
C GLN O 194 -1.70 -69.96 -65.36
N TYR O 195 -0.72 -70.86 -65.34
CA TYR O 195 -0.98 -72.25 -64.98
C TYR O 195 -1.23 -72.39 -63.49
N MET O 196 -0.34 -71.83 -62.68
CA MET O 196 -0.46 -71.98 -61.24
C MET O 196 -1.73 -71.35 -60.69
N ALA O 197 -2.16 -70.22 -61.26
CA ALA O 197 -3.40 -69.62 -60.80
C ALA O 197 -4.62 -70.32 -61.36
N GLU O 198 -4.54 -70.83 -62.59
CA GLU O 198 -5.64 -71.59 -63.17
C GLU O 198 -5.80 -72.92 -62.46
N ARG O 199 -4.68 -73.60 -62.19
CA ARG O 199 -4.77 -74.88 -61.50
C ARG O 199 -5.25 -74.70 -60.07
N ARG O 200 -4.86 -73.60 -59.42
CA ARG O 200 -5.25 -73.40 -58.04
C ARG O 200 -6.75 -73.17 -57.90
N ASN O 201 -7.42 -72.70 -58.95
CA ASN O 201 -8.86 -72.49 -58.86
C ASN O 201 -9.62 -73.80 -58.91
N VAL O 202 -9.35 -74.61 -59.94
CA VAL O 202 -10.07 -75.89 -60.10
C VAL O 202 -9.99 -76.71 -58.83
N GLU O 203 -8.80 -76.80 -58.25
CA GLU O 203 -8.66 -77.53 -57.00
C GLU O 203 -9.32 -76.84 -55.83
N GLU O 204 -9.80 -75.61 -56.03
CA GLU O 204 -10.53 -74.87 -55.00
C GLU O 204 -11.94 -74.52 -55.40
N TYR O 205 -12.20 -74.32 -56.70
CA TYR O 205 -13.57 -74.19 -57.18
C TYR O 205 -14.37 -75.45 -56.90
N TYR O 206 -13.77 -76.62 -57.06
CA TYR O 206 -14.50 -77.88 -56.97
C TYR O 206 -14.21 -78.65 -55.68
N LYS O 207 -13.64 -77.99 -54.67
CA LYS O 207 -13.48 -78.66 -53.39
C LYS O 207 -14.82 -78.87 -52.70
N TRP O 208 -15.78 -78.01 -52.95
CA TRP O 208 -17.00 -77.94 -52.15
C TRP O 208 -17.83 -79.21 -52.25
N PRO O 209 -18.17 -79.84 -51.14
CA PRO O 209 -19.23 -80.86 -51.19
C PRO O 209 -20.59 -80.22 -51.44
N GLY O 210 -20.88 -79.21 -50.63
CA GLY O 210 -22.14 -78.49 -50.67
C GLY O 210 -21.95 -76.99 -50.64
N SER O 211 -21.04 -76.44 -51.44
CA SER O 211 -20.70 -75.01 -51.37
C SER O 211 -20.59 -74.38 -52.77
N SER O 212 -21.65 -74.50 -53.56
CA SER O 212 -21.92 -73.87 -54.86
C SER O 212 -21.36 -74.63 -56.05
N THR O 213 -20.58 -75.68 -55.84
CA THR O 213 -20.11 -76.55 -56.91
C THR O 213 -19.43 -77.76 -56.30
N GLY O 214 -18.87 -78.63 -57.12
CA GLY O 214 -18.38 -79.87 -56.58
C GLY O 214 -19.40 -80.97 -56.67
N SER O 215 -19.89 -81.22 -57.90
CA SER O 215 -20.71 -82.39 -58.14
C SER O 215 -20.00 -83.69 -57.78
N ALA O 216 -18.66 -83.67 -57.75
CA ALA O 216 -17.91 -84.86 -57.37
C ALA O 216 -18.07 -85.18 -55.89
N GLU O 217 -18.31 -84.18 -55.06
CA GLU O 217 -18.43 -84.36 -53.61
C GLU O 217 -19.86 -84.14 -53.17
N SER O 218 -20.34 -85.03 -52.30
CA SER O 218 -21.77 -85.17 -52.05
C SER O 218 -22.28 -84.05 -51.15
N ALA O 219 -23.50 -84.20 -50.65
CA ALA O 219 -24.18 -83.12 -49.95
C ALA O 219 -23.53 -82.83 -48.59
N SER O 220 -23.19 -81.56 -48.38
CA SER O 220 -22.72 -81.10 -47.08
C SER O 220 -23.90 -80.93 -46.14
N VAL O 221 -23.59 -80.76 -44.86
CA VAL O 221 -24.65 -80.74 -43.85
C VAL O 221 -25.53 -79.52 -44.01
N TYR O 222 -24.94 -78.38 -44.37
CA TYR O 222 -25.73 -77.16 -44.52
C TYR O 222 -26.64 -77.19 -45.74
N ASP O 223 -26.53 -78.20 -46.59
CA ASP O 223 -27.56 -78.39 -47.60
C ASP O 223 -28.86 -78.89 -46.97
N HIS O 224 -28.75 -79.74 -45.94
CA HIS O 224 -29.92 -80.18 -45.18
C HIS O 224 -30.03 -79.35 -43.91
N THR O 225 -30.43 -78.10 -44.09
CA THR O 225 -30.62 -77.20 -42.96
C THR O 225 -32.10 -77.01 -42.68
N VAL O 226 -32.40 -76.64 -41.44
CA VAL O 226 -33.79 -76.49 -41.01
C VAL O 226 -34.32 -75.19 -41.59
N VAL O 227 -35.21 -75.29 -42.57
CA VAL O 227 -35.83 -74.15 -43.22
C VAL O 227 -37.33 -74.37 -43.20
N GLU O 228 -38.10 -73.30 -43.31
CA GLU O 228 -39.54 -73.39 -43.42
C GLU O 228 -40.03 -72.42 -44.49
N LEU O 229 -40.38 -72.96 -45.65
CA LEU O 229 -40.93 -72.12 -46.71
C LEU O 229 -42.31 -71.61 -46.33
N ALA O 230 -43.04 -72.36 -45.51
CA ALA O 230 -44.27 -71.93 -44.86
C ALA O 230 -44.45 -72.84 -43.67
N PRO O 231 -45.10 -72.37 -42.61
CA PRO O 231 -45.22 -73.20 -41.40
C PRO O 231 -45.81 -74.57 -41.69
N GLY O 232 -44.99 -75.61 -41.54
CA GLY O 232 -45.38 -76.96 -41.91
C GLY O 232 -44.60 -77.57 -43.06
N VAL O 233 -43.57 -76.89 -43.58
CA VAL O 233 -42.80 -77.36 -44.71
C VAL O 233 -41.32 -77.15 -44.41
N TYR O 234 -40.49 -78.18 -44.62
CA TYR O 234 -39.07 -78.03 -44.31
C TYR O 234 -38.14 -78.20 -45.51
N SER O 235 -38.10 -79.38 -46.14
CA SER O 235 -36.92 -79.76 -46.91
C SER O 235 -37.20 -80.03 -48.38
N GLY O 236 -38.11 -80.94 -48.71
CA GLY O 236 -38.09 -81.58 -50.00
C GLY O 236 -38.52 -80.80 -51.21
N HIS O 237 -39.16 -79.64 -51.04
CA HIS O 237 -39.56 -78.78 -52.14
C HIS O 237 -40.59 -79.42 -53.05
N ARG O 238 -40.86 -80.72 -52.83
CA ARG O 238 -42.01 -81.35 -53.46
C ARG O 238 -43.19 -81.34 -52.51
N GLY O 239 -42.92 -81.58 -51.23
CA GLY O 239 -43.85 -81.37 -50.16
C GLY O 239 -43.08 -81.02 -48.91
N THR O 240 -43.41 -81.65 -47.79
CA THR O 240 -42.66 -81.48 -46.55
C THR O 240 -41.60 -82.57 -46.49
N SER O 241 -40.35 -82.20 -46.77
CA SER O 241 -39.20 -83.10 -46.61
C SER O 241 -39.40 -84.39 -47.42
N ALA O 242 -39.33 -84.23 -48.74
CA ALA O 242 -39.81 -85.19 -49.73
C ALA O 242 -39.54 -86.64 -49.37
N ILE O 243 -38.55 -86.90 -48.51
CA ILE O 243 -38.46 -88.20 -47.86
C ILE O 243 -39.76 -88.52 -47.14
N GLU O 244 -40.50 -87.47 -46.73
CA GLU O 244 -41.74 -87.63 -45.98
C GLU O 244 -42.98 -87.18 -46.76
N SER O 245 -42.82 -86.43 -47.84
CA SER O 245 -43.97 -86.06 -48.67
C SER O 245 -44.15 -86.96 -49.89
N ASN O 246 -43.05 -87.48 -50.43
CA ASN O 246 -43.07 -88.61 -51.37
C ASN O 246 -42.81 -89.91 -50.64
N CYS O 247 -43.38 -90.03 -49.42
CA CYS O 247 -43.12 -91.15 -48.53
C CYS O 247 -44.11 -92.30 -48.70
N VAL O 248 -45.24 -92.09 -49.37
CA VAL O 248 -46.21 -93.17 -49.53
C VAL O 248 -45.66 -94.23 -50.47
N ASP O 249 -44.94 -93.81 -51.51
CA ASP O 249 -44.36 -94.72 -52.48
C ASP O 249 -42.87 -94.89 -52.20
N ASP O 250 -42.17 -95.57 -53.10
CA ASP O 250 -40.75 -95.88 -52.89
C ASP O 250 -39.88 -94.63 -52.79
N SER O 251 -40.42 -93.47 -53.13
CA SER O 251 -39.57 -92.28 -53.18
C SER O 251 -39.14 -91.79 -51.79
N ASN O 252 -39.31 -92.60 -50.74
CA ASN O 252 -38.63 -92.34 -49.47
C ASN O 252 -37.15 -92.02 -49.70
N ASP O 253 -36.42 -92.96 -50.30
CA ASP O 253 -34.99 -92.88 -50.43
C ASP O 253 -34.53 -92.41 -51.81
N GLY O 254 -35.38 -91.72 -52.57
CA GLY O 254 -35.00 -91.32 -53.90
C GLY O 254 -35.16 -89.84 -54.19
N ALA O 255 -35.35 -89.03 -53.15
CA ALA O 255 -35.66 -87.62 -53.33
C ALA O 255 -34.40 -86.77 -53.35
N HIS O 256 -34.40 -85.75 -54.21
CA HIS O 256 -33.32 -84.77 -54.27
C HIS O 256 -33.83 -83.33 -54.21
N GLY O 257 -35.11 -83.15 -53.86
CA GLY O 257 -35.69 -81.81 -53.84
C GLY O 257 -35.01 -80.85 -52.88
N VAL O 258 -34.29 -81.38 -51.88
CA VAL O 258 -33.44 -80.54 -51.06
C VAL O 258 -32.45 -79.83 -51.97
N VAL O 259 -32.38 -78.50 -51.85
CA VAL O 259 -31.67 -77.70 -52.82
C VAL O 259 -30.18 -77.76 -52.54
N GLN O 260 -29.48 -78.69 -53.19
CA GLN O 260 -28.02 -78.77 -53.08
C GLN O 260 -27.42 -77.75 -54.04
N ALA O 261 -27.26 -76.52 -53.54
CA ALA O 261 -26.79 -75.45 -54.41
C ALA O 261 -25.37 -75.68 -54.91
N ALA O 262 -24.65 -76.65 -54.36
CA ALA O 262 -23.44 -77.11 -55.02
C ALA O 262 -23.77 -77.63 -56.41
N ARG O 263 -24.84 -78.43 -56.52
CA ARG O 263 -25.29 -78.92 -57.81
C ARG O 263 -26.03 -77.87 -58.62
N LEU O 264 -26.23 -76.68 -58.08
CA LEU O 264 -27.11 -75.74 -58.77
C LEU O 264 -26.36 -75.05 -59.90
N PRO O 265 -27.04 -74.75 -61.00
CA PRO O 265 -26.40 -74.02 -62.10
C PRO O 265 -26.33 -72.53 -61.81
N VAL O 266 -25.25 -71.91 -62.26
CA VAL O 266 -24.99 -70.51 -61.94
C VAL O 266 -25.46 -69.63 -63.09
N PRO O 267 -25.88 -68.41 -62.82
CA PRO O 267 -26.26 -67.49 -63.90
C PRO O 267 -25.05 -66.80 -64.48
N PRO O 268 -25.11 -66.40 -65.74
CA PRO O 268 -23.97 -65.74 -66.38
C PRO O 268 -23.83 -64.32 -65.88
N PRO O 269 -22.67 -63.69 -66.08
CA PRO O 269 -22.44 -62.34 -65.53
C PRO O 269 -23.37 -61.28 -66.11
N LYS O 270 -23.26 -60.05 -65.60
CA LYS O 270 -24.12 -58.96 -66.04
C LYS O 270 -23.28 -57.71 -66.25
N THR O 271 -23.84 -56.78 -67.02
CA THR O 271 -23.27 -55.46 -67.22
C THR O 271 -24.34 -54.57 -67.83
N ARG O 272 -24.07 -53.28 -67.82
CA ARG O 272 -24.95 -52.29 -68.42
C ARG O 272 -24.51 -51.96 -69.84
N PRO O 273 -25.44 -51.91 -70.79
CA PRO O 273 -25.07 -51.69 -72.18
C PRO O 273 -24.87 -50.20 -72.47
N PRO O 274 -24.13 -49.87 -73.52
CA PRO O 274 -24.00 -48.45 -73.89
C PRO O 274 -25.34 -47.90 -74.34
N PRO O 275 -25.61 -46.63 -74.06
CA PRO O 275 -26.96 -46.11 -74.19
C PRO O 275 -27.31 -45.88 -75.65
N PRO O 276 -28.60 -45.71 -75.95
CA PRO O 276 -28.98 -45.32 -77.32
C PRO O 276 -28.37 -43.97 -77.66
N ARG O 277 -27.69 -43.93 -78.81
CA ARG O 277 -26.93 -42.75 -79.20
C ARG O 277 -27.78 -41.49 -79.34
N ASN O 278 -29.11 -41.62 -79.24
CA ASN O 278 -29.95 -40.45 -79.01
C ASN O 278 -29.49 -39.82 -77.71
N PRO O 279 -28.83 -38.66 -77.75
CA PRO O 279 -28.24 -38.10 -76.54
C PRO O 279 -29.27 -37.79 -75.47
N LEU O 280 -30.54 -37.67 -75.85
CA LEU O 280 -31.60 -37.62 -74.84
C LEU O 280 -31.54 -38.84 -73.93
N GLU O 281 -30.98 -39.94 -74.43
CA GLU O 281 -30.69 -41.11 -73.60
C GLU O 281 -29.26 -41.10 -73.10
N HIS O 282 -28.31 -40.90 -73.99
CA HIS O 282 -26.89 -40.87 -73.62
C HIS O 282 -26.62 -39.92 -72.48
N ILE O 283 -27.44 -38.87 -72.32
CA ILE O 283 -27.27 -37.96 -71.19
C ILE O 283 -28.00 -38.47 -69.96
N LYS O 284 -29.09 -39.20 -70.13
CA LYS O 284 -29.80 -39.70 -68.96
C LYS O 284 -29.05 -40.81 -68.27
N TYR O 285 -27.82 -41.10 -68.68
CA TYR O 285 -26.92 -41.97 -67.95
C TYR O 285 -25.72 -41.24 -67.37
N GLN O 286 -25.11 -40.36 -68.15
CA GLN O 286 -23.97 -39.60 -67.67
C GLN O 286 -24.39 -38.50 -66.71
N GLN O 287 -25.66 -38.44 -66.34
CA GLN O 287 -26.11 -37.55 -65.27
C GLN O 287 -26.28 -38.27 -63.95
N ARG O 288 -26.67 -39.54 -63.99
CA ARG O 288 -26.93 -40.28 -62.76
C ARG O 288 -25.63 -40.55 -62.00
N SER O 289 -25.79 -40.93 -60.75
CA SER O 289 -24.65 -41.25 -59.90
C SER O 289 -24.14 -42.64 -60.21
N VAL O 290 -22.85 -42.84 -59.98
CA VAL O 290 -22.26 -44.17 -60.17
C VAL O 290 -22.75 -45.16 -59.12
N LEU O 291 -23.50 -44.69 -58.13
CA LEU O 291 -24.27 -45.61 -57.30
C LEU O 291 -25.45 -46.17 -58.10
N SER O 292 -26.26 -45.29 -58.69
CA SER O 292 -27.34 -45.77 -59.54
C SER O 292 -26.81 -46.54 -60.74
N LYS O 293 -25.60 -46.22 -61.18
CA LYS O 293 -24.94 -46.91 -62.29
C LYS O 293 -24.52 -48.33 -61.93
N ALA O 294 -24.85 -48.83 -60.75
CA ALA O 294 -24.38 -50.13 -60.32
C ALA O 294 -25.08 -51.24 -61.11
N VAL O 295 -24.60 -52.46 -60.89
CA VAL O 295 -25.21 -53.66 -61.46
C VAL O 295 -25.43 -54.65 -60.32
N ILE O 296 -26.68 -54.81 -59.91
CA ILE O 296 -27.05 -55.74 -58.85
C ILE O 296 -27.47 -57.03 -59.53
N GLN O 297 -26.50 -57.94 -59.68
CA GLN O 297 -26.74 -59.23 -60.29
C GLN O 297 -27.11 -60.29 -59.25
N LEU O 298 -26.34 -60.36 -58.16
CA LEU O 298 -26.66 -61.27 -57.08
C LEU O 298 -27.18 -60.56 -55.84
N GLY O 299 -27.13 -59.23 -55.79
CA GLY O 299 -27.65 -58.47 -54.69
C GLY O 299 -26.79 -58.41 -53.46
N TYR O 300 -25.83 -59.31 -53.30
CA TYR O 300 -25.05 -59.40 -52.07
C TYR O 300 -23.58 -59.57 -52.48
N PHE O 301 -22.75 -60.02 -51.53
CA PHE O 301 -21.29 -59.88 -51.59
C PHE O 301 -20.71 -60.11 -52.98
N PRO O 302 -20.88 -61.27 -53.61
CA PRO O 302 -20.41 -61.38 -54.98
C PRO O 302 -21.47 -60.80 -55.88
N ASN O 303 -21.50 -59.47 -55.99
CA ASN O 303 -22.55 -58.80 -56.75
C ASN O 303 -22.68 -59.37 -58.13
N ILE O 304 -21.57 -59.77 -58.74
CA ILE O 304 -21.55 -60.37 -60.06
C ILE O 304 -21.11 -61.82 -59.92
N THR O 305 -21.82 -62.71 -60.61
CA THR O 305 -21.51 -64.12 -60.53
C THR O 305 -20.22 -64.44 -61.29
N THR O 306 -19.57 -65.53 -60.89
CA THR O 306 -18.33 -65.96 -61.51
C THR O 306 -18.60 -66.98 -62.60
N THR O 307 -17.65 -67.09 -63.53
CA THR O 307 -17.72 -68.03 -64.62
C THR O 307 -16.96 -69.30 -64.25
N ALA O 308 -17.41 -70.42 -64.78
CA ALA O 308 -16.86 -71.70 -64.39
C ALA O 308 -15.48 -71.91 -64.99
N PRO O 309 -14.57 -72.56 -64.28
CA PRO O 309 -13.26 -72.88 -64.87
C PRO O 309 -13.39 -73.95 -65.94
N ARG O 310 -12.41 -73.96 -66.85
CA ARG O 310 -12.51 -74.81 -68.03
C ARG O 310 -12.47 -76.29 -67.66
N PHE O 311 -11.77 -76.65 -66.60
CA PHE O 311 -11.59 -78.03 -66.24
C PHE O 311 -12.23 -78.34 -64.89
N THR O 312 -12.39 -79.62 -64.61
CA THR O 312 -13.10 -80.07 -63.42
C THR O 312 -12.17 -80.55 -62.31
N LYS O 313 -10.94 -80.93 -62.66
CA LYS O 313 -9.95 -81.33 -61.67
C LYS O 313 -8.60 -80.78 -62.08
N ALA O 314 -7.81 -80.40 -61.07
CA ALA O 314 -6.50 -79.79 -61.32
C ALA O 314 -5.55 -80.72 -62.05
N ASP O 315 -5.77 -82.03 -61.97
CA ASP O 315 -4.92 -82.96 -62.70
C ASP O 315 -5.18 -82.91 -64.20
N ASP O 316 -6.34 -82.41 -64.62
CA ASP O 316 -6.65 -82.30 -66.04
C ASP O 316 -5.93 -81.14 -66.71
N VAL O 317 -5.37 -80.22 -65.93
CA VAL O 317 -4.80 -79.01 -66.52
C VAL O 317 -3.53 -79.35 -67.28
N PRO O 318 -3.36 -78.91 -68.52
CA PRO O 318 -2.09 -79.09 -69.24
C PRO O 318 -1.00 -78.24 -68.60
N ARG O 319 0.08 -78.90 -68.20
CA ARG O 319 1.14 -78.23 -67.46
C ARG O 319 2.20 -77.74 -68.42
N PRO O 320 2.35 -76.43 -68.63
CA PRO O 320 3.46 -75.94 -69.44
C PRO O 320 4.78 -76.20 -68.74
N VAL O 321 5.86 -75.99 -69.49
CA VAL O 321 7.19 -76.21 -68.94
C VAL O 321 7.47 -75.17 -67.87
N HIS O 322 8.23 -75.56 -66.84
CA HIS O 322 8.67 -74.58 -65.86
C HIS O 322 9.71 -73.68 -66.49
N PRO O 323 9.72 -72.38 -66.15
CA PRO O 323 10.67 -71.47 -66.79
C PRO O 323 12.11 -71.86 -66.56
N ASP O 324 12.42 -72.43 -65.40
CA ASP O 324 13.78 -72.90 -65.15
C ASP O 324 14.17 -74.00 -66.13
N GLU O 325 13.22 -74.88 -66.47
CA GLU O 325 13.52 -76.04 -67.31
C GLU O 325 14.08 -75.67 -68.66
N ILE O 326 13.98 -74.40 -69.06
CA ILE O 326 14.58 -74.00 -70.33
C ILE O 326 16.09 -74.18 -70.28
N GLU O 327 16.74 -73.45 -69.37
CA GLU O 327 18.20 -73.42 -69.29
C GLU O 327 18.80 -73.31 -70.69
N GLY O 328 18.37 -72.28 -71.40
CA GLY O 328 18.75 -72.06 -72.78
C GLY O 328 20.24 -71.92 -72.95
N PRO O 329 20.69 -71.86 -74.19
CA PRO O 329 22.12 -71.92 -74.44
C PRO O 329 22.86 -70.69 -73.94
N TRP O 330 23.61 -70.84 -72.85
CA TRP O 330 24.41 -69.74 -72.33
C TRP O 330 25.60 -69.48 -73.24
N GLU O 331 26.07 -68.24 -73.23
CA GLU O 331 27.22 -67.86 -74.02
C GLU O 331 28.21 -67.14 -73.11
N VAL O 332 29.40 -67.68 -72.98
CA VAL O 332 30.47 -67.03 -72.24
C VAL O 332 31.42 -66.43 -73.25
N ARG O 333 31.92 -65.24 -72.94
CA ARG O 333 32.83 -64.54 -73.83
C ARG O 333 34.14 -64.35 -73.09
N VAL O 334 35.16 -65.07 -73.52
CA VAL O 334 36.43 -65.15 -72.82
C VAL O 334 37.48 -64.45 -73.67
N THR O 335 38.09 -63.40 -73.11
CA THR O 335 39.17 -62.70 -73.78
C THR O 335 40.47 -62.94 -73.01
N TYR O 336 41.54 -63.22 -73.75
CA TYR O 336 42.84 -63.46 -73.17
C TYR O 336 43.79 -62.34 -73.56
N ASP O 337 44.82 -62.15 -72.74
CA ASP O 337 45.84 -61.18 -73.09
C ASP O 337 46.70 -61.64 -74.25
N ALA O 338 46.78 -62.94 -74.47
CA ALA O 338 47.48 -63.50 -75.63
C ALA O 338 46.54 -63.55 -76.82
N LYS O 339 47.10 -63.33 -78.00
CA LYS O 339 46.29 -63.31 -79.22
C LYS O 339 45.89 -64.69 -79.69
N ASP O 340 46.05 -65.71 -78.86
CA ASP O 340 45.73 -67.10 -79.20
C ASP O 340 44.41 -67.53 -78.58
N GLY O 341 43.39 -66.69 -78.66
CA GLY O 341 42.08 -67.05 -78.14
C GLY O 341 41.54 -68.35 -78.69
N LEU O 342 41.16 -68.37 -79.96
CA LEU O 342 40.47 -69.55 -80.50
C LEU O 342 41.41 -70.72 -80.68
N ALA O 343 42.55 -70.49 -81.34
CA ALA O 343 43.42 -71.61 -81.69
C ALA O 343 43.91 -72.37 -80.48
N TYR O 344 43.80 -71.80 -79.28
CA TYR O 344 44.12 -72.54 -78.07
C TYR O 344 42.88 -73.22 -77.51
N VAL O 345 41.79 -72.48 -77.36
CA VAL O 345 40.58 -73.05 -76.77
C VAL O 345 40.08 -74.21 -77.63
N GLN O 346 40.42 -74.21 -78.92
CA GLN O 346 40.21 -75.41 -79.72
C GLN O 346 41.16 -76.52 -79.27
N SER O 347 42.43 -76.19 -79.06
CA SER O 347 43.37 -77.17 -78.54
C SER O 347 42.99 -77.63 -77.14
N LEU O 348 42.24 -76.82 -76.40
CA LEU O 348 41.64 -77.29 -75.16
C LEU O 348 40.81 -78.53 -75.41
N SER O 349 40.09 -78.57 -76.53
CA SER O 349 39.23 -79.68 -76.91
C SER O 349 38.22 -80.01 -75.80
N LEU O 350 37.33 -79.05 -75.56
CA LEU O 350 36.31 -79.16 -74.54
C LEU O 350 34.98 -79.58 -75.15
N THR O 351 34.26 -80.44 -74.43
CA THR O 351 32.97 -80.95 -74.87
C THR O 351 31.85 -80.64 -73.90
N SER O 352 32.10 -80.74 -72.60
CA SER O 352 31.11 -80.56 -71.56
C SER O 352 31.84 -80.43 -70.24
N ILE O 353 31.43 -79.48 -69.41
CA ILE O 353 32.09 -79.26 -68.12
C ILE O 353 31.06 -79.59 -67.05
N ASP O 354 31.00 -80.88 -66.70
CA ASP O 354 30.28 -81.48 -65.59
C ASP O 354 28.77 -81.44 -65.77
N GLY O 355 28.27 -80.56 -66.63
CA GLY O 355 26.87 -80.61 -67.02
C GLY O 355 26.63 -80.00 -68.39
N ALA O 356 27.69 -79.50 -69.03
CA ALA O 356 27.54 -78.42 -69.99
C ALA O 356 26.94 -78.88 -71.31
N ALA O 357 27.62 -79.80 -71.99
CA ALA O 357 27.35 -80.08 -73.40
C ALA O 357 27.56 -78.81 -74.23
N VAL O 358 28.82 -78.38 -74.27
CA VAL O 358 29.20 -77.20 -75.01
C VAL O 358 28.70 -77.29 -76.44
N LEU O 359 28.16 -76.18 -76.94
CA LEU O 359 27.53 -76.17 -78.25
C LEU O 359 28.49 -75.69 -79.33
N SER O 360 28.99 -74.47 -79.22
CA SER O 360 29.76 -73.86 -80.28
C SER O 360 30.88 -73.00 -79.69
N VAL O 361 32.08 -73.19 -80.20
CA VAL O 361 33.27 -72.49 -79.72
C VAL O 361 33.74 -71.58 -80.85
N GLU O 362 33.48 -70.28 -80.71
CA GLU O 362 33.86 -69.30 -81.71
C GLU O 362 34.84 -68.30 -81.10
N GLU O 363 35.17 -67.26 -81.87
CA GLU O 363 36.05 -66.21 -81.39
C GLU O 363 35.62 -64.80 -81.80
N GLU O 364 34.73 -64.65 -82.76
CA GLU O 364 34.31 -63.35 -83.25
C GLU O 364 32.81 -63.19 -83.01
N PHE O 365 32.36 -61.96 -82.78
CA PHE O 365 33.14 -60.74 -82.96
C PHE O 365 34.02 -60.39 -81.76
N PRO O 366 35.27 -60.03 -82.03
CA PRO O 366 36.11 -59.48 -80.97
C PRO O 366 36.01 -57.96 -80.90
N ALA O 367 36.86 -57.34 -80.09
CA ALA O 367 37.13 -55.91 -80.21
C ALA O 367 38.13 -55.68 -81.35
N ALA O 368 37.68 -56.03 -82.56
CA ALA O 368 38.57 -56.07 -83.71
C ALA O 368 39.02 -54.68 -84.11
N ALA O 369 38.09 -53.84 -84.55
CA ALA O 369 38.40 -52.46 -84.94
C ALA O 369 37.79 -51.54 -83.90
N GLN O 370 38.54 -51.32 -82.82
CA GLN O 370 38.13 -50.37 -81.81
C GLN O 370 39.12 -49.22 -81.74
N PRO O 371 38.65 -47.98 -81.66
CA PRO O 371 39.56 -46.85 -81.80
C PRO O 371 40.56 -46.77 -80.66
N TYR O 372 41.74 -46.25 -80.98
CA TYR O 372 42.74 -46.02 -79.94
C TYR O 372 42.34 -44.89 -79.01
N ALA O 373 41.43 -44.02 -79.44
CA ALA O 373 40.94 -42.97 -78.56
C ALA O 373 40.25 -43.56 -77.34
N ALA O 374 39.50 -44.64 -77.54
CA ALA O 374 38.75 -45.27 -76.46
C ALA O 374 39.62 -45.86 -75.37
N VAL O 375 40.95 -45.78 -75.49
CA VAL O 375 41.86 -46.21 -74.45
C VAL O 375 42.86 -45.16 -74.05
N ASP O 376 42.90 -44.02 -74.73
CA ASP O 376 43.90 -43.00 -74.46
C ASP O 376 43.52 -42.19 -73.23
N PRO O 377 44.31 -42.24 -72.15
CA PRO O 377 44.03 -41.37 -71.00
C PRO O 377 43.94 -39.90 -71.36
N VAL O 378 44.62 -39.48 -72.42
CA VAL O 378 44.39 -38.14 -72.95
C VAL O 378 42.99 -38.02 -73.51
N TYR O 379 42.50 -39.06 -74.17
CA TYR O 379 41.21 -38.95 -74.81
C TYR O 379 40.08 -39.40 -73.91
N GLN O 380 40.28 -40.43 -73.10
CA GLN O 380 39.17 -40.94 -72.33
C GLN O 380 38.95 -40.20 -71.03
N GLU O 381 39.59 -39.05 -70.84
CA GLU O 381 39.26 -38.17 -69.73
C GLU O 381 38.53 -36.92 -70.18
N ALA O 382 38.84 -36.42 -71.33
CA ALA O 382 38.05 -35.32 -71.86
C ALA O 382 36.72 -35.77 -72.40
N VAL O 383 36.39 -37.04 -72.19
CA VAL O 383 35.04 -37.51 -72.36
C VAL O 383 34.39 -37.92 -71.04
N ARG O 384 35.15 -38.50 -70.12
CA ARG O 384 34.70 -38.67 -68.74
C ARG O 384 34.80 -37.38 -67.95
N ARG O 385 34.99 -36.25 -68.62
CA ARG O 385 34.73 -34.92 -68.06
C ARG O 385 33.47 -34.31 -68.63
N GLU O 386 33.24 -34.50 -69.93
CA GLU O 386 31.98 -34.05 -70.52
C GLU O 386 30.82 -34.86 -69.98
N MET O 387 31.02 -36.15 -69.73
CA MET O 387 29.97 -36.95 -69.11
C MET O 387 29.61 -36.44 -67.73
N ALA O 388 30.46 -35.64 -67.11
CA ALA O 388 30.16 -35.04 -65.81
C ALA O 388 29.40 -33.74 -65.95
N GLN O 389 29.90 -32.80 -66.75
CA GLN O 389 29.18 -31.55 -66.97
C GLN O 389 27.84 -31.76 -67.64
N GLU O 390 27.59 -32.96 -68.16
CA GLU O 390 26.25 -33.31 -68.59
C GLU O 390 25.37 -33.74 -67.43
N GLU O 391 25.96 -34.09 -66.28
CA GLU O 391 25.19 -34.51 -65.12
C GLU O 391 24.96 -33.36 -64.15
N THR O 392 26.00 -32.63 -63.79
CA THR O 392 25.85 -31.52 -62.86
C THR O 392 24.96 -30.43 -63.44
N LEU O 393 24.52 -30.62 -64.68
CA LEU O 393 23.49 -29.79 -65.29
C LEU O 393 22.11 -30.40 -65.16
N MET O 394 22.02 -31.71 -64.97
CA MET O 394 20.75 -32.41 -64.85
C MET O 394 20.47 -32.88 -63.43
N LYS O 395 21.30 -32.49 -62.46
CA LYS O 395 21.10 -32.87 -61.07
C LYS O 395 21.37 -31.72 -60.11
N TRP O 396 21.44 -30.49 -60.61
CA TRP O 396 21.74 -29.38 -59.73
C TRP O 396 21.36 -28.06 -60.38
N PRO O 397 20.70 -27.15 -59.67
CA PRO O 397 20.32 -27.27 -58.26
C PRO O 397 19.12 -28.17 -58.09
N ASN O 398 19.20 -29.17 -57.22
CA ASN O 398 18.05 -30.05 -57.03
C ASN O 398 16.91 -29.26 -56.44
N VAL O 399 15.76 -29.31 -57.11
CA VAL O 399 14.53 -28.72 -56.58
C VAL O 399 13.43 -29.76 -56.72
N PRO O 400 12.48 -29.84 -55.80
CA PRO O 400 11.44 -30.85 -55.91
C PRO O 400 10.34 -30.44 -56.88
N LYS O 401 9.79 -31.44 -57.56
CA LYS O 401 8.68 -31.21 -58.47
C LYS O 401 7.49 -30.62 -57.73
N TRP O 402 7.14 -31.19 -56.58
CA TRP O 402 6.04 -30.68 -55.80
C TRP O 402 6.33 -30.82 -54.32
N LYS O 403 5.92 -29.82 -53.55
CA LYS O 403 5.85 -29.91 -52.11
C LYS O 403 4.62 -29.16 -51.66
N TYR O 404 4.01 -29.65 -50.58
CA TYR O 404 2.77 -29.06 -50.08
C TYR O 404 2.85 -27.55 -49.93
N GLN O 405 4.05 -27.01 -49.79
CA GLN O 405 4.25 -25.58 -49.63
C GLN O 405 4.47 -24.87 -50.94
N TYR O 406 3.92 -25.37 -52.04
CA TYR O 406 3.82 -24.58 -53.25
C TYR O 406 2.43 -23.99 -53.43
N ASP O 407 1.42 -24.54 -52.77
CA ASP O 407 0.13 -23.87 -52.72
C ASP O 407 0.13 -22.80 -51.64
N LEU O 408 0.83 -23.04 -50.53
CA LEU O 408 0.98 -22.00 -49.52
C LEU O 408 1.71 -20.78 -50.09
N TYR O 409 2.66 -20.99 -50.99
CA TYR O 409 3.30 -19.85 -51.66
C TYR O 409 2.37 -19.16 -52.64
N THR O 410 1.25 -19.76 -52.99
CA THR O 410 0.43 -19.27 -54.09
C THR O 410 -0.98 -18.92 -53.68
N LYS O 411 -1.61 -19.71 -52.82
CA LYS O 411 -2.97 -19.44 -52.40
C LYS O 411 -3.03 -18.13 -51.63
N LYS O 412 -3.58 -17.10 -52.26
CA LYS O 412 -3.82 -15.82 -51.61
C LYS O 412 -5.32 -15.55 -51.58
N HIS O 413 -5.76 -14.80 -50.57
CA HIS O 413 -7.17 -14.53 -50.42
C HIS O 413 -7.71 -13.72 -51.60
N LEU O 414 -9.03 -13.59 -51.66
CA LEU O 414 -9.63 -12.71 -52.66
C LEU O 414 -9.24 -11.26 -52.42
N ALA O 415 -9.06 -10.88 -51.15
CA ALA O 415 -8.60 -9.53 -50.86
C ALA O 415 -7.16 -9.33 -51.33
N GLN O 416 -6.24 -10.16 -50.84
CA GLN O 416 -4.83 -9.97 -51.10
C GLN O 416 -4.47 -10.15 -52.56
N VAL O 417 -5.37 -10.68 -53.38
CA VAL O 417 -5.07 -10.76 -54.80
C VAL O 417 -5.46 -9.46 -55.50
N VAL O 418 -6.62 -8.90 -55.14
CA VAL O 418 -7.08 -7.68 -55.81
C VAL O 418 -6.23 -6.49 -55.41
N GLN O 419 -5.59 -6.52 -54.25
CA GLN O 419 -4.59 -5.51 -53.96
C GLN O 419 -3.51 -5.53 -55.01
N TYR O 420 -2.84 -6.68 -55.18
CA TYR O 420 -1.64 -6.71 -55.99
C TYR O 420 -1.95 -6.44 -57.46
N ASN O 421 -2.97 -7.11 -58.00
CA ASN O 421 -3.26 -7.04 -59.43
C ASN O 421 -4.63 -6.44 -59.64
N TYR O 422 -4.69 -5.12 -59.69
CA TYR O 422 -5.92 -4.40 -59.98
C TYR O 422 -5.57 -3.21 -60.85
N SER O 423 -6.50 -2.84 -61.73
CA SER O 423 -6.29 -1.68 -62.57
C SER O 423 -7.63 -1.18 -63.09
N ASN O 424 -7.69 0.14 -63.31
CA ASN O 424 -8.89 0.80 -63.78
C ASN O 424 -9.47 0.18 -65.05
N VAL O 425 -8.64 -0.55 -65.80
CA VAL O 425 -9.13 -1.30 -66.95
C VAL O 425 -10.30 -2.17 -66.55
N VAL O 426 -10.22 -2.80 -65.37
CA VAL O 426 -11.31 -3.63 -64.91
C VAL O 426 -12.55 -2.81 -64.60
N ASP O 427 -12.40 -1.50 -64.40
CA ASP O 427 -13.50 -0.63 -64.04
C ASP O 427 -14.02 0.21 -65.20
N TYR O 428 -13.16 0.60 -66.14
CA TYR O 428 -13.66 1.27 -67.34
C TYR O 428 -14.59 0.35 -68.10
N VAL O 429 -14.13 -0.86 -68.43
CA VAL O 429 -14.96 -1.82 -69.15
C VAL O 429 -16.17 -2.19 -68.31
N ASP O 430 -16.07 -2.09 -67.00
CA ASP O 430 -17.23 -2.28 -66.13
C ASP O 430 -18.34 -1.32 -66.53
N ARG O 431 -17.97 -0.10 -66.94
CA ARG O 431 -18.93 0.87 -67.45
C ARG O 431 -19.12 0.74 -68.94
N GLU O 432 -18.06 0.41 -69.68
CA GLU O 432 -18.12 0.44 -71.13
C GLU O 432 -18.98 -0.70 -71.67
N VAL O 433 -18.79 -1.92 -71.17
CA VAL O 433 -19.64 -3.03 -71.58
C VAL O 433 -21.10 -2.71 -71.28
N LEU O 434 -21.34 -1.82 -70.31
CA LEU O 434 -22.69 -1.43 -69.98
C LEU O 434 -23.22 -0.42 -70.98
N LEU O 435 -22.38 0.53 -71.39
CA LEU O 435 -22.84 1.61 -72.24
C LEU O 435 -23.39 1.09 -73.57
N THR O 436 -22.52 0.51 -74.39
CA THR O 436 -22.95 -0.02 -75.67
C THR O 436 -23.80 -1.27 -75.46
N GLY O 437 -23.43 -2.11 -74.51
CA GLY O 437 -24.05 -3.40 -74.36
C GLY O 437 -23.39 -4.49 -75.15
N ARG O 438 -22.12 -4.31 -75.51
CA ARG O 438 -21.41 -5.33 -76.26
C ARG O 438 -21.11 -6.53 -75.38
N SER O 439 -20.59 -7.57 -76.00
CA SER O 439 -20.16 -8.77 -75.28
C SER O 439 -18.66 -8.71 -75.06
N VAL O 440 -18.21 -9.35 -73.98
CA VAL O 440 -16.79 -9.51 -73.70
C VAL O 440 -16.59 -10.87 -73.05
N TRP O 441 -15.57 -11.60 -73.50
CA TRP O 441 -15.42 -13.01 -73.18
C TRP O 441 -14.20 -13.29 -72.34
N GLU O 442 -13.02 -12.90 -72.81
CA GLU O 442 -11.79 -13.01 -72.04
C GLU O 442 -11.62 -11.76 -71.19
N SER O 443 -11.22 -11.97 -69.93
CA SER O 443 -11.08 -10.85 -69.01
C SER O 443 -10.09 -9.84 -69.55
N PRO O 444 -10.34 -8.54 -69.36
CA PRO O 444 -9.42 -7.53 -69.89
C PRO O 444 -8.15 -7.39 -69.09
N ILE O 445 -8.02 -8.04 -67.95
CA ILE O 445 -6.89 -7.86 -67.04
C ILE O 445 -6.22 -9.20 -66.79
N ASP O 446 -4.89 -9.20 -66.80
CA ASP O 446 -4.10 -10.40 -66.57
C ASP O 446 -3.88 -10.56 -65.06
N ILE O 447 -4.90 -11.10 -64.39
CA ILE O 447 -4.80 -11.28 -62.95
C ILE O 447 -3.65 -12.20 -62.63
N ASP O 448 -3.01 -11.97 -61.50
CA ASP O 448 -2.01 -12.88 -60.96
C ASP O 448 -2.53 -13.39 -59.64
N PRO O 449 -3.13 -14.58 -59.60
CA PRO O 449 -3.66 -15.09 -58.33
C PRO O 449 -2.59 -15.46 -57.33
N THR O 450 -1.31 -15.24 -57.62
CA THR O 450 -0.24 -15.55 -56.70
C THR O 450 0.35 -14.32 -56.05
N CYS O 451 0.14 -13.14 -56.64
CA CYS O 451 0.66 -11.88 -56.11
C CYS O 451 2.17 -11.96 -55.91
N GLY O 452 2.87 -12.25 -57.00
CA GLY O 452 4.30 -12.42 -56.90
C GLY O 452 4.73 -13.65 -56.14
N GLY O 453 3.96 -14.72 -56.22
CA GLY O 453 4.32 -15.95 -55.53
C GLY O 453 5.07 -16.92 -56.42
N MET O 454 4.79 -16.90 -57.71
CA MET O 454 5.41 -17.83 -58.62
C MET O 454 6.88 -17.54 -58.86
N LYS O 455 7.42 -16.45 -58.32
CA LYS O 455 8.86 -16.24 -58.43
C LYS O 455 9.63 -17.26 -57.60
N SER O 456 8.93 -18.11 -56.85
CA SER O 456 9.55 -19.11 -56.00
C SER O 456 9.01 -20.52 -56.27
N VAL O 457 8.58 -20.78 -57.50
CA VAL O 457 8.01 -22.06 -57.88
C VAL O 457 8.74 -22.57 -59.11
N PRO O 458 9.38 -23.75 -59.05
CA PRO O 458 10.16 -24.22 -60.19
C PRO O 458 9.28 -24.55 -61.38
N ALA O 459 9.74 -24.14 -62.56
CA ALA O 459 8.94 -24.24 -63.77
C ALA O 459 8.47 -25.66 -64.07
N HIS O 460 9.04 -26.66 -63.40
CA HIS O 460 8.59 -28.03 -63.60
C HIS O 460 7.60 -28.47 -62.54
N ALA O 461 7.04 -27.53 -61.79
CA ALA O 461 6.11 -27.88 -60.72
C ALA O 461 4.83 -28.45 -61.30
N LYS O 462 4.39 -29.59 -60.75
CA LYS O 462 3.13 -30.19 -61.10
C LYS O 462 2.74 -31.18 -60.00
N LYS O 463 1.48 -31.12 -59.58
CA LYS O 463 1.05 -31.87 -58.42
C LYS O 463 1.09 -33.38 -58.67
N PRO O 464 1.36 -34.16 -57.65
CA PRO O 464 1.39 -35.62 -57.81
C PRO O 464 0.01 -36.22 -57.96
N LYS O 465 -0.08 -37.54 -58.00
CA LYS O 465 -1.35 -38.24 -58.07
C LYS O 465 -1.61 -38.91 -56.73
N ARG O 466 -2.81 -38.72 -56.20
CA ARG O 466 -3.18 -39.27 -54.91
C ARG O 466 -4.25 -40.34 -55.11
N TYR O 467 -3.91 -41.58 -54.77
CA TYR O 467 -4.84 -42.68 -54.93
C TYR O 467 -5.74 -42.81 -53.71
N MET O 468 -6.94 -43.34 -53.93
CA MET O 468 -7.92 -43.56 -52.86
C MET O 468 -8.22 -42.27 -52.12
N THR O 469 -8.39 -41.19 -52.88
CA THR O 469 -8.69 -39.91 -52.29
C THR O 469 -10.05 -39.93 -51.60
N HIS O 470 -10.30 -38.92 -50.79
CA HIS O 470 -11.48 -38.86 -49.93
C HIS O 470 -12.43 -37.81 -50.49
N GLY O 471 -13.69 -38.18 -50.62
CA GLY O 471 -14.68 -37.23 -51.09
C GLY O 471 -15.61 -37.86 -52.09
N LEU O 472 -16.73 -37.18 -52.32
CA LEU O 472 -17.78 -37.67 -53.20
C LEU O 472 -17.64 -37.11 -54.59
N ALA O 473 -16.42 -36.88 -55.05
CA ALA O 473 -16.22 -36.41 -56.42
C ALA O 473 -16.39 -37.55 -57.41
N GLU O 474 -15.68 -38.66 -57.20
CA GLU O 474 -15.74 -39.79 -58.11
C GLU O 474 -17.13 -40.38 -58.20
N VAL O 475 -18.04 -40.01 -57.31
CA VAL O 475 -19.42 -40.48 -57.35
C VAL O 475 -20.32 -39.24 -57.37
N GLY O 476 -20.85 -38.91 -58.54
CA GLY O 476 -21.58 -37.66 -58.65
C GLY O 476 -22.98 -37.82 -58.11
N VAL O 477 -23.17 -37.41 -56.85
CA VAL O 477 -24.38 -37.74 -56.11
C VAL O 477 -25.38 -36.62 -56.36
N THR O 478 -26.03 -36.69 -57.52
CA THR O 478 -27.07 -35.71 -57.79
C THR O 478 -28.36 -36.04 -57.07
N ASP O 479 -28.41 -37.18 -56.37
CA ASP O 479 -29.65 -37.60 -55.72
C ASP O 479 -29.91 -36.87 -54.42
N ILE O 480 -28.86 -36.43 -53.72
CA ILE O 480 -29.03 -35.76 -52.44
C ILE O 480 -28.38 -34.37 -52.46
N THR P 243 -65.93 -21.55 64.09
CA THR P 243 -66.65 -22.43 64.99
C THR P 243 -65.81 -22.79 66.22
N THR P 244 -64.68 -22.11 66.36
CA THR P 244 -63.79 -22.20 67.53
C THR P 244 -63.19 -23.60 67.72
N THR P 245 -63.32 -24.49 66.73
CA THR P 245 -62.73 -25.81 66.81
C THR P 245 -62.06 -26.14 65.49
N ILE P 246 -61.22 -27.17 65.53
CA ILE P 246 -60.58 -27.64 64.31
C ILE P 246 -61.64 -28.27 63.42
N ALA P 247 -61.75 -27.77 62.19
CA ALA P 247 -62.70 -28.35 61.25
C ALA P 247 -62.38 -29.83 61.06
N ALA P 248 -63.27 -30.70 61.51
CA ALA P 248 -62.99 -32.12 61.53
C ALA P 248 -63.74 -32.84 60.41
N GLY P 249 -63.38 -34.10 60.22
CA GLY P 249 -64.01 -34.94 59.24
C GLY P 249 -63.01 -35.56 58.30
N PRO P 250 -63.50 -36.31 57.32
CA PRO P 250 -62.61 -36.80 56.27
C PRO P 250 -62.09 -35.65 55.41
N TYR P 251 -60.77 -35.60 55.25
CA TYR P 251 -60.09 -34.46 54.64
C TYR P 251 -59.71 -34.75 53.20
N ARG P 252 -59.13 -33.73 52.58
CA ARG P 252 -58.40 -33.88 51.34
C ARG P 252 -57.15 -33.03 51.42
N ARG P 253 -56.36 -33.04 50.35
CA ARG P 253 -55.17 -32.20 50.25
C ARG P 253 -55.12 -31.68 48.82
N VAL P 254 -54.85 -30.40 48.64
CA VAL P 254 -54.96 -29.76 47.34
C VAL P 254 -53.72 -28.91 47.11
N GLY P 255 -52.71 -29.49 46.48
CA GLY P 255 -51.51 -28.77 46.13
C GLY P 255 -51.80 -27.67 45.15
N ASN P 256 -50.78 -26.89 44.87
CA ASN P 256 -50.93 -25.70 44.07
C ASN P 256 -50.53 -25.95 42.64
N VAL P 257 -50.64 -24.91 41.81
CA VAL P 257 -50.21 -24.95 40.42
C VAL P 257 -49.82 -23.53 40.03
N PHE P 258 -48.61 -23.38 39.50
CA PHE P 258 -48.06 -22.06 39.22
C PHE P 258 -48.45 -21.59 37.83
N ILE P 259 -48.33 -20.28 37.64
CA ILE P 259 -48.47 -19.64 36.33
C ILE P 259 -47.35 -18.62 36.21
N VAL P 260 -46.29 -19.01 35.53
CA VAL P 260 -45.05 -18.23 35.51
C VAL P 260 -44.91 -17.54 34.16
N THR P 261 -44.28 -16.37 34.17
CA THR P 261 -44.09 -15.60 32.96
C THR P 261 -42.80 -14.80 33.06
N CYS P 262 -42.04 -14.78 31.98
CA CYS P 262 -40.80 -14.03 31.98
C CYS P 262 -41.10 -12.54 32.01
N ILE P 263 -40.31 -11.80 32.79
CA ILE P 263 -40.41 -10.36 32.85
C ILE P 263 -39.06 -9.70 32.60
N ASP P 264 -38.14 -10.42 31.94
CA ASP P 264 -36.83 -9.90 31.65
C ASP P 264 -36.17 -10.84 30.64
N HIS P 265 -35.40 -10.26 29.74
CA HIS P 265 -34.73 -10.97 28.68
C HIS P 265 -33.78 -12.01 29.24
N PRO P 266 -34.03 -13.30 29.01
CA PRO P 266 -33.15 -14.33 29.57
C PRO P 266 -31.81 -14.44 28.86
N PHE P 267 -31.56 -13.67 27.81
CA PHE P 267 -30.22 -13.65 27.24
C PHE P 267 -29.23 -13.01 28.19
N LYS P 268 -29.70 -12.07 29.02
CA LYS P 268 -28.81 -11.29 29.86
C LYS P 268 -28.01 -12.13 30.85
N PHE P 269 -28.43 -13.35 31.12
CA PHE P 269 -27.88 -14.14 32.19
C PHE P 269 -27.07 -15.31 31.65
N SER P 270 -26.47 -16.07 32.56
CA SER P 270 -25.63 -17.18 32.18
C SER P 270 -26.47 -18.27 31.53
N TRP P 271 -25.80 -19.28 31.00
CA TRP P 271 -26.55 -20.40 30.45
C TRP P 271 -27.08 -21.31 31.54
N GLU P 272 -26.43 -21.33 32.71
CA GLU P 272 -26.92 -22.16 33.79
C GLU P 272 -28.34 -21.80 34.18
N VAL P 273 -28.73 -20.55 33.97
CA VAL P 273 -30.07 -20.09 34.33
C VAL P 273 -31.05 -20.32 33.19
N ASN P 274 -30.67 -19.99 31.95
CA ASN P 274 -31.55 -20.31 30.83
C ASN P 274 -31.69 -21.80 30.64
N ARG P 275 -30.80 -22.59 31.22
CA ARG P 275 -31.02 -24.03 31.26
C ARG P 275 -32.23 -24.34 32.12
N MET P 276 -32.37 -23.65 33.24
CA MET P 276 -33.53 -23.82 34.11
C MET P 276 -34.77 -23.18 33.53
N LEU P 277 -34.63 -22.36 32.49
CA LEU P 277 -35.80 -21.74 31.89
C LEU P 277 -36.37 -22.51 30.72
N ARG P 278 -35.59 -23.41 30.11
CA ARG P 278 -36.20 -24.32 29.16
C ARG P 278 -37.07 -25.33 29.87
N GLU P 279 -36.61 -25.84 31.00
CA GLU P 279 -37.41 -26.82 31.73
C GLU P 279 -38.73 -26.23 32.18
N LEU P 280 -38.81 -24.92 32.30
CA LEU P 280 -40.09 -24.26 32.52
C LEU P 280 -40.78 -23.93 31.22
N ARG P 281 -40.24 -24.39 30.09
CA ARG P 281 -40.83 -24.10 28.78
C ARG P 281 -40.94 -22.60 28.57
N LEU P 282 -39.86 -21.88 28.86
CA LEU P 282 -39.82 -20.44 28.73
C LEU P 282 -38.54 -20.03 28.04
N GLU P 283 -38.66 -19.18 27.03
CA GLU P 283 -37.50 -18.83 26.24
C GLU P 283 -37.38 -17.33 26.06
N PHE P 284 -38.51 -16.62 26.08
CA PHE P 284 -38.54 -15.22 25.70
C PHE P 284 -39.34 -14.42 26.71
N MET P 285 -38.96 -13.15 26.86
CA MET P 285 -39.71 -12.23 27.69
C MET P 285 -41.13 -12.11 27.19
N GLY P 286 -42.09 -12.51 28.01
CA GLY P 286 -43.49 -12.36 27.67
C GLY P 286 -44.23 -13.66 27.50
N GLN P 287 -43.55 -14.79 27.53
CA GLN P 287 -44.26 -16.05 27.43
C GLN P 287 -44.85 -16.42 28.79
N THR P 288 -45.64 -17.49 28.80
CA THR P 288 -46.31 -17.92 30.02
C THR P 288 -46.55 -19.42 29.93
N THR P 289 -46.55 -20.07 31.08
CA THR P 289 -46.82 -21.50 31.16
C THR P 289 -47.42 -21.82 32.51
N VAL P 290 -47.97 -23.02 32.61
CA VAL P 290 -48.63 -23.49 33.81
C VAL P 290 -47.93 -24.78 34.22
N VAL P 291 -47.19 -24.73 35.31
CA VAL P 291 -46.40 -25.89 35.74
C VAL P 291 -46.93 -26.36 37.09
N PRO P 292 -46.75 -27.63 37.44
CA PRO P 292 -47.09 -28.07 38.79
C PRO P 292 -46.19 -27.40 39.83
N ASP P 293 -46.49 -27.67 41.10
CA ASP P 293 -45.72 -27.14 42.20
C ASP P 293 -44.88 -28.21 42.89
N ILE P 294 -44.65 -29.33 42.21
CA ILE P 294 -43.97 -30.47 42.79
C ILE P 294 -42.51 -30.09 43.06
N PRO P 295 -41.79 -30.82 43.91
CA PRO P 295 -40.47 -30.37 44.35
C PRO P 295 -39.52 -30.05 43.21
N PRO P 296 -39.35 -30.93 42.21
CA PRO P 296 -38.35 -30.62 41.16
C PRO P 296 -38.69 -29.40 40.34
N VAL P 297 -39.79 -28.71 40.63
CA VAL P 297 -40.09 -27.46 39.95
C VAL P 297 -39.81 -26.24 40.82
N ARG P 298 -39.83 -26.39 42.14
CA ARG P 298 -39.42 -25.28 42.99
C ARG P 298 -37.94 -25.01 42.87
N LYS P 299 -37.13 -26.05 42.65
CA LYS P 299 -35.72 -25.85 42.39
C LYS P 299 -35.51 -25.00 41.15
N ARG P 300 -36.14 -25.39 40.04
CA ARG P 300 -35.98 -24.63 38.80
C ARG P 300 -36.54 -23.23 38.92
N ILE P 301 -37.49 -23.00 39.83
CA ILE P 301 -38.00 -21.65 40.01
C ILE P 301 -37.15 -20.89 41.02
N TRP P 302 -36.58 -21.58 42.00
CA TRP P 302 -35.73 -20.91 42.97
C TRP P 302 -34.53 -20.26 42.32
N ARG P 303 -34.12 -20.76 41.16
CA ARG P 303 -32.94 -20.25 40.48
C ARG P 303 -33.26 -19.26 39.39
N VAL P 304 -34.54 -18.96 39.18
CA VAL P 304 -34.94 -18.01 38.16
C VAL P 304 -35.90 -17.00 38.75
N ARG P 305 -35.88 -16.86 40.09
CA ARG P 305 -36.85 -16.00 40.73
C ARG P 305 -36.71 -14.54 40.33
N HIS P 306 -35.61 -14.15 39.69
CA HIS P 306 -35.41 -12.78 39.25
C HIS P 306 -35.80 -12.56 37.80
N VAL P 307 -36.40 -13.55 37.15
CA VAL P 307 -36.82 -13.41 35.77
C VAL P 307 -38.28 -13.73 35.56
N VAL P 308 -38.91 -14.52 36.42
CA VAL P 308 -40.30 -14.91 36.26
C VAL P 308 -41.15 -14.18 37.30
N ARG P 309 -42.45 -14.15 37.03
CA ARG P 309 -43.43 -13.75 38.02
C ARG P 309 -44.41 -14.90 38.18
N VAL P 310 -44.71 -15.24 39.43
CA VAL P 310 -45.38 -16.48 39.76
C VAL P 310 -46.76 -16.18 40.34
N ASP P 311 -47.72 -17.03 40.01
CA ASP P 311 -49.02 -17.11 40.64
C ASP P 311 -49.14 -18.47 41.30
N GLN P 312 -50.18 -18.66 42.10
CA GLN P 312 -50.43 -19.93 42.73
C GLN P 312 -51.92 -20.25 42.63
N LEU P 313 -52.25 -21.27 41.84
CA LEU P 313 -53.61 -21.75 41.71
C LEU P 313 -53.75 -23.04 42.48
N ASP P 314 -54.77 -23.13 43.31
CA ASP P 314 -55.02 -24.36 44.05
C ASP P 314 -55.77 -25.33 43.14
N LEU P 315 -56.10 -26.50 43.68
CA LEU P 315 -56.78 -27.52 42.91
C LEU P 315 -58.29 -27.43 43.04
N ASP P 316 -58.80 -26.39 43.68
CA ASP P 316 -60.18 -25.99 43.56
C ASP P 316 -60.36 -24.71 42.76
N GLU P 317 -59.36 -23.81 42.81
CA GLU P 317 -59.37 -22.66 41.90
C GLU P 317 -59.22 -23.11 40.46
N ALA P 318 -58.39 -24.12 40.22
CA ALA P 318 -58.24 -24.65 38.88
C ALA P 318 -59.57 -25.15 38.34
N LYS P 319 -60.22 -26.05 39.09
CA LYS P 319 -61.54 -26.53 38.69
C LYS P 319 -62.58 -25.44 38.69
N ALA P 320 -62.26 -24.24 39.16
CA ALA P 320 -63.18 -23.12 39.09
C ALA P 320 -62.81 -22.12 38.02
N LEU P 321 -61.52 -21.82 37.86
CA LEU P 321 -61.08 -20.95 36.78
C LEU P 321 -61.61 -21.42 35.43
N ILE P 322 -61.39 -22.68 35.12
CA ILE P 322 -62.10 -23.35 34.06
C ILE P 322 -63.31 -24.03 34.69
N GLY P 323 -64.46 -23.98 34.03
CA GLY P 323 -65.63 -24.53 34.63
C GLY P 323 -65.60 -26.05 34.64
N ILE P 324 -65.30 -26.64 35.78
CA ILE P 324 -65.25 -28.09 35.90
C ILE P 324 -66.12 -28.51 37.08
N PRO P 325 -67.03 -29.45 36.90
CA PRO P 325 -67.80 -29.94 38.04
C PRO P 325 -66.87 -30.49 39.12
N GLU P 326 -67.33 -30.36 40.36
CA GLU P 326 -66.53 -30.84 41.48
C GLU P 326 -66.45 -32.36 41.53
N HIS P 327 -67.36 -33.05 40.88
CA HIS P 327 -67.35 -34.51 40.91
C HIS P 327 -66.40 -35.11 39.89
N ILE P 328 -65.54 -34.31 39.27
CA ILE P 328 -64.49 -34.79 38.40
C ILE P 328 -63.15 -34.51 39.05
N SER P 329 -62.21 -35.42 38.88
CA SER P 329 -60.84 -35.16 39.28
C SER P 329 -60.10 -34.58 38.08
N PHE P 330 -58.78 -34.53 38.17
CA PHE P 330 -57.97 -34.09 37.05
C PHE P 330 -57.20 -35.22 36.39
N ARG P 331 -56.77 -36.22 37.16
CA ARG P 331 -56.05 -37.34 36.56
C ARG P 331 -56.95 -38.13 35.63
N ASP P 332 -58.25 -38.17 35.89
CA ASP P 332 -59.15 -38.89 35.00
C ASP P 332 -59.57 -38.04 33.81
N LEU P 333 -59.71 -36.73 34.01
CA LEU P 333 -60.07 -35.85 32.92
C LEU P 333 -58.93 -35.70 31.92
N ALA P 334 -57.69 -35.86 32.39
CA ALA P 334 -56.52 -35.83 31.53
C ALA P 334 -56.25 -37.14 30.82
N GLY P 335 -56.83 -38.24 31.29
CA GLY P 335 -56.65 -39.51 30.62
C GLY P 335 -57.34 -39.65 29.29
N GLN P 336 -57.94 -38.57 28.78
CA GLN P 336 -58.64 -38.58 27.50
C GLN P 336 -57.78 -38.06 26.37
N ILE P 337 -57.15 -36.92 26.54
CA ILE P 337 -56.23 -36.39 25.52
C ILE P 337 -55.10 -37.38 25.31
N PRO P 338 -54.74 -37.70 24.06
CA PRO P 338 -53.69 -38.68 23.81
C PRO P 338 -52.35 -38.16 24.28
N PRO P 339 -51.33 -39.01 24.37
CA PRO P 339 -50.00 -38.53 24.75
C PRO P 339 -49.22 -37.96 23.58
N THR P 340 -49.73 -38.10 22.37
CA THR P 340 -49.11 -37.50 21.20
C THR P 340 -49.84 -36.21 20.85
N PHE P 341 -49.74 -35.26 21.76
CA PHE P 341 -50.31 -33.93 21.54
C PHE P 341 -49.40 -33.14 20.62
N GLY P 342 -49.59 -31.83 20.54
CA GLY P 342 -48.72 -31.00 19.72
C GLY P 342 -47.31 -31.00 20.27
N ARG P 343 -46.33 -31.32 19.43
CA ARG P 343 -44.93 -31.45 19.85
C ARG P 343 -44.82 -32.46 20.99
N GLY P 344 -45.13 -33.71 20.65
CA GLY P 344 -45.48 -34.73 21.63
C GLY P 344 -44.70 -34.69 22.92
N GLY P 345 -43.39 -34.90 22.86
CA GLY P 345 -42.56 -34.80 24.03
C GLY P 345 -41.19 -34.34 23.62
N SER P 346 -40.32 -34.15 24.60
CA SER P 346 -38.97 -33.67 24.36
C SER P 346 -38.03 -34.87 24.32
N VAL P 347 -37.44 -35.13 23.15
CA VAL P 347 -36.45 -36.17 23.00
C VAL P 347 -35.11 -35.51 22.73
N ALA P 348 -34.03 -36.21 23.09
CA ALA P 348 -32.73 -35.59 23.27
C ALA P 348 -32.28 -34.78 22.07
N ASN P 349 -31.97 -35.44 20.96
CA ASN P 349 -31.44 -34.73 19.82
C ASN P 349 -32.59 -34.14 19.02
N PRO P 350 -32.28 -33.40 17.96
CA PRO P 350 -33.31 -33.12 16.96
C PRO P 350 -33.46 -34.24 15.96
N HIS P 351 -32.46 -35.11 15.85
CA HIS P 351 -32.64 -36.33 15.07
C HIS P 351 -33.59 -37.28 15.75
N MET P 352 -33.38 -37.54 17.05
CA MET P 352 -34.30 -38.40 17.78
C MET P 352 -35.69 -37.81 17.85
N ARG P 353 -35.86 -36.52 17.60
CA ARG P 353 -37.19 -35.97 17.42
C ARG P 353 -37.72 -36.27 16.02
N SER P 354 -36.83 -36.32 15.03
CA SER P 354 -37.24 -36.64 13.68
C SER P 354 -37.52 -38.12 13.53
N LYS P 355 -36.58 -38.97 13.94
CA LYS P 355 -36.81 -40.39 13.79
C LYS P 355 -37.81 -40.93 14.79
N MET P 356 -38.44 -40.07 15.58
CA MET P 356 -39.63 -40.42 16.32
C MET P 356 -40.90 -39.97 15.61
N ASN P 357 -40.89 -38.77 15.02
CA ASN P 357 -41.99 -38.36 14.17
C ASN P 357 -42.07 -39.21 12.91
N PHE P 358 -40.95 -39.80 12.50
CA PHE P 358 -40.97 -40.69 11.36
C PHE P 358 -41.78 -41.94 11.66
N MET P 359 -41.40 -42.67 12.71
CA MET P 359 -42.14 -43.88 13.03
C MET P 359 -43.54 -43.59 13.54
N ARG P 360 -43.96 -42.33 13.55
CA ARG P 360 -45.36 -41.99 13.75
C ARG P 360 -46.06 -41.73 12.42
N LEU P 361 -45.31 -41.31 11.40
CA LEU P 361 -45.83 -41.27 10.05
C LEU P 361 -45.82 -42.63 9.39
N ARG P 362 -45.20 -43.62 10.03
CA ARG P 362 -45.19 -44.98 9.52
C ARG P 362 -46.33 -45.81 10.11
N ARG P 363 -46.63 -45.63 11.39
CA ARG P 363 -47.77 -46.33 11.96
C ARG P 363 -49.07 -45.90 11.30
N MET P 364 -49.08 -44.75 10.65
CA MET P 364 -50.24 -44.36 9.85
C MET P 364 -50.26 -45.12 8.53
N ARG P 365 -49.13 -45.15 7.83
CA ARG P 365 -49.02 -45.96 6.62
C ARG P 365 -49.37 -47.41 6.90
N LEU P 366 -48.76 -47.97 7.94
CA LEU P 366 -48.99 -49.38 8.27
C LEU P 366 -50.46 -49.63 8.57
N ARG P 367 -51.05 -48.82 9.45
CA ARG P 367 -52.45 -49.00 9.81
C ARG P 367 -53.35 -48.94 8.60
N ASP P 368 -52.97 -48.19 7.56
CA ASP P 368 -53.74 -48.23 6.32
C ASP P 368 -53.47 -49.48 5.51
N VAL P 369 -52.27 -50.04 5.63
CA VAL P 369 -51.93 -51.23 4.86
C VAL P 369 -52.44 -52.48 5.55
N MET P 370 -52.25 -52.57 6.88
CA MET P 370 -52.79 -53.71 7.61
C MET P 370 -54.28 -53.83 7.40
N HIS P 371 -54.99 -52.70 7.37
CA HIS P 371 -56.43 -52.73 7.16
C HIS P 371 -56.76 -53.26 5.77
N ARG P 372 -55.94 -52.92 4.78
CA ARG P 372 -56.12 -53.49 3.45
C ARG P 372 -55.62 -54.93 3.38
N ASP P 373 -54.83 -55.34 4.37
CA ASP P 373 -54.34 -56.72 4.38
C ASP P 373 -55.41 -57.67 4.88
N GLN P 374 -56.26 -57.22 5.80
CA GLN P 374 -57.33 -58.07 6.30
C GLN P 374 -58.32 -58.41 5.20
N LEU P 375 -58.71 -57.42 4.41
CA LEU P 375 -59.62 -57.65 3.30
C LEU P 375 -59.00 -58.50 2.21
N GLU P 376 -57.70 -58.78 2.29
CA GLU P 376 -57.10 -59.83 1.48
C GLU P 376 -56.89 -61.11 2.26
N LYS P 377 -57.01 -61.06 3.60
CA LYS P 377 -57.00 -62.25 4.42
C LYS P 377 -58.40 -62.79 4.66
N ARG P 378 -59.39 -61.90 4.80
CA ARG P 378 -60.77 -62.36 4.87
C ARG P 378 -61.22 -62.90 3.53
N LEU P 379 -61.07 -62.12 2.46
CA LEU P 379 -61.44 -62.57 1.12
C LEU P 379 -60.82 -63.92 0.79
N LEU P 380 -59.67 -64.21 1.39
CA LEU P 380 -59.02 -65.48 1.15
C LEU P 380 -59.76 -66.61 1.87
N GLU P 381 -59.86 -66.52 3.19
CA GLU P 381 -60.38 -67.63 4.00
C GLU P 381 -61.73 -68.12 3.49
N GLU P 382 -62.65 -67.21 3.21
CA GLU P 382 -63.92 -67.62 2.61
C GLU P 382 -63.71 -68.26 1.25
N ARG P 383 -63.01 -67.56 0.34
CA ARG P 383 -62.69 -68.17 -0.95
C ARG P 383 -61.78 -69.37 -0.79
N HIS P 384 -61.12 -69.52 0.35
CA HIS P 384 -60.43 -70.75 0.69
C HIS P 384 -61.38 -71.82 1.17
N HIS P 385 -62.59 -71.44 1.55
CA HIS P 385 -63.60 -72.41 1.96
C HIS P 385 -64.49 -72.86 0.82
N ALA P 386 -64.80 -71.94 -0.12
CA ALA P 386 -65.65 -72.28 -1.26
C ALA P 386 -65.17 -73.54 -1.96
N LEU P 387 -63.86 -73.78 -1.99
CA LEU P 387 -63.34 -75.04 -2.51
C LEU P 387 -63.65 -76.19 -1.57
N GLN P 388 -63.31 -76.04 -0.29
CA GLN P 388 -63.62 -77.08 0.69
C GLN P 388 -65.12 -77.21 0.87
N GLN P 389 -65.85 -76.11 1.01
CA GLN P 389 -67.30 -76.18 1.11
C GLN P 389 -67.92 -76.87 -0.10
N GLN P 390 -67.22 -76.87 -1.23
CA GLN P 390 -67.69 -77.64 -2.37
C GLN P 390 -67.50 -79.14 -2.14
N GLN P 391 -66.57 -79.51 -1.27
CA GLN P 391 -66.31 -80.92 -1.04
C GLN P 391 -67.30 -81.55 -0.07
N GLN P 392 -68.06 -80.73 0.65
CA GLN P 392 -69.12 -81.23 1.53
C GLN P 392 -70.39 -80.41 1.38
N PRO Q 29 -5.75 17.28 -9.38
CA PRO Q 29 -6.92 17.62 -8.58
C PRO Q 29 -7.24 16.58 -7.55
N LYS Q 30 -8.11 16.94 -6.63
CA LYS Q 30 -8.44 16.08 -5.50
C LYS Q 30 -9.63 15.19 -5.77
N ARG Q 31 -10.36 15.40 -6.86
CA ARG Q 31 -11.47 14.53 -7.25
C ARG Q 31 -11.97 14.97 -8.62
N LYS Q 32 -13.01 14.30 -9.08
CA LYS Q 32 -13.68 14.64 -10.33
C LYS Q 32 -14.89 15.52 -10.03
N LYS Q 33 -15.33 16.24 -11.05
CA LYS Q 33 -16.38 17.23 -10.89
C LYS Q 33 -17.68 16.71 -11.51
N ASN Q 34 -18.71 16.59 -10.68
CA ASN Q 34 -20.03 16.22 -11.13
C ASN Q 34 -20.62 17.33 -12.00
N PRO Q 35 -21.60 17.01 -12.84
CA PRO Q 35 -22.06 18.00 -13.82
C PRO Q 35 -22.67 19.24 -13.18
N MET Q 36 -23.44 19.08 -12.10
CA MET Q 36 -24.00 20.26 -11.43
C MET Q 36 -22.92 21.20 -10.94
N GLN Q 37 -21.66 20.78 -10.96
CA GLN Q 37 -20.54 21.58 -10.50
C GLN Q 37 -19.74 22.19 -11.63
N LEU Q 38 -19.79 21.60 -12.81
CA LEU Q 38 -19.22 22.27 -13.98
C LEU Q 38 -20.15 23.34 -14.52
N ARG Q 39 -21.43 23.27 -14.20
CA ARG Q 39 -22.35 24.34 -14.52
C ARG Q 39 -22.26 25.49 -13.55
N ARG Q 40 -21.81 25.22 -12.32
CA ARG Q 40 -21.60 26.26 -11.32
C ARG Q 40 -20.68 27.36 -11.85
N LYS Q 41 -19.77 27.01 -12.74
CA LYS Q 41 -18.90 27.99 -13.36
C LYS Q 41 -19.68 29.02 -14.16
N THR Q 42 -20.83 28.62 -14.72
CA THR Q 42 -21.57 29.46 -15.65
C THR Q 42 -22.59 30.36 -14.96
N TYR Q 43 -22.62 30.40 -13.64
CA TYR Q 43 -23.57 31.25 -12.94
C TYR Q 43 -23.09 32.70 -12.89
N GLY Q 44 -21.84 32.89 -12.48
CA GLY Q 44 -21.30 34.22 -12.26
C GLY Q 44 -21.25 35.07 -13.50
N LEU Q 45 -20.85 36.33 -13.34
CA LEU Q 45 -20.81 37.26 -14.45
C LEU Q 45 -19.58 37.11 -15.33
N HIS Q 46 -18.47 36.62 -14.77
CA HIS Q 46 -17.26 36.49 -15.54
C HIS Q 46 -17.39 35.49 -16.67
N PHE Q 47 -18.36 34.60 -16.61
CA PHE Q 47 -18.65 33.72 -17.73
C PHE Q 47 -19.62 34.34 -18.71
N LYS Q 48 -20.70 34.97 -18.21
CA LYS Q 48 -21.66 35.57 -19.13
C LYS Q 48 -21.09 36.81 -19.80
N GLU Q 49 -20.17 37.51 -19.14
CA GLU Q 49 -19.54 38.68 -19.74
C GLU Q 49 -18.38 38.33 -20.65
N ARG Q 50 -18.25 37.07 -21.03
CA ARG Q 50 -17.20 36.63 -21.94
C ARG Q 50 -17.72 35.84 -23.12
N TYR Q 51 -18.84 35.14 -22.97
CA TYR Q 51 -19.40 34.34 -24.04
C TYR Q 51 -20.78 34.79 -24.46
N LEU Q 52 -21.70 34.95 -23.52
CA LEU Q 52 -23.12 35.07 -23.83
C LEU Q 52 -23.58 36.52 -23.93
N LYS Q 53 -22.88 37.34 -24.69
CA LYS Q 53 -23.21 38.76 -24.81
C LYS Q 53 -23.35 39.14 -26.28
N LEU Q 54 -24.35 39.97 -26.58
CA LEU Q 54 -24.63 40.40 -27.94
C LEU Q 54 -24.39 41.90 -28.05
N GLU Q 55 -23.71 42.30 -29.11
CA GLU Q 55 -23.32 43.70 -29.28
C GLU Q 55 -24.41 44.48 -29.98
N GLU Q 56 -24.66 45.69 -29.49
CA GLU Q 56 -25.50 46.61 -30.24
C GLU Q 56 -24.80 46.99 -31.53
N TRP Q 57 -25.55 47.04 -32.61
CA TRP Q 57 -24.98 47.36 -33.91
C TRP Q 57 -26.00 48.13 -34.71
N TYR Q 58 -25.61 48.48 -35.94
CA TYR Q 58 -26.46 49.23 -36.85
C TYR Q 58 -25.79 49.26 -38.20
N PHE Q 59 -26.59 49.44 -39.24
CA PHE Q 59 -26.07 49.58 -40.59
C PHE Q 59 -25.47 50.96 -40.78
N CYS Q 60 -24.22 51.01 -41.21
CA CYS Q 60 -23.65 52.30 -41.57
C CYS Q 60 -24.52 52.91 -42.66
N PRO Q 61 -25.06 54.11 -42.45
CA PRO Q 61 -25.90 54.72 -43.49
C PRO Q 61 -25.21 54.86 -44.84
N LEU Q 62 -23.89 54.69 -44.91
CA LEU Q 62 -23.20 54.62 -46.20
C LEU Q 62 -22.56 53.27 -46.43
N CYS Q 63 -21.75 52.79 -45.48
CA CYS Q 63 -21.00 51.57 -45.70
C CYS Q 63 -21.91 50.36 -45.84
N ALA Q 64 -23.18 50.48 -45.42
CA ALA Q 64 -24.24 49.52 -45.69
C ALA Q 64 -24.12 48.22 -44.90
N GLU Q 65 -23.01 48.01 -44.21
CA GLU Q 65 -22.79 46.83 -43.40
C GLU Q 65 -23.10 47.13 -41.95
N PRO Q 66 -23.26 46.12 -41.11
CA PRO Q 66 -23.42 46.39 -39.68
C PRO Q 66 -22.17 47.05 -39.15
N LYS Q 67 -22.32 47.70 -38.01
CA LYS Q 67 -21.18 48.36 -37.42
C LYS Q 67 -21.45 48.61 -35.95
N LYS Q 68 -20.38 48.73 -35.18
CA LYS Q 68 -20.47 49.27 -33.85
C LYS Q 68 -20.12 50.75 -33.91
N GLN Q 69 -20.66 51.51 -32.96
CA GLN Q 69 -20.34 52.93 -32.92
C GLN Q 69 -18.91 53.13 -32.43
N GLY Q 70 -18.10 53.78 -33.26
CA GLY Q 70 -16.73 54.09 -32.87
C GLY Q 70 -15.70 53.64 -33.87
N GLU Q 71 -15.91 52.48 -34.47
CA GLU Q 71 -14.96 51.88 -35.40
C GLU Q 71 -15.49 52.08 -36.81
N TRP Q 72 -14.64 52.55 -37.71
CA TRP Q 72 -15.11 53.04 -38.99
C TRP Q 72 -14.48 52.26 -40.14
N CYS Q 73 -14.99 52.55 -41.34
CA CYS Q 73 -14.60 51.84 -42.55
C CYS Q 73 -13.23 52.31 -42.99
N ARG Q 74 -12.89 51.96 -44.23
CA ARG Q 74 -11.71 52.50 -44.88
C ARG Q 74 -12.06 53.44 -46.02
N ARG Q 75 -13.31 53.43 -46.48
CA ARG Q 75 -13.71 54.29 -47.59
C ARG Q 75 -13.53 55.75 -47.21
N GLU Q 76 -13.06 56.54 -48.18
CA GLU Q 76 -12.74 57.94 -47.91
C GLU Q 76 -13.96 58.71 -47.41
N ASP Q 77 -15.16 58.25 -47.73
CA ASP Q 77 -16.34 58.85 -47.14
C ASP Q 77 -16.62 58.27 -45.75
N CYS Q 78 -16.61 56.94 -45.63
CA CYS Q 78 -16.78 56.28 -44.35
C CYS Q 78 -15.68 56.65 -43.37
N ARG Q 79 -14.71 57.46 -43.80
CA ARG Q 79 -13.56 57.84 -43.00
C ARG Q 79 -13.41 59.34 -42.82
N GLN Q 80 -13.98 60.17 -43.70
CA GLN Q 80 -13.91 61.60 -43.50
C GLN Q 80 -14.97 62.07 -42.52
N ILE Q 81 -16.23 61.91 -42.89
CA ILE Q 81 -17.29 61.85 -41.88
C ILE Q 81 -17.20 60.48 -41.23
N LYS Q 82 -17.72 60.35 -40.02
CA LYS Q 82 -17.56 59.12 -39.26
C LYS Q 82 -18.92 58.54 -38.91
N PRO Q 83 -19.58 57.86 -39.85
CA PRO Q 83 -20.81 57.17 -39.50
C PRO Q 83 -20.49 55.92 -38.69
N PRO R 10 -7.28 -15.83 -26.73
CA PRO R 10 -6.78 -15.14 -27.92
C PRO R 10 -7.93 -14.64 -28.78
N LYS R 11 -7.87 -13.38 -29.19
CA LYS R 11 -9.07 -12.74 -29.70
C LYS R 11 -9.61 -13.40 -30.96
N ALA R 12 -9.01 -13.16 -32.11
CA ALA R 12 -9.31 -13.93 -33.30
C ALA R 12 -8.06 -14.24 -34.10
N GLY R 13 -7.20 -13.23 -34.21
CA GLY R 13 -5.96 -13.34 -34.94
C GLY R 13 -5.06 -12.16 -34.63
N CYS R 14 -3.84 -12.44 -34.19
CA CYS R 14 -2.94 -11.39 -33.74
C CYS R 14 -1.54 -11.96 -33.71
N GLU R 15 -0.56 -11.07 -33.58
CA GLU R 15 0.84 -11.48 -33.59
C GLU R 15 1.12 -12.55 -32.53
N GLU R 16 0.32 -12.62 -31.49
CA GLU R 16 0.43 -13.69 -30.52
C GLU R 16 -0.12 -15.01 -31.03
N ILE R 17 -0.94 -14.98 -32.07
CA ILE R 17 -1.43 -16.19 -32.70
C ILE R 17 -1.00 -16.29 -34.16
N THR R 18 -0.72 -15.16 -34.82
CA THR R 18 -0.15 -15.20 -36.16
C THR R 18 1.03 -16.16 -36.20
N ARG R 19 2.02 -15.94 -35.35
CA ARG R 19 3.18 -16.81 -35.31
C ARG R 19 2.81 -18.10 -34.59
N GLN R 20 3.80 -18.90 -34.20
CA GLN R 20 3.54 -20.23 -33.68
C GLN R 20 4.58 -20.54 -32.61
N GLY R 21 4.23 -20.28 -31.35
CA GLY R 21 5.04 -20.75 -30.26
C GLY R 21 4.97 -22.26 -30.17
N ARG R 22 5.41 -22.78 -29.03
CA ARG R 22 5.35 -24.21 -28.81
C ARG R 22 3.91 -24.69 -28.83
N ARG R 23 3.75 -26.01 -28.90
CA ARG R 23 2.45 -26.65 -28.77
C ARG R 23 2.55 -27.76 -27.74
N VAL R 24 1.41 -28.12 -27.17
CA VAL R 24 1.36 -28.97 -25.99
C VAL R 24 0.57 -30.22 -26.31
N VAL R 25 1.05 -31.36 -25.82
CA VAL R 25 0.43 -32.65 -26.06
C VAL R 25 0.08 -33.29 -24.74
N LEU R 26 -0.45 -34.52 -24.79
CA LEU R 26 -0.92 -35.20 -23.60
C LEU R 26 0.17 -35.28 -22.54
N LYS R 27 -0.23 -35.12 -21.28
CA LYS R 27 0.70 -35.23 -20.17
C LYS R 27 0.84 -36.68 -19.75
N PRO R 28 2.06 -37.18 -19.58
CA PRO R 28 2.21 -38.54 -19.06
C PRO R 28 1.68 -38.61 -17.65
N GLN R 29 1.34 -39.82 -17.23
CA GLN R 29 0.69 -40.00 -15.94
C GLN R 29 1.75 -40.09 -14.85
N GLU R 30 1.32 -40.47 -13.66
CA GLU R 30 2.22 -40.80 -12.58
C GLU R 30 2.28 -42.31 -12.44
N TYR R 31 3.21 -42.79 -11.63
CA TYR R 31 3.19 -44.17 -11.21
C TYR R 31 1.86 -44.45 -10.53
N PHE R 32 1.23 -45.57 -10.88
CA PHE R 32 -0.12 -45.82 -10.38
C PHE R 32 -0.13 -45.94 -8.87
N ALA R 33 0.91 -46.47 -8.27
CA ALA R 33 0.90 -46.67 -6.84
C ALA R 33 1.96 -45.81 -6.17
N GLN R 34 2.00 -44.53 -6.55
CA GLN R 34 2.91 -43.61 -5.89
C GLN R 34 2.64 -43.54 -4.40
N HIS R 35 1.39 -43.41 -4.03
CA HIS R 35 1.04 -43.00 -2.68
C HIS R 35 1.19 -44.11 -1.65
N ARG R 36 1.65 -45.29 -2.04
CA ARG R 36 2.04 -46.31 -1.07
C ARG R 36 3.55 -46.24 -0.94
N MET R 37 4.03 -45.16 -0.35
CA MET R 37 5.45 -44.82 -0.34
C MET R 37 6.23 -45.86 0.42
N GLN R 38 7.42 -46.20 -0.10
CA GLN R 38 8.27 -47.23 0.51
C GLN R 38 8.50 -46.99 1.99
N VAL R 39 8.48 -45.73 2.43
CA VAL R 39 8.76 -45.44 3.83
C VAL R 39 7.67 -45.96 4.76
N TRP R 40 6.47 -46.20 4.26
CA TRP R 40 5.42 -46.76 5.10
C TRP R 40 5.35 -48.27 4.97
N GLN R 41 5.61 -48.80 3.77
CA GLN R 41 5.52 -50.24 3.56
C GLN R 41 6.51 -51.01 4.40
N MET R 42 7.38 -50.34 5.15
CA MET R 42 8.27 -51.01 6.09
C MET R 42 8.00 -50.64 7.53
N ARG R 43 7.36 -49.50 7.77
CA ARG R 43 7.03 -49.11 9.13
C ARG R 43 5.80 -49.85 9.65
N PHE R 44 4.71 -49.80 8.90
CA PHE R 44 3.40 -50.23 9.35
C PHE R 44 2.94 -51.48 8.59
N LYS R 45 1.84 -52.05 9.08
CA LYS R 45 1.07 -53.03 8.34
C LYS R 45 -0.39 -52.81 8.68
N GLU R 46 -1.22 -52.55 7.67
CA GLU R 46 -2.62 -52.26 7.91
C GLU R 46 -3.40 -53.55 8.07
N MET R 47 -4.09 -53.68 9.19
CA MET R 47 -4.78 -54.91 9.54
C MET R 47 -6.25 -54.62 9.80
N GLY R 48 -7.02 -55.69 9.94
CA GLY R 48 -8.41 -55.57 10.28
C GLY R 48 -9.31 -55.71 9.08
N PRO R 49 -10.60 -55.87 9.32
CA PRO R 49 -11.55 -55.95 8.22
C PRO R 49 -11.75 -54.57 7.63
N PRO R 50 -12.18 -54.49 6.37
CA PRO R 50 -12.53 -53.18 5.82
C PRO R 50 -13.59 -52.53 6.68
N PHE R 51 -13.55 -51.20 6.76
CA PHE R 51 -14.33 -50.39 7.70
C PHE R 51 -13.79 -50.56 9.11
N SER R 52 -12.68 -51.27 9.28
CA SER R 52 -11.94 -51.28 10.53
C SER R 52 -10.45 -51.36 10.29
N ARG R 53 -9.97 -50.83 9.16
CA ARG R 53 -8.55 -50.86 8.86
C ARG R 53 -7.79 -50.06 9.89
N VAL R 54 -6.96 -50.73 10.68
CA VAL R 54 -6.05 -50.07 11.60
C VAL R 54 -4.63 -50.26 11.07
N TRP R 55 -3.78 -49.27 11.30
CA TRP R 55 -2.40 -49.30 10.85
C TRP R 55 -1.51 -49.50 12.06
N VAL R 56 -1.12 -50.72 12.33
CA VAL R 56 -0.27 -51.01 13.47
C VAL R 56 1.17 -50.79 13.05
N ALA R 57 1.98 -50.30 13.98
CA ALA R 57 3.41 -50.17 13.79
C ALA R 57 4.11 -50.79 14.98
N LEU R 58 5.34 -51.23 14.77
CA LEU R 58 6.07 -51.86 15.86
C LEU R 58 6.17 -50.91 17.02
N GLY R 59 6.04 -51.45 18.22
CA GLY R 59 6.00 -50.66 19.44
C GLY R 59 7.27 -50.80 20.25
N GLY R 60 7.60 -49.75 20.98
CA GLY R 60 8.67 -49.82 21.96
C GLY R 60 9.87 -48.96 21.63
N LYS R 61 10.73 -48.76 22.62
CA LYS R 61 11.87 -47.87 22.48
C LYS R 61 12.87 -48.47 21.51
N MET R 62 13.84 -47.64 21.12
CA MET R 62 14.79 -47.99 20.07
C MET R 62 16.23 -47.68 20.42
N ARG R 63 16.50 -47.00 21.53
CA ARG R 63 17.85 -46.52 21.77
C ARG R 63 18.84 -47.67 21.87
N ARG R 64 20.05 -47.45 21.36
CA ARG R 64 21.13 -48.42 21.40
C ARG R 64 22.09 -47.95 22.48
N ARG R 65 21.95 -48.53 23.67
CA ARG R 65 22.72 -48.08 24.80
C ARG R 65 24.19 -48.52 24.65
N ARG R 66 24.97 -48.28 25.70
CA ARG R 66 26.33 -48.77 25.76
C ARG R 66 26.23 -50.25 26.09
N ILE R 67 27.32 -50.88 26.54
CA ILE R 67 27.19 -52.29 26.85
C ILE R 67 26.56 -52.40 28.23
N GLY R 68 25.25 -52.20 28.27
CA GLY R 68 24.43 -52.27 29.46
C GLY R 68 23.44 -53.38 29.24
N ARG R 69 22.17 -53.02 28.97
CA ARG R 69 21.15 -53.94 28.46
C ARG R 69 21.24 -55.31 29.10
N GLN R 70 21.20 -55.31 30.42
CA GLN R 70 21.44 -56.52 31.17
C GLN R 70 20.26 -57.48 31.11
N ILE R 71 19.08 -56.97 30.77
CA ILE R 71 17.91 -57.81 30.54
C ILE R 71 17.63 -57.83 29.05
N ASP R 72 17.69 -59.02 28.47
CA ASP R 72 17.21 -59.27 27.12
C ASP R 72 15.82 -59.88 27.12
N VAL R 73 15.33 -60.34 28.28
CA VAL R 73 14.07 -61.07 28.33
C VAL R 73 12.90 -60.12 28.47
N LYS R 74 13.00 -59.14 29.35
CA LYS R 74 12.03 -58.05 29.42
C LYS R 74 12.43 -56.90 28.51
N ASP R 75 13.31 -57.18 27.55
CA ASP R 75 13.58 -56.22 26.48
C ASP R 75 12.32 -56.09 25.64
N MET R 76 12.43 -55.33 24.56
CA MET R 76 11.26 -54.97 23.79
C MET R 76 10.39 -56.20 23.50
N ARG R 77 9.13 -56.11 23.88
CA ARG R 77 8.25 -57.25 23.81
C ARG R 77 7.83 -57.60 22.39
N TYR R 78 8.29 -56.86 21.39
CA TYR R 78 7.91 -57.12 20.00
C TYR R 78 6.39 -57.24 19.88
N TYR R 79 5.74 -56.11 20.09
CA TYR R 79 4.30 -56.02 19.92
C TYR R 79 3.98 -54.99 18.84
N TRP R 80 2.99 -55.29 18.02
CA TRP R 80 2.43 -54.29 17.12
C TRP R 80 1.33 -53.53 17.84
N ARG R 81 1.46 -52.21 17.90
CA ARG R 81 0.45 -51.39 18.50
C ARG R 81 0.01 -50.33 17.49
N PRO R 82 -1.28 -50.08 17.31
CA PRO R 82 -1.72 -49.23 16.20
C PRO R 82 -1.32 -47.79 16.39
N ILE R 83 -1.01 -47.12 15.28
CA ILE R 83 -0.51 -45.75 15.32
C ILE R 83 -1.63 -44.82 15.76
N GLU R 84 -1.28 -43.57 16.02
CA GLU R 84 -2.23 -42.61 16.54
C GLU R 84 -3.37 -42.40 15.54
N PRO R 85 -4.61 -42.28 16.01
CA PRO R 85 -5.75 -42.25 15.08
C PRO R 85 -5.69 -41.11 14.08
N GLN R 86 -5.03 -40.01 14.42
CA GLN R 86 -4.94 -38.91 13.48
C GLN R 86 -4.06 -39.27 12.29
N TYR R 87 -2.88 -39.84 12.56
CA TYR R 87 -1.92 -40.06 11.49
C TYR R 87 -2.42 -41.11 10.51
N GLN R 88 -3.18 -42.10 10.99
CA GLN R 88 -3.76 -43.06 10.06
C GLN R 88 -4.61 -42.36 9.02
N ARG R 89 -5.31 -41.31 9.43
CA ARG R 89 -6.09 -40.52 8.47
C ARG R 89 -5.20 -39.63 7.63
N LEU R 90 -4.03 -39.27 8.14
CA LEU R 90 -3.11 -38.43 7.39
C LEU R 90 -2.50 -39.20 6.23
N TYR R 91 -2.02 -40.41 6.49
CA TYR R 91 -1.46 -41.23 5.43
C TYR R 91 -2.56 -41.73 4.50
N MET R 92 -3.63 -42.28 5.08
CA MET R 92 -4.73 -42.79 4.25
C MET R 92 -5.30 -41.71 3.35
N SER R 93 -5.19 -40.44 3.74
CA SER R 93 -5.64 -39.36 2.88
C SER R 93 -4.88 -39.34 1.57
N ARG R 94 -3.61 -39.72 1.60
CA ARG R 94 -2.85 -39.81 0.36
C ARG R 94 -3.31 -40.99 -0.49
N LEU R 95 -4.00 -41.95 0.10
CA LEU R 95 -4.41 -43.13 -0.64
C LEU R 95 -5.75 -42.94 -1.34
N ARG R 96 -6.65 -42.16 -0.75
CA ARG R 96 -7.96 -41.98 -1.36
C ARG R 96 -7.91 -41.20 -2.67
N ILE R 97 -6.88 -40.40 -2.90
CA ILE R 97 -6.95 -39.42 -3.96
C ILE R 97 -6.70 -40.08 -5.31
N LYS R 98 -6.63 -41.40 -5.34
CA LYS R 98 -6.58 -42.09 -6.62
C LYS R 98 -7.84 -41.82 -7.42
N ASP R 99 -9.01 -41.94 -6.79
CA ASP R 99 -10.25 -41.50 -7.41
C ASP R 99 -11.07 -40.72 -6.40
N HIS R 100 -10.83 -39.41 -6.34
CA HIS R 100 -11.65 -38.54 -5.54
C HIS R 100 -13.06 -38.50 -6.12
N SER R 101 -13.95 -37.79 -5.43
CA SER R 101 -15.30 -37.49 -5.88
C SER R 101 -16.15 -38.73 -6.09
N ASN R 102 -15.65 -39.91 -5.78
CA ASN R 102 -16.38 -41.15 -6.00
C ASN R 102 -16.59 -41.80 -4.64
N LYS R 103 -17.77 -41.60 -4.06
CA LYS R 103 -18.13 -42.31 -2.85
C LYS R 103 -18.04 -43.82 -3.03
N ARG R 104 -18.08 -44.29 -4.28
CA ARG R 104 -18.08 -45.71 -4.58
C ARG R 104 -16.83 -46.41 -4.08
N VAL R 105 -15.67 -45.99 -4.58
CA VAL R 105 -14.43 -46.74 -4.40
C VAL R 105 -13.99 -46.69 -2.95
N GLN R 106 -13.03 -47.54 -2.62
CA GLN R 106 -12.42 -47.56 -1.29
C GLN R 106 -11.00 -47.01 -1.38
N PRO R 107 -10.34 -46.81 -0.24
CA PRO R 107 -8.92 -46.45 -0.29
C PRO R 107 -8.09 -47.55 -0.92
N MET R 108 -7.15 -47.14 -1.76
CA MET R 108 -6.14 -48.08 -2.26
C MET R 108 -5.31 -48.57 -1.08
N ARG R 109 -5.18 -49.88 -0.96
CA ARG R 109 -4.54 -50.45 0.21
C ARG R 109 -3.05 -50.13 0.22
N LEU R 110 -2.43 -50.38 1.36
CA LEU R 110 -1.01 -50.10 1.51
C LEU R 110 -0.20 -51.10 0.70
N ARG R 111 -0.26 -52.37 1.09
CA ARG R 111 0.43 -53.42 0.35
C ARG R 111 -0.48 -53.97 -0.74
N ALA R 112 0.13 -54.40 -1.82
CA ALA R 112 -0.64 -54.94 -2.93
C ALA R 112 -1.42 -56.17 -2.50
N THR R 113 -2.53 -56.41 -3.18
CA THR R 113 -3.30 -57.63 -3.01
C THR R 113 -3.36 -58.37 -4.32
N ASN R 114 -3.60 -59.69 -4.25
CA ASN R 114 -3.52 -60.51 -5.44
C ASN R 114 -4.55 -60.12 -6.48
N ASN R 115 -5.69 -59.61 -6.06
CA ASN R 115 -6.65 -59.10 -7.05
C ASN R 115 -6.16 -57.82 -7.68
N ASP R 116 -5.40 -57.02 -6.93
CA ASP R 116 -4.81 -55.82 -7.52
C ASP R 116 -3.69 -56.21 -8.47
N ILE R 117 -2.87 -57.18 -8.08
CA ILE R 117 -1.80 -57.62 -8.98
C ILE R 117 -2.39 -58.38 -10.16
N GLY R 118 -3.58 -58.94 -10.00
CA GLY R 118 -4.25 -59.59 -11.10
C GLY R 118 -4.99 -58.62 -12.00
N GLN R 119 -5.87 -57.82 -11.41
CA GLN R 119 -6.69 -56.88 -12.20
C GLN R 119 -5.82 -55.92 -12.98
N ALA R 120 -4.59 -55.68 -12.54
CA ALA R 120 -3.74 -54.70 -13.20
C ALA R 120 -3.40 -55.15 -14.61
N SER R 121 -3.08 -56.42 -14.79
CA SER R 121 -2.69 -56.96 -16.08
C SER R 121 -3.75 -57.89 -16.66
N SER R 122 -4.98 -57.81 -16.15
CA SER R 122 -6.05 -58.69 -16.62
C SER R 122 -7.06 -57.99 -17.50
N LEU R 123 -6.89 -56.71 -17.78
CA LEU R 123 -7.82 -55.99 -18.63
C LEU R 123 -7.90 -56.65 -19.99
N LYS R 124 -8.88 -56.22 -20.79
CA LYS R 124 -8.93 -56.67 -22.18
C LYS R 124 -7.64 -56.32 -22.91
N GLU R 125 -7.10 -55.13 -22.66
CA GLU R 125 -5.97 -54.66 -23.44
C GLU R 125 -4.74 -55.53 -23.25
N TRP R 126 -4.73 -56.39 -22.26
CA TRP R 126 -3.56 -57.21 -21.97
C TRP R 126 -3.75 -58.66 -22.36
N GLU R 127 -4.90 -59.00 -22.95
CA GLU R 127 -5.31 -60.40 -23.02
C GLU R 127 -4.33 -61.26 -23.80
N ARG R 128 -3.51 -60.66 -24.67
CA ARG R 128 -2.56 -61.39 -25.48
C ARG R 128 -1.13 -61.34 -24.94
N SER R 129 -0.87 -60.51 -23.93
CA SER R 129 0.45 -60.42 -23.32
C SER R 129 0.70 -61.69 -22.52
N SER R 130 1.06 -62.75 -23.24
CA SER R 130 1.20 -64.06 -22.62
C SER R 130 2.24 -64.04 -21.51
N ASP R 131 3.46 -63.65 -21.84
CA ASP R 131 4.43 -63.35 -20.80
C ASP R 131 3.91 -62.20 -19.95
N ARG R 132 4.33 -62.17 -18.70
CA ARG R 132 3.91 -61.19 -17.68
C ARG R 132 2.43 -61.32 -17.31
N LYS R 133 1.71 -62.25 -17.92
CA LYS R 133 0.35 -62.54 -17.50
C LYS R 133 0.38 -63.55 -16.37
N TYR R 134 -0.61 -63.46 -15.47
CA TYR R 134 -0.72 -64.36 -14.32
C TYR R 134 0.47 -64.23 -13.38
N GLY R 135 1.02 -63.03 -13.28
CA GLY R 135 2.09 -62.78 -12.35
C GLY R 135 3.38 -63.51 -12.66
N ALA R 136 3.83 -63.41 -13.92
CA ALA R 136 5.10 -64.03 -14.29
C ALA R 136 6.26 -63.36 -13.58
N ALA R 137 6.12 -62.09 -13.21
CA ALA R 137 7.18 -61.37 -12.55
C ALA R 137 7.31 -61.72 -11.07
N LEU R 138 6.48 -62.63 -10.56
CA LEU R 138 6.59 -63.09 -9.19
C LEU R 138 7.19 -64.49 -9.09
N ALA R 139 7.04 -65.30 -10.13
CA ALA R 139 7.59 -66.63 -10.12
C ALA R 139 9.11 -66.61 -10.22
N PRO R 140 9.78 -67.67 -9.80
CA PRO R 140 11.21 -67.76 -10.05
C PRO R 140 11.47 -67.87 -11.53
N PRO R 141 12.57 -67.30 -12.02
CA PRO R 141 12.77 -67.20 -13.47
C PRO R 141 12.84 -68.57 -14.13
N LYS R 142 12.59 -68.57 -15.43
CA LYS R 142 12.75 -69.78 -16.21
C LYS R 142 14.20 -70.21 -16.17
N LYS R 143 14.44 -71.52 -16.09
CA LYS R 143 15.80 -72.01 -16.17
C LYS R 143 16.36 -71.71 -17.55
N ARG R 144 17.28 -70.74 -17.63
CA ARG R 144 17.77 -70.28 -18.91
C ARG R 144 18.55 -71.39 -19.63
N ASP R 145 18.72 -71.21 -20.93
CA ASP R 145 19.38 -72.21 -21.75
C ASP R 145 20.82 -72.42 -21.28
N PHE R 146 21.34 -73.62 -21.52
CA PHE R 146 22.70 -73.93 -21.15
C PHE R 146 23.72 -73.55 -22.23
N GLU R 147 23.29 -73.45 -23.47
CA GLU R 147 24.08 -72.85 -24.54
C GLU R 147 23.87 -71.35 -24.64
N PHE R 148 23.45 -70.73 -23.54
CA PHE R 148 23.25 -69.29 -23.49
C PHE R 148 24.58 -68.58 -23.34
N ARG R 149 24.72 -67.44 -24.01
CA ARG R 149 25.94 -66.65 -23.94
C ARG R 149 25.66 -65.25 -24.44
N VAL R 150 26.56 -64.33 -24.11
CA VAL R 150 26.40 -62.93 -24.47
C VAL R 150 27.59 -62.42 -25.28
N LYS S 48 41.33 -11.64 -57.33
CA LYS S 48 41.65 -12.56 -58.40
C LYS S 48 41.47 -11.92 -59.76
N TRP S 49 40.80 -10.78 -59.78
CA TRP S 49 40.43 -10.00 -60.95
C TRP S 49 41.41 -8.86 -61.16
N PRO S 50 41.40 -8.24 -62.36
CA PRO S 50 42.28 -7.09 -62.62
C PRO S 50 42.27 -6.03 -61.54
N ALA S 51 43.40 -5.84 -60.86
CA ALA S 51 43.44 -5.04 -59.65
C ALA S 51 43.09 -3.58 -59.87
N TRP S 52 43.06 -3.10 -61.12
CA TRP S 52 42.63 -1.73 -61.32
C TRP S 52 41.17 -1.55 -60.94
N MET S 53 40.39 -2.62 -60.91
CA MET S 53 39.02 -2.53 -60.44
C MET S 53 38.96 -2.31 -58.94
N ASP S 54 40.02 -2.68 -58.22
CA ASP S 54 40.05 -2.62 -56.77
C ASP S 54 40.68 -1.33 -56.27
N HIS S 55 41.93 -1.09 -56.62
CA HIS S 55 42.62 0.13 -56.28
C HIS S 55 42.89 0.92 -57.55
N GLY S 56 43.54 2.06 -57.38
CA GLY S 56 43.74 2.94 -58.52
C GLY S 56 44.68 2.34 -59.55
N ALA S 57 44.27 2.46 -60.81
CA ALA S 57 45.19 2.29 -61.92
C ALA S 57 45.94 3.57 -62.21
N ASP S 58 45.59 4.66 -61.54
CA ASP S 58 46.21 5.96 -61.75
C ASP S 58 46.28 6.66 -60.39
N GLY S 59 46.49 7.97 -60.42
CA GLY S 59 46.59 8.72 -59.19
C GLY S 59 45.26 8.84 -58.46
N THR S 60 44.20 9.17 -59.19
CA THR S 60 42.92 9.50 -58.59
C THR S 60 41.86 8.43 -58.88
N GLY S 61 42.26 7.17 -58.87
CA GLY S 61 41.31 6.07 -58.91
C GLY S 61 40.35 6.09 -60.07
N PHE S 62 40.84 5.83 -61.28
CA PHE S 62 39.94 5.88 -62.42
C PHE S 62 39.20 4.56 -62.61
N GLY S 63 39.84 3.44 -62.35
CA GLY S 63 39.22 2.17 -62.68
C GLY S 63 38.24 1.62 -61.67
N ILE S 64 38.23 2.19 -60.47
CA ILE S 64 37.55 1.57 -59.34
C ILE S 64 36.05 1.49 -59.60
N GLY S 65 35.52 0.29 -59.45
CA GLY S 65 34.09 0.05 -59.62
C GLY S 65 33.84 -1.42 -59.81
N LEU S 66 32.56 -1.76 -59.90
CA LEU S 66 32.13 -3.12 -60.18
C LEU S 66 31.91 -3.27 -61.67
N ASN S 67 32.34 -4.40 -62.22
CA ASN S 67 32.27 -4.60 -63.65
C ASN S 67 31.74 -5.98 -63.98
N ARG S 68 30.81 -6.03 -64.92
CA ARG S 68 30.18 -7.25 -65.40
C ARG S 68 30.67 -7.56 -66.80
N THR S 69 30.95 -8.84 -67.07
CA THR S 69 31.52 -9.23 -68.36
C THR S 69 30.64 -10.26 -69.04
N HIS S 70 30.46 -10.09 -70.34
CA HIS S 70 29.72 -11.05 -71.13
C HIS S 70 30.32 -12.44 -70.94
N PRO S 71 29.48 -13.48 -70.78
CA PRO S 71 30.01 -14.82 -70.48
C PRO S 71 30.83 -15.44 -71.60
N LEU S 72 31.08 -14.73 -72.70
CA LEU S 72 31.80 -15.30 -73.83
C LEU S 72 33.19 -14.75 -74.02
N SER S 73 33.47 -13.56 -73.53
CA SER S 73 34.78 -12.94 -73.70
C SER S 73 35.69 -13.27 -72.53
N LYS S 74 36.99 -13.27 -72.81
CA LYS S 74 38.01 -13.64 -71.84
C LYS S 74 38.47 -12.46 -70.99
N LEU S 75 37.62 -11.44 -70.87
CA LEU S 75 37.92 -10.25 -70.09
C LEU S 75 37.45 -10.53 -68.67
N ARG S 76 38.37 -10.46 -67.72
CA ARG S 76 38.06 -10.93 -66.38
C ARG S 76 37.40 -9.83 -65.56
N GLY S 77 36.21 -10.11 -65.04
CA GLY S 77 35.45 -9.14 -64.29
C GLY S 77 35.62 -9.29 -62.80
N ASN S 78 34.92 -8.44 -62.06
CA ASN S 78 35.02 -8.40 -60.62
C ASN S 78 33.70 -8.55 -59.90
N LEU S 79 32.58 -8.44 -60.59
CA LEU S 79 31.27 -8.60 -59.98
C LEU S 79 31.01 -10.08 -59.77
N ARG S 80 30.77 -10.47 -58.53
CA ARG S 80 30.37 -11.83 -58.23
C ARG S 80 29.38 -11.80 -57.07
N ARG S 81 28.50 -12.80 -57.05
CA ARG S 81 27.45 -12.88 -56.05
C ARG S 81 27.66 -14.02 -55.07
N ASN S 82 28.86 -14.59 -55.05
CA ASN S 82 29.25 -15.48 -53.97
C ASN S 82 29.04 -14.78 -52.63
N PRO S 83 28.62 -15.51 -51.60
CA PRO S 83 28.46 -14.86 -50.29
C PRO S 83 29.75 -14.27 -49.77
N SER S 84 30.88 -14.90 -50.09
CA SER S 84 32.16 -14.37 -49.66
C SER S 84 32.41 -12.97 -50.22
N GLU S 85 31.82 -12.66 -51.37
CA GLU S 85 32.12 -11.42 -52.07
C GLU S 85 31.03 -10.38 -51.93
N ILE S 86 29.99 -10.66 -51.14
CA ILE S 86 28.86 -9.74 -51.06
C ILE S 86 29.13 -8.58 -50.09
N PRO S 87 29.68 -8.81 -48.88
CA PRO S 87 30.03 -7.66 -48.02
C PRO S 87 30.93 -6.65 -48.71
N ARG S 88 31.63 -7.06 -49.76
CA ARG S 88 32.38 -6.10 -50.56
C ARG S 88 31.56 -5.52 -51.69
N VAL S 89 30.72 -6.32 -52.33
CA VAL S 89 29.93 -5.82 -53.45
C VAL S 89 28.87 -4.85 -52.96
N LEU S 90 28.34 -5.06 -51.76
CA LEU S 90 27.28 -4.20 -51.27
C LEU S 90 27.82 -2.81 -50.90
N ASN S 91 29.05 -2.75 -50.41
CA ASN S 91 29.60 -1.45 -50.03
C ASN S 91 29.75 -0.54 -51.23
N MET S 92 30.06 -1.09 -52.40
CA MET S 92 30.13 -0.25 -53.59
C MET S 92 28.76 0.27 -54.00
N MET S 93 27.70 -0.44 -53.62
CA MET S 93 26.35 0.03 -53.88
C MET S 93 25.91 1.06 -52.85
N ILE S 94 26.04 0.73 -51.57
CA ILE S 94 25.46 1.57 -50.53
C ILE S 94 26.43 2.64 -50.01
N GLN S 95 27.73 2.39 -50.05
CA GLN S 95 28.69 3.38 -49.59
C GLN S 95 29.50 4.00 -50.72
N GLY S 96 30.02 3.19 -51.63
CA GLY S 96 30.93 3.68 -52.63
C GLY S 96 32.37 3.42 -52.26
N VAL S 97 33.24 4.28 -52.76
CA VAL S 97 34.68 4.17 -52.53
C VAL S 97 35.23 5.55 -52.19
N TRP S 98 36.08 5.60 -51.17
CA TRP S 98 36.70 6.85 -50.75
C TRP S 98 38.20 6.77 -51.05
N HIS S 99 38.56 7.10 -52.29
CA HIS S 99 39.96 7.23 -52.63
C HIS S 99 40.61 8.31 -51.77
N LYS S 100 41.84 8.05 -51.33
CA LYS S 100 42.55 9.02 -50.49
C LYS S 100 42.74 10.36 -51.18
N SER S 101 42.54 10.43 -52.49
CA SER S 101 42.65 11.70 -53.20
C SER S 101 41.53 12.66 -52.86
N GLY S 102 40.46 12.16 -52.26
CA GLY S 102 39.38 13.04 -51.85
C GLY S 102 38.34 13.21 -52.93
N ASN S 103 37.90 12.10 -53.51
CA ASN S 103 36.79 12.14 -54.46
C ASN S 103 36.20 10.73 -54.50
N LYS S 104 34.95 10.60 -54.09
CA LYS S 104 34.27 9.32 -54.15
C LYS S 104 34.02 8.95 -55.61
N LEU S 105 34.32 7.71 -55.96
CA LEU S 105 34.42 7.32 -57.37
C LEU S 105 33.16 6.62 -57.88
N TYR S 106 32.83 5.46 -57.32
CA TYR S 106 31.77 4.66 -57.93
C TYR S 106 30.38 5.17 -57.58
N PHE S 107 30.22 5.92 -56.48
CA PHE S 107 28.89 6.27 -56.01
C PHE S 107 28.99 7.55 -55.18
N ARG S 108 28.65 8.68 -55.79
CA ARG S 108 28.68 9.96 -55.10
C ARG S 108 27.34 10.30 -54.47
N GLY S 109 26.30 10.43 -55.28
CA GLY S 109 25.04 10.96 -54.82
C GLY S 109 24.14 9.92 -54.21
N GLY S 110 22.88 9.90 -54.62
CA GLY S 110 21.89 9.16 -53.87
C GLY S 110 21.43 7.83 -54.42
N LYS S 111 21.13 7.78 -55.70
CA LYS S 111 20.54 6.57 -56.25
C LYS S 111 21.60 5.47 -56.29
N PRO S 112 21.32 4.29 -55.76
CA PRO S 112 22.30 3.24 -55.77
C PRO S 112 22.50 2.72 -57.19
N PRO S 113 23.74 2.68 -57.67
CA PRO S 113 24.00 2.03 -58.95
C PRO S 113 23.51 0.58 -58.94
N ASN S 114 23.19 0.10 -60.13
CA ASN S 114 22.65 -1.24 -60.29
C ASN S 114 23.71 -2.14 -60.88
N PRO S 115 24.40 -2.96 -60.08
CA PRO S 115 25.51 -3.75 -60.62
C PRO S 115 25.09 -4.72 -61.71
N SER S 116 23.80 -5.02 -61.86
CA SER S 116 23.40 -6.01 -62.84
C SER S 116 23.37 -5.40 -64.25
N THR S 117 22.65 -4.31 -64.43
CA THR S 117 22.46 -3.76 -65.76
C THR S 117 23.63 -2.92 -66.24
N HIS S 118 24.80 -3.04 -65.64
CA HIS S 118 25.96 -2.34 -66.16
C HIS S 118 26.38 -2.97 -67.48
N PRO S 119 26.62 -2.19 -68.53
CA PRO S 119 27.02 -2.79 -69.80
C PRO S 119 28.34 -3.51 -69.68
N TYR S 120 28.48 -4.58 -70.47
CA TYR S 120 29.58 -5.52 -70.26
C TYR S 120 30.94 -4.84 -70.48
N LEU S 121 31.97 -5.48 -69.93
CA LEU S 121 33.32 -4.94 -69.96
C LEU S 121 33.90 -5.04 -71.36
N THR S 122 34.70 -4.02 -71.73
CA THR S 122 35.30 -3.98 -73.05
C THR S 122 36.79 -3.60 -73.07
N GLY S 123 37.42 -3.34 -71.95
CA GLY S 123 38.84 -3.02 -71.98
C GLY S 123 39.36 -2.65 -70.62
N GLU S 124 40.67 -2.39 -70.59
CA GLU S 124 41.43 -1.92 -69.44
C GLU S 124 41.97 -0.52 -69.69
N PRO S 125 41.98 0.35 -68.68
CA PRO S 125 42.38 1.74 -68.90
C PRO S 125 43.89 1.88 -68.89
N CYS S 126 44.41 2.41 -69.94
CA CYS S 126 45.81 2.74 -70.10
C CYS S 126 46.03 4.19 -69.71
N PRO S 127 47.22 4.55 -69.21
CA PRO S 127 47.51 5.97 -68.94
C PRO S 127 47.57 6.81 -70.19
N VAL S 128 47.30 6.24 -71.36
CA VAL S 128 47.41 6.94 -72.62
C VAL S 128 46.04 7.32 -73.17
N TYR S 129 45.09 6.41 -73.14
CA TYR S 129 43.72 6.70 -73.53
C TYR S 129 42.79 6.47 -72.35
N GLY S 130 41.54 6.85 -72.52
CA GLY S 130 40.53 6.49 -71.54
C GLY S 130 40.48 4.98 -71.38
N TRP S 131 40.41 4.29 -72.50
CA TRP S 131 40.42 2.84 -72.51
C TRP S 131 41.19 2.28 -73.69
N LYS S 132 42.04 1.30 -73.41
CA LYS S 132 42.51 0.38 -74.42
C LYS S 132 41.45 -0.68 -74.64
N VAL S 133 40.59 -0.51 -75.63
CA VAL S 133 39.53 -1.47 -75.92
C VAL S 133 40.18 -2.79 -76.31
N THR S 134 39.78 -3.87 -75.63
CA THR S 134 40.48 -5.14 -75.74
C THR S 134 39.67 -6.24 -76.41
N ASP S 135 38.35 -6.09 -76.51
CA ASP S 135 37.55 -7.15 -77.13
C ASP S 135 36.24 -6.59 -77.70
N PRO S 136 36.21 -6.24 -78.98
CA PRO S 136 34.95 -5.79 -79.59
C PRO S 136 33.89 -6.86 -79.66
N GLY S 137 34.22 -8.07 -79.22
CA GLY S 137 33.28 -9.17 -79.18
C GLY S 137 32.15 -8.99 -78.21
N VAL S 138 32.26 -8.03 -77.29
CA VAL S 138 31.19 -7.73 -76.36
C VAL S 138 30.19 -6.76 -76.98
N ILE S 139 30.71 -5.76 -77.69
CA ILE S 139 29.88 -4.68 -78.23
C ILE S 139 28.88 -5.29 -79.20
N ARG S 140 27.59 -5.15 -78.87
CA ARG S 140 26.53 -5.71 -79.71
C ARG S 140 26.18 -4.70 -80.80
N GLU S 141 27.17 -4.38 -81.62
CA GLU S 141 26.93 -3.56 -82.79
C GLU S 141 25.85 -4.23 -83.64
N PHE S 142 24.73 -3.54 -83.81
CA PHE S 142 23.58 -4.12 -84.47
C PHE S 142 23.85 -4.19 -85.96
N ASN S 143 24.33 -5.35 -86.42
CA ASN S 143 24.81 -5.52 -87.79
C ASN S 143 23.71 -6.07 -88.69
N LEU S 144 22.46 -5.75 -88.40
CA LEU S 144 21.34 -6.25 -89.18
C LEU S 144 20.97 -5.26 -90.26
N PRO S 145 21.08 -5.62 -91.53
CA PRO S 145 20.57 -4.76 -92.61
C PRO S 145 19.11 -5.06 -92.92
N GLN S 146 18.52 -4.17 -93.71
CA GLN S 146 17.13 -4.32 -94.10
C GLN S 146 16.95 -3.84 -95.54
N PRO S 147 16.30 -4.63 -96.39
CA PRO S 147 15.85 -4.11 -97.68
C PRO S 147 14.40 -3.65 -97.59
N GLU S 148 13.96 -3.03 -98.67
CA GLU S 148 12.55 -2.71 -98.85
C GLU S 148 12.06 -3.04 -100.25
N ASP S 149 12.92 -3.61 -101.10
CA ASP S 149 12.64 -3.67 -102.53
C ASP S 149 11.54 -4.68 -102.84
N LYS S 150 11.79 -5.96 -102.60
CA LYS S 150 10.91 -7.02 -103.05
C LYS S 150 10.25 -7.71 -101.86
N THR S 151 8.97 -8.03 -102.03
CA THR S 151 8.13 -8.75 -101.05
C THR S 151 8.46 -8.32 -99.62
N ARG S 152 8.15 -7.05 -99.34
CA ARG S 152 8.35 -6.52 -98.01
C ARG S 152 7.43 -7.22 -97.00
N TYR S 153 7.77 -7.02 -95.73
CA TYR S 153 7.02 -7.60 -94.62
C TYR S 153 6.68 -6.46 -93.66
N LYS S 154 5.47 -5.95 -93.76
CA LYS S 154 5.03 -4.93 -92.83
C LYS S 154 5.06 -5.49 -91.41
N PRO S 155 5.29 -4.63 -90.41
CA PRO S 155 5.33 -5.13 -89.03
C PRO S 155 4.07 -5.85 -88.60
N TYR S 156 2.91 -5.42 -89.07
CA TYR S 156 1.66 -6.11 -88.83
C TYR S 156 1.28 -6.94 -90.06
N VAL S 157 0.24 -7.74 -89.91
CA VAL S 157 -0.30 -8.51 -91.02
C VAL S 157 -1.80 -8.29 -91.08
N ALA S 158 -2.38 -8.57 -92.25
CA ALA S 158 -3.79 -8.31 -92.49
C ALA S 158 -4.58 -9.61 -92.53
N LEU S 159 -5.83 -9.53 -92.11
CA LEU S 159 -6.83 -10.53 -92.42
C LEU S 159 -7.91 -9.88 -93.27
N GLN S 160 -8.46 -10.66 -94.20
CA GLN S 160 -9.44 -10.17 -95.17
C GLN S 160 -10.55 -9.37 -94.50
N THR T 46 -49.19 -32.95 82.72
CA THR T 46 -49.03 -31.51 82.83
C THR T 46 -50.41 -30.85 82.89
N VAL T 47 -51.17 -31.01 81.81
CA VAL T 47 -52.54 -30.51 81.77
C VAL T 47 -53.44 -31.52 82.46
N THR T 48 -54.16 -31.06 83.48
CA THR T 48 -55.04 -31.94 84.25
C THR T 48 -56.04 -32.63 83.34
N SER T 49 -56.24 -33.93 83.55
CA SER T 49 -57.13 -34.71 82.71
C SER T 49 -58.54 -34.14 82.68
N ALA T 50 -58.90 -33.29 83.64
CA ALA T 50 -60.22 -32.67 83.66
C ALA T 50 -60.37 -31.57 82.63
N ASP T 51 -59.27 -30.95 82.20
CA ASP T 51 -59.36 -29.98 81.11
C ASP T 51 -59.85 -30.64 79.84
N MET T 52 -59.41 -31.87 79.58
CA MET T 52 -59.97 -32.63 78.48
C MET T 52 -61.45 -32.89 78.70
N LYS T 53 -61.85 -33.13 79.95
CA LYS T 53 -63.26 -33.38 80.24
C LYS T 53 -64.12 -32.15 79.99
N LYS T 54 -63.50 -30.98 79.81
CA LYS T 54 -64.22 -29.83 79.28
C LYS T 54 -64.60 -30.04 77.83
N ALA T 55 -63.94 -30.97 77.14
CA ALA T 55 -64.33 -31.38 75.80
C ALA T 55 -65.35 -32.51 75.82
N LEU T 56 -65.69 -33.04 76.99
CA LEU T 56 -66.77 -34.02 77.08
C LEU T 56 -68.13 -33.40 76.85
N LEU T 57 -68.24 -32.07 76.94
CA LEU T 57 -69.52 -31.38 76.81
C LEU T 57 -69.49 -30.30 75.74
N SER T 58 -68.43 -30.21 74.94
CA SER T 58 -68.36 -29.26 73.85
C SER T 58 -68.39 -29.92 72.48
N ILE T 59 -67.76 -31.09 72.33
CA ILE T 59 -67.83 -31.81 71.07
C ILE T 59 -69.23 -32.35 70.83
N ASP T 60 -70.03 -32.52 71.87
CA ASP T 60 -71.40 -33.02 71.71
C ASP T 60 -72.30 -32.01 71.03
N SER T 61 -71.89 -30.76 70.94
CA SER T 61 -72.73 -29.70 70.36
C SER T 61 -72.90 -29.95 68.87
N THR T 62 -73.57 -29.01 68.19
CA THR T 62 -73.79 -29.14 66.75
C THR T 62 -72.48 -29.18 65.97
N SER T 63 -71.47 -28.45 66.45
CA SER T 63 -70.15 -28.46 65.82
C SER T 63 -69.36 -29.63 66.37
N SER T 64 -69.39 -30.76 65.67
CA SER T 64 -68.68 -31.96 66.09
C SER T 64 -67.20 -31.91 65.76
N GLY T 65 -66.66 -30.72 65.52
CA GLY T 65 -65.24 -30.62 65.24
C GLY T 65 -64.40 -31.15 66.38
N ALA T 66 -63.24 -31.69 66.02
CA ALA T 66 -62.32 -32.20 67.02
C ALA T 66 -61.76 -31.06 67.87
N LEU T 67 -61.39 -31.39 69.10
CA LEU T 67 -60.80 -30.42 70.02
C LEU T 67 -59.38 -30.80 70.42
N VAL T 68 -58.74 -31.68 69.65
CA VAL T 68 -57.43 -32.19 70.01
C VAL T 68 -56.79 -32.79 68.76
N ILE T 69 -55.50 -32.52 68.58
CA ILE T 69 -54.72 -33.10 67.50
C ILE T 69 -53.72 -34.05 68.13
N ASP T 70 -52.88 -34.68 67.32
CA ASP T 70 -51.84 -35.54 67.87
C ASP T 70 -50.67 -35.59 66.89
N VAL T 71 -49.53 -35.06 67.31
CA VAL T 71 -48.31 -35.16 66.51
C VAL T 71 -47.62 -36.43 66.97
N ARG T 72 -48.10 -37.55 66.45
CA ARG T 72 -47.59 -38.85 66.82
C ARG T 72 -46.96 -39.52 65.61
N SER T 73 -45.97 -40.36 65.85
CA SER T 73 -45.40 -41.15 64.77
C SER T 73 -46.49 -42.03 64.16
N GLU T 74 -46.30 -42.36 62.89
CA GLU T 74 -47.36 -43.10 62.18
C GLU T 74 -47.62 -44.47 62.79
N PRO T 75 -46.62 -45.31 63.08
CA PRO T 75 -46.94 -46.54 63.81
C PRO T 75 -47.42 -46.29 65.23
N GLU T 76 -46.87 -45.27 65.91
CA GLU T 76 -47.30 -44.98 67.27
C GLU T 76 -48.79 -44.71 67.33
N ARG T 77 -49.33 -44.04 66.30
CA ARG T 77 -50.78 -43.89 66.20
C ARG T 77 -51.43 -45.07 65.53
N ARG T 78 -50.65 -45.89 64.83
CA ARG T 78 -51.17 -47.13 64.26
C ARG T 78 -51.10 -48.29 65.23
N LEU T 79 -50.31 -48.17 66.30
CA LEU T 79 -50.23 -49.23 67.28
C LEU T 79 -51.12 -48.98 68.49
N ARG T 80 -51.73 -47.81 68.59
CA ARG T 80 -52.55 -47.54 69.76
C ARG T 80 -53.89 -46.94 69.37
N PRO T 81 -54.98 -47.38 69.99
CA PRO T 81 -56.31 -46.83 69.74
C PRO T 81 -56.64 -45.61 70.60
N LEU T 82 -55.71 -44.66 70.64
CA LEU T 82 -55.88 -43.43 71.40
C LEU T 82 -56.14 -42.24 70.48
N LEU T 83 -56.89 -42.47 69.40
CA LEU T 83 -57.08 -41.46 68.36
C LEU T 83 -58.53 -41.38 67.88
N SER T 84 -59.42 -42.21 68.38
CA SER T 84 -60.72 -42.29 67.73
C SER T 84 -61.59 -41.05 67.94
N PRO T 85 -62.01 -40.73 69.17
CA PRO T 85 -63.14 -39.81 69.33
C PRO T 85 -62.77 -38.34 69.29
N ALA T 86 -63.27 -37.62 68.29
CA ALA T 86 -63.13 -36.17 68.20
C ALA T 86 -61.67 -35.73 68.32
N ILE T 87 -60.82 -36.33 67.49
CA ILE T 87 -59.40 -35.98 67.45
C ILE T 87 -58.87 -36.30 66.07
N VAL T 88 -58.08 -35.39 65.52
CA VAL T 88 -57.61 -35.46 64.15
C VAL T 88 -56.08 -35.56 64.17
N ALA T 89 -55.54 -36.32 63.21
CA ALA T 89 -54.12 -36.57 63.11
C ALA T 89 -53.45 -35.50 62.25
N LEU T 90 -52.32 -34.99 62.73
CA LEU T 90 -51.49 -34.03 62.00
C LEU T 90 -50.03 -34.38 62.22
N HIS T 91 -49.25 -34.29 61.15
CA HIS T 91 -47.80 -34.34 61.32
C HIS T 91 -47.29 -32.96 61.67
N PRO T 92 -46.40 -32.83 62.66
CA PRO T 92 -45.97 -31.48 63.08
C PRO T 92 -45.39 -30.64 61.96
N HIS T 93 -44.87 -31.26 60.90
CA HIS T 93 -44.41 -30.53 59.74
C HIS T 93 -45.56 -30.06 58.86
N ASP T 94 -46.81 -30.32 59.25
CA ASP T 94 -47.95 -29.78 58.53
C ASP T 94 -48.48 -28.50 59.15
N ILE T 95 -48.57 -28.46 60.48
CA ILE T 95 -48.98 -27.23 61.16
C ILE T 95 -47.92 -26.16 61.00
N LEU T 96 -46.67 -26.50 61.29
CA LEU T 96 -45.58 -25.54 61.18
C LEU T 96 -45.46 -25.00 59.76
N SER T 97 -45.28 -25.88 58.79
CA SER T 97 -45.16 -25.45 57.40
C SER T 97 -46.39 -24.69 56.95
N GLY T 98 -47.54 -24.98 57.53
CA GLY T 98 -48.76 -24.27 57.20
C GLY T 98 -49.72 -25.00 56.31
N ALA T 99 -49.63 -26.33 56.23
CA ALA T 99 -50.58 -27.07 55.41
C ALA T 99 -51.93 -27.20 56.09
N ALA T 100 -51.96 -27.14 57.42
CA ALA T 100 -53.18 -27.32 58.18
C ALA T 100 -53.84 -26.00 58.55
N CYS T 101 -53.72 -24.99 57.70
CA CYS T 101 -54.35 -23.71 57.97
C CYS T 101 -55.85 -23.68 57.67
N PRO T 102 -56.34 -24.31 56.59
CA PRO T 102 -57.79 -24.32 56.39
C PRO T 102 -58.52 -25.05 57.49
N ILE T 103 -58.00 -26.18 57.93
CA ILE T 103 -58.62 -26.93 59.02
C ILE T 103 -57.97 -26.41 60.30
N LEU T 104 -58.46 -25.27 60.76
CA LEU T 104 -58.05 -24.60 61.98
C LEU T 104 -59.07 -23.50 62.20
N PRO T 105 -59.52 -23.28 63.43
CA PRO T 105 -60.68 -22.41 63.64
C PRO T 105 -60.39 -20.98 63.23
N SER T 106 -61.46 -20.27 62.86
CA SER T 106 -61.32 -18.86 62.49
C SER T 106 -61.05 -18.00 63.72
N ASN T 107 -61.83 -18.17 64.76
CA ASN T 107 -61.68 -17.37 65.98
C ASN T 107 -60.39 -17.76 66.69
N LYS T 108 -59.31 -17.05 66.39
CA LYS T 108 -58.00 -17.43 66.89
C LYS T 108 -57.79 -17.12 68.36
N GLU T 109 -58.64 -16.28 68.96
CA GLU T 109 -58.52 -16.03 70.39
C GLU T 109 -59.30 -17.04 71.22
N ARG T 110 -60.53 -17.36 70.82
CA ARG T 110 -61.36 -18.34 71.51
C ARG T 110 -61.19 -19.70 70.84
N ALA T 111 -60.04 -20.32 71.06
CA ALA T 111 -59.70 -21.55 70.36
C ALA T 111 -58.67 -22.34 71.16
N GLU T 112 -58.91 -23.65 71.30
CA GLU T 112 -58.01 -24.55 71.99
C GLU T 112 -57.55 -25.65 71.03
N MET T 113 -56.35 -26.17 71.29
CA MET T 113 -55.83 -27.27 70.47
C MET T 113 -55.57 -28.52 71.28
N PHE T 114 -54.71 -28.48 72.31
CA PHE T 114 -54.35 -29.64 73.10
C PHE T 114 -53.70 -30.72 72.24
N VAL T 115 -52.49 -30.41 71.78
CA VAL T 115 -51.74 -31.36 70.98
C VAL T 115 -51.24 -32.51 71.85
N VAL T 116 -51.13 -33.70 71.26
CA VAL T 116 -50.79 -34.92 71.97
C VAL T 116 -49.57 -35.56 71.33
N ALA T 117 -48.61 -35.97 72.15
CA ALA T 117 -47.44 -36.67 71.65
C ALA T 117 -46.78 -37.42 72.80
N SER T 118 -45.94 -38.40 72.45
CA SER T 118 -45.27 -39.19 73.46
C SER T 118 -44.09 -38.45 74.08
N GLU T 119 -43.24 -37.88 73.24
CA GLU T 119 -42.09 -37.13 73.75
C GLU T 119 -42.53 -35.76 74.21
N ALA T 120 -41.72 -35.16 75.07
CA ALA T 120 -41.99 -33.81 75.55
C ALA T 120 -41.47 -32.76 74.59
N GLN T 121 -40.19 -32.82 74.25
CA GLN T 121 -39.64 -31.92 73.24
C GLN T 121 -40.42 -32.03 71.94
N ARG T 122 -40.71 -33.26 71.51
CA ARG T 122 -41.49 -33.45 70.29
C ARG T 122 -42.89 -32.87 70.41
N ALA T 123 -43.39 -32.68 71.62
CA ALA T 123 -44.73 -32.12 71.78
C ALA T 123 -44.70 -30.60 71.68
N VAL T 124 -43.87 -29.94 72.49
CA VAL T 124 -43.80 -28.49 72.48
C VAL T 124 -43.31 -27.98 71.14
N ASN T 125 -42.56 -28.78 70.39
CA ASN T 125 -42.19 -28.39 69.04
C ASN T 125 -43.35 -28.45 68.08
N ALA T 126 -44.52 -28.90 68.53
CA ALA T 126 -45.74 -28.82 67.74
C ALA T 126 -46.67 -27.73 68.24
N CYS T 127 -46.78 -27.55 69.55
CA CYS T 127 -47.53 -26.41 70.07
C CYS T 127 -46.95 -25.10 69.56
N THR T 128 -45.63 -24.95 69.65
CA THR T 128 -44.98 -23.73 69.20
C THR T 128 -45.22 -23.46 67.72
N ALA T 129 -45.56 -24.49 66.95
CA ALA T 129 -45.98 -24.26 65.58
C ALA T 129 -47.30 -23.49 65.54
N LEU T 130 -48.16 -23.72 66.53
CA LEU T 130 -49.43 -22.99 66.57
C LEU T 130 -49.20 -21.52 66.88
N ARG T 131 -48.42 -21.24 67.92
CA ARG T 131 -48.11 -19.85 68.25
C ARG T 131 -47.52 -19.13 67.04
N ARG T 132 -46.85 -19.86 66.16
CA ARG T 132 -46.38 -19.27 64.92
C ARG T 132 -47.55 -18.82 64.05
N TRP T 133 -48.72 -19.44 64.22
CA TRP T 133 -49.88 -19.13 63.41
C TRP T 133 -50.94 -18.33 64.16
N GLY T 134 -50.79 -18.15 65.46
CA GLY T 134 -51.62 -17.25 66.23
C GLY T 134 -52.32 -17.86 67.43
N PHE T 135 -52.50 -19.17 67.46
CA PHE T 135 -53.34 -19.74 68.51
C PHE T 135 -52.63 -19.75 69.86
N SER T 136 -53.44 -19.81 70.92
CA SER T 136 -52.96 -19.67 72.28
C SER T 136 -53.25 -20.88 73.14
N ARG T 137 -54.51 -21.35 73.18
CA ARG T 137 -54.88 -22.39 74.12
C ARG T 137 -54.45 -23.76 73.62
N VAL T 138 -53.18 -23.87 73.27
CA VAL T 138 -52.54 -25.11 72.87
C VAL T 138 -51.43 -25.41 73.86
N THR T 139 -51.46 -26.59 74.46
CA THR T 139 -50.73 -26.82 75.70
C THR T 139 -49.80 -28.03 75.70
N ALA T 140 -49.90 -28.94 74.73
CA ALA T 140 -49.19 -30.21 74.78
C ALA T 140 -49.61 -30.99 76.03
N VAL T 141 -50.87 -31.42 75.99
CA VAL T 141 -51.54 -31.94 77.19
C VAL T 141 -50.79 -33.13 77.77
N SER T 142 -50.70 -34.22 77.03
CA SER T 142 -50.15 -35.46 77.56
C SER T 142 -50.03 -36.48 76.43
N VAL T 143 -49.68 -37.70 76.81
CA VAL T 143 -49.93 -38.87 75.98
C VAL T 143 -50.82 -39.88 76.68
N ASP T 144 -50.86 -39.89 78.01
CA ASP T 144 -51.63 -40.85 78.78
C ASP T 144 -52.95 -40.27 79.25
N ALA T 145 -52.93 -39.05 79.79
CA ALA T 145 -54.17 -38.41 80.20
C ALA T 145 -55.17 -38.33 79.05
N VAL T 146 -54.67 -38.26 77.81
CA VAL T 146 -55.56 -38.27 76.66
C VAL T 146 -56.07 -39.68 76.39
N SER T 147 -55.31 -40.70 76.76
CA SER T 147 -55.71 -42.08 76.54
C SER T 147 -56.86 -42.51 77.44
N GLU T 148 -57.41 -41.59 78.23
CA GLU T 148 -58.37 -41.95 79.27
C GLU T 148 -59.74 -41.30 79.08
N ALA T 149 -59.84 -40.20 78.34
CA ALA T 149 -61.13 -39.61 78.00
C ALA T 149 -61.76 -40.48 76.91
N ILE T 150 -62.40 -41.56 77.35
CA ILE T 150 -62.95 -42.55 76.44
C ILE T 150 -64.45 -42.37 76.25
N ALA T 151 -65.00 -41.21 76.62
CA ALA T 151 -66.42 -40.97 76.49
C ALA T 151 -66.75 -39.49 76.49
N PRO U 72 -41.59 -65.81 65.99
CA PRO U 72 -40.20 -65.73 65.53
C PRO U 72 -39.81 -64.32 65.13
N LEU U 73 -38.52 -64.01 65.14
CA LEU U 73 -38.04 -62.70 64.74
C LEU U 73 -37.38 -62.81 63.37
N GLU U 74 -37.58 -61.79 62.54
CA GLU U 74 -37.20 -61.84 61.14
C GLU U 74 -35.69 -61.87 60.99
N ALA U 75 -35.25 -62.25 59.79
CA ALA U 75 -33.83 -62.30 59.48
C ALA U 75 -33.66 -62.40 57.97
N VAL U 76 -32.54 -61.87 57.48
CA VAL U 76 -32.17 -61.94 56.07
C VAL U 76 -30.77 -62.53 55.99
N ILE U 77 -30.56 -63.46 55.07
CA ILE U 77 -29.32 -64.23 55.04
C ILE U 77 -28.92 -64.52 53.60
N ARG U 78 -27.70 -65.02 53.45
CA ARG U 78 -27.14 -65.42 52.16
C ARG U 78 -27.21 -64.28 51.16
N VAL U 79 -26.96 -63.05 51.64
CA VAL U 79 -26.90 -61.89 50.76
C VAL U 79 -25.51 -61.69 50.19
N GLN U 80 -24.47 -62.19 50.86
CA GLN U 80 -23.14 -62.29 50.32
C GLN U 80 -22.72 -63.75 50.34
N SER U 81 -21.65 -64.06 49.61
CA SER U 81 -21.19 -65.45 49.56
C SER U 81 -20.90 -65.98 50.95
N THR U 82 -20.29 -65.16 51.80
CA THR U 82 -19.85 -65.58 53.12
C THR U 82 -20.74 -65.06 54.24
N ASP U 83 -22.04 -64.98 54.01
CA ASP U 83 -22.97 -64.81 55.13
C ASP U 83 -22.96 -66.05 56.01
N ALA U 84 -22.61 -67.20 55.45
CA ALA U 84 -22.52 -68.46 56.16
C ALA U 84 -21.08 -68.93 56.15
N HIS U 85 -20.87 -70.12 56.69
CA HIS U 85 -19.52 -70.64 56.86
C HIS U 85 -19.63 -72.09 57.28
N VAL U 86 -18.78 -72.94 56.70
CA VAL U 86 -18.89 -74.38 56.91
C VAL U 86 -17.50 -74.98 56.80
N THR U 87 -17.10 -75.79 57.78
CA THR U 87 -15.87 -76.57 57.71
C THR U 87 -16.17 -77.98 58.14
N GLU U 88 -15.81 -78.96 57.30
CA GLU U 88 -16.07 -80.35 57.62
C GLU U 88 -15.30 -80.75 58.87
N VAL U 89 -15.93 -81.58 59.69
CA VAL U 89 -15.29 -82.25 60.82
C VAL U 89 -15.47 -83.74 60.58
N ASP U 90 -14.41 -84.40 60.10
CA ASP U 90 -14.56 -85.79 59.68
C ASP U 90 -14.63 -86.71 60.91
N ALA U 91 -14.91 -87.99 60.63
CA ALA U 91 -15.03 -88.98 61.69
C ALA U 91 -13.67 -89.36 62.29
N ASN U 92 -12.58 -89.05 61.59
CA ASN U 92 -11.26 -89.34 62.14
C ASN U 92 -10.97 -88.52 63.39
N GLY U 93 -11.72 -87.47 63.63
CA GLY U 93 -11.43 -86.58 64.74
C GLY U 93 -11.28 -85.16 64.28
N GLY U 94 -10.06 -84.64 64.37
CA GLY U 94 -9.78 -83.27 63.99
C GLY U 94 -10.29 -82.92 62.62
N GLY U 95 -11.26 -82.02 62.55
CA GLY U 95 -11.81 -81.59 61.29
C GLY U 95 -10.77 -80.94 60.41
N ALA U 96 -11.14 -80.75 59.15
CA ALA U 96 -10.21 -80.17 58.19
C ALA U 96 -10.19 -78.66 58.34
N PHE U 97 -8.99 -78.11 58.48
CA PHE U 97 -8.77 -76.67 58.59
C PHE U 97 -7.61 -76.32 57.68
N LEU U 98 -7.82 -75.34 56.80
CA LEU U 98 -6.95 -75.10 55.65
C LEU U 98 -5.86 -74.08 56.00
N GLU U 99 -4.58 -74.53 56.02
CA GLU U 99 -3.46 -73.58 56.03
C GLU U 99 -2.40 -74.08 55.04
N LYS U 100 -2.59 -73.77 53.77
CA LYS U 100 -1.60 -73.73 52.70
C LYS U 100 -2.33 -73.43 51.40
N ALA U 101 -1.61 -72.96 50.41
CA ALA U 101 -2.24 -72.71 49.13
C ALA U 101 -1.20 -72.66 48.01
N PRO U 102 -0.66 -73.81 47.59
CA PRO U 102 0.35 -73.80 46.54
C PRO U 102 -0.25 -73.45 45.19
N LYS U 103 0.46 -72.59 44.45
CA LYS U 103 -0.05 -72.07 43.18
C LYS U 103 0.18 -73.01 42.01
N GLY U 104 1.07 -73.99 42.15
CA GLY U 104 1.30 -74.92 41.07
C GLY U 104 2.64 -74.72 40.41
N ARG U 105 3.32 -75.82 40.07
CA ARG U 105 4.65 -75.75 39.48
C ARG U 105 4.58 -76.12 38.01
N TRP U 106 5.33 -75.41 37.18
CA TRP U 106 5.35 -75.64 35.75
C TRP U 106 6.75 -76.06 35.31
N ARG U 107 6.95 -76.11 33.99
CA ARG U 107 8.23 -76.56 33.44
C ARG U 107 8.37 -75.98 32.04
N LYS U 108 9.15 -74.90 31.92
CA LYS U 108 9.46 -74.35 30.61
C LYS U 108 10.11 -75.41 29.74
N ILE U 109 9.67 -75.52 28.49
CA ILE U 109 10.08 -76.60 27.62
C ILE U 109 10.95 -76.12 26.47
N SER U 110 10.78 -74.87 26.03
CA SER U 110 11.61 -74.31 24.98
C SER U 110 12.04 -72.90 25.37
N ARG U 111 13.08 -72.42 24.71
CA ARG U 111 13.82 -71.24 25.18
C ARG U 111 13.44 -69.99 24.38
N SER U 112 12.47 -69.24 24.90
CA SER U 112 12.36 -67.80 24.70
C SER U 112 12.70 -67.29 23.31
N LYS U 113 11.91 -67.65 22.31
CA LYS U 113 12.15 -67.17 20.95
C LYS U 113 12.22 -65.65 20.90
N THR U 114 13.29 -65.13 20.34
CA THR U 114 13.51 -63.70 20.20
C THR U 114 13.66 -63.34 18.72
N LEU U 115 14.03 -62.10 18.48
CA LEU U 115 14.18 -61.57 17.14
C LEU U 115 15.15 -60.40 17.19
N LEU U 116 15.98 -60.27 16.16
CA LEU U 116 16.93 -59.17 16.06
C LEU U 116 16.28 -58.05 15.26
N VAL U 117 15.78 -57.05 15.96
CA VAL U 117 15.12 -55.91 15.34
C VAL U 117 16.07 -54.73 15.37
N GLU U 118 16.09 -53.98 14.27
CA GLU U 118 16.85 -52.74 14.20
C GLU U 118 16.51 -51.85 15.38
N ASP U 119 17.53 -51.17 15.91
CA ASP U 119 17.31 -50.20 16.98
C ASP U 119 18.19 -48.96 16.77
N THR U 120 18.19 -48.46 15.54
CA THR U 120 18.81 -47.18 15.21
C THR U 120 18.43 -46.86 13.77
N ALA U 121 18.17 -45.60 13.52
CA ALA U 121 17.63 -45.22 12.22
C ALA U 121 18.61 -45.39 11.07
N THR U 122 19.78 -46.01 11.21
CA THR U 122 20.68 -46.14 10.07
C THR U 122 20.01 -46.93 8.96
N PRO U 123 20.36 -46.68 7.71
CA PRO U 123 19.95 -47.56 6.62
C PRO U 123 20.41 -48.99 6.84
N PHE U 124 19.89 -49.89 6.02
CA PHE U 124 20.25 -51.29 6.13
C PHE U 124 21.49 -51.65 5.34
N SER U 125 22.08 -50.70 4.62
CA SER U 125 23.33 -50.94 3.92
C SER U 125 24.54 -50.86 4.85
N ASN U 126 24.44 -50.10 5.94
CA ASN U 126 25.54 -49.94 6.86
C ASN U 126 26.03 -51.28 7.36
N SER U 127 27.33 -51.52 7.17
CA SER U 127 27.94 -52.69 7.81
C SER U 127 27.75 -52.65 9.32
N ASP U 128 27.67 -51.45 9.89
CA ASP U 128 27.55 -51.29 11.33
C ASP U 128 26.11 -50.97 11.71
N LYS U 129 25.26 -51.98 11.64
CA LYS U 129 23.91 -51.88 12.14
C LYS U 129 23.85 -52.36 13.59
N SER U 130 22.77 -52.02 14.29
CA SER U 130 22.71 -52.20 15.74
C SER U 130 21.97 -53.48 16.15
N PHE U 131 20.70 -53.62 15.78
CA PHE U 131 19.98 -54.89 15.87
C PHE U 131 19.88 -55.41 17.30
N SER U 132 19.08 -54.73 18.10
CA SER U 132 18.83 -55.20 19.46
C SER U 132 17.84 -56.37 19.49
N PRO U 133 17.96 -57.26 20.48
CA PRO U 133 17.12 -58.45 20.55
C PRO U 133 15.77 -58.31 21.25
N ARG U 134 14.72 -57.98 20.52
CA ARG U 134 13.37 -57.96 21.09
C ARG U 134 12.78 -59.36 21.14
N VAL U 135 12.10 -59.66 22.24
CA VAL U 135 11.56 -61.02 22.57
C VAL U 135 10.18 -61.17 21.93
N GLN U 136 9.76 -62.40 21.61
CA GLN U 136 8.41 -62.63 21.06
C GLN U 136 7.64 -63.58 21.98
N SER U 137 8.23 -64.73 22.29
CA SER U 137 7.58 -65.70 23.19
C SER U 137 8.57 -66.12 24.25
N TYR U 138 8.19 -66.10 25.51
CA TYR U 138 9.07 -66.58 26.60
C TYR U 138 9.34 -68.08 26.48
N GLY U 139 8.36 -68.87 26.02
CA GLY U 139 8.57 -70.32 25.82
C GLY U 139 7.36 -71.15 26.22
N GLU U 140 7.20 -72.35 25.66
CA GLU U 140 6.04 -73.15 26.05
C GLU U 140 6.31 -73.86 27.36
N TYR U 141 5.27 -73.96 28.18
CA TYR U 141 5.32 -74.63 29.47
C TYR U 141 4.45 -75.88 29.43
N VAL U 142 4.56 -76.69 30.47
CA VAL U 142 3.85 -77.96 30.57
C VAL U 142 3.47 -78.18 32.02
N ARG U 143 2.39 -78.95 32.24
CA ARG U 143 1.82 -79.14 33.57
C ARG U 143 2.82 -79.51 34.63
N ARG U 144 3.96 -80.09 34.26
CA ARG U 144 4.95 -80.59 35.21
C ARG U 144 4.34 -81.65 36.13
N ILE U 145 4.01 -82.78 35.50
CA ILE U 145 3.51 -83.92 36.25
C ILE U 145 4.60 -84.45 37.18
N GLY U 146 4.18 -85.27 38.15
CA GLY U 146 5.11 -85.79 39.13
C GLY U 146 5.16 -87.30 39.19
N LYS U 147 5.26 -87.82 40.41
CA LYS U 147 5.42 -89.25 40.65
C LYS U 147 4.24 -89.78 41.45
N LEU U 148 4.23 -91.10 41.63
CA LEU U 148 3.35 -91.71 42.60
C LEU U 148 4.20 -92.39 43.67
N PRO U 149 3.78 -92.36 44.92
CA PRO U 149 4.70 -92.63 46.03
C PRO U 149 5.11 -94.08 46.19
N GLU U 150 5.01 -94.90 45.14
CA GLU U 150 5.30 -96.33 45.19
C GLU U 150 4.24 -97.04 46.02
N GLY U 151 2.99 -96.92 45.60
CA GLY U 151 1.89 -97.64 46.21
C GLY U 151 0.89 -96.81 46.96
N ARG U 152 0.84 -95.51 46.73
CA ARG U 152 -0.07 -94.60 47.44
C ARG U 152 -0.84 -93.81 46.39
N PRO U 153 -1.87 -94.40 45.79
CA PRO U 153 -2.61 -93.70 44.74
C PRO U 153 -3.58 -92.66 45.30
N LEU U 154 -4.10 -92.92 46.49
CA LEU U 154 -5.08 -92.03 47.09
C LEU U 154 -4.44 -90.69 47.43
N LEU U 155 -5.29 -89.68 47.61
CA LEU U 155 -4.79 -88.35 48.00
C LEU U 155 -5.87 -87.64 48.80
N ARG U 156 -5.85 -87.84 50.12
CA ARG U 156 -6.75 -87.10 51.00
C ARG U 156 -6.26 -85.67 51.07
N PHE U 157 -6.92 -84.77 50.36
CA PHE U 157 -6.48 -83.39 50.27
C PHE U 157 -7.58 -82.45 50.76
N ALA U 158 -7.16 -81.28 51.20
CA ALA U 158 -8.08 -80.23 51.65
C ALA U 158 -8.41 -79.32 50.49
N MET U 159 -9.52 -78.60 50.63
CA MET U 159 -9.93 -77.66 49.59
C MET U 159 -10.89 -76.65 50.20
N PHE U 160 -11.16 -75.60 49.43
CA PHE U 160 -11.88 -74.42 49.92
C PHE U 160 -12.79 -73.94 48.79
N ARG U 161 -14.03 -74.42 48.78
CA ARG U 161 -14.99 -74.13 47.71
C ARG U 161 -15.94 -73.07 48.21
N ASP U 162 -15.66 -71.82 47.88
CA ASP U 162 -16.52 -70.70 48.25
C ASP U 162 -17.43 -70.39 47.07
N GLY U 163 -18.73 -70.60 47.26
CA GLY U 163 -19.70 -70.34 46.22
C GLY U 163 -19.59 -71.21 44.99
N TYR U 164 -18.84 -72.30 45.04
CA TYR U 164 -18.67 -73.19 43.91
C TYR U 164 -19.33 -74.52 44.26
N SER U 165 -20.46 -74.80 43.61
CA SER U 165 -21.14 -76.08 43.79
C SER U 165 -20.22 -77.21 43.37
N LEU U 166 -20.48 -78.39 43.92
CA LEU U 166 -19.64 -79.54 43.63
C LEU U 166 -19.65 -79.87 42.14
N ASP U 167 -20.76 -79.64 41.46
CA ASP U 167 -20.78 -79.85 40.02
C ASP U 167 -19.86 -78.85 39.32
N SER U 168 -19.76 -77.64 39.85
CA SER U 168 -18.90 -76.62 39.29
C SER U 168 -17.44 -76.79 39.69
N VAL U 169 -17.13 -77.74 40.56
CA VAL U 169 -15.75 -78.10 40.83
C VAL U 169 -15.43 -79.54 40.42
N CYS U 170 -16.41 -80.44 40.36
CA CYS U 170 -16.18 -81.73 39.71
C CYS U 170 -15.89 -81.56 38.23
N HIS U 171 -16.25 -80.41 37.66
CA HIS U 171 -15.93 -80.10 36.27
C HIS U 171 -14.73 -79.19 36.14
N ARG U 172 -14.37 -78.48 37.20
CA ARG U 172 -13.14 -77.69 37.16
C ARG U 172 -11.91 -78.57 37.29
N LEU U 173 -12.01 -79.69 38.00
CA LEU U 173 -10.91 -80.65 38.01
C LEU U 173 -10.75 -81.31 36.66
N ARG U 174 -11.82 -81.36 35.87
CA ARG U 174 -11.76 -81.98 34.56
C ARG U 174 -11.49 -80.98 33.45
N TYR U 175 -11.84 -79.71 33.66
CA TYR U 175 -11.50 -78.70 32.67
C TYR U 175 -10.01 -78.45 32.62
N GLU U 176 -9.32 -78.63 33.75
CA GLU U 176 -7.91 -78.27 33.87
C GLU U 176 -7.00 -79.49 33.78
N ILE U 177 -7.14 -80.43 34.71
CA ILE U 177 -6.29 -81.60 34.72
C ILE U 177 -6.92 -82.72 33.91
N GLY U 178 -8.11 -83.14 34.30
CA GLY U 178 -8.78 -84.22 33.61
C GLY U 178 -9.13 -85.35 34.54
N VAL U 179 -9.31 -85.04 35.82
CA VAL U 179 -9.74 -86.03 36.81
C VAL U 179 -11.13 -86.53 36.41
N PRO U 180 -11.31 -87.82 36.16
CA PRO U 180 -12.62 -88.31 35.75
C PRO U 180 -13.64 -88.11 36.85
N HIS U 181 -14.90 -88.05 36.44
CA HIS U 181 -15.97 -87.86 37.41
C HIS U 181 -15.96 -88.96 38.46
N ASP U 182 -15.62 -90.19 38.06
CA ASP U 182 -15.55 -91.30 39.00
C ASP U 182 -14.38 -91.18 39.95
N GLY U 183 -13.47 -90.24 39.73
CA GLY U 183 -12.30 -90.11 40.57
C GLY U 183 -12.61 -89.58 41.95
N VAL U 184 -13.09 -88.34 42.02
CA VAL U 184 -13.21 -87.64 43.29
C VAL U 184 -14.21 -88.35 44.21
N TYR U 185 -14.08 -88.08 45.52
CA TYR U 185 -15.02 -88.57 46.53
C TYR U 185 -15.21 -87.43 47.53
N LEU U 186 -16.27 -86.65 47.31
CA LEU U 186 -16.48 -85.41 48.05
C LEU U 186 -17.94 -85.36 48.50
N HIS U 187 -18.18 -85.63 49.78
CA HIS U 187 -19.53 -85.63 50.30
C HIS U 187 -20.05 -84.19 50.37
N GLU U 188 -21.00 -83.86 49.52
CA GLU U 188 -21.57 -82.52 49.53
C GLU U 188 -22.14 -82.23 50.90
N PRO U 189 -21.75 -81.13 51.54
CA PRO U 189 -22.11 -80.91 52.93
C PRO U 189 -23.61 -80.76 53.09
N PRO U 190 -24.26 -81.64 53.85
CA PRO U 190 -25.69 -81.50 54.10
C PRO U 190 -25.99 -80.10 54.58
N GLY U 191 -26.96 -79.45 53.95
CA GLY U 191 -27.04 -78.01 54.03
C GLY U 191 -25.72 -77.42 53.57
N GLY U 192 -25.42 -77.55 52.28
CA GLY U 192 -26.35 -78.04 51.29
C GLY U 192 -26.64 -76.90 50.36
N SER U 193 -26.79 -75.72 50.95
CA SER U 193 -26.81 -74.47 50.19
C SER U 193 -25.59 -74.41 49.29
N PHE U 194 -25.83 -74.20 47.99
CA PHE U 194 -24.73 -74.22 47.04
C PHE U 194 -23.70 -73.14 47.33
N ALA U 195 -24.13 -71.87 47.38
CA ALA U 195 -23.22 -70.72 47.49
C ALA U 195 -23.07 -70.35 48.96
N ALA U 196 -22.23 -71.09 49.66
CA ALA U 196 -21.81 -70.78 51.02
C ALA U 196 -20.39 -71.29 51.18
N VAL U 197 -19.55 -70.47 51.80
CA VAL U 197 -18.13 -70.83 51.88
C VAL U 197 -17.97 -72.16 52.60
N THR U 198 -17.01 -72.96 52.16
CA THR U 198 -16.88 -74.30 52.70
C THR U 198 -15.42 -74.73 52.72
N GLN U 199 -15.13 -75.64 53.64
CA GLN U 199 -13.80 -76.21 53.84
C GLN U 199 -13.97 -77.71 53.93
N PHE U 200 -13.10 -78.47 53.27
CA PHE U 200 -13.36 -79.90 53.12
C PHE U 200 -12.08 -80.71 53.07
N GLY U 201 -12.26 -82.02 53.11
CA GLY U 201 -11.22 -82.99 52.82
C GLY U 201 -11.79 -84.01 51.84
N VAL U 202 -10.98 -84.38 50.85
CA VAL U 202 -11.46 -85.17 49.71
C VAL U 202 -10.55 -86.39 49.56
N ALA U 203 -10.76 -87.16 48.49
CA ALA U 203 -9.88 -88.28 48.16
C ALA U 203 -9.88 -88.46 46.64
N VAL U 204 -8.70 -88.56 46.05
CA VAL U 204 -8.55 -88.58 44.60
C VAL U 204 -7.32 -89.42 44.25
N GLY U 205 -7.34 -90.03 43.06
CA GLY U 205 -6.21 -90.80 42.56
C GLY U 205 -5.23 -90.05 41.67
N VAL U 206 -4.84 -88.84 42.06
CA VAL U 206 -3.90 -88.01 41.32
C VAL U 206 -2.68 -87.74 42.20
N THR U 207 -1.62 -87.23 41.57
CA THR U 207 -0.40 -86.90 42.31
C THR U 207 -0.62 -85.60 43.07
N ARG U 208 0.42 -85.16 43.78
CA ARG U 208 0.29 -83.94 44.57
C ARG U 208 0.57 -82.70 43.73
N GLU U 209 1.45 -82.83 42.74
CA GLU U 209 1.93 -81.66 42.03
C GLU U 209 0.93 -81.15 41.01
N GLN U 210 -0.04 -81.96 40.61
CA GLN U 210 -1.00 -81.51 39.61
C GLN U 210 -2.30 -81.00 40.20
N LEU U 211 -2.54 -81.22 41.48
CA LEU U 211 -3.78 -80.75 42.07
C LEU U 211 -3.82 -79.24 42.19
N PRO U 212 -2.73 -78.57 42.63
CA PRO U 212 -2.76 -77.10 42.61
C PRO U 212 -3.09 -76.51 41.26
N HIS U 213 -2.91 -77.26 40.18
CA HIS U 213 -3.17 -76.72 38.86
C HIS U 213 -4.65 -76.58 38.57
N ALA U 214 -5.54 -76.96 39.49
CA ALA U 214 -6.96 -76.83 39.29
C ALA U 214 -7.59 -75.72 40.11
N SER U 215 -6.81 -75.03 40.95
CA SER U 215 -7.38 -74.08 41.89
C SER U 215 -7.76 -72.78 41.20
N ARG U 216 -8.41 -71.91 41.96
CA ARG U 216 -8.81 -70.57 41.55
C ARG U 216 -8.02 -69.51 42.29
N HIS U 217 -6.71 -69.70 42.41
CA HIS U 217 -5.85 -68.83 43.20
C HIS U 217 -6.09 -67.34 42.92
N TYR U 218 -5.75 -66.89 41.72
CA TYR U 218 -5.71 -65.46 41.43
C TYR U 218 -7.07 -65.00 40.95
N ASN U 219 -8.07 -65.21 41.81
CA ASN U 219 -9.44 -64.89 41.50
C ASN U 219 -10.13 -64.52 42.81
N VAL U 220 -11.30 -63.98 42.70
CA VAL U 220 -12.13 -63.74 43.86
C VAL U 220 -12.87 -65.04 44.17
N HIS U 221 -13.14 -65.25 45.46
CA HIS U 221 -13.80 -66.42 46.01
C HIS U 221 -12.91 -67.65 46.00
N ALA U 222 -11.82 -67.59 45.23
CA ALA U 222 -10.65 -68.44 45.46
C ALA U 222 -10.94 -69.88 45.83
N LEU U 223 -11.45 -70.69 44.91
CA LEU U 223 -11.48 -72.13 45.14
C LEU U 223 -10.07 -72.70 44.98
N ILE U 224 -9.51 -73.25 46.05
CA ILE U 224 -8.13 -73.70 46.05
C ILE U 224 -8.04 -75.10 46.65
N PHE U 225 -7.10 -75.88 46.13
CA PHE U 225 -6.80 -77.23 46.59
C PHE U 225 -5.40 -77.28 47.19
N ASP U 226 -5.20 -78.25 48.08
CA ASP U 226 -3.93 -78.49 48.72
C ASP U 226 -3.94 -79.88 49.34
N ASP U 227 -2.79 -80.55 49.28
CA ASP U 227 -2.70 -82.00 49.41
C ASP U 227 -2.12 -82.40 50.76
N ARG U 228 -2.87 -83.20 51.52
CA ARG U 228 -2.29 -83.93 52.65
C ARG U 228 -1.92 -85.32 52.17
N GLY U 229 -2.92 -86.08 51.74
CA GLY U 229 -2.90 -87.20 50.81
C GLY U 229 -1.89 -88.32 50.92
N TYR U 230 -1.83 -89.06 49.81
CA TYR U 230 -0.92 -90.18 49.60
C TYR U 230 -1.18 -91.31 50.61
N HIS U 231 -2.35 -91.91 50.44
CA HIS U 231 -2.75 -93.10 51.15
C HIS U 231 -2.83 -94.28 50.17
N ALA U 232 -2.73 -95.49 50.72
CA ALA U 232 -2.79 -96.69 49.90
C ALA U 232 -4.21 -96.93 49.42
N LEU U 233 -4.34 -97.73 48.36
CA LEU U 233 -5.65 -97.93 47.73
C LEU U 233 -6.62 -98.60 48.69
N ASP U 234 -6.14 -99.50 49.54
CA ASP U 234 -6.99 -100.10 50.56
C ASP U 234 -7.50 -99.08 51.57
N GLU U 235 -6.92 -97.88 51.62
CA GLU U 235 -7.37 -96.82 52.51
C GLU U 235 -8.43 -95.94 51.89
N LEU U 236 -9.09 -96.40 50.83
CA LEU U 236 -10.20 -95.66 50.26
C LEU U 236 -11.51 -95.86 51.03
N PRO U 237 -11.79 -97.06 51.59
CA PRO U 237 -12.97 -97.18 52.45
C PRO U 237 -12.83 -96.44 53.76
N ARG U 238 -11.69 -96.59 54.44
CA ARG U 238 -11.52 -95.97 55.75
C ARG U 238 -11.59 -94.45 55.64
N LEU U 239 -10.97 -93.88 54.61
CA LEU U 239 -11.23 -92.48 54.30
C LEU U 239 -12.52 -92.37 53.51
N SER U 240 -13.03 -91.15 53.42
CA SER U 240 -14.30 -90.89 52.74
C SER U 240 -15.44 -91.71 53.34
N VAL U 241 -15.43 -91.88 54.66
CA VAL U 241 -16.49 -92.63 55.31
C VAL U 241 -17.75 -91.77 55.42
N ALA U 242 -17.66 -90.68 56.19
CA ALA U 242 -18.69 -89.65 56.27
C ALA U 242 -18.16 -88.52 57.14
N PRO U 243 -18.55 -87.28 56.87
CA PRO U 243 -18.20 -86.19 57.77
C PRO U 243 -18.90 -86.36 59.10
N GLN U 244 -18.13 -86.31 60.19
CA GLN U 244 -18.72 -86.53 61.51
C GLN U 244 -19.67 -85.40 61.87
N ALA U 245 -19.24 -84.16 61.65
CA ALA U 245 -20.04 -82.99 62.00
C ALA U 245 -19.74 -81.88 61.01
N TYR U 246 -20.20 -80.68 61.33
CA TYR U 246 -19.99 -79.53 60.46
C TYR U 246 -20.02 -78.28 61.30
N LEU U 247 -18.93 -77.51 61.25
CA LEU U 247 -18.84 -76.26 62.01
C LEU U 247 -19.46 -75.16 61.16
N HIS U 248 -20.67 -74.74 61.52
CA HIS U 248 -21.36 -73.68 60.81
C HIS U 248 -21.16 -72.37 61.57
N ARG U 249 -20.51 -71.40 60.93
CA ARG U 249 -20.27 -70.09 61.53
C ARG U 249 -21.10 -69.08 60.74
N ILE U 250 -22.34 -68.96 61.10
CA ILE U 250 -23.29 -68.17 60.32
C ILE U 250 -23.31 -66.75 60.84
N LEU U 251 -23.77 -65.83 60.01
CA LEU U 251 -24.01 -64.45 60.38
C LEU U 251 -25.30 -64.00 59.72
N LEU U 252 -26.11 -63.22 60.44
CA LEU U 252 -27.42 -62.85 59.97
C LEU U 252 -27.47 -61.35 59.66
N ARG U 253 -28.35 -60.99 58.72
CA ARG U 253 -28.53 -59.61 58.32
C ARG U 253 -29.93 -59.14 58.68
N CYS U 254 -30.10 -57.82 58.59
CA CYS U 254 -31.37 -57.11 58.75
C CYS U 254 -32.30 -57.77 59.76
N VAL U 255 -31.74 -58.28 60.86
CA VAL U 255 -32.57 -58.94 61.87
C VAL U 255 -33.41 -57.88 62.60
N SER U 256 -34.46 -58.35 63.26
CA SER U 256 -35.43 -57.46 63.89
C SER U 256 -35.19 -57.29 65.39
N GLY U 257 -35.04 -58.39 66.11
CA GLY U 257 -34.89 -58.29 67.55
C GLY U 257 -33.53 -57.76 67.96
N ASP U 258 -33.51 -57.13 69.13
CA ASP U 258 -32.29 -56.54 69.66
C ASP U 258 -31.41 -57.64 70.23
N GLU U 259 -30.41 -57.24 71.03
CA GLU U 259 -29.53 -58.23 71.65
C GLU U 259 -30.27 -59.09 72.66
N ALA U 260 -31.34 -58.56 73.26
CA ALA U 260 -32.03 -59.30 74.31
C ALA U 260 -32.92 -60.40 73.72
N ALA U 261 -33.77 -60.04 72.77
CA ALA U 261 -34.74 -61.00 72.25
C ALA U 261 -34.06 -62.20 71.60
N VAL U 262 -32.94 -61.96 70.92
CA VAL U 262 -32.22 -63.06 70.27
C VAL U 262 -31.75 -64.07 71.32
N ALA U 263 -31.11 -63.59 72.39
CA ALA U 263 -30.67 -64.47 73.46
C ALA U 263 -31.82 -65.33 73.95
N GLN U 264 -33.00 -64.75 74.08
CA GLN U 264 -34.17 -65.50 74.50
C GLN U 264 -34.53 -66.58 73.48
N ARG U 265 -34.72 -66.19 72.22
CA ARG U 265 -35.15 -67.14 71.21
C ARG U 265 -34.12 -68.22 70.94
N LEU U 266 -32.84 -67.95 71.19
CA LEU U 266 -31.79 -68.90 70.87
C LEU U 266 -31.53 -69.89 72.00
N ARG U 267 -31.64 -69.46 73.26
CA ARG U 267 -31.45 -70.40 74.36
C ARG U 267 -32.51 -71.48 74.35
N HIS U 268 -33.70 -71.17 73.85
CA HIS U 268 -34.69 -72.23 73.63
C HIS U 268 -34.29 -73.10 72.45
N LEU U 269 -33.58 -72.54 71.46
CA LEU U 269 -33.12 -73.36 70.34
C LEU U 269 -31.94 -74.23 70.73
N SER U 270 -30.96 -73.66 71.43
CA SER U 270 -29.80 -74.46 71.83
C SER U 270 -30.20 -75.59 72.76
N SER U 271 -31.20 -75.37 73.61
CA SER U 271 -31.56 -76.33 74.64
C SER U 271 -32.64 -77.29 74.17
N ASN U 272 -33.78 -76.77 73.73
CA ASN U 272 -34.90 -77.62 73.34
C ASN U 272 -34.71 -78.27 71.98
N GLY U 273 -33.73 -77.80 71.20
CA GLY U 273 -33.41 -78.45 69.94
C GLY U 273 -34.43 -78.19 68.84
N PHE U 274 -34.13 -78.69 67.64
CA PHE U 274 -34.90 -78.36 66.45
C PHE U 274 -35.38 -79.64 65.77
N ILE U 275 -36.50 -79.52 65.08
CA ILE U 275 -37.09 -80.65 64.35
C ILE U 275 -36.19 -80.91 63.15
N ASN U 276 -35.43 -82.00 63.20
CA ASN U 276 -34.40 -82.24 62.20
C ASN U 276 -34.98 -82.61 60.86
N TYR U 277 -35.65 -81.66 60.21
CA TYR U 277 -36.22 -81.91 58.90
C TYR U 277 -35.11 -82.10 57.87
N PHE U 278 -35.52 -82.53 56.67
CA PHE U 278 -34.63 -82.55 55.53
C PHE U 278 -34.67 -81.19 54.86
N GLY U 279 -33.49 -80.61 54.64
CA GLY U 279 -33.40 -79.29 54.06
C GLY U 279 -34.09 -79.22 52.71
N LEU U 280 -34.53 -78.02 52.37
CA LEU U 280 -35.17 -77.77 51.09
C LEU U 280 -34.18 -77.68 49.95
N GLU U 281 -32.88 -77.75 50.24
CA GLU U 281 -31.91 -77.76 49.15
C GLU U 281 -31.97 -79.04 48.35
N SER U 282 -32.26 -80.17 49.00
CA SER U 282 -32.33 -81.44 48.29
C SER U 282 -33.50 -81.52 47.33
N PHE U 283 -34.50 -80.65 47.49
CA PHE U 283 -35.67 -80.66 46.61
C PHE U 283 -35.65 -79.55 45.59
N GLY U 284 -34.82 -78.53 45.78
CA GLY U 284 -34.77 -77.42 44.87
C GLY U 284 -35.89 -76.45 45.14
N ILE U 285 -35.55 -75.16 45.30
CA ILE U 285 -36.57 -74.14 45.54
C ILE U 285 -37.00 -73.65 44.16
N GLY U 286 -37.88 -74.42 43.54
CA GLY U 286 -38.34 -74.08 42.21
C GLY U 286 -39.79 -74.46 42.05
N SER U 287 -40.40 -73.92 40.98
CA SER U 287 -41.79 -74.23 40.69
C SER U 287 -42.01 -75.72 40.48
N ASN U 288 -40.94 -76.47 40.21
CA ASN U 288 -41.04 -77.90 39.96
C ASN U 288 -39.94 -78.61 40.72
N THR U 289 -40.28 -79.17 41.88
CA THR U 289 -39.31 -79.78 42.78
C THR U 289 -38.76 -81.06 42.16
N LEU U 290 -37.81 -81.70 42.84
CA LEU U 290 -37.16 -82.88 42.31
C LEU U 290 -38.02 -84.13 42.37
N PHE U 291 -39.14 -84.10 43.09
CA PHE U 291 -40.06 -85.22 43.04
C PHE U 291 -40.93 -85.18 41.81
N ASP U 292 -41.31 -83.98 41.38
CA ASP U 292 -42.11 -83.82 40.18
C ASP U 292 -41.36 -84.26 38.92
N MET U 293 -40.11 -84.70 39.06
CA MET U 293 -39.40 -85.38 38.00
C MET U 293 -39.26 -86.87 38.26
N ALA U 294 -39.12 -87.28 39.52
CA ALA U 294 -39.14 -88.69 39.87
C ALA U 294 -40.53 -89.27 39.80
N ALA U 295 -41.57 -88.43 39.90
CA ALA U 295 -42.93 -88.87 39.73
C ALA U 295 -43.36 -88.85 38.28
N PHE U 296 -43.20 -87.69 37.62
CA PHE U 296 -43.65 -87.55 36.24
C PHE U 296 -42.95 -88.55 35.33
N ALA U 297 -41.68 -88.85 35.58
CA ALA U 297 -41.00 -89.86 34.79
C ALA U 297 -41.57 -91.24 35.00
N PHE U 298 -42.35 -91.44 36.07
CA PHE U 298 -42.91 -92.74 36.37
C PHE U 298 -44.41 -92.82 36.18
N ARG U 299 -45.08 -91.71 35.91
CA ARG U 299 -46.49 -91.78 35.56
C ARG U 299 -46.71 -92.41 34.19
N ARG U 300 -45.63 -92.89 33.58
CA ARG U 300 -45.53 -93.29 32.17
C ARG U 300 -45.47 -92.08 31.24
N GLU U 301 -45.28 -90.88 31.78
CA GLU U 301 -45.29 -89.65 31.01
C GLU U 301 -43.91 -89.02 31.08
N PRO U 302 -42.95 -89.54 30.32
CA PRO U 302 -41.58 -89.00 30.44
C PRO U 302 -41.49 -87.54 30.06
N HIS U 303 -42.22 -87.12 29.02
CA HIS U 303 -42.19 -85.73 28.61
C HIS U 303 -42.75 -84.79 29.67
N ARG U 304 -43.38 -85.31 30.71
CA ARG U 304 -43.72 -84.48 31.84
C ARG U 304 -42.54 -84.31 32.79
N SER U 305 -41.56 -85.21 32.73
CA SER U 305 -40.36 -85.12 33.55
C SER U 305 -39.29 -84.29 32.89
N VAL U 306 -39.09 -84.48 31.58
CA VAL U 306 -38.03 -83.76 30.87
C VAL U 306 -38.28 -82.25 30.94
N GLY U 307 -39.45 -81.82 30.50
CA GLY U 307 -39.80 -80.41 30.65
C GLY U 307 -39.70 -79.93 32.07
N ALA U 308 -40.06 -80.78 33.03
CA ALA U 308 -39.90 -80.42 34.43
C ALA U 308 -38.43 -80.29 34.80
N TYR U 309 -37.57 -81.13 34.24
CA TYR U 309 -36.14 -80.95 34.44
C TYR U 309 -35.67 -79.68 33.76
N LEU U 310 -35.99 -79.53 32.47
CA LEU U 310 -35.52 -78.37 31.73
C LEU U 310 -36.00 -77.07 32.33
N GLN U 311 -37.15 -77.08 33.00
CA GLN U 311 -37.63 -75.87 33.63
C GLN U 311 -36.68 -75.39 34.71
N THR U 312 -36.35 -76.27 35.66
CA THR U 312 -35.48 -75.84 36.75
C THR U 312 -34.12 -75.41 36.25
N LEU U 313 -33.76 -75.75 35.02
CA LEU U 313 -32.57 -75.17 34.43
C LEU U 313 -32.83 -73.74 33.99
N ALA U 314 -33.94 -73.52 33.29
CA ALA U 314 -34.32 -72.16 32.92
C ALA U 314 -34.56 -71.30 34.15
N GLU U 315 -34.93 -71.91 35.28
CA GLU U 315 -35.08 -71.17 36.51
C GLU U 315 -33.75 -71.01 37.24
N CYS U 316 -32.82 -71.95 37.09
CA CYS U 316 -31.57 -71.86 37.83
C CYS U 316 -30.72 -70.71 37.32
N SER U 317 -30.32 -70.77 36.06
CA SER U 317 -29.35 -69.82 35.54
C SER U 317 -29.92 -69.06 34.36
N PRO U 318 -29.59 -67.75 34.20
CA PRO U 318 -30.03 -66.86 33.08
C PRO U 318 -29.57 -67.50 31.76
N LEU U 319 -28.53 -68.32 31.83
CA LEU U 319 -27.97 -68.88 30.58
C LEU U 319 -29.04 -69.75 29.93
N HIS U 320 -29.78 -70.50 30.72
CA HIS U 320 -30.74 -71.47 30.14
C HIS U 320 -32.16 -70.91 30.05
N HIS U 321 -32.43 -69.71 30.55
CA HIS U 321 -33.82 -69.27 30.59
C HIS U 321 -34.32 -68.90 29.21
N GLN U 322 -33.70 -67.90 28.58
CA GLN U 322 -34.18 -67.46 27.27
C GLN U 322 -34.17 -68.58 26.24
N PRO U 323 -33.15 -69.43 26.13
CA PRO U 323 -33.25 -70.56 25.21
C PRO U 323 -34.45 -71.45 25.48
N TYR U 324 -34.82 -71.64 26.75
CA TYR U 324 -35.96 -72.49 27.04
C TYR U 324 -37.26 -71.82 26.61
N LEU U 325 -37.44 -70.55 26.96
CA LEU U 325 -38.68 -69.85 26.62
C LEU U 325 -38.84 -69.71 25.11
N SER U 326 -37.74 -69.72 24.36
CA SER U 326 -37.87 -69.79 22.91
C SER U 326 -38.27 -71.19 22.48
N TYR U 327 -37.70 -72.22 23.11
CA TYR U 327 -38.13 -73.57 22.79
C TYR U 327 -39.48 -73.89 23.40
N ALA U 328 -39.73 -73.40 24.63
CA ALA U 328 -41.00 -73.68 25.29
C ALA U 328 -42.18 -73.34 24.39
N ASN U 329 -42.09 -72.27 23.62
CA ASN U 329 -43.16 -71.87 22.73
C ASN U 329 -42.63 -71.52 21.35
N ALA U 330 -41.83 -72.40 20.78
CA ALA U 330 -41.53 -72.32 19.36
C ALA U 330 -42.62 -73.03 18.57
N GLU U 331 -42.61 -72.81 17.27
CA GLU U 331 -43.59 -73.46 16.42
C GLU U 331 -43.35 -74.96 16.35
N GLU U 332 -44.44 -75.70 16.15
CA GLU U 332 -44.29 -77.11 15.79
C GLU U 332 -43.48 -77.26 14.51
N SER U 333 -43.39 -76.20 13.72
CA SER U 333 -42.61 -76.23 12.49
C SER U 333 -41.12 -76.16 12.77
N THR U 334 -40.70 -75.24 13.64
CA THR U 334 -39.30 -74.92 13.83
C THR U 334 -38.74 -75.43 15.14
N VAL U 335 -39.42 -76.37 15.78
CA VAL U 335 -38.78 -77.04 16.91
C VAL U 335 -37.67 -77.94 16.38
N ALA U 336 -36.75 -78.30 17.27
CA ALA U 336 -35.45 -78.91 17.05
C ALA U 336 -34.46 -77.87 16.57
N GLY U 337 -34.89 -76.67 16.24
CA GLY U 337 -33.98 -75.59 15.96
C GLY U 337 -33.70 -74.86 17.26
N ALA U 338 -34.78 -74.55 17.97
CA ALA U 338 -34.64 -73.94 19.29
C ALA U 338 -33.80 -74.80 20.21
N VAL U 339 -33.85 -76.13 20.04
CA VAL U 339 -32.98 -76.98 20.83
C VAL U 339 -31.57 -76.96 20.28
N ALA U 340 -31.43 -76.81 18.97
CA ALA U 340 -30.10 -76.65 18.38
C ALA U 340 -29.47 -75.33 18.81
N GLU U 341 -30.20 -74.24 18.65
CA GLU U 341 -29.71 -72.94 19.11
C GLU U 341 -29.63 -72.90 20.63
N TRP U 342 -30.19 -73.90 21.30
CA TRP U 342 -29.93 -74.06 22.73
C TRP U 342 -28.66 -74.83 22.96
N LEU U 343 -28.45 -75.90 22.20
CA LEU U 343 -27.20 -76.65 22.30
C LEU U 343 -26.01 -75.79 21.88
N ARG U 344 -26.23 -74.86 20.95
CA ARG U 344 -25.10 -74.06 20.42
C ARG U 344 -24.59 -73.13 21.52
N VAL U 345 -25.48 -72.57 22.33
CA VAL U 345 -25.02 -71.64 23.35
C VAL U 345 -24.42 -72.40 24.52
N CYS U 346 -25.04 -73.50 24.94
CA CYS U 346 -24.46 -74.27 26.03
C CYS U 346 -23.12 -74.87 25.64
N GLU U 347 -22.92 -75.17 24.36
CA GLU U 347 -21.64 -75.68 23.92
C GLU U 347 -20.59 -74.59 23.90
N ARG U 348 -20.94 -73.42 23.34
CA ARG U 348 -19.95 -72.31 23.24
C ARG U 348 -19.53 -71.92 24.65
N ALA U 349 -20.48 -71.48 25.45
CA ALA U 349 -20.18 -71.21 26.85
C ALA U 349 -19.95 -72.56 27.51
N LYS U 350 -18.74 -73.08 27.32
CA LYS U 350 -18.45 -74.50 27.44
C LYS U 350 -19.03 -75.10 28.71
N LEU U 351 -20.00 -75.98 28.56
CA LEU U 351 -20.65 -76.70 29.63
C LEU U 351 -20.07 -78.10 29.69
N PRO U 352 -20.42 -78.87 30.73
CA PRO U 352 -19.98 -80.28 30.73
C PRO U 352 -20.69 -81.03 29.62
N ARG U 353 -20.33 -80.66 28.39
CA ARG U 353 -20.98 -81.17 27.19
C ARG U 353 -21.04 -82.70 27.19
N GLU U 354 -20.05 -83.34 27.81
CA GLU U 354 -20.15 -84.78 28.03
C GLU U 354 -21.38 -85.11 28.86
N THR U 355 -21.40 -84.67 30.11
CA THR U 355 -22.49 -85.03 31.02
C THR U 355 -23.80 -84.34 30.66
N ARG U 356 -23.76 -83.37 29.76
CA ARG U 356 -24.99 -82.81 29.22
C ARG U 356 -25.23 -83.35 27.81
N GLU U 357 -25.85 -84.52 27.76
CA GLU U 357 -26.23 -85.15 26.52
C GLU U 357 -27.74 -85.17 26.33
N LEU U 358 -28.48 -84.53 27.22
CA LEU U 358 -29.93 -84.53 27.12
C LEU U 358 -30.40 -83.65 25.97
N LEU U 359 -29.76 -82.51 25.77
CA LEU U 359 -30.16 -81.63 24.68
C LEU U 359 -29.87 -82.25 23.32
N ARG U 360 -28.90 -83.17 23.25
CA ARG U 360 -28.71 -83.92 22.01
C ARG U 360 -29.89 -84.84 21.75
N LYS U 361 -30.30 -85.61 22.77
CA LYS U 361 -31.38 -86.56 22.58
C LYS U 361 -32.69 -85.84 22.24
N LEU U 362 -32.99 -84.75 22.95
CA LEU U 362 -34.18 -83.98 22.60
C LEU U 362 -34.13 -83.52 21.15
N HIS U 363 -32.96 -83.06 20.70
CA HIS U 363 -32.81 -82.70 19.30
C HIS U 363 -33.03 -83.89 18.39
N CYS U 364 -32.69 -85.09 18.87
CA CYS U 364 -33.01 -86.29 18.11
C CYS U 364 -34.44 -86.76 18.32
N TYR U 365 -35.13 -86.23 19.33
CA TYR U 365 -36.54 -86.57 19.47
C TYR U 365 -37.40 -85.71 18.55
N HIS U 366 -37.08 -84.43 18.42
CA HIS U 366 -37.83 -83.54 17.57
C HIS U 366 -37.48 -83.70 16.10
N LEU U 367 -36.44 -84.45 15.78
CA LEU U 367 -36.10 -84.74 14.39
C LEU U 367 -36.65 -86.08 13.94
N SER U 368 -36.96 -86.96 14.87
CA SER U 368 -37.67 -88.20 14.54
C SER U 368 -39.09 -87.93 14.10
N GLN U 369 -39.63 -86.77 14.45
CA GLN U 369 -40.77 -86.18 13.77
C GLN U 369 -40.24 -85.08 12.88
N CYS U 370 -41.10 -84.52 12.02
CA CYS U 370 -40.61 -83.47 11.14
C CYS U 370 -39.46 -84.00 10.28
N HIS U 371 -39.78 -84.82 9.27
CA HIS U 371 -38.92 -85.78 8.59
C HIS U 371 -38.66 -87.00 9.45
N PRO U 372 -39.68 -87.81 9.72
CA PRO U 372 -39.44 -89.10 10.38
C PRO U 372 -38.58 -90.05 9.59
N SER U 373 -38.53 -89.91 8.26
CA SER U 373 -37.83 -90.89 7.43
C SER U 373 -36.37 -90.53 7.18
N ASP U 374 -36.00 -89.26 7.34
CA ASP U 374 -34.62 -88.86 7.08
C ASP U 374 -33.71 -89.10 8.27
N ALA U 375 -34.25 -89.01 9.49
CA ALA U 375 -33.51 -89.30 10.70
C ALA U 375 -34.13 -90.50 11.41
N THR U 376 -33.38 -91.06 12.35
CA THR U 376 -33.87 -92.21 13.10
C THR U 376 -35.01 -91.80 14.03
N THR U 377 -35.64 -92.81 14.64
CA THR U 377 -36.77 -92.59 15.52
C THR U 377 -36.33 -92.61 16.97
N ILE U 378 -36.78 -91.61 17.74
CA ILE U 378 -36.44 -91.47 19.14
C ILE U 378 -37.72 -91.16 19.91
N SER U 379 -37.84 -91.76 21.10
CA SER U 379 -39.00 -91.55 21.96
C SER U 379 -38.61 -90.65 23.13
N MET U 380 -39.63 -90.10 23.79
CA MET U 380 -39.38 -89.25 24.94
C MET U 380 -38.69 -90.00 26.07
N GLU U 381 -38.94 -91.31 26.17
CA GLU U 381 -38.28 -92.09 27.21
C GLU U 381 -36.78 -92.18 26.93
N ASP U 382 -36.40 -92.31 25.66
CA ASP U 382 -34.99 -92.33 25.31
C ASP U 382 -34.29 -91.06 25.77
N VAL U 383 -34.95 -89.92 25.64
CA VAL U 383 -34.38 -88.66 26.10
C VAL U 383 -34.19 -88.69 27.60
N TRP U 384 -35.24 -89.04 28.34
CA TRP U 384 -35.14 -89.07 29.80
C TRP U 384 -34.16 -90.12 30.27
N LYS U 385 -33.92 -91.16 29.48
CA LYS U 385 -32.89 -92.14 29.81
C LYS U 385 -31.56 -91.46 30.04
N ALA U 386 -31.23 -90.47 29.21
CA ALA U 386 -29.97 -89.75 29.30
C ALA U 386 -30.21 -88.45 30.03
N CYS U 387 -30.19 -88.53 31.36
CA CYS U 387 -30.48 -87.37 32.20
C CYS U 387 -29.66 -87.47 33.48
N PRO U 388 -29.32 -86.34 34.07
CA PRO U 388 -28.74 -86.37 35.41
C PRO U 388 -29.77 -86.71 36.48
N ILE U 389 -29.99 -88.02 36.66
CA ILE U 389 -30.95 -88.57 37.60
C ILE U 389 -30.15 -89.20 38.73
N MET U 390 -30.83 -89.84 39.68
CA MET U 390 -30.31 -90.41 40.91
C MET U 390 -30.10 -89.32 41.95
N HIS U 391 -30.25 -88.05 41.60
CA HIS U 391 -30.44 -87.03 42.62
C HIS U 391 -31.87 -87.07 43.12
N ARG U 392 -32.83 -87.20 42.21
CA ARG U 392 -34.24 -87.14 42.55
C ARG U 392 -34.77 -88.51 42.95
N ALA U 393 -34.38 -89.55 42.24
CA ALA U 393 -35.02 -90.85 42.39
C ALA U 393 -34.91 -91.36 43.81
N GLU U 394 -33.71 -91.30 44.38
CA GLU U 394 -33.46 -91.85 45.69
C GLU U 394 -33.29 -90.79 46.77
N GLN U 395 -32.24 -89.97 46.69
CA GLN U 395 -31.94 -89.09 47.81
C GLN U 395 -32.95 -87.96 47.95
N SER U 396 -33.71 -87.65 46.91
CA SER U 396 -34.64 -86.54 47.03
C SER U 396 -36.09 -87.00 47.17
N ALA U 397 -36.51 -87.96 46.34
CA ALA U 397 -37.85 -88.48 46.48
C ALA U 397 -38.05 -89.13 47.84
N ALA U 398 -37.09 -89.96 48.26
CA ALA U 398 -37.16 -90.61 49.56
C ALA U 398 -36.72 -89.71 50.69
N ALA U 399 -36.64 -88.40 50.44
CA ALA U 399 -36.52 -87.39 51.47
C ALA U 399 -37.83 -86.68 51.73
N PHE U 400 -38.60 -86.44 50.67
CA PHE U 400 -39.91 -85.83 50.80
C PHE U 400 -40.75 -86.57 51.84
N VAL U 401 -41.04 -87.84 51.58
CA VAL U 401 -41.95 -88.56 52.47
C VAL U 401 -41.38 -88.66 53.87
N TRP U 402 -40.05 -88.58 54.00
CA TRP U 402 -39.46 -88.65 55.33
C TRP U 402 -39.93 -87.51 56.20
N ASN U 403 -39.83 -86.28 55.69
CA ASN U 403 -40.36 -85.13 56.42
C ASN U 403 -41.85 -85.34 56.74
N ALA U 404 -42.59 -85.91 55.79
CA ALA U 404 -43.99 -86.18 56.02
C ALA U 404 -44.19 -87.13 57.19
N MET U 405 -43.19 -87.95 57.50
CA MET U 405 -43.30 -88.81 58.67
C MET U 405 -43.13 -88.01 59.95
N ALA U 406 -42.17 -87.09 59.99
CA ALA U 406 -42.07 -86.19 61.13
C ALA U 406 -43.38 -85.45 61.35
N SER U 407 -43.97 -84.94 60.27
CA SER U 407 -45.30 -84.33 60.36
C SER U 407 -46.32 -85.27 60.99
N GLN U 408 -46.02 -86.57 61.07
CA GLN U 408 -46.89 -87.47 61.80
C GLN U 408 -46.43 -87.67 63.23
N ARG U 409 -45.15 -87.46 63.52
CA ARG U 409 -44.69 -87.46 64.89
C ARG U 409 -44.65 -86.06 65.50
N LEU U 410 -45.25 -85.09 64.83
CA LEU U 410 -45.60 -83.81 65.44
C LEU U 410 -47.10 -83.64 65.61
N LEU U 411 -47.88 -84.27 64.73
CA LEU U 411 -49.33 -84.48 64.97
C LEU U 411 -49.44 -85.38 66.20
N SER U 412 -48.77 -86.53 66.18
CA SER U 412 -48.71 -87.31 67.44
C SER U 412 -47.64 -86.57 68.21
N PHE U 413 -48.01 -85.83 69.25
CA PHE U 413 -47.01 -84.96 69.91
C PHE U 413 -45.82 -85.83 70.30
N GLY U 414 -44.64 -85.42 69.86
CA GLY U 414 -43.45 -86.26 70.10
C GLY U 414 -42.45 -85.60 71.02
N SER U 415 -42.77 -84.42 71.55
CA SER U 415 -41.74 -83.73 72.37
C SER U 415 -41.43 -84.70 73.50
N ARG U 416 -42.46 -85.32 74.07
CA ARG U 416 -42.21 -86.38 75.07
C ARG U 416 -42.31 -87.66 74.23
N PRO U 417 -41.26 -88.49 74.11
CA PRO U 417 -41.35 -89.64 73.21
C PRO U 417 -42.61 -90.45 73.49
N VAL U 418 -43.39 -90.71 72.44
CA VAL U 418 -44.70 -91.40 72.58
C VAL U 418 -44.50 -92.85 72.16
N LYS U 419 -43.80 -93.62 72.97
CA LYS U 419 -43.70 -95.05 72.71
C LYS U 419 -45.08 -95.69 72.69
N GLY U 420 -45.85 -95.46 73.76
CA GLY U 420 -47.18 -96.02 73.89
C GLY U 420 -47.14 -97.50 74.20
N ASP U 421 -46.71 -98.30 73.24
CA ASP U 421 -46.60 -99.75 73.42
C ASP U 421 -45.19 -100.18 73.78
N LEU U 422 -44.27 -99.24 73.98
CA LEU U 422 -42.90 -99.54 74.37
C LEU U 422 -42.17 -100.31 73.28
N VAL U 423 -42.28 -99.82 72.04
CA VAL U 423 -41.38 -100.24 70.98
C VAL U 423 -40.23 -99.26 71.02
N CYS U 424 -39.27 -99.54 71.90
CA CYS U 424 -38.04 -98.76 71.93
C CYS U 424 -37.23 -99.04 70.67
N ARG U 425 -36.47 -98.04 70.23
CA ARG U 425 -35.69 -98.19 69.02
C ARG U 425 -34.71 -99.34 69.15
N ILE U 426 -34.65 -100.17 68.11
CA ILE U 426 -33.69 -101.26 68.12
C ILE U 426 -32.73 -101.10 66.94
N GLY U 427 -32.48 -99.85 66.56
CA GLY U 427 -31.34 -99.60 65.70
C GLY U 427 -30.06 -100.07 66.32
N ASN U 428 -29.94 -99.89 67.65
CA ASN U 428 -28.94 -100.51 68.52
C ASN U 428 -27.55 -99.92 68.34
N ARG U 429 -27.34 -99.14 67.27
CA ARG U 429 -26.24 -98.20 67.13
C ARG U 429 -24.96 -98.59 67.85
N GLY U 430 -24.51 -99.82 67.67
CA GLY U 430 -23.31 -100.29 68.34
C GLY U 430 -23.59 -100.96 69.67
N ALA U 431 -22.79 -100.64 70.68
CA ALA U 431 -22.97 -101.24 72.00
C ALA U 431 -24.00 -100.49 72.84
N ILE U 432 -24.30 -99.24 72.48
CA ILE U 432 -25.22 -98.39 73.21
C ILE U 432 -26.12 -97.69 72.20
N GLU U 433 -26.90 -96.70 72.68
CA GLU U 433 -27.81 -95.87 71.89
C GLU U 433 -29.08 -96.60 71.52
N ILE U 434 -29.39 -97.71 72.21
CA ILE U 434 -30.76 -98.18 72.24
C ILE U 434 -31.58 -97.15 73.01
N ALA U 435 -32.86 -97.05 72.67
CA ALA U 435 -33.71 -96.03 73.28
C ALA U 435 -34.10 -96.43 74.69
N GLU U 436 -33.11 -96.63 75.55
CA GLU U 436 -33.31 -97.04 76.94
C GLU U 436 -34.43 -98.08 77.00
N VAL U 437 -34.18 -99.21 76.35
CA VAL U 437 -35.21 -100.22 76.11
C VAL U 437 -35.68 -100.75 77.45
N ALA U 438 -36.89 -100.38 77.84
CA ALA U 438 -37.34 -100.56 79.22
C ALA U 438 -38.84 -100.26 79.28
N SER U 439 -39.37 -100.23 80.50
CA SER U 439 -40.81 -100.05 80.71
C SER U 439 -41.23 -98.64 80.33
N ASP U 440 -42.54 -98.37 80.44
CA ASP U 440 -43.06 -97.06 80.08
C ASP U 440 -42.40 -95.97 80.92
N THR U 441 -42.23 -96.22 82.22
CA THR U 441 -41.50 -95.30 83.08
C THR U 441 -40.00 -95.58 83.09
N ASP U 442 -39.60 -96.84 82.88
CA ASP U 442 -38.18 -97.15 82.88
C ASP U 442 -37.51 -96.88 81.54
N ALA U 443 -38.26 -96.83 80.44
CA ALA U 443 -37.72 -96.20 79.24
C ALA U 443 -37.67 -94.69 79.43
N SER U 444 -38.70 -94.12 80.04
CA SER U 444 -38.69 -92.71 80.39
C SER U 444 -37.52 -92.35 81.30
N HIS U 445 -36.74 -93.34 81.75
CA HIS U 445 -35.49 -93.06 82.47
C HIS U 445 -34.67 -92.03 81.71
N TYR U 446 -34.38 -92.29 80.44
CA TYR U 446 -33.70 -91.33 79.59
C TYR U 446 -34.36 -91.11 78.24
N THR U 447 -35.42 -91.85 77.89
CA THR U 447 -36.08 -91.58 76.64
C THR U 447 -36.80 -90.25 76.63
N ILE U 448 -37.07 -89.67 77.81
CA ILE U 448 -37.46 -88.26 77.85
C ILE U 448 -36.36 -87.42 77.21
N ASP U 449 -35.16 -87.47 77.77
CA ASP U 449 -34.02 -86.88 77.11
C ASP U 449 -33.85 -87.45 75.71
N ASP U 450 -34.01 -88.77 75.58
CA ASP U 450 -33.90 -89.44 74.28
C ASP U 450 -35.18 -89.24 73.48
N VAL U 451 -35.51 -87.97 73.24
CA VAL U 451 -36.45 -87.64 72.18
C VAL U 451 -35.79 -87.84 70.84
N VAL U 452 -34.46 -87.94 70.83
CA VAL U 452 -33.72 -88.20 69.61
C VAL U 452 -33.99 -89.62 69.16
N LEU U 453 -34.48 -89.78 67.94
CA LEU U 453 -34.85 -91.10 67.44
C LEU U 453 -35.11 -91.11 65.93
N PRO U 454 -34.56 -92.09 65.22
CA PRO U 454 -34.80 -92.17 63.77
C PRO U 454 -36.24 -92.56 63.50
N ILE U 455 -37.04 -91.65 62.97
CA ILE U 455 -38.49 -91.86 63.04
C ILE U 455 -38.92 -93.02 62.13
N PRO U 456 -38.94 -92.94 60.78
CA PRO U 456 -38.73 -94.14 59.98
C PRO U 456 -37.31 -94.26 59.48
N CYS U 457 -37.12 -95.20 58.57
CA CYS U 457 -36.02 -95.14 57.62
C CYS U 457 -36.37 -94.10 56.55
N GLY U 458 -35.62 -94.08 55.45
CA GLY U 458 -35.92 -93.13 54.39
C GLY U 458 -37.26 -93.37 53.71
N GLY U 459 -37.34 -94.41 52.89
CA GLY U 459 -38.52 -94.59 52.07
C GLY U 459 -39.37 -95.81 52.38
N THR U 460 -39.26 -96.83 51.54
CA THR U 460 -39.93 -98.09 51.83
C THR U 460 -39.53 -98.74 53.15
N PRO U 461 -38.31 -98.57 53.68
CA PRO U 461 -38.02 -99.14 54.99
C PRO U 461 -38.67 -98.36 56.13
N ALA U 462 -39.65 -97.52 55.80
CA ALA U 462 -40.47 -96.89 56.83
C ALA U 462 -41.06 -97.93 57.77
N ALA U 463 -41.46 -99.07 57.23
CA ALA U 463 -41.88 -100.17 58.07
C ALA U 463 -40.69 -100.84 58.74
N GLU U 464 -39.48 -100.68 58.19
CA GLU U 464 -38.32 -101.33 58.79
C GLU U 464 -38.00 -100.73 60.15
N LEU U 465 -37.89 -99.40 60.23
CA LEU U 465 -37.70 -98.81 61.55
C LEU U 465 -39.05 -98.66 62.26
N ARG U 466 -39.90 -97.73 61.80
CA ARG U 466 -41.17 -97.41 62.45
C ARG U 466 -41.06 -97.50 63.97
N TYR U 467 -39.91 -97.06 64.51
CA TYR U 467 -39.46 -97.58 65.81
C TYR U 467 -40.21 -96.97 66.99
N PRO U 468 -40.22 -95.65 67.21
CA PRO U 468 -40.66 -95.13 68.51
C PRO U 468 -42.08 -95.52 68.90
N THR U 469 -43.07 -95.14 68.11
CA THR U 469 -44.46 -95.24 68.51
C THR U 469 -44.92 -96.70 68.43
N HIS U 470 -46.24 -96.90 68.50
CA HIS U 470 -46.84 -98.20 68.17
C HIS U 470 -46.68 -98.52 66.72
N SER U 471 -45.92 -97.64 66.06
CA SER U 471 -45.96 -97.47 64.62
C SER U 471 -47.28 -96.87 64.18
N VAL U 472 -47.91 -96.10 65.07
CA VAL U 472 -49.16 -95.43 64.73
C VAL U 472 -48.96 -94.50 63.55
N ASN U 473 -47.82 -93.81 63.52
CA ASN U 473 -47.44 -93.07 62.33
C ASN U 473 -47.31 -94.02 61.15
N GLU U 474 -46.59 -95.12 61.34
CA GLU U 474 -46.41 -96.10 60.27
C GLU U 474 -47.77 -96.57 59.74
N ALA U 475 -48.66 -96.99 60.64
CA ALA U 475 -49.99 -97.43 60.23
C ALA U 475 -50.83 -96.30 59.68
N PHE U 476 -50.45 -95.04 59.92
CA PHE U 476 -51.18 -93.92 59.34
C PHE U 476 -50.62 -93.51 57.98
N PHE U 477 -49.40 -93.92 57.64
CA PHE U 477 -48.90 -93.64 56.31
C PHE U 477 -48.68 -94.89 55.46
N THR U 478 -48.48 -96.07 56.07
CA THR U 478 -48.22 -97.27 55.27
C THR U 478 -49.44 -97.65 54.45
N GLN U 479 -50.64 -97.57 55.05
CA GLN U 479 -51.85 -97.74 54.27
C GLN U 479 -51.94 -96.69 53.16
N PHE U 480 -51.23 -95.58 53.33
CA PHE U 480 -51.21 -94.49 52.38
C PHE U 480 -49.90 -94.43 51.61
N ALA U 481 -48.84 -95.08 52.11
CA ALA U 481 -47.56 -95.07 51.43
C ALA U 481 -47.65 -95.87 50.15
N LYS U 482 -47.83 -97.18 50.26
CA LYS U 482 -47.76 -97.99 49.06
C LYS U 482 -49.03 -97.94 48.22
N LYS U 483 -50.12 -97.38 48.74
CA LYS U 483 -51.31 -97.17 47.93
C LYS U 483 -51.02 -96.19 46.80
N HIS U 484 -50.81 -94.92 47.15
CA HIS U 484 -50.37 -93.95 46.16
C HIS U 484 -49.43 -92.92 46.78
N SER U 485 -48.48 -93.37 47.62
CA SER U 485 -47.45 -92.44 48.09
C SER U 485 -48.03 -91.27 48.87
N LEU U 486 -48.25 -91.51 50.15
CA LEU U 486 -48.99 -90.59 51.04
C LEU U 486 -48.99 -89.14 50.54
N SER U 487 -47.95 -88.35 50.81
CA SER U 487 -47.95 -86.88 50.53
C SER U 487 -48.06 -86.43 49.07
N PHE U 488 -47.30 -87.01 48.14
CA PHE U 488 -47.27 -86.49 46.75
C PHE U 488 -48.28 -87.20 45.85
N LEU U 489 -48.82 -88.33 46.31
CA LEU U 489 -49.82 -89.09 45.52
C LEU U 489 -49.08 -89.84 44.42
N PHE U 490 -47.75 -89.71 44.36
CA PHE U 490 -46.99 -90.54 43.40
C PHE U 490 -45.63 -90.87 44.01
N ASN U 491 -45.22 -92.13 43.97
CA ASN U 491 -43.90 -92.54 44.51
C ASN U 491 -43.70 -94.04 44.31
N SER U 492 -42.48 -94.45 43.95
CA SER U 492 -42.21 -95.85 43.72
C SER U 492 -41.85 -96.49 45.05
N GLY U 493 -42.86 -97.01 45.74
CA GLY U 493 -42.63 -97.81 46.92
C GLY U 493 -42.70 -99.30 46.61
N VAL U 494 -42.25 -99.65 45.41
CA VAL U 494 -42.43 -100.97 44.83
C VAL U 494 -41.62 -102.01 45.58
N ASP U 495 -41.80 -103.29 45.25
CA ASP U 495 -41.08 -104.36 45.95
C ASP U 495 -39.56 -104.19 45.87
N PRO U 496 -38.93 -104.11 44.68
CA PRO U 496 -37.49 -103.84 44.67
C PRO U 496 -37.25 -102.34 44.83
N THR U 497 -36.59 -101.97 45.93
CA THR U 497 -36.70 -100.59 46.41
C THR U 497 -35.61 -100.29 47.43
N PRO U 498 -35.50 -99.04 47.93
CA PRO U 498 -34.61 -98.76 49.07
C PRO U 498 -34.67 -99.78 50.20
N ARG U 499 -35.76 -100.53 50.32
CA ARG U 499 -35.75 -101.69 51.22
C ARG U 499 -34.72 -102.70 50.76
N ALA U 500 -34.70 -103.01 49.45
CA ALA U 500 -33.72 -103.96 48.92
C ALA U 500 -32.30 -103.46 49.15
N ALA U 501 -31.98 -102.27 48.66
CA ALA U 501 -30.67 -101.69 48.89
C ALA U 501 -30.49 -101.36 50.37
N ALA U 502 -29.25 -101.06 50.74
CA ALA U 502 -28.93 -100.75 52.13
C ALA U 502 -27.94 -99.59 52.23
N THR U 503 -28.00 -98.65 51.30
CA THR U 503 -27.01 -97.57 51.24
C THR U 503 -27.43 -96.31 51.99
N LEU U 504 -28.63 -96.28 52.57
CA LEU U 504 -29.06 -95.11 53.33
C LEU U 504 -28.65 -95.23 54.80
N GLY U 505 -28.96 -96.36 55.42
CA GLY U 505 -28.78 -96.54 56.84
C GLY U 505 -29.38 -95.41 57.64
N PRO U 506 -30.70 -95.22 57.51
CA PRO U 506 -31.32 -94.00 58.05
C PRO U 506 -31.39 -94.03 59.56
N TYR U 507 -30.48 -93.30 60.20
CA TYR U 507 -30.62 -92.88 61.59
C TYR U 507 -31.07 -91.43 61.67
N ARG U 508 -31.82 -90.98 60.66
CA ARG U 508 -32.13 -89.56 60.54
C ARG U 508 -33.05 -89.16 61.67
N ARG U 509 -32.48 -88.57 62.72
CA ARG U 509 -33.17 -88.40 63.98
C ARG U 509 -34.25 -87.33 63.86
N LEU U 510 -35.26 -87.44 64.73
CA LEU U 510 -36.41 -86.55 64.65
C LEU U 510 -36.08 -85.18 65.20
N VAL U 511 -35.76 -85.11 66.48
CA VAL U 511 -35.32 -83.88 67.12
C VAL U 511 -33.81 -83.95 67.24
N SER U 512 -33.16 -82.80 67.11
CA SER U 512 -31.72 -82.71 67.32
C SER U 512 -31.41 -81.36 67.92
N ARG U 513 -30.16 -81.19 68.34
CA ARG U 513 -29.78 -79.92 68.92
C ARG U 513 -28.41 -79.51 68.39
N PRO U 514 -28.18 -78.22 68.19
CA PRO U 514 -26.82 -77.77 67.90
C PRO U 514 -25.91 -78.01 69.08
N ARG U 515 -24.61 -77.94 68.80
CA ARG U 515 -23.59 -78.28 69.77
C ARG U 515 -22.72 -77.06 69.98
N ASN U 516 -22.58 -76.62 71.22
CA ASN U 516 -21.68 -75.52 71.57
C ASN U 516 -22.02 -74.24 70.81
N LEU U 517 -23.23 -73.75 71.06
CA LEU U 517 -23.74 -72.50 70.52
C LEU U 517 -23.19 -71.34 71.34
N GLN U 518 -23.94 -70.24 71.43
CA GLN U 518 -23.58 -68.98 72.07
C GLN U 518 -22.51 -68.24 71.29
N ALA U 519 -22.87 -67.77 70.10
CA ALA U 519 -22.11 -66.76 69.38
C ALA U 519 -22.78 -65.39 69.52
N ALA U 520 -22.03 -64.35 69.13
CA ALA U 520 -22.30 -62.97 69.52
C ALA U 520 -23.52 -62.40 68.82
N VAL U 521 -23.78 -61.11 69.06
CA VAL U 521 -25.01 -60.45 68.53
C VAL U 521 -24.79 -58.94 68.44
N LEU U 522 -25.08 -58.32 67.30
CA LEU U 522 -24.77 -56.87 67.18
C LEU U 522 -26.06 -56.07 67.21
N GLN U 523 -26.21 -55.19 68.20
CA GLN U 523 -27.39 -54.30 68.31
C GLN U 523 -27.37 -53.19 67.26
N ASP U 524 -26.19 -52.72 66.85
CA ASP U 524 -26.20 -51.56 65.93
C ASP U 524 -25.27 -51.75 64.74
N PRO U 525 -25.51 -52.71 63.84
CA PRO U 525 -24.79 -52.80 62.59
C PRO U 525 -25.87 -52.22 61.68
N SER U 526 -25.97 -50.90 61.60
CA SER U 526 -27.10 -50.32 60.84
C SER U 526 -26.96 -50.67 59.35
N SER U 527 -25.74 -50.96 58.90
CA SER U 527 -25.56 -51.22 57.45
C SER U 527 -24.89 -52.54 57.06
N CYS U 528 -24.02 -53.14 57.89
CA CYS U 528 -23.28 -54.33 57.37
C CYS U 528 -22.29 -54.93 58.36
N ALA U 529 -21.44 -55.86 57.89
CA ALA U 529 -20.40 -56.53 58.70
C ALA U 529 -20.01 -57.84 58.02
N ALA U 530 -18.86 -57.89 57.35
CA ALA U 530 -18.43 -59.14 56.69
C ALA U 530 -17.97 -60.13 57.75
N LEU U 531 -17.86 -61.42 57.44
CA LEU U 531 -17.27 -62.39 58.40
C LEU U 531 -15.93 -62.82 57.83
N LYS U 532 -14.80 -62.53 58.49
CA LYS U 532 -13.51 -62.87 57.87
C LYS U 532 -13.47 -64.39 57.74
N SER U 533 -12.96 -64.94 56.64
CA SER U 533 -13.07 -66.41 56.41
C SER U 533 -11.76 -67.06 55.96
N ASP U 534 -11.69 -68.39 56.05
CA ASP U 534 -10.45 -69.17 55.77
C ASP U 534 -9.64 -68.75 54.54
N LEU U 535 -9.97 -67.71 53.80
CA LEU U 535 -8.94 -67.35 52.85
C LEU U 535 -8.10 -66.20 53.37
N PHE U 536 -8.72 -65.26 54.09
CA PHE U 536 -7.95 -64.19 54.71
C PHE U 536 -7.04 -64.76 55.79
N LEU U 537 -7.62 -65.37 56.81
CA LEU U 537 -6.86 -65.83 57.97
C LEU U 537 -5.65 -66.66 57.56
N LEU U 538 -5.75 -67.39 56.45
CA LEU U 538 -4.57 -68.03 55.90
C LEU U 538 -3.57 -67.00 55.40
N GLN U 539 -4.05 -66.01 54.66
CA GLN U 539 -3.17 -64.98 54.13
C GLN U 539 -2.82 -63.91 55.16
N GLU U 540 -3.63 -63.74 56.20
CA GLU U 540 -3.27 -62.83 57.27
C GLU U 540 -2.02 -63.29 58.01
N HIS U 541 -1.53 -64.49 57.71
CA HIS U 541 -0.59 -65.20 58.58
C HIS U 541 -1.21 -65.42 59.96
N GLN U 542 -2.43 -65.96 59.94
CA GLN U 542 -3.19 -66.21 61.15
C GLN U 542 -3.58 -67.67 61.25
N PRO U 543 -3.58 -68.24 62.45
CA PRO U 543 -3.99 -69.64 62.60
C PRO U 543 -5.46 -69.81 62.29
N THR U 544 -5.76 -70.73 61.37
CA THR U 544 -7.09 -70.84 60.81
C THR U 544 -8.07 -71.60 61.69
N GLU U 545 -7.64 -72.64 62.40
CA GLU U 545 -8.56 -73.41 63.23
C GLU U 545 -8.97 -72.58 64.44
N GLY U 546 -10.26 -72.27 64.53
CA GLY U 546 -10.77 -71.48 65.64
C GLY U 546 -11.71 -72.27 66.53
N TRP U 547 -12.38 -73.25 65.95
CA TRP U 547 -13.26 -74.21 66.61
C TRP U 547 -14.52 -73.60 67.20
N SER U 548 -14.70 -72.29 67.10
CA SER U 548 -15.92 -71.62 67.53
C SER U 548 -15.84 -70.20 67.02
N LEU U 549 -16.91 -69.45 67.26
CA LEU U 549 -16.90 -68.04 66.90
C LEU U 549 -15.78 -67.35 67.65
N ASP U 550 -14.75 -66.90 66.93
CA ASP U 550 -13.61 -66.32 67.62
C ASP U 550 -13.88 -64.87 68.01
N TYR U 551 -14.31 -64.05 67.05
CA TYR U 551 -14.66 -62.66 67.25
C TYR U 551 -13.42 -61.81 67.50
N ARG U 552 -12.28 -62.44 67.76
CA ARG U 552 -11.03 -61.69 67.65
C ARG U 552 -10.73 -61.44 66.18
N GLN U 553 -10.76 -62.50 65.40
CA GLN U 553 -10.79 -62.45 63.95
C GLN U 553 -12.18 -62.87 63.50
N ARG U 554 -12.34 -63.04 62.20
CA ARG U 554 -13.50 -63.69 61.60
C ARG U 554 -14.82 -62.94 61.80
N VAL U 555 -14.83 -61.77 62.42
CA VAL U 555 -16.06 -61.09 62.76
C VAL U 555 -16.28 -59.84 61.89
N ARG U 556 -15.29 -58.96 61.82
CA ARG U 556 -15.39 -57.76 60.99
C ARG U 556 -16.61 -56.91 61.38
N GLU U 557 -16.51 -56.29 62.54
CA GLU U 557 -17.53 -55.35 62.98
C GLU U 557 -17.57 -54.14 62.04
N PRO U 558 -18.74 -53.51 61.88
CA PRO U 558 -18.94 -52.60 60.74
C PRO U 558 -17.95 -51.44 60.72
N SER U 559 -17.25 -51.30 59.59
CA SER U 559 -16.40 -50.13 59.38
C SER U 559 -16.39 -49.69 57.94
N ASN U 560 -17.50 -49.85 57.22
CA ASN U 560 -17.58 -49.51 55.80
C ASN U 560 -16.58 -50.33 54.99
N PHE U 561 -16.60 -51.65 55.21
CA PHE U 561 -15.71 -52.54 54.49
C PHE U 561 -16.37 -53.82 54.01
N ASN U 562 -17.69 -53.95 54.07
CA ASN U 562 -18.34 -55.06 53.40
C ASN U 562 -17.81 -55.13 51.98
N VAL U 563 -17.19 -56.24 51.63
CA VAL U 563 -16.20 -56.16 50.57
C VAL U 563 -16.92 -56.15 49.24
N SER U 564 -17.50 -55.00 48.93
CA SER U 564 -18.06 -54.61 47.64
C SER U 564 -18.66 -53.23 47.83
N GLU U 565 -18.82 -52.53 46.73
CA GLU U 565 -19.71 -51.37 46.71
C GLU U 565 -21.08 -51.74 46.17
N ARG U 566 -21.15 -52.82 45.40
CA ARG U 566 -22.44 -53.29 44.89
C ARG U 566 -23.26 -53.94 46.00
N PHE U 567 -22.61 -54.74 46.85
CA PHE U 567 -23.33 -55.32 47.97
C PHE U 567 -23.90 -54.26 48.89
N ARG U 568 -23.26 -53.09 48.94
CA ARG U 568 -23.86 -51.99 49.68
C ARG U 568 -25.12 -51.48 49.01
N GLU U 569 -25.27 -51.71 47.70
CA GLU U 569 -26.56 -51.47 47.07
C GLU U 569 -27.55 -52.57 47.43
N ARG U 570 -27.06 -53.81 47.57
CA ARG U 570 -27.94 -54.89 47.98
C ARG U 570 -28.53 -54.62 49.35
N MET U 571 -27.74 -54.02 50.24
CA MET U 571 -28.26 -53.71 51.56
C MET U 571 -29.37 -52.65 51.48
N SER U 572 -29.17 -51.62 50.66
CA SER U 572 -30.14 -50.54 50.58
C SER U 572 -31.50 -51.04 50.13
N CYS U 573 -31.59 -51.57 48.90
CA CYS U 573 -32.86 -52.02 48.35
C CYS U 573 -33.39 -53.24 49.11
N ILE U 574 -32.63 -53.75 50.07
CA ILE U 574 -33.16 -54.73 51.02
C ILE U 574 -33.40 -54.12 52.39
N ARG U 575 -32.84 -52.95 52.67
CA ARG U 575 -33.17 -52.24 53.90
C ARG U 575 -34.53 -51.56 53.78
N LYS U 576 -34.94 -51.21 52.57
CA LYS U 576 -36.25 -50.62 52.36
C LYS U 576 -37.36 -51.57 52.79
N ARG U 577 -37.42 -52.75 52.18
CA ARG U 577 -38.51 -53.67 52.45
C ARG U 577 -38.45 -54.21 53.87
N ARG U 578 -37.26 -54.56 54.34
CA ARG U 578 -37.09 -55.22 55.63
C ARG U 578 -36.06 -54.48 56.45
N ALA U 579 -36.45 -54.00 57.63
CA ALA U 579 -35.65 -53.07 58.40
C ALA U 579 -35.37 -53.60 59.79
N GLY U 580 -34.12 -53.44 60.23
CA GLY U 580 -33.73 -53.77 61.58
C GLY U 580 -32.22 -53.78 61.77
N GLU U 581 -31.74 -53.38 62.95
CA GLU U 581 -30.32 -53.53 63.25
C GLU U 581 -29.94 -55.00 63.19
N HIS U 582 -28.71 -55.29 62.85
CA HIS U 582 -28.38 -56.67 62.52
C HIS U 582 -26.97 -57.08 62.84
N SER U 583 -26.48 -58.07 62.09
CA SER U 583 -25.22 -58.76 62.33
C SER U 583 -25.31 -59.62 63.59
N VAL U 584 -26.28 -60.53 63.60
CA VAL U 584 -26.27 -61.67 64.51
C VAL U 584 -25.21 -62.63 64.02
N ALA U 585 -24.03 -62.61 64.63
CA ALA U 585 -23.06 -63.65 64.37
C ALA U 585 -23.51 -64.95 65.03
N LEU U 586 -23.13 -66.08 64.46
CA LEU U 586 -23.60 -67.37 64.93
C LEU U 586 -22.55 -68.44 64.68
N ALA U 587 -22.60 -69.50 65.48
CA ALA U 587 -21.67 -70.61 65.34
C ALA U 587 -22.23 -71.82 66.07
N PHE U 588 -22.08 -72.99 65.46
CA PHE U 588 -22.54 -74.23 66.07
C PHE U 588 -21.95 -75.40 65.30
N VAL U 589 -22.09 -76.60 65.89
CA VAL U 589 -21.37 -77.79 65.45
C VAL U 589 -22.34 -78.87 65.01
N LEU U 590 -23.40 -78.46 64.32
CA LEU U 590 -24.43 -79.36 63.78
C LEU U 590 -23.83 -80.67 63.25
N PRO U 591 -24.39 -81.80 63.63
CA PRO U 591 -23.81 -83.08 63.21
C PRO U 591 -24.03 -83.31 61.73
N ALA U 592 -23.58 -84.46 61.23
CA ALA U 592 -23.85 -84.82 59.85
C ALA U 592 -25.35 -84.83 59.60
N GLY U 593 -25.73 -84.50 58.38
CA GLY U 593 -27.10 -84.14 58.13
C GLY U 593 -27.36 -82.77 58.72
N SER U 594 -28.65 -82.46 58.88
CA SER U 594 -29.08 -81.28 59.64
C SER U 594 -28.53 -79.99 59.02
N SER U 595 -29.09 -79.65 57.86
CA SER U 595 -28.90 -78.34 57.29
C SER U 595 -29.04 -77.26 58.36
N PRO U 596 -28.23 -76.20 58.33
CA PRO U 596 -28.31 -75.21 59.42
C PRO U 596 -29.55 -74.36 59.36
N TRP U 597 -30.04 -74.01 58.17
CA TRP U 597 -31.26 -73.20 58.10
C TRP U 597 -32.41 -73.89 58.79
N VAL U 598 -32.67 -75.14 58.41
CA VAL U 598 -33.71 -75.92 59.05
C VAL U 598 -33.46 -76.07 60.55
N ALA U 599 -32.22 -75.94 60.99
CA ALA U 599 -31.97 -75.90 62.42
C ALA U 599 -32.49 -74.61 63.03
N LEU U 600 -31.97 -73.47 62.59
CA LEU U 600 -32.46 -72.19 63.08
C LEU U 600 -33.71 -71.72 62.37
N ARG U 601 -34.40 -72.63 61.68
CA ARG U 601 -35.69 -72.29 61.10
C ARG U 601 -36.68 -71.84 62.17
N GLU U 602 -36.66 -72.50 63.32
CA GLU U 602 -37.61 -72.16 64.37
C GLU U 602 -37.25 -70.86 65.05
N ALA U 603 -35.96 -70.54 65.15
CA ALA U 603 -35.55 -69.34 65.86
C ALA U 603 -35.90 -68.08 65.08
N PHE U 604 -35.29 -67.91 63.91
CA PHE U 604 -35.54 -66.75 63.06
C PHE U 604 -36.41 -67.13 61.87
N HIS U 605 -36.99 -66.10 61.25
CA HIS U 605 -37.83 -66.28 60.08
C HIS U 605 -36.99 -65.94 58.85
N MET U 606 -36.24 -66.92 58.37
CA MET U 606 -35.24 -66.68 57.34
C MET U 606 -35.86 -66.13 56.07
N HIS U 607 -35.17 -65.16 55.46
CA HIS U 607 -35.67 -64.50 54.27
C HIS U 607 -34.55 -64.37 53.24
N TYR U 608 -34.86 -64.72 52.00
CA TYR U 608 -33.99 -64.44 50.87
C TYR U 608 -34.80 -64.61 49.58
N ALA V 1 23.51 43.36 -20.90
CA ALA V 1 22.41 43.50 -21.89
C ALA V 1 21.75 44.87 -21.74
N ALA V 2 22.16 45.64 -20.73
CA ALA V 2 21.61 47.01 -20.63
C ALA V 2 22.01 47.82 -21.86
N ALA V 3 23.26 47.67 -22.30
CA ALA V 3 23.72 48.51 -23.42
C ALA V 3 22.86 48.24 -24.64
N ALA V 4 22.57 46.96 -24.90
CA ALA V 4 21.67 46.57 -26.00
C ALA V 4 20.22 47.04 -25.76
N ALA V 5 19.69 46.87 -24.54
CA ALA V 5 18.28 47.22 -24.23
C ALA V 5 17.99 48.72 -24.26
N ALA V 6 18.82 49.54 -23.61
CA ALA V 6 18.54 50.99 -23.48
C ALA V 6 18.29 51.59 -24.86
N ALA V 7 17.18 52.31 -24.99
CA ALA V 7 16.64 52.71 -26.28
C ALA V 7 17.69 53.29 -27.23
N ALA V 8 18.20 54.46 -26.89
CA ALA V 8 19.20 55.11 -27.72
C ALA V 8 20.52 54.34 -27.66
N ALA V 9 20.76 53.55 -28.70
CA ALA V 9 21.97 52.72 -28.78
C ALA V 9 23.20 53.58 -28.96
N ALA V 10 24.21 53.40 -28.11
CA ALA V 10 25.39 54.24 -28.16
C ALA V 10 26.31 53.85 -29.30
N ALA V 11 27.51 54.43 -29.29
CA ALA V 11 28.49 54.27 -30.35
C ALA V 11 29.43 53.11 -30.09
N ALA V 12 29.86 52.98 -28.84
CA ALA V 12 30.68 51.86 -28.40
C ALA V 12 29.96 50.56 -28.67
N ALA V 13 28.67 50.54 -28.37
CA ALA V 13 27.83 49.37 -28.58
C ALA V 13 27.88 48.89 -30.01
N ALA V 14 27.69 49.80 -30.95
CA ALA V 14 27.60 49.45 -32.37
C ALA V 14 28.92 48.85 -32.88
N ALA V 15 30.02 49.23 -32.25
CA ALA V 15 31.34 48.71 -32.63
C ALA V 15 31.68 47.46 -31.84
N ALA V 16 31.11 47.32 -30.65
CA ALA V 16 31.36 46.16 -29.79
C ALA V 16 30.57 44.94 -30.23
N ALA V 17 29.32 45.17 -30.61
CA ALA V 17 28.41 44.08 -30.91
C ALA V 17 28.72 43.46 -32.27
N ALA V 18 29.56 44.14 -33.05
CA ALA V 18 29.90 43.65 -34.38
C ALA V 18 30.96 42.57 -34.31
N ALA V 19 30.60 41.39 -34.80
CA ALA V 19 31.50 40.25 -34.83
C ALA V 19 31.61 39.73 -36.26
N ALA V 20 31.29 40.57 -37.22
CA ALA V 20 31.26 40.20 -38.63
C ALA V 20 32.63 39.74 -39.11
N ALA V 21 32.66 39.02 -40.23
CA ALA V 21 33.90 38.52 -40.79
C ALA V 21 34.08 39.05 -42.22
N ALA V 22 34.09 40.36 -42.36
CA ALA V 22 34.40 41.01 -43.63
C ALA V 22 35.75 41.69 -43.47
N ALA V 23 36.33 42.18 -44.57
CA ALA V 23 37.66 42.76 -44.49
C ALA V 23 37.64 44.08 -43.71
N ALA V 24 38.75 44.38 -43.04
CA ALA V 24 38.85 45.51 -42.11
C ALA V 24 37.61 45.60 -41.21
N ALA V 25 37.46 44.62 -40.33
CA ALA V 25 36.30 44.55 -39.44
C ALA V 25 36.74 44.43 -37.99
N ALA V 26 35.78 44.42 -37.06
CA ALA V 26 36.08 44.25 -35.64
C ALA V 26 36.88 42.98 -35.43
N ALA V 27 38.11 43.12 -34.95
CA ALA V 27 39.02 41.99 -34.84
C ALA V 27 38.83 41.24 -33.53
N ALA V 28 38.43 41.95 -32.48
CA ALA V 28 38.23 41.33 -31.17
C ALA V 28 37.12 40.30 -31.26
N ALA V 29 35.92 40.74 -31.62
CA ALA V 29 34.78 39.84 -31.76
C ALA V 29 34.88 38.96 -33.01
N ALA V 30 35.98 39.09 -33.74
CA ALA V 30 36.31 38.13 -34.79
C ALA V 30 37.29 37.12 -34.18
N ALA V 31 38.08 37.62 -33.24
CA ALA V 31 38.98 36.77 -32.47
C ALA V 31 38.18 36.03 -31.40
N ALA V 32 37.32 36.77 -30.72
CA ALA V 32 36.53 36.24 -29.60
C ALA V 32 35.67 35.06 -30.02
N ALA V 33 35.11 35.11 -31.23
CA ALA V 33 34.20 34.07 -31.68
C ALA V 33 34.88 32.73 -31.91
N ALA V 34 34.19 31.84 -32.61
CA ALA V 34 34.66 30.47 -32.77
C ALA V 34 35.94 30.39 -33.60
N ALA V 35 36.75 29.37 -33.33
CA ALA V 35 37.95 29.12 -34.11
C ALA V 35 37.57 28.76 -35.55
N ALA V 36 36.31 28.37 -35.71
CA ALA V 36 35.75 28.09 -37.04
C ALA V 36 35.30 29.39 -37.69
N ALA V 37 35.34 30.49 -36.93
CA ALA V 37 34.89 31.78 -37.40
C ALA V 37 36.05 32.70 -37.74
N ALA V 38 37.11 32.65 -36.95
CA ALA V 38 38.25 33.53 -37.13
C ALA V 38 39.09 33.15 -38.34
N ALA V 39 39.48 34.16 -39.11
CA ALA V 39 40.50 34.00 -40.13
C ALA V 39 41.65 34.93 -39.73
N ALA V 40 41.77 35.11 -38.41
CA ALA V 40 42.84 35.91 -37.84
C ALA V 40 44.12 35.09 -37.85
N ALA V 41 44.81 35.08 -38.99
CA ALA V 41 45.95 34.21 -39.19
C ALA V 41 47.22 34.71 -38.52
N ALA V 42 48.28 33.92 -38.65
CA ALA V 42 49.47 34.09 -37.81
C ALA V 42 50.24 35.39 -38.05
N ALA V 43 50.70 35.99 -36.98
CA ALA V 43 51.40 37.28 -37.02
C ALA V 43 52.74 37.20 -37.75
N ALA V 44 52.78 37.80 -38.94
CA ALA V 44 53.97 37.77 -39.78
C ALA V 44 55.17 38.43 -39.10
N ALA V 45 55.90 37.66 -38.30
CA ALA V 45 57.13 38.15 -37.66
C ALA V 45 58.29 38.20 -38.65
N ALA V 46 58.93 39.36 -38.74
CA ALA V 46 60.05 39.55 -39.65
C ALA V 46 61.37 39.17 -38.99
N ALA V 47 62.02 38.14 -39.52
CA ALA V 47 63.35 37.77 -39.04
C ALA V 47 64.35 38.08 -40.13
N ALA V 48 64.08 39.15 -40.86
CA ALA V 48 64.93 39.59 -41.97
C ALA V 48 66.35 39.92 -41.49
N ALA V 49 67.30 39.89 -42.42
CA ALA V 49 68.65 40.37 -42.12
C ALA V 49 68.57 41.87 -41.87
N ALA V 50 67.49 42.48 -42.35
CA ALA V 50 67.19 43.87 -42.02
C ALA V 50 66.97 43.99 -40.52
N ALA V 51 66.38 42.94 -39.92
CA ALA V 51 66.20 42.89 -38.48
C ALA V 51 67.53 42.57 -37.79
N ALA V 52 68.52 42.19 -38.60
CA ALA V 52 69.88 42.06 -38.11
C ALA V 52 70.61 43.41 -38.28
N ALA V 53 70.16 44.18 -39.26
CA ALA V 53 70.77 45.47 -39.56
C ALA V 53 70.53 46.49 -38.46
N ALA V 54 69.40 46.39 -37.77
CA ALA V 54 69.12 47.27 -36.65
C ALA V 54 69.34 46.50 -35.35
N ALA V 55 70.38 45.68 -35.35
CA ALA V 55 70.70 44.85 -34.21
C ALA V 55 72.18 44.99 -33.83
N ALA V 56 73.05 44.69 -34.79
CA ALA V 56 74.50 44.74 -34.56
C ALA V 56 75.00 46.17 -34.45
N ALA V 57 74.14 47.12 -34.79
CA ALA V 57 74.49 48.52 -34.69
C ALA V 57 74.37 49.02 -33.26
N ALA V 58 73.23 48.73 -32.64
CA ALA V 58 72.90 49.29 -31.35
C ALA V 58 73.83 48.82 -30.23
N ALA V 59 74.09 47.52 -30.18
CA ALA V 59 74.84 46.93 -29.06
C ALA V 59 76.24 47.54 -28.93
N ALA V 60 76.86 47.85 -30.06
CA ALA V 60 78.19 48.47 -30.01
C ALA V 60 78.08 49.95 -29.66
N ALA V 61 76.88 50.41 -29.37
CA ALA V 61 76.69 51.75 -28.84
C ALA V 61 76.45 51.68 -27.33
N ALA V 62 75.80 50.61 -26.90
CA ALA V 62 75.47 50.39 -25.48
C ALA V 62 75.40 48.90 -25.13
N ALA V 63 76.53 48.29 -24.80
CA ALA V 63 76.56 46.86 -24.48
C ALA V 63 76.75 46.60 -22.98
N ALA V 64 75.78 47.02 -22.18
CA ALA V 64 75.89 46.94 -20.72
C ALA V 64 75.01 45.84 -20.14
N ALA V 65 74.12 46.23 -19.23
CA ALA V 65 73.27 45.28 -18.51
C ALA V 65 71.79 45.47 -18.80
N ALA V 66 71.03 44.40 -18.61
CA ALA V 66 69.58 44.37 -18.81
C ALA V 66 69.16 44.87 -20.19
N ALA V 67 69.49 44.09 -21.23
CA ALA V 67 69.11 44.45 -22.59
C ALA V 67 68.08 43.47 -23.15
N ALA V 68 66.95 43.32 -22.44
CA ALA V 68 65.92 42.38 -22.84
C ALA V 68 64.51 42.92 -22.62
N ALA V 69 64.41 44.07 -21.95
CA ALA V 69 63.12 44.74 -21.74
C ALA V 69 63.26 46.21 -22.10
N ALA V 70 64.42 46.77 -21.80
CA ALA V 70 64.72 48.14 -22.16
C ALA V 70 65.63 48.14 -23.39
N ALA V 71 65.75 46.98 -24.02
CA ALA V 71 66.39 46.90 -25.33
C ALA V 71 65.42 47.44 -26.36
N ALA V 72 64.14 47.20 -26.10
CA ALA V 72 63.06 47.73 -26.93
C ALA V 72 62.94 49.22 -26.67
N ALA V 73 63.48 49.67 -25.55
CA ALA V 73 63.51 51.10 -25.27
C ALA V 73 64.42 51.79 -26.28
N ALA V 74 65.53 51.13 -26.61
CA ALA V 74 66.41 51.60 -27.67
C ALA V 74 65.62 51.64 -28.98
N ALA V 75 64.76 50.64 -29.15
CA ALA V 75 63.88 50.56 -30.31
C ALA V 75 62.80 51.64 -30.24
N ALA V 76 62.57 52.17 -29.05
CA ALA V 76 61.61 53.25 -28.88
C ALA V 76 62.33 54.58 -28.79
N ALA V 77 63.66 54.52 -28.85
CA ALA V 77 64.48 55.72 -28.96
C ALA V 77 65.08 55.81 -30.36
N ALA V 78 65.99 54.89 -30.68
CA ALA V 78 66.60 54.86 -32.00
C ALA V 78 65.52 54.60 -33.04
N ALA V 79 64.78 55.66 -33.39
CA ALA V 79 63.59 55.50 -34.21
C ALA V 79 63.58 56.30 -35.50
N ALA V 80 64.11 55.71 -36.58
CA ALA V 80 63.69 56.08 -37.92
C ALA V 80 62.39 55.28 -38.05
N ALA V 81 62.46 54.13 -37.38
CA ALA V 81 61.35 53.27 -37.05
C ALA V 81 62.01 52.18 -36.22
N ALA V 82 61.25 51.38 -35.50
CA ALA V 82 61.82 50.47 -34.49
C ALA V 82 62.68 49.35 -35.09
N ALA V 83 62.27 48.12 -34.84
CA ALA V 83 62.91 46.95 -35.44
C ALA V 83 61.97 45.77 -35.28
N ALA V 84 61.36 45.70 -34.10
CA ALA V 84 60.49 44.60 -33.76
C ALA V 84 59.13 44.72 -34.45
N ALA V 85 58.78 43.70 -35.23
CA ALA V 85 57.50 43.62 -35.90
C ALA V 85 56.38 43.64 -34.87
N ALA V 86 56.70 43.05 -33.73
CA ALA V 86 55.83 43.04 -32.57
C ALA V 86 56.73 43.26 -31.36
N ALA V 87 56.80 44.51 -30.90
CA ALA V 87 57.66 44.92 -29.78
C ALA V 87 57.65 43.92 -28.65
N ALA V 88 56.45 43.42 -28.39
CA ALA V 88 56.21 42.37 -27.41
C ALA V 88 57.13 41.17 -27.61
N ALA V 89 57.01 40.51 -28.76
CA ALA V 89 57.68 39.23 -28.95
C ALA V 89 58.75 39.26 -30.03
N ALA V 90 58.65 40.20 -30.98
CA ALA V 90 59.69 40.29 -31.99
C ALA V 90 60.99 40.78 -31.41
N ALA V 91 60.93 41.68 -30.43
CA ALA V 91 62.12 42.03 -29.67
C ALA V 91 62.62 40.86 -28.85
N ALA V 92 61.74 39.92 -28.50
CA ALA V 92 62.15 38.63 -27.96
C ALA V 92 62.49 37.64 -29.06
N ALA V 93 62.08 37.94 -30.30
CA ALA V 93 62.61 37.25 -31.47
C ALA V 93 64.00 37.76 -31.84
N ALA V 94 64.35 38.96 -31.41
CA ALA V 94 65.68 39.49 -31.70
C ALA V 94 66.82 38.68 -31.08
N ALA V 95 66.75 38.18 -29.82
CA ALA V 95 67.88 37.41 -29.29
C ALA V 95 68.00 36.03 -29.88
N ALA V 96 66.87 35.38 -30.17
CA ALA V 96 66.93 34.01 -30.66
C ALA V 96 67.49 33.97 -32.08
N ALA V 97 67.17 34.97 -32.90
CA ALA V 97 67.82 35.06 -34.20
C ALA V 97 69.26 35.50 -34.02
N ALA V 98 69.56 36.18 -32.92
CA ALA V 98 70.94 36.54 -32.61
C ALA V 98 71.67 35.39 -31.92
N ALA V 99 71.01 34.71 -31.00
CA ALA V 99 71.63 33.56 -30.33
C ALA V 99 71.93 32.46 -31.34
N ALA V 100 71.02 32.22 -32.27
CA ALA V 100 71.29 31.31 -33.37
C ALA V 100 72.10 32.04 -34.45
N ALA V 101 72.60 31.26 -35.41
CA ALA V 101 73.55 31.69 -36.43
C ALA V 101 74.86 32.16 -35.84
N ALA V 102 75.08 31.97 -34.53
CA ALA V 102 76.33 32.35 -33.86
C ALA V 102 76.62 33.85 -34.00
N ALA V 103 75.73 34.67 -33.44
CA ALA V 103 75.91 36.11 -33.53
C ALA V 103 76.06 36.78 -32.18
N ALA V 104 75.18 36.48 -31.24
CA ALA V 104 75.16 37.15 -29.93
C ALA V 104 74.95 36.11 -28.85
N ALA V 105 75.73 36.21 -27.78
CA ALA V 105 75.53 35.42 -26.58
C ALA V 105 75.21 36.39 -25.45
N ALA V 106 74.46 35.90 -24.46
CA ALA V 106 73.94 36.77 -23.42
C ALA V 106 75.03 37.18 -22.43
N ALA V 107 74.63 38.00 -21.45
CA ALA V 107 75.50 38.41 -20.36
C ALA V 107 74.66 38.52 -19.09
N ALA V 108 75.07 37.82 -18.05
CA ALA V 108 74.28 37.63 -16.83
C ALA V 108 75.06 38.20 -15.64
N ALA V 109 74.54 39.28 -15.05
CA ALA V 109 75.14 39.86 -13.84
C ALA V 109 74.04 40.63 -13.11
N ALA V 110 73.49 40.01 -12.06
CA ALA V 110 72.36 40.51 -11.27
C ALA V 110 71.06 40.44 -12.07
N ALA V 111 71.18 40.13 -13.36
CA ALA V 111 70.11 40.11 -14.35
C ALA V 111 70.73 39.70 -15.68
N ALA V 112 69.88 39.39 -16.65
CA ALA V 112 70.33 38.93 -17.95
C ALA V 112 70.37 40.08 -18.95
N ALA V 113 71.44 40.14 -19.74
CA ALA V 113 71.65 41.21 -20.71
C ALA V 113 72.00 40.59 -22.06
N ALA V 114 72.34 41.46 -23.02
CA ALA V 114 72.71 41.06 -24.37
C ALA V 114 74.15 41.42 -24.70
N ALA V 115 75.01 41.57 -23.68
CA ALA V 115 76.35 42.10 -23.90
C ALA V 115 77.27 41.03 -24.49
N ALA V 116 78.49 41.46 -24.77
CA ALA V 116 79.64 40.71 -25.26
C ALA V 116 79.55 40.38 -26.76
N ALA V 117 78.39 40.53 -27.40
CA ALA V 117 78.28 40.48 -28.86
C ALA V 117 78.80 39.19 -29.49
N ALA V 118 79.22 38.24 -28.66
CA ALA V 118 79.70 36.93 -29.09
C ALA V 118 80.71 36.93 -30.23
N ALA V 119 81.86 37.58 -30.03
CA ALA V 119 83.02 37.45 -30.92
C ALA V 119 82.72 37.83 -32.37
N ALA V 120 81.72 38.68 -32.57
CA ALA V 120 81.37 39.13 -33.91
C ALA V 120 81.45 40.65 -33.98
N ALA V 121 82.28 41.22 -33.12
CA ALA V 121 82.43 42.67 -33.02
C ALA V 121 83.21 43.23 -34.20
N ALA V 122 83.71 42.33 -35.05
CA ALA V 122 84.37 42.73 -36.28
C ALA V 122 83.31 43.03 -37.34
N ALA V 123 82.22 42.27 -37.30
CA ALA V 123 81.13 42.42 -38.25
C ALA V 123 80.15 43.46 -37.76
N ALA V 124 80.50 44.11 -36.65
CA ALA V 124 79.72 45.22 -36.11
C ALA V 124 80.42 46.52 -36.48
N ALA V 125 81.73 46.43 -36.62
CA ALA V 125 82.56 47.54 -37.11
C ALA V 125 82.21 47.84 -38.56
N ALA V 126 82.22 46.80 -39.38
CA ALA V 126 81.86 46.94 -40.78
C ALA V 126 80.37 46.70 -40.99
N ALA V 127 79.59 47.13 -40.01
CA ALA V 127 78.15 47.27 -40.16
C ALA V 127 77.86 48.76 -40.03
N ALA V 128 78.41 49.35 -38.97
CA ALA V 128 78.32 50.79 -38.76
C ALA V 128 79.14 51.47 -39.86
N ALA V 129 80.05 50.72 -40.46
CA ALA V 129 80.79 51.22 -41.61
C ALA V 129 79.82 51.47 -42.74
N ALA V 130 78.77 50.64 -42.78
CA ALA V 130 77.72 50.80 -43.77
C ALA V 130 76.51 51.53 -43.16
N ALA V 131 76.80 52.54 -42.34
CA ALA V 131 75.75 53.30 -41.68
C ALA V 131 75.85 54.80 -41.95
N ALA V 132 76.65 55.49 -41.14
CA ALA V 132 76.79 56.94 -41.24
C ALA V 132 77.28 57.33 -42.63
N ALA V 133 78.32 56.66 -43.10
CA ALA V 133 78.90 56.97 -44.39
C ALA V 133 78.06 56.41 -45.53
N ALA V 134 76.90 55.86 -45.20
CA ALA V 134 75.91 55.51 -46.21
C ALA V 134 74.79 56.53 -46.10
N ALA V 135 74.54 56.98 -44.87
CA ALA V 135 73.57 58.03 -44.62
C ALA V 135 74.12 59.38 -45.05
N ALA V 136 75.45 59.49 -45.06
CA ALA V 136 76.12 60.73 -45.46
C ALA V 136 75.94 61.02 -46.93
N ALA V 137 75.97 59.98 -47.75
CA ALA V 137 75.95 60.14 -49.20
C ALA V 137 74.57 60.53 -49.74
N ALA V 138 73.52 59.93 -49.19
CA ALA V 138 72.17 60.11 -49.70
C ALA V 138 71.53 61.45 -49.30
N ALA V 139 72.02 62.05 -48.22
CA ALA V 139 71.44 63.27 -47.70
C ALA V 139 71.98 64.50 -48.44
N ALA V 140 73.00 64.29 -49.25
CA ALA V 140 73.59 65.36 -50.03
C ALA V 140 73.12 65.31 -51.49
N ALA V 141 72.57 64.16 -51.88
CA ALA V 141 72.01 64.04 -53.22
C ALA V 141 70.70 64.80 -53.29
N ALA V 142 70.08 64.98 -52.13
CA ALA V 142 68.89 65.82 -52.01
C ALA V 142 69.32 67.25 -51.72
N ALA V 143 70.61 67.43 -51.45
CA ALA V 143 71.18 68.76 -51.29
C ALA V 143 71.54 69.28 -52.68
N ALA V 144 71.68 68.36 -53.62
CA ALA V 144 71.84 68.72 -55.03
C ALA V 144 70.52 69.32 -55.50
N ALA V 145 69.43 68.77 -54.96
CA ALA V 145 68.13 69.39 -55.10
C ALA V 145 68.16 70.73 -54.39
N ALA V 146 68.70 70.73 -53.17
CA ALA V 146 68.70 71.89 -52.29
C ALA V 146 69.83 72.87 -52.60
N ALA V 147 70.59 72.58 -53.66
CA ALA V 147 71.52 73.57 -54.19
C ALA V 147 70.84 74.28 -55.37
N ALA V 148 69.71 73.71 -55.78
CA ALA V 148 68.90 74.29 -56.84
C ALA V 148 67.47 74.53 -56.33
N ALA V 149 67.18 74.04 -55.13
CA ALA V 149 65.90 74.34 -54.50
C ALA V 149 65.94 75.78 -54.00
N ALA V 150 67.15 76.27 -53.76
CA ALA V 150 67.36 77.69 -53.56
C ALA V 150 66.97 78.39 -54.85
N ALA V 151 67.32 77.76 -55.97
CA ALA V 151 67.00 78.28 -57.28
C ALA V 151 65.54 78.07 -57.60
N ALA V 152 64.91 77.09 -56.94
CA ALA V 152 63.49 76.82 -57.13
C ALA V 152 62.67 78.06 -56.85
N ALA V 153 63.11 78.83 -55.87
CA ALA V 153 62.56 80.15 -55.63
C ALA V 153 63.15 81.11 -56.64
N ALA V 154 64.45 81.03 -56.86
CA ALA V 154 65.17 81.97 -57.71
C ALA V 154 64.79 81.87 -59.19
N ALA V 155 64.38 80.67 -59.62
CA ALA V 155 63.94 80.47 -61.00
C ALA V 155 62.50 80.98 -61.15
N ALA V 156 61.84 81.19 -60.01
CA ALA V 156 60.49 81.76 -60.01
C ALA V 156 60.44 82.95 -59.05
N ALA V 157 61.59 83.53 -58.75
CA ALA V 157 61.65 84.79 -58.01
C ALA V 157 61.33 85.90 -59.00
N ALA V 158 61.71 85.65 -60.24
CA ALA V 158 61.43 86.56 -61.34
C ALA V 158 60.06 86.24 -61.92
N ALA V 159 59.76 84.95 -62.00
CA ALA V 159 58.54 84.49 -62.64
C ALA V 159 57.30 84.77 -61.79
N ALA V 160 57.47 84.80 -60.47
CA ALA V 160 56.35 85.13 -59.58
C ALA V 160 56.13 86.64 -59.57
N ALA V 161 57.12 87.36 -60.09
CA ALA V 161 56.95 88.78 -60.33
C ALA V 161 56.51 88.94 -61.76
N ALA V 162 56.81 87.92 -62.56
CA ALA V 162 56.42 87.90 -63.97
C ALA V 162 55.00 87.38 -64.14
N ALA V 163 54.72 86.19 -63.63
CA ALA V 163 53.40 85.59 -63.84
C ALA V 163 52.38 86.06 -62.81
N ALA V 164 52.70 87.12 -62.09
CA ALA V 164 51.71 87.87 -61.33
C ALA V 164 51.58 89.24 -62.00
N ALA V 165 52.42 89.44 -63.01
CA ALA V 165 52.27 90.56 -63.94
C ALA V 165 51.55 90.01 -65.17
N ALA V 166 51.30 88.71 -65.12
CA ALA V 166 50.49 88.04 -66.13
C ALA V 166 49.08 87.86 -65.59
N ALA V 167 48.96 87.95 -64.27
CA ALA V 167 47.66 87.78 -63.61
C ALA V 167 46.80 89.02 -63.82
N ALA V 168 47.43 90.12 -64.20
CA ALA V 168 46.71 91.32 -64.57
C ALA V 168 46.49 91.31 -66.07
N ALA V 169 47.45 90.71 -66.78
CA ALA V 169 47.46 90.64 -68.24
C ALA V 169 46.09 90.35 -68.83
N ALA V 170 45.37 89.44 -68.19
CA ALA V 170 44.01 89.15 -68.62
C ALA V 170 43.02 90.08 -67.92
N ALA V 171 43.21 90.31 -66.63
CA ALA V 171 42.26 91.11 -65.87
C ALA V 171 42.16 92.53 -66.43
N ALA V 172 43.30 93.10 -66.80
CA ALA V 172 43.32 94.44 -67.41
C ALA V 172 42.36 94.49 -68.59
N ALA V 173 42.30 93.40 -69.34
CA ALA V 173 41.34 93.27 -70.42
C ALA V 173 39.95 93.05 -69.82
N ALA V 174 39.85 92.20 -68.81
CA ALA V 174 38.56 91.80 -68.25
C ALA V 174 38.03 92.88 -67.32
N ALA V 175 38.94 93.70 -66.82
CA ALA V 175 38.55 94.90 -66.08
C ALA V 175 37.70 95.76 -67.01
N ALA V 176 38.09 95.76 -68.29
CA ALA V 176 37.40 96.53 -69.30
C ALA V 176 36.57 95.65 -70.25
N ALA V 177 36.65 94.33 -70.08
CA ALA V 177 35.79 93.43 -70.86
C ALA V 177 34.41 93.33 -70.21
N ALA V 178 34.25 94.04 -69.11
CA ALA V 178 32.97 94.11 -68.45
C ALA V 178 32.55 95.56 -68.34
N ALA V 179 33.55 96.45 -68.41
CA ALA V 179 33.28 97.87 -68.50
C ALA V 179 32.46 98.15 -69.75
N ALA V 180 32.70 97.36 -70.78
CA ALA V 180 31.95 97.45 -72.04
C ALA V 180 30.45 97.48 -71.79
N ALA V 181 30.00 96.68 -70.82
CA ALA V 181 28.58 96.62 -70.48
C ALA V 181 28.26 97.49 -69.27
N ALA V 182 28.92 98.63 -69.16
CA ALA V 182 28.56 99.61 -68.14
C ALA V 182 28.91 101.01 -68.64
N ALA V 183 29.84 101.06 -69.59
CA ALA V 183 30.16 102.28 -70.35
C ALA V 183 30.52 103.48 -69.50
N ALA V 184 31.77 103.54 -69.05
CA ALA V 184 32.27 104.73 -68.37
C ALA V 184 32.76 105.76 -69.39
N ALA V 185 33.70 105.36 -70.25
CA ALA V 185 34.25 106.14 -71.36
C ALA V 185 35.18 107.24 -70.89
N ALA V 186 35.21 107.48 -69.58
CA ALA V 186 36.20 108.36 -68.96
C ALA V 186 37.04 107.62 -67.93
N ALA V 187 36.39 106.94 -66.98
CA ALA V 187 37.08 105.95 -66.17
C ALA V 187 37.47 104.73 -66.99
N ALA V 188 36.92 104.59 -68.18
CA ALA V 188 37.29 103.48 -69.06
C ALA V 188 38.60 103.79 -69.80
N ALA V 189 38.70 104.97 -70.40
CA ALA V 189 39.90 105.33 -71.15
C ALA V 189 41.09 105.51 -70.23
N ALA V 190 40.90 106.18 -69.09
CA ALA V 190 42.01 106.42 -68.17
C ALA V 190 42.52 105.12 -67.55
N ALA V 191 41.64 104.16 -67.29
CA ALA V 191 42.07 102.87 -66.77
C ALA V 191 42.89 102.11 -67.80
N ALA V 192 42.68 102.39 -69.09
CA ALA V 192 43.57 101.90 -70.13
C ALA V 192 44.71 102.87 -70.39
N ALA V 193 44.50 104.15 -70.07
CA ALA V 193 45.56 105.14 -70.23
C ALA V 193 46.60 105.00 -69.12
N ALA V 194 46.16 105.11 -67.85
CA ALA V 194 47.10 105.11 -66.73
C ALA V 194 47.95 103.84 -66.70
N ALA V 195 47.47 102.77 -67.32
CA ALA V 195 48.32 101.59 -67.53
C ALA V 195 49.34 101.87 -68.62
N ALA V 196 48.87 102.35 -69.78
CA ALA V 196 49.77 102.66 -70.88
C ALA V 196 50.37 104.05 -70.78
N ALA V 197 50.05 104.81 -69.72
CA ALA V 197 50.71 106.08 -69.49
C ALA V 197 52.14 105.92 -69.00
N ALA V 198 52.49 104.73 -68.51
CA ALA V 198 53.85 104.41 -68.10
C ALA V 198 54.35 103.10 -68.69
N ALA V 199 53.55 102.45 -69.55
CA ALA V 199 53.94 101.15 -70.08
C ALA V 199 55.00 101.28 -71.16
N ALA V 200 54.88 102.30 -72.02
CA ALA V 200 55.82 102.46 -73.12
C ALA V 200 57.12 103.14 -72.71
N ALA V 201 57.14 103.82 -71.56
CA ALA V 201 58.35 104.51 -71.13
C ALA V 201 59.27 103.57 -70.35
N ALA V 202 58.79 102.36 -70.06
CA ALA V 202 59.54 101.39 -69.27
C ALA V 202 60.84 100.98 -69.94
N ALA V 203 60.75 100.37 -71.12
CA ALA V 203 61.94 99.91 -71.84
C ALA V 203 61.69 99.88 -73.34
N ASP W 10 -26.99 33.93 8.77
CA ASP W 10 -27.88 34.79 9.51
C ASP W 10 -27.66 34.63 11.01
N SER W 11 -26.69 35.36 11.53
CA SER W 11 -26.42 35.36 12.96
C SER W 11 -27.72 35.56 13.72
N PHE W 12 -27.78 34.97 14.91
CA PHE W 12 -28.97 35.14 15.75
C PHE W 12 -29.30 36.61 15.92
N LYS W 13 -28.33 37.40 16.39
CA LYS W 13 -28.57 38.81 16.60
C LYS W 13 -28.78 39.55 15.28
N GLU W 14 -28.69 38.84 14.17
CA GLU W 14 -28.84 39.40 12.84
C GLU W 14 -30.16 39.00 12.20
N HIS W 15 -30.74 37.88 12.64
CA HIS W 15 -32.10 37.51 12.29
C HIS W 15 -33.12 38.12 13.23
N TYR W 16 -32.76 38.37 14.47
CA TYR W 16 -33.62 39.13 15.35
C TYR W 16 -33.87 40.54 14.84
N HIS W 17 -33.05 41.03 13.91
CA HIS W 17 -33.22 42.38 13.40
C HIS W 17 -33.69 42.45 11.95
N ARG W 18 -33.55 41.39 11.17
CA ARG W 18 -34.28 41.31 9.92
C ARG W 18 -35.73 40.94 10.16
N VAL W 19 -36.18 41.01 11.41
CA VAL W 19 -37.55 40.76 11.79
C VAL W 19 -38.13 41.92 12.60
N HIS W 20 -37.40 42.35 13.62
CA HIS W 20 -37.96 43.30 14.58
C HIS W 20 -37.78 44.75 14.16
N LEU W 21 -36.79 45.07 13.35
CA LEU W 21 -36.62 46.45 12.93
C LEU W 21 -37.85 47.01 12.21
N PRO W 22 -38.49 46.29 11.28
CA PRO W 22 -39.75 46.80 10.74
C PRO W 22 -40.87 46.80 11.75
N ARG W 23 -40.77 45.99 12.80
CA ARG W 23 -41.76 46.03 13.86
C ARG W 23 -41.51 47.18 14.82
N ARG W 24 -40.26 47.39 15.22
CA ARG W 24 -39.93 48.53 16.06
C ARG W 24 -40.33 49.85 15.40
N LEU W 25 -40.30 49.90 14.07
CA LEU W 25 -40.83 51.06 13.37
C LEU W 25 -42.31 51.23 13.68
N ALA W 26 -43.11 50.26 13.25
CA ALA W 26 -44.55 50.40 13.33
C ALA W 26 -45.05 50.36 14.76
N LEU W 27 -44.14 50.10 15.70
CA LEU W 27 -44.53 50.19 17.11
C LEU W 27 -44.45 51.62 17.60
N GLN W 28 -43.25 52.21 17.55
CA GLN W 28 -43.10 53.55 18.11
C GLN W 28 -43.94 54.56 17.35
N ARG W 29 -44.11 54.36 16.04
CA ARG W 29 -44.98 55.25 15.30
C ARG W 29 -46.44 55.03 15.65
N TYR W 30 -46.77 53.89 16.25
CA TYR W 30 -48.11 53.71 16.79
C TYR W 30 -48.27 54.45 18.10
N ILE W 31 -47.23 54.44 18.93
CA ILE W 31 -47.29 55.17 20.19
C ILE W 31 -47.48 56.66 19.93
N LYS W 32 -46.71 57.21 18.99
CA LYS W 32 -46.86 58.62 18.65
C LYS W 32 -48.28 58.92 18.21
N ARG W 33 -48.90 58.03 17.44
CA ARG W 33 -50.32 58.19 17.14
C ARG W 33 -51.16 58.07 18.40
N GLU W 34 -50.81 57.11 19.26
CA GLU W 34 -51.61 56.90 20.48
C GLU W 34 -51.33 58.05 21.44
N GLU W 35 -50.56 59.05 21.02
CA GLU W 35 -50.35 60.26 21.87
C GLU W 35 -51.29 61.37 21.41
N ALA W 36 -51.38 61.55 20.10
CA ALA W 36 -52.24 62.61 19.54
C ALA W 36 -53.69 62.28 19.92
N ARG W 37 -54.06 61.01 19.87
CA ARG W 37 -55.43 60.66 20.32
C ARG W 37 -55.54 61.06 21.79
N LEU W 38 -54.55 60.69 22.59
CA LEU W 38 -54.61 60.99 24.05
C LEU W 38 -54.47 62.49 24.31
N SER W 39 -53.60 63.20 23.58
CA SER W 39 -53.47 64.68 23.72
C SER W 39 -54.73 65.38 23.24
N ARG W 40 -55.30 64.96 22.10
CA ARG W 40 -56.57 65.55 21.59
C ARG W 40 -57.70 65.24 22.57
N HIS W 41 -57.72 64.01 23.13
CA HIS W 41 -58.72 63.68 24.16
C HIS W 41 -58.52 64.57 25.38
N LYS W 42 -57.26 64.83 25.75
CA LYS W 42 -56.99 65.77 26.88
C LYS W 42 -57.52 67.15 26.52
N GLY W 43 -57.29 67.58 25.28
CA GLY W 43 -57.79 68.90 24.81
C GLY W 43 -59.29 69.02 25.01
N LYS W 44 -60.05 68.00 24.64
CA LYS W 44 -61.47 67.98 24.96
C LYS W 44 -61.73 67.69 26.42
N ALA W 45 -60.82 66.99 27.09
CA ALA W 45 -60.94 66.75 28.53
C ALA W 45 -60.57 68.03 29.28
N VAL W 46 -60.51 67.95 30.61
CA VAL W 46 -60.21 69.13 31.41
C VAL W 46 -58.82 69.64 31.05
N ALA W 47 -58.75 70.94 30.72
CA ALA W 47 -57.51 71.52 30.22
C ALA W 47 -56.41 71.47 31.28
N ALA W 48 -56.62 72.16 32.40
CA ALA W 48 -55.62 72.23 33.47
C ALA W 48 -55.87 71.08 34.42
N ALA W 49 -55.14 69.98 34.23
CA ALA W 49 -55.28 68.79 35.06
C ALA W 49 -53.97 68.02 34.98
N ALA W 50 -53.93 66.88 35.69
CA ALA W 50 -52.74 66.04 35.66
C ALA W 50 -52.57 65.40 34.29
N ALA W 51 -53.49 64.52 33.90
CA ALA W 51 -53.53 63.91 32.57
C ALA W 51 -52.17 63.38 32.14
N ALA W 52 -51.36 62.93 33.10
CA ALA W 52 -50.04 62.33 32.80
C ALA W 52 -49.10 63.36 32.16
N GLY W 53 -48.62 64.33 32.94
CA GLY W 53 -47.66 65.33 32.42
C GLY W 53 -48.34 66.38 31.56
N VAL W 54 -47.55 67.11 30.75
CA VAL W 54 -48.15 68.10 29.83
C VAL W 54 -48.64 67.31 28.62
N GLN W 55 -49.95 67.30 28.38
CA GLN W 55 -50.54 66.49 27.30
C GLN W 55 -50.23 66.99 25.90
N PRO W 56 -50.12 68.31 25.64
CA PRO W 56 -49.99 68.79 24.27
C PRO W 56 -48.61 68.67 23.60
N GLY W 57 -48.19 67.45 23.26
CA GLY W 57 -46.92 67.25 22.54
C GLY W 57 -45.74 67.90 23.24
N GLU W 58 -45.63 67.75 24.55
CA GLU W 58 -44.56 68.45 25.30
C GLU W 58 -43.73 67.43 26.06
N VAL W 59 -42.50 67.78 26.42
CA VAL W 59 -41.64 66.88 27.23
C VAL W 59 -41.30 67.63 28.52
N ALA W 60 -41.95 67.26 29.63
CA ALA W 60 -41.76 68.02 30.84
C ALA W 60 -40.28 68.29 31.06
N TYR W 61 -39.93 69.58 31.10
CA TYR W 61 -38.56 69.98 31.35
C TYR W 61 -38.07 69.35 32.64
N LYS W 62 -36.83 68.88 32.62
CA LYS W 62 -36.22 68.22 33.77
C LYS W 62 -35.43 69.24 34.58
N TYR W 63 -35.79 69.40 35.84
CA TYR W 63 -35.12 70.36 36.70
C TYR W 63 -33.89 69.77 37.36
N ASN W 64 -33.84 68.45 37.52
CA ASN W 64 -32.85 67.81 38.36
C ASN W 64 -31.75 67.21 37.50
N ARG W 65 -30.77 68.05 37.15
CA ARG W 65 -29.67 67.60 36.31
C ARG W 65 -28.34 68.17 36.75
N TRP W 66 -28.21 68.57 38.01
CA TRP W 66 -26.95 69.05 38.56
C TRP W 66 -26.69 68.26 39.83
N TRP W 67 -25.75 67.33 39.77
CA TRP W 67 -25.57 66.37 40.84
C TRP W 67 -24.17 66.46 41.41
N VAL W 68 -24.01 65.82 42.57
CA VAL W 68 -22.73 65.76 43.27
C VAL W 68 -22.55 64.29 43.64
N SER W 69 -21.85 63.53 42.80
CA SER W 69 -21.85 62.08 42.91
C SER W 69 -21.18 61.63 44.20
N ASN W 70 -21.21 60.30 44.41
CA ASN W 70 -20.75 59.71 45.65
C ASN W 70 -19.30 60.05 45.98
N ASP W 71 -18.53 60.48 44.99
CA ASP W 71 -17.15 60.90 45.22
C ASP W 71 -17.04 62.41 45.45
N HIS W 72 -18.15 63.07 45.76
CA HIS W 72 -18.14 64.47 46.20
C HIS W 72 -17.56 65.39 45.13
N GLU W 73 -17.95 65.17 43.88
CA GLU W 73 -17.57 66.07 42.80
C GLU W 73 -18.75 66.27 41.88
N PHE W 74 -18.73 67.40 41.19
CA PHE W 74 -19.86 67.83 40.39
C PHE W 74 -20.05 66.96 39.17
N VAL W 75 -21.32 66.65 38.87
CA VAL W 75 -21.70 65.85 37.71
C VAL W 75 -22.95 66.46 37.12
N HIS W 76 -22.88 66.87 35.86
CA HIS W 76 -24.00 67.50 35.19
C HIS W 76 -24.63 66.51 34.23
N GLN W 77 -25.95 66.53 34.17
CA GLN W 77 -26.72 65.74 33.21
C GLN W 77 -27.20 66.67 32.11
N PHE W 78 -26.70 66.48 30.91
CA PHE W 78 -27.11 67.31 29.79
C PHE W 78 -28.39 66.75 29.20
N ALA W 79 -29.36 67.62 28.97
CA ALA W 79 -30.62 67.21 28.36
C ALA W 79 -31.11 68.35 27.49
N PHE W 80 -31.37 68.06 26.22
CA PHE W 80 -31.79 69.04 25.24
C PHE W 80 -33.04 68.55 24.56
N VAL W 81 -33.96 69.47 24.28
CA VAL W 81 -35.17 69.16 23.54
C VAL W 81 -35.18 70.00 22.27
N GLU W 82 -36.08 69.64 21.36
CA GLU W 82 -36.18 70.34 20.09
C GLU W 82 -37.65 70.60 19.79
N ASP W 83 -38.05 71.85 19.83
CA ASP W 83 -39.41 72.20 19.48
C ASP W 83 -39.60 72.06 17.98
N PRO W 84 -40.55 71.25 17.51
CA PRO W 84 -40.75 71.07 16.08
C PRO W 84 -41.07 72.36 15.32
N ASP W 85 -41.27 73.49 16.00
CA ASP W 85 -41.51 74.72 15.28
C ASP W 85 -40.21 75.43 14.94
N VAL W 86 -39.28 75.51 15.91
CA VAL W 86 -38.01 76.17 15.66
C VAL W 86 -37.27 75.48 14.54
N THR W 87 -37.11 74.16 14.66
CA THR W 87 -36.44 73.40 13.61
C THR W 87 -37.21 73.45 12.29
N ARG W 88 -38.46 73.92 12.31
CA ARG W 88 -39.20 74.14 11.09
C ARG W 88 -39.09 75.58 10.62
N GLU W 89 -38.91 76.53 11.54
CA GLU W 89 -38.57 77.88 11.11
C GLU W 89 -37.14 77.96 10.62
N LYS W 90 -36.25 77.15 11.21
CA LYS W 90 -34.87 77.10 10.72
C LYS W 90 -34.83 76.73 9.25
N ARG W 91 -35.65 75.77 8.84
CA ARG W 91 -35.54 75.19 7.51
C ARG W 91 -36.30 75.96 6.44
N ASN W 92 -36.84 77.13 6.75
CA ASN W 92 -37.45 77.93 5.69
C ASN W 92 -37.09 79.41 5.76
N THR W 93 -36.69 79.94 6.91
CA THR W 93 -36.31 81.33 7.01
C THR W 93 -34.81 81.48 6.79
N LEU W 94 -34.34 82.72 6.71
CA LEU W 94 -32.94 82.95 6.48
C LEU W 94 -32.23 83.30 7.78
N PRO W 95 -31.06 82.72 8.03
CA PRO W 95 -30.28 83.11 9.21
C PRO W 95 -29.85 84.56 9.14
N LEU W 96 -29.23 85.01 10.23
CA LEU W 96 -28.82 86.39 10.36
C LEU W 96 -27.41 86.59 9.79
N VAL W 97 -27.11 87.84 9.44
CA VAL W 97 -25.77 88.17 8.96
C VAL W 97 -24.77 87.92 10.08
N THR W 98 -23.64 87.31 9.72
CA THR W 98 -22.61 87.03 10.71
C THR W 98 -21.89 88.32 11.10
N LYS W 99 -21.60 88.45 12.38
CA LYS W 99 -20.93 89.65 12.87
C LYS W 99 -19.49 89.68 12.40
N GLU W 100 -19.08 90.83 11.87
CA GLU W 100 -17.72 91.00 11.35
C GLU W 100 -16.64 90.51 12.31
N ASN W 101 -16.92 90.50 13.60
CA ASN W 101 -15.94 90.07 14.59
C ASN W 101 -15.95 88.57 14.82
N ILE W 102 -16.86 87.83 14.19
CA ILE W 102 -16.91 86.38 14.41
C ILE W 102 -16.06 85.63 13.38
N TRP W 103 -15.93 86.16 12.17
CA TRP W 103 -15.08 85.52 11.18
C TRP W 103 -13.73 86.19 11.01
N LYS W 104 -13.58 87.44 11.43
CA LYS W 104 -12.28 88.10 11.37
C LYS W 104 -11.41 87.76 12.56
N GLU W 105 -11.95 87.07 13.55
CA GLU W 105 -11.16 86.68 14.72
C GLU W 105 -10.89 85.18 14.65
N PRO W 106 -9.68 84.76 14.28
CA PRO W 106 -9.45 83.34 14.04
C PRO W 106 -9.68 82.53 15.30
N GLN W 107 -10.17 81.31 15.10
CA GLN W 107 -10.36 80.38 16.21
C GLN W 107 -8.97 80.03 16.71
N GLN W 108 -8.57 80.63 17.81
CA GLN W 108 -7.18 80.54 18.22
C GLN W 108 -6.83 79.11 18.60
N THR W 109 -5.62 78.70 18.22
CA THR W 109 -5.13 77.40 18.59
C THR W 109 -4.87 77.36 20.08
N PHE W 110 -4.31 76.26 20.62
CA PHE W 110 -3.66 76.28 21.95
C PHE W 110 -4.65 76.73 23.04
N PHE W 111 -5.64 75.88 23.24
CA PHE W 111 -6.72 76.14 24.18
C PHE W 111 -6.17 76.62 25.51
N LEU W 112 -6.42 77.88 25.84
CA LEU W 112 -5.85 78.47 27.04
C LEU W 112 -6.28 77.68 28.26
N PRO W 113 -5.43 77.51 29.25
CA PRO W 113 -5.86 76.86 30.48
C PRO W 113 -6.75 77.81 31.28
N PHE W 114 -7.04 77.45 32.52
CA PHE W 114 -7.65 78.39 33.44
C PHE W 114 -6.54 79.01 34.28
N ALA W 115 -5.69 79.77 33.59
CA ALA W 115 -4.60 80.50 34.21
C ALA W 115 -4.97 81.97 34.35
N GLU X 51 26.77 96.84 28.79
CA GLU X 51 26.08 97.34 29.97
C GLU X 51 25.66 96.17 30.85
N ASP X 52 25.02 95.19 30.25
CA ASP X 52 24.61 94.01 30.99
C ASP X 52 25.78 93.09 31.29
N VAL X 53 26.76 93.04 30.40
CA VAL X 53 27.92 92.19 30.63
C VAL X 53 28.73 92.68 31.81
N LYS X 54 28.77 94.00 32.03
CA LYS X 54 29.51 94.55 33.16
C LYS X 54 28.80 94.33 34.48
N GLU X 55 27.48 94.19 34.45
CA GLU X 55 26.75 93.91 35.69
C GLU X 55 27.06 92.52 36.22
N ILE X 56 27.31 91.57 35.33
CA ILE X 56 27.68 90.23 35.77
C ILE X 56 29.02 90.26 36.49
N ALA X 57 29.90 91.18 36.11
CA ALA X 57 31.18 91.31 36.79
C ALA X 57 31.04 91.99 38.13
N ASN X 58 30.08 92.92 38.26
CA ASN X 58 29.82 93.54 39.55
C ASN X 58 29.05 92.61 40.48
N ILE X 59 28.69 91.42 40.02
CA ILE X 59 28.01 90.43 40.84
C ILE X 59 29.01 89.38 41.29
N LEU X 60 29.60 88.67 40.33
CA LEU X 60 30.53 87.60 40.63
C LEU X 60 31.66 88.09 41.53
N SER X 61 32.27 89.23 41.18
CA SER X 61 33.40 89.75 41.91
C SER X 61 33.09 90.02 43.37
N SER X 62 31.82 89.97 43.77
CA SER X 62 31.48 90.09 45.18
C SER X 62 31.64 88.78 45.93
N LEU X 63 31.36 87.66 45.28
CA LEU X 63 31.43 86.35 45.91
C LEU X 63 32.85 85.79 45.95
N LYS X 64 33.86 86.64 45.74
CA LYS X 64 35.26 86.24 45.77
C LYS X 64 35.58 85.26 44.65
N VAL X 65 35.24 85.65 43.43
CA VAL X 65 35.70 84.95 42.25
C VAL X 65 37.04 85.55 41.83
N ARG X 66 37.94 84.71 41.36
CA ARG X 66 39.28 85.16 41.00
C ARG X 66 39.53 85.01 39.52
N ASP X 67 40.45 85.83 39.01
CA ASP X 67 40.93 85.75 37.64
C ASP X 67 39.80 85.88 36.62
N LEU X 68 38.70 86.52 37.03
CA LEU X 68 37.58 86.73 36.14
C LEU X 68 38.03 87.48 34.89
N CYS X 69 37.76 86.89 33.72
CA CYS X 69 38.15 87.47 32.45
C CYS X 69 36.94 87.46 31.52
N CYS X 70 36.61 88.61 30.95
CA CYS X 70 35.58 88.70 29.94
C CYS X 70 36.23 88.90 28.58
N VAL X 71 35.61 88.35 27.55
CA VAL X 71 36.08 88.49 26.18
C VAL X 71 34.88 88.82 25.30
N ASP X 72 34.93 89.96 24.63
CA ASP X 72 33.90 90.31 23.65
C ASP X 72 34.13 89.43 22.41
N VAL X 73 33.71 88.18 22.53
CA VAL X 73 33.91 87.21 21.45
C VAL X 73 32.98 87.47 20.27
N SER X 74 32.13 88.49 20.35
CA SER X 74 31.26 88.83 19.24
C SER X 74 32.07 89.08 17.98
N GLU X 75 31.38 89.01 16.84
CA GLU X 75 31.94 89.30 15.53
C GLU X 75 33.05 88.34 15.16
N LYS X 76 33.40 87.43 16.07
CA LYS X 76 34.41 86.41 15.83
C LYS X 76 33.72 85.07 15.55
N THR X 77 34.50 84.00 15.51
CA THR X 77 34.00 82.74 14.98
C THR X 77 32.94 82.11 15.88
N SER X 78 33.01 82.33 17.20
CA SER X 78 32.07 81.68 18.11
C SER X 78 30.63 82.09 17.87
N ASN X 79 29.71 81.49 18.63
CA ASN X 79 28.30 81.85 18.52
C ASN X 79 27.85 82.88 19.55
N PHE X 80 28.31 82.76 20.79
CA PHE X 80 28.01 83.80 21.77
C PHE X 80 28.75 85.08 21.44
N ASP X 81 28.35 86.17 22.09
CA ASP X 81 28.95 87.46 21.82
C ASP X 81 29.86 87.94 22.94
N TYR X 82 29.68 87.47 24.16
CA TYR X 82 30.55 87.84 25.27
C TYR X 82 30.67 86.63 26.20
N MET X 83 31.71 85.84 26.05
CA MET X 83 31.97 84.73 26.94
C MET X 83 32.91 85.18 28.05
N MET X 84 32.54 84.91 29.28
CA MET X 84 33.34 85.25 30.45
C MET X 84 33.83 83.98 31.10
N PHE X 85 34.82 84.13 31.98
CA PHE X 85 35.44 82.99 32.63
C PHE X 85 35.73 83.31 34.08
N GLY X 86 35.46 82.35 34.95
CA GLY X 86 35.67 82.54 36.37
C GLY X 86 36.41 81.37 36.98
N THR X 87 37.33 81.69 37.89
CA THR X 87 38.15 80.69 38.56
C THR X 87 37.75 80.63 40.03
N CYS X 88 36.73 79.86 40.33
CA CYS X 88 36.32 79.61 41.71
C CYS X 88 36.98 78.34 42.20
N GLU X 89 37.09 78.20 43.52
CA GLU X 89 37.87 77.09 44.07
C GLU X 89 37.03 75.85 44.33
N GLY X 90 36.02 75.95 45.19
CA GLY X 90 35.26 74.78 45.58
C GLY X 90 34.15 74.47 44.60
N ALA X 91 33.83 73.18 44.50
CA ALA X 91 32.64 72.78 43.74
C ALA X 91 31.42 73.53 44.24
N ARG X 92 31.31 73.70 45.55
CA ARG X 92 30.27 74.57 46.09
C ARG X 92 30.48 76.01 45.66
N HIS X 93 31.73 76.47 45.68
CA HIS X 93 32.02 77.83 45.25
C HIS X 93 31.73 78.03 43.77
N ILE X 94 31.65 76.95 43.00
CA ILE X 94 31.20 77.08 41.62
C ILE X 94 29.68 77.06 41.56
N HIS X 95 29.02 76.39 42.50
CA HIS X 95 27.57 76.32 42.45
C HIS X 95 26.93 77.63 42.90
N LEU X 96 27.50 78.29 43.91
CA LEU X 96 26.96 79.57 44.34
C LEU X 96 26.96 80.57 43.21
N ALA X 97 28.16 80.84 42.67
CA ALA X 97 28.28 81.78 41.57
C ALA X 97 27.39 81.41 40.41
N ALA X 98 27.15 80.12 40.22
CA ALA X 98 26.15 79.68 39.25
C ALA X 98 24.77 80.11 39.69
N TRP X 99 24.37 79.76 40.91
CA TRP X 99 23.05 80.12 41.40
C TRP X 99 22.91 81.60 41.67
N ALA X 100 24.02 82.31 41.88
CA ALA X 100 23.92 83.73 42.21
C ALA X 100 23.60 84.58 40.98
N VAL X 101 24.26 84.29 39.86
CA VAL X 101 23.99 85.04 38.64
C VAL X 101 22.63 84.70 38.07
N GLN X 102 22.05 83.56 38.46
CA GLN X 102 20.70 83.22 38.01
C GLN X 102 19.68 84.23 38.49
N ASP X 103 19.75 84.61 39.77
CA ASP X 103 18.78 85.55 40.31
C ASP X 103 18.87 86.91 39.62
N ALA X 104 20.09 87.41 39.39
CA ALA X 104 20.23 88.63 38.62
C ALA X 104 19.57 88.49 37.25
N ASP X 105 19.57 87.27 36.71
CA ASP X 105 18.85 86.94 35.49
C ASP X 105 17.40 86.56 35.78
N LYS X 106 16.85 87.02 36.90
CA LYS X 106 15.44 86.79 37.21
C LYS X 106 14.65 88.08 37.37
N VAL X 107 15.27 89.18 37.78
CA VAL X 107 14.56 90.41 38.09
C VAL X 107 14.84 91.50 37.05
N HIS X 108 16.08 91.62 36.58
CA HIS X 108 16.38 92.63 35.56
C HIS X 108 16.18 92.08 34.16
N ARG X 109 16.84 90.97 33.84
CA ARG X 109 16.56 90.15 32.67
C ARG X 109 15.78 88.94 33.20
N ILE X 110 14.46 89.09 33.32
CA ILE X 110 13.62 88.10 34.00
C ILE X 110 13.75 86.69 33.45
N SER X 111 14.33 86.52 32.27
CA SER X 111 14.37 85.23 31.60
C SER X 111 15.33 84.30 32.33
N LYS X 112 14.79 83.49 33.24
CA LYS X 112 15.58 82.60 34.08
C LYS X 112 14.96 81.20 34.00
N ILE X 113 14.80 80.71 32.77
CA ILE X 113 14.07 79.49 32.48
C ILE X 113 14.43 78.35 33.43
N LYS X 114 15.72 78.09 33.63
CA LYS X 114 16.08 76.82 34.25
C LYS X 114 17.35 76.96 35.07
N ARG X 115 17.57 75.98 35.95
CA ARG X 115 18.86 75.70 36.57
C ARG X 115 19.02 74.19 36.65
N GLN X 116 20.27 73.73 36.71
CA GLN X 116 20.56 72.29 36.77
C GLN X 116 20.79 71.85 38.20
N GLN X 117 20.84 70.53 38.40
CA GLN X 117 20.94 70.03 39.76
C GLN X 117 22.35 69.97 40.30
N THR X 118 23.21 69.16 39.70
CA THR X 118 24.50 68.78 40.27
C THR X 118 25.57 68.79 39.16
N ASP X 119 26.68 68.09 39.42
CA ASP X 119 27.80 67.97 38.47
C ASP X 119 28.43 69.33 38.21
N GLU X 120 29.06 69.84 39.28
CA GLU X 120 29.62 71.18 39.28
C GLU X 120 31.13 71.17 39.38
N LEU X 121 31.80 70.26 38.66
CA LEU X 121 33.26 70.32 38.57
C LEU X 121 33.70 71.49 37.70
N TRP X 122 33.19 71.55 36.48
CA TRP X 122 33.23 72.75 35.64
C TRP X 122 31.78 73.08 35.31
N GLU X 123 31.20 74.01 36.06
CA GLU X 123 29.82 74.39 35.82
C GLU X 123 29.74 75.59 34.90
N VAL X 124 28.77 75.57 34.00
CA VAL X 124 28.56 76.60 33.00
C VAL X 124 27.19 77.21 33.24
N VAL X 125 27.10 78.54 33.15
CA VAL X 125 25.84 79.25 33.25
C VAL X 125 25.74 80.24 32.11
N PRO X 126 24.81 80.06 31.17
CA PRO X 126 24.61 81.04 30.12
C PRO X 126 23.54 82.07 30.46
N VAL X 127 23.75 83.27 29.92
CA VAL X 127 22.76 84.33 29.98
C VAL X 127 22.21 84.44 28.56
N GLY X 128 22.24 83.31 27.85
CA GLY X 128 21.84 83.26 26.46
C GLY X 128 23.01 83.49 25.53
N ARG X 129 23.44 84.75 25.39
CA ARG X 129 24.60 85.08 24.57
C ARG X 129 25.77 85.62 25.38
N ILE X 130 25.56 85.96 26.63
CA ILE X 130 26.67 86.29 27.52
C ILE X 130 26.90 85.07 28.40
N VAL X 131 27.74 84.15 27.94
CA VAL X 131 27.84 82.83 28.52
C VAL X 131 29.01 82.80 29.50
N VAL X 132 28.71 82.50 30.75
CA VAL X 132 29.69 82.55 31.83
C VAL X 132 30.15 81.14 32.14
N ASN X 133 31.45 80.92 32.05
CA ASN X 133 32.09 79.69 32.48
C ASN X 133 32.64 79.89 33.87
N LEU X 134 32.56 78.87 34.70
CA LEU X 134 33.05 78.93 36.08
C LEU X 134 33.82 77.65 36.36
N MET X 135 35.11 77.66 36.06
CA MET X 135 35.95 76.49 36.20
C MET X 135 36.68 76.51 37.53
N VAL X 136 37.17 75.34 37.92
CA VAL X 136 37.89 75.16 39.18
C VAL X 136 39.24 75.85 39.03
N GLU X 137 39.99 75.99 40.12
CA GLU X 137 41.33 76.55 40.04
C GLU X 137 42.16 75.85 38.98
N SER X 138 42.12 74.52 38.95
CA SER X 138 42.73 73.75 37.88
C SER X 138 41.84 73.81 36.65
N PHE X 139 42.06 72.92 35.69
CA PHE X 139 41.22 72.83 34.51
C PHE X 139 41.20 74.15 33.74
N ARG X 140 42.07 75.07 34.11
CA ARG X 140 42.35 76.26 33.32
C ARG X 140 43.77 76.28 32.79
N GLU X 141 44.72 75.73 33.54
CA GLU X 141 46.02 75.43 32.98
C GLU X 141 45.94 74.30 31.96
N GLU X 142 44.75 73.75 31.74
CA GLU X 142 44.55 72.78 30.67
C GLU X 142 44.01 73.48 29.42
N MET X 143 42.86 74.12 29.53
CA MET X 143 42.16 74.67 28.39
C MET X 143 42.41 76.18 28.27
N THR X 144 41.63 76.82 27.41
CA THR X 144 41.93 78.17 26.92
C THR X 144 42.08 79.24 27.98
N LEU X 145 40.96 79.60 28.63
CA LEU X 145 40.76 80.71 29.56
C LEU X 145 40.99 82.04 28.86
N GLU X 146 41.59 81.98 27.69
CA GLU X 146 41.87 83.08 26.77
C GLU X 146 42.66 82.44 25.65
N ARG X 147 43.14 83.23 24.70
CA ARG X 147 44.18 82.79 23.78
C ARG X 147 43.63 81.81 22.76
N LYS X 148 42.39 81.38 22.94
CA LYS X 148 41.61 80.83 21.85
C LYS X 148 40.64 81.85 21.29
N TRP X 149 40.09 82.69 22.15
CA TRP X 149 39.26 83.81 21.74
C TRP X 149 40.01 85.13 21.74
N ALA X 150 41.15 85.19 22.43
CA ALA X 150 41.99 86.37 22.38
C ALA X 150 42.95 86.34 21.21
N VAL X 151 42.94 85.28 20.43
CA VAL X 151 43.84 85.10 19.32
C VAL X 151 43.06 84.92 18.03
N THR X 152 41.84 84.38 18.15
CA THR X 152 41.01 84.14 16.98
C THR X 152 40.80 85.44 16.22
N ARG X 153 41.09 85.42 14.93
CA ARG X 153 40.96 86.64 14.13
C ARG X 153 39.49 87.05 14.06
N SER X 154 39.25 88.20 13.44
CA SER X 154 37.96 88.87 13.55
C SER X 154 36.85 88.21 12.76
N MET X 155 37.06 86.99 12.25
CA MET X 155 36.08 86.27 11.45
C MET X 155 35.42 87.20 10.42
N ASP X 156 36.22 87.56 9.44
CA ASP X 156 35.79 88.44 8.37
C ASP X 156 35.58 87.65 7.09
N PRO X 157 35.01 88.27 6.07
CA PRO X 157 34.91 87.60 4.76
C PRO X 157 36.26 87.43 4.09
N LEU X 158 36.24 86.94 2.86
CA LEU X 158 37.44 86.66 2.07
C LEU X 158 38.30 85.58 2.72
N ALA X 159 37.71 84.81 3.62
CA ALA X 159 38.35 83.63 4.19
C ALA X 159 38.02 82.45 3.29
N ALA X 160 38.75 82.36 2.18
CA ALA X 160 38.61 81.29 1.20
C ALA X 160 40.00 80.71 0.97
N ALA X 161 40.43 79.85 1.90
CA ALA X 161 41.70 79.13 1.79
C ALA X 161 42.88 80.09 1.60
N ASN X 162 43.14 80.88 2.64
CA ASN X 162 44.28 81.78 2.64
C ASN X 162 45.59 80.98 2.59
N ALA X 163 46.71 81.69 2.64
CA ALA X 163 48.01 81.05 2.82
C ALA X 163 47.87 79.99 3.90
N PRO X 164 48.45 78.79 3.70
CA PRO X 164 47.93 77.58 4.37
C PRO X 164 47.47 77.81 5.80
N ILE X 165 46.18 77.55 6.03
CA ILE X 165 45.50 78.02 7.23
C ILE X 165 46.10 77.37 8.47
N SER X 166 47.04 76.43 8.26
CA SER X 166 47.64 75.73 9.38
C SER X 166 48.64 76.61 10.11
N GLU X 167 48.18 77.80 10.53
CA GLU X 167 48.97 78.68 11.36
C GLU X 167 48.60 78.51 12.84
N GLY X 168 47.32 78.66 13.15
CA GLY X 168 46.76 78.29 14.44
C GLY X 168 47.59 78.60 15.66
N ARG X 169 47.98 79.87 15.84
CA ARG X 169 48.64 80.24 17.08
C ARG X 169 47.74 80.00 18.28
N GLN X 170 46.43 79.99 18.06
CA GLN X 170 45.49 79.51 19.07
C GLN X 170 45.44 78.00 19.12
N VAL X 171 45.82 77.33 18.03
CA VAL X 171 45.86 75.87 18.00
C VAL X 171 47.24 75.36 18.38
N LYS X 172 48.27 75.85 17.71
CA LYS X 172 49.63 75.43 18.04
C LYS X 172 50.02 75.83 19.47
N ALA X 173 49.26 76.73 20.10
CA ALA X 173 49.44 76.95 21.52
C ALA X 173 49.18 75.69 22.32
N HIS X 174 48.28 74.84 21.83
CA HIS X 174 47.87 73.63 22.53
C HIS X 174 47.77 72.50 21.49
N GLY X 175 48.86 71.77 21.32
CA GLY X 175 48.88 70.65 20.40
C GLY X 175 49.35 71.04 19.01
N LEU X 176 49.26 70.07 18.10
CA LEU X 176 49.74 70.24 16.74
C LEU X 176 48.64 70.22 15.71
N TRP X 177 47.81 69.16 15.68
CA TRP X 177 46.63 69.03 14.82
C TRP X 177 47.00 69.12 13.32
N THR X 178 47.65 68.05 12.85
CA THR X 178 47.84 67.89 11.41
C THR X 178 46.52 68.12 10.66
N LEU X 179 46.63 68.72 9.49
CA LEU X 179 45.48 68.91 8.61
C LEU X 179 45.98 69.18 7.21
N THR X 180 45.28 68.64 6.22
CA THR X 180 45.67 68.75 4.83
C THR X 180 44.70 69.66 4.10
N LEU X 181 45.20 70.77 3.58
CA LEU X 181 44.39 71.61 2.70
C LEU X 181 44.09 70.85 1.42
N ASN X 182 42.92 71.10 0.87
CA ASN X 182 42.46 70.37 -0.30
C ASN X 182 42.43 71.28 -1.52
N LEU X 183 41.97 70.72 -2.62
CA LEU X 183 41.90 71.42 -3.90
C LEU X 183 40.93 70.63 -4.77
N GLN X 184 40.97 70.89 -6.07
CA GLN X 184 40.56 69.88 -7.04
C GLN X 184 41.69 68.94 -7.38
N ASP X 185 42.81 69.02 -6.65
CA ASP X 185 43.96 68.16 -6.88
C ASP X 185 43.64 66.69 -6.65
N ASP Y 155 -39.72 78.70 -25.32
CA ASP Y 155 -39.08 79.63 -24.39
C ASP Y 155 -38.64 78.93 -23.11
N LEU Y 156 -37.60 79.45 -22.48
CA LEU Y 156 -37.13 78.95 -21.18
C LEU Y 156 -37.76 79.72 -20.03
N VAL Y 157 -39.09 79.76 -20.01
CA VAL Y 157 -39.84 80.41 -18.96
C VAL Y 157 -40.67 79.35 -18.26
N GLY Y 158 -41.22 79.74 -17.10
CA GLY Y 158 -42.10 78.84 -16.38
C GLY Y 158 -41.94 78.85 -14.87
N TYR Y 159 -40.72 79.08 -14.38
CA TYR Y 159 -40.47 79.21 -12.96
C TYR Y 159 -39.76 80.52 -12.70
N HIS Y 160 -39.69 80.89 -11.43
CA HIS Y 160 -38.99 82.09 -11.02
C HIS Y 160 -38.14 81.79 -9.79
N VAL Y 161 -36.92 82.33 -9.79
CA VAL Y 161 -35.99 82.12 -8.69
C VAL Y 161 -36.60 82.62 -7.38
N HIS Y 162 -36.14 82.03 -6.27
CA HIS Y 162 -36.61 82.39 -4.95
C HIS Y 162 -36.50 83.90 -4.71
N ARG Y 163 -37.25 84.37 -3.72
CA ARG Y 163 -37.39 85.80 -3.47
C ARG Y 163 -36.04 86.47 -3.24
N HIS Y 164 -35.30 85.99 -2.26
CA HIS Y 164 -34.01 86.58 -1.86
C HIS Y 164 -32.92 85.86 -2.63
N PHE Y 165 -32.50 86.46 -3.75
CA PHE Y 165 -31.71 85.72 -4.73
C PHE Y 165 -30.33 85.35 -4.21
N PRO Y 166 -29.45 86.28 -3.86
CA PRO Y 166 -28.05 85.91 -3.60
C PRO Y 166 -27.87 85.06 -2.36
N LEU Y 167 -28.94 84.78 -1.62
CA LEU Y 167 -28.89 83.91 -0.46
C LEU Y 167 -29.51 82.54 -0.74
N LEU Y 168 -30.71 82.52 -1.32
CA LEU Y 168 -31.35 81.28 -1.75
C LEU Y 168 -31.58 81.35 -3.25
N ASP Y 169 -31.10 80.35 -3.97
CA ASP Y 169 -31.23 80.29 -5.42
C ASP Y 169 -32.27 79.28 -5.88
N VAL Y 170 -33.12 78.80 -4.97
CA VAL Y 170 -34.09 77.76 -5.32
C VAL Y 170 -35.07 78.28 -6.35
N LEU Y 171 -35.40 77.44 -7.32
CA LEU Y 171 -36.30 77.79 -8.40
C LEU Y 171 -37.74 77.51 -7.97
N GLY Y 172 -38.58 78.53 -8.00
CA GLY Y 172 -39.98 78.34 -7.70
C GLY Y 172 -40.68 77.56 -8.79
N CYS Y 173 -42.00 77.71 -8.83
CA CYS Y 173 -42.81 77.13 -9.89
C CYS Y 173 -43.96 78.06 -10.21
N ASP Y 174 -44.24 78.22 -11.51
CA ASP Y 174 -45.31 79.10 -11.95
C ASP Y 174 -46.08 78.53 -13.13
N ARG Y 175 -46.01 77.23 -13.37
CA ARG Y 175 -46.76 76.64 -14.46
C ARG Y 175 -48.18 76.35 -14.03
N SER Y 176 -49.10 76.44 -14.99
CA SER Y 176 -50.49 76.11 -14.73
C SER Y 176 -50.67 74.61 -14.70
N VAL Y 177 -51.57 74.13 -13.83
CA VAL Y 177 -51.79 72.69 -13.68
C VAL Y 177 -52.13 72.06 -15.02
N ASN Y 178 -52.85 72.77 -15.88
CA ASN Y 178 -53.08 72.29 -17.24
C ASN Y 178 -51.76 72.06 -17.96
N ASP Y 179 -50.90 73.08 -17.99
CA ASP Y 179 -49.64 72.97 -18.71
C ASP Y 179 -48.69 71.95 -18.11
N LEU Y 180 -48.96 71.51 -16.88
CA LEU Y 180 -48.24 70.35 -16.36
C LEU Y 180 -48.85 69.06 -16.87
N LEU Y 181 -50.17 69.02 -16.97
CA LEU Y 181 -50.84 67.82 -17.45
C LEU Y 181 -50.62 67.63 -18.94
N ALA Y 182 -50.63 68.72 -19.71
CA ALA Y 182 -50.32 68.62 -21.13
C ALA Y 182 -48.93 68.06 -21.34
N GLN Y 183 -47.95 68.58 -20.58
CA GLN Y 183 -46.61 68.00 -20.62
C GLN Y 183 -46.62 66.57 -20.11
N PHE Y 184 -47.44 66.29 -19.09
CA PHE Y 184 -47.52 64.94 -18.58
C PHE Y 184 -48.01 63.96 -19.64
N TRP Y 185 -48.86 64.42 -20.55
CA TRP Y 185 -49.53 63.56 -21.51
C TRP Y 185 -48.81 63.49 -22.84
N ASN Y 186 -48.52 64.64 -23.44
CA ASN Y 186 -47.86 64.63 -24.74
C ASN Y 186 -46.47 63.99 -24.69
N ARG Y 187 -45.89 63.85 -23.49
CA ARG Y 187 -44.55 63.30 -23.34
C ARG Y 187 -44.61 62.17 -22.32
N PRO Y 188 -44.99 60.97 -22.74
CA PRO Y 188 -45.14 59.85 -21.80
C PRO Y 188 -43.84 59.13 -21.48
N GLN Y 189 -42.73 59.54 -22.08
CA GLN Y 189 -41.44 58.94 -21.74
C GLN Y 189 -41.16 59.12 -20.26
N ARG Y 190 -40.35 58.21 -19.70
CA ARG Y 190 -40.13 58.22 -18.27
C ARG Y 190 -39.41 59.50 -17.83
N GLU Y 191 -38.42 59.95 -18.60
CA GLU Y 191 -37.64 61.11 -18.20
C GLU Y 191 -38.44 62.41 -18.26
N ALA Y 192 -39.55 62.44 -18.99
CA ALA Y 192 -40.46 63.56 -18.94
C ALA Y 192 -41.57 63.37 -17.92
N ARG Y 193 -41.97 62.12 -17.69
CA ARG Y 193 -42.97 61.81 -16.68
C ARG Y 193 -42.41 61.86 -15.27
N THR Y 194 -41.10 62.00 -15.12
CA THR Y 194 -40.54 62.25 -13.79
C THR Y 194 -40.52 63.74 -13.50
N ALA Y 195 -39.99 64.54 -14.42
CA ALA Y 195 -39.94 65.99 -14.30
C ALA Y 195 -41.27 66.63 -14.36
N THR Y 196 -42.33 65.85 -14.41
CA THR Y 196 -43.69 66.35 -14.22
C THR Y 196 -44.22 66.04 -12.83
N VAL Y 197 -44.02 64.82 -12.35
CA VAL Y 197 -44.45 64.47 -11.00
C VAL Y 197 -43.71 65.32 -9.98
N LEU Y 198 -42.40 65.41 -10.12
CA LEU Y 198 -41.60 66.19 -9.19
C LEU Y 198 -41.91 67.67 -9.30
N ASP Y 199 -42.01 68.19 -10.53
CA ASP Y 199 -42.39 69.57 -10.73
C ASP Y 199 -43.76 69.88 -10.15
N PHE Y 200 -44.61 68.86 -10.00
CA PHE Y 200 -45.91 69.11 -9.40
C PHE Y 200 -45.89 68.97 -7.88
N ALA Y 201 -45.11 68.02 -7.34
CA ALA Y 201 -45.11 67.81 -5.90
C ALA Y 201 -44.45 68.95 -5.16
N ALA Y 202 -43.60 69.73 -5.82
CA ALA Y 202 -43.06 70.92 -5.20
C ALA Y 202 -44.13 71.99 -5.01
N THR Y 203 -45.08 72.08 -5.95
CA THR Y 203 -46.16 73.05 -5.90
C THR Y 203 -47.44 72.44 -5.37
N LEU Y 204 -47.33 71.57 -4.38
CA LEU Y 204 -48.51 70.89 -3.87
C LEU Y 204 -49.18 71.65 -2.74
N GLN Y 205 -48.50 72.65 -2.18
CA GLN Y 205 -49.02 73.43 -1.07
C GLN Y 205 -49.72 74.71 -1.53
N ARG Y 206 -49.54 75.11 -2.78
CA ARG Y 206 -50.24 76.26 -3.32
C ARG Y 206 -51.54 75.85 -4.00
N HIS Y 207 -51.53 74.70 -4.66
CA HIS Y 207 -52.62 74.33 -5.55
C HIS Y 207 -53.92 74.15 -4.78
N SER Y 208 -55.03 74.41 -5.45
CA SER Y 208 -56.33 74.43 -4.81
C SER Y 208 -56.85 73.02 -4.55
N ASN Y 209 -57.77 72.91 -3.59
CA ASN Y 209 -58.38 71.64 -3.27
C ASN Y 209 -58.97 70.96 -4.50
N GLU Y 210 -59.35 71.74 -5.51
CA GLU Y 210 -59.86 71.14 -6.73
C GLU Y 210 -58.73 70.63 -7.61
N GLU Y 211 -57.65 71.41 -7.76
CA GLU Y 211 -56.51 70.93 -8.52
C GLU Y 211 -55.89 69.71 -7.86
N LEU Y 212 -55.86 69.69 -6.53
CA LEU Y 212 -55.41 68.49 -5.85
C LEU Y 212 -56.27 67.29 -6.23
N THR Y 213 -57.56 67.51 -6.43
CA THR Y 213 -58.41 66.42 -6.90
C THR Y 213 -58.00 65.99 -8.31
N ARG Y 214 -57.71 66.96 -9.18
CA ARG Y 214 -57.48 66.61 -10.57
C ARG Y 214 -56.17 65.85 -10.73
N VAL Y 215 -55.05 66.47 -10.34
CA VAL Y 215 -53.74 65.89 -10.61
C VAL Y 215 -53.61 64.53 -9.95
N LEU Y 216 -54.18 64.37 -8.76
CA LEU Y 216 -54.21 63.05 -8.13
C LEU Y 216 -55.00 62.07 -8.99
N TYR Y 217 -56.29 62.38 -9.21
CA TYR Y 217 -57.10 61.57 -10.11
C TYR Y 217 -56.47 61.41 -11.47
N GLU Y 218 -55.61 62.35 -11.87
CA GLU Y 218 -55.01 62.27 -13.19
C GLU Y 218 -53.90 61.22 -13.25
N LEU Y 219 -52.99 61.23 -12.29
CA LEU Y 219 -51.85 60.33 -12.35
C LEU Y 219 -52.28 58.87 -12.28
N SER Y 220 -53.43 58.59 -11.69
CA SER Y 220 -53.91 57.21 -11.64
C SER Y 220 -54.05 56.59 -13.01
N SER Y 221 -54.26 57.41 -14.05
CA SER Y 221 -54.30 56.90 -15.40
C SER Y 221 -53.05 56.11 -15.73
N LEU Y 222 -51.95 56.41 -15.07
CA LEU Y 222 -50.69 55.71 -15.23
C LEU Y 222 -50.61 54.45 -14.39
N PHE Y 223 -51.51 54.27 -13.42
CA PHE Y 223 -51.50 53.14 -12.51
C PHE Y 223 -52.53 52.10 -12.93
N GLU Y 224 -52.72 51.09 -12.10
CA GLU Y 224 -53.63 49.99 -12.41
C GLU Y 224 -53.93 49.23 -11.13
N TRP Y 225 -55.21 49.02 -10.86
CA TRP Y 225 -55.61 48.35 -9.63
C TRP Y 225 -55.00 46.96 -9.48
N ASP Y 226 -54.64 46.33 -10.59
CA ASP Y 226 -54.32 44.91 -10.61
C ASP Y 226 -53.22 44.54 -9.63
N GLY Y 227 -52.02 45.05 -9.87
CA GLY Y 227 -50.90 44.58 -9.10
C GLY Y 227 -49.90 45.63 -8.66
N ASN Y 228 -48.65 45.39 -9.01
CA ASN Y 228 -47.53 46.19 -8.52
C ASN Y 228 -47.75 47.67 -8.82
N GLY Y 229 -47.74 48.48 -7.77
CA GLY Y 229 -48.09 49.88 -7.92
C GLY Y 229 -47.06 50.71 -8.65
N LEU Y 230 -45.95 51.02 -7.99
CA LEU Y 230 -44.92 51.90 -8.54
C LEU Y 230 -43.91 51.16 -9.38
N GLN Y 231 -44.29 50.03 -9.95
CA GLN Y 231 -43.33 49.15 -10.59
C GLN Y 231 -42.85 49.76 -11.89
N PHE Y 232 -42.02 50.80 -11.78
CA PHE Y 232 -41.28 51.36 -12.90
C PHE Y 232 -39.81 51.03 -12.67
N ILE Y 233 -39.41 49.85 -13.07
CA ILE Y 233 -38.06 49.40 -12.77
C ILE Y 233 -37.13 49.83 -13.89
N ALA Y 234 -35.85 49.94 -13.55
CA ALA Y 234 -34.82 50.32 -14.51
C ALA Y 234 -34.15 49.09 -15.10
N ALA Y 235 -33.56 48.25 -14.25
CA ALA Y 235 -32.88 47.07 -14.75
C ALA Y 235 -32.86 46.01 -13.67
N LYS Y 236 -32.62 44.78 -14.10
CA LYS Y 236 -32.43 43.65 -13.19
C LYS Y 236 -30.95 43.29 -13.24
N VAL Y 237 -30.20 43.81 -12.30
CA VAL Y 237 -28.74 43.64 -12.30
C VAL Y 237 -28.41 42.22 -11.89
N LEU Y 238 -27.37 41.66 -12.52
CA LEU Y 238 -26.95 40.29 -12.30
C LEU Y 238 -25.52 40.20 -11.79
N LYS Y 239 -25.13 41.12 -10.90
CA LYS Y 239 -23.80 41.06 -10.31
C LYS Y 239 -23.53 39.71 -9.69
N TYR Y 240 -24.48 39.20 -8.93
CA TYR Y 240 -24.35 37.93 -8.24
C TYR Y 240 -25.24 36.92 -8.95
N GLY Y 241 -25.39 35.73 -8.38
CA GLY Y 241 -26.15 34.70 -9.03
C GLY Y 241 -27.58 35.10 -9.31
N ARG Y 242 -28.39 35.21 -8.26
CA ARG Y 242 -29.75 35.66 -8.43
C ARG Y 242 -29.77 37.13 -8.85
N SER Y 243 -30.95 37.61 -9.20
CA SER Y 243 -31.09 38.97 -9.69
C SER Y 243 -31.83 39.85 -8.69
N TYR Y 244 -31.59 41.15 -8.79
CA TYR Y 244 -32.31 42.14 -7.99
C TYR Y 244 -32.74 43.26 -8.91
N THR Y 245 -33.71 44.05 -8.45
CA THR Y 245 -34.42 45.00 -9.28
C THR Y 245 -34.18 46.41 -8.80
N VAL Y 246 -34.01 47.34 -9.73
CA VAL Y 246 -33.63 48.72 -9.42
C VAL Y 246 -34.75 49.65 -9.87
N SER Y 247 -35.38 50.33 -8.90
CA SER Y 247 -36.51 51.19 -9.20
C SER Y 247 -36.04 52.44 -9.92
N SER Y 248 -36.74 52.78 -11.00
CA SER Y 248 -36.32 53.91 -11.82
C SER Y 248 -36.62 55.23 -11.12
N GLU Y 249 -36.13 56.30 -11.73
CA GLU Y 249 -36.35 57.66 -11.24
C GLU Y 249 -37.82 58.02 -11.10
N LEU Y 250 -38.73 57.23 -11.68
CA LEU Y 250 -40.14 57.50 -11.59
C LEU Y 250 -40.78 56.86 -10.36
N THR Y 251 -40.21 55.76 -9.87
CA THR Y 251 -40.65 55.25 -8.58
C THR Y 251 -40.24 56.19 -7.47
N LYS Y 252 -39.02 56.70 -7.53
CA LYS Y 252 -38.57 57.66 -6.54
C LYS Y 252 -39.27 59.00 -6.68
N ALA Y 253 -40.03 59.21 -7.75
CA ALA Y 253 -40.74 60.47 -7.92
C ALA Y 253 -42.09 60.46 -7.22
N PHE Y 254 -42.74 59.29 -7.13
CA PHE Y 254 -44.00 59.23 -6.38
C PHE Y 254 -43.74 59.07 -4.90
N VAL Y 255 -42.78 58.24 -4.52
CA VAL Y 255 -42.28 58.22 -3.15
C VAL Y 255 -41.86 59.62 -2.73
N GLN Y 256 -41.46 60.45 -3.67
CA GLN Y 256 -41.22 61.86 -3.37
C GLN Y 256 -42.52 62.64 -3.36
N LEU Y 257 -43.41 62.39 -4.32
CA LEU Y 257 -44.70 63.08 -4.35
C LEU Y 257 -45.51 62.76 -3.10
N VAL Y 258 -45.66 61.47 -2.78
CA VAL Y 258 -46.39 61.08 -1.59
C VAL Y 258 -45.69 61.59 -0.34
N ASP Y 259 -44.39 61.89 -0.43
CA ASP Y 259 -43.71 62.49 0.71
C ASP Y 259 -44.02 63.96 0.84
N ALA Y 260 -44.51 64.60 -0.22
CA ALA Y 260 -44.95 65.98 -0.12
C ALA Y 260 -46.44 66.09 0.17
N MET Y 261 -47.20 65.02 -0.02
CA MET Y 261 -48.59 65.02 0.43
C MET Y 261 -48.69 64.77 1.93
N THR Y 262 -47.79 63.96 2.48
CA THR Y 262 -47.82 63.67 3.91
C THR Y 262 -47.23 64.78 4.74
N VAL Y 263 -46.82 65.90 4.14
CA VAL Y 263 -46.36 67.05 4.91
C VAL Y 263 -47.41 68.15 4.78
N ALA Y 264 -47.99 68.28 3.59
CA ALA Y 264 -49.00 69.30 3.39
C ALA Y 264 -50.30 68.94 4.09
N PHE Y 265 -50.64 67.66 4.15
CA PHE Y 265 -51.92 67.23 4.68
C PHE Y 265 -51.85 66.76 6.12
N VAL Y 266 -50.66 66.61 6.66
CA VAL Y 266 -50.55 66.11 8.03
C VAL Y 266 -50.06 67.18 8.98
N GLU Y 267 -49.06 67.95 8.58
CA GLU Y 267 -48.36 68.83 9.50
C GLU Y 267 -48.62 70.31 9.23
N GLU Y 268 -48.32 70.80 8.03
CA GLU Y 268 -48.35 72.24 7.80
C GLU Y 268 -49.72 72.76 7.39
N GLN Y 269 -50.60 71.93 6.84
CA GLN Y 269 -51.98 72.33 6.54
C GLN Y 269 -52.93 71.18 6.88
N PRO Y 270 -53.21 70.97 8.17
CA PRO Y 270 -54.18 69.94 8.56
C PRO Y 270 -55.61 70.34 8.29
N HIS Y 271 -55.87 71.58 7.89
CA HIS Y 271 -57.21 72.03 7.51
C HIS Y 271 -57.55 71.72 6.07
N ARG Y 272 -56.58 71.27 5.27
CA ARG Y 272 -56.76 71.23 3.83
C ARG Y 272 -57.72 70.13 3.39
N LEU Y 273 -57.81 69.04 4.16
CA LEU Y 273 -58.53 67.86 3.70
C LEU Y 273 -59.94 67.72 4.27
N ALA Y 274 -60.26 68.43 5.34
CA ALA Y 274 -61.64 68.38 5.83
C ALA Y 274 -62.58 69.16 4.92
N GLU Y 275 -62.07 70.19 4.25
CA GLU Y 275 -62.94 71.09 3.49
C GLU Y 275 -63.56 70.38 2.29
N SER Y 276 -62.72 69.97 1.34
CA SER Y 276 -63.19 69.32 0.13
C SER Y 276 -63.32 67.82 0.36
N PRO Y 277 -64.53 67.30 0.54
CA PRO Y 277 -64.67 65.88 0.87
C PRO Y 277 -64.28 64.96 -0.26
N ALA Y 278 -64.37 65.42 -1.51
CA ALA Y 278 -64.02 64.59 -2.65
C ALA Y 278 -62.52 64.47 -2.84
N LEU Y 279 -61.72 65.27 -2.14
CA LEU Y 279 -60.27 65.12 -2.25
C LEU Y 279 -59.78 63.92 -1.46
N LEU Y 280 -60.12 63.85 -0.17
CA LEU Y 280 -59.77 62.68 0.62
C LEU Y 280 -60.26 61.42 -0.06
N ALA Y 281 -61.47 61.45 -0.62
CA ALA Y 281 -61.96 60.32 -1.39
C ALA Y 281 -61.20 60.13 -2.69
N GLN Y 282 -60.17 60.91 -2.95
CA GLN Y 282 -59.28 60.70 -4.08
C GLN Y 282 -57.85 60.45 -3.65
N VAL Y 283 -57.42 61.04 -2.53
CA VAL Y 283 -56.14 60.66 -1.94
C VAL Y 283 -56.17 59.20 -1.51
N LEU Y 284 -57.27 58.78 -0.88
CA LEU Y 284 -57.41 57.39 -0.47
C LEU Y 284 -57.27 56.45 -1.65
N HIS Y 285 -58.04 56.69 -2.72
CA HIS Y 285 -58.02 55.78 -3.84
C HIS Y 285 -56.70 55.85 -4.59
N PHE Y 286 -56.07 57.02 -4.62
CA PHE Y 286 -54.72 57.08 -5.16
C PHE Y 286 -53.77 56.27 -4.29
N LEU Y 287 -53.79 56.51 -2.98
CA LEU Y 287 -52.91 55.80 -2.07
C LEU Y 287 -53.16 54.30 -2.05
N ALA Y 288 -54.21 53.82 -2.69
CA ALA Y 288 -54.43 52.40 -2.83
C ALA Y 288 -53.82 51.87 -4.13
N LEU Y 289 -53.96 52.63 -5.21
CA LEU Y 289 -53.39 52.23 -6.48
C LEU Y 289 -51.88 52.11 -6.38
N VAL Y 290 -51.24 53.13 -5.82
CA VAL Y 290 -49.85 53.01 -5.39
C VAL Y 290 -49.84 52.20 -4.10
N LYS Y 291 -49.48 50.93 -4.20
CA LYS Y 291 -49.67 50.01 -3.09
C LYS Y 291 -48.67 50.36 -2.00
N ILE Y 292 -48.95 51.44 -1.27
CA ILE Y 292 -48.00 51.90 -0.26
C ILE Y 292 -48.05 51.09 1.01
N MET Y 293 -49.08 50.28 1.21
CA MET Y 293 -49.01 49.34 2.33
C MET Y 293 -48.10 48.17 2.03
N GLU Y 294 -47.65 48.03 0.78
CA GLU Y 294 -46.78 46.94 0.37
C GLU Y 294 -45.80 47.46 -0.66
N PRO Y 295 -44.73 48.15 -0.21
CA PRO Y 295 -43.76 48.68 -1.16
C PRO Y 295 -42.92 47.62 -1.82
N ASN Y 296 -42.97 46.38 -1.34
CA ASN Y 296 -42.12 45.34 -1.88
C ASN Y 296 -42.46 45.04 -3.33
N LYS Y 297 -43.71 45.22 -3.73
CA LYS Y 297 -44.06 44.91 -5.11
C LYS Y 297 -43.66 46.00 -6.09
N TRP Y 298 -43.35 47.22 -5.62
CA TRP Y 298 -42.75 48.18 -6.53
C TRP Y 298 -41.42 47.67 -7.06
N TYR Y 299 -40.81 46.71 -6.36
CA TYR Y 299 -39.57 46.11 -6.78
C TYR Y 299 -39.73 44.69 -7.31
N THR Y 300 -40.88 44.06 -7.08
CA THR Y 300 -41.09 42.67 -7.45
C THR Y 300 -41.58 42.58 -8.88
N LEU Y 301 -40.94 41.73 -9.66
CA LEU Y 301 -41.35 41.47 -11.04
C LEU Y 301 -42.26 40.26 -11.13
N ASN Y 302 -41.74 39.09 -10.77
CA ASN Y 302 -42.52 37.87 -10.77
C ASN Y 302 -43.20 37.73 -9.42
N PRO Y 303 -44.53 37.73 -9.36
CA PRO Y 303 -45.22 37.46 -8.09
C PRO Y 303 -44.67 36.25 -7.36
N ASN Y 304 -44.24 35.22 -8.09
CA ASN Y 304 -43.66 34.04 -7.45
C ASN Y 304 -42.30 34.36 -6.82
N ALA Y 305 -41.64 35.43 -7.29
CA ALA Y 305 -40.32 35.81 -6.82
C ALA Y 305 -40.43 37.12 -6.05
N PRO Y 306 -40.87 37.09 -4.80
CA PRO Y 306 -41.14 38.34 -4.08
C PRO Y 306 -39.84 38.95 -3.59
N GLN Y 307 -39.57 40.18 -4.01
CA GLN Y 307 -38.37 40.85 -3.56
C GLN Y 307 -38.59 41.49 -2.20
N ASN Y 308 -37.51 41.65 -1.46
CA ASN Y 308 -37.50 42.38 -0.20
C ASN Y 308 -36.62 43.61 -0.30
N ARG Y 309 -36.54 44.20 -1.49
CA ARG Y 309 -35.66 45.35 -1.69
C ARG Y 309 -36.10 46.52 -0.85
N ALA Y 310 -37.40 46.76 -0.73
CA ALA Y 310 -37.92 47.91 -0.01
C ALA Y 310 -38.27 47.59 1.42
N ASP Y 311 -37.82 46.47 1.94
CA ASP Y 311 -38.27 46.03 3.25
C ASP Y 311 -37.12 45.64 4.16
N TYR Y 312 -36.08 45.00 3.63
CA TYR Y 312 -35.08 44.32 4.43
C TYR Y 312 -33.69 44.88 4.14
N THR Y 313 -33.06 45.46 5.16
CA THR Y 313 -31.73 46.02 5.04
C THR Y 313 -30.79 45.35 6.02
N HIS Y 314 -29.50 45.31 5.65
CA HIS Y 314 -28.47 44.71 6.46
C HIS Y 314 -27.38 45.74 6.74
N PRO Y 315 -26.87 45.82 7.96
CA PRO Y 315 -25.92 46.90 8.29
C PRO Y 315 -24.63 46.84 7.51
N ARG Y 316 -24.23 45.69 6.95
CA ARG Y 316 -23.04 45.64 6.12
C ARG Y 316 -23.07 46.72 5.06
N GLY Y 317 -24.26 47.17 4.69
CA GLY Y 317 -24.41 48.26 3.75
C GLY Y 317 -25.15 47.85 2.50
N VAL Y 318 -26.09 46.92 2.63
CA VAL Y 318 -26.94 46.50 1.52
C VAL Y 318 -28.33 47.04 1.77
N ASN Y 319 -28.95 47.57 0.71
CA ASN Y 319 -30.32 48.06 0.76
C ASN Y 319 -30.46 49.26 1.68
N ARG Y 320 -29.41 50.06 1.84
CA ARG Y 320 -29.48 51.16 2.79
C ARG Y 320 -30.39 52.26 2.27
N THR Y 321 -30.11 52.76 1.07
CA THR Y 321 -30.83 53.92 0.56
C THR Y 321 -32.28 53.58 0.26
N CYS Y 322 -32.53 52.40 -0.29
CA CYS Y 322 -33.91 51.90 -0.41
C CYS Y 322 -34.27 50.99 0.75
N GLY Y 323 -34.04 51.47 1.97
CA GLY Y 323 -34.21 50.66 3.14
C GLY Y 323 -35.66 50.55 3.52
N HIS Y 324 -35.97 50.68 4.81
CA HIS Y 324 -37.35 50.58 5.25
C HIS Y 324 -38.12 51.79 4.76
N VAL Y 325 -39.09 51.55 3.90
CA VAL Y 325 -39.86 52.60 3.26
C VAL Y 325 -41.15 52.79 4.04
N THR Y 326 -41.40 54.03 4.46
CA THR Y 326 -42.65 54.41 5.13
C THR Y 326 -43.10 55.68 4.44
N THR Y 327 -43.88 55.54 3.37
CA THR Y 327 -44.24 56.68 2.55
C THR Y 327 -45.44 57.42 3.12
N GLY Y 328 -46.60 56.78 3.11
CA GLY Y 328 -47.80 57.38 3.64
C GLY Y 328 -48.25 56.83 4.97
N ARG Y 329 -47.52 55.87 5.54
CA ARG Y 329 -47.90 55.30 6.83
C ARG Y 329 -48.08 56.38 7.89
N ALA Y 330 -47.42 57.53 7.72
CA ALA Y 330 -47.77 58.69 8.51
C ALA Y 330 -49.11 59.26 8.06
N LEU Y 331 -49.25 59.55 6.77
CA LEU Y 331 -50.48 60.15 6.27
C LEU Y 331 -51.62 59.15 6.33
N LEU Y 332 -51.45 57.97 5.73
CA LEU Y 332 -52.51 56.97 5.69
C LEU Y 332 -53.15 56.74 7.05
N ASP Y 333 -52.43 57.04 8.13
CA ASP Y 333 -52.97 56.92 9.47
C ASP Y 333 -53.42 58.26 10.05
N PHE Y 334 -53.14 59.36 9.37
CA PHE Y 334 -53.81 60.60 9.71
C PHE Y 334 -55.16 60.68 9.02
N LEU Y 335 -55.29 60.08 7.84
CA LEU Y 335 -56.57 60.07 7.15
C LEU Y 335 -57.63 59.35 7.97
N GLU Y 336 -57.23 58.40 8.81
CA GLU Y 336 -58.20 57.73 9.66
C GLU Y 336 -58.49 58.53 10.92
N ASP Y 337 -57.54 59.34 11.40
CA ASP Y 337 -57.85 60.24 12.50
C ASP Y 337 -58.86 61.29 12.07
N MET Y 338 -59.08 61.45 10.78
CA MET Y 338 -60.08 62.37 10.27
C MET Y 338 -61.43 61.73 10.03
N VAL Y 339 -61.51 60.41 9.98
CA VAL Y 339 -62.80 59.76 9.79
C VAL Y 339 -63.49 59.43 11.11
N THR Y 340 -62.73 59.22 12.18
CA THR Y 340 -63.36 58.93 13.45
C THR Y 340 -63.90 60.20 14.09
N SER Y 341 -63.01 61.12 14.45
CA SER Y 341 -63.41 62.38 15.06
C SER Y 341 -62.26 63.36 15.03
N PHE Y 371 -67.91 67.09 11.65
CA PHE Y 371 -66.89 66.89 10.63
C PHE Y 371 -67.49 66.39 9.33
N THR Y 372 -67.85 65.11 9.31
CA THR Y 372 -68.36 64.46 8.11
C THR Y 372 -69.73 64.98 7.73
N GLU Y 373 -70.21 66.01 8.46
CA GLU Y 373 -71.46 66.65 8.12
C GLU Y 373 -71.53 67.01 6.64
N GLY Y 374 -70.41 67.46 6.07
CA GLY Y 374 -70.37 67.85 4.69
C GLY Y 374 -70.07 66.70 3.75
N TRP Y 375 -70.36 65.48 4.19
CA TRP Y 375 -70.13 64.29 3.38
C TRP Y 375 -71.49 63.71 2.97
N SER Y 376 -71.65 63.46 1.68
CA SER Y 376 -72.84 62.82 1.18
C SER Y 376 -72.60 61.33 1.01
N GLU Y 377 -73.70 60.57 0.96
CA GLU Y 377 -73.61 59.12 1.03
C GLU Y 377 -72.76 58.55 -0.09
N ASP Y 378 -72.68 59.24 -1.22
CA ASP Y 378 -71.81 58.77 -2.30
C ASP Y 378 -70.34 58.82 -1.90
N ASP Y 379 -69.99 59.66 -0.93
CA ASP Y 379 -68.61 59.74 -0.48
C ASP Y 379 -68.36 58.95 0.80
N ILE Y 380 -69.35 58.86 1.68
CA ILE Y 380 -69.21 57.97 2.83
C ILE Y 380 -68.93 56.56 2.36
N LEU Y 381 -69.53 56.17 1.22
CA LEU Y 381 -69.24 54.85 0.67
C LEU Y 381 -67.83 54.79 0.11
N ASP Y 382 -67.45 55.79 -0.69
CA ASP Y 382 -66.14 55.77 -1.33
C ASP Y 382 -65.02 55.81 -0.30
N VAL Y 383 -65.16 56.64 0.73
CA VAL Y 383 -64.18 56.67 1.80
C VAL Y 383 -64.12 55.32 2.49
N MET Y 384 -65.27 54.68 2.68
CA MET Y 384 -65.28 53.32 3.18
C MET Y 384 -64.64 52.35 2.19
N ALA Y 385 -64.62 52.70 0.91
CA ALA Y 385 -63.95 51.88 -0.08
C ALA Y 385 -62.48 52.19 -0.21
N GLY Y 386 -62.03 53.33 0.30
CA GLY Y 386 -60.61 53.63 0.26
C GLY Y 386 -59.83 52.82 1.28
N PHE Y 387 -60.26 52.87 2.53
CA PHE Y 387 -59.53 52.20 3.59
C PHE Y 387 -59.56 50.69 3.48
N SER Y 388 -60.46 50.14 2.67
CA SER Y 388 -60.41 48.72 2.41
C SER Y 388 -59.39 48.40 1.34
N GLY Y 389 -59.46 49.10 0.21
CA GLY Y 389 -58.55 48.83 -0.88
C GLY Y 389 -57.09 49.03 -0.50
N VAL Y 390 -56.80 50.12 0.21
CA VAL Y 390 -55.41 50.44 0.47
C VAL Y 390 -54.75 49.42 1.39
N MET Y 391 -55.53 48.77 2.26
CA MET Y 391 -54.98 47.74 3.11
C MET Y 391 -54.54 46.54 2.28
N PRO Y 392 -53.54 45.80 2.74
CA PRO Y 392 -52.96 44.74 1.88
C PRO Y 392 -53.93 43.63 1.56
N ASP Y 393 -55.01 43.49 2.31
CA ASP Y 393 -55.96 42.41 2.10
C ASP Y 393 -57.42 42.86 2.17
N GLY Y 394 -57.68 44.13 2.41
CA GLY Y 394 -59.04 44.62 2.45
C GLY Y 394 -59.75 44.41 3.76
N LYS Y 395 -59.22 45.00 4.83
CA LYS Y 395 -59.84 44.86 6.14
C LYS Y 395 -60.25 46.19 6.78
N ALA Y 396 -59.52 47.27 6.50
CA ALA Y 396 -59.96 48.65 6.71
C ALA Y 396 -60.04 49.09 8.16
N SER Y 397 -59.41 48.38 9.11
CA SER Y 397 -59.25 48.87 10.48
C SER Y 397 -60.57 49.34 11.07
N SER Y 398 -61.44 48.36 11.33
CA SER Y 398 -62.89 48.49 11.54
C SER Y 398 -63.35 49.76 12.26
N PRO Y 399 -62.66 50.23 13.32
CA PRO Y 399 -63.00 51.57 13.84
C PRO Y 399 -63.04 52.65 12.79
N VAL Y 400 -62.19 52.57 11.77
CA VAL Y 400 -62.29 53.50 10.64
C VAL Y 400 -63.60 53.29 9.91
N LEU Y 401 -63.87 52.05 9.50
CA LEU Y 401 -65.13 51.74 8.84
C LEU Y 401 -66.31 52.06 9.75
N TYR Y 402 -66.27 51.55 10.98
CA TYR Y 402 -67.39 51.72 11.89
C TYR Y 402 -67.70 53.18 12.20
N ALA Y 403 -66.80 54.10 11.90
CA ALA Y 403 -67.08 55.51 12.12
C ALA Y 403 -67.92 56.10 11.01
N LEU Y 404 -68.03 55.41 9.87
CA LEU Y 404 -68.90 55.86 8.79
C LEU Y 404 -70.24 55.15 8.81
N LEU Y 405 -70.24 53.84 9.10
CA LEU Y 405 -71.50 53.15 9.31
C LEU Y 405 -72.29 53.81 10.42
N ASP Y 406 -71.60 54.23 11.49
CA ASP Y 406 -72.24 55.05 12.51
C ASP Y 406 -72.74 56.37 11.94
N GLU Y 407 -72.18 56.82 10.82
CA GLU Y 407 -72.62 58.06 10.20
C GLU Y 407 -73.58 57.82 9.04
N LEU Y 408 -73.63 56.62 8.49
CA LEU Y 408 -74.63 56.34 7.48
C LEU Y 408 -75.98 56.03 8.09
N TRP Y 409 -76.05 55.72 9.38
CA TRP Y 409 -77.35 55.57 10.02
C TRP Y 409 -77.96 56.92 10.35
N MET Y 410 -77.14 57.88 10.76
CA MET Y 410 -77.67 59.22 10.99
C MET Y 410 -78.15 59.85 9.69
N ARG Y 411 -77.51 59.53 8.57
CA ARG Y 411 -78.04 59.94 7.28
C ARG Y 411 -79.34 59.20 6.95
N TRP Y 412 -79.59 58.06 7.59
CA TRP Y 412 -80.82 57.32 7.36
C TRP Y 412 -81.90 57.65 8.38
N SER Y 413 -81.53 57.85 9.65
CA SER Y 413 -82.52 58.07 10.69
C SER Y 413 -83.41 59.26 10.38
N LYS Y 414 -82.89 60.26 9.66
CA LYS Y 414 -83.70 61.40 9.26
C LYS Y 414 -84.73 61.01 8.20
N VAL Y 415 -84.56 59.87 7.53
CA VAL Y 415 -85.60 59.32 6.67
C VAL Y 415 -86.31 58.13 7.33
N GLY Y 416 -85.74 57.58 8.40
CA GLY Y 416 -86.43 56.57 9.18
C GLY Y 416 -86.27 55.14 8.71
N PHE Y 417 -85.23 54.84 7.94
CA PHE Y 417 -84.98 53.49 7.44
C PHE Y 417 -86.13 53.00 6.57
N VAL Y 418 -86.65 53.88 5.72
CA VAL Y 418 -87.68 53.52 4.76
C VAL Y 418 -87.26 54.05 3.40
N LEU Y 419 -85.96 54.25 3.23
CA LEU Y 419 -85.41 54.78 2.00
C LEU Y 419 -85.94 54.03 0.78
N SER Y 420 -86.37 54.78 -0.23
CA SER Y 420 -86.80 54.16 -1.47
C SER Y 420 -86.43 54.97 -2.70
N GLY Y 421 -85.57 55.98 -2.56
CA GLY Y 421 -84.95 56.55 -3.74
C GLY Y 421 -84.24 55.42 -4.47
N SER Y 422 -84.50 55.27 -5.77
CA SER Y 422 -83.96 54.11 -6.48
C SER Y 422 -82.44 54.14 -6.51
N GLU Y 423 -81.84 55.33 -6.52
CA GLU Y 423 -80.40 55.45 -6.38
C GLU Y 423 -79.93 55.22 -4.94
N GLN Y 424 -80.80 55.44 -3.95
CA GLN Y 424 -80.49 55.05 -2.59
C GLN Y 424 -80.62 53.55 -2.40
N ALA Y 425 -81.38 52.88 -3.25
CA ALA Y 425 -81.42 51.43 -3.28
C ALA Y 425 -80.22 50.84 -4.03
N VAL Y 426 -79.40 51.68 -4.65
CA VAL Y 426 -78.13 51.25 -5.19
C VAL Y 426 -77.03 51.32 -4.14
N ARG Y 427 -76.99 52.42 -3.38
CA ARG Y 427 -76.00 52.58 -2.33
C ARG Y 427 -76.11 51.51 -1.26
N LEU Y 428 -77.13 50.67 -1.30
CA LEU Y 428 -77.14 49.48 -0.47
C LEU Y 428 -76.43 48.33 -1.18
N GLU Y 429 -76.66 48.18 -2.48
CA GLU Y 429 -75.99 47.12 -3.21
C GLU Y 429 -74.48 47.34 -3.25
N ARG Y 430 -74.03 48.58 -3.07
CA ARG Y 430 -72.60 48.84 -2.94
C ARG Y 430 -72.15 48.70 -1.49
N LEU Y 431 -72.96 49.16 -0.55
CA LEU Y 431 -72.68 48.92 0.86
C LEU Y 431 -72.72 47.44 1.20
N TYR Y 432 -73.30 46.61 0.33
CA TYR Y 432 -73.29 45.18 0.57
C TYR Y 432 -72.19 44.45 -0.19
N MET Y 433 -71.64 45.06 -1.25
CA MET Y 433 -70.44 44.47 -1.85
C MET Y 433 -69.22 44.75 -0.99
N LEU Y 434 -68.97 46.01 -0.66
CA LEU Y 434 -68.21 46.29 0.54
C LEU Y 434 -68.99 45.71 1.71
N LEU Y 435 -68.32 45.49 2.82
CA LEU Y 435 -68.82 44.57 3.84
C LEU Y 435 -69.07 43.19 3.25
N GLN Y 436 -68.53 42.96 2.08
CA GLN Y 436 -68.31 41.57 1.65
C GLN Y 436 -66.82 41.44 1.35
N VAL Y 437 -66.21 42.44 0.73
CA VAL Y 437 -64.74 42.39 0.57
C VAL Y 437 -64.14 42.46 1.98
N MET Y 438 -64.66 43.36 2.81
CA MET Y 438 -64.20 43.47 4.22
C MET Y 438 -64.59 42.16 4.90
N ASP Y 439 -65.75 41.62 4.57
CA ASP Y 439 -66.25 40.35 5.16
C ASP Y 439 -67.12 40.64 6.38
N MET Y 440 -67.46 41.91 6.60
CA MET Y 440 -68.38 42.23 7.71
C MET Y 440 -69.70 41.53 7.41
N GLN Y 441 -70.25 40.74 8.34
CA GLN Y 441 -71.48 39.99 8.01
C GLN Y 441 -72.64 40.62 8.76
N ARG Y 442 -73.40 41.48 8.07
CA ARG Y 442 -74.58 42.16 8.64
C ARG Y 442 -75.80 41.69 7.87
N ASP Y 443 -76.66 40.91 8.54
CA ASP Y 443 -77.86 40.41 7.89
C ASP Y 443 -78.82 41.53 7.59
N ALA Y 444 -78.86 42.56 8.43
CA ALA Y 444 -79.89 43.60 8.31
C ALA Y 444 -79.87 44.26 6.94
N VAL Y 445 -78.67 44.50 6.39
CA VAL Y 445 -78.60 45.10 5.05
C VAL Y 445 -79.06 44.10 4.00
N LEU Y 446 -78.88 42.81 4.28
CA LEU Y 446 -79.45 41.79 3.42
C LEU Y 446 -80.90 41.51 3.78
N ASP Y 447 -81.26 41.69 5.06
CA ASP Y 447 -82.65 41.57 5.48
C ASP Y 447 -83.54 42.59 4.77
N ALA Y 448 -82.94 43.62 4.16
CA ALA Y 448 -83.66 44.65 3.44
C ALA Y 448 -83.41 44.63 1.94
N LEU Y 449 -82.15 44.55 1.52
CA LEU Y 449 -81.83 44.55 0.10
C LEU Y 449 -82.52 43.40 -0.60
N LEU Y 450 -82.55 42.23 0.01
CA LEU Y 450 -83.25 41.09 -0.55
C LEU Y 450 -84.75 41.34 -0.60
N GLY Y 451 -85.27 42.13 0.35
CA GLY Y 451 -86.72 42.37 0.36
C GLY Y 451 -87.36 42.06 1.69
N GLY Y 452 -86.62 41.49 2.66
CA GLY Y 452 -87.28 41.11 3.92
C GLY Y 452 -87.76 39.67 3.94
N GLN Y 453 -87.35 38.86 2.95
CA GLN Y 453 -87.71 37.43 2.90
C GLN Y 453 -87.17 36.77 4.17
N LEU Y 454 -85.95 37.14 4.60
CA LEU Y 454 -85.42 36.67 5.90
C LEU Y 454 -86.06 37.59 6.94
N ARG Y 455 -86.15 37.20 8.22
CA ARG Y 455 -86.92 37.99 9.22
C ARG Y 455 -88.35 37.61 8.88
N ALA Y 456 -88.49 36.77 7.87
CA ALA Y 456 -89.76 36.14 7.45
C ALA Y 456 -89.19 34.76 7.17
N HIS Y 457 -89.98 33.72 7.04
CA HIS Y 457 -89.32 32.40 6.96
C HIS Y 457 -88.49 32.35 8.24
N SER Y 458 -89.03 32.94 9.30
CA SER Y 458 -88.41 32.96 10.64
C SER Y 458 -89.60 33.26 11.54
N THR Y 459 -90.69 33.65 10.86
CA THR Y 459 -92.06 33.57 11.36
C THR Y 459 -92.70 32.26 10.93
N ALA Y 460 -93.78 31.91 11.61
CA ALA Y 460 -94.47 30.63 11.45
C ALA Y 460 -93.54 29.41 11.51
N PRO Y 461 -92.68 29.30 12.55
CA PRO Y 461 -91.89 28.08 12.68
C PRO Y 461 -92.58 27.03 13.55
N SER Y 462 -92.67 25.80 13.06
CA SER Y 462 -93.09 24.71 13.93
C SER Y 462 -91.95 24.31 14.87
N THR Y 463 -90.83 23.86 14.31
CA THR Y 463 -89.64 23.58 15.10
C THR Y 463 -88.44 23.59 14.13
N SER Y 464 -87.64 24.65 14.21
CA SER Y 464 -86.37 24.77 13.42
C SER Y 464 -85.51 25.93 13.94
N THR Y 465 -84.43 26.24 13.23
CA THR Y 465 -83.49 27.32 13.65
C THR Y 465 -84.03 28.70 13.26
N LEU Y 466 -83.34 29.76 13.67
CA LEU Y 466 -83.73 31.13 13.26
C LEU Y 466 -82.48 31.73 12.62
N PRO Y 467 -82.03 31.20 11.48
CA PRO Y 467 -80.78 31.62 10.87
C PRO Y 467 -80.79 33.05 10.33
N THR Y 468 -81.93 33.47 9.81
CA THR Y 468 -81.96 34.78 9.15
C THR Y 468 -81.54 35.87 10.14
N LEU Y 469 -81.92 35.75 11.41
CA LEU Y 469 -81.64 36.91 12.29
C LEU Y 469 -80.14 37.18 12.47
N PHE Y 470 -79.35 36.22 12.98
CA PHE Y 470 -77.92 36.53 13.28
C PHE Y 470 -77.92 37.96 13.80
N CYS Y 471 -78.72 38.24 14.83
CA CYS Y 471 -78.95 39.65 15.22
C CYS Y 471 -77.72 40.42 15.65
N GLU Y 472 -77.53 41.61 15.07
CA GLU Y 472 -76.45 42.55 15.49
C GLU Y 472 -77.27 43.79 15.75
N ARG Y 473 -78.41 43.60 16.42
CA ARG Y 473 -79.38 44.72 16.55
C ARG Y 473 -78.73 45.92 17.20
N ASP Y 474 -77.94 45.74 18.23
CA ASP Y 474 -77.44 46.96 18.90
C ASP Y 474 -76.48 47.71 17.97
N ASP Y 475 -76.09 47.09 16.85
CA ASP Y 475 -75.04 47.69 16.04
C ASP Y 475 -75.59 48.25 14.74
N THR Y 476 -76.54 47.54 14.14
CA THR Y 476 -77.15 47.90 12.87
C THR Y 476 -78.62 48.21 13.09
N PRO Y 477 -79.20 49.11 12.29
CA PRO Y 477 -80.56 49.53 12.54
C PRO Y 477 -81.55 48.65 11.81
N PRO Y 478 -82.72 48.40 12.40
CA PRO Y 478 -83.78 47.71 11.66
C PRO Y 478 -84.08 48.44 10.38
N LEU Y 479 -84.12 47.70 9.28
CA LEU Y 479 -84.23 48.33 7.98
C LEU Y 479 -85.03 47.44 7.05
N THR Y 480 -86.04 48.03 6.42
CA THR Y 480 -86.66 47.50 5.21
C THR Y 480 -86.72 48.63 4.21
N LEU Y 481 -86.93 48.30 2.94
CA LEU Y 481 -87.01 49.37 1.96
C LEU Y 481 -88.40 49.99 1.95
N ALA Y 482 -89.38 49.27 1.40
CA ALA Y 482 -90.76 49.74 1.31
C ALA Y 482 -91.62 48.72 0.59
N GLN Y 483 -92.89 49.06 0.40
CA GLN Y 483 -93.71 48.43 -0.63
C GLN Y 483 -93.21 48.74 -2.04
N SER Y 484 -92.09 49.44 -2.16
CA SER Y 484 -91.55 49.90 -3.43
C SER Y 484 -90.91 48.74 -4.16
N LEU Y 485 -90.05 49.04 -5.15
CA LEU Y 485 -89.46 48.03 -6.02
C LEU Y 485 -89.11 46.72 -5.31
N THR Y 486 -88.34 46.79 -4.22
CA THR Y 486 -87.99 45.67 -3.34
C THR Y 486 -87.57 44.42 -4.10
N GLN Y 487 -87.21 44.58 -5.37
CA GLN Y 487 -86.98 43.45 -6.26
C GLN Y 487 -86.11 43.95 -7.41
N THR Y 488 -85.67 43.00 -8.24
CA THR Y 488 -84.98 43.32 -9.49
C THR Y 488 -83.75 44.17 -9.20
N ARG Y 489 -82.79 43.54 -8.53
CA ARG Y 489 -81.61 44.22 -8.03
C ARG Y 489 -80.64 44.51 -9.17
N GLY Y 490 -79.42 44.92 -8.81
CA GLY Y 490 -78.39 45.16 -9.79
C GLY Y 490 -77.24 44.20 -9.64
N PRO Y 491 -76.27 44.28 -10.54
CA PRO Y 491 -75.19 43.29 -10.55
C PRO Y 491 -74.40 43.22 -9.26
N ASP Y 492 -74.18 44.36 -8.60
CA ASP Y 492 -73.40 44.36 -7.37
C ASP Y 492 -73.98 43.38 -6.35
N PHE Y 493 -75.31 43.29 -6.30
CA PHE Y 493 -75.96 42.46 -5.29
C PHE Y 493 -75.71 40.99 -5.51
N PHE Y 494 -75.70 40.55 -6.77
CA PHE Y 494 -75.63 39.12 -7.04
C PHE Y 494 -74.23 38.56 -6.87
N SER Y 495 -73.22 39.27 -7.34
CA SER Y 495 -71.85 38.88 -7.04
C SER Y 495 -71.57 38.95 -5.55
N ALA Y 496 -72.37 39.69 -4.79
CA ALA Y 496 -72.19 39.81 -3.36
C ALA Y 496 -72.82 38.64 -2.61
N VAL Y 497 -74.08 38.32 -2.89
CA VAL Y 497 -74.74 37.22 -2.20
C VAL Y 497 -74.07 35.89 -2.45
N SER Y 498 -73.11 35.83 -3.38
CA SER Y 498 -72.39 34.59 -3.59
C SER Y 498 -71.68 34.15 -2.32
N ARG Y 499 -71.13 35.11 -1.57
CA ARG Y 499 -70.32 34.78 -0.42
C ARG Y 499 -71.14 34.25 0.75
N ASP Y 500 -72.44 34.50 0.78
CA ASP Y 500 -73.28 34.05 1.88
C ASP Y 500 -73.65 32.60 1.67
N LYS Y 501 -73.20 31.73 2.59
CA LYS Y 501 -73.31 30.29 2.43
C LYS Y 501 -74.66 29.73 2.82
N ARG Y 502 -75.68 30.56 2.95
CA ARG Y 502 -76.94 30.12 3.53
C ARG Y 502 -77.89 29.62 2.45
N ALA Y 503 -78.52 28.49 2.71
CA ALA Y 503 -79.26 27.78 1.68
C ALA Y 503 -80.49 28.56 1.22
N MET Y 504 -81.22 29.16 2.16
CA MET Y 504 -82.43 29.87 1.77
C MET Y 504 -82.12 31.15 1.01
N VAL Y 505 -81.02 31.80 1.33
CA VAL Y 505 -80.70 33.10 0.71
C VAL Y 505 -80.49 32.95 -0.78
N LYS Y 506 -80.06 31.78 -1.24
CA LYS Y 506 -79.81 31.62 -2.66
C LYS Y 506 -81.11 31.38 -3.42
N ALA Y 507 -81.96 30.48 -2.92
CA ALA Y 507 -83.29 30.36 -3.49
C ALA Y 507 -84.07 31.65 -3.32
N ALA Y 508 -83.80 32.41 -2.26
CA ALA Y 508 -84.40 33.72 -2.14
C ALA Y 508 -83.85 34.67 -3.20
N ALA Y 509 -82.58 34.54 -3.54
CA ALA Y 509 -81.95 35.38 -4.54
C ALA Y 509 -81.95 34.76 -5.92
N LEU Y 510 -82.55 33.58 -6.09
CA LEU Y 510 -82.63 32.98 -7.41
C LEU Y 510 -83.86 33.44 -8.18
N ARG Y 511 -84.86 33.97 -7.49
CA ARG Y 511 -85.97 34.61 -8.19
C ARG Y 511 -85.62 36.05 -8.52
N LEU Y 512 -84.98 36.75 -7.58
CA LEU Y 512 -84.52 38.10 -7.85
C LEU Y 512 -83.51 38.16 -8.99
N LEU Y 513 -82.96 37.03 -9.39
CA LEU Y 513 -82.21 36.96 -10.63
C LEU Y 513 -83.12 36.71 -11.82
N THR Y 514 -84.19 35.94 -11.63
CA THR Y 514 -85.18 35.78 -12.69
C THR Y 514 -85.88 37.11 -12.96
N ALA Y 515 -86.37 37.76 -11.91
CA ALA Y 515 -87.00 39.07 -12.08
C ALA Y 515 -86.02 40.07 -12.69
N SER Y 516 -84.77 40.07 -12.22
CA SER Y 516 -83.78 40.96 -12.81
C SER Y 516 -83.47 40.57 -14.24
N LEU Y 517 -83.58 39.29 -14.58
CA LEU Y 517 -83.47 38.90 -15.97
C LEU Y 517 -84.79 39.03 -16.72
N ALA Y 518 -85.90 39.21 -16.01
CA ALA Y 518 -87.15 39.56 -16.65
C ALA Y 518 -87.21 41.05 -16.94
N LYS Y 519 -87.06 41.87 -15.91
CA LYS Y 519 -87.11 43.32 -16.09
C LYS Y 519 -86.07 43.82 -17.06
N ALA Y 520 -84.87 43.22 -17.05
CA ALA Y 520 -83.84 43.67 -17.98
C ALA Y 520 -84.20 43.32 -19.42
N ARG Y 521 -84.61 42.09 -19.66
CA ARG Y 521 -84.95 41.67 -21.01
C ARG Y 521 -86.11 42.50 -21.56
N ASP Y 522 -87.16 42.67 -20.77
CA ASP Y 522 -88.30 43.47 -21.21
C ASP Y 522 -87.92 44.94 -21.40
N ASP Y 523 -87.01 45.45 -20.58
CA ASP Y 523 -86.51 46.80 -20.77
C ASP Y 523 -85.67 46.93 -22.03
N SER Y 524 -85.15 45.81 -22.53
CA SER Y 524 -84.33 45.79 -23.75
C SER Y 524 -83.11 46.70 -23.58
N ASP Y 525 -82.25 46.30 -22.65
CA ASP Y 525 -80.97 46.95 -22.45
C ASP Y 525 -79.87 45.90 -22.54
N ALA Y 526 -78.76 46.27 -23.16
CA ALA Y 526 -77.67 45.32 -23.33
C ALA Y 526 -76.80 45.26 -22.08
N VAL Y 527 -76.40 46.42 -21.56
CA VAL Y 527 -75.43 46.44 -20.48
C VAL Y 527 -75.98 45.78 -19.23
N LEU Y 528 -77.26 46.03 -18.92
CA LEU Y 528 -77.85 45.32 -17.80
C LEU Y 528 -78.07 43.85 -18.11
N HIS Y 529 -78.06 43.47 -19.38
CA HIS Y 529 -78.29 42.08 -19.74
C HIS Y 529 -77.02 41.24 -19.68
N GLN Y 530 -75.86 41.82 -19.96
CA GLN Y 530 -74.60 41.10 -19.75
C GLN Y 530 -74.14 41.21 -18.30
N ALA Y 531 -74.20 42.41 -17.72
CA ALA Y 531 -73.74 42.60 -16.36
C ALA Y 531 -74.45 41.67 -15.39
N LEU Y 532 -75.74 41.43 -15.61
CA LEU Y 532 -76.48 40.57 -14.71
C LEU Y 532 -76.13 39.10 -14.88
N VAL Y 533 -75.46 38.73 -15.96
CA VAL Y 533 -75.10 37.34 -16.19
C VAL Y 533 -73.71 37.04 -15.66
N GLU Y 534 -72.72 37.85 -16.04
CA GLU Y 534 -71.38 37.62 -15.53
C GLU Y 534 -71.30 37.83 -14.02
N SER Y 535 -72.17 38.66 -13.47
CA SER Y 535 -72.33 38.70 -12.02
C SER Y 535 -73.32 37.66 -11.52
N GLY Y 536 -73.97 36.93 -12.42
CA GLY Y 536 -74.93 35.94 -12.02
C GLY Y 536 -74.28 34.57 -11.86
N THR Y 537 -73.47 34.18 -12.84
CA THR Y 537 -72.75 32.92 -12.75
C THR Y 537 -72.01 32.79 -11.42
N GLU Y 538 -71.53 33.91 -10.88
CA GLU Y 538 -70.91 33.87 -9.57
C GLU Y 538 -71.90 33.44 -8.50
N LEU Y 539 -73.20 33.62 -8.75
CA LEU Y 539 -74.18 33.17 -7.78
C LEU Y 539 -74.47 31.69 -7.92
N LEU Y 540 -74.72 31.24 -9.15
CA LEU Y 540 -74.99 29.83 -9.38
C LEU Y 540 -73.79 28.97 -9.02
N GLN Y 541 -72.58 29.52 -9.18
CA GLN Y 541 -71.37 28.78 -8.89
C GLN Y 541 -71.22 28.52 -7.39
N SER Y 542 -72.24 28.89 -6.60
CA SER Y 542 -72.21 28.67 -5.17
C SER Y 542 -73.27 27.71 -4.67
N LEU Y 543 -74.35 27.50 -5.41
CA LEU Y 543 -75.38 26.58 -4.98
C LEU Y 543 -74.83 25.17 -4.94
N THR Y 544 -75.36 24.36 -4.01
CA THR Y 544 -74.95 22.97 -3.94
C THR Y 544 -75.62 22.14 -5.02
N SER Y 545 -76.90 22.37 -5.26
CA SER Y 545 -77.61 21.66 -6.32
C SER Y 545 -77.07 22.12 -7.66
N LYS Y 546 -76.22 21.31 -8.28
CA LYS Y 546 -75.72 21.66 -9.61
C LYS Y 546 -76.80 21.52 -10.66
N SER Y 547 -77.83 20.71 -10.42
CA SER Y 547 -78.92 20.59 -11.37
C SER Y 547 -79.73 21.87 -11.43
N ALA Y 548 -80.25 22.31 -10.28
CA ALA Y 548 -80.93 23.60 -10.23
C ALA Y 548 -80.04 24.72 -10.76
N ALA Y 549 -78.73 24.59 -10.60
CA ALA Y 549 -77.80 25.55 -11.17
C ALA Y 549 -77.73 25.41 -12.68
N LEU Y 550 -77.82 24.18 -13.19
CA LEU Y 550 -77.76 23.97 -14.64
C LEU Y 550 -79.10 24.20 -15.32
N SER Y 551 -80.21 24.01 -14.59
CA SER Y 551 -81.51 24.32 -15.17
C SER Y 551 -81.62 25.81 -15.50
N PHE Y 552 -81.35 26.66 -14.51
CA PHE Y 552 -81.47 28.09 -14.70
C PHE Y 552 -80.48 28.64 -15.72
N ALA Y 553 -79.42 27.90 -16.03
CA ALA Y 553 -78.41 28.42 -16.94
C ALA Y 553 -78.87 28.36 -18.39
N GLN Y 554 -79.78 27.45 -18.71
CA GLN Y 554 -80.27 27.33 -20.08
C GLN Y 554 -81.58 28.06 -20.31
N ARG Y 555 -82.44 28.12 -19.29
CA ARG Y 555 -83.67 28.89 -19.42
C ARG Y 555 -83.40 30.38 -19.55
N GLU Y 556 -82.17 30.81 -19.28
CA GLU Y 556 -81.80 32.22 -19.34
C GLU Y 556 -80.69 32.48 -20.34
N GLN Y 557 -80.47 31.55 -21.27
CA GLN Y 557 -79.62 31.76 -22.44
C GLN Y 557 -78.26 32.35 -22.07
N PHE Y 558 -77.70 31.87 -20.96
CA PHE Y 558 -76.45 32.45 -20.47
C PHE Y 558 -75.35 32.34 -21.52
N ASP Y 559 -75.25 31.21 -22.19
CA ASP Y 559 -74.27 31.04 -23.25
C ASP Y 559 -74.50 31.99 -24.41
N VAL Y 560 -75.64 32.65 -24.46
CA VAL Y 560 -75.95 33.59 -25.53
C VAL Y 560 -75.59 35.01 -25.13
N ILE Y 561 -76.16 35.48 -24.02
CA ILE Y 561 -76.09 36.89 -23.70
C ILE Y 561 -74.68 37.29 -23.28
N THR Y 562 -73.97 36.39 -22.61
CA THR Y 562 -72.60 36.68 -22.21
C THR Y 562 -71.72 36.99 -23.41
N LEU Y 563 -71.74 36.11 -24.40
CA LEU Y 563 -70.82 36.21 -25.51
C LEU Y 563 -71.18 37.32 -26.47
N ARG Y 564 -72.42 37.84 -26.42
CA ARG Y 564 -72.76 39.00 -27.24
C ARG Y 564 -71.85 40.18 -26.96
N ALA Y 565 -71.41 40.32 -25.70
CA ALA Y 565 -70.62 41.47 -25.30
C ALA Y 565 -69.23 41.43 -25.93
N VAL Y 566 -68.47 40.39 -25.61
CA VAL Y 566 -67.05 40.25 -25.95
C VAL Y 566 -66.81 40.71 -27.38
N PRO Y 567 -65.78 41.53 -27.62
CA PRO Y 567 -65.69 42.31 -28.87
C PRO Y 567 -65.99 41.58 -30.17
N HIS Y 568 -65.22 40.53 -30.49
CA HIS Y 568 -65.38 39.83 -31.75
C HIS Y 568 -66.11 38.51 -31.58
N MET Y 569 -66.94 38.40 -30.55
CA MET Y 569 -67.66 37.18 -30.25
C MET Y 569 -69.09 37.19 -30.79
N ALA Y 570 -69.61 38.37 -31.14
CA ALA Y 570 -70.99 38.48 -31.60
C ALA Y 570 -71.29 37.54 -32.76
N ASP Y 571 -70.28 37.25 -33.58
CA ASP Y 571 -70.47 36.34 -34.70
C ASP Y 571 -70.78 34.94 -34.19
N VAL Y 572 -70.01 34.46 -33.22
CA VAL Y 572 -70.14 33.09 -32.75
C VAL Y 572 -71.37 32.94 -31.86
N ALA Y 573 -71.62 33.93 -31.00
CA ALA Y 573 -72.80 33.90 -30.14
C ALA Y 573 -74.06 33.63 -30.95
N GLU Y 574 -74.16 34.22 -32.14
CA GLU Y 574 -75.24 33.86 -33.06
C GLU Y 574 -75.26 32.36 -33.28
N ARG Y 575 -74.15 31.81 -33.78
CA ARG Y 575 -74.11 30.40 -34.17
C ARG Y 575 -74.22 29.50 -32.95
N LEU Y 576 -73.50 29.82 -31.88
CA LEU Y 576 -73.67 29.05 -30.65
C LEU Y 576 -75.09 29.15 -30.12
N ALA Y 577 -75.85 30.14 -30.55
CA ALA Y 577 -77.25 30.24 -30.19
C ALA Y 577 -78.16 29.74 -31.30
N GLU Y 578 -77.74 28.72 -32.04
CA GLU Y 578 -78.64 28.12 -33.01
C GLU Y 578 -79.90 27.65 -32.31
N GLN Y 579 -81.01 27.64 -33.05
CA GLN Y 579 -82.34 27.70 -32.44
C GLN Y 579 -82.57 26.56 -31.43
N ARG Y 580 -81.99 25.39 -31.69
CA ARG Y 580 -82.15 24.25 -30.79
C ARG Y 580 -80.89 23.95 -30.00
N ALA Y 581 -79.76 23.82 -30.68
CA ALA Y 581 -78.52 23.36 -30.06
C ALA Y 581 -77.76 24.47 -29.36
N GLU Y 582 -78.43 25.56 -28.99
CA GLU Y 582 -77.83 26.50 -28.06
C GLU Y 582 -77.35 25.79 -26.81
N ALA Y 583 -78.26 25.04 -26.17
CA ALA Y 583 -78.00 24.11 -25.08
C ALA Y 583 -79.19 23.17 -25.02
N PRO Y 584 -79.27 22.19 -25.92
CA PRO Y 584 -80.49 21.37 -26.07
C PRO Y 584 -80.59 20.23 -25.07
N PHE Y 585 -80.38 20.55 -23.79
CA PHE Y 585 -80.44 19.57 -22.71
C PHE Y 585 -79.52 18.40 -23.00
N PHE Y 586 -78.22 18.70 -23.09
CA PHE Y 586 -77.23 17.66 -23.26
C PHE Y 586 -77.35 16.65 -22.11
N PRO Y 587 -76.81 15.43 -22.28
CA PRO Y 587 -76.99 14.41 -21.22
C PRO Y 587 -76.61 14.89 -19.83
N LEU Y 588 -75.45 15.52 -19.68
CA LEU Y 588 -75.04 16.18 -18.44
C LEU Y 588 -75.35 15.31 -17.23
N THR Y 589 -74.85 14.08 -17.25
CA THR Y 589 -75.16 13.12 -16.20
C THR Y 589 -74.22 13.33 -15.02
N ALA Y 590 -74.71 14.04 -14.00
CA ALA Y 590 -73.94 14.30 -12.79
C ALA Y 590 -74.23 13.19 -11.79
N SER Y 591 -73.19 12.71 -11.12
CA SER Y 591 -73.33 11.64 -10.14
C SER Y 591 -73.30 12.23 -8.73
N ALA Y 592 -73.24 11.35 -7.74
CA ALA Y 592 -73.18 11.78 -6.35
C ALA Y 592 -71.90 12.57 -6.09
N GLY Y 593 -72.02 13.64 -5.31
CA GLY Y 593 -70.93 14.57 -5.10
C GLY Y 593 -70.92 15.73 -6.07
N GLY Y 594 -71.70 15.67 -7.13
CA GLY Y 594 -71.77 16.75 -8.12
C GLY Y 594 -70.75 16.67 -9.23
N LEU Y 595 -69.74 15.81 -9.11
CA LEU Y 595 -68.70 15.76 -10.11
C LEU Y 595 -69.27 15.25 -11.43
N PRO Y 596 -68.88 15.81 -12.55
CA PRO Y 596 -69.45 15.38 -13.82
C PRO Y 596 -68.98 13.98 -14.16
N ASP Y 597 -69.52 12.98 -13.46
CA ASP Y 597 -69.09 11.60 -13.66
C ASP Y 597 -69.66 11.09 -14.98
N THR Y 598 -70.17 12.01 -15.78
CA THR Y 598 -70.61 11.68 -17.11
C THR Y 598 -69.46 11.26 -18.01
N ALA Y 599 -68.22 11.58 -17.65
CA ALA Y 599 -67.09 11.21 -18.48
C ALA Y 599 -67.03 9.69 -18.64
N ALA Y 600 -66.84 9.25 -19.89
CA ALA Y 600 -66.81 7.85 -20.30
C ALA Y 600 -68.20 7.23 -20.29
N VAL Y 601 -69.19 7.95 -19.74
CA VAL Y 601 -70.59 7.60 -19.92
C VAL Y 601 -71.36 8.71 -20.61
N LEU Y 602 -70.72 9.87 -20.82
CA LEU Y 602 -71.07 10.79 -21.89
C LEU Y 602 -70.18 10.61 -23.10
N ALA Y 603 -69.03 9.96 -22.94
CA ALA Y 603 -68.29 9.52 -24.11
C ALA Y 603 -69.13 8.58 -24.94
N HIS Y 604 -70.06 7.86 -24.30
CA HIS Y 604 -71.07 7.14 -25.05
C HIS Y 604 -71.87 8.08 -25.94
N LEU Y 605 -72.12 9.30 -25.48
CA LEU Y 605 -72.82 10.35 -26.20
C LEU Y 605 -74.27 10.04 -26.46
N SER Y 606 -74.75 8.85 -26.07
CA SER Y 606 -75.93 8.22 -26.64
C SER Y 606 -75.68 7.80 -28.08
N SER Y 607 -74.42 7.53 -28.41
CA SER Y 607 -73.97 6.98 -29.69
C SER Y 607 -74.16 7.95 -30.85
N HIS Y 608 -74.79 9.11 -30.60
CA HIS Y 608 -74.85 9.94 -31.79
C HIS Y 608 -73.56 10.73 -31.93
N PRO Y 609 -73.08 10.91 -33.16
CA PRO Y 609 -71.69 11.36 -33.35
C PRO Y 609 -71.47 12.85 -33.24
N ALA Y 610 -72.42 13.59 -32.64
CA ALA Y 610 -72.30 15.04 -32.50
C ALA Y 610 -72.04 15.67 -33.86
N PRO Y 611 -73.07 15.79 -34.69
CA PRO Y 611 -72.88 15.98 -36.13
C PRO Y 611 -72.00 17.17 -36.50
N TYR Y 612 -71.30 17.02 -37.63
CA TYR Y 612 -70.55 18.08 -38.29
C TYR Y 612 -71.52 18.96 -39.05
N ILE Y 613 -71.03 19.54 -40.14
CA ILE Y 613 -71.61 20.67 -40.86
C ILE Y 613 -73.13 20.67 -40.89
N VAL Y 614 -73.74 21.83 -40.64
CA VAL Y 614 -75.17 21.93 -40.39
C VAL Y 614 -75.93 22.75 -41.44
N LEU Y 615 -75.64 24.05 -41.52
CA LEU Y 615 -76.46 24.99 -42.29
C LEU Y 615 -75.63 26.25 -42.57
N CYS Y 616 -76.31 27.36 -42.88
CA CYS Y 616 -75.66 28.64 -43.15
C CYS Y 616 -74.73 28.54 -44.36
N LYS Y 617 -75.37 28.45 -45.53
CA LYS Y 617 -74.78 28.12 -46.82
C LYS Y 617 -73.42 28.78 -47.06
N GLY Y 618 -73.15 29.89 -46.38
CA GLY Y 618 -71.87 30.55 -46.50
C GLY Y 618 -70.68 29.74 -46.02
N ARG Y 619 -70.91 28.47 -45.69
CA ARG Y 619 -69.88 27.55 -45.21
C ARG Y 619 -69.25 28.02 -43.90
N ARG Y 620 -70.04 28.72 -43.08
CA ARG Y 620 -69.77 28.76 -41.64
C ARG Y 620 -70.44 27.52 -41.07
N VAL Y 621 -70.58 26.51 -41.93
CA VAL Y 621 -71.40 25.36 -41.68
C VAL Y 621 -70.79 24.43 -40.62
N HIS Y 622 -69.49 24.54 -40.37
CA HIS Y 622 -68.88 23.69 -39.34
C HIS Y 622 -69.38 24.10 -37.98
N PRO Y 623 -69.97 23.21 -37.20
CA PRO Y 623 -70.66 23.61 -35.99
C PRO Y 623 -69.69 23.96 -34.87
N VAL Y 624 -70.14 24.87 -34.00
CA VAL Y 624 -69.31 25.33 -32.90
C VAL Y 624 -69.05 24.17 -31.95
N ARG Y 625 -67.84 24.15 -31.38
CA ARG Y 625 -67.36 23.02 -30.59
C ARG Y 625 -67.54 23.29 -29.11
N THR Y 626 -68.78 23.13 -28.64
CA THR Y 626 -69.01 23.07 -27.21
C THR Y 626 -68.34 21.83 -26.63
N LEU Y 627 -67.78 21.97 -25.43
CA LEU Y 627 -66.99 20.89 -24.84
C LEU Y 627 -67.82 19.61 -24.72
N VAL Y 628 -68.97 19.69 -24.05
CA VAL Y 628 -69.76 18.49 -23.77
C VAL Y 628 -70.18 17.79 -25.05
N SER Y 629 -70.39 18.56 -26.12
CA SER Y 629 -70.69 17.93 -27.40
C SER Y 629 -69.45 17.34 -28.05
N ASN Y 630 -68.27 17.85 -27.70
CA ASN Y 630 -67.04 17.44 -28.36
C ASN Y 630 -66.05 16.79 -27.40
N LEU Y 631 -66.54 16.24 -26.29
CA LEU Y 631 -65.64 15.52 -25.39
C LEU Y 631 -65.06 14.27 -26.06
N ASP Y 632 -65.73 13.76 -27.09
CA ASP Y 632 -65.15 12.66 -27.86
C ASP Y 632 -63.88 13.09 -28.56
N HIS Y 633 -63.85 14.31 -29.09
CA HIS Y 633 -62.67 14.77 -29.80
C HIS Y 633 -61.47 14.88 -28.88
N VAL Y 634 -61.66 15.46 -27.69
CA VAL Y 634 -60.56 15.64 -26.75
C VAL Y 634 -59.93 14.29 -26.40
N ALA Y 635 -60.71 13.20 -26.49
CA ALA Y 635 -60.12 11.88 -26.29
C ALA Y 635 -59.22 11.50 -27.46
N ALA Y 636 -59.67 11.73 -28.69
CA ALA Y 636 -58.85 11.46 -29.86
C ALA Y 636 -57.70 12.46 -29.98
N VAL Y 637 -57.80 13.59 -29.30
CA VAL Y 637 -56.73 14.58 -29.31
C VAL Y 637 -55.45 13.99 -28.76
N GLU Y 638 -54.31 14.45 -29.29
CA GLU Y 638 -53.02 14.06 -28.73
C GLU Y 638 -52.67 14.91 -27.51
N ASN Y 639 -52.62 16.23 -27.69
CA ASN Y 639 -52.29 17.13 -26.59
C ASN Y 639 -53.20 18.34 -26.65
N VAL Y 640 -54.12 18.44 -25.71
CA VAL Y 640 -55.08 19.53 -25.63
C VAL Y 640 -54.48 20.69 -24.86
N PHE Y 641 -54.78 21.90 -25.29
CA PHE Y 641 -54.22 23.12 -24.73
C PHE Y 641 -55.29 23.89 -23.98
N LEU Y 642 -54.88 24.58 -22.93
CA LEU Y 642 -55.75 25.48 -22.20
C LEU Y 642 -55.18 26.88 -22.29
N LEU Y 643 -56.05 27.85 -22.52
CA LEU Y 643 -55.63 29.23 -22.66
C LEU Y 643 -55.92 29.99 -21.38
N HIS Y 644 -55.06 30.95 -21.07
CA HIS Y 644 -55.22 31.85 -19.95
C HIS Y 644 -54.96 33.26 -20.40
N SER Y 645 -55.72 34.21 -19.87
CA SER Y 645 -55.70 35.59 -20.33
C SER Y 645 -54.32 36.23 -20.29
N SER Y 646 -53.35 35.63 -19.59
CA SER Y 646 -52.02 36.22 -19.52
C SER Y 646 -51.18 35.84 -20.73
N GLY Y 647 -51.21 34.56 -21.11
CA GLY Y 647 -50.42 34.12 -22.24
C GLY Y 647 -50.67 34.88 -23.51
N VAL Y 648 -51.84 35.51 -23.64
CA VAL Y 648 -52.17 36.35 -24.78
C VAL Y 648 -52.01 37.83 -24.45
N SER Y 649 -51.45 38.15 -23.30
CA SER Y 649 -51.05 39.50 -22.97
C SER Y 649 -49.53 39.61 -23.02
N LYS Y 650 -49.05 40.83 -23.25
CA LYS Y 650 -47.65 41.18 -23.45
C LYS Y 650 -47.17 40.71 -24.82
N CYS Y 651 -47.96 39.87 -25.48
CA CYS Y 651 -47.77 39.45 -26.86
C CYS Y 651 -48.82 38.41 -27.22
N VAL Y 652 -49.01 38.17 -28.53
CA VAL Y 652 -49.87 37.11 -29.02
C VAL Y 652 -49.09 36.07 -29.80
N ASP Y 653 -47.76 36.18 -29.80
CA ASP Y 653 -46.87 35.32 -30.57
C ASP Y 653 -46.80 33.91 -30.00
N ALA Y 654 -47.42 33.64 -28.86
CA ALA Y 654 -47.45 32.31 -28.28
C ALA Y 654 -48.75 31.57 -28.56
N LEU Y 655 -49.89 32.26 -28.48
CA LEU Y 655 -51.13 31.67 -28.94
C LEU Y 655 -51.07 31.40 -30.44
N VAL Y 656 -50.57 32.37 -31.20
CA VAL Y 656 -50.55 32.26 -32.65
C VAL Y 656 -49.98 30.93 -33.11
N ALA Y 657 -48.90 30.49 -32.44
CA ALA Y 657 -48.31 29.21 -32.80
C ALA Y 657 -49.31 28.07 -32.59
N VAL Y 658 -49.99 28.07 -31.44
CA VAL Y 658 -50.98 27.03 -31.17
C VAL Y 658 -52.15 27.15 -32.12
N ALA Y 659 -52.47 28.35 -32.59
CA ALA Y 659 -53.45 28.48 -33.65
C ALA Y 659 -53.04 27.66 -34.87
N ARG Y 660 -51.75 27.65 -35.20
CA ARG Y 660 -51.28 26.82 -36.31
C ARG Y 660 -51.45 25.34 -36.01
N ARG Y 661 -50.86 24.87 -34.91
CA ARG Y 661 -50.89 23.45 -34.57
C ARG Y 661 -52.29 22.91 -34.44
N LEU Y 662 -53.32 23.76 -34.44
CA LEU Y 662 -54.69 23.26 -34.37
C LEU Y 662 -55.00 22.34 -35.54
N ARG Y 663 -54.42 22.60 -36.71
CA ARG Y 663 -54.72 21.82 -37.89
C ARG Y 663 -53.80 20.62 -38.06
N SER Y 664 -53.28 20.08 -36.96
CA SER Y 664 -52.66 18.76 -37.01
C SER Y 664 -53.67 17.65 -36.80
N GLY Y 665 -54.85 17.98 -36.31
CA GLY Y 665 -55.84 16.97 -36.00
C GLY Y 665 -55.57 16.32 -34.67
N LYS Y 666 -54.29 16.13 -34.35
CA LYS Y 666 -53.90 15.52 -33.09
C LYS Y 666 -54.02 16.46 -31.91
N ASP Y 667 -53.85 17.76 -32.13
CA ASP Y 667 -53.83 18.72 -31.03
C ASP Y 667 -55.24 19.23 -30.76
N ALA Y 668 -55.34 20.28 -29.98
CA ALA Y 668 -56.62 20.90 -29.62
C ALA Y 668 -56.32 22.26 -29.01
N LEU Y 669 -57.37 22.89 -28.48
CA LEU Y 669 -57.25 24.13 -27.75
C LEU Y 669 -58.57 24.43 -27.07
N ILE Y 670 -58.54 24.70 -25.77
CA ILE Y 670 -59.76 24.92 -25.01
C ILE Y 670 -59.70 26.30 -24.38
N VAL Y 671 -60.62 27.16 -24.79
CA VAL Y 671 -60.83 28.44 -24.15
C VAL Y 671 -62.17 28.38 -23.43
N THR Y 672 -62.30 29.16 -22.38
CA THR Y 672 -63.51 29.17 -21.57
C THR Y 672 -64.28 30.47 -21.79
N ALA Y 673 -65.58 30.43 -21.52
CA ALA Y 673 -66.36 31.66 -21.50
C ALA Y 673 -65.89 32.58 -20.40
N SER Y 674 -65.14 32.07 -19.41
CA SER Y 674 -64.53 32.91 -18.41
C SER Y 674 -63.28 33.58 -18.96
N CYS Y 675 -62.40 32.82 -19.59
CA CYS Y 675 -61.20 33.39 -20.18
C CYS Y 675 -61.54 34.41 -21.25
N LEU Y 676 -62.65 34.21 -21.96
CA LEU Y 676 -63.09 35.23 -22.91
C LEU Y 676 -63.46 36.51 -22.20
N ARG Y 677 -64.37 36.43 -21.24
CA ARG Y 677 -64.78 37.61 -20.49
C ARG Y 677 -63.59 38.29 -19.84
N ALA Y 678 -62.72 37.51 -19.19
CA ALA Y 678 -61.53 38.06 -18.54
C ALA Y 678 -60.49 38.57 -19.54
N LEU Y 679 -60.70 38.33 -20.83
CA LEU Y 679 -59.92 39.00 -21.85
C LEU Y 679 -60.60 40.29 -22.30
N GLN Y 680 -61.93 40.31 -22.24
CA GLN Y 680 -62.67 41.50 -22.64
C GLN Y 680 -62.44 42.66 -21.69
N ALA Y 681 -62.18 42.36 -20.42
CA ALA Y 681 -61.81 43.42 -19.48
C ALA Y 681 -60.53 44.10 -19.90
N ALA Y 682 -59.44 43.34 -19.96
CA ALA Y 682 -58.17 43.86 -20.42
C ALA Y 682 -58.17 44.21 -21.89
N ALA Y 683 -59.30 44.07 -22.58
CA ALA Y 683 -59.38 44.48 -23.98
C ALA Y 683 -59.71 45.96 -24.12
N GLN Y 684 -60.43 46.51 -23.15
CA GLN Y 684 -60.74 47.93 -23.11
C GLN Y 684 -60.22 48.62 -21.87
N TYR Y 685 -60.17 47.92 -20.75
CA TYR Y 685 -59.72 48.50 -19.48
C TYR Y 685 -58.24 48.19 -19.24
N GLY Y 686 -57.41 48.58 -20.20
CA GLY Y 686 -55.99 48.24 -20.18
C GLY Y 686 -55.15 49.46 -19.86
N ALA Y 687 -54.06 49.23 -19.13
CA ALA Y 687 -53.20 50.33 -18.70
C ALA Y 687 -52.64 51.10 -19.89
N THR Y 688 -52.21 50.39 -20.92
CA THR Y 688 -51.61 51.00 -22.08
C THR Y 688 -52.19 50.42 -23.35
N GLU Y 689 -52.26 51.25 -24.39
CA GLU Y 689 -52.82 50.82 -25.66
C GLU Y 689 -52.01 49.68 -26.25
N LYS Y 690 -50.71 49.64 -25.99
CA LYS Y 690 -49.88 48.54 -26.48
C LYS Y 690 -50.33 47.20 -25.91
N ARG Y 691 -51.15 47.23 -24.86
CA ARG Y 691 -51.71 46.02 -24.26
C ARG Y 691 -53.15 45.76 -24.67
N ARG Y 692 -53.98 46.81 -24.74
CA ARG Y 692 -55.35 46.63 -25.22
C ARG Y 692 -55.36 46.24 -26.69
N ALA Y 693 -54.42 46.76 -27.48
CA ALA Y 693 -54.35 46.36 -28.88
C ALA Y 693 -54.11 44.86 -29.00
N THR Y 694 -53.39 44.26 -28.05
CA THR Y 694 -53.16 42.83 -28.10
C THR Y 694 -54.45 42.06 -27.85
N ALA Y 695 -55.10 42.32 -26.70
CA ALA Y 695 -56.32 41.59 -26.36
C ALA Y 695 -57.39 41.71 -27.43
N ASP Y 696 -57.28 42.65 -28.36
CA ASP Y 696 -58.07 42.57 -29.58
C ASP Y 696 -57.50 41.51 -30.51
N ARG Y 697 -56.25 41.69 -30.92
CA ARG Y 697 -55.59 40.67 -31.74
C ARG Y 697 -55.49 39.35 -31.01
N ALA Y 698 -55.58 39.36 -29.68
CA ALA Y 698 -55.65 38.12 -28.93
C ALA Y 698 -57.06 37.56 -28.88
N LEU Y 699 -58.08 38.38 -29.14
CA LEU Y 699 -59.44 37.89 -29.24
C LEU Y 699 -59.92 37.79 -30.68
N ASP Y 700 -59.27 38.48 -31.61
CA ASP Y 700 -59.55 38.24 -33.02
C ASP Y 700 -59.37 36.77 -33.36
N ILE Y 701 -58.23 36.20 -32.98
CA ILE Y 701 -57.93 34.82 -33.35
C ILE Y 701 -58.91 33.87 -32.69
N VAL Y 702 -58.98 33.90 -31.36
CA VAL Y 702 -59.77 32.91 -30.63
C VAL Y 702 -61.24 33.00 -30.97
N SER Y 703 -61.72 34.18 -31.36
CA SER Y 703 -63.12 34.29 -31.76
C SER Y 703 -63.28 33.94 -33.24
N TYR Y 704 -62.19 33.94 -33.98
CA TYR Y 704 -62.20 33.55 -35.39
C TYR Y 704 -61.38 32.29 -35.63
N GLU Y 705 -61.00 31.61 -34.55
CA GLU Y 705 -60.63 30.21 -34.59
C GLU Y 705 -61.67 29.31 -33.95
N LEU Y 706 -62.61 29.89 -33.22
CA LEU Y 706 -63.75 29.13 -32.70
C LEU Y 706 -64.84 29.01 -33.75
N GLU Y 707 -65.07 30.08 -34.50
CA GLU Y 707 -66.07 30.04 -35.55
C GLU Y 707 -65.66 29.12 -36.69
N ALA Y 708 -64.37 28.79 -36.79
CA ALA Y 708 -63.90 27.85 -37.79
C ALA Y 708 -63.85 26.43 -37.28
N GLY Y 709 -64.43 26.16 -36.11
CA GLY Y 709 -64.53 24.81 -35.60
C GLY Y 709 -63.21 24.16 -35.28
N ARG Y 710 -62.18 24.93 -34.96
CA ARG Y 710 -60.88 24.38 -34.57
C ARG Y 710 -60.74 24.32 -33.05
N ALA Y 711 -60.90 25.46 -32.38
CA ALA Y 711 -60.78 25.48 -30.93
C ALA Y 711 -62.02 24.85 -30.29
N ILE Y 712 -62.01 24.81 -28.97
CA ILE Y 712 -63.12 24.30 -28.18
C ILE Y 712 -63.49 25.37 -27.16
N LEU Y 713 -64.70 25.89 -27.26
CA LEU Y 713 -65.20 26.86 -26.30
C LEU Y 713 -65.90 26.10 -25.17
N MET Y 714 -65.36 26.20 -23.97
CA MET Y 714 -66.11 25.74 -22.82
C MET Y 714 -67.05 26.86 -22.40
N PRO Y 715 -68.34 26.70 -22.62
CA PRO Y 715 -69.28 27.80 -22.40
C PRO Y 715 -69.69 27.86 -20.94
N VAL Y 716 -70.54 28.84 -20.63
CA VAL Y 716 -71.02 28.99 -19.26
C VAL Y 716 -71.78 27.75 -18.83
N THR Y 717 -72.49 27.10 -19.75
CA THR Y 717 -73.24 25.91 -19.40
C THR Y 717 -72.34 24.77 -18.95
N ASP Y 718 -71.07 24.79 -19.35
CA ASP Y 718 -70.14 23.74 -18.98
C ASP Y 718 -69.17 24.14 -17.88
N GLU Y 719 -68.81 25.43 -17.80
CA GLU Y 719 -68.09 25.90 -16.61
C GLU Y 719 -68.91 25.67 -15.36
N LEU Y 720 -70.24 25.70 -15.48
CA LEU Y 720 -71.10 25.26 -14.39
C LEU Y 720 -71.05 23.75 -14.22
N TYR Y 721 -70.85 23.03 -15.32
CA TYR Y 721 -70.85 21.57 -15.24
C TYR Y 721 -69.61 21.06 -14.53
N LEU Y 722 -68.44 21.61 -14.87
CA LEU Y 722 -67.18 21.11 -14.35
C LEU Y 722 -66.87 21.61 -12.94
N HIS Y 723 -67.20 22.86 -12.64
CA HIS Y 723 -66.83 23.45 -11.37
C HIS Y 723 -67.45 22.70 -10.21
N ASP Y 724 -66.78 22.77 -9.06
CA ASP Y 724 -67.32 22.18 -7.85
C ASP Y 724 -68.35 23.11 -7.24
N ALA Y 725 -69.44 22.54 -6.74
CA ALA Y 725 -70.54 23.34 -6.23
C ALA Y 725 -70.16 23.98 -4.89
N GLY Y 726 -70.33 25.28 -4.80
CA GLY Y 726 -70.02 26.02 -3.59
C GLY Y 726 -68.77 26.88 -3.69
N THR Y 727 -67.92 26.65 -4.69
CA THR Y 727 -66.66 27.35 -4.82
C THR Y 727 -66.74 28.35 -5.96
N TYR Y 728 -66.29 29.57 -5.71
CA TYR Y 728 -66.22 30.58 -6.75
C TYR Y 728 -64.99 30.31 -7.59
N CYS Y 729 -65.19 29.89 -8.84
CA CYS Y 729 -64.10 29.46 -9.71
C CYS Y 729 -63.99 30.44 -10.87
N ASP Y 730 -63.17 31.46 -10.69
CA ASP Y 730 -62.99 32.47 -11.72
C ASP Y 730 -62.11 31.91 -12.82
N GLU Y 731 -61.67 32.75 -13.75
CA GLU Y 731 -60.85 32.28 -14.84
C GLU Y 731 -59.50 31.75 -14.36
N ASP Y 732 -59.06 32.15 -13.17
CA ASP Y 732 -57.84 31.61 -12.61
C ASP Y 732 -58.01 30.18 -12.14
N LEU Y 733 -59.24 29.73 -11.89
CA LEU Y 733 -59.49 28.36 -11.50
C LEU Y 733 -60.24 27.55 -12.54
N MET Y 734 -60.90 28.19 -13.51
CA MET Y 734 -61.41 27.44 -14.65
C MET Y 734 -60.28 26.92 -15.51
N LEU Y 735 -59.15 27.64 -15.55
CA LEU Y 735 -57.96 27.09 -16.19
C LEU Y 735 -57.45 25.86 -15.46
N TRP Y 736 -57.71 25.76 -14.16
CA TRP Y 736 -57.18 24.67 -13.35
C TRP Y 736 -58.18 23.57 -13.08
N THR Y 737 -59.43 23.90 -12.75
CA THR Y 737 -60.39 22.83 -12.52
C THR Y 737 -60.67 22.05 -13.79
N LEU Y 738 -60.41 22.65 -14.95
CA LEU Y 738 -60.52 21.91 -16.20
C LEU Y 738 -59.35 20.96 -16.35
N ALA Y 739 -58.14 21.43 -16.04
CA ALA Y 739 -56.95 20.59 -16.07
C ALA Y 739 -56.91 19.61 -14.91
N ALA Y 740 -57.75 19.78 -13.90
CA ALA Y 740 -57.90 18.75 -12.87
C ALA Y 740 -59.10 17.87 -13.12
N TYR Y 741 -60.02 18.28 -14.01
CA TYR Y 741 -61.08 17.38 -14.44
C TYR Y 741 -60.56 16.39 -15.46
N LEU Y 742 -59.89 16.89 -16.49
CA LEU Y 742 -59.50 16.03 -17.60
C LEU Y 742 -58.18 15.33 -17.36
N ALA Y 743 -57.45 15.68 -16.32
CA ALA Y 743 -56.33 14.86 -15.90
C ALA Y 743 -56.77 13.71 -15.02
N ARG Y 744 -58.07 13.52 -14.85
CA ARG Y 744 -58.63 12.39 -14.13
C ARG Y 744 -59.67 11.65 -14.94
N ASP Y 745 -60.46 12.36 -15.74
CA ASP Y 745 -61.56 11.75 -16.48
C ASP Y 745 -61.22 11.50 -17.94
N VAL Y 746 -59.99 11.80 -18.37
CA VAL Y 746 -59.47 11.37 -19.66
C VAL Y 746 -57.95 11.44 -19.60
N PRO Y 747 -57.31 10.48 -18.94
CA PRO Y 747 -55.90 10.64 -18.55
C PRO Y 747 -54.91 10.45 -19.69
N LEU Y 748 -55.33 10.03 -20.87
CA LEU Y 748 -54.36 9.68 -21.90
C LEU Y 748 -53.69 10.90 -22.52
N VAL Y 749 -54.36 12.04 -22.56
CA VAL Y 749 -53.92 13.17 -23.37
C VAL Y 749 -53.15 14.14 -22.49
N LYS Y 750 -52.28 14.91 -23.14
CA LYS Y 750 -51.50 15.92 -22.44
C LYS Y 750 -52.40 17.09 -22.08
N VAL Y 751 -51.85 18.01 -21.29
CA VAL Y 751 -52.51 19.28 -21.01
C VAL Y 751 -51.45 20.35 -20.82
N HIS Y 752 -51.64 21.46 -21.50
CA HIS Y 752 -50.70 22.57 -21.46
C HIS Y 752 -51.46 23.82 -21.04
N THR Y 753 -50.70 24.84 -20.66
CA THR Y 753 -51.27 26.06 -20.13
C THR Y 753 -50.60 27.24 -20.80
N ILE Y 754 -51.28 27.84 -21.77
CA ILE Y 754 -50.78 29.07 -22.34
C ILE Y 754 -50.97 30.17 -21.31
N MET Y 755 -49.90 30.56 -20.65
CA MET Y 755 -49.95 31.67 -19.70
C MET Y 755 -48.56 32.27 -19.59
N SER Y 756 -48.48 33.40 -18.91
CA SER Y 756 -47.19 34.04 -18.66
C SER Y 756 -46.56 33.47 -17.41
N SER Y 757 -45.24 33.32 -17.43
CA SER Y 757 -44.53 32.85 -16.25
C SER Y 757 -44.70 33.78 -15.06
N ARG Y 758 -45.31 34.94 -15.26
CA ARG Y 758 -45.55 35.88 -14.18
C ARG Y 758 -46.91 35.71 -13.55
N SER Y 759 -47.76 34.83 -14.07
CA SER Y 759 -49.07 34.64 -13.49
C SER Y 759 -48.95 33.96 -12.14
N ARG Y 760 -49.69 34.47 -11.16
CA ARG Y 760 -49.74 33.78 -9.87
C ARG Y 760 -50.45 32.44 -9.96
N ALA Y 761 -51.06 32.14 -11.10
CA ALA Y 761 -51.70 30.85 -11.33
C ALA Y 761 -50.76 29.84 -11.98
N ARG Y 762 -49.46 30.14 -12.06
CA ARG Y 762 -48.51 29.13 -12.49
C ARG Y 762 -48.24 28.11 -11.40
N ASN Y 763 -48.62 28.40 -10.17
CA ASN Y 763 -48.46 27.48 -9.04
C ASN Y 763 -49.76 27.54 -8.25
N PRO Y 764 -50.74 26.70 -8.57
CA PRO Y 764 -51.97 26.68 -7.80
C PRO Y 764 -51.84 25.99 -6.46
N GLN Y 765 -50.70 25.35 -6.19
CA GLN Y 765 -50.44 24.82 -4.86
C GLN Y 765 -50.03 25.92 -3.91
N HIS Y 766 -49.08 26.75 -4.33
CA HIS Y 766 -48.56 27.80 -3.46
C HIS Y 766 -49.62 28.87 -3.22
N ALA Y 767 -50.02 29.58 -4.26
CA ALA Y 767 -51.22 30.39 -4.17
C ALA Y 767 -52.44 29.47 -4.22
N LEU Y 768 -53.62 30.06 -4.08
CA LEU Y 768 -54.84 29.37 -4.47
C LEU Y 768 -55.12 28.06 -3.72
N ARG Y 769 -54.30 27.70 -2.76
CA ARG Y 769 -54.56 26.47 -2.02
C ARG Y 769 -55.66 26.71 -0.99
N GLY Y 770 -56.36 25.64 -0.64
CA GLY Y 770 -57.46 25.74 0.28
C GLY Y 770 -57.01 25.75 1.72
N GLU Y 771 -57.96 25.99 2.61
CA GLU Y 771 -57.70 25.87 4.03
C GLU Y 771 -57.15 24.48 4.33
N HIS Y 772 -56.15 24.41 5.19
CA HIS Y 772 -55.58 23.13 5.54
C HIS Y 772 -56.65 22.25 6.20
N SER Y 773 -56.61 20.96 5.90
CA SER Y 773 -57.56 20.05 6.48
C SER Y 773 -56.92 18.68 6.62
N PRO Y 774 -57.21 17.95 7.69
CA PRO Y 774 -56.59 16.64 7.88
C PRO Y 774 -57.09 15.59 6.91
N LEU Y 775 -58.32 15.72 6.39
CA LEU Y 775 -58.86 14.65 5.57
C LEU Y 775 -58.31 14.69 4.15
N THR Y 776 -57.96 15.87 3.65
CA THR Y 776 -57.46 16.00 2.29
C THR Y 776 -56.10 15.34 2.17
N SER Y 777 -55.96 14.47 1.19
CA SER Y 777 -54.76 13.68 1.00
C SER Y 777 -53.92 14.26 -0.13
N THR Y 778 -52.89 13.52 -0.54
CA THR Y 778 -52.20 13.78 -1.79
C THR Y 778 -52.79 12.99 -2.94
N ASP Y 779 -53.65 12.02 -2.65
CA ASP Y 779 -54.39 11.25 -3.64
C ASP Y 779 -55.69 11.95 -4.04
N ASP Y 780 -55.83 13.22 -3.67
CA ASP Y 780 -57.07 13.93 -3.94
C ASP Y 780 -57.39 14.01 -5.42
N LEU Y 781 -56.38 13.93 -6.29
CA LEU Y 781 -56.63 14.19 -7.70
C LEU Y 781 -57.37 13.03 -8.38
N TYR Y 782 -56.98 11.80 -8.10
CA TYR Y 782 -57.54 10.68 -8.84
C TYR Y 782 -58.74 10.05 -8.16
N ASN Y 783 -58.93 10.29 -6.87
CA ASN Y 783 -60.10 9.74 -6.19
C ASN Y 783 -61.37 10.29 -6.80
N LYS Y 784 -62.34 9.40 -7.01
CA LYS Y 784 -63.56 9.77 -7.72
C LYS Y 784 -64.54 10.54 -6.84
N SER Y 785 -64.37 10.49 -5.53
CA SER Y 785 -65.30 11.12 -4.61
C SER Y 785 -64.89 12.53 -4.21
N THR Y 786 -63.77 12.98 -4.63
CA THR Y 786 -63.36 14.28 -4.15
C THR Y 786 -63.64 15.35 -5.20
N PRO Y 787 -63.94 16.58 -4.77
CA PRO Y 787 -64.09 17.68 -5.73
C PRO Y 787 -62.78 17.95 -6.46
N LEU Y 788 -62.91 18.49 -7.66
CA LEU Y 788 -61.74 18.64 -8.52
C LEU Y 788 -60.77 19.71 -8.02
N LEU Y 789 -61.20 20.57 -7.10
CA LEU Y 789 -60.31 21.56 -6.53
C LEU Y 789 -59.67 21.11 -5.24
N GLN Y 790 -60.07 19.95 -4.71
CA GLN Y 790 -59.33 19.37 -3.60
C GLN Y 790 -57.89 19.09 -4.01
N ALA Y 791 -57.63 19.00 -5.30
CA ALA Y 791 -56.30 18.69 -5.80
C ALA Y 791 -55.38 19.90 -5.83
N LEU Y 792 -55.83 21.06 -5.37
CA LEU Y 792 -54.94 22.20 -5.27
C LEU Y 792 -54.02 22.10 -4.06
N ARG Y 793 -54.32 21.23 -3.11
CA ARG Y 793 -53.45 20.97 -1.98
C ARG Y 793 -52.37 19.95 -2.30
N SER Y 794 -52.00 19.81 -3.57
CA SER Y 794 -51.02 18.83 -4.00
C SER Y 794 -50.10 19.45 -5.04
N LYS Y 795 -48.84 19.02 -5.02
CA LYS Y 795 -47.93 19.32 -6.10
C LYS Y 795 -48.12 18.38 -7.28
N GLU Y 796 -49.07 17.45 -7.19
CA GLU Y 796 -49.30 16.50 -8.27
C GLU Y 796 -50.09 17.13 -9.40
N LEU Y 797 -51.10 17.92 -9.08
CA LEU Y 797 -51.86 18.59 -10.13
C LEU Y 797 -50.95 19.43 -11.02
N ARG Y 798 -50.05 20.19 -10.42
CA ARG Y 798 -49.05 20.91 -11.20
C ARG Y 798 -48.10 19.95 -11.91
N ALA Y 799 -47.98 18.72 -11.43
CA ALA Y 799 -47.05 17.78 -12.05
C ALA Y 799 -47.63 17.19 -13.33
N VAL Y 800 -48.90 16.84 -13.31
CA VAL Y 800 -49.53 16.22 -14.48
C VAL Y 800 -49.92 17.25 -15.54
N THR Y 801 -50.11 18.50 -15.16
CA THR Y 801 -50.40 19.58 -16.11
C THR Y 801 -49.10 20.28 -16.45
N HIS Y 802 -48.72 20.21 -17.72
CA HIS Y 802 -47.49 20.83 -18.15
C HIS Y 802 -47.73 22.30 -18.45
N HIS Y 803 -46.65 23.05 -18.49
CA HIS Y 803 -46.70 24.50 -18.67
C HIS Y 803 -45.59 24.92 -19.63
N PRO Y 804 -45.71 24.53 -20.89
CA PRO Y 804 -44.65 24.85 -21.84
C PRO Y 804 -44.79 26.26 -22.36
N VAL Y 805 -43.67 26.97 -22.40
CA VAL Y 805 -43.60 28.23 -23.13
C VAL Y 805 -43.51 27.86 -24.61
N VAL Y 806 -44.64 27.88 -25.30
CA VAL Y 806 -44.69 27.36 -26.66
C VAL Y 806 -43.66 28.06 -27.54
N GLN Y 807 -43.76 29.37 -27.68
CA GLN Y 807 -42.75 30.11 -28.42
C GLN Y 807 -42.85 31.60 -28.17
N ARG Y 808 -41.78 32.19 -27.62
CA ARG Y 808 -41.74 33.62 -27.42
C ARG Y 808 -41.46 34.31 -28.74
N PRO Y 809 -41.61 35.62 -28.80
CA PRO Y 809 -41.00 36.38 -29.89
C PRO Y 809 -39.50 36.19 -29.86
N VAL Y 810 -38.85 36.59 -30.96
CA VAL Y 810 -37.42 36.37 -31.09
C VAL Y 810 -36.68 37.10 -29.99
N ARG Y 811 -35.48 36.60 -29.67
CA ARG Y 811 -34.64 37.19 -28.64
C ARG Y 811 -33.80 38.34 -29.17
N ASP Y 812 -34.26 39.00 -30.22
CA ASP Y 812 -33.51 40.09 -30.81
C ASP Y 812 -33.45 41.27 -29.85
N PRO Y 813 -32.29 41.91 -29.73
CA PRO Y 813 -32.15 43.02 -28.79
C PRO Y 813 -32.82 44.27 -29.35
N PRO Y 814 -33.41 45.09 -28.48
CA PRO Y 814 -34.01 46.33 -28.96
C PRO Y 814 -32.94 47.37 -29.24
N GLN Y 815 -33.34 48.43 -29.92
CA GLN Y 815 -32.37 49.46 -30.29
C GLN Y 815 -31.93 50.22 -29.05
N THR Y 816 -30.84 49.78 -28.44
CA THR Y 816 -30.27 50.42 -27.26
C THR Y 816 -29.23 51.47 -27.62
N LEU Y 817 -29.02 51.73 -28.90
CA LEU Y 817 -28.11 52.77 -29.32
C LEU Y 817 -28.54 54.15 -28.82
N TYR Y 818 -29.81 54.32 -28.51
CA TYR Y 818 -30.35 55.60 -28.10
C TYR Y 818 -30.50 55.74 -26.59
N ASN Y 819 -30.06 54.75 -25.82
CA ASN Y 819 -30.13 54.82 -24.37
C ASN Y 819 -28.78 55.15 -23.79
N VAL Y 820 -28.76 55.48 -22.50
CA VAL Y 820 -27.49 55.83 -21.86
C VAL Y 820 -26.63 54.59 -21.78
N ASN Y 821 -25.32 54.76 -21.96
CA ASN Y 821 -24.39 53.65 -21.99
C ASN Y 821 -23.17 54.01 -21.15
N PRO Y 822 -22.93 53.34 -20.03
CA PRO Y 822 -21.73 53.64 -19.23
C PRO Y 822 -20.44 53.65 -20.03
N ILE Y 823 -20.40 53.01 -21.19
CA ILE Y 823 -19.22 53.03 -22.04
C ILE Y 823 -19.21 54.27 -22.91
N ARG Y 824 -20.33 54.61 -23.54
CA ARG Y 824 -20.39 55.80 -24.36
C ARG Y 824 -20.32 57.06 -23.53
N ALA Y 825 -20.78 57.01 -22.28
CA ALA Y 825 -20.79 58.19 -21.42
C ALA Y 825 -19.42 58.86 -21.36
N ARG Y 826 -18.35 58.07 -21.42
CA ARG Y 826 -17.00 58.62 -21.39
C ARG Y 826 -16.61 59.27 -22.70
N PHE Y 827 -17.53 59.40 -23.65
CA PHE Y 827 -17.19 59.94 -24.96
C PHE Y 827 -17.97 61.18 -25.31
N VAL Y 828 -18.91 61.61 -24.46
CA VAL Y 828 -19.66 62.82 -24.77
C VAL Y 828 -18.74 64.02 -24.85
N TYR Y 829 -17.78 64.13 -23.93
CA TYR Y 829 -16.91 65.29 -23.87
C TYR Y 829 -15.47 64.95 -24.21
N ARG Y 830 -15.20 63.72 -24.64
CA ARG Y 830 -13.84 63.30 -24.93
C ARG Y 830 -13.28 64.12 -26.09
N ARG Y 831 -12.20 64.84 -25.82
CA ARG Y 831 -11.55 65.62 -26.86
C ARG Y 831 -11.19 64.72 -28.04
N ASP Y 832 -11.52 65.18 -29.25
CA ASP Y 832 -11.42 64.32 -30.42
C ASP Y 832 -10.88 65.06 -31.62
N LYS Y 833 -10.03 66.07 -31.41
CA LYS Y 833 -9.61 66.92 -32.52
C LYS Y 833 -8.93 66.11 -33.62
N ALA Y 834 -7.98 65.25 -33.25
CA ALA Y 834 -7.22 64.49 -34.22
C ALA Y 834 -8.03 63.35 -34.83
N LEU Y 835 -9.34 63.33 -34.65
CA LEU Y 835 -10.13 62.24 -35.22
C LEU Y 835 -10.65 62.61 -36.60
N PHE Y 836 -11.19 63.81 -36.75
CA PHE Y 836 -11.68 64.26 -38.04
C PHE Y 836 -10.63 65.13 -38.70
N ASP Y 837 -10.77 65.30 -40.02
CA ASP Y 837 -9.84 66.15 -40.75
C ASP Y 837 -10.55 67.34 -41.41
N LYS Y 838 -11.58 67.10 -42.21
CA LYS Y 838 -12.17 68.18 -42.97
C LYS Y 838 -13.51 68.64 -42.40
N TYR Y 839 -14.36 67.71 -41.99
CA TYR Y 839 -15.71 68.02 -41.55
C TYR Y 839 -15.70 68.04 -40.02
N HIS Y 840 -15.23 69.17 -39.49
CA HIS Y 840 -15.25 69.39 -38.05
C HIS Y 840 -16.58 70.03 -37.65
N VAL Y 841 -17.16 69.53 -36.57
CA VAL Y 841 -18.37 70.10 -36.01
C VAL Y 841 -18.03 70.68 -34.63
N THR Y 842 -19.00 71.37 -34.04
CA THR Y 842 -18.79 72.06 -32.78
C THR Y 842 -18.52 71.09 -31.65
N ALA Y 843 -19.38 70.09 -31.49
CA ALA Y 843 -19.19 69.03 -30.50
C ALA Y 843 -20.01 67.84 -30.99
N ARG Y 844 -19.34 66.87 -31.61
CA ARG Y 844 -20.05 65.82 -32.32
C ARG Y 844 -20.88 64.97 -31.38
N ASN Y 845 -20.29 64.53 -30.28
CA ASN Y 845 -20.96 63.55 -29.42
C ASN Y 845 -22.14 64.17 -28.68
N LEU Y 846 -21.97 65.37 -28.15
CA LEU Y 846 -22.91 65.96 -27.21
C LEU Y 846 -24.20 66.31 -27.93
N ALA Y 847 -25.23 65.51 -27.70
CA ALA Y 847 -26.58 65.89 -28.08
C ALA Y 847 -27.05 66.98 -27.13
N PRO Y 848 -27.24 68.22 -27.58
CA PRO Y 848 -27.58 69.30 -26.65
C PRO Y 848 -28.99 69.13 -26.10
N GLY Y 849 -29.12 69.29 -24.78
CA GLY Y 849 -30.38 69.17 -24.11
C GLY Y 849 -30.68 67.81 -23.53
N PHE Y 850 -30.05 66.76 -24.05
CA PHE Y 850 -30.24 65.41 -23.58
C PHE Y 850 -29.23 65.08 -22.49
N SER Y 851 -29.42 63.92 -21.87
CA SER Y 851 -28.50 63.47 -20.83
C SER Y 851 -27.50 62.50 -21.44
N GLN Y 852 -26.27 62.96 -21.65
CA GLN Y 852 -25.17 62.13 -22.13
C GLN Y 852 -25.40 61.63 -23.55
N GLY Y 853 -25.90 62.51 -24.41
CA GLY Y 853 -26.11 62.15 -25.81
C GLY Y 853 -27.09 61.03 -26.03
N ALA Y 854 -27.94 60.74 -25.04
CA ALA Y 854 -28.86 59.62 -25.09
C ALA Y 854 -30.20 60.11 -25.63
N LEU Y 855 -30.44 59.90 -26.92
CA LEU Y 855 -31.65 60.39 -27.55
C LEU Y 855 -32.92 59.81 -26.96
N ASN Y 856 -32.83 58.81 -26.10
CA ASN Y 856 -34.02 58.33 -25.43
C ASN Y 856 -34.24 59.00 -24.08
N SER Y 857 -33.17 59.40 -23.41
CA SER Y 857 -33.27 60.10 -22.14
C SER Y 857 -33.35 61.58 -22.44
N ASP Y 858 -34.55 62.07 -22.68
CA ASP Y 858 -34.78 63.45 -23.03
C ASP Y 858 -35.07 64.26 -21.78
N LEU Y 859 -34.51 65.46 -21.72
CA LEU Y 859 -34.66 66.32 -20.55
C LEU Y 859 -34.99 67.77 -20.87
N ARG Y 860 -34.85 68.21 -22.10
CA ARG Y 860 -34.96 69.63 -22.38
C ARG Y 860 -36.41 70.11 -22.26
N ALA Y 861 -36.54 71.36 -21.84
CA ALA Y 861 -37.79 72.06 -21.53
C ALA Y 861 -38.48 71.48 -20.31
N LEU Y 862 -37.96 70.43 -19.71
CA LEU Y 862 -38.43 70.02 -18.41
C LEU Y 862 -37.76 70.87 -17.35
N GLY Y 863 -38.46 71.06 -16.25
CA GLY Y 863 -37.95 71.99 -15.27
C GLY Y 863 -36.72 71.53 -14.55
N PHE Y 864 -35.59 72.13 -14.88
CA PHE Y 864 -34.35 71.99 -14.13
C PHE Y 864 -33.90 73.36 -13.70
N TYR Y 865 -32.70 73.43 -13.15
CA TYR Y 865 -32.08 74.70 -12.84
C TYR Y 865 -30.59 74.61 -13.15
N THR Y 866 -30.13 75.49 -14.02
CA THR Y 866 -28.71 75.68 -14.29
C THR Y 866 -28.51 77.12 -14.72
N PRO Y 867 -28.35 78.06 -13.78
CA PRO Y 867 -28.33 79.47 -14.14
C PRO Y 867 -27.10 79.90 -14.90
N ASP Y 868 -26.21 78.97 -15.24
CA ASP Y 868 -24.94 79.34 -15.84
C ASP Y 868 -24.57 78.43 -16.99
N HIS Y 869 -25.50 77.61 -17.47
CA HIS Y 869 -25.26 76.71 -18.59
C HIS Y 869 -26.46 76.78 -19.51
N PRO Y 870 -26.24 76.74 -20.82
CA PRO Y 870 -27.35 76.94 -21.75
C PRO Y 870 -28.26 75.74 -21.79
N GLN Y 871 -29.43 75.95 -22.39
CA GLN Y 871 -30.35 74.83 -22.60
C GLN Y 871 -31.27 75.17 -23.76
N VAL Y 872 -31.53 74.17 -24.58
CA VAL Y 872 -32.35 74.36 -25.77
C VAL Y 872 -33.79 74.03 -25.40
N PRO Y 873 -34.77 74.59 -26.10
CA PRO Y 873 -36.16 74.27 -25.79
C PRO Y 873 -36.61 72.99 -26.46
N TYR Y 874 -37.81 72.54 -26.08
CA TYR Y 874 -38.29 71.24 -26.50
C TYR Y 874 -38.63 71.22 -27.98
N THR Y 875 -38.29 70.10 -28.62
CA THR Y 875 -38.75 69.75 -29.94
C THR Y 875 -38.94 68.24 -29.93
N PRO Y 876 -39.91 67.73 -30.68
CA PRO Y 876 -40.01 66.28 -30.85
C PRO Y 876 -38.80 65.73 -31.60
N LEU Y 877 -38.83 64.43 -31.87
CA LEU Y 877 -37.70 63.79 -32.54
C LEU Y 877 -38.04 63.32 -33.96
N TYR Z 11 4.89 6.42 -15.95
CA TYR Z 11 4.84 5.91 -17.31
C TYR Z 11 3.51 5.24 -17.61
N GLN Z 12 3.07 5.37 -18.85
CA GLN Z 12 2.02 4.52 -19.40
C GLN Z 12 0.75 4.57 -18.54
N ARG Z 13 0.13 5.74 -18.54
CA ARG Z 13 -1.05 5.96 -17.71
C ARG Z 13 -2.35 5.62 -18.42
N GLY Z 14 -2.42 5.78 -19.73
CA GLY Z 14 -3.67 5.56 -20.43
C GLY Z 14 -3.85 4.16 -21.00
N SER Z 15 -3.93 4.06 -22.31
CA SER Z 15 -3.99 2.78 -23.00
C SER Z 15 -2.78 2.65 -23.92
N TRP Z 16 -2.70 1.54 -24.64
CA TRP Z 16 -1.53 1.23 -25.43
C TRP Z 16 -1.66 1.57 -26.90
N ALA Z 17 -2.83 1.97 -27.36
CA ALA Z 17 -2.99 2.33 -28.75
C ALA Z 17 -2.34 3.68 -29.02
N PRO Z 18 -1.99 3.97 -30.27
CA PRO Z 18 -1.41 5.28 -30.57
C PRO Z 18 -2.40 6.42 -30.47
N GLY Z 19 -3.69 6.16 -30.55
CA GLY Z 19 -4.65 7.22 -30.42
C GLY Z 19 -5.23 7.31 -29.03
N SER Z 20 -4.42 7.02 -28.03
CA SER Z 20 -4.94 6.89 -26.67
C SER Z 20 -5.16 8.28 -26.07
N LYS Z 21 -5.43 8.34 -24.77
CA LYS Z 21 -5.90 9.57 -24.14
C LYS Z 21 -4.92 10.15 -23.13
N HIS Z 22 -4.32 9.33 -22.27
CA HIS Z 22 -3.47 9.88 -21.22
C HIS Z 22 -2.02 9.90 -21.67
N GLN Z 23 -1.10 10.10 -20.73
CA GLN Z 23 0.31 10.21 -21.06
C GLN Z 23 0.91 8.85 -21.39
N LYS Z 24 2.14 8.86 -21.87
CA LYS Z 24 2.86 7.64 -22.21
C LYS Z 24 4.35 7.87 -22.00
N HIS Z 25 5.15 6.86 -22.28
CA HIS Z 25 6.59 6.98 -22.24
C HIS Z 25 7.20 6.27 -23.44
N MET Z 26 8.38 6.74 -23.84
CA MET Z 26 9.01 6.15 -25.00
C MET Z 26 9.79 4.89 -24.67
N SER Z 27 9.99 4.57 -23.40
CA SER Z 27 10.62 3.29 -23.07
C SER Z 27 9.60 2.16 -23.12
N LEU Z 28 8.57 2.25 -22.28
CA LEU Z 28 7.56 1.19 -22.22
C LEU Z 28 6.82 1.07 -23.54
N ASN Z 29 6.32 2.18 -24.07
CA ASN Z 29 5.47 2.20 -25.25
C ASN Z 29 6.11 3.08 -26.31
N PRO Z 30 7.20 2.61 -26.93
CA PRO Z 30 7.94 3.45 -27.87
C PRO Z 30 7.09 3.74 -29.10
N THR Z 31 6.83 5.01 -29.34
CA THR Z 31 6.03 5.39 -30.48
C THR Z 31 6.91 5.58 -31.71
N MET Z 32 6.32 5.39 -32.87
CA MET Z 32 6.82 6.04 -34.07
C MET Z 32 6.21 7.43 -34.12
N TYR Z 33 7.03 8.42 -34.46
CA TYR Z 33 6.54 9.80 -34.43
C TYR Z 33 5.55 9.99 -35.56
N LEU Z 34 4.26 9.90 -35.23
CA LEU Z 34 3.19 10.08 -36.20
C LEU Z 34 2.63 11.48 -36.02
N TYR Z 35 2.83 12.34 -36.99
CA TYR Z 35 2.38 13.72 -36.84
C TYR Z 35 0.89 13.76 -36.57
N ARG Z 36 0.08 13.42 -37.57
CA ARG Z 36 -1.36 13.53 -37.43
C ARG Z 36 -2.00 12.36 -38.15
N PHE Z 37 -2.63 11.47 -37.40
CA PHE Z 37 -3.34 10.34 -37.96
C PHE Z 37 -4.82 10.45 -37.61
N ALA Z 38 -5.60 9.50 -38.11
CA ALA Z 38 -7.03 9.53 -37.93
C ALA Z 38 -7.42 8.94 -36.58
N GLY Z 39 -8.38 9.57 -35.93
CA GLY Z 39 -8.83 9.10 -34.64
C GLY Z 39 -9.72 7.89 -34.78
N PRO Z 40 -10.25 7.40 -33.65
CA PRO Z 40 -11.09 6.19 -33.70
C PRO Z 40 -12.44 6.43 -34.32
N HIS Z 41 -12.85 7.68 -34.50
CA HIS Z 41 -14.18 8.00 -35.00
C HIS Z 41 -14.17 8.53 -36.43
N GLY Z 42 -13.03 8.47 -37.10
CA GLY Z 42 -12.97 8.82 -38.49
C GLY Z 42 -12.08 10.01 -38.77
N PRO Z 43 -11.77 10.22 -40.05
CA PRO Z 43 -10.88 11.33 -40.44
C PRO Z 43 -11.62 12.66 -40.31
N GLY Z 44 -11.23 13.46 -39.32
CA GLY Z 44 -11.79 14.76 -39.17
C GLY Z 44 -11.35 15.67 -40.30
N PRO Z 45 -11.80 16.93 -40.26
CA PRO Z 45 -11.48 17.87 -41.33
C PRO Z 45 -10.05 18.40 -41.28
N TYR Z 46 -9.21 17.86 -40.40
CA TYR Z 46 -7.82 18.28 -40.32
C TYR Z 46 -6.89 17.32 -41.04
N VAL Z 47 -7.14 16.02 -40.94
CA VAL Z 47 -6.37 15.04 -41.70
C VAL Z 47 -6.90 14.84 -43.10
N MET Z 48 -7.95 15.55 -43.50
CA MET Z 48 -8.38 15.53 -44.88
C MET Z 48 -7.86 16.71 -45.68
N LYS Z 49 -7.46 17.80 -45.01
CA LYS Z 49 -6.74 18.87 -45.70
C LYS Z 49 -5.52 18.33 -46.41
N TYR Z 50 -4.97 17.22 -45.94
CA TYR Z 50 -3.94 16.53 -46.69
C TYR Z 50 -4.54 15.61 -47.74
N TRP Z 51 -5.58 14.87 -47.35
CA TRP Z 51 -6.15 13.87 -48.24
C TRP Z 51 -6.60 14.47 -49.56
N TRP Z 52 -6.78 15.78 -49.63
CA TRP Z 52 -7.10 16.44 -50.88
C TRP Z 52 -5.96 17.31 -51.40
N THR Z 53 -4.91 17.51 -50.63
CA THR Z 53 -3.72 18.20 -51.13
C THR Z 53 -2.50 17.30 -51.12
N LEU Z 54 -2.06 16.81 -49.97
CA LEU Z 54 -0.89 15.96 -49.93
C LEU Z 54 -1.12 14.68 -50.70
N GLY Z 55 -2.34 14.15 -50.65
CA GLY Z 55 -2.65 12.92 -51.35
C GLY Z 55 -2.90 11.79 -50.38
N CYS Z 56 -2.08 11.72 -49.34
CA CYS Z 56 -2.23 10.70 -48.31
C CYS Z 56 -2.08 11.37 -46.97
N PHE Z 57 -2.53 10.68 -45.93
CA PHE Z 57 -2.44 11.23 -44.60
C PHE Z 57 -0.98 11.51 -44.26
N PRO Z 58 -0.70 12.57 -43.50
CA PRO Z 58 0.67 13.11 -43.43
C PRO Z 58 1.65 12.22 -42.69
N THR Z 59 1.19 11.17 -42.00
CA THR Z 59 2.12 10.28 -41.32
C THR Z 59 2.88 9.39 -42.28
N GLY Z 60 2.37 9.21 -43.50
CA GLY Z 60 2.98 8.31 -44.46
C GLY Z 60 2.64 6.85 -44.26
N ILE Z 61 2.21 6.45 -43.07
CA ILE Z 61 1.96 5.04 -42.81
C ILE Z 61 0.65 4.57 -43.44
N GLU Z 62 -0.38 5.41 -43.41
CA GLU Z 62 -1.64 5.02 -44.01
C GLU Z 62 -1.53 5.03 -45.53
N ARG Z 63 -2.41 4.27 -46.17
CA ARG Z 63 -2.37 4.03 -47.60
C ARG Z 63 -3.56 4.65 -48.29
N PRO Z 64 -3.37 5.38 -49.38
CA PRO Z 64 -4.42 6.20 -50.00
C PRO Z 64 -5.39 5.45 -50.92
N PHE Z 65 -6.43 4.87 -50.31
CA PHE Z 65 -7.49 4.20 -51.06
C PHE Z 65 -8.34 5.27 -51.71
N ARG Z 66 -7.89 5.72 -52.88
CA ARG Z 66 -8.62 6.71 -53.68
C ARG Z 66 -9.59 6.08 -54.65
N LEU Z 67 -10.10 4.88 -54.34
CA LEU Z 67 -10.95 4.20 -55.32
C LEU Z 67 -12.33 4.84 -55.43
N PRO Z 68 -13.17 4.86 -54.38
CA PRO Z 68 -14.57 5.22 -54.58
C PRO Z 68 -14.78 6.62 -55.11
N GLU Z 69 -13.74 7.46 -55.08
CA GLU Z 69 -13.81 8.71 -55.82
C GLU Z 69 -13.63 8.45 -57.31
N PHE Z 70 -12.75 7.51 -57.67
CA PHE Z 70 -12.59 7.17 -59.08
C PHE Z 70 -13.85 6.56 -59.65
N LEU Z 71 -14.59 5.79 -58.86
CA LEU Z 71 -15.90 5.35 -59.29
C LEU Z 71 -16.95 6.43 -59.13
N ALA Z 72 -16.57 7.59 -58.60
CA ALA Z 72 -17.48 8.73 -58.55
C ALA Z 72 -17.32 9.61 -59.77
N SER Z 73 -16.08 9.94 -60.15
CA SER Z 73 -15.86 10.87 -61.25
C SER Z 73 -15.65 10.15 -62.58
N TYR Z 74 -14.56 9.38 -62.69
CA TYR Z 74 -14.12 8.91 -64.00
C TYR Z 74 -15.05 7.82 -64.55
N GLN Z 75 -15.14 6.69 -63.84
CA GLN Z 75 -15.96 5.60 -64.34
C GLN Z 75 -17.38 6.06 -64.63
N GLN Z 76 -17.79 7.17 -64.02
CA GLN Z 76 -19.04 7.79 -64.42
C GLN Z 76 -18.88 8.58 -65.72
N GLN Z 77 -17.82 9.37 -65.83
CA GLN Z 77 -17.61 10.16 -67.04
C GLN Z 77 -16.74 9.42 -68.06
N HIS Z 78 -17.13 8.19 -68.39
CA HIS Z 78 -16.50 7.43 -69.47
C HIS Z 78 -17.54 7.12 -70.53
N VAL Z 79 -17.31 7.59 -71.73
CA VAL Z 79 -18.09 7.22 -72.91
C VAL Z 79 -17.11 6.98 -74.05
N PRO Z 80 -16.98 5.76 -74.55
CA PRO Z 80 -16.01 5.51 -75.62
C PRO Z 80 -16.34 6.30 -76.88
N ILE Z 81 -15.34 6.40 -77.76
CA ILE Z 81 -15.45 7.24 -78.95
C ILE Z 81 -16.67 6.90 -79.77
N GLU Z 82 -16.94 5.60 -79.96
CA GLU Z 82 -18.06 5.16 -80.79
C GLU Z 82 -19.41 5.37 -80.12
N VAL Z 83 -19.45 5.96 -78.94
CA VAL Z 83 -20.71 6.34 -78.31
C VAL Z 83 -20.81 7.85 -78.14
N GLU Z 84 -19.69 8.58 -78.15
CA GLU Z 84 -19.73 10.02 -77.94
C GLU Z 84 -20.56 10.72 -79.00
N GLU Z 85 -20.21 10.51 -80.27
CA GLU Z 85 -20.80 11.28 -81.36
C GLU Z 85 -22.29 11.00 -81.56
N TRP Z 86 -22.80 9.91 -81.02
CA TRP Z 86 -24.18 9.52 -81.25
C TRP Z 86 -25.12 9.94 -80.13
N LEU Z 87 -24.61 10.26 -78.94
CA LEU Z 87 -25.48 10.53 -77.81
C LEU Z 87 -26.33 11.77 -78.05
N GLN Z 88 -25.70 12.88 -78.44
CA GLN Z 88 -26.45 14.11 -78.68
C GLN Z 88 -27.58 13.93 -79.67
N CYS Z 89 -27.48 12.92 -80.54
CA CYS Z 89 -28.61 12.57 -81.40
C CYS Z 89 -29.73 11.91 -80.62
N PHE Z 90 -29.53 11.65 -79.33
CA PHE Z 90 -30.54 10.98 -78.51
C PHE Z 90 -31.06 11.84 -77.37
N VAL Z 91 -30.68 13.12 -77.31
CA VAL Z 91 -31.28 13.98 -76.30
C VAL Z 91 -32.76 14.12 -76.59
N LYS Z 92 -33.49 14.58 -75.59
CA LYS Z 92 -34.93 14.70 -75.75
C LYS Z 92 -35.25 15.90 -76.63
N ASN Z 93 -36.53 16.03 -76.98
CA ASN Z 93 -36.94 17.20 -77.73
C ASN Z 93 -37.50 18.22 -76.76
N PRO Z 94 -36.68 19.18 -76.30
CA PRO Z 94 -37.12 20.06 -75.21
C PRO Z 94 -38.38 20.84 -75.55
N TYR Z 95 -38.78 20.88 -76.81
CA TYR Z 95 -40.11 21.37 -77.14
C TYR Z 95 -41.18 20.48 -76.52
N GLU Z 96 -40.85 19.22 -76.26
CA GLU Z 96 -41.83 18.33 -75.62
C GLU Z 96 -41.87 18.55 -74.12
N GLU Z 97 -40.72 18.51 -73.46
CA GLU Z 97 -40.71 18.81 -72.03
C GLU Z 97 -41.00 20.25 -71.76
N LEU Z 98 -41.23 21.03 -72.81
CA LEU Z 98 -41.85 22.34 -72.70
C LEU Z 98 -43.36 22.29 -72.90
N LYS Z 99 -43.84 21.37 -73.73
CA LYS Z 99 -45.26 21.16 -73.91
C LYS Z 99 -45.82 20.07 -73.03
N ASP Z 100 -44.95 19.33 -72.32
CA ASP Z 100 -45.39 18.33 -71.36
C ASP Z 100 -45.28 18.84 -69.93
N ALA Z 101 -44.16 19.46 -69.57
CA ALA Z 101 -44.02 20.00 -68.23
C ALA Z 101 -45.01 21.13 -68.00
N THR Z 102 -45.13 22.06 -68.96
CA THR Z 102 -46.07 23.15 -68.84
C THR Z 102 -47.49 22.64 -68.63
N SER Z 103 -47.83 21.47 -69.18
CA SER Z 103 -49.14 20.90 -68.90
C SER Z 103 -49.18 20.26 -67.52
N SER Z 104 -48.08 19.65 -67.08
CA SER Z 104 -48.02 19.07 -65.75
C SER Z 104 -47.88 20.15 -64.70
N LEU Z 105 -47.05 21.17 -64.98
CA LEU Z 105 -46.90 22.29 -64.07
C LEU Z 105 -48.26 22.91 -63.77
N LEU Z 106 -49.08 23.08 -64.80
CA LEU Z 106 -50.46 23.51 -64.59
C LEU Z 106 -51.25 22.46 -63.83
N LYS Z 107 -50.98 21.18 -64.08
CA LYS Z 107 -51.76 20.12 -63.45
C LYS Z 107 -51.60 20.11 -61.94
N CYS Z 108 -50.59 20.80 -61.41
CA CYS Z 108 -50.42 21.00 -59.98
C CYS Z 108 -50.79 22.39 -59.53
N LEU Z 109 -50.46 23.41 -60.34
CA LEU Z 109 -50.83 24.78 -60.02
C LEU Z 109 -52.32 24.95 -59.86
N GLU Z 110 -53.12 24.08 -60.46
CA GLU Z 110 -54.55 24.12 -60.23
C GLU Z 110 -54.91 23.55 -58.87
N GLU Z 111 -54.10 22.65 -58.33
CA GLU Z 111 -54.43 21.91 -57.12
C GLU Z 111 -53.83 22.52 -55.86
N VAL Z 112 -53.12 23.63 -55.97
CA VAL Z 112 -52.49 24.24 -54.80
C VAL Z 112 -53.54 25.04 -54.04
N PRO Z 113 -53.65 24.86 -52.72
CA PRO Z 113 -54.74 25.49 -51.97
C PRO Z 113 -54.69 27.00 -52.06
N ILE Z 114 -55.88 27.60 -52.05
CA ILE Z 114 -55.99 29.04 -51.87
C ILE Z 114 -55.53 29.39 -50.47
N ARG Z 115 -54.58 30.31 -50.37
CA ARG Z 115 -54.04 30.71 -49.08
C ARG Z 115 -55.15 31.09 -48.13
N GLU Z 116 -55.12 30.52 -46.93
CA GLU Z 116 -56.19 30.75 -45.96
C GLU Z 116 -56.30 32.23 -45.62
N ASN Z 117 -57.52 32.64 -45.26
CA ASN Z 117 -57.77 34.03 -44.84
C ASN Z 117 -58.54 33.99 -43.52
N THR Z 118 -57.81 33.85 -42.43
CA THR Z 118 -58.37 33.96 -41.09
C THR Z 118 -57.69 35.12 -40.40
N ARG Z 119 -58.48 36.03 -39.85
CA ARG Z 119 -57.92 37.24 -39.26
C ARG Z 119 -57.33 36.92 -37.88
N GLY Z 120 -56.61 37.91 -37.35
CA GLY Z 120 -55.91 37.77 -36.11
C GLY Z 120 -54.46 37.36 -36.28
N TYR Z 121 -54.16 36.62 -37.35
CA TYR Z 121 -52.81 36.14 -37.59
C TYR Z 121 -52.68 35.79 -39.06
N ARG Z 122 -51.54 36.14 -39.65
CA ARG Z 122 -51.29 35.78 -41.04
C ARG Z 122 -51.24 34.27 -41.19
N SER Z 123 -51.98 33.75 -42.16
CA SER Z 123 -51.92 32.33 -42.44
C SER Z 123 -50.63 31.99 -43.16
N ILE Z 124 -50.27 30.71 -43.13
CA ILE Z 124 -49.02 30.26 -43.69
C ILE Z 124 -49.25 29.85 -45.15
N GLU Z 125 -48.34 30.29 -46.02
CA GLU Z 125 -48.45 30.00 -47.44
C GLU Z 125 -48.36 28.50 -47.68
N SER Z 126 -49.05 28.05 -48.73
CA SER Z 126 -49.04 26.63 -49.07
C SER Z 126 -47.61 26.13 -49.27
N GLY Z 127 -47.43 24.83 -49.04
CA GLY Z 127 -46.15 24.19 -49.31
C GLY Z 127 -45.79 24.29 -50.78
N VAL Z 128 -44.59 23.83 -51.15
CA VAL Z 128 -44.10 24.00 -52.51
C VAL Z 128 -43.58 22.70 -53.11
N SER Z 129 -43.57 21.60 -52.36
CA SER Z 129 -43.08 20.34 -52.90
C SER Z 129 -43.97 19.80 -54.01
N SER Z 130 -45.20 20.30 -54.13
CA SER Z 130 -46.14 19.75 -55.11
C SER Z 130 -45.61 19.92 -56.53
N PHE Z 131 -45.21 21.13 -56.89
CA PHE Z 131 -44.84 21.45 -58.25
C PHE Z 131 -43.36 21.77 -58.40
N ALA Z 132 -42.56 21.57 -57.36
CA ALA Z 132 -41.14 21.88 -57.47
C ALA Z 132 -40.46 21.01 -58.52
N ALA Z 133 -40.99 19.81 -58.76
CA ALA Z 133 -40.39 18.87 -59.69
C ALA Z 133 -40.74 19.18 -61.14
N PRO Z 134 -42.00 19.47 -61.50
CA PRO Z 134 -42.26 19.87 -62.88
C PRO Z 134 -41.66 21.22 -63.23
N LEU Z 135 -41.80 22.20 -62.34
CA LEU Z 135 -41.18 23.50 -62.56
C LEU Z 135 -39.68 23.37 -62.78
N ALA Z 136 -39.05 22.44 -62.06
CA ALA Z 136 -37.62 22.18 -62.27
C ALA Z 136 -37.35 21.78 -63.72
N GLN Z 137 -38.36 21.25 -64.42
CA GLN Z 137 -38.16 20.86 -65.80
C GLN Z 137 -38.40 22.03 -66.75
N PHE Z 138 -39.47 22.80 -66.52
CA PHE Z 138 -39.81 23.93 -67.37
C PHE Z 138 -38.62 24.87 -67.55
N GLU Z 139 -38.12 25.41 -66.43
CA GLU Z 139 -37.05 26.40 -66.51
C GLU Z 139 -35.75 25.79 -67.01
N ARG Z 140 -35.47 24.56 -66.60
CA ARG Z 140 -34.18 23.95 -66.90
C ARG Z 140 -33.94 23.88 -68.40
N GLN Z 141 -35.00 23.74 -69.18
CA GLN Z 141 -34.87 23.83 -70.63
C GLN Z 141 -34.79 25.27 -71.08
N LEU Z 142 -35.47 26.19 -70.39
CA LEU Z 142 -35.44 27.59 -70.78
C LEU Z 142 -34.20 28.31 -70.30
N ASN Z 143 -33.53 27.77 -69.26
CA ASN Z 143 -32.35 28.33 -68.63
C ASN Z 143 -32.63 29.65 -67.92
N VAL Z 144 -33.83 29.83 -67.40
CA VAL Z 144 -34.19 30.99 -66.58
C VAL Z 144 -34.74 30.44 -65.27
N ARG Z 145 -33.88 30.32 -64.26
CA ARG Z 145 -34.22 29.63 -63.03
C ARG Z 145 -35.09 30.53 -62.16
N VAL Z 146 -36.26 30.04 -61.79
CA VAL Z 146 -37.20 30.83 -61.01
C VAL Z 146 -37.20 30.35 -59.56
N PRO Z 147 -37.29 31.26 -58.59
CA PRO Z 147 -37.37 30.82 -57.19
C PRO Z 147 -38.80 30.39 -56.86
N SER Z 148 -38.93 29.21 -56.26
CA SER Z 148 -40.24 28.67 -55.96
C SER Z 148 -41.11 29.63 -55.16
N LEU Z 149 -40.49 30.54 -54.40
CA LEU Z 149 -41.27 31.51 -53.64
C LEU Z 149 -42.13 32.36 -54.56
N ALA Z 150 -41.55 32.82 -55.67
CA ALA Z 150 -42.32 33.53 -56.68
C ALA Z 150 -43.59 32.77 -57.03
N VAL Z 151 -43.44 31.48 -57.31
CA VAL Z 151 -44.61 30.66 -57.63
C VAL Z 151 -45.21 30.01 -56.40
N ARG Z 152 -44.82 30.44 -55.19
CA ARG Z 152 -45.52 29.98 -53.98
C ARG Z 152 -46.29 31.11 -53.31
N ALA Z 153 -45.82 32.34 -53.44
CA ALA Z 153 -46.60 33.48 -52.98
C ALA Z 153 -47.63 33.92 -54.02
N ALA Z 154 -47.32 33.71 -55.30
CA ALA Z 154 -48.30 33.98 -56.34
C ALA Z 154 -49.58 33.19 -56.10
N LEU Z 155 -49.44 31.88 -55.91
CA LEU Z 155 -50.59 31.06 -55.56
C LEU Z 155 -51.25 31.53 -54.27
N GLY Z 156 -50.55 32.31 -53.44
CA GLY Z 156 -51.13 32.76 -52.20
C GLY Z 156 -51.88 34.07 -52.34
N SER Z 157 -51.30 35.00 -53.09
CA SER Z 157 -51.88 36.33 -53.21
C SER Z 157 -53.25 36.26 -53.87
N PRO Z 158 -54.25 36.94 -53.30
CA PRO Z 158 -55.60 36.89 -53.88
C PRO Z 158 -55.71 37.58 -55.23
N ALA Z 159 -54.76 38.40 -55.60
CA ALA Z 159 -54.79 39.08 -56.89
C ALA Z 159 -54.03 38.34 -57.96
N LEU Z 160 -53.08 37.48 -57.59
CA LEU Z 160 -52.20 36.85 -58.55
C LEU Z 160 -52.43 35.36 -58.71
N ARG Z 161 -53.15 34.72 -57.77
CA ARG Z 161 -53.34 33.27 -57.85
C ARG Z 161 -54.07 32.89 -59.12
N GLU Z 162 -54.90 33.78 -59.66
CA GLU Z 162 -55.64 33.50 -60.88
C GLU Z 162 -54.98 34.07 -62.13
N ARG Z 163 -54.47 35.29 -62.06
CA ARG Z 163 -53.76 35.83 -63.22
C ARG Z 163 -52.58 34.96 -63.60
N LEU Z 164 -51.83 34.47 -62.61
CA LEU Z 164 -50.65 33.66 -62.91
C LEU Z 164 -51.04 32.33 -63.53
N LYS Z 165 -51.92 31.59 -62.85
CA LYS Z 165 -52.30 30.27 -63.35
C LYS Z 165 -52.88 30.37 -64.76
N ASP Z 166 -53.71 31.38 -65.01
CA ASP Z 166 -54.35 31.49 -66.32
C ASP Z 166 -53.37 31.99 -67.38
N ASP Z 167 -52.37 32.77 -66.98
CA ASP Z 167 -51.31 33.14 -67.93
C ASP Z 167 -50.45 31.94 -68.31
N LEU Z 168 -50.55 30.85 -67.56
CA LEU Z 168 -49.90 29.60 -67.93
C LEU Z 168 -50.80 28.77 -68.84
N PHE Z 169 -52.09 28.69 -68.52
CA PHE Z 169 -53.04 28.02 -69.40
C PHE Z 169 -53.05 28.64 -70.78
N GLU Z 170 -52.86 29.95 -70.88
CA GLU Z 170 -52.92 30.62 -72.17
C GLU Z 170 -51.60 30.47 -72.93
N TYR Z 171 -50.47 30.55 -72.24
CA TYR Z 171 -49.20 30.32 -72.91
C TYR Z 171 -49.05 28.85 -73.29
N ASN Z 172 -49.53 27.95 -72.44
CA ASN Z 172 -49.59 26.54 -72.83
C ASN Z 172 -50.42 26.38 -74.09
N GLU Z 173 -51.51 27.14 -74.21
CA GLU Z 173 -52.27 27.14 -75.44
C GLU Z 173 -51.43 27.66 -76.59
N SER Z 174 -50.76 28.80 -76.40
CA SER Z 174 -49.89 29.38 -77.41
C SER Z 174 -48.52 28.73 -77.44
N LEU Z 175 -48.37 27.53 -76.90
CA LEU Z 175 -47.23 26.68 -77.17
C LEU Z 175 -47.63 25.35 -77.79
N SER Z 176 -48.83 24.87 -77.50
CA SER Z 176 -49.37 23.70 -78.17
C SER Z 176 -50.16 24.07 -79.42
N ALA Z 177 -50.21 25.36 -79.77
CA ALA Z 177 -50.75 25.80 -81.05
C ALA Z 177 -49.64 26.19 -82.01
N CYS Z 178 -48.75 27.09 -81.59
CA CYS Z 178 -47.55 27.41 -82.33
C CYS Z 178 -46.42 26.49 -81.87
N GLY Z 179 -45.17 26.86 -82.15
CA GLY Z 179 -44.02 26.12 -81.68
C GLY Z 179 -43.11 26.96 -80.81
N SER Z 180 -42.10 26.31 -80.24
CA SER Z 180 -41.17 27.02 -79.38
C SER Z 180 -40.28 27.92 -80.23
N THR Z 181 -40.70 29.17 -80.36
CA THR Z 181 -40.05 30.12 -81.24
C THR Z 181 -38.65 30.56 -80.81
N PRO Z 182 -38.31 30.61 -79.52
CA PRO Z 182 -36.90 30.87 -79.18
C PRO Z 182 -35.99 29.69 -79.47
N HIS Z 183 -36.56 28.53 -79.82
CA HIS Z 183 -35.76 27.39 -80.24
C HIS Z 183 -35.39 27.56 -81.70
N ARG Z 184 -36.40 27.63 -82.58
CA ARG Z 184 -36.16 27.79 -84.01
C ARG Z 184 -35.19 28.92 -84.28
N ARG Z 185 -35.24 29.97 -83.46
CA ARG Z 185 -34.27 31.05 -83.58
C ARG Z 185 -32.84 30.51 -83.52
N LEU Z 186 -32.60 29.49 -82.70
CA LEU Z 186 -31.31 28.82 -82.72
C LEU Z 186 -31.20 27.83 -83.86
N ALA Z 187 -32.32 27.27 -84.32
CA ALA Z 187 -32.29 26.33 -85.43
C ALA Z 187 -32.22 27.04 -86.77
N ARG Z 188 -32.85 28.20 -86.90
CA ARG Z 188 -32.79 28.94 -88.16
C ARG Z 188 -31.39 29.44 -88.44
N LEU Z 189 -30.60 29.69 -87.39
CA LEU Z 189 -29.16 29.88 -87.59
C LEU Z 189 -28.56 28.71 -88.35
N ALA Z 190 -28.87 27.50 -87.91
CA ALA Z 190 -28.45 26.26 -88.57
C ALA Z 190 -29.31 25.93 -89.76
N PHE Z 191 -30.16 26.86 -90.20
CA PHE Z 191 -31.07 26.66 -91.32
C PHE Z 191 -30.99 27.76 -92.37
N ASP Z 192 -30.80 29.02 -91.96
CA ASP Z 192 -30.72 30.15 -92.88
C ASP Z 192 -29.31 30.22 -93.49
N GLU Z 193 -29.00 31.36 -94.12
CA GLU Z 193 -27.75 31.53 -94.85
C GLU Z 193 -27.64 30.38 -95.85
N PRO Z 194 -28.38 30.45 -96.97
CA PRO Z 194 -28.84 29.24 -97.67
C PRO Z 194 -27.89 28.05 -97.68
N LEU Z 195 -28.43 26.92 -97.25
CA LEU Z 195 -27.74 25.66 -97.07
C LEU Z 195 -28.79 24.57 -96.97
N THR Z 196 -28.51 23.42 -97.57
CA THR Z 196 -29.48 22.32 -97.56
C THR Z 196 -29.69 21.73 -96.16
N LEU Z 197 -28.93 22.18 -95.17
CA LEU Z 197 -29.01 21.68 -93.81
C LEU Z 197 -29.90 22.60 -92.97
N PRO Z 198 -31.02 22.10 -92.42
CA PRO Z 198 -31.86 22.95 -91.57
C PRO Z 198 -31.54 22.79 -90.10
N GLY Z 199 -30.79 21.74 -89.74
CA GLY Z 199 -30.63 21.39 -88.35
C GLY Z 199 -31.81 20.59 -87.85
N GLY Z 200 -32.03 19.43 -88.46
CA GLY Z 200 -33.23 18.66 -88.21
C GLY Z 200 -34.41 19.29 -88.90
N ILE Z 201 -35.54 18.59 -88.82
CA ILE Z 201 -36.77 19.00 -89.52
C ILE Z 201 -37.44 20.03 -88.62
N ASN Z 202 -36.67 20.58 -87.69
CA ASN Z 202 -36.98 21.62 -86.73
C ASN Z 202 -37.78 21.08 -85.54
N ASN Z 203 -38.30 19.85 -85.60
CA ASN Z 203 -38.77 19.08 -84.44
C ASN Z 203 -39.50 19.92 -83.40
N SER Z 204 -40.16 21.00 -83.82
CA SER Z 204 -40.82 21.91 -82.90
C SER Z 204 -42.21 22.30 -83.34
N ASP Z 205 -42.71 21.76 -84.44
CA ASP Z 205 -44.05 22.09 -84.87
C ASP Z 205 -44.60 20.94 -85.69
N ASP Z 206 -45.79 20.48 -85.30
CA ASP Z 206 -46.48 19.42 -86.02
C ASP Z 206 -45.65 18.15 -86.12
N PRO Z 228 -32.73 33.90 -88.35
CA PRO Z 228 -34.19 34.01 -88.25
C PRO Z 228 -34.66 35.45 -88.27
N ASN Z 229 -35.75 35.72 -88.98
CA ASN Z 229 -36.24 37.09 -89.03
C ASN Z 229 -37.67 37.26 -88.52
N PRO Z 230 -38.10 36.60 -87.43
CA PRO Z 230 -39.42 36.96 -86.88
C PRO Z 230 -39.28 37.98 -85.77
N SER Z 231 -40.40 38.57 -85.37
CA SER Z 231 -40.41 39.45 -84.21
C SER Z 231 -40.56 38.59 -82.95
N THR Z 232 -40.78 39.22 -81.82
CA THR Z 232 -41.18 38.45 -80.64
C THR Z 232 -42.49 37.76 -80.96
N SER Z 233 -42.47 36.43 -81.00
CA SER Z 233 -43.61 35.67 -81.48
C SER Z 233 -44.75 35.73 -80.46
N ASP Z 234 -45.81 34.98 -80.72
CA ASP Z 234 -46.92 34.91 -79.78
C ASP Z 234 -46.46 34.36 -78.45
N ASP Z 235 -45.86 33.18 -78.45
CA ASP Z 235 -45.40 32.58 -77.21
C ASP Z 235 -44.31 33.43 -76.57
N GLU Z 236 -43.35 33.90 -77.36
CA GLU Z 236 -42.27 34.75 -76.85
C GLU Z 236 -42.79 36.02 -76.21
N LYS Z 237 -44.04 36.40 -76.45
CA LYS Z 237 -44.69 37.46 -75.69
C LYS Z 237 -45.42 36.90 -74.48
N LYS Z 238 -46.15 35.80 -74.66
CA LYS Z 238 -46.80 35.17 -73.52
C LYS Z 238 -45.80 34.50 -72.60
N LEU Z 239 -44.66 34.06 -73.12
CA LEU Z 239 -43.58 33.58 -72.28
C LEU Z 239 -43.16 34.66 -71.29
N ILE Z 240 -42.85 35.85 -71.79
CA ILE Z 240 -42.52 36.97 -70.91
C ILE Z 240 -43.71 37.31 -70.02
N ARG Z 241 -44.93 37.19 -70.55
CA ARG Z 241 -46.12 37.53 -69.79
C ARG Z 241 -46.14 36.87 -68.42
N LEU Z 242 -45.94 35.55 -68.38
CA LEU Z 242 -45.94 34.88 -67.09
C LEU Z 242 -44.63 35.07 -66.34
N LEU Z 243 -43.55 35.46 -67.02
CA LEU Z 243 -42.31 35.74 -66.32
C LEU Z 243 -42.48 36.95 -65.39
N THR Z 244 -43.04 38.03 -65.91
CA THR Z 244 -43.37 39.14 -65.03
C THR Z 244 -44.45 38.74 -64.03
N THR Z 245 -45.40 37.91 -64.44
CA THR Z 245 -46.38 37.41 -63.49
C THR Z 245 -45.75 36.46 -62.48
N PHE Z 246 -44.69 35.76 -62.87
CA PHE Z 246 -43.82 35.15 -61.87
C PHE Z 246 -43.17 36.22 -61.00
N SER Z 247 -42.53 37.18 -61.64
CA SER Z 247 -41.85 38.27 -60.96
C SER Z 247 -42.82 39.28 -60.36
N GLU Z 248 -44.13 39.04 -60.47
CA GLU Z 248 -45.07 39.85 -59.72
C GLU Z 248 -45.28 39.30 -58.32
N GLY Z 249 -45.19 37.97 -58.17
CA GLY Z 249 -45.18 37.39 -56.85
C GLY Z 249 -43.92 37.66 -56.07
N CYS Z 250 -42.82 37.92 -56.76
CA CYS Z 250 -41.57 38.23 -56.08
C CYS Z 250 -41.69 39.56 -55.33
N THR Z 251 -42.17 40.60 -56.01
CA THR Z 251 -42.32 41.89 -55.35
C THR Z 251 -43.35 41.80 -54.22
N LEU Z 252 -44.44 41.05 -54.44
CA LEU Z 252 -45.42 40.86 -53.37
C LEU Z 252 -44.82 40.17 -52.16
N LYS Z 253 -43.67 39.51 -52.32
CA LYS Z 253 -42.85 39.06 -51.21
C LYS Z 253 -41.61 39.91 -51.03
N GLU Z 254 -41.35 40.83 -51.96
CA GLU Z 254 -40.29 41.83 -51.84
C GLU Z 254 -38.89 41.22 -51.93
N ASP Z 255 -38.73 40.18 -52.74
CA ASP Z 255 -37.42 39.61 -53.02
C ASP Z 255 -37.02 40.08 -54.41
N TYR Z 256 -36.42 41.26 -54.49
CA TYR Z 256 -36.29 41.93 -55.77
C TYR Z 256 -35.12 41.41 -56.57
N GLU Z 257 -33.95 41.25 -55.96
CA GLU Z 257 -32.78 40.87 -56.75
C GLU Z 257 -32.85 39.43 -57.26
N SER Z 258 -33.90 38.68 -56.93
CA SER Z 258 -34.20 37.47 -57.70
C SER Z 258 -35.22 37.76 -58.78
N ALA Z 259 -36.12 38.72 -58.54
CA ALA Z 259 -36.99 39.21 -59.61
C ALA Z 259 -36.17 39.86 -60.71
N PHE Z 260 -35.12 40.60 -60.34
CA PHE Z 260 -34.24 41.21 -61.33
C PHE Z 260 -33.55 40.17 -62.19
N SER Z 261 -33.39 38.94 -61.69
CA SER Z 261 -32.89 37.85 -62.49
C SER Z 261 -33.98 37.16 -63.30
N LEU Z 262 -35.24 37.40 -62.96
CA LEU Z 262 -36.36 36.91 -63.76
C LEU Z 262 -36.64 37.83 -64.93
N LEU Z 263 -36.74 39.14 -64.67
CA LEU Z 263 -37.04 40.09 -65.73
C LEU Z 263 -35.87 40.23 -66.70
N SER Z 264 -34.69 40.57 -66.18
CA SER Z 264 -33.54 40.74 -67.07
C SER Z 264 -33.17 39.46 -67.81
N SER Z 265 -33.73 38.32 -67.41
CA SER Z 265 -33.51 37.08 -68.17
C SER Z 265 -34.44 37.00 -69.37
N SER Z 266 -35.68 37.50 -69.24
CA SER Z 266 -36.55 37.61 -70.38
C SER Z 266 -35.99 38.57 -71.43
N LEU Z 267 -35.01 39.38 -71.07
CA LEU Z 267 -34.43 40.33 -72.02
C LEU Z 267 -33.73 39.65 -73.19
N GLY Z 268 -33.53 38.35 -73.13
CA GLY Z 268 -33.10 37.63 -74.30
C GLY Z 268 -34.22 37.16 -75.19
N PHE Z 269 -35.46 37.54 -74.90
CA PHE Z 269 -36.60 37.04 -75.64
C PHE Z 269 -37.29 38.08 -76.51
N SER Z 270 -36.92 39.35 -76.41
CA SER Z 270 -37.50 40.39 -77.24
C SER Z 270 -36.49 40.79 -78.32
N HIS Z 271 -36.91 40.66 -79.59
CA HIS Z 271 -36.09 41.08 -80.71
C HIS Z 271 -36.66 42.28 -81.45
N ASP Z 272 -37.88 42.70 -81.14
CA ASP Z 272 -38.46 43.92 -81.68
C ASP Z 272 -38.55 44.97 -80.58
N ASP Z 273 -38.31 46.22 -80.96
CA ASP Z 273 -38.14 47.29 -79.99
C ASP Z 273 -39.43 47.78 -79.36
N ASN Z 274 -40.56 47.10 -79.58
CA ASN Z 274 -41.79 47.50 -78.89
C ASN Z 274 -41.85 46.88 -77.50
N THR Z 275 -41.87 45.55 -77.44
CA THR Z 275 -41.86 44.88 -76.15
C THR Z 275 -40.52 45.02 -75.45
N ASP Z 276 -39.45 45.28 -76.20
CA ASP Z 276 -38.14 45.46 -75.60
C ASP Z 276 -38.17 46.57 -74.56
N GLY Z 277 -38.75 47.72 -74.92
CA GLY Z 277 -38.90 48.80 -73.97
C GLY Z 277 -39.86 48.50 -72.84
N VAL Z 278 -40.87 47.66 -73.09
CA VAL Z 278 -41.77 47.26 -72.01
C VAL Z 278 -41.01 46.50 -70.94
N VAL Z 279 -40.32 45.44 -71.35
CA VAL Z 279 -39.57 44.64 -70.40
C VAL Z 279 -38.38 45.42 -69.82
N HIS Z 280 -37.84 46.38 -70.58
CA HIS Z 280 -36.85 47.28 -70.02
C HIS Z 280 -37.46 48.23 -69.00
N SER Z 281 -38.77 48.45 -69.07
CA SER Z 281 -39.44 49.20 -68.01
C SER Z 281 -39.66 48.34 -66.78
N ASN Z 282 -39.92 47.05 -66.97
CA ASN Z 282 -40.10 46.16 -65.83
C ASN Z 282 -38.82 46.02 -65.03
N ALA Z 283 -37.71 45.74 -65.69
CA ALA Z 283 -36.45 45.54 -64.98
C ALA Z 283 -36.09 46.77 -64.16
N SER Z 284 -36.21 47.95 -64.74
CA SER Z 284 -35.90 49.16 -64.00
C SER Z 284 -36.96 49.48 -62.95
N ALA Z 285 -38.17 48.97 -63.12
CA ALA Z 285 -39.17 49.04 -62.06
C ALA Z 285 -38.97 47.98 -61.00
N ALA Z 286 -37.87 47.22 -61.07
CA ALA Z 286 -37.50 46.28 -60.04
C ALA Z 286 -36.06 46.46 -59.59
N ALA Z 287 -35.34 47.43 -60.13
CA ALA Z 287 -33.97 47.71 -59.72
C ALA Z 287 -33.90 48.80 -58.66
N ILE Z 288 -34.90 49.68 -58.60
CA ILE Z 288 -34.94 50.68 -57.54
C ILE Z 288 -35.13 49.99 -56.20
N LEU Z 289 -36.12 49.11 -56.11
CA LEU Z 289 -36.34 48.38 -54.87
C LEU Z 289 -35.16 47.46 -54.56
N GLY Z 290 -34.67 46.75 -55.58
CA GLY Z 290 -33.57 45.83 -55.40
C GLY Z 290 -32.29 46.47 -54.87
N GLY Z 291 -32.23 47.80 -54.83
CA GLY Z 291 -31.09 48.49 -54.29
C GLY Z 291 -30.04 48.89 -55.30
N LEU Z 292 -29.94 48.19 -56.42
CA LEU Z 292 -29.01 48.56 -57.48
C LEU Z 292 -29.52 49.83 -58.13
N TYR Z 293 -28.95 50.97 -57.77
CA TYR Z 293 -29.39 52.24 -58.31
C TYR Z 293 -28.61 52.66 -59.55
N LYS Z 294 -27.52 51.98 -59.88
CA LYS Z 294 -26.84 52.27 -61.14
C LYS Z 294 -27.59 51.64 -62.30
N GLU Z 295 -27.74 50.32 -62.30
CA GLU Z 295 -28.43 49.63 -63.37
C GLU Z 295 -29.88 50.06 -63.51
N ALA Z 296 -30.43 50.75 -62.52
CA ALA Z 296 -31.78 51.27 -62.65
C ALA Z 296 -31.85 52.33 -63.74
N GLU Z 297 -30.74 53.03 -63.99
CA GLU Z 297 -30.71 53.98 -65.11
C GLU Z 297 -30.68 53.25 -66.45
N PHE Z 298 -29.70 52.38 -66.64
CA PHE Z 298 -29.53 51.68 -67.91
C PHE Z 298 -30.82 50.98 -68.32
N HIS Z 299 -31.42 50.23 -67.40
CA HIS Z 299 -32.69 49.60 -67.70
C HIS Z 299 -33.77 50.63 -67.99
N GLY Z 300 -33.66 51.81 -67.38
CA GLY Z 300 -34.60 52.88 -67.69
C GLY Z 300 -34.19 53.68 -68.92
N ARG Z 301 -32.88 53.82 -69.16
CA ARG Z 301 -32.43 54.55 -70.34
C ARG Z 301 -32.80 53.82 -71.62
N GLN Z 302 -32.97 52.50 -71.56
CA GLN Z 302 -33.50 51.81 -72.72
C GLN Z 302 -34.99 52.03 -72.84
N ALA Z 303 -35.70 52.07 -71.72
CA ALA Z 303 -37.08 52.53 -71.75
C ALA Z 303 -37.16 53.95 -72.25
N ALA Z 304 -36.04 54.68 -72.23
CA ALA Z 304 -35.98 56.05 -72.70
C ALA Z 304 -35.63 56.16 -74.17
N LEU Z 305 -35.40 55.04 -74.86
CA LEU Z 305 -35.10 55.06 -76.28
C LEU Z 305 -36.02 54.15 -77.10
N LEU Z 306 -37.03 53.53 -76.49
CA LEU Z 306 -37.91 52.61 -77.18
C LEU Z 306 -39.40 52.82 -76.90
N GLU Z 307 -39.75 53.75 -76.00
CA GLU Z 307 -41.12 53.89 -75.52
C GLU Z 307 -42.12 54.64 -76.41
N PRO Z 308 -41.75 55.73 -77.09
CA PRO Z 308 -42.75 56.72 -77.50
C PRO Z 308 -43.55 56.37 -78.74
N GLN Z 309 -43.51 55.12 -79.21
CA GLN Z 309 -44.11 54.82 -80.50
C GLN Z 309 -45.63 54.92 -80.49
N ALA Z 310 -46.26 54.97 -79.33
CA ALA Z 310 -47.72 54.94 -79.23
C ALA Z 310 -48.26 56.28 -78.72
N MET Z 311 -49.59 56.35 -78.63
CA MET Z 311 -50.27 57.59 -78.26
C MET Z 311 -49.97 57.93 -76.80
N SER Z 312 -49.32 59.07 -76.59
CA SER Z 312 -48.78 59.43 -75.28
C SER Z 312 -49.87 59.73 -74.25
N SER Z 313 -51.14 59.56 -74.62
CA SER Z 313 -52.21 59.80 -73.67
C SER Z 313 -52.35 58.67 -72.65
N ARG Z 314 -52.06 57.44 -73.05
CA ARG Z 314 -52.09 56.32 -72.13
C ARG Z 314 -50.91 56.41 -71.16
N LYS Z 315 -51.12 55.91 -69.95
CA LYS Z 315 -50.11 56.00 -68.90
C LYS Z 315 -48.82 55.26 -69.24
N SER Z 316 -48.74 54.59 -70.39
CA SER Z 316 -47.50 53.92 -70.77
C SER Z 316 -46.53 54.86 -71.46
N GLY Z 317 -47.03 55.89 -72.14
CA GLY Z 317 -46.14 56.80 -72.86
C GLY Z 317 -45.13 57.46 -71.94
N GLY Z 318 -45.61 58.08 -70.85
CA GLY Z 318 -44.71 58.75 -69.94
C GLY Z 318 -43.76 57.84 -69.21
N ARG Z 319 -44.16 56.58 -68.96
CA ARG Z 319 -43.38 55.68 -68.13
C ARG Z 319 -41.99 55.37 -68.70
N GLY Z 320 -41.77 55.60 -69.99
CA GLY Z 320 -40.47 55.28 -70.55
C GLY Z 320 -39.38 56.23 -70.12
N TYR Z 321 -39.76 57.39 -69.60
CA TYR Z 321 -38.78 58.39 -69.17
C TYR Z 321 -38.67 58.53 -67.66
N VAL Z 322 -39.76 58.31 -66.92
CA VAL Z 322 -39.73 58.56 -65.48
C VAL Z 322 -38.69 57.68 -64.81
N LEU Z 323 -38.65 56.40 -65.17
CA LEU Z 323 -37.72 55.48 -64.53
C LEU Z 323 -36.28 55.88 -64.80
N TRP Z 324 -35.98 56.37 -65.99
CA TRP Z 324 -34.66 56.89 -66.33
C TRP Z 324 -34.38 58.23 -65.68
N ALA Z 325 -35.34 58.79 -64.95
CA ALA Z 325 -35.13 59.99 -64.15
C ALA Z 325 -35.54 59.84 -62.70
N THR Z 326 -36.44 58.92 -62.35
CA THR Z 326 -36.61 58.57 -60.94
C THR Z 326 -35.37 57.90 -60.39
N ALA Z 327 -34.73 57.05 -61.21
CA ALA Z 327 -33.50 56.39 -60.80
C ALA Z 327 -32.38 57.37 -60.53
N THR Z 328 -32.53 58.61 -60.98
CA THR Z 328 -31.55 59.64 -60.64
C THR Z 328 -31.99 60.50 -59.46
N ALA Z 329 -33.30 60.66 -59.26
CA ALA Z 329 -33.79 61.20 -58.01
C ALA Z 329 -33.50 60.25 -56.85
N TYR Z 330 -33.24 58.97 -57.16
CA TYR Z 330 -32.77 58.01 -56.19
C TYR Z 330 -31.26 57.93 -56.13
N GLN Z 331 -30.57 58.37 -57.17
CA GLN Z 331 -29.11 58.33 -57.21
C GLN Z 331 -28.46 59.63 -56.76
N GLU Z 332 -29.26 60.61 -56.36
CA GLU Z 332 -28.88 61.86 -55.71
C GLU Z 332 -28.28 62.90 -56.65
N ASP Z 333 -28.11 62.59 -57.94
CA ASP Z 333 -27.60 63.58 -58.89
C ASP Z 333 -28.80 64.28 -59.53
N PHE Z 334 -29.32 65.27 -58.81
CA PHE Z 334 -30.57 65.90 -59.21
C PHE Z 334 -30.44 66.73 -60.47
N ASP Z 335 -29.22 67.10 -60.86
CA ASP Z 335 -29.07 67.96 -62.03
C ASP Z 335 -29.18 67.19 -63.34
N ARG Z 336 -28.77 65.93 -63.36
CA ARG Z 336 -29.13 65.07 -64.49
C ARG Z 336 -30.62 64.77 -64.46
N ALA Z 337 -31.18 64.55 -63.28
CA ALA Z 337 -32.62 64.32 -63.17
C ALA Z 337 -33.41 65.57 -63.49
N SER Z 338 -32.83 66.74 -63.29
CA SER Z 338 -33.52 67.98 -63.60
C SER Z 338 -33.68 68.21 -65.09
N ARG Z 339 -33.01 67.42 -65.92
CA ARG Z 339 -33.10 67.56 -67.37
C ARG Z 339 -33.92 66.49 -68.04
N ILE Z 340 -33.95 65.27 -67.49
CA ILE Z 340 -34.73 64.21 -68.11
C ILE Z 340 -36.22 64.44 -67.87
N VAL Z 341 -36.59 64.82 -66.65
CA VAL Z 341 -37.97 65.23 -66.41
C VAL Z 341 -38.31 66.45 -67.25
N GLU Z 342 -37.30 67.20 -67.68
CA GLU Z 342 -37.53 68.28 -68.63
C GLU Z 342 -37.70 67.74 -70.05
N LYS Z 343 -36.90 66.75 -70.44
CA LYS Z 343 -37.06 66.12 -71.74
C LYS Z 343 -38.33 65.29 -71.83
N GLY Z 344 -38.85 64.80 -70.71
CA GLY Z 344 -40.12 64.11 -70.74
C GLY Z 344 -41.31 65.04 -70.86
N LEU Z 345 -41.12 66.31 -70.49
CA LEU Z 345 -42.21 67.27 -70.61
C LEU Z 345 -42.51 67.57 -72.07
N GLU Z 346 -41.47 67.75 -72.88
CA GLU Z 346 -41.67 68.19 -74.26
C GLU Z 346 -42.40 67.14 -75.08
N VAL Z 347 -41.85 65.93 -75.13
CA VAL Z 347 -42.42 64.89 -75.98
C VAL Z 347 -43.81 64.49 -75.48
N PHE Z 348 -43.87 63.97 -74.27
CA PHE Z 348 -45.11 63.43 -73.74
C PHE Z 348 -45.87 64.51 -73.01
N PRO Z 349 -47.09 64.84 -73.43
CA PRO Z 349 -47.75 66.06 -72.92
C PRO Z 349 -47.96 66.06 -71.42
N ASP Z 350 -48.73 65.12 -70.89
CA ASP Z 350 -49.04 65.12 -69.46
C ASP Z 350 -49.02 63.68 -68.95
N ASN Z 351 -47.90 63.30 -68.34
CA ASN Z 351 -47.79 62.10 -67.54
C ASN Z 351 -47.83 62.53 -66.10
N ALA Z 352 -48.93 62.20 -65.41
CA ALA Z 352 -49.11 62.66 -64.04
C ALA Z 352 -47.92 62.31 -63.16
N ASP Z 353 -47.34 61.12 -63.38
CA ASP Z 353 -46.12 60.76 -62.65
C ASP Z 353 -44.96 61.67 -63.04
N LEU Z 354 -44.73 61.83 -64.36
CA LEU Z 354 -43.68 62.73 -64.80
C LEU Z 354 -43.96 64.17 -64.43
N LYS Z 355 -45.24 64.53 -64.25
CA LYS Z 355 -45.58 65.88 -63.83
C LYS Z 355 -45.20 66.11 -62.38
N SER Z 356 -45.44 65.12 -61.51
CA SER Z 356 -45.13 65.30 -60.10
C SER Z 356 -43.64 65.34 -59.86
N ILE Z 357 -42.86 64.58 -60.63
CA ILE Z 357 -41.41 64.63 -60.49
C ILE Z 357 -40.88 66.00 -60.83
N GLN Z 358 -41.55 66.70 -61.75
CA GLN Z 358 -41.19 68.09 -62.03
C GLN Z 358 -41.28 68.93 -60.77
N GLU Z 359 -42.31 68.71 -59.95
CA GLU Z 359 -42.45 69.41 -58.68
C GLU Z 359 -41.80 68.68 -57.52
N LYS Z 360 -41.64 67.36 -57.62
CA LYS Z 360 -40.91 66.64 -56.59
C LYS Z 360 -39.47 67.10 -56.50
N LEU Z 361 -38.92 67.61 -57.61
CA LEU Z 361 -37.58 68.17 -57.61
C LEU Z 361 -37.54 69.60 -57.08
N ALA Z 362 -38.68 70.14 -56.67
CA ALA Z 362 -38.76 71.49 -56.13
C ALA Z 362 -38.89 71.50 -54.61
N GLY Z 363 -38.94 70.33 -53.99
CA GLY Z 363 -38.98 70.23 -52.54
C GLY Z 363 -37.59 70.01 -51.97
N ALA Z 364 -36.77 69.25 -52.68
CA ALA Z 364 -35.37 69.08 -52.30
C ALA Z 364 -34.53 70.31 -52.63
N VAL Z 365 -35.09 71.29 -53.33
CA VAL Z 365 -34.39 72.55 -53.57
C VAL Z 365 -34.57 73.46 -52.36
N PRO Z 366 -33.50 74.07 -51.81
CA PRO Z 366 -32.12 73.94 -52.27
C PRO Z 366 -31.37 72.81 -51.56
N ALA Z 367 -32.04 72.13 -50.63
CA ALA Z 367 -31.38 71.08 -49.84
C ALA Z 367 -30.73 70.01 -50.71
N ALA Z 368 -31.11 69.91 -51.98
CA ALA Z 368 -30.38 69.05 -52.91
C ALA Z 368 -29.25 69.82 -53.57
N SER Z 369 -29.52 71.02 -54.08
CA SER Z 369 -28.54 71.75 -54.86
C SER Z 369 -27.56 72.50 -53.97
N SER Z 370 -28.04 73.12 -52.89
CA SER Z 370 -27.13 73.75 -51.93
C SER Z 370 -26.30 72.68 -51.23
N ALA Z 371 -26.97 71.77 -50.51
CA ALA Z 371 -26.32 70.60 -49.94
C ALA Z 371 -26.16 69.57 -51.05
N SER Z 372 -25.18 69.81 -51.94
CA SER Z 372 -24.87 68.92 -53.05
C SER Z 372 -23.41 68.48 -52.96
N PRO Z 373 -23.10 67.52 -52.10
CA PRO Z 373 -21.78 66.90 -52.11
C PRO Z 373 -21.73 65.71 -53.05
N LEU Z 374 -20.53 65.47 -53.58
CA LEU Z 374 -20.38 64.46 -54.63
C LEU Z 374 -20.34 63.04 -54.10
N CYS Z 375 -20.30 62.85 -52.78
CA CYS Z 375 -20.10 61.50 -52.22
C CYS Z 375 -21.11 61.09 -51.16
N THR Z 376 -21.85 62.03 -50.57
CA THR Z 376 -22.81 61.65 -49.54
C THR Z 376 -23.95 60.86 -50.18
N ARG Z 377 -23.91 59.55 -50.01
CA ARG Z 377 -24.94 58.66 -50.54
C ARG Z 377 -25.53 57.88 -49.37
N MET Z 378 -26.51 58.47 -48.70
CA MET Z 378 -27.17 57.79 -47.59
C MET Z 378 -27.92 56.58 -48.11
N VAL Z 379 -27.37 55.38 -47.86
CA VAL Z 379 -27.99 54.17 -48.38
C VAL Z 379 -29.42 54.09 -47.90
N ARG Z 380 -30.34 53.88 -48.86
CA ARG Z 380 -31.76 54.08 -48.60
C ARG Z 380 -32.48 52.78 -48.27
N SER Z 381 -32.48 51.81 -49.18
CA SER Z 381 -33.41 50.70 -49.15
C SER Z 381 -32.84 49.52 -48.36
N LYS Z 382 -33.57 48.41 -48.39
CA LYS Z 382 -33.10 47.18 -47.77
C LYS Z 382 -32.31 46.31 -48.74
N GLY Z 383 -32.60 46.43 -50.03
CA GLY Z 383 -31.93 45.59 -51.01
C GLY Z 383 -30.42 45.71 -50.98
N GLN Z 384 -29.90 46.84 -50.50
CA GLN Z 384 -28.49 46.98 -50.23
C GLN Z 384 -28.16 46.88 -48.75
N GLN Z 385 -29.14 47.16 -47.87
CA GLN Z 385 -28.97 46.86 -46.46
C GLN Z 385 -28.86 45.36 -46.23
N ALA Z 386 -29.57 44.57 -47.03
CA ALA Z 386 -29.49 43.12 -46.90
C ALA Z 386 -28.29 42.56 -47.63
N ARG Z 387 -27.96 43.10 -48.80
CA ARG Z 387 -26.87 42.60 -49.61
C ARG Z 387 -25.50 42.95 -49.05
N ALA Z 388 -25.43 43.64 -47.92
CA ALA Z 388 -24.18 43.82 -47.20
C ALA Z 388 -24.12 43.02 -45.92
N LEU Z 389 -25.26 42.52 -45.42
CA LEU Z 389 -25.22 41.51 -44.37
C LEU Z 389 -24.59 40.23 -44.91
N LEU Z 390 -24.91 39.87 -46.14
CA LEU Z 390 -24.13 38.91 -46.90
C LEU Z 390 -23.20 39.67 -47.83
N HIS Z 391 -22.25 38.94 -48.43
CA HIS Z 391 -21.44 39.47 -49.52
C HIS Z 391 -20.66 40.72 -49.12
N GLY Z 392 -20.78 41.14 -47.88
CA GLY Z 392 -20.10 42.32 -47.39
C GLY Z 392 -18.98 41.91 -46.45
N SER Z 393 -18.01 42.79 -46.28
CA SER Z 393 -16.94 42.49 -45.34
C SER Z 393 -17.49 42.43 -43.93
N GLY Z 394 -16.90 41.57 -43.11
CA GLY Z 394 -17.25 41.45 -41.72
C GLY Z 394 -16.16 41.97 -40.81
N ARG Z 395 -16.27 41.62 -39.54
CA ARG Z 395 -15.25 41.94 -38.56
C ARG Z 395 -14.68 40.66 -37.99
N SER Z 396 -13.38 40.66 -37.70
CA SER Z 396 -12.63 39.59 -37.07
C SER Z 396 -12.59 38.34 -37.94
N PHE Z 397 -13.24 38.36 -39.09
CA PHE Z 397 -13.18 37.32 -40.11
C PHE Z 397 -13.80 37.90 -41.36
N ASP Z 398 -13.34 37.43 -42.51
CA ASP Z 398 -13.76 37.86 -43.83
C ASP Z 398 -13.32 39.28 -44.17
N ASN Z 399 -12.64 39.97 -43.26
CA ASN Z 399 -12.14 41.31 -43.58
C ASN Z 399 -10.92 41.17 -44.49
N GLU Z 400 -10.25 42.29 -44.75
CA GLU Z 400 -9.06 42.24 -45.59
C GLU Z 400 -7.83 41.79 -44.82
N PHE Z 401 -7.95 41.54 -43.52
CA PHE Z 401 -6.84 41.10 -42.69
C PHE Z 401 -6.86 39.61 -42.44
N ASP Z 402 -7.79 38.86 -43.04
CA ASP Z 402 -7.84 37.43 -42.74
C ASP Z 402 -7.25 36.56 -43.84
N TRP Z 403 -7.84 36.56 -45.03
CA TRP Z 403 -7.31 35.81 -46.14
C TRP Z 403 -7.67 36.56 -47.41
N VAL Z 404 -6.74 37.25 -47.98
CA VAL Z 404 -6.98 37.94 -49.22
C VAL Z 404 -7.02 36.91 -50.34
N VAL Z 405 -7.97 37.06 -51.23
CA VAL Z 405 -8.09 36.18 -52.39
C VAL Z 405 -7.47 36.87 -53.59
N PHE Z 406 -6.76 36.11 -54.40
CA PHE Z 406 -5.98 36.66 -55.50
C PHE Z 406 -5.94 35.60 -56.59
N LYS Z 407 -6.58 35.88 -57.72
CA LYS Z 407 -6.76 34.93 -58.82
C LYS Z 407 -7.56 33.71 -58.37
N ASN Z 408 -8.64 33.95 -57.64
CA ASN Z 408 -9.54 32.94 -57.11
C ASN Z 408 -8.89 32.03 -56.09
N LYS Z 409 -7.64 32.29 -55.72
CA LYS Z 409 -6.93 31.51 -54.73
C LYS Z 409 -6.85 32.30 -53.44
N LEU Z 410 -7.24 31.68 -52.33
CA LEU Z 410 -7.14 32.35 -51.04
C LEU Z 410 -5.68 32.42 -50.63
N TYR Z 411 -5.24 33.61 -50.25
CA TYR Z 411 -3.92 33.84 -49.72
C TYR Z 411 -4.02 34.27 -48.26
N PRO Z 412 -3.17 33.76 -47.38
CA PRO Z 412 -3.18 34.23 -46.00
C PRO Z 412 -2.77 35.69 -45.97
N SER Z 413 -3.27 36.41 -44.94
CA SER Z 413 -3.26 37.86 -44.96
C SER Z 413 -1.88 38.46 -45.25
N LYS Z 414 -0.82 37.75 -44.88
CA LYS Z 414 0.51 38.27 -45.15
C LYS Z 414 0.73 38.42 -46.65
N MET Z 415 0.51 37.36 -47.42
CA MET Z 415 0.84 37.33 -48.84
C MET Z 415 -0.19 38.11 -49.66
N ASN Z 416 -0.28 39.40 -49.37
CA ASN Z 416 -1.23 40.25 -50.08
C ASN Z 416 -0.47 41.09 -51.09
N PRO Z 417 -0.46 40.73 -52.37
CA PRO Z 417 0.30 41.49 -53.36
C PRO Z 417 -0.19 42.91 -53.56
N SER Z 418 -1.32 43.29 -52.97
CA SER Z 418 -1.85 44.63 -53.11
C SER Z 418 -1.42 45.54 -51.97
N SER Z 419 -0.35 45.19 -51.27
CA SER Z 419 0.19 46.03 -50.20
C SER Z 419 1.52 45.46 -49.77
N ASN Z 420 2.47 46.36 -49.53
CA ASN Z 420 3.71 46.01 -48.85
C ASN Z 420 3.73 46.58 -47.44
N GLU Z 421 2.55 46.76 -46.86
CA GLU Z 421 2.42 47.27 -45.51
C GLU Z 421 3.05 46.30 -44.51
N MET Z 422 3.16 46.74 -43.26
CA MET Z 422 3.79 45.95 -42.23
C MET Z 422 3.19 44.54 -42.18
N GLY Z 423 4.02 43.59 -41.77
CA GLY Z 423 3.59 42.21 -41.74
C GLY Z 423 3.80 41.51 -43.07
N SER Z 424 3.44 42.19 -44.15
CA SER Z 424 3.52 41.60 -45.48
C SER Z 424 4.97 41.21 -45.80
N VAL Z 425 5.13 40.03 -46.40
CA VAL Z 425 6.46 39.52 -46.68
C VAL Z 425 7.22 40.34 -47.70
N PHE Z 426 6.55 41.23 -48.41
CA PHE Z 426 7.23 42.05 -49.40
C PHE Z 426 8.18 43.05 -48.76
N ARG Z 427 8.04 43.30 -47.47
CA ARG Z 427 8.92 44.24 -46.81
C ARG Z 427 10.36 43.74 -46.80
N ARG Z 428 10.55 42.43 -46.81
CA ARG Z 428 11.87 41.83 -46.71
C ARG Z 428 12.28 41.11 -48.00
N VAL Z 429 11.78 41.56 -49.14
CA VAL Z 429 12.14 40.94 -50.41
C VAL Z 429 13.65 41.00 -50.61
N GLY Z 430 14.20 42.21 -50.59
CA GLY Z 430 15.61 42.41 -50.83
C GLY Z 430 15.84 43.23 -52.08
N ASP Z 431 17.03 43.03 -52.67
CA ASP Z 431 17.40 43.71 -53.90
C ASP Z 431 17.93 42.78 -54.97
N PHE Z 432 18.14 41.49 -54.64
CA PHE Z 432 18.47 40.45 -55.62
C PHE Z 432 19.87 40.60 -56.19
N GLY Z 433 20.78 41.17 -55.42
CA GLY Z 433 22.13 41.39 -55.91
C GLY Z 433 22.20 42.38 -57.06
N GLY Z 434 21.04 42.83 -57.52
CA GLY Z 434 20.96 43.81 -58.55
C GLY Z 434 21.13 45.21 -58.00
N HIS Z 435 20.77 46.18 -58.83
CA HIS Z 435 20.92 47.60 -58.49
C HIS Z 435 20.35 47.89 -57.11
N ILE Z 436 21.07 48.70 -56.35
CA ILE Z 436 20.53 49.21 -55.10
C ILE Z 436 19.43 50.20 -55.45
N SER Z 437 18.18 49.78 -55.27
CA SER Z 437 17.05 50.60 -55.63
C SER Z 437 16.41 51.29 -54.43
N THR Z 438 17.07 51.26 -53.28
CA THR Z 438 16.51 51.82 -52.06
C THR Z 438 17.54 52.77 -51.45
N SER Z 439 17.05 53.88 -50.92
CA SER Z 439 17.90 54.83 -50.21
C SER Z 439 18.00 54.53 -48.72
N ARG Z 440 17.25 53.56 -48.23
CA ARG Z 440 17.16 53.32 -46.80
C ARG Z 440 18.39 52.58 -46.31
N SER Z 441 18.51 52.48 -44.98
CA SER Z 441 19.68 51.87 -44.37
C SER Z 441 19.35 50.52 -43.74
N LEU Z 442 18.33 50.49 -42.89
CA LEU Z 442 17.90 49.25 -42.25
C LEU Z 442 16.73 48.60 -42.98
N GLU Z 443 16.14 49.29 -43.96
CA GLU Z 443 14.97 48.80 -44.68
C GLU Z 443 15.27 48.68 -46.17
N PRO Z 444 15.67 47.51 -46.64
CA PRO Z 444 15.80 47.41 -48.08
C PRO Z 444 14.43 47.14 -48.71
N TRP AA 73 25.54 67.60 -10.45
CA TRP AA 73 26.18 68.31 -11.60
C TRP AA 73 25.37 68.04 -12.86
N PRO AA 74 24.13 68.55 -12.94
CA PRO AA 74 23.30 68.37 -14.12
C PRO AA 74 23.55 69.57 -15.04
N TYR AA 75 24.43 70.49 -14.63
CA TYR AA 75 24.78 71.62 -15.52
C TYR AA 75 25.96 71.18 -16.38
N PRO AA 76 25.77 71.06 -17.70
CA PRO AA 76 26.82 70.54 -18.56
C PRO AA 76 28.04 71.47 -18.54
N GLU AA 77 29.24 70.91 -18.52
CA GLU AA 77 30.44 71.77 -18.61
C GLU AA 77 30.41 72.47 -19.97
N ASN AA 78 30.94 73.68 -20.05
CA ASN AA 78 30.91 74.44 -21.31
C ASN AA 78 29.49 74.94 -21.57
N LEU AA 79 28.67 75.00 -20.53
CA LEU AA 79 27.33 75.63 -20.70
C LEU AA 79 27.62 77.10 -20.98
N VAL AA 80 28.61 77.67 -20.31
CA VAL AA 80 28.94 79.12 -20.45
C VAL AA 80 30.42 79.21 -20.79
N PRO AA 81 30.87 78.87 -22.02
CA PRO AA 81 32.30 78.84 -22.33
C PRO AA 81 33.01 80.14 -21.91
N GLU AA 82 32.51 81.27 -22.40
CA GLU AA 82 33.02 82.64 -22.10
C GLU AA 82 31.80 83.51 -21.78
N GLY AA 83 31.75 84.10 -20.58
CA GLY AA 83 30.52 84.83 -20.22
C GLY AA 83 30.78 86.29 -19.92
N ALA AA 84 30.04 87.19 -20.56
CA ALA AA 84 30.16 88.62 -20.23
C ALA AA 84 29.46 88.81 -18.89
N THR AA 85 28.28 88.19 -18.74
CA THR AA 85 27.45 88.15 -17.50
C THR AA 85 26.48 89.32 -17.47
N THR AA 86 25.19 89.06 -17.75
CA THR AA 86 24.19 90.15 -17.63
C THR AA 86 23.82 90.30 -16.15
N PRO AA 88 23.95 91.52 -15.53
CA PRO AA 88 24.03 91.71 -14.09
C PRO AA 88 22.92 90.99 -13.30
N PHE AA 89 21.68 91.03 -13.79
CA PHE AA 89 20.52 90.38 -13.11
C PHE AA 89 20.43 90.82 -11.67
N GLN AA 90 20.70 92.10 -11.38
CA GLN AA 90 20.71 92.48 -9.95
C GLN AA 90 20.10 93.86 -9.75
N SER AA 91 20.75 94.90 -10.27
CA SER AA 91 20.32 96.31 -10.04
C SER AA 91 20.90 96.77 -8.72
N SER AA 92 22.21 97.04 -8.68
CA SER AA 92 22.81 97.57 -7.45
C SER AA 92 22.92 96.51 -6.35
N PRO AA 93 23.94 95.67 -6.42
CA PRO AA 93 24.07 94.53 -5.50
C PRO AA 93 23.95 94.85 -4.02
N VAL AA 94 23.91 96.13 -3.66
CA VAL AA 94 23.60 96.48 -2.26
C VAL AA 94 22.21 95.96 -1.92
N PRO AA 95 22.05 95.23 -0.82
CA PRO AA 95 20.72 94.69 -0.49
C PRO AA 95 19.73 95.74 -0.06
N SER AA 96 20.18 96.97 0.22
CA SER AA 96 19.31 98.02 0.72
C SER AA 96 18.76 98.92 -0.37
N VAL AA 97 19.52 99.15 -1.43
CA VAL AA 97 19.04 100.00 -2.53
C VAL AA 97 17.86 99.33 -3.21
N ARG AA 98 17.99 98.05 -3.53
CA ARG AA 98 16.81 97.28 -3.91
C ARG AA 98 15.80 97.32 -2.78
N GLU AA 99 14.56 96.98 -3.11
CA GLU AA 99 13.40 97.07 -2.21
C GLU AA 99 12.99 98.53 -2.05
N ARG AA 100 13.84 99.44 -2.52
CA ARG AA 100 13.49 100.84 -2.66
C ARG AA 100 13.35 101.26 -4.10
N ILE AA 101 14.25 100.77 -4.97
CA ILE AA 101 13.99 100.81 -6.39
C ILE AA 101 12.80 99.92 -6.74
N ILE AA 102 12.42 99.02 -5.84
CA ILE AA 102 11.23 98.20 -6.06
C ILE AA 102 9.97 99.04 -5.84
N ARG AA 103 10.00 99.96 -4.87
CA ARG AA 103 8.82 100.74 -4.52
C ARG AA 103 8.17 101.31 -5.77
N GLU AA 104 8.89 102.14 -6.52
CA GLU AA 104 8.50 102.37 -7.89
C GLU AA 104 8.65 101.05 -8.64
N TYR AA 105 7.64 100.70 -9.42
CA TYR AA 105 7.27 99.38 -9.93
C TYR AA 105 6.51 98.56 -8.90
N ALA AA 106 6.42 98.97 -7.64
CA ALA AA 106 5.54 98.30 -6.68
C ALA AA 106 4.45 99.21 -6.15
N LEU AA 107 4.83 100.37 -5.63
CA LEU AA 107 3.87 101.41 -5.31
C LEU AA 107 3.69 102.38 -6.45
N GLY AA 108 4.58 102.37 -7.43
CA GLY AA 108 4.50 103.25 -8.56
C GLY AA 108 3.28 102.98 -9.40
N PRO AA 109 3.12 103.75 -10.47
CA PRO AA 109 1.90 103.68 -11.26
C PRO AA 109 1.94 102.50 -12.22
N LEU AA 110 0.83 101.77 -12.28
CA LEU AA 110 0.71 100.69 -13.24
C LEU AA 110 0.78 101.28 -14.65
N PHE AA 111 1.57 100.64 -15.52
CA PHE AA 111 2.03 101.33 -16.70
C PHE AA 111 1.51 100.78 -18.03
N GLY AA 112 0.57 99.85 -18.02
CA GLY AA 112 0.11 99.34 -19.30
C GLY AA 112 -1.39 99.25 -19.46
N SER AA 113 -2.12 99.43 -18.37
CA SER AA 113 -3.53 99.06 -18.38
C SER AA 113 -4.37 100.09 -19.11
N ARG AA 114 -5.38 99.59 -19.81
CA ARG AA 114 -6.45 100.42 -20.32
C ARG AA 114 -7.76 99.87 -19.79
N THR AA 115 -8.81 100.66 -19.91
CA THR AA 115 -10.10 100.21 -19.39
C THR AA 115 -11.02 99.85 -20.55
N PRO AA 116 -11.57 98.64 -20.56
CA PRO AA 116 -12.44 98.24 -21.66
C PRO AA 116 -13.76 98.97 -21.60
N CYS AA 117 -14.23 99.42 -22.77
CA CYS AA 117 -15.52 100.09 -22.83
C CYS AA 117 -16.64 99.06 -22.98
N CYS AA 118 -16.62 98.29 -24.06
CA CYS AA 118 -17.54 97.20 -24.26
C CYS AA 118 -16.77 95.97 -24.71
N VAL AA 119 -17.49 94.86 -24.80
CA VAL AA 119 -17.06 93.68 -25.53
C VAL AA 119 -17.86 93.64 -26.81
N LEU AA 120 -17.22 93.30 -27.91
CA LEU AA 120 -17.89 93.13 -29.19
C LEU AA 120 -17.84 91.65 -29.52
N GLY AA 121 -18.95 90.97 -29.27
CA GLY AA 121 -18.99 89.53 -29.49
C GLY AA 121 -19.29 89.15 -30.92
N PHE AA 122 -18.38 88.41 -31.55
CA PHE AA 122 -18.53 88.02 -32.94
C PHE AA 122 -18.82 86.53 -33.01
N ALA AA 123 -19.61 86.14 -34.02
CA ALA AA 123 -20.02 84.74 -34.14
C ALA AA 123 -18.92 83.90 -34.78
N GLY AA 124 -18.56 84.21 -36.01
CA GLY AA 124 -17.49 83.49 -36.69
C GLY AA 124 -16.18 83.60 -35.92
N THR AA 125 -15.22 82.80 -36.35
CA THR AA 125 -13.93 82.79 -35.68
C THR AA 125 -13.00 83.83 -36.28
N ALA AA 126 -11.86 84.05 -35.62
CA ALA AA 126 -10.99 85.19 -35.87
C ALA AA 126 -10.42 85.23 -37.27
N ARG AA 127 -10.47 84.13 -38.02
CA ARG AA 127 -10.05 84.15 -39.41
C ARG AA 127 -11.15 84.60 -40.35
N ASP AA 128 -12.33 84.94 -39.82
CA ASP AA 128 -13.42 85.49 -40.60
C ASP AA 128 -13.59 86.99 -40.37
N VAL AA 129 -12.71 87.59 -39.57
CA VAL AA 129 -12.83 89.01 -39.25
C VAL AA 129 -11.56 89.80 -39.57
N ALA AA 130 -10.43 89.14 -39.79
CA ALA AA 130 -9.17 89.84 -39.99
C ALA AA 130 -9.21 90.86 -41.13
N ALA AA 131 -10.25 90.86 -41.94
CA ALA AA 131 -10.45 91.87 -43.00
C ALA AA 131 -11.64 92.77 -42.74
N CYS AA 132 -12.63 92.29 -42.00
CA CYS AA 132 -13.81 93.07 -41.65
C CYS AA 132 -13.73 93.65 -40.24
N LYS AA 133 -12.60 93.48 -39.56
CA LYS AA 133 -12.40 94.06 -38.23
C LYS AA 133 -11.95 95.51 -38.28
N ARG AA 134 -11.96 96.13 -39.46
CA ARG AA 134 -11.56 97.52 -39.60
C ARG AA 134 -12.77 98.44 -39.50
N ASP AA 135 -13.84 98.09 -40.21
CA ASP AA 135 -15.04 98.91 -40.21
C ASP AA 135 -15.70 98.97 -38.84
N VAL AA 136 -15.50 97.95 -38.00
CA VAL AA 136 -16.11 97.96 -36.68
C VAL AA 136 -15.64 99.17 -35.87
N ARG AA 137 -14.35 99.47 -35.93
CA ARG AA 137 -13.88 100.76 -35.41
C ARG AA 137 -14.57 101.90 -36.14
N ARG AA 138 -14.58 101.84 -37.47
CA ARG AA 138 -15.23 102.83 -38.31
C ARG AA 138 -16.73 102.89 -38.11
N TRP AA 139 -17.30 101.99 -37.31
CA TRP AA 139 -18.73 101.96 -37.05
C TRP AA 139 -19.09 102.13 -35.59
N VAL AA 140 -18.19 101.82 -34.67
CA VAL AA 140 -18.39 102.20 -33.27
C VAL AA 140 -17.96 103.63 -33.02
N ALA AA 141 -17.07 104.17 -33.85
CA ALA AA 141 -16.78 105.60 -33.79
C ALA AA 141 -17.92 106.40 -34.41
N ARG AA 142 -18.57 105.85 -35.44
CA ARG AA 142 -19.78 106.47 -35.94
C ARG AA 142 -20.83 106.55 -34.85
N ALA AA 143 -20.93 105.50 -34.02
CA ALA AA 143 -22.02 105.42 -33.06
C ALA AA 143 -21.73 106.27 -31.83
N LEU AA 144 -20.55 106.15 -31.27
CA LEU AA 144 -20.18 106.99 -30.13
C LEU AA 144 -19.97 108.45 -30.53
N GLY AA 145 -20.08 108.77 -31.83
CA GLY AA 145 -19.93 110.13 -32.28
C GLY AA 145 -18.48 110.54 -32.41
N LYS AA 146 -17.67 110.13 -31.44
CA LYS AA 146 -16.25 110.43 -31.46
C LYS AA 146 -15.61 109.84 -32.72
N SER AA 147 -14.71 110.60 -33.32
CA SER AA 147 -14.14 110.21 -34.60
C SER AA 147 -13.39 108.90 -34.48
N GLU AA 148 -13.04 108.33 -35.64
CA GLU AA 148 -12.14 107.19 -35.67
C GLU AA 148 -10.76 107.63 -35.19
N ALA AA 149 -9.85 106.66 -35.06
CA ALA AA 149 -8.52 106.88 -34.50
C ALA AA 149 -8.60 107.49 -33.10
N ASP AA 150 -9.78 107.43 -32.50
CA ASP AA 150 -10.01 107.73 -31.10
C ASP AA 150 -10.30 106.49 -30.29
N VAL AA 151 -10.63 105.40 -30.95
CA VAL AA 151 -10.99 104.15 -30.33
C VAL AA 151 -9.86 103.14 -30.52
N GLU AA 152 -9.60 102.36 -29.48
CA GLU AA 152 -8.59 101.32 -29.51
C GLU AA 152 -9.30 99.98 -29.27
N LEU AA 153 -9.48 99.21 -30.32
CA LEU AA 153 -10.14 97.92 -30.21
C LEU AA 153 -9.10 96.87 -29.84
N GLY AA 154 -9.21 96.32 -28.63
CA GLY AA 154 -8.29 95.28 -28.23
C GLY AA 154 -8.32 94.10 -29.18
N ALA AA 155 -7.18 93.44 -29.32
CA ALA AA 155 -7.03 92.38 -30.31
C ALA AA 155 -8.04 91.26 -30.07
N LEU AA 156 -8.42 90.60 -31.16
CA LEU AA 156 -9.39 89.51 -31.08
C LEU AA 156 -8.90 88.41 -30.18
N VAL AA 157 -9.82 87.83 -29.40
CA VAL AA 157 -9.52 86.75 -28.48
C VAL AA 157 -10.60 85.70 -28.68
N GLN AA 158 -10.30 84.68 -29.49
CA GLN AA 158 -11.28 83.63 -29.71
C GLN AA 158 -11.27 82.66 -28.54
N ALA AA 159 -12.44 82.45 -27.95
CA ALA AA 159 -12.55 81.61 -26.76
C ALA AA 159 -12.27 80.16 -27.10
N LYS AA 160 -12.03 79.38 -26.05
CA LYS AA 160 -11.78 77.96 -26.22
C LYS AA 160 -12.97 77.29 -26.90
N GLU AA 161 -12.68 76.21 -27.63
CA GLU AA 161 -13.73 75.36 -28.19
C GLU AA 161 -14.17 74.38 -27.11
N MET AA 162 -14.80 74.93 -26.08
CA MET AA 162 -15.15 74.15 -24.91
C MET AA 162 -16.06 72.98 -25.28
N LEU AA 163 -16.02 71.96 -24.42
CA LEU AA 163 -16.98 70.86 -24.44
C LEU AA 163 -17.77 70.80 -23.15
N LEU AA 164 -17.07 70.89 -22.01
CA LEU AA 164 -17.76 70.99 -20.72
C LEU AA 164 -18.54 72.29 -20.61
N HIS AA 165 -17.96 73.38 -21.09
CA HIS AA 165 -18.57 74.69 -21.02
C HIS AA 165 -18.86 75.10 -19.57
N ARG AA 166 -17.80 75.29 -18.81
CA ARG AA 166 -17.91 76.03 -17.57
C ARG AA 166 -17.77 77.51 -17.88
N SER AA 167 -18.57 78.33 -17.22
CA SER AA 167 -18.66 79.74 -17.54
C SER AA 167 -17.91 80.59 -16.52
N GLY AA 168 -17.63 81.83 -16.91
CA GLY AA 168 -16.98 82.77 -16.03
C GLY AA 168 -15.64 83.26 -16.55
N THR AA 169 -14.83 82.35 -17.06
CA THR AA 169 -13.48 82.70 -17.47
C THR AA 169 -13.49 83.53 -18.74
N ASP AA 170 -12.30 83.90 -19.19
CA ASP AA 170 -12.15 84.67 -20.41
C ASP AA 170 -12.04 83.81 -21.64
N GLU AA 171 -11.44 82.62 -21.53
CA GLU AA 171 -11.37 81.67 -22.63
C GLU AA 171 -12.67 80.95 -22.85
N SER AA 172 -13.74 81.39 -22.25
CA SER AA 172 -15.05 80.80 -22.35
C SER AA 172 -15.87 81.47 -23.45
N PRO AA 173 -16.76 80.73 -24.10
CA PRO AA 173 -17.70 81.36 -25.01
C PRO AA 173 -18.70 82.20 -24.24
N ARG AA 174 -19.47 82.98 -24.98
CA ARG AA 174 -20.40 83.93 -24.39
C ARG AA 174 -21.82 83.46 -24.63
N LEU AA 175 -22.50 83.09 -23.55
CA LEU AA 175 -23.90 82.74 -23.65
C LEU AA 175 -24.74 83.98 -23.95
N GLY AA 176 -25.94 83.74 -24.47
CA GLY AA 176 -26.85 84.83 -24.76
C GLY AA 176 -27.24 85.63 -23.54
N ASP AA 177 -26.92 85.15 -22.34
CA ASP AA 177 -27.27 85.84 -21.11
C ASP AA 177 -26.14 85.65 -20.11
N GLY AA 178 -25.91 86.69 -19.31
CA GLY AA 178 -24.86 86.69 -18.33
C GLY AA 178 -24.87 87.99 -17.56
N PRO AA 179 -23.76 88.30 -16.86
CA PRO AA 179 -23.74 89.54 -16.07
C PRO AA 179 -23.90 90.79 -16.91
N GLY AA 180 -23.09 90.95 -17.95
CA GLY AA 180 -23.14 92.16 -18.76
C GLY AA 180 -23.69 91.95 -20.15
N SER AA 181 -23.87 90.69 -20.53
CA SER AA 181 -24.40 90.37 -21.86
C SER AA 181 -25.78 90.96 -22.10
N ARG AA 182 -26.58 91.08 -21.04
CA ARG AA 182 -27.96 91.51 -21.04
C ARG AA 182 -28.20 92.74 -21.92
N PRO AA 183 -29.39 92.90 -22.46
CA PRO AA 183 -29.90 94.23 -22.81
C PRO AA 183 -30.37 94.97 -21.57
N ASP AA 184 -29.55 94.90 -20.51
CA ASP AA 184 -29.98 95.25 -19.16
C ASP AA 184 -31.22 94.43 -18.76
N ALA AA 185 -31.15 93.14 -19.13
CA ALA AA 185 -32.21 92.13 -18.87
C ALA AA 185 -31.67 90.92 -18.09
N GLU AA 186 -31.05 91.13 -16.92
CA GLU AA 186 -30.60 90.01 -16.05
C GLU AA 186 -31.79 89.59 -15.20
N GLN AA 187 -32.91 90.30 -15.30
CA GLN AA 187 -34.12 89.80 -14.61
C GLN AA 187 -34.46 88.49 -15.31
N ARG AA 188 -33.91 88.29 -16.50
CA ARG AA 188 -34.09 87.00 -17.21
C ARG AA 188 -33.53 85.90 -16.30
N ARG AA 189 -32.43 86.18 -15.63
CA ARG AA 189 -31.87 85.19 -14.69
C ARG AA 189 -32.88 84.92 -13.60
N VAL AA 190 -33.51 85.94 -13.04
CA VAL AA 190 -34.51 85.59 -11.99
C VAL AA 190 -35.73 84.86 -12.57
N THR AA 191 -36.17 85.21 -13.79
CA THR AA 191 -37.41 84.61 -14.34
C THR AA 191 -37.16 83.46 -15.32
N ARG AA 192 -35.91 83.07 -15.55
CA ARG AA 192 -35.64 81.90 -16.42
C ARG AA 192 -34.87 80.83 -15.65
N TYR AA 193 -34.71 79.63 -16.23
CA TYR AA 193 -34.08 78.52 -15.52
C TYR AA 193 -32.87 77.97 -16.26
N ALA AA 194 -32.27 78.74 -17.15
CA ALA AA 194 -31.01 78.40 -17.78
C ALA AA 194 -30.55 79.62 -18.56
N ARG AA 195 -29.45 79.50 -19.28
CA ARG AA 195 -28.97 80.58 -20.12
C ARG AA 195 -29.29 80.30 -21.58
N LEU AA 196 -29.47 81.37 -22.34
CA LEU AA 196 -29.65 81.20 -23.75
C LEU AA 196 -28.35 80.71 -24.37
N PRO AA 197 -28.42 79.98 -25.48
CA PRO AA 197 -27.20 79.37 -26.03
C PRO AA 197 -26.15 80.38 -26.44
N VAL AA 198 -24.98 79.88 -26.83
CA VAL AA 198 -23.83 80.72 -27.11
C VAL AA 198 -24.11 81.62 -28.30
N GLN AA 199 -23.71 82.88 -28.18
CA GLN AA 199 -23.80 83.84 -29.29
C GLN AA 199 -22.45 84.02 -29.99
N ALA AA 200 -21.43 84.39 -29.22
CA ALA AA 200 -20.15 84.80 -29.77
C ALA AA 200 -19.10 83.78 -29.37
N ARG AA 201 -18.49 83.14 -30.36
CA ARG AA 201 -17.38 82.23 -30.06
C ARG AA 201 -16.11 83.00 -29.75
N THR AA 202 -15.87 84.11 -30.45
CA THR AA 202 -14.75 85.00 -30.18
C THR AA 202 -15.30 86.31 -29.59
N LEU AA 203 -14.41 87.28 -29.42
CA LEU AA 203 -14.79 88.53 -28.78
C LEU AA 203 -13.69 89.55 -29.01
N LEU AA 204 -13.94 90.78 -28.58
CA LEU AA 204 -13.07 91.91 -28.88
C LEU AA 204 -13.45 93.07 -27.98
N GLU AA 205 -12.45 93.78 -27.49
CA GLU AA 205 -12.67 94.86 -26.53
C GLU AA 205 -12.63 96.22 -27.22
N VAL AA 206 -13.07 97.23 -26.49
CA VAL AA 206 -13.13 98.60 -26.98
C VAL AA 206 -12.47 99.50 -25.93
N TYR AA 207 -11.52 100.32 -26.35
CA TYR AA 207 -10.81 101.23 -25.46
C TYR AA 207 -10.89 102.65 -25.99
N LEU AA 208 -10.55 103.60 -25.12
CA LEU AA 208 -10.56 105.03 -25.40
C LEU AA 208 -9.36 105.68 -24.72
N PRO AA 209 -9.06 106.95 -25.00
CA PRO AA 209 -8.01 107.65 -24.24
C PRO AA 209 -8.37 107.77 -22.77
N GLY AA 210 -7.36 107.61 -21.92
CA GLY AA 210 -7.60 107.32 -20.52
C GLY AA 210 -8.40 108.41 -19.82
N GLU AA 211 -9.37 107.99 -19.01
CA GLU AA 211 -10.22 108.90 -18.27
C GLU AA 211 -10.86 108.11 -17.12
N GLU AA 212 -11.96 108.64 -16.58
CA GLU AA 212 -12.64 108.05 -15.43
C GLU AA 212 -13.28 106.71 -15.81
N HIS AA 213 -13.96 106.13 -14.82
CA HIS AA 213 -14.49 104.77 -14.92
C HIS AA 213 -16.01 104.72 -14.89
N GLY AA 214 -16.63 105.22 -13.83
CA GLY AA 214 -18.07 105.11 -13.69
C GLY AA 214 -18.68 106.25 -12.90
N GLU AA 215 -19.70 106.89 -13.46
CA GLU AA 215 -20.34 108.04 -12.81
C GLU AA 215 -21.65 108.32 -13.50
N VAL AA 216 -22.60 108.88 -12.73
CA VAL AA 216 -23.89 109.32 -13.25
C VAL AA 216 -23.83 110.84 -13.38
N ASP AA 217 -24.16 111.34 -14.57
CA ASP AA 217 -24.00 112.75 -14.90
C ASP AA 217 -25.36 113.40 -15.07
N ALA AA 218 -25.45 114.67 -14.67
CA ALA AA 218 -26.69 115.44 -14.75
C ALA AA 218 -26.74 116.37 -15.96
N ALA AA 219 -25.76 116.29 -16.85
CA ALA AA 219 -25.70 117.16 -18.03
C ALA AA 219 -25.81 116.41 -19.35
N ALA AA 220 -25.63 115.10 -19.35
CA ALA AA 220 -25.83 114.29 -20.56
C ALA AA 220 -27.22 113.69 -20.64
N ASP AA 221 -28.11 114.04 -19.70
CA ASP AA 221 -29.42 113.41 -19.51
C ASP AA 221 -29.28 111.91 -19.23
N ALA AA 222 -28.08 111.48 -18.82
CA ALA AA 222 -27.76 110.09 -18.58
C ALA AA 222 -26.34 110.00 -18.04
N ASP AA 223 -25.87 108.79 -17.75
CA ASP AA 223 -24.48 108.60 -17.42
C ASP AA 223 -23.60 108.95 -18.62
N ALA AA 224 -22.41 109.49 -18.35
CA ALA AA 224 -21.42 109.77 -19.40
C ALA AA 224 -20.02 109.47 -18.84
N THR AA 225 -19.58 108.24 -19.04
CA THR AA 225 -18.26 107.75 -18.61
C THR AA 225 -17.90 106.55 -19.49
N ILE AA 226 -16.85 105.83 -19.11
CA ILE AA 226 -16.46 104.64 -19.86
C ILE AA 226 -17.61 103.65 -19.90
N LEU AA 227 -18.08 103.22 -18.72
CA LEU AA 227 -19.18 102.27 -18.65
C LEU AA 227 -20.41 102.82 -19.35
N ALA AA 228 -20.72 104.10 -19.15
CA ALA AA 228 -21.83 104.70 -19.88
C ALA AA 228 -21.58 104.66 -21.38
N HIS AA 229 -20.38 105.05 -21.82
CA HIS AA 229 -20.01 104.87 -23.22
C HIS AA 229 -20.12 103.42 -23.64
N GLY AA 230 -20.13 102.49 -22.68
CA GLY AA 230 -20.40 101.09 -22.96
C GLY AA 230 -21.84 100.72 -22.74
N TYR AA 231 -22.40 101.10 -21.59
CA TYR AA 231 -23.79 100.79 -21.32
C TYR AA 231 -24.69 101.46 -22.34
N PHE AA 232 -24.50 102.75 -22.58
CA PHE AA 232 -25.29 103.46 -23.55
C PHE AA 232 -24.82 103.21 -24.96
N LEU AA 233 -24.11 102.10 -25.16
CA LEU AA 233 -23.92 101.46 -26.44
C LEU AA 233 -24.52 100.06 -26.50
N GLN AA 234 -24.44 99.30 -25.40
CA GLN AA 234 -25.04 97.97 -25.40
C GLN AA 234 -26.57 98.05 -25.42
N GLU AA 235 -27.15 99.05 -24.75
CA GLU AA 235 -28.60 99.24 -24.86
C GLU AA 235 -28.98 99.57 -26.29
N GLN AA 236 -28.18 100.39 -26.96
CA GLN AA 236 -28.46 100.73 -28.34
C GLN AA 236 -28.26 99.53 -29.25
N LEU AA 237 -27.30 98.66 -28.93
CA LEU AA 237 -27.06 97.48 -29.76
C LEU AA 237 -28.24 96.52 -29.72
N HIS AA 238 -28.71 96.20 -28.51
CA HIS AA 238 -29.88 95.32 -28.42
C HIS AA 238 -31.14 95.94 -28.93
N ARG AA 239 -31.04 97.13 -29.53
CA ARG AA 239 -32.19 97.68 -30.25
C ARG AA 239 -32.29 97.09 -31.65
N HIS AA 240 -31.17 96.65 -32.23
CA HIS AA 240 -31.21 96.05 -33.55
C HIS AA 240 -31.55 94.57 -33.51
N MET AA 241 -31.33 93.90 -32.37
CA MET AA 241 -31.81 92.54 -32.22
C MET AA 241 -33.32 92.49 -32.10
N THR AA 242 -33.96 93.63 -31.82
CA THR AA 242 -35.41 93.69 -31.74
C THR AA 242 -36.05 93.39 -33.08
N THR AA 243 -35.74 94.20 -34.09
CA THR AA 243 -36.25 93.98 -35.43
C THR AA 243 -35.64 92.72 -36.05
N VAL AA 285 -30.12 110.26 -34.60
CA VAL AA 285 -30.49 108.93 -35.07
C VAL AA 285 -29.28 108.22 -35.64
N LYS AA 286 -28.83 107.16 -34.98
CA LYS AA 286 -27.66 106.42 -35.43
C LYS AA 286 -27.96 104.93 -35.48
N SER AA 287 -28.08 104.40 -36.70
CA SER AA 287 -28.24 102.98 -36.96
C SER AA 287 -26.91 102.31 -37.25
N SER AA 288 -25.80 102.89 -36.78
CA SER AA 288 -24.54 102.16 -36.81
C SER AA 288 -24.67 100.88 -36.00
N VAL AA 289 -25.37 100.94 -34.87
CA VAL AA 289 -25.67 99.75 -34.09
C VAL AA 289 -26.54 98.80 -34.88
N ALA AA 290 -27.21 99.27 -35.93
CA ALA AA 290 -27.96 98.39 -36.82
C ALA AA 290 -27.07 97.88 -37.94
N ALA AA 291 -26.17 98.72 -38.45
CA ALA AA 291 -25.19 98.25 -39.43
C ALA AA 291 -24.22 97.28 -38.79
N LEU AA 292 -23.74 97.60 -37.57
CA LEU AA 292 -22.81 96.72 -36.87
C LEU AA 292 -23.32 95.30 -36.77
N HIS AA 293 -24.64 95.13 -36.79
CA HIS AA 293 -25.19 93.78 -36.75
C HIS AA 293 -25.05 93.09 -38.10
N ASP AA 294 -25.39 93.79 -39.18
CA ASP AA 294 -25.54 93.14 -40.48
C ASP AA 294 -24.26 93.18 -41.30
N VAL AA 295 -23.78 94.38 -41.64
CA VAL AA 295 -22.67 94.47 -42.58
C VAL AA 295 -21.35 94.14 -41.89
N CYS AA 296 -21.16 94.63 -40.68
CA CYS AA 296 -20.05 94.19 -39.84
C CYS AA 296 -20.52 92.97 -39.05
N GLY AA 297 -19.72 92.55 -38.08
CA GLY AA 297 -20.16 91.48 -37.22
C GLY AA 297 -20.10 91.85 -35.75
N VAL AA 298 -21.27 91.97 -35.12
CA VAL AA 298 -21.35 92.03 -33.67
C VAL AA 298 -22.70 91.45 -33.28
N ILE AA 299 -22.67 90.40 -32.47
CA ILE AA 299 -23.90 89.69 -32.12
C ILE AA 299 -23.94 89.57 -30.61
N TYR AA 300 -23.17 90.40 -29.93
CA TYR AA 300 -23.02 90.30 -28.49
C TYR AA 300 -22.27 91.52 -28.00
N CYS AA 301 -22.75 92.10 -26.89
CA CYS AA 301 -22.07 93.21 -26.24
C CYS AA 301 -22.19 93.02 -24.75
N GLU AA 302 -21.11 93.33 -24.03
CA GLU AA 302 -21.07 93.11 -22.60
C GLU AA 302 -20.07 94.06 -21.97
N VAL AA 303 -20.49 94.75 -20.91
CA VAL AA 303 -19.61 95.61 -20.13
C VAL AA 303 -19.05 94.78 -18.98
N PRO AA 304 -17.75 94.62 -18.88
CA PRO AA 304 -17.17 93.67 -17.92
C PRO AA 304 -17.13 94.25 -16.52
N VAL AA 305 -16.47 93.53 -15.64
CA VAL AA 305 -16.21 93.97 -14.28
C VAL AA 305 -14.85 94.67 -14.26
N LEU AA 306 -14.77 95.81 -13.60
CA LEU AA 306 -13.51 96.52 -13.47
C LEU AA 306 -12.56 95.72 -12.59
N ASP AA 307 -11.57 95.07 -13.21
CA ASP AA 307 -10.65 94.22 -12.46
C ASP AA 307 -9.83 95.05 -11.48
N GLU AA 308 -9.07 94.35 -10.64
CA GLU AA 308 -8.31 95.00 -9.58
C GLU AA 308 -6.94 94.37 -9.44
N SER AA 309 -6.07 95.07 -8.71
CA SER AA 309 -4.73 94.60 -8.38
C SER AA 309 -4.36 95.12 -7.00
N ASP AA 310 -3.24 94.62 -6.49
CA ASP AA 310 -2.85 94.90 -5.11
C ASP AA 310 -2.20 96.27 -4.95
N PHE BA 81 -18.94 59.51 51.68
CA PHE BA 81 -19.74 58.29 51.69
C PHE BA 81 -18.85 57.06 51.76
N GLN BA 82 -19.48 55.90 51.90
CA GLN BA 82 -18.75 54.65 51.95
C GLN BA 82 -19.38 53.60 51.02
N SER BA 83 -20.71 53.61 50.93
CA SER BA 83 -21.42 52.79 49.95
C SER BA 83 -22.82 53.38 49.78
N GLU BA 84 -23.74 52.59 49.21
CA GLU BA 84 -25.10 53.06 48.87
C GLU BA 84 -25.76 53.74 50.06
N PRO BA 85 -25.92 55.06 50.01
CA PRO BA 85 -26.36 55.79 51.19
C PRO BA 85 -27.87 55.94 51.27
N TYR BA 86 -28.47 55.53 52.37
CA TYR BA 86 -29.90 55.70 52.58
C TYR BA 86 -30.08 56.56 53.83
N PHE BA 87 -30.65 57.74 53.65
CA PHE BA 87 -30.90 58.66 54.75
C PHE BA 87 -32.33 58.48 55.22
N GLU BA 88 -32.48 58.03 56.46
CA GLU BA 88 -33.80 57.93 57.06
C GLU BA 88 -34.38 59.33 57.22
N GLU BA 89 -35.67 59.46 56.91
CA GLU BA 89 -36.30 60.76 56.86
C GLU BA 89 -36.21 61.46 58.21
N GLU BA 90 -36.15 62.79 58.17
CA GLU BA 90 -36.03 63.60 59.37
C GLU BA 90 -37.12 64.68 59.38
N ILE BA 91 -37.23 65.35 60.53
CA ILE BA 91 -38.28 66.31 60.80
C ILE BA 91 -37.63 67.63 61.21
N GLU BA 92 -38.45 68.59 61.59
CA GLU BA 92 -37.99 69.87 62.10
C GLU BA 92 -37.20 69.66 63.40
N ALA BA 93 -36.64 70.76 63.90
CA ALA BA 93 -35.88 70.69 65.15
C ALA BA 93 -36.79 70.32 66.31
N TYR BA 94 -37.97 70.95 66.38
CA TYR BA 94 -38.84 70.76 67.53
C TYR BA 94 -39.81 69.61 67.36
N ARG BA 95 -40.31 69.40 66.16
CA ARG BA 95 -41.24 68.31 65.90
C ARG BA 95 -40.56 66.96 65.74
N ALA BA 96 -39.28 66.87 66.07
CA ALA BA 96 -38.55 65.63 65.77
C ALA BA 96 -38.81 64.56 66.81
N HIS BA 97 -38.49 64.84 68.07
CA HIS BA 97 -38.59 63.84 69.12
C HIS BA 97 -39.92 63.95 69.87
N HIS BA 98 -40.42 62.81 70.32
CA HIS BA 98 -41.66 62.75 71.09
C HIS BA 98 -42.81 63.39 70.31
N ARG BA 99 -43.01 62.89 69.09
CA ARG BA 99 -44.14 63.34 68.30
C ARG BA 99 -45.44 62.94 68.99
N PRO BA 100 -46.50 63.73 68.84
CA PRO BA 100 -47.75 63.40 69.52
C PRO BA 100 -48.46 62.26 68.79
N ASP BA 101 -48.84 61.24 69.55
CA ASP BA 101 -49.59 60.11 68.99
C ASP BA 101 -51.06 60.52 68.89
N VAL BA 102 -51.31 61.48 68.00
CA VAL BA 102 -52.66 61.99 67.74
C VAL BA 102 -53.08 61.51 66.36
N TYR BA 103 -54.13 60.70 66.31
CA TYR BA 103 -54.58 60.09 65.08
C TYR BA 103 -55.91 60.65 64.63
N VAL BA 104 -56.24 60.37 63.39
CA VAL BA 104 -57.61 60.34 62.92
C VAL BA 104 -57.83 58.89 62.55
N TYR BA 105 -59.00 58.54 62.01
CA TYR BA 105 -59.35 57.13 61.86
C TYR BA 105 -58.20 56.35 61.25
N LYS BA 106 -57.57 55.51 62.07
CA LYS BA 106 -56.45 54.65 61.71
C LYS BA 106 -55.30 55.37 61.00
N TYR BA 107 -55.28 56.70 61.04
CA TYR BA 107 -54.24 57.49 60.39
C TYR BA 107 -53.56 58.39 61.42
N ASN BA 108 -52.23 58.35 61.45
CA ASN BA 108 -51.48 59.29 62.27
C ASN BA 108 -51.47 60.65 61.57
N VAL BA 109 -52.16 61.60 62.16
CA VAL BA 109 -52.22 62.95 61.64
C VAL BA 109 -51.27 63.83 62.44
N SER BA 110 -50.87 64.93 61.83
CA SER BA 110 -50.00 65.95 62.41
C SER BA 110 -50.02 67.12 61.44
N PRO BA 111 -49.71 68.34 61.86
CA PRO BA 111 -49.78 69.46 60.92
C PRO BA 111 -48.80 69.32 59.77
N THR BA 112 -47.71 68.59 59.97
CA THR BA 112 -46.67 68.45 58.96
C THR BA 112 -46.78 67.18 58.17
N HIS BA 113 -47.22 66.09 58.79
CA HIS BA 113 -47.14 64.79 58.13
C HIS BA 113 -48.47 64.09 58.25
N LEU BA 114 -48.55 62.93 57.59
CA LEU BA 114 -49.68 62.03 57.63
C LEU BA 114 -49.12 60.65 57.36
N SER BA 115 -49.59 59.65 58.10
CA SER BA 115 -49.06 58.30 57.91
C SER BA 115 -49.99 57.26 58.50
N LEU BA 116 -50.42 56.31 57.69
CA LEU BA 116 -51.23 55.22 58.20
C LEU BA 116 -50.48 54.52 59.32
N ARG BA 117 -51.14 54.41 60.47
CA ARG BA 117 -50.49 53.85 61.65
C ARG BA 117 -50.95 52.43 61.89
N GLY CA 23 7.25 25.32 22.26
CA GLY CA 23 5.99 25.58 21.59
C GLY CA 23 5.83 27.04 21.23
N ASN CA 24 5.40 27.31 19.99
CA ASN CA 24 5.28 28.67 19.49
C ASN CA 24 6.57 29.45 19.65
N PRO CA 25 7.57 29.22 18.81
CA PRO CA 25 8.82 29.97 18.94
C PRO CA 25 8.57 31.45 18.68
N VAL CA 26 7.99 32.10 19.69
CA VAL CA 26 7.37 33.41 19.49
C VAL CA 26 8.36 34.40 18.89
N ASN CA 27 9.61 34.35 19.32
CA ASN CA 27 10.60 35.25 18.72
C ASN CA 27 12.00 34.84 19.13
N LYS CA 28 12.92 34.96 18.19
CA LYS CA 28 14.36 34.97 18.40
C LYS CA 28 14.76 36.36 18.89
N THR CA 29 15.95 36.81 18.52
CA THR CA 29 16.75 37.84 19.16
C THR CA 29 16.00 38.90 19.98
N TRP CA 30 14.91 39.46 19.46
CA TRP CA 30 13.94 40.24 20.23
C TRP CA 30 14.54 41.46 20.92
N PHE CA 31 15.86 41.64 20.83
CA PHE CA 31 16.52 42.69 21.58
C PHE CA 31 17.04 43.80 20.69
N ARG CA 32 17.24 43.52 19.41
CA ARG CA 32 17.44 44.59 18.46
C ARG CA 32 16.21 45.48 18.38
N HIS CA 33 15.02 44.89 18.52
CA HIS CA 33 13.80 45.65 18.45
C HIS CA 33 13.61 46.55 19.66
N ASN CA 34 14.44 46.41 20.69
CA ASN CA 34 14.38 47.33 21.82
C ASN CA 34 15.37 48.48 21.70
N LEU CA 35 16.37 48.36 20.82
CA LEU CA 35 17.39 49.39 20.69
C LEU CA 35 17.63 49.81 19.24
N ILE CA 36 16.69 49.57 18.34
CA ILE CA 36 16.81 50.05 16.97
C ILE CA 36 15.55 50.83 16.62
N ILE CA 37 15.66 51.71 15.64
CA ILE CA 37 14.50 52.45 15.13
C ILE CA 37 14.09 51.75 13.84
N ARG CA 38 13.26 50.74 13.98
CA ARG CA 38 12.83 49.96 12.84
C ARG CA 38 11.47 50.46 12.36
N ARG CA 39 11.41 50.83 11.09
CA ARG CA 39 10.21 51.40 10.51
C ARG CA 39 9.86 50.60 9.27
N LYS CA 40 8.70 49.97 9.28
CA LYS CA 40 8.29 49.10 8.19
C LYS CA 40 8.38 49.82 6.86
N GLY CA 41 8.49 49.06 5.78
CA GLY CA 41 8.36 49.65 4.47
C GLY CA 41 7.04 49.26 3.85
N SER CA 42 6.06 50.16 3.86
CA SER CA 42 4.73 49.82 3.38
C SER CA 42 4.10 51.01 2.66
N TYR CA 43 4.91 51.73 1.88
CA TYR CA 43 4.47 52.83 1.02
C TYR CA 43 3.93 54.00 1.83
N ARG CA 44 3.73 53.80 3.12
CA ARG CA 44 3.40 54.89 4.03
C ARG CA 44 4.44 55.01 5.13
N SER CA 45 4.68 53.93 5.86
CA SER CA 45 5.87 53.81 6.70
C SER CA 45 7.02 53.45 5.77
N ARG CA 46 8.04 54.29 5.76
CA ARG CA 46 9.17 54.13 4.85
C ARG CA 46 10.20 55.18 5.19
N TRP CA 47 11.48 54.91 4.95
CA TRP CA 47 12.51 55.85 5.36
C TRP CA 47 12.63 57.00 4.39
N GLY CA 48 12.95 56.72 3.14
CA GLY CA 48 13.28 57.76 2.21
C GLY CA 48 14.73 58.20 2.35
N ASN CA 49 15.23 58.84 1.31
CA ASN CA 49 16.63 59.26 1.24
C ASN CA 49 16.94 60.50 2.04
N GLY CA 50 16.04 60.96 2.90
CA GLY CA 50 16.07 62.34 3.31
C GLY CA 50 15.46 63.15 2.20
N THR CA 51 15.70 64.46 2.25
CA THR CA 51 15.32 65.38 1.17
C THR CA 51 13.81 65.34 0.90
N GLU CA 52 13.00 65.06 1.91
CA GLU CA 52 11.55 65.11 1.73
C GLU CA 52 10.87 65.93 2.81
N GLY CA 53 11.37 65.87 4.04
CA GLY CA 53 10.72 66.50 5.16
C GLY CA 53 11.26 65.88 6.42
N TYR CA 54 10.80 66.43 7.55
CA TYR CA 54 11.30 65.92 8.82
C TYR CA 54 10.96 64.44 8.96
N GLY CA 55 11.85 63.73 9.62
CA GLY CA 55 11.81 62.28 9.55
C GLY CA 55 12.50 61.86 8.27
N ALA CA 56 13.72 62.37 8.09
CA ALA CA 56 14.45 62.19 6.84
C ALA CA 56 14.60 60.72 6.50
N GLY CA 57 15.37 59.99 7.28
CA GLY CA 57 15.48 58.57 7.07
C GLY CA 57 16.88 58.08 7.38
N VAL CA 58 17.01 56.75 7.40
CA VAL CA 58 18.29 56.07 7.53
C VAL CA 58 19.04 56.59 8.74
N PRO CA 59 18.68 56.18 9.94
CA PRO CA 59 19.34 56.72 11.14
C PRO CA 59 20.74 56.18 11.38
N LEU CA 60 21.39 55.61 10.35
CA LEU CA 60 22.80 55.25 10.41
C LEU CA 60 23.08 54.17 11.46
N SER CA 61 22.51 52.99 11.29
CA SER CA 61 22.58 51.96 12.32
C SER CA 61 23.50 50.83 11.89
N ASP CA 62 24.79 51.00 12.15
CA ASP CA 62 25.76 49.91 12.23
C ASP CA 62 27.09 50.54 12.65
N GLN CA 63 28.15 49.72 12.69
CA GLN CA 63 29.50 50.25 12.82
C GLN CA 63 29.83 51.08 11.59
N VAL CA 64 29.87 52.41 11.75
CA VAL CA 64 29.93 53.32 10.62
C VAL CA 64 31.26 54.06 10.53
N LYS CA 65 32.13 53.92 11.52
CA LYS CA 65 33.46 54.53 11.48
C LYS CA 65 33.36 56.04 11.25
N LEU CA 66 32.77 56.71 12.22
CA LEU CA 66 32.69 58.16 12.20
C LEU CA 66 34.07 58.78 12.33
N HIS CA 67 34.20 60.01 11.83
CA HIS CA 67 35.42 60.77 12.04
C HIS CA 67 35.35 61.50 13.37
N CYS CA 68 36.47 61.53 14.07
CA CYS CA 68 36.63 62.37 15.25
C CYS CA 68 37.08 63.74 14.78
N VAL CA 69 36.79 64.78 15.56
CA VAL CA 69 37.22 66.10 15.14
C VAL CA 69 37.94 66.87 16.23
N ASP CA 70 37.64 66.57 17.49
CA ASP CA 70 38.23 67.35 18.57
C ASP CA 70 39.67 66.89 18.84
N ASN CA 71 40.45 67.80 19.42
CA ASN CA 71 41.89 67.57 19.55
C ASN CA 71 42.13 66.51 20.61
N THR CA 72 42.39 65.30 20.13
CA THR CA 72 42.90 64.21 20.95
C THR CA 72 43.72 63.31 20.04
N ASN CA 73 44.04 62.12 20.50
CA ASN CA 73 44.61 61.11 19.62
C ASN CA 73 43.56 60.18 19.05
N CYS CA 74 42.28 60.47 19.24
CA CYS CA 74 41.26 59.84 18.41
C CYS CA 74 41.63 60.08 16.95
N LYS CA 75 41.40 59.07 16.12
CA LYS CA 75 42.08 59.07 14.83
C LYS CA 75 41.68 60.25 13.96
N HIS CA 76 40.53 60.87 14.25
CA HIS CA 76 39.99 62.00 13.50
C HIS CA 76 39.60 61.58 12.08
N VAL CA 77 39.94 60.35 11.72
CA VAL CA 77 39.55 59.77 10.44
C VAL CA 77 38.75 58.49 10.63
N ARG CA 78 38.88 57.82 11.77
CA ARG CA 78 38.14 56.61 12.04
C ARG CA 78 37.76 56.58 13.52
N LEU CA 79 36.50 56.24 13.79
CA LEU CA 79 36.02 55.96 15.13
C LEU CA 79 34.76 55.10 14.96
N ILE CA 80 34.87 53.84 15.31
CA ILE CA 80 33.88 52.86 14.91
C ILE CA 80 32.64 52.99 15.78
N ALA CA 81 31.48 52.75 15.18
CA ALA CA 81 30.22 53.01 15.86
C ALA CA 81 29.82 51.85 16.74
N LYS CA 82 28.98 52.15 17.73
CA LYS CA 82 28.49 51.14 18.67
C LYS CA 82 26.99 50.97 18.57
N ALA CA 83 26.22 52.05 18.71
CA ALA CA 83 24.78 51.96 18.82
C ALA CA 83 24.13 51.91 17.45
N THR CA 84 22.94 51.33 17.40
CA THR CA 84 22.19 51.16 16.16
C THR CA 84 21.19 52.28 15.94
N ALA CA 85 21.58 53.54 16.11
CA ALA CA 85 20.75 54.68 15.74
C ALA CA 85 21.50 56.00 15.88
N GLU CA 86 21.43 56.86 14.85
CA GLU CA 86 22.12 58.15 14.89
C GLU CA 86 21.41 59.10 13.93
N ARG CA 87 20.56 59.98 14.47
CA ARG CA 87 20.06 61.14 13.71
C ARG CA 87 19.13 61.93 14.63
N PHE CA 88 18.88 63.19 14.26
CA PHE CA 88 18.07 64.05 15.12
C PHE CA 88 16.58 63.86 14.90
N ALA CA 89 16.16 63.66 13.65
CA ALA CA 89 14.79 63.20 13.45
C ALA CA 89 14.59 61.82 14.10
N HIS CA 90 15.68 61.21 14.58
CA HIS CA 90 15.69 60.15 15.57
C HIS CA 90 16.11 60.66 16.96
N CYS CA 91 16.37 61.97 17.09
CA CYS CA 91 16.68 62.57 18.38
C CYS CA 91 18.00 62.03 18.93
N ARG CA 92 19.08 62.52 18.34
CA ARG CA 92 20.36 62.51 19.04
C ARG CA 92 20.34 63.32 20.32
N VAL CA 93 19.19 63.87 20.71
CA VAL CA 93 19.15 64.73 21.88
C VAL CA 93 18.97 63.92 23.17
N PHE CA 94 18.62 62.63 23.08
CA PHE CA 94 18.65 61.74 24.23
C PHE CA 94 19.04 60.30 23.88
N PRO CA 95 20.09 60.11 23.10
CA PRO CA 95 20.37 58.76 22.61
C PRO CA 95 21.29 57.94 23.50
N ALA CA 96 22.15 58.59 24.27
CA ALA CA 96 23.26 57.93 24.96
C ALA CA 96 24.04 57.04 23.98
N VAL CA 97 24.42 57.62 22.85
CA VAL CA 97 25.07 56.85 21.80
C VAL CA 97 26.50 56.51 22.15
N ALA CA 98 26.72 55.26 22.53
CA ALA CA 98 28.07 54.76 22.76
C ALA CA 98 28.83 54.69 21.45
N HIS CA 99 30.16 54.70 21.56
CA HIS CA 99 31.03 54.69 20.39
C HIS CA 99 32.39 54.17 20.81
N ARG CA 100 32.93 53.26 20.02
CA ARG CA 100 34.22 52.63 20.30
C ARG CA 100 35.28 53.29 19.43
N VAL CA 101 36.46 53.49 20.00
CA VAL CA 101 37.54 54.14 19.28
C VAL CA 101 38.40 53.08 18.60
N SER CA 102 38.60 53.23 17.29
CA SER CA 102 39.45 52.33 16.52
C SER CA 102 40.37 53.19 15.67
N VAL CA 103 41.46 53.65 16.25
CA VAL CA 103 42.39 54.48 15.50
C VAL CA 103 43.26 53.57 14.64
N GLN CA 104 43.36 53.90 13.35
CA GLN CA 104 44.37 53.27 12.52
C GLN CA 104 45.76 53.76 12.91
N ARG CA 105 45.84 54.92 13.53
CA ARG CA 105 47.02 55.44 14.21
C ARG CA 105 46.61 56.64 15.04
N PHE CA 106 47.16 56.73 16.25
CA PHE CA 106 46.92 57.86 17.13
C PHE CA 106 48.17 58.72 17.28
N LYS CA 107 49.26 58.14 17.81
CA LYS CA 107 50.59 58.75 17.79
C LYS CA 107 51.65 57.66 17.67
N GLY CA 108 51.30 56.53 17.08
CA GLY CA 108 52.25 55.44 16.92
C GLY CA 108 52.00 54.27 17.85
N ARG CA 119 44.93 61.98 26.24
CA ARG CA 119 45.41 60.92 25.35
C ARG CA 119 44.63 59.61 25.58
N VAL CA 120 44.08 59.07 24.51
CA VAL CA 120 43.20 57.91 24.58
C VAL CA 120 43.92 56.68 24.06
N LYS CA 121 43.33 55.53 24.28
CA LYS CA 121 43.77 54.24 23.76
C LYS CA 121 43.01 53.94 22.48
N PRO CA 122 43.51 53.03 21.65
CA PRO CA 122 42.72 52.57 20.51
C PRO CA 122 41.67 51.52 20.88
N GLY CA 123 41.33 51.40 22.15
CA GLY CA 123 40.43 50.37 22.58
C GLY CA 123 39.41 50.71 23.65
N ASN CA 124 38.93 51.95 23.70
CA ASN CA 124 38.04 52.38 24.76
C ASN CA 124 36.68 52.77 24.19
N ILE CA 125 35.68 52.82 25.08
CA ILE CA 125 34.28 52.99 24.70
C ILE CA 125 33.82 54.32 25.29
N TYR CA 126 33.86 55.38 24.47
CA TYR CA 126 33.41 56.71 24.87
C TYR CA 126 32.06 56.99 24.27
N TRP CA 127 31.25 57.78 24.96
CA TRP CA 127 30.06 58.30 24.33
C TRP CA 127 30.45 59.29 23.24
N VAL CA 128 29.45 59.80 22.53
CA VAL CA 128 29.72 60.68 21.40
C VAL CA 128 28.59 61.68 21.29
N CYS CA 129 28.95 62.92 20.95
CA CYS CA 129 27.99 63.99 20.67
C CYS CA 129 28.07 64.26 19.18
N LEU CA 130 27.30 63.49 18.41
CA LEU CA 130 27.32 63.59 16.96
C LEU CA 130 27.20 65.03 16.50
N PHE CA 131 28.02 65.41 15.53
CA PHE CA 131 28.02 66.78 15.01
C PHE CA 131 27.28 66.90 13.70
N THR CA 132 27.68 66.13 12.69
CA THR CA 132 27.08 66.22 11.38
C THR CA 132 27.24 64.89 10.67
N ARG CA 133 26.64 64.79 9.49
CA ARG CA 133 26.61 63.53 8.74
C ARG CA 133 26.45 63.84 7.27
N ARG CA 134 27.11 63.04 6.42
CA ARG CA 134 27.02 63.25 4.99
C ARG CA 134 25.60 63.04 4.48
N GLN CA 135 24.83 62.20 5.16
CA GLN CA 135 23.47 61.96 4.74
C GLN CA 135 22.66 63.23 4.79
N THR CA 136 21.99 63.55 3.67
CA THR CA 136 21.28 64.81 3.56
C THR CA 136 20.06 64.83 4.47
N ASN CA 137 20.22 65.44 5.65
CA ASN CA 137 19.17 65.51 6.64
C ASN CA 137 18.39 66.80 6.47
N THR CA 138 17.12 66.68 6.11
CA THR CA 138 16.24 67.83 5.95
C THR CA 138 15.79 68.34 7.32
N ARG CA 139 15.87 69.65 7.51
CA ARG CA 139 15.44 70.24 8.76
C ARG CA 139 13.97 70.64 8.69
N MET CA 140 13.43 71.03 9.84
CA MET CA 140 12.02 71.43 9.92
C MET CA 140 11.77 72.81 9.39
N SER CA 141 12.73 73.37 8.66
CA SER CA 141 12.52 74.62 7.93
C SER CA 141 12.92 74.47 6.48
N GLY CA 142 12.86 73.25 5.94
CA GLY CA 142 13.27 72.99 4.57
C GLY CA 142 14.75 73.09 4.32
N LEU CA 143 15.53 73.54 5.29
CA LEU CA 143 16.97 73.70 5.09
C LEU CA 143 17.67 72.36 5.05
N GLN CA 144 17.74 71.75 3.87
CA GLN CA 144 18.56 70.57 3.70
C GLN CA 144 20.00 70.88 4.07
N THR CA 145 20.74 69.86 4.45
CA THR CA 145 22.13 70.07 4.83
C THR CA 145 22.86 68.75 4.76
N ASN CA 146 24.09 68.81 4.26
CA ASN CA 146 24.97 67.66 4.24
C ASN CA 146 26.40 68.17 4.17
N PHE CA 147 27.28 67.55 4.93
CA PHE CA 147 28.65 67.98 5.06
C PHE CA 147 29.57 67.03 4.31
N ASP CA 148 30.85 67.36 4.29
CA ASP CA 148 31.79 66.54 3.54
C ASP CA 148 32.00 65.19 4.20
N ARG CA 149 31.94 65.13 5.53
CA ARG CA 149 32.17 63.88 6.23
C ARG CA 149 31.45 63.88 7.56
N ASN CA 150 30.86 62.74 7.90
CA ASN CA 150 30.14 62.59 9.15
C ASN CA 150 31.15 62.54 10.29
N THR CA 151 31.00 63.45 11.24
CA THR CA 151 31.98 63.63 12.30
C THR CA 151 31.27 63.74 13.65
N CYS CA 152 32.07 63.70 14.71
CA CYS CA 152 31.54 63.68 16.06
C CYS CA 152 32.69 63.93 17.03
N ILE CA 153 32.36 64.11 18.30
CA ILE CA 153 33.36 64.32 19.34
C ILE CA 153 33.13 63.32 20.47
N ILE CA 154 34.22 62.80 21.01
CA ILE CA 154 34.16 61.89 22.13
C ILE CA 154 33.93 62.68 23.41
N MET CA 155 33.13 62.11 24.30
CA MET CA 155 32.85 62.73 25.58
C MET CA 155 32.83 61.65 26.64
N ASN CA 156 32.45 62.04 27.84
CA ASN CA 156 32.66 61.21 29.02
C ASN CA 156 31.33 60.71 29.57
N ASP CA 157 31.40 60.01 30.70
CA ASP CA 157 30.22 59.46 31.34
C ASP CA 157 29.33 60.54 31.93
N GLN CA 158 29.91 61.66 32.35
CA GLN CA 158 29.14 62.81 32.79
C GLN CA 158 28.89 63.79 31.66
N ARG CA 159 29.03 63.35 30.42
CA ARG CA 159 28.74 64.16 29.23
C ARG CA 159 29.63 65.40 29.13
N VAL CA 160 30.87 65.29 29.60
CA VAL CA 160 31.85 66.35 29.42
C VAL CA 160 32.82 65.91 28.33
N PRO CA 161 33.22 66.79 27.42
CA PRO CA 161 34.13 66.38 26.36
C PRO CA 161 35.51 66.03 26.90
N LEU CA 162 36.26 65.28 26.08
CA LEU CA 162 37.59 64.86 26.44
C LEU CA 162 38.68 65.77 25.89
N GLY CA 163 38.35 66.59 24.91
CA GLY CA 163 39.31 67.48 24.31
C GLY CA 163 39.27 68.87 24.90
N THR CA 164 40.15 69.72 24.38
CA THR CA 164 40.16 71.14 24.66
C THR CA 164 39.59 71.96 23.52
N ARG CA 165 39.90 71.57 22.28
CA ARG CA 165 39.55 72.34 21.10
C ARG CA 165 38.86 71.42 20.11
N VAL CA 166 38.01 72.00 19.27
CA VAL CA 166 37.26 71.25 18.27
C VAL CA 166 37.53 71.86 16.91
N MET CA 167 37.73 70.99 15.91
CA MET CA 167 38.18 71.40 14.58
C MET CA 167 37.12 71.15 13.52
N TYR CA 168 35.87 71.48 13.81
CA TYR CA 168 34.81 71.26 12.83
C TYR CA 168 33.60 72.11 13.20
N CYS CA 169 32.63 72.11 12.31
CA CYS CA 169 31.42 72.90 12.45
C CYS CA 169 30.28 71.97 12.83
N ALA CA 170 29.75 72.14 14.04
CA ALA CA 170 28.72 71.26 14.55
C ALA CA 170 27.36 71.64 13.97
N GLY CA 171 26.36 70.81 14.28
CA GLY CA 171 25.03 71.02 13.79
C GLY CA 171 24.12 71.64 14.83
N ARG CA 172 23.07 72.31 14.34
CA ARG CA 172 22.13 72.98 15.23
C ARG CA 172 21.65 72.06 16.34
N HIS CA 173 21.40 70.79 16.00
CA HIS CA 173 20.89 69.83 16.95
C HIS CA 173 21.77 69.68 18.17
N VAL CA 174 23.00 70.20 18.14
CA VAL CA 174 23.80 70.30 19.36
C VAL CA 174 23.52 71.70 19.91
N ASN CA 175 22.37 71.84 20.55
CA ASN CA 175 22.05 73.01 21.32
C ASN CA 175 21.31 72.66 22.60
N HIS CA 176 21.00 71.38 22.81
CA HIS CA 176 20.24 70.94 23.96
C HIS CA 176 21.05 71.15 25.24
N LYS CA 177 20.34 71.43 26.32
CA LYS CA 177 20.97 71.44 27.63
C LYS CA 177 21.60 70.10 27.95
N TYR CA 178 21.30 69.06 27.18
CA TYR CA 178 21.95 67.77 27.33
C TYR CA 178 23.43 67.86 26.99
N HIS CA 179 23.75 68.34 25.79
CA HIS CA 179 25.14 68.48 25.38
C HIS CA 179 25.46 69.94 25.09
N LEU CA 180 25.15 70.82 26.05
CA LEU CA 180 25.61 72.20 26.00
C LEU CA 180 26.48 72.54 27.21
N LYS CA 181 25.93 72.38 28.41
CA LYS CA 181 26.51 72.97 29.61
C LYS CA 181 27.90 72.43 29.94
N ALA CA 182 28.35 71.39 29.23
CA ALA CA 182 29.74 70.98 29.26
C ALA CA 182 30.41 71.12 27.92
N VAL CA 183 29.65 71.09 26.83
CA VAL CA 183 30.22 71.26 25.50
C VAL CA 183 30.61 72.73 25.36
N VAL CA 184 31.83 72.99 24.88
CA VAL CA 184 32.34 74.33 24.70
C VAL CA 184 31.41 75.10 23.76
N LEU CA 185 30.52 74.38 23.08
CA LEU CA 185 29.76 74.89 21.96
C LEU CA 185 30.73 75.54 20.96
N ALA CA 186 31.53 74.64 20.37
CA ALA CA 186 32.86 74.95 19.87
C ALA CA 186 32.96 76.29 19.16
N ASN CA 187 32.30 76.40 18.02
CA ASN CA 187 32.39 77.60 17.21
C ASN CA 187 31.17 77.62 16.29
N PHE CA 188 31.27 78.38 15.21
CA PHE CA 188 30.21 78.58 14.24
C PHE CA 188 29.42 77.30 13.99
N PHE CA 189 28.13 77.36 14.27
CA PHE CA 189 27.21 76.26 14.02
C PHE CA 189 26.79 76.32 12.56
N VAL CA 190 25.73 75.61 12.21
CA VAL CA 190 25.14 75.80 10.91
C VAL CA 190 23.67 76.17 11.10
N GLY DA 10 3.42 -47.41 -30.69
CA GLY DA 10 3.69 -48.35 -29.61
C GLY DA 10 2.74 -49.52 -29.59
N PHE DA 11 2.16 -49.84 -28.43
CA PHE DA 11 1.12 -50.86 -28.39
C PHE DA 11 -0.21 -50.21 -28.70
N THR DA 12 -0.83 -50.62 -29.79
CA THR DA 12 -2.10 -50.06 -30.21
C THR DA 12 -3.05 -51.12 -30.76
N MET DA 13 -2.78 -52.40 -30.52
CA MET DA 13 -3.64 -53.50 -30.93
C MET DA 13 -3.76 -53.65 -32.44
N LYS DA 14 -2.64 -53.79 -33.14
CA LYS DA 14 -2.73 -54.09 -34.57
C LYS DA 14 -3.41 -55.41 -34.84
N TYR DA 15 -3.54 -56.28 -33.84
CA TYR DA 15 -4.16 -57.57 -34.01
C TYR DA 15 -5.67 -57.51 -33.88
N LYS DA 16 -6.26 -56.35 -34.05
CA LYS DA 16 -7.71 -56.20 -33.97
C LYS DA 16 -8.26 -55.29 -35.05
N ARG DA 17 -7.40 -54.67 -35.85
CA ARG DA 17 -7.85 -53.62 -36.77
C ARG DA 17 -8.76 -54.19 -37.84
N GLY DA 18 -8.25 -55.09 -38.66
CA GLY DA 18 -9.04 -55.63 -39.75
C GLY DA 18 -9.83 -56.85 -39.33
N THR DA 19 -10.18 -56.93 -38.05
CA THR DA 19 -10.85 -58.11 -37.53
C THR DA 19 -12.27 -57.85 -37.09
N GLY DA 20 -12.93 -56.85 -37.63
CA GLY DA 20 -14.34 -56.69 -37.36
C GLY DA 20 -15.21 -57.51 -38.29
N LEU DA 21 -16.48 -57.65 -37.91
CA LEU DA 21 -17.44 -58.25 -38.83
C LEU DA 21 -17.76 -57.29 -39.96
N TRP DA 22 -18.25 -56.11 -39.63
CA TRP DA 22 -18.40 -55.05 -40.62
C TRP DA 22 -17.07 -54.31 -40.70
N ASP DA 23 -17.06 -53.15 -41.35
CA ASP DA 23 -15.84 -52.38 -41.55
C ASP DA 23 -15.77 -51.12 -40.71
N GLU DA 24 -16.58 -51.00 -39.66
CA GLU DA 24 -16.70 -49.77 -38.89
C GLU DA 24 -16.30 -49.93 -37.44
N ASP DA 25 -15.80 -51.09 -37.03
CA ASP DA 25 -15.47 -51.33 -35.64
C ASP DA 25 -13.96 -51.37 -35.47
N HIS DA 26 -13.53 -51.26 -34.22
CA HIS DA 26 -12.11 -51.19 -33.87
C HIS DA 26 -11.44 -50.05 -34.62
N VAL DA 27 -12.11 -48.90 -34.64
CA VAL DA 27 -11.58 -47.70 -35.27
C VAL DA 27 -12.12 -46.49 -34.54
N ASN DA 28 -11.22 -45.68 -33.99
CA ASN DA 28 -11.61 -44.50 -33.23
C ASN DA 28 -12.18 -43.43 -34.14
N ASP DA 29 -13.49 -43.41 -34.30
CA ASP DA 29 -14.18 -42.28 -34.91
C ASP DA 29 -14.73 -41.36 -33.82
N PHE DA 30 -13.81 -40.78 -33.05
CA PHE DA 30 -14.23 -39.86 -32.01
C PHE DA 30 -14.82 -38.59 -32.58
N ASP DA 31 -14.59 -38.32 -33.87
CA ASP DA 31 -15.16 -37.14 -34.54
C ASP DA 31 -16.47 -37.54 -35.21
N ALA DA 32 -17.48 -37.77 -34.38
CA ALA DA 32 -18.80 -38.13 -34.86
C ALA DA 32 -19.73 -36.95 -34.70
N ASN DA 33 -21.01 -37.17 -35.01
CA ASN DA 33 -21.98 -36.08 -34.98
C ASN DA 33 -23.37 -36.68 -34.91
N LYS DA 34 -24.12 -36.33 -33.86
CA LYS DA 34 -25.39 -36.98 -33.56
C LYS DA 34 -26.42 -36.82 -34.65
N TYR DA 35 -26.17 -35.97 -35.64
CA TYR DA 35 -26.97 -35.94 -36.86
C TYR DA 35 -26.03 -35.77 -38.03
N LEU DA 36 -25.83 -36.84 -38.80
CA LEU DA 36 -25.03 -36.79 -40.01
C LEU DA 36 -25.96 -36.64 -41.20
N SER DA 37 -25.83 -35.54 -41.94
CA SER DA 37 -26.65 -35.31 -43.11
C SER DA 37 -26.48 -36.44 -44.12
N ALA DA 38 -27.47 -36.59 -45.00
CA ALA DA 38 -27.42 -37.66 -45.98
C ALA DA 38 -26.20 -37.55 -46.89
N ARG DA 39 -25.71 -36.34 -47.11
CA ARG DA 39 -24.43 -36.18 -47.78
C ARG DA 39 -23.28 -36.58 -46.87
N SER DA 40 -23.43 -36.37 -45.57
CA SER DA 40 -22.38 -36.65 -44.62
C SER DA 40 -22.46 -38.05 -44.03
N THR DA 41 -23.39 -38.88 -44.49
CA THR DA 41 -23.35 -40.30 -44.16
C THR DA 41 -22.62 -41.12 -45.21
N MET DA 42 -22.87 -40.84 -46.49
CA MET DA 42 -22.07 -41.44 -47.54
C MET DA 42 -20.59 -41.26 -47.26
N ARG DA 43 -20.16 -40.01 -47.10
CA ARG DA 43 -18.76 -39.73 -46.80
C ARG DA 43 -18.27 -40.49 -45.57
N TRP DA 44 -19.13 -40.73 -44.59
CA TRP DA 44 -18.72 -41.56 -43.48
C TRP DA 44 -18.60 -43.02 -43.86
N TYR DA 45 -19.39 -43.48 -44.83
CA TYR DA 45 -19.24 -44.85 -45.29
C TYR DA 45 -18.03 -44.97 -46.20
N TYR DA 46 -17.96 -44.13 -47.23
CA TYR DA 46 -16.79 -44.09 -48.07
C TYR DA 46 -15.54 -43.82 -47.26
N GLY DA 47 -15.66 -43.22 -46.09
CA GLY DA 47 -14.52 -43.05 -45.22
C GLY DA 47 -14.10 -44.36 -44.58
N MET DA 48 -14.98 -44.95 -43.77
CA MET DA 48 -14.68 -46.22 -43.14
C MET DA 48 -14.37 -47.30 -44.17
N GLU DA 49 -14.91 -47.17 -45.37
CA GLU DA 49 -14.57 -48.07 -46.46
C GLU DA 49 -13.22 -47.75 -47.05
N ARG DA 50 -12.74 -46.53 -46.89
CA ARG DA 50 -11.47 -46.10 -47.45
C ARG DA 50 -10.30 -46.53 -46.58
N LEU DA 51 -10.35 -46.27 -45.28
CA LEU DA 51 -9.21 -46.60 -44.45
C LEU DA 51 -9.13 -48.06 -44.09
N GLN DA 52 -9.83 -48.93 -44.80
CA GLN DA 52 -9.48 -50.35 -44.76
C GLN DA 52 -8.72 -50.78 -46.00
N THR DA 53 -9.08 -50.24 -47.16
CA THR DA 53 -8.28 -50.48 -48.36
C THR DA 53 -7.07 -49.56 -48.39
N ARG DA 54 -7.27 -48.26 -48.21
CA ARG DA 54 -6.15 -47.35 -48.13
C ARG DA 54 -5.17 -47.76 -47.04
N ASN DA 55 -5.62 -48.52 -46.05
CA ASN DA 55 -4.72 -49.00 -44.99
C ASN DA 55 -3.84 -50.13 -45.49
N ASN DA 56 -4.45 -51.18 -46.02
CA ASN DA 56 -3.68 -52.37 -46.38
C ASN DA 56 -3.00 -52.22 -47.73
N MET DA 57 -3.66 -51.56 -48.68
CA MET DA 57 -3.02 -51.32 -49.97
C MET DA 57 -1.69 -50.60 -49.83
N ASN DA 58 -1.39 -50.08 -48.64
CA ASN DA 58 -0.04 -49.66 -48.29
C ASN DA 58 0.76 -50.74 -47.62
N ALA DA 59 0.11 -51.60 -46.83
CA ALA DA 59 0.80 -52.71 -46.21
C ALA DA 59 1.00 -53.88 -47.16
N ARG DA 60 0.39 -53.85 -48.33
CA ARG DA 60 0.75 -54.76 -49.40
C ARG DA 60 1.86 -54.19 -50.25
N ARG DA 61 1.76 -52.92 -50.62
CA ARG DA 61 2.85 -52.27 -51.33
C ARG DA 61 4.13 -52.33 -50.52
N ALA DA 62 4.03 -52.24 -49.21
CA ALA DA 62 5.20 -52.34 -48.35
C ALA DA 62 5.87 -53.70 -48.50
N THR DA 63 5.17 -54.76 -48.13
CA THR DA 63 5.77 -56.09 -48.06
C THR DA 63 6.08 -56.69 -49.42
N GLN DA 64 5.57 -56.13 -50.51
CA GLN DA 64 5.96 -56.59 -51.82
C GLN DA 64 7.17 -55.83 -52.33
N SER DA 65 7.19 -54.52 -52.15
CA SER DA 65 8.39 -53.77 -52.46
C SER DA 65 9.52 -54.10 -51.50
N TYR DA 66 9.20 -54.71 -50.36
CA TYR DA 66 10.25 -55.06 -49.40
C TYR DA 66 10.91 -56.38 -49.77
N ASN DA 67 10.14 -57.34 -50.29
CA ASN DA 67 10.74 -58.58 -50.74
C ASN DA 67 11.55 -58.37 -52.01
N ASN DA 68 11.12 -57.45 -52.87
CA ASN DA 68 11.90 -57.16 -54.06
C ASN DA 68 13.28 -56.64 -53.72
N ASN DA 69 13.42 -56.05 -52.54
CA ASN DA 69 14.71 -55.51 -52.12
C ASN DA 69 15.52 -56.51 -51.31
N MET DA 70 14.86 -57.46 -50.65
CA MET DA 70 15.55 -58.53 -49.96
C MET DA 70 15.88 -59.70 -50.85
N GLY DA 71 15.49 -59.66 -52.11
CA GLY DA 71 15.85 -60.70 -53.06
C GLY DA 71 14.93 -61.89 -53.11
N LEU DA 72 13.65 -61.72 -52.79
CA LEU DA 72 12.68 -62.79 -52.84
C LEU DA 72 11.62 -62.50 -53.89
N HIS DA 73 10.73 -63.47 -54.08
CA HIS DA 73 9.51 -63.19 -54.80
C HIS DA 73 8.68 -62.21 -53.99
N HIS DA 74 7.97 -61.33 -54.70
CA HIS DA 74 7.18 -60.31 -54.01
C HIS DA 74 6.27 -60.92 -52.95
N SER DA 75 5.69 -62.09 -53.24
CA SER DA 75 4.82 -62.73 -52.27
C SER DA 75 5.54 -63.21 -51.03
N GLY DA 76 6.83 -63.50 -51.14
CA GLY DA 76 7.59 -64.05 -50.03
C GLY DA 76 8.27 -65.37 -50.33
N ARG DA 77 8.14 -65.91 -51.54
CA ARG DA 77 8.79 -67.15 -51.88
C ARG DA 77 10.25 -66.90 -52.24
N GLY DA 78 11.10 -67.86 -51.91
CA GLY DA 78 12.50 -67.76 -52.24
C GLY DA 78 12.93 -68.83 -53.22
N ALA DA 79 14.17 -69.30 -53.08
CA ALA DA 79 14.67 -70.31 -54.01
C ALA DA 79 14.03 -71.66 -53.77
N PHE DA 80 14.01 -72.11 -52.52
CA PHE DA 80 13.51 -73.45 -52.21
C PHE DA 80 12.04 -73.56 -52.59
N GLU DA 81 11.18 -72.77 -51.97
CA GLU DA 81 9.76 -72.81 -52.26
C GLU DA 81 9.42 -72.33 -53.65
N ARG DA 82 10.42 -72.02 -54.49
CA ARG DA 82 10.19 -71.92 -55.92
C ARG DA 82 10.37 -73.26 -56.59
N GLU DA 83 11.31 -74.07 -56.09
CA GLU DA 83 11.53 -75.39 -56.68
C GLU DA 83 10.37 -76.33 -56.38
N LEU DA 84 9.90 -76.36 -55.13
CA LEU DA 84 8.89 -77.32 -54.73
C LEU DA 84 7.66 -77.23 -55.62
N GLU DA 85 7.22 -76.02 -55.96
CA GLU DA 85 6.07 -75.89 -56.85
C GLU DA 85 6.38 -76.47 -58.23
N ARG DA 86 7.65 -76.49 -58.63
CA ARG DA 86 8.00 -77.10 -59.91
C ARG DA 86 7.93 -78.61 -59.83
N ARG DA 87 8.44 -79.19 -58.73
CA ARG DA 87 8.40 -80.64 -58.56
C ARG DA 87 6.99 -81.18 -58.43
N GLY DA 88 5.99 -80.33 -58.27
CA GLY DA 88 4.64 -80.77 -58.01
C GLY DA 88 4.29 -80.90 -56.55
N ILE DA 89 5.25 -80.72 -55.66
CA ILE DA 89 4.94 -80.73 -54.24
C ILE DA 89 4.26 -79.42 -53.86
N GLN DA 90 3.24 -79.51 -53.02
CA GLN DA 90 2.68 -78.31 -52.42
C GLN DA 90 3.60 -77.83 -51.31
N VAL DA 91 3.77 -76.52 -51.19
CA VAL DA 91 4.78 -75.96 -50.31
C VAL DA 91 4.21 -75.58 -48.94
N ASP DA 92 3.06 -74.94 -48.89
CA ASP DA 92 2.54 -74.45 -47.61
C ASP DA 92 1.72 -75.53 -46.94
N LYS DA 93 1.72 -75.51 -45.61
CA LYS DA 93 1.07 -76.57 -44.86
C LYS DA 93 -0.42 -76.60 -45.12
N TYR DA 94 -1.12 -75.52 -44.77
CA TYR DA 94 -2.57 -75.44 -44.94
C TYR DA 94 -2.87 -74.44 -46.04
N PRO DA 95 -3.29 -74.88 -47.21
CA PRO DA 95 -3.69 -73.91 -48.23
C PRO DA 95 -5.06 -73.35 -47.93
N LEU DA 96 -5.10 -72.13 -47.40
CA LEU DA 96 -6.37 -71.55 -47.01
C LEU DA 96 -7.19 -71.21 -48.25
N THR DA 97 -8.50 -71.28 -48.12
CA THR DA 97 -9.36 -70.96 -49.25
C THR DA 97 -9.05 -69.55 -49.71
N THR DA 98 -9.01 -69.36 -51.02
CA THR DA 98 -8.49 -68.14 -51.60
C THR DA 98 -9.64 -67.27 -52.10
N THR DA 99 -9.29 -66.18 -52.78
CA THR DA 99 -10.28 -65.28 -53.35
C THR DA 99 -11.33 -66.06 -54.14
N THR DA 100 -10.90 -66.75 -55.19
CA THR DA 100 -11.80 -67.55 -56.00
C THR DA 100 -12.48 -68.66 -55.21
N GLY DA 101 -11.99 -68.99 -54.01
CA GLY DA 101 -12.63 -69.99 -53.20
C GLY DA 101 -13.81 -69.46 -52.42
N ALA DA 102 -13.55 -68.49 -51.53
CA ALA DA 102 -14.62 -67.97 -50.68
C ALA DA 102 -15.54 -67.01 -51.41
N ALA DA 103 -15.11 -66.44 -52.52
CA ALA DA 103 -16.03 -65.71 -53.39
C ALA DA 103 -16.80 -66.65 -54.29
N ARG DA 104 -16.67 -67.95 -54.07
CA ARG DA 104 -17.46 -68.97 -54.73
C ARG DA 104 -18.44 -69.63 -53.78
N VAL DA 105 -18.06 -69.82 -52.51
CA VAL DA 105 -18.99 -70.26 -51.49
C VAL DA 105 -20.11 -69.27 -51.32
N ALA DA 106 -19.81 -67.98 -51.45
CA ALA DA 106 -20.84 -66.96 -51.41
C ALA DA 106 -21.80 -67.08 -52.59
N GLU DA 107 -21.50 -67.91 -53.57
CA GLU DA 107 -22.45 -68.24 -54.62
C GLU DA 107 -23.12 -69.58 -54.38
N MET DA 108 -23.06 -70.09 -53.15
CA MET DA 108 -23.87 -71.24 -52.77
C MET DA 108 -25.03 -70.78 -51.93
N VAL DA 109 -24.70 -70.18 -50.79
CA VAL DA 109 -25.68 -69.75 -49.81
C VAL DA 109 -26.44 -68.57 -50.35
N LEU DA 110 -26.08 -68.14 -51.55
CA LEU DA 110 -26.87 -67.17 -52.28
C LEU DA 110 -27.74 -67.84 -53.33
N LEU DA 111 -27.39 -69.04 -53.76
CA LEU DA 111 -28.14 -69.68 -54.82
C LEU DA 111 -29.19 -70.64 -54.31
N ARG DA 112 -28.97 -71.27 -53.16
CA ARG DA 112 -30.05 -72.07 -52.60
C ARG DA 112 -31.10 -71.19 -51.95
N ARG DA 113 -30.71 -70.06 -51.36
CA ARG DA 113 -31.69 -69.16 -50.80
C ARG DA 113 -32.54 -68.54 -51.89
N GLN DA 114 -31.93 -68.19 -53.03
CA GLN DA 114 -32.74 -67.70 -54.15
C GLN DA 114 -33.66 -68.77 -54.69
N GLU DA 115 -33.33 -70.05 -54.46
CA GLU DA 115 -34.23 -71.13 -54.80
C GLU DA 115 -35.16 -71.49 -53.65
N LEU DA 116 -34.69 -71.40 -52.40
CA LEU DA 116 -35.59 -71.59 -51.27
C LEU DA 116 -36.61 -70.46 -51.21
N GLU DA 117 -36.19 -69.22 -51.44
CA GLU DA 117 -37.12 -68.10 -51.47
C GLU DA 117 -37.97 -68.09 -52.72
N ALA DA 118 -37.62 -68.87 -53.73
CA ALA DA 118 -38.51 -69.05 -54.87
C ALA DA 118 -39.66 -69.97 -54.51
N HIS DA 119 -39.35 -71.15 -53.96
CA HIS DA 119 -40.41 -72.09 -53.59
C HIS DA 119 -41.25 -71.56 -52.45
N ALA DA 120 -40.68 -70.72 -51.59
CA ALA DA 120 -41.45 -70.14 -50.50
C ALA DA 120 -42.61 -69.30 -51.02
N LYS DA 121 -42.51 -68.79 -52.24
CA LYS DA 121 -43.67 -68.18 -52.87
C LYS DA 121 -44.80 -69.19 -52.99
N LYS DA 122 -44.47 -70.43 -53.33
CA LYS DA 122 -45.49 -71.43 -53.57
C LYS DA 122 -46.06 -72.00 -52.28
N ALA DA 123 -45.25 -72.09 -51.23
CA ALA DA 123 -45.74 -72.61 -49.97
C ALA DA 123 -46.52 -71.56 -49.19
N MET DA 124 -46.18 -70.27 -49.38
CA MET DA 124 -46.94 -69.21 -48.72
C MET DA 124 -48.33 -69.07 -49.31
N GLU DA 125 -48.45 -69.21 -50.63
CA GLU DA 125 -49.76 -69.11 -51.26
C GLU DA 125 -50.68 -70.22 -50.82
N SER DA 126 -50.14 -71.40 -50.52
CA SER DA 126 -50.97 -72.51 -50.06
C SER DA 126 -51.60 -72.20 -48.71
N GLN DA 127 -50.78 -71.95 -47.70
CA GLN DA 127 -51.27 -71.66 -46.36
C GLN DA 127 -51.88 -70.27 -46.24
N ARG DA 128 -51.96 -69.50 -47.33
CA ARG DA 128 -52.69 -68.25 -47.35
C ARG DA 128 -53.98 -68.32 -48.12
N GLN DA 129 -54.07 -69.21 -49.11
CA GLN DA 129 -55.31 -69.50 -49.79
C GLN DA 129 -56.01 -70.71 -49.20
N ALA DA 130 -55.53 -71.21 -48.06
CA ALA DA 130 -56.26 -72.23 -47.31
C ALA DA 130 -57.18 -71.58 -46.29
N ARG DA 131 -56.60 -70.88 -45.32
CA ARG DA 131 -57.36 -70.19 -44.28
C ARG DA 131 -57.58 -68.75 -44.75
N ARG DA 132 -58.69 -68.52 -45.45
CA ARG DA 132 -58.91 -67.30 -46.21
C ARG DA 132 -60.30 -66.75 -45.94
N ARG DA 133 -60.62 -66.55 -44.68
CA ARG DA 133 -61.93 -66.06 -44.30
C ARG DA 133 -62.24 -64.71 -44.95
N ASP DA 134 -63.49 -64.31 -44.84
CA ASP DA 134 -63.92 -62.96 -45.23
C ASP DA 134 -64.37 -62.12 -44.07
N ALA DA 135 -64.65 -62.73 -42.91
CA ALA DA 135 -64.99 -62.00 -41.70
C ALA DA 135 -63.90 -62.24 -40.67
N PRO DA 136 -63.23 -61.20 -40.20
CA PRO DA 136 -62.12 -61.41 -39.26
C PRO DA 136 -62.61 -61.91 -37.92
N SER DA 137 -61.74 -62.65 -37.24
CA SER DA 137 -62.10 -63.25 -35.97
C SER DA 137 -62.01 -62.22 -34.86
N GLU DA 138 -62.01 -62.70 -33.62
CA GLU DA 138 -62.10 -61.84 -32.44
C GLU DA 138 -61.03 -60.75 -32.41
N TRP DA 139 -60.00 -60.86 -33.25
CA TRP DA 139 -59.02 -59.78 -33.30
C TRP DA 139 -59.64 -58.48 -33.79
N TYR DA 140 -60.82 -58.56 -34.41
CA TYR DA 140 -61.53 -57.38 -34.89
C TYR DA 140 -62.32 -56.69 -33.79
N ASP DA 141 -61.96 -56.90 -32.55
CA ASP DA 141 -62.63 -56.28 -31.42
C ASP DA 141 -61.90 -55.01 -31.00
N GLU DA 142 -62.65 -54.07 -30.44
CA GLU DA 142 -62.02 -52.93 -29.79
C GLU DA 142 -62.74 -52.57 -28.49
N THR DA 143 -63.27 -53.58 -27.80
CA THR DA 143 -63.82 -53.34 -26.47
C THR DA 143 -62.73 -52.91 -25.49
N GLU DA 144 -61.48 -53.24 -25.78
CA GLU DA 144 -60.38 -52.79 -24.93
C GLU DA 144 -59.71 -51.55 -25.47
N GLY DA 145 -59.18 -51.62 -26.68
CA GLY DA 145 -58.55 -50.47 -27.28
C GLY DA 145 -58.93 -50.31 -28.73
N PRO DA 146 -59.16 -49.09 -29.17
CA PRO DA 146 -59.60 -48.87 -30.55
C PRO DA 146 -58.62 -49.39 -31.59
N LEU DA 147 -59.03 -49.41 -32.84
CA LEU DA 147 -58.22 -49.91 -33.93
C LEU DA 147 -57.51 -48.76 -34.64
N ASN DA 148 -56.49 -49.11 -35.41
CA ASN DA 148 -55.72 -48.14 -36.17
C ASN DA 148 -56.25 -48.09 -37.58
N PRO DA 149 -57.10 -47.13 -37.92
CA PRO DA 149 -57.72 -47.13 -39.26
C PRO DA 149 -56.72 -47.02 -40.39
N ARG DA 150 -55.55 -46.42 -40.16
CA ARG DA 150 -54.50 -46.39 -41.17
C ARG DA 150 -53.80 -47.74 -41.31
N PHE DA 151 -54.12 -48.70 -40.46
CA PHE DA 151 -53.68 -50.08 -40.62
C PHE DA 151 -54.73 -50.95 -41.28
N LEU DA 152 -56.00 -50.73 -40.95
CA LEU DA 152 -57.08 -51.46 -41.59
C LEU DA 152 -57.00 -51.37 -43.11
N ALA DA 153 -56.37 -50.33 -43.64
CA ALA DA 153 -56.13 -50.28 -45.08
C ALA DA 153 -55.18 -51.37 -45.54
N SER DA 154 -54.53 -52.07 -44.60
CA SER DA 154 -53.62 -53.15 -44.95
C SER DA 154 -54.24 -54.53 -44.78
N MET DA 155 -55.03 -54.75 -43.75
CA MET DA 155 -55.80 -55.99 -43.68
C MET DA 155 -56.91 -56.05 -44.71
N GLN DA 156 -57.24 -54.92 -45.35
CA GLN DA 156 -58.37 -54.90 -46.27
C GLN DA 156 -58.14 -55.84 -47.45
N SER DA 157 -56.92 -55.91 -47.96
CA SER DA 157 -56.62 -56.80 -49.08
C SER DA 157 -56.68 -58.27 -48.70
N ASN DA 158 -57.02 -58.59 -47.44
CA ASN DA 158 -57.15 -59.98 -47.03
C ASN DA 158 -58.56 -60.50 -47.27
N TYR DA 159 -59.58 -59.79 -46.78
CA TYR DA 159 -60.96 -60.21 -46.94
C TYR DA 159 -61.62 -59.41 -48.05
N THR DA 160 -62.93 -59.59 -48.17
CA THR DA 160 -63.77 -58.79 -49.05
C THR DA 160 -64.65 -57.81 -48.28
N GLN DA 161 -65.12 -58.19 -47.10
CA GLN DA 161 -65.95 -57.31 -46.29
C GLN DA 161 -65.14 -56.11 -45.80
N VAL DA 162 -65.72 -54.94 -45.92
CA VAL DA 162 -65.00 -53.70 -45.65
C VAL DA 162 -64.70 -53.59 -44.17
N ILE DA 163 -63.44 -53.82 -43.81
CA ILE DA 163 -62.98 -53.56 -42.46
C ILE DA 163 -62.68 -52.08 -42.24
N THR DA 164 -62.41 -51.35 -43.31
CA THR DA 164 -62.01 -49.95 -43.28
C THR DA 164 -63.16 -49.02 -42.92
N GLU DA 165 -64.31 -49.49 -42.46
CA GLU DA 165 -65.41 -48.61 -42.06
C GLU DA 165 -65.88 -49.01 -40.67
N LEU DA 166 -65.38 -48.29 -39.67
CA LEU DA 166 -65.81 -48.43 -38.29
C LEU DA 166 -66.75 -47.28 -37.95
N PRO DA 167 -67.86 -47.53 -37.27
CA PRO DA 167 -68.71 -46.42 -36.83
C PRO DA 167 -68.02 -45.63 -35.74
N SER DA 168 -68.45 -44.38 -35.59
CA SER DA 168 -67.90 -43.53 -34.53
C SER DA 168 -68.11 -44.15 -33.16
N SER DA 169 -69.20 -44.89 -32.97
CA SER DA 169 -69.39 -45.65 -31.76
C SER DA 169 -68.35 -46.77 -31.70
N PRO DA 170 -68.09 -47.31 -30.50
CA PRO DA 170 -67.16 -48.45 -30.41
C PRO DA 170 -67.65 -49.63 -31.22
N VAL DA 171 -66.70 -50.50 -31.58
CA VAL DA 171 -66.99 -51.73 -32.32
C VAL DA 171 -66.87 -52.89 -31.35
N THR DA 172 -67.98 -53.59 -31.13
CA THR DA 172 -67.98 -54.70 -30.18
C THR DA 172 -67.14 -55.88 -30.65
N GLY DA 173 -66.78 -55.94 -31.94
CA GLY DA 173 -65.97 -57.01 -32.45
C GLY DA 173 -66.71 -58.23 -32.93
N ARG DA 174 -67.69 -58.05 -33.81
CA ARG DA 174 -68.50 -59.17 -34.30
C ARG DA 174 -67.98 -59.71 -35.64
N ARG EA 107 67.12 9.38 -66.29
CA ARG EA 107 67.75 10.45 -67.05
C ARG EA 107 66.72 11.43 -67.61
N HIS EA 108 65.62 10.88 -68.12
CA HIS EA 108 64.52 11.69 -68.63
C HIS EA 108 64.07 12.69 -67.60
N LEU EA 109 63.32 13.71 -68.03
CA LEU EA 109 62.89 14.75 -67.12
C LEU EA 109 62.16 14.14 -65.92
N PRO EA 110 62.24 14.77 -64.76
CA PRO EA 110 61.73 14.13 -63.55
C PRO EA 110 60.21 14.26 -63.45
N VAL EA 111 59.57 13.14 -63.12
CA VAL EA 111 58.12 13.12 -62.91
C VAL EA 111 57.85 12.36 -61.62
N MET EA 112 57.44 13.08 -60.58
CA MET EA 112 56.96 12.44 -59.37
C MET EA 112 55.51 12.02 -59.59
N PRO EA 113 55.18 10.74 -59.49
CA PRO EA 113 53.85 10.28 -59.91
C PRO EA 113 52.75 10.92 -59.09
N MET EA 114 51.53 10.73 -59.57
CA MET EA 114 50.35 11.37 -58.98
C MET EA 114 49.88 10.62 -57.73
N THR EA 115 50.82 10.39 -56.83
CA THR EA 115 50.50 9.76 -55.56
C THR EA 115 49.31 10.47 -54.93
N PRO EA 116 48.37 9.72 -54.30
CA PRO EA 116 47.14 10.34 -53.78
C PRO EA 116 47.32 11.65 -53.02
N ARG EA 117 48.50 11.87 -52.45
CA ARG EA 117 48.71 13.13 -51.74
C ARG EA 117 48.84 14.29 -52.71
N VAL EA 118 49.57 14.12 -53.81
CA VAL EA 118 49.83 15.24 -54.70
C VAL EA 118 48.61 15.59 -55.55
N VAL EA 119 47.70 14.64 -55.77
CA VAL EA 119 46.42 14.99 -56.38
C VAL EA 119 45.47 15.52 -55.34
N PHE EA 120 45.81 15.40 -54.05
CA PHE EA 120 45.03 16.05 -53.02
C PHE EA 120 45.44 17.49 -52.84
N GLU EA 121 46.71 17.81 -53.08
CA GLU EA 121 47.13 19.20 -53.01
C GLU EA 121 46.81 19.95 -54.29
N HIS EA 122 46.84 19.25 -55.42
CA HIS EA 122 46.51 19.91 -56.68
C HIS EA 122 45.07 20.41 -56.70
N ALA EA 123 44.18 19.75 -55.95
CA ALA EA 123 42.80 20.18 -55.89
C ALA EA 123 42.61 21.27 -54.84
N GLN EA 124 43.29 21.14 -53.69
CA GLN EA 124 43.30 22.22 -52.71
C GLN EA 124 43.71 23.53 -53.37
N GLU EA 125 44.80 23.50 -54.15
CA GLU EA 125 45.25 24.69 -54.85
C GLU EA 125 44.20 25.26 -55.78
N LYS EA 126 43.19 24.47 -56.16
CA LYS EA 126 42.17 24.96 -57.06
C LYS EA 126 40.98 25.55 -56.33
N ARG EA 127 40.45 24.84 -55.33
CA ARG EA 127 39.32 25.37 -54.59
C ARG EA 127 39.67 26.64 -53.84
N ILE EA 128 40.95 26.89 -53.59
CA ILE EA 128 41.35 28.11 -52.90
C ILE EA 128 41.14 29.32 -53.79
N ASP EA 129 41.74 29.30 -54.99
CA ASP EA 129 41.60 30.45 -55.87
C ASP EA 129 40.15 30.68 -56.22
N TYR EA 130 39.38 29.61 -56.42
CA TYR EA 130 37.95 29.77 -56.61
C TYR EA 130 37.32 30.44 -55.40
N ALA EA 131 37.62 29.93 -54.19
CA ALA EA 131 37.14 30.58 -52.97
C ALA EA 131 37.74 31.96 -52.80
N LYS EA 132 38.85 32.25 -53.47
CA LYS EA 132 39.38 33.61 -53.50
C LYS EA 132 38.70 34.43 -54.57
N LYS EA 133 38.56 33.87 -55.77
CA LYS EA 133 37.98 34.62 -56.89
C LYS EA 133 36.59 35.13 -56.54
N MET EA 134 35.76 34.26 -55.96
CA MET EA 134 34.46 34.70 -55.49
C MET EA 134 34.62 35.87 -54.53
N HIS EA 135 35.41 35.68 -53.47
CA HIS EA 135 35.69 36.74 -52.51
C HIS EA 135 36.47 37.90 -53.12
N ARG EA 136 36.93 37.77 -54.37
CA ARG EA 136 37.58 38.88 -55.04
C ARG EA 136 36.55 39.75 -55.76
N ASP EA 137 35.80 39.17 -56.70
CA ASP EA 137 34.81 39.92 -57.43
C ASP EA 137 33.45 39.95 -56.74
N ARG EA 138 33.35 39.40 -55.54
CA ARG EA 138 32.30 39.86 -54.64
C ARG EA 138 32.57 41.29 -54.23
N ARG EA 139 33.82 41.74 -54.35
CA ARG EA 139 34.24 43.09 -54.06
C ARG EA 139 34.42 43.94 -55.31
N LEU EA 140 34.11 43.39 -56.48
CA LEU EA 140 34.29 44.14 -57.71
C LEU EA 140 32.97 44.75 -58.21
N VAL EA 141 31.96 43.91 -58.40
CA VAL EA 141 30.63 44.45 -58.68
C VAL EA 141 30.10 45.21 -57.47
N GLU EA 142 30.58 44.88 -56.27
CA GLU EA 142 30.16 45.63 -55.09
C GLU EA 142 30.43 47.12 -55.26
N GLN EA 143 31.59 47.46 -55.82
CA GLN EA 143 31.88 48.86 -56.08
C GLN EA 143 30.98 49.41 -57.16
N LEU EA 144 30.88 48.70 -58.30
CA LEU EA 144 30.06 49.19 -59.40
C LEU EA 144 28.60 49.37 -59.02
N ARG EA 145 28.14 48.68 -57.98
CA ARG EA 145 26.78 48.91 -57.49
C ARG EA 145 26.73 50.15 -56.61
N THR EA 146 27.56 50.16 -55.56
CA THR EA 146 27.62 51.34 -54.70
C THR EA 146 28.01 52.58 -55.48
N HIS EA 147 29.04 52.49 -56.33
CA HIS EA 147 29.50 53.65 -57.06
C HIS EA 147 28.39 54.22 -57.95
N GLU EA 148 27.65 53.34 -58.63
CA GLU EA 148 26.57 53.80 -59.49
C GLU EA 148 25.36 54.24 -58.69
N PHE EA 149 25.18 53.71 -57.48
CA PHE EA 149 24.07 54.14 -56.64
C PHE EA 149 24.17 55.63 -56.36
N TRP EA 150 25.23 56.05 -55.68
CA TRP EA 150 25.42 57.46 -55.38
C TRP EA 150 25.39 58.30 -56.65
N GLY EA 151 26.04 57.82 -57.71
CA GLY EA 151 25.99 58.51 -58.97
C GLY EA 151 24.56 58.75 -59.45
N TRP EA 152 23.70 57.74 -59.31
CA TRP EA 152 22.30 57.96 -59.58
C TRP EA 152 21.70 58.92 -58.58
N TYR EA 153 22.13 58.84 -57.33
CA TYR EA 153 21.52 59.66 -56.28
C TYR EA 153 21.88 61.12 -56.45
N MET EA 154 23.16 61.42 -56.66
CA MET EA 154 23.53 62.82 -56.87
C MET EA 154 22.75 63.43 -58.02
N LYS EA 155 22.28 62.61 -58.96
CA LYS EA 155 21.35 63.12 -59.95
C LYS EA 155 20.00 63.39 -59.31
N LEU EA 156 19.60 62.60 -58.32
CA LEU EA 156 18.27 62.75 -57.74
C LEU EA 156 18.17 64.04 -56.93
N GLN EA 157 19.18 64.35 -56.12
CA GLN EA 157 19.16 65.59 -55.36
C GLN EA 157 19.23 66.80 -56.27
N ARG EA 158 19.73 66.63 -57.50
CA ARG EA 158 19.85 67.75 -58.42
C ARG EA 158 18.62 67.93 -59.28
N VAL EA 159 17.91 66.86 -59.64
CA VAL EA 159 16.59 67.06 -60.23
C VAL EA 159 15.61 67.52 -59.18
N ARG EA 160 15.73 67.00 -57.96
CA ARG EA 160 14.95 67.54 -56.85
C ARG EA 160 15.25 69.01 -56.64
N GLY EA 161 16.53 69.36 -56.60
CA GLY EA 161 16.93 70.74 -56.41
C GLY EA 161 16.35 71.70 -57.44
N ARG EA 162 16.70 71.52 -58.72
CA ARG EA 162 16.22 72.49 -59.69
C ARG EA 162 14.75 72.33 -60.03
N TRP EA 163 14.02 71.53 -59.26
CA TRP EA 163 12.57 71.57 -59.28
C TRP EA 163 12.02 72.44 -58.15
N CYS EA 164 12.74 72.49 -57.02
CA CYS EA 164 12.34 73.35 -55.92
C CYS EA 164 12.62 74.81 -56.24
N LYS EA 165 13.76 75.09 -56.85
CA LYS EA 165 14.10 76.45 -57.24
C LYS EA 165 13.13 77.05 -58.24
N GLU EA 166 12.18 76.26 -58.75
CA GLU EA 166 11.18 76.74 -59.69
C GLU EA 166 9.77 76.76 -59.13
N HIS EA 167 9.56 76.32 -57.90
CA HIS EA 167 8.20 76.20 -57.36
C HIS EA 167 8.04 76.81 -55.98
N GLY EA 168 9.03 77.58 -55.51
CA GLY EA 168 8.94 78.19 -54.21
C GLY EA 168 9.10 77.25 -53.03
N VAL EA 169 9.26 75.96 -53.27
CA VAL EA 169 9.48 75.01 -52.19
C VAL EA 169 10.92 75.13 -51.70
N SER EA 170 11.12 75.83 -50.58
CA SER EA 170 12.47 76.05 -50.10
C SER EA 170 12.96 74.98 -49.15
N SER EA 171 12.10 74.04 -48.75
CA SER EA 171 12.48 72.96 -47.84
C SER EA 171 13.21 73.50 -46.62
N ARG EA 172 12.73 74.63 -46.13
CA ARG EA 172 13.44 75.38 -45.12
C ARG EA 172 12.59 75.71 -43.90
N GLY EA 173 11.32 75.37 -43.90
CA GLY EA 173 10.43 75.72 -42.81
C GLY EA 173 9.38 76.71 -43.25
N VAL EA 174 8.37 76.86 -42.38
CA VAL EA 174 7.27 77.77 -42.68
C VAL EA 174 7.76 79.19 -42.85
N TYR EA 175 8.82 79.55 -42.13
CA TYR EA 175 9.31 80.92 -42.13
C TYR EA 175 9.86 81.29 -43.49
N GLY EA 176 9.97 82.59 -43.72
CA GLY EA 176 10.56 83.12 -44.94
C GLY EA 176 12.07 82.98 -44.92
N PRO EA 177 12.74 83.59 -45.89
CA PRO EA 177 14.20 83.54 -45.90
C PRO EA 177 14.82 84.48 -44.88
N ALA EA 178 14.08 85.48 -44.41
CA ALA EA 178 14.62 86.44 -43.48
C ALA EA 178 15.12 85.78 -42.19
N VAL EA 179 14.52 84.65 -41.81
CA VAL EA 179 14.95 83.98 -40.59
C VAL EA 179 16.31 83.33 -40.77
N ASP EA 180 16.65 82.91 -41.99
CA ASP EA 180 17.99 82.41 -42.26
C ASP EA 180 18.98 83.53 -42.44
N ALA EA 181 18.51 84.72 -42.80
CA ALA EA 181 19.39 85.87 -42.93
C ALA EA 181 19.92 86.34 -41.58
N ALA EA 182 19.26 85.96 -40.50
CA ALA EA 182 19.59 86.50 -39.18
C ALA EA 182 20.93 86.04 -38.65
N GLU EA 183 21.56 85.05 -39.26
CA GLU EA 183 22.74 84.37 -38.72
C GLU EA 183 22.47 83.76 -37.36
N LEU EA 184 21.22 83.75 -36.93
CA LEU EA 184 20.79 83.05 -35.73
C LEU EA 184 20.07 81.78 -36.13
N TRP EA 185 20.10 80.80 -35.23
CA TRP EA 185 19.13 79.73 -35.34
C TRP EA 185 17.71 80.26 -35.15
N GLY EA 186 17.55 81.22 -34.25
CA GLY EA 186 16.25 81.83 -34.01
C GLY EA 186 16.09 83.16 -34.69
N PRO FA 4 -2.84 84.05 37.56
CA PRO FA 4 -1.82 84.24 36.51
C PRO FA 4 -1.95 85.52 35.68
N ALA FA 5 -2.01 85.40 34.36
CA ALA FA 5 -1.62 86.49 33.47
C ALA FA 5 -2.83 87.18 32.87
N SER FA 6 -2.55 88.12 31.96
CA SER FA 6 -3.45 89.01 31.24
C SER FA 6 -4.24 88.32 30.18
N HIS FA 7 -4.16 86.98 30.13
CA HIS FA 7 -4.93 86.16 29.20
C HIS FA 7 -4.47 86.35 27.76
N TYR FA 8 -3.56 87.30 27.51
CA TYR FA 8 -3.08 87.48 26.14
C TYR FA 8 -2.30 86.24 25.74
N THR FA 9 -2.78 85.50 24.75
CA THR FA 9 -2.12 84.24 24.42
C THR FA 9 -0.72 84.43 23.86
N PHE FA 10 -0.46 85.57 23.19
CA PHE FA 10 0.90 85.85 22.75
C PHE FA 10 1.77 86.20 23.94
N ALA FA 11 1.39 87.26 24.67
CA ALA FA 11 2.11 87.69 25.86
C ALA FA 11 2.11 86.67 26.97
N ASN FA 12 1.50 85.51 26.76
CA ASN FA 12 1.59 84.40 27.70
C ASN FA 12 2.79 83.52 27.41
N LEU FA 13 3.06 83.26 26.13
CA LEU FA 13 4.24 82.50 25.78
C LEU FA 13 5.48 83.37 25.80
N LYS FA 14 5.45 84.49 25.06
CA LYS FA 14 6.63 85.33 24.93
C LYS FA 14 7.07 85.89 26.28
N LYS FA 15 6.14 86.08 27.22
CA LYS FA 15 6.54 86.58 28.52
C LYS FA 15 6.76 85.45 29.51
N LEU FA 16 5.69 84.77 29.90
CA LEU FA 16 5.77 83.85 31.02
C LEU FA 16 6.20 82.46 30.60
N GLY FA 17 6.28 82.18 29.31
CA GLY FA 17 6.68 80.86 28.86
C GLY FA 17 5.74 79.76 29.29
N LEU FA 18 4.48 80.08 29.52
CA LEU FA 18 3.52 79.03 29.84
C LEU FA 18 3.26 78.22 28.57
N CYS FA 19 4.04 77.16 28.40
CA CYS FA 19 3.92 76.32 27.21
C CYS FA 19 2.57 75.63 27.16
N ALA FA 20 1.83 75.92 26.20
CA ALA FA 20 0.55 75.23 26.19
C ALA FA 20 0.68 73.89 25.50
N PRO FA 21 -0.07 72.88 25.94
CA PRO FA 21 -0.04 71.58 25.27
C PRO FA 21 -0.46 71.73 23.83
N GLN FA 22 0.31 71.11 22.93
CA GLN FA 22 -0.03 71.13 21.52
C GLN FA 22 -1.43 70.55 21.32
N VAL FA 23 -2.27 71.28 20.59
CA VAL FA 23 -3.69 70.94 20.56
C VAL FA 23 -4.05 70.23 19.27
N ALA FA 24 -3.38 70.57 18.17
CA ALA FA 24 -3.77 70.07 16.87
C ALA FA 24 -2.70 69.23 16.20
N LEU FA 25 -1.48 69.75 16.09
CA LEU FA 25 -0.44 69.12 15.29
C LEU FA 25 0.54 68.29 16.11
N SER FA 26 0.15 67.85 17.30
CA SER FA 26 1.07 67.08 18.12
C SER FA 26 1.20 65.66 17.60
N ARG FA 27 2.24 64.98 18.05
CA ARG FA 27 2.45 63.57 17.74
C ARG FA 27 1.88 62.65 18.80
N GLN FA 28 1.33 63.20 19.87
CA GLN FA 28 0.84 62.40 20.99
C GLN FA 28 -0.55 61.85 20.66
N PRO FA 29 -1.11 61.01 21.54
CA PRO FA 29 -2.45 60.44 21.27
C PRO FA 29 -3.49 61.40 20.73
N ARG FA 30 -3.55 62.64 21.22
CA ARG FA 30 -4.65 63.55 20.92
C ARG FA 30 -5.99 62.89 21.23
N LEU FA 31 -6.18 62.63 22.52
CA LEU FA 31 -7.27 61.78 23.00
C LEU FA 31 -8.59 62.14 22.33
N ARG FA 32 -9.09 61.23 21.54
CA ARG FA 32 -10.25 61.46 20.72
C ARG FA 32 -10.86 60.11 20.37
N PRO FA 33 -11.59 59.51 21.29
CA PRO FA 33 -12.30 58.27 20.98
C PRO FA 33 -13.42 58.58 20.00
N HIS FA 34 -14.32 57.64 19.78
CA HIS FA 34 -15.50 57.81 18.93
C HIS FA 34 -15.15 57.97 17.48
N VAL FA 35 -13.87 57.85 17.10
CA VAL FA 35 -13.51 58.07 15.70
C VAL FA 35 -14.06 56.95 14.82
N GLY FA 36 -14.02 55.72 15.31
CA GLY FA 36 -14.59 54.63 14.53
C GLY FA 36 -15.67 53.87 15.27
N HIS FA 37 -15.61 53.91 16.60
CA HIS FA 37 -16.52 53.11 17.42
C HIS FA 37 -17.92 53.69 17.48
N LEU FA 38 -18.08 54.97 17.20
CA LEU FA 38 -19.35 55.66 17.34
C LEU FA 38 -19.91 55.92 15.95
N ASN FA 39 -20.90 55.13 15.56
CA ASN FA 39 -21.60 55.32 14.30
C ASN FA 39 -22.84 56.17 14.57
N GLY FA 40 -23.04 57.21 13.76
CA GLY FA 40 -24.16 58.08 13.94
C GLY FA 40 -23.72 59.48 14.35
N LEU FA 41 -24.67 60.40 14.44
CA LEU FA 41 -24.34 61.77 14.82
C LEU FA 41 -23.75 61.80 16.21
N VAL FA 42 -22.58 62.42 16.34
CA VAL FA 42 -21.88 62.55 17.60
C VAL FA 42 -21.93 64.00 18.02
N TYR FA 43 -22.35 64.23 19.22
CA TYR FA 43 -22.43 65.61 19.65
C TYR FA 43 -21.11 66.05 20.25
N PRO FA 44 -20.77 67.33 20.17
CA PRO FA 44 -19.44 67.76 20.61
C PRO FA 44 -19.27 67.72 22.11
N LEU FA 45 -20.23 67.16 22.82
CA LEU FA 45 -20.00 66.81 24.21
C LEU FA 45 -18.98 65.68 24.26
N PRO FA 46 -17.89 65.82 25.01
CA PRO FA 46 -16.74 64.94 24.81
C PRO FA 46 -16.99 63.45 24.94
N TYR FA 47 -17.36 62.98 26.12
CA TYR FA 47 -17.31 61.54 26.40
C TYR FA 47 -18.63 61.06 26.93
N TYR FA 48 -19.71 61.48 26.30
CA TYR FA 48 -21.06 61.15 26.71
C TYR FA 48 -21.42 59.70 26.44
N ALA FA 49 -20.52 58.90 25.89
CA ALA FA 49 -20.84 57.51 25.57
C ALA FA 49 -19.71 56.57 25.94
N MET FA 50 -18.94 56.90 26.96
CA MET FA 50 -17.73 56.16 27.26
C MET FA 50 -17.90 55.12 28.35
N TRP FA 51 -19.01 55.11 29.06
CA TRP FA 51 -19.25 54.06 30.03
C TRP FA 51 -20.04 52.90 29.46
N ARG FA 52 -20.75 53.11 28.35
CA ARG FA 52 -21.47 52.04 27.70
C ARG FA 52 -20.56 51.15 26.88
N GLY FA 53 -19.27 51.41 26.86
CA GLY FA 53 -18.36 50.72 25.99
C GLY FA 53 -18.07 51.44 24.68
N ASN FA 54 -18.11 52.76 24.69
CA ASN FA 54 -17.87 53.58 23.50
C ASN FA 54 -18.68 53.07 22.31
N HIS FA 55 -19.99 53.01 22.50
CA HIS FA 55 -20.89 52.81 21.37
C HIS FA 55 -22.18 53.52 21.67
N ASP FA 56 -22.98 53.72 20.63
CA ASP FA 56 -24.27 54.36 20.81
C ASP FA 56 -25.40 53.51 20.25
N LYS FA 57 -25.17 52.21 20.06
CA LYS FA 57 -26.07 51.41 19.25
C LYS FA 57 -27.48 51.38 19.85
N TYR FA 58 -27.62 50.75 20.99
CA TYR FA 58 -28.92 50.48 21.59
C TYR FA 58 -29.47 51.72 22.27
N THR FA 59 -30.34 51.51 23.27
CA THR FA 59 -31.05 52.55 24.03
C THR FA 59 -32.34 52.97 23.34
N TYR FA 60 -32.77 52.23 22.34
CA TYR FA 60 -34.17 52.31 21.96
C TYR FA 60 -35.06 51.65 23.01
N ASN FA 61 -34.48 50.83 23.89
CA ASN FA 61 -35.25 50.05 24.84
C ASN FA 61 -35.48 50.81 26.13
N GLN FA 62 -36.70 50.73 26.64
CA GLN FA 62 -37.09 51.44 27.84
C GLN FA 62 -36.64 50.72 29.10
N ALA FA 63 -36.69 49.41 29.11
CA ALA FA 63 -36.35 48.62 30.29
C ALA FA 63 -34.88 48.28 30.31
N THR FA 64 -34.34 48.12 31.51
CA THR FA 64 -32.92 47.86 31.71
C THR FA 64 -32.73 47.28 33.10
N PRO FA 65 -31.75 46.40 33.29
CA PRO FA 65 -31.55 45.83 34.63
C PRO FA 65 -31.22 46.94 35.60
N ALA FA 66 -32.03 47.05 36.64
CA ALA FA 66 -31.97 48.17 37.56
C ALA FA 66 -31.95 47.67 38.99
N ARG FA 67 -30.97 48.13 39.75
CA ARG FA 67 -30.95 47.88 41.19
C ARG FA 67 -31.95 48.82 41.85
N TRP FA 68 -31.95 48.87 43.17
CA TRP FA 68 -32.92 49.69 43.88
C TRP FA 68 -32.77 51.14 43.49
N GLY FA 69 -33.84 51.74 43.00
CA GLY FA 69 -33.85 53.15 42.69
C GLY FA 69 -33.68 53.48 41.23
N GLU FA 70 -33.26 52.53 40.41
CA GLU FA 70 -33.00 52.78 39.00
C GLU FA 70 -34.27 52.44 38.20
N GLY FA 71 -34.14 52.31 36.88
CA GLY FA 71 -35.21 52.61 35.95
C GLY FA 71 -36.63 52.15 36.22
N ASN FA 72 -36.94 50.87 36.04
CA ASN FA 72 -38.32 50.42 36.22
C ASN FA 72 -38.55 49.85 37.60
N THR FA 73 -37.73 50.25 38.56
CA THR FA 73 -37.94 49.98 39.96
C THR FA 73 -38.83 51.01 40.62
N ASN FA 74 -39.47 51.87 39.82
CA ASN FA 74 -40.23 52.96 40.40
C ASN FA 74 -41.61 52.55 40.85
N THR FA 75 -42.06 51.36 40.47
CA THR FA 75 -43.37 50.91 40.95
C THR FA 75 -43.25 50.22 42.29
N MET FA 76 -42.18 49.46 42.49
CA MET FA 76 -41.95 48.77 43.75
C MET FA 76 -41.62 49.78 44.85
N TYR FA 77 -41.92 49.41 46.09
CA TYR FA 77 -41.76 50.31 47.21
C TYR FA 77 -40.41 50.10 47.89
N HIS FA 78 -39.79 51.21 48.28
CA HIS FA 78 -38.53 51.20 49.00
C HIS FA 78 -38.45 52.53 49.73
N GLN FA 79 -38.27 52.46 51.05
CA GLN FA 79 -38.52 53.62 51.89
C GLN FA 79 -37.76 54.83 51.41
N HIS FA 80 -36.46 54.69 51.16
CA HIS FA 80 -35.66 55.85 50.82
C HIS FA 80 -36.14 56.50 49.53
N TYR FA 81 -36.05 55.78 48.42
CA TYR FA 81 -36.42 56.35 47.14
C TYR FA 81 -37.90 56.65 47.02
N ALA FA 82 -38.70 56.22 47.99
CA ALA FA 82 -40.11 56.61 47.98
C ALA FA 82 -40.33 57.99 48.55
N HIS FA 83 -39.34 58.54 49.24
CA HIS FA 83 -39.42 59.90 49.76
C HIS FA 83 -38.32 60.80 49.22
N ALA FA 84 -37.49 60.32 48.30
CA ALA FA 84 -36.37 61.10 47.80
C ALA FA 84 -36.20 61.06 46.30
N LYS FA 85 -37.13 60.47 45.56
CA LYS FA 85 -37.02 60.41 44.12
C LYS FA 85 -38.41 60.55 43.52
N CYS FA 86 -38.57 61.51 42.63
CA CYS FA 86 -39.78 61.60 41.86
C CYS FA 86 -39.91 60.33 41.01
N PRO FA 87 -41.03 59.62 41.07
CA PRO FA 87 -41.11 58.37 40.31
C PRO FA 87 -41.04 58.60 38.82
N THR FA 88 -41.54 59.74 38.34
CA THR FA 88 -41.42 60.09 36.95
C THR FA 88 -40.01 60.47 36.54
N ASP FA 89 -39.05 60.33 37.44
CA ASP FA 89 -37.68 60.74 37.18
C ASP FA 89 -36.72 59.57 36.99
N TYR FA 90 -37.13 58.36 37.34
CA TYR FA 90 -36.25 57.20 37.23
C TYR FA 90 -35.80 57.03 35.79
N GLY FA 91 -34.48 56.98 35.58
CA GLY FA 91 -33.93 56.95 34.25
C GLY FA 91 -33.42 55.60 33.82
N ARG FA 92 -32.18 55.55 33.34
CA ARG FA 92 -31.62 54.31 32.83
C ARG FA 92 -31.14 53.43 33.98
N GLY FA 93 -30.34 52.42 33.66
CA GLY FA 93 -29.80 51.51 34.65
C GLY FA 93 -28.53 52.02 35.29
N GLY FA 94 -27.65 51.09 35.63
CA GLY FA 94 -26.51 51.39 36.46
C GLY FA 94 -25.25 51.86 35.76
N ARG FA 95 -25.07 51.46 34.50
CA ARG FA 95 -23.92 51.88 33.74
C ARG FA 95 -24.30 52.67 32.49
N GLU FA 96 -25.57 52.72 32.13
CA GLU FA 96 -26.04 53.51 31.00
C GLU FA 96 -26.44 54.92 31.40
N PHE FA 97 -25.89 55.44 32.51
CA PHE FA 97 -26.27 56.74 33.01
C PHE FA 97 -26.24 57.79 31.91
N GLN FA 98 -27.26 58.64 31.88
CA GLN FA 98 -27.47 59.52 30.75
C GLN FA 98 -26.72 60.82 30.96
N PHE FA 99 -25.49 60.87 30.45
CA PHE FA 99 -24.76 62.12 30.38
C PHE FA 99 -25.27 63.03 29.29
N LEU FA 100 -26.19 62.55 28.46
CA LEU FA 100 -26.76 63.34 27.37
C LEU FA 100 -28.04 62.67 26.93
N SER FA 101 -29.13 63.43 26.94
CA SER FA 101 -30.42 62.93 26.49
C SER FA 101 -31.04 63.94 25.56
N VAL FA 102 -31.48 63.50 24.40
CA VAL FA 102 -32.08 64.38 23.40
C VAL FA 102 -33.45 63.83 23.04
N LYS FA 103 -34.48 64.63 23.26
CA LYS FA 103 -35.85 64.23 22.98
C LYS FA 103 -36.52 65.28 22.10
N ARG FA 104 -37.49 64.84 21.32
CA ARG FA 104 -38.26 65.74 20.49
C ARG FA 104 -39.45 66.28 21.28
N GLY FA 105 -40.20 67.16 20.66
CA GLY FA 105 -41.38 67.69 21.33
C GLY FA 105 -41.11 68.99 22.05
N LYS FA 106 -42.14 69.80 22.18
CA LYS FA 106 -41.99 71.09 22.83
C LYS FA 106 -41.62 70.92 24.30
N LEU FA 107 -41.12 71.99 24.89
CA LEU FA 107 -40.63 71.99 26.25
C LEU FA 107 -41.65 72.64 27.16
N LYS FA 108 -42.02 71.96 28.23
CA LYS FA 108 -42.99 72.47 29.20
C LYS FA 108 -42.31 72.54 30.56
N ARG FA 109 -42.26 73.74 31.11
CA ARG FA 109 -41.61 74.00 32.39
C ARG FA 109 -42.68 74.19 33.46
N LYS FA 110 -42.96 73.14 34.21
CA LYS FA 110 -43.86 73.26 35.34
C LYS FA 110 -43.27 74.25 36.33
N PRO FA 111 -44.01 75.28 36.74
CA PRO FA 111 -43.39 76.39 37.47
C PRO FA 111 -42.77 75.93 38.78
N LEU FA 112 -41.86 76.76 39.28
CA LEU FA 112 -41.21 76.46 40.55
C LEU FA 112 -42.24 76.50 41.67
N PRO FA 113 -42.06 75.68 42.70
CA PRO FA 113 -43.07 75.64 43.77
C PRO FA 113 -42.96 76.85 44.67
N THR FA 114 -44.09 77.49 44.94
CA THR FA 114 -44.12 78.62 45.84
C THR FA 114 -44.08 78.14 47.28
N VAL FA 115 -44.15 79.07 48.23
CA VAL FA 115 -43.87 78.82 49.63
C VAL FA 115 -45.18 78.65 50.39
N GLN FA 116 -45.12 77.91 51.51
CA GLN FA 116 -46.30 77.52 52.27
C GLN FA 116 -46.36 78.26 53.59
N TYR FA 117 -47.55 78.72 53.95
CA TYR FA 117 -47.82 79.43 55.20
C TYR FA 117 -46.89 80.63 55.35
N VAL FA 118 -46.95 81.49 54.34
CA VAL FA 118 -46.29 82.79 54.38
C VAL FA 118 -47.30 83.79 53.87
N ASP FA 119 -47.98 84.46 54.78
CA ASP FA 119 -48.91 85.50 54.38
C ASP FA 119 -48.12 86.57 53.66
N PRO FA 120 -48.36 86.77 52.36
CA PRO FA 120 -47.63 87.82 51.65
C PRO FA 120 -47.94 89.18 52.26
N ASN FA 121 -47.09 90.15 51.92
CA ASN FA 121 -47.10 91.48 52.53
C ASN FA 121 -46.66 91.42 53.99
N SER FA 122 -45.73 90.51 54.32
CA SER FA 122 -45.12 90.43 55.63
C SER FA 122 -43.60 90.45 55.44
N LYS FA 123 -43.04 91.65 55.37
CA LYS FA 123 -41.63 91.81 55.11
C LYS FA 123 -40.80 91.11 56.18
N PRO FA 124 -39.99 90.12 55.81
CA PRO FA 124 -39.20 89.40 56.80
C PRO FA 124 -37.80 89.96 56.97
N GLN FA 125 -37.32 89.91 58.21
CA GLN FA 125 -35.91 90.22 58.42
C GLN FA 125 -35.07 89.00 58.09
N TRP FA 126 -33.83 89.25 57.73
CA TRP FA 126 -32.94 88.24 57.17
C TRP FA 126 -31.70 88.12 58.03
N VAL FA 127 -31.14 86.91 58.09
CA VAL FA 127 -29.92 86.64 58.82
C VAL FA 127 -28.78 86.38 57.83
N PHE FA 128 -27.67 87.07 58.03
CA PHE FA 128 -26.48 86.91 57.18
C PHE FA 128 -25.59 85.88 57.85
N LYS FA 129 -25.75 84.61 57.45
CA LYS FA 129 -24.89 83.56 57.97
C LYS FA 129 -23.49 83.68 57.39
N SER FA 130 -22.49 83.37 58.20
CA SER FA 130 -21.10 83.53 57.80
C SER FA 130 -20.28 82.39 58.36
N TRP FA 131 -19.22 82.03 57.65
CA TRP FA 131 -18.30 81.03 58.16
C TRP FA 131 -17.44 81.59 59.27
N HIS FA 132 -17.34 82.91 59.39
CA HIS FA 132 -16.62 83.50 60.50
C HIS FA 132 -17.24 83.09 61.83
N ASN FA 133 -18.55 82.87 61.85
CA ASN FA 133 -19.21 82.34 63.03
C ASN FA 133 -18.79 80.89 63.25
N PRO FA 134 -18.81 80.41 64.49
CA PRO FA 134 -18.16 79.14 64.83
C PRO FA 134 -18.84 77.89 64.29
N LEU FA 135 -19.87 78.01 63.46
CA LEU FA 135 -20.52 76.89 62.78
C LEU FA 135 -21.32 76.04 63.75
N SER FA 136 -21.15 76.26 65.04
CA SER FA 136 -21.97 75.62 66.06
C SER FA 136 -22.68 76.64 66.93
N ALA FA 137 -22.45 77.93 66.69
CA ALA FA 137 -23.16 78.97 67.40
C ALA FA 137 -24.66 78.85 67.12
N PRO FA 138 -25.50 79.19 68.09
CA PRO FA 138 -26.95 79.07 67.87
C PRO FA 138 -27.46 79.91 66.72
N SER FA 139 -26.72 80.95 66.32
CA SER FA 139 -27.14 81.73 65.17
C SER FA 139 -26.94 81.00 63.86
N MET FA 140 -26.39 79.79 63.89
CA MET FA 140 -26.19 79.02 62.68
C MET FA 140 -27.33 78.06 62.39
N TRP FA 141 -28.19 77.80 63.38
CA TRP FA 141 -29.31 76.90 63.20
C TRP FA 141 -30.64 77.63 63.09
N GLU FA 142 -30.64 78.94 63.24
CA GLU FA 142 -31.85 79.72 63.00
C GLU FA 142 -32.15 79.77 61.52
N ARG FA 143 -33.43 79.81 61.18
CA ARG FA 143 -33.86 79.85 59.79
C ARG FA 143 -33.23 81.04 59.09
N GLU FA 144 -32.89 80.85 57.82
CA GLU FA 144 -32.20 81.89 57.06
C GLU FA 144 -33.15 82.94 56.54
N VAL FA 145 -34.44 82.86 56.88
CA VAL FA 145 -35.38 83.93 56.59
C VAL FA 145 -36.47 83.89 57.65
N GLN FA 146 -36.64 84.99 58.37
CA GLN FA 146 -37.44 85.01 59.60
C GLN FA 146 -38.80 85.61 59.31
N TYR FA 147 -39.83 84.80 59.38
CA TYR FA 147 -41.12 85.40 59.09
C TYR FA 147 -41.91 85.64 60.36
N PRO FA 148 -42.56 86.79 60.49
CA PRO FA 148 -43.51 86.96 61.60
C PRO FA 148 -44.55 85.87 61.66
N GLU FA 149 -44.87 85.24 60.53
CA GLU FA 149 -45.76 84.08 60.50
C GLU FA 149 -45.18 82.88 61.21
N HIS FA 150 -43.91 82.92 61.61
CA HIS FA 150 -43.28 81.77 62.24
C HIS FA 150 -42.75 82.07 63.63
N THR FA 151 -42.95 83.29 64.13
CA THR FA 151 -42.48 83.62 65.47
C THR FA 151 -43.56 83.23 66.48
N PRO FA 152 -43.35 82.23 67.31
CA PRO FA 152 -44.33 81.91 68.34
C PRO FA 152 -44.46 83.05 69.34
N ALA FA 153 -45.61 83.73 69.34
CA ALA FA 153 -45.79 84.88 70.20
C ALA FA 153 -46.47 84.54 71.51
N HIS FA 154 -47.29 83.48 71.53
CA HIS FA 154 -47.96 83.05 72.75
C HIS FA 154 -46.97 82.90 73.89
N THR FA 155 -45.77 82.40 73.59
CA THR FA 155 -44.61 82.60 74.45
C THR FA 155 -43.76 83.71 73.86
N GLY FA 156 -43.18 84.52 74.72
CA GLY FA 156 -42.42 85.65 74.23
C GLY FA 156 -41.20 85.23 73.46
N ALA FA 157 -41.24 85.36 72.14
CA ALA FA 157 -40.13 84.96 71.30
C ALA FA 157 -39.94 86.00 70.21
N LYS FA 158 -38.71 86.45 70.03
CA LYS FA 158 -38.45 87.52 69.08
C LYS FA 158 -38.38 87.00 67.65
N ARG FA 159 -37.72 85.87 67.44
CA ARG FA 159 -37.46 85.31 66.13
C ARG FA 159 -38.11 83.93 66.00
N PRO FA 160 -38.36 83.47 64.76
CA PRO FA 160 -38.87 82.11 64.58
C PRO FA 160 -37.87 81.08 65.09
N LEU FA 161 -38.41 80.03 65.70
CA LEU FA 161 -37.57 79.02 66.31
C LEU FA 161 -36.73 78.31 65.26
N ALA FA 162 -35.62 77.73 65.71
CA ALA FA 162 -34.76 76.97 64.81
C ALA FA 162 -35.49 75.74 64.27
N VAL FA 163 -35.03 75.27 63.12
CA VAL FA 163 -35.63 74.09 62.48
C VAL FA 163 -34.62 72.99 62.23
N VAL FA 164 -33.33 73.21 62.49
CA VAL FA 164 -32.31 72.19 62.31
C VAL FA 164 -31.52 72.06 63.60
N ALA FA 165 -31.24 70.83 63.99
CA ALA FA 165 -30.58 70.53 65.25
C ALA FA 165 -29.26 69.82 65.00
N PRO FA 166 -28.24 70.09 65.82
CA PRO FA 166 -26.95 69.44 65.61
C PRO FA 166 -27.06 67.93 65.77
N LYS FA 167 -26.26 67.22 65.00
CA LYS FA 167 -26.28 65.76 64.99
C LYS FA 167 -25.33 65.16 66.00
N THR FA 168 -24.70 66.00 66.83
CA THR FA 168 -23.72 65.50 67.79
C THR FA 168 -24.37 64.52 68.75
N SER FA 169 -23.93 63.27 68.72
CA SER FA 169 -24.32 62.33 69.75
C SER FA 169 -23.76 62.83 71.07
N HIS FA 170 -24.62 63.36 71.93
CA HIS FA 170 -24.17 63.93 73.18
C HIS FA 170 -23.95 62.82 74.19
N LYS FA 171 -22.72 62.70 74.67
CA LYS FA 171 -22.42 61.82 75.78
C LYS FA 171 -22.02 62.60 77.03
N HIS FA 172 -22.09 63.92 76.97
CA HIS FA 172 -21.88 64.78 78.12
C HIS FA 172 -23.21 65.27 78.64
N LEU FA 173 -23.20 65.87 79.82
CA LEU FA 173 -24.28 66.71 80.29
C LEU FA 173 -23.74 68.08 80.62
N PHE FA 174 -24.62 69.08 80.63
CA PHE FA 174 -24.27 70.38 81.20
C PHE FA 174 -25.50 71.23 81.37
N LEU FA 175 -25.30 72.38 82.02
CA LEU FA 175 -26.33 73.38 82.21
C LEU FA 175 -26.17 74.48 81.16
N MET FA 176 -26.30 74.05 79.89
CA MET FA 176 -26.25 75.02 78.79
C MET FA 176 -27.36 76.04 78.91
N HIS FA 177 -28.58 75.58 79.21
CA HIS FA 177 -29.59 76.47 79.75
C HIS FA 177 -30.51 75.77 80.76
N MET FA 178 -30.08 74.69 81.39
CA MET FA 178 -30.91 74.07 82.41
C MET FA 178 -30.93 74.93 83.67
N GLU FA 179 -31.72 74.50 84.65
CA GLU FA 179 -31.61 75.08 85.99
C GLU FA 179 -31.64 74.07 87.11
N LYS FA 180 -32.17 72.87 86.90
CA LYS FA 180 -32.29 71.86 87.95
C LYS FA 180 -32.64 70.51 87.33
N VAL FA 181 -31.92 69.47 87.72
CA VAL FA 181 -32.11 68.12 87.18
C VAL FA 181 -32.24 67.18 88.37
N THR FA 182 -33.48 66.84 88.71
CA THR FA 182 -33.74 65.92 89.81
C THR FA 182 -34.05 64.53 89.28
N VAL FA 183 -33.80 63.52 90.10
CA VAL FA 183 -34.21 62.16 89.83
C VAL FA 183 -34.89 61.62 91.07
N THR FA 184 -35.77 60.64 90.86
CA THR FA 184 -36.49 59.98 91.94
C THR FA 184 -36.32 58.48 91.76
N VAL FA 185 -35.98 57.78 92.83
CA VAL FA 185 -35.78 56.34 92.78
C VAL FA 185 -36.51 55.72 93.97
N SER FA 186 -36.35 54.40 94.12
CA SER FA 186 -36.97 53.67 95.21
C SER FA 186 -36.06 52.56 95.68
N PRO FA 187 -35.54 52.62 96.91
CA PRO FA 187 -34.78 51.47 97.43
C PRO FA 187 -35.68 50.27 97.69
N LEU FA 188 -36.93 50.50 98.08
CA LEU FA 188 -37.88 49.40 98.24
C LEU FA 188 -38.03 48.60 96.95
N LEU FA 189 -37.90 49.26 95.81
CA LEU FA 189 -38.00 48.58 94.51
C LEU FA 189 -36.86 47.58 94.38
N PHE FA 190 -37.19 46.30 94.34
CA PHE FA 190 -36.17 45.25 94.27
C PHE FA 190 -36.22 44.50 92.95
N GLY FA 191 -37.35 43.90 92.61
CA GLY FA 191 -37.43 43.11 91.40
C GLY FA 191 -37.96 43.86 90.20
N TYR FA 192 -39.13 44.47 90.36
CA TYR FA 192 -39.75 45.20 89.27
C TYR FA 192 -38.79 46.26 88.74
N GLY FA 193 -38.52 46.21 87.44
CA GLY FA 193 -37.62 47.15 86.82
C GLY FA 193 -36.24 47.14 87.45
N HIS FA 194 -35.59 45.98 87.44
CA HIS FA 194 -34.20 45.93 87.86
C HIS FA 194 -33.35 46.85 86.99
N THR FA 195 -33.55 46.79 85.67
CA THR FA 195 -32.81 47.64 84.75
C THR FA 195 -33.35 49.06 84.70
N LEU FA 196 -34.65 49.23 84.94
CA LEU FA 196 -35.22 50.57 85.00
C LEU FA 196 -34.53 51.40 86.07
N GLN FA 197 -34.34 50.82 87.25
CA GLN FA 197 -33.52 51.49 88.26
C GLN FA 197 -32.07 51.54 87.84
N LYS FA 198 -31.56 50.46 87.24
CA LYS FA 198 -30.16 50.40 86.81
C LYS FA 198 -29.80 51.54 85.87
N ALA FA 199 -30.79 52.14 85.20
CA ALA FA 199 -30.55 53.26 84.32
C ALA FA 199 -30.57 54.59 85.07
N ALA FA 200 -31.62 54.83 85.85
CA ALA FA 200 -31.76 56.11 86.54
C ALA FA 200 -30.56 56.39 87.42
N LEU FA 201 -30.20 55.44 88.28
CA LEU FA 201 -29.02 55.61 89.11
C LEU FA 201 -27.78 55.83 88.25
N ASP FA 202 -27.64 55.07 87.16
CA ASP FA 202 -26.48 55.22 86.31
C ASP FA 202 -26.44 56.60 85.68
N PHE FA 203 -27.59 57.13 85.28
CA PHE FA 203 -27.64 58.47 84.72
C PHE FA 203 -27.21 59.52 85.72
N TYR FA 204 -27.46 59.29 87.01
CA TYR FA 204 -26.93 60.17 88.04
C TYR FA 204 -25.41 60.10 88.06
N ARG FA 205 -24.85 58.90 88.15
CA ARG FA 205 -23.41 58.76 88.14
C ARG FA 205 -22.80 59.28 86.85
N ARG FA 206 -23.55 59.28 85.76
CA ARG FA 206 -23.10 59.90 84.52
C ARG FA 206 -23.64 61.31 84.34
N GLY FA 207 -24.31 61.85 85.35
CA GLY FA 207 -24.75 63.23 85.31
C GLY FA 207 -23.92 64.10 86.21
N LEU FA 208 -23.54 63.56 87.36
CA LEU FA 208 -22.63 64.26 88.25
C LEU FA 208 -21.33 64.61 87.53
N SER FA 209 -20.95 63.85 86.52
CA SER FA 209 -19.80 64.18 85.68
C SER FA 209 -20.22 65.04 84.50
N ALA FA 210 -20.98 66.09 84.77
CA ALA FA 210 -21.44 67.00 83.74
C ALA FA 210 -20.28 67.86 83.26
N ARG FA 211 -20.53 68.70 82.24
CA ARG FA 211 -19.45 69.42 81.56
C ARG FA 211 -19.76 70.91 81.49
N SER FA 212 -19.47 71.62 82.58
CA SER FA 212 -19.42 73.08 82.62
C SER FA 212 -18.95 73.52 84.00
N PRO FA 213 -18.41 74.73 84.15
CA PRO FA 213 -17.79 75.12 85.42
C PRO FA 213 -18.76 75.27 86.58
N PHE FA 214 -20.03 74.97 86.39
CA PHE FA 214 -20.95 74.98 87.51
C PHE FA 214 -20.49 73.95 88.55
N PRO FA 215 -20.91 74.09 89.79
CA PRO FA 215 -20.84 72.95 90.70
C PRO FA 215 -21.79 71.87 90.22
N SER FA 216 -21.26 70.67 90.03
CA SER FA 216 -22.06 69.59 89.46
C SER FA 216 -23.20 69.18 90.38
N ASP FA 217 -23.32 69.84 91.52
CA ASP FA 217 -24.43 69.59 92.43
C ASP FA 217 -25.69 70.34 92.05
N LYS FA 218 -25.82 70.72 90.77
CA LYS FA 218 -27.12 71.06 90.23
C LYS FA 218 -28.00 69.82 90.09
N MET FA 219 -27.42 68.64 90.25
CA MET FA 219 -28.15 67.37 90.16
C MET FA 219 -28.52 66.89 91.55
N PHE FA 220 -29.75 66.42 91.70
CA PHE FA 220 -30.26 65.92 92.96
C PHE FA 220 -30.70 64.48 92.82
N LEU FA 221 -30.74 63.75 93.93
CA LEU FA 221 -31.09 62.34 93.93
C LEU FA 221 -32.00 62.07 95.11
N TYR FA 222 -33.28 61.82 94.83
CA TYR FA 222 -34.29 61.67 95.87
C TYR FA 222 -34.63 60.20 96.03
N TYR FA 223 -34.97 59.82 97.27
CA TYR FA 223 -35.30 58.44 97.61
C TYR FA 223 -36.78 58.38 97.93
N SER FA 224 -37.59 58.16 96.89
CA SER FA 224 -39.03 58.06 97.06
C SER FA 224 -39.39 56.70 97.61
N ILE FA 225 -40.17 56.67 98.69
CA ILE FA 225 -40.67 55.43 99.25
C ILE FA 225 -42.01 55.15 98.61
N ASP FA 226 -42.32 55.86 97.52
CA ASP FA 226 -43.59 55.73 96.83
C ASP FA 226 -43.70 54.43 96.06
N HIS FA 227 -42.60 53.72 95.82
CA HIS FA 227 -42.59 52.48 95.06
C HIS FA 227 -43.00 52.70 93.61
N ILE FA 228 -42.72 53.89 93.10
CA ILE FA 228 -43.00 54.25 91.72
C ILE FA 228 -41.74 53.99 90.90
N THR FA 229 -41.94 53.60 89.65
CA THR FA 229 -40.80 53.45 88.75
C THR FA 229 -39.98 54.73 88.74
N PRO FA 230 -38.66 54.65 88.71
CA PRO FA 230 -37.84 55.86 88.79
C PRO FA 230 -38.11 56.79 87.63
N LYS FA 231 -38.29 58.07 87.94
CA LYS FA 231 -38.64 59.08 86.96
C LYS FA 231 -37.72 60.27 87.13
N ILE FA 232 -37.27 60.83 86.00
CA ILE FA 232 -36.36 61.96 85.98
C ILE FA 232 -37.16 63.20 85.63
N GLU FA 233 -36.86 64.31 86.28
CA GLU FA 233 -37.45 65.60 85.97
C GLU FA 233 -36.32 66.59 85.73
N VAL FA 234 -36.31 67.21 84.56
CA VAL FA 234 -35.35 68.25 84.23
C VAL FA 234 -36.13 69.53 84.02
N THR FA 235 -35.76 70.59 84.73
CA THR FA 235 -36.37 71.89 84.57
C THR FA 235 -35.32 72.89 84.12
N TRP FA 236 -35.70 73.75 83.18
CA TRP FA 236 -34.78 74.67 82.55
C TRP FA 236 -34.86 76.06 83.18
N LEU FA 237 -33.89 76.90 82.82
CA LEU FA 237 -33.78 78.25 83.39
C LEU FA 237 -35.12 78.96 83.41
N ASP FA 238 -35.75 79.13 82.24
CA ASP FA 238 -37.02 79.84 82.18
C ASP FA 238 -38.12 79.11 82.97
N GLY FA 239 -37.98 77.81 83.18
CA GLY FA 239 -38.90 77.13 84.08
C GLY FA 239 -39.50 75.84 83.59
N SER FA 240 -39.63 75.67 82.28
CA SER FA 240 -40.31 74.50 81.75
C SER FA 240 -39.60 73.22 82.18
N VAL FA 241 -40.38 72.17 82.32
CA VAL FA 241 -39.89 70.88 82.82
C VAL FA 241 -40.00 69.85 81.72
N TYR FA 242 -38.99 68.98 81.64
CA TYR FA 242 -38.95 67.91 80.66
C TYR FA 242 -38.86 66.59 81.41
N VAL FA 243 -39.85 65.73 81.23
CA VAL FA 243 -39.83 64.42 81.87
C VAL FA 243 -39.41 63.38 80.85
N PRO FA 244 -38.17 62.88 80.90
CA PRO FA 244 -37.74 61.89 79.92
C PRO FA 244 -38.51 60.59 80.08
N PRO FA 245 -38.77 59.89 78.99
CA PRO FA 245 -39.54 58.64 79.05
C PRO FA 245 -38.63 57.46 79.40
N LEU FA 246 -38.87 56.86 80.56
CA LEU FA 246 -38.09 55.71 81.00
C LEU FA 246 -38.86 54.44 80.65
N ILE FA 247 -38.70 54.01 79.41
CA ILE FA 247 -39.34 52.83 78.86
C ILE FA 247 -38.57 51.59 79.28
N GLU FA 248 -39.14 50.42 79.02
CA GLU FA 248 -38.47 49.16 79.34
C GLU FA 248 -37.33 48.93 78.35
N GLY FA 249 -36.09 49.10 78.82
CA GLY FA 249 -34.95 48.82 77.98
C GLY FA 249 -34.25 50.06 77.45
N VAL FA 250 -34.04 51.05 78.31
CA VAL FA 250 -33.36 52.28 77.95
C VAL FA 250 -32.31 52.56 79.02
N LYS FA 251 -31.06 52.74 78.59
CA LYS FA 251 -29.92 52.84 79.49
C LYS FA 251 -29.43 54.27 79.57
N ALA FA 252 -28.43 54.47 80.42
CA ALA FA 252 -27.88 55.81 80.65
C ALA FA 252 -27.52 56.50 79.34
N GLN FA 253 -26.66 55.85 78.54
CA GLN FA 253 -26.20 56.45 77.29
C GLN FA 253 -27.35 56.90 76.39
N ASP FA 254 -28.54 56.34 76.59
CA ASP FA 254 -29.68 56.77 75.81
C ASP FA 254 -30.26 58.07 76.36
N LEU FA 255 -30.39 58.16 77.69
CA LEU FA 255 -31.02 59.33 78.28
C LEU FA 255 -30.22 60.59 78.00
N ILE FA 256 -28.88 60.51 78.08
CA ILE FA 256 -28.07 61.70 77.88
C ILE FA 256 -28.28 62.26 76.49
N GLN FA 257 -28.57 61.42 75.51
CA GLN FA 257 -28.94 61.91 74.19
C GLN FA 257 -30.34 62.48 74.19
N MET FA 258 -31.23 61.96 75.03
CA MET FA 258 -32.58 62.50 75.11
C MET FA 258 -32.58 63.93 75.63
N VAL FA 259 -32.09 64.12 76.85
CA VAL FA 259 -32.15 65.45 77.47
C VAL FA 259 -31.29 66.45 76.70
N MET FA 260 -30.05 66.08 76.40
CA MET FA 260 -29.15 66.98 75.71
C MET FA 260 -29.62 67.37 74.32
N GLU FA 261 -30.58 66.64 73.77
CA GLU FA 261 -31.25 67.14 72.57
C GLU FA 261 -32.35 68.13 72.95
N GLN FA 262 -33.22 67.73 73.88
CA GLN FA 262 -34.24 68.63 74.38
C GLN FA 262 -33.65 69.79 75.15
N ALA FA 263 -32.35 69.76 75.42
CA ALA FA 263 -31.65 70.90 76.02
C ALA FA 263 -31.01 71.79 74.98
N TRP FA 264 -30.90 71.34 73.73
CA TRP FA 264 -30.52 72.25 72.66
C TRP FA 264 -31.72 73.03 72.17
N LEU FA 265 -32.88 72.38 72.10
CA LEU FA 265 -34.08 73.10 71.71
C LEU FA 265 -34.50 74.07 72.79
N ALA FA 266 -34.37 73.68 74.05
CA ALA FA 266 -34.67 74.59 75.15
C ALA FA 266 -33.74 75.80 75.12
N ALA FA 267 -32.45 75.57 74.84
CA ALA FA 267 -31.52 76.69 74.71
C ALA FA 267 -31.93 77.60 73.55
N ASP FA 268 -32.20 77.01 72.39
CA ASP FA 268 -32.60 77.83 71.24
C ASP FA 268 -34.01 78.37 71.37
N ARG FA 269 -34.82 77.82 72.27
CA ARG FA 269 -36.07 78.50 72.60
C ARG FA 269 -35.79 79.69 73.51
N MET FA 270 -34.91 79.50 74.49
CA MET FA 270 -34.56 80.61 75.38
C MET FA 270 -33.81 81.70 74.62
N SER FA 271 -32.80 81.32 73.84
CA SER FA 271 -32.13 82.30 72.99
C SER FA 271 -33.10 83.01 72.08
N ALA FA 272 -34.27 82.42 71.81
CA ALA FA 272 -35.32 83.11 71.10
C ALA FA 272 -36.18 83.96 72.02
N GLU FA 273 -36.18 83.66 73.31
CA GLU FA 273 -36.97 84.38 74.29
C GLU FA 273 -36.20 85.54 74.93
N GLY FA 274 -34.99 85.82 74.45
CA GLY FA 274 -34.19 86.91 74.97
C GLY FA 274 -33.28 86.56 76.13
N ARG FA 275 -33.30 85.32 76.61
CA ARG FA 275 -32.42 84.92 77.69
C ARG FA 275 -30.96 85.03 77.25
N VAL FA 276 -30.08 85.33 78.19
CA VAL FA 276 -28.67 85.49 77.89
C VAL FA 276 -28.11 84.14 77.48
N LEU FA 277 -26.92 84.14 76.88
CA LEU FA 277 -26.30 82.93 76.37
C LEU FA 277 -25.05 82.61 77.17
N ASN FA 278 -24.99 81.41 77.74
CA ASN FA 278 -23.79 80.90 78.38
C ASN FA 278 -23.06 80.00 77.40
N PRO FA 279 -22.16 80.55 76.59
CA PRO FA 279 -21.55 79.74 75.52
C PRO FA 279 -20.53 78.79 76.12
N ILE FA 280 -20.66 77.51 75.78
CA ILE FA 280 -19.68 76.55 76.24
C ILE FA 280 -18.36 76.82 75.56
N ALA FA 281 -17.26 76.61 76.27
CA ALA FA 281 -15.94 76.86 75.73
C ALA FA 281 -14.93 76.03 76.52
N ILE FA 282 -13.67 76.12 76.11
CA ILE FA 282 -12.63 75.25 76.62
C ILE FA 282 -12.31 75.63 78.06
N ASP FA 283 -12.78 74.84 79.03
CA ASP FA 283 -12.50 75.10 80.43
C ASP FA 283 -12.49 73.77 81.18
N ASP FA 284 -11.29 73.24 81.41
CA ASP FA 284 -11.06 72.16 82.38
C ASP FA 284 -11.78 70.87 82.00
N TYR FA 285 -12.56 70.89 80.94
CA TYR FA 285 -13.27 69.69 80.53
C TYR FA 285 -12.98 69.29 79.10
N LYS FA 286 -12.77 70.25 78.20
CA LYS FA 286 -12.07 69.90 76.97
C LYS FA 286 -10.63 69.53 77.26
N TRP FA 287 -10.13 69.93 78.43
CA TRP FA 287 -8.96 69.33 79.05
C TRP FA 287 -9.43 68.33 80.11
N GLU FA 288 -8.49 67.48 80.54
CA GLU FA 288 -8.79 66.40 81.48
C GLU FA 288 -9.68 65.38 80.79
N GLN FA 289 -10.13 65.72 79.58
CA GLN FA 289 -10.65 64.76 78.62
C GLN FA 289 -9.80 64.70 77.38
N LEU FA 290 -8.89 65.65 77.19
CA LEU FA 290 -7.87 65.56 76.16
C LEU FA 290 -6.75 64.62 76.56
N ILE FA 291 -6.56 64.40 77.87
CA ILE FA 291 -5.56 63.45 78.29
C ILE FA 291 -6.01 62.03 77.98
N ALA FA 292 -7.32 61.79 77.91
CA ALA FA 292 -7.82 60.48 77.56
C ALA FA 292 -7.62 60.22 76.07
N PHE FA 293 -6.39 60.39 75.62
CA PHE FA 293 -6.01 60.17 74.24
C PHE FA 293 -4.67 59.48 74.23
N TYR GA 11 -16.37 15.94 54.52
CA TYR GA 11 -17.43 15.49 55.41
C TYR GA 11 -18.28 14.42 54.75
N ARG GA 12 -18.29 13.22 55.34
CA ARG GA 12 -19.12 12.15 54.85
C ARG GA 12 -20.60 12.55 54.91
N THR GA 13 -21.40 11.93 54.04
CA THR GA 13 -22.84 12.18 53.88
C THR GA 13 -23.10 13.52 53.22
N ALA GA 14 -22.05 14.33 53.08
CA ALA GA 14 -22.05 15.43 52.14
C ALA GA 14 -21.16 15.14 50.96
N TRP GA 15 -20.21 14.23 51.12
CA TRP GA 15 -19.40 13.72 50.03
C TRP GA 15 -19.98 12.43 49.44
N ARG GA 16 -20.65 11.63 50.26
CA ARG GA 16 -21.24 10.40 49.75
C ARG GA 16 -22.34 10.67 48.75
N GLU GA 17 -23.22 11.64 49.03
CA GLU GA 17 -24.32 11.93 48.11
C GLU GA 17 -23.81 12.30 46.73
N LEU GA 18 -22.61 12.85 46.62
CA LEU GA 18 -22.07 13.15 45.31
C LEU GA 18 -21.64 11.91 44.55
N LEU GA 19 -21.94 10.72 45.03
CA LEU GA 19 -21.48 9.48 44.41
C LEU GA 19 -22.62 8.63 43.88
N HIS GA 20 -23.84 9.15 43.87
CA HIS GA 20 -25.00 8.33 43.51
C HIS GA 20 -24.89 7.90 42.05
N PRO GA 21 -24.78 6.60 41.77
CA PRO GA 21 -24.60 6.17 40.38
C PRO GA 21 -25.85 6.35 39.54
N LEU GA 22 -27.03 6.32 40.14
CA LEU GA 22 -28.30 6.41 39.45
C LEU GA 22 -29.14 7.52 40.07
N PRO GA 23 -29.99 8.16 39.27
CA PRO GA 23 -30.83 9.23 39.81
C PRO GA 23 -31.85 8.72 40.83
N VAL GA 24 -32.69 9.63 41.32
CA VAL GA 24 -33.69 9.20 42.29
C VAL GA 24 -34.76 8.35 41.62
N TRP GA 25 -35.08 8.63 40.36
CA TRP GA 25 -36.11 7.84 39.70
C TRP GA 25 -35.61 6.46 39.32
N ALA GA 26 -34.39 6.38 38.79
CA ALA GA 26 -33.86 5.08 38.41
C ALA GA 26 -33.46 4.28 39.62
N ARG GA 27 -33.33 4.91 40.77
CA ARG GA 27 -33.13 4.15 42.00
C ARG GA 27 -34.45 3.54 42.46
N ARG GA 28 -35.47 4.35 42.64
CA ARG GA 28 -36.77 3.83 43.02
C ARG GA 28 -37.38 2.96 41.95
N GLN GA 29 -36.85 2.97 40.72
CA GLN GA 29 -37.21 1.94 39.75
C GLN GA 29 -36.65 0.60 40.17
N GLN GA 30 -35.45 0.59 40.73
CA GLN GA 30 -34.78 -0.64 41.10
C GLN GA 30 -35.43 -1.34 42.27
N TRP GA 31 -36.34 -0.67 42.99
CA TRP GA 31 -37.01 -1.31 44.09
C TRP GA 31 -38.30 -1.99 43.66
N LEU GA 32 -38.83 -1.63 42.50
CA LEU GA 32 -39.83 -2.47 41.86
C LEU GA 32 -39.24 -3.78 41.40
N LYS GA 33 -37.92 -3.85 41.27
CA LYS GA 33 -37.28 -5.10 40.90
C LYS GA 33 -37.11 -5.99 42.11
N ARG GA 34 -36.74 -5.43 43.25
CA ARG GA 34 -36.55 -6.24 44.45
C ARG GA 34 -37.88 -6.62 45.09
N ASP GA 35 -38.90 -5.79 44.95
CA ASP GA 35 -40.22 -6.13 45.45
C ASP GA 35 -40.98 -7.04 44.51
N THR GA 36 -40.43 -7.34 43.34
CA THR GA 36 -40.93 -8.45 42.54
C THR GA 36 -40.33 -9.75 43.03
N VAL GA 37 -39.02 -9.78 43.25
CA VAL GA 37 -38.37 -10.98 43.77
C VAL GA 37 -38.92 -11.29 45.15
N GLU GA 38 -38.98 -10.29 46.02
CA GLU GA 38 -39.43 -10.52 47.39
C GLU GA 38 -40.86 -11.03 47.46
N MET GA 39 -41.62 -10.94 46.39
CA MET GA 39 -42.90 -11.64 46.30
C MET GA 39 -42.85 -12.85 45.39
N ASN GA 40 -41.76 -13.03 44.64
CA ASN GA 40 -41.52 -14.29 43.97
C ASN GA 40 -40.99 -15.33 44.94
N GLU GA 41 -40.24 -14.91 45.95
CA GLU GA 41 -39.73 -15.82 46.97
C GLU GA 41 -40.61 -15.84 48.20
N ALA GA 42 -41.80 -15.25 48.14
CA ALA GA 42 -42.81 -15.44 49.17
C ALA GA 42 -43.77 -16.55 48.80
N ILE GA 43 -43.99 -16.79 47.51
CA ILE GA 43 -44.84 -17.89 47.09
C ILE GA 43 -44.08 -19.20 47.16
N LEU GA 44 -42.77 -19.15 47.12
CA LEU GA 44 -41.99 -20.37 47.15
C LEU GA 44 -41.76 -20.90 48.55
N ARG GA 45 -42.24 -20.19 49.57
CA ARG GA 45 -42.20 -20.71 50.93
C ARG GA 45 -43.57 -21.19 51.39
N GLU GA 46 -44.49 -21.39 50.46
CA GLU GA 46 -45.84 -21.91 50.67
C GLU GA 46 -45.82 -23.43 50.64
N PRO GA 47 -46.55 -24.08 51.54
CA PRO GA 47 -46.48 -25.53 51.65
C PRO GA 47 -46.85 -26.24 50.36
N TYR GA 48 -46.43 -27.49 50.26
CA TYR GA 48 -46.66 -28.26 49.04
C TYR GA 48 -48.11 -28.63 48.83
N TYR GA 49 -48.97 -28.38 49.81
CA TYR GA 49 -50.38 -28.70 49.69
C TYR GA 49 -51.09 -28.02 50.85
N ARG GA 50 -52.41 -28.12 50.84
CA ARG GA 50 -53.24 -27.57 51.90
C ARG GA 50 -54.37 -28.53 52.19
N ILE GA 51 -54.70 -28.67 53.47
CA ILE GA 51 -55.66 -29.69 53.92
C ILE GA 51 -57.02 -29.00 54.02
N LYS GA 52 -57.78 -29.04 52.93
CA LYS GA 52 -59.19 -28.57 52.94
C LYS GA 52 -60.08 -29.68 53.49
N THR GA 53 -61.39 -29.43 53.64
CA THR GA 53 -62.30 -30.52 54.09
C THR GA 53 -63.51 -30.58 53.17
N PHE GA 54 -64.16 -31.75 53.10
CA PHE GA 54 -65.27 -31.92 52.14
C PHE GA 54 -66.47 -31.02 52.45
N ALA GA 55 -66.90 -30.96 53.70
CA ALA GA 55 -68.10 -30.20 54.10
C ALA GA 55 -67.95 -28.69 53.92
N GLN GA 56 -66.79 -28.12 54.24
CA GLN GA 56 -66.62 -26.65 54.25
C GLN GA 56 -66.68 -26.05 52.85
N PRO GA 57 -66.87 -24.72 52.72
CA PRO GA 57 -67.04 -24.14 51.41
C PRO GA 57 -65.76 -24.51 50.68
N ALA GA 58 -64.61 -24.48 51.37
CA ALA GA 58 -63.32 -24.89 50.80
C ALA GA 58 -62.53 -23.76 50.15
N ALA GA 59 -63.12 -22.58 50.00
CA ALA GA 59 -62.34 -21.45 49.48
C ALA GA 59 -61.56 -20.88 50.67
N PHE GA 60 -60.22 -20.81 50.57
CA PHE GA 60 -59.38 -20.44 51.74
C PHE GA 60 -58.29 -19.47 51.29
N VAL GA 61 -58.49 -18.18 51.52
CA VAL GA 61 -57.47 -17.15 51.17
C VAL GA 61 -56.23 -17.44 52.02
N SER GA 62 -55.05 -17.43 51.41
CA SER GA 62 -53.81 -17.76 52.14
C SER GA 62 -53.50 -16.63 53.11
N PRO GA 63 -52.72 -16.85 54.19
CA PRO GA 63 -52.48 -15.81 55.16
C PRO GA 63 -51.75 -14.65 54.49
N ARG GA 64 -50.78 -14.93 53.63
CA ARG GA 64 -49.98 -13.83 53.04
C ARG GA 64 -50.88 -12.93 52.21
N VAL GA 65 -51.75 -13.52 51.40
CA VAL GA 65 -52.61 -12.69 50.51
C VAL GA 65 -53.56 -11.86 51.37
N SER GA 66 -54.09 -12.47 52.43
CA SER GA 66 -54.98 -11.73 53.35
C SER GA 66 -54.19 -10.60 54.00
N GLU GA 67 -52.96 -10.89 54.42
CA GLU GA 67 -52.15 -9.87 55.13
C GLU GA 67 -51.87 -8.66 54.24
N SER GA 68 -51.51 -8.87 52.97
CA SER GA 68 -51.13 -7.74 52.10
C SER GA 68 -52.34 -6.89 51.71
N ALA GA 69 -52.12 -5.62 51.37
CA ALA GA 69 -53.24 -4.72 50.99
C ALA GA 69 -53.64 -4.97 49.53
N ALA GA 70 -53.81 -6.24 49.18
CA ALA GA 70 -54.28 -6.68 47.88
C ALA GA 70 -55.75 -7.07 47.91
N HIS GA 71 -56.56 -6.29 48.62
CA HIS GA 71 -57.97 -6.57 48.75
C HIS GA 71 -58.76 -5.86 47.67
N GLU GA 72 -59.70 -6.58 47.06
CA GLU GA 72 -60.41 -6.18 45.86
C GLU GA 72 -61.90 -6.32 46.07
N PRO GA 73 -62.74 -5.76 45.18
CA PRO GA 73 -64.18 -5.76 45.43
C PRO GA 73 -64.85 -7.12 45.22
N ASP GA 74 -66.18 -7.14 45.22
CA ASP GA 74 -66.93 -8.37 45.08
C ASP GA 74 -68.19 -8.12 44.24
N THR GA 75 -68.91 -9.21 44.01
CA THR GA 75 -70.24 -9.31 43.37
C THR GA 75 -70.16 -9.04 41.88
N GLN GA 76 -69.09 -8.39 41.45
CA GLN GA 76 -68.58 -8.31 40.09
C GLN GA 76 -67.35 -7.45 40.24
N GLN GA 77 -66.75 -7.00 39.15
CA GLN GA 77 -65.66 -6.04 39.18
C GLN GA 77 -64.41 -6.60 39.83
N SER GA 78 -64.41 -7.89 40.18
CA SER GA 78 -63.21 -8.59 40.58
C SER GA 78 -63.01 -9.73 39.62
N SER GA 79 -61.85 -9.76 38.96
CA SER GA 79 -61.56 -10.85 38.03
C SER GA 79 -61.80 -12.19 38.68
N ARG GA 80 -61.63 -12.27 40.00
CA ARG GA 80 -61.83 -13.49 40.77
C ARG GA 80 -63.30 -13.74 41.12
N TYR GA 81 -64.24 -12.97 40.57
CA TYR GA 81 -65.64 -13.19 40.93
C TYR GA 81 -66.11 -14.56 40.46
N GLY GA 82 -66.05 -14.81 39.15
CA GLY GA 82 -66.49 -16.08 38.62
C GLY GA 82 -65.88 -17.26 39.33
N VAL GA 83 -64.68 -17.10 39.87
CA VAL GA 83 -64.06 -18.14 40.67
C VAL GA 83 -64.60 -18.14 42.08
N ASP GA 84 -64.38 -17.04 42.81
CA ASP GA 84 -64.78 -17.00 44.21
C ASP GA 84 -66.29 -17.00 44.39
N ARG GA 85 -67.06 -16.79 43.33
CA ARG GA 85 -68.47 -17.12 43.42
C ARG GA 85 -68.68 -18.63 43.33
N GLN GA 86 -67.88 -19.30 42.50
CA GLN GA 86 -67.98 -20.73 42.32
C GLN GA 86 -67.37 -21.51 43.48
N LEU GA 87 -66.47 -20.89 44.24
CA LEU GA 87 -65.84 -21.56 45.37
C LEU GA 87 -66.59 -21.37 46.67
N ARG GA 88 -67.28 -20.24 46.83
CA ARG GA 88 -68.02 -20.01 48.07
C ARG GA 88 -69.37 -20.73 48.08
N GLY GA 89 -69.95 -20.96 46.91
CA GLY GA 89 -71.19 -21.69 46.81
C GLY GA 89 -71.12 -23.01 47.54
N PRO GA 90 -72.25 -23.50 48.04
CA PRO GA 90 -72.24 -24.75 48.79
C PRO GA 90 -71.63 -25.88 47.98
N ARG GA 91 -70.80 -26.67 48.63
CA ARG GA 91 -70.06 -27.73 47.97
C ARG GA 91 -70.94 -28.97 47.87
N ARG GA 92 -70.96 -29.58 46.69
CA ARG GA 92 -71.80 -30.75 46.49
C ARG GA 92 -71.19 -31.99 47.10
N ALA GA 93 -69.89 -32.22 46.87
CA ALA GA 93 -69.23 -33.42 47.38
C ALA GA 93 -68.99 -33.28 48.88
N VAL GA 94 -70.10 -33.24 49.62
CA VAL GA 94 -70.03 -33.03 51.06
C VAL GA 94 -69.45 -34.22 51.82
N SER GA 95 -69.19 -35.34 51.16
CA SER GA 95 -68.69 -36.50 51.86
C SER GA 95 -68.00 -37.41 50.87
N PRO GA 96 -66.95 -38.13 51.28
CA PRO GA 96 -66.25 -39.04 50.35
C PRO GA 96 -67.11 -40.18 49.86
N GLU GA 97 -68.29 -40.40 50.45
CA GLU GA 97 -69.25 -41.33 49.91
C GLU GA 97 -70.29 -40.66 49.04
N ARG GA 98 -70.67 -39.42 49.38
CA ARG GA 98 -71.43 -38.61 48.43
C ARG GA 98 -70.59 -38.29 47.20
N LEU GA 99 -69.27 -38.34 47.33
CA LEU GA 99 -68.40 -38.15 46.18
C LEU GA 99 -68.73 -39.14 45.07
N GLN GA 100 -68.60 -40.44 45.37
CA GLN GA 100 -68.85 -41.45 44.35
C GLN GA 100 -70.27 -41.37 43.80
N GLU GA 101 -71.22 -40.92 44.62
CA GLU GA 101 -72.61 -40.88 44.19
C GLU GA 101 -72.83 -39.96 43.00
N LEU GA 102 -71.99 -38.94 42.84
CA LEU GA 102 -72.02 -38.13 41.63
C LEU GA 102 -71.22 -38.78 40.52
N ARG GA 103 -70.12 -39.43 40.90
CA ARG GA 103 -69.20 -40.00 39.93
C ARG GA 103 -69.68 -41.32 39.35
N GLU GA 104 -70.72 -41.91 39.92
CA GLU GA 104 -71.33 -43.08 39.31
C GLU GA 104 -72.30 -42.70 38.22
N GLN GA 105 -72.16 -41.50 37.68
CA GLN GA 105 -73.06 -40.98 36.65
C GLN GA 105 -72.32 -40.77 35.33
N LEU GA 106 -71.26 -39.97 35.33
CA LEU GA 106 -70.57 -39.63 34.10
C LEU GA 106 -69.84 -40.83 33.53
N GLN GA 107 -69.84 -40.91 32.20
CA GLN GA 107 -69.19 -42.00 31.48
C GLN GA 107 -67.85 -41.54 30.95
N PHE GA 108 -67.02 -42.50 30.56
CA PHE GA 108 -65.79 -42.23 29.83
C PHE GA 108 -66.01 -42.74 28.42
N VAL GA 109 -66.35 -41.83 27.51
CA VAL GA 109 -66.87 -42.22 26.21
C VAL GA 109 -65.76 -42.68 25.28
N GLY GA 110 -64.80 -41.81 24.99
CA GLY GA 110 -63.79 -42.13 24.02
C GLY GA 110 -62.71 -43.09 24.47
N SER GA 111 -62.82 -43.63 25.68
CA SER GA 111 -61.74 -44.45 26.21
C SER GA 111 -61.58 -45.74 25.41
N ILE GA 112 -60.33 -46.14 25.22
CA ILE GA 112 -60.01 -47.33 24.45
C ILE GA 112 -60.48 -48.56 25.21
N GLY GA 113 -61.31 -49.37 24.57
CA GLY GA 113 -61.69 -50.64 25.15
C GLY GA 113 -63.11 -51.04 24.86
N PRO GA 114 -63.62 -51.98 25.62
CA PRO GA 114 -65.01 -52.41 25.44
C PRO GA 114 -66.00 -51.34 25.87
N LYS GA 115 -66.72 -50.80 24.90
CA LYS GA 115 -67.63 -49.70 25.17
C LYS GA 115 -68.68 -50.12 26.20
N VAL GA 116 -69.31 -49.11 26.80
CA VAL GA 116 -70.27 -49.32 27.87
C VAL GA 116 -71.50 -50.00 27.29
N PRO GA 117 -72.29 -50.70 28.10
CA PRO GA 117 -73.59 -51.18 27.62
C PRO GA 117 -74.59 -50.05 27.55
N PRO GA 118 -75.35 -49.94 26.47
CA PRO GA 118 -76.30 -48.81 26.34
C PRO GA 118 -77.40 -48.88 27.39
N ALA GA 119 -78.11 -47.79 27.52
CA ALA GA 119 -79.14 -47.65 28.54
C ALA GA 119 -80.41 -48.41 28.25
N ALA GA 120 -80.44 -49.30 27.25
CA ALA GA 120 -81.59 -50.08 26.83
C ALA GA 120 -82.64 -49.26 26.09
N GLY GA 121 -82.47 -47.95 25.96
CA GLY GA 121 -83.45 -47.13 25.27
C GLY GA 121 -82.88 -46.35 24.10
N ALA GA 122 -81.59 -46.03 24.14
CA ALA GA 122 -80.93 -45.35 23.05
C ALA GA 122 -80.39 -46.37 22.07
N GLY GA 123 -80.44 -46.03 20.79
CA GLY GA 123 -80.00 -46.92 19.76
C GLY GA 123 -78.52 -47.24 19.89
N THR GA 124 -78.09 -48.20 19.06
CA THR GA 124 -76.69 -48.59 19.05
C THR GA 124 -75.82 -47.37 18.77
N ALA GA 125 -74.61 -47.38 19.33
CA ALA GA 125 -73.75 -46.22 19.32
C ALA GA 125 -73.44 -45.76 17.89
N TYR GA 126 -72.96 -44.53 17.78
CA TYR GA 126 -72.51 -44.02 16.49
C TYR GA 126 -71.27 -44.77 16.04
N GLN GA 127 -70.39 -45.12 16.97
CA GLN GA 127 -69.04 -45.57 16.62
C GLN GA 127 -69.07 -46.90 15.89
N ASP GA 128 -69.92 -47.83 16.34
CA ASP GA 128 -70.02 -49.11 15.66
C ASP GA 128 -70.94 -49.07 14.45
N GLU GA 129 -71.84 -48.10 14.39
CA GLU GA 129 -72.68 -47.92 13.21
C GLU GA 129 -71.96 -47.17 12.10
N TYR GA 130 -70.95 -46.37 12.45
CA TYR GA 130 -70.24 -45.56 11.47
C TYR GA 130 -68.75 -45.86 11.43
N GLY GA 131 -68.30 -46.91 12.09
CA GLY GA 131 -66.89 -47.22 12.13
C GLY GA 131 -66.10 -46.18 12.91
N THR GA 132 -64.79 -46.41 12.99
CA THR GA 132 -63.90 -45.53 13.74
C THR GA 132 -63.24 -44.47 12.86
N ARG GA 133 -62.88 -44.85 11.63
CA ARG GA 133 -62.24 -43.90 10.74
C ARG GA 133 -63.12 -42.70 10.45
N LEU GA 134 -64.43 -42.91 10.38
CA LEU GA 134 -65.33 -41.81 10.03
C LEU GA 134 -65.71 -41.01 11.26
N ARG GA 135 -66.01 -39.74 11.03
CA ARG GA 135 -66.48 -38.81 12.04
C ARG GA 135 -67.64 -38.02 11.45
N PRO GA 136 -68.54 -37.52 12.30
CA PRO GA 136 -69.74 -36.84 11.77
C PRO GA 136 -69.33 -35.67 10.89
N ARG GA 137 -70.17 -35.36 9.91
CA ARG GA 137 -69.85 -34.29 8.98
C ARG GA 137 -70.01 -32.97 9.72
N TYR GA 138 -68.95 -32.61 10.44
CA TYR GA 138 -68.93 -31.37 11.19
C TYR GA 138 -69.12 -30.19 10.24
N PRO GA 139 -69.79 -29.12 10.70
CA PRO GA 139 -69.79 -27.87 9.94
C PRO GA 139 -68.50 -27.11 10.18
N GLN GA 140 -67.86 -26.70 9.10
CA GLN GA 140 -66.57 -26.02 9.16
C GLN GA 140 -66.81 -24.51 9.04
N SER GA 141 -66.79 -23.82 10.17
CA SER GA 141 -67.00 -22.39 10.22
C SER GA 141 -65.98 -21.78 11.15
N TRP GA 142 -65.97 -20.46 11.22
CA TRP GA 142 -65.01 -19.74 12.06
C TRP GA 142 -65.18 -20.10 13.53
N ASP GA 143 -66.42 -20.28 13.97
CA ASP GA 143 -66.72 -20.47 15.38
C ASP GA 143 -66.93 -21.93 15.76
N THR GA 144 -67.19 -22.80 14.78
CA THR GA 144 -67.23 -24.24 15.00
C THR GA 144 -65.98 -24.79 14.33
N VAL GA 145 -64.90 -24.92 15.09
CA VAL GA 145 -63.66 -25.46 14.57
C VAL GA 145 -63.53 -26.89 15.06
N PRO GA 146 -63.96 -27.87 14.29
CA PRO GA 146 -63.91 -29.24 14.73
C PRO GA 146 -62.51 -29.80 14.55
N PRO GA 147 -62.15 -30.86 15.28
CA PRO GA 147 -60.84 -31.46 15.11
C PRO GA 147 -60.63 -31.96 13.69
N HIS GA 148 -59.58 -31.47 13.05
CA HIS GA 148 -59.25 -31.85 11.69
C HIS GA 148 -58.25 -33.00 11.69
N GLN GA 149 -58.28 -33.76 10.61
CA GLN GA 149 -57.43 -34.94 10.42
C GLN GA 149 -57.42 -35.81 11.67
N PRO GA 150 -58.53 -36.42 12.04
CA PRO GA 150 -58.60 -37.15 13.30
C PRO GA 150 -57.87 -38.47 13.30
N SER GA 151 -57.32 -38.91 12.17
CA SER GA 151 -56.63 -40.18 12.09
C SER GA 151 -55.14 -40.05 12.34
N ARG GA 152 -54.72 -39.07 13.14
CA ARG GA 152 -53.34 -38.94 13.56
C ARG GA 152 -53.17 -39.06 15.06
N SER GA 153 -54.25 -39.11 15.81
CA SER GA 153 -54.20 -39.22 17.27
C SER GA 153 -53.87 -40.62 17.75
N GLU GA 154 -53.42 -41.50 16.86
CA GLU GA 154 -53.42 -42.93 17.16
C GLU GA 154 -52.39 -43.31 18.23
N ILE GA 155 -51.17 -42.83 18.10
CA ILE GA 155 -50.11 -43.22 19.03
C ILE GA 155 -50.36 -42.65 20.43
N VAL HA 46 79.83 -62.55 -38.86
CA VAL HA 46 79.75 -62.20 -37.45
C VAL HA 46 79.88 -60.69 -37.29
N ILE HA 47 79.10 -60.12 -36.37
CA ILE HA 47 79.03 -58.68 -36.15
C ILE HA 47 79.13 -58.42 -34.66
N SER HA 48 79.79 -57.34 -34.29
CA SER HA 48 79.91 -57.03 -32.84
C SER HA 48 79.18 -55.72 -32.54
N TYR HA 49 78.21 -55.76 -31.65
CA TYR HA 49 77.49 -54.52 -31.26
C TYR HA 49 77.58 -54.41 -29.74
N LYS HA 50 78.23 -53.35 -29.25
CA LYS HA 50 78.38 -53.18 -27.80
C LYS HA 50 76.99 -53.03 -27.22
N ALA HA 51 76.13 -52.29 -27.91
CA ALA HA 51 74.74 -52.04 -27.47
C ALA HA 51 74.72 -50.75 -26.64
N GLY HA 52 73.53 -50.15 -26.47
CA GLY HA 52 73.48 -48.72 -26.15
C GLY HA 52 74.23 -47.93 -27.20
N ASP HA 53 74.00 -48.25 -28.48
CA ASP HA 53 74.71 -47.59 -29.59
C ASP HA 53 73.73 -47.42 -30.75
N TYR HA 54 74.12 -46.71 -31.78
CA TYR HA 54 73.21 -46.46 -32.94
C TYR HA 54 72.05 -45.55 -32.55
N HIS HA 55 71.70 -45.46 -31.26
CA HIS HA 55 70.84 -44.36 -30.79
C HIS HA 55 70.04 -43.72 -31.94
N LEU HA 56 69.08 -44.48 -32.49
CA LEU HA 56 68.53 -44.28 -33.83
C LEU HA 56 68.46 -42.85 -34.32
N VAL HA 57 67.98 -41.92 -33.49
CA VAL HA 57 67.94 -40.51 -33.84
C VAL HA 57 69.21 -39.86 -33.29
N PRO HA 58 70.02 -39.20 -34.13
CA PRO HA 58 71.30 -38.58 -33.76
C PRO HA 58 71.20 -37.12 -33.30
N TRP HA 91 73.08 -18.96 -57.83
CA TRP HA 91 71.88 -18.87 -58.64
C TRP HA 91 72.22 -18.33 -60.04
N PHE HA 92 73.44 -18.63 -60.48
CA PHE HA 92 73.93 -18.10 -61.75
C PHE HA 92 73.32 -18.87 -62.91
N ARG HA 93 72.85 -18.14 -63.91
CA ARG HA 93 72.22 -18.74 -65.08
C ARG HA 93 73.30 -19.26 -66.02
N PRO HA 94 73.19 -20.50 -66.48
CA PRO HA 94 74.15 -20.99 -67.47
C PRO HA 94 73.91 -20.38 -68.84
N TYR HA 95 74.82 -19.50 -69.27
CA TYR HA 95 74.61 -18.67 -70.44
C TYR HA 95 74.72 -19.46 -71.74
N ASP HA 96 73.59 -19.92 -72.26
CA ASP HA 96 73.55 -20.75 -73.45
C ASP HA 96 73.05 -19.94 -74.64
N LEU HA 97 73.71 -20.11 -75.78
CA LEU HA 97 73.27 -19.44 -76.99
C LEU HA 97 71.88 -19.93 -77.37
N GLN HA 98 71.06 -19.02 -77.87
CA GLN HA 98 69.69 -19.37 -78.20
C GLN HA 98 69.54 -19.91 -79.61
N ASP HA 99 70.62 -19.99 -80.38
CA ASP HA 99 70.54 -20.62 -81.69
C ASP HA 99 70.14 -22.08 -81.58
N GLY HA 100 70.61 -22.76 -80.53
CA GLY HA 100 70.20 -24.11 -80.28
C GLY HA 100 68.80 -24.26 -79.71
N CYS HA 101 68.19 -23.15 -79.30
CA CYS HA 101 66.84 -23.17 -78.76
C CYS HA 101 65.78 -22.90 -79.81
N PHE HA 102 66.05 -22.02 -80.77
CA PHE HA 102 65.06 -21.69 -81.78
C PHE HA 102 64.68 -22.95 -82.55
N ASP HA 103 63.44 -23.39 -82.41
CA ASP HA 103 62.97 -24.48 -83.22
C ASP HA 103 62.59 -24.04 -84.63
N ARG HA 104 62.31 -22.75 -84.81
CA ARG HA 104 61.80 -22.23 -86.07
C ARG HA 104 62.52 -20.93 -86.37
N ASP HA 105 61.98 -20.15 -87.31
CA ASP HA 105 62.54 -18.88 -87.70
C ASP HA 105 61.86 -17.69 -87.02
N HIS HA 106 60.54 -17.74 -86.89
CA HIS HA 106 59.82 -16.59 -86.35
C HIS HA 106 60.17 -16.37 -84.88
N GLU HA 107 60.08 -17.42 -84.05
CA GLU HA 107 60.33 -17.25 -82.62
C GLU HA 107 61.76 -16.82 -82.33
N ARG HA 108 62.67 -16.93 -83.30
CA ARG HA 108 63.97 -16.28 -83.14
C ARG HA 108 63.82 -14.78 -83.24
N LEU HA 109 63.09 -14.30 -84.26
CA LEU HA 109 62.89 -12.88 -84.44
C LEU HA 109 62.21 -12.23 -83.24
N SER HA 110 61.42 -13.00 -82.49
CA SER HA 110 60.88 -12.48 -81.25
C SER HA 110 61.99 -12.21 -80.25
N TYR HA 111 62.83 -13.22 -80.00
CA TYR HA 111 63.94 -13.04 -79.08
C TYR HA 111 64.87 -11.93 -79.53
N ARG HA 112 64.97 -11.71 -80.85
CA ARG HA 112 65.84 -10.65 -81.37
C ARG HA 112 65.22 -9.28 -81.14
N PHE HA 113 63.93 -9.13 -81.45
CA PHE HA 113 63.26 -7.85 -81.29
C PHE HA 113 62.55 -7.72 -79.95
N TYR HA 114 61.59 -8.62 -79.70
CA TYR HA 114 60.75 -8.50 -78.51
C TYR HA 114 61.49 -8.77 -77.23
N ASN HA 115 62.77 -9.14 -77.29
CA ASN HA 115 63.55 -9.41 -76.11
C ASN HA 115 64.86 -8.66 -76.06
N LEU HA 116 65.45 -8.33 -77.20
CA LEU HA 116 66.75 -7.68 -77.23
C LEU HA 116 66.72 -6.31 -77.90
N GLU HA 117 65.95 -6.12 -78.97
CA GLU HA 117 65.85 -4.81 -79.59
C GLU HA 117 65.37 -3.77 -78.60
N THR HA 118 64.21 -4.03 -77.98
CA THR HA 118 63.70 -3.10 -76.98
C THR HA 118 64.71 -2.89 -75.86
N LYS HA 119 65.44 -3.95 -75.48
CA LYS HA 119 66.46 -3.80 -74.46
C LYS HA 119 67.53 -2.80 -74.88
N VAL HA 120 67.75 -2.65 -76.18
CA VAL HA 120 68.58 -1.55 -76.66
C VAL HA 120 67.82 -0.24 -76.55
N ILE HA 121 66.55 -0.25 -76.97
CA ILE HA 121 65.72 0.94 -76.85
C ILE HA 121 65.46 1.27 -75.40
N TRP HA 122 65.40 0.26 -74.54
CA TRP HA 122 65.28 0.53 -73.12
C TRP HA 122 66.50 1.23 -72.57
N LYS HA 123 67.64 1.11 -73.26
CA LYS HA 123 68.82 1.88 -72.89
C LYS HA 123 68.96 3.12 -73.76
N ALA HA 124 68.57 3.02 -75.03
CA ALA HA 124 68.66 4.17 -75.93
C ALA HA 124 67.79 5.32 -75.46
N PHE HA 125 66.76 5.04 -74.67
CA PHE HA 125 65.92 6.08 -74.08
C PHE HA 125 66.46 6.53 -72.73
N ASP HA 126 66.75 5.58 -71.86
CA ASP HA 126 67.20 5.96 -70.52
C ASP HA 126 68.62 6.49 -70.55
N THR HA 127 69.57 5.66 -70.92
CA THR HA 127 70.96 6.14 -70.93
C THR HA 127 71.84 5.30 -71.85
N PRO HA 128 72.01 5.71 -73.11
CA PRO HA 128 72.89 4.95 -74.02
C PRO HA 128 74.35 4.93 -73.60
N GLU HA 129 74.73 5.58 -72.50
CA GLU HA 129 76.12 5.50 -72.04
C GLU HA 129 76.53 4.07 -71.70
N LEU HA 130 75.56 3.18 -71.50
CA LEU HA 130 75.83 1.79 -71.14
C LEU HA 130 75.28 0.81 -72.17
N ILE HA 131 74.76 1.30 -73.30
CA ILE HA 131 74.27 0.42 -74.35
C ILE HA 131 75.36 -0.52 -74.85
N GLY HA 132 76.63 -0.12 -74.74
CA GLY HA 132 77.72 -0.98 -75.13
C GLY HA 132 78.24 -1.89 -74.05
N MET HA 133 77.66 -1.82 -72.86
CA MET HA 133 78.04 -2.75 -71.79
C MET HA 133 77.22 -4.02 -71.84
N LEU HA 134 75.90 -3.89 -72.01
CA LEU HA 134 75.05 -5.08 -72.11
C LEU HA 134 75.43 -5.93 -73.31
N LEU HA 135 75.94 -5.31 -74.37
CA LEU HA 135 76.37 -6.07 -75.55
C LEU HA 135 77.34 -7.17 -75.16
N HIS HA 136 78.36 -6.84 -74.37
CA HIS HA 136 79.27 -7.84 -73.85
C HIS HA 136 78.55 -8.84 -72.96
N ASP HA 137 77.56 -8.39 -72.18
CA ASP HA 137 76.81 -9.28 -71.32
C ASP HA 137 75.97 -10.26 -72.13
N GLU HA 138 75.17 -9.74 -73.06
CA GLU HA 138 74.34 -10.63 -73.87
C GLU HA 138 75.18 -11.50 -74.78
N THR HA 139 76.38 -11.04 -75.16
CA THR HA 139 77.27 -11.91 -75.91
C THR HA 139 77.75 -13.07 -75.07
N VAL HA 140 77.87 -12.88 -73.75
CA VAL HA 140 78.17 -14.01 -72.88
C VAL HA 140 77.04 -15.03 -72.92
N LYS HA 141 75.80 -14.54 -72.96
CA LYS HA 141 74.65 -15.44 -73.10
C LYS HA 141 74.55 -16.00 -74.51
N GLY HA 142 75.21 -15.39 -75.48
CA GLY HA 142 75.52 -16.03 -76.74
C GLY HA 142 74.68 -15.70 -77.94
N ASN HA 143 74.14 -14.49 -78.04
CA ASN HA 143 73.41 -14.11 -79.25
C ASN HA 143 74.39 -13.85 -80.39
N SER HA 144 73.94 -14.09 -81.62
CA SER HA 144 74.86 -14.01 -82.75
C SER HA 144 75.09 -12.58 -83.21
N GLY HA 145 74.08 -11.96 -83.83
CA GLY HA 145 74.29 -10.71 -84.53
C GLY HA 145 74.03 -9.46 -83.71
N MET HA 146 74.74 -9.30 -82.60
CA MET HA 146 74.58 -8.10 -81.78
C MET HA 146 75.43 -6.96 -82.32
N TYR HA 147 76.74 -7.16 -82.37
CA TYR HA 147 77.63 -6.09 -82.79
C TYR HA 147 77.49 -5.79 -84.28
N ALA HA 148 76.94 -6.73 -85.05
CA ALA HA 148 76.67 -6.50 -86.46
C ALA HA 148 75.79 -5.25 -86.62
N PRO HA 149 75.88 -4.58 -87.77
CA PRO HA 149 75.24 -3.27 -87.89
C PRO HA 149 73.74 -3.28 -87.63
N ASP HA 150 73.04 -4.37 -87.94
CA ASP HA 150 71.59 -4.37 -87.88
C ASP HA 150 71.05 -4.17 -86.47
N MET HA 151 71.94 -3.99 -85.50
CA MET HA 151 71.60 -3.35 -84.24
C MET HA 151 72.05 -1.90 -84.22
N LEU HA 152 73.29 -1.64 -84.66
CA LEU HA 152 73.80 -0.28 -84.65
C LEU HA 152 73.06 0.60 -85.65
N ASP HA 153 72.66 0.04 -86.79
CA ASP HA 153 71.81 0.77 -87.71
C ASP HA 153 70.52 1.22 -87.04
N ALA HA 154 70.08 0.47 -86.02
CA ALA HA 154 68.94 0.85 -85.19
C ALA HA 154 69.37 1.70 -84.01
N ALA HA 155 70.31 1.21 -83.21
CA ALA HA 155 70.70 1.90 -81.98
C ALA HA 155 71.11 3.34 -82.26
N LEU HA 156 71.96 3.55 -83.27
CA LEU HA 156 72.35 4.91 -83.61
C LEU HA 156 71.17 5.76 -84.05
N HIS HA 157 70.14 5.14 -84.62
CA HIS HA 157 68.95 5.90 -84.99
C HIS HA 157 68.18 6.33 -83.76
N TYR HA 158 67.81 5.38 -82.90
CA TYR HA 158 66.95 5.73 -81.78
C TYR HA 158 67.67 6.59 -80.77
N THR HA 159 68.97 6.33 -80.54
CA THR HA 159 69.73 7.10 -79.55
C THR HA 159 69.76 8.59 -79.85
N ARG HA 160 69.25 9.00 -81.00
CA ARG HA 160 69.07 10.42 -81.30
C ARG HA 160 67.65 10.87 -80.99
N GLU HA 161 66.65 10.17 -81.52
CA GLU HA 161 65.26 10.56 -81.32
C GLU HA 161 64.66 9.98 -80.05
N ALA HA 162 65.29 8.97 -79.45
CA ALA HA 162 64.97 8.67 -78.05
C ALA HA 162 65.51 9.74 -77.12
N ARG HA 163 66.04 10.82 -77.66
CA ARG HA 163 66.19 12.10 -76.98
C ARG HA 163 65.16 13.12 -77.44
N TYR HA 164 64.85 13.11 -78.73
CA TYR HA 164 63.86 14.05 -79.26
C TYR HA 164 62.56 13.99 -78.49
N TRP HA 165 62.14 12.78 -78.11
CA TRP HA 165 60.94 12.66 -77.30
C TRP HA 165 61.24 12.58 -75.82
N ARG HA 166 62.49 12.24 -75.45
CA ARG HA 166 62.86 12.28 -74.04
C ARG HA 166 62.88 13.71 -73.52
N CYS HA 167 63.02 14.69 -74.41
CA CYS HA 167 62.95 16.10 -74.04
C CYS HA 167 61.58 16.72 -74.32
N ILE HA 168 60.70 16.01 -75.02
CA ILE HA 168 59.31 16.45 -75.05
C ILE HA 168 58.67 16.21 -73.69
N GLY HA 169 59.09 15.18 -72.99
CA GLY HA 169 58.64 14.94 -71.62
C GLY HA 169 58.33 13.49 -71.32
N ILE HA 170 58.28 12.66 -72.36
CA ILE HA 170 57.87 11.26 -72.21
C ILE HA 170 58.77 10.55 -71.21
N THR HA 171 58.15 9.73 -70.35
CA THR HA 171 58.87 8.96 -69.35
C THR HA 171 59.03 7.50 -69.74
N LYS HA 172 57.94 6.79 -70.04
CA LYS HA 172 58.04 5.41 -70.51
C LYS HA 172 58.06 5.43 -72.03
N PRO HA 173 59.05 4.80 -72.67
CA PRO HA 173 59.15 4.89 -74.13
C PRO HA 173 58.08 4.12 -74.88
N PHE HA 174 57.39 3.19 -74.24
CA PHE HA 174 56.48 2.28 -74.93
C PHE HA 174 55.04 2.50 -74.47
N TYR HA 175 54.13 2.52 -75.44
CA TYR HA 175 52.69 2.55 -75.14
C TYR HA 175 52.16 1.15 -74.93
N ASP HA 176 52.79 0.16 -75.55
CA ASP HA 176 52.57 -1.25 -75.26
C ASP HA 176 53.87 -1.97 -75.56
N ARG HA 177 53.80 -3.29 -75.78
CA ARG HA 177 54.99 -4.02 -76.19
C ARG HA 177 55.48 -3.51 -77.54
N ASN HA 178 54.57 -3.32 -78.48
CA ASN HA 178 54.98 -3.03 -79.85
C ASN HA 178 55.33 -1.56 -80.05
N THR HA 179 54.37 -0.67 -79.90
CA THR HA 179 54.54 0.68 -80.41
C THR HA 179 55.29 1.57 -79.44
N LEU HA 180 55.64 2.75 -79.93
CA LEU HA 180 56.37 3.75 -79.17
C LEU HA 180 55.41 4.71 -78.50
N ARG HA 181 55.78 5.16 -77.30
CA ARG HA 181 54.97 6.13 -76.60
C ARG HA 181 54.78 7.41 -77.40
N ALA HA 182 55.75 7.75 -78.27
CA ALA HA 182 55.68 8.96 -79.06
C ALA HA 182 55.03 8.73 -80.43
N HIS HA 183 54.25 7.67 -80.59
CA HIS HA 183 53.60 7.39 -81.86
C HIS HA 183 52.13 7.02 -81.71
N CYS HA 184 51.61 6.97 -80.49
CA CYS HA 184 50.18 6.83 -80.26
C CYS HA 184 49.51 8.13 -80.69
N TRP HA 185 48.88 8.12 -81.86
CA TRP HA 185 48.49 9.38 -82.46
C TRP HA 185 47.37 10.06 -81.67
N GLU HA 186 47.09 11.31 -82.05
CA GLU HA 186 46.15 12.14 -81.30
C GLU HA 186 44.78 11.50 -81.26
N ASP HA 187 44.14 11.34 -82.42
CA ASP HA 187 42.97 10.49 -82.46
C ASP HA 187 43.40 9.07 -82.08
N ASN HA 188 42.46 8.33 -81.48
CA ASN HA 188 42.78 7.02 -80.92
C ASN HA 188 43.58 6.17 -81.91
N GLY HA 189 43.00 5.91 -83.08
CA GLY HA 189 43.73 5.25 -84.14
C GLY HA 189 43.51 5.91 -85.49
N LEU HA 190 42.52 6.79 -85.58
CA LEU HA 190 42.17 7.42 -86.84
C LEU HA 190 42.96 8.70 -87.09
N GLN HA 191 44.16 8.80 -86.55
CA GLN HA 191 45.05 9.93 -86.81
C GLN HA 191 46.30 9.44 -87.52
N VAL HA 192 46.98 10.38 -88.16
CA VAL HA 192 48.09 10.07 -89.05
C VAL HA 192 49.43 10.47 -88.46
N GLY HA 193 49.57 11.72 -88.01
CA GLY HA 193 50.89 12.20 -87.65
C GLY HA 193 51.06 12.91 -86.34
N THR HA 194 49.97 13.30 -85.68
CA THR HA 194 50.05 14.10 -84.47
C THR HA 194 49.74 13.25 -83.24
N LEU HA 195 50.38 13.57 -82.13
CA LEU HA 195 50.49 12.71 -80.97
C LEU HA 195 49.81 13.31 -79.75
N VAL HA 196 49.16 12.47 -78.95
CA VAL HA 196 48.54 12.91 -77.71
C VAL HA 196 49.63 13.15 -76.66
N MET HA 197 49.65 14.35 -76.11
CA MET HA 197 50.62 14.75 -75.12
C MET HA 197 50.03 14.64 -73.72
N SER HA 198 50.91 14.45 -72.74
CA SER HA 198 50.55 14.46 -71.34
C SER HA 198 50.83 15.84 -70.77
N GLN HA 199 50.21 16.13 -69.63
CA GLN HA 199 50.47 17.40 -68.98
C GLN HA 199 51.95 17.60 -68.70
N ALA HA 200 52.71 16.53 -68.58
CA ALA HA 200 54.16 16.65 -68.51
C ALA HA 200 54.72 17.21 -69.81
N MET HA 201 54.24 16.71 -70.94
CA MET HA 201 54.70 17.20 -72.23
C MET HA 201 54.42 18.69 -72.34
N ARG HA 202 53.14 19.05 -72.38
CA ARG HA 202 52.75 20.44 -72.59
C ARG HA 202 53.26 21.36 -71.49
N HIS HA 203 53.85 20.82 -70.42
CA HIS HA 203 54.57 21.60 -69.44
C HIS HA 203 56.08 21.51 -69.60
N ALA HA 204 56.58 20.48 -70.28
CA ALA HA 204 57.97 20.47 -70.70
C ALA HA 204 58.18 21.23 -72.00
N LEU HA 205 57.13 21.34 -72.82
CA LEU HA 205 57.17 22.21 -73.99
C LEU HA 205 57.05 23.68 -73.64
N MET HA 206 56.84 24.02 -72.37
CA MET HA 206 56.90 25.42 -71.97
C MET HA 206 58.33 25.92 -72.03
N ASP HA 207 59.26 25.19 -71.41
CA ASP HA 207 60.65 25.59 -71.42
C ASP HA 207 61.22 25.63 -72.83
N LEU HA 208 60.66 24.83 -73.75
CA LEU HA 208 61.05 24.94 -75.14
C LEU HA 208 60.58 26.25 -75.74
N GLU HA 209 59.26 26.47 -75.73
CA GLU HA 209 58.73 27.69 -76.31
C GLU HA 209 59.20 28.93 -75.56
N ARG HA 210 59.42 28.82 -74.25
CA ARG HA 210 60.01 29.95 -73.54
C ARG HA 210 61.46 30.15 -73.95
N ALA HA 211 62.18 29.07 -74.26
CA ALA HA 211 63.53 29.24 -74.80
C ALA HA 211 63.48 29.86 -76.18
N VAL HA 212 62.38 29.68 -76.92
CA VAL HA 212 62.28 30.30 -78.23
C VAL HA 212 62.13 31.81 -78.09
N ARG HA 213 61.17 32.26 -77.29
CA ARG HA 213 60.97 33.70 -77.11
C ARG HA 213 62.26 34.39 -76.71
N ARG HA 214 62.97 33.83 -75.73
CA ARG HA 214 64.26 34.39 -75.35
C ARG HA 214 65.27 34.28 -76.48
N LYS HA 215 65.14 33.27 -77.33
CA LYS HA 215 65.99 33.19 -78.52
C LYS HA 215 65.62 34.25 -79.54
N GLU HA 216 64.42 34.82 -79.46
CA GLU HA 216 64.05 35.96 -80.28
C GLU HA 216 64.02 37.26 -79.49
N LEU HA 217 63.91 37.18 -78.16
CA LEU HA 217 63.94 38.37 -77.33
C LEU HA 217 65.27 39.11 -77.46
N GLY HA 218 66.37 38.36 -77.54
CA GLY HA 218 67.68 38.92 -77.42
C GLY HA 218 68.37 38.61 -76.11
N LEU HA 219 67.60 38.41 -75.04
CA LEU HA 219 68.18 37.96 -73.79
C LEU HA 219 68.67 36.53 -73.93
N GLU HA 220 69.37 36.07 -72.92
CA GLU HA 220 69.93 34.73 -72.92
C GLU HA 220 68.81 33.70 -73.01
N PRO HA 221 68.77 32.88 -74.06
CA PRO HA 221 67.79 31.78 -74.09
C PRO HA 221 68.12 30.70 -73.07
N ASN HA 222 67.79 30.95 -71.81
CA ASN HA 222 68.14 30.03 -70.74
C ASN HA 222 67.31 28.76 -70.84
N TYR HA 223 67.89 27.73 -71.45
CA TYR HA 223 67.23 26.43 -71.50
C TYR HA 223 67.42 25.76 -70.14
N LEU HA 224 66.37 25.76 -69.33
CA LEU HA 224 66.45 25.11 -68.02
C LEU HA 224 66.85 23.65 -68.16
N TRP HA 225 66.45 23.00 -69.24
CA TRP HA 225 66.79 21.61 -69.48
C TRP HA 225 68.14 21.46 -70.19
N ASP HA 226 69.01 22.45 -70.06
CA ASP HA 226 70.43 22.24 -70.27
C ASP HA 226 71.20 22.23 -68.95
N ARG HA 227 70.61 22.73 -67.87
CA ARG HA 227 71.18 22.57 -66.54
C ARG HA 227 70.94 21.18 -65.99
N TRP HA 228 70.01 20.43 -66.59
CA TRP HA 228 69.78 19.06 -66.20
C TRP HA 228 71.00 18.20 -66.52
N GLY HA 229 71.06 17.03 -65.91
CA GLY HA 229 72.14 16.11 -66.16
C GLY HA 229 71.84 14.71 -65.68
N PRO HA 230 72.85 14.00 -65.16
CA PRO HA 230 72.61 12.66 -64.62
C PRO HA 230 71.79 12.68 -63.35
N ILE HA 231 72.27 13.38 -62.33
CA ILE HA 231 71.56 13.41 -61.04
C ILE HA 231 70.74 14.68 -60.97
N GLY HA 232 70.30 15.16 -62.13
CA GLY HA 232 69.37 16.26 -62.16
C GLY HA 232 69.99 17.56 -62.63
N PHE HA 233 69.61 18.66 -62.00
CA PHE HA 233 70.25 19.94 -62.26
C PHE HA 233 71.64 19.94 -61.68
N ILE HA 234 72.64 20.29 -62.50
CA ILE HA 234 74.03 20.17 -62.11
C ILE HA 234 74.40 21.15 -60.99
N ASP HA 235 73.64 22.22 -60.83
CA ASP HA 235 74.00 23.34 -59.97
C ASP HA 235 73.73 23.10 -58.50
N GLY HA 236 73.68 21.84 -58.07
CA GLY HA 236 73.30 21.56 -56.69
C GLY HA 236 71.88 21.96 -56.36
N ALA HA 237 71.03 22.13 -57.38
CA ALA HA 237 69.65 22.56 -57.21
C ALA HA 237 68.72 21.39 -57.50
N ARG HA 238 67.71 21.22 -56.65
CA ARG HA 238 66.69 20.22 -56.89
C ARG HA 238 65.81 20.64 -58.07
N ALA HA 239 65.30 19.64 -58.79
CA ALA HA 239 64.55 19.87 -60.01
C ALA HA 239 63.06 19.71 -59.75
N ASP HA 240 62.29 20.73 -60.13
CA ASP HA 240 60.84 20.64 -60.07
C ASP HA 240 60.33 19.67 -61.12
N TYR HA 241 59.05 19.34 -61.03
CA TYR HA 241 58.43 18.34 -61.89
C TYR HA 241 57.47 19.00 -62.87
N LEU HA 242 57.28 18.34 -64.01
CA LEU HA 242 56.61 19.00 -65.14
C LEU HA 242 55.17 19.37 -64.82
N PRO HA 243 54.33 18.47 -64.28
CA PRO HA 243 52.99 18.93 -63.87
C PRO HA 243 53.10 19.86 -62.68
N ARG HA 244 53.69 21.04 -62.89
CA ARG HA 244 53.92 21.99 -61.82
C ARG HA 244 52.62 22.34 -61.14
N PHE HA 245 52.70 22.53 -59.82
CA PHE HA 245 51.54 22.96 -59.06
C PHE HA 245 50.98 24.26 -59.64
N GLU HA 246 49.66 24.37 -59.66
CA GLU HA 246 49.02 25.55 -60.24
C GLU HA 246 49.18 26.79 -59.38
N HIS HA 247 49.88 26.70 -58.25
CA HIS HA 247 50.17 27.86 -57.42
C HIS HA 247 51.63 28.26 -57.44
N ASN HA 248 52.52 27.44 -57.99
CA ASN HA 248 53.92 27.78 -58.18
C ASN HA 248 54.20 27.79 -59.68
N PRO HA 249 53.79 28.85 -60.38
CA PRO HA 249 54.18 28.96 -61.78
C PRO HA 249 55.65 29.32 -61.88
N TYR HA 250 56.31 28.80 -62.90
CA TYR HA 250 57.75 28.96 -63.01
C TYR HA 250 58.12 30.43 -63.03
N VAL HA 251 58.89 30.85 -62.02
CA VAL HA 251 59.38 32.22 -61.98
C VAL HA 251 60.27 32.48 -63.19
N ASP HA 252 59.96 33.54 -63.92
CA ASP HA 252 60.72 33.90 -65.11
C ASP HA 252 61.43 35.23 -64.88
N PRO HA 253 62.75 35.24 -64.75
CA PRO HA 253 63.46 36.51 -64.53
C PRO HA 253 63.31 37.48 -65.69
N ASP HA 254 63.05 37.00 -66.91
CA ASP HA 254 62.79 37.88 -68.03
C ASP HA 254 61.36 38.41 -67.98
N GLY HA 255 60.38 37.52 -68.08
CA GLY HA 255 59.00 37.92 -68.03
C GLY HA 255 58.18 37.35 -69.16
N VAL HA 256 58.83 36.55 -70.01
CA VAL HA 256 58.15 35.95 -71.15
C VAL HA 256 57.26 34.82 -70.63
N ASP HA 257 55.97 35.11 -70.49
CA ASP HA 257 55.03 34.14 -69.95
C ASP HA 257 54.58 33.17 -71.02
N VAL HA 258 54.46 31.91 -70.65
CA VAL HA 258 53.95 30.86 -71.53
C VAL HA 258 52.92 30.05 -70.77
N THR HA 259 51.93 29.52 -71.48
CA THR HA 259 50.87 28.75 -70.86
C THR HA 259 50.33 27.78 -71.91
N GLU HA 260 49.21 27.13 -71.60
CA GLU HA 260 48.68 26.09 -72.48
C GLU HA 260 48.30 26.60 -73.85
N ILE HA 261 47.88 27.86 -73.96
CA ILE HA 261 47.57 28.42 -75.26
C ILE HA 261 48.83 28.53 -76.12
N ASP HA 262 50.00 28.57 -75.49
CA ASP HA 262 51.24 28.71 -76.25
C ASP HA 262 51.60 27.42 -76.96
N VAL HA 263 51.61 26.30 -76.24
CA VAL HA 263 52.10 25.04 -76.78
C VAL HA 263 50.96 24.27 -77.46
N LEU HA 264 49.82 24.93 -77.60
CA LEU HA 264 48.67 24.29 -78.24
C LEU HA 264 48.94 23.86 -79.67
N PRO HA 265 49.36 24.75 -80.59
CA PRO HA 265 49.42 24.34 -82.00
C PRO HA 265 50.60 23.46 -82.35
N PHE HA 266 51.62 23.37 -81.49
CA PHE HA 266 52.82 22.59 -81.78
C PHE HA 266 52.60 21.16 -81.28
N ASN HA 267 52.07 20.31 -82.16
CA ASN HA 267 51.78 18.93 -81.79
C ASN HA 267 52.35 17.90 -82.74
N THR HA 268 52.36 18.16 -84.05
CA THR HA 268 52.86 17.18 -85.00
C THR HA 268 54.38 17.15 -84.96
N HIS HA 269 54.94 15.96 -85.20
CA HIS HA 269 56.37 15.76 -84.97
C HIS HA 269 57.21 16.68 -85.84
N GLU HA 270 57.06 16.57 -87.16
CA GLU HA 270 57.88 17.37 -88.06
C GLU HA 270 57.46 18.83 -88.12
N GLN HA 271 56.40 19.22 -87.41
CA GLN HA 271 56.08 20.61 -87.18
C GLN HA 271 56.51 21.07 -85.79
N ILE HA 272 57.16 20.21 -85.02
CA ILE HA 272 57.85 20.62 -83.81
C ILE HA 272 59.33 20.29 -83.83
N ARG HA 273 59.77 19.31 -84.62
CA ARG HA 273 61.19 19.08 -84.80
C ARG HA 273 61.88 20.29 -85.43
N GLU HA 274 61.13 21.14 -86.11
CA GLU HA 274 61.68 22.21 -86.93
C GLU HA 274 62.00 23.48 -86.16
N ARG HA 275 61.22 23.79 -85.12
CA ARG HA 275 61.30 25.11 -84.52
C ARG HA 275 62.60 25.29 -83.73
N TYR HA 276 62.94 24.32 -82.90
CA TYR HA 276 64.01 24.44 -81.91
C TYR HA 276 64.95 23.25 -82.03
N ARG HA 277 65.39 22.98 -83.26
CA ARG HA 277 66.17 21.77 -83.51
C ARG HA 277 67.44 21.74 -82.65
N ASP HA 278 68.24 22.80 -82.72
CA ASP HA 278 69.55 22.78 -82.07
C ASP HA 278 69.43 22.54 -80.57
N PHE HA 279 68.41 23.11 -79.93
CA PHE HA 279 68.28 23.02 -78.48
C PHE HA 279 68.09 21.59 -78.00
N ILE HA 280 67.64 20.69 -78.87
CA ILE HA 280 67.46 19.29 -78.51
C ILE HA 280 68.46 18.37 -79.19
N GLU HA 281 69.00 18.75 -80.35
CA GLU HA 281 69.90 17.88 -81.08
C GLU HA 281 71.22 17.74 -80.34
N PRO HA 282 71.62 16.52 -79.95
CA PRO HA 282 72.91 16.35 -79.28
C PRO HA 282 74.07 16.72 -80.20
N ASP HA 283 75.05 17.44 -79.65
CA ASP HA 283 76.12 18.05 -80.43
C ASP HA 283 77.28 17.07 -80.60
N THR HA 284 77.16 16.19 -81.60
CA THR HA 284 78.23 15.23 -81.86
C THR HA 284 79.40 15.84 -82.61
N ALA HA 285 79.17 16.92 -83.36
CA ALA HA 285 80.26 17.52 -84.13
C ALA HA 285 81.41 18.00 -83.24
N PRO HA 286 81.19 18.73 -82.14
CA PRO HA 286 82.33 19.11 -81.29
C PRO HA 286 83.02 17.93 -80.64
N PHE HA 287 82.41 16.74 -80.64
CA PHE HA 287 83.06 15.53 -80.15
C PHE HA 287 83.03 14.46 -81.22
N GLU HA 288 83.26 14.86 -82.47
CA GLU HA 288 83.19 13.94 -83.59
C GLU HA 288 84.04 12.70 -83.35
N GLU HA 289 85.27 12.90 -82.90
CA GLU HA 289 86.20 11.79 -82.70
C GLU HA 289 87.29 12.21 -81.73
N VAL HA 290 87.37 11.49 -80.61
CA VAL HA 290 88.55 11.50 -79.76
C VAL HA 290 88.90 10.05 -79.51
N PHE HA 291 88.25 9.16 -80.27
CA PHE HA 291 88.32 7.73 -80.05
C PHE HA 291 89.29 7.00 -80.96
N ARG HA 292 89.66 7.58 -82.10
CA ARG HA 292 90.71 7.03 -82.95
C ARG HA 292 92.08 7.61 -82.60
N SER HA 293 92.26 8.04 -81.36
CA SER HA 293 93.51 8.61 -80.85
C SER HA 293 93.84 8.02 -79.49
N PRO HA 294 95.02 7.40 -79.33
CA PRO HA 294 95.34 6.75 -78.05
C PRO HA 294 95.42 7.74 -76.89
N SER HA 295 94.54 7.54 -75.91
CA SER HA 295 94.48 8.38 -74.73
C SER HA 295 94.60 7.50 -73.49
N HIS HA 296 94.72 8.15 -72.34
CA HIS HA 296 94.96 7.43 -71.09
C HIS HA 296 94.29 8.15 -69.94
N GLY HA 297 93.96 7.37 -68.90
CA GLY HA 297 93.22 7.90 -67.77
C GLY HA 297 94.06 8.34 -66.58
N SER HA 298 94.92 7.46 -66.08
CA SER HA 298 95.69 7.70 -64.87
C SER HA 298 97.15 7.42 -65.10
N LEU HA 299 97.71 7.94 -66.20
CA LEU HA 299 99.12 7.76 -66.51
C LEU HA 299 99.82 9.10 -66.64
N THR HA 300 101.08 9.12 -66.22
CA THR HA 300 101.92 10.30 -66.13
C THR HA 300 103.20 10.03 -66.91
N THR HA 301 104.19 10.93 -66.80
CA THR HA 301 105.48 10.69 -67.44
C THR HA 301 106.29 9.63 -66.71
N LEU HA 302 106.06 9.44 -65.41
CA LEU HA 302 106.71 8.37 -64.69
C LEU HA 302 106.03 7.03 -64.96
N ALA HA 303 104.76 7.06 -65.37
CA ALA HA 303 103.97 5.85 -65.56
C ALA HA 303 104.62 4.91 -66.56
N ASP HA 304 105.13 3.78 -66.08
CA ASP HA 304 105.81 2.80 -66.91
C ASP HA 304 106.02 1.55 -66.07
N ILE HA 305 106.16 0.42 -66.76
CA ILE HA 305 106.57 -0.84 -66.13
C ILE HA 305 108.08 -0.85 -65.97
N PRO HA 306 108.88 -0.42 -66.97
CA PRO HA 306 110.31 -0.21 -66.67
C PRO HA 306 110.54 1.12 -65.96
N ASN HA 307 110.23 1.13 -64.66
CA ASN HA 307 110.35 2.33 -63.83
C ASN HA 307 111.79 2.79 -63.65
N ALA HA 308 112.73 2.15 -64.29
CA ALA HA 308 114.12 2.61 -64.32
C ALA HA 308 114.68 2.71 -65.73
N SER HA 309 114.27 1.81 -66.63
CA SER HA 309 114.84 1.80 -67.98
C SER HA 309 114.31 2.96 -68.81
N VAL HA 310 112.99 3.03 -68.98
CA VAL HA 310 112.41 4.04 -69.87
C VAL HA 310 112.38 5.41 -69.21
N VAL HA 311 111.93 5.48 -67.96
CA VAL HA 311 111.78 6.77 -67.29
C VAL HA 311 113.11 7.48 -67.17
N ALA HA 312 114.21 6.72 -67.12
CA ALA HA 312 115.54 7.32 -67.19
C ALA HA 312 116.01 7.47 -68.63
N LEU HA 313 115.61 6.55 -69.52
CA LEU HA 313 115.87 6.76 -70.93
C LEU HA 313 115.23 8.05 -71.41
N TYR HA 314 114.03 8.35 -70.94
CA TYR HA 314 113.39 9.60 -71.34
C TYR HA 314 114.19 10.81 -70.86
N LYS HA 315 114.87 10.70 -69.71
CA LYS HA 315 115.84 11.71 -69.36
C LYS HA 315 116.94 11.80 -70.42
N ASP HA 316 117.46 10.64 -70.83
CA ASP HA 316 118.37 10.60 -71.96
C ASP HA 316 117.66 10.95 -73.26
N LEU HA 317 116.33 10.83 -73.30
CA LEU HA 317 115.58 11.38 -74.42
C LEU HA 317 115.31 12.87 -74.26
N LYS HA 318 115.33 13.37 -73.02
CA LYS HA 318 115.06 14.78 -72.77
C LYS HA 318 116.33 15.63 -72.79
N LEU HA 319 117.41 15.15 -72.17
CA LEU HA 319 118.70 15.82 -72.31
C LEU HA 319 119.17 15.88 -73.76
N LYS HA 320 118.68 14.98 -74.60
CA LYS HA 320 119.09 14.89 -75.99
C LYS HA 320 118.10 15.60 -76.92
N ALA HA 321 116.92 15.95 -76.43
CA ALA HA 321 115.93 16.63 -77.23
C ALA HA 321 116.31 18.10 -77.45
N GLY HA 322 115.66 18.71 -78.44
CA GLY HA 322 115.77 20.15 -78.57
C GLY HA 322 115.20 20.85 -77.35
N THR HA 323 115.88 21.92 -76.93
CA THR HA 323 115.59 22.60 -75.67
C THR HA 323 115.56 21.55 -74.56
N PRO HA 324 116.72 21.01 -74.19
CA PRO HA 324 116.73 19.89 -73.25
C PRO HA 324 116.57 20.34 -71.82
N VAL HA 325 115.84 19.53 -71.05
CA VAL HA 325 115.86 19.57 -69.60
C VAL HA 325 116.08 18.15 -69.11
N ALA HA 326 116.93 17.99 -68.11
CA ALA HA 326 117.12 16.66 -67.53
C ALA HA 326 115.81 16.19 -66.91
N GLY HA 327 115.63 14.88 -66.83
CA GLY HA 327 114.38 14.35 -66.36
C GLY HA 327 114.18 14.60 -64.89
N ASP HA 328 114.21 15.86 -64.48
CA ASP HA 328 114.14 16.25 -63.09
C ASP HA 328 112.73 16.60 -62.62
N ALA HA 329 111.74 16.50 -63.51
CA ALA HA 329 110.35 16.79 -63.17
C ALA HA 329 109.53 15.51 -63.30
N VAL HA 330 108.24 15.64 -62.99
CA VAL HA 330 107.33 14.50 -62.99
C VAL HA 330 106.06 14.85 -63.75
N GLU HA 331 106.10 15.90 -64.54
CA GLU HA 331 104.94 16.33 -65.32
C GLU HA 331 104.74 15.41 -66.51
N LEU HA 332 103.54 14.85 -66.61
CA LEU HA 332 103.22 13.91 -67.68
C LEU HA 332 103.55 14.49 -69.05
N ALA HA 333 104.04 13.62 -69.93
CA ALA HA 333 104.32 13.99 -71.30
C ALA HA 333 103.01 14.18 -72.06
N PRO HA 334 103.05 14.70 -73.29
CA PRO HA 334 101.84 14.77 -74.11
C PRO HA 334 101.09 13.44 -74.14
N ALA HA 335 99.77 13.53 -74.27
CA ALA HA 335 98.93 12.34 -74.22
C ALA HA 335 99.29 11.37 -75.33
N ASP HA 336 99.36 11.85 -76.57
CA ASP HA 336 99.58 10.99 -77.72
C ASP HA 336 100.94 10.29 -77.69
N VAL HA 337 101.89 10.81 -76.89
CA VAL HA 337 103.21 10.20 -76.81
C VAL HA 337 103.34 9.25 -75.61
N ARG HA 338 102.44 9.35 -74.63
CA ARG HA 338 102.55 8.48 -73.46
C ARG HA 338 102.35 7.02 -73.82
N THR HA 339 101.57 6.74 -74.86
CA THR HA 339 101.47 5.36 -75.35
C THR HA 339 102.73 4.94 -76.10
N LEU HA 340 103.47 5.92 -76.66
CA LEU HA 340 104.68 5.56 -77.38
C LEU HA 340 105.76 5.05 -76.42
N PHE HA 341 105.72 5.49 -75.16
CA PHE HA 341 106.57 4.90 -74.14
C PHE HA 341 106.31 3.41 -74.03
N TYR HA 342 105.05 3.01 -74.21
CA TYR HA 342 104.64 1.65 -73.91
C TYR HA 342 104.99 0.68 -75.03
N LEU HA 343 104.95 1.15 -76.28
CA LEU HA 343 105.51 0.35 -77.37
C LEU HA 343 106.97 0.03 -77.12
N SER HA 344 107.67 0.87 -76.37
CA SER HA 344 109.07 0.66 -76.02
C SER HA 344 109.28 0.27 -74.57
N ALA HA 345 108.23 0.27 -73.75
CA ALA HA 345 108.39 -0.11 -72.35
C ALA HA 345 108.39 -1.63 -72.20
N ASN HA 346 107.27 -2.27 -72.56
CA ASN HA 346 107.17 -3.73 -72.37
C ASN HA 346 107.83 -4.51 -73.50
N PRO HA 347 107.66 -4.16 -74.79
CA PRO HA 347 108.31 -4.96 -75.82
C PRO HA 347 109.83 -4.85 -75.74
N GLU HA 348 110.46 -5.90 -75.23
CA GLU HA 348 111.89 -5.89 -74.95
C GLU HA 348 112.68 -5.86 -76.24
N TRP HA 349 111.99 -5.87 -77.37
CA TRP HA 349 112.65 -5.52 -78.62
C TRP HA 349 112.75 -4.00 -78.78
N ARG HA 350 111.63 -3.30 -78.62
CA ARG HA 350 111.69 -1.84 -78.62
C ARG HA 350 112.35 -1.31 -77.36
N ALA HA 351 112.42 -2.11 -76.30
CA ALA HA 351 113.15 -1.70 -75.11
C ALA HA 351 114.66 -1.78 -75.29
N VAL HA 352 115.13 -2.33 -76.41
CA VAL HA 352 116.55 -2.29 -76.75
C VAL HA 352 116.74 -1.58 -78.08
N ALA HA 353 115.73 -1.67 -78.96
CA ALA HA 353 115.75 -0.86 -80.18
C ALA HA 353 115.71 0.63 -79.85
N ASP HA 354 115.17 0.97 -78.68
CA ASP HA 354 115.38 2.28 -78.08
C ASP HA 354 116.40 2.25 -76.94
N GLY HA 355 116.83 1.06 -76.54
CA GLY HA 355 117.83 0.93 -75.50
C GLY HA 355 119.20 1.39 -75.91
N LYS HA 356 119.47 1.44 -77.23
CA LYS HA 356 120.72 1.98 -77.75
C LYS HA 356 120.59 3.39 -78.28
N ALA HA 357 119.46 3.72 -78.93
CA ALA HA 357 119.23 5.05 -79.46
C ALA HA 357 118.67 5.96 -78.37
N SER HA 358 119.23 7.16 -78.27
CA SER HA 358 118.87 8.08 -77.20
C SER HA 358 118.31 9.40 -77.68
N TRP HA 359 118.25 9.63 -78.99
CA TRP HA 359 117.61 10.85 -79.50
C TRP HA 359 116.15 10.89 -79.07
N GLU HA 360 115.59 12.10 -79.07
CA GLU HA 360 114.15 12.23 -78.89
C GLU HA 360 113.41 12.10 -80.22
N GLU HA 361 114.02 12.57 -81.31
CA GLU HA 361 113.36 12.46 -82.60
C GLU HA 361 113.20 11.03 -83.06
N VAL HA 362 114.07 10.13 -82.61
CA VAL HA 362 114.04 8.77 -83.14
C VAL HA 362 113.01 7.91 -82.42
N VAL HA 363 112.77 8.15 -81.13
CA VAL HA 363 111.87 7.27 -80.38
C VAL HA 363 110.44 7.43 -80.89
N ASP HA 364 110.10 8.58 -81.45
CA ASP HA 364 108.78 8.79 -82.01
C ASP HA 364 108.70 8.50 -83.50
N ALA HA 365 109.84 8.52 -84.19
CA ALA HA 365 109.85 8.30 -85.63
C ALA HA 365 110.25 6.87 -86.02
N MET HA 366 111.16 6.26 -85.25
CA MET HA 366 111.68 4.95 -85.64
C MET HA 366 110.63 3.85 -85.63
N GLN HA 367 109.42 4.12 -85.17
CA GLN HA 367 108.37 3.11 -85.10
C GLN HA 367 107.21 3.51 -86.01
N PRO HA 368 107.38 3.41 -87.34
CA PRO HA 368 106.18 3.51 -88.18
C PRO HA 368 105.21 2.38 -87.89
N VAL HA 369 105.70 1.14 -87.90
CA VAL HA 369 104.86 -0.03 -87.68
C VAL HA 369 104.05 0.12 -86.39
N GLN HA 370 104.70 0.53 -85.30
CA GLN HA 370 103.99 0.68 -84.05
C GLN HA 370 102.97 1.82 -84.08
N ALA HA 371 103.00 2.65 -85.13
CA ALA HA 371 102.00 3.69 -85.32
C ALA HA 371 101.06 3.43 -86.50
N GLU HA 372 101.45 2.57 -87.45
CA GLU HA 372 100.52 2.20 -88.51
C GLU HA 372 99.42 1.29 -88.00
N LEU HA 373 99.59 0.71 -86.81
CA LEU HA 373 98.62 -0.22 -86.24
C LEU HA 373 98.07 0.30 -84.91
N ASP HA 374 98.00 1.62 -84.77
CA ASP HA 374 97.47 2.21 -83.53
C ASP HA 374 95.97 2.00 -83.41
N GLU HA 375 95.27 1.82 -84.52
CA GLU HA 375 93.85 1.54 -84.47
C GLU HA 375 93.58 0.23 -83.74
N LYS HA 376 94.30 -0.83 -84.11
CA LYS HA 376 94.20 -2.10 -83.39
C LYS HA 376 94.61 -1.96 -81.93
N ILE HA 377 95.41 -0.94 -81.61
CA ILE HA 377 95.80 -0.73 -80.22
C ILE HA 377 94.70 0.00 -79.47
N ASP HA 378 94.08 0.98 -80.11
CA ASP HA 378 93.10 1.82 -79.44
C ASP HA 378 91.76 1.12 -79.28
N ALA HA 379 91.27 0.50 -80.35
CA ALA HA 379 89.96 -0.13 -80.31
C ALA HA 379 89.82 -1.09 -79.14
N ALA HA 380 90.87 -1.88 -78.88
CA ALA HA 380 90.82 -2.81 -77.75
C ALA HA 380 90.74 -2.05 -76.43
N ARG HA 381 91.21 -0.81 -76.39
CA ARG HA 381 91.03 0.03 -75.21
C ARG HA 381 89.65 0.67 -75.16
N LEU HA 382 88.96 0.73 -76.30
CA LEU HA 382 87.58 1.18 -76.31
C LEU HA 382 86.67 0.07 -75.78
N LEU HA 383 86.65 -1.08 -76.46
CA LEU HA 383 85.74 -2.16 -76.11
C LEU HA 383 85.97 -2.63 -74.68
N GLN HA 384 87.19 -3.03 -74.34
CA GLN HA 384 87.44 -3.66 -73.05
C GLN HA 384 87.16 -2.71 -71.88
N ASN HA 385 87.38 -1.41 -72.07
CA ASN HA 385 87.11 -0.45 -70.99
C ASN HA 385 85.68 0.07 -71.01
N THR HA 386 84.86 -0.35 -71.97
CA THR HA 386 83.46 0.06 -72.04
C THR HA 386 82.52 -1.11 -71.83
N ARG HA 387 83.03 -2.29 -71.46
CA ARG HA 387 82.21 -3.48 -71.33
C ARG HA 387 81.87 -3.81 -69.89
N HIS HA 388 82.85 -3.84 -69.00
CA HIS HA 388 82.70 -4.59 -67.75
C HIS HA 388 81.77 -3.89 -66.78
N ASN HA 389 82.08 -2.65 -66.41
CA ASN HA 389 81.25 -1.93 -65.45
C ASN HA 389 81.15 -0.47 -65.82
N ALA HA 390 80.00 0.14 -65.51
CA ALA HA 390 79.82 1.57 -65.72
C ALA HA 390 80.91 2.37 -65.00
N GLU HA 391 81.39 1.86 -63.86
CA GLU HA 391 82.51 2.49 -63.18
C GLU HA 391 83.72 2.60 -64.08
N ARG HA 392 83.81 1.75 -65.11
CA ARG HA 392 84.79 1.96 -66.16
C ARG HA 392 84.22 2.88 -67.25
N VAL HA 393 82.98 2.63 -67.69
CA VAL HA 393 82.41 3.43 -68.77
C VAL HA 393 82.21 4.87 -68.32
N ARG HA 394 81.89 5.09 -67.04
CA ARG HA 394 81.93 6.45 -66.51
C ARG HA 394 83.35 7.00 -66.58
N ALA HA 395 84.30 6.25 -66.02
CA ALA HA 395 85.70 6.63 -66.13
C ALA HA 395 86.11 6.80 -67.59
N PHE HA 396 85.71 5.86 -68.45
CA PHE HA 396 86.08 5.97 -69.85
C PHE HA 396 85.44 7.18 -70.51
N PHE HA 397 84.20 7.51 -70.14
CA PHE HA 397 83.60 8.74 -70.63
C PHE HA 397 84.25 9.97 -69.99
N GLU HA 398 84.92 9.78 -68.85
CA GLU HA 398 85.72 10.84 -68.24
C GLU HA 398 87.12 10.92 -68.82
N GLU HA 399 87.68 9.79 -69.24
CA GLU HA 399 89.02 9.80 -69.85
C GLU HA 399 88.98 10.47 -71.21
N LYS HA 400 88.11 9.99 -72.11
CA LYS HA 400 88.13 10.45 -73.49
C LYS HA 400 87.51 11.83 -73.63
N CYS HA 401 86.21 11.95 -73.31
CA CYS HA 401 85.51 13.21 -73.52
C CYS HA 401 85.97 14.31 -72.58
N GLY HA 402 86.82 14.00 -71.60
CA GLY HA 402 87.41 15.03 -70.77
C GLY HA 402 86.49 15.61 -69.73
N PHE HA 403 86.03 14.78 -68.80
CA PHE HA 403 85.16 15.22 -67.72
C PHE HA 403 85.93 15.32 -66.41
N HIS HA 404 85.40 16.12 -65.49
CA HIS HA 404 85.88 16.10 -64.12
C HIS HA 404 85.22 14.96 -63.35
N ASP HA 405 83.90 15.04 -63.21
CA ASP HA 405 83.09 13.94 -62.71
C ASP HA 405 82.01 13.67 -63.75
N PHE HA 406 81.38 12.50 -63.63
CA PHE HA 406 80.29 12.20 -64.55
C PHE HA 406 78.95 12.71 -64.03
N MET HA 407 78.74 12.66 -62.72
CA MET HA 407 77.44 13.00 -62.16
C MET HA 407 77.07 14.46 -62.39
N TYR HA 408 78.05 15.36 -62.41
CA TYR HA 408 77.78 16.77 -62.58
C TYR HA 408 78.08 17.18 -64.01
N THR HA 409 77.19 16.82 -64.92
CA THR HA 409 77.44 16.96 -66.34
C THR HA 409 76.17 17.36 -67.06
N PRO HA 410 76.28 17.95 -68.26
CA PRO HA 410 75.08 18.33 -69.02
C PRO HA 410 74.50 17.16 -69.77
N ASP HA 411 73.17 17.15 -69.89
CA ASP HA 411 72.48 16.01 -70.49
C ASP HA 411 72.83 15.86 -71.97
N LYS HA 412 72.78 16.95 -72.72
CA LYS HA 412 72.95 16.85 -74.17
C LYS HA 412 74.36 16.44 -74.55
N THR HA 413 75.37 16.95 -73.83
CA THR HA 413 76.74 16.59 -74.14
C THR HA 413 77.02 15.12 -73.87
N ILE HA 414 76.37 14.53 -72.86
CA ILE HA 414 76.53 13.10 -72.65
C ILE HA 414 75.89 12.34 -73.79
N THR HA 415 74.78 12.84 -74.32
CA THR HA 415 74.24 12.26 -75.55
C THR HA 415 75.23 12.40 -76.70
N ALA HA 416 76.03 13.46 -76.69
CA ALA HA 416 77.07 13.60 -77.69
C ALA HA 416 78.19 12.59 -77.45
N ALA HA 417 78.63 12.48 -76.20
CA ALA HA 417 79.71 11.56 -75.86
C ALA HA 417 79.38 10.13 -76.23
N VAL HA 418 78.11 9.74 -76.09
CA VAL HA 418 77.72 8.39 -76.46
C VAL HA 418 77.56 8.26 -77.96
N LEU HA 419 77.05 9.30 -78.61
CA LEU HA 419 76.89 9.28 -80.07
C LEU HA 419 78.20 8.88 -80.74
N CYS HA 420 79.25 9.66 -80.51
CA CYS HA 420 80.54 9.34 -81.11
C CYS HA 420 81.03 7.96 -80.71
N TYR HA 421 80.70 7.51 -79.48
CA TYR HA 421 81.06 6.14 -79.11
C TYR HA 421 80.33 5.12 -79.97
N LEU HA 422 79.18 5.50 -80.52
CA LEU HA 422 78.42 4.63 -81.39
C LEU HA 422 78.48 5.04 -82.86
N THR HA 423 78.92 6.26 -83.17
CA THR HA 423 79.21 6.58 -84.56
C THR HA 423 80.32 5.69 -85.11
N GLU HA 424 81.34 5.42 -84.30
CA GLU HA 424 82.46 4.64 -84.76
C GLU HA 424 82.22 3.14 -84.60
N LEU HA 425 81.38 2.74 -83.66
CA LEU HA 425 81.16 1.31 -83.47
C LEU HA 425 80.45 0.67 -84.64
N ARG HA 426 79.79 1.48 -85.49
CA ARG HA 426 79.15 0.93 -86.67
C ARG HA 426 80.07 0.89 -87.88
N ARG HA 427 81.20 1.60 -87.83
CA ARG HA 427 82.24 1.46 -88.83
C ARG HA 427 83.35 0.52 -88.38
N ILE HA 428 83.64 0.48 -87.09
CA ILE HA 428 84.72 -0.36 -86.59
C ILE HA 428 84.46 -1.83 -86.82
N CYS HA 429 83.20 -2.21 -87.04
CA CYS HA 429 82.85 -3.62 -87.15
C CYS HA 429 83.16 -4.17 -88.53
N THR HA 430 82.51 -3.65 -89.57
CA THR HA 430 82.64 -4.24 -90.89
C THR HA 430 83.86 -3.73 -91.65
N GLU HA 431 84.24 -2.46 -91.46
CA GLU HA 431 85.45 -1.93 -92.07
C GLU HA 431 86.64 -2.77 -91.64
N THR HA 432 86.99 -2.63 -90.36
CA THR HA 432 88.16 -3.29 -89.79
C THR HA 432 87.80 -4.75 -89.60
N ALA HA 433 88.24 -5.59 -90.54
CA ALA HA 433 87.96 -7.03 -90.45
C ALA HA 433 88.33 -7.56 -89.07
N TRP HA 434 89.49 -7.15 -88.55
CA TRP HA 434 89.87 -7.52 -87.19
C TRP HA 434 88.89 -6.96 -86.18
N GLY HA 435 88.42 -5.73 -86.38
CA GLY HA 435 87.49 -5.13 -85.45
C GLY HA 435 86.21 -5.91 -85.30
N ALA HA 436 85.77 -6.59 -86.37
CA ALA HA 436 84.55 -7.40 -86.31
C ALA HA 436 84.64 -8.44 -85.20
N ALA HA 437 85.60 -9.36 -85.31
CA ALA HA 437 85.82 -10.34 -84.27
C ALA HA 437 86.52 -9.75 -83.05
N LEU HA 438 87.02 -8.52 -83.14
CA LEU HA 438 87.56 -7.87 -81.95
C LEU HA 438 86.46 -7.61 -80.93
N ALA HA 439 85.24 -7.34 -81.40
CA ALA HA 439 84.11 -7.05 -80.53
C ALA HA 439 83.21 -8.25 -80.29
N LYS HA 440 82.98 -9.08 -81.32
CA LYS HA 440 82.21 -10.30 -81.12
C LYS HA 440 82.88 -11.22 -80.11
N CYS HA 441 84.21 -11.17 -80.03
CA CYS HA 441 84.92 -11.99 -79.05
C CYS HA 441 84.60 -11.53 -77.64
N LEU HA 442 84.92 -12.40 -76.69
CA LEU HA 442 84.63 -12.17 -75.28
C LEU HA 442 85.89 -12.15 -74.43
N THR HA 443 86.71 -13.20 -74.50
CA THR HA 443 87.89 -13.31 -73.68
C THR HA 443 89.00 -12.42 -74.24
N ASP HA 444 89.93 -12.01 -73.35
CA ASP HA 444 91.08 -11.24 -73.80
C ASP HA 444 91.99 -12.04 -74.71
N MET HA 445 92.10 -13.35 -74.49
CA MET HA 445 93.03 -14.17 -75.27
C MET HA 445 92.50 -14.43 -76.68
N GLU HA 446 91.19 -14.71 -76.80
CA GLU HA 446 90.63 -15.07 -78.10
C GLU HA 446 90.77 -13.93 -79.10
N ARG HA 447 90.87 -12.69 -78.62
CA ARG HA 447 91.12 -11.58 -79.52
C ARG HA 447 92.56 -11.58 -80.02
N VAL HA 448 93.52 -11.79 -79.12
CA VAL HA 448 94.91 -11.88 -79.52
C VAL HA 448 95.09 -12.99 -80.56
N GLN HA 449 94.57 -14.18 -80.25
CA GLN HA 449 94.63 -15.30 -81.19
C GLN HA 449 93.88 -15.01 -82.48
N GLY HA 450 92.95 -14.05 -82.45
CA GLY HA 450 92.21 -13.69 -83.64
C GLY HA 450 92.71 -12.44 -84.31
N MET HA 451 92.92 -11.39 -83.54
CA MET HA 451 93.30 -10.08 -84.05
C MET HA 451 94.82 -9.92 -84.00
N GLY HA 452 95.30 -8.71 -84.22
CA GLY HA 452 96.72 -8.43 -84.16
C GLY HA 452 97.31 -8.69 -82.78
N ARG HA 453 98.15 -9.72 -82.68
CA ARG HA 453 98.74 -10.07 -81.40
C ARG HA 453 99.78 -9.05 -80.96
N ASP HA 454 100.72 -8.72 -81.85
CA ASP HA 454 101.79 -7.80 -81.48
C ASP HA 454 101.26 -6.45 -81.04
N ALA HA 455 100.16 -5.99 -81.65
CA ALA HA 455 99.52 -4.77 -81.18
C ALA HA 455 98.85 -4.97 -79.82
N PHE HA 456 98.65 -6.23 -79.40
CA PHE HA 456 98.03 -6.52 -78.11
C PHE HA 456 99.02 -6.74 -76.99
N LEU HA 457 100.19 -7.30 -77.31
CA LEU HA 457 101.23 -7.45 -76.29
C LEU HA 457 101.56 -6.11 -75.65
N VAL HA 458 101.50 -5.03 -76.43
CA VAL HA 458 101.68 -3.70 -75.87
C VAL HA 458 100.38 -3.21 -75.25
N TYR HA 459 99.25 -3.47 -75.92
CA TYR HA 459 97.97 -3.02 -75.39
C TYR HA 459 97.66 -3.67 -74.05
N ARG HA 460 98.01 -4.95 -73.90
CA ARG HA 460 97.87 -5.60 -72.59
C ARG HA 460 98.73 -4.89 -71.55
N HIS HA 461 99.93 -4.48 -71.94
CA HIS HA 461 100.79 -3.73 -71.03
C HIS HA 461 100.16 -2.39 -70.67
N ILE HA 462 99.62 -1.68 -71.67
CA ILE HA 462 98.89 -0.45 -71.39
C ILE HA 462 97.83 -0.68 -70.32
N GLU HA 463 97.03 -1.73 -70.50
CA GLU HA 463 96.04 -2.09 -69.49
C GLU HA 463 96.70 -2.53 -68.19
N ASP HA 464 97.88 -3.14 -68.26
CA ASP HA 464 98.59 -3.48 -67.03
C ASP HA 464 99.01 -2.21 -66.29
N ALA HA 465 99.15 -1.10 -67.01
CA ALA HA 465 99.67 0.11 -66.40
C ALA HA 465 98.58 1.07 -65.94
N ILE HA 466 97.38 1.01 -66.55
CA ILE HA 466 96.35 2.00 -66.24
C ILE HA 466 95.95 1.92 -64.78
N LEU HA 467 95.97 0.72 -64.20
CA LEU HA 467 95.63 0.54 -62.79
C LEU HA 467 96.84 0.61 -61.88
N ASP HA 468 98.06 0.57 -62.43
CA ASP HA 468 99.24 0.58 -61.59
C ASP HA 468 99.50 1.93 -60.95
N LYS HA 469 98.81 2.98 -61.39
CA LYS HA 469 98.88 4.27 -60.71
C LYS HA 469 97.77 4.45 -59.70
N LYS HA 470 96.58 3.91 -60.00
CA LYS HA 470 95.51 3.89 -59.01
C LYS HA 470 95.83 2.91 -57.89
N ARG HA 471 96.66 1.90 -58.17
CA ARG HA 471 96.99 0.90 -57.16
C ARG HA 471 97.63 1.55 -55.94
N ARG HA 472 98.54 2.48 -56.15
CA ARG HA 472 99.12 3.20 -55.02
C ARG HA 472 98.08 4.11 -54.38
N LEU HA 473 97.23 4.74 -55.18
CA LEU HA 473 96.10 5.49 -54.62
C LEU HA 473 95.12 4.58 -53.90
N TRP HA 474 95.14 3.28 -54.20
CA TRP HA 474 94.31 2.32 -53.47
C TRP HA 474 94.93 1.95 -52.13
N ALA HA 475 96.25 2.07 -52.02
CA ALA HA 475 96.96 1.76 -50.79
C ALA HA 475 96.88 2.88 -49.76
N GLY HA 476 96.02 3.86 -49.97
CA GLY HA 476 95.88 4.96 -49.04
C GLY HA 476 94.51 5.03 -48.41
N PHE IA 9 23.21 86.70 -42.60
CA PHE IA 9 23.87 87.95 -42.24
C PHE IA 9 22.91 89.11 -42.30
N GLN IA 10 23.07 90.05 -41.35
CA GLN IA 10 22.22 91.23 -41.28
C GLN IA 10 23.08 92.46 -41.04
N ALA IA 11 22.40 93.57 -40.76
CA ALA IA 11 23.10 94.84 -40.55
C ALA IA 11 23.94 94.80 -39.28
N GLY IA 12 23.32 94.57 -38.14
CA GLY IA 12 24.04 94.63 -36.89
C GLY IA 12 23.72 93.53 -35.88
N VAL IA 13 23.43 92.33 -36.35
CA VAL IA 13 23.05 91.26 -35.44
C VAL IA 13 24.24 90.86 -34.55
N HIS IA 14 25.30 90.35 -35.17
CA HIS IA 14 26.46 89.87 -34.42
C HIS IA 14 27.63 90.83 -34.46
N THR IA 15 27.80 91.57 -35.54
CA THR IA 15 28.79 92.63 -35.59
C THR IA 15 28.08 93.98 -35.64
N PRO IA 16 28.57 94.96 -34.87
CA PRO IA 16 27.90 96.27 -34.81
C PRO IA 16 27.60 96.87 -36.18
N HIS IA 17 26.61 97.76 -36.21
CA HIS IA 17 26.06 98.25 -37.46
C HIS IA 17 27.11 99.02 -38.25
N GLY IA 18 27.38 98.58 -39.48
CA GLY IA 18 28.36 99.21 -40.33
C GLY IA 18 29.37 98.22 -40.88
N SER IA 19 29.09 96.94 -40.67
CA SER IA 19 29.98 95.87 -41.13
C SER IA 19 29.30 95.18 -42.31
N ARG IA 20 29.47 95.76 -43.48
CA ARG IA 20 28.95 95.22 -44.72
C ARG IA 20 30.09 95.05 -45.71
N TYR IA 21 30.07 93.94 -46.44
CA TYR IA 21 31.10 93.60 -47.40
C TYR IA 21 30.51 93.62 -48.80
N ASN IA 22 31.30 94.09 -49.76
CA ASN IA 22 30.90 94.08 -51.17
C ASN IA 22 31.20 92.72 -51.79
N ALA IA 23 30.54 91.71 -51.24
CA ALA IA 23 30.80 90.32 -51.56
C ALA IA 23 29.55 89.68 -52.16
N ALA IA 24 29.67 88.39 -52.48
CA ALA IA 24 28.58 87.65 -53.09
C ALA IA 24 27.47 87.45 -52.06
N ARG IA 25 26.40 88.21 -52.18
CA ARG IA 25 25.31 88.07 -51.23
C ARG IA 25 24.49 86.83 -51.55
N MET IA 26 23.73 86.37 -50.56
CA MET IA 26 22.87 85.22 -50.74
C MET IA 26 21.56 85.62 -51.41
N LYS IA 27 21.02 84.71 -52.20
CA LYS IA 27 19.78 85.00 -52.92
C LYS IA 27 18.61 85.10 -51.95
N ASN IA 28 17.69 86.01 -52.26
CA ASN IA 28 16.42 86.20 -51.55
C ASN IA 28 16.59 86.85 -50.18
N TRP IA 29 17.83 87.00 -49.73
CA TRP IA 29 18.10 87.50 -48.38
C TRP IA 29 18.11 89.01 -48.35
N PRO IA 30 17.09 89.64 -47.78
CA PRO IA 30 17.04 91.11 -47.77
C PRO IA 30 17.93 91.69 -46.68
N VAL IA 31 18.29 92.96 -46.87
CA VAL IA 31 19.00 93.68 -45.83
C VAL IA 31 17.97 94.16 -44.82
N GLN IA 32 17.72 93.32 -43.81
CA GLN IA 32 16.67 93.59 -42.84
C GLN IA 32 17.14 94.65 -41.87
N GLU IA 33 16.55 95.85 -41.97
CA GLU IA 33 17.04 97.02 -41.23
C GLU IA 33 16.83 96.81 -39.74
N VAL IA 34 17.93 96.62 -39.03
CA VAL IA 34 17.86 96.50 -37.57
C VAL IA 34 17.92 97.90 -36.97
N PRO IA 35 17.02 98.25 -36.05
CA PRO IA 35 17.07 99.58 -35.43
C PRO IA 35 18.39 99.80 -34.70
N GLN IA 36 18.65 101.07 -34.40
CA GLN IA 36 20.01 101.46 -34.00
C GLN IA 36 20.33 101.00 -32.58
N ASN IA 37 19.41 101.24 -31.64
CA ASN IA 37 19.66 100.96 -30.24
C ASN IA 37 19.62 99.48 -29.90
N PHE IA 38 19.31 98.63 -30.87
CA PHE IA 38 19.15 97.20 -30.59
C PHE IA 38 20.45 96.62 -30.05
N ASN IA 39 20.31 95.69 -29.10
CA ASN IA 39 21.45 94.96 -28.59
C ASN IA 39 21.01 93.57 -28.19
N PHE IA 40 21.94 92.64 -28.23
CA PHE IA 40 21.71 91.32 -27.68
C PHE IA 40 21.87 91.34 -26.17
N THR IA 41 21.40 90.27 -25.54
CA THR IA 41 21.80 90.00 -24.17
C THR IA 41 23.01 89.08 -24.21
N ASN IA 42 24.01 89.38 -23.38
CA ASN IA 42 25.22 88.57 -23.34
C ASN IA 42 24.91 87.10 -23.11
N GLU IA 43 23.79 86.79 -22.46
CA GLU IA 43 23.35 85.42 -22.30
C GLU IA 43 22.46 84.95 -23.44
N GLN IA 44 22.01 85.85 -24.32
CA GLN IA 44 21.40 85.42 -25.57
C GLN IA 44 22.44 85.09 -26.62
N ARG IA 45 23.51 85.88 -26.68
CA ARG IA 45 24.64 85.59 -27.55
C ARG IA 45 25.39 84.34 -27.13
N PHE IA 46 24.93 83.66 -26.07
CA PHE IA 46 25.60 82.46 -25.60
C PHE IA 46 25.70 81.40 -26.68
N LYS IA 47 24.55 80.97 -27.20
CA LYS IA 47 24.55 79.93 -28.22
C LYS IA 47 25.10 80.46 -29.54
N ALA IA 48 24.45 81.48 -30.09
CA ALA IA 48 24.99 82.24 -31.23
C ALA IA 48 25.31 81.35 -32.43
N LYS IA 49 24.52 80.31 -32.65
CA LYS IA 49 24.77 79.42 -33.78
C LYS IA 49 24.33 80.09 -35.08
N ALA IA 50 25.04 79.78 -36.16
CA ALA IA 50 24.81 80.44 -37.44
C ALA IA 50 24.77 79.42 -38.56
N VAL IA 51 24.53 79.91 -39.78
CA VAL IA 51 24.39 79.06 -40.96
C VAL IA 51 25.76 78.56 -41.38
N PRO IA 52 25.89 77.29 -41.75
CA PRO IA 52 27.17 76.80 -42.27
C PRO IA 52 27.37 77.24 -43.71
N ARG IA 53 28.59 77.66 -44.02
CA ARG IA 53 28.90 78.19 -45.34
C ARG IA 53 29.39 77.09 -46.27
N ASP IA 54 29.17 77.30 -47.56
CA ASP IA 54 29.62 76.36 -48.58
C ASP IA 54 31.13 76.41 -48.69
N THR IA 55 31.80 75.34 -48.28
CA THR IA 55 33.24 75.19 -48.47
C THR IA 55 33.42 73.99 -49.38
N GLY IA 56 33.32 74.22 -50.69
CA GLY IA 56 33.34 73.17 -51.67
C GLY IA 56 34.40 73.43 -52.72
N LYS IA 57 34.13 72.92 -53.93
CA LYS IA 57 35.11 73.00 -54.99
C LYS IA 57 35.17 74.41 -55.58
N ILE IA 58 34.04 75.09 -55.68
CA ILE IA 58 34.00 76.42 -56.27
C ILE IA 58 34.75 77.40 -55.37
N PRO IA 59 34.41 77.53 -54.08
CA PRO IA 59 35.18 78.46 -53.25
C PRO IA 59 36.65 78.09 -53.13
N ARG IA 60 36.96 76.81 -53.04
CA ARG IA 60 38.34 76.39 -52.80
C ARG IA 60 39.25 76.89 -53.92
N ASP IA 61 39.00 76.44 -55.15
CA ASP IA 61 39.77 76.93 -56.29
C ASP IA 61 39.79 78.45 -56.30
N PHE IA 62 38.64 79.07 -56.03
CA PHE IA 62 38.59 80.52 -55.88
C PHE IA 62 39.53 80.96 -54.77
N LEU IA 63 39.43 80.32 -53.60
CA LEU IA 63 40.34 80.64 -52.51
C LEU IA 63 41.78 80.46 -52.94
N LEU IA 64 42.08 79.44 -53.72
CA LEU IA 64 43.44 79.25 -54.17
C LEU IA 64 43.84 80.28 -55.20
N SER IA 65 42.93 80.66 -56.10
CA SER IA 65 43.25 81.65 -57.13
C SER IA 65 43.86 82.89 -56.52
N VAL IA 66 43.25 83.42 -55.45
CA VAL IA 66 43.80 84.59 -54.79
C VAL IA 66 45.02 84.23 -53.93
N LEU IA 67 45.15 82.97 -53.51
CA LEU IA 67 46.36 82.53 -52.85
C LEU IA 67 47.43 82.12 -53.83
N TYR IA 68 47.05 81.85 -55.08
CA TYR IA 68 48.00 81.54 -56.14
C TYR IA 68 48.62 82.80 -56.73
N ARG IA 69 47.84 83.87 -56.85
CA ARG IA 69 48.42 85.16 -57.23
C ARG IA 69 49.40 85.65 -56.19
N ASN IA 70 49.21 85.24 -54.93
CA ASN IA 70 50.03 85.72 -53.82
C ASN IA 70 50.41 84.49 -53.00
N GLN IA 71 51.48 83.81 -53.40
CA GLN IA 71 51.88 82.59 -52.70
C GLN IA 71 52.10 82.84 -51.21
N PRO IA 72 52.79 83.88 -50.78
CA PRO IA 72 52.58 84.36 -49.41
C PRO IA 72 51.44 85.36 -49.37
N CYS IA 73 50.73 85.34 -48.26
CA CYS IA 73 49.65 86.31 -48.03
C CYS IA 73 49.44 86.43 -46.53
N GLU IA 74 49.13 87.63 -46.08
CA GLU IA 74 49.03 87.95 -44.67
C GLU IA 74 47.56 88.08 -44.26
N VAL IA 75 47.33 88.57 -43.04
CA VAL IA 75 46.02 88.60 -42.42
C VAL IA 75 44.99 89.33 -43.24
N ALA IA 76 45.17 90.64 -43.41
CA ALA IA 76 44.15 91.45 -44.06
C ALA IA 76 44.13 91.23 -45.56
N SER IA 77 45.30 91.13 -46.18
CA SER IA 77 45.37 90.80 -47.60
C SER IA 77 44.71 89.46 -47.90
N LEU IA 78 44.41 88.65 -46.88
CA LEU IA 78 43.65 87.43 -47.12
C LEU IA 78 42.24 87.76 -47.60
N TRP IA 79 41.58 88.73 -46.98
CA TRP IA 79 40.30 89.19 -47.48
C TRP IA 79 40.39 90.41 -48.37
N GLU IA 80 41.42 91.24 -48.18
CA GLU IA 80 41.54 92.45 -48.99
C GLU IA 80 41.82 92.14 -50.46
N HIS IA 81 42.13 90.88 -50.78
CA HIS IA 81 42.34 90.49 -52.16
C HIS IA 81 41.10 89.94 -52.82
N CYS IA 82 40.23 89.29 -52.05
CA CYS IA 82 39.01 88.76 -52.62
C CYS IA 82 38.13 89.86 -53.21
N LEU IA 83 38.37 91.11 -52.83
CA LEU IA 83 37.62 92.22 -53.42
C LEU IA 83 38.11 92.55 -54.83
N HIS IA 84 39.23 91.97 -55.25
CA HIS IA 84 39.91 92.36 -56.49
C HIS IA 84 39.68 91.35 -57.61
N ASP IA 85 38.47 90.83 -57.73
CA ASP IA 85 38.18 89.78 -58.69
C ASP IA 85 36.95 90.14 -59.53
N PRO IA 86 36.71 89.44 -60.64
CA PRO IA 86 35.45 89.67 -61.37
C PRO IA 86 34.29 88.93 -60.72
N GLN IA 87 34.55 87.76 -60.17
CA GLN IA 87 33.54 86.89 -59.57
C GLN IA 87 34.05 86.45 -58.20
N ILE IA 88 33.24 86.67 -57.17
CA ILE IA 88 33.60 86.26 -55.81
C ILE IA 88 32.56 85.27 -55.30
N VAL IA 89 33.04 84.33 -54.48
CA VAL IA 89 32.19 83.28 -53.93
C VAL IA 89 32.38 83.31 -52.41
N LEU IA 90 32.52 84.51 -51.86
CA LEU IA 90 32.49 84.70 -50.42
C LEU IA 90 31.37 85.68 -50.05
N ASP IA 91 30.93 85.59 -48.79
CA ASP IA 91 29.95 86.51 -48.25
C ASP IA 91 30.44 87.25 -47.01
N SER IA 92 31.45 86.74 -46.33
CA SER IA 92 31.89 87.32 -45.08
C SER IA 92 33.38 87.05 -44.92
N LYS IA 93 33.94 87.61 -43.85
CA LYS IA 93 35.29 87.21 -43.44
C LYS IA 93 35.28 85.90 -42.69
N ARG IA 94 34.13 85.44 -42.22
CA ARG IA 94 34.05 84.11 -41.61
C ARG IA 94 33.94 83.03 -42.67
N HIS IA 95 33.32 83.32 -43.81
CA HIS IA 95 33.37 82.40 -44.92
C HIS IA 95 34.78 82.25 -45.48
N LEU IA 96 35.67 83.21 -45.17
CA LEU IA 96 37.07 83.03 -45.51
C LEU IA 96 37.76 82.14 -44.49
N ARG IA 97 37.45 82.33 -43.20
CA ARG IA 97 38.01 81.45 -42.19
C ARG IA 97 37.48 80.03 -42.34
N GLU IA 98 36.27 79.88 -42.88
CA GLU IA 98 35.67 78.55 -42.97
C GLU IA 98 36.40 77.67 -43.97
N VAL IA 99 36.60 78.16 -45.19
CA VAL IA 99 37.26 77.34 -46.20
C VAL IA 99 38.70 77.07 -45.82
N LEU IA 100 39.34 77.99 -45.10
CA LEU IA 100 40.74 77.79 -44.76
C LEU IA 100 40.94 76.56 -43.90
N GLN IA 101 40.05 76.34 -42.93
CA GLN IA 101 40.08 75.11 -42.16
C GLN IA 101 39.91 73.89 -43.06
N GLN IA 102 39.15 74.03 -44.15
CA GLN IA 102 39.02 72.95 -45.11
C GLN IA 102 40.30 72.78 -45.92
N ALA IA 103 40.84 73.89 -46.43
CA ALA IA 103 42.00 73.83 -47.30
C ALA IA 103 43.27 73.41 -46.58
N ARG IA 104 43.24 73.26 -45.26
CA ARG IA 104 44.39 72.70 -44.57
C ARG IA 104 44.40 71.18 -44.68
N ALA IA 105 43.27 70.55 -44.39
CA ALA IA 105 43.14 69.11 -44.59
C ALA IA 105 43.00 68.73 -46.05
N GLU IA 106 43.02 69.70 -46.96
CA GLU IA 106 43.23 69.44 -48.37
C GLU IA 106 44.69 69.46 -48.74
N GLY IA 107 45.58 69.74 -47.80
CA GLY IA 107 47.00 69.81 -48.08
C GLY IA 107 47.34 70.93 -49.05
N PHE IA 108 46.37 71.80 -49.31
CA PHE IA 108 46.60 72.89 -50.25
C PHE IA 108 47.33 74.06 -49.60
N VAL IA 109 47.11 74.29 -48.31
CA VAL IA 109 47.63 75.47 -47.63
C VAL IA 109 48.32 75.03 -46.34
N SER IA 110 49.61 75.32 -46.24
CA SER IA 110 50.35 75.20 -44.98
C SER IA 110 50.93 76.57 -44.72
N PHE IA 111 50.13 77.44 -44.12
CA PHE IA 111 50.58 78.78 -43.85
C PHE IA 111 51.28 78.83 -42.50
N GLU IA 112 52.22 79.76 -42.39
CA GLU IA 112 53.06 79.85 -41.20
C GLU IA 112 53.21 81.32 -40.84
N LYS IA 113 54.14 81.60 -39.93
CA LYS IA 113 54.51 82.95 -39.58
C LYS IA 113 56.02 83.11 -39.73
N ASP IA 114 56.45 84.27 -40.19
CA ASP IA 114 57.87 84.57 -40.25
C ASP IA 114 58.35 85.01 -38.87
N ALA IA 115 59.44 84.40 -38.40
CA ALA IA 115 59.92 84.66 -37.05
C ALA IA 115 60.37 86.10 -36.88
N VAL IA 116 60.96 86.70 -37.91
CA VAL IA 116 61.42 88.09 -37.79
C VAL IA 116 60.24 89.03 -37.68
N THR IA 117 59.13 88.72 -38.34
CA THR IA 117 57.90 89.48 -38.22
C THR IA 117 57.00 88.79 -37.19
N ASP IA 118 55.76 89.26 -37.09
CA ASP IA 118 54.78 88.65 -36.18
C ASP IA 118 53.41 88.60 -36.85
N ARG IA 119 53.38 88.16 -38.10
CA ARG IA 119 52.14 87.97 -38.83
C ARG IA 119 52.14 86.58 -39.41
N TRP IA 120 50.95 86.08 -39.74
CA TRP IA 120 50.82 84.74 -40.29
C TRP IA 120 50.70 84.80 -41.81
N VAL IA 121 51.49 83.97 -42.50
CA VAL IA 121 51.79 84.12 -43.91
C VAL IA 121 51.30 82.89 -44.66
N CYS IA 122 50.54 83.11 -45.73
CA CYS IA 122 50.03 82.01 -46.55
C CYS IA 122 51.16 81.32 -47.30
N HIS IA 123 50.95 80.05 -47.62
CA HIS IA 123 51.85 79.34 -48.53
C HIS IA 123 51.19 78.05 -48.99
N LEU IA 124 50.94 77.94 -50.29
CA LEU IA 124 50.54 76.67 -50.87
C LEU IA 124 51.68 75.68 -50.73
N THR IA 125 51.39 74.55 -50.09
CA THR IA 125 52.42 73.54 -49.83
C THR IA 125 53.11 73.11 -51.11
N ARG IA 126 54.41 72.85 -51.02
CA ARG IA 126 55.16 72.36 -52.16
C ARG IA 126 54.90 70.89 -52.44
N GLU IA 127 54.26 70.18 -51.51
CA GLU IA 127 53.79 68.84 -51.82
C GLU IA 127 52.58 68.84 -52.72
N ARG IA 128 52.02 70.02 -53.03
CA ARG IA 128 50.88 70.10 -53.92
C ARG IA 128 50.89 71.30 -54.86
N PHE IA 129 51.92 72.15 -54.83
CA PHE IA 129 51.85 73.39 -55.60
C PHE IA 129 51.91 73.13 -57.10
N GLU IA 130 52.64 72.10 -57.53
CA GLU IA 130 52.78 71.84 -58.95
C GLU IA 130 51.46 71.44 -59.58
N GLU IA 131 50.56 70.83 -58.82
CA GLU IA 131 49.30 70.37 -59.41
C GLU IA 131 48.20 71.41 -59.27
N VAL IA 132 48.18 72.17 -58.17
CA VAL IA 132 47.15 73.18 -57.99
C VAL IA 132 47.23 74.26 -59.06
N ARG IA 133 48.36 74.33 -59.78
CA ARG IA 133 48.45 75.22 -60.92
C ARG IA 133 47.45 74.83 -62.01
N ALA IA 134 47.20 73.54 -62.16
CA ALA IA 134 46.16 73.12 -63.09
C ALA IA 134 44.78 73.51 -62.57
N LEU IA 135 44.56 73.41 -61.26
CA LEU IA 135 43.28 73.79 -60.70
C LEU IA 135 43.02 75.28 -60.86
N VAL IA 136 44.06 76.10 -60.68
CA VAL IA 136 43.92 77.51 -61.01
C VAL IA 136 43.98 77.73 -62.51
N GLY IA 137 44.44 76.73 -63.26
CA GLY IA 137 44.47 76.81 -64.71
C GLY IA 137 43.16 76.36 -65.33
N ALA IA 138 42.54 75.33 -64.75
CA ALA IA 138 41.25 74.88 -65.23
C ALA IA 138 40.18 75.94 -64.99
N ARG IA 139 40.36 76.79 -63.98
CA ARG IA 139 39.58 78.01 -63.92
C ARG IA 139 40.03 78.99 -65.00
N ALA IA 140 41.34 79.01 -65.27
CA ALA IA 140 41.91 79.99 -66.17
C ALA IA 140 41.78 79.60 -67.64
N GLU IA 141 41.57 78.31 -67.94
CA GLU IA 141 41.56 77.87 -69.34
C GLU IA 141 40.49 78.59 -70.15
N ALA IA 142 39.40 79.02 -69.51
CA ALA IA 142 38.39 79.83 -70.15
C ALA IA 142 38.18 81.16 -69.43
N GLN IA 143 39.03 81.48 -68.45
CA GLN IA 143 38.90 82.76 -67.75
C GLN IA 143 39.34 83.91 -68.62
N ASP IA 144 40.30 83.68 -69.51
CA ASP IA 144 40.75 84.70 -70.44
C ASP IA 144 39.95 84.67 -71.75
N LEU IA 145 39.55 83.48 -72.18
CA LEU IA 145 38.92 83.35 -73.50
C LEU IA 145 37.53 83.98 -73.50
N TYR IA 146 36.79 83.83 -72.41
CA TYR IA 146 35.41 84.31 -72.35
C TYR IA 146 35.31 85.83 -72.27
N SER IA 147 36.42 86.52 -72.05
CA SER IA 147 36.40 87.98 -72.01
C SER IA 147 35.86 88.54 -73.31
N GLY IA 148 35.11 89.64 -73.21
CA GLY IA 148 34.38 90.14 -74.36
C GLY IA 148 35.12 91.15 -75.22
N LEU IA 149 35.64 92.21 -74.59
CA LEU IA 149 36.44 93.18 -75.32
C LEU IA 149 37.73 92.56 -75.85
N ARG IA 150 38.27 91.57 -75.16
CA ARG IA 150 39.29 90.72 -75.76
C ARG IA 150 38.62 89.79 -76.75
N GLY IA 151 38.89 90.01 -78.03
CA GLY IA 151 38.08 89.44 -79.08
C GLY IA 151 37.21 90.45 -79.80
N ALA IA 152 37.40 91.75 -79.53
CA ALA IA 152 36.73 92.82 -80.25
C ALA IA 152 37.64 93.57 -81.21
N SER IA 153 38.95 93.46 -81.02
CA SER IA 153 39.94 94.06 -81.93
C SER IA 153 41.31 93.48 -81.61
N ALA IA 154 42.37 94.17 -82.02
CA ALA IA 154 43.72 93.84 -81.58
C ALA IA 154 44.47 95.01 -80.97
N THR IA 155 44.08 96.25 -81.28
CA THR IA 155 44.84 97.42 -80.83
C THR IA 155 44.70 97.70 -79.33
N GLU IA 156 43.75 97.04 -78.65
CA GLU IA 156 43.69 97.16 -77.20
C GLU IA 156 44.75 96.28 -76.54
N THR IA 157 44.87 95.04 -77.00
CA THR IA 157 45.93 94.18 -76.50
C THR IA 157 47.28 94.58 -77.07
N SER IA 158 47.30 95.05 -78.32
CA SER IA 158 48.55 95.42 -78.97
C SER IA 158 49.11 96.73 -78.44
N ALA IA 159 48.28 97.56 -77.80
CA ALA IA 159 48.80 98.71 -77.07
C ALA IA 159 49.43 98.31 -75.74
N TYR IA 160 49.36 97.03 -75.39
CA TYR IA 160 49.92 96.52 -74.15
C TYR IA 160 50.74 95.25 -74.33
N SER IA 161 50.68 94.62 -75.50
CA SER IA 161 51.30 93.31 -75.70
C SER IA 161 52.81 93.36 -75.44
N GLU IA 162 53.40 94.54 -75.48
CA GLU IA 162 54.84 94.68 -75.31
C GLU IA 162 55.23 95.09 -73.89
N SER IA 163 54.27 95.47 -73.05
CA SER IA 163 54.62 95.97 -71.73
C SER IA 163 54.94 94.83 -70.77
N PHE IA 164 54.30 93.68 -70.95
CA PHE IA 164 54.45 92.57 -70.01
C PHE IA 164 55.89 92.09 -69.94
N ARG IA 165 56.64 92.20 -71.03
CA ARG IA 165 58.05 91.80 -71.03
C ARG IA 165 58.97 92.92 -70.57
N GLU IA 166 58.60 94.17 -70.75
CA GLU IA 166 59.45 95.28 -70.33
C GLU IA 166 59.12 95.78 -68.93
N MET IA 167 57.97 95.39 -68.38
CA MET IA 167 57.65 95.74 -66.99
C MET IA 167 58.67 95.12 -66.05
N ASN IA 168 58.69 93.80 -65.97
CA ASN IA 168 59.42 93.07 -64.94
C ASN IA 168 60.92 93.07 -65.13
N GLU IA 169 61.45 93.93 -65.99
CA GLU IA 169 62.89 94.07 -66.17
C GLU IA 169 63.45 95.30 -65.47
N ASP IA 170 62.83 96.46 -65.67
CA ASP IA 170 63.35 97.72 -65.12
C ASP IA 170 62.23 98.53 -64.47
N THR IA 171 60.98 98.12 -64.70
CA THR IA 171 59.84 98.81 -64.12
C THR IA 171 58.89 97.80 -63.49
N LYS IA 172 59.46 96.79 -62.83
CA LYS IA 172 58.69 95.64 -62.38
C LYS IA 172 57.54 96.03 -61.47
N ARG IA 173 57.87 96.52 -60.27
CA ARG IA 173 56.82 96.93 -59.34
C ARG IA 173 56.27 98.30 -59.71
N GLU IA 174 56.97 99.04 -60.58
CA GLU IA 174 56.48 100.32 -61.06
C GLU IA 174 55.04 100.20 -61.54
N HIS IA 175 54.73 99.12 -62.24
CA HIS IA 175 53.36 98.90 -62.69
C HIS IA 175 52.50 98.28 -61.60
N PHE IA 176 53.11 97.47 -60.72
CA PHE IA 176 52.36 96.82 -59.64
C PHE IA 176 51.76 97.80 -58.66
N ARG IA 177 52.30 99.04 -58.59
CA ARG IA 177 51.65 100.06 -57.78
C ARG IA 177 50.27 100.41 -58.33
N LEU IA 178 50.07 100.22 -59.64
CA LEU IA 178 48.78 100.42 -60.26
C LEU IA 178 48.07 99.09 -60.51
N LEU IA 179 48.83 98.05 -60.87
CA LEU IA 179 48.24 96.77 -61.23
C LEU IA 179 47.43 96.14 -60.11
N SER IA 180 47.46 96.73 -58.91
CA SER IA 180 46.61 96.22 -57.84
C SER IA 180 45.26 96.93 -57.83
N GLU IA 181 45.25 98.24 -57.66
CA GLU IA 181 44.03 98.98 -57.38
C GLU IA 181 43.32 99.47 -58.64
N GLN IA 182 43.99 100.25 -59.48
CA GLN IA 182 43.31 100.89 -60.61
C GLN IA 182 42.68 99.85 -61.54
N VAL IA 183 43.40 98.77 -61.82
CA VAL IA 183 42.84 97.71 -62.64
C VAL IA 183 41.72 96.96 -61.91
N ALA IA 184 41.66 97.11 -60.58
CA ALA IA 184 40.62 96.46 -59.80
C ALA IA 184 39.59 97.44 -59.25
N ASP IA 185 39.89 98.74 -59.25
CA ASP IA 185 38.93 99.71 -58.72
C ASP IA 185 37.65 99.76 -59.54
N THR IA 186 37.71 99.36 -60.81
CA THR IA 186 36.50 99.33 -61.63
C THR IA 186 35.61 98.15 -61.27
N THR IA 187 36.19 97.06 -60.77
CA THR IA 187 35.40 95.97 -60.24
C THR IA 187 34.51 96.43 -59.10
N THR IA 188 34.95 97.43 -58.34
CA THR IA 188 34.07 98.03 -57.33
C THR IA 188 32.87 98.70 -57.98
N HIS IA 189 33.10 99.46 -59.06
CA HIS IA 189 31.96 99.90 -59.87
C HIS IA 189 31.22 98.70 -60.44
N LEU IA 190 31.91 97.59 -60.67
CA LEU IA 190 31.26 96.40 -61.18
C LEU IA 190 30.62 95.56 -60.08
N ARG IA 191 31.20 95.59 -58.87
CA ARG IA 191 30.55 94.92 -57.74
C ARG IA 191 29.17 95.50 -57.47
N LYS IA 192 28.99 96.80 -57.71
CA LYS IA 192 27.67 97.40 -57.69
C LYS IA 192 26.86 97.08 -58.94
N PHE IA 193 27.45 96.37 -59.90
CA PHE IA 193 26.75 96.02 -61.13
C PHE IA 193 26.54 94.53 -61.31
N GLN IA 194 27.38 93.68 -60.73
CA GLN IA 194 27.19 92.24 -60.86
C GLN IA 194 27.82 91.53 -59.66
N ARG IA 195 27.03 91.23 -58.64
CA ARG IA 195 27.46 90.37 -57.57
C ARG IA 195 27.19 88.93 -57.96
N MET IA 196 27.47 88.01 -57.05
CA MET IA 196 27.09 86.61 -57.21
C MET IA 196 26.13 86.23 -56.10
N GLU IA 197 25.24 85.29 -56.39
CA GLU IA 197 24.22 84.88 -55.44
C GLU IA 197 24.46 83.44 -55.01
N MET IA 198 24.59 83.24 -53.70
CA MET IA 198 24.90 81.93 -53.15
C MET IA 198 23.63 81.13 -52.89
N ASP IA 199 22.83 80.99 -53.95
CA ASP IA 199 21.61 80.20 -53.86
C ASP IA 199 21.94 78.79 -53.40
N TYR IA 200 21.21 78.32 -52.39
CA TYR IA 200 21.52 77.08 -51.72
C TYR IA 200 20.26 76.29 -51.43
N LEU IA 201 20.41 74.97 -51.34
CA LEU IA 201 19.35 74.08 -50.93
C LEU IA 201 19.94 73.06 -49.97
N PRO IA 202 19.26 72.76 -48.87
CA PRO IA 202 19.75 71.72 -47.96
C PRO IA 202 19.27 70.35 -48.39
N TYR IA 203 20.04 69.34 -47.99
CA TYR IA 203 19.73 67.97 -48.36
C TYR IA 203 20.50 67.05 -47.43
N THR IA 204 20.43 65.74 -47.70
CA THR IA 204 21.14 64.75 -46.92
C THR IA 204 21.63 63.64 -47.83
N ASP IA 205 22.91 63.30 -47.69
CA ASP IA 205 23.49 62.19 -48.42
C ASP IA 205 23.10 60.87 -47.78
N LEU IA 206 23.19 59.80 -48.56
CA LEU IA 206 22.68 58.49 -48.14
C LEU IA 206 23.39 57.94 -46.91
N ASN IA 207 24.54 58.51 -46.53
CA ASN IA 207 25.07 58.18 -45.22
C ASN IA 207 24.20 58.77 -44.11
N GLY IA 208 23.53 59.88 -44.40
CA GLY IA 208 22.65 60.54 -43.46
C GLY IA 208 23.07 61.95 -43.10
N LYS IA 209 24.35 62.28 -43.27
CA LYS IA 209 24.85 63.58 -42.85
C LYS IA 209 24.13 64.70 -43.59
N VAL IA 210 23.95 65.84 -42.93
CA VAL IA 210 23.33 67.01 -43.52
C VAL IA 210 24.38 67.81 -44.26
N ASN IA 211 23.96 68.43 -45.36
CA ASN IA 211 24.83 69.28 -46.16
C ASN IA 211 23.94 70.05 -47.11
N PHE IA 212 24.54 71.02 -47.80
CA PHE IA 212 23.80 71.85 -48.72
C PHE IA 212 24.32 71.66 -50.14
N MET IA 213 23.58 72.20 -51.10
CA MET IA 213 23.98 72.22 -52.49
C MET IA 213 23.76 73.62 -53.04
N TRP IA 214 24.85 74.26 -53.45
CA TRP IA 214 24.85 75.69 -53.75
C TRP IA 214 24.88 75.90 -55.25
N TRP IA 215 23.92 76.66 -55.75
CA TRP IA 215 23.80 76.99 -57.18
C TRP IA 215 24.23 78.44 -57.35
N TYR IA 216 25.51 78.63 -57.69
CA TYR IA 216 26.09 79.96 -57.74
C TYR IA 216 25.78 80.64 -59.07
N GLU IA 217 25.25 81.86 -59.01
CA GLU IA 217 24.99 82.65 -60.20
C GLU IA 217 25.41 84.09 -59.96
N MET IA 218 25.73 84.78 -61.06
CA MET IA 218 26.00 86.21 -61.00
C MET IA 218 24.70 86.99 -61.03
N SER IA 219 24.58 87.95 -60.13
CA SER IA 219 23.34 88.72 -60.00
C SER IA 219 23.35 89.84 -61.02
N ASP IA 220 22.38 89.82 -61.93
CA ASP IA 220 22.22 90.88 -62.91
C ASP IA 220 21.46 92.06 -62.29
N THR IA 221 22.09 92.65 -61.28
CA THR IA 221 21.44 93.71 -60.50
C THR IA 221 21.37 95.00 -61.30
N ARG IA 222 22.47 95.37 -61.96
CA ARG IA 222 22.54 96.60 -62.75
C ARG IA 222 22.23 97.82 -61.90
N THR JA 82 66.98 -73.61 -2.62
CA THR JA 82 66.35 -72.84 -1.57
C THR JA 82 65.05 -72.21 -2.06
N TRP JA 83 64.87 -72.24 -3.37
CA TRP JA 83 63.65 -71.72 -3.98
C TRP JA 83 62.48 -72.61 -3.62
N ASP JA 84 61.53 -72.07 -2.86
CA ASP JA 84 60.38 -72.86 -2.43
C ASP JA 84 59.47 -73.12 -3.61
N GLU JA 85 59.76 -74.18 -4.37
CA GLU JA 85 59.03 -74.45 -5.60
C GLU JA 85 57.54 -74.55 -5.37
N LEU JA 86 57.13 -75.06 -4.20
CA LEU JA 86 55.72 -75.20 -3.84
C LEU JA 86 55.24 -74.04 -2.99
N GLU JA 87 55.79 -72.84 -3.21
CA GLU JA 87 55.36 -71.68 -2.43
C GLU JA 87 53.86 -71.36 -2.56
N PRO JA 88 53.15 -71.67 -3.68
CA PRO JA 88 51.70 -71.43 -3.66
C PRO JA 88 50.96 -72.50 -2.88
N PHE JA 89 51.46 -73.74 -2.92
CA PHE JA 89 50.82 -74.85 -2.24
C PHE JA 89 51.31 -75.03 -0.82
N LYS JA 90 51.83 -73.98 -0.18
CA LYS JA 90 52.34 -74.10 1.17
C LYS JA 90 51.22 -74.24 2.20
N GLY JA 91 49.97 -74.01 1.80
CA GLY JA 91 48.86 -74.14 2.72
C GLY JA 91 48.02 -75.38 2.49
N LEU JA 92 48.25 -76.06 1.38
CA LEU JA 92 47.49 -77.26 1.07
C LEU JA 92 47.95 -78.41 1.95
N PRO JA 93 47.11 -79.42 2.13
CA PRO JA 93 47.51 -80.57 2.94
C PRO JA 93 48.69 -81.30 2.32
N LYS JA 94 49.30 -82.15 3.13
CA LYS JA 94 50.42 -82.95 2.66
C LYS JA 94 49.91 -84.27 2.09
N PRO JA 95 50.28 -84.62 0.87
CA PRO JA 95 49.83 -85.90 0.31
C PRO JA 95 50.34 -87.07 1.14
N LYS JA 96 49.73 -88.23 0.93
CA LYS JA 96 50.23 -89.43 1.59
C LYS JA 96 51.57 -89.76 0.96
N VAL JA 97 52.64 -89.23 1.54
CA VAL JA 97 53.96 -89.39 0.95
C VAL JA 97 54.36 -90.85 1.07
N GLN JA 98 54.72 -91.46 -0.05
CA GLN JA 98 55.06 -92.88 -0.06
C GLN JA 98 56.06 -93.13 -1.18
N PHE JA 99 56.28 -94.41 -1.48
CA PHE JA 99 57.34 -94.79 -2.42
C PHE JA 99 56.89 -94.67 -3.86
N GLY JA 100 55.71 -95.18 -4.19
CA GLY JA 100 55.18 -95.04 -5.53
C GLY JA 100 53.95 -94.17 -5.52
N ASN JA 101 53.72 -93.47 -4.41
CA ASN JA 101 52.59 -92.57 -4.26
C ASN JA 101 53.05 -91.12 -4.14
N GLU JA 102 54.35 -90.87 -4.29
CA GLU JA 102 54.81 -89.49 -4.17
C GLU JA 102 54.55 -88.70 -5.44
N ALA JA 103 54.20 -89.37 -6.53
CA ALA JA 103 53.68 -88.63 -7.68
C ALA JA 103 52.21 -88.32 -7.50
N ALA JA 104 51.88 -87.85 -6.30
CA ALA JA 104 50.69 -87.06 -6.03
C ALA JA 104 51.05 -85.64 -5.67
N GLU JA 105 52.34 -85.34 -5.59
CA GLU JA 105 52.85 -83.99 -5.34
C GLU JA 105 53.65 -83.45 -6.51
N VAL JA 106 53.64 -84.16 -7.64
CA VAL JA 106 54.18 -83.60 -8.87
C VAL JA 106 53.27 -82.49 -9.35
N ILE JA 107 53.85 -81.35 -9.70
CA ILE JA 107 53.03 -80.17 -10.02
C ILE JA 107 52.36 -80.40 -11.37
N TRP JA 108 51.10 -80.76 -11.32
CA TRP JA 108 50.35 -81.10 -12.51
C TRP JA 108 50.01 -79.83 -13.30
N PRO JA 109 50.41 -79.72 -14.55
CA PRO JA 109 49.92 -78.62 -15.37
C PRO JA 109 48.47 -78.85 -15.70
N TYR JA 110 47.66 -77.80 -15.59
CA TYR JA 110 46.26 -77.93 -15.93
C TYR JA 110 46.03 -78.26 -17.39
N ALA JA 111 47.08 -78.22 -18.22
CA ALA JA 111 46.97 -78.65 -19.61
C ALA JA 111 47.36 -80.10 -19.82
N LEU JA 112 48.07 -80.70 -18.87
CA LEU JA 112 48.26 -82.14 -18.88
C LEU JA 112 47.07 -82.83 -18.22
N LEU JA 113 46.64 -82.32 -17.09
CA LEU JA 113 45.27 -82.56 -16.70
C LEU JA 113 44.36 -81.91 -17.74
N LEU JA 114 43.10 -82.33 -17.74
CA LEU JA 114 42.13 -81.89 -18.75
C LEU JA 114 42.49 -82.46 -20.11
N GLU JA 115 43.66 -83.10 -20.21
CA GLU JA 115 43.95 -83.99 -21.32
C GLU JA 115 43.43 -85.39 -21.05
N ASN JA 116 43.06 -85.67 -19.81
CA ASN JA 116 42.49 -86.94 -19.39
C ASN JA 116 41.36 -86.60 -18.40
N VAL JA 117 40.13 -86.56 -18.90
CA VAL JA 117 38.97 -86.34 -18.05
C VAL JA 117 38.29 -87.68 -17.88
N ILE JA 118 38.66 -88.39 -16.82
CA ILE JA 118 38.13 -89.71 -16.54
C ILE JA 118 37.03 -89.56 -15.49
N LYS JA 119 35.81 -89.95 -15.87
CA LYS JA 119 34.66 -89.78 -14.95
C LYS JA 119 34.14 -91.14 -14.49
N VAL JA 120 34.58 -91.55 -13.30
CA VAL JA 120 34.25 -92.84 -12.71
C VAL JA 120 32.83 -92.78 -12.14
N HIS JA 121 32.20 -93.94 -12.03
CA HIS JA 121 30.84 -94.02 -11.50
C HIS JA 121 30.75 -93.24 -10.18
N PRO JA 122 29.70 -92.38 -10.02
CA PRO JA 122 29.41 -91.58 -8.79
C PRO JA 122 29.37 -92.37 -7.46
N TYR JA 123 29.52 -93.69 -7.50
CA TYR JA 123 29.46 -94.51 -6.30
C TYR JA 123 30.79 -95.21 -6.04
N THR JA 124 31.89 -94.50 -6.25
CA THR JA 124 33.23 -95.06 -6.12
C THR JA 124 34.01 -94.25 -5.11
N LYS JA 125 34.55 -94.93 -4.10
CA LYS JA 125 35.11 -94.26 -2.94
C LYS JA 125 36.63 -94.23 -2.91
N SER JA 126 37.30 -95.25 -3.45
CA SER JA 126 38.75 -95.32 -3.40
C SER JA 126 39.26 -96.14 -4.56
N ILE JA 127 40.38 -95.70 -5.14
CA ILE JA 127 41.08 -96.44 -6.19
C ILE JA 127 42.51 -96.64 -5.73
N TYR JA 128 42.95 -97.90 -5.69
CA TYR JA 128 44.27 -98.24 -5.19
C TYR JA 128 45.02 -99.02 -6.24
N VAL JA 129 46.30 -98.70 -6.42
CA VAL JA 129 47.18 -99.42 -7.33
C VAL JA 129 48.36 -99.93 -6.53
N TYR JA 130 48.65 -101.22 -6.66
CA TYR JA 130 49.77 -101.84 -5.96
C TYR JA 130 50.61 -102.59 -6.96
N TYR JA 131 51.87 -102.19 -7.11
CA TYR JA 131 52.82 -102.88 -7.97
C TYR JA 131 54.09 -103.13 -7.16
N SER JA 132 55.11 -103.67 -7.82
CA SER JA 132 56.33 -104.07 -7.15
C SER JA 132 57.55 -103.32 -7.67
N GLN JA 133 58.65 -103.46 -6.95
CA GLN JA 133 59.91 -102.86 -7.39
C GLN JA 133 60.80 -103.85 -8.12
N ARG JA 134 60.78 -105.11 -7.72
CA ARG JA 134 61.50 -106.17 -8.40
C ARG JA 134 60.50 -107.16 -8.96
N GLN JA 135 60.74 -107.61 -10.19
CA GLN JA 135 59.94 -108.65 -10.80
C GLN JA 135 60.88 -109.69 -11.40
N SER JA 136 60.47 -110.96 -11.35
CA SER JA 136 61.25 -112.04 -11.92
C SER JA 136 60.69 -112.52 -13.25
N THR JA 137 59.39 -112.81 -13.31
CA THR JA 137 58.79 -113.32 -14.53
C THR JA 137 58.87 -112.28 -15.63
N PRO JA 138 59.32 -112.64 -16.82
CA PRO JA 138 59.47 -111.64 -17.90
C PRO JA 138 58.17 -110.97 -18.30
N LEU JA 139 57.02 -111.59 -18.04
CA LEU JA 139 55.76 -110.89 -18.19
C LEU JA 139 55.44 -110.05 -16.96
N GLY JA 140 55.82 -110.54 -15.78
CA GLY JA 140 55.64 -109.76 -14.57
C GLY JA 140 56.36 -108.43 -14.64
N GLU JA 141 57.52 -108.40 -15.30
CA GLU JA 141 58.24 -107.14 -15.47
C GLU JA 141 57.45 -106.17 -16.33
N LEU JA 142 56.55 -106.67 -17.16
CA LEU JA 142 55.72 -105.77 -17.94
C LEU JA 142 54.46 -105.38 -17.18
N ALA JA 143 53.84 -106.34 -16.50
CA ALA JA 143 52.64 -106.03 -15.74
C ALA JA 143 52.91 -104.99 -14.67
N ALA JA 144 54.12 -104.97 -14.11
CA ALA JA 144 54.48 -103.93 -13.16
C ALA JA 144 54.85 -102.62 -13.83
N ARG JA 145 54.76 -102.55 -15.16
CA ARG JA 145 54.98 -101.31 -15.89
C ARG JA 145 53.68 -100.68 -16.35
N VAL JA 146 52.77 -101.46 -16.92
CA VAL JA 146 51.47 -100.92 -17.27
C VAL JA 146 50.76 -100.40 -16.04
N ALA JA 147 50.82 -101.13 -14.93
CA ALA JA 147 50.29 -100.61 -13.68
C ALA JA 147 51.09 -99.42 -13.19
N LYS JA 148 52.38 -99.36 -13.52
CA LYS JA 148 53.18 -98.20 -13.15
C LYS JA 148 52.67 -96.96 -13.86
N ARG JA 149 52.46 -97.06 -15.17
CA ARG JA 149 52.04 -95.88 -15.92
C ARG JA 149 50.66 -95.42 -15.50
N VAL JA 150 49.74 -96.36 -15.28
CA VAL JA 150 48.38 -95.97 -14.92
C VAL JA 150 48.40 -95.13 -13.64
N SER JA 151 49.38 -95.36 -12.78
CA SER JA 151 49.53 -94.51 -11.60
C SER JA 151 50.02 -93.13 -11.99
N GLN JA 152 50.99 -93.06 -12.89
CA GLN JA 152 51.52 -91.75 -13.29
C GLN JA 152 50.46 -90.93 -14.00
N ALA JA 153 49.89 -91.47 -15.09
CA ALA JA 153 48.98 -90.71 -15.92
C ALA JA 153 47.52 -90.90 -15.52
N TYR JA 154 47.01 -92.12 -15.60
CA TYR JA 154 45.57 -92.35 -15.56
C TYR JA 154 45.03 -92.54 -14.15
N LEU JA 155 45.63 -91.94 -13.15
CA LEU JA 155 45.08 -92.09 -11.81
C LEU JA 155 44.77 -90.77 -11.13
N ILE JA 156 45.61 -89.76 -11.30
CA ILE JA 156 45.40 -88.49 -10.61
C ILE JA 156 44.24 -87.75 -11.29
N PRO JA 157 44.14 -87.70 -12.62
CA PRO JA 157 42.91 -87.18 -13.23
C PRO JA 157 41.64 -87.80 -12.69
N ILE JA 158 41.69 -89.04 -12.22
CA ILE JA 158 40.52 -89.61 -11.57
C ILE JA 158 40.26 -88.90 -10.25
N THR JA 159 41.33 -88.51 -9.56
CA THR JA 159 41.15 -87.77 -8.31
C THR JA 159 40.76 -86.34 -8.59
N PHE JA 160 41.52 -85.66 -9.45
CA PHE JA 160 41.31 -84.24 -9.67
C PHE JA 160 39.90 -83.95 -10.15
N HIS JA 161 39.34 -84.82 -10.99
CA HIS JA 161 38.05 -84.52 -11.57
C HIS JA 161 36.91 -84.97 -10.66
N ASN JA 162 36.96 -86.20 -10.17
CA ASN JA 162 35.85 -86.72 -9.39
C ASN JA 162 35.80 -86.09 -8.00
N SER JA 163 36.94 -86.08 -7.30
CA SER JA 163 37.10 -85.39 -6.03
C SER JA 163 36.38 -86.08 -4.89
N HIS JA 164 35.63 -87.14 -5.18
CA HIS JA 164 35.14 -88.02 -4.14
C HIS JA 164 35.82 -89.36 -4.16
N VAL JA 165 36.79 -89.56 -5.06
CA VAL JA 165 37.54 -90.81 -5.16
C VAL JA 165 38.96 -90.54 -4.66
N TYR JA 166 39.34 -91.23 -3.60
CA TYR JA 166 40.70 -91.13 -3.09
C TYR JA 166 41.58 -92.15 -3.78
N VAL JA 167 42.71 -91.69 -4.30
CA VAL JA 167 43.56 -92.48 -5.19
C VAL JA 167 44.93 -92.63 -4.56
N GLU JA 168 45.41 -93.87 -4.47
CA GLU JA 168 46.66 -94.19 -3.79
C GLU JA 168 47.34 -95.34 -4.50
N ALA JA 169 48.51 -95.07 -5.05
CA ALA JA 169 49.31 -96.07 -5.76
C ALA JA 169 50.57 -96.32 -4.95
N GLU JA 170 50.69 -97.51 -4.35
CA GLU JA 170 51.82 -97.82 -3.50
C GLU JA 170 52.58 -99.01 -4.05
N MET JA 171 53.90 -98.84 -4.21
CA MET JA 171 54.78 -99.90 -4.69
C MET JA 171 55.30 -100.72 -3.52
N LEU JA 172 55.19 -102.04 -3.63
CA LEU JA 172 55.72 -102.94 -2.61
C LEU JA 172 57.09 -103.44 -3.05
N LEU JA 173 58.08 -103.31 -2.17
CA LEU JA 173 59.47 -103.57 -2.52
C LEU JA 173 59.80 -105.05 -2.38
N GLU JA 174 59.34 -105.83 -3.35
CA GLU JA 174 59.58 -107.26 -3.34
C GLU JA 174 59.30 -107.83 -4.73
N TYR JA 175 59.72 -109.07 -4.92
CA TYR JA 175 59.45 -109.77 -6.18
C TYR JA 175 57.96 -110.06 -6.29
N SER JA 176 57.46 -110.02 -7.52
CA SER JA 176 56.06 -110.35 -7.76
C SER JA 176 55.84 -110.60 -9.23
N GLU JA 177 54.61 -110.97 -9.57
CA GLU JA 177 54.19 -111.16 -10.95
C GLU JA 177 53.07 -110.21 -11.35
N THR JA 178 52.00 -110.15 -10.57
CA THR JA 178 50.82 -109.42 -10.96
C THR JA 178 50.53 -108.29 -9.97
N PRO JA 179 50.47 -107.06 -10.42
CA PRO JA 179 50.00 -105.96 -9.58
C PRO JA 179 48.48 -106.02 -9.41
N TRP JA 180 48.00 -105.27 -8.42
CA TRP JA 180 46.58 -105.27 -8.08
C TRP JA 180 45.99 -103.90 -8.35
N VAL JA 181 44.67 -103.85 -8.43
CA VAL JA 181 43.91 -102.60 -8.42
C VAL JA 181 42.70 -102.81 -7.52
N VAL JA 182 42.67 -102.11 -6.40
CA VAL JA 182 41.69 -102.36 -5.36
C VAL JA 182 40.75 -101.15 -5.32
N VAL JA 183 39.57 -101.31 -5.90
CA VAL JA 183 38.59 -100.23 -6.00
C VAL JA 183 37.50 -100.45 -4.97
N HIS JA 184 37.32 -99.48 -4.08
CA HIS JA 184 36.27 -99.53 -3.07
C HIS JA 184 35.02 -98.87 -3.61
N CYS JA 185 33.92 -99.08 -2.90
CA CYS JA 185 32.63 -98.49 -3.24
C CYS JA 185 31.99 -97.97 -1.97
N LEU JA 186 31.02 -97.07 -2.14
CA LEU JA 186 30.43 -96.37 -1.00
C LEU JA 186 29.66 -97.30 -0.08
N ASP JA 187 29.45 -98.56 -0.46
CA ASP JA 187 28.89 -99.55 0.45
C ASP JA 187 29.96 -100.18 1.33
N GLY JA 188 31.21 -100.16 0.88
CA GLY JA 188 32.25 -100.97 1.46
C GLY JA 188 32.61 -102.19 0.66
N THR JA 189 32.29 -102.21 -0.64
CA THR JA 189 32.48 -103.40 -1.47
C THR JA 189 33.72 -103.20 -2.34
N HIS JA 190 34.87 -103.52 -1.77
CA HIS JA 190 36.11 -103.51 -2.53
C HIS JA 190 36.14 -104.70 -3.47
N LYS JA 191 36.63 -104.47 -4.67
CA LYS JA 191 36.61 -105.49 -5.72
C LYS JA 191 38.03 -105.78 -6.21
N LEU JA 192 38.12 -106.68 -7.17
CA LEU JA 192 39.37 -107.23 -7.65
C LEU JA 192 39.63 -106.75 -9.08
N ILE JA 193 40.83 -106.22 -9.31
CA ILE JA 193 41.26 -105.98 -10.68
C ILE JA 193 42.70 -106.47 -10.82
N PRO JA 194 42.91 -107.61 -11.46
CA PRO JA 194 44.28 -108.06 -11.70
C PRO JA 194 44.86 -107.46 -12.97
N VAL JA 195 46.02 -106.81 -12.86
CA VAL JA 195 46.66 -106.19 -14.01
C VAL JA 195 47.41 -107.29 -14.74
N LYS JA 196 46.71 -107.95 -15.68
CA LYS JA 196 47.31 -109.00 -16.50
C LYS JA 196 47.33 -108.53 -17.95
N PRO JA 197 48.37 -107.81 -18.37
CA PRO JA 197 48.47 -107.43 -19.78
C PRO JA 197 48.93 -108.60 -20.62
N GLN JA 198 48.29 -108.74 -21.78
CA GLN JA 198 48.66 -109.82 -22.69
C GLN JA 198 50.04 -109.55 -23.28
N ALA JA 199 50.69 -110.61 -23.76
CA ALA JA 199 52.11 -110.56 -24.04
C ALA JA 199 52.46 -109.50 -25.08
N GLY JA 200 51.76 -109.50 -26.21
CA GLY JA 200 52.10 -108.63 -27.32
C GLY JA 200 51.63 -107.19 -27.23
N GLN JA 201 51.25 -106.73 -26.04
CA GLN JA 201 50.77 -105.38 -25.86
C GLN JA 201 51.91 -104.42 -25.57
N THR JA 202 51.61 -103.13 -25.62
CA THR JA 202 52.54 -102.06 -25.34
C THR JA 202 52.14 -101.35 -24.05
N VAL JA 203 53.05 -100.51 -23.54
CA VAL JA 203 52.74 -99.80 -22.30
C VAL JA 203 51.63 -98.80 -22.51
N LYS JA 204 51.45 -98.32 -23.74
CA LYS JA 204 50.35 -97.41 -24.03
C LYS JA 204 49.03 -98.17 -24.15
N GLU JA 205 48.97 -99.13 -25.07
CA GLU JA 205 47.78 -99.96 -25.20
C GLU JA 205 47.51 -100.74 -23.93
N GLY JA 206 48.55 -101.08 -23.18
CA GLY JA 206 48.35 -101.85 -21.96
C GLY JA 206 47.43 -101.15 -20.98
N ALA JA 207 47.61 -99.84 -20.82
CA ALA JA 207 46.81 -99.10 -19.85
C ALA JA 207 45.35 -99.00 -20.29
N GLU JA 208 45.11 -98.74 -21.57
CA GLU JA 208 43.75 -98.60 -22.06
C GLU JA 208 42.94 -99.88 -21.83
N GLU JA 209 43.56 -101.04 -22.06
CA GLU JA 209 42.90 -102.28 -21.67
C GLU JA 209 42.77 -102.38 -20.15
N VAL JA 210 43.77 -101.90 -19.42
CA VAL JA 210 43.77 -102.04 -17.97
C VAL JA 210 42.85 -101.01 -17.33
N LEU JA 211 42.82 -99.79 -17.87
CA LEU JA 211 41.95 -98.77 -17.32
C LEU JA 211 40.49 -99.07 -17.62
N ASN JA 212 40.19 -99.52 -18.84
CA ASN JA 212 38.81 -99.83 -19.19
C ASN JA 212 38.25 -100.92 -18.30
N GLY JA 213 39.05 -101.92 -17.97
CA GLY JA 213 38.61 -102.97 -17.08
C GLY JA 213 38.13 -102.46 -15.73
N ILE JA 214 38.53 -101.25 -15.36
CA ILE JA 214 38.10 -100.63 -14.11
C ILE JA 214 36.93 -99.69 -14.38
N VAL JA 215 37.16 -98.69 -15.25
CA VAL JA 215 36.20 -97.61 -15.42
C VAL JA 215 34.86 -98.13 -15.90
N SER JA 216 34.86 -99.20 -16.68
CA SER JA 216 33.61 -99.79 -17.17
C SER JA 216 33.25 -101.06 -16.43
N ALA JA 217 34.12 -102.06 -16.46
CA ALA JA 217 33.74 -103.38 -15.99
C ALA JA 217 33.63 -103.43 -14.47
N CYS JA 218 34.35 -102.58 -13.76
CA CYS JA 218 34.39 -102.70 -12.31
C CYS JA 218 33.72 -101.55 -11.58
N ASN JA 219 33.53 -100.41 -12.23
CA ASN JA 219 32.92 -99.25 -11.59
C ASN JA 219 31.46 -99.08 -11.97
N GLU JA 220 31.13 -99.24 -13.26
CA GLU JA 220 29.73 -99.21 -13.66
C GLU JA 220 28.94 -100.34 -13.03
N ILE JA 221 29.59 -101.39 -12.52
CA ILE JA 221 28.90 -102.44 -11.80
C ILE JA 221 28.75 -102.11 -10.32
N GLY JA 222 29.20 -100.94 -9.89
CA GLY JA 222 28.82 -100.42 -8.60
C GLY JA 222 27.46 -99.78 -8.58
N SER JA 223 26.73 -99.89 -9.70
CA SER JA 223 25.33 -99.49 -9.79
C SER JA 223 24.39 -100.57 -9.32
N ALA JA 224 24.90 -101.60 -8.65
CA ALA JA 224 24.10 -102.64 -8.03
C ALA JA 224 24.07 -102.48 -6.51
N VAL JA 225 24.04 -101.23 -6.03
CA VAL JA 225 24.05 -100.97 -4.60
C VAL JA 225 22.77 -101.49 -3.97
N LYS JA 226 22.84 -101.78 -2.67
CA LYS JA 226 21.68 -102.31 -1.96
C LYS JA 226 20.64 -101.21 -1.74
N ASN JA 227 20.99 -100.20 -0.97
CA ASN JA 227 20.08 -99.10 -0.63
C ASN JA 227 20.54 -97.85 -1.35
N PRO JA 228 20.01 -97.57 -2.54
CA PRO JA 228 20.53 -96.47 -3.35
C PRO JA 228 20.36 -95.09 -2.74
N LYS JA 229 19.80 -94.97 -1.54
CA LYS JA 229 19.73 -93.68 -0.86
C LYS JA 229 20.80 -93.54 0.22
N GLU JA 230 20.86 -94.49 1.16
CA GLU JA 230 21.88 -94.42 2.20
C GLU JA 230 23.26 -94.31 1.59
N VAL JA 231 23.51 -95.04 0.50
CA VAL JA 231 24.80 -94.91 -0.17
C VAL JA 231 24.90 -93.64 -0.98
N MET JA 232 23.88 -92.79 -0.95
CA MET JA 232 23.97 -91.48 -1.67
C MET JA 232 24.23 -90.34 -0.69
N ARG JA 233 23.52 -90.31 0.42
CA ARG JA 233 23.73 -89.27 1.42
C ARG JA 233 25.19 -89.16 1.81
N LEU JA 234 25.94 -90.26 1.72
CA LEU JA 234 27.38 -90.19 1.93
C LEU JA 234 28.05 -89.38 0.83
N LEU JA 235 27.65 -89.58 -0.42
CA LEU JA 235 28.21 -88.78 -1.50
C LEU JA 235 27.95 -87.30 -1.26
N SER JA 236 26.76 -86.94 -0.80
CA SER JA 236 26.48 -85.56 -0.41
C SER JA 236 27.04 -85.24 0.97
N GLU JA 237 27.86 -86.13 1.52
CA GLU JA 237 28.61 -85.88 2.75
C GLU JA 237 30.11 -86.06 2.58
N ARG JA 238 30.56 -86.83 1.59
CA ARG JA 238 31.95 -87.13 1.30
C ARG JA 238 32.74 -85.85 1.05
N PRO JA 239 33.58 -85.43 1.99
CA PRO JA 239 34.36 -84.20 1.77
C PRO JA 239 35.38 -84.39 0.65
N LEU JA 240 35.68 -83.29 -0.03
CA LEU JA 240 36.53 -83.36 -1.23
C LEU JA 240 37.91 -83.87 -0.89
N GLN JA 241 38.26 -85.03 -1.46
CA GLN JA 241 39.52 -85.69 -1.18
C GLN JA 241 40.68 -85.17 -2.00
N ASN JA 242 40.43 -84.54 -3.13
CA ASN JA 242 41.48 -84.15 -4.07
C ASN JA 242 42.08 -82.79 -3.75
N GLN JA 243 42.08 -82.39 -2.48
CA GLN JA 243 42.75 -81.15 -2.10
C GLN JA 243 44.26 -81.27 -2.22
N TYR JA 244 44.83 -82.40 -1.76
CA TYR JA 244 46.28 -82.52 -1.66
C TYR JA 244 46.98 -82.35 -2.99
N VAL JA 245 46.27 -82.49 -4.11
CA VAL JA 245 46.95 -82.45 -5.40
C VAL JA 245 47.37 -81.03 -5.71
N ARG JA 246 48.41 -80.90 -6.53
CA ARG JA 246 48.95 -79.61 -6.95
C ARG JA 246 48.66 -79.42 -8.42
N VAL JA 247 47.79 -78.48 -8.73
CA VAL JA 247 47.48 -78.14 -10.11
C VAL JA 247 48.08 -76.77 -10.38
N ASN JA 248 48.87 -76.68 -11.44
CA ASN JA 248 49.42 -75.40 -11.88
C ASN JA 248 48.52 -74.91 -13.01
N TYR JA 249 47.56 -74.07 -12.65
CA TYR JA 249 46.58 -73.61 -13.64
C TYR JA 249 47.26 -72.65 -14.59
N GLN JA 250 48.13 -73.16 -15.44
CA GLN JA 250 48.91 -72.34 -16.34
C GLN JA 250 48.01 -71.57 -17.28
N TRP JA 251 48.19 -70.25 -17.33
CA TRP JA 251 47.47 -69.34 -18.23
C TRP JA 251 45.99 -69.66 -18.29
N TYR JA 252 45.43 -70.21 -17.21
CA TYR JA 252 44.03 -70.60 -17.19
C TYR JA 252 43.20 -69.85 -16.17
N GLY JA 253 43.80 -69.35 -15.09
CA GLY JA 253 43.08 -68.44 -14.22
C GLY JA 253 43.27 -68.55 -12.73
N ASP JA 254 43.48 -69.77 -12.23
CA ASP JA 254 43.73 -70.08 -10.82
C ASP JA 254 42.52 -69.85 -9.92
N THR JA 255 41.40 -69.38 -10.45
CA THR JA 255 40.16 -69.25 -9.70
C THR JA 255 39.01 -69.81 -10.53
N PRO JA 256 38.12 -70.59 -9.93
CA PRO JA 256 37.10 -71.31 -10.72
C PRO JA 256 36.32 -70.44 -11.68
N GLU JA 257 36.05 -69.19 -11.33
CA GLU JA 257 35.24 -68.35 -12.21
C GLU JA 257 36.07 -67.74 -13.33
N GLU JA 258 37.22 -67.16 -12.99
CA GLU JA 258 38.08 -66.59 -14.02
C GLU JA 258 38.62 -67.65 -14.96
N ARG JA 259 38.59 -68.92 -14.54
CA ARG JA 259 38.91 -69.99 -15.48
C ARG JA 259 37.81 -70.14 -16.50
N MET JA 260 36.54 -70.12 -16.06
CA MET JA 260 35.44 -70.16 -17.01
C MET JA 260 35.45 -68.91 -17.89
N SER JA 261 35.14 -67.75 -17.32
CA SER JA 261 35.41 -66.45 -17.94
C SER JA 261 34.79 -66.31 -19.33
N HIS JA 262 34.14 -67.37 -19.80
CA HIS JA 262 33.50 -67.39 -21.10
C HIS JA 262 32.15 -68.08 -21.02
N LEU JA 263 31.62 -68.22 -19.80
CA LEU JA 263 30.36 -68.89 -19.56
C LEU JA 263 29.57 -68.09 -18.54
N VAL JA 264 28.39 -67.63 -18.93
CA VAL JA 264 27.42 -67.17 -17.95
C VAL JA 264 27.11 -68.32 -17.00
N LYS JA 265 26.86 -68.00 -15.73
CA LYS JA 265 26.85 -69.02 -14.69
C LYS JA 265 25.48 -69.30 -14.11
N TRP JA 266 24.81 -68.30 -13.53
CA TRP JA 266 23.60 -68.53 -12.73
C TRP JA 266 23.79 -69.69 -11.75
N ASP JA 267 25.01 -69.86 -11.27
CA ASP JA 267 25.27 -70.86 -10.20
C ASP JA 267 25.40 -70.09 -8.90
N TYR JA 268 25.35 -68.77 -8.98
CA TYR JA 268 25.58 -67.95 -7.79
C TYR JA 268 24.46 -68.14 -6.77
N GLU JA 269 24.79 -67.98 -5.49
CA GLU JA 269 23.75 -68.02 -4.44
C GLU JA 269 23.52 -66.58 -4.05
N PRO JA 270 22.28 -66.06 -4.06
CA PRO JA 270 22.05 -64.64 -4.19
C PRO JA 270 22.72 -63.92 -3.01
N GLU JA 271 22.71 -64.53 -1.83
CA GLU JA 271 23.28 -63.88 -0.61
C GLU JA 271 24.77 -63.60 -0.82
N GLU JA 272 25.48 -64.53 -1.44
CA GLU JA 272 26.95 -64.42 -1.61
C GLU JA 272 27.27 -63.21 -2.48
N VAL JA 273 26.52 -62.95 -3.55
CA VAL JA 273 26.88 -61.87 -4.50
C VAL JA 273 26.82 -60.48 -3.87
N VAL JA 274 26.11 -60.29 -2.76
CA VAL JA 274 25.93 -58.92 -2.18
C VAL JA 274 27.31 -58.37 -1.83
N PRO JA 275 27.62 -57.09 -2.09
CA PRO JA 275 28.96 -56.57 -1.86
C PRO JA 275 29.49 -56.52 -0.42
N GLN JA 276 28.72 -55.93 0.48
CA GLN JA 276 29.00 -55.66 1.90
C GLN JA 276 30.37 -55.02 2.10
N LEU JA 277 30.55 -53.81 1.57
CA LEU JA 277 31.81 -53.08 1.67
C LEU JA 277 31.64 -51.71 2.29
N ARG JA 278 30.58 -51.51 3.07
CA ARG JA 278 30.38 -50.33 3.91
C ARG JA 278 30.03 -49.08 3.12
N ASN JA 279 30.26 -49.09 1.83
CA ASN JA 279 29.70 -48.03 0.98
C ASN JA 279 29.31 -48.61 -0.36
N ARG JA 280 28.72 -49.80 -0.36
CA ARG JA 280 28.27 -50.42 -1.60
C ARG JA 280 27.32 -49.47 -2.31
N THR JA 281 27.10 -49.70 -3.60
CA THR JA 281 26.37 -48.79 -4.49
C THR JA 281 27.04 -47.44 -4.60
N GLN JA 282 28.16 -47.24 -3.91
CA GLN JA 282 29.02 -46.10 -4.13
C GLN JA 282 30.37 -46.49 -4.71
N HIS JA 283 30.90 -47.64 -4.31
CA HIS JA 283 32.00 -48.25 -5.05
C HIS JA 283 31.48 -48.95 -6.28
N VAL JA 284 30.37 -49.69 -6.14
CA VAL JA 284 29.81 -50.45 -7.25
C VAL JA 284 29.56 -49.54 -8.45
N LEU JA 285 29.13 -48.30 -8.20
CA LEU JA 285 28.94 -47.39 -9.32
C LEU JA 285 30.27 -46.99 -9.94
N ASP JA 286 31.35 -47.02 -9.17
CA ASP JA 286 32.65 -46.67 -9.72
C ASP JA 286 33.23 -47.79 -10.56
N TRP JA 287 33.08 -49.03 -10.09
CA TRP JA 287 33.62 -50.16 -10.83
C TRP JA 287 33.01 -50.26 -12.22
N MET JA 288 31.69 -50.40 -12.29
CA MET JA 288 31.05 -50.48 -13.59
C MET JA 288 30.86 -49.12 -14.23
N ASN JA 289 31.37 -48.07 -13.61
CA ASN JA 289 31.40 -46.73 -14.19
C ASN JA 289 30.02 -46.32 -14.67
N TYR JA 290 29.13 -46.15 -13.70
CA TYR JA 290 27.76 -45.78 -13.95
C TYR JA 290 27.38 -44.70 -12.96
N ASP JA 291 26.64 -43.69 -13.42
CA ASP JA 291 26.32 -42.59 -12.52
C ASP JA 291 25.18 -42.97 -11.58
N GLY JA 292 24.11 -43.51 -12.11
CA GLY JA 292 22.98 -43.89 -11.28
C GLY JA 292 21.96 -42.80 -11.17
N ASN JA 293 21.64 -42.17 -12.29
CA ASN JA 293 20.65 -41.10 -12.36
C ASN JA 293 21.02 -39.91 -11.49
N LEU JA 294 22.21 -39.88 -10.93
CA LEU JA 294 22.60 -38.85 -10.00
C LEU JA 294 22.92 -37.55 -10.74
N PRO JA 295 22.88 -36.43 -10.05
CA PRO JA 295 23.20 -35.16 -10.70
C PRO JA 295 24.67 -34.82 -10.57
N THR JA 296 25.20 -34.20 -11.61
CA THR JA 296 26.59 -33.79 -11.60
C THR JA 296 26.82 -32.75 -10.51
N HIS JA 297 27.95 -32.88 -9.82
CA HIS JA 297 28.36 -31.90 -8.83
C HIS JA 297 28.45 -30.52 -9.47
N ASN JA 298 28.20 -29.49 -8.67
CA ASN JA 298 28.34 -28.12 -9.17
C ASN JA 298 29.74 -27.83 -9.64
N SER JA 299 30.74 -28.56 -9.15
CA SER JA 299 32.11 -28.37 -9.58
C SER JA 299 32.31 -28.65 -11.06
N VAL JA 300 31.34 -29.31 -11.72
CA VAL JA 300 31.54 -29.67 -13.11
C VAL JA 300 31.28 -28.48 -14.02
N ARG JA 301 30.18 -27.75 -13.81
CA ARG JA 301 29.94 -26.57 -14.63
C ARG JA 301 30.96 -25.50 -14.34
N VAL JA 302 31.52 -25.50 -13.13
CA VAL JA 302 32.58 -24.56 -12.79
C VAL JA 302 33.81 -24.82 -13.64
N ASN JA 303 34.07 -26.08 -13.96
CA ASN JA 303 35.25 -26.42 -14.75
C ASN JA 303 34.98 -26.24 -16.23
N ILE JA 304 33.80 -26.64 -16.69
CA ILE JA 304 33.45 -26.44 -18.10
C ILE JA 304 33.49 -24.96 -18.44
N HIS JA 305 32.98 -24.11 -17.55
CA HIS JA 305 33.12 -22.67 -17.72
C HIS JA 305 34.59 -22.27 -17.85
N ARG JA 306 35.49 -23.05 -17.25
CA ARG JA 306 36.90 -22.73 -17.26
C ARG JA 306 37.64 -23.39 -18.42
N GLU JA 307 37.08 -24.43 -19.02
CA GLU JA 307 37.64 -25.03 -20.22
C GLU JA 307 37.10 -24.39 -21.49
N ALA JA 308 36.70 -23.13 -21.42
CA ALA JA 308 36.21 -22.40 -22.59
C ALA JA 308 37.32 -21.54 -23.16
N ALA JA 309 37.53 -21.66 -24.47
CA ALA JA 309 38.54 -20.90 -25.20
C ALA JA 309 39.90 -20.94 -24.52
N SER KA 2 -64.62 -5.85 -9.62
CA SER KA 2 -66.04 -6.12 -9.81
C SER KA 2 -66.90 -5.10 -9.09
N ARG KA 3 -67.08 -3.94 -9.70
CA ARG KA 3 -67.83 -2.84 -9.11
C ARG KA 3 -69.31 -2.99 -9.42
N ASN KA 4 -70.15 -2.68 -8.44
CA ASN KA 4 -71.61 -2.65 -8.58
C ASN KA 4 -72.14 -3.89 -9.30
N GLY KA 5 -71.54 -5.03 -9.02
CA GLY KA 5 -71.94 -6.25 -9.70
C GLY KA 5 -71.64 -6.29 -11.17
N GLU KA 6 -70.78 -5.40 -11.67
CA GLU KA 6 -70.35 -5.42 -13.05
C GLU KA 6 -68.85 -5.64 -13.08
N LEU KA 7 -68.42 -6.69 -13.75
CA LEU KA 7 -67.02 -7.06 -13.77
C LEU KA 7 -66.19 -5.96 -14.43
N CYS KA 8 -65.16 -5.49 -13.72
CA CYS KA 8 -64.23 -4.53 -14.28
C CYS KA 8 -63.36 -5.12 -15.36
N LEU KA 9 -63.39 -6.43 -15.57
CA LEU KA 9 -62.66 -7.08 -16.65
C LEU KA 9 -63.59 -7.31 -17.83
N GLN KA 10 -63.05 -7.20 -19.03
CA GLN KA 10 -63.82 -7.42 -20.25
C GLN KA 10 -63.34 -8.59 -21.07
N ARG KA 11 -62.02 -8.79 -21.18
CA ARG KA 11 -61.48 -9.82 -22.05
C ARG KA 11 -60.06 -10.13 -21.66
N ILE KA 12 -59.76 -11.41 -21.54
CA ILE KA 12 -58.40 -11.87 -21.31
C ILE KA 12 -57.81 -12.26 -22.66
N ILE KA 13 -56.73 -11.60 -23.04
CA ILE KA 13 -56.03 -11.94 -24.27
C ILE KA 13 -55.07 -13.08 -23.97
N VAL KA 14 -55.05 -14.08 -24.84
CA VAL KA 14 -54.19 -15.24 -24.67
C VAL KA 14 -53.48 -15.50 -25.99
N SER KA 15 -52.19 -15.77 -25.89
CA SER KA 15 -51.42 -16.23 -27.05
C SER KA 15 -50.86 -17.59 -26.69
N TYR KA 16 -50.91 -18.51 -27.64
CA TYR KA 16 -50.40 -19.85 -27.39
C TYR KA 16 -50.05 -20.51 -28.71
N SER KA 17 -49.42 -21.68 -28.60
CA SER KA 17 -49.02 -22.48 -29.74
C SER KA 17 -49.81 -23.77 -29.73
N PRO KA 18 -50.51 -24.13 -30.82
CA PRO KA 18 -51.29 -25.36 -30.80
C PRO KA 18 -50.45 -26.62 -30.84
N ASN KA 19 -49.15 -26.52 -31.17
CA ASN KA 19 -48.35 -27.72 -31.36
C ASN KA 19 -46.95 -27.67 -30.78
N LYS KA 20 -46.46 -26.52 -30.30
CA LYS KA 20 -45.00 -26.40 -30.17
C LYS KA 20 -44.46 -27.04 -28.89
N GLY KA 21 -44.81 -26.50 -27.74
CA GLY KA 21 -44.20 -27.00 -26.53
C GLY KA 21 -44.60 -26.18 -25.33
N ASN KA 22 -44.14 -26.63 -24.17
CA ASN KA 22 -44.55 -26.08 -22.88
C ASN KA 22 -46.07 -26.11 -22.80
N PRO KA 23 -46.65 -27.29 -22.58
CA PRO KA 23 -48.08 -27.46 -22.70
C PRO KA 23 -48.90 -26.90 -21.54
N ALA KA 24 -48.25 -26.27 -20.56
CA ALA KA 24 -48.98 -25.80 -19.40
C ALA KA 24 -50.02 -24.75 -19.74
N MET KA 25 -49.98 -24.19 -20.94
CA MET KA 25 -51.09 -23.37 -21.41
C MET KA 25 -52.15 -24.24 -22.07
N ARG KA 26 -51.73 -25.08 -23.01
CA ARG KA 26 -52.68 -25.99 -23.66
C ARG KA 26 -53.27 -26.95 -22.66
N GLN KA 27 -52.55 -27.27 -21.58
CA GLN KA 27 -53.13 -28.10 -20.55
C GLN KA 27 -54.17 -27.34 -19.74
N PHE KA 28 -53.94 -26.04 -19.55
CA PHE KA 28 -54.89 -25.19 -18.85
C PHE KA 28 -56.21 -25.13 -19.60
N MET KA 29 -56.15 -25.03 -20.93
CA MET KA 29 -57.35 -24.95 -21.76
C MET KA 29 -58.10 -26.26 -21.84
N ALA KA 30 -57.73 -27.26 -21.05
CA ALA KA 30 -58.42 -28.53 -21.04
C ALA KA 30 -59.26 -28.74 -19.79
N THR KA 31 -58.76 -28.30 -18.63
CA THR KA 31 -59.43 -28.52 -17.36
C THR KA 31 -59.91 -27.23 -16.72
N HIS KA 32 -59.01 -26.28 -16.46
CA HIS KA 32 -59.39 -25.11 -15.68
C HIS KA 32 -60.26 -24.16 -16.49
N LEU KA 33 -59.83 -23.81 -17.70
CA LEU KA 33 -60.55 -22.79 -18.49
C LEU KA 33 -62.03 -23.09 -18.67
N PRO KA 34 -62.48 -24.31 -18.98
CA PRO KA 34 -63.92 -24.56 -18.96
C PRO KA 34 -64.57 -24.22 -17.64
N GLU KA 35 -63.89 -24.44 -16.52
CA GLU KA 35 -64.49 -24.14 -15.22
C GLU KA 35 -64.50 -22.65 -14.94
N PHE KA 36 -63.36 -21.97 -15.19
CA PHE KA 36 -63.29 -20.54 -14.94
C PHE KA 36 -64.27 -19.78 -15.81
N HIS KA 37 -64.55 -20.28 -17.01
CA HIS KA 37 -65.53 -19.63 -17.86
C HIS KA 37 -66.93 -19.73 -17.29
N ARG KA 38 -67.22 -20.79 -16.54
CA ARG KA 38 -68.56 -20.96 -16.00
C ARG KA 38 -68.89 -19.89 -14.96
N GLN KA 39 -67.92 -19.54 -14.12
CA GLN KA 39 -68.17 -18.52 -13.11
C GLN KA 39 -68.38 -17.16 -13.73
N TYR KA 40 -67.46 -16.74 -14.60
CA TYR KA 40 -67.46 -15.42 -15.21
C TYR KA 40 -67.59 -15.60 -16.73
N PRO KA 41 -68.80 -15.68 -17.25
CA PRO KA 41 -68.95 -15.86 -18.70
C PRO KA 41 -68.75 -14.57 -19.47
N GLN KA 42 -69.17 -13.45 -18.86
CA GLN KA 42 -69.04 -12.15 -19.52
C GLN KA 42 -67.60 -11.82 -19.87
N VAL KA 43 -66.63 -12.49 -19.24
CA VAL KA 43 -65.24 -12.32 -19.62
C VAL KA 43 -65.01 -13.01 -20.96
N LYS KA 44 -64.44 -12.28 -21.91
CA LYS KA 44 -64.35 -12.74 -23.30
C LYS KA 44 -62.91 -13.16 -23.56
N ILE KA 45 -62.63 -14.44 -23.35
CA ILE KA 45 -61.27 -14.94 -23.43
C ILE KA 45 -60.80 -15.02 -24.87
N ASP KA 46 -60.05 -14.02 -25.32
CA ASP KA 46 -59.55 -13.96 -26.68
C ASP KA 46 -58.29 -14.81 -26.75
N ILE KA 47 -58.44 -16.05 -27.18
CA ILE KA 47 -57.30 -16.95 -27.34
C ILE KA 47 -56.83 -16.89 -28.78
N ARG KA 48 -55.52 -16.68 -28.95
CA ARG KA 48 -54.92 -16.55 -30.26
C ARG KA 48 -53.94 -17.69 -30.46
N PRO KA 49 -54.03 -18.43 -31.54
CA PRO KA 49 -52.96 -19.37 -31.88
C PRO KA 49 -51.94 -18.72 -32.78
N ARG KA 50 -50.66 -18.98 -32.54
CA ARG KA 50 -49.62 -18.41 -33.38
C ARG KA 50 -48.32 -19.14 -33.12
N GLN KA 51 -47.44 -19.11 -34.13
CA GLN KA 51 -46.23 -19.93 -34.11
C GLN KA 51 -45.35 -19.59 -32.92
N TRP KA 52 -45.00 -18.33 -32.79
CA TRP KA 52 -44.00 -17.87 -31.82
C TRP KA 52 -44.67 -17.19 -30.65
N PRO KA 53 -45.18 -17.95 -29.70
CA PRO KA 53 -46.21 -17.44 -28.78
C PRO KA 53 -45.60 -16.63 -27.66
N GLU KA 54 -46.04 -15.38 -27.54
CA GLU KA 54 -45.64 -14.55 -26.41
C GLU KA 54 -46.11 -15.21 -25.14
N SER KA 55 -45.25 -15.32 -24.16
CA SER KA 55 -45.67 -15.86 -22.88
C SER KA 55 -46.15 -14.73 -22.00
N SER KA 56 -47.41 -14.34 -22.15
CA SER KA 56 -48.00 -13.33 -21.27
C SER KA 56 -49.50 -13.41 -21.37
N ILE KA 57 -50.17 -13.55 -20.25
CA ILE KA 57 -51.60 -13.40 -20.19
C ILE KA 57 -51.91 -11.92 -20.00
N THR KA 58 -53.01 -11.46 -20.60
CA THR KA 58 -53.28 -10.03 -20.64
C THR KA 58 -54.77 -9.78 -20.59
N GLY KA 59 -55.19 -8.91 -19.69
CA GLY KA 59 -56.61 -8.62 -19.48
C GLY KA 59 -56.89 -7.18 -19.82
N ILE KA 60 -58.06 -6.94 -20.39
CA ILE KA 60 -58.45 -5.61 -20.86
C ILE KA 60 -59.65 -5.15 -20.07
N TYR KA 61 -59.46 -4.13 -19.25
CA TYR KA 61 -60.50 -3.68 -18.34
C TYR KA 61 -61.36 -2.63 -19.02
N ARG KA 62 -62.55 -2.41 -18.49
CA ARG KA 62 -63.55 -1.66 -19.25
C ARG KA 62 -63.34 -0.16 -19.20
N ASP KA 63 -62.17 0.29 -18.77
CA ASP KA 63 -61.80 1.69 -18.86
C ASP KA 63 -60.60 1.93 -19.77
N GLY KA 64 -60.23 0.94 -20.57
CA GLY KA 64 -59.05 1.00 -21.40
C GLY KA 64 -57.79 0.45 -20.77
N SER KA 65 -57.77 0.30 -19.45
CA SER KA 65 -56.58 -0.19 -18.80
C SER KA 65 -56.34 -1.65 -19.13
N GLU KA 66 -55.15 -2.13 -18.80
CA GLU KA 66 -54.74 -3.48 -19.11
C GLU KA 66 -53.78 -3.97 -18.04
N LYS KA 67 -53.32 -5.20 -18.21
CA LYS KA 67 -52.27 -5.75 -17.37
C LYS KA 67 -51.74 -7.01 -18.01
N ALA KA 68 -50.48 -7.31 -17.75
CA ALA KA 68 -49.86 -8.52 -18.26
C ALA KA 68 -49.32 -9.34 -17.09
N TYR KA 69 -49.14 -10.63 -17.32
CA TYR KA 69 -48.72 -11.55 -16.29
C TYR KA 69 -47.87 -12.63 -16.97
N SER KA 70 -46.56 -12.47 -16.93
CA SER KA 70 -45.70 -13.39 -17.66
C SER KA 70 -45.90 -14.82 -17.16
N ILE KA 71 -46.14 -15.73 -18.10
CA ILE KA 71 -46.36 -17.13 -17.76
C ILE KA 71 -45.30 -18.00 -18.39
N ARG KA 72 -44.14 -17.43 -18.66
CA ARG KA 72 -43.04 -18.23 -19.19
C ARG KA 72 -42.56 -19.23 -18.14
N PHE KA 73 -42.47 -20.49 -18.52
CA PHE KA 73 -42.12 -21.58 -17.62
C PHE KA 73 -43.16 -21.78 -16.53
N LEU KA 74 -44.35 -21.22 -16.67
CA LEU KA 74 -45.36 -21.27 -15.63
C LEU KA 74 -46.27 -22.46 -15.87
N SER KA 75 -46.45 -23.27 -14.83
CA SER KA 75 -47.30 -24.46 -14.92
C SER KA 75 -48.76 -24.07 -15.09
N SER KA 76 -49.58 -25.08 -15.39
CA SER KA 76 -50.99 -24.81 -15.65
C SER KA 76 -51.68 -24.26 -14.41
N MET KA 77 -51.39 -24.82 -13.24
CA MET KA 77 -52.02 -24.33 -12.03
C MET KA 77 -51.66 -22.87 -11.77
N GLY KA 78 -50.46 -22.46 -12.12
CA GLY KA 78 -50.06 -21.09 -11.96
C GLY KA 78 -50.49 -20.16 -13.06
N ILE KA 79 -51.19 -20.68 -14.05
CA ILE KA 79 -51.81 -19.80 -15.05
C ILE KA 79 -53.24 -19.47 -14.65
N ASN KA 80 -53.98 -20.48 -14.22
CA ASN KA 80 -55.32 -20.26 -13.70
C ASN KA 80 -55.31 -19.29 -12.54
N VAL KA 81 -54.39 -19.47 -11.59
CA VAL KA 81 -54.26 -18.51 -10.49
C VAL KA 81 -54.04 -17.11 -11.04
N ARG KA 82 -53.20 -16.98 -12.06
CA ARG KA 82 -53.03 -15.68 -12.70
C ARG KA 82 -54.24 -15.31 -13.52
N PHE KA 83 -54.97 -16.30 -14.03
CA PHE KA 83 -56.24 -16.01 -14.70
C PHE KA 83 -57.21 -15.36 -13.74
N HIS KA 84 -57.39 -15.97 -12.57
CA HIS KA 84 -58.34 -15.46 -11.59
C HIS KA 84 -57.91 -14.14 -10.98
N ARG KA 85 -56.71 -13.66 -11.26
CA ARG KA 85 -56.24 -12.43 -10.64
C ARG KA 85 -56.34 -11.24 -11.56
N LEU KA 86 -56.73 -11.43 -12.82
CA LEU KA 86 -57.06 -10.31 -13.67
C LEU KA 86 -58.53 -9.93 -13.51
N VAL KA 87 -59.40 -10.91 -13.31
CA VAL KA 87 -60.81 -10.63 -13.09
C VAL KA 87 -61.02 -9.93 -11.75
N ASN KA 88 -60.15 -10.18 -10.78
CA ASN KA 88 -60.35 -9.62 -9.43
C ASN KA 88 -60.09 -8.13 -9.39
N GLU KA 89 -58.86 -7.71 -9.64
CA GLU KA 89 -58.50 -6.31 -9.49
C GLU KA 89 -59.28 -5.45 -10.46
N GLY KA 90 -59.25 -4.15 -10.23
CA GLY KA 90 -59.94 -3.21 -11.10
C GLY KA 90 -59.00 -2.33 -11.88
N ASN KA 91 -57.70 -2.43 -11.58
CA ASN KA 91 -56.66 -1.69 -12.30
C ASN KA 91 -56.95 -0.19 -12.29
N ASP KA 92 -57.14 0.35 -11.10
CA ASP KA 92 -57.48 1.76 -10.95
C ASP KA 92 -56.51 2.55 -10.10
N TYR KA 93 -55.81 1.92 -9.15
CA TYR KA 93 -54.92 2.65 -8.28
C TYR KA 93 -53.82 1.74 -7.75
N ASN KA 94 -52.59 2.23 -7.79
CA ASN KA 94 -51.43 1.55 -7.24
C ASN KA 94 -51.14 2.19 -5.89
N HIS KA 95 -51.87 1.76 -4.87
CA HIS KA 95 -51.80 2.37 -3.55
C HIS KA 95 -51.01 1.47 -2.61
N SER KA 96 -50.13 2.09 -1.83
CA SER KA 96 -49.37 1.36 -0.83
C SER KA 96 -50.23 1.18 0.42
N PHE KA 97 -50.35 -0.05 0.87
CA PHE KA 97 -51.21 -0.36 2.01
C PHE KA 97 -50.53 0.12 3.29
N SER KA 98 -50.63 1.43 3.51
CA SER KA 98 -50.10 2.08 4.69
C SER KA 98 -51.26 2.46 5.60
N ALA KA 99 -50.93 3.01 6.76
CA ALA KA 99 -51.97 3.42 7.68
C ALA KA 99 -52.67 4.71 7.25
N SER KA 100 -52.11 5.42 6.26
CA SER KA 100 -52.77 6.60 5.73
C SER KA 100 -53.77 6.25 4.64
N HIS KA 101 -53.45 5.26 3.82
CA HIS KA 101 -54.31 4.83 2.73
C HIS KA 101 -55.14 3.61 3.07
N LEU KA 102 -55.60 3.49 4.31
CA LEU KA 102 -56.60 2.48 4.62
C LEU KA 102 -57.96 2.86 4.09
N HIS KA 103 -58.26 4.15 4.06
CA HIS KA 103 -59.52 4.67 3.56
C HIS KA 103 -59.24 5.45 2.28
N LEU KA 104 -59.86 5.02 1.18
CA LEU KA 104 -59.64 5.70 -0.09
C LEU KA 104 -60.45 6.98 -0.20
N GLN KA 105 -61.58 7.07 0.52
CA GLN KA 105 -62.33 8.31 0.62
C GLN KA 105 -62.57 8.62 2.09
N ARG KA 106 -62.17 9.81 2.51
CA ARG KA 106 -62.33 10.26 3.89
C ARG KA 106 -63.48 11.26 3.93
N ARG KA 107 -64.65 10.79 4.32
CA ARG KA 107 -65.81 11.65 4.49
C ARG KA 107 -66.20 11.67 5.95
N SER KA 108 -66.07 12.82 6.59
CA SER KA 108 -66.46 13.00 7.98
C SER KA 108 -67.91 13.45 8.02
N VAL KA 109 -68.75 12.70 8.73
CA VAL KA 109 -70.17 12.98 8.68
C VAL KA 109 -70.54 14.11 9.63
N GLN KA 110 -69.80 14.28 10.72
CA GLN KA 110 -70.10 15.29 11.73
C GLN KA 110 -69.32 16.57 11.52
N GLY KA 111 -68.80 16.79 10.31
CA GLY KA 111 -68.01 17.98 10.09
C GLY KA 111 -66.64 17.85 10.72
N THR KA 112 -65.62 18.41 10.09
CA THR KA 112 -64.28 18.27 10.61
C THR KA 112 -64.10 19.13 11.86
N TRP KA 113 -63.00 18.88 12.56
CA TRP KA 113 -62.59 19.80 13.62
C TRP KA 113 -62.06 21.07 12.99
N ASN KA 114 -62.59 22.21 13.42
CA ASN KA 114 -62.15 23.51 12.97
C ASN KA 114 -61.88 24.37 14.18
N PRO KA 115 -61.01 25.38 14.05
CA PRO KA 115 -60.59 26.13 15.24
C PRO KA 115 -61.72 26.66 16.09
N TYR KA 116 -62.81 27.08 15.46
CA TYR KA 116 -63.87 27.78 16.14
C TYR KA 116 -64.88 26.84 16.78
N LEU KA 117 -64.55 25.55 16.89
CA LEU KA 117 -65.53 24.61 17.43
C LEU KA 117 -65.54 24.66 18.95
N TRP KA 118 -64.42 24.32 19.58
CA TRP KA 118 -64.30 24.34 21.03
C TRP KA 118 -63.56 25.56 21.52
N ASN KA 119 -63.57 26.64 20.74
CA ASN KA 119 -62.78 27.81 21.10
C ASN KA 119 -63.39 28.60 22.24
N TYR KA 120 -64.71 28.66 22.31
CA TYR KA 120 -65.40 29.49 23.29
C TYR KA 120 -65.89 28.69 24.47
N GLU KA 121 -65.37 27.48 24.66
CA GLU KA 121 -65.62 26.72 25.86
C GLU KA 121 -64.75 27.26 26.99
N GLY KA 122 -64.90 26.70 28.18
CA GLY KA 122 -64.10 27.10 29.30
C GLY KA 122 -64.28 26.15 30.45
N THR KA 123 -63.30 26.15 31.34
CA THR KA 123 -63.30 25.24 32.47
C THR KA 123 -64.42 25.61 33.45
N ARG KA 124 -64.98 24.59 34.10
CA ARG KA 124 -66.15 24.77 34.93
C ARG KA 124 -66.12 23.75 36.07
N ALA KA 125 -66.95 23.99 37.08
CA ALA KA 125 -67.04 23.13 38.25
C ALA KA 125 -68.17 22.12 38.07
N ARG KA 126 -68.48 21.38 39.13
CA ARG KA 126 -69.47 20.30 39.05
C ARG KA 126 -70.67 20.49 39.97
N HIS KA 127 -70.53 21.22 41.06
CA HIS KA 127 -71.65 21.68 41.87
C HIS KA 127 -71.30 23.06 42.40
N LYS KA 128 -72.27 23.97 42.35
CA LYS KA 128 -71.99 25.40 42.30
C LYS KA 128 -70.94 25.80 43.34
N PRO KA 129 -69.99 26.66 42.97
CA PRO KA 129 -68.93 27.01 43.88
C PRO KA 129 -69.31 28.22 44.71
N PRO KA 130 -68.51 28.58 45.70
CA PRO KA 130 -68.70 29.88 46.33
C PRO KA 130 -67.88 30.92 45.61
N ALA KA 131 -68.40 32.12 45.39
CA ALA KA 131 -67.54 33.25 45.07
C ALA KA 131 -66.90 33.69 46.37
N GLN KA 132 -66.28 32.71 47.03
CA GLN KA 132 -65.92 32.82 48.43
C GLN KA 132 -65.04 34.03 48.70
N TRP KA 133 -64.49 34.64 47.65
CA TRP KA 133 -63.89 35.93 47.87
C TRP KA 133 -64.96 36.93 48.26
N SER KA 134 -65.88 37.22 47.34
CA SER KA 134 -66.78 38.37 47.46
C SER KA 134 -68.22 37.90 47.42
N ARG KA 135 -68.71 37.45 48.55
CA ARG KA 135 -70.07 36.94 48.67
C ARG KA 135 -70.67 37.43 49.97
N LYS KA 136 -71.89 37.93 49.90
CA LYS KA 136 -72.57 38.31 51.13
C LYS KA 136 -72.79 37.08 51.98
N LEU KA 137 -72.22 37.06 53.18
CA LEU KA 137 -72.27 35.88 54.01
C LEU KA 137 -73.70 35.62 54.47
N THR KA 138 -73.95 34.38 54.86
CA THR KA 138 -75.15 34.03 55.60
C THR KA 138 -74.89 34.16 57.09
N GLU KA 139 -75.92 34.56 57.83
CA GLU KA 139 -75.76 34.86 59.25
C GLU KA 139 -75.07 33.74 60.00
N LYS KA 140 -75.17 32.50 59.54
CA LYS KA 140 -74.44 31.42 60.17
C LYS KA 140 -72.96 31.46 59.80
N GLU KA 141 -72.65 31.77 58.53
CA GLU KA 141 -71.25 31.90 58.12
C GLU KA 141 -70.52 32.90 58.98
N TRP KA 142 -71.10 34.09 59.17
CA TRP KA 142 -70.49 35.11 60.01
C TRP KA 142 -70.06 34.52 61.34
N ASP KA 143 -70.95 33.77 61.98
CA ASP KA 143 -70.62 33.19 63.26
C ASP KA 143 -69.53 32.14 63.15
N TYR KA 144 -69.36 31.54 61.97
CA TYR KA 144 -68.36 30.51 61.85
C TYR KA 144 -66.97 31.10 61.72
N TYR KA 145 -66.77 31.98 60.74
CA TYR KA 145 -65.42 32.48 60.46
C TYR KA 145 -64.88 33.27 61.64
N VAL KA 146 -65.65 34.25 62.13
CA VAL KA 146 -65.21 35.01 63.29
C VAL KA 146 -65.03 34.14 64.52
N GLN KA 147 -65.54 32.91 64.49
CA GLN KA 147 -65.16 31.94 65.50
C GLN KA 147 -63.82 31.31 65.15
N GLN KA 148 -63.57 31.07 63.87
CA GLN KA 148 -62.26 30.57 63.44
C GLN KA 148 -61.21 31.65 63.56
N TYR KA 149 -61.41 32.76 62.84
CA TYR KA 149 -60.52 33.91 62.96
C TYR KA 149 -60.37 34.32 64.42
N GLY KA 150 -61.46 34.28 65.19
CA GLY KA 150 -61.33 34.48 66.61
C GLY KA 150 -60.34 33.51 67.23
N ALA KA 151 -60.61 32.20 67.08
CA ALA KA 151 -59.73 31.19 67.63
C ALA KA 151 -58.30 31.30 67.14
N GLN KA 152 -58.07 32.03 66.04
CA GLN KA 152 -56.72 32.28 65.57
C GLN KA 152 -56.09 33.44 66.33
N MET KA 153 -56.76 34.58 66.37
CA MET KA 153 -56.29 35.71 67.16
C MET KA 153 -56.07 35.31 68.61
N LYS KA 154 -56.94 34.45 69.14
CA LYS KA 154 -56.78 33.98 70.51
C LYS KA 154 -55.45 33.28 70.71
N ALA KA 155 -54.91 32.68 69.65
CA ALA KA 155 -53.67 31.93 69.76
C ALA KA 155 -52.45 32.84 69.65
N GLU KA 156 -52.43 33.76 68.68
CA GLU KA 156 -51.30 34.66 68.52
C GLU KA 156 -51.09 35.49 69.77
N GLU KA 157 -52.06 36.35 70.10
CA GLU KA 157 -51.89 37.25 71.22
C GLU KA 157 -51.80 36.51 72.54
N ASP KA 158 -52.09 35.22 72.54
CA ASP KA 158 -51.83 34.40 73.73
C ASP KA 158 -50.34 34.21 73.92
N THR KA 159 -49.64 33.79 72.87
CA THR KA 159 -48.23 33.43 73.03
C THR KA 159 -47.31 34.64 72.93
N ILE KA 160 -47.79 35.76 72.41
CA ILE KA 160 -46.98 36.99 72.44
C ILE KA 160 -46.73 37.39 73.89
N ALA KA 161 -47.76 37.32 74.72
CA ALA KA 161 -47.58 37.61 76.14
C ALA KA 161 -46.73 36.53 76.83
N ASP KA 162 -46.98 35.26 76.51
CA ASP KA 162 -46.24 34.17 77.14
C ASP KA 162 -44.74 34.33 77.01
N ARG KA 163 -44.27 34.98 75.94
CA ARG KA 163 -42.83 35.18 75.80
C ARG KA 163 -42.29 36.07 76.90
N VAL KA 164 -43.10 37.01 77.39
CA VAL KA 164 -42.60 37.94 78.39
C VAL KA 164 -43.00 37.55 79.82
N ARG KA 165 -44.16 36.92 80.00
CA ARG KA 165 -44.64 36.62 81.35
C ARG KA 165 -44.04 35.34 81.90
N ARG KA 166 -44.03 34.26 81.10
CA ARG KA 166 -43.33 33.05 81.48
C ARG KA 166 -41.87 33.34 81.84
N TYR KA 167 -41.35 34.49 81.40
CA TYR KA 167 -40.02 34.90 81.80
C TYR KA 167 -39.95 35.31 83.27
N THR KA 168 -41.05 35.74 83.87
CA THR KA 168 -41.10 36.06 85.29
C THR KA 168 -42.45 35.61 85.87
N ASP KA 169 -42.83 34.39 85.57
CA ASP KA 169 -44.06 33.83 86.13
C ASP KA 169 -43.75 33.12 87.45
N VAL LA 48 -32.02 6.65 25.06
CA VAL LA 48 -33.35 6.16 24.74
C VAL LA 48 -33.59 6.20 23.24
N TYR LA 49 -33.53 5.03 22.60
CA TYR LA 49 -33.90 4.92 21.19
C TYR LA 49 -33.05 5.81 20.28
N SER LA 50 -31.79 5.42 20.04
CA SER LA 50 -30.87 6.23 19.25
C SER LA 50 -30.54 7.53 19.97
N SER LA 51 -29.71 7.42 21.01
CA SER LA 51 -29.36 8.47 21.95
C SER LA 51 -28.85 9.77 21.32
N LYS LA 52 -28.71 9.82 20.00
CA LYS LA 52 -28.27 11.03 19.32
C LYS LA 52 -28.98 12.27 19.87
N LYS LA 53 -30.30 12.35 19.69
CA LYS LA 53 -31.16 13.30 20.37
C LYS LA 53 -32.59 12.97 19.98
N ASP LA 54 -33.53 13.32 20.84
CA ASP LA 54 -34.92 12.92 20.69
C ASP LA 54 -35.73 14.15 20.31
N ARG LA 55 -36.03 14.29 19.03
CA ARG LA 55 -36.81 15.41 18.52
C ARG LA 55 -38.23 15.03 18.13
N THR LA 56 -38.65 13.80 18.45
CA THR LA 56 -40.01 13.41 18.19
C THR LA 56 -40.95 14.10 19.17
N PHE LA 57 -42.06 14.63 18.65
CA PHE LA 57 -42.92 15.51 19.42
C PHE LA 57 -43.41 14.82 20.68
N LYS LA 58 -43.08 15.40 21.82
CA LYS LA 58 -43.50 14.84 23.10
C LYS LA 58 -44.86 15.38 23.50
N VAL LA 59 -45.49 14.68 24.42
CA VAL LA 59 -46.82 15.06 24.91
C VAL LA 59 -46.66 16.14 25.96
N MET LA 60 -47.60 17.08 25.95
CA MET LA 60 -47.60 18.16 26.92
C MET LA 60 -48.26 17.71 28.21
N PRO LA 61 -47.79 18.16 29.37
CA PRO LA 61 -48.42 17.76 30.63
C PRO LA 61 -49.87 18.18 30.70
N VAL LA 62 -50.61 17.53 31.61
CA VAL LA 62 -52.06 17.66 31.70
C VAL LA 62 -52.45 19.00 32.31
N PRO LA 63 -53.49 19.64 31.80
CA PRO LA 63 -53.94 20.90 32.37
C PRO LA 63 -54.40 20.72 33.80
N PRO LA 64 -54.51 21.82 34.57
CA PRO LA 64 -54.90 21.70 35.97
C PRO LA 64 -56.40 21.44 36.09
N PRO LA 65 -56.79 20.53 36.98
CA PRO LA 65 -58.21 20.22 37.15
C PRO LA 65 -58.97 21.42 37.69
N PRO LA 66 -60.30 21.41 37.56
CA PRO LA 66 -61.08 22.52 38.09
C PRO LA 66 -61.17 22.44 39.60
N PRO LA 67 -61.62 23.50 40.27
CA PRO LA 67 -61.71 23.47 41.73
C PRO LA 67 -62.64 22.38 42.21
N ALA LA 68 -62.37 21.89 43.42
CA ALA LA 68 -63.11 20.77 43.98
C ALA LA 68 -64.56 21.15 44.26
N THR LA 69 -64.76 22.13 45.14
CA THR LA 69 -66.03 22.76 45.50
C THR LA 69 -67.14 21.76 45.86
N THR LA 70 -66.79 20.51 46.12
CA THR LA 70 -67.83 19.54 46.43
C THR LA 70 -67.50 18.58 47.56
N ALA LA 71 -66.23 18.33 47.88
CA ALA LA 71 -65.85 17.45 48.98
C ALA LA 71 -66.49 16.06 48.86
N VAL LA 72 -66.55 15.54 47.63
CA VAL LA 72 -67.03 14.18 47.39
C VAL LA 72 -65.84 13.34 46.96
N GLU LA 73 -64.68 13.65 47.54
CA GLU LA 73 -63.40 13.03 47.21
C GLU LA 73 -62.92 13.45 45.83
N GLN LA 74 -63.18 14.70 45.46
CA GLN LA 74 -62.75 15.25 44.18
C GLN LA 74 -61.23 15.43 44.15
N ARG LA 75 -60.54 14.82 45.11
CA ARG LA 75 -59.10 15.03 45.25
C ARG LA 75 -58.27 13.87 44.73
N ASP LA 76 -58.75 12.64 44.91
CA ASP LA 76 -57.91 11.45 44.80
C ASP LA 76 -57.65 11.07 43.34
N ASP LA 77 -56.62 10.26 43.17
CA ASP LA 77 -56.22 9.70 41.87
C ASP LA 77 -56.14 8.19 41.88
N PHE LA 78 -55.68 7.59 42.97
CA PHE LA 78 -55.77 6.13 43.14
C PHE LA 78 -57.06 5.76 43.85
N ALA LA 79 -58.18 6.29 43.36
CA ALA LA 79 -59.49 6.01 43.90
C ALA LA 79 -60.40 5.55 42.78
N ASP LA 80 -61.13 4.47 43.01
CA ASP LA 80 -61.89 3.84 41.95
C ASP LA 80 -63.20 4.56 41.63
N ASN LA 81 -63.59 5.56 42.41
CA ASN LA 81 -64.86 6.21 42.14
C ASN LA 81 -64.84 7.12 40.91
N ARG LA 82 -63.73 7.20 40.19
CA ARG LA 82 -63.62 8.08 39.03
C ARG LA 82 -62.30 7.83 38.33
N GLY LA 83 -62.27 8.15 37.04
CA GLY LA 83 -61.04 8.13 36.29
C GLY LA 83 -60.23 9.38 36.51
N LEU LA 84 -59.02 9.38 35.94
CA LEU LA 84 -58.10 10.50 36.17
C LEU LA 84 -58.60 11.76 35.48
N SER LA 85 -59.00 11.65 34.23
CA SER LA 85 -59.38 12.82 33.45
C SER LA 85 -60.54 13.55 34.11
N ALA LA 86 -60.44 14.88 34.13
CA ALA LA 86 -61.46 15.74 34.75
C ALA LA 86 -61.82 16.82 33.75
N THR LA 87 -62.75 16.51 32.85
CA THR LA 87 -63.22 17.46 31.86
C THR LA 87 -64.61 17.94 32.27
N THR LA 88 -64.69 19.21 32.63
CA THR LA 88 -65.98 19.84 32.96
C THR LA 88 -65.92 21.21 32.31
N ARG LA 89 -66.42 21.29 31.08
CA ARG LA 89 -66.28 22.49 30.29
C ARG LA 89 -67.58 23.29 30.28
N THR LA 90 -67.61 24.33 29.44
CA THR LA 90 -68.79 25.19 29.36
C THR LA 90 -70.02 24.41 28.94
N LEU LA 91 -69.90 23.61 27.89
CA LEU LA 91 -70.99 22.83 27.34
C LEU LA 91 -70.77 21.34 27.49
N SER LA 92 -70.28 20.94 28.65
CA SER LA 92 -70.24 19.54 29.03
C SER LA 92 -71.60 18.95 29.40
N PRO LA 93 -72.54 19.70 30.01
CA PRO LA 93 -73.80 19.06 30.40
C PRO LA 93 -74.73 18.80 29.22
N THR LA 94 -74.36 19.20 28.01
CA THR LA 94 -75.18 18.85 26.85
C THR LA 94 -74.85 17.46 26.34
N PHE LA 95 -73.67 16.95 26.64
CA PHE LA 95 -73.30 15.57 26.29
C PHE LA 95 -73.89 14.65 27.35
N ARG LA 96 -75.15 14.26 27.16
CA ARG LA 96 -75.86 13.42 28.10
C ARG LA 96 -75.88 11.99 27.60
N MET LA 97 -75.72 11.04 28.51
CA MET LA 97 -75.51 9.65 28.14
C MET LA 97 -76.64 8.77 28.67
N PHE LA 98 -76.99 7.77 27.87
CA PHE LA 98 -78.03 6.81 28.20
C PHE LA 98 -77.41 5.43 28.16
N ALA LA 99 -77.67 4.64 29.19
CA ALA LA 99 -77.04 3.33 29.32
C ALA LA 99 -77.76 2.33 28.42
N LEU LA 100 -77.08 1.88 27.37
CA LEU LA 100 -77.63 0.83 26.53
C LEU LA 100 -77.69 -0.49 27.32
N GLU LA 101 -78.25 -1.51 26.69
CA GLU LA 101 -78.39 -2.79 27.37
C GLU LA 101 -77.16 -3.68 27.16
N ASP LA 102 -76.49 -3.55 26.01
CA ASP LA 102 -75.31 -4.35 25.75
C ASP LA 102 -74.23 -4.11 26.79
N GLY LA 103 -73.99 -2.84 27.12
CA GLY LA 103 -72.91 -2.47 28.00
C GLY LA 103 -72.33 -1.13 27.58
N GLY LA 104 -72.66 -0.71 26.36
CA GLY LA 104 -72.26 0.59 25.88
C GLY LA 104 -73.24 1.67 26.26
N VAL LA 105 -72.88 2.91 25.96
CA VAL LA 105 -73.71 4.06 26.28
C VAL LA 105 -74.04 4.81 25.00
N LEU LA 106 -75.26 5.34 24.92
CA LEU LA 106 -75.70 6.13 23.78
C LEU LA 106 -75.65 7.59 24.18
N VAL LA 107 -74.48 8.19 24.01
CA VAL LA 107 -74.33 9.62 24.28
C VAL LA 107 -75.12 10.39 23.25
N SER LA 108 -75.97 11.29 23.71
CA SER LA 108 -76.68 12.22 22.85
C SER LA 108 -76.04 13.59 23.00
N HIS LA 109 -75.54 14.13 21.91
CA HIS LA 109 -74.79 15.37 21.89
C HIS LA 109 -75.41 16.32 20.89
N PRO LA 110 -75.10 17.61 21.00
CA PRO LA 110 -75.64 18.56 20.01
C PRO LA 110 -74.84 18.50 18.73
N SER LA 111 -75.51 18.79 17.63
CA SER LA 111 -74.89 18.60 16.33
C SER LA 111 -73.85 19.68 16.08
N HIS LA 112 -72.96 19.39 15.12
CA HIS LA 112 -71.91 20.32 14.76
C HIS LA 112 -72.49 21.63 14.26
N ALA LA 113 -73.66 21.58 13.64
CA ALA LA 113 -74.30 22.82 13.18
C ALA LA 113 -75.02 23.55 14.30
N GLN LA 114 -74.87 23.10 15.54
CA GLN LA 114 -75.48 23.78 16.69
C GLN LA 114 -74.46 24.42 17.59
N ILE LA 115 -73.34 23.74 17.84
CA ILE LA 115 -72.28 24.36 18.61
C ILE LA 115 -71.58 25.44 17.80
N MET LA 116 -71.68 25.38 16.47
CA MET LA 116 -71.30 26.52 15.67
C MET LA 116 -72.34 27.61 15.72
N ARG LA 117 -73.55 27.31 16.20
CA ARG LA 117 -74.52 28.35 16.47
C ARG LA 117 -74.34 28.91 17.87
N TRP LA 118 -74.23 28.03 18.85
CA TRP LA 118 -73.96 28.48 20.22
C TRP LA 118 -72.74 29.37 20.26
N ASN LA 119 -71.68 28.99 19.56
CA ASN LA 119 -70.45 29.77 19.59
C ASN LA 119 -70.66 31.14 18.96
N GLN LA 120 -71.29 31.17 17.78
CA GLN LA 120 -71.52 32.45 17.11
C GLN LA 120 -72.37 33.37 17.96
N ARG LA 121 -73.36 32.81 18.66
CA ARG LA 121 -74.10 33.61 19.62
C ARG LA 121 -73.16 34.21 20.65
N VAL LA 122 -72.37 33.36 21.31
CA VAL LA 122 -71.43 33.83 22.33
C VAL LA 122 -70.45 34.83 21.73
N HIS LA 123 -69.91 34.52 20.55
CA HIS LA 123 -68.88 35.35 19.97
C HIS LA 123 -69.41 36.70 19.52
N THR LA 124 -70.68 36.77 19.12
CA THR LA 124 -71.20 38.01 18.57
C THR LA 124 -71.76 38.91 19.67
N GLU LA 125 -72.48 38.34 20.64
CA GLU LA 125 -72.95 39.15 21.75
C GLU LA 125 -71.90 39.36 22.80
N GLU LA 126 -70.63 39.19 22.44
CA GLU LA 126 -69.55 39.77 23.23
C GLU LA 126 -69.86 41.22 23.54
N GLY LA 127 -70.05 42.02 22.50
CA GLY LA 127 -70.73 43.29 22.65
C GLY LA 127 -71.81 43.42 21.60
N LYS LA 128 -73.07 43.40 22.03
CA LYS LA 128 -74.16 43.59 21.09
C LYS LA 128 -74.28 45.03 20.62
N ALA LA 129 -73.60 45.96 21.30
CA ALA LA 129 -73.46 47.33 20.85
C ALA LA 129 -72.05 47.86 21.07
N ALA LA 130 -71.09 46.97 21.30
CA ALA LA 130 -69.74 47.37 21.68
C ALA LA 130 -68.79 47.27 20.49
N ASN LA 131 -67.50 47.44 20.76
CA ASN LA 131 -66.49 47.55 19.73
C ASN LA 131 -66.48 46.33 18.82
N SER LA 132 -65.96 46.53 17.61
CA SER LA 132 -65.87 45.49 16.59
C SER LA 132 -64.43 45.38 16.10
N THR LA 133 -63.91 44.17 16.06
CA THR LA 133 -62.53 43.94 15.68
C THR LA 133 -62.47 43.33 14.29
N VAL LA 134 -61.45 43.73 13.52
CA VAL LA 134 -61.22 43.09 12.23
C VAL LA 134 -61.13 41.58 12.39
N MET LA 135 -60.39 41.14 13.41
CA MET LA 135 -60.32 39.72 13.71
C MET LA 135 -61.68 39.18 14.15
N ASP LA 136 -62.51 40.04 14.76
CA ASP LA 136 -63.83 39.60 15.20
C ASP LA 136 -64.73 39.31 14.01
N GLU LA 137 -64.87 40.28 13.10
CA GLU LA 137 -65.75 40.12 11.96
C GLU LA 137 -65.33 38.91 11.12
N TYR LA 138 -64.06 38.82 10.78
CA TYR LA 138 -63.58 37.72 9.96
C TYR LA 138 -63.81 36.37 10.62
N VAL LA 139 -63.95 36.31 11.95
CA VAL LA 139 -64.23 35.05 12.59
C VAL LA 139 -65.71 34.72 12.52
N ASN LA 140 -66.56 35.66 12.90
CA ASN LA 140 -67.99 35.40 12.82
C ASN LA 140 -68.51 35.45 11.42
N SER LA 141 -67.67 35.83 10.46
CA SER LA 141 -67.99 35.62 9.06
C SER LA 141 -67.77 34.18 8.64
N ARG LA 142 -66.89 33.47 9.32
CA ARG LA 142 -66.67 32.07 9.04
C ARG LA 142 -67.56 31.17 9.87
N ILE LA 143 -67.85 31.55 11.12
CA ILE LA 143 -68.72 30.72 11.94
C ILE LA 143 -70.08 30.56 11.29
N GLN LA 144 -70.56 31.57 10.58
CA GLN LA 144 -71.76 31.39 9.79
C GLN LA 144 -71.50 30.47 8.61
N ALA LA 145 -70.36 30.64 7.93
CA ALA LA 145 -70.02 29.76 6.83
C ALA LA 145 -69.76 28.34 7.31
N ILE LA 146 -69.42 28.17 8.58
CA ILE LA 146 -69.29 26.83 9.12
C ILE LA 146 -70.64 26.30 9.56
N ILE LA 147 -71.53 27.20 10.00
CA ILE LA 147 -72.86 26.80 10.44
C ILE LA 147 -73.60 26.07 9.33
N ALA LA 148 -73.38 26.46 8.08
CA ALA LA 148 -74.10 25.91 6.94
C ALA LA 148 -73.16 25.12 6.05
N ASP LA 149 -73.27 23.79 6.11
CA ASP LA 149 -72.60 22.90 5.15
C ASP LA 149 -71.09 23.10 5.14
N ASN LA 150 -70.43 22.59 6.17
CA ASN LA 150 -69.07 22.95 6.54
C ASN LA 150 -67.97 22.23 5.76
N THR LA 151 -68.27 21.73 4.55
CA THR LA 151 -67.21 21.30 3.65
C THR LA 151 -66.33 22.49 3.29
N ILE LA 152 -65.02 22.33 3.42
CA ILE LA 152 -64.16 23.51 3.45
C ILE LA 152 -63.74 23.91 2.04
N GLU LA 153 -64.70 24.43 1.28
CA GLU LA 153 -64.51 25.38 0.19
C GLU LA 153 -63.56 24.88 -0.91
N ASN LA 154 -62.69 23.95 -0.55
CA ASN LA 154 -61.81 23.24 -1.47
C ASN LA 154 -60.85 24.15 -2.24
N THR LA 155 -61.03 25.47 -2.18
CA THR LA 155 -60.16 26.31 -2.99
C THR LA 155 -59.35 27.34 -2.23
N SER LA 156 -60.02 28.24 -1.51
CA SER LA 156 -59.35 29.34 -0.81
C SER LA 156 -60.43 30.19 -0.16
N LEU LA 157 -60.00 31.16 0.63
CA LEU LA 157 -60.92 32.04 1.34
C LEU LA 157 -60.84 33.48 0.88
N SER LA 158 -59.86 33.82 0.04
CA SER LA 158 -59.68 35.20 -0.37
C SER LA 158 -59.60 35.36 -1.88
N GLN LA 159 -59.77 34.29 -2.64
CA GLN LA 159 -59.76 34.42 -4.10
C GLN LA 159 -60.91 35.27 -4.60
N TRP LA 160 -61.98 35.38 -3.82
CA TRP LA 160 -63.11 36.20 -4.22
C TRP LA 160 -62.79 37.68 -4.14
N ARG LA 161 -62.34 38.14 -2.97
CA ARG LA 161 -61.96 39.53 -2.81
C ARG LA 161 -60.90 39.92 -3.83
N LYS LA 162 -59.85 39.11 -3.94
CA LYS LA 162 -58.73 39.45 -4.80
C LYS LA 162 -59.17 39.78 -6.22
N ALA LA 163 -60.27 39.18 -6.67
CA ALA LA 163 -60.76 39.40 -8.02
C ALA LA 163 -61.84 40.47 -8.10
N HIS LA 164 -62.46 40.84 -6.98
CA HIS LA 164 -63.53 41.82 -6.98
C HIS LA 164 -63.12 43.14 -6.36
N MET LA 165 -61.84 43.47 -6.42
CA MET LA 165 -61.36 44.74 -5.88
C MET LA 165 -61.32 45.83 -6.93
N TRP LA 166 -62.09 45.71 -8.00
CA TRP LA 166 -62.18 46.79 -8.98
C TRP LA 166 -63.46 47.61 -8.84
N ASN LA 167 -64.52 47.03 -8.29
CA ASN LA 167 -65.67 47.82 -7.86
C ASN LA 167 -65.49 48.33 -6.45
N VAL LA 168 -64.61 47.71 -5.68
CA VAL LA 168 -64.19 48.30 -4.41
C VAL LA 168 -63.38 49.56 -4.67
N ILE LA 169 -62.32 49.43 -5.45
CA ILE LA 169 -61.36 50.50 -5.69
C ILE LA 169 -61.81 51.38 -6.84
N LYS LA 170 -61.65 52.69 -6.68
CA LYS LA 170 -61.89 53.65 -7.75
C LYS LA 170 -60.55 54.03 -8.38
N SER LA 171 -60.41 53.79 -9.67
CA SER LA 171 -59.12 53.77 -10.34
C SER LA 171 -59.16 54.49 -11.68
N HIS LA 172 -59.61 55.75 -11.69
CA HIS LA 172 -59.59 56.54 -12.92
C HIS LA 172 -60.49 55.95 -14.00
N GLY LA 173 -61.80 56.12 -13.84
CA GLY LA 173 -62.83 55.42 -14.59
C GLY LA 173 -62.60 55.14 -16.07
N LYS LA 174 -61.73 55.91 -16.74
CA LYS LA 174 -61.30 55.50 -18.07
C LYS LA 174 -60.67 54.11 -18.03
N LEU LA 175 -60.02 53.77 -16.92
CA LEU LA 175 -59.57 52.42 -16.63
C LEU LA 175 -60.31 51.94 -15.39
N GLN LA 176 -61.53 51.47 -15.59
CA GLN LA 176 -62.40 51.05 -14.51
C GLN LA 176 -62.80 49.61 -14.77
N ARG LA 177 -63.79 49.13 -14.04
CA ARG LA 177 -64.39 47.85 -14.38
C ARG LA 177 -65.86 47.93 -13.99
N ARG LA 178 -66.69 48.30 -14.96
CA ARG LA 178 -68.13 48.28 -14.79
C ARG LA 178 -68.64 46.93 -15.26
N TRP LA 179 -69.51 46.33 -14.45
CA TRP LA 179 -70.06 45.01 -14.78
C TRP LA 179 -70.50 44.95 -16.23
N GLY LA 180 -71.32 45.90 -16.64
CA GLY LA 180 -71.65 46.07 -18.03
C GLY LA 180 -70.67 47.02 -18.69
N THR LA 181 -69.68 46.48 -19.35
CA THR LA 181 -68.68 47.29 -20.03
C THR LA 181 -69.36 48.14 -21.10
N PRO LA 182 -69.32 49.48 -21.01
CA PRO LA 182 -69.94 50.32 -22.03
C PRO LA 182 -69.20 50.26 -23.36
N TYR MA 23 -75.46 -9.52 11.33
CA TYR MA 23 -75.48 -8.41 12.27
C TYR MA 23 -74.30 -8.52 13.21
N SER MA 24 -74.00 -7.42 13.90
CA SER MA 24 -72.84 -7.37 14.77
C SER MA 24 -72.94 -8.41 15.89
N GLU MA 25 -71.83 -8.57 16.60
CA GLU MA 25 -71.74 -9.58 17.62
C GLU MA 25 -70.91 -9.03 18.77
N TYR MA 26 -71.13 -9.59 19.96
CA TYR MA 26 -70.29 -9.29 21.12
C TYR MA 26 -70.42 -10.49 22.05
N ARG MA 27 -69.41 -11.35 22.05
CA ARG MA 27 -69.45 -12.57 22.86
C ARG MA 27 -68.76 -12.38 24.20
N SER MA 28 -67.47 -12.03 24.17
CA SER MA 28 -66.68 -11.77 25.36
C SER MA 28 -66.55 -12.99 26.26
N SER MA 29 -67.05 -14.13 25.83
CA SER MA 29 -66.87 -15.39 26.57
C SER MA 29 -67.27 -16.54 25.66
N TYR MA 30 -67.15 -17.75 26.18
CA TYR MA 30 -67.54 -18.92 25.42
C TYR MA 30 -69.03 -19.17 25.52
N THR MA 31 -69.62 -18.86 26.67
CA THR MA 31 -71.04 -19.03 26.88
C THR MA 31 -71.78 -17.71 26.96
N GLY MA 32 -71.15 -16.61 26.55
CA GLY MA 32 -71.75 -15.29 26.70
C GLY MA 32 -72.10 -15.05 28.15
N ALA MA 33 -73.40 -15.04 28.45
CA ALA MA 33 -73.91 -14.99 29.82
C ALA MA 33 -73.29 -13.82 30.59
N ARG MA 34 -73.16 -12.68 29.92
CA ARG MA 34 -72.47 -11.55 30.50
C ARG MA 34 -73.21 -11.02 31.72
N SER MA 35 -72.47 -10.85 32.82
CA SER MA 35 -73.02 -10.16 33.97
C SER MA 35 -73.35 -8.72 33.60
N ALA MA 36 -74.64 -8.39 33.55
CA ALA MA 36 -75.06 -7.06 33.12
C ALA MA 36 -74.54 -6.01 34.09
N PRO MA 37 -74.05 -4.86 33.58
CA PRO MA 37 -73.40 -3.89 34.45
C PRO MA 37 -74.37 -2.99 35.20
N TRP MA 38 -75.47 -2.60 34.57
CA TRP MA 38 -76.38 -1.64 35.16
C TRP MA 38 -77.14 -2.28 36.31
N ALA MA 39 -76.98 -1.73 37.51
CA ALA MA 39 -77.56 -2.37 38.69
C ALA MA 39 -79.07 -2.23 38.73
N ALA MA 40 -79.56 -1.01 38.95
CA ALA MA 40 -80.98 -0.78 39.12
C ALA MA 40 -81.23 0.72 39.09
N PRO MA 41 -82.45 1.16 38.79
CA PRO MA 41 -82.69 2.59 38.57
C PRO MA 41 -82.22 3.54 39.67
N GLU MA 42 -81.77 3.04 40.82
CA GLU MA 42 -81.32 3.93 41.87
C GLU MA 42 -80.11 3.43 42.65
N ALA MA 43 -79.54 2.27 42.30
CA ALA MA 43 -78.55 1.65 43.16
C ALA MA 43 -77.18 2.30 42.98
N ALA MA 44 -76.20 1.80 43.71
CA ALA MA 44 -74.83 2.30 43.64
C ALA MA 44 -74.07 1.60 42.53
N PRO MA 45 -73.02 2.23 42.01
CA PRO MA 45 -72.37 1.71 40.79
C PRO MA 45 -71.35 0.59 41.00
N ALA MA 46 -70.63 0.57 42.12
CA ALA MA 46 -69.68 -0.51 42.43
C ALA MA 46 -68.57 -0.62 41.38
N TYR MA 47 -67.68 0.37 41.42
CA TYR MA 47 -66.51 0.40 40.54
C TYR MA 47 -65.47 -0.62 40.98
N PRO MA 48 -64.55 -1.01 40.08
CA PRO MA 48 -63.48 -1.94 40.45
C PRO MA 48 -62.25 -1.20 40.95
N SER MA 49 -61.59 -1.80 41.94
CA SER MA 49 -60.46 -1.14 42.60
C SER MA 49 -59.35 -0.87 41.60
N ALA MA 50 -58.96 0.41 41.48
CA ALA MA 50 -57.97 0.84 40.50
C ALA MA 50 -56.54 0.69 40.98
N ARG MA 51 -56.33 0.31 42.23
CA ARG MA 51 -54.97 0.14 42.74
C ARG MA 51 -54.40 -1.20 42.29
N SER MA 52 -53.26 -1.15 41.61
CA SER MA 52 -52.59 -2.38 41.20
C SER MA 52 -52.18 -3.18 42.43
N PRO MA 53 -52.32 -4.49 42.40
CA PRO MA 53 -52.05 -5.30 43.59
C PRO MA 53 -50.58 -5.33 43.97
N PHE MA 54 -50.09 -4.25 44.57
CA PHE MA 54 -48.71 -4.19 45.04
C PHE MA 54 -48.60 -4.78 46.43
N PRO MA 55 -47.62 -5.64 46.67
CA PRO MA 55 -47.63 -6.40 47.93
C PRO MA 55 -47.27 -5.57 49.15
N LEU MA 56 -46.49 -4.51 49.00
CA LEU MA 56 -45.93 -3.84 50.17
C LEU MA 56 -46.72 -2.59 50.58
N GLU MA 57 -47.51 -2.01 49.68
CA GLU MA 57 -48.54 -1.00 49.92
C GLU MA 57 -47.98 0.41 50.14
N ARG MA 58 -46.68 0.60 50.29
CA ARG MA 58 -46.22 1.95 50.57
C ARG MA 58 -46.15 2.82 49.31
N PRO MA 59 -45.63 2.34 48.18
CA PRO MA 59 -45.58 3.18 46.97
C PRO MA 59 -46.94 3.48 46.33
N ARG MA 60 -47.98 2.72 46.61
CA ARG MA 60 -49.36 3.14 46.33
C ARG MA 60 -49.56 3.51 44.85
N PHE MA 61 -49.51 2.49 44.01
CA PHE MA 61 -49.58 2.64 42.57
C PHE MA 61 -51.01 2.78 42.08
N ARG MA 62 -51.19 2.65 40.77
CA ARG MA 62 -52.49 2.69 40.12
C ARG MA 62 -52.35 1.99 38.77
N LYS MA 63 -53.32 1.15 38.43
CA LYS MA 63 -53.26 0.37 37.19
C LYS MA 63 -52.92 1.27 36.02
N THR MA 64 -52.11 0.76 35.10
CA THR MA 64 -51.54 1.59 34.05
C THR MA 64 -51.89 1.05 32.67
N HIS MA 65 -53.11 1.32 32.23
CA HIS MA 65 -53.51 1.28 30.82
C HIS MA 65 -53.16 -0.02 30.12
N ILE MA 66 -52.46 -0.89 30.81
CA ILE MA 66 -52.00 -2.16 30.26
C ILE MA 66 -52.20 -3.18 31.36
N GLU MA 67 -52.55 -2.68 32.54
CA GLU MA 67 -53.10 -3.52 33.60
C GLU MA 67 -54.62 -3.51 33.54
N TRP MA 68 -55.21 -2.38 33.20
CA TRP MA 68 -56.64 -2.36 32.88
C TRP MA 68 -56.94 -3.32 31.74
N MET MA 69 -56.08 -3.31 30.71
CA MET MA 69 -56.30 -4.21 29.58
C MET MA 69 -56.17 -5.66 29.97
N LEU MA 70 -55.29 -5.97 30.93
CA LEU MA 70 -55.24 -7.32 31.46
C LEU MA 70 -56.45 -7.62 32.32
N HIS MA 71 -56.86 -6.66 33.14
CA HIS MA 71 -58.00 -6.87 34.03
C HIS MA 71 -59.29 -7.08 33.24
N HIS MA 72 -59.41 -6.43 32.09
CA HIS MA 72 -60.66 -6.45 31.35
C HIS MA 72 -60.81 -7.64 30.43
N GLY MA 73 -60.03 -8.69 30.62
CA GLY MA 73 -60.21 -9.92 29.87
C GLY MA 73 -59.33 -10.08 28.65
N HIS MA 74 -58.73 -9.00 28.15
CA HIS MA 74 -57.73 -9.14 27.10
C HIS MA 74 -56.47 -9.74 27.70
N GLY MA 75 -55.44 -9.86 26.88
CA GLY MA 75 -54.12 -10.16 27.40
C GLY MA 75 -53.31 -8.88 27.42
N ASP MA 76 -52.00 -8.99 27.25
CA ASP MA 76 -51.13 -7.82 27.23
C ASP MA 76 -51.61 -6.81 26.21
N ARG MA 77 -51.62 -7.18 24.93
CA ARG MA 77 -52.21 -6.33 23.89
C ARG MA 77 -53.58 -6.87 23.53
N TYR MA 78 -54.50 -5.97 23.20
CA TYR MA 78 -55.88 -6.40 23.00
C TYR MA 78 -56.12 -7.13 21.70
N GLY MA 79 -55.09 -7.29 20.85
CA GLY MA 79 -55.22 -8.19 19.72
C GLY MA 79 -54.91 -9.62 20.10
N LYS MA 80 -55.16 -9.96 21.36
CA LYS MA 80 -54.80 -11.26 21.92
C LYS MA 80 -55.81 -11.66 23.00
N TYR MA 81 -56.26 -12.90 22.96
CA TYR MA 81 -57.04 -13.52 24.03
C TYR MA 81 -58.24 -12.67 24.43
N GLY MA 82 -58.95 -12.15 23.44
CA GLY MA 82 -60.09 -11.31 23.74
C GLY MA 82 -61.14 -11.30 22.67
N PRO MA 83 -62.11 -10.39 22.80
CA PRO MA 83 -63.12 -10.23 21.75
C PRO MA 83 -62.57 -9.72 20.44
N SER MA 84 -61.27 -9.50 20.31
CA SER MA 84 -60.70 -9.00 19.08
C SER MA 84 -60.26 -10.09 18.13
N ARG MA 85 -60.01 -11.30 18.62
CA ARG MA 85 -59.75 -12.42 17.73
C ARG MA 85 -60.95 -13.36 17.67
N GLU MA 86 -61.42 -13.79 18.84
CA GLU MA 86 -62.40 -14.87 18.91
C GLU MA 86 -63.69 -14.54 18.19
N ILE MA 87 -63.95 -13.28 17.91
CA ILE MA 87 -65.05 -12.91 17.04
C ILE MA 87 -64.53 -12.86 15.62
N ALA MA 88 -65.27 -13.44 14.69
CA ALA MA 88 -64.84 -13.41 13.30
C ALA MA 88 -64.74 -11.98 12.82
N ASP MA 89 -63.95 -11.79 11.78
CA ASP MA 89 -63.83 -10.44 11.21
C ASP MA 89 -65.05 -10.06 10.40
N PHE MA 90 -65.69 -11.03 9.75
CA PHE MA 90 -66.79 -10.73 8.85
C PHE MA 90 -67.72 -11.93 8.78
N GLU MA 91 -68.77 -11.79 7.98
CA GLU MA 91 -69.65 -12.89 7.61
C GLU MA 91 -70.43 -12.46 6.38
N TYR MA 92 -71.04 -13.42 5.72
CA TYR MA 92 -71.83 -13.11 4.53
C TYR MA 92 -73.18 -12.54 4.94
N ALA MA 93 -73.68 -11.62 4.12
CA ALA MA 93 -74.89 -10.88 4.48
C ALA MA 93 -76.04 -11.81 4.82
N ASP MA 94 -76.15 -12.93 4.11
CA ASP MA 94 -77.22 -13.87 4.40
C ASP MA 94 -77.07 -14.55 5.76
N GLY MA 95 -75.95 -14.34 6.45
CA GLY MA 95 -75.72 -14.95 7.73
C GLY MA 95 -74.79 -16.13 7.71
N THR MA 96 -74.20 -16.44 6.57
CA THR MA 96 -73.29 -17.58 6.48
C THR MA 96 -71.95 -17.22 7.09
N PRO MA 97 -71.43 -18.00 8.01
CA PRO MA 97 -70.12 -17.69 8.59
C PRO MA 97 -69.00 -17.83 7.58
N SER MA 98 -67.78 -17.57 8.02
CA SER MA 98 -66.60 -17.69 7.18
C SER MA 98 -65.71 -18.81 7.68
N SER MA 99 -65.11 -19.55 6.76
CA SER MA 99 -64.35 -20.73 7.11
C SER MA 99 -63.12 -20.37 7.95
N ILE MA 100 -62.48 -21.39 8.50
CA ILE MA 100 -61.29 -21.23 9.32
C ILE MA 100 -60.07 -21.00 8.44
N SER MA 101 -58.96 -20.61 9.04
CA SER MA 101 -57.73 -20.35 8.32
C SER MA 101 -56.57 -20.97 9.09
N GLY MA 102 -55.41 -20.99 8.45
CA GLY MA 102 -54.22 -21.50 9.11
C GLY MA 102 -53.97 -20.82 10.44
N LYS MA 103 -54.05 -19.49 10.45
CA LYS MA 103 -53.87 -18.75 11.69
C LYS MA 103 -55.13 -18.68 12.53
N ARG MA 104 -56.11 -19.55 12.27
CA ARG MA 104 -57.25 -19.73 13.15
C ARG MA 104 -57.22 -21.08 13.85
N PHE MA 105 -57.00 -22.16 13.09
CA PHE MA 105 -56.80 -23.46 13.71
C PHE MA 105 -55.60 -23.43 14.65
N ALA MA 106 -54.49 -22.84 14.20
CA ALA MA 106 -53.31 -22.71 15.04
C ALA MA 106 -53.61 -21.93 16.31
N LEU MA 107 -54.65 -21.10 16.30
CA LEU MA 107 -55.07 -20.46 17.53
C LEU MA 107 -55.84 -21.41 18.42
N LYS MA 108 -56.86 -22.07 17.87
CA LYS MA 108 -57.67 -22.97 18.68
C LYS MA 108 -56.83 -24.05 19.33
N HIS MA 109 -55.85 -24.57 18.60
CA HIS MA 109 -54.95 -25.55 19.19
C HIS MA 109 -54.13 -24.93 20.31
N HIS MA 110 -53.80 -23.66 20.18
CA HIS MA 110 -53.01 -23.01 21.23
C HIS MA 110 -53.84 -22.84 22.50
N GLN MA 111 -55.09 -22.41 22.35
CA GLN MA 111 -55.94 -22.25 23.52
C GLN MA 111 -56.27 -23.59 24.15
N ASP MA 112 -56.23 -24.67 23.37
CA ASP MA 112 -56.32 -26.01 23.94
C ASP MA 112 -55.00 -26.46 24.53
N HIS MA 113 -53.89 -25.91 24.05
CA HIS MA 113 -52.61 -26.17 24.71
C HIS MA 113 -52.56 -25.50 26.07
N LEU MA 114 -53.11 -24.29 26.17
CA LEU MA 114 -53.13 -23.59 27.46
C LEU MA 114 -54.03 -24.27 28.46
N LEU MA 115 -54.77 -25.30 28.07
CA LEU MA 115 -55.52 -26.14 28.99
C LEU MA 115 -54.81 -27.45 29.27
N VAL MA 116 -54.34 -28.12 28.24
CA VAL MA 116 -53.61 -29.37 28.44
C VAL MA 116 -52.34 -29.12 29.25
N GLN MA 117 -51.78 -27.92 29.13
CA GLN MA 117 -50.68 -27.54 30.02
C GLN MA 117 -51.13 -27.52 31.46
N LEU MA 118 -52.41 -27.22 31.70
CA LEU MA 118 -52.94 -27.04 33.05
C LEU MA 118 -53.53 -28.33 33.60
N ILE MA 119 -54.19 -29.12 32.76
CA ILE MA 119 -54.75 -30.39 33.22
C ILE MA 119 -53.63 -31.37 33.55
N ARG MA 120 -52.78 -31.67 32.56
CA ARG MA 120 -51.64 -32.55 32.79
C ARG MA 120 -50.79 -32.07 33.94
N SER MA 121 -50.73 -30.77 34.17
CA SER MA 121 -50.06 -30.26 35.35
C SER MA 121 -50.80 -30.66 36.61
N ALA MA 122 -52.08 -30.32 36.70
CA ALA MA 122 -52.86 -30.76 37.84
C ALA MA 122 -53.04 -32.27 37.87
N ALA MA 123 -52.82 -32.95 36.75
CA ALA MA 123 -52.96 -34.40 36.74
C ALA MA 123 -51.78 -35.06 37.42
N ILE MA 124 -50.61 -34.42 37.40
CA ILE MA 124 -49.45 -35.02 38.04
C ILE MA 124 -49.41 -34.63 39.51
N VAL MA 125 -49.92 -33.46 39.86
CA VAL MA 125 -50.03 -33.09 41.27
C VAL MA 125 -50.98 -34.03 41.98
N GLU MA 126 -52.10 -34.35 41.35
CA GLU MA 126 -53.04 -35.30 41.92
C GLU MA 126 -52.35 -36.62 42.24
N ARG MA 127 -51.64 -37.19 41.28
CA ARG MA 127 -50.96 -38.45 41.53
C ARG MA 127 -49.93 -38.31 42.64
N PHE MA 128 -49.24 -37.18 42.70
CA PHE MA 128 -48.25 -36.98 43.74
C PHE MA 128 -48.92 -36.82 45.11
N GLU MA 129 -50.08 -36.18 45.16
CA GLU MA 129 -50.78 -36.02 46.42
C GLU MA 129 -51.70 -37.17 46.74
N GLU MA 130 -51.95 -38.08 45.80
CA GLU MA 130 -52.72 -39.27 46.10
C GLU MA 130 -51.85 -40.44 46.52
N GLU MA 131 -50.56 -40.42 46.20
CA GLU MA 131 -49.62 -41.40 46.71
C GLU MA 131 -48.77 -40.85 47.84
N GLU MA 132 -49.07 -39.64 48.31
CA GLU MA 132 -48.30 -38.96 49.33
C GLU MA 132 -46.82 -38.94 48.96
N LEU MA 133 -46.54 -38.24 47.86
CA LEU MA 133 -45.19 -37.95 47.42
C LEU MA 133 -44.82 -36.49 47.56
N LEU MA 134 -45.78 -35.58 47.44
CA LEU MA 134 -45.51 -34.17 47.66
C LEU MA 134 -45.01 -33.98 49.09
N PRO MA 135 -43.94 -33.24 49.28
CA PRO MA 135 -43.27 -33.21 50.59
C PRO MA 135 -44.05 -32.45 51.65
N ARG MA 136 -43.46 -32.29 52.83
CA ARG MA 136 -44.05 -31.50 53.90
C ARG MA 136 -43.25 -30.28 54.28
N ILE MA 137 -41.93 -30.33 54.20
CA ILE MA 137 -41.09 -29.17 54.44
C ILE MA 137 -41.17 -28.28 53.21
N PRO MA 138 -41.66 -27.03 53.33
CA PRO MA 138 -41.95 -26.22 52.15
C PRO MA 138 -40.68 -25.59 51.60
N GLY MA 139 -40.34 -25.94 50.37
CA GLY MA 139 -39.14 -25.44 49.74
C GLY MA 139 -38.18 -26.57 49.40
N THR MA 140 -37.09 -26.17 48.78
CA THR MA 140 -36.03 -27.04 48.31
C THR MA 140 -35.09 -27.40 49.47
N PRO MA 141 -34.02 -28.14 49.23
CA PRO MA 141 -32.94 -28.18 50.22
C PRO MA 141 -32.04 -26.96 50.14
N GLU MA 142 -32.03 -26.29 48.99
CA GLU MA 142 -31.17 -25.13 48.76
C GLU MA 142 -31.88 -23.82 48.99
N GLN MA 143 -33.19 -23.83 49.21
CA GLN MA 143 -33.92 -22.61 49.49
C GLN MA 143 -33.99 -22.34 50.98
N ARG MA 144 -34.35 -23.35 51.76
CA ARG MA 144 -34.31 -23.21 53.20
C ARG MA 144 -32.90 -22.90 53.69
N SER MA 145 -31.89 -23.40 53.00
CA SER MA 145 -30.51 -23.06 53.28
C SER MA 145 -30.11 -21.71 52.72
N TRP MA 146 -31.08 -20.93 52.26
CA TRP MA 146 -30.84 -19.57 51.75
C TRP MA 146 -31.62 -18.53 52.50
N ASP MA 147 -32.93 -18.74 52.68
CA ASP MA 147 -33.80 -17.75 53.30
C ASP MA 147 -34.00 -18.10 54.77
N PRO MA 148 -33.86 -17.15 55.70
CA PRO MA 148 -34.04 -17.49 57.11
C PRO MA 148 -35.49 -17.50 57.54
N GLU MA 149 -36.39 -16.86 56.79
CA GLU MA 149 -37.76 -16.71 57.24
C GLU MA 149 -38.56 -18.01 57.14
N ILE MA 150 -38.09 -18.97 56.34
CA ILE MA 150 -38.71 -20.29 56.29
C ILE MA 150 -38.23 -21.09 57.49
N PRO MA 151 -39.10 -21.39 58.46
CA PRO MA 151 -38.64 -21.86 59.77
C PRO MA 151 -37.95 -23.20 59.68
N LEU MA 152 -37.38 -23.61 60.82
CA LEU MA 152 -36.60 -24.83 60.89
C LEU MA 152 -37.50 -26.04 61.10
N PHE MA 153 -37.05 -27.17 60.56
CA PHE MA 153 -37.79 -28.42 60.67
C PHE MA 153 -36.89 -29.51 61.21
N SER NA 23 19.50 0.83 -45.21
CA SER NA 23 19.53 -0.15 -44.13
C SER NA 23 18.20 -0.83 -43.93
N HIS NA 24 17.11 -0.10 -44.17
CA HIS NA 24 15.80 -0.72 -44.04
C HIS NA 24 15.68 -1.95 -44.91
N GLN NA 25 16.20 -1.86 -46.13
CA GLN NA 25 16.13 -3.01 -47.03
C GLN NA 25 17.04 -4.13 -46.60
N LEU NA 26 18.20 -3.80 -46.02
CA LEU NA 26 19.18 -4.82 -45.73
C LEU NA 26 18.69 -5.83 -44.71
N LYS NA 27 17.62 -5.52 -43.97
CA LYS NA 27 17.09 -6.49 -43.02
C LYS NA 27 16.32 -7.60 -43.70
N ARG NA 28 15.60 -7.29 -44.77
CA ARG NA 28 14.73 -8.27 -45.43
C ARG NA 28 15.22 -8.63 -46.82
N ILE NA 29 16.48 -8.35 -47.14
CA ILE NA 29 17.10 -8.92 -48.32
C ILE NA 29 18.34 -9.74 -47.98
N LEU NA 30 18.97 -9.51 -46.84
CA LEU NA 30 20.10 -10.35 -46.47
C LEU NA 30 19.66 -11.72 -46.00
N ASN NA 31 18.36 -11.96 -45.88
CA ASN NA 31 17.89 -13.26 -45.44
C ASN NA 31 17.73 -14.27 -46.56
N LYS NA 32 17.77 -13.83 -47.81
CA LYS NA 32 17.57 -14.74 -48.93
C LYS NA 32 18.62 -15.83 -48.92
N LYS NA 33 18.19 -17.07 -49.05
CA LYS NA 33 19.10 -18.21 -49.05
C LYS NA 33 19.93 -18.22 -50.32
N SER NA 34 21.24 -18.01 -50.18
CA SER NA 34 22.09 -18.03 -51.35
C SER NA 34 22.24 -19.45 -51.88
N LEU NA 35 22.55 -19.55 -53.17
CA LEU NA 35 22.64 -20.84 -53.83
C LEU NA 35 23.67 -21.73 -53.15
N HIS NA 36 23.25 -22.93 -52.80
CA HIS NA 36 24.09 -23.86 -52.08
C HIS NA 36 24.45 -25.05 -52.95
N LYS NA 37 25.64 -25.59 -52.74
CA LYS NA 37 25.95 -26.91 -53.26
C LYS NA 37 27.08 -27.50 -52.44
N TYR NA 38 27.31 -28.79 -52.65
CA TYR NA 38 28.21 -29.56 -51.82
C TYR NA 38 29.58 -29.67 -52.49
N ASN NA 39 30.32 -28.58 -52.41
CA ASN NA 39 31.70 -28.60 -52.90
C ASN NA 39 32.46 -29.62 -52.08
N TRP NA 40 32.75 -30.79 -52.63
CA TRP NA 40 33.39 -31.77 -51.78
C TRP NA 40 34.90 -31.71 -51.92
N ASP NA 41 35.58 -32.31 -50.93
CA ASP NA 41 36.95 -31.97 -50.59
C ASP NA 41 37.87 -32.07 -51.80
N PRO NA 42 38.60 -31.03 -52.14
CA PRO NA 42 39.66 -31.16 -53.14
C PRO NA 42 40.85 -31.90 -52.57
N LEU NA 43 41.60 -32.53 -53.47
CA LEU NA 43 42.74 -33.38 -53.10
C LEU NA 43 44.00 -32.81 -53.75
N HIS NA 44 44.68 -31.92 -53.05
CA HIS NA 44 45.94 -31.41 -53.56
C HIS NA 44 47.04 -32.45 -53.44
N MET NA 45 47.25 -32.98 -52.23
CA MET NA 45 48.40 -33.83 -51.98
C MET NA 45 48.32 -35.15 -52.74
N TYR NA 46 47.12 -35.61 -53.06
CA TYR NA 46 46.94 -36.87 -53.77
C TYR NA 46 46.08 -36.58 -54.99
N ASP NA 47 46.72 -36.10 -56.03
CA ASP NA 47 46.03 -35.87 -57.28
C ASP NA 47 45.69 -37.22 -57.89
N PRO NA 48 44.43 -37.62 -57.93
CA PRO NA 48 44.09 -38.95 -58.44
C PRO NA 48 44.10 -39.06 -59.95
N ARG NA 49 44.29 -37.94 -60.67
CA ARG NA 49 44.29 -38.01 -62.12
C ARG NA 49 45.61 -38.56 -62.66
N LYS NA 50 46.70 -38.36 -61.94
CA LYS NA 50 48.00 -38.80 -62.43
C LYS NA 50 48.30 -40.23 -62.01
N LEU NA 51 47.26 -41.03 -61.79
CA LEU NA 51 47.43 -42.45 -61.51
C LEU NA 51 46.93 -43.33 -62.64
N VAL NA 52 46.52 -42.75 -63.77
CA VAL NA 52 46.32 -43.54 -64.97
C VAL NA 52 47.65 -43.91 -65.60
N HIS NA 53 48.74 -43.34 -65.08
CA HIS NA 53 50.09 -43.62 -65.55
C HIS NA 53 50.89 -44.41 -64.53
N ALA NA 54 50.22 -45.05 -63.57
CA ALA NA 54 50.90 -45.87 -62.59
C ALA NA 54 50.76 -47.34 -62.97
N ASN NA 55 51.85 -48.10 -62.75
CA ASN NA 55 51.91 -49.52 -63.05
C ASN NA 55 51.65 -49.80 -64.53
N ARG NA 56 52.13 -48.91 -65.39
CA ARG NA 56 51.97 -49.04 -66.84
C ARG NA 56 53.29 -49.51 -67.43
N TYR NA 57 53.30 -50.73 -67.93
CA TYR NA 57 54.48 -51.23 -68.62
C TYR NA 57 54.84 -50.31 -69.77
N VAL NA 58 56.12 -49.97 -69.86
CA VAL NA 58 56.64 -49.13 -70.93
C VAL NA 58 57.39 -50.02 -71.91
N ASP NA 59 57.06 -49.91 -73.19
CA ASP NA 59 57.75 -50.69 -74.19
C ASP NA 59 59.12 -50.10 -74.47
N HIS NA 60 60.10 -50.97 -74.71
CA HIS NA 60 61.50 -50.58 -74.68
C HIS NA 60 61.85 -49.65 -75.83
N ASP NA 61 61.64 -50.11 -77.06
CA ASP NA 61 62.05 -49.30 -78.21
C ASP NA 61 61.24 -48.02 -78.31
N THR NA 62 59.92 -48.12 -78.11
CA THR NA 62 59.05 -46.98 -78.35
C THR NA 62 59.15 -45.93 -77.26
N TYR NA 63 59.47 -46.36 -76.03
CA TYR NA 63 59.43 -45.48 -74.86
C TYR NA 63 58.03 -44.88 -74.69
N GLU NA 64 57.05 -45.76 -74.50
CA GLU NA 64 55.68 -45.36 -74.24
C GLU NA 64 54.94 -46.48 -73.53
N GLU NA 65 53.80 -46.15 -72.95
CA GLU NA 65 53.00 -47.10 -72.18
C GLU NA 65 52.27 -48.02 -73.14
N LYS NA 66 52.80 -49.23 -73.33
CA LYS NA 66 52.09 -50.22 -74.12
C LYS NA 66 50.77 -50.56 -73.44
N TYR NA 67 49.81 -50.98 -74.25
CA TYR NA 67 48.45 -51.16 -73.77
C TYR NA 67 48.37 -52.36 -72.83
N ASP NA 68 47.93 -52.12 -71.60
CA ASP NA 68 47.70 -53.18 -70.63
C ASP NA 68 46.20 -53.43 -70.55
N PRO NA 69 45.68 -54.47 -71.21
CA PRO NA 69 44.25 -54.76 -71.07
C PRO NA 69 43.84 -55.17 -69.67
N HIS NA 70 44.77 -55.62 -68.84
CA HIS NA 70 44.46 -55.94 -67.45
C HIS NA 70 44.38 -54.72 -66.56
N TRP NA 71 44.82 -53.56 -67.04
CA TRP NA 71 44.91 -52.40 -66.17
C TRP NA 71 43.53 -51.88 -65.80
N GLU NA 72 42.60 -51.84 -66.76
CA GLU NA 72 41.30 -51.25 -66.49
C GLU NA 72 40.43 -52.10 -65.57
N HIS NA 73 40.91 -53.28 -65.16
CA HIS NA 73 40.13 -54.15 -64.29
C HIS NA 73 40.65 -54.20 -62.87
N ASN NA 74 41.90 -53.84 -62.65
CA ASN NA 74 42.36 -53.51 -61.31
C ASN NA 74 42.10 -52.06 -60.98
N ALA NA 75 41.13 -51.46 -61.64
CA ALA NA 75 40.85 -50.04 -61.54
C ALA NA 75 39.68 -49.80 -60.59
N HIS NA 76 39.92 -48.99 -59.58
CA HIS NA 76 38.90 -48.55 -58.64
C HIS NA 76 38.50 -47.14 -59.05
N LEU NA 77 37.39 -47.02 -59.76
CA LEU NA 77 37.00 -45.73 -60.33
C LEU NA 77 36.65 -44.75 -59.23
N VAL NA 78 37.50 -43.75 -59.04
CA VAL NA 78 37.28 -42.75 -57.99
C VAL NA 78 36.35 -41.68 -58.54
N PRO NA 79 35.31 -41.29 -57.79
CA PRO NA 79 34.41 -40.23 -58.27
C PRO NA 79 35.12 -38.89 -58.28
N ASP NA 80 34.47 -37.92 -58.92
CA ASP NA 80 35.03 -36.58 -58.96
C ASP NA 80 33.96 -35.60 -59.42
N GLN NA 81 34.13 -34.34 -59.03
CA GLN NA 81 33.11 -33.34 -59.31
C GLN NA 81 33.31 -32.66 -60.65
N GLN NA 82 34.55 -32.58 -61.14
CA GLN NA 82 34.79 -32.04 -62.47
C GLN NA 82 34.91 -33.12 -63.54
N PHE NA 83 35.16 -34.36 -63.12
CA PHE NA 83 35.34 -35.48 -64.01
C PHE NA 83 34.46 -36.63 -63.52
N TYR NA 84 33.93 -37.40 -64.45
CA TYR NA 84 32.95 -38.43 -64.13
C TYR NA 84 33.50 -39.37 -63.07
N ASN NA 85 34.50 -40.15 -63.45
CA ASN NA 85 35.18 -41.05 -62.54
C ASN NA 85 36.60 -41.22 -63.03
N ILE NA 86 37.54 -41.23 -62.11
CA ILE NA 86 38.96 -41.35 -62.43
C ILE NA 86 39.41 -42.74 -62.01
N PRO NA 87 39.83 -43.59 -62.95
CA PRO NA 87 40.20 -44.96 -62.60
C PRO NA 87 41.58 -44.98 -61.97
N VAL NA 88 41.69 -45.57 -60.78
CA VAL NA 88 42.97 -45.66 -60.10
C VAL NA 88 43.31 -47.12 -59.90
N PRO NA 89 44.58 -47.50 -59.91
CA PRO NA 89 44.94 -48.86 -59.54
C PRO NA 89 44.55 -49.13 -58.09
N LYS NA 90 44.05 -50.33 -57.83
CA LYS NA 90 43.52 -50.66 -56.51
C LYS NA 90 44.49 -50.30 -55.40
N GLU NA 91 45.78 -50.49 -55.64
CA GLU NA 91 46.74 -50.37 -54.55
C GLU NA 91 46.82 -48.97 -53.97
N TYR NA 92 46.47 -47.94 -54.74
CA TYR NA 92 46.50 -46.58 -54.23
C TYR NA 92 45.10 -46.03 -53.99
N LYS NA 93 44.11 -46.91 -53.78
CA LYS NA 93 42.74 -46.45 -53.63
C LYS NA 93 42.46 -45.89 -52.26
N ASP NA 94 43.21 -46.29 -51.24
CA ASP NA 94 42.89 -45.97 -49.86
C ASP NA 94 43.14 -44.52 -49.50
N ALA NA 95 43.85 -43.75 -50.32
CA ALA NA 95 43.97 -42.33 -50.06
C ALA NA 95 42.71 -41.57 -50.44
N TYR NA 96 41.82 -42.21 -51.19
CA TYR NA 96 40.59 -41.60 -51.65
C TYR NA 96 39.37 -42.29 -51.06
N TRP NA 97 39.41 -42.61 -49.78
CA TRP NA 97 38.25 -43.17 -49.11
C TRP NA 97 37.27 -42.11 -48.66
N TRP NA 98 37.72 -40.88 -48.52
CA TRP NA 98 36.82 -39.81 -48.12
C TRP NA 98 35.97 -39.33 -49.29
N ARG NA 99 36.62 -38.93 -50.39
CA ARG NA 99 35.87 -38.49 -51.56
C ARG NA 99 34.94 -39.57 -52.08
N ASP NA 100 35.09 -40.80 -51.61
CA ASP NA 100 34.07 -41.81 -51.86
C ASP NA 100 32.89 -41.62 -50.92
N LEU NA 101 33.16 -41.47 -49.62
CA LEU NA 101 32.08 -41.26 -48.66
C LEU NA 101 31.44 -39.89 -48.80
N GLN NA 102 32.11 -38.95 -49.46
CA GLN NA 102 31.51 -37.65 -49.73
C GLN NA 102 30.69 -37.65 -51.00
N ALA NA 103 30.88 -38.64 -51.87
CA ALA NA 103 30.08 -38.73 -53.08
C ALA NA 103 28.80 -39.51 -52.86
N ARG NA 104 28.83 -40.53 -52.01
CA ARG NA 104 27.61 -41.23 -51.64
C ARG NA 104 26.66 -40.33 -50.88
N ARG NA 105 27.19 -39.57 -49.93
CA ARG NA 105 26.38 -38.70 -49.09
C ARG NA 105 25.51 -37.80 -49.94
N VAL NA 106 24.22 -37.75 -49.60
CA VAL NA 106 23.30 -36.86 -50.29
C VAL NA 106 23.87 -35.45 -50.24
N GLN NA 107 23.93 -34.79 -51.39
CA GLN NA 107 24.67 -33.55 -51.49
C GLN NA 107 24.05 -32.44 -50.65
N CYS NA 108 22.82 -32.64 -50.21
CA CYS NA 108 22.21 -31.71 -49.29
C CYS NA 108 22.79 -31.91 -47.90
N PRO NA 109 22.68 -30.92 -47.02
CA PRO NA 109 22.80 -31.21 -45.60
C PRO NA 109 21.67 -32.14 -45.18
N THR NA 110 21.89 -32.89 -44.12
CA THR NA 110 20.86 -33.84 -43.72
C THR NA 110 19.63 -33.10 -43.21
N GLU NA 111 19.84 -31.98 -42.53
CA GLU NA 111 18.73 -31.28 -41.87
C GLU NA 111 17.70 -30.77 -42.85
N TRP NA 112 18.00 -30.78 -44.14
CA TRP NA 112 17.00 -30.42 -45.13
C TRP NA 112 16.27 -31.63 -45.66
N VAL NA 113 16.88 -32.80 -45.58
CA VAL NA 113 16.25 -34.04 -45.99
C VAL NA 113 16.02 -34.87 -44.75
N HIS NA 114 16.00 -34.21 -43.60
CA HIS NA 114 15.67 -34.90 -42.35
C HIS NA 114 14.31 -35.54 -42.41
N PHE NA 115 13.38 -35.01 -43.19
CA PHE NA 115 12.01 -35.48 -43.15
C PHE NA 115 11.93 -36.91 -43.67
N ARG NA 116 12.98 -37.37 -44.33
CA ARG NA 116 13.06 -38.71 -44.87
C ARG NA 116 13.75 -39.67 -43.92
N MET NA 117 13.97 -39.24 -42.71
CA MET NA 117 14.77 -40.01 -41.78
C MET NA 117 14.07 -40.24 -40.45
N HIS NA 118 13.21 -39.32 -40.04
CA HIS NA 118 12.58 -39.42 -38.73
C HIS NA 118 11.25 -40.16 -38.78
N THR NA 119 10.46 -39.97 -39.83
CA THR NA 119 9.14 -40.56 -39.91
C THR NA 119 9.25 -42.02 -40.33
N LYS NA 120 8.12 -42.62 -40.68
CA LYS NA 120 8.14 -44.04 -41.06
C LYS NA 120 8.49 -44.25 -42.49
N ASP NA 121 9.02 -43.24 -43.17
CA ASP NA 121 9.73 -43.46 -44.41
C ASP NA 121 11.18 -43.83 -44.15
N LYS NA 122 11.54 -44.02 -42.89
CA LYS NA 122 12.87 -44.51 -42.56
C LYS NA 122 13.12 -45.87 -43.21
N LEU NA 123 12.07 -46.69 -43.34
CA LEU NA 123 12.22 -48.04 -43.86
C LEU NA 123 12.23 -48.11 -45.38
N LYS NA 124 11.69 -47.10 -46.05
CA LYS NA 124 11.61 -47.09 -47.51
C LYS NA 124 12.71 -46.27 -48.16
N TYR NA 125 13.77 -45.94 -47.43
CA TYR NA 125 14.81 -45.08 -47.95
C TYR NA 125 16.17 -45.68 -47.67
N ASP NA 126 17.02 -45.69 -48.69
CA ASP NA 126 18.41 -46.07 -48.50
C ASP NA 126 19.10 -45.09 -47.58
N PHE NA 127 20.03 -45.59 -46.78
CA PHE NA 127 20.74 -44.72 -45.86
C PHE NA 127 22.20 -45.09 -45.68
N GLN NA 128 22.78 -45.85 -46.60
CA GLN NA 128 24.20 -46.13 -46.54
C GLN NA 128 24.98 -44.89 -46.92
N ASP NA 129 25.86 -44.45 -46.04
CA ASP NA 129 26.65 -43.24 -46.23
C ASP NA 129 25.76 -42.00 -46.32
N LEU NA 130 24.65 -42.01 -45.57
CA LEU NA 130 23.73 -40.87 -45.51
C LEU NA 130 23.17 -40.53 -46.89
N ALA NA 131 23.12 -41.51 -47.78
CA ALA NA 131 22.55 -41.32 -49.10
C ALA NA 131 21.04 -41.39 -48.97
N PHE NA 132 20.39 -40.25 -48.77
CA PHE NA 132 18.97 -40.23 -48.48
C PHE NA 132 18.14 -40.47 -49.73
N ARG NA 133 18.40 -41.56 -50.43
CA ARG NA 133 17.74 -41.84 -51.70
C ARG NA 133 16.70 -42.92 -51.53
N LYS NA 134 15.69 -42.88 -52.39
CA LYS NA 134 14.52 -43.72 -52.22
C LYS NA 134 14.80 -45.14 -52.68
N LYS NA 135 14.20 -46.10 -52.00
CA LYS NA 135 14.23 -47.48 -52.45
C LYS NA 135 13.15 -47.71 -53.50
N PHE NA 136 13.27 -48.80 -54.24
CA PHE NA 136 12.26 -49.14 -55.22
C PHE NA 136 10.91 -49.36 -54.54
N GLU NA 137 9.88 -48.77 -55.11
CA GLU NA 137 8.52 -48.96 -54.61
C GLU NA 137 7.63 -49.46 -55.73
N TYR NA 138 6.84 -50.50 -55.44
CA TYR NA 138 5.87 -50.97 -56.40
C TYR NA 138 4.80 -49.92 -56.64
N SER NA 139 4.28 -49.87 -57.85
CA SER NA 139 3.17 -48.97 -58.12
C SER NA 139 1.93 -49.47 -57.40
N TYR NA 140 0.86 -48.70 -57.48
CA TYR NA 140 -0.39 -49.17 -56.91
C TYR NA 140 -1.13 -50.12 -57.85
N GLU NA 141 -0.85 -50.01 -59.14
CA GLU NA 141 -1.49 -50.92 -60.10
C GLU NA 141 -0.76 -52.25 -60.15
N ASP NA 142 0.55 -52.26 -59.91
CA ASP NA 142 1.30 -53.51 -59.91
C ASP NA 142 0.95 -54.34 -58.68
N VAL NA 143 0.94 -53.72 -57.50
CA VAL NA 143 0.61 -54.46 -56.28
C VAL NA 143 -0.77 -55.07 -56.37
N VAL NA 144 -1.66 -54.46 -57.16
CA VAL NA 144 -2.95 -55.08 -57.42
C VAL NA 144 -2.78 -56.39 -58.19
N ALA NA 145 -2.13 -56.31 -59.36
CA ALA NA 145 -1.95 -57.50 -60.18
C ALA NA 145 -1.00 -58.49 -59.53
N ASN NA 146 0.02 -58.00 -58.82
CA ASN NA 146 0.96 -58.90 -58.17
C ASN NA 146 0.38 -59.59 -56.95
N ALA NA 147 -0.84 -59.22 -56.54
CA ALA NA 147 -1.53 -59.90 -55.47
C ALA NA 147 -2.80 -60.59 -55.95
N LYS NA 148 -3.27 -60.29 -57.16
CA LYS NA 148 -4.35 -61.05 -57.77
C LYS NA 148 -3.82 -62.29 -58.48
N ASP NA 149 -2.64 -62.18 -59.10
CA ASP NA 149 -2.05 -63.34 -59.73
C ASP NA 149 -1.62 -64.38 -58.70
N MET NA 150 -1.62 -64.03 -57.43
CA MET NA 150 -1.53 -65.02 -56.36
C MET NA 150 -2.90 -65.42 -55.86
N CYS NA 151 -3.96 -64.82 -56.41
CA CYS NA 151 -5.34 -65.09 -56.02
C CYS NA 151 -5.49 -65.20 -54.52
N SER NA 152 -5.00 -64.16 -53.84
CA SER NA 152 -5.08 -64.07 -52.39
C SER NA 152 -5.90 -62.85 -52.01
N ALA OA 45 -26.97 42.17 43.52
CA ALA OA 45 -27.93 43.18 43.91
C ALA OA 45 -28.70 43.68 42.69
N LEU OA 46 -29.52 42.79 42.12
CA LEU OA 46 -30.29 43.08 40.92
C LEU OA 46 -31.77 42.99 41.27
N VAL OA 47 -32.50 44.08 41.05
CA VAL OA 47 -33.86 44.18 41.56
C VAL OA 47 -34.89 44.45 40.48
N HIS OA 48 -34.54 45.00 39.33
CA HIS OA 48 -35.66 45.28 38.45
C HIS OA 48 -36.19 44.02 37.78
N PRO OA 49 -35.40 43.27 37.00
CA PRO OA 49 -35.95 42.05 36.42
C PRO OA 49 -36.12 41.06 37.55
N ARG OA 50 -37.32 40.96 38.06
CA ARG OA 50 -37.47 40.44 39.41
C ARG OA 50 -37.47 38.93 39.41
N ARG OA 51 -37.12 38.37 40.54
CA ARG OA 51 -36.66 37.00 40.67
C ARG OA 51 -37.75 36.05 41.15
N HIS OA 52 -38.90 36.56 41.60
CA HIS OA 52 -39.96 35.72 42.14
C HIS OA 52 -41.12 35.69 41.16
N PRO OA 53 -41.56 34.51 40.73
CA PRO OA 53 -42.67 34.42 39.79
C PRO OA 53 -44.02 34.27 40.47
N ASN OA 54 -45.06 34.65 39.74
CA ASN OA 54 -46.42 34.56 40.26
C ASN OA 54 -46.74 33.17 40.78
N ASN OA 55 -46.11 32.14 40.23
CA ASN OA 55 -46.38 30.78 40.65
C ASN OA 55 -46.06 30.56 42.12
N TRP OA 56 -45.19 31.36 42.72
CA TRP OA 56 -44.83 31.18 44.12
C TRP OA 56 -45.61 32.08 45.06
N GLN OA 57 -46.29 33.10 44.54
CA GLN OA 57 -47.03 33.99 45.43
C GLN OA 57 -48.13 33.26 46.17
N GLU OA 58 -48.60 32.13 45.66
CA GLU OA 58 -49.56 31.32 46.40
C GLU OA 58 -48.88 30.50 47.47
N ARG OA 59 -47.64 30.06 47.23
CA ARG OA 59 -46.96 29.17 48.17
C ARG OA 59 -46.13 29.92 49.19
N GLN OA 60 -45.75 31.17 48.91
CA GLN OA 60 -45.15 31.98 49.95
C GLN OA 60 -46.21 32.52 50.90
N PHE OA 61 -47.43 32.72 50.41
CA PHE OA 61 -48.49 33.19 51.28
C PHE OA 61 -48.77 32.17 52.38
N ASN OA 62 -48.74 30.89 52.06
CA ASN OA 62 -48.92 29.85 53.06
C ASN OA 62 -47.63 29.52 53.81
N ALA OA 63 -46.48 29.69 53.15
CA ALA OA 63 -45.22 29.49 53.85
C ALA OA 63 -45.12 30.40 55.07
N LEU OA 64 -45.63 31.62 54.94
CA LEU OA 64 -45.72 32.51 56.09
C LEU OA 64 -46.82 32.11 57.05
N GLY OA 65 -47.67 31.17 56.69
CA GLY OA 65 -48.74 30.76 57.57
C GLY OA 65 -49.96 31.65 57.55
N TYR OA 66 -50.13 32.44 56.51
CA TYR OA 66 -51.32 33.28 56.43
C TYR OA 66 -52.50 32.44 55.94
N THR OA 67 -53.68 33.05 56.00
CA THR OA 67 -54.91 32.43 55.53
C THR OA 67 -55.62 33.39 54.58
N LYS OA 68 -56.67 32.89 53.94
CA LYS OA 68 -57.49 33.69 53.04
C LYS OA 68 -58.91 33.72 53.58
N TRP OA 69 -59.41 34.91 53.85
CA TRP OA 69 -60.77 35.05 54.31
C TRP OA 69 -61.63 35.69 53.23
N PRO OA 70 -62.95 35.48 53.27
CA PRO OA 70 -63.82 36.14 52.29
C PRO OA 70 -63.75 37.65 52.42
N LYS OA 71 -64.13 38.33 51.33
CA LYS OA 71 -64.02 39.78 51.28
C LYS OA 71 -64.82 40.49 52.36
N ASP OA 72 -65.71 39.78 53.06
CA ASP OA 72 -66.45 40.41 54.14
C ASP OA 72 -65.62 40.43 55.41
N ILE OA 73 -64.85 39.38 55.67
CA ILE OA 73 -63.99 39.37 56.85
C ILE OA 73 -62.88 40.39 56.71
N GLY OA 74 -62.04 40.23 55.68
CA GLY OA 74 -60.94 41.13 55.45
C GLY OA 74 -60.44 40.98 54.03
N PHE OA 75 -59.47 41.81 53.68
CA PHE OA 75 -58.92 41.80 52.33
C PHE OA 75 -57.59 42.54 52.34
N TYR OA 76 -57.03 42.74 51.16
CA TYR OA 76 -55.81 43.49 50.99
C TYR OA 76 -56.10 44.65 50.04
N ASN OA 77 -56.25 45.85 50.59
CA ASN OA 77 -56.74 46.98 49.82
C ASN OA 77 -55.69 47.38 48.79
N ALA OA 78 -56.00 48.43 48.03
CA ALA OA 78 -55.09 48.89 46.98
C ALA OA 78 -53.70 49.18 47.50
N GLY OA 79 -53.56 49.39 48.81
CA GLY OA 79 -52.26 49.62 49.41
C GLY OA 79 -51.57 48.37 49.90
N ASP OA 80 -52.21 47.22 49.71
CA ASP OA 80 -51.63 45.91 50.01
C ASP OA 80 -51.48 45.66 51.51
N ASN OA 81 -52.35 46.24 52.32
CA ASN OA 81 -52.36 46.00 53.75
C ASN OA 81 -53.66 45.30 54.14
N PHE OA 82 -53.57 44.35 55.05
CA PHE OA 82 -54.78 43.66 55.49
C PHE OA 82 -55.65 44.61 56.30
N GLU OA 83 -56.95 44.53 56.06
CA GLU OA 83 -57.90 45.48 56.63
C GLU OA 83 -59.16 44.72 57.00
N VAL OA 84 -59.36 44.47 58.28
CA VAL OA 84 -60.57 43.80 58.76
C VAL OA 84 -61.71 44.82 58.76
N THR OA 85 -62.82 44.44 58.16
CA THR OA 85 -63.86 45.38 57.82
C THR OA 85 -64.72 45.74 59.03
N PRO OA 86 -65.40 46.88 58.99
CA PRO OA 86 -66.43 47.16 59.98
C PRO OA 86 -67.50 46.09 59.93
N GLU OA 87 -68.07 45.82 61.11
CA GLU OA 87 -69.10 44.80 61.30
C GLU OA 87 -68.46 43.41 61.18
N ALA OA 88 -67.22 43.36 60.74
CA ALA OA 88 -66.43 42.16 60.86
C ALA OA 88 -65.52 42.19 62.08
N ALA OA 89 -65.20 43.37 62.58
CA ALA OA 89 -64.58 43.51 63.89
C ALA OA 89 -65.61 43.51 65.00
N TRP OA 90 -66.80 44.04 64.73
CA TRP OA 90 -67.84 44.03 65.75
C TRP OA 90 -68.26 42.61 66.10
N ARG OA 91 -68.20 41.69 65.15
CA ARG OA 91 -68.51 40.30 65.47
C ARG OA 91 -67.39 39.66 66.28
N LEU OA 92 -66.20 40.23 66.27
CA LEU OA 92 -65.16 39.78 67.17
C LEU OA 92 -65.41 40.31 68.58
N TYR OA 93 -65.69 41.60 68.69
CA TYR OA 93 -65.89 42.19 70.00
C TYR OA 93 -67.00 41.47 70.76
N VAL OA 94 -68.09 41.15 70.08
CA VAL OA 94 -69.16 40.36 70.70
C VAL OA 94 -68.65 38.97 71.08
N HIS OA 95 -67.61 38.49 70.40
CA HIS OA 95 -67.06 37.17 70.70
C HIS OA 95 -65.83 37.25 71.59
N ALA OA 96 -65.07 38.34 71.53
CA ALA OA 96 -63.80 38.45 72.23
C ALA OA 96 -63.86 39.37 73.43
N ARG OA 97 -65.02 39.96 73.74
CA ARG OA 97 -65.12 40.83 74.90
C ARG OA 97 -64.73 40.10 76.17
N ASP OA 98 -65.13 38.84 76.31
CA ASP OA 98 -64.99 38.09 77.55
C ASP OA 98 -63.83 37.12 77.51
N GLU OA 99 -62.71 37.53 76.96
CA GLU OA 99 -61.47 36.77 76.98
C GLU OA 99 -60.43 37.51 77.80
N PRO OA 100 -59.29 36.88 78.08
CA PRO OA 100 -58.18 37.61 78.70
C PRO OA 100 -57.42 38.51 77.73
N TYR OA 101 -57.58 38.31 76.42
CA TYR OA 101 -56.79 39.05 75.45
C TYR OA 101 -57.34 40.42 75.16
N TRP OA 102 -58.64 40.64 75.42
CA TRP OA 102 -59.21 41.92 75.07
C TRP OA 102 -58.67 43.00 75.99
N GLY OA 103 -57.44 43.44 75.74
CA GLY OA 103 -56.83 44.50 76.49
C GLY OA 103 -57.43 45.85 76.11
N LYS OA 104 -56.77 46.90 76.61
CA LYS OA 104 -57.34 48.24 76.49
C LYS OA 104 -57.34 48.75 75.06
N LEU OA 105 -56.47 48.24 74.21
CA LEU OA 105 -56.27 48.83 72.88
C LEU OA 105 -57.08 48.14 71.79
N HIS OA 106 -57.60 46.93 72.04
CA HIS OA 106 -58.43 46.27 71.04
C HIS OA 106 -59.73 47.02 70.85
N CYS OA 107 -60.40 47.36 71.96
CA CYS OA 107 -61.62 48.16 71.86
C CYS OA 107 -61.33 49.48 71.16
N GLU OA 108 -60.23 50.13 71.52
CA GLU OA 108 -59.81 51.33 70.82
C GLU OA 108 -59.82 51.09 69.32
N LYS OA 109 -59.14 50.04 68.86
CA LYS OA 109 -59.11 49.75 67.44
C LYS OA 109 -60.46 49.28 66.93
N THR OA 110 -61.22 48.56 67.76
CA THR OA 110 -62.53 48.09 67.33
C THR OA 110 -63.42 49.25 66.92
N ILE OA 111 -63.43 50.31 67.74
CA ILE OA 111 -64.21 51.49 67.40
C ILE OA 111 -63.71 52.10 66.11
N ILE OA 112 -62.40 52.18 65.95
CA ILE OA 112 -61.83 52.84 64.78
C ILE OA 112 -62.19 52.08 63.51
N THR OA 113 -62.13 50.75 63.55
CA THR OA 113 -62.60 49.98 62.40
C THR OA 113 -64.11 50.04 62.26
N LEU OA 114 -64.83 50.25 63.35
CA LEU OA 114 -66.27 50.49 63.30
C LEU OA 114 -66.62 51.89 62.85
N LEU OA 115 -65.62 52.76 62.70
CA LEU OA 115 -65.92 54.16 62.43
C LEU OA 115 -66.42 54.43 61.01
N PRO OA 116 -65.85 53.85 59.95
CA PRO OA 116 -66.28 54.25 58.60
C PRO OA 116 -67.76 54.06 58.33
N VAL OA 117 -68.44 53.25 59.14
CA VAL OA 117 -69.89 53.12 59.01
C VAL OA 117 -70.63 54.02 59.99
N VAL OA 118 -69.97 54.48 61.05
CA VAL OA 118 -70.57 55.44 61.96
C VAL OA 118 -70.90 56.73 61.23
N GLU OA 119 -70.09 57.08 60.24
CA GLU OA 119 -70.41 58.24 59.41
C GLU OA 119 -71.66 57.99 58.60
N LYS OA 120 -71.66 56.94 57.78
CA LYS OA 120 -72.76 56.75 56.84
C LYS OA 120 -74.04 56.34 57.54
N ALA OA 121 -73.97 55.35 58.45
CA ALA OA 121 -75.14 54.82 59.15
C ALA OA 121 -74.94 55.01 60.65
N PRO OA 122 -75.13 56.22 61.17
CA PRO OA 122 -74.99 56.43 62.60
C PRO OA 122 -76.15 55.84 63.40
N LYS OA 123 -77.37 56.04 62.89
CA LYS OA 123 -78.57 55.64 63.61
C LYS OA 123 -78.65 54.14 63.85
N GLU OA 124 -77.76 53.35 63.24
CA GLU OA 124 -77.76 51.90 63.40
C GLU OA 124 -76.53 51.38 64.10
N ASN OA 125 -75.36 51.95 63.83
CA ASN OA 125 -74.10 51.46 64.37
C ASN OA 125 -73.51 52.32 65.46
N MET OA 126 -73.96 53.57 65.62
CA MET OA 126 -73.46 54.37 66.73
C MET OA 126 -73.79 53.73 68.07
N GLU OA 127 -74.92 53.03 68.15
CA GLU OA 127 -75.24 52.28 69.35
C GLU OA 127 -74.14 51.30 69.71
N ARG OA 128 -73.52 50.69 68.71
CA ARG OA 128 -72.41 49.77 68.99
C ARG OA 128 -71.27 50.47 69.68
N VAL OA 129 -70.90 51.67 69.20
CA VAL OA 129 -69.79 52.38 69.81
C VAL OA 129 -70.06 52.64 71.27
N LEU OA 130 -71.26 53.12 71.59
CA LEU OA 130 -71.67 53.20 72.99
C LEU OA 130 -71.65 51.82 73.64
N ASP OA 131 -72.17 50.81 72.94
CA ASP OA 131 -72.18 49.47 73.51
C ASP OA 131 -70.77 48.96 73.76
N VAL OA 132 -69.85 49.24 72.84
CA VAL OA 132 -68.44 49.00 73.12
C VAL OA 132 -68.02 49.80 74.34
N PHE OA 133 -68.37 51.08 74.34
CA PHE OA 133 -67.97 51.96 75.43
C PHE OA 133 -68.43 51.43 76.78
N ARG OA 134 -69.69 51.03 76.88
CA ARG OA 134 -70.24 50.61 78.16
C ARG OA 134 -69.65 49.29 78.62
N HIS OA 135 -69.02 48.53 77.73
CA HIS OA 135 -68.27 47.36 78.16
C HIS OA 135 -66.81 47.66 78.37
N TYR OA 136 -66.27 48.68 77.69
CA TYR OA 136 -64.96 49.17 78.07
C TYR OA 136 -64.93 49.52 79.54
N LEU OA 137 -65.99 50.17 80.02
CA LEU OA 137 -66.02 50.68 81.39
C LEU OA 137 -65.97 49.55 82.40
N LYS OA 138 -66.80 48.52 82.21
CA LYS OA 138 -66.92 47.47 83.22
C LYS OA 138 -65.59 46.79 83.47
N ARG OA 139 -64.85 46.44 82.41
CA ARG OA 139 -63.61 45.70 82.59
C ARG OA 139 -62.51 46.59 83.14
N TYR OA 140 -62.32 47.76 82.55
CA TYR OA 140 -61.38 48.75 83.06
C TYR OA 140 -62.04 50.12 83.02
N GLY OA 141 -61.80 50.91 84.07
CA GLY OA 141 -62.62 52.08 84.28
C GLY OA 141 -62.69 53.05 83.11
N ALA OA 142 -61.60 53.77 82.87
CA ALA OA 142 -61.61 54.81 81.85
C ALA OA 142 -60.18 55.18 81.54
N ASP OA 143 -60.01 55.95 80.47
CA ASP OA 143 -58.70 56.36 79.99
C ASP OA 143 -58.93 57.31 78.83
N HIS OA 144 -57.90 58.06 78.48
CA HIS OA 144 -57.96 58.84 77.25
C HIS OA 144 -58.19 57.96 76.04
N TYR OA 145 -57.83 56.68 76.14
CA TYR OA 145 -57.97 55.76 75.02
C TYR OA 145 -59.40 55.74 74.52
N ILE OA 146 -60.31 55.25 75.34
CA ILE OA 146 -61.69 55.11 74.89
C ILE OA 146 -62.34 56.47 74.76
N TYR OA 147 -61.96 57.43 75.59
CA TYR OA 147 -62.70 58.68 75.63
C TYR OA 147 -62.41 59.55 74.42
N ASN OA 148 -61.21 59.45 73.85
CA ASN OA 148 -60.98 60.08 72.56
C ASN OA 148 -61.54 59.25 71.43
N ALA OA 149 -61.68 57.94 71.65
CA ALA OA 149 -62.17 57.06 70.60
C ALA OA 149 -63.63 57.33 70.30
N VAL OA 150 -64.47 57.34 71.34
CA VAL OA 150 -65.88 57.64 71.13
C VAL OA 150 -66.06 59.12 70.83
N MET OA 151 -65.17 59.97 71.36
CA MET OA 151 -65.25 61.40 71.03
C MET OA 151 -65.09 61.61 69.53
N GLN OA 152 -63.97 61.14 68.97
CA GLN OA 152 -63.80 61.18 67.53
C GLN OA 152 -64.92 60.45 66.81
N ALA OA 153 -65.44 59.37 67.41
CA ALA OA 153 -66.61 58.72 66.82
C ALA OA 153 -67.77 59.69 66.76
N ALA OA 154 -68.14 60.28 67.90
CA ALA OA 154 -69.22 61.25 67.92
C ALA OA 154 -68.93 62.45 67.02
N ALA OA 155 -67.65 62.71 66.72
CA ALA OA 155 -67.32 63.79 65.81
C ALA OA 155 -67.72 63.45 64.38
N PHE OA 156 -67.68 62.17 64.02
CA PHE OA 156 -67.98 61.79 62.64
C PHE OA 156 -69.46 61.66 62.40
N ALA OA 157 -70.24 61.32 63.42
CA ALA OA 157 -71.68 61.29 63.24
C ALA OA 157 -72.29 62.67 63.14
N LYS OA 158 -71.43 63.69 63.02
CA LYS OA 158 -71.87 65.08 62.91
C LYS OA 158 -72.78 65.46 64.07
N ASN OA 159 -72.49 64.90 65.24
CA ASN OA 159 -73.27 65.10 66.46
C ASN OA 159 -72.37 65.83 67.46
N TYR OA 160 -72.31 67.15 67.33
CA TYR OA 160 -71.35 67.90 68.13
C TYR OA 160 -71.71 67.88 69.61
N GLU OA 161 -73.00 68.00 69.92
CA GLU OA 161 -73.41 68.03 71.32
C GLU OA 161 -72.83 66.85 72.08
N GLN OA 162 -73.03 65.64 71.54
CA GLN OA 162 -72.49 64.44 72.17
C GLN OA 162 -70.99 64.53 72.33
N ALA OA 163 -70.29 65.10 71.35
CA ALA OA 163 -68.84 65.23 71.46
C ALA OA 163 -68.45 66.03 72.69
N GLU OA 164 -69.01 67.24 72.83
CA GLU OA 164 -68.68 68.06 73.99
C GLU OA 164 -69.03 67.36 75.29
N GLN OA 165 -70.10 66.56 75.28
CA GLN OA 165 -70.47 65.79 76.45
C GLN OA 165 -69.35 64.86 76.90
N LEU OA 166 -68.48 64.45 75.98
CA LEU OA 166 -67.31 63.66 76.33
C LEU OA 166 -66.18 64.52 76.87
N PHE OA 167 -66.05 65.75 76.38
CA PHE OA 167 -65.02 66.65 76.87
C PHE OA 167 -65.17 66.88 78.36
N LYS OA 168 -66.35 67.34 78.78
CA LYS OA 168 -66.58 67.65 80.19
C LYS OA 168 -66.38 66.42 81.06
N GLU OA 169 -67.08 65.32 80.73
CA GLU OA 169 -66.99 64.12 81.54
C GLU OA 169 -65.57 63.57 81.62
N MET OA 170 -64.70 63.94 80.70
CA MET OA 170 -63.29 63.60 80.87
C MET OA 170 -62.67 64.40 82.01
N GLU OA 171 -62.87 65.72 82.00
CA GLU OA 171 -62.30 66.58 83.04
C GLU OA 171 -62.70 66.10 84.42
N THR OA 172 -63.99 65.81 84.61
CA THR OA 172 -64.50 65.53 85.94
C THR OA 172 -63.88 64.26 86.52
N LEU OA 173 -63.80 63.19 85.73
CA LEU OA 173 -63.35 61.90 86.24
C LEU OA 173 -61.84 61.83 86.44
N GLY OA 174 -61.13 62.95 86.42
CA GLY OA 174 -59.71 62.93 86.67
C GLY OA 174 -58.86 62.63 85.45
N LEU OA 175 -59.38 62.84 84.25
CA LEU OA 175 -58.65 62.60 83.02
C LEU OA 175 -58.52 63.92 82.27
N GLU OA 176 -57.29 64.43 82.17
CA GLU OA 176 -57.05 65.68 81.48
C GLU OA 176 -57.34 65.52 79.99
N PRO OA 177 -57.92 66.53 79.34
CA PRO OA 177 -58.06 66.46 77.89
C PRO OA 177 -56.71 66.46 77.21
N ASN OA 178 -56.36 65.34 76.58
CA ASN OA 178 -55.05 65.20 75.98
C ASN OA 178 -54.99 65.97 74.67
N ALA OA 179 -53.83 65.93 74.02
CA ALA OA 179 -53.67 66.55 72.71
C ALA OA 179 -54.65 65.94 71.71
N GLN OA 180 -54.82 64.62 71.76
CA GLN OA 180 -55.76 63.96 70.87
C GLN OA 180 -57.18 64.50 71.08
N SER OA 181 -57.58 64.67 72.33
CA SER OA 181 -58.93 65.14 72.62
C SER OA 181 -59.18 66.53 72.08
N TYR OA 182 -58.15 67.37 72.04
CA TYR OA 182 -58.36 68.73 71.55
C TYR OA 182 -58.64 68.75 70.06
N VAL OA 183 -58.08 67.80 69.31
CA VAL OA 183 -58.35 67.82 67.88
C VAL OA 183 -59.72 67.27 67.58
N ASN OA 184 -60.22 66.33 68.40
CA ASN OA 184 -61.53 65.76 68.12
C ASN OA 184 -62.63 66.81 68.20
N MET OA 185 -62.45 67.82 69.04
CA MET OA 185 -63.37 68.95 69.06
C MET OA 185 -63.09 69.89 67.90
N MET OA 186 -61.82 70.10 67.58
CA MET OA 186 -61.48 70.84 66.38
C MET OA 186 -62.00 70.12 65.15
N LEU OA 187 -61.96 68.79 65.17
CA LEU OA 187 -62.46 68.02 64.04
C LEU OA 187 -63.98 68.05 64.00
N ALA OA 188 -64.63 67.86 65.15
CA ALA OA 188 -66.09 67.85 65.20
C ALA OA 188 -66.65 69.15 64.65
N ALA OA 189 -66.36 70.26 65.32
CA ALA OA 189 -66.89 71.56 64.89
C ALA OA 189 -66.52 71.88 63.44
N LYS OA 190 -65.51 71.21 62.89
CA LYS OA 190 -65.11 71.49 61.51
C LYS OA 190 -66.18 71.02 60.54
N LEU OA 191 -66.63 69.78 60.69
CA LEU OA 191 -67.63 69.21 59.80
C LEU OA 191 -69.03 69.18 60.40
N CYS OA 192 -69.20 69.65 61.63
CA CYS OA 192 -70.51 69.68 62.24
C CYS OA 192 -71.33 70.87 61.82
N GLY OA 193 -71.00 71.49 60.69
CA GLY OA 193 -71.72 72.66 60.25
C GLY OA 193 -71.56 73.87 61.15
N LEU OA 194 -70.62 73.84 62.07
CA LEU OA 194 -70.40 74.94 62.97
C LEU OA 194 -69.40 75.92 62.35
N PRO OA 195 -69.61 77.23 62.53
CA PRO OA 195 -68.61 78.18 62.09
C PRO OA 195 -67.30 77.95 62.83
N PRO OA 196 -66.18 78.35 62.24
CA PRO OA 196 -64.90 78.25 62.96
C PRO OA 196 -64.88 79.17 64.16
N GLU OA 197 -63.77 79.16 64.90
CA GLU OA 197 -63.63 79.86 66.17
C GLU OA 197 -64.43 79.14 67.25
N LYS OA 198 -65.25 78.17 66.86
CA LYS OA 198 -65.80 77.21 67.81
C LYS OA 198 -64.85 76.04 67.98
N SER OA 199 -64.17 75.66 66.90
CA SER OA 199 -63.07 74.70 66.97
C SER OA 199 -61.76 75.36 67.34
N GLU OA 200 -61.61 76.65 67.04
CA GLU OA 200 -60.37 77.34 67.35
C GLU OA 200 -60.18 77.53 68.84
N ALA OA 201 -61.25 77.87 69.55
CA ALA OA 201 -61.17 78.08 71.00
C ALA OA 201 -60.49 76.91 71.69
N TYR OA 202 -60.76 75.70 71.23
CA TYR OA 202 -60.11 74.53 71.80
C TYR OA 202 -58.62 74.53 71.52
N PHE OA 203 -58.23 74.82 70.28
CA PHE OA 203 -56.80 74.81 69.95
C PHE OA 203 -56.05 75.89 70.70
N LYS OA 204 -56.68 77.03 70.95
CA LYS OA 204 -56.07 78.01 71.83
C LYS OA 204 -55.96 77.48 73.24
N ARG OA 205 -57.01 76.83 73.74
CA ARG OA 205 -56.94 76.18 75.04
C ARG OA 205 -55.84 75.13 75.07
N ALA OA 206 -55.71 74.35 73.98
CA ALA OA 206 -54.68 73.32 73.93
C ALA OA 206 -53.30 73.91 74.16
N VAL OA 207 -52.99 75.02 73.49
CA VAL OA 207 -51.67 75.63 73.62
C VAL OA 207 -51.45 76.09 75.06
N LYS OA 208 -52.37 76.90 75.59
CA LYS OA 208 -52.18 77.47 76.92
C LYS OA 208 -52.02 76.39 77.98
N ASP OA 209 -52.71 75.27 77.83
CA ASP OA 209 -52.75 74.24 78.85
C ASP OA 209 -51.64 73.20 78.72
N GLY OA 210 -50.74 73.39 77.75
CA GLY OA 210 -49.59 72.51 77.62
C GLY OA 210 -49.82 71.25 76.83
N ALA OA 211 -51.04 71.00 76.36
CA ALA OA 211 -51.33 69.76 75.64
C ALA OA 211 -50.68 69.78 74.25
N MET OA 212 -51.11 70.70 73.40
CA MET OA 212 -50.57 70.83 72.06
C MET OA 212 -49.56 71.97 72.02
N GLN OA 213 -48.44 71.74 71.35
CA GLN OA 213 -47.37 72.72 71.26
C GLN OA 213 -47.36 73.36 69.89
N SER OA 214 -47.26 74.69 69.87
CA SER OA 214 -47.25 75.47 68.65
C SER OA 214 -45.87 76.04 68.44
N VAL OA 215 -45.19 75.59 67.37
CA VAL OA 215 -43.89 76.15 67.05
C VAL OA 215 -44.00 77.49 66.36
N MET OA 216 -45.05 77.70 65.57
CA MET OA 216 -45.28 78.95 64.87
C MET OA 216 -46.34 79.76 65.61
N ARG OA 217 -46.53 81.00 65.16
CA ARG OA 217 -47.58 81.83 65.73
C ARG OA 217 -48.92 81.15 65.52
N MET OA 218 -49.74 81.14 66.56
CA MET OA 218 -51.00 80.41 66.51
C MET OA 218 -51.89 80.86 65.37
N ASP OA 219 -51.63 82.00 64.75
CA ASP OA 219 -52.44 82.44 63.62
C ASP OA 219 -52.43 81.38 62.52
N THR OA 220 -51.24 81.00 62.06
CA THR OA 220 -51.11 80.01 61.00
C THR OA 220 -50.93 78.59 61.51
N GLU OA 221 -50.37 78.41 62.70
CA GLU OA 221 -50.32 77.07 63.28
C GLU OA 221 -51.72 76.49 63.45
N PHE OA 222 -52.75 77.34 63.46
CA PHE OA 222 -54.11 76.84 63.39
C PHE OA 222 -54.49 76.50 61.96
N ARG OA 223 -54.01 77.29 60.99
CA ARG OA 223 -54.30 76.99 59.60
C ARG OA 223 -53.65 75.69 59.16
N MET OA 224 -52.42 75.44 59.64
CA MET OA 224 -51.78 74.16 59.35
C MET OA 224 -52.61 73.00 59.84
N TRP OA 225 -53.19 73.14 61.05
CA TRP OA 225 -53.97 72.05 61.61
C TRP OA 225 -55.25 71.82 60.81
N MET OA 226 -55.99 72.89 60.52
CA MET OA 226 -57.24 72.73 59.80
C MET OA 226 -57.01 72.22 58.38
N ASP OA 227 -55.97 72.70 57.71
CA ASP OA 227 -55.71 72.24 56.36
C ASP OA 227 -55.45 70.75 56.30
N GLN OA 228 -54.85 70.18 57.35
CA GLN OA 228 -54.80 68.73 57.46
C GLN OA 228 -56.20 68.14 57.52
N LEU OA 229 -57.04 68.69 58.39
CA LEU OA 229 -58.39 68.18 58.57
C LEU OA 229 -59.28 68.44 57.36
N ASP OA 230 -58.81 69.18 56.37
CA ASP OA 230 -59.51 69.30 55.10
C ASP OA 230 -58.89 68.44 54.02
N ARG OA 231 -57.55 68.40 53.94
CA ARG OA 231 -56.89 67.39 53.13
C ARG OA 231 -57.41 66.00 53.48
N LEU OA 232 -57.53 65.72 54.77
CA LEU OA 232 -58.08 64.46 55.26
C LEU OA 232 -59.55 64.70 55.57
N GLY OA 233 -60.36 64.71 54.52
CA GLY OA 233 -61.77 65.03 54.67
C GLY OA 233 -62.57 64.02 55.47
N SER OA 234 -63.89 64.06 55.35
CA SER OA 234 -64.76 63.09 55.99
C SER OA 234 -65.12 62.00 55.00
N PHE OA 235 -65.91 61.02 55.47
CA PHE OA 235 -66.26 59.90 54.62
C PHE OA 235 -67.30 60.25 53.58
N THR OA 236 -68.09 61.31 53.80
CA THR OA 236 -69.21 61.62 52.93
C THR OA 236 -69.12 62.99 52.27
N ALA OA 237 -67.90 63.49 52.04
CA ALA OA 237 -67.75 64.72 51.28
C ALA OA 237 -67.77 64.38 49.79
N SER OA 238 -67.34 65.33 48.97
CA SER OA 238 -67.05 65.04 47.57
C SER OA 238 -65.56 64.80 47.35
N SER OA 239 -64.71 65.52 48.07
CA SER OA 239 -63.28 65.33 48.00
C SER OA 239 -62.71 65.11 49.40
N GLY OA 240 -61.47 64.68 49.46
CA GLY OA 240 -60.79 64.39 50.69
C GLY OA 240 -60.12 63.05 50.62
N TYR OA 241 -59.63 62.59 51.76
CA TYR OA 241 -58.93 61.32 51.83
C TYR OA 241 -59.81 60.22 52.41
N LEU OA 242 -60.52 60.50 53.49
CA LEU OA 242 -61.46 59.51 53.99
C LEU OA 242 -62.62 59.28 53.02
N SER OA 243 -62.82 60.19 52.06
CA SER OA 243 -63.93 60.05 51.13
C SER OA 243 -63.67 59.02 50.04
N VAL OA 244 -62.42 58.62 49.84
CA VAL OA 244 -62.06 57.72 48.74
C VAL OA 244 -62.50 56.31 49.14
N ASN OA 245 -63.68 55.89 48.70
CA ASN OA 245 -64.16 54.54 48.96
C ASN OA 245 -63.63 53.53 47.95
N GLU OA 246 -62.77 53.95 47.04
CA GLU OA 246 -62.19 53.02 46.07
C GLU OA 246 -61.25 52.08 46.79
N GLU OA 247 -61.69 50.86 47.02
CA GLU OA 247 -60.87 49.80 47.61
C GLU OA 247 -60.73 48.68 46.60
N GLY OA 248 -59.49 48.36 46.24
CA GLY OA 248 -59.24 47.29 45.31
C GLY OA 248 -58.90 46.00 46.03
N ALA OA 249 -59.85 45.49 46.81
CA ALA OA 249 -59.61 44.31 47.63
C ALA OA 249 -59.09 43.15 46.80
N LYS OA 250 -58.38 42.23 47.43
CA LYS OA 250 -57.83 41.06 46.76
C LYS OA 250 -57.44 40.05 47.82
N PRO OA 251 -57.54 38.75 47.54
CA PRO OA 251 -57.35 37.76 48.61
C PRO OA 251 -55.98 37.82 49.25
N MET OA 252 -54.94 37.71 48.45
CA MET OA 252 -53.57 37.87 48.87
C MET OA 252 -53.10 39.26 48.51
N PRO OA 253 -51.93 39.67 48.98
CA PRO OA 253 -51.33 40.90 48.47
C PRO OA 253 -50.76 40.68 47.09
N ARG OA 254 -50.47 41.78 46.41
CA ARG OA 254 -49.97 41.68 45.04
C ARG OA 254 -48.66 40.93 44.98
N ASP OA 255 -47.61 41.49 45.58
CA ASP OA 255 -46.29 40.86 45.58
C ASP OA 255 -45.89 40.57 47.01
N MET OA 256 -45.60 39.30 47.30
CA MET OA 256 -45.33 38.89 48.66
C MET OA 256 -43.94 39.26 49.14
N TRP OA 257 -43.09 39.80 48.28
CA TRP OA 257 -41.71 40.10 48.65
C TRP OA 257 -41.44 41.60 48.65
N ALA OA 258 -42.48 42.41 48.86
CA ALA OA 258 -42.26 43.84 48.97
C ALA OA 258 -41.53 44.15 50.28
N ILE OA 259 -41.00 45.37 50.35
CA ILE OA 259 -40.30 45.79 51.57
C ILE OA 259 -40.83 47.16 51.98
N TRP OA 260 -40.72 47.41 53.28
CA TRP OA 260 -41.07 48.69 53.86
C TRP OA 260 -39.86 49.55 54.17
N GLY OA 261 -38.67 48.96 54.20
CA GLY OA 261 -37.51 49.68 54.63
C GLY OA 261 -36.44 49.84 53.57
N TRP OA 262 -35.26 49.30 53.83
CA TRP OA 262 -34.12 49.53 52.97
C TRP OA 262 -33.51 48.29 52.36
N HIS OA 263 -33.93 47.10 52.77
CA HIS OA 263 -33.32 45.89 52.25
C HIS OA 263 -34.31 44.76 52.37
N ARG OA 264 -34.14 43.74 51.52
CA ARG OA 264 -35.01 42.58 51.56
C ARG OA 264 -34.99 41.90 52.92
N SER OA 265 -34.11 42.31 53.82
CA SER OA 265 -34.17 41.85 55.19
C SER OA 265 -35.45 42.34 55.87
N GLU OA 266 -35.62 43.65 55.94
CA GLU OA 266 -36.83 44.24 56.52
C GLU OA 266 -37.93 44.16 55.47
N SER OA 267 -38.53 42.99 55.37
CA SER OA 267 -39.56 42.73 54.37
C SER OA 267 -40.94 42.94 54.96
N LYS OA 268 -41.85 43.42 54.11
CA LYS OA 268 -43.20 43.77 54.57
C LYS OA 268 -43.96 42.54 55.05
N PHE OA 269 -43.77 41.41 54.41
CA PHE OA 269 -44.54 40.20 54.70
C PHE OA 269 -43.61 39.18 55.32
N ILE OA 270 -43.82 38.90 56.61
CA ILE OA 270 -43.02 37.96 57.38
C ILE OA 270 -43.93 36.82 57.81
N SER OA 271 -43.31 35.74 58.25
CA SER OA 271 -44.08 34.62 58.77
C SER OA 271 -44.73 34.99 60.09
N ARG OA 272 -45.80 34.28 60.43
CA ARG OA 272 -46.50 34.54 61.69
C ARG OA 272 -45.57 34.34 62.88
N ARG OA 273 -44.79 33.25 62.87
CA ARG OA 273 -43.94 32.95 64.01
C ARG OA 273 -42.85 33.98 64.20
N ASP OA 274 -42.46 34.67 63.14
CA ASP OA 274 -41.38 35.64 63.18
C ASP OA 274 -41.87 37.07 63.09
N LEU OA 275 -43.16 37.29 62.87
CA LEU OA 275 -43.76 38.60 62.95
C LEU OA 275 -44.23 38.94 64.36
N ILE OA 276 -44.35 37.93 65.23
CA ILE OA 276 -44.73 38.20 66.60
C ILE OA 276 -43.52 38.51 67.47
N MET OA 277 -42.36 37.95 67.14
CA MET OA 277 -41.13 38.41 67.77
C MET OA 277 -40.85 39.86 67.43
N GLN OA 278 -41.38 40.35 66.30
CA GLN OA 278 -41.36 41.78 66.03
C GLN OA 278 -42.29 42.55 66.96
N GLN OA 279 -43.11 41.85 67.75
CA GLN OA 279 -43.89 42.46 68.82
C GLN OA 279 -43.36 42.13 70.20
N VAL OA 280 -42.77 40.94 70.37
CA VAL OA 280 -42.15 40.62 71.65
C VAL OA 280 -41.03 41.59 71.95
N ARG OA 281 -40.37 42.10 70.90
CA ARG OA 281 -39.26 43.02 71.09
C ARG OA 281 -39.67 44.47 70.99
N ALA OA 282 -40.81 44.77 70.40
CA ALA OA 282 -41.29 46.18 70.41
C ALA OA 282 -41.75 46.55 71.81
N ARG OA 283 -41.65 45.62 72.76
CA ARG OA 283 -42.01 45.95 74.16
C ARG OA 283 -40.76 45.85 75.02
N VAL OA 284 -40.13 44.69 75.05
CA VAL OA 284 -38.92 44.47 75.89
C VAL OA 284 -37.80 45.38 75.42
N HIS OA 285 -37.68 45.59 74.11
CA HIS OA 285 -36.57 46.42 73.57
C HIS OA 285 -37.08 47.80 73.19
N SER OA 286 -38.21 48.23 73.77
CA SER OA 286 -38.64 49.62 73.48
C SER OA 286 -37.50 50.52 73.93
N GLY OA 287 -37.18 51.55 73.16
CA GLY OA 287 -36.00 52.37 73.52
C GLY OA 287 -35.08 52.54 72.35
N LYS OA 288 -35.31 51.77 71.29
CA LYS OA 288 -34.51 52.03 70.08
C LYS OA 288 -35.34 52.98 69.21
N GLU OA 289 -36.58 53.26 69.63
CA GLU OA 289 -37.45 54.18 68.87
C GLU OA 289 -37.38 55.58 69.47
N LEU OA 290 -37.28 55.67 70.79
CA LEU OA 290 -37.31 56.99 71.47
C LEU OA 290 -36.10 57.83 71.02
N VAL OA 291 -34.95 57.21 70.87
CA VAL OA 291 -33.72 57.98 70.54
C VAL OA 291 -33.22 57.55 69.16
N GLY OA 292 -33.09 58.50 68.23
CA GLY OA 292 -32.58 58.18 66.89
C GLY OA 292 -31.43 59.11 66.55
N THR OA 293 -30.31 58.57 66.08
CA THR OA 293 -29.13 59.40 65.79
C THR OA 293 -28.33 58.78 64.65
N VAL OA 294 -27.49 59.57 63.98
CA VAL OA 294 -26.61 58.96 62.96
C VAL OA 294 -25.76 57.98 63.75
N TYR OA 295 -25.58 56.76 63.24
CA TYR OA 295 -24.90 55.66 63.98
C TYR OA 295 -25.99 54.85 64.66
N THR OA 296 -27.24 55.27 64.41
CA THR OA 296 -28.39 54.40 64.43
C THR OA 296 -29.13 54.45 63.11
N LYS OA 297 -29.29 55.63 62.53
CA LYS OA 297 -29.82 55.80 61.18
C LYS OA 297 -28.75 55.62 60.11
N THR OA 298 -27.52 55.29 60.50
CA THR OA 298 -26.42 55.06 59.57
C THR OA 298 -26.03 53.60 59.48
N ARG OA 299 -25.91 52.90 60.60
CA ARG OA 299 -25.67 51.47 60.53
C ARG OA 299 -26.79 50.74 59.82
N ARG OA 300 -27.93 51.40 59.61
CA ARG OA 300 -29.07 50.76 58.97
C ARG OA 300 -28.95 50.75 57.46
N GLN OA 301 -28.10 51.58 56.88
CA GLN OA 301 -27.86 51.54 55.44
C GLN OA 301 -27.35 50.17 55.06
N PRO OA 302 -28.09 49.40 54.31
CA PRO OA 302 -27.62 48.06 53.97
C PRO OA 302 -26.67 48.06 52.78
N TRP OA 303 -25.39 47.89 53.03
CA TRP OA 303 -24.45 47.53 51.97
C TRP OA 303 -23.62 46.33 52.32
N ALA OA 304 -23.42 46.04 53.59
CA ALA OA 304 -22.78 44.81 54.01
C ALA OA 304 -23.77 43.69 54.17
N LYS OA 305 -25.07 44.01 54.26
CA LYS OA 305 -26.09 43.01 54.44
C LYS OA 305 -25.93 41.88 53.44
N PHE OA 306 -26.16 40.66 53.90
CA PHE OA 306 -25.97 39.49 53.05
C PHE OA 306 -26.93 39.53 51.87
N ASN OA 307 -26.37 39.72 50.68
CA ASN OA 307 -27.15 39.70 49.45
C ASN OA 307 -26.70 38.49 48.64
N GLY OA 308 -27.31 37.35 48.92
CA GLY OA 308 -26.96 36.12 48.22
C GLY OA 308 -28.20 35.28 48.03
N MET OA 309 -28.17 34.47 46.98
CA MET OA 309 -29.29 33.58 46.69
C MET OA 309 -29.15 32.31 47.52
N LEU OA 310 -30.09 32.09 48.43
CA LEU OA 310 -30.08 30.91 49.28
C LEU OA 310 -30.68 29.73 48.54
N ARG OA 311 -30.93 28.65 49.26
CA ARG OA 311 -31.72 27.54 48.72
C ARG OA 311 -33.17 27.92 48.54
N HIS OA 312 -33.59 29.05 49.09
CA HIS OA 312 -34.96 29.50 48.98
C HIS OA 312 -35.26 30.01 47.58
N ASP OA 313 -34.39 30.86 47.04
CA ASP OA 313 -34.62 31.54 45.78
C ASP OA 313 -34.46 30.63 44.58
N TYR OA 314 -34.17 29.35 44.78
CA TYR OA 314 -33.93 28.42 43.69
C TYR OA 314 -35.04 27.38 43.54
N ASN OA 315 -35.39 26.69 44.61
CA ASN OA 315 -36.50 25.75 44.53
C ASN OA 315 -37.84 26.43 44.78
N GLY OA 316 -37.83 27.59 45.42
CA GLY OA 316 -39.04 28.29 45.72
C GLY OA 316 -39.43 28.12 47.17
N PRO OA 317 -40.47 28.83 47.61
CA PRO OA 317 -40.97 28.63 48.97
C PRO OA 317 -41.39 27.19 49.19
N SER OA 318 -41.16 26.71 50.41
CA SER OA 318 -41.40 25.31 50.71
C SER OA 318 -42.90 25.02 50.74
N TYR OA 319 -43.25 23.82 50.28
CA TYR OA 319 -44.65 23.43 50.22
C TYR OA 319 -45.19 23.24 51.63
N ARG OA 320 -46.03 24.18 52.06
CA ARG OA 320 -46.76 24.06 53.31
C ARG OA 320 -48.25 24.03 53.00
N ALA OA 321 -48.96 23.16 53.69
CA ALA OA 321 -50.40 23.06 53.45
C ALA OA 321 -51.08 24.34 53.90
N PRO OA 322 -51.93 24.93 53.07
CA PRO OA 322 -52.61 26.17 53.47
C PRO OA 322 -53.54 25.94 54.66
N THR OA 323 -53.97 27.05 55.25
CA THR OA 323 -54.82 27.03 56.43
C THR OA 323 -56.29 26.94 56.08
N ILE OA 324 -56.63 26.44 54.89
CA ILE OA 324 -58.03 26.36 54.48
C ILE OA 324 -58.75 25.34 55.34
N PHE OA 325 -59.94 25.69 55.81
CA PHE OA 325 -60.68 24.88 56.75
C PHE OA 325 -61.97 24.38 56.13
N PRO OA 326 -62.18 23.08 56.04
CA PRO OA 326 -63.46 22.56 55.55
C PRO OA 326 -64.51 22.58 56.64
N ASP OA 327 -65.64 21.92 56.41
CA ASP OA 327 -66.69 21.77 57.41
C ASP OA 327 -67.27 23.14 57.76
N ALA OA 328 -67.57 23.91 56.74
CA ALA OA 328 -68.18 25.22 56.82
C ALA OA 328 -69.65 25.14 56.42
N PRO OA 329 -70.46 26.08 56.87
CA PRO OA 329 -71.87 26.09 56.44
C PRO OA 329 -71.99 26.44 54.97
N GLU OA 330 -73.14 26.08 54.40
CA GLU OA 330 -73.38 26.30 52.99
C GLU OA 330 -73.27 27.78 52.65
N TYR OA 331 -73.04 28.06 51.37
CA TYR OA 331 -72.94 29.42 50.88
C TYR OA 331 -74.06 29.70 49.90
N THR OA 332 -74.29 30.97 49.63
CA THR OA 332 -75.39 31.39 48.79
C THR OA 332 -74.96 32.25 47.61
N ASN OA 333 -73.71 32.72 47.58
CA ASN OA 333 -73.16 33.51 46.48
C ASN OA 333 -73.93 34.82 46.29
N GLU OA 334 -74.60 35.30 47.32
CA GLU OA 334 -75.21 36.62 47.24
C GLU OA 334 -74.15 37.70 47.26
N ALA OA 335 -74.43 38.79 46.56
CA ALA OA 335 -73.55 39.96 46.53
C ALA OA 335 -74.29 41.23 46.94
N GLY OA 336 -75.52 41.10 47.45
CA GLY OA 336 -76.36 42.24 47.78
C GLY OA 336 -75.81 43.16 48.86
N HIS OA 337 -74.73 42.77 49.52
CA HIS OA 337 -74.09 43.60 50.54
C HIS OA 337 -72.59 43.57 50.25
N LYS OA 338 -72.07 44.67 49.71
CA LYS OA 338 -70.66 44.76 49.36
C LYS OA 338 -70.17 46.18 49.57
N ALA OA 339 -68.89 46.32 49.87
CA ALA OA 339 -68.23 47.61 50.00
C ALA OA 339 -68.97 48.53 50.96
N PHE OA 340 -68.97 48.11 52.22
CA PHE OA 340 -69.69 48.78 53.31
C PHE OA 340 -71.20 48.75 53.05
N GLY PA 45 1.73 86.70 -18.31
CA GLY PA 45 2.82 85.79 -18.03
C GLY PA 45 2.81 84.55 -18.91
N ILE PA 46 3.89 83.77 -18.85
CA ILE PA 46 3.96 82.54 -19.64
C ILE PA 46 2.82 81.59 -19.26
N ALA PA 47 2.80 81.18 -17.99
CA ALA PA 47 1.75 80.28 -17.49
C ALA PA 47 0.36 80.90 -17.57
N THR PA 48 0.25 82.19 -17.87
CA THR PA 48 -1.06 82.79 -18.06
C THR PA 48 -1.64 82.35 -19.40
N SER PA 49 -2.97 82.30 -19.45
CA SER PA 49 -3.69 81.84 -20.63
C SER PA 49 -4.68 82.90 -21.05
N GLY PA 50 -4.80 83.08 -22.37
CA GLY PA 50 -5.81 83.99 -22.89
C GLY PA 50 -5.50 85.42 -22.52
N ARG PA 51 -6.38 86.01 -21.71
CA ARG PA 51 -6.25 87.42 -21.40
C ARG PA 51 -5.18 87.66 -20.34
N VAL PA 52 -4.78 88.92 -20.24
CA VAL PA 52 -3.79 89.38 -19.26
C VAL PA 52 -4.50 90.31 -18.30
N THR PA 53 -4.59 89.91 -17.04
CA THR PA 53 -5.28 90.75 -16.06
C THR PA 53 -4.48 92.02 -15.81
N ASN PA 54 -5.10 92.94 -15.09
CA ASN PA 54 -4.40 94.15 -14.70
C ASN PA 54 -3.48 93.91 -13.52
N GLU PA 55 -3.41 92.69 -13.00
CA GLU PA 55 -2.50 92.40 -11.90
C GLU PA 55 -1.10 92.08 -12.41
N ASP PA 56 -0.97 91.01 -13.20
CA ASP PA 56 0.35 90.56 -13.64
C ASP PA 56 1.03 91.62 -14.49
N ARG PA 57 0.37 92.76 -14.69
CA ARG PA 57 1.11 93.97 -15.03
C ARG PA 57 2.09 94.32 -13.93
N ARG PA 58 1.70 94.10 -12.68
CA ARG PA 58 2.61 94.35 -11.56
C ARG PA 58 3.75 93.36 -11.54
N TRP PA 59 3.42 92.06 -11.63
CA TRP PA 59 4.45 91.03 -11.66
C TRP PA 59 5.50 91.31 -12.72
N TRP PA 60 5.08 91.93 -13.83
CA TRP PA 60 6.03 92.36 -14.83
C TRP PA 60 6.83 93.56 -14.36
N LEU PA 61 6.22 94.42 -13.55
CA LEU PA 61 6.89 95.63 -13.11
C LEU PA 61 7.83 95.35 -11.94
N VAL PA 62 7.36 94.60 -10.96
CA VAL PA 62 8.19 94.27 -9.81
C VAL PA 62 9.51 93.65 -10.25
N HIS PA 63 9.46 92.86 -11.31
CA HIS PA 63 10.62 92.07 -11.74
C HIS PA 63 11.55 92.83 -12.66
N LEU PA 64 11.58 94.16 -12.58
CA LEU PA 64 12.50 94.94 -13.39
C LEU PA 64 13.79 95.26 -12.66
N GLU PA 65 13.85 95.05 -11.36
CA GLU PA 65 15.15 95.04 -10.68
C GLU PA 65 16.06 93.99 -11.29
N CYS PA 66 15.55 92.77 -11.42
CA CYS PA 66 16.36 91.63 -11.78
C CYS PA 66 16.56 91.58 -13.28
N ALA PA 67 16.46 92.74 -13.92
CA ALA PA 67 16.70 92.88 -15.35
C ALA PA 67 17.24 94.28 -15.62
N PRO PA 68 18.46 94.57 -15.17
CA PRO PA 68 18.99 95.93 -15.31
C PRO PA 68 19.57 96.19 -16.69
N ASP PA 69 20.14 95.16 -17.32
CA ASP PA 69 20.63 95.32 -18.68
C ASP PA 69 19.53 95.63 -19.67
N VAL PA 70 18.30 95.21 -19.38
CA VAL PA 70 17.23 95.29 -20.37
C VAL PA 70 16.95 96.75 -20.70
N THR PA 71 16.63 96.99 -21.96
CA THR PA 71 16.43 98.33 -22.50
C THR PA 71 15.55 98.19 -23.73
N PRO PA 72 14.93 99.28 -24.19
CA PRO PA 72 14.14 99.20 -25.43
C PRO PA 72 14.94 98.71 -26.63
N GLY PA 73 16.25 98.55 -26.52
CA GLY PA 73 17.04 97.90 -27.54
C GLY PA 73 17.34 96.44 -27.28
N THR PA 74 16.65 95.81 -26.33
CA THR PA 74 16.88 94.41 -26.04
C THR PA 74 16.15 93.53 -27.03
N PHE PA 75 16.74 92.40 -27.36
CA PHE PA 75 16.18 91.52 -28.37
C PHE PA 75 14.87 90.92 -27.89
N VAL PA 76 13.88 90.86 -28.79
CA VAL PA 76 12.51 90.55 -28.42
C VAL PA 76 12.41 89.17 -27.74
N SER PA 77 13.33 88.26 -28.06
CA SER PA 77 13.30 86.95 -27.44
C SER PA 77 13.32 87.02 -25.92
N TRP PA 78 13.88 88.09 -25.36
CA TRP PA 78 13.65 88.42 -23.95
C TRP PA 78 12.30 89.10 -23.88
N LEU PA 79 11.28 88.28 -23.70
CA LEU PA 79 9.91 88.73 -23.44
C LEU PA 79 9.14 87.53 -22.97
N ASP PA 80 8.31 87.71 -21.95
CA ASP PA 80 7.70 86.58 -21.27
C ASP PA 80 6.82 85.81 -22.25
N CYS PA 81 7.24 84.57 -22.53
CA CYS PA 81 6.56 83.62 -23.42
C CYS PA 81 6.78 83.99 -24.89
N CYS PA 82 7.87 84.70 -25.17
CA CYS PA 82 8.27 84.95 -26.54
C CYS PA 82 9.35 83.94 -26.88
N GLY PA 83 8.92 82.71 -27.13
CA GLY PA 83 9.82 81.60 -27.33
C GLY PA 83 10.60 81.64 -28.63
N THR PA 84 11.01 80.46 -29.11
CA THR PA 84 11.85 80.39 -30.29
C THR PA 84 11.07 80.62 -31.57
N HIS PA 85 9.91 79.97 -31.71
CA HIS PA 85 9.17 80.05 -32.96
C HIS PA 85 8.63 81.46 -33.18
N THR PA 86 7.84 81.96 -32.23
CA THR PA 86 7.23 83.27 -32.37
C THR PA 86 8.25 84.35 -32.74
N THR PA 87 9.49 84.23 -32.25
CA THR PA 87 10.51 85.19 -32.64
C THR PA 87 10.73 85.15 -34.15
N LYS PA 88 10.82 83.95 -34.71
CA LYS PA 88 11.09 83.86 -36.14
C LYS PA 88 9.91 84.39 -36.95
N LYS PA 89 8.70 84.29 -36.42
CA LYS PA 89 7.58 84.95 -37.06
C LYS PA 89 7.58 86.45 -36.81
N LEU PA 90 8.34 86.91 -35.82
CA LEU PA 90 8.51 88.34 -35.60
C LEU PA 90 9.61 88.90 -36.48
N ILE PA 91 10.75 88.23 -36.49
CA ILE PA 91 11.89 88.69 -37.28
C ILE PA 91 11.52 88.75 -38.76
N GLU PA 92 10.70 87.82 -39.22
CA GLU PA 92 10.22 87.86 -40.60
C GLU PA 92 9.47 89.14 -40.91
N ARG PA 93 9.01 89.86 -39.89
CA ARG PA 93 8.37 91.16 -40.07
C ARG PA 93 9.26 92.31 -39.63
N ASN PA 94 10.56 92.09 -39.57
CA ASN PA 94 11.53 93.15 -39.33
C ASN PA 94 11.35 93.77 -37.94
N ILE PA 95 10.89 92.96 -37.00
CA ILE PA 95 10.58 93.42 -35.65
C ILE PA 95 11.59 92.79 -34.71
N TRP PA 96 12.43 93.61 -34.09
CA TRP PA 96 13.57 93.10 -33.36
C TRP PA 96 13.57 93.46 -31.88
N THR PA 97 13.32 94.71 -31.53
CA THR PA 97 13.48 95.15 -30.16
C THR PA 97 12.13 95.24 -29.46
N ILE PA 98 12.21 95.25 -28.13
CA ILE PA 98 11.03 95.49 -27.29
C ILE PA 98 10.32 96.75 -27.71
N GLU PA 99 11.06 97.76 -28.16
CA GLU PA 99 10.46 99.04 -28.52
C GLU PA 99 9.51 98.90 -29.70
N GLN PA 100 9.96 98.25 -30.77
CA GLN PA 100 9.08 98.03 -31.91
C GLN PA 100 7.88 97.17 -31.52
N VAL PA 101 8.05 96.28 -30.55
CA VAL PA 101 6.95 95.41 -30.15
C VAL PA 101 5.82 96.20 -29.52
N ALA PA 102 6.09 97.39 -29.01
CA ALA PA 102 5.02 98.23 -28.50
C ALA PA 102 4.32 99.00 -29.59
N GLU PA 103 4.85 99.03 -30.81
CA GLU PA 103 4.25 99.79 -31.90
C GLU PA 103 3.16 99.04 -32.63
N LEU PA 104 3.07 97.73 -32.46
CA LEU PA 104 2.14 96.93 -33.25
C LEU PA 104 0.71 97.41 -33.02
N ASP PA 105 -0.05 97.51 -34.12
CA ASP PA 105 -1.31 98.23 -34.15
C ASP PA 105 -2.51 97.36 -33.83
N SER PA 106 -2.34 96.35 -32.96
CA SER PA 106 -3.40 95.42 -32.58
C SER PA 106 -3.85 94.59 -33.77
N ASP PA 107 -3.29 94.85 -34.94
CA ASP PA 107 -3.58 94.10 -36.15
C ASP PA 107 -2.38 93.33 -36.68
N ARG PA 108 -1.16 93.85 -36.51
CA ARG PA 108 0.01 93.00 -36.67
C ARG PA 108 -0.03 91.86 -35.67
N VAL PA 109 -0.23 92.18 -34.39
CA VAL PA 109 -0.28 91.15 -33.36
C VAL PA 109 -1.45 90.22 -33.61
N ASP PA 110 -2.52 90.72 -34.23
CA ASP PA 110 -3.64 89.83 -34.56
C ASP PA 110 -3.29 88.92 -35.72
N GLU PA 111 -2.95 89.51 -36.88
CA GLU PA 111 -2.54 88.69 -38.01
C GLU PA 111 -1.34 87.82 -37.67
N LEU PA 112 -0.59 88.17 -36.63
CA LEU PA 112 0.44 87.26 -36.16
C LEU PA 112 -0.17 86.03 -35.49
N LYS PA 113 -0.93 86.23 -34.42
CA LYS PA 113 -1.45 85.10 -33.67
C LYS PA 113 -2.53 84.34 -34.42
N TYR PA 114 -3.26 84.99 -35.32
CA TYR PA 114 -4.39 84.34 -35.99
C TYR PA 114 -4.14 84.03 -37.45
N LYS PA 115 -3.02 84.43 -38.01
CA LYS PA 115 -2.67 84.03 -39.37
C LYS PA 115 -1.28 83.44 -39.48
N GLU PA 116 -0.30 84.00 -38.76
CA GLU PA 116 1.04 83.44 -38.76
C GLU PA 116 1.17 82.23 -37.87
N GLY PA 117 0.10 81.84 -37.17
CA GLY PA 117 0.13 80.67 -36.33
C GLY PA 117 1.12 80.73 -35.19
N CYS PA 118 1.57 81.92 -34.81
CA CYS PA 118 2.41 82.10 -33.63
C CYS PA 118 1.50 82.28 -32.44
N LEU PA 119 1.67 81.44 -31.42
CA LEU PA 119 0.71 81.42 -30.34
C LEU PA 119 1.16 82.32 -29.20
N LYS PA 120 0.25 82.57 -28.27
CA LYS PA 120 0.47 83.44 -27.13
C LYS PA 120 1.00 84.81 -27.55
N MET PA 121 0.77 85.21 -28.80
CA MET PA 121 1.24 86.50 -29.28
C MET PA 121 0.55 87.67 -28.59
N ASP PA 122 -0.51 87.41 -27.84
CA ASP PA 122 -1.15 88.49 -27.09
C ASP PA 122 -0.52 88.67 -25.72
N VAL PA 123 -0.05 87.59 -25.10
CA VAL PA 123 0.51 87.72 -23.76
C VAL PA 123 1.93 88.28 -23.83
N VAL PA 124 2.57 88.19 -24.99
CA VAL PA 124 3.86 88.85 -25.16
C VAL PA 124 3.66 90.31 -25.51
N TRP PA 125 2.69 90.62 -26.37
CA TRP PA 125 2.46 92.00 -26.76
C TRP PA 125 2.22 92.88 -25.54
N GLU PA 126 1.27 92.48 -24.69
CA GLU PA 126 0.99 93.26 -23.50
C GLU PA 126 2.19 93.39 -22.59
N HIS PA 127 3.25 92.60 -22.80
CA HIS PA 127 4.42 92.71 -21.94
C HIS PA 127 5.28 93.90 -22.33
N ALA PA 128 5.71 93.97 -23.59
CA ALA PA 128 6.44 95.15 -24.05
C ALA PA 128 5.58 96.40 -23.93
N ARG PA 129 4.27 96.26 -24.17
CA ARG PA 129 3.34 97.35 -23.92
C ARG PA 129 3.30 97.76 -22.46
N THR PA 130 3.94 97.01 -21.57
CA THR PA 130 3.89 97.30 -20.15
C THR PA 130 5.19 97.87 -19.62
N ILE PA 131 6.34 97.31 -20.02
CA ILE PA 131 7.61 97.74 -19.46
C ILE PA 131 8.35 98.72 -20.35
N ILE PA 132 7.80 99.09 -21.50
CA ILE PA 132 8.57 99.96 -22.39
C ILE PA 132 8.73 101.33 -21.76
N THR PA 133 7.68 101.84 -21.12
CA THR PA 133 7.73 103.20 -20.60
C THR PA 133 8.58 103.31 -19.34
N PRO PA 134 8.63 102.31 -18.46
CA PRO PA 134 9.66 102.31 -17.43
C PRO PA 134 11.04 101.94 -17.94
N LEU PA 135 11.14 101.31 -19.10
CA LEU PA 135 12.44 101.10 -19.72
C LEU PA 135 12.85 102.29 -20.58
N LYS PA 136 11.88 103.00 -21.15
CA LYS PA 136 12.22 104.21 -21.90
C LYS PA 136 12.87 105.25 -21.01
N GLN PA 137 12.45 105.31 -19.74
CA GLN PA 137 13.11 106.14 -18.76
C GLN PA 137 14.42 105.52 -18.25
N ARG PA 138 14.90 104.46 -18.89
CA ARG PA 138 16.25 103.98 -18.69
C ARG PA 138 17.19 104.39 -19.81
N GLU PA 139 16.64 104.78 -20.97
CA GLU PA 139 17.45 105.37 -22.02
C GLU PA 139 17.96 106.75 -21.61
N VAL PA 140 17.15 107.49 -20.88
CA VAL PA 140 17.49 108.86 -20.51
C VAL PA 140 18.21 108.91 -19.16
N SER PA 141 17.71 108.18 -18.17
CA SER PA 141 18.36 108.12 -16.86
C SER PA 141 18.54 106.68 -16.45
N GLY PA 142 19.63 106.38 -15.72
CA GLY PA 142 19.77 105.12 -14.97
C GLY PA 142 19.05 105.19 -13.64
N GLY PA 143 19.73 104.80 -12.57
CA GLY PA 143 19.13 104.83 -11.26
C GLY PA 143 19.06 106.24 -10.71
N VAL PA 144 18.03 106.48 -9.91
CA VAL PA 144 17.85 107.76 -9.25
C VAL PA 144 18.48 107.80 -7.86
N GLU PA 145 18.29 106.77 -7.04
CA GLU PA 145 19.00 106.62 -5.77
C GLU PA 145 20.04 105.51 -5.85
N SER PA 146 20.81 105.42 -6.94
CA SER PA 146 21.66 104.26 -7.12
C SER PA 146 23.04 104.32 -6.45
N GLN PA 147 23.91 105.34 -6.65
CA GLN PA 147 23.81 106.67 -7.28
C GLN PA 147 22.72 107.59 -6.73
N LEU PA 148 22.85 108.12 -5.51
CA LEU PA 148 24.01 108.02 -4.58
C LEU PA 148 25.40 108.17 -5.22
N GLN PA 149 25.55 109.19 -6.07
CA GLN PA 149 26.74 109.31 -6.92
C GLN PA 149 27.98 109.59 -6.09
N SER PA 150 27.89 110.52 -5.13
CA SER PA 150 29.00 110.76 -4.23
C SER PA 150 29.42 109.51 -3.50
N ARG PA 151 28.51 108.54 -3.37
CA ARG PA 151 28.83 107.28 -2.73
C ARG PA 151 29.49 106.30 -3.70
N ILE PA 152 29.01 106.23 -4.95
CA ILE PA 152 29.41 105.14 -5.84
C ILE PA 152 30.90 105.22 -6.18
N LEU PA 153 31.48 106.42 -6.19
CA LEU PA 153 32.92 106.51 -6.39
C LEU PA 153 33.69 106.15 -5.13
N GLU PA 154 33.16 106.54 -3.97
CA GLU PA 154 33.83 106.21 -2.71
C GLU PA 154 33.81 104.71 -2.46
N LEU PA 155 32.87 103.99 -3.07
CA LEU PA 155 32.95 102.54 -3.08
C LEU PA 155 34.03 102.08 -4.06
N ARG PA 156 34.06 102.68 -5.24
CA ARG PA 156 35.07 102.31 -6.24
C ARG PA 156 36.45 102.77 -5.80
N LYS PA 157 36.57 103.98 -5.29
CA LYS PA 157 37.89 104.53 -4.94
C LYS PA 157 38.58 103.70 -3.88
N LYS PA 158 37.84 103.05 -3.00
CA LYS PA 158 38.47 102.23 -1.98
C LYS PA 158 38.79 100.83 -2.46
N ARG PA 159 38.06 100.32 -3.46
CA ARG PA 159 38.31 98.96 -3.92
C ARG PA 159 39.71 98.82 -4.51
N GLU PA 160 40.21 99.87 -5.15
CA GLU PA 160 41.63 99.92 -5.48
C GLU PA 160 42.47 99.92 -4.21
N LEU PA 161 42.15 100.83 -3.28
CA LEU PA 161 42.88 100.90 -2.02
C LEU PA 161 42.83 99.57 -1.27
N GLU PA 162 41.73 98.84 -1.37
CA GLU PA 162 41.57 97.59 -0.63
C GLU PA 162 42.28 96.43 -1.30
N ARG PA 163 41.97 96.17 -2.58
CA ARG PA 163 42.60 95.05 -3.27
C ARG PA 163 44.09 95.28 -3.54
N GLN PA 164 44.63 96.45 -3.17
CA GLN PA 164 46.07 96.68 -3.21
C GLN PA 164 46.72 96.50 -1.85
N ARG PA 165 45.96 96.07 -0.85
CA ARG PA 165 46.54 95.75 0.45
C ARG PA 165 46.85 94.26 0.59
N GLU PA 166 46.14 93.39 -0.12
CA GLU PA 166 46.53 91.98 -0.12
C GLU PA 166 47.80 91.77 -0.94
N LEU PA 167 47.83 92.32 -2.15
CA LEU PA 167 49.07 92.27 -2.94
C LEU PA 167 50.24 92.83 -2.14
N LEU PA 168 49.99 93.91 -1.39
CA LEU PA 168 51.04 94.47 -0.55
C LEU PA 168 51.24 93.68 0.74
N ALA PA 169 50.25 92.90 1.17
CA ALA PA 169 50.48 91.99 2.29
C ALA PA 169 51.51 90.95 1.92
N ARG PA 170 51.58 90.56 0.64
CA ARG PA 170 52.66 89.70 0.17
C ARG PA 170 54.00 90.40 0.29
N GLU PA 171 54.01 91.72 0.30
CA GLU PA 171 55.24 92.51 0.40
C GLU PA 171 55.43 93.08 1.80
N ARG PA 172 54.40 93.74 2.35
CA ARG PA 172 54.56 94.42 3.63
C ARG PA 172 54.87 93.44 4.76
N ALA PA 173 54.39 92.20 4.65
CA ALA PA 173 54.60 91.25 5.74
C ALA PA 173 56.02 90.71 5.72
N THR PA 174 56.61 90.56 4.54
CA THR PA 174 57.94 89.98 4.45
C THR PA 174 59.05 91.01 4.52
N VAL PA 175 58.89 92.17 3.90
CA VAL PA 175 59.90 93.22 3.99
C VAL PA 175 60.01 93.72 5.41
N SER PA 176 58.89 93.76 6.14
CA SER PA 176 58.95 94.04 7.56
C SER PA 176 59.68 92.92 8.30
N ASP PA 177 59.61 91.70 7.79
CA ASP PA 177 60.38 90.61 8.37
C ASP PA 177 61.85 90.70 7.98
N LYS PA 178 62.13 90.95 6.69
CA LYS PA 178 63.51 91.10 6.23
C LYS PA 178 64.28 92.08 7.11
N ARG PA 179 63.61 93.15 7.56
CA ARG PA 179 64.23 94.08 8.48
C ARG PA 179 64.39 93.47 9.86
N GLU PA 180 63.32 92.85 10.37
CA GLU PA 180 63.40 92.18 11.67
C GLU PA 180 64.41 91.04 11.64
N GLU PA 181 64.77 90.58 10.44
CA GLU PA 181 65.89 89.66 10.29
C GLU PA 181 67.20 90.41 10.30
N THR PA 182 67.33 91.42 9.44
CA THR PA 182 68.56 92.19 9.35
C THR PA 182 68.82 93.03 10.59
N LEU PA 183 67.79 93.28 11.40
CA LEU PA 183 68.02 93.94 12.69
C LEU PA 183 68.82 93.07 13.63
N ARG PA 184 68.76 91.75 13.46
CA ARG PA 184 69.45 90.83 14.35
C ARG PA 184 70.72 90.24 13.73
N ARG PA 185 70.85 90.24 12.40
CA ARG PA 185 72.09 89.80 11.79
C ARG PA 185 73.28 90.58 12.32
N LEU PA 186 73.04 91.80 12.81
CA LEU PA 186 74.12 92.67 13.26
C LEU PA 186 74.38 92.55 14.76
N ARG PA 187 73.35 92.22 15.54
CA ARG PA 187 73.48 92.29 16.99
C ARG PA 187 74.49 91.27 17.51
N GLU PA 188 74.60 90.12 16.88
CA GLU PA 188 75.52 89.08 17.34
C GLU PA 188 76.97 89.56 17.26
N ASN QA 1260 37.38 60.28 -36.82
CA ASN QA 1260 36.26 59.35 -36.65
C ASN QA 1260 36.16 58.39 -37.82
N ALA QA 1261 35.97 58.92 -39.02
CA ALA QA 1261 36.02 58.14 -40.25
C ALA QA 1261 37.12 58.71 -41.13
N CYS QA 1262 38.16 57.91 -41.36
CA CYS QA 1262 39.34 58.38 -42.07
C CYS QA 1262 39.75 57.36 -43.12
N HIS QA 1263 39.97 57.85 -44.33
CA HIS QA 1263 40.64 57.08 -45.38
C HIS QA 1263 41.81 57.93 -45.91
N VAL QA 1264 42.42 57.44 -46.98
CA VAL QA 1264 43.55 58.09 -47.63
C VAL QA 1264 43.28 59.58 -47.84
N PRO QA 1265 42.15 59.98 -48.47
CA PRO QA 1265 41.92 61.42 -48.67
C PRO QA 1265 41.13 62.06 -47.55
N GLY QA 1266 41.69 63.12 -46.96
CA GLY QA 1266 41.01 63.97 -46.00
C GLY QA 1266 40.43 63.25 -44.79
N ASP QA 1267 39.36 63.86 -44.26
CA ASP QA 1267 38.67 63.36 -43.08
C ASP QA 1267 37.27 63.97 -43.04
N GLN QA 1268 36.51 63.59 -42.01
CA GLN QA 1268 35.14 64.03 -41.86
C GLN QA 1268 34.67 63.69 -40.44
N ILE QA 1269 33.48 64.18 -40.10
CA ILE QA 1269 32.84 63.91 -38.81
C ILE QA 1269 31.44 63.38 -39.08
N PHE QA 1270 31.08 62.32 -38.37
CA PHE QA 1270 29.81 61.64 -38.57
C PHE QA 1270 29.13 61.50 -37.21
N LEU QA 1271 28.02 60.77 -37.18
CA LEU QA 1271 27.48 60.35 -35.89
C LEU QA 1271 26.85 58.96 -35.96
N VAL QA 1272 26.09 58.61 -34.92
CA VAL QA 1272 25.85 57.21 -34.58
C VAL QA 1272 24.36 56.91 -34.59
N SER QA 1273 23.63 57.51 -35.53
CA SER QA 1273 22.21 57.22 -35.67
C SER QA 1273 21.96 55.73 -35.61
N ASN QA 1274 21.25 55.30 -34.57
CA ASN QA 1274 21.23 53.88 -34.21
C ASN QA 1274 20.69 53.02 -35.34
N SER QA 1275 19.87 53.60 -36.23
CA SER QA 1275 19.50 52.91 -37.45
C SER QA 1275 20.71 52.67 -38.35
N PHE QA 1276 21.67 53.60 -38.35
CA PHE QA 1276 22.83 53.52 -39.25
C PHE QA 1276 23.98 52.86 -38.49
N THR QA 1277 23.95 51.53 -38.47
CA THR QA 1277 25.04 50.75 -37.91
C THR QA 1277 25.89 50.07 -38.97
N ARG QA 1278 25.26 49.50 -40.01
CA ARG QA 1278 26.04 48.85 -41.05
C ARG QA 1278 26.90 49.82 -41.84
N ARG QA 1279 26.83 51.12 -41.53
CA ARG QA 1279 27.76 52.11 -42.05
C ARG QA 1279 28.81 52.51 -41.04
N LEU QA 1280 28.71 52.01 -39.80
CA LEU QA 1280 29.59 52.49 -38.74
C LEU QA 1280 31.05 52.18 -39.04
N LEU QA 1281 31.34 50.95 -39.49
CA LEU QA 1281 32.73 50.57 -39.66
C LEU QA 1281 33.31 51.09 -40.97
N THR QA 1282 32.53 51.04 -42.05
CA THR QA 1282 33.07 51.39 -43.37
C THR QA 1282 31.94 51.98 -44.21
N ARG QA 1283 31.83 53.30 -44.19
CA ARG QA 1283 30.84 54.01 -44.99
C ARG QA 1283 31.56 54.72 -46.13
N THR QA 1284 31.19 54.38 -47.36
CA THR QA 1284 31.73 55.11 -48.50
C THR QA 1284 31.29 56.56 -48.41
N ASP QA 1285 32.16 57.46 -48.86
CA ASP QA 1285 31.84 58.87 -48.76
C ASP QA 1285 32.63 59.65 -49.80
N HIS QA 1286 32.07 60.80 -50.18
CA HIS QA 1286 32.76 61.72 -51.08
C HIS QA 1286 33.93 62.34 -50.33
N CYS QA 1287 35.14 62.05 -50.78
CA CYS QA 1287 36.33 62.45 -50.04
C CYS QA 1287 36.47 63.96 -50.03
N PRO QA 1288 37.05 64.54 -48.98
CA PRO QA 1288 37.23 66.00 -48.98
C PRO QA 1288 38.10 66.47 -50.13
N LYS QA 1289 39.13 65.69 -50.46
CA LYS QA 1289 40.04 66.04 -51.52
C LYS QA 1289 39.29 65.97 -52.86
N CYS QA 1290 40.05 66.19 -53.94
CA CYS QA 1290 39.50 66.53 -55.24
C CYS QA 1290 38.22 65.75 -55.58
N ASP QA 1291 38.31 64.43 -55.65
CA ASP QA 1291 37.11 63.66 -55.96
C ASP QA 1291 37.40 62.19 -55.73
N ARG QA 1292 36.51 61.53 -55.00
CA ARG QA 1292 36.37 60.08 -54.99
C ARG QA 1292 35.22 59.73 -54.06
N LEU QA 1293 34.61 58.57 -54.33
CA LEU QA 1293 33.65 57.98 -53.40
C LEU QA 1293 34.41 57.02 -52.50
N SER QA 1294 35.33 57.60 -51.73
CA SER QA 1294 36.26 56.82 -50.94
C SER QA 1294 35.54 55.99 -49.88
N THR QA 1295 36.10 54.82 -49.58
CA THR QA 1295 35.50 53.91 -48.61
C THR QA 1295 36.14 54.17 -47.26
N PHE QA 1296 35.61 55.18 -46.56
CA PHE QA 1296 36.13 55.52 -45.25
C PHE QA 1296 35.97 54.35 -44.30
N ARG QA 1297 36.85 54.27 -43.32
CA ARG QA 1297 36.76 53.26 -42.28
C ARG QA 1297 36.38 53.93 -40.97
N PHE QA 1298 36.38 53.16 -39.89
CA PHE QA 1298 36.07 53.67 -38.56
C PHE QA 1298 37.37 53.85 -37.79
N MET QA 1299 37.64 55.08 -37.35
CA MET QA 1299 38.84 55.39 -36.59
C MET QA 1299 38.55 55.69 -35.12
N SER QA 1300 37.61 56.59 -34.86
CA SER QA 1300 37.39 57.06 -33.50
C SER QA 1300 35.91 57.12 -33.18
N VAL QA 1301 35.56 56.69 -31.98
CA VAL QA 1301 34.23 56.93 -31.43
C VAL QA 1301 34.05 58.42 -31.24
N SER QA 1302 32.81 58.90 -31.40
CA SER QA 1302 32.54 60.32 -31.18
C SER QA 1302 31.22 60.52 -30.48
N GLY QA 1303 30.94 59.70 -29.48
CA GLY QA 1303 29.78 59.93 -28.64
C GLY QA 1303 28.47 59.52 -29.28
N MET QA 1304 27.40 59.74 -28.52
CA MET QA 1304 26.07 59.22 -28.79
C MET QA 1304 25.19 60.26 -29.47
N VAL QA 1305 24.15 59.77 -30.14
CA VAL QA 1305 23.17 60.63 -30.80
C VAL QA 1305 22.12 61.06 -29.78
N GLY QA 1306 21.34 60.11 -29.30
CA GLY QA 1306 20.36 60.41 -28.29
C GLY QA 1306 20.91 60.25 -26.90
N ARG QA 1307 20.22 60.84 -25.94
CA ARG QA 1307 20.70 60.80 -24.56
C ARG QA 1307 20.56 59.40 -23.98
N MET QA 1308 21.23 59.19 -22.86
CA MET QA 1308 21.18 57.95 -22.08
C MET QA 1308 20.17 58.09 -20.95
N PRO QA 1309 19.37 57.05 -20.70
CA PRO QA 1309 18.25 57.17 -19.75
C PRO QA 1309 18.72 57.61 -18.37
N TYR QA 1310 18.27 58.80 -17.97
CA TYR QA 1310 18.58 59.40 -16.67
C TYR QA 1310 20.08 59.61 -16.50
N LYS QA 1311 20.80 59.69 -17.61
CA LYS QA 1311 22.20 60.06 -17.64
C LYS QA 1311 22.36 61.34 -18.45
N PRO QA 1312 23.15 62.30 -17.98
CA PRO QA 1312 23.27 63.57 -18.70
C PRO QA 1312 23.94 63.43 -20.04
N VAL QA 1313 24.08 64.54 -20.77
CA VAL QA 1313 24.53 64.51 -22.15
C VAL QA 1313 26.01 64.12 -22.26
N ASP QA 1314 26.77 64.24 -21.17
CA ASP QA 1314 28.19 64.00 -21.19
C ASP QA 1314 28.57 62.54 -20.95
N THR QA 1315 27.61 61.68 -20.67
CA THR QA 1315 27.88 60.27 -20.39
C THR QA 1315 28.41 59.47 -21.59
N PRO QA 1316 28.04 59.81 -22.85
CA PRO QA 1316 28.68 59.11 -23.98
C PRO QA 1316 30.17 59.31 -24.05
N GLY QA 1317 30.59 60.57 -24.15
CA GLY QA 1317 31.99 60.90 -24.29
C GLY QA 1317 32.41 60.63 -25.73
N PRO QA 1318 33.00 61.62 -26.38
CA PRO QA 1318 33.39 61.40 -27.78
C PRO QA 1318 34.44 60.32 -27.93
N SER QA 1319 35.64 60.57 -27.41
CA SER QA 1319 36.78 59.65 -27.40
C SER QA 1319 37.93 60.42 -26.78
N TYR QA 1320 39.04 59.73 -26.57
CA TYR QA 1320 40.26 60.46 -26.24
C TYR QA 1320 40.87 61.06 -27.50
N ALA QA 1321 41.22 60.21 -28.46
CA ALA QA 1321 41.87 60.72 -29.66
C ALA QA 1321 40.99 61.69 -30.44
N THR QA 1322 39.68 61.63 -30.26
CA THR QA 1322 38.83 62.61 -30.94
C THR QA 1322 39.02 64.00 -30.33
N LEU QA 1323 39.21 64.08 -29.01
CA LEU QA 1323 39.69 65.33 -28.43
C LEU QA 1323 41.04 65.71 -29.01
N TYR QA 1324 41.94 64.73 -29.13
CA TYR QA 1324 43.22 64.90 -29.80
C TYR QA 1324 43.06 65.19 -31.29
N TRP QA 1325 41.84 65.10 -31.81
CA TRP QA 1325 41.59 65.34 -33.22
C TRP QA 1325 41.21 66.80 -33.48
N ARG QA 1326 40.10 67.25 -32.88
CA ARG QA 1326 39.70 68.64 -33.05
C ARG QA 1326 40.72 69.60 -32.46
N LYS QA 1327 41.41 69.18 -31.39
CA LYS QA 1327 42.52 69.96 -30.87
C LYS QA 1327 43.74 69.89 -31.78
N GLN QA 1328 43.72 69.01 -32.78
CA GLN QA 1328 44.77 68.98 -33.80
C GLN QA 1328 44.24 69.27 -35.19
N ARG QA 1329 43.04 68.80 -35.53
CA ARG QA 1329 42.45 69.16 -36.82
C ARG QA 1329 42.04 70.61 -36.85
N SER QA 1330 41.13 71.00 -35.95
CA SER QA 1330 40.84 72.43 -35.85
C SER QA 1330 41.89 73.11 -34.99
N GLY QA 1331 41.84 72.87 -33.67
CA GLY QA 1331 43.02 73.01 -32.84
C GLY QA 1331 43.60 74.40 -32.76
N LYS QA 1332 44.03 74.90 -33.91
CA LYS QA 1332 44.81 76.12 -34.02
C LYS QA 1332 43.91 77.32 -34.34
N ILE QA 1333 43.03 77.63 -33.38
CA ILE QA 1333 42.27 78.86 -33.46
C ILE QA 1333 43.17 80.06 -33.20
N ALA QA 1334 44.32 79.84 -32.57
CA ALA QA 1334 45.33 80.88 -32.44
C ALA QA 1334 46.13 81.05 -33.71
N SER QA 1335 46.09 80.08 -34.62
CA SER QA 1335 46.77 80.21 -35.90
C SER QA 1335 45.89 80.81 -36.98
N GLN QA 1336 44.57 80.77 -36.82
CA GLN QA 1336 43.66 81.49 -37.72
C GLN QA 1336 42.68 82.38 -36.96
N PRO QA 1337 43.17 83.24 -36.06
CA PRO QA 1337 42.27 84.25 -35.50
C PRO QA 1337 42.22 85.41 -36.47
N LEU QA 1338 42.77 85.17 -37.65
CA LEU QA 1338 42.78 86.15 -38.73
C LEU QA 1338 41.43 86.16 -39.41
N ASN QA 1339 40.91 87.36 -39.64
CA ASN QA 1339 39.65 87.58 -40.35
C ASN QA 1339 38.45 87.11 -39.53
N GLU QA 1340 38.69 86.43 -38.42
CA GLU QA 1340 37.57 85.82 -37.73
C GLU QA 1340 37.98 85.30 -36.37
N VAL QA 1341 37.03 85.36 -35.45
CA VAL QA 1341 37.05 84.67 -34.17
C VAL QA 1341 35.72 83.94 -34.06
N CYS QA 1342 35.41 83.39 -32.88
CA CYS QA 1342 34.18 82.63 -32.69
C CYS QA 1342 32.92 83.36 -33.16
N ASN QA 1343 32.97 84.68 -33.30
CA ASN QA 1343 31.81 85.43 -33.77
C ASN QA 1343 31.72 85.32 -35.29
N LYS QA 1344 30.84 86.11 -35.90
CA LYS QA 1344 30.67 86.12 -37.34
C LYS QA 1344 31.55 87.15 -38.02
N TYR RA 24 -24.23 -63.54 38.50
CA TYR RA 24 -23.63 -64.90 38.54
C TYR RA 24 -22.14 -64.90 38.17
N ALA RA 25 -21.32 -64.29 39.02
CA ALA RA 25 -19.86 -64.28 38.82
C ALA RA 25 -19.27 -65.45 39.59
N HIS RA 26 -20.10 -66.16 40.33
CA HIS RA 26 -19.58 -67.37 41.00
C HIS RA 26 -19.09 -68.35 39.95
N THR RA 27 -19.79 -68.47 38.83
CA THR RA 27 -19.21 -69.34 37.78
C THR RA 27 -18.16 -68.49 37.09
N PRO RA 28 -16.86 -68.81 37.22
CA PRO RA 28 -15.80 -67.98 36.68
C PRO RA 28 -15.66 -68.30 35.20
N GLU RA 29 -16.34 -69.36 34.74
CA GLU RA 29 -16.37 -69.62 33.28
C GLU RA 29 -17.44 -68.68 32.76
N LEU RA 30 -17.80 -68.80 31.49
CA LEU RA 30 -18.78 -67.86 30.87
C LEU RA 30 -17.96 -66.68 30.39
N ARG RA 31 -16.66 -66.68 30.71
CA ARG RA 31 -15.76 -65.67 30.14
C ARG RA 31 -15.83 -66.01 28.66
N HIS RA 32 -16.02 -67.29 28.36
CA HIS RA 32 -15.99 -67.77 26.97
C HIS RA 32 -17.04 -67.05 26.15
N MET RA 33 -18.21 -66.75 26.72
CA MET RA 33 -19.15 -65.91 25.93
C MET RA 33 -18.63 -64.50 26.10
N ALA RA 34 -18.19 -63.86 25.02
CA ALA RA 34 -17.56 -62.54 25.21
C ALA RA 34 -18.16 -61.47 24.32
N ASP RA 35 -17.83 -61.44 23.03
CA ASP RA 35 -18.34 -60.33 22.18
C ASP RA 35 -18.27 -60.76 20.71
N GLY RA 36 -18.55 -59.82 19.81
CA GLY RA 36 -18.04 -59.88 18.42
C GLY RA 36 -17.53 -58.51 17.99
N ALA RA 37 -17.46 -57.55 18.94
CA ALA RA 37 -17.03 -56.17 18.65
C ALA RA 37 -15.80 -55.84 19.47
N ALA RA 38 -14.75 -55.31 18.83
CA ALA RA 38 -13.47 -54.98 19.50
C ALA RA 38 -12.59 -56.22 19.57
N MET RA 39 -13.09 -57.36 19.11
CA MET RA 39 -12.31 -58.61 19.23
C MET RA 39 -12.57 -59.47 18.00
N SER RA 40 -11.54 -60.16 17.54
CA SER RA 40 -11.67 -60.97 16.31
C SER RA 40 -12.65 -62.11 16.58
N LEU RA 41 -13.52 -62.39 15.62
CA LEU RA 41 -14.50 -63.48 15.74
C LEU RA 41 -14.27 -64.47 14.62
N SER RA 42 -13.99 -65.74 14.93
CA SER RA 42 -13.89 -66.76 13.86
C SER RA 42 -13.99 -68.18 14.43
N GLY RA 43 -14.15 -69.17 13.57
CA GLY RA 43 -14.16 -70.58 13.99
C GLY RA 43 -15.23 -70.87 15.01
N GLN RA 44 -14.88 -71.57 16.08
CA GLN RA 44 -15.90 -71.99 17.06
C GLN RA 44 -16.54 -70.74 17.66
N ARG RA 45 -15.74 -69.69 17.86
CA ARG RA 45 -16.26 -68.47 18.52
C ARG RA 45 -16.96 -67.56 17.51
N ILE RA 46 -18.15 -67.94 17.04
CA ILE RA 46 -18.95 -67.05 16.16
C ILE RA 46 -20.15 -66.65 17.00
N PRO RA 47 -20.61 -65.38 16.97
CA PRO RA 47 -21.64 -64.91 17.88
C PRO RA 47 -22.96 -65.71 17.83
N LEU RA 48 -23.56 -65.95 18.98
CA LEU RA 48 -24.77 -66.79 19.05
C LEU RA 48 -26.01 -66.04 18.53
N LEU RA 49 -25.88 -64.77 18.14
CA LEU RA 49 -26.96 -64.12 17.44
C LEU RA 49 -26.64 -63.87 15.97
N LYS RA 50 -25.39 -63.60 15.67
CA LYS RA 50 -24.99 -63.28 14.32
C LYS RA 50 -25.28 -64.46 13.40
N PRO RA 51 -26.07 -64.29 12.35
CA PRO RA 51 -26.33 -65.41 11.43
C PRO RA 51 -25.07 -65.85 10.71
N THR RA 52 -25.21 -66.83 9.84
CA THR RA 52 -24.08 -67.35 9.08
C THR RA 52 -24.38 -67.44 7.59
N LEU RA 53 -25.53 -66.97 7.15
CA LEU RA 53 -25.85 -66.99 5.72
C LEU RA 53 -24.89 -66.07 4.99
N SER RA 54 -24.06 -66.65 4.15
CA SER RA 54 -23.16 -65.89 3.29
C SER RA 54 -23.70 -65.89 1.88
N LYS RA 55 -22.93 -65.32 0.96
CA LYS RA 55 -23.32 -65.35 -0.44
C LYS RA 55 -23.33 -66.78 -0.97
N TRP RA 56 -22.39 -67.59 -0.51
CA TRP RA 56 -22.18 -68.92 -1.07
C TRP RA 56 -22.71 -70.04 -0.19
N SER RA 57 -22.66 -69.89 1.13
CA SER RA 57 -23.16 -70.92 2.03
C SER RA 57 -24.51 -70.44 2.56
N ARG RA 58 -25.59 -70.88 1.92
CA ARG RA 58 -26.93 -70.41 2.26
C ARG RA 58 -27.45 -71.10 3.52
N GLN RA 59 -26.78 -70.82 4.63
CA GLN RA 59 -27.19 -71.39 5.90
C GLN RA 59 -28.43 -70.69 6.44
N LEU RA 60 -29.31 -71.47 7.05
CA LEU RA 60 -30.55 -70.98 7.64
C LEU RA 60 -30.54 -71.21 9.14
N ARG RA 61 -31.39 -70.45 9.83
CA ARG RA 61 -31.49 -70.48 11.28
C ARG RA 61 -32.95 -70.49 11.69
N SER RA 62 -33.24 -71.17 12.78
CA SER RA 62 -34.61 -71.25 13.29
C SER RA 62 -35.01 -70.03 14.11
N ASP RA 63 -34.05 -69.36 14.76
CA ASP RA 63 -34.37 -68.14 15.47
C ASP RA 63 -34.93 -67.09 14.53
N ILE RA 64 -34.21 -66.82 13.43
CA ILE RA 64 -34.67 -65.87 12.44
C ILE RA 64 -36.00 -66.28 11.84
N TYR RA 65 -36.24 -67.58 11.74
CA TYR RA 65 -37.46 -68.04 11.08
C TYR RA 65 -38.68 -67.89 11.96
N ASP RA 66 -38.52 -67.86 13.28
CA ASP RA 66 -39.68 -67.64 14.14
C ASP RA 66 -40.11 -66.18 14.11
N GLU RA 67 -39.15 -65.26 14.13
CA GLU RA 67 -39.48 -63.85 13.95
C GLU RA 67 -40.36 -63.66 12.72
N LEU RA 68 -40.05 -64.36 11.65
CA LEU RA 68 -40.86 -64.25 10.45
C LEU RA 68 -42.18 -65.01 10.56
N LEU RA 69 -42.25 -66.01 11.43
CA LEU RA 69 -43.47 -66.81 11.57
C LEU RA 69 -44.36 -66.34 12.72
N LYS RA 70 -43.87 -65.45 13.58
CA LYS RA 70 -44.69 -64.87 14.63
C LYS RA 70 -45.00 -63.41 14.35
N LEU RA 71 -44.80 -62.95 13.12
CA LEU RA 71 -45.12 -61.61 12.71
C LEU RA 71 -46.40 -61.60 11.88
N PRO RA 72 -47.26 -60.61 12.07
CA PRO RA 72 -48.47 -60.53 11.26
C PRO RA 72 -48.16 -60.13 9.83
N LEU RA 73 -48.43 -61.02 8.89
CA LEU RA 73 -48.21 -60.76 7.48
C LEU RA 73 -49.15 -61.65 6.68
N ARG RA 74 -49.49 -61.20 5.48
CA ARG RA 74 -50.04 -62.12 4.52
C ARG RA 74 -48.90 -62.97 3.94
N TYR RA 75 -49.24 -63.84 2.99
CA TYR RA 75 -48.27 -64.73 2.36
C TYR RA 75 -47.64 -65.65 3.42
N ALA RA 76 -48.46 -66.60 3.87
CA ALA RA 76 -48.02 -67.64 4.78
C ALA RA 76 -46.73 -68.27 4.30
N LEU RA 77 -45.68 -68.13 5.10
CA LEU RA 77 -44.38 -68.67 4.72
C LEU RA 77 -44.42 -70.19 4.69
N HIS RA 78 -43.32 -70.78 4.24
CA HIS RA 78 -43.23 -72.22 4.19
C HIS RA 78 -42.86 -72.78 5.55
N ASP RA 79 -43.41 -73.93 5.87
CA ASP RA 79 -43.09 -74.60 7.11
C ASP RA 79 -41.59 -74.87 7.15
N PHE RA 80 -40.97 -74.59 8.30
CA PHE RA 80 -39.55 -74.87 8.45
C PHE RA 80 -39.23 -76.34 8.30
N ARG RA 81 -40.24 -77.20 8.28
CA ARG RA 81 -40.03 -78.61 7.96
C ARG RA 81 -39.74 -78.79 6.47
N THR RA 82 -40.68 -78.37 5.62
CA THR RA 82 -40.52 -78.48 4.17
C THR RA 82 -39.61 -77.41 3.59
N LEU RA 83 -38.83 -76.75 4.43
CA LEU RA 83 -37.87 -75.75 3.99
C LEU RA 83 -36.43 -76.25 4.07
N GLN RA 84 -36.21 -77.50 4.48
CA GLN RA 84 -34.86 -77.96 4.76
C GLN RA 84 -34.24 -78.61 3.53
N ALA RA 85 -33.10 -78.07 3.11
CA ALA RA 85 -32.19 -78.72 2.19
C ALA RA 85 -31.13 -79.54 2.92
N HIS RA 86 -31.15 -79.50 4.25
CA HIS RA 86 -30.21 -80.25 5.08
C HIS RA 86 -30.84 -80.43 6.45
N ILE RA 87 -30.64 -81.61 7.04
CA ILE RA 87 -31.23 -81.91 8.34
C ILE RA 87 -30.38 -81.34 9.48
N HIS RA 113 -31.24 -96.66 -0.92
CA HIS RA 113 -31.23 -97.57 0.21
C HIS RA 113 -30.67 -98.94 -0.18
N ALA RA 114 -29.39 -98.95 -0.57
CA ALA RA 114 -28.71 -100.23 -0.78
C ALA RA 114 -27.94 -100.64 0.46
N SER RA 115 -27.02 -99.79 0.91
CA SER RA 115 -26.28 -100.02 2.15
C SER RA 115 -26.87 -99.21 3.30
N SER RA 116 -28.10 -99.59 3.68
CA SER RA 116 -28.83 -98.98 4.79
C SER RA 116 -29.01 -97.47 4.56
N GLY RA 117 -29.75 -97.16 3.51
CA GLY RA 117 -30.05 -95.78 3.19
C GLY RA 117 -28.93 -95.09 2.46
N LEU RA 118 -29.27 -94.29 1.45
CA LEU RA 118 -28.29 -93.56 0.67
C LEU RA 118 -28.60 -92.07 0.71
N SER RA 119 -27.63 -91.26 0.30
CA SER RA 119 -27.76 -89.82 0.42
C SER RA 119 -28.89 -89.30 -0.46
N SER RA 120 -29.20 -88.02 -0.29
CA SER RA 120 -30.34 -87.42 -0.98
C SER RA 120 -30.03 -87.03 -2.42
N ALA RA 121 -28.84 -87.34 -2.92
CA ALA RA 121 -28.49 -87.06 -4.31
C ALA RA 121 -28.99 -88.12 -5.26
N SER RA 122 -29.97 -88.88 -4.79
CA SER RA 122 -30.44 -90.03 -5.59
C SER RA 122 -29.28 -90.96 -5.95
N PRO RA 123 -28.35 -91.28 -5.05
CA PRO RA 123 -27.36 -92.28 -5.36
C PRO RA 123 -28.38 -93.42 -5.55
N ASP RA 124 -28.33 -94.11 -6.70
CA ASP RA 124 -29.36 -95.12 -7.02
C ASP RA 124 -29.09 -96.45 -6.33
N ALA RA 125 -30.03 -97.39 -6.39
CA ALA RA 125 -29.92 -98.62 -5.56
C ALA RA 125 -28.60 -99.31 -5.83
N PRO RA 126 -28.07 -99.30 -7.07
CA PRO RA 126 -26.83 -100.01 -7.33
C PRO RA 126 -25.72 -99.37 -6.49
N ALA RA 127 -26.00 -98.25 -5.79
CA ALA RA 127 -24.95 -97.49 -5.05
C ALA RA 127 -24.00 -97.01 -6.13
N TYR RA 128 -24.56 -96.75 -7.30
CA TYR RA 128 -23.78 -96.30 -8.45
C TYR RA 128 -24.40 -95.04 -9.04
N TYR RA 129 -25.34 -95.20 -9.96
CA TYR RA 129 -25.79 -93.97 -10.66
C TYR RA 129 -26.31 -92.94 -9.68
N ALA RA 130 -25.83 -91.71 -9.81
CA ALA RA 130 -26.27 -90.60 -8.93
C ALA RA 130 -26.63 -89.43 -9.83
N VAL RA 131 -27.36 -88.44 -9.33
CA VAL RA 131 -27.94 -87.44 -10.22
C VAL RA 131 -27.44 -86.08 -9.79
N ALA RA 132 -27.25 -85.20 -10.77
CA ALA RA 132 -26.44 -83.99 -10.61
C ALA RA 132 -26.96 -83.02 -9.55
N GLY RA 133 -28.13 -82.43 -9.78
CA GLY RA 133 -28.63 -81.40 -8.89
C GLY RA 133 -29.59 -81.89 -7.82
N ARG RA 134 -29.14 -82.71 -6.89
CA ARG RA 134 -30.03 -83.28 -5.89
C ARG RA 134 -29.55 -83.18 -4.45
N ASP RA 135 -28.26 -83.08 -4.18
CA ASP RA 135 -27.77 -82.87 -2.83
C ASP RA 135 -26.74 -81.76 -2.82
N SER RA 136 -26.72 -81.01 -1.73
CA SER RA 136 -25.88 -79.82 -1.64
C SER RA 136 -25.61 -79.54 -0.17
N ALA RA 137 -24.37 -79.80 0.27
CA ALA RA 137 -23.99 -79.51 1.64
C ALA RA 137 -23.74 -78.03 1.87
N VAL RA 138 -23.95 -77.20 0.85
CA VAL RA 138 -23.77 -75.76 0.98
C VAL RA 138 -25.08 -75.04 1.19
N GLY RA 139 -26.19 -75.75 1.17
CA GLY RA 139 -27.48 -75.15 1.39
C GLY RA 139 -28.24 -74.74 0.15
N TYR RA 140 -27.79 -75.13 -1.03
CA TYR RA 140 -28.51 -74.73 -2.24
C TYR RA 140 -29.68 -75.66 -2.51
N ALA RA 141 -30.80 -75.06 -2.92
CA ALA RA 141 -31.98 -75.79 -3.35
C ALA RA 141 -32.89 -74.86 -4.12
N PRO RA 142 -33.50 -75.31 -5.21
CA PRO RA 142 -34.38 -74.45 -6.01
C PRO RA 142 -35.55 -73.91 -5.18
N PRO RA 143 -36.30 -72.95 -5.70
CA PRO RA 143 -37.49 -72.48 -5.00
C PRO RA 143 -38.50 -73.60 -4.79
N LEU RA 144 -39.35 -73.41 -3.79
CA LEU RA 144 -40.38 -74.39 -3.48
C LEU RA 144 -41.77 -73.95 -3.91
N GLY RA 145 -41.93 -72.70 -4.34
CA GLY RA 145 -43.23 -72.21 -4.75
C GLY RA 145 -44.06 -71.82 -3.55
N PRO RA 146 -45.00 -70.88 -3.74
CA PRO RA 146 -45.77 -70.37 -2.61
C PRO RA 146 -46.53 -71.48 -1.90
N ALA RA 147 -46.69 -71.30 -0.58
CA ALA RA 147 -47.28 -72.34 0.25
C ALA RA 147 -48.80 -72.34 0.20
N ASP RA 148 -49.42 -71.23 -0.16
CA ASP RA 148 -50.87 -71.14 -0.22
C ASP RA 148 -51.34 -71.34 -1.65
N PRO RA 149 -51.96 -72.47 -1.98
CA PRO RA 149 -52.42 -72.71 -3.36
C PRO RA 149 -53.68 -71.95 -3.75
N VAL RA 150 -54.07 -70.92 -2.99
CA VAL RA 150 -55.23 -70.10 -3.32
C VAL RA 150 -54.90 -68.62 -3.42
N ASP RA 151 -53.63 -68.24 -3.27
CA ASP RA 151 -53.25 -66.84 -3.20
C ASP RA 151 -52.26 -66.50 -4.30
N VAL RA 152 -52.32 -65.26 -4.76
CA VAL RA 152 -51.52 -64.78 -5.88
C VAL RA 152 -50.62 -63.68 -5.35
N ILE RA 153 -49.39 -64.06 -4.98
CA ILE RA 153 -48.43 -63.09 -4.44
C ILE RA 153 -48.15 -62.02 -5.48
N PRO RA 154 -48.17 -60.73 -5.10
CA PRO RA 154 -48.10 -59.66 -6.08
C PRO RA 154 -46.70 -59.32 -6.54
N PHE RA 155 -45.67 -60.00 -6.06
CA PHE RA 155 -44.31 -59.69 -6.45
C PHE RA 155 -43.53 -60.99 -6.60
N PHE RA 156 -42.68 -61.04 -7.61
CA PHE RA 156 -41.89 -62.22 -7.93
C PHE RA 156 -40.43 -61.82 -7.93
N VAL RA 157 -39.67 -62.30 -6.95
CA VAL RA 157 -38.24 -62.04 -6.91
C VAL RA 157 -37.53 -63.06 -7.79
N HIS RA 158 -36.50 -62.61 -8.50
CA HIS RA 158 -35.84 -63.41 -9.51
C HIS RA 158 -34.43 -63.71 -9.06
N ARG RA 159 -34.16 -64.96 -8.71
CA ARG RA 159 -32.81 -65.36 -8.39
C ARG RA 159 -31.87 -65.06 -9.55
N SER RA 160 -30.60 -64.90 -9.23
CA SER RA 160 -29.63 -64.45 -10.20
C SER RA 160 -28.94 -65.64 -10.86
N SER RA 161 -28.14 -65.33 -11.89
CA SER RA 161 -27.50 -66.34 -12.71
C SER RA 161 -26.66 -67.32 -11.92
N ASN RA 162 -26.47 -67.09 -10.62
CA ASN RA 162 -25.75 -68.03 -9.77
C ASN RA 162 -26.62 -68.49 -8.61
N GLY RA 163 -27.92 -68.25 -8.68
CA GLY RA 163 -28.82 -68.76 -7.67
C GLY RA 163 -28.90 -67.96 -6.40
N HIS RA 164 -28.65 -66.66 -6.47
CA HIS RA 164 -28.66 -65.84 -5.26
C HIS RA 164 -30.03 -65.25 -5.03
N LEU RA 165 -30.09 -64.29 -4.13
CA LEU RA 165 -31.26 -63.50 -3.82
C LEU RA 165 -30.88 -62.04 -3.79
N PRO RA 166 -31.76 -61.15 -4.25
CA PRO RA 166 -31.31 -59.85 -4.74
C PRO RA 166 -30.73 -58.86 -3.72
N GLY RA 167 -30.65 -59.23 -2.45
CA GLY RA 167 -30.22 -58.29 -1.43
C GLY RA 167 -28.72 -58.21 -1.31
N LYS RA 168 -28.18 -56.99 -1.46
CA LYS RA 168 -26.76 -56.74 -1.29
C LYS RA 168 -26.55 -55.52 -0.40
N VAL RA 169 -25.70 -55.66 0.62
CA VAL RA 169 -25.48 -54.60 1.59
C VAL RA 169 -24.32 -53.74 1.11
N TYR RA 170 -24.62 -52.48 0.79
CA TYR RA 170 -23.61 -51.52 0.36
C TYR RA 170 -23.25 -50.63 1.54
N SER RA 171 -22.40 -49.64 1.29
CA SER RA 171 -22.03 -48.67 2.29
C SER RA 171 -22.30 -47.27 1.77
N MET RA 172 -22.70 -46.39 2.68
CA MET RA 172 -22.87 -44.98 2.34
C MET RA 172 -21.50 -44.30 2.30
N ASN RA 173 -21.10 -43.81 1.13
CA ASN RA 173 -19.82 -43.14 0.95
C ASN RA 173 -18.67 -44.05 1.37
N ALA RA 174 -18.49 -45.10 0.57
CA ALA RA 174 -17.45 -46.08 0.84
C ALA RA 174 -16.06 -45.49 0.74
N LYS RA 175 -15.91 -44.32 0.11
CA LYS RA 175 -14.59 -43.70 -0.02
C LYS RA 175 -13.95 -43.50 1.34
N THR RA 176 -14.65 -42.85 2.25
CA THR RA 176 -14.17 -42.64 3.61
C THR RA 176 -14.40 -43.85 4.49
N LEU RA 177 -14.79 -44.99 3.93
CA LEU RA 177 -15.05 -46.21 4.68
C LEU RA 177 -15.97 -45.93 5.86
N MET RA 178 -17.14 -45.39 5.56
CA MET RA 178 -18.09 -45.08 6.60
C MET RA 178 -18.89 -46.32 6.96
N PRO RA 179 -19.00 -46.67 8.23
CA PRO RA 179 -19.73 -47.87 8.64
C PRO RA 179 -21.24 -47.63 8.75
N ALA RA 180 -21.82 -47.15 7.65
CA ALA RA 180 -23.25 -46.92 7.56
C ALA RA 180 -23.74 -47.59 6.29
N PHE RA 181 -24.49 -48.68 6.45
CA PHE RA 181 -24.79 -49.56 5.35
C PHE RA 181 -26.28 -49.54 5.03
N TYR RA 182 -26.60 -49.81 3.79
CA TYR RA 182 -27.99 -49.99 3.41
C TYR RA 182 -28.13 -51.26 2.61
N MET RA 183 -29.31 -51.54 2.09
CA MET RA 183 -29.52 -52.71 1.25
C MET RA 183 -30.00 -52.28 -0.12
N ARG RA 184 -30.13 -53.25 -1.00
CA ARG RA 184 -30.71 -52.99 -2.31
C ARG RA 184 -31.18 -54.32 -2.86
N ILE RA 185 -32.43 -54.36 -3.28
CA ILE RA 185 -33.06 -55.59 -3.73
C ILE RA 185 -33.32 -55.42 -5.22
N GLN RA 186 -32.36 -55.87 -6.02
CA GLN RA 186 -32.26 -55.42 -7.40
C GLN RA 186 -33.16 -56.20 -8.34
N ASN RA 187 -33.45 -57.47 -8.04
CA ASN RA 187 -34.11 -58.35 -8.99
C ASN RA 187 -35.61 -58.44 -8.80
N ILE RA 188 -36.21 -57.46 -8.12
CA ILE RA 188 -37.63 -57.51 -7.86
C ILE RA 188 -38.40 -57.44 -9.16
N GLU RA 189 -39.62 -57.96 -9.14
CA GLU RA 189 -40.50 -57.94 -10.28
C GLU RA 189 -41.93 -58.08 -9.78
N GLY RA 190 -42.88 -57.61 -10.57
CA GLY RA 190 -44.25 -57.63 -10.12
C GLY RA 190 -44.66 -56.33 -9.47
N ASP RA 191 -45.57 -56.38 -8.52
CA ASP RA 191 -46.05 -55.17 -7.85
C ASP RA 191 -45.08 -54.81 -6.73
N MET RA 192 -43.91 -54.30 -7.14
CA MET RA 192 -42.83 -54.03 -6.21
C MET RA 192 -43.22 -53.05 -5.12
N PHE RA 193 -44.35 -52.35 -5.27
CA PHE RA 193 -44.82 -51.49 -4.19
C PHE RA 193 -45.47 -52.31 -3.09
N ARG RA 194 -46.28 -53.31 -3.46
CA ARG RA 194 -46.79 -54.24 -2.46
C ARG RA 194 -45.69 -55.15 -1.92
N PHE RA 195 -44.50 -55.11 -2.52
CA PHE RA 195 -43.31 -55.67 -1.92
C PHE RA 195 -42.71 -54.73 -0.89
N GLU RA 196 -42.81 -53.43 -1.12
CA GLU RA 196 -42.34 -52.46 -0.14
C GLU RA 196 -43.11 -52.58 1.16
N GLU RA 197 -44.42 -52.82 1.07
CA GLU RA 197 -45.25 -52.85 2.26
C GLU RA 197 -44.84 -53.99 3.19
N GLU RA 198 -44.65 -55.19 2.62
CA GLU RA 198 -44.26 -56.32 3.44
C GLU RA 198 -42.95 -56.08 4.17
N LEU RA 199 -42.05 -55.32 3.57
CA LEU RA 199 -40.81 -54.99 4.26
C LEU RA 199 -41.05 -54.09 5.45
N MET RA 200 -42.11 -53.27 5.41
CA MET RA 200 -42.42 -52.43 6.55
C MET RA 200 -42.83 -53.26 7.75
N LYS RA 201 -43.68 -54.26 7.54
CA LYS RA 201 -44.11 -55.10 8.64
C LYS RA 201 -42.98 -55.89 9.26
N ILE RA 202 -41.87 -56.07 8.53
CA ILE RA 202 -40.67 -56.67 9.10
C ILE RA 202 -39.74 -55.61 9.63
N PHE RA 203 -39.52 -54.57 8.84
CA PHE RA 203 -38.64 -53.46 9.18
C PHE RA 203 -39.45 -52.19 9.38
N PRO RA 204 -40.14 -52.02 10.50
CA PRO RA 204 -41.02 -50.86 10.63
C PRO RA 204 -40.27 -49.56 10.72
N THR RA 205 -39.02 -49.57 11.18
CA THR RA 205 -38.30 -48.35 11.49
C THR RA 205 -37.12 -48.11 10.56
N LYS RA 206 -37.13 -48.72 9.37
CA LYS RA 206 -36.07 -48.51 8.41
C LYS RA 206 -36.59 -47.67 7.25
N LYS RA 207 -35.83 -46.66 6.87
CA LYS RA 207 -36.25 -45.79 5.78
C LYS RA 207 -36.20 -46.56 4.48
N ILE RA 208 -37.36 -46.98 3.99
CA ILE RA 208 -37.48 -47.85 2.83
C ILE RA 208 -37.88 -47.02 1.62
N PHE RA 209 -37.10 -47.10 0.55
CA PHE RA 209 -37.40 -46.39 -0.68
C PHE RA 209 -37.57 -47.40 -1.81
N VAL RA 210 -38.12 -46.93 -2.92
CA VAL RA 210 -38.52 -47.79 -4.02
C VAL RA 210 -38.32 -47.06 -5.33
N ARG RA 211 -37.67 -47.71 -6.28
CA ARG RA 211 -37.59 -47.26 -7.65
C ARG RA 211 -38.03 -48.39 -8.57
N SER RA 212 -38.01 -48.14 -9.87
CA SER RA 212 -38.59 -49.07 -10.82
C SER RA 212 -37.89 -50.42 -10.81
N HIS RA 213 -36.59 -50.44 -10.48
CA HIS RA 213 -35.82 -51.67 -10.53
C HIS RA 213 -35.42 -52.20 -9.16
N SER RA 214 -35.18 -51.32 -8.19
CA SER RA 214 -34.65 -51.71 -6.90
C SER RA 214 -35.56 -51.22 -5.79
N VAL RA 215 -35.23 -51.66 -4.58
CA VAL RA 215 -35.94 -51.28 -3.36
C VAL RA 215 -34.87 -51.12 -2.30
N TYR RA 216 -34.62 -49.89 -1.88
CA TYR RA 216 -33.57 -49.61 -0.92
C TYR RA 216 -34.13 -49.67 0.49
N VAL RA 217 -33.43 -50.37 1.37
CA VAL RA 217 -33.69 -50.32 2.79
C VAL RA 217 -32.43 -49.80 3.45
N TYR RA 218 -32.58 -48.75 4.25
CA TYR RA 218 -31.42 -48.04 4.76
C TYR RA 218 -31.16 -48.41 6.21
N ASN RA 219 -29.89 -48.36 6.58
CA ASN RA 219 -29.42 -48.83 7.87
C ASN RA 219 -29.82 -50.29 8.08
N VAL RA 220 -29.24 -51.15 7.26
CA VAL RA 220 -29.43 -52.60 7.35
C VAL RA 220 -28.06 -53.23 7.11
N ASN RA 221 -27.43 -53.73 8.17
CA ASN RA 221 -26.10 -54.29 8.04
C ASN RA 221 -26.18 -55.69 7.43
N LEU RA 222 -25.09 -56.45 7.52
CA LEU RA 222 -25.08 -57.80 6.98
C LEU RA 222 -26.12 -58.69 7.62
N ASP RA 223 -26.68 -58.31 8.76
CA ASP RA 223 -27.65 -59.15 9.44
C ASP RA 223 -29.01 -59.04 8.77
N GLY RA 224 -29.50 -57.81 8.57
CA GLY RA 224 -30.74 -57.61 7.84
C GLY RA 224 -30.70 -58.14 6.44
N ARG RA 225 -29.53 -58.57 5.95
CA ARG RA 225 -29.49 -59.33 4.71
C ARG RA 225 -29.98 -60.75 4.96
N ALA RA 226 -29.49 -61.39 6.01
CA ALA RA 226 -29.89 -62.76 6.32
C ALA RA 226 -31.38 -62.83 6.62
N VAL RA 227 -31.86 -61.96 7.50
CA VAL RA 227 -33.27 -61.93 7.84
C VAL RA 227 -34.13 -61.75 6.61
N LEU RA 228 -33.59 -61.10 5.58
CA LEU RA 228 -34.37 -60.93 4.35
C LEU RA 228 -34.51 -62.25 3.60
N HIS RA 229 -33.44 -63.03 3.54
CA HIS RA 229 -33.50 -64.26 2.75
C HIS RA 229 -34.46 -65.26 3.35
N HIS RA 230 -34.37 -65.48 4.67
CA HIS RA 230 -35.29 -66.39 5.33
C HIS RA 230 -36.73 -66.08 4.99
N TRP RA 231 -37.02 -64.80 4.74
CA TRP RA 231 -38.34 -64.45 4.26
C TRP RA 231 -38.53 -64.90 2.83
N LEU RA 232 -37.60 -64.52 1.95
CA LEU RA 232 -37.73 -64.91 0.55
C LEU RA 232 -37.51 -66.41 0.33
N LEU RA 233 -36.93 -67.11 1.30
CA LEU RA 233 -36.91 -68.56 1.22
C LEU RA 233 -38.28 -69.13 1.61
N GLY RA 234 -38.69 -68.87 2.84
CA GLY RA 234 -40.00 -69.31 3.28
C GLY RA 234 -41.14 -68.83 2.41
N LEU RA 235 -40.97 -67.71 1.74
CA LEU RA 235 -42.01 -67.23 0.84
C LEU RA 235 -42.20 -68.12 -0.38
N GLY RA 236 -41.40 -69.18 -0.52
CA GLY RA 236 -41.47 -70.01 -1.70
C GLY RA 236 -40.63 -69.53 -2.86
N PHE RA 237 -39.92 -68.42 -2.70
CA PHE RA 237 -39.00 -67.93 -3.73
C PHE RA 237 -37.58 -68.33 -3.41
N SER SA 3 -1.54 -80.36 -20.09
CA SER SA 3 -2.60 -79.64 -19.38
C SER SA 3 -3.79 -80.52 -19.12
N GLY SA 4 -4.78 -79.98 -18.40
CA GLY SA 4 -5.99 -80.73 -18.08
C GLY SA 4 -7.03 -80.50 -19.16
N ALA SA 5 -8.00 -79.62 -18.87
CA ALA SA 5 -8.92 -79.08 -19.85
C ALA SA 5 -9.93 -80.10 -20.32
N VAL SA 6 -9.71 -81.37 -19.98
CA VAL SA 6 -10.70 -82.42 -20.16
C VAL SA 6 -10.72 -83.20 -18.86
N GLY SA 7 -11.86 -83.80 -18.57
CA GLY SA 7 -12.00 -84.47 -17.29
C GLY SA 7 -11.22 -85.77 -17.18
N ARG SA 8 -9.91 -85.69 -17.39
CA ARG SA 8 -9.05 -86.85 -17.26
C ARG SA 8 -7.94 -86.65 -16.24
N GLY SA 9 -7.73 -85.44 -15.76
CA GLY SA 9 -6.60 -85.15 -14.91
C GLY SA 9 -5.40 -84.80 -15.76
N SER SA 10 -4.68 -83.75 -15.38
CA SER SA 10 -3.58 -83.28 -16.19
C SER SA 10 -2.41 -84.26 -16.08
N PHE SA 11 -1.29 -83.87 -16.68
CA PHE SA 11 -0.11 -84.73 -16.64
C PHE SA 11 0.40 -84.89 -15.22
N HIS SA 12 -0.23 -84.20 -14.27
CA HIS SA 12 0.17 -84.30 -12.88
C HIS SA 12 -0.36 -85.55 -12.20
N SER SA 13 -0.82 -86.52 -12.97
CA SER SA 13 -1.04 -87.87 -12.48
C SER SA 13 0.19 -88.76 -12.65
N VAL SA 14 1.39 -88.15 -12.65
CA VAL SA 14 2.61 -88.91 -12.43
C VAL SA 14 2.63 -89.45 -11.01
N VAL SA 15 1.91 -88.80 -10.10
CA VAL SA 15 1.56 -89.44 -8.86
C VAL SA 15 0.49 -90.49 -9.14
N ALA SA 16 0.45 -91.54 -8.32
CA ALA SA 16 -0.57 -92.57 -8.46
C ALA SA 16 -1.90 -92.05 -7.91
N GLY SA 17 -2.36 -90.96 -8.52
CA GLY SA 17 -3.58 -90.32 -8.10
C GLY SA 17 -4.70 -90.54 -9.09
N ALA SA 18 -4.63 -91.64 -9.83
CA ALA SA 18 -5.70 -92.00 -10.74
C ALA SA 18 -7.01 -92.10 -9.97
N ASN SA 19 -8.01 -91.32 -10.38
CA ASN SA 19 -9.23 -91.15 -9.61
C ASN SA 19 -10.19 -92.30 -9.86
N PRO SA 20 -10.22 -93.27 -8.96
CA PRO SA 20 -11.00 -94.49 -9.23
C PRO SA 20 -12.40 -94.38 -8.66
N ARG SA 21 -13.18 -95.45 -8.82
CA ARG SA 21 -14.44 -95.59 -8.11
C ARG SA 21 -15.35 -94.38 -8.35
N ARG SA 22 -15.31 -93.86 -9.56
CA ARG SA 22 -16.11 -92.70 -9.91
C ARG SA 22 -17.57 -93.10 -9.94
N ILE SA 23 -18.33 -92.68 -8.93
CA ILE SA 23 -19.77 -92.90 -8.93
C ILE SA 23 -20.32 -92.14 -10.12
N PRO SA 24 -20.74 -92.82 -11.17
CA PRO SA 24 -21.07 -92.12 -12.41
C PRO SA 24 -22.37 -91.34 -12.30
N THR SA 25 -22.28 -90.03 -12.16
CA THR SA 25 -23.47 -89.23 -11.97
C THR SA 25 -24.11 -88.90 -13.31
N TYR SA 26 -25.39 -88.53 -13.26
CA TYR SA 26 -26.11 -88.09 -14.44
C TYR SA 26 -26.09 -86.57 -14.45
N TYR SA 27 -25.29 -85.98 -15.33
CA TYR SA 27 -25.16 -84.54 -15.45
C TYR SA 27 -25.54 -84.16 -16.87
N ASN SA 28 -26.47 -83.23 -17.01
CA ASN SA 28 -27.08 -82.97 -18.31
C ASN SA 28 -26.32 -81.95 -19.14
N SER SA 29 -25.20 -81.43 -18.65
CA SER SA 29 -24.37 -80.50 -19.41
C SER SA 29 -25.14 -79.25 -19.81
N ALA SA 30 -25.99 -78.77 -18.89
CA ALA SA 30 -26.85 -77.64 -19.22
C ALA SA 30 -26.05 -76.36 -19.35
N TYR SA 31 -25.02 -76.19 -18.52
CA TYR SA 31 -24.17 -75.03 -18.64
C TYR SA 31 -23.18 -75.18 -19.79
N GLU SA 32 -22.62 -76.38 -19.94
CA GLU SA 32 -21.65 -76.61 -21.02
C GLU SA 32 -22.29 -76.41 -22.38
N LEU SA 33 -23.51 -76.92 -22.57
CA LEU SA 33 -24.15 -76.86 -23.88
C LEU SA 33 -24.43 -75.44 -24.33
N ILE SA 34 -24.40 -74.48 -23.41
CA ILE SA 34 -24.49 -73.08 -23.81
C ILE SA 34 -23.15 -72.60 -24.34
N GLN SA 35 -22.09 -72.79 -23.55
CA GLN SA 35 -20.76 -72.36 -23.96
C GLN SA 35 -20.39 -72.92 -25.31
N LEU SA 36 -20.67 -74.20 -25.55
CA LEU SA 36 -20.41 -74.77 -26.86
C LEU SA 36 -21.22 -74.04 -27.93
N HIS SA 37 -22.46 -73.70 -27.62
CA HIS SA 37 -23.27 -72.94 -28.56
C HIS SA 37 -22.69 -71.55 -28.79
N ARG SA 38 -21.98 -71.00 -27.80
CA ARG SA 38 -21.26 -69.75 -28.00
C ARG SA 38 -19.91 -70.01 -28.65
N ALA SA 39 -19.18 -71.01 -28.14
CA ALA SA 39 -17.87 -71.31 -28.68
C ALA SA 39 -17.96 -71.69 -30.15
N HIS SA 40 -19.04 -72.36 -30.54
CA HIS SA 40 -19.22 -72.69 -31.94
C HIS SA 40 -19.57 -71.44 -32.75
N ARG SA 41 -20.29 -70.50 -32.15
CA ARG SA 41 -20.64 -69.28 -32.87
C ARG SA 41 -19.44 -68.38 -33.09
N GLU SA 42 -18.38 -68.54 -32.31
CA GLU SA 42 -17.21 -67.70 -32.48
C GLU SA 42 -16.37 -68.16 -33.66
N VAL SA 43 -15.97 -69.43 -33.66
CA VAL SA 43 -15.19 -69.94 -34.78
C VAL SA 43 -15.94 -69.78 -36.07
N THR SA 44 -17.28 -69.91 -36.02
CA THR SA 44 -18.08 -69.66 -37.22
C THR SA 44 -17.93 -68.22 -37.69
N ARG SA 45 -17.68 -67.29 -36.78
CA ARG SA 45 -17.44 -65.91 -37.18
C ARG SA 45 -15.96 -65.62 -37.35
N ASN SA 46 -15.11 -66.19 -36.50
CA ASN SA 46 -13.67 -66.05 -36.68
C ASN SA 46 -13.25 -66.48 -38.07
N PHE SA 47 -14.02 -67.38 -38.68
CA PHE SA 47 -13.79 -67.69 -40.09
C PHE SA 47 -14.25 -66.55 -40.97
N LEU SA 48 -15.47 -66.04 -40.70
CA LEU SA 48 -16.01 -64.96 -41.51
C LEU SA 48 -15.07 -63.76 -41.54
N VAL SA 49 -14.51 -63.41 -40.38
CA VAL SA 49 -13.53 -62.32 -40.35
C VAL SA 49 -12.29 -62.72 -41.14
N ARG SA 50 -11.90 -63.99 -41.05
CA ARG SA 50 -10.68 -64.43 -41.72
C ARG SA 50 -10.82 -64.36 -43.24
N ASP SA 51 -12.02 -64.57 -43.76
CA ASP SA 51 -12.20 -64.67 -45.20
C ASP SA 51 -13.02 -63.52 -45.77
N LYS SA 52 -12.77 -62.31 -45.28
CA LYS SA 52 -13.42 -61.12 -45.82
C LYS SA 52 -12.63 -60.63 -47.01
N VAL SA 53 -13.25 -60.60 -48.17
CA VAL SA 53 -12.63 -60.05 -49.37
C VAL SA 53 -13.27 -58.70 -49.67
N PHE SA 54 -12.48 -57.78 -50.21
CA PHE SA 54 -12.97 -56.45 -50.50
C PHE SA 54 -14.17 -56.51 -51.44
N ASP SA 55 -15.20 -55.75 -51.12
CA ASP SA 55 -16.25 -55.49 -52.09
C ASP SA 55 -16.71 -54.04 -51.95
N ASN SA 56 -15.74 -53.14 -51.86
CA ASN SA 56 -16.01 -51.71 -51.67
C ASN SA 56 -17.05 -51.22 -52.65
N LYS SA 57 -18.16 -50.72 -52.13
CA LYS SA 57 -19.28 -50.27 -52.94
C LYS SA 57 -19.04 -48.90 -53.56
N PHE SA 58 -17.83 -48.35 -53.45
CA PHE SA 58 -17.58 -47.00 -53.90
C PHE SA 58 -16.49 -46.98 -54.97
N PRO SA 59 -16.64 -46.13 -55.99
CA PRO SA 59 -15.66 -46.15 -57.08
C PRO SA 59 -14.27 -45.75 -56.66
N GLY SA 60 -14.11 -44.90 -55.64
CA GLY SA 60 -12.79 -44.47 -55.25
C GLY SA 60 -11.92 -45.62 -54.76
N CYS SA 61 -12.50 -46.52 -53.99
CA CYS SA 61 -11.80 -47.67 -53.44
C CYS SA 61 -12.02 -48.92 -54.27
N SER SA 62 -12.19 -48.75 -55.58
CA SER SA 62 -12.36 -49.88 -56.49
C SER SA 62 -11.04 -50.39 -57.02
N LEU SA 63 -9.91 -49.91 -56.49
CA LEU SA 63 -8.62 -50.45 -56.90
C LEU SA 63 -8.31 -51.77 -56.22
N ALA SA 64 -9.02 -52.11 -55.14
CA ALA SA 64 -8.79 -53.34 -54.41
C ALA SA 64 -10.02 -54.23 -54.39
N ASN SA 65 -10.95 -54.03 -55.30
CA ASN SA 65 -12.30 -54.56 -55.11
C ASN SA 65 -12.39 -56.08 -55.14
N GLY SA 66 -11.34 -56.88 -55.24
CA GLY SA 66 -11.54 -58.31 -55.27
C GLY SA 66 -10.54 -59.06 -54.42
N LEU SA 67 -9.86 -58.35 -53.53
CA LEU SA 67 -8.80 -58.94 -52.72
C LEU SA 67 -9.28 -59.21 -51.30
N PHE SA 68 -8.53 -60.06 -50.61
CA PHE SA 68 -8.76 -60.25 -49.18
C PHE SA 68 -8.38 -58.99 -48.43
N LYS SA 69 -9.22 -58.59 -47.48
CA LYS SA 69 -8.96 -57.34 -46.77
C LYS SA 69 -7.72 -57.41 -45.91
N MET SA 70 -7.20 -58.61 -45.65
CA MET SA 70 -6.07 -58.80 -44.75
C MET SA 70 -4.86 -59.27 -45.53
N VAL SA 71 -3.78 -58.49 -45.45
CA VAL SA 71 -2.48 -58.80 -46.02
C VAL SA 71 -2.15 -60.28 -45.83
N PRO SA 72 -1.65 -60.98 -46.85
CA PRO SA 72 -1.45 -62.43 -46.73
C PRO SA 72 -0.82 -62.89 -45.43
N ASN SA 73 0.16 -62.15 -44.93
CA ASN SA 73 0.70 -62.47 -43.62
C ASN SA 73 -0.39 -62.39 -42.57
N LYS SA 74 -1.12 -61.28 -42.53
CA LYS SA 74 -2.13 -61.06 -41.51
C LYS SA 74 -3.23 -62.11 -41.51
N ARG SA 75 -3.43 -62.83 -42.61
CA ARG SA 75 -4.40 -63.92 -42.65
C ARG SA 75 -3.81 -65.20 -42.08
N GLY SA 76 -2.73 -65.70 -42.70
CA GLY SA 76 -2.01 -66.82 -42.13
C GLY SA 76 -1.60 -66.56 -40.70
N ASN SA 77 -1.50 -65.28 -40.32
CA ASN SA 77 -1.29 -64.94 -38.93
C ASN SA 77 -2.57 -65.04 -38.13
N PHE SA 78 -3.69 -64.63 -38.72
CA PHE SA 78 -4.97 -64.71 -38.04
C PHE SA 78 -5.47 -66.14 -37.95
N HIS SA 79 -5.09 -66.98 -38.91
CA HIS SA 79 -5.53 -68.37 -38.87
C HIS SA 79 -4.77 -69.15 -37.81
N THR SA 80 -3.45 -68.97 -37.74
CA THR SA 80 -2.66 -69.78 -36.85
C THR SA 80 -2.76 -69.32 -35.39
N ARG SA 81 -3.19 -68.09 -35.14
CA ARG SA 81 -3.33 -67.60 -33.78
C ARG SA 81 -4.78 -67.36 -33.40
N GLU SA 82 -5.45 -66.42 -34.03
CA GLU SA 82 -6.71 -65.95 -33.45
C GLU SA 82 -7.90 -66.78 -33.90
N LEU SA 83 -7.68 -67.86 -34.64
CA LEU SA 83 -8.76 -68.74 -35.08
C LEU SA 83 -8.55 -70.20 -34.68
N THR SA 84 -7.32 -70.71 -34.82
CA THR SA 84 -7.04 -72.10 -34.46
C THR SA 84 -7.10 -72.33 -32.96
N GLU SA 85 -7.22 -71.27 -32.17
CA GLU SA 85 -7.57 -71.41 -30.77
C GLU SA 85 -9.06 -71.30 -30.53
N SER SA 86 -9.82 -70.92 -31.55
CA SER SA 86 -11.27 -70.96 -31.48
C SER SA 86 -11.82 -72.30 -31.91
N ILE SA 87 -10.98 -73.17 -32.46
CA ILE SA 87 -11.40 -74.52 -32.79
C ILE SA 87 -10.99 -75.50 -31.71
N ARG SA 88 -9.77 -75.37 -31.20
CA ARG SA 88 -9.38 -76.17 -30.05
C ARG SA 88 -10.21 -75.80 -28.83
N HIS SA 89 -11.02 -74.76 -28.92
CA HIS SA 89 -11.90 -74.41 -27.81
C HIS SA 89 -13.21 -75.17 -27.91
N ARG SA 90 -13.94 -74.99 -29.01
CA ARG SA 90 -15.17 -75.74 -29.20
C ARG SA 90 -14.92 -77.23 -29.08
N THR SA 91 -13.85 -77.72 -29.70
CA THR SA 91 -13.53 -79.13 -29.59
C THR SA 91 -13.34 -79.55 -28.15
N ILE SA 92 -12.67 -78.71 -27.36
CA ILE SA 92 -12.54 -78.99 -25.94
C ILE SA 92 -13.90 -78.95 -25.27
N TRP SA 93 -14.77 -78.06 -25.72
CA TRP SA 93 -16.16 -78.09 -25.24
C TRP SA 93 -16.90 -79.29 -25.80
N GLY SA 94 -16.77 -79.53 -27.10
CA GLY SA 94 -17.48 -80.63 -27.72
C GLY SA 94 -17.07 -81.96 -27.16
N GLN SA 95 -15.79 -82.18 -26.97
CA GLN SA 95 -15.33 -83.45 -26.43
C GLN SA 95 -15.82 -83.63 -24.99
N ARG SA 96 -15.75 -82.57 -24.20
CA ARG SA 96 -16.20 -82.65 -22.81
C ARG SA 96 -17.68 -82.92 -22.69
N ILE SA 97 -18.41 -82.99 -23.79
CA ILE SA 97 -19.84 -83.27 -23.78
C ILE SA 97 -20.12 -84.64 -24.38
N GLN SA 98 -19.56 -84.94 -25.56
CA GLN SA 98 -19.67 -86.29 -26.09
C GLN SA 98 -19.11 -87.30 -25.11
N GLN SA 99 -18.15 -86.89 -24.29
CA GLN SA 99 -17.60 -87.79 -23.28
C GLN SA 99 -18.55 -87.94 -22.10
N GLN SA 100 -19.33 -86.90 -21.80
CA GLN SA 100 -20.26 -87.02 -20.69
C GLN SA 100 -21.55 -87.70 -21.12
N ARG SA 101 -22.03 -87.41 -22.32
CA ARG SA 101 -23.23 -88.08 -22.81
C ARG SA 101 -23.04 -89.58 -22.87
N THR SA 102 -21.79 -90.05 -22.89
CA THR SA 102 -21.54 -91.48 -22.76
C THR SA 102 -21.84 -91.99 -21.35
N ILE SA 103 -21.88 -91.10 -20.37
CA ILE SA 103 -22.28 -91.50 -19.03
C ILE SA 103 -23.79 -91.38 -18.85
N ASN SA 104 -24.41 -90.36 -19.43
CA ASN SA 104 -25.86 -90.31 -19.45
C ASN SA 104 -26.43 -91.53 -20.16
N ALA SA 105 -25.67 -92.12 -21.06
CA ALA SA 105 -26.09 -93.38 -21.68
C ALA SA 105 -26.28 -94.46 -20.63
N ALA SA 106 -25.23 -94.75 -19.86
CA ALA SA 106 -25.31 -95.83 -18.89
C ALA SA 106 -26.39 -95.58 -17.85
N ILE SA 107 -26.64 -94.31 -17.51
CA ILE SA 107 -27.59 -94.02 -16.45
C ILE SA 107 -29.02 -94.20 -16.94
N LEU SA 108 -29.32 -93.64 -18.12
CA LEU SA 108 -30.66 -93.77 -18.67
C LEU SA 108 -30.93 -95.18 -19.16
N GLU SA 109 -29.89 -95.98 -19.38
CA GLU SA 109 -30.08 -97.35 -19.85
C GLU SA 109 -30.06 -98.37 -18.73
N ASP SA 110 -29.54 -98.01 -17.56
CA ASP SA 110 -29.70 -98.83 -16.37
C ASP SA 110 -30.98 -98.53 -15.62
N ALA SA 111 -31.70 -97.48 -16.00
CA ALA SA 111 -32.98 -97.15 -15.39
C ALA SA 111 -34.16 -97.56 -16.23
N THR SA 112 -34.07 -97.43 -17.55
CA THR SA 112 -35.16 -97.88 -18.41
C THR SA 112 -35.39 -99.38 -18.24
N LYS SA 113 -34.43 -100.09 -17.68
CA LYS SA 113 -34.55 -101.53 -17.46
C LYS SA 113 -34.87 -101.87 -16.02
N VAL SA 114 -35.15 -100.88 -15.17
CA VAL SA 114 -35.57 -101.16 -13.81
C VAL SA 114 -36.81 -100.40 -13.36
N LEU SA 115 -37.23 -99.34 -14.04
CA LEU SA 115 -38.36 -98.56 -13.55
C LEU SA 115 -39.10 -97.92 -14.71
N SER SA 116 -40.28 -97.39 -14.40
CA SER SA 116 -41.26 -96.95 -15.38
C SER SA 116 -40.95 -95.55 -15.92
N PRO SA 117 -41.34 -95.26 -17.16
CA PRO SA 117 -41.20 -93.90 -17.68
C PRO SA 117 -41.95 -92.87 -16.86
N ALA SA 118 -42.87 -93.30 -16.00
CA ALA SA 118 -43.51 -92.38 -15.08
C ALA SA 118 -42.56 -91.97 -13.95
N GLN SA 119 -41.69 -92.87 -13.52
CA GLN SA 119 -40.76 -92.59 -12.43
C GLN SA 119 -39.45 -91.99 -12.90
N MET SA 120 -39.16 -92.02 -14.20
CA MET SA 120 -37.92 -91.41 -14.68
C MET SA 120 -38.06 -89.90 -14.73
N GLU SA 121 -39.13 -89.40 -15.36
CA GLU SA 121 -39.33 -87.97 -15.46
C GLU SA 121 -39.63 -87.37 -14.09
N ASP SA 122 -39.65 -88.21 -13.07
CA ASP SA 122 -39.55 -87.74 -11.70
C ASP SA 122 -38.13 -87.85 -11.16
N ARG SA 123 -37.28 -88.64 -11.81
CA ARG SA 123 -35.92 -88.90 -11.34
C ARG SA 123 -34.89 -88.10 -12.14
N PHE SA 124 -34.85 -88.29 -13.45
CA PHE SA 124 -33.86 -87.66 -14.31
C PHE SA 124 -34.39 -86.37 -14.94
N SER SA 125 -35.34 -85.71 -14.31
CA SER SA 125 -35.92 -84.48 -14.82
C SER SA 125 -35.83 -83.42 -13.74
N TYR SA 126 -35.38 -82.22 -14.12
CA TYR SA 126 -35.20 -81.14 -13.17
C TYR SA 126 -36.35 -80.17 -13.19
N ARG SA 127 -37.56 -80.71 -13.40
CA ARG SA 127 -38.78 -79.93 -13.29
C ARG SA 127 -38.87 -79.26 -11.93
N THR SA 128 -39.48 -78.09 -11.91
CA THR SA 128 -39.57 -77.24 -10.73
C THR SA 128 -40.98 -76.72 -10.61
N PRO SA 129 -41.42 -76.33 -9.42
CA PRO SA 129 -42.81 -75.87 -9.27
C PRO SA 129 -43.14 -74.60 -10.03
N ASP SA 130 -42.14 -73.78 -10.36
CA ASP SA 130 -42.38 -72.50 -11.01
C ASP SA 130 -41.82 -72.45 -12.43
N ALA SA 131 -41.66 -73.60 -13.07
CA ALA SA 131 -41.06 -73.62 -14.40
C ALA SA 131 -41.83 -72.73 -15.36
N ALA SA 132 -43.16 -72.81 -15.33
CA ALA SA 132 -44.00 -72.05 -16.25
C ALA SA 132 -43.78 -70.55 -16.13
N ALA SA 133 -43.21 -70.09 -15.02
CA ALA SA 133 -42.99 -68.66 -14.85
C ALA SA 133 -42.00 -68.12 -15.87
N TYR SA 134 -41.16 -68.99 -16.44
CA TYR SA 134 -40.18 -68.57 -17.43
C TYR SA 134 -40.49 -69.03 -18.84
N PHE SA 135 -41.03 -70.23 -19.01
CA PHE SA 135 -41.26 -70.76 -20.36
C PHE SA 135 -42.65 -70.42 -20.88
N SER SA 136 -43.68 -70.88 -20.19
CA SER SA 136 -45.07 -70.69 -20.61
C SER SA 136 -45.78 -69.83 -19.58
N PRO SA 137 -45.71 -68.49 -19.71
CA PRO SA 137 -46.22 -67.61 -18.66
C PRO SA 137 -47.73 -67.46 -18.68
N GLN SA 138 -48.40 -68.02 -19.69
CA GLN SA 138 -49.86 -67.99 -19.69
C GLN SA 138 -50.44 -68.89 -18.60
N GLU SA 139 -49.65 -69.79 -18.04
CA GLU SA 139 -50.16 -70.76 -17.08
C GLU SA 139 -49.91 -70.39 -15.64
N TYR SA 140 -48.92 -69.54 -15.37
CA TYR SA 140 -48.52 -69.28 -13.99
C TYR SA 140 -49.48 -68.31 -13.33
N THR SA 141 -49.93 -68.66 -12.12
CA THR SA 141 -50.78 -67.79 -11.33
C THR SA 141 -50.33 -67.62 -9.88
N ALA SA 142 -49.45 -68.48 -9.38
CA ALA SA 142 -49.09 -68.42 -7.96
C ALA SA 142 -48.43 -67.10 -7.59
N ALA SA 143 -47.91 -66.36 -8.56
CA ALA SA 143 -47.30 -65.07 -8.30
C ALA SA 143 -47.67 -64.10 -9.42
N ASN SA 144 -47.40 -62.82 -9.17
CA ASN SA 144 -47.66 -61.76 -10.14
C ASN SA 144 -46.30 -61.38 -10.73
N ASN SA 145 -45.90 -62.11 -11.76
CA ASN SA 145 -44.60 -61.90 -12.38
C ASN SA 145 -44.62 -60.82 -13.45
N TRP SA 146 -45.60 -59.99 -13.44
CA TRP SA 146 -45.55 -59.10 -14.59
C TRP SA 146 -44.74 -57.85 -14.26
N PRO SA 147 -44.00 -57.31 -15.24
CA PRO SA 147 -43.41 -55.99 -15.01
C PRO SA 147 -44.48 -54.93 -14.84
N ASN SA 148 -45.47 -54.89 -15.73
CA ASN SA 148 -46.64 -54.04 -15.57
C ASN SA 148 -47.70 -54.79 -14.77
N TYR SA 149 -47.43 -54.89 -13.47
CA TYR SA 149 -48.32 -55.59 -12.56
C TYR SA 149 -49.74 -55.09 -12.64
N TRP SA 150 -49.92 -53.78 -12.86
CA TRP SA 150 -51.24 -53.20 -12.91
C TRP SA 150 -52.05 -53.67 -14.11
N GLN SA 151 -51.51 -54.57 -14.92
CA GLN SA 151 -52.27 -55.17 -16.00
C GLN SA 151 -52.47 -56.66 -15.80
N HIS SA 152 -51.92 -57.23 -14.75
CA HIS SA 152 -52.24 -58.59 -14.38
C HIS SA 152 -53.75 -58.71 -14.18
N PRO SA 153 -54.33 -59.86 -14.49
CA PRO SA 153 -55.77 -60.04 -14.24
C PRO SA 153 -56.18 -59.68 -12.82
N THR SA 154 -55.38 -60.08 -11.82
CA THR SA 154 -55.76 -59.88 -10.44
C THR SA 154 -55.65 -58.43 -9.97
N GLU SA 155 -55.11 -57.54 -10.79
CA GLU SA 155 -55.06 -56.13 -10.45
C GLU SA 155 -55.47 -55.25 -11.62
N LYS SA 156 -56.08 -55.84 -12.64
CA LYS SA 156 -56.58 -55.07 -13.78
C LYS SA 156 -57.71 -54.14 -13.39
N HIS SA 157 -58.41 -54.42 -12.29
CA HIS SA 157 -59.50 -53.55 -11.87
C HIS SA 157 -58.99 -52.17 -11.51
N VAL SA 158 -57.74 -52.08 -11.08
CA VAL SA 158 -57.18 -50.80 -10.65
C VAL SA 158 -57.18 -49.79 -11.79
N VAL SA 159 -56.88 -50.24 -13.01
CA VAL SA 159 -56.86 -49.34 -14.15
C VAL SA 159 -58.25 -48.76 -14.33
N PRO SA 160 -58.40 -47.61 -14.95
CA PRO SA 160 -59.74 -47.11 -15.27
C PRO SA 160 -60.29 -47.80 -16.50
N LYS SA 161 -61.58 -47.60 -16.72
CA LYS SA 161 -62.25 -48.02 -17.95
C LYS SA 161 -62.85 -46.77 -18.55
N PRO SA 162 -62.11 -46.04 -19.39
CA PRO SA 162 -62.67 -44.86 -20.03
C PRO SA 162 -63.71 -45.24 -21.07
N ARG SA 163 -64.61 -44.30 -21.31
CA ARG SA 163 -65.65 -44.43 -22.32
C ARG SA 163 -65.26 -43.54 -23.48
N TRP SA 164 -64.64 -44.13 -24.49
CA TRP SA 164 -64.12 -43.38 -25.62
C TRP SA 164 -65.09 -43.44 -26.79
N ARG SA 165 -64.76 -42.69 -27.84
CA ARG SA 165 -65.57 -42.62 -29.04
C ARG SA 165 -64.81 -41.86 -30.10
N ARG SA 166 -64.90 -42.30 -31.34
CA ARG SA 166 -64.29 -41.57 -32.44
C ARG SA 166 -65.05 -40.30 -32.72
N GLU SA 167 -64.48 -39.47 -33.59
CA GLU SA 167 -65.13 -38.25 -34.02
C GLU SA 167 -64.91 -38.07 -35.51
N PRO SA 168 -65.96 -37.91 -36.29
CA PRO SA 168 -65.79 -37.78 -37.74
C PRO SA 168 -65.24 -36.42 -38.13
N GLU SA 169 -65.77 -35.36 -37.53
CA GLU SA 169 -65.35 -34.02 -37.89
C GLU SA 169 -63.97 -33.67 -37.37
N LEU SA 170 -63.49 -34.38 -36.35
CA LEU SA 170 -62.14 -34.16 -35.86
C LEU SA 170 -61.09 -34.86 -36.72
N GLY SA 171 -61.52 -35.67 -37.69
CA GLY SA 171 -60.58 -36.33 -38.58
C GLY SA 171 -60.22 -37.72 -38.12
N GLY SA 172 -61.23 -38.49 -37.69
CA GLY SA 172 -60.97 -39.81 -37.16
C GLY SA 172 -60.30 -39.81 -35.81
N ILE SA 173 -60.13 -38.64 -35.19
CA ILE SA 173 -59.49 -38.54 -33.90
C ILE SA 173 -60.33 -39.28 -32.87
N THR SA 174 -59.68 -40.11 -32.06
CA THR SA 174 -60.37 -40.75 -30.95
C THR SA 174 -60.44 -39.78 -29.78
N ARG SA 175 -61.43 -40.00 -28.92
CA ARG SA 175 -61.81 -38.94 -27.99
C ARG SA 175 -62.53 -39.56 -26.81
N VAL SA 176 -61.92 -39.51 -25.62
CA VAL SA 176 -62.58 -40.02 -24.44
C VAL SA 176 -63.76 -39.10 -24.11
N ARG SA 177 -64.92 -39.72 -23.83
CA ARG SA 177 -66.16 -38.99 -23.61
C ARG SA 177 -66.43 -38.72 -22.15
N ASP SA 178 -65.40 -38.53 -21.34
CA ASP SA 178 -65.55 -38.23 -19.92
C ASP SA 178 -64.98 -36.84 -19.64
N ALA SA 179 -65.76 -36.03 -18.94
CA ALA SA 179 -65.30 -34.68 -18.59
C ALA SA 179 -64.22 -34.75 -17.51
N VAL SA 180 -63.41 -33.71 -17.46
CA VAL SA 180 -62.26 -33.67 -16.56
C VAL SA 180 -62.70 -33.18 -15.19
N ALA SA 181 -62.25 -33.88 -14.15
CA ALA SA 181 -62.62 -33.54 -12.79
C ALA SA 181 -62.23 -32.11 -12.47
N THR SA 182 -63.09 -31.41 -11.74
CA THR SA 182 -62.82 -30.03 -11.35
C THR SA 182 -61.48 -29.95 -10.63
N PRO SA 183 -60.58 -29.08 -11.05
CA PRO SA 183 -59.24 -29.06 -10.47
C PRO SA 183 -59.11 -28.18 -9.23
N ILE SA 184 -58.10 -28.49 -8.45
CA ILE SA 184 -57.75 -27.71 -7.26
C ILE SA 184 -56.87 -26.54 -7.70
N ALA SA 185 -57.17 -25.36 -7.18
CA ALA SA 185 -56.54 -24.15 -7.73
C ALA SA 185 -55.94 -23.23 -6.68
N ASP SA 186 -56.45 -23.26 -5.45
CA ASP SA 186 -56.05 -22.25 -4.48
C ASP SA 186 -56.03 -22.85 -3.08
N TYR SA 187 -55.54 -22.06 -2.14
CA TYR SA 187 -55.46 -22.42 -0.74
C TYR SA 187 -56.67 -21.93 0.05
N LEU TA 16 -69.52 -69.10 43.27
CA LEU TA 16 -68.84 -68.32 42.25
C LEU TA 16 -67.75 -69.16 41.58
N TYR TA 17 -68.17 -70.01 40.64
CA TYR TA 17 -67.26 -70.80 39.82
C TYR TA 17 -67.26 -70.24 38.41
N MET TA 18 -66.07 -70.24 37.80
CA MET TA 18 -65.93 -69.81 36.42
C MET TA 18 -65.86 -71.03 35.51
N PRO TA 19 -66.91 -71.37 34.77
CA PRO TA 19 -66.76 -72.39 33.72
C PRO TA 19 -65.84 -71.90 32.63
N TYR TA 20 -65.09 -72.83 32.04
CA TYR TA 20 -64.06 -72.47 31.09
C TYR TA 20 -63.64 -73.72 30.33
N THR TA 21 -63.11 -73.51 29.12
CA THR TA 21 -62.78 -74.61 28.21
C THR TA 21 -61.36 -75.12 28.47
N PRO TA 22 -61.17 -76.40 28.76
CA PRO TA 22 -59.83 -76.90 29.08
C PRO TA 22 -59.08 -77.51 27.90
N VAL TA 23 -57.85 -77.06 27.65
CA VAL TA 23 -56.99 -77.60 26.59
C VAL TA 23 -55.55 -77.36 27.01
N ALA TA 24 -54.65 -78.21 26.51
CA ALA TA 24 -53.22 -78.09 26.75
C ALA TA 24 -52.51 -77.61 25.48
N THR TA 25 -51.17 -77.59 25.52
CA THR TA 25 -50.32 -77.13 24.42
C THR TA 25 -50.60 -75.68 24.06
N ASN TA 26 -50.98 -74.87 25.05
CA ASN TA 26 -51.28 -73.47 24.87
C ASN TA 26 -50.38 -72.63 25.75
N PRO TA 27 -50.09 -71.39 25.36
CA PRO TA 27 -49.35 -70.50 26.25
C PRO TA 27 -50.16 -70.21 27.50
N VAL TA 28 -49.58 -70.49 28.66
CA VAL TA 28 -50.24 -70.24 29.94
C VAL TA 28 -49.43 -69.17 30.67
N VAL TA 29 -50.07 -68.03 30.91
CA VAL TA 29 -49.43 -66.83 31.44
C VAL TA 29 -49.96 -66.57 32.84
N TYR TA 30 -49.11 -66.12 33.75
CA TYR TA 30 -49.53 -65.81 35.11
C TYR TA 30 -49.24 -64.36 35.47
N PHE TA 31 -50.16 -63.74 36.19
CA PHE TA 31 -50.06 -62.35 36.65
C PHE TA 31 -50.00 -62.33 38.17
N ASP TA 32 -49.31 -61.36 38.73
CA ASP TA 32 -49.22 -61.21 40.18
C ASP TA 32 -49.89 -59.89 40.56
N ILE TA 33 -51.19 -59.92 40.74
CA ILE TA 33 -51.97 -58.72 40.98
C ILE TA 33 -51.77 -58.24 42.41
N THR TA 34 -51.96 -56.93 42.62
CA THR TA 34 -51.86 -56.36 43.96
C THR TA 34 -52.67 -55.07 44.00
N ALA TA 35 -53.80 -55.10 44.69
CA ALA TA 35 -54.62 -53.91 44.90
C ALA TA 35 -54.29 -53.32 46.26
N GLU TA 36 -54.51 -52.00 46.37
CA GLU TA 36 -54.27 -51.24 47.61
C GLU TA 36 -52.94 -51.59 48.27
N GLY TA 37 -51.96 -51.99 47.47
CA GLY TA 37 -50.72 -52.49 48.03
C GLY TA 37 -50.89 -53.76 48.82
N ASP TA 38 -51.96 -54.51 48.57
CA ASP TA 38 -52.24 -55.76 49.27
C ASP TA 38 -51.97 -56.92 48.31
N ALA TA 39 -51.05 -57.79 48.69
CA ALA TA 39 -50.70 -58.94 47.85
C ALA TA 39 -51.89 -59.88 47.76
N LEU TA 40 -52.52 -59.94 46.58
CA LEU TA 40 -53.71 -60.75 46.39
C LEU TA 40 -53.36 -62.18 45.98
N GLY TA 41 -52.68 -62.34 44.85
CA GLY TA 41 -52.30 -63.66 44.42
C GLY TA 41 -52.11 -63.71 42.92
N ARG TA 42 -51.88 -64.92 42.44
CA ARG TA 42 -51.48 -65.18 41.06
C ARG TA 42 -52.71 -65.51 40.22
N VAL TA 43 -52.70 -65.05 38.97
CA VAL TA 43 -53.79 -65.27 38.04
C VAL TA 43 -53.20 -65.88 36.77
N SER TA 44 -53.49 -67.16 36.52
CA SER TA 44 -52.94 -67.88 35.39
C SER TA 44 -53.93 -67.88 34.23
N VAL TA 45 -53.46 -67.45 33.07
CA VAL TA 45 -54.28 -67.27 31.88
C VAL TA 45 -53.91 -68.35 30.86
N GLU TA 46 -54.91 -68.88 30.16
CA GLU TA 46 -54.70 -69.86 29.09
C GLU TA 46 -54.98 -69.17 27.76
N LEU TA 47 -53.93 -68.94 26.98
CA LEU TA 47 -54.04 -68.24 25.72
C LEU TA 47 -54.33 -69.22 24.60
N PHE TA 48 -55.25 -68.87 23.72
CA PHE TA 48 -55.65 -69.74 22.61
C PHE TA 48 -54.66 -69.57 21.48
N ARG TA 49 -53.61 -70.39 21.48
CA ARG TA 49 -52.74 -70.45 20.32
C ARG TA 49 -53.29 -71.35 19.23
N ASP TA 50 -54.48 -71.92 19.45
CA ASP TA 50 -55.08 -72.79 18.45
C ASP TA 50 -55.86 -72.01 17.40
N VAL TA 51 -56.47 -70.89 17.79
CA VAL TA 51 -57.26 -70.07 16.88
C VAL TA 51 -56.61 -68.73 16.61
N VAL TA 52 -55.95 -68.14 17.59
CA VAL TA 52 -55.31 -66.85 17.38
C VAL TA 52 -53.80 -66.96 17.64
N PRO TA 53 -53.00 -67.22 16.60
CA PRO TA 53 -51.56 -67.29 16.80
C PRO TA 53 -50.91 -65.95 17.07
N ARG TA 54 -51.32 -64.91 16.35
CA ARG TA 54 -50.66 -63.60 16.48
C ARG TA 54 -50.96 -62.98 17.84
N THR TA 55 -52.23 -62.67 18.10
CA THR TA 55 -52.60 -61.99 19.33
C THR TA 55 -52.09 -62.72 20.56
N SER TA 56 -52.01 -64.04 20.50
CA SER TA 56 -51.45 -64.79 21.62
C SER TA 56 -49.95 -64.59 21.73
N GLU TA 57 -49.28 -64.22 20.64
CA GLU TA 57 -47.85 -63.99 20.71
C GLU TA 57 -47.52 -62.57 21.12
N ASN TA 58 -48.32 -61.59 20.72
CA ASN TA 58 -48.13 -60.24 21.24
C ASN TA 58 -48.41 -60.21 22.73
N PHE TA 59 -49.49 -60.84 23.17
CA PHE TA 59 -49.82 -60.87 24.58
C PHE TA 59 -48.73 -61.57 25.38
N ARG TA 60 -48.50 -62.85 25.11
CA ARG TA 60 -47.56 -63.62 25.90
C ARG TA 60 -46.19 -62.97 25.94
N SER TA 61 -45.81 -62.26 24.89
CA SER TA 61 -44.49 -61.63 24.86
C SER TA 61 -44.40 -60.53 25.90
N LEU TA 62 -45.41 -59.66 25.95
CA LEU TA 62 -45.41 -58.61 26.97
C LEU TA 62 -45.42 -59.19 28.37
N CYS TA 63 -45.92 -60.41 28.54
CA CYS TA 63 -45.93 -61.03 29.85
C CYS TA 63 -44.61 -61.70 30.19
N THR TA 64 -43.85 -62.11 29.19
CA THR TA 64 -42.56 -62.71 29.43
C THR TA 64 -41.45 -61.68 29.54
N GLY TA 65 -41.66 -60.48 29.02
CA GLY TA 65 -40.67 -59.43 29.13
C GLY TA 65 -39.39 -59.67 28.37
N GLU TA 66 -39.40 -60.59 27.42
CA GLU TA 66 -38.20 -60.92 26.67
C GLU TA 66 -37.91 -59.95 25.54
N ARG TA 67 -38.91 -59.20 25.08
CA ARG TA 67 -38.73 -58.31 23.94
C ARG TA 67 -37.95 -57.08 24.33
N GLY TA 68 -37.06 -56.65 23.44
CA GLY TA 68 -36.32 -55.43 23.67
C GLY TA 68 -37.24 -54.23 23.64
N TYR TA 69 -36.83 -53.17 24.34
CA TYR TA 69 -37.67 -51.97 24.42
C TYR TA 69 -37.81 -51.35 23.04
N GLY TA 70 -39.04 -51.08 22.64
CA GLY TA 70 -39.31 -50.39 21.40
C GLY TA 70 -39.87 -49.02 21.66
N GLN TA 71 -41.14 -48.82 21.35
CA GLN TA 71 -41.79 -47.56 21.68
C GLN TA 71 -41.89 -47.37 23.19
N CYS TA 72 -41.80 -48.43 23.97
CA CYS TA 72 -41.84 -48.36 25.42
C CYS TA 72 -41.00 -49.50 25.97
N LEU TA 73 -41.19 -49.81 27.24
CA LEU TA 73 -40.60 -51.00 27.86
C LEU TA 73 -41.68 -52.06 27.85
N LEU TA 74 -41.65 -52.94 26.85
CA LEU TA 74 -42.74 -53.87 26.62
C LEU TA 74 -42.80 -54.89 27.73
N TYR TA 75 -43.55 -54.60 28.78
CA TYR TA 75 -43.60 -55.43 29.97
C TYR TA 75 -44.76 -55.04 30.88
N TYR TA 76 -45.56 -56.01 31.31
CA TYR TA 76 -46.71 -55.71 32.14
C TYR TA 76 -46.35 -55.46 33.60
N LYS TA 77 -45.22 -55.97 34.07
CA LYS TA 77 -44.85 -55.79 35.46
C LYS TA 77 -44.85 -54.31 35.83
N GLY TA 78 -45.76 -53.93 36.74
CA GLY TA 78 -45.85 -52.59 37.23
C GLY TA 78 -47.04 -51.80 36.73
N THR TA 79 -47.46 -52.03 35.50
CA THR TA 79 -48.57 -51.26 34.94
C THR TA 79 -49.85 -51.60 35.68
N PRO TA 80 -50.64 -50.60 36.09
CA PRO TA 80 -51.87 -50.89 36.83
C PRO TA 80 -53.09 -50.97 35.94
N PHE TA 81 -54.05 -51.79 36.39
CA PHE TA 81 -55.36 -51.80 35.77
C PHE TA 81 -55.98 -50.42 35.91
N HIS TA 82 -56.70 -50.00 34.87
CA HIS TA 82 -57.10 -48.60 34.79
C HIS TA 82 -58.55 -48.37 34.41
N ARG TA 83 -59.31 -49.39 34.05
CA ARG TA 83 -60.71 -49.22 33.69
C ARG TA 83 -61.46 -50.40 34.28
N ILE TA 84 -61.90 -50.26 35.53
CA ILE TA 84 -62.51 -51.37 36.26
C ILE TA 84 -63.98 -51.12 36.49
N ILE TA 85 -64.82 -51.57 35.57
CA ILE TA 85 -66.26 -51.39 35.67
C ILE TA 85 -66.84 -52.58 36.43
N PRO TA 86 -67.36 -52.39 37.63
CA PRO TA 86 -67.87 -53.53 38.41
C PRO TA 86 -68.93 -54.31 37.66
N GLY TA 87 -68.63 -55.57 37.37
CA GLY TA 87 -69.58 -56.45 36.74
C GLY TA 87 -69.58 -56.45 35.23
N PHE TA 88 -68.80 -55.58 34.59
CA PHE TA 88 -68.74 -55.54 33.13
C PHE TA 88 -67.38 -55.92 32.58
N VAL TA 89 -66.32 -55.20 32.93
CA VAL TA 89 -65.01 -55.39 32.33
C VAL TA 89 -63.94 -54.81 33.25
N MET TA 90 -62.84 -55.55 33.40
CA MET TA 90 -61.68 -55.09 34.16
C MET TA 90 -60.53 -54.97 33.17
N GLN TA 91 -60.14 -53.74 32.84
CA GLN TA 91 -59.12 -53.52 31.83
C GLN TA 91 -57.74 -53.42 32.45
N GLY TA 92 -56.72 -53.54 31.61
CA GLY TA 92 -55.35 -53.54 32.08
C GLY TA 92 -54.38 -53.20 30.98
N GLY TA 93 -53.26 -53.92 30.92
CA GLY TA 93 -52.28 -53.68 29.89
C GLY TA 93 -51.60 -52.35 30.05
N ASP TA 94 -51.67 -51.52 29.00
CA ASP TA 94 -51.18 -50.15 29.03
C ASP TA 94 -49.70 -50.09 29.38
N ILE TA 95 -48.88 -50.63 28.48
CA ILE TA 95 -47.43 -50.53 28.62
C ILE TA 95 -47.00 -49.07 28.70
N LEU TA 96 -47.62 -48.21 27.90
CA LEU TA 96 -47.21 -46.82 27.76
C LEU TA 96 -48.30 -45.91 28.31
N THR TA 97 -47.90 -44.82 28.97
CA THR TA 97 -48.84 -43.81 29.46
C THR TA 97 -49.86 -44.44 30.42
N LYS TA 98 -49.37 -44.77 31.61
CA LYS TA 98 -50.01 -45.71 32.52
C LYS TA 98 -51.46 -45.38 32.88
N ASP TA 99 -52.01 -44.29 32.33
CA ASP TA 99 -53.42 -44.00 32.54
C ASP TA 99 -54.34 -44.76 31.59
N GLY TA 100 -53.87 -45.10 30.40
CA GLY TA 100 -54.69 -45.90 29.50
C GLY TA 100 -55.04 -45.26 28.17
N ARG TA 101 -54.19 -44.36 27.69
CA ARG TA 101 -54.48 -43.59 26.50
C ARG TA 101 -53.58 -43.95 25.32
N SER TA 102 -52.84 -45.05 25.41
CA SER TA 102 -51.87 -45.41 24.38
C SER TA 102 -51.82 -46.92 24.23
N ASN TA 103 -51.93 -47.38 22.99
CA ASN TA 103 -51.96 -48.79 22.67
C ASN TA 103 -50.77 -49.13 21.78
N VAL TA 104 -49.86 -49.97 22.29
CA VAL TA 104 -48.67 -50.36 21.54
C VAL TA 104 -48.72 -51.86 21.29
N SER TA 105 -47.67 -52.40 20.67
CA SER TA 105 -47.60 -53.83 20.40
C SER TA 105 -46.15 -54.21 20.19
N VAL TA 106 -45.85 -55.49 20.43
CA VAL TA 106 -44.47 -55.93 20.30
C VAL TA 106 -44.01 -56.01 18.86
N PHE TA 107 -44.92 -56.14 17.90
CA PHE TA 107 -44.50 -56.07 16.51
C PHE TA 107 -44.11 -54.66 16.10
N GLY TA 108 -44.26 -53.69 16.99
CA GLY TA 108 -43.93 -52.32 16.67
C GLY TA 108 -45.03 -51.55 15.96
N TYR TA 109 -46.23 -52.10 15.87
CA TYR TA 109 -47.35 -51.37 15.30
C TYR TA 109 -48.64 -52.03 15.76
N PRO TA 110 -49.71 -51.27 15.90
CA PRO TA 110 -51.01 -51.90 16.18
C PRO TA 110 -51.40 -52.79 15.02
N PHE TA 111 -51.71 -54.04 15.35
CA PHE TA 111 -51.89 -55.10 14.38
C PHE TA 111 -53.34 -55.56 14.34
N PRO TA 112 -53.76 -56.22 13.26
CA PRO TA 112 -55.19 -56.53 13.10
C PRO TA 112 -55.61 -57.74 13.91
N ASP TA 113 -56.93 -57.95 13.95
CA ASP TA 113 -57.51 -59.10 14.63
C ASP TA 113 -57.61 -60.27 13.67
N GLU TA 114 -57.30 -61.46 14.16
CA GLU TA 114 -57.22 -62.62 13.28
C GLU TA 114 -58.61 -63.18 12.97
N SER TA 115 -59.24 -63.76 13.99
CA SER TA 115 -60.41 -64.60 13.75
C SER TA 115 -61.41 -64.44 14.88
N PHE TA 116 -62.68 -64.57 14.53
CA PHE TA 116 -63.76 -64.57 15.49
C PHE TA 116 -64.63 -65.80 15.34
N GLU TA 117 -64.13 -66.84 14.66
CA GLU TA 117 -64.97 -67.96 14.28
C GLU TA 117 -65.24 -68.88 15.46
N GLY TA 118 -64.20 -69.44 16.04
CA GLY TA 118 -64.36 -70.39 17.13
C GLY TA 118 -63.45 -70.04 18.28
N LYS TA 119 -63.99 -70.14 19.49
CA LYS TA 119 -63.28 -69.92 20.75
C LYS TA 119 -62.76 -68.50 20.88
N ALA TA 120 -62.98 -67.63 19.90
CA ALA TA 120 -62.51 -66.25 19.95
C ALA TA 120 -63.59 -65.26 19.53
N GLY TA 121 -64.84 -65.69 19.43
CA GLY TA 121 -65.93 -64.81 19.12
C GLY TA 121 -66.81 -64.56 20.34
N LYS TA 122 -66.99 -65.59 21.16
CA LYS TA 122 -67.86 -65.51 22.32
C LYS TA 122 -67.07 -65.02 23.52
N HIS TA 123 -67.57 -63.98 24.18
CA HIS TA 123 -66.95 -63.45 25.39
C HIS TA 123 -67.65 -64.05 26.59
N LEU TA 124 -67.40 -65.30 26.86
CA LEU TA 124 -67.97 -65.90 28.06
C LEU TA 124 -67.32 -65.31 29.30
N PRO TA 125 -67.95 -65.46 30.47
CA PRO TA 125 -67.34 -64.90 31.68
C PRO TA 125 -65.93 -65.39 31.94
N GLY TA 126 -65.58 -66.57 31.47
CA GLY TA 126 -64.19 -67.02 31.52
C GLY TA 126 -63.42 -66.63 30.28
N THR TA 127 -63.03 -65.35 30.18
CA THR TA 127 -62.41 -64.88 28.95
C THR TA 127 -61.57 -63.64 29.23
N VAL TA 128 -60.51 -63.48 28.45
CA VAL TA 128 -59.61 -62.33 28.51
C VAL TA 128 -59.57 -61.73 27.12
N GLY TA 129 -60.42 -60.75 26.86
CA GLY TA 129 -60.42 -60.12 25.56
C GLY TA 129 -59.16 -59.31 25.31
N MET TA 130 -59.02 -58.85 24.07
CA MET TA 130 -57.87 -58.06 23.66
C MET TA 130 -58.39 -56.70 23.19
N ALA TA 131 -58.46 -55.75 24.13
CA ALA TA 131 -59.03 -54.44 23.83
C ALA TA 131 -58.22 -53.73 22.76
N HIS TA 132 -58.90 -52.92 21.97
CA HIS TA 132 -58.31 -52.20 20.87
C HIS TA 132 -58.84 -50.77 20.82
N SER TA 133 -58.08 -49.90 20.17
CA SER TA 133 -58.56 -48.54 19.98
C SER TA 133 -59.49 -48.47 18.78
N GLY TA 134 -58.97 -48.77 17.60
CA GLY TA 134 -59.80 -48.97 16.45
C GLY TA 134 -60.33 -50.38 16.47
N PRO TA 135 -61.41 -50.65 15.73
CA PRO TA 135 -61.95 -52.01 15.71
C PRO TA 135 -60.98 -53.01 15.15
N ASN TA 136 -60.04 -52.56 14.32
CA ASN TA 136 -59.11 -53.46 13.64
C ASN TA 136 -57.75 -53.52 14.30
N GLN TA 137 -57.18 -52.38 14.68
CA GLN TA 137 -55.79 -52.31 15.11
C GLN TA 137 -55.71 -52.62 16.61
N ASN TA 138 -55.56 -53.90 16.93
CA ASN TA 138 -55.41 -54.27 18.33
C ASN TA 138 -54.10 -53.73 18.88
N GLY TA 139 -53.93 -53.87 20.19
CA GLY TA 139 -52.74 -53.34 20.83
C GLY TA 139 -52.33 -54.12 22.05
N SER TA 140 -52.03 -53.40 23.14
CA SER TA 140 -51.50 -54.01 24.34
C SER TA 140 -52.49 -54.10 25.48
N GLN TA 141 -53.70 -53.56 25.32
CA GLN TA 141 -54.68 -53.52 26.39
C GLN TA 141 -55.61 -54.73 26.28
N PHE TA 142 -55.80 -55.41 27.39
CA PHE TA 142 -56.67 -56.57 27.49
C PHE TA 142 -57.77 -56.28 28.50
N PHE TA 143 -58.67 -57.24 28.68
CA PHE TA 143 -59.75 -57.06 29.64
C PHE TA 143 -60.39 -58.40 29.93
N PHE TA 144 -60.79 -58.59 31.18
CA PHE TA 144 -61.45 -59.81 31.63
C PHE TA 144 -62.96 -59.63 31.58
N ASN TA 145 -63.61 -60.29 30.63
CA ASN TA 145 -65.06 -60.23 30.54
C ASN TA 145 -65.64 -60.92 31.75
N LEU TA 146 -66.19 -60.14 32.68
CA LEU TA 146 -66.77 -60.70 33.89
C LEU TA 146 -68.20 -61.16 33.71
N GLY TA 147 -68.88 -60.69 32.66
CA GLY TA 147 -70.23 -61.14 32.39
C GLY TA 147 -70.38 -61.52 30.94
N ARG TA 148 -71.51 -62.16 30.64
CA ARG TA 148 -71.78 -62.56 29.26
C ARG TA 148 -72.07 -61.32 28.43
N ASN TA 149 -71.03 -60.77 27.80
CA ASN TA 149 -71.14 -59.56 27.01
C ASN TA 149 -71.61 -59.97 25.63
N GLU TA 150 -72.93 -59.94 25.44
CA GLU TA 150 -73.53 -60.35 24.18
C GLU TA 150 -73.12 -59.44 23.05
N GLN TA 151 -72.73 -58.20 23.36
CA GLN TA 151 -72.39 -57.24 22.32
C GLN TA 151 -70.96 -57.35 21.86
N LEU TA 152 -70.05 -57.82 22.72
CA LEU TA 152 -68.64 -57.87 22.34
C LEU TA 152 -68.32 -59.01 21.39
N ASP TA 153 -69.33 -59.71 20.87
CA ASP TA 153 -69.07 -60.79 19.94
C ASP TA 153 -68.50 -60.25 18.65
N ARG TA 154 -67.35 -60.80 18.26
CA ARG TA 154 -66.70 -60.51 16.98
C ARG TA 154 -66.29 -59.05 16.84
N LYS TA 155 -66.56 -58.24 17.87
CA LYS TA 155 -65.94 -56.92 17.92
C LYS TA 155 -64.55 -57.01 18.54
N PHE TA 156 -64.47 -57.49 19.76
CA PHE TA 156 -63.21 -57.68 20.45
C PHE TA 156 -62.81 -59.14 20.35
N VAL TA 157 -61.66 -59.39 19.72
CA VAL TA 157 -61.12 -60.73 19.59
C VAL TA 157 -60.80 -61.27 20.97
N VAL TA 158 -61.56 -62.28 21.40
CA VAL TA 158 -61.19 -63.01 22.59
C VAL TA 158 -59.86 -63.71 22.32
N VAL TA 159 -58.98 -63.71 23.32
CA VAL TA 159 -57.66 -64.29 23.12
C VAL TA 159 -57.33 -65.37 24.14
N GLY TA 160 -58.06 -65.49 25.23
CA GLY TA 160 -57.70 -66.46 26.23
C GLY TA 160 -58.81 -66.70 27.21
N GLN TA 161 -58.44 -67.24 28.37
CA GLN TA 161 -59.37 -67.47 29.45
C GLN TA 161 -58.59 -67.76 30.72
N VAL TA 162 -59.05 -67.18 31.82
CA VAL TA 162 -58.38 -67.38 33.11
C VAL TA 162 -58.54 -68.83 33.53
N LEU TA 163 -57.46 -69.43 34.04
CA LEU TA 163 -57.52 -70.77 34.58
C LEU TA 163 -57.66 -70.76 36.09
N GLY TA 164 -56.71 -70.14 36.77
CA GLY TA 164 -56.75 -70.05 38.22
C GLY TA 164 -56.81 -68.61 38.68
N GLY TA 165 -57.19 -68.40 39.93
CA GLY TA 165 -57.24 -67.06 40.48
C GLY TA 165 -58.46 -66.25 40.10
N TRP TA 166 -59.55 -66.90 39.67
CA TRP TA 166 -60.74 -66.16 39.30
C TRP TA 166 -61.33 -65.40 40.48
N GLU TA 167 -60.98 -65.77 41.70
CA GLU TA 167 -61.40 -64.97 42.84
C GLU TA 167 -60.69 -63.63 42.89
N ILE TA 168 -59.46 -63.57 42.38
CA ILE TA 168 -58.69 -62.34 42.48
C ILE TA 168 -59.26 -61.27 41.56
N VAL TA 169 -59.52 -61.62 40.30
CA VAL TA 169 -60.14 -60.65 39.40
C VAL TA 169 -61.57 -60.37 39.84
N ASN TA 170 -62.17 -61.27 40.61
CA ASN TA 170 -63.43 -60.95 41.27
C ASN TA 170 -63.24 -60.09 42.50
N GLN TA 171 -62.05 -60.10 43.10
CA GLN TA 171 -61.76 -59.19 44.19
C GLN TA 171 -61.55 -57.78 43.68
N VAL TA 172 -60.74 -57.63 42.63
CA VAL TA 172 -60.40 -56.30 42.12
C VAL TA 172 -61.63 -55.58 41.63
N VAL TA 173 -62.45 -56.25 40.82
CA VAL TA 173 -63.64 -55.63 40.25
C VAL TA 173 -64.59 -55.12 41.33
N LYS TA 174 -64.42 -55.58 42.56
CA LYS TA 174 -65.19 -55.13 43.71
C LYS TA 174 -64.41 -54.17 44.59
N LEU TA 175 -63.16 -54.50 44.94
CA LEU TA 175 -62.39 -53.66 45.85
C LEU TA 175 -62.15 -52.28 45.25
N CYS TA 176 -61.82 -52.23 43.96
CA CYS TA 176 -61.46 -50.97 43.29
C CYS TA 176 -62.31 -50.86 42.03
N GLY TA 177 -63.52 -50.35 42.17
CA GLY TA 177 -64.44 -50.28 41.05
C GLY TA 177 -65.33 -49.06 41.15
N SER TA 178 -65.88 -48.70 40.00
CA SER TA 178 -66.77 -47.55 39.89
C SER TA 178 -67.48 -47.62 38.55
N ARG TA 179 -68.78 -47.37 38.55
CA ARG TA 179 -69.56 -47.44 37.32
C ARG TA 179 -68.94 -46.62 36.20
N CYS TA 180 -68.23 -45.55 36.53
CA CYS TA 180 -67.47 -44.84 35.51
C CYS TA 180 -66.27 -45.65 35.06
N GLY TA 181 -65.50 -46.17 36.01
CA GLY TA 181 -64.36 -47.01 35.66
C GLY TA 181 -63.11 -46.74 36.46
N THR TA 182 -62.92 -45.51 36.91
CA THR TA 182 -61.69 -45.16 37.62
C THR TA 182 -61.55 -45.98 38.89
N PRO TA 183 -60.36 -46.49 39.17
CA PRO TA 183 -60.17 -47.32 40.36
C PRO TA 183 -60.06 -46.45 41.61
N VAL TA 184 -60.89 -46.78 42.61
CA VAL TA 184 -60.78 -46.12 43.90
C VAL TA 184 -59.48 -46.47 44.59
N SER TA 185 -58.83 -47.56 44.17
CA SER TA 185 -57.51 -47.91 44.64
C SER TA 185 -56.73 -48.55 43.50
N ARG TA 186 -55.41 -48.50 43.61
CA ARG TA 186 -54.52 -48.83 42.51
C ARG TA 186 -54.23 -50.33 42.53
N ALA TA 187 -54.92 -51.07 41.67
CA ALA TA 187 -54.65 -52.49 41.47
C ALA TA 187 -53.74 -52.65 40.27
N TRP TA 188 -52.63 -53.35 40.46
CA TRP TA 188 -51.63 -53.43 39.41
C TRP TA 188 -51.06 -54.84 39.31
N ILE TA 189 -50.11 -54.98 38.39
CA ILE TA 189 -49.44 -56.24 38.12
C ILE TA 189 -48.08 -56.16 38.76
N SER TA 190 -47.94 -56.75 39.95
CA SER TA 190 -46.66 -56.72 40.64
C SER TA 190 -45.62 -57.60 39.97
N ASP TA 191 -46.04 -58.56 39.17
CA ASP TA 191 -45.14 -59.35 38.33
C ASP TA 191 -45.97 -60.14 37.34
N CYS TA 192 -45.36 -60.49 36.22
CA CYS TA 192 -46.04 -61.24 35.18
C CYS TA 192 -45.03 -62.15 34.50
N GLY TA 193 -45.39 -63.42 34.33
CA GLY TA 193 -44.49 -64.36 33.71
C GLY TA 193 -45.25 -65.52 33.11
N GLN TA 194 -44.58 -66.25 32.23
CA GLN TA 194 -45.17 -67.43 31.61
C GLN TA 194 -45.04 -68.63 32.54
N SER TA 195 -46.10 -69.41 32.63
CA SER TA 195 -46.18 -70.47 33.63
C SER TA 195 -45.74 -71.82 33.08
N GLY TA 196 -46.40 -72.31 32.04
CA GLY TA 196 -46.09 -73.62 31.51
C GLY TA 196 -45.53 -73.54 30.11
N ILE UA 107 -31.84 -25.67 16.75
CA ILE UA 107 -32.40 -25.86 18.09
C ILE UA 107 -33.83 -26.33 17.97
N THR UA 108 -34.49 -26.54 19.10
CA THR UA 108 -35.86 -27.01 19.11
C THR UA 108 -36.83 -25.85 19.09
N ARG UA 109 -38.10 -26.16 19.27
CA ARG UA 109 -39.15 -25.17 19.48
C ARG UA 109 -40.02 -25.63 20.64
N LEU UA 110 -40.23 -24.75 21.60
CA LEU UA 110 -41.06 -25.11 22.75
C LEU UA 110 -42.54 -25.08 22.42
N TYR UA 111 -42.94 -24.25 21.47
CA TYR UA 111 -44.35 -23.98 21.17
C TYR UA 111 -45.09 -23.47 22.39
N THR UA 112 -44.36 -23.00 23.41
CA THR UA 112 -44.99 -22.43 24.59
C THR UA 112 -45.66 -21.10 24.31
N SER UA 113 -45.34 -20.46 23.20
CA SER UA 113 -46.10 -19.32 22.74
C SER UA 113 -47.06 -19.79 21.67
N TYR UA 114 -47.86 -18.88 21.15
CA TYR UA 114 -48.75 -19.22 20.05
C TYR UA 114 -47.93 -19.33 18.78
N PHE UA 115 -47.94 -20.51 18.17
CA PHE UA 115 -47.20 -20.76 16.94
C PHE UA 115 -48.17 -20.66 15.77
N LYS UA 116 -48.01 -19.62 14.97
CA LYS UA 116 -48.80 -19.50 13.76
C LYS UA 116 -48.62 -20.75 12.91
N GLY UA 117 -49.64 -21.05 12.11
CA GLY UA 117 -49.59 -22.27 11.33
C GLY UA 117 -48.51 -22.22 10.25
N GLU UA 118 -48.09 -23.41 9.84
CA GLU UA 118 -47.27 -23.54 8.64
C GLU UA 118 -48.15 -23.59 7.41
N LEU UA 119 -47.54 -23.42 6.25
CA LEU UA 119 -48.24 -23.70 5.02
C LEU UA 119 -47.92 -25.11 4.58
N PHE UA 120 -48.79 -25.68 3.75
CA PHE UA 120 -48.55 -27.00 3.19
C PHE UA 120 -49.58 -27.27 2.12
N PRO UA 121 -49.24 -28.07 1.10
CA PRO UA 121 -50.24 -28.41 0.07
C PRO UA 121 -51.31 -29.38 0.53
N ASN UA 122 -51.24 -29.90 1.74
CA ASN UA 122 -52.37 -30.67 2.22
C ASN UA 122 -53.56 -29.79 2.54
N GLN UA 123 -53.38 -28.48 2.59
CA GLN UA 123 -54.41 -27.54 3.01
C GLN UA 123 -55.15 -26.89 1.86
N LEU UA 124 -54.89 -27.31 0.62
CA LEU UA 124 -55.63 -26.76 -0.50
C LEU UA 124 -57.11 -27.03 -0.32
N ALA UA 125 -57.94 -26.10 -0.78
CA ALA UA 125 -59.39 -26.26 -0.66
C ALA UA 125 -59.87 -27.26 -1.70
N ARG UA 126 -59.86 -28.54 -1.33
CA ARG UA 126 -60.26 -29.57 -2.27
C ARG UA 126 -61.73 -29.40 -2.63
N PRO UA 127 -62.09 -29.43 -3.92
CA PRO UA 127 -63.48 -29.20 -4.31
C PRO UA 127 -64.38 -30.31 -3.81
N LEU UA 128 -65.67 -30.14 -4.04
CA LEU UA 128 -66.64 -31.16 -3.69
C LEU UA 128 -66.75 -32.15 -4.84
N GLU UA 129 -67.65 -33.11 -4.72
CA GLU UA 129 -67.86 -34.13 -5.73
C GLU UA 129 -69.34 -34.19 -6.06
N ARG UA 130 -69.66 -34.29 -7.35
CA ARG UA 130 -71.03 -34.21 -7.81
C ARG UA 130 -71.29 -35.35 -8.80
N LEU UA 131 -72.38 -35.25 -9.50
CA LEU UA 131 -72.67 -36.07 -10.66
C LEU UA 131 -72.37 -35.31 -11.93
N PRO UA 132 -72.14 -35.99 -13.03
CA PRO UA 132 -72.02 -35.30 -14.32
C PRO UA 132 -73.27 -34.50 -14.65
N ARG UA 133 -73.21 -33.72 -15.73
CA ARG UA 133 -74.22 -32.70 -16.01
C ARG UA 133 -75.64 -33.23 -16.03
N GLY UA 134 -75.96 -34.08 -17.02
CA GLY UA 134 -77.32 -34.56 -17.16
C GLY UA 134 -77.68 -35.70 -16.22
N VAL UA 135 -76.70 -36.35 -15.63
CA VAL UA 135 -76.94 -37.52 -14.80
C VAL UA 135 -77.76 -37.11 -13.58
N SER UA 136 -78.94 -37.70 -13.45
CA SER UA 136 -79.77 -37.53 -12.27
C SER UA 136 -79.69 -38.77 -11.40
N LEU UA 137 -79.90 -38.59 -10.09
CA LEU UA 137 -79.63 -39.67 -9.15
C LEU UA 137 -80.59 -40.84 -9.36
N ALA UA 138 -81.90 -40.58 -9.33
CA ALA UA 138 -82.85 -41.65 -9.57
C ALA UA 138 -82.67 -42.29 -10.94
N ALA UA 139 -82.14 -41.52 -11.90
CA ALA UA 139 -81.82 -42.08 -13.21
C ALA UA 139 -80.49 -42.83 -13.19
N ALA UA 140 -79.53 -42.36 -12.39
CA ALA UA 140 -78.25 -43.05 -12.29
C ALA UA 140 -78.40 -44.33 -11.48
N ARG UA 141 -79.17 -44.29 -10.40
CA ARG UA 141 -79.37 -45.48 -9.57
C ARG UA 141 -79.91 -46.62 -10.41
N LYS UA 142 -81.10 -46.43 -11.00
CA LYS UA 142 -81.71 -47.48 -11.81
C LYS UA 142 -80.90 -47.83 -13.04
N GLY UA 143 -79.79 -47.12 -13.30
CA GLY UA 143 -78.80 -47.62 -14.23
C GLY UA 143 -78.02 -48.79 -13.71
N GLN UA 144 -78.00 -48.98 -12.39
CA GLN UA 144 -77.34 -50.14 -11.78
C GLN UA 144 -78.35 -50.99 -11.00
N ARG UA 195 -80.58 -13.02 -3.88
CA ARG UA 195 -79.96 -13.09 -2.57
C ARG UA 195 -80.86 -13.73 -1.54
N ARG UA 196 -80.35 -13.86 -0.31
CA ARG UA 196 -81.06 -14.51 0.78
C ARG UA 196 -81.31 -13.52 1.91
N PRO UA 197 -82.41 -13.68 2.64
CA PRO UA 197 -82.62 -12.87 3.84
C PRO UA 197 -81.82 -13.44 5.00
N TYR UA 198 -81.42 -12.55 5.90
CA TYR UA 198 -80.53 -12.93 6.99
C TYR UA 198 -81.14 -14.03 7.83
N VAL UA 199 -80.32 -15.02 8.19
CA VAL UA 199 -80.64 -16.05 9.15
C VAL UA 199 -79.37 -16.35 9.93
N PRO UA 200 -79.41 -16.43 11.25
CA PRO UA 200 -78.16 -16.60 12.00
C PRO UA 200 -77.54 -17.97 11.83
N LEU UA 201 -77.05 -18.28 10.62
CA LEU UA 201 -76.45 -19.59 10.39
C LEU UA 201 -75.21 -19.78 11.24
N GLY UA 202 -74.35 -18.77 11.30
CA GLY UA 202 -73.15 -18.87 12.12
C GLY UA 202 -73.45 -19.29 13.53
N GLU UA 203 -74.64 -18.98 14.03
CA GLU UA 203 -75.01 -19.40 15.37
C GLU UA 203 -75.60 -20.80 15.37
N VAL UA 204 -76.38 -21.16 14.36
CA VAL UA 204 -76.93 -22.52 14.32
C VAL UA 204 -75.86 -23.51 13.93
N ALA UA 205 -74.82 -23.08 13.22
CA ALA UA 205 -73.70 -23.98 12.95
C ALA UA 205 -73.05 -24.43 14.25
N LYS UA 206 -72.90 -23.50 15.20
CA LYS UA 206 -72.50 -23.89 16.55
C LYS UA 206 -73.54 -24.76 17.21
N LEU UA 207 -74.79 -24.69 16.76
CA LEU UA 207 -75.89 -25.41 17.38
C LEU UA 207 -76.04 -26.83 16.84
N GLU UA 208 -75.46 -27.13 15.68
CA GLU UA 208 -75.45 -28.50 15.19
C GLU UA 208 -74.14 -29.21 15.45
N LEU UA 209 -73.03 -28.48 15.57
CA LEU UA 209 -71.79 -29.11 15.99
C LEU UA 209 -71.93 -29.70 17.39
N GLN UA 210 -72.80 -29.13 18.21
CA GLN UA 210 -73.16 -29.77 19.46
C GLN UA 210 -74.12 -30.94 19.25
N GLY UA 211 -74.51 -31.22 18.01
CA GLY UA 211 -75.21 -32.45 17.73
C GLY UA 211 -74.23 -33.50 17.28
N ASP UA 212 -73.35 -33.10 16.35
CA ASP UA 212 -72.25 -33.98 15.95
C ASP UA 212 -71.39 -34.37 17.14
N TYR UA 213 -71.21 -33.46 18.10
CA TYR UA 213 -70.52 -33.84 19.33
C TYR UA 213 -71.42 -34.67 20.24
N LEU UA 214 -72.73 -34.50 20.15
CA LEU UA 214 -73.63 -35.22 21.05
C LEU UA 214 -73.96 -36.60 20.51
N THR UA 215 -74.47 -36.67 19.28
CA THR UA 215 -74.77 -37.96 18.68
C THR UA 215 -73.55 -38.85 18.63
N GLU UA 216 -72.36 -38.27 18.76
CA GLU UA 216 -71.12 -39.02 18.90
C GLU UA 216 -70.75 -39.26 20.34
N GLY UA 217 -71.62 -38.92 21.28
CA GLY UA 217 -71.31 -39.12 22.68
C GLY UA 217 -72.19 -40.16 23.33
N GLY UA 218 -73.15 -40.69 22.58
CA GLY UA 218 -74.12 -41.61 23.12
C GLY UA 218 -75.39 -40.96 23.63
N LEU UA 219 -75.42 -39.64 23.72
CA LEU UA 219 -76.61 -38.91 24.09
C LEU UA 219 -77.42 -38.66 22.83
N HIS UA 220 -78.09 -39.71 22.36
CA HIS UA 220 -78.76 -39.63 21.07
C HIS UA 220 -80.11 -38.94 21.16
N GLN UA 221 -80.68 -38.78 22.36
CA GLN UA 221 -81.92 -38.02 22.47
C GLN UA 221 -81.65 -36.52 22.47
N GLU UA 222 -80.70 -36.07 23.29
CA GLU UA 222 -80.35 -34.66 23.31
C GLU UA 222 -79.88 -34.20 21.94
N ALA UA 223 -79.13 -35.05 21.23
CA ALA UA 223 -78.69 -34.69 19.90
C ALA UA 223 -79.86 -34.48 18.97
N LEU UA 224 -80.91 -35.29 19.12
CA LEU UA 224 -82.08 -35.14 18.28
C LEU UA 224 -82.64 -33.72 18.36
N GLU UA 225 -82.70 -33.16 19.57
CA GLU UA 225 -83.23 -31.81 19.72
C GLU UA 225 -82.34 -30.81 19.01
N TYR UA 226 -81.04 -30.77 19.35
CA TYR UA 226 -80.13 -29.85 18.69
C TYR UA 226 -80.20 -29.98 17.19
N TYR UA 227 -80.37 -31.21 16.69
CA TYR UA 227 -80.55 -31.38 15.26
C TYR UA 227 -81.91 -30.90 14.80
N GLY UA 228 -82.93 -31.05 15.65
CA GLY UA 228 -84.24 -30.55 15.29
C GLY UA 228 -84.21 -29.08 14.95
N VAL UA 229 -83.61 -28.27 15.82
CA VAL UA 229 -83.55 -26.83 15.60
C VAL UA 229 -82.82 -26.53 14.30
N VAL UA 230 -81.58 -27.01 14.19
CA VAL UA 230 -80.75 -26.70 13.03
C VAL UA 230 -81.36 -27.22 11.75
N ALA UA 231 -82.23 -28.22 11.83
CA ALA UA 231 -82.95 -28.68 10.64
C ALA UA 231 -84.17 -27.83 10.36
N LYS UA 232 -84.64 -27.07 11.35
CA LYS UA 232 -85.71 -26.11 11.12
C LYS UA 232 -85.16 -24.85 10.46
N ALA UA 233 -84.12 -24.26 11.07
CA ALA UA 233 -83.56 -23.03 10.54
C ALA UA 233 -82.96 -23.23 9.16
N TYR UA 234 -82.78 -24.47 8.71
CA TYR UA 234 -82.20 -24.71 7.40
C TYR UA 234 -83.24 -24.78 6.30
N GLU UA 235 -84.42 -25.36 6.58
CA GLU UA 235 -85.45 -25.36 5.55
C GLU UA 235 -86.05 -23.99 5.34
N LEU UA 236 -85.71 -23.01 6.17
CA LEU UA 236 -86.03 -21.60 5.94
C LEU UA 236 -84.86 -20.84 5.34
N ALA UA 237 -83.64 -21.14 5.79
CA ALA UA 237 -82.47 -20.45 5.29
C ALA UA 237 -82.29 -20.71 3.81
N TYR UA 238 -82.27 -21.96 3.42
CA TYR UA 238 -82.05 -22.31 2.04
C TYR UA 238 -83.37 -22.57 1.34
N PRO UA 239 -83.40 -22.41 0.02
CA PRO UA 239 -84.63 -22.73 -0.73
C PRO UA 239 -84.98 -24.19 -0.66
N LYS UA 240 -86.07 -24.58 -1.32
CA LYS UA 240 -86.46 -25.97 -1.34
C LYS UA 240 -85.36 -26.85 -1.93
N ASP UA 241 -85.20 -28.04 -1.36
CA ASP UA 241 -84.38 -29.10 -1.91
C ASP UA 241 -82.93 -28.67 -2.14
N HIS UA 242 -82.49 -27.62 -1.47
CA HIS UA 242 -81.10 -27.20 -1.56
C HIS UA 242 -80.19 -28.34 -1.09
N PRO UA 243 -79.00 -28.45 -1.68
CA PRO UA 243 -78.08 -29.54 -1.30
C PRO UA 243 -77.76 -29.58 0.19
N GLN UA 244 -78.04 -28.49 0.90
CA GLN UA 244 -77.75 -28.43 2.33
C GLN UA 244 -78.94 -28.88 3.17
N VAL UA 245 -80.13 -28.37 2.86
CA VAL UA 245 -81.32 -28.76 3.61
C VAL UA 245 -81.58 -30.26 3.47
N ALA UA 246 -81.11 -30.87 2.40
CA ALA UA 246 -81.22 -32.31 2.28
C ALA UA 246 -80.21 -33.03 3.16
N GLY UA 247 -79.06 -32.43 3.40
CA GLY UA 247 -78.01 -33.12 4.13
C GLY UA 247 -78.20 -33.11 5.63
N ILE UA 248 -78.92 -32.12 6.15
CA ILE UA 248 -79.06 -32.04 7.61
C ILE UA 248 -79.94 -33.17 8.11
N ARG UA 249 -80.99 -33.53 7.37
CA ARG UA 249 -81.86 -34.61 7.79
C ARG UA 249 -81.10 -35.94 7.84
N LEU UA 250 -80.09 -36.10 7.00
CA LEU UA 250 -79.24 -37.28 7.09
C LEU UA 250 -78.53 -37.39 8.43
N LYS UA 251 -78.44 -36.29 9.17
CA LYS UA 251 -78.04 -36.32 10.56
C LYS UA 251 -79.24 -36.50 11.48
N LEU UA 252 -80.44 -36.28 10.97
CA LEU UA 252 -81.66 -36.46 11.74
C LEU UA 252 -82.19 -37.88 11.64
N ALA UA 253 -82.23 -38.44 10.43
CA ALA UA 253 -82.66 -39.82 10.26
C ALA UA 253 -81.74 -40.79 10.98
N GLY UA 254 -80.49 -40.40 11.19
CA GLY UA 254 -79.63 -41.19 12.06
C GLY UA 254 -80.01 -40.99 13.52
N ALA UA 255 -80.16 -39.73 13.93
CA ALA UA 255 -80.53 -39.46 15.31
C ALA UA 255 -81.90 -40.01 15.65
N PHE UA 256 -82.79 -40.09 14.67
CA PHE UA 256 -84.05 -40.80 14.90
C PHE UA 256 -83.78 -42.27 15.17
N ARG UA 257 -83.12 -42.95 14.24
CA ARG UA 257 -82.91 -44.39 14.36
C ARG UA 257 -82.22 -44.76 15.67
N ARG UA 258 -81.30 -43.92 16.14
CA ARG UA 258 -80.68 -44.19 17.42
C ARG UA 258 -81.57 -43.81 18.58
N THR UA 259 -82.86 -43.60 18.33
CA THR UA 259 -83.85 -43.42 19.38
C THR UA 259 -85.12 -44.20 19.13
N GLY UA 260 -85.01 -45.39 18.53
CA GLY UA 260 -86.15 -46.26 18.35
C GLY UA 260 -87.06 -45.87 17.20
N ARG UA 261 -87.15 -44.57 16.92
CA ARG UA 261 -88.10 -44.10 15.92
C ARG UA 261 -87.58 -44.39 14.51
N LEU UA 262 -87.53 -45.68 14.15
CA LEU UA 262 -87.10 -46.04 12.81
C LEU UA 262 -88.16 -45.66 11.79
N THR UA 263 -89.43 -45.69 12.18
CA THR UA 263 -90.51 -45.36 11.27
C THR UA 263 -90.34 -43.98 10.68
N SER UA 264 -89.88 -43.03 11.50
CA SER UA 264 -89.57 -41.69 11.00
C SER UA 264 -88.20 -41.61 10.36
N SER UA 265 -87.28 -42.49 10.75
CA SER UA 265 -85.96 -42.53 10.14
C SER UA 265 -86.09 -42.72 8.64
N LYS UA 266 -86.63 -43.87 8.24
CA LYS UA 266 -86.84 -44.11 6.81
C LYS UA 266 -87.70 -43.01 6.20
N ALA UA 267 -88.66 -42.48 6.95
CA ALA UA 267 -89.44 -41.36 6.46
C ALA UA 267 -88.59 -40.11 6.26
N ASN UA 268 -87.42 -40.04 6.89
CA ASN UA 268 -86.52 -38.89 6.77
C ASN UA 268 -85.45 -39.13 5.72
N CYS UA 269 -84.65 -40.18 5.89
CA CYS UA 269 -83.56 -40.46 4.95
C CYS UA 269 -84.06 -40.86 3.58
N GLU UA 270 -85.37 -41.05 3.40
CA GLU UA 270 -85.92 -41.19 2.07
C GLU UA 270 -86.42 -39.86 1.52
N ALA UA 271 -86.77 -38.93 2.41
CA ALA UA 271 -87.18 -37.61 1.95
C ALA UA 271 -86.03 -36.85 1.30
N VAL UA 272 -84.80 -37.12 1.74
CA VAL UA 272 -83.66 -36.36 1.25
C VAL UA 272 -83.43 -36.62 -0.22
N LEU UA 273 -83.61 -37.87 -0.66
CA LEU UA 273 -83.22 -38.25 -2.00
C LEU UA 273 -84.02 -37.53 -3.07
N GLN UA 274 -85.29 -37.23 -2.79
CA GLN UA 274 -86.09 -36.46 -3.72
C GLN UA 274 -85.65 -35.00 -3.77
N MET UA 275 -84.91 -34.54 -2.76
CA MET UA 275 -84.21 -33.28 -2.87
C MET UA 275 -82.91 -33.42 -3.64
N LEU UA 276 -82.39 -34.63 -3.77
CA LEU UA 276 -81.10 -34.83 -4.40
C LEU UA 276 -81.22 -35.07 -5.90
N ASP UA 277 -82.01 -36.07 -6.31
CA ASP UA 277 -82.16 -36.32 -7.74
C ASP UA 277 -82.86 -35.17 -8.44
N SER UA 278 -83.77 -34.49 -7.75
CA SER UA 278 -84.47 -33.36 -8.34
C SER UA 278 -83.61 -32.12 -8.43
N ALA UA 279 -82.36 -32.16 -7.97
CA ALA UA 279 -81.45 -31.04 -8.06
C ALA UA 279 -80.78 -31.02 -9.43
N VAL UA 280 -79.75 -30.19 -9.57
CA VAL UA 280 -79.00 -30.13 -10.81
C VAL UA 280 -77.84 -31.12 -10.78
N GLN UA 281 -76.91 -30.95 -9.84
CA GLN UA 281 -75.78 -31.86 -9.66
C GLN UA 281 -75.56 -32.02 -8.17
N PRO UA 282 -75.98 -33.13 -7.59
CA PRO UA 282 -76.03 -33.26 -6.14
C PRO UA 282 -74.64 -33.54 -5.57
N PRO UA 283 -74.42 -33.23 -4.31
CA PRO UA 283 -73.13 -33.56 -3.69
C PRO UA 283 -72.94 -35.06 -3.58
N LEU UA 284 -72.00 -35.61 -4.35
CA LEU UA 284 -71.87 -37.05 -4.45
C LEU UA 284 -71.53 -37.67 -3.10
N GLU UA 285 -70.79 -36.96 -2.25
CA GLU UA 285 -70.50 -37.51 -0.92
C GLU UA 285 -71.73 -37.55 -0.03
N LEU UA 286 -72.83 -36.93 -0.45
CA LEU UA 286 -74.08 -36.99 0.30
C LEU UA 286 -74.94 -38.17 -0.13
N ILE UA 287 -75.12 -38.35 -1.43
CA ILE UA 287 -75.95 -39.46 -1.91
C ILE UA 287 -75.36 -40.80 -1.48
N VAL UA 288 -74.10 -40.84 -1.08
CA VAL UA 288 -73.53 -42.02 -0.44
C VAL UA 288 -73.68 -41.94 1.07
N GLU UA 289 -74.03 -40.78 1.61
CA GLU UA 289 -74.38 -40.66 3.02
C GLU UA 289 -75.86 -40.92 3.26
N ALA UA 290 -76.70 -40.61 2.27
CA ALA UA 290 -78.11 -40.98 2.34
C ALA UA 290 -78.29 -42.47 2.12
N LEU UA 291 -77.79 -42.97 0.99
CA LEU UA 291 -77.89 -44.39 0.69
C LEU UA 291 -77.23 -45.25 1.76
N PHE UA 292 -76.48 -44.66 2.67
CA PHE UA 292 -76.03 -45.37 3.86
C PHE UA 292 -77.08 -45.36 4.95
N GLU UA 293 -77.67 -44.19 5.24
CA GLU UA 293 -78.75 -44.15 6.23
C GLU UA 293 -79.92 -45.01 5.80
N LEU UA 294 -80.27 -44.96 4.52
CA LEU UA 294 -81.31 -45.84 4.00
C LEU UA 294 -80.95 -47.31 4.17
N GLY UA 295 -79.66 -47.62 4.29
CA GLY UA 295 -79.23 -48.99 4.46
C GLY UA 295 -79.09 -49.40 5.90
N LEU UA 296 -78.96 -48.41 6.78
CA LEU UA 296 -78.85 -48.68 8.21
C LEU UA 296 -80.20 -48.73 8.89
N THR UA 297 -81.13 -47.87 8.49
CA THR UA 297 -82.48 -47.94 9.05
C THR UA 297 -83.21 -49.18 8.59
N SER UA 298 -82.75 -49.80 7.50
CA SER UA 298 -83.32 -51.08 7.10
C SER UA 298 -82.80 -52.20 7.98
N GLU UA 299 -81.55 -52.10 8.45
CA GLU UA 299 -81.05 -53.03 9.44
C GLU UA 299 -81.83 -52.91 10.74
N ALA UA 300 -81.95 -51.69 11.25
CA ALA UA 300 -82.70 -51.48 12.48
C ALA UA 300 -84.13 -52.00 12.34
N MET UA 301 -84.69 -51.96 11.14
CA MET UA 301 -85.98 -52.55 10.86
C MET UA 301 -85.89 -54.06 10.64
N SER UA 302 -84.69 -54.63 10.65
CA SER UA 302 -84.48 -56.06 10.50
C SER UA 302 -85.19 -56.61 9.26
N ASP UA 303 -84.72 -56.17 8.10
CA ASP UA 303 -85.23 -56.65 6.83
C ASP UA 303 -84.05 -56.99 5.93
N ALA UA 304 -83.76 -58.28 5.79
CA ALA UA 304 -82.62 -58.70 4.98
C ALA UA 304 -82.82 -58.37 3.51
N ALA UA 305 -84.07 -58.45 3.02
CA ALA UA 305 -84.36 -58.01 1.66
C ALA UA 305 -84.03 -56.54 1.47
N ALA UA 306 -84.11 -55.76 2.54
CA ALA UA 306 -83.77 -54.35 2.52
C ALA UA 306 -82.29 -54.11 2.81
N GLY UA 307 -81.42 -55.07 2.54
CA GLY UA 307 -80.00 -54.88 2.78
C GLY UA 307 -79.14 -54.78 1.55
N THR UA 308 -79.69 -55.04 0.37
CA THR UA 308 -78.90 -54.91 -0.84
C THR UA 308 -78.98 -53.49 -1.39
N VAL UA 309 -78.78 -52.51 -0.51
CA VAL UA 309 -78.64 -51.12 -0.96
C VAL UA 309 -77.24 -50.60 -0.73
N PHE UA 310 -76.49 -51.16 0.22
CA PHE UA 310 -75.07 -50.87 0.33
C PHE UA 310 -74.37 -51.12 -1.00
N GLU UA 311 -74.44 -52.37 -1.48
CA GLU UA 311 -73.78 -52.72 -2.73
C GLU UA 311 -74.26 -51.85 -3.88
N GLU UA 312 -75.49 -51.36 -3.80
CA GLU UA 312 -75.97 -50.41 -4.80
C GLU UA 312 -75.49 -49.00 -4.53
N ALA UA 313 -75.23 -48.66 -3.27
CA ALA UA 313 -74.64 -47.36 -2.96
C ALA UA 313 -73.23 -47.26 -3.50
N VAL UA 314 -72.39 -48.26 -3.21
CA VAL UA 314 -71.02 -48.23 -3.70
C VAL UA 314 -70.97 -48.38 -5.21
N ALA UA 315 -72.00 -48.96 -5.82
CA ALA UA 315 -72.09 -48.96 -7.27
C ALA UA 315 -72.00 -47.54 -7.83
N LEU UA 316 -72.39 -46.54 -7.05
CA LEU UA 316 -72.21 -45.15 -7.46
C LEU UA 316 -70.80 -44.66 -7.21
N VAL UA 317 -70.16 -45.12 -6.12
CA VAL UA 317 -68.78 -44.76 -5.87
C VAL UA 317 -67.89 -45.27 -7.00
N ASP UA 318 -67.92 -46.59 -7.23
CA ASP UA 318 -67.10 -47.16 -8.28
C ASP UA 318 -67.37 -46.51 -9.63
N MET UA 319 -68.57 -45.97 -9.82
CA MET UA 319 -68.92 -45.38 -11.10
C MET UA 319 -68.60 -43.90 -11.15
N PHE UA 320 -69.01 -43.15 -10.13
CA PHE UA 320 -68.99 -41.69 -10.20
C PHE UA 320 -67.96 -41.06 -9.27
N HIS UA 321 -67.09 -41.84 -8.66
CA HIS UA 321 -66.05 -41.28 -7.79
C HIS UA 321 -64.71 -41.45 -8.49
N ASN UA 322 -64.26 -40.39 -9.17
CA ASN UA 322 -62.91 -40.36 -9.70
C ASN UA 322 -61.96 -40.30 -8.51
N SER UA 323 -61.36 -41.45 -8.18
CA SER UA 323 -60.57 -41.59 -6.96
C SER UA 323 -59.17 -41.03 -7.10
N GLY UA 324 -58.92 -40.16 -8.07
CA GLY UA 324 -57.63 -39.54 -8.16
C GLY UA 324 -57.55 -38.25 -7.37
N GLN UA 325 -58.52 -37.35 -7.59
CA GLN UA 325 -58.40 -35.97 -7.11
C GLN UA 325 -58.24 -35.87 -5.60
N SER UA 326 -58.48 -36.94 -4.86
CA SER UA 326 -58.27 -36.87 -3.42
C SER UA 326 -56.79 -36.69 -3.10
N HIS UA 327 -55.92 -37.38 -3.82
CA HIS UA 327 -54.49 -37.41 -3.55
C HIS UA 327 -53.69 -36.93 -4.75
N LYS UA 328 -54.19 -35.92 -5.46
CA LYS UA 328 -53.46 -35.47 -6.64
C LYS UA 328 -52.25 -34.64 -6.25
N MET UA 329 -52.47 -33.59 -5.45
CA MET UA 329 -51.35 -32.75 -5.02
C MET UA 329 -50.45 -33.48 -4.05
N LEU UA 330 -51.02 -34.21 -3.10
CA LEU UA 330 -50.25 -34.88 -2.06
C LEU UA 330 -49.37 -35.99 -2.58
N ARG UA 331 -49.35 -36.23 -3.89
CA ARG UA 331 -48.70 -37.41 -4.43
C ARG UA 331 -47.20 -37.22 -4.56
N LEU UA 332 -46.75 -36.02 -4.91
CA LEU UA 332 -45.34 -35.75 -5.10
C LEU UA 332 -44.67 -35.13 -3.89
N LEU UA 333 -45.42 -34.64 -2.92
CA LEU UA 333 -44.89 -33.94 -1.76
C LEU UA 333 -43.71 -34.65 -1.09
N PRO UA 334 -43.66 -35.97 -1.04
CA PRO UA 334 -42.43 -36.61 -0.55
C PRO UA 334 -41.18 -36.22 -1.32
N ARG UA 335 -41.30 -35.75 -2.55
CA ARG UA 335 -40.16 -35.21 -3.29
C ARG UA 335 -39.80 -33.80 -2.86
N LEU UA 336 -40.40 -33.29 -1.79
CA LEU UA 336 -40.10 -31.94 -1.34
C LEU UA 336 -38.98 -31.91 -0.32
N GLY UA 337 -38.93 -32.88 0.57
CA GLY UA 337 -37.86 -32.93 1.53
C GLY UA 337 -36.51 -33.07 0.86
N ARG UA 338 -35.51 -32.40 1.41
CA ARG UA 338 -34.17 -32.46 0.87
C ARG UA 338 -33.14 -32.86 1.90
N ARG UA 339 -33.55 -33.27 3.08
CA ARG UA 339 -32.64 -33.77 4.10
C ARG UA 339 -32.90 -35.24 4.35
N PHE UA 340 -31.84 -35.97 4.71
CA PHE UA 340 -31.95 -37.40 4.87
C PHE UA 340 -31.75 -37.88 6.30
N ASN UA 341 -31.09 -37.13 7.17
CA ASN UA 341 -30.89 -37.60 8.52
C ASN UA 341 -31.31 -36.59 9.58
N LEU UA 342 -31.99 -35.51 9.18
CA LEU UA 342 -32.54 -34.58 10.14
C LEU UA 342 -33.64 -33.81 9.46
N ASN UA 343 -34.82 -33.76 10.08
CA ASN UA 343 -36.03 -33.31 9.41
C ASN UA 343 -36.32 -34.20 8.21
N PHE UA 344 -35.94 -35.47 8.31
CA PHE UA 344 -36.21 -36.45 7.27
C PHE UA 344 -37.62 -37.02 7.34
N GLU UA 345 -38.39 -36.61 8.31
CA GLU UA 345 -39.79 -36.99 8.41
C GLU UA 345 -40.64 -36.35 7.37
N GLU UA 346 -40.04 -35.60 6.44
CA GLU UA 346 -40.77 -35.01 5.35
C GLU UA 346 -40.75 -35.87 4.09
N LYS UA 347 -39.79 -36.78 3.98
CA LYS UA 347 -39.78 -37.71 2.86
C LYS UA 347 -40.88 -38.76 2.93
N PHE UA 348 -41.51 -38.91 4.09
CA PHE UA 348 -42.57 -39.89 4.30
C PHE UA 348 -43.88 -39.24 4.68
N VAL UA 349 -44.17 -38.07 4.15
CA VAL UA 349 -45.41 -37.38 4.51
C VAL UA 349 -46.58 -38.14 3.89
N TYR UA 350 -47.32 -38.86 4.73
CA TYR UA 350 -48.39 -39.73 4.27
C TYR UA 350 -49.72 -39.19 4.76
N PHE UA 351 -50.66 -38.99 3.85
CA PHE UA 351 -51.99 -38.50 4.15
C PHE UA 351 -53.01 -39.60 3.92
N SER UA 352 -53.95 -39.75 4.85
CA SER UA 352 -54.63 -41.01 4.66
C SER UA 352 -55.95 -40.84 3.93
N PRO UA 353 -56.27 -41.73 3.00
CA PRO UA 353 -57.50 -41.55 2.21
C PRO UA 353 -58.77 -41.62 3.04
N PHE UA 354 -58.78 -42.39 4.13
CA PHE UA 354 -59.94 -42.36 5.00
C PHE UA 354 -60.12 -40.98 5.63
N ASP UA 355 -59.01 -40.31 5.93
CA ASP UA 355 -59.06 -38.99 6.54
C ASP UA 355 -59.16 -37.88 5.51
N TYR UA 356 -58.87 -38.16 4.25
CA TYR UA 356 -58.89 -37.13 3.22
C TYR UA 356 -60.03 -37.28 2.23
N ASP UA 357 -60.42 -38.50 1.90
CA ASP UA 357 -61.52 -38.73 0.97
C ASP UA 357 -62.66 -39.35 1.76
N ARG UA 358 -63.62 -38.52 2.18
CA ARG UA 358 -64.73 -39.00 2.98
C ARG UA 358 -65.56 -40.04 2.23
N VAL UA 359 -65.91 -39.72 0.98
CA VAL UA 359 -66.72 -40.66 0.19
C VAL UA 359 -66.06 -42.02 0.10
N PHE UA 360 -64.73 -42.06 0.04
CA PHE UA 360 -64.06 -43.34 0.10
C PHE UA 360 -64.23 -43.98 1.48
N ALA UA 361 -64.11 -43.17 2.55
CA ALA UA 361 -64.27 -43.74 3.88
C ALA UA 361 -65.70 -44.18 4.13
N LEU UA 362 -66.67 -43.42 3.63
CA LEU UA 362 -68.06 -43.86 3.67
C LEU UA 362 -68.23 -45.17 2.91
N ALA UA 363 -67.81 -45.19 1.65
CA ALA UA 363 -67.93 -46.38 0.83
C ALA UA 363 -67.26 -47.58 1.45
N ASP UA 364 -66.38 -47.39 2.43
CA ASP UA 364 -65.75 -48.54 3.06
C ASP UA 364 -66.67 -49.19 4.08
N GLN UA 365 -67.32 -48.39 4.93
CA GLN UA 365 -68.19 -48.97 5.94
C GLN UA 365 -69.41 -49.62 5.30
N CYS UA 366 -69.94 -49.02 4.23
CA CYS UA 366 -70.95 -49.71 3.43
C CYS UA 366 -70.49 -51.12 3.12
N LEU UA 367 -69.36 -51.26 2.44
CA LEU UA 367 -68.80 -52.56 2.12
C LEU UA 367 -68.22 -53.28 3.33
N GLU UA 368 -68.39 -52.76 4.53
CA GLU UA 368 -68.13 -53.52 5.74
C GLU UA 368 -69.40 -53.78 6.54
N ARG UA 369 -70.37 -52.88 6.48
CA ARG UA 369 -71.68 -53.14 7.05
C ARG UA 369 -72.49 -54.08 6.16
N ALA UA 370 -72.15 -54.15 4.88
CA ALA UA 370 -72.79 -55.12 3.99
C ALA UA 370 -72.23 -56.50 4.17
N GLU UA 371 -70.95 -56.61 4.55
CA GLU UA 371 -70.37 -57.91 4.80
C GLU UA 371 -71.00 -58.56 6.03
N VAL UA 372 -71.15 -57.79 7.10
CA VAL UA 372 -71.69 -58.33 8.35
C VAL UA 372 -73.11 -58.84 8.12
N PHE UA 373 -73.86 -58.22 7.22
CA PHE UA 373 -75.16 -58.75 6.83
C PHE UA 373 -75.01 -60.17 6.33
N TYR UA 374 -74.31 -60.33 5.21
CA TYR UA 374 -74.16 -61.65 4.61
C TYR UA 374 -73.42 -62.60 5.51
N GLN UA 375 -72.57 -62.09 6.41
CA GLN UA 375 -71.97 -62.95 7.41
C GLN UA 375 -73.01 -63.39 8.44
N ALA UA 376 -73.92 -62.50 8.80
CA ALA UA 376 -74.94 -62.84 9.78
C ALA UA 376 -75.91 -63.87 9.24
N ARG UA 377 -76.46 -63.62 8.06
CA ARG UA 377 -77.42 -64.53 7.47
C ARG UA 377 -76.78 -65.80 6.96
N ASN UA 378 -75.50 -66.02 7.24
CA ASN UA 378 -74.76 -67.17 6.75
C ASN UA 378 -74.82 -67.27 5.23
N ASP UA 379 -74.57 -66.13 4.58
CA ASP UA 379 -74.54 -66.06 3.12
C ASP UA 379 -73.08 -66.12 2.69
N ARG UA 380 -72.80 -66.95 1.68
CA ARG UA 380 -71.42 -67.14 1.25
C ARG UA 380 -71.05 -66.22 0.10
N ALA UA 381 -71.73 -66.35 -1.03
CA ALA UA 381 -71.41 -65.52 -2.18
C ALA UA 381 -71.61 -64.05 -1.88
N GLY UA 382 -72.58 -63.73 -1.02
CA GLY UA 382 -72.77 -62.35 -0.64
C GLY UA 382 -71.54 -61.75 0.01
N VAL UA 383 -70.92 -62.48 0.93
CA VAL UA 383 -69.71 -62.00 1.57
C VAL UA 383 -68.62 -61.75 0.54
N MET UA 384 -68.36 -62.73 -0.31
CA MET UA 384 -67.33 -62.57 -1.33
C MET UA 384 -67.70 -61.50 -2.34
N ARG UA 385 -69.00 -61.34 -2.63
CA ARG UA 385 -69.43 -60.28 -3.54
C ARG UA 385 -69.05 -58.92 -2.99
N VAL UA 386 -68.84 -58.83 -1.68
CA VAL UA 386 -68.49 -57.57 -1.03
C VAL UA 386 -66.99 -57.46 -0.81
N LEU UA 387 -66.37 -58.50 -0.25
CA LEU UA 387 -64.97 -58.43 0.13
C LEU UA 387 -64.09 -58.10 -1.06
N GLN UA 388 -64.31 -58.80 -2.19
CA GLN UA 388 -63.55 -58.46 -3.38
C GLN UA 388 -63.80 -57.03 -3.81
N GLN UA 389 -65.02 -56.53 -3.61
CA GLN UA 389 -65.30 -55.14 -3.96
C GLN UA 389 -64.66 -54.19 -2.98
N ARG UA 390 -64.68 -54.54 -1.69
CA ARG UA 390 -64.04 -53.71 -0.69
C ARG UA 390 -62.54 -53.61 -0.91
N LYS UA 391 -61.93 -54.66 -1.46
CA LYS UA 391 -60.51 -54.59 -1.82
C LYS UA 391 -60.32 -53.81 -3.11
N GLU UA 392 -61.09 -54.13 -4.15
CA GLU UA 392 -61.02 -53.38 -5.39
C GLU UA 392 -61.31 -51.91 -5.18
N LEU UA 393 -62.07 -51.57 -4.14
CA LEU UA 393 -62.30 -50.17 -3.84
C LEU UA 393 -61.02 -49.51 -3.34
N ILE UA 394 -60.29 -50.16 -2.45
CA ILE UA 394 -59.11 -49.55 -1.88
C ILE UA 394 -57.91 -49.68 -2.80
N ASP UA 395 -57.77 -50.84 -3.46
CA ASP UA 395 -56.62 -51.05 -4.33
C ASP UA 395 -56.50 -49.95 -5.37
N LYS UA 396 -57.60 -49.46 -5.90
CA LYS UA 396 -57.53 -48.37 -6.85
C LYS UA 396 -57.38 -47.02 -6.17
N LYS UA 397 -57.22 -47.01 -4.86
CA LYS UA 397 -56.85 -45.80 -4.14
C LYS UA 397 -55.39 -45.78 -3.76
N PHE UA 398 -54.85 -46.91 -3.29
CA PHE UA 398 -53.41 -46.99 -3.02
C PHE UA 398 -52.60 -46.84 -4.29
N PHE UA 399 -53.18 -47.20 -5.43
CA PHE UA 399 -52.49 -47.04 -6.70
C PHE UA 399 -52.31 -45.58 -7.06
N ASN UA 400 -53.32 -44.77 -6.80
CA ASN UA 400 -53.22 -43.35 -7.11
C ASN UA 400 -52.30 -42.59 -6.17
N MET UA 401 -51.64 -43.28 -5.24
CA MET UA 401 -50.66 -42.65 -4.38
C MET UA 401 -49.24 -43.08 -4.66
N ARG UA 402 -49.05 -44.18 -5.39
CA ARG UA 402 -47.71 -44.70 -5.62
C ARG UA 402 -46.86 -43.69 -6.38
N ASP UA 403 -45.55 -43.79 -6.18
CA ASP UA 403 -44.56 -43.02 -6.90
C ASP UA 403 -43.19 -43.53 -6.50
N PHE UA 404 -42.24 -43.42 -7.43
CA PHE UA 404 -40.89 -43.85 -7.17
C PHE UA 404 -40.15 -42.81 -6.36
N ALA UA 405 -39.07 -43.24 -5.73
CA ALA UA 405 -38.22 -42.33 -4.96
C ALA UA 405 -37.33 -41.55 -5.91
N GLY UA 406 -37.26 -40.25 -5.71
CA GLY UA 406 -36.34 -39.42 -6.47
C GLY UA 406 -34.97 -39.48 -5.84
N ARG UA 407 -34.33 -38.35 -5.59
CA ARG UA 407 -33.11 -38.39 -4.81
C ARG UA 407 -33.43 -38.92 -3.43
N ILE UA 408 -32.45 -39.55 -2.81
CA ILE UA 408 -32.60 -40.14 -1.48
C ILE UA 408 -31.82 -39.38 -0.43
N HIS UA 409 -30.55 -39.07 -0.69
CA HIS UA 409 -29.70 -38.45 0.31
C HIS UA 409 -30.02 -36.96 0.42
N THR UA 410 -29.17 -36.20 1.09
CA THR UA 410 -29.43 -34.77 1.29
C THR UA 410 -28.93 -33.98 0.10
N MET UA 411 -29.85 -33.57 -0.76
CA MET UA 411 -29.54 -32.57 -1.78
C MET UA 411 -29.48 -31.22 -1.09
N ARG UA 412 -28.39 -30.49 -1.35
CA ARG UA 412 -28.17 -29.19 -0.74
C ARG UA 412 -28.50 -28.09 -1.73
N GLY UA 413 -29.31 -27.14 -1.29
CA GLY UA 413 -29.33 -25.84 -1.89
C GLY UA 413 -30.30 -25.63 -3.04
N HIS UA 414 -30.59 -26.64 -3.83
CA HIS UA 414 -31.39 -26.40 -5.02
C HIS UA 414 -32.83 -26.08 -4.62
N TRP UA 415 -33.02 -24.96 -3.92
CA TRP UA 415 -34.33 -24.62 -3.41
C TRP UA 415 -35.28 -24.23 -4.53
N LYS UA 416 -34.76 -23.87 -5.68
CA LYS UA 416 -35.60 -23.50 -6.81
C LYS UA 416 -36.24 -24.69 -7.49
N ARG UA 417 -35.91 -25.91 -7.06
CA ARG UA 417 -36.63 -27.08 -7.53
C ARG UA 417 -38.00 -27.16 -6.92
N ARG UA 418 -38.35 -26.23 -6.03
CA ARG UA 418 -39.67 -26.19 -5.41
C ARG UA 418 -40.78 -25.99 -6.43
N ALA UA 419 -40.45 -25.81 -7.70
CA ALA UA 419 -41.47 -25.57 -8.72
C ALA UA 419 -41.81 -26.84 -9.50
N GLN UA 420 -40.83 -27.70 -9.74
CA GLN UA 420 -41.09 -28.92 -10.48
C GLN UA 420 -41.69 -29.99 -9.58
N VAL UA 421 -41.46 -29.92 -8.28
CA VAL UA 421 -41.97 -30.96 -7.40
C VAL UA 421 -43.45 -30.75 -7.10
N LEU UA 422 -43.78 -29.64 -6.44
CA LEU UA 422 -45.16 -29.36 -6.07
C LEU UA 422 -45.83 -28.58 -7.20
N THR UA 423 -46.74 -29.26 -7.89
CA THR UA 423 -47.44 -28.73 -9.05
C THR UA 423 -48.56 -29.70 -9.37
N ASN UA 424 -49.41 -29.32 -10.31
CA ASN UA 424 -50.48 -30.21 -10.74
C ASN UA 424 -49.88 -31.38 -11.52
N ALA UA 425 -49.89 -32.56 -10.92
CA ALA UA 425 -49.35 -33.76 -11.53
C ALA UA 425 -50.46 -34.67 -11.97
N PRO UA 426 -50.44 -35.17 -13.21
CA PRO UA 426 -51.47 -36.13 -13.64
C PRO UA 426 -51.42 -37.38 -12.79
N THR UA 427 -52.52 -37.66 -12.11
CA THR UA 427 -52.60 -38.82 -11.24
C THR UA 427 -52.51 -40.11 -12.06
N PRO UA 428 -52.04 -41.20 -11.46
CA PRO UA 428 -52.03 -42.48 -12.19
C PRO UA 428 -53.41 -42.92 -12.63
N ASP UA 429 -54.45 -42.59 -11.87
CA ASP UA 429 -55.80 -42.90 -12.30
C ASP UA 429 -56.24 -42.07 -13.49
N GLU UA 430 -55.51 -41.01 -13.81
CA GLU UA 430 -55.84 -40.13 -14.93
C GLU UA 430 -54.87 -40.26 -16.09
N LEU UA 431 -53.58 -40.33 -15.82
CA LEU UA 431 -52.58 -40.46 -16.88
C LEU UA 431 -52.89 -41.61 -17.83
N LEU UA 432 -53.63 -42.60 -17.38
CA LEU UA 432 -54.09 -43.67 -18.25
C LEU UA 432 -55.47 -43.41 -18.82
N ARG UA 433 -56.37 -42.88 -17.99
CA ARG UA 433 -57.73 -42.65 -18.44
C ARG UA 433 -57.77 -41.71 -19.64
N TYR UA 434 -56.93 -40.68 -19.63
CA TYR UA 434 -56.90 -39.69 -20.69
C TYR UA 434 -55.67 -39.84 -21.57
N SER UA 435 -55.18 -41.07 -21.73
CA SER UA 435 -53.93 -41.37 -22.42
C SER UA 435 -53.89 -40.65 -23.76
N PRO UA 436 -52.70 -40.22 -24.23
CA PRO UA 436 -52.63 -39.46 -25.48
C PRO UA 436 -52.91 -40.29 -26.72
N THR UA 437 -53.22 -41.58 -26.58
CA THR UA 437 -53.67 -42.40 -27.69
C THR UA 437 -55.17 -42.64 -27.67
N ILE UA 438 -55.72 -42.95 -26.50
CA ILE UA 438 -57.17 -43.07 -26.37
C ILE UA 438 -57.82 -41.70 -26.47
N HIS UA 439 -57.27 -40.73 -25.76
CA HIS UA 439 -57.75 -39.35 -25.81
C HIS UA 439 -56.77 -38.57 -26.67
N GLN UA 440 -57.16 -38.32 -27.90
CA GLN UA 440 -56.24 -37.77 -28.89
C GLN UA 440 -56.33 -36.26 -28.90
N VAL UA 441 -55.17 -35.61 -28.85
CA VAL UA 441 -55.11 -34.16 -28.98
C VAL UA 441 -55.69 -33.76 -30.31
N TYR UA 442 -56.56 -32.76 -30.30
CA TYR UA 442 -57.09 -32.23 -31.55
C TYR UA 442 -56.13 -31.18 -32.09
N ARG UA 443 -55.60 -31.40 -33.28
CA ARG UA 443 -54.63 -30.49 -33.88
C ARG UA 443 -55.14 -30.05 -35.23
N ASP UA 444 -55.46 -28.76 -35.35
CA ASP UA 444 -56.06 -28.22 -36.56
C ASP UA 444 -54.97 -27.66 -37.45
N PHE UA 445 -54.73 -28.32 -38.59
CA PHE UA 445 -53.70 -27.89 -39.52
C PHE UA 445 -53.92 -26.49 -40.04
N LYS UA 446 -55.10 -25.92 -39.83
CA LYS UA 446 -55.33 -24.53 -40.22
C LYS UA 446 -54.43 -23.58 -39.46
N TYR UA 447 -53.82 -24.02 -38.36
CA TYR UA 447 -52.97 -23.17 -37.53
C TYR UA 447 -51.54 -23.67 -37.45
N GLU UA 448 -51.16 -24.66 -38.23
CA GLU UA 448 -49.81 -25.20 -38.22
C GLU UA 448 -49.31 -25.32 -39.65
N LEU UA 449 -48.02 -25.63 -39.78
CA LEU UA 449 -47.39 -25.70 -41.08
C LEU UA 449 -46.90 -27.12 -41.37
N ASN UA 450 -47.72 -28.11 -41.09
CA ASN UA 450 -47.36 -29.49 -41.38
C ASN UA 450 -48.64 -30.31 -41.47
N ALA UA 451 -48.65 -31.27 -42.38
CA ALA UA 451 -49.77 -32.20 -42.47
C ALA UA 451 -49.28 -33.45 -43.17
N PRO UA 452 -49.89 -34.60 -42.92
CA PRO UA 452 -49.42 -35.85 -43.54
C PRO UA 452 -49.34 -35.76 -45.05
N ILE UA 453 -48.65 -36.72 -45.67
CA ILE UA 453 -48.18 -36.56 -47.03
C ILE UA 453 -49.30 -36.36 -48.04
N GLY UA 454 -50.55 -36.48 -47.63
CA GLY UA 454 -51.67 -36.30 -48.53
C GLY UA 454 -52.49 -35.06 -48.27
N ARG UA 455 -52.49 -34.58 -47.03
CA ARG UA 455 -53.31 -33.44 -46.65
C ARG UA 455 -52.56 -32.11 -46.80
N GLU UA 456 -51.96 -31.90 -47.97
CA GLU UA 456 -50.99 -30.82 -48.13
C GLU UA 456 -51.61 -29.47 -48.43
N LYS UA 457 -52.91 -29.39 -48.67
CA LYS UA 457 -53.55 -28.11 -48.91
C LYS UA 457 -54.08 -27.47 -47.65
N GLU UA 458 -54.18 -28.23 -46.56
CA GLU UA 458 -54.92 -27.81 -45.38
C GLU UA 458 -54.05 -27.13 -44.33
N VAL UA 459 -52.88 -26.62 -44.72
CA VAL UA 459 -52.01 -25.92 -43.77
C VAL UA 459 -52.56 -24.53 -43.55
N GLN UA 460 -52.01 -23.84 -42.54
CA GLN UA 460 -52.26 -22.43 -42.29
C GLN UA 460 -51.99 -21.67 -43.58
N PRO UA 461 -52.99 -21.05 -44.18
CA PRO UA 461 -52.81 -20.46 -45.51
C PRO UA 461 -51.80 -19.33 -45.49
N GLY UA 462 -51.45 -18.88 -46.68
CA GLY UA 462 -50.50 -17.81 -46.81
C GLY UA 462 -50.91 -16.81 -47.86
N VAL UA 463 -49.92 -16.17 -48.48
CA VAL UA 463 -50.13 -15.15 -49.49
C VAL UA 463 -49.43 -15.64 -50.74
N ASN UA 464 -49.31 -14.79 -51.74
CA ASN UA 464 -48.54 -15.12 -52.93
C ASN UA 464 -47.25 -15.83 -52.54
N ARG UA 465 -47.14 -17.09 -52.93
CA ARG UA 465 -46.09 -17.95 -52.42
C ARG UA 465 -45.79 -19.02 -53.46
N VAL UA 466 -44.52 -19.30 -53.67
CA VAL UA 466 -44.09 -20.33 -54.60
C VAL UA 466 -42.95 -21.11 -53.94
N VAL UA 467 -43.11 -22.43 -53.84
CA VAL UA 467 -42.10 -23.26 -53.20
C VAL UA 467 -40.80 -23.17 -53.98
N HIS UA 468 -39.77 -22.60 -53.37
CA HIS UA 468 -38.51 -22.39 -54.08
C HIS UA 468 -37.77 -23.70 -54.26
N ASP UA 469 -37.41 -24.33 -53.14
CA ASP UA 469 -36.81 -25.66 -53.13
C ASP UA 469 -36.82 -26.14 -51.70
N MET UA 470 -36.18 -27.28 -51.48
CA MET UA 470 -35.97 -27.75 -50.12
C MET UA 470 -34.69 -27.12 -49.58
N GLY UA 471 -34.72 -26.71 -48.32
CA GLY UA 471 -33.62 -25.96 -47.77
C GLY UA 471 -32.38 -26.78 -47.49
N ASN UA 472 -31.89 -27.47 -48.50
CA ASN UA 472 -30.70 -28.31 -48.33
C ASN UA 472 -29.50 -27.41 -48.05
N PRO UA 473 -28.90 -27.49 -46.87
CA PRO UA 473 -27.94 -26.46 -46.45
C PRO UA 473 -26.77 -26.25 -47.39
N TYR UA 474 -26.49 -27.18 -48.29
CA TYR UA 474 -25.35 -27.05 -49.16
C TYR UA 474 -25.62 -26.22 -50.39
N ARG UA 475 -26.82 -25.66 -50.51
CA ARG UA 475 -27.09 -24.72 -51.58
C ARG UA 475 -26.24 -23.47 -51.46
N ARG UA 476 -25.69 -23.21 -50.28
CA ARG UA 476 -24.86 -22.03 -50.06
C ARG UA 476 -23.44 -22.23 -50.58
N SER UA 477 -22.91 -23.44 -50.47
CA SER UA 477 -21.55 -23.71 -50.90
C SER UA 477 -21.43 -23.54 -52.42
N GLY UA 478 -20.21 -23.67 -52.92
CA GLY UA 478 -19.95 -23.37 -54.31
C GLY UA 478 -20.73 -24.25 -55.26
N VAL UA 479 -20.79 -23.82 -56.53
CA VAL UA 479 -21.67 -24.41 -57.52
C VAL UA 479 -21.42 -25.89 -57.73
N ARG UA 480 -20.22 -26.37 -57.41
CA ARG UA 480 -19.99 -27.80 -57.53
C ARG UA 480 -20.65 -28.58 -56.42
N SER UA 481 -21.02 -27.93 -55.32
CA SER UA 481 -21.85 -28.54 -54.31
C SER UA 481 -23.33 -28.24 -54.52
N GLN UA 482 -23.67 -27.49 -55.58
CA GLN UA 482 -25.04 -27.40 -56.04
C GLN UA 482 -25.25 -28.11 -57.37
N ARG UA 483 -24.20 -28.66 -57.97
CA ARG UA 483 -24.38 -29.59 -59.07
C ARG UA 483 -24.78 -30.96 -58.57
N MET UA 484 -24.32 -31.34 -57.38
CA MET UA 484 -25.06 -32.28 -56.58
C MET UA 484 -26.38 -31.65 -56.20
N PHE UA 485 -27.28 -32.42 -55.61
CA PHE UA 485 -28.56 -31.88 -55.16
C PHE UA 485 -29.38 -31.35 -56.34
N ARG UA 486 -28.93 -31.62 -57.57
CA ARG UA 486 -29.64 -31.16 -58.75
C ARG UA 486 -31.04 -31.75 -58.82
N ASP UA 487 -31.14 -33.07 -58.82
CA ASP UA 487 -32.42 -33.75 -58.99
C ASP UA 487 -33.12 -34.02 -57.69
N ALA UA 488 -32.53 -33.69 -56.54
CA ALA UA 488 -33.14 -34.01 -55.26
C ALA UA 488 -34.41 -33.21 -55.01
N GLU UA 489 -34.63 -32.14 -55.77
CA GLU UA 489 -35.90 -31.43 -55.71
C GLU UA 489 -36.90 -32.02 -56.70
N LYS UA 490 -36.42 -32.50 -57.85
CA LYS UA 490 -37.30 -33.20 -58.77
C LYS UA 490 -37.82 -34.49 -58.15
N ASN UA 491 -36.92 -35.30 -57.60
CA ASN UA 491 -37.30 -36.60 -57.07
C ASN UA 491 -38.29 -36.44 -55.92
N PHE UA 492 -38.11 -35.41 -55.10
CA PHE UA 492 -38.96 -35.23 -53.95
C PHE UA 492 -40.38 -34.81 -54.30
N GLU UA 493 -40.61 -34.33 -55.52
CA GLU UA 493 -41.93 -33.88 -55.88
C GLU UA 493 -42.92 -35.02 -55.80
N LYS UA 494 -42.77 -36.00 -56.67
CA LYS UA 494 -43.78 -37.05 -56.83
C LYS UA 494 -43.88 -37.92 -55.59
N TYR UA 495 -42.99 -37.72 -54.62
CA TYR UA 495 -43.14 -38.37 -53.32
C TYR UA 495 -44.24 -37.73 -52.49
N ILE UA 496 -44.57 -36.47 -52.74
CA ILE UA 496 -45.64 -35.80 -52.01
C ILE UA 496 -46.79 -35.50 -52.96
N ARG UA 497 -46.93 -36.29 -54.01
CA ARG UA 497 -48.02 -36.13 -54.96
C ARG UA 497 -48.78 -37.43 -55.08
N ALA UA 498 -50.09 -37.36 -54.87
CA ALA UA 498 -50.98 -38.49 -55.09
C ALA UA 498 -52.12 -38.07 -56.00
N MET VA 11 -23.97 -46.51 62.94
CA MET VA 11 -22.66 -46.80 63.51
C MET VA 11 -21.88 -45.51 63.75
N ALA VA 12 -21.89 -45.04 65.01
CA ALA VA 12 -21.09 -43.90 65.42
C ALA VA 12 -19.65 -44.17 65.05
N PRO VA 13 -19.08 -43.43 64.10
CA PRO VA 13 -17.79 -43.82 63.52
C PRO VA 13 -16.73 -44.10 64.57
N GLU VA 14 -15.83 -45.02 64.24
CA GLU VA 14 -14.91 -45.60 65.21
C GLU VA 14 -14.08 -44.53 65.92
N LEU VA 15 -13.22 -43.85 65.18
CA LEU VA 15 -12.42 -42.77 65.75
C LEU VA 15 -12.52 -41.52 64.89
N GLN VA 16 -13.36 -41.55 63.86
CA GLN VA 16 -13.76 -40.35 63.16
C GLN VA 16 -14.66 -39.46 64.03
N LEU VA 17 -15.13 -39.97 65.16
CA LEU VA 17 -15.77 -39.18 66.19
C LEU VA 17 -15.46 -39.79 67.54
N GLU VA 18 -15.35 -38.94 68.56
CA GLU VA 18 -15.28 -39.43 69.93
C GLU VA 18 -16.25 -38.74 70.88
N TYR VA 19 -16.47 -37.44 70.72
CA TYR VA 19 -17.30 -36.59 71.57
C TYR VA 19 -17.10 -36.85 73.06
N ILE VA 20 -15.93 -36.49 73.57
CA ILE VA 20 -15.51 -36.80 74.93
C ILE VA 20 -15.78 -35.58 75.80
N PRO VA 21 -16.26 -35.75 77.04
CA PRO VA 21 -16.59 -34.58 77.88
C PRO VA 21 -15.42 -33.63 78.03
N ILE VA 22 -15.75 -32.43 78.48
CA ILE VA 22 -14.96 -31.25 78.20
C ILE VA 22 -14.45 -30.60 79.48
N ILE VA 23 -13.29 -29.97 79.38
CA ILE VA 23 -12.81 -29.09 80.42
C ILE VA 23 -13.10 -27.63 80.09
N PHE VA 24 -12.74 -27.18 78.88
CA PHE VA 24 -12.71 -25.75 78.59
C PHE VA 24 -12.58 -25.52 77.10
N THR VA 25 -12.74 -24.26 76.70
CA THR VA 25 -12.21 -23.64 75.49
C THR VA 25 -12.46 -24.44 74.20
N ARG VA 26 -13.73 -24.46 73.83
CA ARG VA 26 -14.08 -24.68 72.44
C ARG VA 26 -14.17 -23.30 71.77
N THR VA 27 -14.77 -23.22 70.59
CA THR VA 27 -14.80 -22.00 69.81
C THR VA 27 -13.38 -21.55 69.47
N ILE VA 28 -12.72 -22.38 68.65
CA ILE VA 28 -11.33 -22.16 68.26
C ILE VA 28 -11.16 -20.77 67.66
N LEU VA 29 -10.02 -20.15 67.94
CA LEU VA 29 -9.65 -18.83 67.46
C LEU VA 29 -8.14 -18.80 67.32
N GLY VA 30 -7.56 -17.62 67.24
CA GLY VA 30 -6.18 -17.48 67.63
C GLY VA 30 -6.11 -17.62 69.14
N PRO VA 31 -6.58 -16.58 69.85
CA PRO VA 31 -6.93 -16.75 71.26
C PRO VA 31 -8.39 -17.16 71.40
N GLN VA 32 -8.64 -18.34 71.96
CA GLN VA 32 -9.99 -18.90 71.99
C GLN VA 32 -10.49 -19.20 73.38
N GLY VA 33 -9.64 -19.18 74.40
CA GLY VA 33 -10.08 -19.49 75.74
C GLY VA 33 -10.80 -18.35 76.43
N GLY VA 34 -11.59 -17.58 75.70
CA GLY VA 34 -12.34 -16.51 76.34
C GLY VA 34 -13.62 -17.03 76.96
N PHE VA 35 -13.64 -17.15 78.30
CA PHE VA 35 -14.76 -17.77 79.01
C PHE VA 35 -14.52 -17.75 80.51
N ALA VA 36 -15.50 -18.17 81.30
CA ALA VA 36 -15.38 -18.28 82.76
C ALA VA 36 -16.11 -19.53 83.26
N GLY VA 37 -15.41 -20.67 83.29
CA GLY VA 37 -15.83 -21.82 84.07
C GLY VA 37 -17.01 -22.66 83.61
N GLU VA 38 -16.82 -23.43 82.53
CA GLU VA 38 -17.82 -24.38 82.06
C GLU VA 38 -17.15 -25.43 81.18
N GLU VA 39 -17.97 -26.20 80.47
CA GLU VA 39 -17.49 -27.20 79.53
C GLU VA 39 -18.35 -27.20 78.28
N ARG VA 40 -17.68 -27.21 77.12
CA ARG VA 40 -18.28 -27.32 75.81
C ARG VA 40 -17.14 -27.46 74.80
N LEU VA 41 -17.32 -28.29 73.78
CA LEU VA 41 -16.19 -28.63 72.93
C LEU VA 41 -16.67 -29.03 71.54
N ILE VA 42 -15.72 -29.49 70.73
CA ILE VA 42 -15.98 -30.26 69.53
C ILE VA 42 -15.27 -31.61 69.69
N LYS VA 43 -15.92 -32.68 69.23
CA LYS VA 43 -15.43 -34.04 69.45
C LYS VA 43 -13.97 -34.16 69.06
N ARG VA 44 -13.20 -34.86 69.89
CA ARG VA 44 -11.74 -34.90 69.75
C ARG VA 44 -11.24 -36.06 68.88
N GLU VA 45 -11.86 -36.31 67.72
CA GLU VA 45 -11.67 -37.57 67.00
C GLU VA 45 -10.20 -37.84 66.71
N VAL VA 46 -9.59 -36.99 65.87
CA VAL VA 46 -8.15 -36.80 65.87
C VAL VA 46 -7.77 -35.57 66.65
N ALA VA 47 -8.73 -34.71 66.96
CA ALA VA 47 -8.64 -33.54 67.80
C ALA VA 47 -8.45 -33.91 69.26
N GLN VA 48 -8.15 -35.18 69.52
CA GLN VA 48 -7.77 -35.65 70.85
C GLN VA 48 -6.54 -34.91 71.36
N LYS VA 49 -5.91 -34.12 70.49
CA LYS VA 49 -4.83 -33.24 70.92
C LYS VA 49 -5.20 -32.48 72.18
N TYR VA 50 -6.50 -32.26 72.40
CA TYR VA 50 -6.97 -31.72 73.67
C TYR VA 50 -6.42 -32.55 74.84
N MET VA 51 -6.75 -33.83 74.86
CA MET VA 51 -6.42 -34.72 75.98
C MET VA 51 -4.97 -34.56 76.44
N SER VA 52 -4.08 -34.12 75.53
CA SER VA 52 -2.67 -33.96 75.86
C SER VA 52 -2.48 -33.16 77.14
N GLU VA 53 -2.95 -31.92 77.17
CA GLU VA 53 -2.72 -31.01 78.29
C GLU VA 53 -4.01 -30.31 78.68
N GLY VA 54 -5.08 -31.06 78.82
CA GLY VA 54 -6.34 -30.50 79.26
C GLY VA 54 -7.17 -29.98 78.12
N ASN VA 55 -8.30 -29.39 78.49
CA ASN VA 55 -9.40 -28.91 77.65
C ASN VA 55 -10.32 -30.05 77.26
N ALA VA 56 -10.05 -31.29 77.64
CA ALA VA 56 -10.93 -32.42 77.41
C ALA VA 56 -10.41 -33.60 78.21
N VAL VA 57 -11.33 -34.39 78.76
CA VAL VA 57 -10.98 -35.54 79.59
C VAL VA 57 -11.86 -36.73 79.21
N THR VA 58 -11.23 -37.89 79.04
CA THR VA 58 -11.95 -39.09 78.68
C THR VA 58 -13.07 -39.38 79.66
N PRO VA 59 -14.23 -39.83 79.20
CA PRO VA 59 -15.35 -40.05 80.12
C PRO VA 59 -15.16 -41.31 80.94
N SER VA 60 -15.52 -41.21 82.21
CA SER VA 60 -15.41 -42.35 83.12
C SER VA 60 -16.60 -42.30 84.08
N ALA VA 61 -16.80 -43.41 84.79
CA ALA VA 61 -17.89 -43.49 85.75
C ALA VA 61 -17.77 -42.41 86.81
N GLU VA 62 -16.54 -41.99 87.12
CA GLU VA 62 -16.34 -40.82 87.96
C GLU VA 62 -16.62 -39.54 87.19
N PHE VA 63 -15.99 -39.38 86.02
CA PHE VA 63 -16.05 -38.10 85.31
C PHE VA 63 -17.46 -37.75 84.88
N HIS VA 64 -18.37 -38.72 84.78
CA HIS VA 64 -19.75 -38.39 84.46
C HIS VA 64 -20.50 -37.78 85.63
N GLN VA 65 -19.86 -37.65 86.80
CA GLN VA 65 -20.47 -36.90 87.90
C GLN VA 65 -20.06 -35.45 87.86
N GLY VA 66 -18.79 -35.18 87.60
CA GLY VA 66 -18.31 -33.81 87.51
C GLY VA 66 -16.94 -33.82 86.89
N VAL VA 67 -16.40 -32.61 86.72
CA VAL VA 67 -15.09 -32.42 86.13
C VAL VA 67 -14.48 -31.16 86.69
N TRP VA 68 -13.17 -31.00 86.48
CA TRP VA 68 -12.46 -29.80 86.91
C TRP VA 68 -12.29 -28.88 85.72
N CYS VA 69 -13.36 -28.15 85.42
CA CYS VA 69 -13.33 -27.20 84.32
C CYS VA 69 -12.32 -26.10 84.60
N TYR VA 70 -11.68 -25.63 83.53
CA TYR VA 70 -10.66 -24.61 83.67
C TYR VA 70 -11.29 -23.31 84.14
N ASN VA 71 -11.10 -23.00 85.42
CA ASN VA 71 -11.61 -21.63 85.52
C ASN VA 71 -10.47 -20.66 85.30
N PRO VA 72 -10.71 -19.56 84.58
CA PRO VA 72 -9.62 -18.63 84.26
C PRO VA 72 -9.22 -17.75 85.42
N ASP VA 73 -9.97 -17.79 86.52
CA ASP VA 73 -9.68 -16.89 87.64
C ASP VA 73 -8.31 -17.20 88.24
N SER VA 74 -7.95 -18.47 88.31
CA SER VA 74 -6.68 -18.90 88.92
C SER VA 74 -5.70 -19.44 87.89
N GLU VA 75 -6.02 -19.34 86.61
CA GLU VA 75 -5.15 -19.81 85.52
C GLU VA 75 -4.82 -21.29 85.67
N GLN VA 76 -5.82 -22.06 86.11
CA GLN VA 76 -5.71 -23.50 86.20
C GLN VA 76 -7.13 -24.06 86.30
N TYR VA 77 -7.26 -25.34 86.01
CA TYR VA 77 -8.57 -25.99 86.04
C TYR VA 77 -9.00 -26.23 87.48
N ASP VA 78 -9.20 -25.11 88.18
CA ASP VA 78 -9.46 -25.15 89.61
C ASP VA 78 -10.93 -25.38 89.92
N ARG VA 79 -11.81 -24.47 89.49
CA ARG VA 79 -13.19 -24.52 89.93
C ARG VA 79 -13.85 -25.82 89.49
N PHE VA 80 -14.22 -26.64 90.46
CA PHE VA 80 -15.01 -27.83 90.21
C PHE VA 80 -16.32 -27.43 89.53
N VAL VA 81 -16.99 -28.42 88.93
CA VAL VA 81 -18.30 -28.17 88.36
C VAL VA 81 -19.11 -29.45 88.32
N GLU VA 82 -20.37 -29.37 88.72
CA GLU VA 82 -21.25 -30.52 88.71
C GLU VA 82 -21.78 -30.75 87.30
N ARG VA 83 -22.24 -31.99 87.05
CA ARG VA 83 -22.80 -32.36 85.76
C ARG VA 83 -24.28 -32.75 85.90
N ASN VA 84 -25.02 -31.94 86.64
CA ASN VA 84 -26.46 -32.17 86.83
C ASN VA 84 -27.22 -31.68 85.61
N ALA VA 85 -28.53 -31.53 85.76
CA ALA VA 85 -29.35 -31.03 84.67
C ALA VA 85 -29.10 -29.54 84.43
N GLU VA 86 -29.27 -28.73 85.48
CA GLU VA 86 -29.15 -27.29 85.33
C GLU VA 86 -27.84 -26.90 84.67
N PHE VA 87 -26.76 -27.57 85.03
CA PHE VA 87 -25.46 -27.23 84.46
C PHE VA 87 -25.47 -27.44 82.96
N LEU VA 88 -25.78 -28.66 82.51
CA LEU VA 88 -25.88 -28.92 81.08
C LEU VA 88 -26.93 -28.02 80.44
N ASP VA 89 -28.02 -27.75 81.14
CA ASP VA 89 -28.95 -26.71 80.71
C ASP VA 89 -28.24 -25.37 80.59
N PHE VA 90 -27.47 -25.00 81.61
CA PHE VA 90 -26.77 -23.72 81.60
C PHE VA 90 -25.64 -23.70 80.57
N ALA VA 91 -25.06 -24.85 80.26
CA ALA VA 91 -23.91 -24.91 79.36
C ALA VA 91 -24.23 -24.40 77.97
N ALA VA 92 -25.09 -25.13 77.26
CA ALA VA 92 -25.39 -24.78 75.88
C ALA VA 92 -25.97 -23.37 75.80
N ARG VA 93 -26.87 -23.03 76.72
CA ARG VA 93 -27.40 -21.68 76.76
C ARG VA 93 -26.29 -20.65 76.86
N LYS VA 94 -25.22 -20.98 77.57
CA LYS VA 94 -24.12 -20.05 77.73
C LYS VA 94 -23.21 -20.06 76.51
N ARG VA 95 -22.76 -21.25 76.10
CA ARG VA 95 -21.87 -21.35 74.93
C ARG VA 95 -22.57 -20.86 73.67
N GLN VA 96 -23.76 -21.37 73.39
CA GLN VA 96 -24.46 -20.97 72.17
C GLN VA 96 -24.55 -19.46 72.05
N TRP VA 97 -24.58 -18.75 73.16
CA TRP VA 97 -24.56 -17.29 73.10
C TRP VA 97 -23.30 -16.80 72.43
N LEU VA 98 -22.14 -17.12 73.02
CA LEU VA 98 -20.90 -16.61 72.42
C LEU VA 98 -20.49 -17.40 71.19
N ASP VA 99 -20.99 -18.62 71.01
CA ASP VA 99 -20.85 -19.29 69.72
C ASP VA 99 -21.39 -18.42 68.61
N VAL VA 100 -22.47 -17.68 68.87
CA VAL VA 100 -22.88 -16.64 67.94
C VAL VA 100 -21.85 -15.51 67.94
N TYR VA 101 -21.32 -15.18 69.12
CA TYR VA 101 -20.35 -14.10 69.20
C TYR VA 101 -19.06 -14.46 68.48
N TRP VA 102 -18.59 -15.70 68.64
CA TRP VA 102 -17.33 -16.10 68.01
C TRP VA 102 -17.41 -16.00 66.50
N ARG VA 103 -18.56 -16.32 65.91
CA ARG VA 103 -18.68 -16.31 64.46
C ARG VA 103 -18.70 -14.90 63.91
N VAL VA 104 -19.72 -14.12 64.29
CA VAL VA 104 -19.89 -12.80 63.72
C VAL VA 104 -18.74 -11.88 64.07
N ASN VA 105 -18.00 -12.18 65.14
CA ASN VA 105 -16.84 -11.36 65.46
C ASN VA 105 -15.66 -11.70 64.58
N THR VA 106 -15.34 -12.99 64.46
CA THR VA 106 -14.19 -13.41 63.67
C THR VA 106 -14.52 -13.50 62.18
N GLY VA 107 -15.80 -13.61 61.84
CA GLY VA 107 -16.16 -13.80 60.46
C GLY VA 107 -16.07 -12.52 59.64
N TYR VA 108 -16.27 -12.68 58.35
CA TYR VA 108 -16.21 -11.59 57.39
C TYR VA 108 -17.12 -11.98 56.24
N LEU VA 109 -18.33 -11.44 56.22
CA LEU VA 109 -19.32 -11.86 55.24
C LEU VA 109 -19.27 -10.97 54.00
N LEU VA 110 -19.07 -11.59 52.85
CA LEU VA 110 -18.99 -10.90 51.58
C LEU VA 110 -20.38 -10.80 50.97
N PHE VA 111 -20.56 -9.85 50.07
CA PHE VA 111 -21.85 -9.58 49.45
C PHE VA 111 -21.67 -9.46 47.95
N GLY VA 112 -22.27 -10.39 47.21
CA GLY VA 112 -22.41 -10.17 45.80
C GLY VA 112 -23.61 -9.29 45.60
N ARG VA 113 -23.39 -8.01 45.31
CA ARG VA 113 -24.46 -7.07 45.07
C ARG VA 113 -24.30 -6.43 43.71
N GLN VA 114 -25.23 -5.55 43.38
CA GLN VA 114 -25.29 -4.93 42.07
C GLN VA 114 -25.15 -3.43 42.21
N SER VA 115 -24.39 -2.82 41.31
CA SER VA 115 -24.22 -1.38 41.31
C SER VA 115 -23.87 -0.94 39.89
N TRP VA 116 -24.70 -0.08 39.33
CA TRP VA 116 -24.57 0.30 37.94
C TRP VA 116 -23.77 1.59 37.83
N GLY VA 117 -23.23 1.84 36.66
CA GLY VA 117 -22.27 2.90 36.49
C GLY VA 117 -21.03 2.62 37.31
N GLN VA 118 -20.11 3.58 37.28
CA GLN VA 118 -18.94 3.48 38.15
C GLN VA 118 -19.46 3.62 39.57
N GLY VA 119 -19.51 2.51 40.30
CA GLY VA 119 -20.48 2.40 41.37
C GLY VA 119 -20.29 3.30 42.56
N TRP VA 120 -19.34 2.97 43.43
CA TRP VA 120 -19.11 3.69 44.68
C TRP VA 120 -20.29 3.54 45.64
N LEU VA 121 -21.39 2.93 45.19
CA LEU VA 121 -22.64 2.92 45.94
C LEU VA 121 -23.55 1.88 45.32
N LEU VA 122 -24.42 1.31 46.15
CA LEU VA 122 -25.36 0.30 45.68
C LEU VA 122 -26.64 0.97 45.20
N ASN VA 123 -27.19 0.45 44.11
CA ASN VA 123 -28.42 1.03 43.58
C ASN VA 123 -29.66 0.56 44.33
N CYS VA 124 -29.58 -0.55 45.06
CA CYS VA 124 -30.64 -1.00 45.96
C CYS VA 124 -30.05 -1.22 47.34
N PRO VA 125 -30.14 -0.25 48.24
CA PRO VA 125 -29.45 -0.36 49.53
C PRO VA 125 -29.94 -1.55 50.33
N LEU VA 126 -29.09 -1.99 51.25
CA LEU VA 126 -29.31 -3.21 52.00
C LEU VA 126 -30.38 -2.98 53.06
N ARG VA 127 -31.41 -3.81 53.05
CA ARG VA 127 -32.38 -3.83 54.13
C ARG VA 127 -31.75 -4.39 55.39
N LYS VA 128 -32.54 -4.51 56.45
CA LYS VA 128 -32.07 -5.25 57.62
C LYS VA 128 -32.39 -6.73 57.50
N LYS VA 129 -33.59 -7.03 56.99
CA LYS VA 129 -33.89 -8.41 56.62
C LYS VA 129 -32.90 -8.95 55.59
N ASP VA 130 -32.27 -8.06 54.82
CA ASP VA 130 -31.25 -8.49 53.88
C ASP VA 130 -30.07 -9.12 54.60
N ILE VA 131 -29.46 -8.40 55.54
CA ILE VA 131 -28.31 -8.92 56.28
C ILE VA 131 -28.71 -10.15 57.07
N ALA VA 132 -29.83 -10.07 57.79
CA ALA VA 132 -30.30 -11.20 58.58
C ALA VA 132 -30.58 -12.43 57.73
N GLN VA 133 -30.52 -12.30 56.41
CA GLN VA 133 -30.48 -13.48 55.55
C GLN VA 133 -29.07 -14.00 55.38
N LYS VA 134 -28.08 -13.12 55.32
CA LYS VA 134 -26.71 -13.57 55.14
C LYS VA 134 -26.20 -14.27 56.37
N LEU VA 135 -26.32 -13.63 57.54
CA LEU VA 135 -25.89 -14.26 58.78
C LEU VA 135 -26.38 -15.68 58.89
N TRP VA 136 -27.62 -15.93 58.45
CA TRP VA 136 -28.10 -17.30 58.40
C TRP VA 136 -27.52 -18.04 57.21
N GLU VA 137 -27.34 -17.36 56.08
CA GLU VA 137 -26.86 -18.06 54.90
C GLU VA 137 -25.43 -18.56 55.09
N GLN VA 138 -24.56 -17.73 55.66
CA GLN VA 138 -23.13 -17.99 55.66
C GLN VA 138 -22.59 -18.46 57.00
N TYR VA 139 -23.10 -17.95 58.12
CA TYR VA 139 -22.71 -18.46 59.42
C TYR VA 139 -23.69 -19.47 59.98
N LYS VA 140 -24.77 -19.76 59.25
CA LYS VA 140 -25.84 -20.62 59.74
C LYS VA 140 -26.44 -20.07 61.03
N VAL VA 141 -26.13 -18.82 61.36
CA VAL VA 141 -26.60 -18.20 62.58
C VAL VA 141 -27.97 -17.61 62.28
N ARG VA 142 -29.00 -18.18 62.89
CA ARG VA 142 -30.34 -17.60 62.79
C ARG VA 142 -30.45 -16.48 63.81
N VAL VA 143 -31.16 -15.42 63.43
CA VAL VA 143 -31.24 -14.22 64.26
C VAL VA 143 -32.53 -13.48 63.96
N ASP VA 144 -32.91 -12.61 64.88
CA ASP VA 144 -34.00 -11.67 64.61
C ASP VA 144 -33.45 -10.46 63.86
N PRO VA 145 -34.04 -10.11 62.72
CA PRO VA 145 -33.54 -8.94 61.98
C PRO VA 145 -33.51 -7.66 62.79
N ARG VA 146 -34.52 -7.43 63.63
CA ARG VA 146 -34.56 -6.20 64.42
C ARG VA 146 -33.41 -6.11 65.41
N LEU VA 147 -32.71 -7.20 65.69
CA LEU VA 147 -31.53 -7.15 66.53
C LEU VA 147 -30.34 -6.56 65.80
N ILE VA 148 -30.52 -6.09 64.58
CA ILE VA 148 -29.46 -5.46 63.80
C ILE VA 148 -29.71 -3.96 63.82
N GLU VA 149 -28.77 -3.23 64.38
CA GLU VA 149 -28.83 -1.77 64.42
C GLU VA 149 -27.72 -1.22 63.54
N PHE VA 150 -28.10 -0.57 62.45
CA PHE VA 150 -27.09 0.02 61.59
C PHE VA 150 -26.30 1.06 62.38
N ARG VA 151 -25.03 1.22 62.02
CA ARG VA 151 -24.20 2.22 62.66
C ARG VA 151 -24.84 3.60 62.52
N GLU VA 152 -24.44 4.51 63.40
CA GLU VA 152 -25.10 5.80 63.48
C GLU VA 152 -24.86 6.68 62.25
N LYS VA 153 -24.20 6.18 61.22
CA LYS VA 153 -23.97 6.95 60.01
C LYS VA 153 -25.09 6.76 58.99
N ASP VA 154 -25.60 5.54 58.87
CA ASP VA 154 -26.54 5.18 57.81
C ASP VA 154 -27.76 4.47 58.38
N ARG VA 155 -28.35 5.06 59.41
CA ARG VA 155 -29.60 4.52 59.93
C ARG VA 155 -30.79 4.90 59.09
N ARG VA 156 -30.65 5.89 58.20
CA ARG VA 156 -31.75 6.37 57.38
C ARG VA 156 -31.68 5.89 55.94
N THR VA 157 -30.57 5.32 55.49
CA THR VA 157 -30.39 4.95 54.09
C THR VA 157 -29.83 3.54 53.94
N GLY VA 158 -30.23 2.60 54.79
CA GLY VA 158 -29.71 1.25 54.63
C GLY VA 158 -28.21 1.22 54.78
N ILE VA 159 -27.59 0.27 54.08
CA ILE VA 159 -26.12 0.21 54.05
C ILE VA 159 -25.58 0.91 52.81
N GLN VA 160 -26.04 0.52 51.64
CA GLN VA 160 -26.00 1.37 50.46
C GLN VA 160 -24.61 1.63 49.90
N ASP VA 161 -23.57 1.16 50.56
CA ASP VA 161 -22.21 1.52 50.17
C ASP VA 161 -21.38 0.28 49.85
N LEU VA 162 -20.44 0.45 48.92
CA LEU VA 162 -19.53 -0.63 48.55
C LEU VA 162 -18.39 -0.68 49.55
N GLY VA 163 -17.34 -1.40 49.20
CA GLY VA 163 -16.16 -1.42 50.05
C GLY VA 163 -16.41 -2.22 51.31
N HIS VA 164 -15.86 -1.76 52.41
CA HIS VA 164 -15.94 -2.46 53.68
C HIS VA 164 -16.83 -1.67 54.64
N ASN VA 165 -18.05 -2.15 54.85
CA ASN VA 165 -18.94 -1.58 55.85
C ASN VA 165 -19.01 -2.47 57.08
N TRP VA 166 -19.68 -1.95 58.10
CA TRP VA 166 -19.94 -2.70 59.32
C TRP VA 166 -21.23 -2.16 59.92
N CYS VA 167 -21.76 -2.90 60.88
CA CYS VA 167 -22.93 -2.45 61.63
C CYS VA 167 -22.96 -3.22 62.94
N TRP VA 168 -24.05 -3.06 63.69
CA TRP VA 168 -24.14 -3.59 65.05
C TRP VA 168 -25.29 -4.58 65.12
N LEU VA 169 -24.97 -5.86 65.18
CA LEU VA 169 -25.93 -6.87 65.59
C LEU VA 169 -25.96 -6.89 67.11
N TYR VA 170 -27.16 -6.87 67.68
CA TYR VA 170 -27.33 -6.73 69.11
C TYR VA 170 -27.66 -8.08 69.73
N LEU VA 171 -26.69 -8.66 70.43
CA LEU VA 171 -26.94 -9.83 71.26
C LEU VA 171 -27.51 -9.39 72.58
N PRO VA 172 -28.81 -9.54 72.81
CA PRO VA 172 -29.37 -9.05 74.08
C PRO VA 172 -28.88 -9.82 75.27
N GLY VA 173 -28.85 -11.16 75.20
CA GLY VA 173 -28.74 -11.98 76.38
C GLY VA 173 -27.38 -12.00 77.03
N ALA VA 174 -26.99 -10.89 77.63
CA ALA VA 174 -25.71 -10.81 78.31
C ALA VA 174 -25.80 -11.06 79.80
N GLU VA 175 -26.89 -10.64 80.44
CA GLU VA 175 -26.95 -10.73 81.90
C GLU VA 175 -27.45 -12.09 82.38
N GLU VA 176 -28.54 -12.61 81.82
CA GLU VA 176 -29.11 -13.86 82.29
C GLU VA 176 -28.13 -15.03 82.19
N LEU VA 177 -27.00 -14.84 81.51
CA LEU VA 177 -25.97 -15.86 81.40
C LEU VA 177 -24.68 -15.47 82.09
N ALA VA 178 -24.62 -14.28 82.68
CA ALA VA 178 -23.47 -13.82 83.46
C ALA VA 178 -22.18 -13.94 82.63
N ILE VA 179 -22.14 -13.16 81.57
CA ILE VA 179 -21.04 -13.24 80.62
C ILE VA 179 -20.46 -11.85 80.36
N ASP VA 180 -19.45 -11.48 81.14
CA ASP VA 180 -18.79 -10.19 81.01
C ASP VA 180 -17.29 -10.39 81.20
N ARG VA 181 -16.52 -9.43 80.70
CA ARG VA 181 -15.07 -9.32 80.85
C ARG VA 181 -14.32 -10.36 80.03
N GLU VA 182 -15.01 -11.30 79.39
CA GLU VA 182 -14.35 -12.23 78.47
C GLU VA 182 -14.42 -11.77 77.02
N VAL VA 183 -15.39 -10.93 76.68
CA VAL VA 183 -15.54 -10.37 75.36
C VAL VA 183 -15.64 -8.85 75.48
N TYR VA 184 -15.15 -8.16 74.46
CA TYR VA 184 -14.93 -6.73 74.60
C TYR VA 184 -16.21 -5.91 74.48
N ASP VA 185 -17.35 -6.53 74.28
CA ASP VA 185 -18.63 -5.82 74.23
C ASP VA 185 -19.72 -6.77 74.65
N ASN VA 186 -20.23 -6.58 75.85
CA ASN VA 186 -21.16 -7.54 76.42
C ASN VA 186 -22.51 -7.53 75.72
N LYS VA 187 -22.88 -6.43 75.08
CA LYS VA 187 -24.25 -6.25 74.63
C LYS VA 187 -24.44 -6.25 73.12
N ARG VA 188 -23.46 -5.80 72.35
CA ARG VA 188 -23.57 -5.81 70.90
C ARG VA 188 -22.23 -6.20 70.31
N VAL VA 189 -22.28 -6.81 69.13
CA VAL VA 189 -21.07 -7.31 68.48
C VAL VA 189 -21.00 -6.72 67.09
N LYS VA 190 -19.85 -6.15 66.75
CA LYS VA 190 -19.67 -5.54 65.45
C LYS VA 190 -19.56 -6.61 64.38
N VAL VA 191 -20.49 -6.60 63.43
CA VAL VA 191 -20.43 -7.50 62.28
C VAL VA 191 -19.85 -6.72 61.11
N ARG VA 192 -18.90 -7.33 60.41
CA ARG VA 192 -18.13 -6.68 59.36
C ARG VA 192 -18.55 -7.25 58.02
N MET VA 193 -18.82 -6.36 57.06
CA MET VA 193 -19.28 -6.75 55.75
C MET VA 193 -18.34 -6.17 54.71
N HIS VA 194 -18.45 -6.67 53.48
CA HIS VA 194 -17.59 -6.24 52.38
C HIS VA 194 -18.35 -6.46 51.08
N ILE VA 195 -18.96 -5.40 50.57
CA ILE VA 195 -19.88 -5.51 49.46
C ILE VA 195 -19.12 -5.37 48.15
N ARG VA 196 -19.23 -6.37 47.29
CA ARG VA 196 -18.65 -6.37 45.95
C ARG VA 196 -19.63 -5.74 44.97
N LYS VA 197 -19.22 -5.63 43.72
CA LYS VA 197 -20.14 -5.26 42.65
C LYS VA 197 -20.21 -6.40 41.65
N MET VA 198 -21.13 -7.33 41.87
CA MET VA 198 -21.39 -8.43 40.97
C MET VA 198 -22.30 -7.95 39.85
N SER VA 199 -22.25 -8.63 38.72
CA SER VA 199 -22.92 -8.17 37.52
C SER VA 199 -24.33 -8.74 37.48
N SER VA 200 -25.00 -8.63 36.32
CA SER VA 200 -26.33 -9.21 36.15
C SER VA 200 -26.29 -10.72 36.32
N TYR VA 201 -25.31 -11.38 35.72
CA TYR VA 201 -25.03 -12.77 36.03
C TYR VA 201 -24.65 -12.92 37.50
N GLY VA 202 -24.03 -11.91 38.08
CA GLY VA 202 -23.61 -11.97 39.46
C GLY VA 202 -24.74 -12.22 40.46
N ALA VA 203 -25.64 -11.26 40.64
CA ALA VA 203 -26.63 -11.36 41.70
C ALA VA 203 -27.97 -10.79 41.21
N LEU VA 204 -28.98 -10.94 42.08
CA LEU VA 204 -30.33 -10.50 41.83
C LEU VA 204 -30.50 -9.09 42.39
N TYR VA 205 -31.76 -8.64 42.51
CA TYR VA 205 -32.09 -7.34 43.08
C TYR VA 205 -31.45 -6.20 42.29
N ASN WA 86 65.57 -17.56 -47.73
CA ASN WA 86 66.19 -17.66 -49.04
C ASN WA 86 66.33 -19.12 -49.47
N VAL WA 87 65.35 -19.61 -50.24
CA VAL WA 87 65.38 -20.94 -50.81
C VAL WA 87 65.22 -20.90 -52.34
N ALA WA 88 64.22 -20.17 -52.82
CA ALA WA 88 63.91 -20.20 -54.25
C ALA WA 88 63.53 -18.83 -54.80
N PRO WA 89 64.26 -18.31 -55.80
CA PRO WA 89 63.90 -17.02 -56.40
C PRO WA 89 62.90 -17.15 -57.54
N ALA WA 90 62.22 -18.29 -57.61
CA ALA WA 90 61.16 -18.66 -58.56
C ALA WA 90 61.70 -18.97 -59.94
N ASP WA 91 62.99 -18.74 -60.22
CA ASP WA 91 63.62 -19.20 -61.44
C ASP WA 91 64.98 -19.78 -61.12
N TYR WA 92 65.08 -20.46 -59.98
CA TYR WA 92 66.34 -21.04 -59.54
C TYR WA 92 66.83 -22.03 -60.57
N VAL WA 93 67.87 -21.66 -61.30
CA VAL WA 93 68.38 -22.52 -62.37
C VAL WA 93 68.98 -23.78 -61.76
N PRO WA 94 68.59 -24.97 -62.21
CA PRO WA 94 69.22 -26.19 -61.71
C PRO WA 94 70.65 -26.29 -62.21
N PRO WA 95 71.49 -27.07 -61.55
CA PRO WA 95 72.87 -27.26 -62.03
C PRO WA 95 72.98 -27.57 -63.51
N SER WA 96 71.98 -28.24 -64.10
CA SER WA 96 71.86 -28.44 -65.54
C SER WA 96 73.14 -28.96 -66.17
N PRO WA 97 73.47 -30.25 -65.99
CA PRO WA 97 74.72 -30.78 -66.55
C PRO WA 97 74.72 -30.92 -68.06
N ARG WA 98 73.71 -30.36 -68.72
CA ARG WA 98 73.61 -30.45 -70.18
C ARG WA 98 74.80 -29.78 -70.85
N GLY WA 99 75.30 -30.41 -71.92
CA GLY WA 99 76.60 -30.10 -72.49
C GLY WA 99 76.69 -29.06 -73.60
N ILE WA 100 76.61 -27.78 -73.25
CA ILE WA 100 76.83 -26.69 -74.20
C ILE WA 100 78.11 -25.97 -73.79
N ARG WA 101 79.14 -26.08 -74.61
CA ARG WA 101 80.50 -25.62 -74.41
C ARG WA 101 80.60 -24.11 -74.63
N PRO WA 102 81.32 -23.39 -73.72
CA PRO WA 102 81.77 -21.94 -73.82
C PRO WA 102 82.44 -21.62 -75.16
N ALA WA 103 82.44 -20.35 -75.58
CA ALA WA 103 82.99 -19.99 -76.90
C ALA WA 103 84.49 -20.27 -76.98
N ALA WA 104 85.24 -19.89 -75.96
CA ALA WA 104 86.71 -20.05 -76.02
C ALA WA 104 87.12 -21.28 -75.21
N TRP WA 105 86.14 -22.07 -74.76
CA TRP WA 105 86.48 -23.33 -74.06
C TRP WA 105 87.34 -24.13 -75.04
N ASP WA 106 87.06 -24.06 -76.35
CA ASP WA 106 87.88 -24.71 -77.40
C ASP WA 106 87.90 -26.24 -77.27
N ASP WA 107 89.09 -26.86 -77.19
CA ASP WA 107 89.18 -28.34 -77.00
C ASP WA 107 88.94 -28.57 -75.52
N GLU WA 108 87.84 -28.03 -75.00
CA GLU WA 108 87.56 -28.12 -73.55
C GLU WA 108 88.78 -27.55 -72.82
N PHE WA 109 89.43 -26.56 -73.43
CA PHE WA 109 90.67 -26.01 -72.84
C PHE WA 109 91.58 -27.20 -72.53
N ALA WA 110 91.78 -28.08 -73.52
CA ALA WA 110 92.55 -29.33 -73.30
C ALA WA 110 91.58 -30.38 -72.75
N ASP WA 111 90.30 -30.03 -72.66
CA ASP WA 111 89.26 -31.00 -72.25
C ASP WA 111 89.70 -31.77 -71.01
N VAL WA 112 90.37 -32.89 -71.26
CA VAL WA 112 90.84 -33.84 -70.25
C VAL WA 112 91.37 -33.10 -69.02
N VAL WA 113 91.81 -31.86 -69.18
CA VAL WA 113 92.24 -31.09 -68.02
C VAL WA 113 91.04 -30.75 -67.14
N LEU WA 114 89.87 -30.54 -67.74
CA LEU WA 114 88.64 -30.29 -66.98
C LEU WA 114 87.60 -31.36 -67.24
N SER WA 115 87.99 -32.49 -67.84
CA SER WA 115 87.17 -33.68 -67.77
C SER WA 115 87.52 -34.40 -66.46
N MET WA 116 87.50 -33.64 -65.37
CA MET WA 116 87.76 -34.14 -64.04
C MET WA 116 86.47 -34.09 -63.24
N SER WA 117 86.41 -34.92 -62.21
CA SER WA 117 85.21 -35.00 -61.38
C SER WA 117 84.87 -33.63 -60.82
N ASP WA 118 83.59 -33.45 -60.47
CA ASP WA 118 83.07 -32.13 -60.16
C ASP WA 118 83.74 -31.51 -58.95
N GLU WA 119 84.53 -32.29 -58.19
CA GLU WA 119 85.40 -31.71 -57.19
C GLU WA 119 86.84 -31.62 -57.67
N GLU WA 120 87.29 -32.59 -58.45
CA GLU WA 120 88.62 -32.48 -59.07
C GLU WA 120 88.71 -31.22 -59.92
N ILE WA 121 87.58 -30.76 -60.45
CA ILE WA 121 87.52 -29.46 -61.10
C ILE WA 121 87.92 -28.36 -60.12
N GLN WA 122 87.31 -28.36 -58.93
CA GLN WA 122 87.68 -27.40 -57.89
C GLN WA 122 89.00 -27.74 -57.23
N SER WA 123 89.48 -28.98 -57.35
CA SER WA 123 90.77 -29.34 -56.77
C SER WA 123 91.86 -28.40 -57.27
N TYR WA 124 91.91 -28.17 -58.59
CA TYR WA 124 92.84 -27.18 -59.11
C TYR WA 124 92.47 -25.77 -58.65
N LEU WA 125 91.19 -25.49 -58.49
CA LEU WA 125 90.78 -24.20 -57.96
C LEU WA 125 91.34 -24.00 -56.56
N LEU WA 126 91.17 -25.00 -55.68
CA LEU WA 126 91.59 -24.89 -54.28
C LEU WA 126 93.08 -24.67 -54.12
N ASP WA 127 93.90 -25.09 -55.10
CA ASP WA 127 95.30 -24.68 -55.09
C ASP WA 127 95.51 -23.40 -55.88
N LYS WA 128 94.76 -23.19 -56.96
CA LYS WA 128 94.83 -21.91 -57.63
C LYS WA 128 94.36 -20.79 -56.70
N LEU WA 129 93.11 -20.86 -56.24
CA LEU WA 129 92.59 -19.80 -55.38
C LEU WA 129 93.44 -19.62 -54.13
N THR WA 130 94.09 -20.69 -53.67
CA THR WA 130 95.08 -20.55 -52.61
C THR WA 130 96.21 -19.64 -53.06
N GLU WA 131 96.69 -19.83 -54.28
CA GLU WA 131 97.78 -19.01 -54.81
C GLU WA 131 97.33 -17.60 -55.13
N VAL WA 132 96.05 -17.40 -55.43
CA VAL WA 132 95.52 -16.07 -55.72
C VAL WA 132 95.66 -15.12 -54.53
N ILE WA 133 95.98 -15.65 -53.35
CA ILE WA 133 96.38 -14.84 -52.20
C ILE WA 133 97.81 -15.21 -51.85
N PHE WA 134 98.38 -14.52 -50.86
CA PHE WA 134 99.60 -14.96 -50.18
C PHE WA 134 100.74 -15.11 -51.21
N ALA WA 135 101.34 -13.98 -51.57
CA ALA WA 135 102.29 -13.81 -52.66
C ALA WA 135 101.55 -13.65 -53.99
N GLU WA 136 100.29 -13.28 -53.90
CA GLU WA 136 99.61 -12.61 -55.00
C GLU WA 136 99.10 -11.25 -54.61
N THR WA 137 98.58 -11.09 -53.39
CA THR WA 137 98.30 -9.77 -52.84
C THR WA 137 99.15 -9.43 -51.63
N GLN WA 138 99.54 -10.44 -50.84
CA GLN WA 138 100.51 -10.22 -49.77
C GLN WA 138 101.91 -9.99 -50.33
N ARG WA 139 102.12 -10.25 -51.61
CA ARG WA 139 103.37 -9.88 -52.26
C ARG WA 139 103.45 -8.37 -52.47
N ASP WA 140 102.32 -7.71 -52.66
CA ASP WA 140 102.32 -6.28 -52.93
C ASP WA 140 101.59 -5.44 -51.89
N GLY WA 141 100.36 -5.81 -51.52
CA GLY WA 141 99.54 -4.87 -50.81
C GLY WA 141 98.70 -5.34 -49.63
N TYR WA 142 99.19 -6.29 -48.84
CA TYR WA 142 98.41 -6.73 -47.68
C TYR WA 142 99.32 -7.35 -46.63
N GLU WA 143 98.71 -7.79 -45.53
CA GLU WA 143 99.40 -8.38 -44.38
C GLU WA 143 98.44 -9.41 -43.78
N LEU WA 144 98.66 -10.68 -44.10
CA LEU WA 144 97.83 -11.77 -43.55
C LEU WA 144 98.63 -12.97 -43.09
N ARG WA 145 99.93 -13.05 -43.35
CA ARG WA 145 100.73 -14.16 -42.86
C ARG WA 145 100.82 -14.09 -41.34
N ARG WA 146 100.39 -15.17 -40.67
CA ARG WA 146 100.20 -15.15 -39.23
C ARG WA 146 101.51 -14.89 -38.49
N LEU WA 147 101.61 -13.74 -37.83
CA LEU WA 147 102.81 -13.37 -37.12
C LEU WA 147 103.07 -14.36 -35.97
N ASP WA 148 104.33 -14.43 -35.54
CA ASP WA 148 104.75 -15.36 -34.52
C ASP WA 148 105.72 -14.66 -33.57
N PHE WA 149 106.39 -15.46 -32.74
CA PHE WA 149 107.33 -14.90 -31.77
C PHE WA 149 108.58 -14.37 -32.46
N GLU WA 150 108.85 -14.81 -33.68
CA GLU WA 150 110.04 -14.38 -34.41
C GLU WA 150 109.75 -13.33 -35.47
N GLY WA 151 108.56 -12.74 -35.46
CA GLY WA 151 108.18 -11.80 -36.50
C GLY WA 151 108.23 -12.46 -37.86
N LYS WA 152 107.33 -13.39 -38.11
CA LYS WA 152 107.40 -14.25 -39.28
C LYS WA 152 106.04 -14.92 -39.45
N PRO WA 153 105.72 -15.41 -40.66
CA PRO WA 153 104.53 -16.25 -40.79
C PRO WA 153 104.65 -17.55 -40.00
N LEU WA 154 103.86 -17.66 -38.93
CA LEU WA 154 103.84 -18.88 -38.13
C LEU WA 154 103.24 -20.04 -38.90
N THR WA 155 101.99 -19.91 -39.30
CA THR WA 155 101.33 -20.90 -40.15
C THR WA 155 101.94 -20.86 -41.54
N GLU WA 156 101.81 -22.00 -42.25
CA GLU WA 156 102.33 -22.07 -43.62
C GLU WA 156 101.72 -21.00 -44.49
N LEU WA 157 100.39 -20.92 -44.51
CA LEU WA 157 99.65 -19.88 -45.17
C LEU WA 157 98.65 -19.31 -44.17
N PRO WA 158 98.16 -18.08 -44.40
CA PRO WA 158 97.09 -17.55 -43.55
C PRO WA 158 95.92 -18.50 -43.47
N GLU WA 159 95.07 -18.37 -42.44
CA GLU WA 159 94.02 -19.35 -42.21
C GLU WA 159 93.14 -19.52 -43.45
N ARG WA 160 93.24 -20.69 -44.08
CA ARG WA 160 92.60 -20.93 -45.37
C ARG WA 160 91.10 -20.75 -45.31
N ARG WA 161 90.51 -20.74 -44.11
CA ARG WA 161 89.08 -20.45 -43.98
C ARG WA 161 88.77 -19.06 -44.54
N ILE WA 162 89.59 -18.06 -44.21
CA ILE WA 162 89.38 -16.72 -44.74
C ILE WA 162 89.58 -16.71 -46.25
N ILE WA 163 90.51 -17.53 -46.76
CA ILE WA 163 90.73 -17.59 -48.19
C ILE WA 163 89.47 -18.07 -48.90
N GLU WA 164 88.77 -19.04 -48.31
CA GLU WA 164 87.54 -19.56 -48.92
C GLU WA 164 86.45 -18.50 -48.94
N ASN WA 165 86.21 -17.84 -47.81
CA ASN WA 165 85.16 -16.84 -47.68
C ASN WA 165 85.66 -15.44 -48.00
N PHE WA 166 86.71 -15.31 -48.80
CA PHE WA 166 87.35 -14.01 -49.01
C PHE WA 166 86.48 -13.11 -49.84
N VAL WA 167 86.09 -11.97 -49.27
CA VAL WA 167 85.35 -10.93 -49.98
C VAL WA 167 86.37 -10.00 -50.64
N PHE WA 168 86.36 -9.98 -51.96
CA PHE WA 168 87.23 -9.06 -52.69
C PHE WA 168 86.52 -7.73 -52.95
N GLU WA 169 86.00 -7.14 -51.87
CA GLU WA 169 85.20 -5.91 -51.98
C GLU WA 169 85.92 -4.80 -52.73
N GLU WA 170 87.25 -4.83 -52.79
CA GLU WA 170 87.98 -3.85 -53.58
C GLU WA 170 87.85 -4.19 -55.07
N GLU WA 171 87.50 -3.18 -55.87
CA GLU WA 171 87.13 -3.43 -57.27
C GLU WA 171 88.28 -4.07 -58.03
N THR WA 172 89.40 -3.36 -58.17
CA THR WA 172 90.51 -3.91 -58.93
C THR WA 172 91.15 -5.09 -58.19
N LEU WA 173 91.30 -4.98 -56.87
CA LEU WA 173 91.84 -6.09 -56.10
C LEU WA 173 90.97 -7.33 -56.23
N ARG WA 174 89.69 -7.15 -56.56
CA ARG WA 174 88.90 -8.26 -57.08
C ARG WA 174 89.35 -8.62 -58.49
N GLU WA 175 89.40 -7.65 -59.39
CA GLU WA 175 89.89 -7.92 -60.74
C GLU WA 175 91.29 -8.52 -60.71
N ARG WA 176 92.17 -7.97 -59.86
CA ARG WA 176 93.53 -8.48 -59.78
C ARG WA 176 93.55 -9.92 -59.29
N VAL WA 177 92.52 -10.36 -58.58
CA VAL WA 177 92.34 -11.78 -58.27
C VAL WA 177 91.30 -12.42 -59.17
N LEU WA 178 90.75 -11.68 -60.13
CA LEU WA 178 89.90 -12.25 -61.17
C LEU WA 178 90.64 -12.44 -62.48
N ASP WA 179 91.70 -11.69 -62.74
CA ASP WA 179 92.52 -11.95 -63.92
C ASP WA 179 93.52 -13.06 -63.69
N ARG WA 180 93.31 -13.88 -62.66
CA ARG WA 180 94.25 -14.94 -62.31
C ARG WA 180 93.62 -16.32 -62.36
N VAL WA 181 92.51 -16.54 -61.68
CA VAL WA 181 91.93 -17.86 -61.52
C VAL WA 181 90.66 -18.03 -62.34
N VAL WA 182 89.73 -17.09 -62.25
CA VAL WA 182 88.45 -17.26 -62.95
C VAL WA 182 88.59 -16.89 -64.42
N GLU WA 183 89.41 -15.90 -64.74
CA GLU WA 183 89.64 -15.51 -66.12
C GLU WA 183 91.02 -15.87 -66.62
N GLY WA 184 91.92 -16.29 -65.73
CA GLY WA 184 93.22 -16.76 -66.20
C GLY WA 184 93.11 -18.02 -67.02
N VAL WA 185 92.52 -19.06 -66.46
CA VAL WA 185 92.53 -20.39 -67.05
C VAL WA 185 91.21 -20.71 -67.74
N PHE WA 186 90.10 -20.33 -67.13
CA PHE WA 186 88.81 -20.89 -67.55
C PHE WA 186 88.23 -20.19 -68.77
N ARG WA 187 88.68 -18.98 -69.10
CA ARG WA 187 88.11 -18.19 -70.19
C ARG WA 187 86.63 -17.89 -69.96
N LEU WA 188 86.14 -18.09 -68.74
CA LEU WA 188 84.74 -17.88 -68.38
C LEU WA 188 84.47 -16.40 -68.31
N VAL WA 189 84.22 -15.79 -69.47
CA VAL WA 189 83.92 -14.37 -69.52
C VAL WA 189 82.63 -14.11 -68.75
N PRO WA 190 82.64 -13.23 -67.76
CA PRO WA 190 81.42 -12.95 -67.01
C PRO WA 190 80.64 -11.80 -67.63
N THR WA 191 79.41 -11.65 -67.17
CA THR WA 191 78.62 -10.48 -67.47
C THR WA 191 78.79 -9.43 -66.37
N SER WA 192 78.42 -8.19 -66.69
CA SER WA 192 78.36 -7.17 -65.65
C SER WA 192 77.49 -7.63 -64.51
N THR WA 193 76.38 -8.32 -64.82
CA THR WA 193 75.55 -8.93 -63.79
C THR WA 193 76.37 -9.93 -62.97
N ASP WA 194 77.14 -10.78 -63.65
CA ASP WA 194 77.93 -11.77 -62.95
C ASP WA 194 78.91 -11.11 -61.98
N ARG WA 195 79.86 -10.33 -62.51
CA ARG WA 195 80.84 -9.68 -61.65
C ARG WA 195 80.18 -8.79 -60.61
N LEU WA 196 78.93 -8.37 -60.84
CA LEU WA 196 78.19 -7.69 -59.79
C LEU WA 196 77.76 -8.65 -58.68
N GLU WA 197 77.29 -9.84 -59.07
CA GLU WA 197 77.07 -10.88 -58.07
C GLU WA 197 78.38 -11.54 -57.67
N LEU WA 198 79.37 -11.57 -58.56
CA LEU WA 198 80.63 -12.24 -58.27
C LEU WA 198 81.42 -11.41 -57.28
N LYS WA 199 81.00 -11.39 -56.03
CA LYS WA 199 81.62 -10.54 -55.03
C LYS WA 199 82.75 -11.25 -54.29
N SER WA 200 82.44 -12.35 -53.62
CA SER WA 200 83.43 -13.13 -52.89
C SER WA 200 83.65 -14.45 -53.59
N VAL WA 201 84.90 -14.93 -53.58
CA VAL WA 201 85.21 -16.19 -54.24
C VAL WA 201 84.46 -17.36 -53.60
N ALA WA 202 83.94 -17.18 -52.39
CA ALA WA 202 83.02 -18.15 -51.83
C ALA WA 202 81.82 -18.36 -52.73
N ASN WA 203 81.37 -17.29 -53.38
CA ASN WA 203 80.31 -17.37 -54.38
C ASN WA 203 80.87 -17.64 -55.77
N ILE WA 204 82.04 -17.09 -56.10
CA ILE WA 204 82.56 -17.21 -57.45
C ILE WA 204 82.98 -18.64 -57.78
N ILE WA 205 83.22 -19.48 -56.78
CA ILE WA 205 83.41 -20.90 -57.06
C ILE WA 205 82.17 -21.46 -57.74
N ASP WA 206 80.99 -21.01 -57.33
CA ASP WA 206 79.77 -21.48 -57.97
C ASP WA 206 79.76 -21.13 -59.45
N PHE WA 207 80.18 -19.91 -59.77
CA PHE WA 207 80.17 -19.46 -61.16
C PHE WA 207 81.03 -20.35 -62.03
N VAL WA 208 82.27 -20.62 -61.59
CA VAL WA 208 83.16 -21.45 -62.40
C VAL WA 208 82.66 -22.88 -62.45
N LEU WA 209 81.92 -23.33 -61.43
CA LEU WA 209 81.34 -24.67 -61.49
C LEU WA 209 80.25 -24.77 -62.53
N THR WA 210 79.60 -23.64 -62.88
CA THR WA 210 78.46 -23.67 -63.77
C THR WA 210 78.89 -23.99 -65.20
N HIS WA 211 79.76 -23.16 -65.77
CA HIS WA 211 80.07 -23.28 -67.20
C HIS WA 211 80.65 -24.64 -67.54
N VAL WA 212 81.61 -25.12 -66.75
CA VAL WA 212 82.14 -26.45 -66.97
C VAL WA 212 81.00 -27.47 -66.92
N THR WA 213 80.07 -27.29 -65.98
CA THR WA 213 78.93 -28.19 -65.90
C THR WA 213 78.01 -28.07 -67.10
N VAL WA 214 77.81 -26.85 -67.60
CA VAL WA 214 77.06 -26.72 -68.85
C VAL WA 214 77.92 -27.09 -70.04
N ALA WA 215 79.24 -27.14 -69.86
CA ALA WA 215 80.10 -27.72 -70.88
C ALA WA 215 80.26 -29.22 -70.73
N ARG WA 216 79.77 -29.80 -69.62
CA ARG WA 216 79.87 -31.23 -69.39
C ARG WA 216 79.04 -31.96 -70.42
N LYS WA 217 79.71 -32.61 -71.36
CA LYS WA 217 79.03 -33.19 -72.51
C LYS WA 217 77.94 -34.16 -72.05
N PRO WA 218 76.75 -34.10 -72.62
CA PRO WA 218 75.66 -34.96 -72.15
C PRO WA 218 75.84 -36.39 -72.62
N LEU WA 219 75.38 -37.32 -71.80
CA LEU WA 219 75.58 -38.73 -72.08
C LEU WA 219 74.81 -39.15 -73.33
N GLN WA 220 75.43 -40.00 -74.13
CA GLN WA 220 74.83 -40.55 -75.34
C GLN WA 220 74.03 -41.79 -74.95
N HIS WA 221 72.71 -41.66 -74.89
CA HIS WA 221 71.85 -42.72 -74.36
C HIS WA 221 71.50 -43.72 -75.46
N GLU WA 222 72.52 -44.46 -75.89
CA GLU WA 222 72.37 -45.47 -76.93
C GLU WA 222 72.38 -46.86 -76.31
N ILE WA 223 71.56 -47.75 -76.88
CA ILE WA 223 71.47 -49.14 -76.46
C ILE WA 223 71.67 -50.03 -77.67
N PRO WA 224 72.74 -50.81 -77.75
CA PRO WA 224 72.90 -51.75 -78.88
C PRO WA 224 71.75 -52.74 -78.90
N GLU WA 225 71.01 -52.75 -80.01
CA GLU WA 225 69.79 -53.55 -80.10
C GLU WA 225 70.02 -55.01 -79.75
N ALA WA 226 71.24 -55.52 -80.01
CA ALA WA 226 71.54 -56.89 -79.62
C ALA WA 226 71.46 -57.07 -78.11
N ALA WA 227 71.74 -56.01 -77.35
CA ALA WA 227 71.56 -56.06 -75.92
C ALA WA 227 70.11 -55.88 -75.50
N ARG WA 228 69.30 -55.19 -76.32
CA ARG WA 228 67.90 -54.99 -75.97
C ARG WA 228 67.12 -56.30 -76.01
N THR WA 229 67.35 -57.13 -77.02
CA THR WA 229 66.57 -58.35 -77.15
C THR WA 229 66.78 -59.28 -75.96
N VAL WA 230 67.86 -59.09 -75.20
CA VAL WA 230 67.99 -59.82 -73.95
C VAL WA 230 67.19 -59.13 -72.86
N MET WA 231 66.89 -57.84 -73.05
CA MET WA 231 66.00 -57.14 -72.14
C MET WA 231 64.55 -57.25 -72.59
N ARG WA 232 64.29 -56.95 -73.86
CA ARG WA 232 62.98 -57.00 -74.48
C ARG WA 232 62.43 -58.40 -74.62
N SER WA 233 63.07 -59.42 -74.07
CA SER WA 233 62.54 -60.77 -74.09
C SER WA 233 62.29 -61.36 -72.72
N HIS WA 234 62.83 -60.76 -71.67
CA HIS WA 234 62.68 -61.32 -70.34
C HIS WA 234 61.19 -61.43 -69.98
N PRO WA 235 60.80 -62.48 -69.25
CA PRO WA 235 59.42 -62.53 -68.75
C PRO WA 235 59.14 -61.47 -67.70
N LEU WA 236 60.14 -61.03 -66.97
CA LEU WA 236 59.97 -60.08 -65.88
C LEU WA 236 60.27 -58.68 -66.39
N GLN WA 237 59.27 -57.80 -66.33
CA GLN WA 237 59.48 -56.41 -66.67
C GLN WA 237 58.98 -55.50 -65.56
N PRO WA 238 59.63 -54.37 -65.34
CA PRO WA 238 59.20 -53.47 -64.27
C PRO WA 238 57.93 -52.72 -64.63
N GLN WA 239 57.25 -52.27 -63.58
CA GLN WA 239 55.96 -51.59 -63.74
C GLN WA 239 56.16 -50.17 -64.25
N LEU WA 240 56.99 -49.38 -63.56
CA LEU WA 240 57.48 -48.09 -64.03
C LEU WA 240 56.36 -47.06 -64.20
N GLY WA 241 55.61 -46.84 -63.12
CA GLY WA 241 54.66 -45.75 -63.10
C GLY WA 241 54.45 -45.12 -61.75
N PHE WA 242 55.29 -45.47 -60.78
CA PHE WA 242 54.96 -45.29 -59.37
C PHE WA 242 55.25 -43.89 -58.83
N VAL WA 243 56.25 -43.19 -59.40
CA VAL WA 243 56.61 -41.86 -58.90
C VAL WA 243 55.38 -40.97 -58.83
N HIS WA 244 54.47 -41.12 -59.78
CA HIS WA 244 53.23 -40.35 -59.77
C HIS WA 244 52.37 -40.66 -58.55
N ALA WA 245 52.60 -41.80 -57.88
CA ALA WA 245 51.89 -42.16 -56.66
C ALA WA 245 52.60 -41.67 -55.41
N LEU WA 246 53.36 -40.59 -55.53
CA LEU WA 246 53.94 -40.00 -54.35
C LEU WA 246 52.99 -38.96 -53.77
N PRO WA 247 53.01 -38.74 -52.46
CA PRO WA 247 52.17 -37.67 -51.90
C PRO WA 247 52.68 -36.30 -52.28
N THR WA 248 51.97 -35.64 -53.18
CA THR WA 248 52.39 -34.33 -53.69
C THR WA 248 52.64 -33.36 -52.54
N ASP WA 249 53.76 -32.64 -52.64
CA ASP WA 249 54.19 -31.75 -51.57
C ASP WA 249 54.32 -30.30 -52.00
N ASN WA 250 54.34 -30.02 -53.30
CA ASN WA 250 54.70 -28.71 -53.80
C ASN WA 250 53.80 -27.62 -53.26
N ARG WA 251 54.40 -26.62 -52.64
CA ARG WA 251 53.74 -25.41 -52.17
C ARG WA 251 54.82 -24.33 -52.06
N ASP WA 252 54.54 -23.26 -51.32
CA ASP WA 252 55.57 -22.27 -51.02
C ASP WA 252 56.75 -22.95 -50.34
N ALA WA 253 57.89 -23.01 -51.04
CA ALA WA 253 59.02 -23.82 -50.63
C ALA WA 253 60.01 -23.08 -49.75
N VAL WA 254 59.61 -21.95 -49.17
CA VAL WA 254 60.48 -21.25 -48.22
C VAL WA 254 60.81 -22.17 -47.06
N VAL WA 255 59.88 -23.04 -46.68
CA VAL WA 255 60.08 -23.98 -45.59
C VAL WA 255 60.47 -25.36 -46.09
N GLN WA 256 60.96 -25.46 -47.33
CA GLN WA 256 61.50 -26.72 -47.81
C GLN WA 256 62.99 -26.84 -47.55
N GLU WA 257 63.61 -25.84 -46.94
CA GLU WA 257 65.01 -25.90 -46.53
C GLU WA 257 65.18 -25.96 -45.02
N TRP WA 258 64.31 -25.31 -44.25
CA TRP WA 258 64.31 -25.44 -42.81
C TRP WA 258 64.36 -26.90 -42.39
N GLU WA 259 63.66 -27.77 -43.13
CA GLU WA 259 63.61 -29.19 -42.83
C GLU WA 259 64.97 -29.85 -42.88
N ARG WA 260 65.97 -29.19 -43.44
CA ARG WA 260 67.31 -29.76 -43.55
C ARG WA 260 68.11 -29.55 -42.27
N MET WA 261 68.31 -28.29 -41.89
CA MET WA 261 69.00 -27.99 -40.63
C MET WA 261 68.27 -28.59 -39.44
N HIS WA 262 66.94 -28.57 -39.49
CA HIS WA 262 66.14 -29.22 -38.47
C HIS WA 262 65.99 -30.71 -38.80
N HIS WA 263 65.48 -31.47 -37.84
CA HIS WA 263 65.11 -32.87 -38.05
C HIS WA 263 63.59 -32.91 -38.17
N LEU WA 264 63.09 -32.65 -39.37
CA LEU WA 264 61.65 -32.55 -39.56
C LEU WA 264 61.14 -33.16 -40.86
N ASP WA 265 62.01 -33.64 -41.74
CA ASP WA 265 61.56 -34.12 -43.04
C ASP WA 265 61.03 -35.53 -43.01
N TRP WA 266 61.20 -36.25 -41.90
CA TRP WA 266 60.53 -37.53 -41.69
C TRP WA 266 59.50 -37.43 -40.58
N GLN WA 267 58.94 -36.24 -40.40
CA GLN WA 267 57.98 -35.95 -39.35
C GLN WA 267 56.57 -35.90 -39.93
N PHE WA 268 55.61 -36.45 -39.19
CA PHE WA 268 54.19 -36.42 -39.55
C PHE WA 268 53.96 -37.04 -40.92
N GLY WA 269 54.58 -38.20 -41.14
CA GLY WA 269 54.45 -38.90 -42.38
C GLY WA 269 55.16 -38.28 -43.56
N LYS WA 270 55.72 -37.09 -43.41
CA LYS WA 270 56.55 -36.54 -44.46
C LYS WA 270 57.74 -37.45 -44.68
N ALA WA 271 58.14 -37.62 -45.94
CA ALA WA 271 59.27 -38.48 -46.24
C ALA WA 271 59.86 -38.03 -47.56
N VAL WA 272 61.17 -37.95 -47.61
CA VAL WA 272 61.84 -37.63 -48.87
C VAL WA 272 62.05 -38.94 -49.62
N TYR WA 273 62.02 -38.85 -50.94
CA TYR WA 273 62.16 -40.02 -51.80
C TYR WA 273 63.30 -39.77 -52.77
N GLU WA 274 64.37 -40.56 -52.65
CA GLU WA 274 65.46 -40.55 -53.61
C GLU WA 274 65.49 -41.90 -54.31
N PRO WA 275 65.23 -41.95 -55.61
CA PRO WA 275 65.21 -43.24 -56.30
C PRO WA 275 66.59 -43.87 -56.32
N ARG WA 276 66.62 -45.18 -56.18
CA ARG WA 276 67.86 -45.93 -56.08
C ARG WA 276 67.93 -46.98 -57.19
N SER WA 277 68.94 -47.83 -57.12
CA SER WA 277 69.13 -48.93 -58.04
C SER WA 277 69.21 -50.28 -57.35
N ALA WA 278 69.80 -50.33 -56.16
CA ALA WA 278 69.98 -51.58 -55.42
C ALA WA 278 69.59 -51.38 -53.97
N GLU WA 279 68.98 -52.40 -53.39
CA GLU WA 279 68.53 -52.36 -52.01
C GLU WA 279 69.33 -53.30 -51.14
N ASN WA 280 69.28 -53.05 -49.84
CA ASN WA 280 69.90 -53.96 -48.88
C ASN WA 280 69.13 -55.27 -48.87
N GLU WA 281 69.83 -56.36 -49.18
CA GLU WA 281 69.18 -57.66 -49.27
C GLU WA 281 68.83 -58.22 -47.90
N ARG WA 282 69.38 -57.65 -46.83
CA ARG WA 282 69.15 -58.16 -45.49
C ARG WA 282 67.98 -57.42 -44.86
N GLY WA 283 66.95 -58.15 -44.46
CA GLY WA 283 65.86 -57.59 -43.69
C GLY WA 283 64.82 -56.81 -44.48
N ASN WA 284 64.97 -56.69 -45.79
CA ASN WA 284 63.98 -55.97 -46.59
C ASN WA 284 62.87 -56.93 -46.93
N LEU WA 285 61.81 -56.90 -46.12
CA LEU WA 285 60.72 -57.86 -46.27
C LEU WA 285 59.93 -57.67 -47.55
N THR WA 286 60.17 -56.61 -48.31
CA THR WA 286 59.61 -56.53 -49.65
C THR WA 286 60.60 -56.99 -50.71
N TRP WA 287 61.87 -57.16 -50.35
CA TRP WA 287 62.81 -57.81 -51.24
C TRP WA 287 62.67 -59.32 -51.14
N LEU WA 288 62.83 -59.85 -49.92
CA LEU WA 288 62.74 -61.29 -49.74
C LEU WA 288 61.40 -61.84 -50.17
N ARG WA 289 60.33 -61.08 -49.94
CA ARG WA 289 59.01 -61.51 -50.36
C ARG WA 289 58.89 -61.59 -51.88
N GLU WA 290 59.69 -60.83 -52.61
CA GLU WA 290 59.67 -60.95 -54.06
C GLU WA 290 60.53 -62.10 -54.54
N VAL WA 291 61.58 -62.43 -53.79
CA VAL WA 291 62.42 -63.58 -54.15
C VAL WA 291 61.59 -64.86 -54.10
N ARG WA 292 60.97 -65.13 -52.95
CA ARG WA 292 60.11 -66.30 -52.83
C ARG WA 292 58.86 -66.21 -53.68
N HIS WA 293 58.70 -65.11 -54.43
CA HIS WA 293 57.76 -65.09 -55.54
C HIS WA 293 58.47 -65.36 -56.85
N HIS WA 294 59.63 -64.76 -57.06
CA HIS WA 294 60.42 -65.08 -58.24
C HIS WA 294 60.90 -66.52 -58.21
N GLU WA 295 61.42 -66.96 -57.08
CA GLU WA 295 61.90 -68.34 -56.98
C GLU WA 295 60.77 -69.35 -57.11
N ALA WA 296 59.51 -68.92 -57.02
CA ALA WA 296 58.38 -69.77 -57.34
C ALA WA 296 58.05 -69.70 -58.83
N ARG WA 297 58.18 -68.53 -59.44
CA ARG WA 297 58.02 -68.44 -60.89
C ARG WA 297 59.02 -69.30 -61.63
N GLU WA 298 60.14 -69.65 -60.99
CA GLU WA 298 61.07 -70.57 -61.61
C GLU WA 298 60.52 -71.99 -61.57
N ALA WA 299 60.13 -72.46 -60.40
CA ALA WA 299 59.60 -73.82 -60.27
C ALA WA 299 58.37 -74.01 -61.14
N PHE WA 300 57.57 -72.97 -61.35
CA PHE WA 300 56.46 -73.08 -62.28
C PHE WA 300 56.96 -73.14 -63.71
N GLN WA 301 57.74 -72.14 -64.11
CA GLN WA 301 58.23 -72.08 -65.49
C GLN WA 301 58.93 -73.37 -65.87
N ALA WA 302 59.70 -73.94 -64.95
CA ALA WA 302 60.33 -75.23 -65.22
C ALA WA 302 59.29 -76.29 -65.53
N ASP WA 303 58.17 -76.27 -64.81
CA ASP WA 303 57.12 -77.28 -65.01
C ASP WA 303 56.28 -77.04 -66.25
N VAL WA 304 56.56 -75.99 -67.02
CA VAL WA 304 56.02 -75.92 -68.37
C VAL WA 304 56.94 -76.63 -69.35
N ASP WA 305 58.26 -76.51 -69.13
CA ASP WA 305 59.20 -77.14 -70.03
C ASP WA 305 59.07 -78.66 -70.01
N SER WA 306 58.89 -79.24 -68.82
CA SER WA 306 58.72 -80.68 -68.72
C SER WA 306 57.42 -81.16 -69.32
N GLY WA 307 56.40 -80.29 -69.40
CA GLY WA 307 55.15 -80.67 -70.02
C GLY WA 307 54.12 -81.28 -69.11
N GLU WA 308 54.03 -80.83 -67.86
CA GLU WA 308 53.08 -81.37 -66.90
C GLU WA 308 51.92 -80.43 -66.61
N ALA WA 309 52.16 -79.12 -66.55
CA ALA WA 309 51.06 -78.18 -66.44
C ALA WA 309 50.06 -78.40 -67.57
N ARG WA 310 50.54 -78.85 -68.74
CA ARG WA 310 49.67 -79.26 -69.81
C ARG WA 310 48.99 -80.59 -69.53
N ARG WA 311 49.56 -81.39 -68.61
CA ARG WA 311 48.94 -82.66 -68.29
C ARG WA 311 47.83 -82.50 -67.27
N ARG WA 312 48.07 -81.70 -66.23
CA ARG WA 312 47.06 -81.47 -65.22
C ARG WA 312 46.00 -80.46 -65.64
N HIS WA 313 46.31 -79.59 -66.60
CA HIS WA 313 45.27 -78.76 -67.18
C HIS WA 313 44.30 -79.62 -67.99
N MET WA 314 44.75 -80.78 -68.45
CA MET WA 314 43.88 -81.74 -69.10
C MET WA 314 43.40 -82.83 -68.16
N ALA WA 315 44.03 -82.99 -67.00
CA ALA WA 315 43.47 -83.88 -66.00
C ALA WA 315 42.15 -83.34 -65.45
N LYS WA 316 42.00 -82.02 -65.37
CA LYS WA 316 40.74 -81.44 -64.93
C LYS WA 316 39.66 -81.67 -65.97
N ILE WA 317 39.97 -81.39 -67.24
CA ILE WA 317 38.98 -81.56 -68.30
C ILE WA 317 38.58 -83.02 -68.42
N LYS WA 318 39.54 -83.93 -68.29
CA LYS WA 318 39.20 -85.34 -68.23
C LYS WA 318 38.21 -85.61 -67.10
N ALA WA 319 38.38 -84.92 -65.98
CA ALA WA 319 37.42 -85.01 -64.89
C ALA WA 319 36.30 -83.98 -65.02
N ALA WA 320 36.27 -83.21 -66.10
CA ALA WA 320 35.20 -82.25 -66.34
C ALA WA 320 34.18 -82.71 -67.36
N ALA WA 321 34.57 -83.58 -68.29
CA ALA WA 321 33.68 -84.07 -69.33
C ALA WA 321 33.19 -85.49 -69.06
N GLN WA 322 33.35 -85.98 -67.84
CA GLN WA 322 33.00 -87.37 -67.55
C GLN WA 322 31.50 -87.60 -67.69
N VAL WA 323 30.70 -86.56 -67.49
CA VAL WA 323 29.26 -86.66 -67.64
C VAL WA 323 28.69 -85.28 -68.00
N ARG XA 29 20.18 51.70 -64.77
CA ARG XA 29 20.30 50.93 -63.54
C ARG XA 29 21.42 49.91 -63.64
N PHE XA 30 22.01 49.59 -62.48
CA PHE XA 30 23.04 48.57 -62.39
C PHE XA 30 22.52 47.22 -62.87
N ASN XA 31 23.11 46.69 -63.94
CA ASN XA 31 22.76 45.39 -64.46
C ASN XA 31 23.99 44.50 -64.43
N LEU XA 32 23.89 43.36 -63.74
CA LEU XA 32 25.02 42.45 -63.61
C LEU XA 32 25.58 42.05 -64.97
N ASP XA 33 24.69 41.69 -65.91
CA ASP XA 33 25.13 41.26 -67.23
C ASP XA 33 25.87 42.39 -67.94
N GLU XA 34 25.26 43.57 -68.01
CA GLU XA 34 25.96 44.74 -68.53
C GLU XA 34 27.11 45.18 -67.62
N ALA XA 35 27.27 44.54 -66.46
CA ALA XA 35 28.44 44.79 -65.61
C ALA XA 35 29.55 43.78 -65.88
N ALA XA 36 29.19 42.51 -66.04
CA ALA XA 36 30.21 41.48 -66.28
C ALA XA 36 31.02 41.76 -67.53
N ALA XA 37 30.49 42.57 -68.46
CA ALA XA 37 31.29 42.99 -69.59
C ALA XA 37 32.46 43.86 -69.15
N GLU XA 38 32.33 44.53 -68.00
CA GLU XA 38 33.48 45.25 -67.44
C GLU XA 38 34.43 44.31 -66.72
N LEU XA 39 33.93 43.16 -66.27
CA LEU XA 39 34.76 42.17 -65.57
C LEU XA 39 35.13 40.98 -66.43
N GLN XA 40 34.41 40.75 -67.53
CA GLN XA 40 34.68 39.74 -68.54
C GLN XA 40 34.43 38.31 -68.07
N LEU XA 41 33.89 38.12 -66.87
CA LEU XA 41 33.75 36.76 -66.36
C LEU XA 41 32.79 35.93 -67.19
N ASP XA 42 31.48 36.17 -67.02
CA ASP XA 42 30.41 35.63 -67.86
C ASP XA 42 29.07 36.02 -67.26
N GLU XA 43 27.97 35.69 -67.93
CA GLU XA 43 26.66 35.87 -67.31
C GLU XA 43 26.50 34.96 -66.11
N ALA XA 44 26.73 33.66 -66.30
CA ALA XA 44 26.37 32.65 -65.31
C ALA XA 44 27.38 32.54 -64.18
N TYR XA 45 28.35 33.45 -64.08
CA TYR XA 45 29.24 33.46 -62.94
C TYR XA 45 28.94 34.60 -61.98
N VAL XA 46 28.64 35.79 -62.49
CA VAL XA 46 28.30 36.89 -61.61
C VAL XA 46 27.04 36.58 -60.82
N ALA XA 47 26.10 35.85 -61.42
CA ALA XA 47 24.86 35.53 -60.74
C ALA XA 47 25.09 34.56 -59.59
N SER XA 48 25.86 33.50 -59.83
CA SER XA 48 26.14 32.52 -58.80
C SER XA 48 26.70 33.15 -57.53
N LEU XA 49 27.31 34.33 -57.65
CA LEU XA 49 27.78 35.04 -56.47
C LEU XA 49 26.64 35.71 -55.72
N TYR XA 50 25.49 35.88 -56.35
CA TYR XA 50 24.37 36.57 -55.70
C TYR XA 50 23.15 35.66 -55.63
N LYS XA 51 23.41 34.42 -55.23
CA LYS XA 51 22.43 33.46 -54.74
C LYS XA 51 23.18 32.34 -54.06
N PRO XA 52 22.58 31.66 -53.10
CA PRO XA 52 23.34 30.69 -52.30
C PRO XA 52 24.03 29.65 -53.17
N LEU XA 53 25.11 29.10 -52.64
CA LEU XA 53 26.05 28.30 -53.39
C LEU XA 53 25.60 26.85 -53.56
N HIS XA 54 24.33 26.56 -53.33
CA HIS XA 54 23.75 25.28 -53.70
C HIS XA 54 22.84 25.41 -54.91
N TYR XA 55 22.54 26.62 -55.34
CA TYR XA 55 21.79 26.83 -56.56
C TYR XA 55 22.68 26.91 -57.78
N THR XA 56 23.99 26.84 -57.62
CA THR XA 56 24.89 26.69 -58.75
C THR XA 56 25.80 25.48 -58.64
N TYR XA 57 26.49 25.31 -57.52
CA TYR XA 57 27.52 24.29 -57.39
C TYR XA 57 27.01 23.08 -56.62
N SER XA 58 27.92 22.15 -56.34
CA SER XA 58 27.58 20.81 -55.85
C SER XA 58 27.88 20.65 -54.36
N MET XA 59 27.60 21.67 -53.56
CA MET XA 59 27.79 21.56 -52.13
C MET XA 59 26.52 21.06 -51.45
N LYS XA 60 26.58 20.99 -50.13
CA LYS XA 60 25.46 20.46 -49.35
C LYS XA 60 24.47 21.57 -49.02
N GLY XA 61 23.20 21.33 -49.32
CA GLY XA 61 22.14 22.25 -48.93
C GLY XA 61 20.80 21.72 -49.38
N GLN XA 62 19.78 22.02 -48.57
CA GLN XA 62 18.44 21.51 -48.80
C GLN XA 62 17.51 22.65 -49.15
N ARG XA 63 16.82 22.53 -50.27
CA ARG XA 63 15.80 23.48 -50.65
C ARG XA 63 14.52 23.16 -49.87
N TYR XA 64 13.41 23.76 -50.26
CA TYR XA 64 12.26 23.49 -49.42
C TYR XA 64 11.33 22.46 -50.07
N PRO XA 65 10.79 21.53 -49.28
CA PRO XA 65 10.13 20.36 -49.86
C PRO XA 65 8.83 20.65 -50.58
N ALA XA 66 8.39 21.90 -50.65
CA ALA XA 66 7.33 22.25 -51.57
C ALA XA 66 7.85 22.60 -52.95
N GLU XA 67 9.06 23.14 -53.02
CA GLU XA 67 9.72 23.43 -54.28
C GLU XA 67 10.10 22.15 -55.04
N GLN XA 68 10.11 21.01 -54.36
CA GLN XA 68 10.51 19.75 -54.97
C GLN XA 68 9.68 19.36 -56.19
N GLY XA 69 8.50 19.94 -56.36
CA GLY XA 69 7.60 19.58 -57.44
C GLY XA 69 6.67 18.45 -57.03
N ARG XA 70 5.60 18.31 -57.81
CA ARG XA 70 4.56 17.33 -57.52
C ARG XA 70 4.41 16.37 -58.69
N THR XA 71 3.40 15.52 -58.58
CA THR XA 71 2.92 14.68 -59.67
C THR XA 71 1.84 15.46 -60.42
N SER XA 72 1.09 14.78 -61.27
CA SER XA 72 -0.04 15.38 -61.98
C SER XA 72 -1.32 14.79 -61.42
N ARG XA 73 -2.05 15.58 -60.64
CA ARG XA 73 -3.31 15.15 -60.06
C ARG XA 73 -4.34 14.94 -61.15
N PRO XA 74 -5.55 14.47 -60.83
CA PRO XA 74 -6.65 14.59 -61.79
C PRO XA 74 -6.87 16.02 -62.23
N GLY XA 75 -6.73 16.98 -61.32
CA GLY XA 75 -6.94 18.37 -61.68
C GLY XA 75 -5.69 19.06 -62.17
N SER XA 76 -4.64 19.06 -61.36
CA SER XA 76 -3.48 19.91 -61.60
C SER XA 76 -2.46 19.21 -62.48
N LEU XA 77 -1.62 20.03 -63.11
CA LEU XA 77 -0.58 19.54 -64.01
C LEU XA 77 0.60 19.01 -63.21
N ALA XA 78 1.73 18.83 -63.86
CA ALA XA 78 2.95 18.42 -63.20
C ALA XA 78 3.81 19.63 -62.86
N ALA XA 79 4.84 19.38 -62.06
CA ALA XA 79 5.79 20.41 -61.68
C ALA XA 79 7.19 19.80 -61.66
N SER XA 80 8.20 20.66 -61.60
CA SER XA 80 9.58 20.20 -61.48
C SER XA 80 10.46 21.38 -61.13
N ARG XA 81 11.37 21.17 -60.19
CA ARG XA 81 12.19 22.31 -59.80
C ARG XA 81 13.27 22.64 -60.79
N ASP XA 82 13.22 22.13 -62.01
CA ASP XA 82 13.94 22.75 -63.12
C ASP XA 82 13.03 23.54 -64.05
N ARG XA 83 11.72 23.30 -63.98
CA ARG XA 83 10.74 24.12 -64.68
C ARG XA 83 10.13 25.19 -63.79
N MET XA 84 10.31 25.09 -62.48
CA MET XA 84 9.79 26.11 -61.58
C MET XA 84 10.82 27.17 -61.28
N PHE XA 85 12.09 26.78 -61.13
CA PHE XA 85 13.18 27.71 -60.87
C PHE XA 85 14.32 27.47 -61.84
N PRO XA 86 14.09 27.72 -63.14
CA PRO XA 86 15.18 27.56 -64.10
C PRO XA 86 16.42 28.35 -63.74
N LEU XA 87 16.29 29.40 -62.94
CA LEU XA 87 17.46 30.18 -62.53
C LEU XA 87 18.21 29.49 -61.40
N TYR XA 88 17.49 28.78 -60.54
CA TYR XA 88 18.10 28.15 -59.38
C TYR XA 88 18.71 26.79 -59.70
N ARG XA 89 18.83 26.42 -60.97
CA ARG XA 89 19.39 25.14 -61.34
C ARG XA 89 20.90 25.13 -61.15
N ARG XA 90 21.41 23.99 -60.68
CA ARG XA 90 22.84 23.83 -60.48
C ARG XA 90 23.57 23.93 -61.81
N ASN XA 91 24.57 24.80 -61.86
CA ASN XA 91 25.37 24.98 -63.07
C ASN XA 91 26.53 23.99 -63.00
N TYR XA 92 26.21 22.72 -63.29
CA TYR XA 92 27.21 21.67 -63.15
C TYR XA 92 28.41 21.91 -64.03
N LYS XA 93 28.22 22.65 -65.12
CA LYS XA 93 29.37 23.01 -65.95
C LYS XA 93 30.29 23.99 -65.23
N LEU XA 94 29.74 25.10 -64.73
CA LEU XA 94 30.59 26.08 -64.07
C LEU XA 94 31.28 25.50 -62.83
N ASN XA 95 30.77 24.40 -62.28
CA ASN XA 95 31.51 23.71 -61.24
C ASN XA 95 32.72 22.98 -61.81
N ARG XA 96 32.64 22.56 -63.07
CA ARG XA 96 33.76 21.86 -63.69
C ARG XA 96 34.99 22.75 -63.79
N GLU XA 97 34.79 24.02 -64.11
CA GLU XA 97 35.94 24.89 -64.36
C GLU XA 97 36.53 25.45 -63.07
N LEU XA 98 35.71 25.67 -62.05
CA LEU XA 98 36.19 26.37 -60.87
C LEU XA 98 36.67 25.43 -59.77
N ARG XA 99 35.77 24.59 -59.24
CA ARG XA 99 36.05 23.92 -57.98
C ARG XA 99 36.56 22.49 -58.12
N VAL XA 100 36.44 21.87 -59.30
CA VAL XA 100 36.93 20.51 -59.49
C VAL XA 100 37.88 20.49 -60.68
N LEU XA 101 39.06 19.90 -60.48
CA LEU XA 101 40.07 19.82 -61.52
C LEU XA 101 39.89 18.53 -62.30
N ASP XA 102 40.41 18.53 -63.53
CA ASP XA 102 40.21 17.39 -64.41
C ASP XA 102 41.18 16.28 -64.06
N HIS XA 103 41.07 15.20 -64.84
CA HIS XA 103 42.08 14.14 -64.76
C HIS XA 103 43.14 14.34 -65.83
N ARG XA 104 42.83 15.10 -66.86
CA ARG XA 104 43.79 15.38 -67.92
C ARG XA 104 44.58 16.63 -67.66
N ARG XA 105 44.49 17.19 -66.46
CA ARG XA 105 45.34 18.28 -66.02
C ARG XA 105 46.52 17.81 -65.19
N ILE XA 106 46.54 16.54 -64.79
CA ILE XA 106 47.56 16.02 -63.88
C ILE XA 106 48.16 14.74 -64.44
N SER XA 107 48.05 14.52 -65.74
CA SER XA 107 48.59 13.30 -66.33
C SER XA 107 50.11 13.40 -66.44
N LYS YA 19 0.77 36.38 104.03
CA LYS YA 19 1.32 37.64 103.56
C LYS YA 19 2.60 37.97 104.31
N ARG YA 20 3.51 38.70 103.65
CA ARG YA 20 4.85 38.91 104.21
C ARG YA 20 4.79 39.63 105.55
N SER YA 21 4.34 40.86 105.55
CA SER YA 21 4.17 41.61 106.79
C SER YA 21 2.74 42.11 106.88
N GLY YA 22 2.47 42.92 107.91
CA GLY YA 22 1.12 43.36 108.18
C GLY YA 22 0.40 42.60 109.28
N LYS YA 23 1.06 41.61 109.88
CA LYS YA 23 0.54 40.75 110.93
C LYS YA 23 1.52 40.72 112.11
N PRO YA 24 1.03 40.56 113.33
CA PRO YA 24 1.89 40.80 114.49
C PRO YA 24 2.81 39.61 114.73
N SER YA 25 4.10 39.89 114.88
CA SER YA 25 5.09 38.83 115.04
C SER YA 25 5.99 39.17 116.21
N ASP YA 26 6.09 38.25 117.16
CA ASP YA 26 6.88 38.39 118.37
C ASP YA 26 6.84 37.04 119.08
N LEU YA 27 7.80 36.83 119.99
CA LEU YA 27 7.90 35.60 120.75
C LEU YA 27 7.77 35.89 122.25
N PRO YA 28 6.56 36.18 122.72
CA PRO YA 28 6.31 36.14 124.16
C PRO YA 28 5.99 34.72 124.57
N ASP YA 29 5.54 34.52 125.79
CA ASP YA 29 5.01 33.24 126.21
C ASP YA 29 3.54 33.41 126.59
N TYR YA 30 2.97 32.36 127.17
CA TYR YA 30 1.57 32.37 127.56
C TYR YA 30 1.40 33.03 128.92
N LYS YA 31 0.14 33.29 129.28
CA LYS YA 31 -0.20 33.80 130.60
C LYS YA 31 -1.34 32.96 131.16
N GLN YA 32 -1.03 32.16 132.18
CA GLN YA 32 -1.99 31.26 132.80
C GLN YA 32 -2.57 31.89 134.05
N VAL YA 33 -3.89 31.84 134.19
CA VAL YA 33 -4.51 32.30 135.42
C VAL YA 33 -4.83 31.13 136.36
N TYR YA 34 -5.11 29.95 135.81
CA TYR YA 34 -5.22 28.73 136.60
C TYR YA 34 -5.21 27.54 135.65
N LEU YA 35 -5.43 26.34 136.21
CA LEU YA 35 -5.34 24.99 135.67
C LEU YA 35 -6.66 24.58 135.02
N PRO YA 36 -6.60 23.83 133.92
CA PRO YA 36 -7.85 23.33 133.33
C PRO YA 36 -8.57 22.37 134.26
N TYR YA 37 -7.82 21.65 135.07
CA TYR YA 37 -8.36 20.79 136.11
C TYR YA 37 -8.26 21.49 137.47
N ASP YA 38 -8.47 20.74 138.54
CA ASP YA 38 -8.04 21.14 139.86
C ASP YA 38 -6.83 20.35 140.35
N THR YA 39 -6.54 19.22 139.72
CA THR YA 39 -5.55 18.25 140.21
C THR YA 39 -4.40 18.18 139.21
N ALA YA 40 -3.24 18.67 139.62
CA ALA YA 40 -2.10 18.72 138.70
C ALA YA 40 -1.35 17.39 138.72
N PRO YA 41 -1.01 16.84 137.56
CA PRO YA 41 -0.21 15.62 137.51
C PRO YA 41 1.27 15.95 137.70
N THR YA 42 2.10 14.95 137.53
CA THR YA 42 3.53 15.06 137.73
C THR YA 42 4.24 14.90 136.39
N LYS YA 43 5.57 14.79 136.45
CA LYS YA 43 6.38 14.71 135.24
C LYS YA 43 5.95 13.56 134.33
N THR YA 44 5.45 12.45 134.90
CA THR YA 44 5.17 11.30 134.05
C THR YA 44 3.86 11.44 133.30
N GLU YA 45 2.80 11.92 133.95
CA GLU YA 45 1.51 12.01 133.28
C GLU YA 45 1.50 13.15 132.27
N LEU YA 46 2.21 14.24 132.56
CA LEU YA 46 2.42 15.28 131.55
C LEU YA 46 3.09 14.71 130.32
N ASP YA 47 3.99 13.74 130.50
CA ASP YA 47 4.66 13.08 129.39
C ASP YA 47 4.04 11.74 129.03
N ARG YA 48 3.18 11.19 129.89
CA ARG YA 48 2.40 10.01 129.50
C ARG YA 48 1.52 10.32 128.30
N GLU YA 49 0.66 11.34 128.43
CA GLU YA 49 -0.17 11.74 127.31
C GLU YA 49 0.62 12.48 126.23
N ARG YA 50 1.83 12.93 126.55
CA ARG YA 50 2.66 13.59 125.53
C ARG YA 50 3.08 12.62 124.43
N ARG YA 51 3.33 11.36 124.80
CA ARG YA 51 3.78 10.37 123.83
C ARG YA 51 2.78 10.22 122.69
N LYS YA 52 1.50 10.45 122.96
CA LYS YA 52 0.49 10.40 121.90
C LYS YA 52 0.68 11.50 120.87
N PHE YA 53 1.33 12.60 121.23
CA PHE YA 53 1.34 13.81 120.42
C PHE YA 53 2.52 13.85 119.43
N MET YA 54 2.99 12.68 118.97
CA MET YA 54 4.08 12.64 118.00
C MET YA 54 3.64 12.15 116.63
N HIS YA 55 2.36 12.36 116.28
CA HIS YA 55 1.86 11.96 114.97
C HIS YA 55 0.57 12.73 114.68
N ALA YA 56 0.06 12.55 113.47
CA ALA YA 56 -1.17 13.19 113.04
C ALA YA 56 -1.68 12.49 111.79
N TYR YA 57 -2.95 12.73 111.47
CA TYR YA 57 -3.61 12.15 110.30
C TYR YA 57 -3.63 13.21 109.19
N SER YA 58 -2.47 13.48 108.60
CA SER YA 58 -2.37 14.44 107.50
C SER YA 58 -2.63 13.67 106.21
N GLY YA 59 -3.79 13.93 105.62
CA GLY YA 59 -4.23 13.16 104.48
C GLY YA 59 -5.27 12.13 104.90
N ARG YA 60 -6.52 12.37 104.55
CA ARG YA 60 -7.64 11.52 104.94
C ARG YA 60 -8.34 11.03 103.67
N MET YA 61 -7.86 9.90 103.15
CA MET YA 61 -8.42 9.28 101.95
C MET YA 61 -8.03 7.80 102.00
N GLU YA 62 -8.34 7.05 100.94
CA GLU YA 62 -7.93 5.65 100.88
C GLU YA 62 -6.42 5.52 101.04
N HIS YA 63 -5.66 6.47 100.51
CA HIS YA 63 -4.23 6.58 100.78
C HIS YA 63 -4.07 7.48 101.99
N ARG YA 64 -4.50 6.99 103.16
CA ARG YA 64 -4.33 7.69 104.41
C ARG YA 64 -3.08 7.19 105.09
N LYS YA 65 -2.31 8.10 105.66
CA LYS YA 65 -0.97 7.82 106.13
C LYS YA 65 -0.75 8.46 107.48
N MET YA 66 0.45 8.27 108.01
CA MET YA 66 0.89 8.90 109.24
C MET YA 66 1.70 10.14 108.92
N VAL YA 67 2.17 10.83 109.97
CA VAL YA 67 3.04 11.98 109.83
C VAL YA 67 3.68 12.27 111.18
N GLU YA 68 4.82 12.95 111.15
CA GLU YA 68 5.55 13.28 112.36
C GLU YA 68 5.10 14.63 112.92
N VAL YA 69 5.38 14.83 114.20
CA VAL YA 69 5.18 16.10 114.88
C VAL YA 69 6.40 16.35 115.77
N LYS YA 70 6.61 17.61 116.13
CA LYS YA 70 7.63 17.96 117.11
C LYS YA 70 7.17 19.17 117.90
N ASP YA 71 8.06 19.66 118.77
CA ASP YA 71 7.81 20.85 119.58
C ASP YA 71 6.61 20.69 120.50
N VAL YA 72 6.37 19.46 120.94
CA VAL YA 72 5.28 19.19 121.89
C VAL YA 72 5.67 19.74 123.26
N PRO YA 73 4.81 20.51 123.92
CA PRO YA 73 5.22 21.20 125.15
C PRO YA 73 5.41 20.26 126.32
N GLN YA 74 5.65 20.84 127.50
CA GLN YA 74 5.75 20.08 128.73
C GLN YA 74 4.38 19.64 129.23
N ASN YA 75 3.48 20.59 129.45
CA ASN YA 75 2.17 20.34 130.03
C ASN YA 75 1.13 20.63 128.97
N MET YA 76 0.58 19.58 128.37
CA MET YA 76 -0.49 19.74 127.39
C MET YA 76 -1.85 19.94 128.04
N TYR YA 77 -1.95 19.70 129.35
CA TYR YA 77 -3.20 19.99 130.05
C TYR YA 77 -3.47 21.49 130.07
N THR YA 78 -2.58 22.27 130.70
CA THR YA 78 -2.67 23.72 130.68
C THR YA 78 -1.79 24.33 129.60
N TYR YA 79 -1.51 23.60 128.53
CA TYR YA 79 -0.79 24.16 127.39
C TYR YA 79 -1.49 25.42 126.90
N GLY YA 80 -2.73 25.28 126.48
CA GLY YA 80 -3.55 26.43 126.15
C GLY YA 80 -5.02 26.18 126.44
N LYS YA 81 -5.32 25.08 127.13
CA LYS YA 81 -6.70 24.61 127.23
C LYS YA 81 -7.58 25.63 127.95
N GLU YA 82 -7.32 25.90 129.22
CA GLU YA 82 -8.20 26.75 130.00
C GLU YA 82 -7.36 27.62 130.92
N GLY YA 83 -7.95 28.74 131.30
CA GLY YA 83 -7.27 29.70 132.16
C GLY YA 83 -5.96 30.19 131.56
N MET YA 84 -5.83 30.05 130.24
CA MET YA 84 -4.61 30.39 129.53
C MET YA 84 -4.86 31.60 128.63
N SER YA 85 -3.87 32.48 128.55
CA SER YA 85 -3.98 33.71 127.78
C SER YA 85 -2.84 33.82 126.79
N ILE YA 86 -3.12 34.45 125.65
CA ILE YA 86 -2.13 34.64 124.60
C ILE YA 86 -2.04 36.13 124.28
N PRO YA 87 -0.89 36.78 124.49
CA PRO YA 87 -0.80 38.22 124.24
C PRO YA 87 -0.69 38.57 122.76
N ILE YA 88 -1.83 38.72 122.10
CA ILE YA 88 -1.87 38.93 120.65
C ILE YA 88 -2.69 40.15 120.28
N SER YA 89 -2.76 41.14 121.17
CA SER YA 89 -3.58 42.32 120.92
C SER YA 89 -2.79 43.40 120.19
N ILE YA 90 -3.46 44.09 119.28
CA ILE YA 90 -2.83 45.14 118.50
C ILE YA 90 -2.87 46.48 119.22
N PHE YA 91 -3.91 46.73 120.00
CA PHE YA 91 -4.13 48.04 120.59
C PHE YA 91 -3.49 48.12 121.97
N LYS YA 92 -3.16 49.34 122.37
CA LYS YA 92 -2.37 49.55 123.59
C LYS YA 92 -3.18 49.28 124.84
N ASP YA 93 -4.46 49.63 124.85
CA ASP YA 93 -5.27 49.51 126.04
C ASP YA 93 -5.77 48.08 126.27
N GLN YA 94 -5.12 47.09 125.68
CA GLN YA 94 -5.54 45.70 125.77
C GLN YA 94 -4.35 44.81 126.10
N ALA YA 95 -4.66 43.60 126.56
CA ALA YA 95 -3.68 42.57 126.85
C ALA YA 95 -4.15 41.23 126.32
N ASP YA 96 -3.55 40.15 126.81
CA ASP YA 96 -3.95 38.80 126.42
C ASP YA 96 -5.34 38.44 126.95
N PRO YA 97 -6.15 37.75 126.14
CA PRO YA 97 -7.46 37.28 126.62
C PRO YA 97 -7.42 35.84 127.09
N VAL YA 98 -8.33 35.45 127.99
CA VAL YA 98 -8.28 34.15 128.63
C VAL YA 98 -9.60 33.41 128.39
N ILE YA 99 -9.55 32.10 128.55
CA ILE YA 99 -10.73 31.25 128.53
C ILE YA 99 -10.67 30.34 129.76
N GLY YA 100 -11.68 30.46 130.62
CA GLY YA 100 -11.77 29.66 131.81
C GLY YA 100 -12.67 28.43 131.72
N PRO YA 101 -13.92 28.58 131.23
CA PRO YA 101 -14.87 27.47 131.30
C PRO YA 101 -14.86 26.55 130.09
N GLU YA 102 -15.89 25.71 129.96
CA GLU YA 102 -15.87 24.57 128.99
C GLU YA 102 -17.18 24.28 128.24
N TRP YA 103 -18.33 24.17 128.90
CA TRP YA 103 -19.57 23.64 128.25
C TRP YA 103 -20.18 24.40 127.06
N THR YA 104 -20.40 25.72 127.15
CA THR YA 104 -21.14 26.38 126.03
C THR YA 104 -20.18 26.74 124.90
N TYR YA 105 -19.46 25.74 124.40
CA TYR YA 105 -18.47 26.03 123.35
C TYR YA 105 -19.27 26.73 122.27
N PRO YA 106 -18.83 27.92 121.81
CA PRO YA 106 -19.63 28.69 120.86
C PRO YA 106 -19.73 27.96 119.52
N GLY YA 107 -20.83 27.23 119.24
CA GLY YA 107 -20.84 26.54 117.97
C GLY YA 107 -19.63 25.69 117.69
N ILE YA 108 -19.02 25.11 118.73
CA ILE YA 108 -17.70 24.51 118.59
C ILE YA 108 -17.77 22.99 118.51
N PHE YA 109 -18.76 22.36 119.14
CA PHE YA 109 -18.81 20.90 119.12
C PHE YA 109 -19.08 20.36 117.73
N GLU YA 110 -19.93 21.03 116.95
CA GLU YA 110 -20.09 20.64 115.56
C GLU YA 110 -18.81 20.84 114.77
N ASN YA 111 -17.89 21.63 115.29
CA ASN YA 111 -16.60 21.88 114.66
C ASN YA 111 -15.50 20.98 115.20
N LYS YA 112 -15.85 19.78 115.67
CA LYS YA 112 -14.88 18.92 116.33
C LYS YA 112 -14.36 17.80 115.41
N ILE YA 113 -15.25 17.18 114.64
CA ILE YA 113 -14.87 16.06 113.79
C ILE YA 113 -14.93 16.43 112.31
N VAL YA 114 -15.88 17.28 111.93
CA VAL YA 114 -16.02 17.64 110.51
C VAL YA 114 -15.14 18.83 110.18
N ALA YA 115 -14.63 19.53 111.20
CA ALA YA 115 -13.70 20.62 110.94
C ALA YA 115 -12.32 20.07 110.60
N GLN YA 116 -12.26 19.26 109.55
CA GLN YA 116 -11.02 18.69 109.06
C GLN YA 116 -11.30 18.15 107.66
N HIS YA 117 -10.24 18.06 106.86
CA HIS YA 117 -10.39 17.55 105.49
C HIS YA 117 -10.59 16.04 105.59
N TRP YA 118 -11.82 15.64 105.89
CA TRP YA 118 -12.20 14.24 106.05
C TRP YA 118 -11.68 13.35 104.93
N MET ZA 1 68.91 -102.23 3.62
CA MET ZA 1 67.80 -102.55 4.49
C MET ZA 1 66.53 -102.78 3.68
N SER ZA 2 66.64 -102.55 2.37
CA SER ZA 2 65.51 -102.70 1.45
C SER ZA 2 65.04 -104.13 1.32
N VAL ZA 3 65.72 -105.10 1.95
CA VAL ZA 3 65.28 -106.48 1.86
C VAL ZA 3 64.08 -106.74 2.77
N PHE ZA 4 63.87 -105.90 3.79
CA PHE ZA 4 62.80 -106.12 4.76
C PHE ZA 4 61.97 -104.85 4.95
N PRO ZA 5 61.43 -104.28 3.86
CA PRO ZA 5 60.66 -103.04 4.01
C PRO ZA 5 59.37 -103.22 4.76
N GLY ZA 6 58.91 -104.46 4.95
CA GLY ZA 6 57.78 -104.70 5.81
C GLY ZA 6 58.12 -104.51 7.28
N LEU ZA 7 59.33 -104.90 7.67
CA LEU ZA 7 59.70 -104.80 9.08
C LEU ZA 7 59.92 -103.35 9.50
N CYS ZA 8 60.87 -102.68 8.84
CA CYS ZA 8 61.23 -101.33 9.27
C CYS ZA 8 60.07 -100.37 9.06
N GLY ZA 9 59.36 -100.49 7.94
CA GLY ZA 9 58.17 -99.69 7.73
C GLY ZA 9 57.07 -99.96 8.74
N ASP ZA 10 57.25 -100.94 9.62
CA ASP ZA 10 56.27 -101.28 10.64
C ASP ZA 10 56.68 -100.76 12.01
N VAL ZA 11 57.89 -101.12 12.46
CA VAL ZA 11 58.28 -100.89 13.85
C VAL ZA 11 58.22 -99.41 14.20
N ALA ZA 12 58.05 -99.15 15.51
CA ALA ZA 12 57.87 -97.78 15.97
C ALA ZA 12 59.14 -96.96 15.81
N THR ZA 13 59.01 -95.81 15.14
CA THR ZA 13 60.13 -94.91 14.93
C THR ZA 13 60.08 -93.80 15.98
N THR ZA 14 60.45 -94.17 17.21
CA THR ZA 14 60.48 -93.20 18.29
C THR ZA 14 61.54 -92.14 18.02
N ASN ZA 15 61.42 -91.02 18.73
CA ASN ZA 15 62.31 -89.89 18.51
C ASN ZA 15 62.30 -89.05 19.78
N TYR ZA 16 63.45 -89.00 20.46
CA TYR ZA 16 63.65 -88.05 21.55
C TYR ZA 16 65.00 -87.38 21.42
N ARG ZA 17 65.84 -87.93 20.55
CA ARG ZA 17 67.12 -87.34 20.20
C ARG ZA 17 67.18 -87.08 18.70
N VAL ZA 18 68.14 -86.24 18.30
CA VAL ZA 18 68.36 -85.95 16.88
C VAL ZA 18 68.49 -87.24 16.07
N PHE ZA 19 69.07 -88.28 16.67
CA PHE ZA 19 68.96 -89.61 16.11
C PHE ZA 19 67.57 -90.17 16.43
N LEU ZA 20 66.82 -90.49 15.39
CA LEU ZA 20 65.46 -91.01 15.53
C LEU ZA 20 65.56 -92.46 15.99
N GLY ZA 21 65.72 -92.63 17.30
CA GLY ZA 21 65.95 -93.94 17.87
C GLY ZA 21 64.86 -94.92 17.53
N THR ZA 22 65.15 -95.83 16.60
CA THR ZA 22 64.16 -96.82 16.20
C THR ZA 22 64.05 -97.90 17.26
N LEU ZA 23 62.90 -98.56 17.28
CA LEU ZA 23 62.55 -99.46 18.37
C LEU ZA 23 62.45 -100.89 17.86
N PRO ZA 24 63.43 -101.74 18.11
CA PRO ZA 24 63.22 -103.17 17.93
C PRO ZA 24 62.65 -103.81 19.18
N ASN ZA 25 62.43 -105.12 19.15
CA ASN ZA 25 62.02 -105.89 20.31
C ASN ZA 25 62.89 -107.14 20.39
N LEU ZA 26 63.28 -107.50 21.61
CA LEU ZA 26 64.26 -108.56 21.78
C LEU ZA 26 63.69 -109.91 21.34
N ALA ZA 27 62.45 -110.20 21.71
CA ALA ZA 27 61.88 -111.51 21.44
C ALA ZA 27 61.81 -111.80 19.94
N VAL ZA 28 61.16 -110.93 19.17
CA VAL ZA 28 61.11 -111.09 17.73
C VAL ZA 28 62.53 -111.09 17.18
N GLU ZA 29 62.75 -111.88 16.14
CA GLU ZA 29 64.08 -112.02 15.55
C GLU ZA 29 64.40 -110.89 14.58
N GLU ZA 30 63.74 -109.74 14.70
CA GLU ZA 30 64.23 -108.55 14.01
C GLU ZA 30 65.66 -108.25 14.44
N ARG ZA 31 66.04 -108.64 15.65
CA ARG ZA 31 67.45 -108.65 16.03
C ARG ZA 31 68.26 -109.45 15.02
N PHE ZA 32 67.83 -110.69 14.76
CA PHE ZA 32 68.45 -111.46 13.69
C PHE ZA 32 68.31 -110.78 12.34
N LEU ZA 33 67.20 -110.07 12.13
CA LEU ZA 33 66.96 -109.40 10.86
C LEU ZA 33 67.72 -108.10 10.74
N ARG ZA 34 67.97 -107.40 11.85
CA ARG ZA 34 68.77 -106.19 11.82
C ARG ZA 34 70.26 -106.48 11.89
N GLN ZA 35 70.68 -107.74 11.80
CA GLN ZA 35 72.09 -108.09 11.76
C GLN ZA 35 72.47 -108.90 10.54
N VAL ZA 36 71.50 -109.56 9.88
CA VAL ZA 36 71.81 -110.33 8.69
C VAL ZA 36 71.94 -109.42 7.48
N GLN ZA 37 70.94 -108.56 7.26
CA GLN ZA 37 70.95 -107.72 6.07
C GLN ZA 37 71.96 -106.57 6.16
N PRO ZA 38 72.04 -105.80 7.25
CA PRO ZA 38 72.82 -104.57 7.22
C PRO ZA 38 74.30 -104.78 6.95
N VAL ZA 39 74.97 -103.69 6.59
CA VAL ZA 39 76.39 -103.66 6.29
C VAL ZA 39 77.04 -102.50 7.05
N PHE ZA 40 76.43 -102.10 8.15
CA PHE ZA 40 76.93 -100.96 8.93
C PHE ZA 40 77.51 -101.45 10.24
N PRO ZA 41 78.85 -101.54 10.35
CA PRO ZA 41 79.46 -101.96 11.62
C PRO ZA 41 79.01 -101.17 12.83
N TRP ZA 42 78.43 -99.98 12.65
CA TRP ZA 42 77.92 -99.22 13.79
C TRP ZA 42 76.88 -100.03 14.53
N TYR ZA 43 75.72 -100.23 13.89
CA TYR ZA 43 74.60 -100.91 14.56
C TYR ZA 43 74.73 -102.42 14.49
N ALA ZA 44 75.49 -102.93 13.53
CA ALA ZA 44 75.69 -104.38 13.45
C ALA ZA 44 76.56 -104.89 14.58
N SER ZA 45 77.22 -104.00 15.32
CA SER ZA 45 78.11 -104.38 16.41
C SER ZA 45 77.57 -104.01 17.78
N ARG ZA 46 76.93 -102.84 17.91
CA ARG ZA 46 76.52 -102.38 19.23
C ARG ZA 46 75.40 -103.24 19.79
N LYS ZA 47 74.26 -103.28 19.12
CA LYS ZA 47 73.16 -104.11 19.59
C LYS ZA 47 73.56 -105.57 19.73
N HIS ZA 48 74.71 -105.97 19.16
CA HIS ZA 48 75.26 -107.28 19.47
C HIS ZA 48 75.63 -107.38 20.94
N VAL ZA 49 76.37 -106.40 21.47
CA VAL ZA 49 76.81 -106.48 22.86
C VAL ZA 49 75.69 -106.07 23.80
N LYS ZA 50 74.82 -105.16 23.36
CA LYS ZA 50 73.64 -104.84 24.17
C LYS ZA 50 72.83 -106.10 24.42
N GLU ZA 51 72.67 -106.93 23.39
CA GLU ZA 51 72.01 -108.23 23.58
C GLU ZA 51 72.90 -109.18 24.36
N GLN ZA 52 74.20 -109.20 24.05
CA GLN ZA 52 75.10 -110.18 24.64
C GLN ZA 52 75.13 -110.05 26.16
N ALA ZA 53 75.30 -108.84 26.67
CA ALA ZA 53 75.30 -108.64 28.11
C ALA ZA 53 73.90 -108.77 28.69
N SER ZA 54 72.88 -108.28 27.97
CA SER ZA 54 71.53 -108.27 28.53
C SER ZA 54 71.09 -109.65 28.97
N GLU ZA 55 71.47 -110.69 28.23
CA GLU ZA 55 71.35 -112.05 28.76
C GLU ZA 55 72.15 -112.19 30.05
N PHE ZA 56 73.46 -111.93 29.97
CA PHE ZA 56 74.32 -111.98 31.15
C PHE ZA 56 73.79 -111.09 32.27
N LEU ZA 57 73.07 -110.02 31.92
CA LEU ZA 57 72.45 -109.20 32.96
C LEU ZA 57 71.32 -109.94 33.66
N GLU ZA 58 70.52 -110.69 32.90
CA GLU ZA 58 69.47 -111.49 33.50
C GLU ZA 58 69.92 -112.91 33.83
N ILE ZA 59 71.01 -113.37 33.23
CA ILE ZA 59 71.54 -114.68 33.58
C ILE ZA 59 72.00 -114.69 35.03
N ASP ZA 60 72.60 -113.59 35.49
CA ASP ZA 60 73.11 -113.49 36.85
C ASP ZA 60 72.01 -113.34 37.89
N LEU ZA 61 70.74 -113.52 37.54
CA LEU ZA 61 69.64 -113.36 38.49
C LEU ZA 61 68.81 -114.63 38.64
N ALA ZA 62 68.41 -115.26 37.54
CA ALA ZA 62 67.44 -116.34 37.59
C ALA ZA 62 68.12 -117.69 37.86
N SER ZA 63 67.29 -118.70 38.12
CA SER ZA 63 67.73 -120.06 38.35
C SER ZA 63 67.66 -120.84 37.04
N CYS ZA 64 68.77 -121.41 36.62
CA CYS ZA 64 68.93 -121.98 35.30
C CYS ZA 64 68.95 -123.51 35.36
N ASP ZA 65 68.87 -124.13 34.18
CA ASP ZA 65 68.90 -125.57 34.02
C ASP ZA 65 70.06 -125.94 33.11
N PRO ZA 66 71.28 -125.98 33.65
CA PRO ZA 66 72.45 -126.34 32.83
C PRO ZA 66 72.79 -127.81 32.89
N GLU ZA 67 73.51 -128.29 31.86
CA GLU ZA 67 74.10 -129.63 31.78
C GLU ZA 67 73.12 -130.72 32.22
N LEU ZA 68 71.83 -130.55 31.94
CA LEU ZA 68 70.84 -131.50 32.41
C LEU ZA 68 71.11 -132.90 31.86
N LEU ZA 69 71.65 -132.99 30.65
CA LEU ZA 69 72.11 -134.27 30.11
C LEU ZA 69 73.61 -134.45 30.38
N LEU ZA 70 73.93 -134.48 31.68
CA LEU ZA 70 75.31 -134.36 32.13
C LEU ZA 70 76.17 -135.52 31.63
N ARG ZA 71 75.60 -136.74 31.60
CA ARG ZA 71 76.37 -137.87 31.09
C ARG ZA 71 76.66 -137.71 29.61
N TYR ZA 72 75.78 -137.04 28.88
CA TYR ZA 72 75.95 -136.90 27.44
C TYR ZA 72 76.90 -135.76 27.09
N THR ZA 73 76.96 -134.72 27.92
CA THR ZA 73 77.84 -133.59 27.65
C THR ZA 73 79.26 -134.06 27.38
N HIS ZA 74 79.71 -135.11 28.06
CA HIS ZA 74 81.03 -135.66 27.79
C HIS ZA 74 81.07 -136.33 26.43
N VAL ZA 75 80.01 -137.10 26.10
CA VAL ZA 75 79.90 -137.63 24.75
C VAL ZA 75 79.53 -136.51 23.77
N TYR ZA 76 78.89 -135.45 24.28
CA TYR ZA 76 78.70 -134.26 23.47
C TYR ZA 76 80.04 -133.57 23.19
N TYR ZA 77 80.98 -133.66 24.12
CA TYR ZA 77 82.26 -132.97 24.00
C TYR ZA 77 83.22 -133.68 23.07
N VAL ZA 78 82.78 -134.66 22.29
CA VAL ZA 78 83.65 -135.35 21.36
C VAL ZA 78 83.48 -134.74 19.97
N ARG ZA 79 82.28 -134.20 19.71
CA ARG ZA 79 82.08 -133.48 18.46
C ARG ZA 79 82.70 -132.09 18.52
N ARG ZA 80 82.70 -131.47 19.70
CA ARG ZA 80 83.36 -130.18 19.87
C ARG ZA 80 84.84 -130.23 19.51
N GLN ZA 81 85.44 -131.42 19.52
CA GLN ZA 81 86.82 -131.54 19.09
C GLN ZA 81 86.94 -131.73 17.58
N LEU ZA 82 86.09 -132.56 16.99
CA LEU ZA 82 86.13 -132.83 15.57
C LEU ZA 82 85.36 -131.80 14.75
N TYR ZA 83 84.90 -130.71 15.37
CA TYR ZA 83 84.26 -129.65 14.60
C TYR ZA 83 85.23 -128.57 14.16
N ASP ZA 84 86.36 -128.40 14.86
CA ASP ZA 84 87.30 -127.39 14.43
C ASP ZA 84 88.16 -127.92 13.31
N GLU ZA 85 87.52 -128.54 12.33
CA GLU ZA 85 88.07 -128.81 11.01
C GLU ZA 85 87.22 -128.20 9.92
N LEU ZA 86 85.91 -128.42 9.98
CA LEU ZA 86 85.00 -127.79 9.02
C LEU ZA 86 84.90 -126.29 9.27
N VAL ZA 87 84.72 -125.89 10.54
CA VAL ZA 87 84.66 -124.48 10.90
C VAL ZA 87 85.93 -123.74 10.50
N ASP ZA 88 87.02 -124.47 10.27
CA ASP ZA 88 88.23 -123.84 9.77
C ASP ZA 88 87.98 -123.15 8.44
N ARG ZA 89 87.52 -123.90 7.44
CA ARG ZA 89 87.28 -123.31 6.13
C ARG ZA 89 86.21 -122.23 6.19
N GLN ZA 90 85.15 -122.46 6.97
CA GLN ZA 90 83.96 -121.63 6.88
C GLN ZA 90 84.25 -120.18 7.26
N LEU ZA 91 85.22 -119.95 8.14
CA LEU ZA 91 85.65 -118.58 8.38
C LEU ZA 91 86.50 -118.07 7.23
N THR ZA 92 87.34 -118.94 6.64
CA THR ZA 92 88.19 -118.53 5.53
C THR ZA 92 87.37 -118.08 4.34
N LEU ZA 93 86.23 -118.74 4.10
CA LEU ZA 93 85.32 -118.27 3.06
C LEU ZA 93 84.90 -116.84 3.32
N MET ZA 94 84.55 -116.52 4.57
CA MET ZA 94 84.19 -115.16 4.91
C MET ZA 94 85.41 -114.31 5.22
N GLU ZA 95 86.54 -114.94 5.53
CA GLU ZA 95 87.76 -114.17 5.79
C GLU ZA 95 88.16 -113.32 4.58
N THR ZA 96 88.01 -113.86 3.37
CA THR ZA 96 88.27 -113.10 2.16
C THR ZA 96 87.01 -112.50 1.56
N GLY ZA 97 85.84 -113.07 1.84
CA GLY ZA 97 84.61 -112.51 1.31
C GLY ZA 97 84.37 -111.10 1.80
N LYS ZA 98 84.58 -110.86 3.10
CA LYS ZA 98 84.33 -109.54 3.66
C LYS ZA 98 85.37 -108.53 3.20
N ALA ZA 99 86.65 -108.94 3.16
CA ALA ZA 99 87.72 -107.99 2.87
C ALA ZA 99 87.80 -107.68 1.37
N ALA ZA 100 87.73 -108.71 0.53
CA ALA ZA 100 87.92 -108.55 -0.91
C ALA ZA 100 86.63 -108.18 -1.62
N LYS ZA 101 85.69 -107.57 -0.91
CA LYS ZA 101 84.37 -107.29 -1.45
C LYS ZA 101 84.29 -105.93 -2.14
N VAL ZA 102 85.38 -105.48 -2.78
CA VAL ZA 102 85.29 -104.28 -3.60
C VAL ZA 102 84.36 -104.58 -4.77
N ALA ZA 103 83.15 -104.04 -4.68
CA ALA ZA 103 82.08 -104.29 -5.64
C ALA ZA 103 80.94 -103.36 -5.27
N ASP ZA 104 79.81 -103.52 -5.96
CA ASP ZA 104 78.70 -102.58 -5.79
C ASP ZA 104 77.60 -103.09 -4.87
N SER ZA 105 77.18 -104.34 -5.05
CA SER ZA 105 75.94 -104.79 -4.44
C SER ZA 105 76.03 -104.80 -2.92
N ALA ZA 106 77.17 -105.20 -2.37
CA ALA ZA 106 77.36 -105.32 -0.92
C ALA ZA 106 78.62 -104.56 -0.53
N LEU ZA 107 78.43 -103.35 0.01
CA LEU ZA 107 79.53 -102.54 0.50
C LEU ZA 107 79.43 -102.42 2.01
N LEU ZA 108 80.50 -102.79 2.70
CA LEU ZA 108 80.62 -102.51 4.13
C LEU ZA 108 81.21 -101.13 4.32
N THR ZA 109 80.80 -100.45 5.41
CA THR ZA 109 81.28 -99.09 5.63
C THR ZA 109 82.79 -99.03 5.82
N CYS ZA 110 83.43 -100.16 6.10
CA CYS ZA 110 84.88 -100.27 6.10
C CYS ZA 110 85.21 -101.59 5.42
N LEU ZA 111 85.57 -101.55 4.15
CA LEU ZA 111 85.82 -102.79 3.44
C LEU ZA 111 87.07 -103.50 3.93
N ALA ZA 112 87.87 -102.86 4.77
CA ALA ZA 112 88.97 -103.50 5.47
C ALA ZA 112 88.59 -103.91 6.88
N GLN ZA 113 87.29 -104.01 7.18
CA GLN ZA 113 86.84 -104.35 8.51
C GLN ZA 113 87.19 -105.80 8.83
N VAL ZA 114 88.08 -105.99 9.81
CA VAL ZA 114 88.45 -107.33 10.25
C VAL ZA 114 87.20 -108.08 10.69
N ASN ZA 115 87.21 -109.40 10.49
CA ASN ZA 115 86.11 -110.24 10.94
C ASN ZA 115 86.00 -110.20 12.45
N ALA ZA 116 84.81 -109.91 12.95
CA ALA ZA 116 84.53 -109.80 14.37
C ALA ZA 116 83.45 -110.80 14.77
N ALA ZA 117 83.06 -110.75 16.04
CA ALA ZA 117 81.95 -111.59 16.48
C ALA ZA 117 80.65 -111.20 15.82
N ILE ZA 118 80.54 -109.95 15.35
CA ILE ZA 118 79.32 -109.49 14.69
C ILE ZA 118 79.24 -110.02 13.27
N THR ZA 119 80.38 -110.34 12.66
CA THR ZA 119 80.48 -110.59 11.23
C THR ZA 119 79.73 -111.83 10.75
N PRO ZA 120 79.68 -112.94 11.50
CA PRO ZA 120 79.03 -114.16 10.96
C PRO ZA 120 77.72 -113.92 10.21
N ARG ZA 121 76.72 -113.34 10.85
CA ARG ZA 121 75.39 -113.21 10.24
C ARG ZA 121 75.46 -112.44 8.92
N LEU ZA 122 75.81 -111.16 8.99
CA LEU ZA 122 75.87 -110.34 7.78
C LEU ZA 122 76.81 -110.94 6.75
N GLN ZA 123 77.75 -111.78 7.16
CA GLN ZA 123 78.62 -112.46 6.21
C GLN ZA 123 78.05 -113.81 5.79
N TYR ZA 124 77.41 -114.53 6.71
CA TYR ZA 124 76.70 -115.74 6.33
C TYR ZA 124 75.71 -115.45 5.21
N GLU ZA 125 75.09 -114.27 5.24
CA GLU ZA 125 74.14 -113.90 4.20
C GLU ZA 125 74.80 -113.88 2.83
N LEU ZA 126 76.04 -113.40 2.75
CA LEU ZA 126 76.68 -113.25 1.46
C LEU ZA 126 77.05 -114.60 0.85
N HIS ZA 127 77.45 -115.56 1.68
CA HIS ZA 127 77.76 -116.89 1.14
C HIS ZA 127 76.53 -117.56 0.56
N LEU ZA 128 75.34 -117.27 1.09
CA LEU ZA 128 74.12 -117.88 0.56
C LEU ZA 128 73.89 -117.48 -0.88
N LEU ZA 129 74.04 -116.19 -1.19
CA LEU ZA 129 73.92 -115.74 -2.57
C LEU ZA 129 75.00 -116.34 -3.46
N GLN ZA 130 76.14 -116.70 -2.86
CA GLN ZA 130 77.27 -117.20 -3.63
C GLN ZA 130 76.92 -118.50 -4.34
N GLN ZA 131 76.36 -119.47 -3.60
CA GLN ZA 131 76.11 -120.78 -4.17
C GLN ZA 131 75.12 -120.72 -5.33
N ALA ZA 132 74.20 -119.76 -5.30
CA ALA ZA 132 73.20 -119.65 -6.35
C ALA ZA 132 73.79 -118.88 -7.53
N LYS ZA 133 72.92 -118.46 -8.45
CA LYS ZA 133 73.36 -117.78 -9.67
C LYS ZA 133 72.56 -116.51 -9.95
N LYS ZA 134 71.78 -116.02 -8.99
CA LYS ZA 134 70.92 -114.89 -9.24
C LYS ZA 134 70.56 -114.24 -7.91
N ALA ZA 135 70.04 -113.02 -7.98
CA ALA ZA 135 69.63 -112.26 -6.81
C ALA ZA 135 68.27 -111.62 -7.05
N CYS ZA 136 67.38 -111.76 -6.08
CA CYS ZA 136 67.63 -112.50 -4.86
C CYS ZA 136 66.73 -113.73 -4.77
N ARG ZA 137 67.27 -114.83 -4.25
CA ARG ZA 137 66.54 -116.09 -4.31
C ARG ZA 137 65.52 -116.21 -3.20
N VAL ZA 138 65.71 -115.51 -2.08
CA VAL ZA 138 64.82 -115.68 -0.95
C VAL ZA 138 63.51 -114.92 -1.17
N PRO ZA 139 63.52 -113.61 -1.44
CA PRO ZA 139 62.22 -112.93 -1.63
C PRO ZA 139 61.53 -113.37 -2.90
N ARG ZA 140 62.28 -113.65 -3.96
CA ARG ZA 140 61.65 -114.17 -5.17
C ARG ZA 140 60.86 -115.43 -4.87
N ARG ZA 141 61.34 -116.24 -3.94
CA ARG ZA 141 60.61 -117.42 -3.50
C ARG ZA 141 59.73 -117.15 -2.30
N ARG ZA 142 59.86 -116.00 -1.64
CA ARG ZA 142 58.81 -115.58 -0.74
C ARG ZA 142 57.52 -115.31 -1.48
N GLU ZA 143 57.61 -115.00 -2.78
CA GLU ZA 143 56.40 -114.74 -3.56
C GLU ZA 143 55.52 -115.98 -3.66
N LEU ZA 144 56.09 -117.17 -3.60
CA LEU ZA 144 55.34 -118.38 -3.86
C LEU ZA 144 55.16 -119.24 -2.61
N ASN ZA 145 55.24 -118.65 -1.42
CA ASN ZA 145 55.00 -119.35 -0.17
C ASN ZA 145 54.11 -118.51 0.73
N PRO ZA 146 52.82 -118.41 0.42
CA PRO ZA 146 51.92 -117.64 1.28
C PRO ZA 146 51.75 -118.30 2.64
N ASP ZA 147 51.49 -117.48 3.65
CA ASP ZA 147 51.48 -117.96 5.03
C ASP ZA 147 50.49 -119.09 5.22
N ALA ZA 148 49.20 -118.82 5.03
CA ALA ZA 148 48.19 -119.85 5.18
C ALA ZA 148 48.28 -120.93 4.11
N ALA ZA 149 49.10 -120.72 3.07
CA ALA ZA 149 49.40 -121.81 2.14
C ALA ZA 149 50.28 -122.86 2.81
N LEU ZA 150 51.14 -122.43 3.72
CA LEU ZA 150 52.00 -123.34 4.45
C LEU ZA 150 51.38 -123.81 5.76
N GLU ZA 151 50.41 -123.08 6.30
CA GLU ZA 151 49.75 -123.52 7.53
C GLU ZA 151 49.05 -124.85 7.31
N ALA ZA 152 48.10 -124.89 6.37
CA ALA ZA 152 47.39 -126.14 6.09
C ALA ZA 152 48.32 -127.19 5.52
N HIS ZA 153 49.42 -126.79 4.88
CA HIS ZA 153 50.39 -127.77 4.39
C HIS ZA 153 51.17 -128.39 5.55
N ASP ZA 154 51.73 -127.56 6.42
CA ASP ZA 154 52.48 -128.06 7.57
C ASP ZA 154 51.57 -128.51 8.70
N TYR ZA 155 50.26 -128.53 8.49
CA TYR ZA 155 49.37 -129.13 9.46
C TYR ZA 155 49.08 -130.60 9.13
N LEU ZA 156 48.62 -130.87 7.91
CA LEU ZA 156 48.44 -132.24 7.49
C LEU ZA 156 49.75 -133.02 7.55
N CYS ZA 157 50.87 -132.35 7.33
CA CYS ZA 157 52.16 -133.04 7.40
C CYS ZA 157 52.44 -133.55 8.81
N MET ZA 158 51.89 -132.89 9.83
CA MET ZA 158 52.04 -133.37 11.19
C MET ZA 158 51.10 -134.53 11.50
N MET ZA 159 49.86 -134.45 11.00
CA MET ZA 159 48.92 -135.54 11.18
C MET ZA 159 49.48 -136.87 10.69
N ARG ZA 160 50.38 -136.83 9.72
CA ARG ZA 160 51.01 -138.06 9.22
C ARG ZA 160 51.63 -138.85 10.37
N VAL ZA 161 52.40 -138.17 11.23
CA VAL ZA 161 53.01 -138.87 12.34
C VAL ZA 161 51.98 -139.16 13.43
N VAL ZA 162 51.06 -138.22 13.67
CA VAL ZA 162 50.03 -138.38 14.70
C VAL ZA 162 48.69 -137.94 14.11
N GLU ZA 163 47.92 -138.90 13.61
CA GLU ZA 163 46.58 -138.63 13.10
C GLU ZA 163 45.57 -138.99 14.19
N GLU ZA 164 44.56 -138.13 14.36
CA GLU ZA 164 43.56 -138.27 15.42
C GLU ZA 164 44.21 -138.20 16.79
N ASP ZA 165 45.22 -137.33 16.92
CA ASP ZA 165 45.91 -137.10 18.19
C ASP ZA 165 45.95 -135.63 18.59
N VAL ZA 166 46.11 -134.72 17.63
CA VAL ZA 166 46.20 -133.30 17.92
C VAL ZA 166 44.83 -132.65 17.98
N GLY ZA 167 43.99 -132.90 16.98
CA GLY ZA 167 42.72 -132.23 16.87
C GLY ZA 167 42.78 -130.99 16.00
N GLY ZA 168 42.92 -129.84 16.62
CA GLY ZA 168 42.94 -128.59 15.88
C GLY ZA 168 44.26 -127.85 15.95
N ILE ZA 169 44.26 -126.70 16.61
CA ILE ZA 169 45.41 -125.78 16.61
C ILE ZA 169 46.07 -125.77 17.97
N PRO ZA 170 47.37 -125.55 18.06
CA PRO ZA 170 47.97 -125.12 19.33
C PRO ZA 170 47.38 -123.78 19.74
N ASP ZA 171 47.27 -123.59 21.06
CA ASP ZA 171 46.49 -122.48 21.60
C ASP ZA 171 46.97 -121.14 21.07
N ALA ZA 172 46.08 -120.16 21.15
CA ALA ZA 172 46.36 -118.84 20.60
C ALA ZA 172 47.61 -118.23 21.25
N GLU ZA 173 47.77 -118.42 22.55
CA GLU ZA 173 48.95 -117.89 23.24
C GLU ZA 173 50.23 -118.48 22.70
N MET ZA 174 50.16 -119.61 22.00
CA MET ZA 174 51.27 -120.11 21.21
C MET ZA 174 51.25 -119.53 19.80
N GLN ZA 175 50.06 -119.45 19.20
CA GLN ZA 175 49.93 -118.83 17.88
C GLN ZA 175 50.52 -117.42 17.89
N ALA ZA 176 50.14 -116.61 18.87
CA ALA ZA 176 50.77 -115.30 19.04
C ALA ZA 176 52.23 -115.43 19.45
N ARG ZA 177 52.61 -116.53 20.09
CA ARG ZA 177 54.03 -116.75 20.36
C ARG ZA 177 54.76 -117.15 19.09
N ALA ZA 178 54.12 -117.99 18.26
CA ALA ZA 178 54.68 -118.26 16.94
C ALA ZA 178 54.64 -117.04 16.03
N TYR ZA 179 53.86 -116.02 16.40
CA TYR ZA 179 53.87 -114.78 15.63
C TYR ZA 179 55.19 -114.04 15.81
N LEU ZA 180 55.73 -114.02 17.03
CA LEU ZA 180 56.91 -113.24 17.33
C LEU ZA 180 58.10 -113.51 16.40
N PRO ZA 181 58.45 -114.76 16.06
CA PRO ZA 181 59.63 -114.93 15.21
C PRO ZA 181 59.38 -114.56 13.74
N ARG ZA 182 58.19 -114.84 13.21
CA ARG ZA 182 57.93 -114.56 11.80
C ARG ZA 182 57.87 -113.06 11.56
N GLU ZA 183 58.60 -112.60 10.55
CA GLU ZA 183 58.63 -111.18 10.25
C GLU ZA 183 57.28 -110.72 9.73
N VAL ZA 184 57.11 -109.40 9.68
CA VAL ZA 184 55.87 -108.78 9.23
C VAL ZA 184 56.04 -108.35 7.79
N LEU ZA 185 54.99 -108.55 6.99
CA LEU ZA 185 54.96 -108.11 5.61
C LEU ZA 185 53.77 -107.18 5.41
N GLU ZA 186 53.55 -106.81 4.15
CA GLU ZA 186 52.52 -105.85 3.81
C GLU ZA 186 51.14 -106.37 4.23
N ALA ZA 187 50.52 -105.69 5.18
CA ALA ZA 187 49.15 -105.97 5.57
C ALA ZA 187 48.14 -105.23 4.71
N LYS ZA 188 48.55 -104.80 3.52
CA LYS ZA 188 47.73 -103.93 2.70
C LYS ZA 188 46.52 -104.69 2.15
N VAL ZA 189 45.70 -103.98 1.38
CA VAL ZA 189 44.42 -104.49 0.96
C VAL ZA 189 44.61 -105.52 -0.15
N LYS ZA 190 43.83 -106.60 -0.08
CA LYS ZA 190 43.78 -107.63 -1.13
C LYS ZA 190 45.16 -108.17 -1.46
N GLU ZA 191 46.06 -108.13 -0.50
CA GLU ZA 191 47.33 -108.83 -0.57
C GLU ZA 191 47.35 -109.89 0.52
N LEU ZA 192 48.49 -110.57 0.67
CA LEU ZA 192 48.59 -111.60 1.69
C LEU ZA 192 50.02 -111.76 2.15
N ALA ZA 193 50.17 -112.30 3.35
CA ALA ZA 193 51.47 -112.38 4.01
C ALA ZA 193 52.35 -113.43 3.36
N ALA ZA 194 53.20 -113.01 2.43
CA ALA ZA 194 54.23 -113.89 1.90
C ALA ZA 194 55.21 -114.29 3.01
N MET ZA 195 56.02 -115.30 2.74
CA MET ZA 195 56.91 -115.84 3.77
C MET ZA 195 58.27 -116.20 3.19
N ILE ZA 196 59.32 -115.74 3.86
CA ILE ZA 196 60.68 -116.16 3.51
C ILE ZA 196 60.90 -117.60 3.95
N PHE ZA 197 61.97 -118.21 3.43
CA PHE ZA 197 62.24 -119.60 3.79
C PHE ZA 197 62.68 -119.72 5.24
N GLY ZA 198 63.56 -118.83 5.69
CA GLY ZA 198 64.08 -118.85 7.04
C GLY ZA 198 63.00 -118.92 8.10
N ASP ZA 199 61.77 -118.62 7.69
CA ASP ZA 199 60.60 -118.93 8.50
C ASP ZA 199 60.32 -120.44 8.47
N GLY ZA 200 60.24 -121.01 7.27
CA GLY ZA 200 59.87 -122.40 7.11
C GLY ZA 200 60.68 -123.42 7.89
N GLY ZA 201 61.96 -123.57 7.55
CA GLY ZA 201 62.77 -124.62 8.13
C GLY ZA 201 64.19 -124.24 8.50
N SER ZA 202 64.42 -123.02 8.97
CA SER ZA 202 65.76 -122.57 9.29
C SER ZA 202 66.38 -123.39 10.42
N ALA ZA 203 67.50 -124.04 10.13
CA ALA ZA 203 68.26 -124.78 11.13
C ALA ZA 203 69.28 -123.92 11.84
N THR ZA 204 69.17 -122.59 11.72
CA THR ZA 204 70.03 -121.71 12.51
C THR ZA 204 69.72 -121.84 13.99
N LYS ZA 205 68.44 -121.81 14.35
CA LYS ZA 205 67.99 -121.96 15.72
C LYS ZA 205 66.72 -122.79 15.71
N GLY ZA 206 66.00 -122.81 16.83
CA GLY ZA 206 64.67 -123.42 16.85
C GLY ZA 206 63.66 -122.55 16.13
N THR ZA 207 63.94 -122.24 14.86
CA THR ZA 207 63.35 -121.09 14.18
C THR ZA 207 62.57 -121.45 12.92
N GLY ZA 208 62.38 -122.74 12.65
CA GLY ZA 208 61.61 -123.13 11.49
C GLY ZA 208 60.11 -123.12 11.76
N ALA ZA 209 59.35 -122.75 10.72
CA ALA ZA 209 57.89 -122.77 10.85
C ALA ZA 209 57.42 -124.16 11.24
N ALA ZA 210 57.71 -125.15 10.40
CA ALA ZA 210 57.40 -126.53 10.77
C ALA ZA 210 58.20 -126.97 11.99
N LEU ZA 211 59.42 -126.45 12.17
CA LEU ZA 211 60.14 -126.73 13.40
C LEU ZA 211 59.39 -126.19 14.60
N GLU ZA 212 58.78 -125.01 14.46
CA GLU ZA 212 57.89 -124.51 15.50
C GLU ZA 212 56.66 -125.38 15.65
N ARG ZA 213 56.31 -126.15 14.62
CA ARG ZA 213 55.13 -127.00 14.69
C ARG ZA 213 55.33 -128.11 15.73
N LYS ZA 214 56.32 -128.97 15.52
CA LYS ZA 214 56.42 -130.20 16.31
C LYS ZA 214 56.64 -129.90 17.79
N GLU ZA 215 57.51 -128.94 18.11
CA GLU ZA 215 57.88 -128.73 19.50
C GLU ZA 215 56.67 -128.36 20.36
N GLN ZA 216 55.50 -128.20 19.74
CA GLN ZA 216 54.26 -128.15 20.50
C GLN ZA 216 53.09 -128.88 19.85
N LYS ZA 217 53.24 -129.42 18.63
CA LYS ZA 217 52.07 -129.96 17.95
C LYS ZA 217 51.66 -131.32 18.49
N LEU ZA 218 52.57 -132.30 18.44
CA LEU ZA 218 52.24 -133.65 18.88
C LEU ZA 218 51.86 -133.66 20.35
N LEU ZA 219 51.01 -134.60 20.74
CA LEU ZA 219 50.64 -134.76 22.13
C LEU ZA 219 51.47 -135.82 22.83
N GLN ZA 220 52.27 -136.58 22.09
CA GLN ZA 220 53.18 -137.56 22.67
C GLN ZA 220 54.43 -136.91 23.25
N ARG ZA 221 54.41 -135.61 23.49
CA ARG ZA 221 55.53 -134.90 24.08
C ARG ZA 221 55.35 -134.74 25.58
N MET ZA 222 56.47 -134.69 26.28
CA MET ZA 222 56.51 -134.51 27.72
C MET ZA 222 57.62 -133.50 28.04
N ILE ZA 223 57.79 -133.18 29.33
CA ILE ZA 223 58.77 -132.17 29.71
C ILE ZA 223 60.17 -132.52 29.24
N PRO ZA 224 60.63 -133.79 29.28
CA PRO ZA 224 61.82 -134.17 28.52
C PRO ZA 224 61.81 -133.64 27.09
N ALA ZA 225 62.81 -132.82 26.76
CA ALA ZA 225 62.90 -132.17 25.47
C ALA ZA 225 63.35 -133.11 24.36
N ASP ZA 226 63.42 -134.41 24.63
CA ASP ZA 226 63.87 -135.33 23.59
C ASP ZA 226 62.75 -135.62 22.59
N TYR ZA 227 61.62 -136.14 23.07
CA TYR ZA 227 60.52 -136.48 22.18
C TYR ZA 227 60.07 -135.29 21.34
N ASN ZA 228 60.18 -134.07 21.88
CA ASN ZA 228 59.96 -132.88 21.08
C ASN ZA 228 61.00 -132.77 19.96
N LYS ZA 229 62.27 -132.74 20.34
CA LYS ZA 229 63.32 -132.38 19.40
C LYS ZA 229 63.51 -133.45 18.32
N VAL ZA 230 63.59 -134.71 18.73
CA VAL ZA 230 63.84 -135.78 17.76
C VAL ZA 230 62.81 -135.75 16.63
N GLY ZA 231 61.62 -135.22 16.91
CA GLY ZA 231 60.63 -135.08 15.87
C GLY ZA 231 60.52 -133.65 15.42
N ALA ZA 232 61.07 -132.72 16.23
CA ALA ZA 232 61.10 -131.33 15.80
C ALA ZA 232 61.89 -131.20 14.51
N VAL ZA 233 63.05 -131.83 14.45
CA VAL ZA 233 63.82 -131.83 13.22
C VAL ZA 233 63.14 -132.69 12.16
N GLU ZA 234 62.29 -133.63 12.57
CA GLU ZA 234 61.53 -134.40 11.59
C GLU ZA 234 60.59 -133.49 10.83
N LYS ZA 235 60.07 -132.45 11.48
CA LYS ZA 235 59.32 -131.42 10.78
C LYS ZA 235 60.24 -130.41 10.12
N LEU ZA 236 61.44 -130.22 10.64
CA LEU ZA 236 62.39 -129.31 10.02
C LEU ZA 236 62.69 -129.72 8.59
N ARG ZA 237 62.94 -131.01 8.36
CA ARG ZA 237 63.48 -131.45 7.07
C ARG ZA 237 62.55 -131.16 5.90
N PRO ZA 238 61.28 -131.59 5.89
CA PRO ZA 238 60.51 -131.53 4.63
C PRO ZA 238 60.40 -130.12 4.08
N VAL ZA 239 60.14 -129.13 4.93
CA VAL ZA 239 59.88 -127.78 4.46
C VAL ZA 239 61.12 -127.10 3.93
N ASP ZA 240 62.30 -127.63 4.21
CA ASP ZA 240 63.49 -127.15 3.52
C ASP ZA 240 63.86 -128.04 2.35
N VAL ZA 241 63.37 -129.28 2.34
CA VAL ZA 241 63.71 -130.22 1.28
C VAL ZA 241 63.24 -129.64 -0.04
N THR ZA 242 64.17 -129.53 -1.00
CA THR ZA 242 63.84 -128.97 -2.30
C THR ZA 242 62.68 -129.70 -2.95
N ALA ZA 243 62.67 -131.02 -2.87
CA ALA ZA 243 61.71 -131.80 -3.63
C ALA ZA 243 60.27 -131.59 -3.18
N LEU ZA 244 60.06 -131.06 -1.98
CA LEU ZA 244 58.73 -130.77 -1.47
C LEU ZA 244 58.43 -129.28 -1.46
N TYR ZA 245 59.39 -128.48 -1.00
CA TYR ZA 245 59.22 -127.03 -0.92
C TYR ZA 245 58.81 -126.44 -2.27
N ARG ZA 246 59.25 -127.04 -3.37
CA ARG ZA 246 58.72 -126.67 -4.67
C ARG ZA 246 57.42 -127.39 -4.98
N PHE ZA 247 57.26 -128.62 -4.51
CA PHE ZA 247 56.01 -129.34 -4.71
C PHE ZA 247 54.87 -128.70 -3.93
N THR ZA 248 55.19 -127.85 -2.96
CA THR ZA 248 54.19 -127.29 -2.06
C THR ZA 248 54.00 -125.78 -2.23
N GLY ZA 249 54.88 -125.12 -2.95
CA GLY ZA 249 54.81 -123.67 -3.06
C GLY ZA 249 54.00 -123.17 -4.24
N GLU ZA 250 52.83 -122.61 -3.96
CA GLU ZA 250 51.99 -122.02 -4.98
C GLU ZA 250 52.03 -120.50 -4.87
N ARG ZA 251 51.54 -119.85 -5.93
CA ARG ZA 251 51.69 -118.41 -6.08
C ARG ZA 251 50.96 -117.65 -4.99
N VAL ZA 252 51.33 -116.37 -4.84
CA VAL ZA 252 50.59 -115.46 -3.97
C VAL ZA 252 49.10 -115.50 -4.31
N CYS ZA 253 48.78 -115.66 -5.58
CA CYS ZA 253 47.39 -115.57 -6.01
C CYS ZA 253 46.68 -116.91 -5.98
N GLY ZA 254 47.43 -118.02 -6.02
CA GLY ZA 254 46.81 -119.31 -5.88
C GLY ZA 254 46.11 -119.51 -4.55
N ARG ZA 255 46.59 -118.84 -3.50
CA ARG ZA 255 45.96 -118.99 -2.20
C ARG ZA 255 44.54 -118.43 -2.19
N PRO ZA 256 44.30 -117.17 -2.54
CA PRO ZA 256 42.92 -116.64 -2.54
C PRO ZA 256 42.22 -116.68 -3.89
N ALA ZA 257 42.86 -117.22 -4.94
CA ALA ZA 257 42.31 -117.27 -6.29
C ALA ZA 257 42.00 -115.85 -6.79
N ASP ZA 258 43.07 -115.08 -6.92
CA ASP ZA 258 42.96 -113.71 -7.42
C ASP ZA 258 43.25 -113.58 -8.90
N LYS ZA 259 44.09 -114.45 -9.46
CA LYS ZA 259 44.34 -114.46 -10.90
C LYS ZA 259 43.94 -115.81 -11.46
N PRO ZA 260 43.06 -115.86 -12.46
CA PRO ZA 260 42.77 -117.15 -13.12
C PRO ZA 260 43.94 -117.70 -13.90
N PHE ZA 261 45.10 -117.08 -13.84
CA PHE ZA 261 46.27 -117.51 -14.58
C PHE ZA 261 47.53 -117.23 -13.78
N ALA ZA 262 48.57 -118.02 -14.03
CA ALA ZA 262 49.87 -117.78 -13.43
C ALA ZA 262 50.93 -118.40 -14.33
N ARG ZA 263 52.09 -117.74 -14.42
CA ARG ZA 263 53.17 -118.27 -15.23
C ARG ZA 263 53.51 -119.70 -14.82
N ALA ZA 264 53.58 -119.95 -13.51
CA ALA ZA 264 53.56 -121.30 -12.97
C ALA ZA 264 53.17 -121.17 -11.50
N LEU ZA 265 51.94 -121.57 -11.17
CA LEU ZA 265 51.53 -121.54 -9.77
C LEU ZA 265 52.49 -122.34 -8.90
N TRP ZA 266 52.84 -123.54 -9.34
CA TRP ZA 266 53.77 -124.39 -8.62
C TRP ZA 266 55.15 -123.75 -8.53
N GLY ZA 267 55.83 -123.98 -7.41
CA GLY ZA 267 57.14 -123.38 -7.19
C GLY ZA 267 58.20 -124.03 -8.06
N HIS ZA 268 58.95 -123.21 -8.79
CA HIS ZA 268 59.87 -123.69 -9.83
C HIS ZA 268 60.95 -124.58 -9.24
N VAL ZA 269 61.70 -125.22 -10.14
CA VAL ZA 269 62.74 -126.18 -9.78
C VAL ZA 269 64.07 -125.49 -9.56
N PHE ZA 270 64.50 -124.66 -10.51
CA PHE ZA 270 65.86 -124.13 -10.50
C PHE ZA 270 66.07 -123.07 -9.45
N ARG ZA 271 65.10 -122.82 -8.58
CA ARG ZA 271 65.25 -121.83 -7.53
C ARG ZA 271 65.22 -122.43 -6.13
N LYS ZA 272 64.36 -123.42 -5.88
CA LYS ZA 272 64.43 -124.12 -4.60
C LYS ZA 272 65.75 -124.85 -4.42
N VAL ZA 273 66.57 -124.92 -5.47
CA VAL ZA 273 67.93 -125.41 -5.37
C VAL ZA 273 68.81 -124.49 -4.55
N GLY ZA 274 68.27 -123.38 -4.06
CA GLY ZA 274 69.05 -122.49 -3.23
C GLY ZA 274 68.74 -122.64 -1.75
N SER ZA 275 67.46 -122.83 -1.43
CA SER ZA 275 67.05 -122.90 -0.03
C SER ZA 275 67.74 -124.06 0.69
N HIS ZA 276 67.87 -125.21 0.04
CA HIS ZA 276 68.56 -126.33 0.67
C HIS ZA 276 70.04 -126.05 0.88
N PRO ZA 277 70.80 -125.51 -0.08
CA PRO ZA 277 72.15 -125.02 0.26
C PRO ZA 277 72.11 -123.93 1.31
N LEU ZA 278 71.10 -123.05 1.25
CA LEU ZA 278 70.91 -122.10 2.34
C LEU ZA 278 70.67 -122.82 3.66
N TYR ZA 279 70.07 -124.01 3.60
CA TYR ZA 279 69.84 -124.79 4.81
C TYR ZA 279 71.08 -125.57 5.23
N LEU ZA 280 71.87 -126.06 4.27
CA LEU ZA 280 72.97 -126.96 4.59
C LEU ZA 280 74.29 -126.24 4.86
N GLN ZA 281 74.42 -124.99 4.44
CA GLN ZA 281 75.67 -124.28 4.67
C GLN ZA 281 75.88 -124.01 6.15
N ARG ZA 282 77.15 -123.90 6.53
CA ARG ZA 282 77.56 -123.61 7.91
C ARG ZA 282 76.99 -124.64 8.88
N ALA ZA 283 76.76 -125.87 8.39
CA ALA ZA 283 76.19 -126.91 9.24
C ALA ZA 283 77.03 -127.11 10.49
N SER ZA 284 78.35 -127.23 10.33
CA SER ZA 284 79.22 -127.34 11.49
C SER ZA 284 79.23 -126.05 12.29
N LEU ZA 285 79.22 -124.90 11.61
CA LEU ZA 285 79.21 -123.62 12.31
C LEU ZA 285 77.94 -123.48 13.15
N TYR ZA 286 76.82 -123.96 12.61
CA TYR ZA 286 75.58 -123.97 13.38
C TYR ZA 286 75.79 -124.64 14.73
N TRP ZA 287 76.41 -125.81 14.74
CA TRP ZA 287 76.68 -126.52 15.98
C TRP ZA 287 77.50 -125.67 16.94
N ALA ZA 288 78.65 -125.19 16.48
CA ALA ZA 288 79.51 -124.39 17.34
C ALA ZA 288 78.79 -123.17 17.89
N ARG ZA 289 77.96 -122.52 17.07
CA ARG ZA 289 77.24 -121.34 17.55
C ARG ZA 289 76.25 -121.68 18.65
N HIS ZA 290 75.79 -122.92 18.72
CA HIS ZA 290 74.98 -123.37 19.83
C HIS ZA 290 75.85 -123.95 20.94
N SER ZA 291 76.73 -124.89 20.58
CA SER ZA 291 77.62 -125.49 21.57
C SER ZA 291 78.46 -124.46 22.30
N GLY ZA 292 78.82 -123.37 21.63
CA GLY ZA 292 79.59 -122.33 22.28
C GLY ZA 292 78.93 -121.78 23.52
N LEU ZA 293 77.60 -121.66 23.50
CA LEU ZA 293 76.84 -121.19 24.65
C LEU ZA 293 75.73 -122.15 25.01
N ASP ZA 294 75.96 -123.45 24.82
CA ASP ZA 294 74.98 -124.44 25.24
C ASP ZA 294 75.08 -124.68 26.75
N PRO ZA 295 76.26 -124.91 27.31
CA PRO ZA 295 76.36 -125.05 28.78
C PRO ZA 295 76.25 -123.69 29.44
N GLN ZA 296 75.28 -123.56 30.34
CA GLN ZA 296 75.09 -122.29 31.04
C GLN ZA 296 76.30 -121.93 31.90
N SER ZA 297 76.96 -122.94 32.47
CA SER ZA 297 78.16 -122.67 33.26
C SER ZA 297 79.23 -121.98 32.42
N ALA ZA 298 79.55 -122.56 31.25
CA ALA ZA 298 80.51 -121.92 30.37
C ALA ZA 298 79.96 -120.62 29.83
N THR ZA 299 78.65 -120.56 29.58
CA THR ZA 299 78.02 -119.36 29.05
C THR ZA 299 78.32 -118.13 29.91
N SER ZA 300 78.55 -118.34 31.21
CA SER ZA 300 78.79 -117.20 32.10
C SER ZA 300 80.04 -116.43 31.71
N ALA ZA 301 81.07 -117.12 31.21
CA ALA ZA 301 82.31 -116.44 30.88
C ALA ZA 301 83.01 -116.93 29.61
N MET ZA 302 82.41 -117.84 28.85
CA MET ZA 302 83.01 -118.28 27.60
C MET ZA 302 82.81 -117.33 26.41
N PRO ZA 303 81.60 -116.80 26.17
CA PRO ZA 303 81.32 -116.22 24.84
C PRO ZA 303 82.25 -115.09 24.45
N ALA ZA 304 82.31 -114.02 25.24
CA ALA ZA 304 83.13 -112.85 24.87
C ALA ZA 304 84.58 -113.22 24.61
N ASP ZA 305 85.00 -114.43 25.00
CA ASP ZA 305 86.34 -114.92 24.75
C ASP ZA 305 86.41 -115.91 23.60
N LEU ZA 306 85.28 -116.45 23.16
CA LEU ZA 306 85.25 -117.50 22.14
C LEU ZA 306 84.49 -117.02 20.91
N ALA ZA 307 84.91 -117.48 19.74
CA ALA ZA 307 84.29 -117.11 18.46
C ALA ZA 307 82.98 -117.87 18.30
N THR ZA 308 81.88 -117.26 18.73
CA THR ZA 308 80.56 -117.87 18.65
C THR ZA 308 79.51 -116.77 18.59
N ALA ZA 309 78.28 -117.15 18.24
CA ALA ZA 309 77.17 -116.23 18.13
C ALA ZA 309 76.29 -116.27 19.37
N VAL ZA 310 75.52 -115.19 19.56
CA VAL ZA 310 74.66 -115.00 20.72
C VAL ZA 310 73.31 -114.50 20.24
N CYS ZA 311 72.25 -114.90 20.92
CA CYS ZA 311 70.91 -114.41 20.66
C CYS ZA 311 70.20 -114.22 22.00
N VAL ZA 312 68.88 -114.04 21.95
CA VAL ZA 312 68.08 -113.83 23.14
C VAL ZA 312 67.35 -115.11 23.55
N GLN ZA 313 66.88 -115.89 22.59
CA GLN ZA 313 66.16 -117.12 22.93
C GLN ZA 313 67.07 -118.16 23.58
N GLN ZA 314 68.38 -117.92 23.63
CA GLN ZA 314 69.26 -118.76 24.45
C GLN ZA 314 68.75 -118.83 25.89
N ALA ZA 315 68.35 -117.68 26.44
CA ALA ZA 315 67.94 -117.59 27.84
C ALA ZA 315 66.64 -118.33 28.13
N LEU ZA 316 65.84 -118.65 27.10
CA LEU ZA 316 64.59 -119.38 27.33
C LEU ZA 316 64.84 -120.66 28.09
N PHE ZA 317 65.84 -121.44 27.66
CA PHE ZA 317 66.31 -122.60 28.41
C PHE ZA 317 67.80 -122.78 28.16
N PRO ZA 318 68.63 -122.64 29.19
CA PRO ZA 318 70.08 -122.60 28.97
C PRO ZA 318 70.66 -123.88 28.40
N ALA ZA 319 70.46 -125.00 29.10
CA ALA ZA 319 70.96 -126.29 28.63
C ALA ZA 319 69.99 -127.43 28.80
N LEU ZA 320 68.89 -127.26 29.53
CA LEU ZA 320 67.82 -128.26 29.49
C LEU ZA 320 67.38 -128.52 28.06
N LYS ZA 321 67.12 -127.44 27.33
CA LYS ZA 321 66.63 -127.50 25.97
C LYS ZA 321 67.73 -127.26 24.95
N TYR ZA 322 68.45 -126.15 25.08
CA TYR ZA 322 69.39 -125.80 24.03
C TYR ZA 322 70.66 -126.64 24.04
N ARG ZA 323 70.90 -127.40 25.12
CA ARG ZA 323 71.88 -128.47 25.03
C ARG ZA 323 71.25 -129.79 24.62
N CYS ZA 324 69.97 -130.00 24.93
CA CYS ZA 324 69.23 -131.05 24.26
C CYS ZA 324 69.12 -130.78 22.76
N GLN ZA 325 69.37 -129.55 22.34
CA GLN ZA 325 69.47 -129.25 20.91
C GLN ZA 325 70.63 -130.01 20.27
N TYR ZA 326 71.71 -130.23 21.02
CA TYR ZA 326 72.86 -130.99 20.56
C TYR ZA 326 72.43 -132.41 20.17
N LEU ZA 327 71.21 -132.78 20.53
CA LEU ZA 327 70.72 -134.14 20.34
C LEU ZA 327 69.97 -134.30 19.02
N TYR ZA 328 68.95 -133.47 18.77
CA TYR ZA 328 68.00 -133.77 17.71
C TYR ZA 328 68.68 -133.92 16.36
N THR ZA 329 69.74 -133.16 16.11
CA THR ZA 329 70.40 -133.25 14.82
C THR ZA 329 71.15 -134.57 14.65
N SER ZA 330 71.31 -135.35 15.72
CA SER ZA 330 71.98 -136.64 15.57
C SER ZA 330 71.06 -137.70 15.00
N PRO ZA 331 69.83 -137.90 15.50
CA PRO ZA 331 68.88 -138.71 14.73
C PRO ZA 331 68.42 -138.04 13.45
N ASP ZA 332 68.66 -136.74 13.30
CA ASP ZA 332 68.41 -136.08 12.02
C ASP ZA 332 69.23 -136.73 10.92
N ILE ZA 333 70.55 -136.63 11.01
CA ILE ZA 333 71.41 -137.20 9.98
C ILE ZA 333 71.21 -138.71 9.92
N ALA ZA 334 70.96 -139.33 11.07
CA ALA ZA 334 70.68 -140.76 11.13
C ALA ZA 334 69.40 -141.14 10.40
N ARG ZA 335 68.63 -140.16 9.91
CA ARG ZA 335 67.47 -140.45 9.07
C ARG ZA 335 67.79 -140.27 7.59
N GLN ZA 336 68.37 -139.13 7.24
CA GLN ZA 336 68.60 -138.81 5.84
C GLN ZA 336 69.65 -139.72 5.22
N GLN ZA 337 70.58 -140.23 6.02
CA GLN ZA 337 71.52 -141.21 5.52
C GLN ZA 337 71.04 -142.64 5.77
N TRP ZA 338 69.83 -142.81 6.31
CA TRP ZA 338 69.25 -144.13 6.50
C TRP ZA 338 67.90 -144.29 5.80
N ARG ZA 339 67.03 -143.28 5.88
CA ARG ZA 339 65.80 -143.26 5.09
C ARG ZA 339 65.96 -142.49 3.79
N THR ZA 340 67.19 -142.10 3.46
CA THR ZA 340 67.52 -141.38 2.22
C THR ZA 340 66.72 -140.09 2.09
N GLY ZA 341 66.93 -139.19 3.05
CA GLY ZA 341 66.16 -137.95 3.09
C GLY ZA 341 66.63 -136.88 2.13
N HIS ZA 342 67.92 -136.85 1.81
CA HIS ZA 342 68.45 -135.73 1.03
C HIS ZA 342 68.00 -135.78 -0.42
N VAL ZA 343 68.07 -136.96 -1.04
CA VAL ZA 343 67.94 -137.06 -2.49
C VAL ZA 343 66.57 -137.55 -2.93
N VAL ZA 344 65.65 -137.82 -2.00
CA VAL ZA 344 64.32 -138.25 -2.40
C VAL ZA 344 63.62 -137.13 -3.16
N PRO ZA 345 63.22 -137.37 -4.41
CA PRO ZA 345 62.36 -136.40 -5.10
C PRO ZA 345 60.91 -136.49 -4.68
N LEU ZA 346 60.51 -137.61 -4.08
CA LEU ZA 346 59.19 -137.74 -3.46
C LEU ZA 346 59.37 -138.30 -2.06
N LEU ZA 347 58.75 -137.63 -1.09
CA LEU ZA 347 58.82 -138.03 0.31
C LEU ZA 347 57.46 -137.89 0.98
N ARG ZA 348 56.39 -138.27 0.27
CA ARG ZA 348 55.03 -138.07 0.74
C ARG ZA 348 54.22 -139.35 0.88
N LEU ZA 349 54.68 -140.47 0.33
CA LEU ZA 349 53.94 -141.71 0.44
C LEU ZA 349 54.04 -142.27 1.84
N PHE ZA 350 52.99 -143.02 2.24
CA PHE ZA 350 52.84 -143.42 3.64
C PHE ZA 350 54.06 -144.16 4.20
N PRO ZA 351 54.58 -145.21 3.56
CA PRO ZA 351 55.79 -145.84 4.11
C PRO ZA 351 56.91 -144.85 4.40
N LEU ZA 352 57.18 -143.93 3.48
CA LEU ZA 352 58.15 -142.88 3.75
C LEU ZA 352 57.72 -142.04 4.95
N LEU ZA 353 56.41 -141.80 5.10
CA LEU ZA 353 55.94 -140.99 6.21
C LEU ZA 353 55.73 -141.81 7.47
N GLY ZA 354 55.53 -143.12 7.35
CA GLY ZA 354 55.42 -143.98 8.53
C GLY ZA 354 56.74 -144.35 9.15
N ALA ZA 355 57.83 -144.19 8.41
CA ALA ZA 355 59.15 -144.51 8.95
C ALA ZA 355 59.60 -143.58 10.06
N PRO ZA 356 59.52 -142.24 9.93
CA PRO ZA 356 60.13 -141.37 10.95
C PRO ZA 356 59.61 -141.58 12.35
N ALA ZA 357 58.39 -142.09 12.51
CA ALA ZA 357 57.91 -142.44 13.84
C ALA ZA 357 58.80 -143.50 14.47
N ALA ZA 358 59.17 -144.51 13.68
CA ALA ZA 358 60.07 -145.56 14.16
C ALA ZA 358 61.44 -144.98 14.50
N GLU ZA 359 61.97 -144.10 13.65
CA GLU ZA 359 63.27 -143.49 13.93
C GLU ZA 359 63.25 -142.78 15.28
N ASP ZA 360 62.09 -142.30 15.71
CA ASP ZA 360 61.93 -141.91 17.11
C ASP ZA 360 61.61 -143.13 17.97
N LEU ZA 361 60.62 -143.92 17.56
CA LEU ZA 361 60.16 -145.05 18.37
C LEU ZA 361 61.29 -145.99 18.73
N ALA ZA 362 62.22 -146.22 17.80
CA ALA ZA 362 63.40 -147.02 18.09
C ALA ZA 362 64.45 -146.24 18.86
N ALA ZA 363 64.25 -144.94 19.06
CA ALA ZA 363 65.20 -144.12 19.81
C ALA ZA 363 64.65 -143.65 21.15
N GLN ZA 364 63.34 -143.43 21.27
CA GLN ZA 364 62.81 -142.90 22.51
C GLN ZA 364 62.89 -143.91 23.65
N LEU ZA 365 62.52 -145.18 23.39
CA LEU ZA 365 62.65 -146.20 24.41
C LEU ZA 365 64.10 -146.35 24.84
N VAL ZA 366 65.04 -146.11 23.92
CA VAL ZA 366 66.45 -146.12 24.30
C VAL ZA 366 66.77 -144.89 25.13
N VAL ZA 367 66.32 -143.71 24.67
CA VAL ZA 367 66.62 -142.46 25.37
C VAL ZA 367 65.73 -142.33 26.60
N GLU ZA 368 64.87 -143.33 26.83
CA GLU ZA 368 64.01 -143.30 28.01
C GLU ZA 368 64.82 -143.46 29.28
N GLY ZA 369 65.48 -144.60 29.45
CA GLY ZA 369 66.30 -144.84 30.62
C GLY ZA 369 67.73 -145.23 30.28
N GLU ZA 370 67.90 -145.81 29.10
CA GLU ZA 370 69.21 -146.25 28.62
C GLU ZA 370 69.85 -145.17 27.76
N TRP ZA 371 70.06 -144.01 28.39
CA TRP ZA 371 70.60 -142.86 27.66
C TRP ZA 371 71.96 -143.18 27.07
N ALA ZA 372 72.81 -143.86 27.83
CA ALA ZA 372 74.14 -144.21 27.34
C ALA ZA 372 74.07 -145.04 26.06
N LYS ZA 373 73.04 -145.88 25.93
CA LYS ZA 373 72.93 -146.74 24.75
C LYS ZA 373 72.64 -145.93 23.48
N LEU ZA 374 71.81 -144.89 23.57
CA LEU ZA 374 71.48 -144.13 22.37
C LEU ZA 374 72.66 -143.27 21.90
N GLY ZA 375 73.65 -143.06 22.77
CA GLY ZA 375 74.73 -142.16 22.42
C GLY ZA 375 75.47 -142.54 21.15
N ILE ZA 376 75.81 -143.83 21.01
CA ILE ZA 376 76.73 -144.22 19.95
C ILE ZA 376 76.15 -143.88 18.58
N GLU ZA 377 74.93 -144.34 18.29
CA GLU ZA 377 74.29 -143.97 17.02
C GLU ZA 377 74.18 -142.46 16.89
N ALA ZA 378 73.88 -141.78 18.00
CA ALA ZA 378 73.83 -140.33 17.99
C ALA ZA 378 75.20 -139.70 17.86
N ASP ZA 379 76.27 -140.48 18.02
CA ASP ZA 379 77.62 -139.95 17.90
C ASP ZA 379 78.12 -140.04 16.46
N THR ZA 380 77.84 -141.16 15.80
CA THR ZA 380 78.40 -141.38 14.47
C THR ZA 380 77.87 -140.37 13.45
N ASN ZA 381 76.62 -139.92 13.63
CA ASN ZA 381 75.98 -139.08 12.63
C ASN ZA 381 76.68 -137.75 12.42
N LEU ZA 382 77.71 -137.44 13.19
CA LEU ZA 382 78.38 -136.14 13.08
C LEU ZA 382 79.66 -136.19 12.28
N LEU ZA 383 80.33 -137.35 12.24
CA LEU ZA 383 81.39 -137.54 11.26
C LEU ZA 383 80.83 -137.66 9.86
N HIS ZA 384 79.55 -138.02 9.74
CA HIS ZA 384 78.90 -138.33 8.48
C HIS ZA 384 78.39 -137.08 7.77
N ASP ZA 385 77.61 -136.26 8.47
CA ASP ZA 385 76.98 -135.11 7.82
C ASP ZA 385 78.01 -134.16 7.21
N THR ZA 386 79.23 -134.15 7.73
CA THR ZA 386 80.27 -133.24 7.27
C THR ZA 386 81.53 -134.02 6.96
N VAL ZA 387 82.08 -133.81 5.76
CA VAL ZA 387 83.36 -134.37 5.35
C VAL ZA 387 84.42 -133.28 5.49
N LEU ZA 388 85.66 -133.68 5.74
CA LEU ZA 388 86.72 -132.72 6.02
C LEU ZA 388 86.91 -131.74 4.87
N ARG ZA 389 86.90 -132.24 3.64
CA ARG ZA 389 86.93 -131.37 2.46
C ARG ZA 389 85.79 -131.72 1.52
N GLU AB 21 48.74 -28.21 -25.72
CA GLU AB 21 47.50 -28.82 -25.26
C GLU AB 21 47.76 -30.14 -24.57
N THR AB 22 47.76 -30.10 -23.23
CA THR AB 22 47.92 -31.33 -22.46
C THR AB 22 46.83 -32.33 -22.81
N THR AB 23 45.59 -31.97 -22.54
CA THR AB 23 44.41 -32.67 -23.02
C THR AB 23 43.68 -31.76 -23.99
N PRO AB 24 43.13 -32.30 -25.07
CA PRO AB 24 42.45 -31.45 -26.04
C PRO AB 24 41.36 -30.62 -25.40
N VAL AB 25 40.35 -31.28 -24.85
CA VAL AB 25 39.29 -30.61 -24.11
C VAL AB 25 38.85 -31.57 -23.00
N LYS AB 26 39.11 -31.20 -21.76
CA LYS AB 26 38.56 -31.94 -20.64
C LYS AB 26 37.29 -31.24 -20.16
N TYR AB 27 36.38 -32.01 -19.58
CA TYR AB 27 35.10 -31.50 -19.13
C TYR AB 27 34.32 -30.86 -20.28
N VAL AB 28 33.95 -31.70 -21.24
CA VAL AB 28 33.15 -31.25 -22.38
C VAL AB 28 31.77 -30.83 -21.90
N PRO AB 29 31.21 -29.72 -22.39
CA PRO AB 29 29.90 -29.26 -21.92
C PRO AB 29 28.74 -30.16 -22.26
N GLU AB 30 28.95 -31.32 -22.88
CA GLU AB 30 27.87 -32.26 -23.10
C GLU AB 30 27.61 -33.15 -21.90
N MET AB 31 28.56 -33.23 -20.98
CA MET AB 31 28.43 -34.14 -19.85
C MET AB 31 27.29 -33.76 -18.91
N LEU AB 32 26.66 -32.61 -19.13
CA LEU AB 32 25.59 -32.14 -18.26
C LEU AB 32 24.20 -32.49 -18.78
N ASN AB 33 24.11 -33.26 -19.86
CA ASN AB 33 22.85 -33.50 -20.57
C ASN AB 33 22.19 -32.18 -20.94
N ILE AB 34 22.92 -31.40 -21.74
CA ILE AB 34 22.38 -30.15 -22.26
C ILE AB 34 21.36 -30.48 -23.33
N GLN AB 35 20.11 -30.12 -23.08
CA GLN AB 35 19.02 -30.51 -23.97
C GLN AB 35 19.09 -29.72 -25.27
N ASN AB 36 19.87 -30.20 -26.23
CA ASN AB 36 20.01 -29.56 -27.52
C ASN AB 36 19.20 -30.30 -28.58
N ALA AB 37 17.88 -30.27 -28.41
CA ALA AB 37 16.99 -30.92 -29.36
C ALA AB 37 16.58 -29.95 -30.46
N LYS AB 38 16.43 -30.46 -31.68
CA LYS AB 38 16.21 -29.59 -32.82
C LYS AB 38 14.85 -28.92 -32.79
N TRP AB 39 13.91 -29.47 -32.05
CA TRP AB 39 12.59 -28.89 -31.92
C TRP AB 39 12.44 -28.03 -30.69
N TRP AB 40 13.47 -27.92 -29.86
CA TRP AB 40 13.37 -27.30 -28.55
C TRP AB 40 14.15 -25.99 -28.48
N ASN AB 41 15.44 -26.02 -28.76
CA ASN AB 41 16.25 -24.81 -28.76
C ASN AB 41 16.83 -24.51 -30.14
N GLY AB 42 16.47 -25.29 -31.14
CA GLY AB 42 16.90 -24.98 -32.50
C GLY AB 42 18.20 -25.59 -32.95
N ARG AB 43 19.07 -25.96 -32.01
CA ARG AB 43 20.29 -26.66 -32.35
C ARG AB 43 19.99 -28.14 -32.59
N GLY AB 44 20.60 -28.71 -33.62
CA GLY AB 44 20.38 -30.11 -33.91
C GLY AB 44 21.16 -31.02 -32.99
N LYS AB 45 21.65 -32.12 -33.52
CA LYS AB 45 22.43 -33.00 -32.69
C LYS AB 45 23.82 -32.41 -32.48
N PRO AB 46 24.44 -32.66 -31.33
CA PRO AB 46 25.86 -32.36 -31.20
C PRO AB 46 26.63 -33.18 -32.21
N VAL AB 47 27.80 -32.68 -32.58
CA VAL AB 47 28.51 -33.29 -33.69
C VAL AB 47 29.02 -34.68 -33.30
N TYR AB 48 29.19 -34.93 -32.00
CA TYR AB 48 29.70 -36.21 -31.54
C TYR AB 48 28.69 -37.33 -31.77
N ARG AB 49 27.42 -37.05 -31.56
CA ARG AB 49 26.39 -38.00 -31.94
C ARG AB 49 26.35 -38.14 -33.46
N SER AB 50 26.07 -39.34 -33.94
CA SER AB 50 25.97 -39.56 -35.38
C SER AB 50 24.68 -38.95 -35.92
N THR AB 51 24.77 -38.41 -37.14
CA THR AB 51 23.61 -37.74 -37.71
C THR AB 51 22.50 -38.70 -38.09
N TYR AB 52 22.79 -39.99 -38.25
CA TYR AB 52 21.76 -40.98 -38.57
C TYR AB 52 21.92 -42.16 -37.63
N ASN AB 53 21.29 -42.07 -36.47
CA ASN AB 53 21.17 -43.23 -35.59
C ASN AB 53 20.01 -44.05 -36.11
N GLU AB 54 20.32 -45.12 -36.85
CA GLU AB 54 19.32 -45.82 -37.65
C GLU AB 54 18.08 -46.17 -36.84
N LYS AB 55 18.27 -46.84 -35.71
CA LYS AB 55 17.16 -47.23 -34.85
C LYS AB 55 17.25 -46.48 -33.53
N SER AB 56 16.10 -46.01 -33.05
CA SER AB 56 16.07 -45.21 -31.85
C SER AB 56 16.47 -46.04 -30.63
N TRP AB 57 16.66 -45.36 -29.51
CA TRP AB 57 17.09 -46.06 -28.30
C TRP AB 57 16.02 -46.95 -27.73
N LEU AB 58 14.77 -46.79 -28.17
CA LEU AB 58 13.74 -47.69 -27.68
C LEU AB 58 13.86 -49.05 -28.33
N GLU AB 59 14.22 -49.09 -29.60
CA GLU AB 59 14.33 -50.36 -30.29
C GLU AB 59 15.50 -51.18 -29.79
N LYS AB 60 16.53 -50.53 -29.26
CA LYS AB 60 17.61 -51.26 -28.60
C LYS AB 60 17.32 -51.52 -27.13
N ALA AB 61 16.21 -51.03 -26.60
CA ALA AB 61 15.86 -51.29 -25.22
C ALA AB 61 14.95 -52.50 -25.10
N ARG AB 62 14.10 -52.75 -26.08
CA ARG AB 62 13.22 -53.91 -26.05
C ARG AB 62 13.94 -55.07 -26.71
N TRP AB 63 14.45 -55.99 -25.90
CA TRP AB 63 14.99 -57.24 -26.43
C TRP AB 63 13.90 -58.22 -26.81
N GLY AB 64 12.68 -58.05 -26.29
CA GLY AB 64 11.63 -59.00 -26.58
C GLY AB 64 11.34 -59.12 -28.05
N ALA AB 65 11.35 -58.00 -28.76
CA ALA AB 65 11.18 -58.01 -30.21
C ALA AB 65 12.49 -58.26 -30.93
N PHE AB 66 13.51 -58.69 -30.21
CA PHE AB 66 14.85 -58.86 -30.73
C PHE AB 66 15.46 -60.21 -30.42
N THR AB 67 15.13 -60.80 -29.28
CA THR AB 67 15.64 -62.10 -28.89
C THR AB 67 14.48 -63.08 -28.78
N LYS AB 68 14.67 -64.28 -29.31
CA LYS AB 68 13.58 -65.24 -29.29
C LYS AB 68 13.38 -65.75 -27.88
N GLY AB 69 12.39 -65.18 -27.19
CA GLY AB 69 11.87 -65.78 -25.98
C GLY AB 69 10.37 -65.92 -26.10
N SER AB 70 9.86 -67.14 -26.17
CA SER AB 70 8.45 -67.39 -26.41
C SER AB 70 7.95 -66.60 -27.61
N ARG AB 71 8.59 -66.83 -28.75
CA ARG AB 71 8.39 -66.01 -29.92
C ARG AB 71 8.57 -66.83 -31.18
N PRO AB 72 7.65 -66.71 -32.14
CA PRO AB 72 7.72 -67.55 -33.34
C PRO AB 72 8.67 -66.98 -34.38
N VAL AB 73 9.95 -67.34 -34.32
CA VAL AB 73 10.93 -66.77 -35.23
C VAL AB 73 10.62 -67.13 -36.68
N MET AB 74 10.36 -68.40 -36.98
CA MET AB 74 10.19 -68.84 -38.36
C MET AB 74 8.74 -68.64 -38.77
N ARG AB 75 8.52 -67.74 -39.73
CA ARG AB 75 7.18 -67.42 -40.20
C ARG AB 75 6.57 -68.55 -41.01
N GLN AB 76 7.35 -69.16 -41.91
CA GLN AB 76 6.78 -70.11 -42.85
C GLN AB 76 6.56 -71.47 -42.21
N ARG AB 77 5.48 -72.13 -42.60
CA ARG AB 77 5.13 -73.46 -42.11
C ARG AB 77 4.94 -74.38 -43.30
N TYR AB 78 5.77 -75.41 -43.40
CA TYR AB 78 5.82 -76.27 -44.58
C TYR AB 78 4.93 -77.47 -44.41
N SER AB 79 4.64 -78.12 -45.53
CA SER AB 79 3.74 -79.27 -45.55
C SER AB 79 4.44 -80.53 -45.08
N ALA AB 80 3.86 -81.69 -45.36
CA ALA AB 80 4.51 -82.94 -44.99
C ALA AB 80 5.61 -83.30 -45.98
N ALA AB 81 5.34 -83.17 -47.28
CA ALA AB 81 6.34 -83.48 -48.28
C ALA AB 81 7.33 -82.34 -48.47
N ALA AB 82 6.99 -81.15 -48.01
CA ALA AB 82 7.95 -80.06 -48.04
C ALA AB 82 9.05 -80.26 -47.01
N LEU AB 83 8.76 -81.01 -45.94
CA LEU AB 83 9.75 -81.33 -44.93
C LEU AB 83 10.44 -82.66 -45.18
N LYS AB 84 9.92 -83.50 -46.07
CA LYS AB 84 10.66 -84.63 -46.54
C LYS AB 84 11.56 -84.28 -47.72
N GLU AB 85 11.71 -82.99 -47.99
CA GLU AB 85 12.61 -82.52 -49.03
C GLU AB 85 13.48 -81.36 -48.62
N ALA AB 86 13.33 -80.84 -47.41
CA ALA AB 86 14.38 -80.00 -46.85
C ALA AB 86 15.41 -80.86 -46.13
N LEU AB 87 14.98 -82.00 -45.57
CA LEU AB 87 15.90 -82.95 -44.98
C LEU AB 87 16.83 -83.57 -46.00
N GLU AB 88 16.46 -83.55 -47.26
CA GLU AB 88 17.32 -84.05 -48.33
C GLU AB 88 18.48 -83.11 -48.62
N MET AB 89 18.55 -81.97 -47.92
CA MET AB 89 19.65 -81.05 -48.07
C MET AB 89 20.68 -81.16 -46.94
N VAL AB 90 20.30 -81.71 -45.79
CA VAL AB 90 21.27 -81.89 -44.71
C VAL AB 90 22.39 -82.80 -45.20
N PRO AB 91 23.65 -82.44 -44.97
CA PRO AB 91 24.75 -83.29 -45.44
C PRO AB 91 24.90 -84.51 -44.54
N GLU AB 92 25.59 -85.52 -45.09
CA GLU AB 92 25.75 -86.77 -44.37
C GLU AB 92 26.70 -86.58 -43.19
N GLY AB 93 26.29 -87.06 -42.03
CA GLY AB 93 27.09 -86.99 -40.83
C GLY AB 93 26.84 -85.81 -39.94
N PHE AB 94 25.99 -84.88 -40.37
CA PHE AB 94 25.72 -83.70 -39.57
C PHE AB 94 24.95 -84.06 -38.31
N GLU AB 95 25.42 -83.56 -37.17
CA GLU AB 95 24.75 -83.72 -35.90
C GLU AB 95 24.13 -82.39 -35.51
N THR AB 96 22.94 -82.43 -34.93
CA THR AB 96 22.31 -81.19 -34.49
C THR AB 96 22.86 -80.68 -33.18
N CYS AB 97 24.00 -81.20 -32.72
CA CYS AB 97 24.60 -80.68 -31.50
C CYS AB 97 25.69 -79.65 -31.81
N ASP AB 98 26.35 -79.77 -32.95
CA ASP AB 98 27.48 -78.91 -33.24
C ASP AB 98 27.05 -77.46 -33.45
N VAL AB 99 25.82 -77.24 -33.90
CA VAL AB 99 25.33 -75.89 -34.18
C VAL AB 99 24.86 -75.27 -32.87
N PRO AB 100 25.59 -74.32 -32.32
CA PRO AB 100 25.28 -73.80 -30.99
C PRO AB 100 24.33 -72.62 -31.06
N ARG AB 101 23.67 -72.37 -29.94
CA ARG AB 101 22.74 -71.26 -29.89
C ARG AB 101 23.48 -69.95 -30.04
N PRO AB 102 23.10 -69.09 -30.96
CA PRO AB 102 23.77 -67.80 -31.10
C PRO AB 102 23.71 -67.02 -29.81
N PRO AB 103 24.56 -66.03 -29.63
CA PRO AB 103 24.57 -65.29 -28.36
C PRO AB 103 23.34 -64.40 -28.21
N GLN AB 104 23.29 -63.64 -27.13
CA GLN AB 104 22.18 -62.73 -26.93
C GLN AB 104 22.12 -61.68 -28.03
N ARG AB 105 23.18 -60.89 -28.14
CA ARG AB 105 23.15 -59.67 -28.96
C ARG AB 105 22.83 -59.94 -30.41
N ILE AB 106 23.00 -61.18 -30.88
CA ILE AB 106 22.63 -61.50 -32.25
C ILE AB 106 21.13 -61.69 -32.30
N ARG AB 107 20.47 -60.88 -33.13
CA ARG AB 107 19.02 -60.97 -33.27
C ARG AB 107 18.61 -62.35 -33.75
N ALA AB 108 17.60 -62.93 -33.10
CA ALA AB 108 17.11 -64.25 -33.49
C ALA AB 108 16.42 -64.16 -34.84
N GLN AB 109 16.96 -64.86 -35.83
CA GLN AB 109 16.54 -64.73 -37.21
C GLN AB 109 16.20 -66.10 -37.77
N SER AB 110 15.43 -66.10 -38.86
CA SER AB 110 15.21 -67.29 -39.66
C SER AB 110 14.80 -66.85 -41.05
N GLU AB 111 15.66 -67.09 -42.03
CA GLU AB 111 15.40 -66.67 -43.40
C GLU AB 111 14.57 -67.67 -44.19
N GLY AB 112 14.04 -68.69 -43.53
CA GLY AB 112 13.38 -69.75 -44.25
C GLY AB 112 14.35 -70.86 -44.56
N VAL AB 113 13.96 -71.73 -45.48
CA VAL AB 113 14.81 -72.82 -45.92
C VAL AB 113 15.65 -72.31 -47.08
N VAL AB 114 16.96 -72.21 -46.87
CA VAL AB 114 17.90 -71.72 -47.84
C VAL AB 114 19.13 -72.61 -47.82
N GLY AB 115 20.14 -72.24 -48.62
CA GLY AB 115 21.39 -72.96 -48.62
C GLY AB 115 21.99 -73.09 -47.23
N ARG AB 116 22.17 -74.32 -46.77
CA ARG AB 116 22.70 -74.60 -45.44
C ARG AB 116 21.84 -73.95 -44.37
N TRP AB 117 20.53 -74.08 -44.51
CA TRP AB 117 19.60 -73.70 -43.46
C TRP AB 117 19.87 -74.44 -42.15
N TYR AB 118 20.50 -75.61 -42.21
CA TYR AB 118 20.71 -76.38 -41.00
C TYR AB 118 21.64 -75.67 -40.03
N THR AB 119 22.69 -75.01 -40.54
CA THR AB 119 23.63 -74.36 -39.65
C THR AB 119 23.02 -73.18 -38.91
N ASN AB 120 21.89 -72.65 -39.38
CA ASN AB 120 21.16 -71.61 -38.68
C ASN AB 120 20.38 -72.27 -37.54
N TYR AB 121 20.82 -72.03 -36.31
CA TYR AB 121 20.24 -72.71 -35.16
C TYR AB 121 18.73 -72.56 -35.12
N TRP AB 122 18.23 -71.33 -35.21
CA TRP AB 122 16.80 -71.10 -35.05
C TRP AB 122 16.00 -71.81 -36.12
N THR AB 123 16.46 -71.75 -37.37
CA THR AB 123 15.78 -72.50 -38.43
C THR AB 123 15.85 -73.99 -38.17
N LEU AB 124 16.99 -74.48 -37.72
CA LEU AB 124 17.14 -75.91 -37.48
C LEU AB 124 16.13 -76.40 -36.46
N HIS AB 125 16.17 -75.84 -35.26
CA HIS AB 125 15.28 -76.31 -34.20
C HIS AB 125 13.85 -75.79 -34.35
N SER AB 126 13.53 -75.14 -35.46
CA SER AB 126 12.14 -74.85 -35.79
C SER AB 126 11.63 -75.76 -36.89
N VAL AB 127 12.44 -75.99 -37.93
CA VAL AB 127 12.12 -77.03 -38.89
C VAL AB 127 12.03 -78.37 -38.19
N ARG AB 128 12.86 -78.57 -37.17
CA ARG AB 128 12.76 -79.79 -36.39
C ARG AB 128 11.41 -79.93 -35.73
N TYR AB 129 10.88 -78.83 -35.20
CA TYR AB 129 9.59 -78.86 -34.53
C TYR AB 129 8.46 -79.11 -35.50
N GLN AB 130 8.47 -78.43 -36.64
CA GLN AB 130 7.48 -78.71 -37.67
C GLN AB 130 7.52 -80.17 -38.10
N CYS AB 131 8.65 -80.85 -37.89
CA CYS AB 131 8.70 -82.27 -38.17
C CYS AB 131 8.09 -83.09 -37.04
N GLN AB 132 8.10 -82.54 -35.83
CA GLN AB 132 7.45 -83.25 -34.72
C GLN AB 132 5.95 -83.31 -34.91
N LEU AB 133 5.34 -82.23 -35.38
CA LEU AB 133 3.90 -82.22 -35.61
C LEU AB 133 3.54 -82.95 -36.89
N ALA AB 134 4.36 -82.83 -37.92
CA ALA AB 134 4.06 -83.43 -39.21
C ALA AB 134 4.45 -84.89 -39.28
N GLY AB 135 4.74 -85.52 -38.15
CA GLY AB 135 5.00 -86.95 -38.14
C GLY AB 135 6.35 -87.36 -38.68
N VAL AB 136 6.98 -86.51 -39.49
CA VAL AB 136 8.27 -86.83 -40.07
C VAL AB 136 9.26 -87.14 -38.94
N GLU AB 137 10.21 -88.02 -39.22
CA GLU AB 137 11.13 -88.50 -38.19
C GLU AB 137 12.43 -87.72 -38.23
N TRP AB 138 12.75 -87.05 -37.13
CA TRP AB 138 14.00 -86.30 -37.03
C TRP AB 138 15.16 -87.27 -36.87
N GLN AB 139 15.78 -87.62 -37.99
CA GLN AB 139 16.76 -88.71 -37.98
C GLN AB 139 18.00 -88.34 -37.19
N PHE AB 140 18.40 -87.08 -37.19
CA PHE AB 140 19.64 -86.68 -36.54
C PHE AB 140 19.46 -86.66 -35.02
N GLY AB 141 20.50 -86.23 -34.32
CA GLY AB 141 20.56 -86.41 -32.89
C GLY AB 141 19.62 -85.51 -32.13
N GLU AB 142 19.84 -85.48 -30.82
CA GLU AB 142 19.18 -84.56 -29.91
C GLU AB 142 20.12 -83.41 -29.60
N ARG AB 143 19.76 -82.63 -28.58
CA ARG AB 143 20.65 -81.59 -28.06
C ARG AB 143 21.43 -82.17 -26.89
N GLN AB 144 22.44 -82.99 -27.22
CA GLN AB 144 23.19 -83.75 -26.23
C GLN AB 144 23.81 -82.86 -25.17
N HIS BB 81 53.52 -29.98 -109.48
CA HIS BB 81 54.25 -30.82 -108.53
C HIS BB 81 55.01 -29.98 -107.53
N ALA BB 82 55.48 -30.61 -106.45
CA ALA BB 82 56.23 -29.92 -105.42
C ALA BB 82 57.31 -30.84 -104.89
N PHE BB 83 58.37 -30.23 -104.37
CA PHE BB 83 59.53 -30.97 -103.90
C PHE BB 83 59.99 -30.46 -102.54
N MET BB 84 60.70 -31.32 -101.81
CA MET BB 84 61.26 -31.00 -100.51
C MET BB 84 62.68 -31.51 -100.43
N ASP BB 85 63.45 -30.93 -99.50
CA ASP BB 85 64.79 -31.41 -99.16
C ASP BB 85 64.84 -31.59 -97.65
N ILE BB 86 64.41 -32.76 -97.20
CA ILE BB 86 64.23 -33.05 -95.79
C ILE BB 86 65.43 -33.84 -95.31
N ALA BB 87 66.33 -33.19 -94.57
CA ALA BB 87 67.50 -33.85 -94.04
C ALA BB 87 67.15 -34.60 -92.77
N ILE BB 88 67.64 -35.83 -92.67
CA ILE BB 88 67.42 -36.66 -91.47
C ILE BB 88 68.56 -36.34 -90.51
N GLY BB 89 68.39 -35.29 -89.73
CA GLY BB 89 69.45 -34.85 -88.85
C GLY BB 89 70.49 -34.05 -89.61
N SER BB 90 71.76 -34.35 -89.37
CA SER BB 90 72.87 -33.63 -89.98
C SER BB 90 73.32 -34.24 -91.31
N GLN BB 91 72.45 -34.98 -91.97
CA GLN BB 91 72.85 -35.68 -93.19
C GLN BB 91 72.47 -34.88 -94.42
N PRO BB 92 73.17 -35.10 -95.54
CA PRO BB 92 72.81 -34.43 -96.79
C PRO BB 92 71.37 -34.71 -97.17
N PRO BB 93 70.64 -33.70 -97.64
CA PRO BB 93 69.21 -33.86 -97.90
C PRO BB 93 68.93 -34.82 -99.04
N HIS BB 94 67.64 -35.13 -99.19
CA HIS BB 94 67.14 -35.98 -100.27
C HIS BB 94 65.85 -35.37 -100.79
N ARG BB 95 65.36 -35.92 -101.89
CA ARG BB 95 64.28 -35.31 -102.66
C ARG BB 95 63.00 -36.13 -102.54
N VAL BB 96 61.87 -35.43 -102.47
CA VAL BB 96 60.55 -36.05 -102.42
C VAL BB 96 59.62 -35.26 -103.35
N THR BB 97 58.98 -35.95 -104.27
CA THR BB 97 58.08 -35.32 -105.23
C THR BB 97 56.64 -35.64 -104.87
N PHE BB 98 55.74 -34.69 -105.20
CA PHE BB 98 54.33 -34.83 -104.90
C PHE BB 98 53.52 -34.57 -106.17
N GLU BB 99 52.60 -35.48 -106.50
CA GLU BB 99 51.64 -35.28 -107.58
C GLU BB 99 50.32 -34.82 -106.99
N LEU BB 100 49.97 -33.57 -107.25
CA LEU BB 100 48.90 -32.89 -106.54
C LEU BB 100 47.54 -33.20 -107.15
N PHE BB 101 46.55 -33.43 -106.28
CA PHE BB 101 45.20 -33.77 -106.73
C PHE BB 101 44.35 -32.51 -106.88
N THR BB 102 44.89 -31.57 -107.66
CA THR BB 102 44.21 -30.29 -107.86
C THR BB 102 42.86 -30.47 -108.53
N LYS BB 103 42.76 -31.45 -109.43
CA LYS BB 103 41.51 -31.66 -110.16
C LYS BB 103 40.38 -32.08 -109.21
N ARG BB 104 40.61 -33.11 -108.40
CA ARG BB 104 39.56 -33.59 -107.52
C ARG BB 104 39.34 -32.64 -106.35
N CYS BB 105 40.41 -32.31 -105.62
CA CYS BB 105 40.32 -31.52 -104.40
C CYS BB 105 40.89 -30.12 -104.66
N PRO BB 106 40.03 -29.11 -104.80
CA PRO BB 106 40.54 -27.77 -105.16
C PRO BB 106 41.26 -27.06 -104.03
N ILE BB 107 40.72 -27.10 -102.81
CA ILE BB 107 41.07 -26.09 -101.81
C ILE BB 107 42.45 -26.37 -101.21
N ALA BB 108 42.61 -27.50 -100.53
CA ALA BB 108 43.86 -27.75 -99.83
C ALA BB 108 45.00 -28.03 -100.80
N SER BB 109 44.68 -28.49 -102.01
CA SER BB 109 45.71 -28.67 -103.04
C SER BB 109 46.46 -27.37 -103.28
N GLU BB 110 45.74 -26.32 -103.64
CA GLU BB 110 46.35 -25.00 -103.80
C GLU BB 110 47.10 -24.59 -102.54
N ASN BB 111 46.53 -24.89 -101.38
CA ASN BB 111 47.20 -24.58 -100.11
C ASN BB 111 48.60 -25.18 -100.08
N PHE BB 112 48.70 -26.49 -100.34
CA PHE BB 112 50.00 -27.14 -100.34
C PHE BB 112 50.97 -26.46 -101.30
N LEU BB 113 50.47 -26.05 -102.46
CA LEU BB 113 51.32 -25.41 -103.46
C LEU BB 113 51.93 -24.12 -102.92
N LYS BB 114 51.09 -23.25 -102.35
CA LYS BB 114 51.59 -21.98 -101.84
C LYS BB 114 52.59 -22.20 -100.73
N LEU BB 115 52.34 -23.19 -99.86
CA LEU BB 115 53.22 -23.41 -98.72
C LEU BB 115 54.63 -23.75 -99.18
N CYS BB 116 54.79 -24.85 -99.93
CA CYS BB 116 56.12 -25.29 -100.33
C CYS BB 116 56.85 -24.22 -101.12
N THR BB 117 56.11 -23.39 -101.85
CA THR BB 117 56.75 -22.36 -102.67
C THR BB 117 57.13 -21.14 -101.86
N GLY BB 118 56.60 -20.99 -100.65
CA GLY BB 118 56.82 -19.78 -99.88
C GLY BB 118 56.16 -18.59 -100.54
N GLU BB 119 54.83 -18.67 -100.69
CA GLU BB 119 54.09 -17.64 -101.42
C GLU BB 119 54.35 -16.25 -100.86
N ASN BB 120 54.53 -16.15 -99.55
CA ASN BB 120 54.83 -14.88 -98.91
C ASN BB 120 55.97 -15.07 -97.93
N VAL BB 121 56.94 -14.17 -97.99
CA VAL BB 121 58.01 -14.07 -96.99
C VAL BB 121 58.07 -12.60 -96.61
N LEU BB 122 57.90 -12.30 -95.33
CA LEU BB 122 57.68 -10.93 -94.90
C LEU BB 122 58.85 -10.41 -94.07
N PRO BB 123 59.81 -9.73 -94.68
CA PRO BB 123 60.82 -8.99 -93.92
C PRO BB 123 60.43 -7.53 -93.76
N GLN BB 124 60.82 -6.95 -92.63
CA GLN BB 124 60.57 -5.53 -92.40
C GLN BB 124 61.62 -4.99 -91.44
N VAL BB 125 62.12 -3.80 -91.75
CA VAL BB 125 63.25 -3.20 -91.05
C VAL BB 125 62.75 -2.14 -90.09
N SER BB 126 63.20 -2.22 -88.83
CA SER BB 126 62.77 -1.27 -87.81
C SER BB 126 63.49 0.07 -87.93
N SER BB 127 64.69 0.08 -88.49
CA SER BB 127 65.48 1.32 -88.55
C SER BB 127 64.76 2.40 -89.33
N ILE BB 128 64.08 2.02 -90.41
CA ILE BB 128 63.36 2.96 -91.28
C ILE BB 128 61.99 3.20 -90.67
N ASP BB 129 61.82 2.76 -89.42
CA ASP BB 129 60.56 2.85 -88.68
C ASP BB 129 59.52 1.87 -89.22
N GLY BB 130 59.96 0.67 -89.61
CA GLY BB 130 59.01 -0.41 -89.79
C GLY BB 130 58.25 -0.68 -88.51
N ILE BB 131 58.87 -0.41 -87.37
CA ILE BB 131 58.21 -0.57 -86.09
C ILE BB 131 57.08 0.44 -85.93
N GLY BB 132 57.36 1.72 -86.18
CA GLY BB 132 56.34 2.74 -85.97
C GLY BB 132 55.17 2.64 -86.92
N GLU BB 133 55.35 1.97 -88.04
CA GLU BB 133 54.27 1.84 -89.00
C GLU BB 133 53.16 0.97 -88.41
N PRO BB 134 51.93 1.17 -88.85
CA PRO BB 134 50.83 0.31 -88.37
C PRO BB 134 50.93 -1.08 -88.98
N SER BB 135 50.16 -1.99 -88.38
CA SER BB 135 50.18 -3.41 -88.78
C SER BB 135 51.61 -3.92 -88.87
N PHE BB 136 52.42 -3.59 -87.87
CA PHE BB 136 53.74 -4.17 -87.71
C PHE BB 136 53.57 -5.57 -87.11
N ARG BB 137 54.65 -6.10 -86.54
CA ARG BB 137 54.65 -7.30 -85.69
C ARG BB 137 54.18 -8.55 -86.43
N ASP BB 138 53.70 -8.40 -87.66
CA ASP BB 138 53.34 -9.57 -88.44
C ASP BB 138 54.57 -10.24 -89.03
N GLN BB 139 55.72 -9.58 -89.01
CA GLN BB 139 56.96 -10.23 -89.40
C GLN BB 139 57.40 -11.21 -88.32
N PHE BB 140 57.33 -10.80 -87.06
CA PHE BB 140 57.63 -11.70 -85.94
C PHE BB 140 56.46 -12.65 -85.75
N LEU BB 141 56.33 -13.55 -86.71
CA LEU BB 141 55.19 -14.46 -86.80
C LEU BB 141 55.52 -15.48 -87.88
N PRO BB 142 54.87 -16.64 -87.89
CA PRO BB 142 55.14 -17.63 -88.94
C PRO BB 142 55.08 -17.02 -90.32
N GLN BB 143 55.97 -17.48 -91.21
CA GLN BB 143 56.06 -16.97 -92.56
C GLN BB 143 55.39 -17.89 -93.58
N LEU BB 144 54.54 -18.80 -93.12
CA LEU BB 144 53.64 -19.55 -94.00
C LEU BB 144 54.40 -20.37 -95.04
N THR BB 145 55.64 -20.72 -94.73
CA THR BB 145 56.49 -21.46 -95.66
C THR BB 145 56.96 -22.75 -95.01
N TYR BB 146 56.83 -23.86 -95.74
CA TYR BB 146 57.28 -25.14 -95.24
C TYR BB 146 58.78 -25.21 -95.05
N ARG BB 147 59.53 -24.23 -95.52
CA ARG BB 147 60.97 -24.25 -95.35
C ARG BB 147 61.34 -24.08 -93.89
N ASN BB 148 62.36 -24.81 -93.46
CA ASN BB 148 63.00 -24.67 -92.15
C ASN BB 148 62.12 -25.16 -91.01
N THR BB 149 61.08 -25.94 -91.30
CA THR BB 149 60.29 -26.58 -90.26
C THR BB 149 61.00 -27.83 -89.77
N THR BB 150 60.28 -28.74 -89.12
CA THR BB 150 60.83 -30.06 -88.80
C THR BB 150 59.83 -31.14 -89.21
N VAL BB 151 60.19 -32.38 -88.91
CA VAL BB 151 59.34 -33.53 -89.17
C VAL BB 151 59.25 -34.30 -87.85
N HIS BB 152 58.19 -34.06 -87.09
CA HIS BB 152 58.10 -34.48 -85.70
C HIS BB 152 57.41 -35.83 -85.52
N ARG BB 153 56.14 -35.92 -85.89
CA ARG BB 153 55.32 -37.07 -85.54
C ARG BB 153 55.56 -38.20 -86.52
N VAL BB 154 56.00 -39.34 -86.00
CA VAL BB 154 56.27 -40.53 -86.80
C VAL BB 154 55.84 -41.74 -85.98
N CYS BB 155 54.75 -42.38 -86.38
CA CYS BB 155 54.36 -43.68 -85.84
C CYS BB 155 54.82 -44.72 -86.85
N LYS BB 156 56.04 -45.21 -86.66
CA LYS BB 156 56.71 -46.03 -87.66
C LYS BB 156 55.80 -47.14 -88.16
N GLY BB 157 55.77 -47.33 -89.47
CA GLY BB 157 54.87 -48.27 -90.09
C GLY BB 157 53.49 -47.72 -90.37
N TYR BB 158 53.17 -46.55 -89.85
CA TYR BB 158 51.86 -45.94 -90.08
C TYR BB 158 51.96 -44.63 -90.85
N LEU BB 159 52.76 -43.68 -90.38
CA LEU BB 159 52.80 -42.38 -91.04
C LEU BB 159 54.05 -41.63 -90.64
N VAL BB 160 54.22 -40.48 -91.29
CA VAL BB 160 55.22 -39.49 -90.93
C VAL BB 160 54.58 -38.11 -91.11
N GLN BB 161 54.63 -37.30 -90.06
CA GLN BB 161 53.88 -36.04 -90.01
C GLN BB 161 54.82 -34.87 -89.79
N GLY BB 162 54.63 -33.81 -90.57
CA GLY BB 162 55.43 -32.62 -90.43
C GLY BB 162 54.64 -31.42 -90.92
N GLY BB 163 55.24 -30.23 -90.75
CA GLY BB 163 54.65 -29.02 -91.27
C GLY BB 163 53.88 -28.21 -90.24
N ASP BB 164 54.44 -28.10 -89.04
CA ASP BB 164 53.84 -27.30 -87.96
C ASP BB 164 54.52 -25.93 -87.89
N ILE BB 165 54.33 -25.15 -88.95
CA ILE BB 165 55.00 -23.85 -89.03
C ILE BB 165 54.75 -23.03 -87.79
N VAL BB 166 53.50 -23.02 -87.32
CA VAL BB 166 53.10 -22.09 -86.26
C VAL BB 166 53.84 -22.38 -84.95
N SER BB 167 54.04 -23.66 -84.61
CA SER BB 167 54.67 -23.99 -83.34
C SER BB 167 55.60 -25.17 -83.54
N GLY BB 168 56.76 -25.11 -82.87
CA GLY BB 168 57.80 -26.09 -83.08
C GLY BB 168 57.52 -27.46 -82.49
N GLN BB 169 56.63 -27.55 -81.51
CA GLN BB 169 56.36 -28.83 -80.86
C GLN BB 169 55.25 -29.62 -81.52
N GLY BB 170 54.60 -29.09 -82.55
CA GLY BB 170 53.62 -29.84 -83.29
C GLY BB 170 52.19 -29.49 -82.97
N THR BB 171 51.94 -28.75 -81.90
CA THR BB 171 50.57 -28.39 -81.54
C THR BB 171 50.14 -27.15 -82.30
N GLY BB 172 48.85 -27.10 -82.60
CA GLY BB 172 48.30 -25.95 -83.29
C GLY BB 172 48.63 -25.93 -84.76
N GLN BB 173 47.72 -25.39 -85.57
CA GLN BB 173 47.92 -25.25 -86.99
C GLN BB 173 47.70 -23.80 -87.39
N LEU BB 174 48.14 -23.47 -88.61
CA LEU BB 174 47.95 -22.12 -89.13
C LEU BB 174 47.99 -22.24 -90.65
N SER BB 175 46.83 -22.11 -91.29
CA SER BB 175 46.71 -22.36 -92.72
C SER BB 175 47.32 -21.21 -93.51
N ILE BB 176 47.16 -21.29 -94.83
CA ILE BB 176 47.51 -20.21 -95.73
C ILE BB 176 46.31 -19.29 -95.98
N TYR BB 177 45.12 -19.88 -96.10
CA TYR BB 177 43.91 -19.10 -96.31
C TYR BB 177 43.71 -18.10 -95.19
N GLY BB 178 43.49 -18.60 -93.98
CA GLY BB 178 43.48 -17.77 -92.79
C GLY BB 178 44.32 -18.45 -91.73
N GLU BB 179 43.76 -18.64 -90.54
CA GLU BB 179 44.38 -19.55 -89.58
C GLU BB 179 44.04 -20.99 -89.93
N SER BB 180 42.76 -21.28 -90.12
CA SER BB 180 42.29 -22.58 -90.58
C SER BB 180 41.25 -22.40 -91.67
N PHE BB 181 41.03 -23.46 -92.44
CA PHE BB 181 40.02 -23.47 -93.47
C PHE BB 181 39.36 -24.84 -93.47
N ASP BB 182 38.32 -24.99 -94.30
CA ASP BB 182 37.48 -26.17 -94.24
C ASP BB 182 36.60 -26.21 -95.48
N ALA BB 183 36.38 -27.42 -96.01
CA ALA BB 183 35.46 -27.61 -97.13
C ALA BB 183 34.94 -29.04 -97.06
N PRO BB 184 33.79 -29.24 -96.41
CA PRO BB 184 33.29 -30.60 -96.21
C PRO BB 184 33.16 -31.41 -97.49
N GLU BB 185 32.69 -30.79 -98.58
CA GLU BB 185 32.61 -31.48 -99.86
C GLU BB 185 33.97 -32.00 -100.32
N GLU BB 186 35.06 -31.40 -99.84
CA GLU BB 186 36.39 -31.94 -100.12
C GLU BB 186 36.69 -33.15 -99.25
N VAL BB 187 36.41 -33.05 -97.95
CA VAL BB 187 36.64 -34.16 -97.04
C VAL BB 187 35.51 -35.15 -97.06
N LYS BB 188 34.40 -34.83 -97.74
CA LYS BB 188 33.27 -35.75 -97.81
C LYS BB 188 33.68 -37.10 -98.36
N ALA BB 189 34.13 -37.12 -99.62
CA ALA BB 189 34.50 -38.36 -100.29
C ALA BB 189 36.01 -38.62 -100.22
N SER BB 190 36.66 -38.21 -99.14
CA SER BB 190 38.08 -38.54 -98.97
C SER BB 190 38.22 -40.04 -98.86
N LYS BB 191 39.27 -40.58 -99.46
CA LYS BB 191 39.51 -42.02 -99.46
C LYS BB 191 41.00 -42.27 -99.29
N PHE BB 192 41.36 -42.97 -98.22
CA PHE BB 192 42.74 -43.38 -98.01
C PHE BB 192 42.86 -44.85 -98.40
N ASP BB 193 42.98 -45.07 -99.71
CA ASP BB 193 43.00 -46.40 -100.29
C ASP BB 193 44.36 -46.82 -100.86
N ARG BB 194 45.14 -45.87 -101.37
CA ARG BB 194 46.43 -46.16 -101.97
C ARG BB 194 47.53 -45.69 -101.03
N MET BB 195 48.53 -46.55 -100.83
CA MET BB 195 49.67 -46.17 -100.01
C MET BB 195 50.36 -44.95 -100.62
N GLY BB 196 50.86 -44.08 -99.75
CA GLY BB 196 51.50 -42.86 -100.20
C GLY BB 196 50.60 -41.67 -100.34
N LEU BB 197 49.30 -41.82 -100.08
CA LEU BB 197 48.40 -40.68 -100.10
C LEU BB 197 48.80 -39.70 -99.01
N LEU BB 198 49.02 -38.45 -99.40
CA LEU BB 198 49.51 -37.41 -98.50
C LEU BB 198 48.41 -36.40 -98.25
N GLY BB 199 48.04 -36.23 -96.98
CA GLY BB 199 47.01 -35.26 -96.62
C GLY BB 199 47.39 -34.43 -95.42
N THR BB 200 46.44 -33.70 -94.87
CA THR BB 200 46.66 -32.92 -93.66
C THR BB 200 46.41 -33.77 -92.43
N ALA BB 201 47.07 -33.41 -91.34
CA ALA BB 201 46.90 -34.07 -90.04
C ALA BB 201 45.98 -33.19 -89.21
N VAL BB 202 44.69 -33.28 -89.49
CA VAL BB 202 43.72 -32.36 -88.92
C VAL BB 202 43.43 -32.75 -87.48
N SER BB 203 42.92 -31.80 -86.72
CA SER BB 203 42.39 -32.09 -85.39
C SER BB 203 40.90 -32.42 -85.47
N ALA BB 204 40.18 -31.71 -86.32
CA ALA BB 204 38.79 -31.96 -86.62
C ALA BB 204 38.54 -31.61 -88.06
N PRO BB 205 37.55 -32.23 -88.69
CA PRO BB 205 37.21 -31.86 -90.07
C PRO BB 205 36.92 -30.37 -90.26
N HIS BB 206 36.81 -29.63 -89.16
CA HIS BB 206 36.67 -28.19 -89.21
C HIS BB 206 38.01 -27.47 -89.12
N LEU BB 207 39.13 -28.19 -89.10
CA LEU BB 207 40.45 -27.59 -88.92
C LEU BB 207 41.44 -28.19 -89.91
N ASN BB 208 41.52 -27.60 -91.09
CA ASN BB 208 42.60 -27.89 -92.03
C ASN BB 208 43.67 -26.81 -91.91
N GLY BB 209 44.88 -27.16 -92.29
CA GLY BB 209 45.97 -26.21 -92.19
C GLY BB 209 47.32 -26.69 -92.67
N SER BB 210 48.37 -26.21 -92.01
CA SER BB 210 49.73 -26.43 -92.49
C SER BB 210 50.19 -27.85 -92.31
N GLN BB 211 49.87 -28.47 -91.17
CA GLN BB 211 50.39 -29.80 -90.87
C GLN BB 211 49.96 -30.79 -91.95
N PHE BB 212 50.81 -31.79 -92.18
CA PHE BB 212 50.50 -32.83 -93.15
C PHE BB 212 51.17 -34.13 -92.70
N PHE BB 213 50.74 -35.23 -93.31
CA PHE BB 213 51.23 -36.53 -92.92
C PHE BB 213 51.32 -37.44 -94.13
N ILE BB 214 52.48 -38.07 -94.31
CA ILE BB 214 52.71 -38.96 -95.43
C ILE BB 214 52.33 -40.37 -94.99
N LEU BB 215 51.19 -40.84 -95.46
CA LEU BB 215 50.78 -42.20 -95.13
C LEU BB 215 51.76 -43.20 -95.74
N THR BB 216 52.31 -44.07 -94.90
CA THR BB 216 53.31 -45.03 -95.33
C THR BB 216 52.81 -46.47 -95.32
N ALA BB 217 51.60 -46.71 -94.86
CA ALA BB 217 50.99 -48.03 -94.91
C ALA BB 217 49.78 -47.97 -95.81
N ASP BB 218 49.58 -49.03 -96.60
CA ASP BB 218 48.49 -49.02 -97.58
C ASP BB 218 47.14 -48.90 -96.89
N LYS BB 219 46.87 -49.78 -95.94
CA LYS BB 219 45.54 -49.87 -95.33
C LYS BB 219 45.38 -48.79 -94.26
N ALA BB 220 44.52 -47.82 -94.54
CA ALA BB 220 44.17 -46.80 -93.55
C ALA BB 220 42.74 -46.34 -93.77
N PRO BB 221 41.76 -47.24 -93.68
CA PRO BB 221 40.39 -46.86 -94.04
C PRO BB 221 39.65 -46.11 -92.96
N HIS BB 222 40.11 -46.17 -91.71
CA HIS BB 222 39.42 -45.49 -90.63
C HIS BB 222 39.39 -43.97 -90.83
N LEU BB 223 40.29 -43.44 -91.65
CA LEU BB 223 40.40 -42.01 -91.86
C LEU BB 223 39.55 -41.50 -93.02
N ASN BB 224 38.71 -42.35 -93.59
CA ASN BB 224 38.06 -42.00 -94.86
C ASN BB 224 37.08 -40.84 -94.68
N GLY BB 225 36.87 -40.38 -93.46
CA GLY BB 225 36.03 -39.23 -93.23
C GLY BB 225 36.71 -38.05 -92.56
N THR BB 226 37.91 -38.23 -92.03
CA THR BB 226 38.53 -37.20 -91.20
C THR BB 226 39.49 -36.30 -91.98
N CYS BB 227 40.55 -36.88 -92.52
CA CYS BB 227 41.61 -36.09 -93.14
C CYS BB 227 41.36 -35.96 -94.64
N ILE BB 228 41.92 -34.90 -95.22
CA ILE BB 228 41.75 -34.60 -96.63
C ILE BB 228 43.09 -34.78 -97.33
N CYS BB 229 43.10 -35.59 -98.38
CA CYS BB 229 44.28 -35.81 -99.20
C CYS BB 229 44.29 -34.84 -100.36
N PHE BB 230 45.48 -34.36 -100.73
CA PHE BB 230 45.63 -33.50 -101.89
C PHE BB 230 46.77 -33.90 -102.81
N GLY BB 231 47.64 -34.82 -102.40
CA GLY BB 231 48.74 -35.24 -103.24
C GLY BB 231 49.27 -36.56 -102.74
N ARG BB 232 50.24 -37.09 -103.48
CA ARG BB 232 50.87 -38.35 -103.11
C ARG BB 232 52.35 -38.27 -103.45
N VAL BB 233 53.11 -39.16 -102.83
CA VAL BB 233 54.55 -39.24 -103.06
C VAL BB 233 54.80 -39.81 -104.45
N VAL BB 234 55.81 -39.27 -105.12
CA VAL BB 234 56.28 -39.79 -106.39
C VAL BB 234 57.63 -40.47 -106.25
N ASP BB 235 58.53 -39.88 -105.45
CA ASP BB 235 59.80 -40.50 -105.13
C ASP BB 235 60.09 -40.28 -103.65
N GLY BB 236 61.34 -40.50 -103.26
CA GLY BB 236 61.75 -40.27 -101.88
C GLY BB 236 61.14 -41.19 -100.87
N TRP BB 237 60.23 -42.07 -101.29
CA TRP BB 237 59.64 -43.05 -100.38
C TRP BB 237 60.70 -43.76 -99.56
N THR BB 238 61.85 -44.03 -100.18
CA THR BB 238 62.95 -44.68 -99.47
C THR BB 238 63.40 -43.85 -98.28
N VAL BB 239 63.82 -42.61 -98.52
CA VAL BB 239 64.39 -41.80 -97.45
C VAL BB 239 63.35 -41.48 -96.40
N VAL BB 240 62.07 -41.36 -96.79
CA VAL BB 240 61.04 -41.17 -95.78
C VAL BB 240 60.59 -42.49 -95.19
N LYS BB 241 60.99 -43.61 -95.78
CA LYS BB 241 60.98 -44.86 -95.04
C LYS BB 241 62.25 -45.05 -94.23
N ALA BB 242 63.26 -44.21 -94.47
CA ALA BB 242 64.41 -44.13 -93.59
C ALA BB 242 64.20 -43.12 -92.48
N ILE BB 243 63.35 -42.11 -92.72
CA ILE BB 243 62.81 -41.34 -91.60
C ILE BB 243 61.97 -42.25 -90.71
N GLU BB 244 60.99 -42.93 -91.31
CA GLU BB 244 60.19 -43.91 -90.60
C GLU BB 244 61.05 -45.01 -90.00
N ALA BB 245 62.27 -45.19 -90.49
CA ALA BB 245 63.17 -46.16 -89.88
C ALA BB 245 63.93 -45.60 -88.68
N ILE BB 246 63.97 -44.28 -88.51
CA ILE BB 246 64.78 -43.67 -87.46
C ILE BB 246 64.15 -43.98 -86.11
N PRO BB 247 64.94 -44.11 -85.05
CA PRO BB 247 64.38 -44.29 -83.72
C PRO BB 247 64.08 -42.96 -83.05
N LEU BB 248 63.28 -43.04 -82.00
CA LEU BB 248 62.81 -41.87 -81.27
C LEU BB 248 63.48 -41.79 -79.91
N THR BB 249 63.44 -40.60 -79.32
CA THR BB 249 63.93 -40.40 -77.96
C THR BB 249 62.75 -40.36 -77.00
N ALA BB 250 63.02 -40.04 -75.74
CA ALA BB 250 62.01 -40.16 -74.69
C ALA BB 250 60.73 -39.40 -75.02
N ALA BB 251 60.85 -38.26 -75.71
CA ALA BB 251 59.69 -37.40 -75.94
C ALA BB 251 58.87 -37.82 -77.14
N GLY BB 252 59.00 -39.05 -77.62
CA GLY BB 252 58.27 -39.49 -78.78
C GLY BB 252 58.87 -38.97 -80.07
N GLU BB 253 59.59 -37.86 -79.98
CA GLU BB 253 60.30 -37.31 -81.11
C GLU BB 253 61.61 -38.07 -81.33
N PRO BB 254 62.14 -38.04 -82.54
CA PRO BB 254 63.41 -38.72 -82.80
C PRO BB 254 64.61 -37.89 -82.34
N ALA BB 255 65.69 -38.61 -82.02
CA ALA BB 255 66.91 -37.95 -81.60
C ALA BB 255 67.50 -37.08 -82.72
N GLU BB 256 67.12 -37.35 -83.96
CA GLU BB 256 67.61 -36.60 -85.10
C GLU BB 256 66.52 -35.66 -85.59
N ARG BB 257 66.79 -34.36 -85.53
CA ARG BB 257 65.80 -33.36 -85.90
C ARG BB 257 65.62 -33.35 -87.41
N VAL BB 258 64.66 -34.13 -87.90
CA VAL BB 258 64.43 -34.23 -89.34
C VAL BB 258 63.84 -32.91 -89.82
N VAL BB 259 64.65 -32.10 -90.48
CA VAL BB 259 64.31 -30.72 -90.80
C VAL BB 259 64.02 -30.62 -92.29
N VAL BB 260 62.91 -29.98 -92.64
CA VAL BB 260 62.69 -29.55 -94.01
C VAL BB 260 63.64 -28.39 -94.25
N VAL BB 261 64.75 -28.65 -94.93
CA VAL BB 261 65.73 -27.60 -95.16
C VAL BB 261 65.39 -26.80 -96.42
N GLU BB 262 64.67 -27.40 -97.36
CA GLU BB 262 64.33 -26.71 -98.59
C GLU BB 262 63.07 -27.34 -99.18
N CYS BB 263 62.29 -26.51 -99.89
CA CYS BB 263 61.04 -26.98 -100.48
C CYS BB 263 60.57 -25.97 -101.52
N GLY BB 264 59.84 -26.48 -102.51
CA GLY BB 264 59.34 -25.66 -103.59
C GLY BB 264 58.43 -26.48 -104.48
N LYS BB 265 58.15 -25.94 -105.67
CA LYS BB 265 57.24 -26.62 -106.59
C LYS BB 265 57.97 -27.05 -107.87
N LEU BB 266 57.20 -27.65 -108.76
CA LEU BB 266 57.71 -28.15 -110.03
C LEU BB 266 56.67 -27.89 -111.13
N HIS CB 46 48.36 17.70 -0.63
CA HIS CB 46 47.17 16.97 -0.22
C HIS CB 46 47.03 15.65 -0.97
N GLY CB 47 46.93 14.56 -0.21
CA GLY CB 47 46.94 13.29 -0.87
C GLY CB 47 48.30 13.01 -1.47
N LYS CB 48 48.30 12.15 -2.50
CA LYS CB 48 49.53 11.93 -3.24
C LYS CB 48 49.91 13.15 -4.08
N PRO CB 49 48.99 13.80 -4.82
CA PRO CB 49 49.40 15.00 -5.57
C PRO CB 49 49.41 16.24 -4.70
N ALA CB 50 49.62 17.40 -5.33
CA ALA CB 50 49.43 18.68 -4.66
C ALA CB 50 48.42 19.58 -5.35
N SER CB 51 47.60 19.04 -6.26
CA SER CB 51 46.90 19.84 -7.25
C SER CB 51 45.39 19.59 -7.28
N GLY CB 52 44.66 20.65 -7.59
CA GLY CB 52 43.23 20.68 -7.77
C GLY CB 52 42.86 21.19 -9.14
N HIS CB 53 42.26 22.38 -9.23
CA HIS CB 53 42.01 23.07 -10.51
C HIS CB 53 42.10 24.61 -10.43
N LYS CB 54 43.17 25.17 -9.86
CA LYS CB 54 43.50 26.61 -10.01
C LYS CB 54 42.44 27.53 -9.38
N VAL CB 55 42.48 27.56 -8.04
CA VAL CB 55 41.45 28.22 -7.23
C VAL CB 55 41.26 29.68 -7.60
N ARG CB 56 42.25 30.53 -7.33
CA ARG CB 56 42.05 31.98 -7.32
C ARG CB 56 43.26 32.66 -7.95
N THR CB 57 43.00 33.78 -8.61
CA THR CB 57 44.03 34.39 -9.44
C THR CB 57 43.87 35.91 -9.44
N GLN CB 58 45.02 36.59 -9.42
CA GLN CB 58 45.16 38.00 -9.79
C GLN CB 58 44.28 38.91 -8.93
N HIS CB 59 44.59 38.91 -7.63
CA HIS CB 59 44.14 39.95 -6.73
C HIS CB 59 45.31 40.73 -6.14
N SER CB 60 46.53 40.22 -6.26
CA SER CB 60 47.74 40.79 -5.69
C SER CB 60 48.48 41.64 -6.71
N ARG CB 61 49.71 42.01 -6.37
CA ARG CB 61 50.55 42.90 -7.17
C ARG CB 61 51.77 42.19 -7.75
N ARG CB 62 51.56 41.01 -8.34
CA ARG CB 62 52.67 40.25 -8.91
C ARG CB 62 52.49 39.93 -10.39
N TRP CB 63 51.29 40.11 -10.95
CA TRP CB 63 51.00 39.63 -12.30
C TRP CB 63 50.65 40.75 -13.29
N TRP CB 64 50.55 42.00 -12.85
CA TRP CB 64 50.10 43.08 -13.73
C TRP CB 64 51.06 43.28 -14.91
N MET CB 65 52.35 43.46 -14.61
CA MET CB 65 53.35 43.59 -15.67
C MET CB 65 53.49 42.29 -16.45
N GLN CB 66 53.48 41.16 -15.76
CA GLN CB 66 53.55 39.84 -16.39
C GLN CB 66 52.30 39.52 -17.20
N SER CB 67 51.35 40.45 -17.33
CA SER CB 67 50.19 40.24 -18.17
C SER CB 67 50.30 41.01 -19.48
N LYS CB 68 50.44 42.33 -19.39
CA LYS CB 68 50.38 43.19 -20.56
C LYS CB 68 51.41 42.78 -21.61
N ALA CB 69 51.10 43.07 -22.87
CA ALA CB 69 52.02 42.77 -23.96
C ALA CB 69 53.17 43.75 -24.02
N HIS CB 70 53.13 44.84 -23.24
CA HIS CB 70 54.22 45.80 -23.14
C HIS CB 70 54.55 46.42 -24.50
N HIS CB 71 53.56 47.13 -25.04
CA HIS CB 71 53.64 47.67 -26.39
C HIS CB 71 54.58 48.88 -26.42
N LEU CB 72 54.52 49.64 -27.52
CA LEU CB 72 55.37 50.80 -27.71
C LEU CB 72 54.98 51.97 -26.81
N THR CB 73 53.92 51.86 -26.03
CA THR CB 73 53.44 52.97 -25.23
C THR CB 73 54.15 53.02 -23.89
N ALA CB 74 54.30 54.24 -23.39
CA ALA CB 74 54.64 54.47 -21.97
C ALA CB 74 53.38 54.93 -21.27
N VAL CB 75 52.35 54.07 -21.22
CA VAL CB 75 51.14 54.41 -20.42
C VAL CB 75 51.70 54.55 -19.02
N PRO CB 76 51.29 55.56 -18.23
CA PRO CB 76 51.93 55.77 -16.94
C PRO CB 76 51.77 54.46 -16.16
N HIS CB 77 52.88 53.90 -15.66
CA HIS CB 77 52.86 52.62 -14.89
C HIS CB 77 51.84 51.60 -15.40
N GLU CB 78 52.21 50.81 -16.42
CA GLU CB 78 51.47 49.58 -16.71
C GLU CB 78 49.97 49.73 -16.52
N GLU CB 79 49.42 50.81 -17.10
CA GLU CB 79 47.99 51.05 -17.11
C GLU CB 79 47.34 50.64 -18.43
N ALA CB 80 47.86 49.60 -19.06
CA ALA CB 80 47.36 49.15 -20.36
C ALA CB 80 46.08 48.35 -20.17
N ARG CB 81 45.66 47.64 -21.22
CA ARG CB 81 44.36 46.98 -21.22
C ARG CB 81 44.38 45.71 -20.37
N SER CB 82 43.26 45.47 -19.67
CA SER CB 82 43.24 44.42 -18.66
C SER CB 82 43.00 43.05 -19.28
N ARG CB 83 41.84 42.84 -19.90
CA ARG CB 83 41.46 41.47 -20.28
C ARG CB 83 42.19 40.97 -21.52
N PRO CB 84 42.29 41.72 -22.62
CA PRO CB 84 43.04 41.19 -23.77
C PRO CB 84 44.46 41.71 -23.84
N HIS CB 85 44.77 42.72 -23.03
CA HIS CB 85 45.99 43.52 -23.06
C HIS CB 85 46.10 44.36 -24.33
N PHE CB 86 45.00 44.51 -25.10
CA PHE CB 86 44.96 45.28 -26.32
C PHE CB 86 43.50 45.50 -26.70
N PRO CB 87 43.11 46.70 -27.16
CA PRO CB 87 41.76 46.90 -27.68
C PRO CB 87 41.71 46.81 -29.20
N ALA CB 88 40.51 46.72 -29.76
CA ALA CB 88 40.32 46.60 -31.20
C ALA CB 88 40.12 47.98 -31.82
N TYR CB 89 40.84 48.23 -32.90
CA TYR CB 89 40.72 49.46 -33.68
C TYR CB 89 40.86 50.70 -32.81
N THR CB 90 41.96 50.73 -32.04
CA THR CB 90 42.37 51.95 -31.37
C THR CB 90 42.64 53.02 -32.42
N GLU CB 91 42.30 54.26 -32.07
CA GLU CB 91 42.20 55.35 -33.03
C GLU CB 91 43.48 55.51 -33.84
N ASP CB 92 43.39 55.25 -35.15
CA ASP CB 92 44.54 55.21 -36.04
C ASP CB 92 44.77 56.51 -36.79
N VAL CB 93 44.12 57.60 -36.38
CA VAL CB 93 44.27 58.85 -37.12
C VAL CB 93 45.65 59.43 -36.94
N ASP CB 94 46.33 59.10 -35.84
CA ASP CB 94 47.66 59.61 -35.58
C ASP CB 94 48.62 59.27 -36.72
N GLN CB 95 48.62 58.01 -37.15
CA GLN CB 95 49.38 57.60 -38.33
C GLN CB 95 48.43 57.02 -39.36
N PRO CB 96 48.34 57.60 -40.56
CA PRO CB 96 47.27 57.20 -41.48
C PRO CB 96 47.33 55.76 -41.96
N MET CB 97 48.49 55.10 -41.87
CA MET CB 97 48.65 53.70 -42.28
C MET CB 97 48.17 53.49 -43.71
N VAL CB 98 48.72 54.28 -44.63
CA VAL CB 98 48.33 54.22 -46.04
C VAL CB 98 49.38 53.45 -46.81
N VAL CB 99 48.92 52.65 -47.77
CA VAL CB 99 49.79 51.90 -48.68
C VAL CB 99 50.66 52.89 -49.44
N PRO CB 100 51.86 52.48 -49.87
CA PRO CB 100 52.72 53.39 -50.62
C PRO CB 100 52.18 53.69 -52.00
N ASP CB 101 52.89 54.57 -52.70
CA ASP CB 101 52.67 54.78 -54.12
C ASP CB 101 53.67 53.99 -54.95
N GLY CB 102 54.94 54.02 -54.56
CA GLY CB 102 55.94 53.12 -55.11
C GLY CB 102 56.06 51.90 -54.20
N VAL CB 103 56.03 50.72 -54.81
CA VAL CB 103 55.93 49.49 -54.05
C VAL CB 103 56.61 48.37 -54.82
N CYS CB 104 56.81 47.22 -54.17
CA CYS CB 104 57.35 46.05 -54.83
C CYS CB 104 57.02 44.80 -54.02
N CYS CB 105 56.84 43.69 -54.71
CA CYS CB 105 56.75 42.40 -54.05
C CYS CB 105 58.11 42.04 -53.48
N PHE CB 106 58.18 41.91 -52.15
CA PHE CB 106 59.46 41.79 -51.46
C PHE CB 106 60.34 40.68 -52.01
N ASN CB 107 59.73 39.66 -52.63
CA ASN CB 107 60.48 38.54 -53.18
C ASN CB 107 60.36 38.38 -54.68
N CYS CB 108 59.27 38.81 -55.30
CA CYS CB 108 59.08 38.63 -56.73
C CYS CB 108 59.06 39.92 -57.52
N ASP CB 109 59.09 41.08 -56.87
CA ASP CB 109 59.17 42.38 -57.54
C ASP CB 109 58.01 42.59 -58.51
N LYS CB 110 56.80 42.64 -57.95
CA LYS CB 110 55.60 42.90 -58.73
C LYS CB 110 54.88 44.11 -58.13
N PRO CB 111 54.50 45.08 -58.95
CA PRO CB 111 53.74 46.23 -58.42
C PRO CB 111 52.42 45.76 -57.84
N ILE CB 112 51.94 46.51 -56.85
CA ILE CB 112 50.86 46.07 -55.97
C ILE CB 112 49.74 47.08 -56.00
N ASP CB 113 48.51 46.60 -56.06
CA ASP CB 113 47.33 47.47 -56.06
C ASP CB 113 47.17 48.16 -54.70
N GLY CB 114 46.46 49.28 -54.70
CA GLY CB 114 46.45 50.11 -53.51
C GLY CB 114 45.67 49.58 -52.31
N ASP CB 115 44.34 49.60 -52.37
CA ASP CB 115 43.53 49.28 -51.19
C ASP CB 115 42.25 48.51 -51.47
N ASP CB 116 41.94 48.17 -52.72
CA ASP CB 116 40.69 47.51 -53.03
C ASP CB 116 40.87 46.02 -53.36
N ILE CB 117 42.06 45.47 -53.10
CA ILE CB 117 42.35 44.07 -53.38
C ILE CB 117 42.94 43.45 -52.12
N ASN CB 118 42.80 42.14 -52.03
CA ASN CB 118 43.44 41.34 -50.99
C ASN CB 118 44.66 40.59 -51.51
N SER CB 119 45.03 40.79 -52.77
CA SER CB 119 46.13 40.05 -53.40
C SER CB 119 47.49 40.57 -53.01
N TYR CB 120 47.58 41.33 -51.91
CA TYR CB 120 48.85 41.79 -51.36
C TYR CB 120 48.75 41.76 -49.85
N VAL CB 121 49.83 41.33 -49.20
CA VAL CB 121 49.89 41.24 -47.75
C VAL CB 121 50.79 42.36 -47.23
N TRP CB 122 50.26 43.15 -46.30
CA TRP CB 122 51.03 44.19 -45.64
C TRP CB 122 51.68 43.62 -44.38
N VAL CB 123 52.95 43.91 -44.18
CA VAL CB 123 53.67 43.50 -42.98
C VAL CB 123 54.05 44.75 -42.18
N PRO CB 124 53.10 45.46 -41.58
CA PRO CB 124 53.46 46.72 -40.93
C PRO CB 124 54.12 46.47 -39.59
N SER CB 125 55.43 46.63 -39.56
CA SER CB 125 56.20 46.40 -38.35
C SER CB 125 56.34 47.72 -37.58
N GLY CB 126 56.83 47.61 -36.34
CA GLY CB 126 57.30 48.80 -35.65
C GLY CB 126 58.37 49.52 -36.46
N ASN CB 127 59.33 48.75 -36.97
CA ASN CB 127 60.26 49.28 -37.95
C ASN CB 127 59.57 49.46 -39.29
N ALA CB 128 60.33 49.95 -40.25
CA ALA CB 128 59.83 50.21 -41.60
C ALA CB 128 60.94 49.86 -42.58
N ARG CB 129 60.67 48.91 -43.48
CA ARG CB 129 61.67 48.49 -44.45
C ARG CB 129 61.31 48.81 -45.90
N VAL CB 130 60.26 48.21 -46.47
CA VAL CB 130 60.23 48.21 -47.93
C VAL CB 130 59.73 49.52 -48.57
N PRO CB 131 58.39 49.80 -48.73
CA PRO CB 131 58.02 51.10 -49.34
C PRO CB 131 57.47 52.16 -48.40
N THR CB 132 58.18 53.26 -48.15
CA THR CB 132 57.63 54.57 -47.79
C THR CB 132 56.70 54.58 -46.58
N THR CB 133 56.21 53.41 -46.20
CA THR CB 133 55.54 53.11 -44.94
C THR CB 133 56.25 51.84 -44.53
N GLN CB 134 56.76 51.17 -45.56
CA GLN CB 134 57.92 50.30 -45.50
C GLN CB 134 57.65 49.02 -44.72
N GLY CB 135 56.42 48.82 -44.26
CA GLY CB 135 56.00 47.47 -43.93
C GLY CB 135 56.07 46.61 -45.17
N TYR CB 136 56.59 45.39 -45.01
CA TYR CB 136 56.85 44.55 -46.15
C TYR CB 136 55.57 44.28 -46.94
N PHE CB 137 55.74 43.97 -48.22
CA PHE CB 137 54.63 43.63 -49.09
C PHE CB 137 55.03 42.45 -49.94
N PHE CB 138 54.21 41.41 -49.95
CA PHE CB 138 54.32 40.32 -50.90
C PHE CB 138 53.08 40.27 -51.76
N HIS CB 139 53.17 39.54 -52.87
CA HIS CB 139 51.98 39.07 -53.55
C HIS CB 139 51.56 37.75 -52.92
N VAL CB 140 50.24 37.51 -52.90
CA VAL CB 140 49.73 36.35 -52.16
C VAL CB 140 50.37 35.07 -52.64
N LYS CB 141 50.73 34.99 -53.92
CA LYS CB 141 51.49 33.86 -54.45
C LYS CB 141 52.98 34.17 -54.55
N CYS CB 142 53.47 35.11 -53.75
CA CYS CB 142 54.88 35.47 -53.71
C CYS CB 142 55.49 35.37 -52.32
N PHE CB 143 54.76 34.86 -51.34
CA PHE CB 143 55.27 34.73 -49.97
C PHE CB 143 56.10 33.47 -49.77
N LYS CB 144 56.04 32.53 -50.70
CA LYS CB 144 56.67 31.24 -50.50
C LYS CB 144 58.17 31.37 -50.28
N CYS CB 145 58.72 30.37 -49.61
CA CYS CB 145 60.16 30.23 -49.44
C CYS CB 145 60.84 30.22 -50.80
N TRP CB 146 62.10 30.67 -50.84
CA TRP CB 146 62.77 30.91 -52.11
C TRP CB 146 63.66 29.75 -52.54
N ASN CB 147 64.61 29.35 -51.70
CA ASN CB 147 65.43 28.18 -52.05
C ASN CB 147 64.63 26.89 -51.93
N CYS CB 148 63.67 26.86 -51.01
CA CYS CB 148 62.94 25.64 -50.71
C CYS CB 148 61.51 25.65 -51.24
N LYS CB 149 61.05 26.79 -51.78
CA LYS CB 149 59.82 26.87 -52.57
C LYS CB 149 58.62 26.27 -51.84
N TYR CB 150 58.42 26.68 -50.60
CA TYR CB 150 57.30 26.19 -49.81
C TYR CB 150 56.67 27.36 -49.08
N ARG CB 151 55.47 27.11 -48.55
CA ARG CB 151 54.92 28.02 -47.56
C ARG CB 151 55.86 28.09 -46.36
N ILE CB 152 55.81 29.21 -45.65
CA ILE CB 152 56.65 29.44 -44.49
C ILE CB 152 55.86 29.06 -43.25
N ILE CB 153 56.39 28.12 -42.48
CA ILE CB 153 55.69 27.58 -41.33
C ILE CB 153 55.74 28.58 -40.18
N HIS CB 154 54.60 28.75 -39.50
CA HIS CB 154 54.43 29.64 -38.36
C HIS CB 154 54.50 31.11 -38.74
N ASN CB 155 54.70 31.42 -40.02
CA ASN CB 155 54.80 32.79 -40.54
C ASN CB 155 56.00 33.54 -40.00
N GLN CB 156 56.99 32.83 -39.45
CA GLN CB 156 58.27 33.40 -39.06
C GLN CB 156 59.26 33.11 -40.18
N PHE CB 157 59.42 34.07 -41.09
CA PHE CB 157 60.24 33.85 -42.27
C PHE CB 157 61.67 34.31 -41.98
N TYR CB 158 62.49 34.44 -43.01
CA TYR CB 158 63.89 34.83 -42.83
C TYR CB 158 64.40 35.38 -44.16
N SER CB 159 64.66 36.68 -44.21
CA SER CB 159 65.16 37.28 -45.44
C SER CB 159 66.64 36.97 -45.58
N LYS CB 160 66.95 36.02 -46.45
CA LYS CB 160 68.33 35.69 -46.78
C LYS CB 160 68.71 36.38 -48.07
N ASP CB 161 69.81 37.13 -48.04
CA ASP CB 161 70.34 37.89 -49.17
C ASP CB 161 69.22 38.55 -49.99
N SER CB 162 68.44 39.37 -49.29
CA SER CB 162 67.34 40.13 -49.88
C SER CB 162 66.28 39.24 -50.50
N ARG CB 163 66.06 38.05 -49.94
CA ARG CB 163 64.99 37.16 -50.37
C ARG CB 163 64.47 36.43 -49.14
N ALA CB 164 63.17 36.51 -48.90
CA ALA CB 164 62.57 35.85 -47.73
C ALA CB 164 62.72 34.35 -47.86
N TRP CB 165 63.61 33.78 -47.06
CA TRP CB 165 63.89 32.36 -47.09
C TRP CB 165 63.13 31.66 -45.97
N CYS CB 166 62.41 30.60 -46.33
CA CYS CB 166 61.74 29.75 -45.37
C CYS CB 166 62.65 29.44 -44.19
N LEU CB 167 62.15 29.71 -42.97
CA LEU CB 167 62.99 29.65 -41.78
C LEU CB 167 63.82 28.38 -41.71
N SER CB 168 63.16 27.22 -41.85
CA SER CB 168 63.87 25.95 -41.77
C SER CB 168 64.83 25.78 -42.94
N CYS CB 169 64.33 25.85 -44.17
CA CYS CB 169 65.17 25.60 -45.34
C CYS CB 169 66.19 26.73 -45.55
N ALA CB 170 66.13 27.78 -44.73
CA ALA CB 170 67.17 28.80 -44.75
C ALA CB 170 68.27 28.49 -43.75
N LEU CB 171 67.90 28.09 -42.56
CA LEU CB 171 68.77 27.99 -41.38
C LEU CB 171 69.70 26.82 -41.44
N GLY CB 172 69.83 26.16 -42.59
CA GLY CB 172 70.57 24.93 -42.68
C GLY CB 172 69.74 23.70 -42.34
N ARG CB 173 68.51 23.89 -41.87
CA ARG CB 173 67.57 22.80 -41.69
C ARG CB 173 66.97 22.51 -43.07
N ASP CB 174 67.69 21.72 -43.85
CA ASP CB 174 67.28 21.47 -45.22
C ASP CB 174 66.06 20.56 -45.25
N ILE CB 175 64.88 21.16 -45.07
CA ILE CB 175 63.64 20.39 -45.02
C ILE CB 175 63.34 19.93 -46.44
N ARG CB 176 62.40 18.99 -46.58
CA ARG CB 176 61.96 18.53 -47.88
C ARG CB 176 60.51 18.85 -48.19
N VAL CB 177 59.66 19.05 -47.19
CA VAL CB 177 58.26 19.42 -47.41
C VAL CB 177 57.58 19.79 -46.10
N PRO CB 178 56.58 20.70 -46.14
CA PRO CB 178 55.70 20.90 -44.97
C PRO CB 178 54.57 19.88 -44.91
N THR CB 179 53.62 20.08 -44.02
CA THR CB 179 52.49 19.17 -43.87
C THR CB 179 51.19 19.68 -44.48
N ARG CB 180 50.84 20.95 -44.26
CA ARG CB 180 49.49 21.41 -44.57
C ARG CB 180 49.32 21.70 -46.05
N ARG CB 181 50.03 22.70 -46.55
CA ARG CB 181 49.86 23.19 -47.93
C ARG CB 181 51.22 23.73 -48.37
N TRP CB 182 51.81 23.08 -49.36
CA TRP CB 182 53.21 23.30 -49.67
C TRP CB 182 53.46 24.48 -50.60
N HIS CB 183 52.42 25.20 -51.03
CA HIS CB 183 52.66 26.32 -51.94
C HIS CB 183 51.75 27.52 -51.67
N THR CB 184 51.13 27.60 -50.50
CA THR CB 184 50.35 28.79 -50.16
C THR CB 184 50.31 28.89 -48.64
N SER CB 185 50.86 29.97 -48.10
CA SER CB 185 50.97 30.10 -46.66
C SER CB 185 49.62 30.46 -46.04
N TYR CB 186 49.65 30.70 -44.73
CA TYR CB 186 48.50 31.20 -43.98
C TYR CB 186 48.66 32.68 -43.65
N VAL CB 187 49.16 33.46 -44.61
CA VAL CB 187 49.30 34.90 -44.39
C VAL CB 187 47.91 35.54 -44.35
N ASN CB 188 47.85 36.72 -43.75
CA ASN CB 188 46.63 37.51 -43.75
C ASN CB 188 46.65 38.46 -44.95
N THR CB 189 45.72 39.41 -44.98
CA THR CB 189 45.60 40.37 -46.06
C THR CB 189 45.27 41.74 -45.49
N HIS CB 190 45.83 42.79 -46.08
CA HIS CB 190 45.50 44.17 -45.73
C HIS CB 190 45.80 44.44 -44.26
N ARG CB 191 47.09 44.34 -43.92
CA ARG CB 191 47.66 44.66 -42.60
C ARG CB 191 47.09 43.80 -41.48
N THR CB 192 46.19 42.86 -41.80
CA THR CB 192 45.58 42.05 -40.75
C THR CB 192 46.59 41.12 -40.09
N GLY CB 193 47.68 40.79 -40.79
CA GLY CB 193 48.68 39.90 -40.23
C GLY CB 193 49.33 40.45 -38.97
N SER CB 194 49.60 41.76 -38.96
CA SER CB 194 50.23 42.42 -37.81
C SER CB 194 49.26 43.48 -37.28
N ARG CB 195 48.34 43.04 -36.42
CA ARG CB 195 47.42 43.95 -35.73
C ARG CB 195 47.70 44.05 -34.25
N LEU CB 196 48.73 43.38 -33.74
CA LEU CB 196 49.12 43.45 -32.34
C LEU CB 196 50.40 44.23 -32.13
N THR CB 197 50.66 45.27 -32.92
CA THR CB 197 51.86 46.08 -32.80
C THR CB 197 51.48 47.53 -32.59
N GLY CB 198 51.70 48.04 -31.38
CA GLY CB 198 51.64 49.44 -31.02
C GLY CB 198 50.54 50.27 -31.66
N GLN CB 199 50.88 51.51 -32.01
CA GLN CB 199 50.00 52.39 -32.78
C GLN CB 199 48.71 52.71 -32.02
N PHE CB 200 48.73 52.61 -30.71
CA PHE CB 200 47.65 53.20 -29.92
C PHE CB 200 47.81 54.71 -29.94
N PHE CB 201 46.81 55.44 -29.37
CA PHE CB 201 47.01 56.89 -29.17
C PHE CB 201 48.17 57.24 -28.22
N PRO CB 202 48.35 56.60 -27.03
CA PRO CB 202 49.44 57.01 -26.12
C PRO CB 202 50.78 56.39 -26.47
N ARG CB 203 51.14 56.39 -27.74
CA ARG CB 203 52.47 55.95 -28.13
C ARG CB 203 53.50 57.03 -27.83
N HIS CB 204 53.37 58.18 -28.48
CA HIS CB 204 54.04 59.38 -27.99
C HIS CB 204 53.21 59.98 -26.87
N ARG CB 205 53.83 60.83 -26.06
CA ARG CB 205 53.18 61.30 -24.83
C ARG CB 205 51.81 61.87 -25.12
N HIS CB 206 51.68 62.65 -26.20
CA HIS CB 206 50.38 63.14 -26.66
C HIS CB 206 49.61 63.85 -25.56
N GLN CB 207 50.33 64.59 -24.71
CA GLN CB 207 49.68 65.32 -23.63
C GLN CB 207 49.14 66.67 -24.08
N MET CB 208 49.51 67.13 -25.29
CA MET CB 208 49.02 68.41 -25.79
C MET CB 208 47.51 68.51 -25.71
N GLU CB 209 46.82 67.36 -25.73
CA GLU CB 209 45.38 67.36 -25.53
C GLU CB 209 45.00 67.83 -24.12
N PHE CB 210 45.89 67.66 -23.16
CA PHE CB 210 45.55 67.90 -21.76
C PHE CB 210 46.09 69.20 -21.19
N LEU CB 211 47.22 69.69 -21.70
CA LEU CB 211 47.90 70.81 -21.05
C LEU CB 211 47.20 72.13 -21.34
N PHE CB 212 47.06 72.94 -20.29
CA PHE CB 212 46.47 74.29 -20.33
C PHE CB 212 45.39 74.50 -21.39
N GLU DB 285 -28.03 60.96 -81.24
CA GLU DB 285 -26.96 61.45 -82.10
C GLU DB 285 -25.73 60.54 -82.05
N LEU DB 286 -24.82 60.71 -83.02
CA LEU DB 286 -23.64 59.85 -83.09
C LEU DB 286 -22.69 60.07 -81.93
N PHE DB 287 -22.81 61.18 -81.22
CA PHE DB 287 -21.95 61.43 -80.06
C PHE DB 287 -22.54 60.86 -78.78
N ALA DB 288 -23.86 60.95 -78.59
CA ALA DB 288 -24.49 60.20 -77.52
C ALA DB 288 -24.50 58.70 -77.82
N GLN DB 289 -24.44 58.33 -79.10
CA GLN DB 289 -24.27 56.93 -79.46
C GLN DB 289 -22.92 56.39 -79.02
N ARG DB 290 -21.92 57.26 -78.91
CA ARG DB 290 -20.64 56.85 -78.35
C ARG DB 290 -20.78 56.50 -76.88
N ALA DB 291 -21.62 57.22 -76.15
CA ALA DB 291 -21.89 56.89 -74.76
C ALA DB 291 -22.61 55.54 -74.62
N GLN DB 292 -23.34 55.12 -75.65
CA GLN DB 292 -23.94 53.78 -75.61
C GLN DB 292 -22.89 52.71 -75.44
N ARG DB 293 -21.67 52.95 -75.92
CA ARG DB 293 -20.56 52.04 -75.64
C ARG DB 293 -20.09 52.17 -74.20
N GLN DB 294 -20.10 53.40 -73.67
CA GLN DB 294 -19.83 53.60 -72.25
C GLN DB 294 -21.02 53.16 -71.41
N TYR DB 295 -22.23 53.48 -71.84
CA TYR DB 295 -23.42 52.88 -71.25
C TYR DB 295 -23.37 51.36 -71.40
N GLY DB 296 -22.85 50.88 -72.53
CA GLY DB 296 -22.57 49.47 -72.72
C GLY DB 296 -21.34 49.05 -71.96
N HIS DB 297 -20.84 47.86 -72.28
CA HIS DB 297 -19.69 47.25 -71.61
C HIS DB 297 -20.04 46.93 -70.15
N GLY DB 298 -21.24 47.32 -69.74
CA GLY DB 298 -21.79 47.02 -68.43
C GLY DB 298 -23.18 46.49 -68.58
N VAL DB 299 -23.40 45.75 -69.67
CA VAL DB 299 -24.71 45.21 -70.02
C VAL DB 299 -24.80 43.79 -69.47
N LEU DB 300 -25.60 43.62 -68.42
CA LEU DB 300 -25.67 42.36 -67.70
C LEU DB 300 -26.79 41.45 -68.17
N ARG DB 301 -27.55 41.85 -69.19
CA ARG DB 301 -28.69 41.07 -69.64
C ARG DB 301 -28.32 39.94 -70.58
N HIS DB 302 -27.07 39.88 -71.05
CA HIS DB 302 -26.67 38.93 -72.09
C HIS DB 302 -25.97 37.70 -71.52
N ILE DB 303 -26.41 37.21 -70.37
CA ILE DB 303 -25.81 36.01 -69.79
C ILE DB 303 -26.86 34.92 -69.61
N ARG DB 304 -27.86 34.90 -70.46
CA ARG DB 304 -28.86 33.83 -70.37
C ARG DB 304 -29.12 33.12 -71.69
N GLY DB 305 -29.10 33.83 -72.81
CA GLY DB 305 -29.57 33.29 -74.08
C GLY DB 305 -28.63 32.29 -74.74
N VAL DB 306 -27.77 31.66 -73.94
CA VAL DB 306 -26.74 30.79 -74.49
C VAL DB 306 -27.34 29.47 -74.97
N ALA DB 307 -28.38 28.97 -74.28
CA ALA DB 307 -28.96 27.68 -74.62
C ALA DB 307 -30.33 27.79 -75.27
N GLY DB 308 -31.08 28.84 -74.99
CA GLY DB 308 -32.42 28.96 -75.50
C GLY DB 308 -33.37 28.05 -74.77
N PRO DB 309 -34.57 27.87 -75.30
CA PRO DB 309 -35.57 27.03 -74.63
C PRO DB 309 -35.32 25.56 -74.87
N LEU DB 310 -34.77 25.25 -76.04
CA LEU DB 310 -34.32 23.91 -76.36
C LEU DB 310 -32.80 23.92 -76.39
N PRO DB 311 -32.14 23.79 -75.23
CA PRO DB 311 -30.68 23.92 -75.18
C PRO DB 311 -29.96 23.17 -76.26
N ASP DB 312 -30.48 22.01 -76.65
CA ASP DB 312 -30.17 21.40 -77.94
C ASP DB 312 -31.11 20.22 -78.18
N GLY DB 313 -31.61 20.09 -79.39
CA GLY DB 313 -32.42 18.97 -79.77
C GLY DB 313 -31.55 17.86 -80.34
N PRO DB 314 -32.13 16.68 -80.51
CA PRO DB 314 -31.35 15.57 -81.09
C PRO DB 314 -30.88 15.91 -82.50
N ALA DB 315 -29.57 16.03 -82.65
CA ALA DB 315 -28.98 16.32 -83.93
C ALA DB 315 -29.34 15.23 -84.94
N PRO DB 316 -29.31 15.55 -86.23
CA PRO DB 316 -29.62 14.55 -87.25
C PRO DB 316 -28.60 13.42 -87.23
N PRO DB 317 -28.93 12.26 -87.80
CA PRO DB 317 -28.03 11.11 -87.75
C PRO DB 317 -26.67 11.45 -88.36
N PRO DB 318 -25.58 11.10 -87.66
CA PRO DB 318 -24.26 11.39 -88.24
C PRO DB 318 -23.92 10.48 -89.41
N GLU DB 319 -24.33 9.22 -89.37
CA GLU DB 319 -23.99 8.25 -90.40
C GLU DB 319 -25.21 7.39 -90.68
N VAL DB 320 -24.98 6.28 -91.37
CA VAL DB 320 -26.07 5.39 -91.74
C VAL DB 320 -26.23 4.23 -90.77
N TYR DB 321 -25.15 3.87 -90.07
CA TYR DB 321 -25.13 2.71 -89.20
C TYR DB 321 -24.54 3.09 -87.84
N MET DB 322 -25.19 2.63 -86.78
CA MET DB 322 -24.63 2.84 -85.45
C MET DB 322 -24.01 1.55 -84.93
N PRO DB 323 -22.90 1.62 -84.22
CA PRO DB 323 -22.22 0.39 -83.80
C PRO DB 323 -22.79 -0.22 -82.54
N PHE DB 324 -23.44 0.57 -81.69
CA PHE DB 324 -23.87 0.06 -80.41
C PHE DB 324 -25.34 -0.33 -80.42
N ARG DB 325 -25.67 -1.32 -79.60
CA ARG DB 325 -27.05 -1.74 -79.42
C ARG DB 325 -27.90 -0.54 -78.96
N PRO DB 326 -29.14 -0.43 -79.42
CA PRO DB 326 -29.97 0.71 -79.04
C PRO DB 326 -30.20 0.79 -77.54
N PHE DB 327 -30.28 2.02 -77.03
CA PHE DB 327 -30.63 2.22 -75.65
C PHE DB 327 -32.12 1.98 -75.43
N VAL DB 328 -32.45 1.41 -74.27
CA VAL DB 328 -33.84 1.16 -73.93
C VAL DB 328 -34.58 2.49 -73.85
N GLY DB 329 -35.88 2.45 -74.16
CA GLY DB 329 -36.70 3.63 -74.03
C GLY DB 329 -36.45 4.67 -75.10
N MET DB 330 -35.30 4.57 -75.77
CA MET DB 330 -34.96 5.50 -76.83
C MET DB 330 -35.30 4.84 -78.16
N PRO DB 331 -36.32 5.31 -78.88
CA PRO DB 331 -36.58 4.76 -80.20
C PRO DB 331 -35.42 5.02 -81.15
N VAL DB 332 -35.07 4.00 -81.91
CA VAL DB 332 -33.94 4.11 -82.85
C VAL DB 332 -34.21 5.26 -83.81
N PRO DB 333 -33.20 6.06 -84.17
CA PRO DB 333 -33.43 7.17 -85.09
C PRO DB 333 -34.01 6.70 -86.41
N PRO DB 334 -34.73 7.55 -87.13
CA PRO DB 334 -35.31 7.13 -88.41
C PRO DB 334 -34.24 7.00 -89.47
N GLY DB 335 -34.31 5.91 -90.24
CA GLY DB 335 -33.41 5.68 -91.34
C GLY DB 335 -32.04 5.15 -90.98
N VAL DB 336 -31.64 5.24 -89.71
CA VAL DB 336 -30.35 4.68 -89.32
C VAL DB 336 -30.46 3.16 -89.27
N ARG DB 337 -29.33 2.50 -89.54
CA ARG DB 337 -29.26 1.06 -89.59
C ARG DB 337 -28.57 0.55 -88.33
N THR DB 338 -29.26 -0.23 -87.55
CA THR DB 338 -28.89 -0.91 -86.32
C THR DB 338 -28.25 -2.25 -86.64
N PRO DB 339 -27.22 -2.66 -85.89
CA PRO DB 339 -26.63 -3.98 -86.12
C PRO DB 339 -27.67 -5.07 -85.98
N PRO DB 340 -27.46 -6.23 -86.60
CA PRO DB 340 -28.41 -7.32 -86.46
C PRO DB 340 -28.35 -7.95 -85.07
N GLU DB 341 -29.35 -8.78 -84.79
CA GLU DB 341 -29.27 -9.66 -83.64
C GLU DB 341 -29.02 -11.06 -84.16
N PRO DB 342 -27.76 -11.46 -84.34
CA PRO DB 342 -27.44 -12.74 -84.97
C PRO DB 342 -27.80 -13.91 -84.06
N THR DB 343 -29.10 -14.04 -83.80
CA THR DB 343 -29.60 -15.06 -82.89
C THR DB 343 -29.09 -16.44 -83.31
N LEU DB 344 -28.92 -17.31 -82.31
CA LEU DB 344 -28.39 -18.64 -82.53
C LEU DB 344 -29.11 -19.35 -83.67
N GLY DB 345 -28.35 -20.04 -84.51
CA GLY DB 345 -28.94 -20.70 -85.66
C GLY DB 345 -29.94 -21.75 -85.23
N LYS DB 346 -30.99 -21.90 -86.03
CA LYS DB 346 -32.03 -22.88 -85.72
C LYS DB 346 -31.45 -24.28 -85.72
N VAL DB 347 -31.94 -25.11 -84.80
CA VAL DB 347 -31.33 -26.37 -84.50
C VAL DB 347 -32.11 -27.48 -85.19
N LEU DB 348 -31.53 -28.68 -85.24
CA LEU DB 348 -32.21 -29.85 -85.73
C LEU DB 348 -31.71 -31.06 -84.95
N ASP DB 349 -32.65 -31.83 -84.41
CA ASP DB 349 -32.32 -33.05 -83.68
C ASP DB 349 -31.75 -34.12 -84.64
N SER DB 357 -18.47 -42.50 -78.19
CA SER DB 357 -18.60 -43.92 -77.88
C SER DB 357 -18.55 -44.15 -76.38
N SER DB 358 -17.33 -44.28 -75.86
CA SER DB 358 -17.13 -44.34 -74.41
C SER DB 358 -17.34 -42.96 -73.82
N SER DB 359 -18.37 -42.82 -72.98
CA SER DB 359 -18.70 -41.51 -72.45
C SER DB 359 -17.63 -41.02 -71.50
N THR DB 360 -17.44 -41.73 -70.39
CA THR DB 360 -16.37 -41.48 -69.44
C THR DB 360 -16.24 -42.68 -68.52
N PRO DB 361 -15.05 -43.25 -68.37
CA PRO DB 361 -14.86 -44.31 -67.36
C PRO DB 361 -14.54 -43.73 -66.00
N ALA DB 362 -15.23 -44.25 -64.99
CA ALA DB 362 -14.97 -43.89 -63.60
C ALA DB 362 -13.76 -44.62 -63.03
N SER DB 363 -12.92 -45.18 -63.90
CA SER DB 363 -11.71 -45.88 -63.51
C SER DB 363 -10.54 -44.94 -63.26
N ARG DB 364 -10.81 -43.66 -63.00
CA ARG DB 364 -9.74 -42.71 -62.72
C ARG DB 364 -10.32 -41.47 -62.04
N ASP DB 365 -9.64 -41.01 -60.99
CA ASP DB 365 -9.87 -39.70 -60.41
C ASP DB 365 -8.84 -38.69 -60.88
N ALA DB 366 -8.12 -38.98 -61.96
CA ALA DB 366 -7.11 -38.08 -62.48
C ALA DB 366 -7.72 -36.75 -62.90
N ALA DB 367 -9.04 -36.64 -62.84
CA ALA DB 367 -9.73 -35.40 -63.17
C ALA DB 367 -9.28 -34.24 -62.30
N TRP DB 368 -8.84 -34.47 -61.06
CA TRP DB 368 -8.39 -33.37 -60.22
C TRP DB 368 -7.13 -32.77 -60.79
N TYR DB 369 -7.16 -31.45 -61.02
CA TYR DB 369 -6.21 -30.71 -61.86
C TYR DB 369 -4.79 -30.98 -61.39
N GLU DB 370 -3.98 -31.55 -62.28
CA GLU DB 370 -2.59 -31.81 -61.95
C GLU DB 370 -1.68 -30.63 -62.28
N ILE DB 371 -2.26 -29.43 -62.38
CA ILE DB 371 -1.52 -28.18 -62.28
C ILE DB 371 -2.50 -27.14 -61.75
N PRO DB 372 -2.22 -26.49 -60.63
CA PRO DB 372 -3.26 -25.76 -59.92
C PRO DB 372 -3.70 -24.50 -60.66
N THR DB 373 -5.00 -24.23 -60.59
CA THR DB 373 -5.55 -23.03 -61.20
C THR DB 373 -5.05 -21.77 -60.54
N GLN DB 374 -4.52 -21.86 -59.32
CA GLN DB 374 -3.95 -20.69 -58.67
C GLN DB 374 -2.60 -20.30 -59.27
N PHE DB 375 -1.87 -21.26 -59.81
CA PHE DB 375 -0.60 -20.95 -60.44
C PHE DB 375 -0.81 -19.99 -61.59
N HIS DB 376 -0.01 -18.94 -61.64
CA HIS DB 376 -0.17 -17.97 -62.72
C HIS DB 376 -0.03 -18.66 -64.06
N THR DB 377 -0.99 -18.43 -64.93
CA THR DB 377 -1.07 -19.17 -66.18
C THR DB 377 0.16 -18.92 -67.04
N HIS DB 378 0.23 -19.67 -68.14
CA HIS DB 378 1.32 -19.53 -69.09
C HIS DB 378 1.21 -18.28 -69.93
N THR DB 379 0.09 -17.55 -69.87
CA THR DB 379 -0.15 -16.32 -70.60
C THR DB 379 -0.11 -16.50 -72.12
N TYR DB 380 0.04 -17.74 -72.60
CA TYR DB 380 0.14 -18.03 -74.03
C TYR DB 380 -1.19 -18.61 -74.51
N ALA DB 381 -2.10 -17.75 -74.95
CA ALA DB 381 -3.34 -18.23 -75.53
C ALA DB 381 -3.13 -18.99 -76.83
N ASP DB 382 -1.88 -19.11 -77.30
CA ASP DB 382 -1.59 -19.91 -78.48
C ASP DB 382 -1.98 -21.37 -78.29
N GLY DB 383 -1.91 -21.87 -77.06
CA GLY DB 383 -2.22 -23.26 -76.77
C GLY DB 383 -1.08 -24.02 -76.10
N THR DB 384 0.09 -23.43 -75.96
CA THR DB 384 1.24 -24.05 -75.32
C THR DB 384 1.70 -23.17 -74.18
N PRO DB 385 2.31 -23.74 -73.09
CA PRO DB 385 2.91 -22.99 -71.94
C PRO DB 385 3.97 -21.99 -72.44
N GLN DB 386 3.78 -20.69 -72.18
CA GLN DB 386 4.72 -19.70 -72.73
C GLN DB 386 5.91 -19.58 -71.79
N SER DB 387 6.99 -20.32 -72.06
CA SER DB 387 8.25 -20.19 -71.26
C SER DB 387 8.00 -20.64 -69.82
N ARG DB 388 6.83 -21.22 -69.56
CA ARG DB 388 6.52 -21.62 -68.18
C ARG DB 388 6.75 -20.41 -67.27
N SER DB 389 7.42 -20.62 -66.13
CA SER DB 389 7.62 -19.50 -65.18
C SER DB 389 8.51 -18.46 -65.86
N ALA DB 390 9.55 -18.92 -66.55
CA ALA DB 390 10.51 -17.98 -67.15
C ALA DB 390 9.80 -16.70 -67.54
N SER DB 391 8.60 -16.85 -68.12
CA SER DB 391 8.09 -15.72 -68.88
C SER DB 391 6.94 -15.02 -68.20
N LEU DB 392 6.32 -15.64 -67.20
CA LEU DB 392 5.36 -14.90 -66.39
C LEU DB 392 6.04 -13.75 -65.68
N ALA DB 393 7.29 -13.96 -65.27
CA ALA DB 393 8.06 -12.90 -64.65
C ALA DB 393 8.31 -11.76 -65.61
N LYS DB 394 8.50 -12.05 -66.88
CA LYS DB 394 8.63 -10.99 -67.86
C LYS DB 394 7.30 -10.27 -68.06
N ALA DB 395 6.19 -11.00 -67.96
CA ALA DB 395 4.86 -10.42 -68.12
C ALA DB 395 4.25 -9.97 -66.80
N THR DB 396 4.86 -10.32 -65.66
CA THR DB 396 4.41 -9.75 -64.40
C THR DB 396 4.98 -8.35 -64.20
N LYS DB 397 6.14 -8.07 -64.77
CA LYS DB 397 6.54 -6.69 -65.02
C LYS DB 397 5.40 -5.91 -65.65
N TYR DB 398 4.68 -6.54 -66.58
CA TYR DB 398 3.49 -5.95 -67.18
C TYR DB 398 2.32 -5.91 -66.22
N ILE DB 399 2.39 -6.61 -65.08
CA ILE DB 399 1.31 -6.57 -64.09
C ILE DB 399 1.67 -5.64 -62.96
N HIS DB 400 2.80 -5.89 -62.30
CA HIS DB 400 3.26 -4.98 -61.27
C HIS DB 400 3.48 -3.58 -61.83
N GLY DB 401 3.83 -3.48 -63.10
CA GLY DB 401 3.86 -2.19 -63.76
C GLY DB 401 2.45 -1.79 -64.17
N MET DB 402 2.29 -1.28 -65.39
CA MET DB 402 0.97 -0.90 -65.86
C MET DB 402 0.64 -1.66 -67.13
N PRO DB 403 -0.60 -2.12 -67.27
CA PRO DB 403 -0.99 -2.84 -68.48
C PRO DB 403 -1.02 -1.92 -69.68
N HIS DB 404 -1.40 -2.44 -70.85
CA HIS DB 404 -1.44 -1.60 -72.04
C HIS DB 404 -2.79 -0.90 -72.23
N ASN DB 405 -3.88 -1.55 -71.85
CA ASN DB 405 -5.18 -0.90 -71.93
C ASN DB 405 -5.31 0.26 -70.96
N MET DB 406 -4.37 0.42 -70.02
CA MET DB 406 -4.61 1.25 -68.84
C MET DB 406 -4.79 2.71 -69.22
N GLY DB 407 -5.93 3.26 -68.86
CA GLY DB 407 -6.21 4.66 -69.02
C GLY DB 407 -5.92 5.44 -67.75
N GLN DB 408 -6.44 6.66 -67.69
CA GLN DB 408 -6.11 7.59 -66.63
C GLN DB 408 -6.37 7.02 -65.24
N LEU DB 409 -5.31 6.74 -64.50
CA LEU DB 409 -5.48 6.38 -63.11
C LEU DB 409 -5.83 7.62 -62.30
N TYR DB 410 -6.51 7.41 -61.19
CA TYR DB 410 -7.08 8.52 -60.46
C TYR DB 410 -6.16 9.06 -59.38
N SER DB 411 -5.26 8.25 -58.85
CA SER DB 411 -4.57 8.61 -57.63
C SER DB 411 -3.67 9.82 -57.85
N TYR DB 412 -3.15 10.32 -56.73
CA TYR DB 412 -2.30 11.50 -56.73
C TYR DB 412 -0.83 11.18 -56.77
N HIS DB 413 -0.45 9.92 -56.54
CA HIS DB 413 0.87 9.43 -56.89
C HIS DB 413 0.77 8.89 -58.31
N ARG DB 414 1.12 9.71 -59.29
CA ARG DB 414 0.98 9.35 -60.68
C ARG DB 414 2.37 9.17 -61.30
N PRO DB 415 2.48 8.40 -62.40
CA PRO DB 415 3.80 8.07 -62.93
C PRO DB 415 4.66 9.29 -63.17
N TYR DB 416 4.13 10.27 -63.88
CA TYR DB 416 4.87 11.50 -64.11
C TYR DB 416 4.35 12.63 -63.25
N VAL EB 78 54.43 89.13 74.67
CA VAL EB 78 53.54 89.19 73.52
C VAL EB 78 53.74 87.94 72.68
N ILE EB 79 54.50 86.99 73.22
CA ILE EB 79 54.96 85.84 72.44
C ILE EB 79 53.82 84.83 72.42
N ASP EB 80 52.87 85.06 71.51
CA ASP EB 80 51.79 84.11 71.25
C ASP EB 80 52.40 82.89 70.56
N ASP EB 81 53.04 82.05 71.36
CA ASP EB 81 53.96 81.03 70.87
C ASP EB 81 53.34 79.65 70.91
N VAL EB 82 53.78 78.80 69.99
CA VAL EB 82 53.42 77.39 69.98
C VAL EB 82 54.48 76.55 70.67
N ASN EB 83 55.74 76.74 70.31
CA ASN EB 83 56.88 76.01 70.88
C ASN EB 83 57.28 76.53 72.25
N HIS EB 84 56.43 77.33 72.91
CA HIS EB 84 56.77 77.88 74.20
C HIS EB 84 56.77 76.79 75.26
N ALA EB 85 57.93 76.54 75.87
CA ALA EB 85 58.02 75.60 76.97
C ALA EB 85 56.96 75.88 78.02
N LEU EB 86 56.79 77.14 78.39
CA LEU EB 86 55.80 77.52 79.39
C LEU EB 86 54.39 77.11 79.01
N VAL EB 87 54.15 76.71 77.76
CA VAL EB 87 52.91 76.04 77.38
C VAL EB 87 53.18 74.63 76.87
N GLN EB 88 54.43 74.33 76.52
CA GLN EB 88 54.79 72.97 76.09
C GLN EB 88 55.28 72.12 77.27
N HIS EB 89 56.20 72.65 78.07
CA HIS EB 89 56.68 71.90 79.23
C HIS EB 89 55.66 71.92 80.37
N PHE EB 90 54.90 73.01 80.50
CA PHE EB 90 53.80 73.02 81.46
C PHE EB 90 52.62 72.21 80.98
N LEU EB 91 52.54 71.94 79.67
CA LEU EB 91 51.58 70.98 79.17
C LEU EB 91 51.87 69.60 79.74
N LYS EB 92 53.14 69.18 79.68
CA LYS EB 92 53.54 67.92 80.27
C LYS EB 92 53.61 67.98 81.79
N LEU EB 93 53.68 69.18 82.37
CA LEU EB 93 53.54 69.32 83.81
C LEU EB 93 52.21 68.74 84.28
N SER EB 94 51.11 69.17 83.64
CA SER EB 94 49.79 68.86 84.15
C SER EB 94 49.54 67.36 84.22
N THR EB 95 50.03 66.61 83.24
CA THR EB 95 49.71 65.19 83.18
C THR EB 95 50.48 64.36 84.19
N ASN EB 96 51.30 64.98 85.03
CA ASN EB 96 52.16 64.24 85.94
C ASN EB 96 51.70 64.39 87.38
N ASP EB 97 51.74 63.28 88.13
CA ASP EB 97 51.40 63.28 89.55
C ASP EB 97 52.55 63.71 90.43
N LYS EB 98 53.79 63.59 89.96
CA LYS EB 98 54.97 63.97 90.73
C LYS EB 98 55.51 65.33 90.33
N TYR EB 99 55.75 65.53 89.03
CA TYR EB 99 56.34 66.77 88.53
C TYR EB 99 55.57 68.02 88.96
N ARG EB 100 54.28 67.89 89.27
CA ARG EB 100 53.53 69.04 89.74
C ARG EB 100 54.09 69.58 91.05
N GLN EB 101 54.04 68.77 92.11
CA GLN EB 101 54.43 69.21 93.44
C GLN EB 101 55.88 68.91 93.79
N ALA EB 102 56.53 68.01 93.04
CA ALA EB 102 57.95 67.79 93.26
C ALA EB 102 58.79 68.91 92.65
N ARG EB 103 58.26 69.57 91.62
CA ARG EB 103 58.93 70.71 91.00
C ARG EB 103 58.30 72.04 91.37
N GLN EB 104 57.37 72.03 92.33
CA GLN EB 104 56.83 73.26 92.93
C GLN EB 104 56.17 74.15 91.89
N MET EB 105 55.17 73.61 91.19
CA MET EB 105 54.52 74.33 90.11
C MET EB 105 53.19 73.66 89.78
N LEU EB 106 52.10 74.44 89.85
CA LEU EB 106 50.76 73.93 89.63
C LEU EB 106 49.95 74.99 88.89
N VAL EB 107 49.66 74.74 87.60
CA VAL EB 107 49.00 75.74 86.76
C VAL EB 107 47.49 75.59 86.85
N ILE EB 108 46.80 76.71 86.64
CA ILE EB 108 45.35 76.77 86.65
C ILE EB 108 44.95 77.97 85.79
N GLY EB 109 43.65 78.11 85.51
CA GLY EB 109 43.14 79.21 84.73
C GLY EB 109 42.30 80.17 85.56
N GLY EB 110 41.84 81.23 84.91
CA GLY EB 110 40.86 82.13 85.51
C GLY EB 110 41.44 83.33 86.21
N ARG EB 111 40.81 84.50 86.00
CA ARG EB 111 41.38 85.75 86.49
C ARG EB 111 41.29 85.86 88.01
N ALA EB 112 40.09 85.71 88.56
CA ALA EB 112 39.83 86.01 89.96
C ALA EB 112 40.57 85.11 90.92
N MET EB 113 41.37 84.16 90.42
CA MET EB 113 42.08 83.25 91.29
C MET EB 113 43.10 83.99 92.15
N ILE EB 114 43.82 84.95 91.55
CA ILE EB 114 44.95 85.59 92.22
C ILE EB 114 44.54 86.19 93.55
N GLU EB 115 43.29 86.64 93.67
CA GLU EB 115 42.84 87.23 94.92
C GLU EB 115 43.10 86.31 96.11
N GLU EB 116 43.06 85.00 95.90
CA GLU EB 116 43.56 84.05 96.88
C GLU EB 116 44.37 82.94 96.22
N LEU EB 117 45.13 83.27 95.16
CA LEU EB 117 46.12 82.34 94.62
C LEU EB 117 47.52 82.92 94.65
N CYS EB 118 47.75 84.07 94.01
CA CYS EB 118 48.99 84.80 94.13
C CYS EB 118 48.95 85.79 95.28
N ARG EB 119 47.81 85.91 95.94
CA ARG EB 119 47.59 86.76 97.11
C ARG EB 119 46.83 85.99 98.18
N ALA EB 120 47.32 84.79 98.50
CA ALA EB 120 46.70 83.95 99.52
C ALA EB 120 47.61 83.64 100.69
N GLY EB 121 48.73 84.34 100.82
CA GLY EB 121 49.73 83.94 101.80
C GLY EB 121 50.41 82.62 101.47
N HIS EB 122 50.03 81.97 100.38
CA HIS EB 122 50.66 80.75 99.93
C HIS EB 122 51.60 81.08 98.76
N ARG EB 123 52.13 80.06 98.10
CA ARG EB 123 53.24 80.24 97.18
C ARG EB 123 52.73 80.37 95.75
N PRO EB 124 53.09 81.43 95.02
CA PRO EB 124 52.80 81.50 93.59
C PRO EB 124 53.95 80.97 92.75
N ARG EB 125 53.66 80.71 91.47
CA ARG EB 125 54.70 80.40 90.50
C ARG EB 125 54.75 81.41 89.37
N HIS EB 126 53.62 81.66 88.69
CA HIS EB 126 53.58 82.66 87.64
C HIS EB 126 52.13 83.05 87.40
N LEU EB 127 51.95 84.04 86.53
CA LEU EB 127 50.65 84.41 85.97
C LEU EB 127 50.73 84.33 84.45
N MET EB 128 51.22 83.20 83.93
CA MET EB 128 51.32 83.02 82.49
C MET EB 128 49.98 83.27 81.83
N VAL EB 129 50.00 83.96 80.69
CA VAL EB 129 48.85 84.72 80.23
C VAL EB 129 48.24 84.06 78.99
N GLU EB 130 47.10 84.60 78.57
CA GLU EB 130 46.39 84.23 77.36
C GLU EB 130 46.31 85.48 76.47
N CYS EB 131 45.55 85.36 75.37
CA CYS EB 131 45.44 86.42 74.37
C CYS EB 131 45.22 87.78 75.01
N GLY EB 132 45.82 88.81 74.40
CA GLY EB 132 45.92 90.11 75.06
C GLY EB 132 44.59 90.73 75.44
N LYS EB 133 43.53 90.42 74.70
CA LYS EB 133 42.24 91.06 74.96
C LYS EB 133 41.47 90.36 76.08
N PRO EB 134 41.36 89.03 76.11
CA PRO EB 134 40.77 88.37 77.29
C PRO EB 134 41.54 88.65 78.57
N ILE EB 135 42.70 89.28 78.48
CA ILE EB 135 43.47 89.72 79.65
C ILE EB 135 43.48 91.24 79.71
N PRO EB 136 42.56 91.86 80.43
CA PRO EB 136 42.67 93.27 80.75
C PRO EB 136 43.57 93.46 81.95
N GLU EB 137 43.65 94.71 82.42
CA GLU EB 137 44.47 95.02 83.59
C GLU EB 137 43.97 94.37 84.87
N PHE EB 138 42.77 93.77 84.85
CA PHE EB 138 42.29 93.05 86.02
C PHE EB 138 43.22 91.92 86.42
N LEU EB 139 43.98 91.39 85.47
CA LEU EB 139 44.82 90.24 85.73
C LEU EB 139 46.19 90.34 85.06
N HIS EB 140 46.49 91.47 84.41
CA HIS EB 140 47.73 91.67 83.66
C HIS EB 140 48.99 91.59 84.52
N ASP EB 141 49.18 92.54 85.44
CA ASP EB 141 50.39 92.65 86.23
C ASP EB 141 50.13 92.35 87.71
N ARG EB 142 49.22 91.42 87.99
CA ARG EB 142 48.78 91.12 89.35
C ARG EB 142 49.93 90.51 90.13
N ARG EB 143 50.52 91.30 91.03
CA ARG EB 143 51.52 90.83 91.99
C ARG EB 143 52.76 90.28 91.29
N LYS EB 144 53.36 91.11 90.43
CA LYS EB 144 54.71 90.92 89.92
C LYS EB 144 54.84 89.61 89.14
N THR EB 145 54.17 89.57 88.00
CA THR EB 145 54.30 88.50 87.03
C THR EB 145 54.22 89.06 85.62
N ASP EB 146 55.01 88.50 84.71
CA ASP EB 146 55.12 89.04 83.37
C ASP EB 146 53.96 88.58 82.50
N VAL EB 147 54.05 88.90 81.22
CA VAL EB 147 52.93 88.76 80.30
C VAL EB 147 53.29 87.64 79.31
N VAL EB 148 52.91 86.42 79.66
CA VAL EB 148 53.15 85.25 78.77
C VAL EB 148 51.91 85.16 77.89
N LEU EB 149 51.86 86.01 76.87
CA LEU EB 149 50.69 86.06 76.01
C LEU EB 149 50.59 84.79 75.20
N VAL EB 150 49.36 84.27 75.07
CA VAL EB 150 49.08 83.09 74.25
C VAL EB 150 47.70 83.28 73.63
N ASP EB 151 47.60 83.13 72.31
CA ASP EB 151 46.31 83.29 71.65
C ASP EB 151 45.36 82.17 72.07
N ARG EB 152 44.07 82.41 71.82
CA ARG EB 152 43.03 81.48 72.25
C ARG EB 152 43.20 80.10 71.63
N SER EB 153 43.10 80.03 70.29
CA SER EB 153 43.17 78.75 69.60
C SER EB 153 44.54 78.10 69.71
N VAL EB 154 45.61 78.88 69.90
CA VAL EB 154 46.90 78.30 70.19
C VAL EB 154 46.87 77.56 71.52
N SER EB 155 46.03 78.00 72.44
CA SER EB 155 45.85 77.34 73.72
C SER EB 155 44.64 76.42 73.76
N VAL EB 156 43.66 76.65 72.88
CA VAL EB 156 42.48 75.78 72.85
C VAL EB 156 42.89 74.33 72.59
N ALA EB 157 43.85 74.13 71.68
CA ALA EB 157 44.36 72.79 71.45
C ALA EB 157 44.94 72.19 72.74
N VAL EB 158 45.81 72.94 73.42
CA VAL EB 158 46.45 72.44 74.63
C VAL EB 158 45.53 72.43 75.84
N THR EB 159 44.35 73.04 75.74
CA THR EB 159 43.43 73.10 76.86
C THR EB 159 41.99 72.91 76.43
N PRO EB 160 41.37 71.79 76.77
CA PRO EB 160 39.94 71.60 76.51
C PRO EB 160 39.07 72.31 77.55
N GLY EB 161 37.76 72.18 77.36
CA GLY EB 161 36.79 72.71 78.30
C GLY EB 161 36.81 74.22 78.41
N SER EB 162 37.11 74.73 79.61
CA SER EB 162 37.25 76.16 79.81
C SER EB 162 38.65 76.61 79.41
N ASP EB 163 38.73 77.64 78.58
CA ASP EB 163 40.00 78.16 78.11
C ASP EB 163 40.34 79.45 78.83
N GLY EB 164 41.64 79.64 79.05
CA GLY EB 164 42.13 80.86 79.64
C GLY EB 164 43.63 80.78 79.82
N TYR EB 165 44.18 81.81 80.44
CA TYR EB 165 45.59 81.82 80.75
C TYR EB 165 45.91 80.73 81.76
N VAL EB 166 47.14 80.23 81.69
CA VAL EB 166 47.61 79.23 82.65
C VAL EB 166 48.32 79.94 83.80
N GLY EB 167 47.71 79.90 84.99
CA GLY EB 167 48.29 80.54 86.14
C GLY EB 167 48.91 79.54 87.08
N ASP EB 168 50.23 79.57 87.21
CA ASP EB 168 50.95 78.60 88.02
C ASP EB 168 51.19 79.16 89.41
N PHE EB 169 50.82 78.37 90.42
CA PHE EB 169 51.01 78.74 91.81
C PHE EB 169 51.27 77.46 92.60
N ALA EB 170 51.45 77.59 93.92
CA ALA EB 170 51.86 76.43 94.72
C ALA EB 170 51.25 76.54 96.11
N ILE EB 171 51.50 75.51 96.92
CA ILE EB 171 50.90 75.36 98.25
C ILE EB 171 52.00 75.03 99.24
N PRO EB 172 52.06 75.71 100.40
CA PRO EB 172 53.17 75.47 101.34
C PRO EB 172 53.17 74.07 101.93
N THR EB 173 52.09 73.66 102.58
CA THR EB 173 52.05 72.36 103.20
C THR EB 173 50.61 71.84 103.21
N PRO EB 174 50.39 70.60 102.79
CA PRO EB 174 49.12 69.94 103.06
C PRO EB 174 49.08 69.42 104.48
N PRO EB 175 48.39 70.12 105.37
CA PRO EB 175 48.60 69.87 106.81
C PRO EB 175 47.83 68.65 107.33
N MET EB 176 48.38 67.46 107.08
CA MET EB 176 47.72 66.26 107.57
C MET EB 176 47.76 66.17 109.09
N LYS EB 177 48.85 66.60 109.74
CA LYS EB 177 48.99 66.40 111.18
C LYS EB 177 49.09 67.68 111.98
N GLU EB 178 50.11 68.51 111.76
CA GLU EB 178 50.56 69.42 112.81
C GLU EB 178 49.64 70.63 112.99
N LYS EB 179 49.01 71.12 111.93
CA LYS EB 179 48.31 72.41 111.95
C LYS EB 179 47.15 72.41 112.94
N LEU EB 180 46.89 71.27 113.57
CA LEU EB 180 45.96 71.21 114.71
C LEU EB 180 46.39 72.16 115.83
N ILE EB 181 47.67 72.53 115.87
CA ILE EB 181 48.20 73.41 116.90
C ILE EB 181 47.41 74.72 116.99
N ALA EB 182 46.70 75.10 115.93
CA ALA EB 182 45.98 76.35 115.87
C ALA EB 182 44.55 76.15 115.37
N ASN EB 183 43.84 75.19 115.94
CA ASN EB 183 42.42 74.94 115.65
C ASN EB 183 41.60 75.14 116.92
N HIS EB 184 40.31 74.79 116.84
CA HIS EB 184 39.38 74.98 117.95
C HIS EB 184 38.90 73.63 118.49
N GLN EB 185 38.05 73.68 119.53
CA GLN EB 185 37.63 72.49 120.26
C GLN EB 185 36.11 72.35 120.41
N ARG EB 186 35.36 73.43 120.53
CA ARG EB 186 33.91 73.35 120.64
C ARG EB 186 33.19 73.96 119.45
N LEU EB 187 33.87 74.72 118.60
CA LEU EB 187 33.29 75.31 117.41
C LEU EB 187 34.26 75.20 116.24
N ASN EB 188 34.86 74.01 116.10
CA ASN EB 188 35.73 73.70 114.98
C ASN EB 188 35.04 72.70 114.07
N ARG EB 189 35.21 72.87 112.76
CA ARG EB 189 34.57 72.01 111.79
C ARG EB 189 35.51 71.75 110.63
N VAL EB 190 35.57 70.49 110.20
CA VAL EB 190 36.42 70.07 109.09
C VAL EB 190 35.65 69.02 108.29
N LEU EB 191 35.83 69.05 106.97
CA LEU EB 191 35.20 68.08 106.09
C LEU EB 191 36.12 66.88 105.84
N VAL EB 192 35.50 65.73 105.60
CA VAL EB 192 36.23 64.51 105.24
C VAL EB 192 35.52 63.88 104.05
N LEU EB 193 36.29 63.17 103.22
CA LEU EB 193 35.79 62.54 102.00
C LEU EB 193 36.39 61.14 101.91
N ASP EB 194 35.70 60.16 102.48
CA ASP EB 194 36.29 58.85 102.74
C ASP EB 194 35.71 57.81 101.80
N ASN EB 195 36.39 57.64 100.67
CA ASN EB 195 36.14 56.56 99.72
C ASN EB 195 37.31 56.58 98.74
N ILE EB 196 37.26 55.72 97.73
CA ILE EB 196 38.21 55.80 96.60
C ILE EB 196 37.54 56.73 95.59
N GLU EB 197 37.63 58.03 95.87
CA GLU EB 197 36.79 59.01 95.19
C GLU EB 197 37.34 59.30 93.79
N ASP EB 198 36.81 60.35 93.16
CA ASP EB 198 37.10 60.67 91.78
C ASP EB 198 36.97 62.17 91.60
N PRO EB 199 37.57 62.72 90.56
CA PRO EB 199 37.37 64.15 90.25
C PRO EB 199 36.24 64.35 89.27
N GLY EB 200 35.68 65.57 89.28
CA GLY EB 200 36.06 66.60 90.23
C GLY EB 200 34.91 66.83 91.20
N VAL EB 201 34.32 65.71 91.65
CA VAL EB 201 33.14 65.73 92.51
C VAL EB 201 33.56 66.09 93.93
N LEU EB 202 34.86 66.31 94.13
CA LEU EB 202 35.38 66.89 95.36
C LEU EB 202 35.67 68.38 95.22
N GLY EB 203 36.15 68.81 94.06
CA GLY EB 203 36.41 70.23 93.85
C GLY EB 203 35.19 71.09 94.13
N THR EB 204 34.04 70.67 93.60
CA THR EB 204 32.79 71.33 93.92
C THR EB 204 32.39 71.13 95.38
N LEU EB 205 33.08 70.23 96.08
CA LEU EB 205 32.83 70.02 97.51
C LEU EB 205 33.90 70.67 98.38
N LEU EB 206 35.13 70.77 97.91
CA LEU EB 206 36.18 71.49 98.62
C LEU EB 206 36.06 72.99 98.45
N ARG EB 207 34.94 73.47 97.93
CA ARG EB 207 34.58 74.87 98.02
C ARG EB 207 33.48 75.14 99.03
N THR EB 208 32.62 74.15 99.29
CA THR EB 208 31.61 74.32 100.33
C THR EB 208 32.24 74.45 101.71
N ALA EB 209 33.42 73.84 101.90
CA ALA EB 209 34.19 74.15 103.10
C ALA EB 209 34.59 75.61 103.12
N SER EB 210 34.99 76.13 101.97
CA SER EB 210 35.39 77.54 101.86
C SER EB 210 34.18 78.44 101.74
N GLY EB 211 33.28 78.14 100.80
CA GLY EB 211 32.10 78.95 100.62
C GLY EB 211 31.19 79.00 101.82
N TYR EB 212 31.33 78.06 102.75
CA TYR EB 212 30.59 78.08 104.01
C TYR EB 212 31.51 78.10 105.23
N GLN EB 213 32.78 78.47 105.05
CA GLN EB 213 33.70 78.75 106.14
C GLN EB 213 33.90 77.53 107.05
N TYR EB 214 34.55 76.52 106.49
CA TYR EB 214 35.13 75.47 107.30
C TYR EB 214 36.63 75.74 107.50
N ASP EB 215 37.18 75.14 108.56
CA ASP EB 215 38.58 75.35 108.86
C ASP EB 215 39.47 74.71 107.80
N ALA EB 216 39.41 73.39 107.67
CA ALA EB 216 40.19 72.66 106.69
C ALA EB 216 39.40 71.43 106.31
N ILE EB 217 40.02 70.52 105.54
CA ILE EB 217 39.32 69.38 104.98
C ILE EB 217 40.22 68.14 105.06
N ILE EB 218 39.76 67.12 105.76
CA ILE EB 218 40.46 65.83 105.79
C ILE EB 218 40.18 65.12 104.46
N ALA EB 219 41.11 65.23 103.51
CA ALA EB 219 41.00 64.48 102.26
C ALA EB 219 41.62 63.10 102.49
N THR EB 220 40.78 62.07 102.55
CA THR EB 220 41.22 60.72 102.91
C THR EB 220 41.89 60.05 101.71
N ASN EB 221 43.12 60.47 101.43
CA ASN EB 221 43.86 59.93 100.31
C ASN EB 221 44.53 58.61 100.70
N HIS EB 222 44.73 57.72 99.72
CA HIS EB 222 44.45 57.97 98.30
C HIS EB 222 42.99 57.76 97.91
N CYS EB 223 42.18 58.79 98.13
CA CYS EB 223 40.83 58.82 97.59
C CYS EB 223 40.86 59.09 96.09
N ALA EB 224 41.42 60.23 95.72
CA ALA EB 224 41.52 60.63 94.32
C ALA EB 224 42.63 61.66 94.21
N ASP EB 225 42.67 62.36 93.09
CA ASP EB 225 43.51 63.52 92.94
C ASP EB 225 42.98 64.65 93.81
N LEU EB 226 43.90 65.41 94.40
CA LEU EB 226 43.55 66.53 95.27
C LEU EB 226 44.14 67.85 94.81
N TYR EB 227 45.35 67.84 94.27
CA TYR EB 227 45.97 69.04 93.71
C TYR EB 227 45.69 69.19 92.23
N ASP EB 228 44.80 68.37 91.68
CA ASP EB 228 44.63 68.27 90.23
C ASP EB 228 44.27 69.62 89.63
N HIS EB 229 44.69 69.83 88.38
CA HIS EB 229 44.38 71.06 87.68
C HIS EB 229 42.91 71.18 87.32
N ARG EB 230 42.10 70.18 87.62
CA ARG EB 230 40.66 70.25 87.44
C ARG EB 230 39.92 70.40 88.77
N VAL EB 231 40.27 69.57 89.75
CA VAL EB 231 39.64 69.67 91.07
C VAL EB 231 39.79 71.08 91.63
N VAL EB 232 40.98 71.65 91.50
CA VAL EB 232 41.17 73.05 91.87
C VAL EB 232 40.39 73.95 90.91
N ARG EB 233 40.34 73.58 89.63
CA ARG EB 233 39.60 74.38 88.66
C ARG EB 233 38.10 74.23 88.84
N ALA EB 234 37.65 73.08 89.33
CA ALA EB 234 36.22 72.90 89.59
C ALA EB 234 35.71 73.78 90.72
N ALA EB 235 36.61 74.39 91.50
CA ALA EB 235 36.22 75.32 92.54
C ALA EB 235 36.58 76.76 92.19
N ARG EB 236 36.99 77.01 90.94
CA ARG EB 236 37.20 78.36 90.42
C ARG EB 236 38.20 79.14 91.25
N GLY EB 237 39.32 78.53 91.60
CA GLY EB 237 40.35 79.23 92.35
C GLY EB 237 40.03 79.37 93.82
N ALA EB 238 38.75 79.39 94.18
CA ALA EB 238 38.37 79.38 95.58
C ALA EB 238 38.72 78.07 96.26
N HIS EB 239 39.21 77.09 95.50
CA HIS EB 239 39.77 75.89 96.11
C HIS EB 239 40.97 76.23 96.99
N PHE EB 240 41.93 76.97 96.43
CA PHE EB 240 43.14 77.35 97.14
C PHE EB 240 42.91 78.61 97.98
N GLN EB 241 41.86 78.63 98.78
CA GLN EB 241 41.53 79.83 99.54
C GLN EB 241 42.30 79.86 100.85
N THR EB 242 42.43 81.06 101.40
CA THR EB 242 43.15 81.26 102.65
C THR EB 242 42.55 80.45 103.79
N SER EB 243 41.23 80.27 103.79
CA SER EB 243 40.53 79.62 104.90
C SER EB 243 40.38 78.13 104.70
N VAL EB 244 41.17 77.52 103.82
CA VAL EB 244 41.11 76.07 103.59
C VAL EB 244 42.51 75.53 103.30
N PRO EB 245 43.26 75.09 104.31
CA PRO EB 245 44.49 74.33 104.02
C PRO EB 245 44.15 72.85 103.82
N ILE EB 246 44.70 72.29 102.74
CA ILE EB 246 44.28 70.96 102.28
C ILE EB 246 44.85 69.88 103.18
N TYR EB 247 44.06 69.42 104.15
CA TYR EB 247 44.46 68.34 105.04
C TYR EB 247 44.31 67.02 104.28
N THR EB 248 45.25 66.78 103.37
CA THR EB 248 45.28 65.50 102.67
C THR EB 248 45.74 64.41 103.62
N LEU EB 249 44.86 63.44 103.90
CA LEU EB 249 45.14 62.40 104.87
C LEU EB 249 45.47 61.10 104.16
N LYS EB 250 46.62 60.52 104.49
CA LYS EB 250 46.99 59.17 104.08
C LYS EB 250 46.74 58.22 105.24
N ASP EB 251 45.95 57.18 105.00
CA ASP EB 251 45.58 56.22 106.03
C ASP EB 251 44.95 55.02 105.33
N GLU EB 252 44.34 54.14 106.13
CA GLU EB 252 43.63 52.98 105.60
C GLU EB 252 42.46 52.68 106.53
N ASP EB 253 41.86 51.52 106.33
CA ASP EB 253 40.72 51.07 107.12
C ASP EB 253 41.12 50.56 108.49
N GLY EB 254 42.34 50.83 108.95
CA GLY EB 254 42.77 50.34 110.25
C GLY EB 254 41.98 50.92 111.41
N ASP EB 255 41.23 52.00 111.17
CA ASP EB 255 40.44 52.70 112.18
C ASP EB 255 41.34 53.40 113.18
N ASP EB 256 42.66 53.22 113.06
CA ASP EB 256 43.58 54.13 113.71
C ASP EB 256 43.33 55.57 113.27
N VAL EB 257 42.58 55.76 112.19
CA VAL EB 257 42.16 57.07 111.73
C VAL EB 257 41.22 57.72 112.74
N TYR EB 258 40.56 56.94 113.59
CA TYR EB 258 39.82 57.53 114.69
C TYR EB 258 40.76 57.97 115.80
N GLY EB 259 41.93 57.34 115.90
CA GLY EB 259 43.03 57.94 116.63
C GLY EB 259 43.57 59.15 115.91
N LEU EB 260 43.40 59.21 114.59
CA LEU EB 260 43.65 60.44 113.86
C LEU EB 260 42.51 61.43 114.08
N LEU EB 261 41.26 60.94 114.09
CA LEU EB 261 40.16 61.75 114.59
C LEU EB 261 40.46 62.25 116.00
N ASN EB 262 41.15 61.44 116.79
CA ASN EB 262 41.69 61.90 118.06
C ASN EB 262 42.98 62.69 117.86
N HIS EB 263 43.65 62.49 116.74
CA HIS EB 263 44.81 63.37 116.46
C HIS EB 263 44.27 64.71 115.96
N ILE EB 264 43.03 64.74 115.47
CA ILE EB 264 42.45 65.99 114.88
C ILE EB 264 41.84 66.81 116.00
N VAL EB 265 42.59 67.75 116.56
CA VAL EB 265 42.07 68.64 117.66
C VAL EB 265 41.41 67.79 118.75
N GLU EB 266 42.01 66.66 119.15
CA GLU EB 266 41.51 65.83 120.30
C GLU EB 266 40.05 65.37 120.21
N ARG EB 267 39.61 64.65 121.26
CA ARG EB 267 38.21 64.32 121.52
C ARG EB 267 37.57 65.55 122.18
N ASN EB 268 36.29 65.45 122.51
CA ASN EB 268 35.45 66.57 122.94
C ASN EB 268 35.33 67.63 121.85
N ASN EB 269 35.65 67.28 120.61
CA ASN EB 269 35.46 68.16 119.47
C ASN EB 269 34.72 67.49 118.33
N LEU EB 270 34.98 66.21 118.07
CA LEU EB 270 34.53 65.55 116.85
C LEU EB 270 33.75 64.30 117.21
N LEU EB 271 32.43 64.41 117.14
CA LEU EB 271 31.55 63.26 117.30
C LEU EB 271 31.53 62.47 116.00
N PRO EB 272 30.84 61.31 115.97
CA PRO EB 272 30.66 60.59 114.71
C PRO EB 272 30.26 61.47 113.54
N LEU EB 273 30.57 61.01 112.33
CA LEU EB 273 30.43 61.81 111.11
C LEU EB 273 29.77 61.08 109.96
N CYS EB 274 29.52 59.79 110.06
CA CYS EB 274 29.30 58.95 108.88
C CYS EB 274 28.08 59.43 108.09
N TYR EB 275 28.15 59.19 106.77
CA TYR EB 275 27.03 59.43 105.86
C TYR EB 275 26.64 58.09 105.25
N ILE EB 276 25.43 57.63 105.56
CA ILE EB 276 25.04 56.28 105.18
C ILE EB 276 23.73 56.31 104.41
N ALA EB 277 23.20 55.12 104.12
CA ALA EB 277 21.91 54.99 103.46
C ALA EB 277 20.79 55.36 104.44
N GLN EB 278 19.55 55.22 104.02
CA GLN EB 278 18.41 55.70 104.79
C GLN EB 278 17.82 54.61 105.68
N ALA EB 279 18.64 53.92 106.49
CA ALA EB 279 18.16 53.32 107.76
C ALA EB 279 18.33 54.26 108.94
N ASP EB 280 18.85 55.46 108.71
CA ASP EB 280 19.20 56.39 109.77
C ASP EB 280 18.16 57.52 109.83
N ALA EB 281 18.14 58.21 110.98
CA ALA EB 281 17.04 59.11 111.31
C ALA EB 281 16.92 60.29 110.36
N ALA EB 282 17.85 61.25 110.43
CA ALA EB 282 17.73 62.48 109.67
C ALA EB 282 18.92 63.42 109.89
N GLY EB 283 18.87 64.58 109.24
CA GLY EB 283 19.82 65.65 109.51
C GLY EB 283 19.17 66.79 110.28
N VAL EB 284 17.84 66.79 110.31
CA VAL EB 284 17.11 67.75 111.12
C VAL EB 284 16.58 66.98 112.33
N ASP EB 285 17.21 65.84 112.61
CA ASP EB 285 17.07 65.12 113.86
C ASP EB 285 18.37 65.03 114.63
N GLY EB 286 19.44 64.59 113.97
CA GLY EB 286 20.74 64.53 114.58
C GLY EB 286 21.44 65.88 114.57
N GLU EB 287 21.53 66.50 113.40
CA GLU EB 287 22.16 67.81 113.29
C GLU EB 287 21.20 68.94 113.64
N THR EB 288 20.00 68.63 114.12
CA THR EB 288 19.21 69.64 114.81
C THR EB 288 19.49 69.65 116.30
N ALA EB 289 20.17 68.62 116.81
CA ALA EB 289 20.40 68.44 118.23
C ALA EB 289 21.89 68.42 118.55
N GLY EB 290 22.62 69.38 118.00
CA GLY EB 290 24.03 69.46 118.29
C GLY EB 290 24.28 69.87 119.73
N THR EB 291 24.01 71.14 120.05
CA THR EB 291 24.21 71.70 121.39
C THR EB 291 25.66 71.55 121.84
N GLN EB 292 26.52 71.14 120.92
CA GLN EB 292 27.84 70.58 121.20
C GLN EB 292 28.65 70.76 119.91
N THR EB 293 29.74 70.00 119.79
CA THR EB 293 30.54 69.99 118.58
C THR EB 293 30.74 68.56 118.08
N GLY EB 294 30.80 68.41 116.76
CA GLY EB 294 30.91 67.10 116.12
C GLY EB 294 31.88 67.08 114.95
N PHE EB 295 31.56 66.31 113.90
CA PHE EB 295 32.48 66.19 112.77
C PHE EB 295 31.73 65.85 111.49
N VAL EB 296 32.31 66.29 110.37
CA VAL EB 296 31.71 66.20 109.05
C VAL EB 296 32.55 65.28 108.16
N SER EB 297 31.88 64.51 107.31
CA SER EB 297 32.56 63.55 106.45
C SER EB 297 31.65 63.06 105.32
N SER EB 298 32.13 63.08 104.08
CA SER EB 298 31.29 62.81 102.91
C SER EB 298 31.92 61.79 101.97
N PRO EB 299 31.44 60.56 101.94
CA PRO EB 299 32.02 59.55 101.04
C PRO EB 299 31.51 59.59 99.61
N GLU EB 300 31.95 58.63 98.80
CA GLU EB 300 31.48 58.40 97.45
C GLU EB 300 30.53 57.21 97.44
N ALA EB 301 29.93 56.95 96.28
CA ALA EB 301 28.89 55.93 96.19
C ALA EB 301 29.42 54.50 96.24
N PRO EB 302 30.40 54.09 95.43
CA PRO EB 302 30.64 52.64 95.24
C PRO EB 302 31.11 51.91 96.48
N VAL EB 303 31.68 52.59 97.48
CA VAL EB 303 32.24 51.88 98.63
C VAL EB 303 31.60 52.39 99.93
N GLY EB 304 31.13 53.64 99.90
CA GLY EB 304 30.78 54.29 101.14
C GLY EB 304 32.07 54.75 101.80
N ARG EB 305 32.33 54.31 103.02
CA ARG EB 305 33.59 54.58 103.70
C ARG EB 305 34.39 53.29 103.83
N VAL EB 306 35.64 53.45 104.29
CA VAL EB 306 36.45 52.28 104.59
C VAL EB 306 35.75 51.46 105.68
N PHE EB 307 36.06 50.16 105.71
CA PHE EB 307 35.24 49.21 106.46
C PHE EB 307 35.12 49.58 107.93
N ARG EB 308 36.23 49.98 108.56
CA ARG EB 308 36.22 50.25 109.99
C ARG EB 308 35.79 51.67 110.32
N SER EB 309 35.01 52.31 109.46
CA SER EB 309 34.51 53.65 109.74
C SER EB 309 33.18 53.65 110.47
N SER EB 310 32.30 52.70 110.17
CA SER EB 310 31.02 52.55 110.87
C SER EB 310 31.14 51.72 112.14
N VAL EB 311 32.28 51.07 112.35
CA VAL EB 311 32.47 50.24 113.54
C VAL EB 311 32.69 51.09 114.79
N VAL EB 312 33.00 52.37 114.64
CA VAL EB 312 33.20 53.30 115.75
C VAL EB 312 32.35 54.53 115.48
N GLY EB 313 31.11 54.52 115.94
CA GLY EB 313 30.22 55.63 115.67
C GLY EB 313 28.91 55.59 116.44
N ALA EB 314 28.49 56.72 116.97
CA ALA EB 314 27.21 56.85 117.64
C ALA EB 314 26.20 57.69 116.87
N ALA EB 315 26.61 58.28 115.73
CA ALA EB 315 25.75 59.19 114.97
C ALA EB 315 26.22 59.34 113.53
N PRO EB 316 25.76 58.48 112.62
CA PRO EB 316 25.90 58.74 111.19
C PRO EB 316 24.81 59.70 110.71
N VAL EB 317 24.89 60.07 109.43
CA VAL EB 317 24.01 61.07 108.85
C VAL EB 317 23.37 60.55 107.57
N PRO EB 318 22.03 60.51 107.49
CA PRO EB 318 21.39 60.13 106.23
C PRO EB 318 21.02 61.35 105.40
N LEU EB 319 20.42 61.14 104.22
CA LEU EB 319 19.88 62.22 103.41
C LEU EB 319 18.66 61.71 102.64
N PRO EB 320 17.57 62.47 102.63
CA PRO EB 320 16.36 62.04 101.91
C PRO EB 320 16.63 61.71 100.45
N ALA EB 321 15.70 60.94 99.88
CA ALA EB 321 15.91 60.30 98.59
C ALA EB 321 14.58 60.20 97.86
N PRO EB 322 14.59 59.97 96.53
CA PRO EB 322 13.32 59.83 95.80
C PRO EB 322 12.67 58.48 96.04
N ARG EB 323 13.47 57.42 96.03
CA ARG EB 323 13.00 56.08 96.30
C ARG EB 323 14.05 55.38 97.17
N GLN EB 324 13.88 54.08 97.38
CA GLN EB 324 14.75 53.39 98.32
C GLN EB 324 16.14 53.18 97.74
N SER EB 325 16.25 52.39 96.67
CA SER EB 325 17.56 52.13 96.09
C SER EB 325 18.15 53.33 95.36
N ASP EB 326 17.34 54.36 95.08
CA ASP EB 326 17.86 55.56 94.47
C ASP EB 326 18.59 56.40 95.52
N SER EB 327 19.68 57.05 95.08
CA SER EB 327 20.51 57.84 95.99
C SER EB 327 20.98 59.08 95.24
N SER EB 328 21.75 59.91 95.93
CA SER EB 328 22.22 61.18 95.40
C SER EB 328 23.75 61.20 95.35
N TYR EB 329 24.29 62.37 95.00
CA TYR EB 329 25.69 62.48 94.62
C TYR EB 329 26.62 62.28 95.82
N ALA EB 330 27.92 62.42 95.54
CA ALA EB 330 28.92 62.61 96.57
C ALA EB 330 29.15 64.08 96.88
N ALA EB 331 28.97 64.96 95.88
CA ALA EB 331 29.02 66.39 96.11
C ALA EB 331 27.70 66.95 96.59
N SER EB 332 26.61 66.21 96.39
CA SER EB 332 25.30 66.60 96.94
C SER EB 332 25.07 66.06 98.34
N LEU EB 333 26.01 65.28 98.88
CA LEU EB 333 25.89 64.80 100.25
C LEU EB 333 26.26 65.92 101.21
N SER EB 334 27.52 66.38 101.15
CA SER EB 334 27.99 67.38 102.08
C SER EB 334 27.26 68.71 101.92
N ARG EB 335 26.86 69.03 100.70
CA ARG EB 335 26.35 70.37 100.44
C ARG EB 335 25.11 70.67 101.27
N GLU EB 336 24.26 69.67 101.50
CA GLU EB 336 23.16 69.86 102.41
C GLU EB 336 23.64 69.94 103.86
N LEU EB 337 24.72 69.25 104.16
CA LEU EB 337 25.21 69.17 105.54
C LEU EB 337 26.33 70.15 105.85
N ALA EB 338 27.20 70.45 104.89
CA ALA EB 338 28.12 71.57 105.08
C ALA EB 338 27.38 72.89 105.17
N SER EB 339 26.10 72.93 104.82
CA SER EB 339 25.28 74.12 104.96
C SER EB 339 24.33 74.05 106.16
N VAL EB 340 24.22 72.92 106.84
CA VAL EB 340 23.52 72.90 108.12
C VAL EB 340 24.48 73.13 109.28
N SER EB 341 25.73 72.67 109.16
CA SER EB 341 26.76 72.91 110.15
C SER EB 341 27.60 74.14 109.82
N GLN EB 342 27.04 75.11 109.12
CA GLN EB 342 27.77 76.32 108.72
C GLN EB 342 27.98 77.25 109.91
N ALA EB 343 26.89 77.77 110.46
CA ALA EB 343 26.93 78.53 111.71
C ALA EB 343 25.82 78.17 112.68
N ARG EB 344 24.69 77.63 112.22
CA ARG EB 344 23.58 77.22 113.06
C ARG EB 344 23.05 78.38 113.91
N GLU EB 345 22.55 79.40 113.21
CA GLU EB 345 21.95 80.56 113.85
C GLU EB 345 20.43 80.54 113.83
N GLU EB 346 19.84 79.95 112.78
CA GLU EB 346 18.39 79.81 112.74
C GLU EB 346 17.90 78.83 113.80
N LEU EB 347 18.59 77.68 113.91
CA LEU EB 347 18.18 76.65 114.86
C LEU EB 347 18.08 77.19 116.27
N LEU EB 348 18.94 78.14 116.64
CA LEU EB 348 18.78 78.84 117.90
C LEU EB 348 17.41 79.49 117.97
N SER EB 349 17.05 80.27 116.94
CA SER EB 349 15.74 80.88 116.87
C SER EB 349 14.62 79.87 116.64
N ASP EB 350 14.95 78.59 116.46
CA ASP EB 350 13.98 77.55 116.18
C ASP EB 350 13.62 76.73 117.42
N PHE EB 351 13.68 77.34 118.61
CA PHE EB 351 13.49 76.59 119.84
C PHE EB 351 12.06 76.11 120.02
N CYS EB 352 11.12 77.05 120.15
CA CYS EB 352 9.70 76.73 120.34
C CYS EB 352 9.49 75.82 121.55
N VAL FB 78 32.91 43.64 64.72
CA VAL FB 78 34.02 44.52 65.06
C VAL FB 78 34.05 45.69 64.11
N ILE FB 79 33.98 46.90 64.66
CA ILE FB 79 33.87 48.12 63.85
C ILE FB 79 35.00 49.05 64.24
N ASP FB 80 36.08 49.04 63.45
CA ASP FB 80 37.24 49.89 63.66
C ASP FB 80 37.22 51.11 62.75
N ASP FB 81 36.04 51.63 62.45
CA ASP FB 81 35.87 52.73 61.50
C ASP FB 81 34.86 53.71 62.06
N VAL FB 82 35.26 54.99 62.15
CA VAL FB 82 34.35 56.02 62.63
C VAL FB 82 33.34 56.45 61.57
N ASN FB 83 33.49 55.99 60.34
CA ASN FB 83 32.54 56.29 59.30
C ASN FB 83 31.37 55.31 59.24
N HIS FB 84 31.34 54.32 60.12
CA HIS FB 84 30.27 53.34 60.11
C HIS FB 84 28.94 53.99 60.42
N ALA FB 85 27.88 53.52 59.75
CA ALA FB 85 26.56 54.09 59.95
C ALA FB 85 26.17 54.06 61.42
N LEU FB 86 26.41 52.94 62.10
CA LEU FB 86 26.09 52.86 63.52
C LEU FB 86 26.89 53.86 64.33
N VAL FB 87 28.13 54.12 63.92
CA VAL FB 87 28.92 55.16 64.60
C VAL FB 87 28.30 56.53 64.35
N GLN FB 88 28.24 56.94 63.08
CA GLN FB 88 27.61 58.21 62.74
C GLN FB 88 26.18 58.28 63.25
N HIS FB 89 25.54 57.14 63.47
CA HIS FB 89 24.25 57.14 64.15
C HIS FB 89 24.37 57.75 65.52
N PHE FB 90 25.27 57.22 66.34
CA PHE FB 90 25.34 57.64 67.73
C PHE FB 90 25.82 59.08 67.88
N LEU FB 91 26.77 59.49 67.06
CA LEU FB 91 27.23 60.88 67.12
C LEU FB 91 26.08 61.85 66.91
N LYS FB 92 25.40 61.77 65.77
CA LYS FB 92 24.23 62.59 65.54
C LYS FB 92 23.09 62.26 66.49
N LEU FB 93 23.25 61.25 67.34
CA LEU FB 93 22.32 60.98 68.43
C LEU FB 93 22.83 61.48 69.77
N SER FB 94 24.13 61.68 69.90
CA SER FB 94 24.75 62.14 71.14
C SER FB 94 24.88 63.64 71.23
N THR FB 95 25.22 64.31 70.13
CA THR FB 95 25.47 65.74 70.13
C THR FB 95 24.41 66.56 69.43
N ASN FB 96 23.98 66.18 68.24
CA ASN FB 96 22.88 66.87 67.57
C ASN FB 96 21.61 66.65 68.35
N ASP FB 97 20.69 67.62 68.26
CA ASP FB 97 19.43 67.56 69.01
C ASP FB 97 18.20 67.58 68.12
N LYS FB 98 18.32 68.04 66.88
CA LYS FB 98 17.16 67.98 65.98
C LYS FB 98 16.89 66.55 65.55
N TYR FB 99 17.90 65.89 64.98
CA TYR FB 99 17.72 64.54 64.48
C TYR FB 99 17.79 63.54 65.62
N ARG FB 100 17.56 64.00 66.85
CA ARG FB 100 17.33 63.09 67.96
C ARG FB 100 15.88 62.66 68.01
N GLN FB 101 14.97 63.63 68.24
CA GLN FB 101 13.57 63.31 68.37
C GLN FB 101 12.99 62.80 67.06
N ALA FB 102 13.51 63.29 65.93
CA ALA FB 102 13.05 62.81 64.63
C ALA FB 102 13.17 61.30 64.51
N ARG FB 103 13.99 60.67 65.34
CA ARG FB 103 14.05 59.22 65.45
C ARG FB 103 13.64 58.72 66.81
N GLN FB 104 13.36 59.63 67.76
CA GLN FB 104 12.90 59.25 69.10
C GLN FB 104 13.91 58.36 69.82
N MET FB 105 15.18 58.77 69.80
CA MET FB 105 16.25 58.00 70.42
C MET FB 105 17.18 58.91 71.20
N LEU FB 106 17.93 58.32 72.12
CA LEU FB 106 18.84 59.04 72.97
C LEU FB 106 19.94 58.09 73.43
N VAL FB 107 21.18 58.56 73.37
CA VAL FB 107 22.33 57.72 73.67
C VAL FB 107 22.48 57.61 75.18
N ILE FB 108 22.69 56.39 75.65
CA ILE FB 108 22.99 56.13 77.05
C ILE FB 108 24.38 55.50 77.13
N GLY FB 109 25.21 56.01 78.02
CA GLY FB 109 26.48 55.40 78.35
C GLY FB 109 26.44 54.89 79.78
N GLY FB 110 27.06 53.75 80.02
CA GLY FB 110 27.14 53.23 81.36
C GLY FB 110 27.09 51.72 81.46
N ARG FB 111 28.07 51.15 82.16
CA ARG FB 111 28.10 49.71 82.37
C ARG FB 111 26.96 49.27 83.28
N ALA FB 112 26.86 49.88 84.46
CA ALA FB 112 25.74 49.64 85.34
C ALA FB 112 24.57 50.56 85.08
N MET FB 113 24.79 51.67 84.37
CA MET FB 113 23.69 52.58 84.10
C MET FB 113 22.72 52.01 83.09
N ILE FB 114 23.14 51.05 82.28
CA ILE FB 114 22.23 50.43 81.32
C ILE FB 114 21.35 49.39 82.00
N GLU FB 115 21.94 48.53 82.84
CA GLU FB 115 21.13 47.54 83.55
C GLU FB 115 20.13 48.22 84.48
N GLU FB 116 20.55 49.31 85.15
CA GLU FB 116 19.62 50.11 85.93
C GLU FB 116 18.37 50.44 85.12
N LEU FB 117 18.56 50.90 83.89
CA LEU FB 117 17.42 51.13 83.02
C LEU FB 117 16.88 49.83 82.48
N CYS FB 118 17.76 48.85 82.23
CA CYS FB 118 17.29 47.56 81.74
C CYS FB 118 16.44 46.84 82.78
N ARG FB 119 16.73 47.06 84.06
CA ARG FB 119 15.94 46.41 85.11
C ARG FB 119 14.47 46.78 85.00
N ALA FB 120 14.16 48.05 84.77
CA ALA FB 120 12.77 48.49 84.69
C ALA FB 120 12.25 48.47 83.25
N GLY FB 121 12.44 47.34 82.58
CA GLY FB 121 11.88 47.10 81.27
C GLY FB 121 12.28 48.10 80.21
N HIS FB 122 13.56 48.14 79.85
CA HIS FB 122 14.04 48.98 78.76
C HIS FB 122 15.20 48.27 78.09
N ARG FB 123 15.14 48.14 76.78
CA ARG FB 123 16.14 47.40 76.02
C ARG FB 123 16.79 48.32 75.01
N PRO FB 124 18.10 48.51 75.04
CA PRO FB 124 18.75 49.39 74.07
C PRO FB 124 18.62 48.86 72.65
N ARG FB 125 18.38 49.77 71.71
CA ARG FB 125 18.25 49.36 70.32
C ARG FB 125 19.57 48.82 69.77
N HIS FB 126 20.63 49.63 69.83
CA HIS FB 126 21.95 49.20 69.39
C HIS FB 126 22.90 49.34 70.58
N LEU FB 127 23.11 48.26 71.31
CA LEU FB 127 24.05 48.28 72.43
C LEU FB 127 25.44 47.95 71.89
N MET FB 128 26.29 48.96 71.84
CA MET FB 128 27.64 48.81 71.31
C MET FB 128 28.60 48.61 72.47
N VAL FB 129 29.02 47.37 72.67
CA VAL FB 129 30.11 47.07 73.60
C VAL FB 129 31.43 47.29 72.88
N GLU FB 130 32.40 47.85 73.57
CA GLU FB 130 33.73 47.94 72.99
C GLU FB 130 34.35 46.56 72.93
N CYS FB 131 35.13 46.30 71.89
CA CYS FB 131 35.72 44.97 71.75
C CYS FB 131 36.71 44.74 72.88
N GLY FB 132 36.32 43.93 73.85
CA GLY FB 132 37.18 43.71 75.00
C GLY FB 132 36.70 42.66 75.97
N LYS FB 133 37.07 42.83 77.24
CA LYS FB 133 36.80 41.87 78.30
C LYS FB 133 35.39 41.96 78.89
N PRO FB 134 34.88 43.16 79.26
CA PRO FB 134 33.62 43.18 80.01
C PRO FB 134 32.42 42.94 79.12
N ILE FB 135 31.89 41.71 79.14
CA ILE FB 135 30.80 41.32 78.26
C ILE FB 135 29.69 40.66 79.07
N PRO FB 136 29.02 41.37 79.98
CA PRO FB 136 27.91 40.74 80.72
C PRO FB 136 26.70 40.55 79.81
N GLU FB 137 26.10 39.36 79.88
CA GLU FB 137 25.05 38.99 78.95
C GLU FB 137 23.74 38.68 79.68
N PHE FB 138 23.35 39.57 80.58
CA PHE FB 138 22.14 39.36 81.39
C PHE FB 138 20.86 39.64 80.62
N LEU FB 139 20.96 40.06 79.35
CA LEU FB 139 19.76 40.31 78.54
C LEU FB 139 19.96 39.87 77.09
N HIS FB 140 20.99 39.08 76.80
CA HIS FB 140 21.40 38.74 75.44
C HIS FB 140 20.34 37.95 74.69
N ASP FB 141 20.64 37.56 73.44
CA ASP FB 141 19.71 36.77 72.64
C ASP FB 141 18.40 37.52 72.38
N ARG FB 142 18.45 38.51 71.48
CA ARG FB 142 17.39 39.47 71.24
C ARG FB 142 17.26 40.44 72.40
N ARG FB 143 18.36 41.09 72.77
CA ARG FB 143 18.28 42.27 73.62
C ARG FB 143 18.02 43.50 72.75
N LYS FB 144 17.04 43.41 71.85
CA LYS FB 144 16.95 44.41 70.80
C LYS FB 144 18.32 44.48 70.16
N THR FB 145 18.65 43.45 69.38
CA THR FB 145 20.01 43.06 68.98
C THR FB 145 20.72 44.12 68.16
N ASP FB 146 21.83 43.72 67.52
CA ASP FB 146 22.97 44.58 67.19
C ASP FB 146 23.77 44.89 68.45
N VAL FB 147 24.18 43.83 69.14
CA VAL FB 147 25.10 43.95 70.28
C VAL FB 147 26.50 43.97 69.67
N VAL FB 148 26.87 45.13 69.16
CA VAL FB 148 28.07 45.23 68.33
C VAL FB 148 29.29 45.38 69.23
N LEU FB 149 30.41 44.82 68.78
CA LEU FB 149 31.70 45.04 69.41
C LEU FB 149 32.44 46.12 68.64
N VAL FB 150 32.95 47.13 69.36
CA VAL FB 150 33.52 48.32 68.73
C VAL FB 150 34.98 48.45 69.12
N ASP FB 151 35.76 49.04 68.23
CA ASP FB 151 37.18 49.26 68.45
C ASP FB 151 37.41 50.27 69.56
N ARG FB 152 38.63 50.23 70.10
CA ARG FB 152 39.06 51.28 71.03
C ARG FB 152 38.95 52.65 70.38
N SER FB 153 39.31 52.74 69.09
CA SER FB 153 39.34 54.04 68.43
C SER FB 153 37.98 54.71 68.42
N VAL FB 154 36.94 53.97 68.06
CA VAL FB 154 35.60 54.54 68.11
C VAL FB 154 35.11 54.61 69.54
N SER FB 155 35.64 53.78 70.44
CA SER FB 155 35.36 53.94 71.86
C SER FB 155 35.82 55.29 72.39
N VAL FB 156 36.66 55.99 71.64
CA VAL FB 156 37.10 57.32 72.02
C VAL FB 156 36.26 58.40 71.36
N ALA FB 157 35.87 58.20 70.10
CA ALA FB 157 35.26 59.27 69.31
C ALA FB 157 33.79 59.48 69.66
N VAL FB 158 32.95 58.50 69.33
CA VAL FB 158 31.52 58.66 69.53
C VAL FB 158 31.16 58.62 71.00
N THR FB 159 32.09 58.27 71.87
CA THR FB 159 31.82 58.04 73.28
C THR FB 159 32.74 58.89 74.15
N PRO FB 160 32.38 60.14 74.39
CA PRO FB 160 33.03 60.85 75.49
C PRO FB 160 32.56 60.26 76.79
N GLY FB 161 33.39 59.45 77.41
CA GLY FB 161 32.98 58.65 78.54
C GLY FB 161 33.81 57.40 78.65
N SER FB 162 34.21 57.05 79.87
CA SER FB 162 35.16 55.99 80.13
C SER FB 162 34.51 54.61 80.21
N ASP FB 163 33.32 54.44 79.65
CA ASP FB 163 32.61 53.18 79.70
C ASP FB 163 32.98 52.31 78.50
N GLY FB 164 33.01 51.00 78.72
CA GLY FB 164 33.16 50.07 77.62
C GLY FB 164 31.81 49.48 77.27
N TYR FB 165 30.76 50.23 77.60
CA TYR FB 165 29.39 49.71 77.60
C TYR FB 165 28.49 50.89 77.27
N VAL FB 166 28.17 51.05 75.99
CA VAL FB 166 27.39 52.20 75.52
C VAL FB 166 26.28 51.72 74.61
N GLY FB 167 25.14 52.39 74.69
CA GLY FB 167 24.00 52.06 73.85
C GLY FB 167 23.14 53.26 73.49
N ASP FB 168 21.86 53.03 73.24
CA ASP FB 168 20.89 54.10 73.03
C ASP FB 168 19.49 53.55 73.29
N PHE FB 169 18.60 54.43 73.71
CA PHE FB 169 17.29 54.01 74.18
C PHE FB 169 16.19 54.80 73.50
N ALA FB 170 14.95 54.46 73.84
CA ALA FB 170 13.76 55.04 73.23
C ALA FB 170 13.27 56.19 74.08
N ILE FB 171 13.21 57.38 73.48
CA ILE FB 171 12.79 58.61 74.18
C ILE FB 171 11.41 58.41 74.78
N PRO FB 172 11.21 58.61 76.07
CA PRO FB 172 9.85 58.67 76.62
C PRO FB 172 9.26 60.05 76.46
N THR FB 173 8.06 60.31 77.01
CA THR FB 173 7.62 61.70 77.00
C THR FB 173 6.64 61.97 78.13
N PRO FB 174 6.71 63.13 78.78
CA PRO FB 174 5.62 63.57 79.66
C PRO FB 174 4.66 64.47 78.91
N PRO FB 175 3.39 64.52 79.34
CA PRO FB 175 2.40 65.31 78.62
C PRO FB 175 2.31 66.76 79.09
N MET FB 176 2.43 67.71 78.16
CA MET FB 176 2.39 69.14 78.41
C MET FB 176 1.05 69.63 78.93
N LYS FB 177 0.07 68.76 79.19
CA LYS FB 177 -1.23 69.21 79.68
C LYS FB 177 -1.34 69.14 81.19
N GLU FB 178 -0.68 68.18 81.84
CA GLU FB 178 -0.76 68.06 83.28
C GLU FB 178 -0.08 69.20 84.01
N LYS FB 179 0.68 70.05 83.31
CA LYS FB 179 1.09 71.32 83.86
C LYS FB 179 -0.05 72.31 83.97
N LEU FB 180 -1.15 72.06 83.25
CA LEU FB 180 -2.19 73.03 83.06
C LEU FB 180 -3.50 72.68 83.74
N ILE FB 181 -3.69 71.43 84.14
CA ILE FB 181 -5.00 70.99 84.62
C ILE FB 181 -4.94 70.40 86.02
N ALA FB 182 -4.24 69.29 86.18
CA ALA FB 182 -4.21 68.62 87.48
C ALA FB 182 -3.13 69.25 88.34
N ASN FB 183 -3.14 70.57 88.43
CA ASN FB 183 -2.24 71.29 89.32
C ASN FB 183 -2.75 71.09 90.75
N HIS FB 184 -2.12 70.16 91.47
CA HIS FB 184 -2.56 69.86 92.83
C HIS FB 184 -2.13 70.97 93.78
N GLN FB 185 -2.95 71.20 94.81
CA GLN FB 185 -2.94 72.50 95.47
C GLN FB 185 -1.71 72.69 96.36
N ARG FB 186 -1.59 71.91 97.43
CA ARG FB 186 -0.65 72.27 98.50
C ARG FB 186 0.79 71.87 98.17
N LEU FB 187 1.06 70.58 98.04
CA LEU FB 187 2.44 70.09 97.96
C LEU FB 187 2.98 70.25 96.54
N ASN FB 188 2.80 71.45 96.00
CA ASN FB 188 3.22 71.77 94.63
C ASN FB 188 4.33 72.81 94.70
N ARG FB 189 5.57 72.33 94.70
CA ARG FB 189 6.72 73.20 94.51
C ARG FB 189 7.38 72.86 93.18
N VAL FB 190 7.65 73.91 92.41
CA VAL FB 190 8.06 73.79 91.02
C VAL FB 190 9.51 74.24 90.90
N LEU FB 191 10.21 73.69 89.92
CA LEU FB 191 11.52 74.17 89.51
C LEU FB 191 11.39 74.74 88.10
N VAL FB 192 12.30 75.63 87.71
CA VAL FB 192 12.23 76.26 86.40
C VAL FB 192 13.56 76.18 85.65
N LEU FB 193 14.66 76.62 86.26
CA LEU FB 193 15.99 76.54 85.66
C LEU FB 193 16.04 77.34 84.35
N ASP FB 194 16.01 78.66 84.48
CA ASP FB 194 16.01 79.56 83.33
C ASP FB 194 17.41 80.12 83.07
N ASN FB 195 18.07 79.61 82.03
CA ASN FB 195 19.26 80.22 81.45
C ASN FB 195 19.75 79.32 80.32
N ILE FB 196 20.76 79.81 79.60
CA ILE FB 196 21.57 78.95 78.74
C ILE FB 196 22.50 78.17 79.67
N GLU FB 197 22.20 76.89 79.89
CA GLU FB 197 22.82 76.13 80.95
C GLU FB 197 24.02 75.34 80.46
N ASP FB 198 24.57 74.51 81.35
CA ASP FB 198 25.74 73.71 81.06
C ASP FB 198 25.51 72.28 81.52
N PRO FB 199 25.74 71.29 80.66
CA PRO FB 199 25.54 69.89 81.08
C PRO FB 199 26.45 69.51 82.23
N GLY FB 200 26.08 68.43 82.90
CA GLY FB 200 26.73 68.07 84.15
C GLY FB 200 26.04 68.73 85.33
N VAL FB 201 26.16 70.06 85.40
CA VAL FB 201 25.38 70.82 86.37
C VAL FB 201 23.90 70.65 86.08
N LEU FB 202 23.48 70.93 84.85
CA LEU FB 202 22.08 70.79 84.48
C LEU FB 202 21.57 69.39 84.79
N GLY FB 203 22.37 68.37 84.48
CA GLY FB 203 21.96 67.01 84.80
C GLY FB 203 21.91 66.77 86.30
N THR FB 204 22.86 67.33 87.03
CA THR FB 204 22.91 67.09 88.48
C THR FB 204 21.63 67.54 89.15
N LEU FB 205 21.20 68.77 88.88
CA LEU FB 205 19.98 69.28 89.49
C LEU FB 205 18.79 68.39 89.16
N LEU FB 206 18.73 67.89 87.92
CA LEU FB 206 17.64 67.01 87.53
C LEU FB 206 17.60 65.75 88.38
N ARG FB 207 18.76 65.28 88.82
CA ARG FB 207 18.79 64.10 89.68
C ARG FB 207 18.31 64.44 91.09
N THR FB 208 18.74 65.59 91.61
CA THR FB 208 18.41 65.94 92.99
C THR FB 208 17.00 66.50 93.11
N ALA FB 209 16.57 67.29 92.12
CA ALA FB 209 15.19 67.77 92.13
C ALA FB 209 14.20 66.60 92.16
N SER FB 210 14.40 65.62 91.28
CA SER FB 210 13.68 64.36 91.39
C SER FB 210 14.03 63.67 92.70
N GLY FB 211 15.29 63.77 93.11
CA GLY FB 211 15.73 63.10 94.33
C GLY FB 211 14.90 63.45 95.55
N TYR FB 212 14.06 64.47 95.45
CA TYR FB 212 13.14 64.82 96.51
C TYR FB 212 11.69 64.85 96.01
N GLN FB 213 11.44 64.23 94.86
CA GLN FB 213 10.09 64.11 94.30
C GLN FB 213 9.49 65.47 93.92
N TYR FB 214 10.32 66.39 93.45
CA TYR FB 214 9.80 67.63 92.90
C TYR FB 214 8.89 67.34 91.72
N ASP FB 215 7.85 68.15 91.57
CA ASP FB 215 6.94 68.03 90.44
C ASP FB 215 7.10 69.22 89.51
N ALA FB 216 7.00 68.94 88.21
CA ALA FB 216 7.13 69.94 87.15
C ALA FB 216 8.50 70.61 87.18
N ILE FB 217 9.53 69.81 86.91
CA ILE FB 217 10.83 70.36 86.55
C ILE FB 217 10.75 70.86 85.11
N ILE FB 218 11.27 72.05 84.87
CA ILE FB 218 10.93 72.80 83.66
C ILE FB 218 12.20 73.23 82.93
N ALA FB 219 12.03 73.55 81.65
CA ALA FB 219 13.07 74.10 80.79
C ALA FB 219 12.96 75.63 80.73
N THR FB 220 13.62 76.25 79.78
CA THR FB 220 13.72 77.70 79.70
C THR FB 220 13.84 78.10 78.23
N ASN FB 221 14.40 79.30 78.01
CA ASN FB 221 14.71 79.75 76.66
C ASN FB 221 15.66 78.77 75.97
N HIS FB 222 16.86 78.58 76.53
CA HIS FB 222 17.89 77.84 75.82
C HIS FB 222 18.71 76.96 76.76
N CYS FB 223 18.04 76.17 77.60
CA CYS FB 223 18.81 75.19 78.35
C CYS FB 223 19.21 74.02 77.45
N ALA FB 224 20.17 73.24 77.92
CA ALA FB 224 20.59 72.07 77.16
C ALA FB 224 19.51 71.00 77.20
N ASP FB 225 19.40 70.26 76.10
CA ASP FB 225 18.38 69.22 75.97
C ASP FB 225 18.47 68.25 77.14
N LEU FB 226 17.30 67.88 77.67
CA LEU FB 226 17.22 66.97 78.82
C LEU FB 226 17.52 65.53 78.46
N TYR FB 227 17.99 65.27 77.24
CA TYR FB 227 18.43 63.94 76.84
C TYR FB 227 19.86 63.96 76.30
N ASP FB 228 20.56 65.08 76.44
CA ASP FB 228 21.93 65.17 75.99
C ASP FB 228 22.78 64.10 76.66
N HIS FB 229 23.88 63.73 76.00
CA HIS FB 229 24.65 62.60 76.51
C HIS FB 229 25.37 62.96 77.81
N ARG FB 230 25.80 64.21 77.94
CA ARG FB 230 26.38 64.63 79.21
C ARG FB 230 25.32 64.77 80.28
N VAL FB 231 24.12 65.21 79.91
CA VAL FB 231 23.05 65.36 80.88
C VAL FB 231 22.62 63.99 81.41
N VAL FB 232 22.48 63.01 80.52
CA VAL FB 232 22.11 61.69 80.98
C VAL FB 232 23.25 61.02 81.74
N ARG FB 233 24.48 61.43 81.49
CA ARG FB 233 25.59 60.92 82.30
C ARG FB 233 25.57 61.56 83.69
N ALA FB 234 25.17 62.83 83.77
CA ALA FB 234 25.06 63.48 85.08
C ALA FB 234 23.80 63.02 85.81
N ALA FB 235 22.69 62.89 85.09
CA ALA FB 235 21.45 62.45 85.72
C ALA FB 235 21.59 61.09 86.35
N ARG FB 236 22.38 60.20 85.74
CA ARG FB 236 22.66 58.86 86.28
C ARG FB 236 21.36 58.15 86.66
N GLY FB 237 20.59 57.84 85.62
CA GLY FB 237 19.36 57.10 85.82
C GLY FB 237 18.17 57.93 86.23
N ALA FB 238 18.27 59.25 86.15
CA ALA FB 238 17.20 60.15 86.58
C ALA FB 238 16.19 60.44 85.48
N HIS FB 239 16.69 60.74 84.26
CA HIS FB 239 15.84 61.19 83.16
C HIS FB 239 14.65 60.28 82.93
N PHE FB 240 14.89 58.97 82.88
CA PHE FB 240 13.80 58.02 82.70
C PHE FB 240 12.96 57.97 83.97
N GLN FB 241 11.70 57.54 83.82
CA GLN FB 241 10.74 57.75 84.89
C GLN FB 241 10.98 56.83 86.07
N THR FB 242 12.11 57.02 86.76
CA THR FB 242 12.21 56.49 88.11
C THR FB 242 11.24 57.21 89.04
N SER FB 243 11.39 58.52 89.17
CA SER FB 243 10.32 59.40 89.63
C SER FB 243 10.63 60.81 89.10
N VAL FB 244 10.11 61.13 87.91
CA VAL FB 244 10.44 62.38 87.24
C VAL FB 244 9.30 62.91 86.38
N PRO FB 245 8.43 63.76 86.90
CA PRO FB 245 7.49 64.50 86.07
C PRO FB 245 8.09 65.77 85.45
N ILE FB 246 9.28 65.65 84.89
CA ILE FB 246 9.99 66.81 84.36
C ILE FB 246 9.27 67.30 83.11
N TYR FB 247 9.62 68.50 82.64
CA TYR FB 247 8.94 69.11 81.51
C TYR FB 247 9.92 69.99 80.76
N THR FB 248 9.56 70.28 79.51
CA THR FB 248 10.39 71.08 78.61
C THR FB 248 9.51 72.09 77.92
N LEU FB 249 10.04 73.29 77.69
CA LEU FB 249 9.25 74.41 77.19
C LEU FB 249 9.78 74.91 75.85
N LYS FB 250 9.13 75.96 75.34
CA LYS FB 250 9.04 76.23 73.91
C LYS FB 250 9.99 77.34 73.45
N ASP FB 251 9.82 77.75 72.20
CA ASP FB 251 10.46 78.91 71.60
C ASP FB 251 9.38 79.89 71.16
N GLU FB 252 9.61 81.19 71.38
CA GLU FB 252 8.60 82.22 71.17
C GLU FB 252 9.09 83.25 70.14
N ASP FB 253 8.28 84.29 69.93
CA ASP FB 253 8.42 85.13 68.75
C ASP FB 253 9.69 85.95 68.71
N GLY FB 254 9.82 86.91 69.63
CA GLY FB 254 10.87 87.89 69.51
C GLY FB 254 12.24 87.36 69.90
N ASP FB 255 12.57 86.16 69.43
CA ASP FB 255 13.84 85.51 69.79
C ASP FB 255 14.00 85.44 71.30
N ASP FB 256 12.87 85.37 72.00
CA ASP FB 256 12.81 85.44 73.45
C ASP FB 256 11.81 84.40 73.95
N VAL FB 257 11.56 84.40 75.27
CA VAL FB 257 10.57 83.51 75.85
C VAL FB 257 9.64 84.26 76.80
N TYR FB 258 9.36 85.53 76.50
CA TYR FB 258 8.41 86.26 77.32
C TYR FB 258 7.01 85.66 77.24
N GLY FB 259 6.74 84.85 76.22
CA GLY FB 259 5.52 84.09 76.12
C GLY FB 259 5.60 82.65 76.60
N LEU FB 260 6.77 82.23 77.08
CA LEU FB 260 6.89 80.91 77.69
C LEU FB 260 6.24 80.88 79.06
N LEU FB 261 6.29 81.99 79.78
CA LEU FB 261 5.76 82.04 81.13
C LEU FB 261 4.25 82.19 81.13
N ASN FB 262 3.74 83.21 80.43
CA ASN FB 262 2.32 83.50 80.41
C ASN FB 262 1.49 82.26 80.07
N HIS FB 263 1.96 81.45 79.12
CA HIS FB 263 1.20 80.28 78.73
C HIS FB 263 1.05 79.30 79.88
N ILE FB 264 2.04 79.24 80.78
CA ILE FB 264 2.00 78.26 81.86
C ILE FB 264 2.22 78.90 83.22
N VAL FB 265 3.20 79.80 83.33
CA VAL FB 265 3.67 80.21 84.66
C VAL FB 265 2.58 80.95 85.42
N GLU FB 266 1.85 81.86 84.76
CA GLU FB 266 0.70 82.46 85.42
C GLU FB 266 -0.28 81.38 85.84
N ARG FB 267 -0.50 80.39 84.97
CA ARG FB 267 -1.32 79.24 85.32
C ARG FB 267 -0.66 78.38 86.39
N ASN FB 268 0.65 78.51 86.57
CA ASN FB 268 1.33 77.88 87.69
C ASN FB 268 1.41 78.78 88.90
N ASN FB 269 0.72 79.92 88.77
CA ASN FB 269 0.22 80.69 89.93
C ASN FB 269 -1.30 80.50 90.03
N LEU FB 270 -1.90 79.68 89.15
CA LEU FB 270 -3.33 79.33 89.36
C LEU FB 270 -3.25 78.67 90.71
N LEU FB 271 -2.26 77.80 90.89
CA LEU FB 271 -1.97 77.28 92.25
C LEU FB 271 -1.06 78.39 92.79
N PRO FB 272 -1.28 78.98 93.99
CA PRO FB 272 -0.64 80.23 94.41
C PRO FB 272 0.73 80.91 94.65
N LEU FB 273 1.75 80.25 95.22
CA LEU FB 273 2.97 81.04 95.62
C LEU FB 273 4.15 81.03 94.65
N CYS FB 274 5.06 82.00 94.80
CA CYS FB 274 6.22 82.14 93.87
C CYS FB 274 7.52 82.53 94.59
N TYR FB 275 8.68 82.24 94.00
CA TYR FB 275 10.01 82.63 94.56
C TYR FB 275 10.97 82.76 93.38
N ILE FB 276 12.09 83.47 93.51
CA ILE FB 276 13.09 83.51 92.40
C ILE FB 276 14.50 83.46 92.99
N ALA FB 277 14.84 82.33 93.60
CA ALA FB 277 16.15 82.19 94.27
C ALA FB 277 17.24 81.72 93.30
N GLN FB 278 18.40 81.39 93.83
CA GLN FB 278 19.46 80.77 92.99
C GLN FB 278 19.83 81.63 91.79
N ALA FB 279 19.82 82.96 91.94
CA ALA FB 279 20.34 83.82 90.85
C ALA FB 279 21.62 84.42 91.42
N ASP FB 280 22.66 84.60 90.61
CA ASP FB 280 23.96 85.07 91.16
C ASP FB 280 23.65 86.36 91.90
N ALA FB 281 22.75 87.19 91.38
CA ALA FB 281 22.31 88.42 92.08
C ALA FB 281 20.96 88.16 92.76
N ALA FB 282 20.78 88.65 94.00
CA ALA FB 282 19.58 88.44 94.79
C ALA FB 282 19.13 89.75 95.43
N GLY FB 283 17.81 89.91 95.55
CA GLY FB 283 17.20 91.13 96.02
C GLY FB 283 16.51 91.02 97.36
N VAL FB 284 15.17 90.82 97.32
CA VAL FB 284 14.36 90.79 98.54
C VAL FB 284 15.00 89.91 99.61
N ASP FB 285 15.44 88.71 99.22
CA ASP FB 285 16.26 87.84 100.07
C ASP FB 285 15.56 87.48 101.39
N GLY FB 286 14.48 86.71 101.25
CA GLY FB 286 13.83 86.15 102.42
C GLY FB 286 14.79 85.39 103.33
N GLU FB 287 15.82 84.79 102.74
CA GLU FB 287 17.04 84.35 103.43
C GLU FB 287 16.74 83.36 104.55
N THR FB 288 16.26 82.19 104.13
CA THR FB 288 16.31 80.96 104.94
C THR FB 288 15.80 81.19 106.36
N ALA FB 289 14.84 82.09 106.52
CA ALA FB 289 14.28 82.44 107.83
C ALA FB 289 12.79 82.17 107.79
N GLY FB 290 12.41 80.93 108.05
CA GLY FB 290 11.02 80.57 108.20
C GLY FB 290 10.78 79.93 109.55
N THR FB 291 9.87 80.48 110.34
CA THR FB 291 9.69 79.98 111.70
C THR FB 291 8.58 78.94 111.80
N GLN FB 292 7.35 79.34 111.51
CA GLN FB 292 6.20 78.47 111.73
C GLN FB 292 6.32 77.20 110.89
N THR FB 293 5.98 76.06 111.50
CA THR FB 293 6.07 74.77 110.83
C THR FB 293 5.22 74.72 109.56
N GLY FB 294 4.45 75.76 109.26
CA GLY FB 294 3.82 75.89 107.97
C GLY FB 294 2.35 76.24 108.00
N PHE FB 295 1.75 76.29 109.20
CA PHE FB 295 0.30 76.26 109.33
C PHE FB 295 -0.25 75.17 108.43
N VAL FB 296 0.21 73.94 108.69
CA VAL FB 296 0.48 72.91 107.69
C VAL FB 296 -0.52 72.93 106.54
N SER FB 297 -1.79 73.25 106.83
CA SER FB 297 -2.80 73.41 105.79
C SER FB 297 -2.78 74.86 105.30
N SER FB 298 -1.76 75.18 104.50
CA SER FB 298 -1.65 76.43 103.77
C SER FB 298 -1.46 76.07 102.29
N PRO FB 299 -2.55 75.80 101.59
CA PRO FB 299 -2.47 75.01 100.35
C PRO FB 299 -1.67 75.63 99.20
N GLU FB 300 -0.98 76.74 99.43
CA GLU FB 300 -0.15 77.35 98.40
C GLU FB 300 1.32 77.02 98.65
N ALA FB 301 2.13 77.09 97.58
CA ALA FB 301 3.53 76.72 97.68
C ALA FB 301 4.37 77.37 96.59
N PRO FB 302 5.57 77.84 96.91
CA PRO FB 302 6.37 78.59 95.94
C PRO FB 302 6.92 77.70 94.83
N VAL FB 303 7.68 78.32 93.93
CA VAL FB 303 8.19 77.67 92.73
C VAL FB 303 9.71 77.86 92.60
N GLY FB 304 10.26 77.41 91.46
CA GLY FB 304 11.69 77.46 91.20
C GLY FB 304 12.25 78.80 90.82
N ARG FB 305 13.41 78.77 90.16
CA ARG FB 305 14.33 79.90 90.19
C ARG FB 305 14.98 80.06 88.81
N VAL FB 306 16.09 80.81 88.77
CA VAL FB 306 16.76 81.22 87.53
C VAL FB 306 18.25 80.89 87.72
N PHE FB 307 19.11 81.34 86.81
CA PHE FB 307 20.55 81.23 86.99
C PHE FB 307 21.28 82.57 87.01
N ARG FB 308 21.06 83.42 86.01
CA ARG FB 308 21.79 84.68 85.89
C ARG FB 308 20.94 85.86 86.35
N SER FB 309 21.46 87.06 86.15
CA SER FB 309 20.86 88.29 86.66
C SER FB 309 20.06 88.97 85.55
N SER FB 310 18.74 88.89 85.64
CA SER FB 310 17.85 89.59 84.72
C SER FB 310 16.53 89.87 85.42
N VAL FB 311 15.87 90.93 84.99
CA VAL FB 311 14.57 91.32 85.55
C VAL FB 311 13.46 90.70 84.72
N VAL FB 312 13.84 89.78 83.82
CA VAL FB 312 12.84 89.05 83.04
C VAL FB 312 11.87 88.34 83.97
N GLY FB 313 12.35 87.90 85.14
CA GLY FB 313 11.45 87.34 86.14
C GLY FB 313 10.59 88.37 86.83
N ALA FB 314 10.68 89.64 86.46
CA ALA FB 314 9.91 90.70 87.10
C ALA FB 314 8.87 91.32 86.18
N ALA FB 315 8.95 91.08 84.89
CA ALA FB 315 7.98 91.58 83.92
C ALA FB 315 6.67 90.80 83.87
N PRO FB 316 6.65 89.45 84.11
CA PRO FB 316 5.47 88.60 84.53
C PRO FB 316 4.54 89.25 85.55
N VAL FB 317 3.25 88.89 85.54
CA VAL FB 317 2.22 89.54 86.41
C VAL FB 317 2.49 89.31 87.89
N PRO FB 318 2.95 88.13 88.35
CA PRO FB 318 3.09 87.89 89.79
C PRO FB 318 3.92 89.00 90.43
N LEU FB 319 3.46 89.51 91.57
CA LEU FB 319 4.16 90.61 92.27
C LEU FB 319 5.20 90.04 93.24
N PRO FB 320 5.25 88.71 93.48
CA PRO FB 320 6.31 88.14 94.32
C PRO FB 320 7.65 88.44 93.65
N ALA FB 321 8.67 88.76 94.44
CA ALA FB 321 9.96 89.20 93.84
C ALA FB 321 11.14 88.62 94.62
N PRO FB 322 10.93 87.72 95.64
CA PRO FB 322 11.92 87.29 96.63
C PRO FB 322 13.08 86.55 95.95
N ARG FB 323 14.17 87.27 95.71
CA ARG FB 323 15.36 86.70 95.10
C ARG FB 323 16.30 86.34 96.24
N GLN FB 324 16.54 85.04 96.41
CA GLN FB 324 17.29 84.55 97.56
C GLN FB 324 18.78 84.49 97.27
N SER FB 325 19.57 84.61 98.33
CA SER FB 325 21.03 84.53 98.27
C SER FB 325 21.52 83.47 99.24
N ASP FB 326 22.84 83.46 99.45
CA ASP FB 326 23.43 82.58 100.45
C ASP FB 326 23.79 83.39 101.69
N SER FB 327 24.47 82.74 102.62
CA SER FB 327 24.92 83.40 103.84
C SER FB 327 26.43 83.60 103.85
N SER FB 328 27.18 82.53 103.63
CA SER FB 328 28.63 82.56 103.74
C SER FB 328 29.24 82.87 102.36
N TYR FB 329 30.54 82.64 102.21
CA TYR FB 329 31.31 83.08 101.05
C TYR FB 329 31.07 82.23 99.78
N ALA FB 330 29.94 81.51 99.71
CA ALA FB 330 29.64 80.63 98.58
C ALA FB 330 29.58 81.36 97.23
N ALA FB 331 29.51 80.61 96.15
CA ALA FB 331 29.46 81.16 94.80
C ALA FB 331 28.47 80.34 93.98
N SER FB 332 28.55 80.47 92.65
CA SER FB 332 27.61 79.81 91.75
C SER FB 332 27.56 78.30 91.97
N LEU FB 333 26.35 77.75 91.88
CA LEU FB 333 26.03 76.33 92.04
C LEU FB 333 26.16 75.89 93.49
N SER FB 334 26.84 76.70 94.31
CA SER FB 334 26.93 76.46 95.74
C SER FB 334 25.86 77.23 96.49
N ARG FB 335 24.74 77.49 95.85
CA ARG FB 335 23.58 78.15 96.42
C ARG FB 335 22.30 77.32 96.30
N GLU FB 336 22.10 76.64 95.18
CA GLU FB 336 20.84 75.93 94.93
C GLU FB 336 20.68 74.74 95.86
N LEU FB 337 21.61 73.79 95.78
CA LEU FB 337 21.52 72.58 96.58
C LEU FB 337 21.51 72.89 98.08
N ALA FB 338 21.98 74.07 98.47
CA ALA FB 338 21.71 74.54 99.82
C ALA FB 338 20.24 74.93 99.96
N SER FB 339 19.71 75.67 98.97
CA SER FB 339 18.33 76.12 99.04
C SER FB 339 17.36 74.97 98.84
N VAL FB 340 17.41 74.33 97.67
CA VAL FB 340 16.45 73.29 97.32
C VAL FB 340 16.46 72.15 98.33
N SER FB 341 17.56 71.97 99.07
CA SER FB 341 17.62 70.94 100.08
C SER FB 341 16.45 71.03 101.03
N GLN FB 342 16.30 72.17 101.71
CA GLN FB 342 15.25 72.34 102.69
C GLN FB 342 14.14 73.28 102.23
N ALA FB 343 14.34 74.04 101.16
CA ALA FB 343 13.26 74.83 100.58
C ALA FB 343 12.28 73.97 99.79
N ARG FB 344 12.46 72.65 99.82
CA ARG FB 344 11.57 71.72 99.15
C ARG FB 344 10.33 71.50 100.01
N GLU FB 345 9.59 70.44 99.67
CA GLU FB 345 8.30 70.19 100.31
C GLU FB 345 8.40 70.15 101.83
N GLU FB 346 9.54 69.75 102.38
CA GLU FB 346 9.63 69.48 103.80
C GLU FB 346 9.61 70.74 104.65
N LEU FB 347 8.56 71.54 104.52
CA LEU FB 347 8.32 72.58 105.52
C LEU FB 347 7.67 72.03 106.77
N LEU FB 348 7.36 70.72 106.79
CA LEU FB 348 6.77 70.08 107.96
C LEU FB 348 7.69 70.15 109.17
N SER FB 349 8.98 70.39 108.97
CA SER FB 349 9.93 70.46 110.08
C SER FB 349 10.21 71.90 110.50
N LEU GB 40 17.08 -3.97 43.89
CA LEU GB 40 15.90 -4.24 44.70
C LEU GB 40 15.89 -5.69 45.12
N SER GB 41 16.35 -6.56 44.23
CA SER GB 41 16.34 -7.98 44.53
C SER GB 41 17.25 -8.29 45.71
N LEU GB 42 18.25 -7.46 45.95
CA LEU GB 42 19.08 -7.61 47.14
C LEU GB 42 18.47 -6.90 48.33
N GLN GB 43 17.65 -5.87 48.11
CA GLN GB 43 16.96 -5.23 49.22
C GLN GB 43 15.95 -6.16 49.84
N ALA GB 44 15.27 -6.97 49.04
CA ALA GB 44 14.34 -7.96 49.56
C ALA GB 44 15.06 -9.18 50.14
N ARG GB 45 16.35 -9.33 49.90
CA ARG GB 45 17.11 -10.44 50.47
C ARG GB 45 17.40 -10.19 51.95
N GLU GB 46 18.06 -9.07 52.26
CA GLU GB 46 18.36 -8.75 53.64
C GLU GB 46 17.10 -8.55 54.47
N GLU GB 47 16.00 -8.15 53.83
CA GLU GB 47 14.72 -8.12 54.53
C GLU GB 47 14.29 -9.52 54.95
N LEU GB 48 14.61 -10.52 54.13
CA LEU GB 48 14.26 -11.90 54.48
C LEU GB 48 15.19 -12.46 55.55
N SER GB 49 16.46 -12.04 55.50
CA SER GB 49 17.51 -12.58 56.40
C SER GB 49 17.83 -11.59 57.52
N ARG GB 50 16.82 -10.92 58.07
CA ARG GB 50 17.06 -10.02 59.22
C ARG GB 50 16.11 -10.35 60.37
N LYS GB 51 16.63 -10.79 61.51
CA LYS GB 51 15.73 -11.00 62.68
C LYS GB 51 15.28 -9.62 63.16
N SER GB 52 16.20 -8.67 63.27
CA SER GB 52 15.85 -7.34 63.85
C SER GB 52 15.13 -7.64 65.15
N ASN GB 53 14.02 -6.96 65.41
CA ASN GB 53 13.16 -7.36 66.55
C ASN GB 53 11.84 -7.74 65.87
N GLU GB 54 11.71 -7.23 64.63
CA GLU GB 54 10.71 -7.69 63.67
C GLU GB 54 9.40 -7.65 64.42
N LEU GB 55 9.20 -6.57 65.19
CA LEU GB 55 7.99 -6.51 66.02
C LEU GB 55 6.90 -7.16 65.18
N GLN GB 56 6.65 -8.43 65.41
CA GLN GB 56 5.46 -8.96 64.77
C GLN GB 56 4.22 -8.54 65.54
N TYR GB 57 3.22 -8.06 64.82
CA TYR GB 57 2.02 -7.47 65.40
C TYR GB 57 0.81 -8.30 65.01
N HIS GB 58 0.23 -9.03 65.96
CA HIS GB 58 -0.98 -9.76 65.66
C HIS GB 58 -2.11 -8.79 65.35
N VAL GB 59 -3.14 -9.31 64.69
CA VAL GB 59 -4.34 -8.54 64.37
C VAL GB 59 -5.49 -9.24 65.08
N VAL GB 60 -5.78 -8.78 66.30
CA VAL GB 60 -6.71 -9.47 67.18
C VAL GB 60 -8.11 -9.49 66.56
N THR GB 61 -8.93 -10.42 67.04
CA THR GB 61 -10.27 -10.63 66.51
C THR GB 61 -11.11 -9.35 66.57
N GLN GB 62 -11.02 -8.62 67.68
CA GLN GB 62 -12.02 -7.59 67.95
C GLN GB 62 -11.61 -6.21 67.47
N ASP GB 63 -10.57 -5.64 68.06
CA ASP GB 63 -10.34 -4.23 67.84
C ASP GB 63 -9.76 -3.93 66.47
N TRP GB 64 -8.87 -4.77 65.97
CA TRP GB 64 -8.02 -4.34 64.87
C TRP GB 64 -8.25 -5.07 63.57
N PHE GB 65 -8.79 -6.28 63.59
CA PHE GB 65 -9.19 -6.92 62.34
C PHE GB 65 -10.25 -6.06 61.67
N GLY GB 66 -9.94 -5.62 60.46
CA GLY GB 66 -10.79 -4.75 59.69
C GLY GB 66 -10.30 -3.33 59.60
N GLN GB 67 -9.58 -2.86 60.61
CA GLN GB 67 -9.08 -1.49 60.57
C GLN GB 67 -8.09 -1.30 59.43
N ARG GB 68 -7.98 -0.08 58.96
CA ARG GB 68 -6.99 0.23 57.94
C ARG GB 68 -5.59 0.09 58.52
N VAL GB 69 -4.65 -0.37 57.69
CA VAL GB 69 -3.31 -0.64 58.18
C VAL GB 69 -2.68 0.63 58.75
N ASP GB 70 -2.86 1.76 58.07
CA ASP GB 70 -2.30 3.01 58.58
C ASP GB 70 -2.93 3.44 59.89
N ASP GB 71 -4.03 2.82 60.30
CA ASP GB 71 -4.50 2.94 61.67
C ASP GB 71 -3.76 1.99 62.60
N PHE GB 72 -3.44 0.80 62.11
CA PHE GB 72 -2.75 -0.19 62.94
C PHE GB 72 -1.36 0.28 63.32
N VAL GB 73 -0.61 0.81 62.35
CA VAL GB 73 0.74 1.25 62.63
C VAL GB 73 0.72 2.51 63.49
N THR GB 74 -0.19 3.43 63.20
CA THR GB 74 -0.11 4.74 63.84
C THR GB 74 -0.60 4.72 65.28
N GLN GB 75 -1.40 3.74 65.67
CA GLN GB 75 -1.81 3.62 67.06
C GLN GB 75 -1.05 2.54 67.82
N HIS GB 76 -0.15 1.82 67.15
CA HIS GB 76 0.80 0.94 67.81
C HIS GB 76 2.20 1.51 67.86
N HIS GB 77 2.58 2.29 66.85
CA HIS GB 77 3.89 2.94 66.78
C HIS GB 77 3.69 4.44 66.80
N PRO GB 78 3.58 5.06 67.98
CA PRO GB 78 3.42 6.51 68.03
C PRO GB 78 4.69 7.27 67.73
N GLU GB 79 5.82 6.59 67.59
CA GLU GB 79 7.08 7.30 67.39
C GLU GB 79 7.15 7.92 65.99
N TRP GB 80 6.80 7.18 64.96
CA TRP GB 80 6.86 7.75 63.62
C TRP GB 80 5.73 8.73 63.40
N ASP GB 81 6.06 9.88 62.82
CA ASP GB 81 5.06 10.78 62.28
C ASP GB 81 4.25 10.02 61.23
N TYR GB 82 3.02 10.45 60.97
CA TYR GB 82 2.22 9.75 59.97
C TYR GB 82 2.91 9.74 58.62
N GLU GB 83 3.47 10.87 58.21
CA GLU GB 83 4.21 10.87 56.96
C GLU GB 83 5.42 9.97 57.02
N THR GB 84 6.03 9.84 58.20
CA THR GB 84 7.11 8.87 58.37
C THR GB 84 6.58 7.44 58.31
N VAL GB 85 5.28 7.27 58.51
CA VAL GB 85 4.64 5.93 58.46
C VAL GB 85 4.19 5.62 57.04
N LYS GB 86 3.75 6.62 56.28
CA LYS GB 86 3.40 6.39 54.87
C LYS GB 86 4.65 6.00 54.12
N ARG GB 87 5.78 6.64 54.43
CA ARG GB 87 6.98 6.35 53.61
C ARG GB 87 7.35 4.89 53.77
N LEU GB 88 7.39 4.41 55.00
CA LEU GB 88 7.82 3.02 55.20
C LEU GB 88 6.77 2.08 54.62
N VAL GB 89 5.49 2.35 54.85
CA VAL GB 89 4.40 1.45 54.39
C VAL GB 89 4.31 1.36 52.85
N GLN GB 90 4.63 2.42 52.13
CA GLN GB 90 4.61 2.40 50.65
C GLN GB 90 6.00 2.07 50.13
N GLN GB 91 7.06 2.58 50.76
CA GLN GB 91 8.41 2.44 50.17
C GLN GB 91 8.84 0.99 49.99
N GLY GB 92 8.42 0.10 50.87
CA GLY GB 92 8.90 -1.29 50.83
C GLY GB 92 9.76 -1.57 52.04
N HIS GB 93 10.36 -0.54 52.68
CA HIS GB 93 11.03 -0.74 54.00
C HIS GB 93 9.79 -0.68 54.84
N ILE GB 94 8.83 -1.49 54.45
CA ILE GB 94 7.47 -1.33 55.01
C ILE GB 94 7.19 -2.21 56.17
N TYR GB 95 6.09 -1.86 56.78
CA TYR GB 95 5.58 -2.78 57.78
C TYR GB 95 4.73 -3.64 56.88
N ARG GB 96 5.17 -4.86 56.58
CA ARG GB 96 4.40 -5.72 55.64
C ARG GB 96 3.18 -6.20 56.42
N TYR GB 97 2.44 -7.15 55.85
CA TYR GB 97 1.62 -8.12 56.63
C TYR GB 97 1.84 -9.54 56.14
N ARG GB 98 1.98 -10.48 57.06
CA ARG GB 98 2.29 -11.88 56.67
C ARG GB 98 1.16 -12.82 57.06
N LYS GB 99 0.38 -13.30 56.09
CA LYS GB 99 -0.65 -14.34 56.31
C LYS GB 99 -0.40 -15.30 55.15
N ASN GB 100 -0.20 -16.62 55.36
CA ASN GB 100 0.20 -17.52 54.23
C ASN GB 100 1.74 -17.54 54.11
N GLY GB 101 2.30 -17.95 52.97
CA GLY GB 101 3.76 -18.13 52.85
C GLY GB 101 4.53 -17.02 52.14
N LYS GB 102 3.91 -15.88 51.87
CA LYS GB 102 4.57 -14.76 51.13
C LYS GB 102 4.25 -13.44 51.85
N LYS GB 103 4.99 -12.38 51.55
CA LYS GB 103 4.80 -11.10 52.27
C LYS GB 103 3.90 -10.21 51.43
N ARG GB 104 2.80 -9.72 51.99
CA ARG GB 104 1.92 -8.82 51.20
C ARG GB 104 2.28 -7.36 51.44
N TYR GB 105 3.21 -6.83 50.66
CA TYR GB 105 3.52 -5.39 50.77
C TYR GB 105 2.20 -4.72 50.45
N THR GB 106 1.86 -3.62 51.11
CA THR GB 106 0.50 -3.06 50.95
C THR GB 106 0.44 -1.55 50.81
N ARG GB 107 -0.69 -1.03 50.33
CA ARG GB 107 -0.91 0.44 50.29
C ARG GB 107 -1.43 0.82 51.68
N LEU GB 108 -1.49 2.10 52.01
CA LEU GB 108 -1.87 2.51 53.40
C LEU GB 108 -3.31 2.13 53.73
N THR GB 109 -4.17 1.89 52.74
CA THR GB 109 -5.62 1.66 53.02
C THR GB 109 -6.04 0.18 53.08
N ASP GB 110 -5.14 -0.75 52.78
CA ASP GB 110 -5.49 -2.16 52.82
C ASP GB 110 -5.88 -2.58 54.24
N ARG GB 111 -7.04 -3.18 54.38
CA ARG GB 111 -7.54 -3.59 55.69
C ARG GB 111 -7.17 -5.03 55.97
N LEU GB 112 -7.19 -5.39 57.25
CA LEU GB 112 -6.67 -6.65 57.75
C LEU GB 112 -7.67 -7.79 57.56
N GLU GB 113 -7.21 -9.02 57.84
CA GLU GB 113 -7.96 -10.24 57.56
C GLU GB 113 -8.51 -10.86 58.82
N PHE GB 114 -9.44 -11.79 58.64
CA PHE GB 114 -10.34 -12.23 59.72
C PHE GB 114 -9.58 -13.11 60.70
N ASP GB 115 -8.71 -12.47 61.48
CA ASP GB 115 -7.90 -13.16 62.49
C ASP GB 115 -7.04 -14.24 61.86
N GLU GB 116 -6.23 -13.88 60.89
CA GLU GB 116 -5.33 -14.97 60.54
C GLU GB 116 -4.17 -15.03 61.48
N LEU GB 117 -4.35 -14.37 62.63
CA LEU GB 117 -3.25 -13.84 63.39
C LEU GB 117 -2.23 -13.28 62.42
N VAL GB 118 -2.75 -12.50 61.48
CA VAL GB 118 -2.00 -12.04 60.32
C VAL GB 118 -1.02 -11.01 60.83
N VAL GB 119 0.20 -11.44 61.08
CA VAL GB 119 1.18 -10.58 61.71
C VAL GB 119 1.53 -9.45 60.75
N VAL GB 120 1.74 -8.26 61.30
CA VAL GB 120 2.26 -7.16 60.51
C VAL GB 120 3.65 -6.85 61.06
N PRO GB 121 4.71 -7.21 60.33
CA PRO GB 121 6.06 -6.95 60.79
C PRO GB 121 6.56 -5.54 60.52
N THR GB 122 7.15 -4.95 61.55
CA THR GB 122 7.64 -3.59 61.53
C THR GB 122 9.12 -3.58 61.87
N ALA GB 123 9.86 -2.63 61.31
CA ALA GB 123 11.31 -2.60 61.50
C ALA GB 123 11.68 -1.96 62.85
N SER GB 124 12.72 -2.49 63.48
CA SER GB 124 13.15 -2.01 64.80
C SER GB 124 14.60 -1.55 64.84
N PHE GB 125 15.53 -2.34 64.31
CA PHE GB 125 16.91 -1.83 64.05
C PHE GB 125 17.17 -1.74 62.54
N TRP GB 126 16.67 -0.66 61.92
CA TRP GB 126 16.93 -0.41 60.49
C TRP GB 126 18.40 -0.13 60.31
N GLU GB 127 18.98 0.63 61.24
CA GLU GB 127 20.38 1.06 61.00
C GLU GB 127 21.23 -0.18 60.77
N ARG GB 128 21.97 -0.19 59.66
CA ARG GB 128 22.79 -1.36 59.25
C ARG GB 128 22.94 -1.26 57.73
N GLN GB 129 23.02 -2.39 57.04
CA GLN GB 129 23.14 -2.40 55.57
C GLN GB 129 21.86 -1.80 54.94
N LEU GB 130 20.76 -1.74 55.69
CA LEU GB 130 19.46 -1.22 55.19
C LEU GB 130 19.52 0.26 54.81
N ALA GB 131 20.21 1.09 55.60
CA ALA GB 131 20.23 2.55 55.34
C ALA GB 131 18.82 3.11 55.42
N PRO GB 132 18.11 2.98 56.56
CA PRO GB 132 16.73 3.42 56.68
C PRO GB 132 16.42 4.85 56.21
N PRO GB 133 15.15 5.08 55.78
CA PRO GB 133 14.64 6.21 55.00
C PRO GB 133 14.70 7.49 55.80
N SER GB 134 14.30 8.59 55.16
CA SER GB 134 14.16 9.84 55.88
C SER GB 134 13.03 9.71 56.89
N GLY GB 135 13.17 10.40 58.01
CA GLY GB 135 12.24 10.24 59.11
C GLY GB 135 12.58 9.13 60.08
N VAL GB 136 13.65 8.39 59.83
CA VAL GB 136 14.10 7.31 60.70
C VAL GB 136 13.00 6.28 60.89
N PHE GB 153 23.67 32.15 66.07
CA PHE GB 153 23.59 33.50 66.61
C PHE GB 153 22.15 34.01 66.56
N HIS GB 154 21.99 35.31 66.39
CA HIS GB 154 20.67 35.91 66.19
C HIS GB 154 20.75 36.93 65.06
N LEU GB 155 19.63 37.06 64.36
CA LEU GB 155 19.52 37.98 63.23
C LEU GB 155 18.98 39.31 63.72
N SER GB 156 19.87 40.28 63.88
CA SER GB 156 19.46 41.61 64.29
C SER GB 156 18.61 42.26 63.20
N ALA GB 157 18.02 43.41 63.55
CA ALA GB 157 17.50 44.28 62.51
C ALA GB 157 18.66 44.78 61.67
N LYS GB 158 18.33 45.38 60.53
CA LYS GB 158 19.26 45.67 59.44
C LYS GB 158 19.62 44.37 58.74
N THR GB 159 19.15 43.25 59.26
CA THR GB 159 19.17 41.97 58.57
C THR GB 159 17.76 41.44 58.35
N ARG GB 160 16.95 41.34 59.41
CA ARG GB 160 15.55 41.01 59.23
C ARG GB 160 14.83 42.04 58.40
N GLU GB 161 15.44 43.20 58.17
CA GLU GB 161 14.98 44.13 57.16
C GLU GB 161 15.73 43.96 55.84
N MET GB 162 17.05 43.74 55.92
CA MET GB 162 17.82 43.52 54.70
C MET GB 162 17.30 42.32 53.92
N ALA GB 163 16.86 41.29 54.62
CA ALA GB 163 16.35 40.10 53.96
C ALA GB 163 14.92 40.26 53.48
N GLN GB 164 14.28 41.40 53.72
CA GLN GB 164 12.93 41.62 53.24
C GLN GB 164 12.86 42.58 52.07
N GLU GB 165 13.94 43.29 51.78
CA GLU GB 165 14.05 43.95 50.49
C GLU GB 165 14.55 43.01 49.41
N MET GB 166 15.06 41.85 49.80
CA MET GB 166 15.40 40.79 48.86
C MET GB 166 14.28 39.77 48.78
N VAL GB 167 13.10 40.24 48.38
CA VAL GB 167 11.96 39.34 48.17
C VAL GB 167 11.19 39.85 46.96
N LEU GB 168 11.21 39.07 45.88
CA LEU GB 168 10.52 39.45 44.66
C LEU GB 168 9.16 38.79 44.51
N PHE GB 169 8.90 37.72 45.26
CA PHE GB 169 7.66 36.97 45.09
C PHE GB 169 7.47 36.01 46.24
N LYS GB 170 6.30 36.03 46.86
CA LYS GB 170 5.99 35.13 47.96
C LYS GB 170 4.53 34.71 47.88
N ASN GB 171 4.28 33.42 48.08
CA ASN GB 171 2.94 32.92 48.26
C ASN GB 171 3.00 31.88 49.36
N GLU GB 172 1.97 31.05 49.47
CA GLU GB 172 1.92 30.09 50.55
C GLU GB 172 2.81 28.89 50.33
N HIS GB 173 3.59 28.85 49.25
CA HIS GB 173 4.36 27.65 48.92
C HIS GB 173 5.83 27.90 48.62
N VAL GB 174 6.21 29.10 48.17
CA VAL GB 174 7.61 29.41 47.90
C VAL GB 174 7.91 30.80 48.41
N ILE GB 175 9.18 31.18 48.32
CA ILE GB 175 9.64 32.55 48.45
C ILE GB 175 10.79 32.74 47.47
N VAL GB 176 10.72 33.80 46.68
CA VAL GB 176 11.78 34.13 45.75
C VAL GB 176 12.48 35.38 46.23
N ILE GB 177 13.81 35.38 46.17
CA ILE GB 177 14.62 36.48 46.69
C ILE GB 177 15.46 37.07 45.58
N ASN GB 178 16.27 38.08 45.91
CA ASN GB 178 17.22 38.68 44.97
C ASN GB 178 18.58 38.71 45.66
N LYS GB 179 19.43 37.75 45.31
CA LYS GB 179 20.68 37.58 46.03
C LYS GB 179 21.69 38.66 45.62
N PRO GB 180 22.44 39.20 46.58
CA PRO GB 180 23.47 40.20 46.24
C PRO GB 180 24.72 39.52 45.72
N SER GB 181 25.22 39.98 44.58
CA SER GB 181 26.42 39.42 43.97
C SER GB 181 27.58 39.50 44.94
N GLY GB 182 28.06 38.36 45.41
CA GLY GB 182 29.19 38.30 46.32
C GLY GB 182 28.87 37.65 47.66
N VAL GB 183 27.61 37.58 48.04
CA VAL GB 183 27.24 36.87 49.27
C VAL GB 183 27.07 35.41 48.90
N PRO GB 184 27.70 34.48 49.60
CA PRO GB 184 27.55 33.06 49.28
C PRO GB 184 26.28 32.50 49.89
N ILE GB 185 26.03 31.23 49.62
CA ILE GB 185 24.91 30.51 50.21
C ILE GB 185 25.38 29.51 51.25
N MET GB 186 26.31 28.66 50.90
CA MET GB 186 26.85 27.75 51.90
C MET GB 186 28.01 28.43 52.62
N PRO GB 187 28.18 28.19 53.92
CA PRO GB 187 29.30 28.80 54.64
C PRO GB 187 30.64 28.19 54.25
N THR GB 188 31.63 29.05 54.03
CA THR GB 188 32.98 28.62 53.69
C THR GB 188 34.00 28.89 54.79
N HIS GB 189 33.92 30.05 55.44
CA HIS GB 189 34.59 30.30 56.72
C HIS GB 189 33.53 30.00 57.77
N ASP GB 190 33.54 28.77 58.25
CA ASP GB 190 32.40 28.14 58.90
C ASP GB 190 31.75 28.95 60.02
N PRO GB 191 32.49 29.79 60.75
CA PRO GB 191 31.79 30.70 61.67
C PRO GB 191 31.44 32.06 61.09
N LEU GB 192 32.10 32.46 60.00
CA LEU GB 192 32.27 33.87 59.71
C LEU GB 192 31.37 34.42 58.61
N ALA GB 193 31.33 33.79 57.44
CA ALA GB 193 30.72 34.41 56.28
C ALA GB 193 29.22 34.62 56.47
N MET GB 194 28.73 35.78 56.03
CA MET GB 194 27.31 36.07 56.05
C MET GB 194 26.70 35.56 54.76
N ASN GB 195 25.95 34.46 54.85
CA ASN GB 195 25.38 33.80 53.69
C ASN GB 195 23.86 33.76 53.83
N ILE GB 196 23.21 33.14 52.86
CA ILE GB 196 21.75 33.11 52.86
C ILE GB 196 21.23 32.16 53.93
N THR GB 197 21.85 30.98 54.07
CA THR GB 197 21.33 29.99 55.01
C THR GB 197 21.31 30.50 56.43
N ASP GB 198 22.25 31.38 56.79
CA ASP GB 198 22.18 32.02 58.09
C ASP GB 198 21.10 33.10 58.13
N LEU GB 199 20.78 33.68 56.98
CA LEU GB 199 19.71 34.67 56.92
C LEU GB 199 18.34 34.05 56.94
N LEU GB 200 18.23 32.79 56.52
CA LEU GB 200 16.96 32.12 56.24
C LEU GB 200 15.88 32.34 57.30
N PRO GB 201 16.20 32.40 58.60
CA PRO GB 201 15.13 32.69 59.56
C PRO GB 201 14.74 34.15 59.55
N ALA GB 202 14.64 34.74 58.36
CA ALA GB 202 14.16 36.10 58.17
C ALA GB 202 13.05 36.18 57.16
N TRP GB 203 13.06 35.25 56.21
CA TRP GB 203 12.00 35.10 55.21
C TRP GB 203 10.97 34.12 55.75
N ARG GB 204 11.00 33.82 57.04
CA ARG GB 204 9.95 32.92 57.58
C ARG GB 204 8.73 33.80 57.80
N TYR GB 205 8.30 34.51 56.75
CA TYR GB 205 7.15 35.45 56.85
C TYR GB 205 5.91 34.62 57.16
N THR GB 206 5.09 35.09 58.09
CA THR GB 206 3.87 34.34 58.51
C THR GB 206 4.28 33.10 59.32
N ASN GB 207 5.47 33.11 59.90
CA ASN GB 207 5.87 32.00 60.80
C ASN GB 207 5.87 30.61 60.15
N THR GB 208 6.28 30.50 58.89
CA THR GB 208 6.45 29.16 58.29
C THR GB 208 7.74 28.56 58.87
N GLN GB 209 8.01 27.25 58.69
CA GLN GB 209 9.16 26.58 59.36
C GLN GB 209 10.49 26.73 58.62
N THR GB 210 11.17 27.87 58.73
CA THR GB 210 12.54 28.03 58.18
C THR GB 210 12.66 27.57 56.73
N PRO GB 211 12.14 28.32 55.73
CA PRO GB 211 12.34 27.96 54.33
C PRO GB 211 13.63 27.18 53.99
N VAL GB 212 13.58 26.22 53.05
CA VAL GB 212 14.71 25.40 52.64
C VAL GB 212 15.21 25.88 51.29
N ILE GB 213 16.53 26.12 51.20
CA ILE GB 213 17.14 26.54 49.94
C ILE GB 213 17.01 25.42 48.92
N CYS GB 214 16.74 25.78 47.67
CA CYS GB 214 16.44 24.78 46.65
C CYS GB 214 17.56 24.60 45.64
N HIS GB 215 18.11 25.68 45.10
CA HIS GB 215 19.22 25.60 44.14
C HIS GB 215 20.31 26.56 44.57
N ASN GB 216 21.49 26.02 44.90
CA ASN GB 216 22.57 26.82 45.44
C ASN GB 216 23.21 27.70 44.39
N LEU GB 217 22.78 28.95 44.29
CA LEU GB 217 23.50 29.92 43.49
C LEU GB 217 24.91 30.07 44.04
N ASP GB 218 25.84 30.42 43.16
CA ASP GB 218 27.24 30.46 43.54
C ASP GB 218 27.55 31.78 44.23
N THR GB 219 28.82 32.03 44.53
CA THR GB 219 29.20 33.24 45.23
C THR GB 219 29.09 34.45 44.32
N GLU GB 220 29.90 34.48 43.26
CA GLU GB 220 29.95 35.62 42.37
C GLU GB 220 28.68 35.78 41.54
N THR GB 221 27.84 34.76 41.48
CA THR GB 221 26.59 34.87 40.74
C THR GB 221 25.59 35.68 41.52
N SER GB 222 25.02 36.69 40.89
CA SER GB 222 23.97 37.50 41.51
C SER GB 222 22.64 36.79 41.31
N GLY GB 223 21.55 37.52 41.50
CA GLY GB 223 20.31 37.10 40.90
C GLY GB 223 19.23 36.57 41.82
N CYS GB 224 18.52 35.56 41.33
CA CYS GB 224 17.23 35.13 41.85
C CYS GB 224 17.34 33.73 42.43
N VAL GB 225 16.88 33.56 43.66
CA VAL GB 225 16.92 32.28 44.36
C VAL GB 225 15.50 31.88 44.72
N VAL GB 226 15.35 30.61 45.09
CA VAL GB 226 14.04 30.04 45.42
C VAL GB 226 14.19 29.24 46.70
N LEU GB 227 13.41 29.59 47.72
CA LEU GB 227 13.26 28.76 48.91
C LEU GB 227 11.82 28.26 48.96
N ALA GB 228 11.59 27.18 49.70
CA ALA GB 228 10.39 26.40 49.53
C ALA GB 228 9.37 26.51 50.67
N ARG GB 229 9.72 27.16 51.78
CA ARG GB 229 8.73 27.45 52.82
C ARG GB 229 8.09 26.21 53.44
N SER GB 230 8.43 25.03 52.95
CA SER GB 230 7.77 23.80 53.41
C SER GB 230 8.56 22.59 52.96
N ALA GB 231 8.92 21.71 53.89
CA ALA GB 231 9.66 20.51 53.50
C ALA GB 231 8.84 19.59 52.62
N ASN GB 232 7.51 19.77 52.60
CA ASN GB 232 6.70 19.02 51.64
C ASN GB 232 6.76 19.63 50.25
N THR GB 233 6.82 20.96 50.16
CA THR GB 233 6.95 21.60 48.85
C THR GB 233 8.33 21.37 48.26
N HIS GB 234 9.34 21.18 49.12
CA HIS GB 234 10.69 21.01 48.60
C HIS GB 234 10.84 19.72 47.82
N ARG GB 235 10.15 18.66 48.23
CA ARG GB 235 10.17 17.43 47.45
C ARG GB 235 9.60 17.68 46.06
N MET GB 236 8.56 18.49 45.97
CA MET GB 236 7.92 18.73 44.69
C MET GB 236 8.82 19.56 43.78
N LEU GB 237 9.52 20.53 44.36
CA LEU GB 237 10.29 21.47 43.56
C LEU GB 237 11.65 20.91 43.16
N GLY GB 238 11.83 19.61 43.19
CA GLY GB 238 13.06 19.02 42.71
C GLY GB 238 13.04 18.81 41.21
N ARG GB 239 11.93 18.29 40.70
CA ARG GB 239 11.82 17.99 39.27
C ARG GB 239 11.89 19.25 38.44
N MET GB 240 11.98 20.41 39.09
CA MET GB 240 12.06 21.66 38.37
C MET GB 240 13.49 22.07 38.06
N PHE GB 241 14.47 21.46 38.70
CA PHE GB 241 15.85 21.91 38.57
C PHE GB 241 16.75 20.96 37.79
N VAL GB 242 16.79 19.68 38.18
CA VAL GB 242 17.82 18.80 37.67
C VAL GB 242 17.53 18.43 36.23
N LYS GB 243 18.52 18.66 35.36
CA LYS GB 243 18.58 18.09 34.01
C LYS GB 243 17.31 18.34 33.20
N ARG GB 244 17.09 19.62 32.90
CA ARG GB 244 15.92 19.98 32.13
C ARG GB 244 16.03 19.45 30.70
N VAL GB 245 14.89 19.50 30.01
CA VAL GB 245 14.85 19.28 28.57
C VAL GB 245 14.61 20.58 27.83
N VAL GB 246 13.76 21.43 28.38
CA VAL GB 246 13.51 22.76 27.82
C VAL GB 246 13.83 23.77 28.91
N PRO GB 247 14.19 25.00 28.55
CA PRO GB 247 14.68 25.95 29.56
C PRO GB 247 13.64 26.29 30.61
N ASN GB 248 14.15 26.70 31.75
CA ASN GB 248 13.32 27.06 32.90
C ASN GB 248 13.86 28.25 33.65
N SER GB 249 14.82 28.97 33.07
CA SER GB 249 15.58 29.98 33.79
C SER GB 249 16.43 30.73 32.78
N VAL GB 250 16.80 31.96 33.10
CA VAL GB 250 17.60 32.78 32.21
C VAL GB 250 18.75 33.36 33.00
N TYR GB 251 19.96 33.14 32.50
CA TYR GB 251 21.16 33.77 33.04
C TYR GB 251 21.58 34.86 32.09
N TRP GB 252 21.83 36.06 32.62
CA TRP GB 252 22.37 37.16 31.84
C TRP GB 252 23.84 37.35 32.17
N GLY GB 253 24.56 37.96 31.25
CA GLY GB 253 25.99 38.09 31.43
C GLY GB 253 26.58 38.97 30.35
N PHE GB 254 27.76 39.48 30.64
CA PHE GB 254 28.44 40.38 29.72
C PHE GB 254 29.81 39.80 29.41
N ALA GB 255 29.85 38.84 28.50
CA ALA GB 255 31.12 38.28 28.07
C ALA GB 255 31.84 39.26 27.17
N VAL GB 256 33.14 39.36 27.34
CA VAL GB 256 33.97 40.32 26.62
C VAL GB 256 34.54 39.62 25.40
N GLY GB 257 34.06 39.98 24.22
CA GLY GB 257 34.50 39.33 23.00
C GLY GB 257 33.36 38.64 22.30
N LYS GB 258 32.98 39.15 21.13
CA LYS GB 258 31.81 38.64 20.42
C LYS GB 258 32.03 37.20 20.00
N PRO GB 259 31.27 36.27 20.56
CA PRO GB 259 31.50 34.85 20.32
C PRO GB 259 31.18 34.47 18.89
N PRO GB 260 31.25 33.18 18.57
CA PRO GB 260 30.68 32.71 17.29
C PRO GB 260 29.18 32.91 17.27
N VAL GB 261 28.52 32.36 16.24
CA VAL GB 261 27.16 32.69 15.84
C VAL GB 261 26.23 32.90 17.04
N ASN GB 262 25.38 33.91 16.95
CA ASN GB 262 24.64 34.43 18.09
C ASN GB 262 23.43 33.58 18.46
N PHE GB 263 23.43 32.32 18.06
CA PHE GB 263 22.44 31.37 18.52
C PHE GB 263 23.03 29.98 18.43
N GLY GB 264 22.74 29.13 19.40
CA GLY GB 264 23.31 27.80 19.36
C GLY GB 264 23.17 27.11 20.69
N ARG GB 265 23.86 25.99 20.79
CA ARG GB 265 23.83 25.16 21.99
C ARG GB 265 25.23 24.71 22.31
N ILE GB 266 25.54 24.65 23.60
CA ILE GB 266 26.86 24.29 24.08
C ILE GB 266 26.76 22.96 24.80
N ARG GB 267 27.55 21.97 24.36
CA ARG GB 267 27.64 20.70 25.06
C ARG GB 267 29.09 20.44 25.42
N MET GB 268 29.40 20.61 26.70
CA MET GB 268 30.72 20.31 27.22
C MET GB 268 30.54 19.22 28.25
N HIS GB 269 31.58 18.45 28.51
CA HIS GB 269 31.50 17.32 29.43
C HIS GB 269 32.43 17.59 30.60
N PHE GB 270 31.88 18.07 31.70
CA PHE GB 270 32.68 18.51 32.83
C PHE GB 270 33.13 17.35 33.69
N GLU GB 271 34.25 17.53 34.37
CA GLU GB 271 34.80 16.53 35.28
C GLU GB 271 35.51 17.26 36.41
N VAL GB 272 35.00 17.11 37.63
CA VAL GB 272 35.53 17.82 38.78
C VAL GB 272 36.57 16.92 39.44
N GLN GB 273 37.84 17.22 39.20
CA GLN GB 273 38.93 16.55 39.90
C GLN GB 273 39.30 17.37 41.13
N LYS GB 274 39.23 16.75 42.30
CA LYS GB 274 39.53 17.43 43.54
C LYS GB 274 41.03 17.44 43.78
N GLY GB 275 41.61 18.63 43.96
CA GLY GB 275 40.82 19.86 44.01
C GLY GB 275 40.64 20.62 42.71
N GLN GB 276 39.40 21.07 42.48
CA GLN GB 276 39.00 21.97 41.39
C GLN GB 276 39.68 21.68 40.05
N GLY GB 277 39.74 20.40 39.66
CA GLY GB 277 40.30 20.08 38.36
C GLY GB 277 39.51 20.70 37.22
N GLY GB 278 38.19 20.49 37.21
CA GLY GB 278 37.32 21.08 36.22
C GLY GB 278 37.69 20.77 34.78
N ASP GB 279 37.50 19.54 34.33
CA ASP GB 279 37.95 19.15 33.00
C ASP GB 279 36.92 19.53 31.92
N VAL GB 280 37.11 18.95 30.73
CA VAL GB 280 36.59 19.51 29.49
C VAL GB 280 35.97 18.45 28.59
N ILE GB 281 35.69 18.83 27.33
CA ILE GB 281 34.92 18.08 26.35
C ILE GB 281 35.43 16.65 26.15
N VAL GB 282 36.48 16.27 26.86
CA VAL GB 282 37.46 15.28 26.42
C VAL GB 282 36.83 14.19 25.55
N ALA GB 283 35.66 13.70 25.94
CA ALA GB 283 34.91 12.75 25.12
C ALA GB 283 33.66 13.40 24.55
N ARG GB 284 33.58 13.46 23.23
CA ARG GB 284 32.33 13.86 22.58
C ARG GB 284 31.17 13.01 23.08
N PRO GB 285 31.24 11.66 23.13
CA PRO GB 285 30.15 10.94 23.79
C PRO GB 285 30.07 11.15 25.30
N THR GB 286 31.08 10.68 26.06
CA THR GB 286 31.36 10.92 27.48
C THR GB 286 32.56 10.07 27.90
N PRO GB 287 33.29 10.44 28.96
CA PRO GB 287 34.12 9.45 29.65
C PRO GB 287 33.32 8.43 30.42
N THR GB 288 32.01 8.64 30.57
CA THR GB 288 31.05 7.64 31.05
C THR GB 288 31.26 7.24 32.50
N ALA GB 289 32.34 7.69 33.13
CA ALA GB 289 32.63 7.30 34.50
C ALA GB 289 32.57 8.46 35.47
N ASP GB 290 33.35 9.51 35.23
CA ASP GB 290 33.49 10.62 36.15
C ASP GB 290 32.93 11.92 35.58
N SER GB 291 32.28 11.86 34.42
CA SER GB 291 31.88 13.05 33.70
C SER GB 291 30.38 13.16 33.61
N LYS GB 292 29.88 14.39 33.77
CA LYS GB 292 28.52 14.75 33.42
C LYS GB 292 28.55 15.95 32.49
N VAL GB 293 27.58 16.03 31.60
CA VAL GB 293 27.59 17.06 30.58
C VAL GB 293 26.70 18.21 31.03
N GLY GB 294 26.99 19.40 30.52
CA GLY GB 294 26.21 20.57 30.81
C GLY GB 294 25.82 21.28 29.53
N ILE GB 295 24.53 21.37 29.26
CA ILE GB 295 24.02 21.87 27.99
C ILE GB 295 23.28 23.18 28.25
N ALA GB 296 23.56 24.18 27.43
CA ALA GB 296 22.87 25.46 27.50
C ALA GB 296 22.61 25.94 26.09
N GLU GB 297 21.54 26.69 25.94
CA GLU GB 297 21.15 27.22 24.64
C GLU GB 297 21.38 28.73 24.70
N PHE GB 298 22.58 29.15 24.35
CA PHE GB 298 22.94 30.55 24.49
C PHE GB 298 22.38 31.38 23.34
N VAL GB 299 22.05 32.63 23.64
CA VAL GB 299 21.60 33.60 22.65
C VAL GB 299 22.27 34.92 22.97
N VAL GB 300 23.04 35.44 22.02
CA VAL GB 300 23.70 36.72 22.18
C VAL GB 300 22.65 37.79 21.86
N ASN GB 301 22.01 38.33 22.90
CA ASN GB 301 20.90 39.25 22.69
C ASN GB 301 21.36 40.47 21.89
N ALA GB 302 22.26 41.25 22.47
CA ALA GB 302 22.94 42.30 21.73
C ALA GB 302 24.43 42.18 22.00
N SER GB 303 25.22 42.81 21.14
CA SER GB 303 26.66 42.63 21.16
C SER GB 303 27.36 43.97 21.00
N ALA GB 304 28.25 44.29 21.95
CA ALA GB 304 29.27 45.28 21.67
C ALA GB 304 30.01 44.88 20.39
N LEU GB 305 30.34 45.86 19.57
CA LEU GB 305 30.59 45.61 18.15
C LEU GB 305 31.53 44.43 17.91
N GLU GB 306 32.67 44.38 18.58
CA GLU GB 306 33.54 43.22 18.47
C GLU GB 306 34.27 42.87 19.77
N PHE GB 307 34.02 43.58 20.86
CA PHE GB 307 34.79 43.39 22.07
C PHE GB 307 33.99 42.87 23.23
N GLY GB 308 32.67 42.93 23.17
CA GLY GB 308 31.86 42.41 24.25
C GLY GB 308 30.53 41.97 23.69
N SER GB 309 29.78 41.27 24.54
CA SER GB 309 28.43 40.89 24.17
C SER GB 309 27.61 40.77 25.44
N PHE GB 310 26.30 40.87 25.26
CA PHE GB 310 25.35 40.64 26.33
C PHE GB 310 24.64 39.34 25.96
N ILE GB 311 25.05 38.26 26.59
CA ILE GB 311 24.62 36.93 26.21
C ILE GB 311 23.55 36.46 27.17
N SER GB 312 22.61 35.67 26.68
CA SER GB 312 21.56 35.06 27.49
C SER GB 312 21.71 33.56 27.42
N PHE GB 313 21.99 32.93 28.56
CA PHE GB 313 22.15 31.49 28.63
C PHE GB 313 20.90 30.88 29.25
N TYR GB 314 20.39 29.82 28.63
CA TYR GB 314 19.27 29.06 29.16
C TYR GB 314 19.79 27.70 29.59
N PRO GB 315 20.27 27.57 30.80
CA PRO GB 315 21.05 26.39 31.19
C PRO GB 315 20.24 25.13 31.41
N LEU GB 316 20.07 24.32 30.36
CA LEU GB 316 19.32 23.09 30.46
C LEU GB 316 19.85 22.14 31.55
N THR GB 317 21.10 22.29 31.99
CA THR GB 317 21.68 21.39 32.97
C THR GB 317 22.04 22.16 34.24
N THR GB 318 22.69 21.48 35.18
CA THR GB 318 22.93 21.95 36.53
C THR GB 318 24.38 21.73 36.95
N ARG GB 319 25.32 22.13 36.09
CA ARG GB 319 26.73 21.86 36.36
C ARG GB 319 27.43 23.10 36.92
N ARG GB 320 28.61 22.87 37.49
CA ARG GB 320 29.29 23.84 38.33
C ARG GB 320 29.99 24.89 37.48
N HIS GB 321 29.63 26.15 37.68
CA HIS GB 321 30.12 27.29 36.89
C HIS GB 321 29.92 27.06 35.40
N GLN GB 322 29.03 26.12 35.07
CA GLN GB 322 28.68 25.76 33.71
C GLN GB 322 28.35 27.02 32.92
N GLU GB 323 27.85 28.04 33.61
CA GLU GB 323 27.65 29.33 32.97
C GLU GB 323 28.96 29.96 32.54
N ARG GB 324 29.94 29.97 33.44
CA ARG GB 324 31.18 30.73 33.21
C ARG GB 324 32.25 29.90 32.51
N ILE GB 325 32.31 28.60 32.76
CA ILE GB 325 33.31 27.80 32.08
C ILE GB 325 32.91 27.54 30.64
N MET GB 326 31.61 27.42 30.37
CA MET GB 326 31.15 27.33 28.98
C MET GB 326 31.21 28.68 28.30
N ALA GB 327 31.14 29.77 29.07
CA ALA GB 327 31.30 31.09 28.48
C ALA GB 327 32.76 31.40 28.19
N ALA GB 328 33.66 30.91 29.03
CA ALA GB 328 35.08 31.09 28.78
C ALA GB 328 35.60 30.17 27.70
N HIS GB 329 34.75 29.33 27.10
CA HIS GB 329 35.15 28.53 25.96
C HIS GB 329 34.03 28.40 24.92
N ALA GB 330 32.96 29.20 25.01
CA ALA GB 330 32.14 29.46 23.85
C ALA GB 330 32.94 30.21 22.80
N LEU GB 331 33.80 31.13 23.24
CA LEU GB 331 34.77 31.77 22.36
C LEU GB 331 36.19 31.70 22.89
N ARG GB 332 36.40 31.51 24.19
CA ARG GB 332 37.53 31.99 24.99
C ARG GB 332 37.28 33.43 25.38
N ALA GB 333 36.05 33.92 25.16
CA ALA GB 333 35.62 35.23 25.63
C ALA GB 333 34.84 35.06 26.93
N PRO GB 334 35.49 35.14 28.08
CA PRO GB 334 34.82 34.88 29.34
C PRO GB 334 34.00 36.08 29.77
N LEU GB 335 33.36 35.96 30.93
CA LEU GB 335 32.47 36.99 31.41
C LEU GB 335 33.27 38.11 32.07
N LEU GB 336 32.67 39.29 32.08
CA LEU GB 336 33.35 40.48 32.57
C LEU GB 336 33.59 40.35 34.07
N GLY GB 337 34.86 40.30 34.46
CA GLY GB 337 35.21 40.15 35.86
C GLY GB 337 35.25 38.72 36.35
N ASP GB 338 35.54 37.77 35.46
CA ASP GB 338 35.52 36.35 35.82
C ASP GB 338 36.95 35.87 36.07
N ALA GB 339 37.50 36.28 37.22
CA ALA GB 339 38.90 36.01 37.49
C ALA GB 339 39.17 34.55 37.82
N LYS GB 340 38.14 33.72 37.94
CA LYS GB 340 38.36 32.34 38.34
C LYS GB 340 38.69 31.46 37.15
N TYR GB 341 37.99 31.62 36.04
CA TYR GB 341 38.19 30.78 34.87
C TYR GB 341 38.79 31.53 33.69
N GLY GB 342 38.18 32.63 33.26
CA GLY GB 342 38.91 33.59 32.45
C GLY GB 342 39.56 34.54 33.42
N GLY GB 343 39.50 35.83 33.15
CA GLY GB 343 39.89 36.83 34.13
C GLY GB 343 41.32 37.27 34.08
N GLU GB 344 42.15 36.67 33.24
CA GLU GB 344 43.55 37.06 33.15
C GLU GB 344 43.88 37.76 31.85
N SER GB 345 42.89 37.96 30.98
CA SER GB 345 43.11 38.77 29.79
C SER GB 345 43.63 40.14 30.18
N ALA GB 346 42.94 40.79 31.11
CA ALA GB 346 43.47 41.92 31.85
C ALA GB 346 42.83 41.83 33.23
N PHE GB 347 42.84 42.91 33.98
CA PHE GB 347 42.18 42.81 35.28
C PHE GB 347 40.67 42.80 35.04
N PRO GB 348 40.08 43.87 34.44
CA PRO GB 348 38.69 43.78 34.02
C PRO GB 348 38.59 43.50 32.53
N HIS GB 349 39.70 43.10 31.93
CA HIS GB 349 39.81 42.98 30.47
C HIS GB 349 39.84 44.38 29.86
N SER GB 350 40.32 45.35 30.64
CA SER GB 350 40.90 46.61 30.16
C SER GB 350 39.92 47.46 29.34
N LEU GB 351 38.92 47.98 30.04
CA LEU GB 351 37.94 48.85 29.42
C LEU GB 351 37.88 50.21 30.13
N SER GB 352 37.00 51.07 29.63
CA SER GB 352 36.69 52.41 30.17
C SER GB 352 35.69 52.38 31.31
N LEU GB 353 35.52 51.18 31.87
CA LEU GB 353 34.74 50.99 33.08
C LEU GB 353 35.48 51.57 34.27
N PHE GB 354 34.91 51.43 35.47
CA PHE GB 354 35.63 51.82 36.67
C PHE GB 354 36.97 51.10 36.70
N TRP GB 355 38.07 51.81 36.51
CA TRP GB 355 39.31 51.01 36.29
C TRP GB 355 40.42 51.40 37.26
N ASP GB 356 40.18 51.26 38.56
CA ASP GB 356 41.19 51.70 39.56
C ASP GB 356 41.89 50.47 40.15
N PRO GB 357 41.33 49.79 41.17
CA PRO GB 357 41.92 48.56 41.68
C PRO GB 357 41.78 47.53 40.55
N ALA GB 358 40.59 47.48 39.95
CA ALA GB 358 40.32 46.53 38.85
C ALA GB 358 40.69 45.12 39.28
N ARG GB 359 41.96 44.89 39.58
CA ARG GB 359 42.47 43.54 39.81
C ARG GB 359 41.41 42.66 40.45
N LYS GB 360 40.63 43.23 41.38
CA LYS GB 360 39.46 42.57 41.93
C LYS GB 360 38.24 43.46 41.98
N ASP GB 361 38.27 44.64 41.36
CA ASP GB 361 37.17 45.59 41.49
C ASP GB 361 35.92 45.04 40.81
N VAL GB 362 35.99 44.82 39.51
CA VAL GB 362 34.80 44.53 38.70
C VAL GB 362 34.19 43.21 39.14
N PRO GB 363 32.94 43.20 39.56
CA PRO GB 363 32.30 41.94 39.92
C PRO GB 363 31.80 41.23 38.67
N LEU GB 364 31.84 39.90 38.72
CA LEU GB 364 31.42 39.07 37.61
C LEU GB 364 30.05 39.48 37.12
N HIS GB 365 29.96 39.97 35.89
CA HIS GB 365 28.68 40.35 35.31
C HIS GB 365 27.95 39.08 34.91
N LEU GB 366 27.38 38.41 35.91
CA LEU GB 366 26.50 37.27 35.68
C LEU GB 366 25.32 37.41 36.61
N HIS GB 367 24.12 37.19 36.09
CA HIS GB 367 22.90 37.48 36.82
C HIS GB 367 21.87 36.40 36.53
N HIS GB 368 21.43 35.71 37.57
CA HIS GB 368 20.30 34.79 37.43
C HIS GB 368 19.05 35.64 37.26
N ARG GB 369 18.61 35.79 36.02
CA ARG GB 369 17.63 36.83 35.68
C ARG GB 369 16.20 36.39 36.00
N LYS GB 370 15.68 35.36 35.36
CA LYS GB 370 14.23 34.99 35.45
C LYS GB 370 14.07 33.51 35.75
N ILE GB 371 13.11 33.13 36.57
CA ILE GB 371 12.81 31.70 36.84
C ILE GB 371 11.33 31.55 36.57
N GLN GB 372 10.93 30.54 35.80
CA GLN GB 372 9.48 30.30 35.59
C GLN GB 372 9.03 29.32 36.65
N LEU GB 373 8.30 29.80 37.64
CA LEU GB 373 7.85 28.91 38.73
C LEU GB 373 6.69 28.08 38.21
N PRO GB 374 6.33 26.95 38.83
CA PRO GB 374 5.23 26.14 38.36
C PRO GB 374 3.93 26.50 39.06
N TYR GB 375 3.89 27.62 39.79
CA TYR GB 375 2.72 27.93 40.63
C TYR GB 375 1.64 28.78 39.96
N LYS GB 376 1.88 29.30 38.75
CA LYS GB 376 0.81 30.04 38.03
C LYS GB 376 0.46 31.35 38.75
N ASN GB 377 -0.64 31.99 38.39
CA ASN GB 377 -1.01 33.33 38.93
C ASN GB 377 -2.52 33.48 38.76
N GLY GB 378 -3.08 34.61 39.17
CA GLY GB 378 -4.56 34.71 39.07
C GLY GB 378 -4.96 34.56 37.63
N ALA GB 379 -4.26 35.26 36.72
CA ALA GB 379 -4.49 35.05 35.29
C ALA GB 379 -3.78 33.73 35.04
N GLY GB 380 -4.12 33.00 33.98
CA GLY GB 380 -3.59 31.63 33.82
C GLY GB 380 -2.08 31.52 33.70
N GLU GB 381 -1.39 32.62 33.47
CA GLU GB 381 0.06 32.56 33.20
C GLU GB 381 0.85 31.96 34.35
N PHE GB 382 1.88 31.16 34.06
CA PHE GB 382 2.79 30.66 35.12
C PHE GB 382 3.58 31.88 35.59
N VAL GB 383 3.99 31.94 36.85
CA VAL GB 383 4.66 33.18 37.36
C VAL GB 383 6.13 33.19 36.99
N CYS GB 384 6.65 34.35 36.59
CA CYS GB 384 8.05 34.46 36.20
C CYS GB 384 8.68 35.60 36.99
N VAL GB 385 9.43 35.26 38.03
CA VAL GB 385 10.19 36.26 38.74
C VAL GB 385 11.16 36.93 37.79
N THR GB 386 11.43 38.21 38.03
CA THR GB 386 12.25 39.00 37.12
C THR GB 386 13.25 39.84 37.90
N ALA GB 387 14.07 39.18 38.73
CA ALA GB 387 15.09 39.82 39.54
C ALA GB 387 15.84 40.90 38.76
N PRO GB 388 15.71 42.17 39.14
CA PRO GB 388 16.33 43.25 38.38
C PRO GB 388 17.84 43.28 38.59
N LEU GB 389 18.53 43.75 37.55
CA LEU GB 389 19.98 43.69 37.53
C LEU GB 389 20.57 44.50 38.69
N PRO GB 390 21.69 44.07 39.24
CA PRO GB 390 22.39 44.88 40.23
C PRO GB 390 22.92 46.14 39.56
N PRO GB 391 23.27 47.17 40.33
CA PRO GB 391 23.85 48.36 39.69
C PRO GB 391 25.08 48.06 38.88
N HIS GB 392 25.87 47.07 39.29
CA HIS GB 392 27.10 46.73 38.58
C HIS GB 392 26.84 46.26 37.17
N MET GB 393 25.65 45.73 36.89
CA MET GB 393 25.21 45.50 35.53
C MET GB 393 24.37 46.64 34.99
N GLU GB 394 23.66 47.35 35.87
CA GLU GB 394 23.01 48.58 35.46
C GLU GB 394 24.03 49.67 35.15
N LYS GB 395 25.25 49.55 35.70
CA LYS GB 395 26.32 50.45 35.31
C LYS GB 395 26.66 50.26 33.84
N THR GB 396 27.06 49.04 33.46
CA THR GB 396 27.51 48.77 32.11
C THR GB 396 26.39 48.74 31.09
N PHE GB 397 25.15 48.56 31.52
CA PHE GB 397 24.05 48.61 30.56
C PHE GB 397 23.77 50.05 30.16
N LYS GB 398 23.66 50.95 31.13
CA LYS GB 398 23.41 52.34 30.79
C LYS GB 398 24.66 53.03 30.28
N ARG GB 399 25.84 52.66 30.80
CA ARG GB 399 27.08 53.14 30.19
C ARG GB 399 27.14 52.77 28.72
N LEU GB 400 26.41 51.75 28.31
CA LEU GB 400 26.29 51.39 26.90
C LEU GB 400 24.95 51.79 26.32
N GLY GB 401 24.05 52.35 27.12
CA GLY GB 401 22.77 52.81 26.61
C GLY GB 401 21.80 51.71 26.28
N TRP GB 402 22.01 50.55 26.78
CA TRP GB 402 21.01 49.56 26.42
C TRP GB 402 19.79 49.69 27.31
N PRO GB 403 18.63 49.34 26.81
CA PRO GB 403 17.41 49.41 27.63
C PRO GB 403 17.36 48.28 28.63
N VAL GB 404 17.95 48.48 29.81
CA VAL GB 404 17.93 47.45 30.84
C VAL GB 404 16.47 47.09 31.12
N ASP GB 405 16.08 45.87 30.74
CA ASP GB 405 14.70 45.42 30.88
C ASP GB 405 14.39 45.14 32.34
N ALA GB 406 14.44 46.22 33.13
CA ALA GB 406 14.41 46.16 34.60
C ALA GB 406 15.62 45.43 35.17
N TYR HB 67 58.77 123.65 36.91
CA TYR HB 67 58.85 123.05 35.59
C TYR HB 67 58.99 121.54 35.71
N LEU HB 68 59.89 121.08 36.58
CA LEU HB 68 60.04 119.65 36.84
C LEU HB 68 60.05 119.42 38.34
N LEU HB 69 60.02 118.15 38.72
CA LEU HB 69 59.90 117.78 40.12
C LEU HB 69 61.23 117.92 40.84
N ASP HB 70 61.15 118.12 42.16
CA ASP HB 70 62.34 118.11 42.99
C ASP HB 70 62.88 116.69 43.14
N LYS HB 71 64.19 116.55 42.95
CA LYS HB 71 64.79 115.22 42.86
C LYS HB 71 64.72 114.46 44.17
N SER HB 72 64.97 115.13 45.29
CA SER HB 72 65.01 114.42 46.56
C SER HB 72 63.63 113.94 47.00
N ASP HB 73 62.57 114.48 46.40
CA ASP HB 73 61.22 114.08 46.81
C ASP HB 73 60.87 112.71 46.25
N VAL HB 74 61.05 112.51 44.94
CA VAL HB 74 60.87 111.18 44.37
C VAL HB 74 61.85 110.20 45.00
N LEU HB 75 63.04 110.70 45.35
CA LEU HB 75 64.05 109.86 45.99
C LEU HB 75 63.50 109.21 47.25
N THR HB 76 62.51 109.85 47.89
CA THR HB 76 61.85 109.29 49.06
C THR HB 76 60.86 108.20 48.70
N ARG HB 77 60.40 108.14 47.44
CA ARG HB 77 59.36 107.20 47.03
C ARG HB 77 59.84 106.17 46.01
N VAL HB 78 60.65 106.58 45.04
CA VAL HB 78 61.17 105.59 44.10
C VAL HB 78 62.07 104.60 44.82
N LEU HB 79 62.83 105.07 45.80
CA LEU HB 79 63.59 104.16 46.65
C LEU HB 79 62.71 103.35 47.58
N GLU HB 80 61.40 103.39 47.40
CA GLU HB 80 60.48 102.54 48.16
C GLU HB 80 59.67 101.63 47.26
N VAL HB 81 59.08 102.17 46.20
CA VAL HB 81 58.20 101.39 45.33
C VAL HB 81 58.87 100.13 44.83
N VAL HB 82 60.18 100.20 44.54
CA VAL HB 82 60.88 99.02 44.05
C VAL HB 82 61.26 98.11 45.22
N LYS HB 83 61.18 98.60 46.45
CA LYS HB 83 61.51 97.76 47.59
C LYS HB 83 60.44 96.70 47.80
N ASN HB 84 59.21 97.13 48.10
CA ASN HB 84 58.13 96.19 48.38
C ASN HB 84 57.47 95.69 47.10
N PHE HB 85 58.30 95.25 46.16
CA PHE HB 85 57.81 94.89 44.84
C PHE HB 85 57.28 93.46 44.87
N GLU HB 86 57.05 92.89 43.69
CA GLU HB 86 56.55 91.52 43.58
C GLU HB 86 57.68 90.50 43.65
N LYS HB 87 58.72 90.70 42.85
CA LYS HB 87 59.77 89.71 42.72
C LYS HB 87 60.77 89.75 43.87
N VAL HB 88 60.89 90.87 44.56
CA VAL HB 88 61.95 91.05 45.56
C VAL HB 88 61.31 91.42 46.89
N ASP HB 89 61.89 90.90 47.97
CA ASP HB 89 61.48 91.27 49.32
C ASP HB 89 62.13 92.58 49.70
N ALA HB 90 61.34 93.45 50.36
CA ALA HB 90 61.78 94.82 50.62
C ALA HB 90 63.08 94.85 51.42
N SER HB 91 63.27 93.90 52.32
CA SER HB 91 64.52 93.78 53.07
C SER HB 91 65.64 93.17 52.24
N LYS HB 92 65.32 92.62 51.07
CA LYS HB 92 66.31 92.16 50.11
C LYS HB 92 66.64 93.22 49.07
N VAL HB 93 66.34 94.49 49.35
CA VAL HB 93 66.57 95.59 48.43
C VAL HB 93 67.55 96.57 49.05
N THR HB 94 68.36 97.20 48.21
CA THR HB 94 69.26 98.27 48.60
C THR HB 94 68.98 99.53 47.78
N PRO HB 95 69.46 100.69 48.24
CA PRO HB 95 69.32 101.91 47.43
C PRO HB 95 69.77 101.76 45.99
N GLU HB 96 70.82 100.98 45.73
CA GLU HB 96 71.25 100.66 44.37
C GLU HB 96 71.34 99.14 44.27
N SER HB 97 70.19 98.51 44.03
CA SER HB 97 70.11 97.06 43.86
C SER HB 97 69.89 96.76 42.39
N HIS HB 98 70.80 95.99 41.80
CA HIS HB 98 70.77 95.75 40.37
C HIS HB 98 69.44 95.13 39.94
N PHE HB 99 69.04 95.44 38.71
CA PHE HB 99 67.81 94.96 38.12
C PHE HB 99 67.77 93.44 38.06
N VAL HB 100 68.70 92.86 37.31
CA VAL HB 100 68.71 91.41 37.17
C VAL HB 100 69.37 90.73 38.37
N LYS HB 101 70.46 91.31 38.88
CA LYS HB 101 71.27 90.64 39.88
C LYS HB 101 70.67 90.72 41.29
N ASP HB 102 70.51 91.94 41.81
CA ASP HB 102 70.08 92.13 43.18
C ASP HB 102 68.56 92.07 43.33
N LEU HB 103 67.83 92.54 42.31
CA LEU HB 103 66.38 92.53 42.35
C LEU HB 103 65.76 91.34 41.62
N GLY HB 104 66.57 90.50 40.97
CA GLY HB 104 66.06 89.31 40.35
C GLY HB 104 65.16 89.52 39.16
N LEU HB 105 64.93 90.78 38.75
CA LEU HB 105 64.11 91.04 37.58
C LEU HB 105 64.78 90.48 36.33
N ASN HB 106 64.03 90.44 35.24
CA ASN HB 106 64.50 89.76 34.03
C ASN HB 106 64.27 90.66 32.83
N SER HB 107 64.47 90.10 31.65
CA SER HB 107 64.47 90.89 30.41
C SER HB 107 63.12 91.55 30.18
N LEU HB 108 62.05 90.75 30.18
CA LEU HB 108 60.73 91.32 29.90
C LEU HB 108 60.31 92.32 30.95
N ASP HB 109 60.61 92.05 32.22
CA ASP HB 109 60.18 92.92 33.30
C ASP HB 109 60.89 94.27 33.31
N VAL HB 110 61.77 94.53 32.34
CA VAL HB 110 62.37 95.85 32.21
C VAL HB 110 61.30 96.90 32.00
N VAL HB 111 60.13 96.49 31.51
CA VAL HB 111 58.97 97.37 31.45
C VAL HB 111 58.04 97.19 32.65
N GLU HB 112 58.15 96.07 33.37
CA GLU HB 112 57.29 95.87 34.53
C GLU HB 112 57.44 97.00 35.53
N VAL HB 113 58.66 97.19 36.06
CA VAL HB 113 58.92 98.26 36.99
C VAL HB 113 58.70 99.63 36.36
N VAL HB 114 58.74 99.72 35.04
CA VAL HB 114 58.37 100.97 34.38
C VAL HB 114 56.96 101.38 34.78
N PHE HB 115 56.05 100.41 34.88
CA PHE HB 115 54.72 100.69 35.40
C PHE HB 115 54.73 101.02 36.88
N ALA HB 116 55.86 100.86 37.55
CA ALA HB 116 56.05 101.48 38.86
C ALA HB 116 56.61 102.88 38.73
N ILE HB 117 57.36 103.15 37.66
CA ILE HB 117 57.83 104.50 37.39
C ILE HB 117 56.70 105.34 36.80
N GLU HB 118 55.99 104.79 35.81
CA GLU HB 118 54.78 105.45 35.33
C GLU HB 118 53.73 105.58 36.43
N GLN HB 119 53.87 104.81 37.52
CA GLN HB 119 53.04 105.00 38.69
C GLN HB 119 53.50 106.20 39.52
N GLU HB 120 54.80 106.51 39.46
CA GLU HB 120 55.30 107.71 40.12
C GLU HB 120 55.02 108.95 39.27
N PHE HB 121 55.62 109.02 38.09
CA PHE HB 121 55.36 110.07 37.12
C PHE HB 121 54.24 109.60 36.20
N ILE HB 122 53.16 110.39 36.13
CA ILE HB 122 51.95 109.92 35.49
C ILE HB 122 52.18 109.66 33.99
N LEU HB 123 52.68 110.65 33.27
CA LEU HB 123 52.52 110.69 31.83
C LEU HB 123 53.24 109.53 31.14
N ASP HB 124 52.87 109.32 29.88
CA ASP HB 124 53.45 108.27 29.05
C ASP HB 124 54.72 108.80 28.38
N ILE HB 125 55.79 108.01 28.44
CA ILE HB 125 57.08 108.42 27.91
C ILE HB 125 57.30 107.74 26.57
N PRO HB 126 57.97 108.39 25.61
CA PRO HB 126 58.29 107.72 24.35
C PRO HB 126 59.05 106.42 24.57
N ASP HB 127 58.99 105.55 23.55
CA ASP HB 127 59.34 104.14 23.75
C ASP HB 127 60.79 103.96 24.16
N HIS HB 128 61.71 104.62 23.45
CA HIS HB 128 63.12 104.41 23.75
C HIS HB 128 63.45 104.76 25.20
N ASP HB 129 62.81 105.81 25.72
CA ASP HB 129 63.03 106.19 27.11
C ASP HB 129 62.77 105.01 28.05
N ALA HB 130 61.65 104.33 27.87
CA ALA HB 130 61.34 103.15 28.68
C ALA HB 130 62.33 102.02 28.45
N GLU HB 131 62.91 101.93 27.24
CA GLU HB 131 63.96 100.96 26.98
C GLU HB 131 65.32 101.50 27.38
N LYS HB 132 65.49 102.82 27.35
CA LYS HB 132 66.76 103.44 27.74
C LYS HB 132 67.19 103.01 29.12
N ILE HB 133 66.29 103.17 30.11
CA ILE HB 133 66.71 103.17 31.50
C ILE HB 133 67.37 101.84 31.87
N GLN HB 134 68.39 101.92 32.71
CA GLN HB 134 69.22 100.80 33.10
C GLN HB 134 68.54 100.07 34.27
N SER HB 135 69.30 99.23 34.97
CA SER HB 135 68.87 98.73 36.26
C SER HB 135 68.26 99.88 37.04
N ILE HB 136 67.06 99.65 37.60
CA ILE HB 136 66.17 100.75 37.94
C ILE HB 136 66.74 101.74 38.96
N PRO HB 137 67.32 101.33 40.09
CA PRO HB 137 67.81 102.35 41.03
C PRO HB 137 69.01 103.11 40.49
N ASP HB 138 69.64 102.60 39.44
CA ASP HB 138 70.59 103.40 38.67
C ASP HB 138 69.89 104.23 37.61
N ALA HB 139 68.62 103.95 37.33
CA ALA HB 139 67.89 104.65 36.27
C ALA HB 139 67.10 105.84 36.78
N VAL HB 140 66.77 105.89 38.08
CA VAL HB 140 66.19 107.09 38.67
C VAL HB 140 67.13 108.26 38.48
N GLU HB 141 68.42 107.98 38.28
CA GLU HB 141 69.36 109.01 37.84
C GLU HB 141 68.88 109.74 36.60
N TYR HB 142 68.07 109.08 35.76
CA TYR HB 142 67.41 109.73 34.64
C TYR HB 142 66.14 110.46 35.04
N ILE HB 143 65.55 110.11 36.18
CA ILE HB 143 64.42 110.87 36.70
C ILE HB 143 64.82 112.33 36.94
N ALA HB 144 66.08 112.54 37.36
CA ALA HB 144 66.61 113.90 37.39
C ALA HB 144 66.78 114.44 35.98
N GLN HB 145 67.24 113.60 35.05
CA GLN HB 145 67.30 113.95 33.64
C GLN HB 145 65.92 114.06 33.01
N ASN HB 146 64.86 113.75 33.76
CA ASN HB 146 63.50 113.67 33.25
C ASN HB 146 62.80 115.03 33.36
N PRO HB 147 62.62 115.74 32.24
CA PRO HB 147 61.89 117.00 32.27
C PRO HB 147 60.39 116.85 32.34
N MET HB 148 59.88 115.61 32.31
CA MET HB 148 58.45 115.32 32.35
C MET HB 148 58.02 114.84 33.72
N ALA HB 149 58.60 115.39 34.77
CA ALA HB 149 58.35 114.94 36.13
C ALA HB 149 57.08 115.57 36.67
N LYS HB 150 55.99 114.80 36.68
CA LYS HB 150 54.71 115.33 37.15
C LYS HB 150 54.31 114.73 38.48
N ASN IB 37 42.25 71.46 -18.99
CA ASN IB 37 41.03 70.80 -18.57
C ASN IB 37 40.85 70.95 -17.07
N ARG IB 38 41.61 70.19 -16.30
CA ARG IB 38 41.62 70.41 -14.83
C ARG IB 38 43.00 70.93 -14.46
N ARG IB 39 44.04 70.27 -14.96
CA ARG IB 39 45.39 70.51 -14.45
C ARG IB 39 45.76 71.97 -14.45
N ARG IB 40 44.84 72.88 -14.76
CA ARG IB 40 45.13 74.29 -14.59
C ARG IB 40 45.57 74.58 -13.16
N MET IB 41 44.93 73.94 -12.19
CA MET IB 41 45.36 74.11 -10.80
C MET IB 41 46.82 73.72 -10.63
N GLU IB 42 47.28 72.70 -11.34
CA GLU IB 42 48.70 72.39 -11.36
C GLU IB 42 49.49 73.58 -11.90
N LEU IB 43 49.04 74.13 -13.03
CA LEU IB 43 49.64 75.37 -13.54
C LEU IB 43 49.54 76.48 -12.50
N GLU IB 44 48.46 76.51 -11.73
CA GLU IB 44 48.30 77.53 -10.69
C GLU IB 44 49.26 77.26 -9.53
N GLN IB 45 49.14 76.07 -8.91
CA GLN IB 45 49.88 75.82 -7.69
C GLN IB 45 51.39 75.88 -7.91
N GLN IB 46 51.89 75.27 -8.98
CA GLN IB 46 53.30 75.39 -9.30
C GLN IB 46 53.69 76.83 -9.59
N ARG IB 47 52.73 77.67 -9.97
CA ARG IB 47 52.98 79.09 -10.13
C ARG IB 47 52.89 79.84 -8.80
N ILE IB 48 52.41 79.18 -7.75
CA ILE IB 48 52.27 79.81 -6.45
C ILE IB 48 53.35 79.24 -5.54
N GLU IB 49 54.48 78.86 -6.12
CA GLU IB 49 55.67 78.62 -5.31
C GLU IB 49 56.06 79.89 -4.57
N SER IB 50 56.06 81.02 -5.28
CA SER IB 50 55.97 82.36 -4.71
C SER IB 50 56.87 82.52 -3.49
N SER IB 51 58.18 82.42 -3.72
CA SER IB 51 59.10 82.50 -2.60
C SER IB 51 59.43 83.95 -2.25
N GLN IB 52 58.41 84.79 -2.11
CA GLN IB 52 58.59 86.02 -1.34
C GLN IB 52 58.89 85.63 0.09
N HIS IB 53 59.96 86.20 0.64
CA HIS IB 53 60.71 85.59 1.73
C HIS IB 53 59.83 84.98 2.82
N LEU IB 54 59.15 85.84 3.57
CA LEU IB 54 58.22 85.52 4.66
C LEU IB 54 58.50 84.21 5.39
N PRO IB 55 59.65 84.03 6.04
CA PRO IB 55 59.68 83.15 7.20
C PRO IB 55 59.47 83.97 8.46
N PRO IB 56 58.51 83.60 9.30
CA PRO IB 56 58.34 84.33 10.56
C PRO IB 56 59.66 84.32 11.34
N ILE IB 57 60.06 85.51 11.79
CA ILE IB 57 61.46 85.75 12.13
C ILE IB 57 61.94 85.00 13.35
N GLU IB 58 61.04 84.51 14.21
CA GLU IB 58 61.47 83.88 15.46
C GLU IB 58 62.27 84.92 16.23
N PRO IB 59 61.60 85.92 16.80
CA PRO IB 59 62.33 87.01 17.46
C PRO IB 59 63.08 86.51 18.69
N THR IB 60 64.41 86.58 18.60
CA THR IB 60 65.28 86.20 19.72
C THR IB 60 65.93 87.44 20.32
N ALA IB 61 65.25 88.59 20.21
CA ALA IB 61 65.85 89.85 20.56
C ALA IB 61 64.87 90.68 21.38
N GLU IB 62 65.21 91.95 21.58
CA GLU IB 62 64.41 92.85 22.39
C GLU IB 62 63.03 93.09 21.81
N GLN IB 63 62.81 92.70 20.55
CA GLN IB 63 61.51 92.91 19.91
C GLN IB 63 60.37 92.39 20.76
N ALA IB 64 60.62 91.31 21.50
CA ALA IB 64 59.62 90.83 22.45
C ALA IB 64 59.34 91.88 23.52
N CYS IB 65 60.38 92.53 24.03
CA CYS IB 65 60.20 93.55 25.05
C CYS IB 65 59.39 94.75 24.55
N HIS IB 66 59.41 95.01 23.24
CA HIS IB 66 58.62 96.11 22.70
C HIS IB 66 57.14 95.94 23.06
N LEU IB 67 56.55 94.84 22.62
CA LEU IB 67 55.12 94.62 22.79
C LEU IB 67 54.75 94.56 24.27
N TYR IB 68 55.56 93.87 25.08
CA TYR IB 68 55.25 93.76 26.49
C TYR IB 68 55.23 95.12 27.19
N ARG IB 69 55.75 96.16 26.52
CA ARG IB 69 55.44 97.53 26.92
C ARG IB 69 54.18 98.02 26.21
N ARG IB 70 54.11 97.79 24.91
CA ARG IB 70 52.95 98.26 24.16
C ARG IB 70 51.67 97.57 24.62
N LEU IB 71 51.76 96.31 25.04
CA LEU IB 71 50.56 95.59 25.47
C LEU IB 71 50.04 96.14 26.79
N LEU IB 72 50.86 96.07 27.84
CA LEU IB 72 50.43 96.51 29.16
C LEU IB 72 50.09 97.99 29.22
N LYS IB 73 50.47 98.77 28.20
CA LYS IB 73 50.06 100.16 28.08
C LYS IB 73 48.81 100.33 27.23
N GLU IB 74 48.62 99.48 26.22
CA GLU IB 74 47.39 99.48 25.45
C GLU IB 74 46.27 98.70 26.14
N GLY IB 75 46.61 97.83 27.08
CA GLY IB 75 45.60 97.15 27.85
C GLY IB 75 45.15 97.99 29.03
N TYR IB 76 46.11 98.65 29.68
CA TYR IB 76 45.82 99.48 30.85
C TYR IB 76 44.74 100.51 30.59
N LYS IB 77 44.41 100.77 29.32
CA LYS IB 77 43.29 101.63 28.98
C LYS IB 77 41.96 100.90 28.95
N THR IB 78 41.97 99.57 28.83
CA THR IB 78 40.77 98.83 28.46
C THR IB 78 40.25 97.84 29.49
N LEU IB 79 41.06 97.41 30.44
CA LEU IB 79 40.66 96.31 31.31
C LEU IB 79 39.59 96.75 32.30
N VAL IB 80 38.41 97.07 31.77
CA VAL IB 80 37.29 97.50 32.62
C VAL IB 80 36.71 96.31 33.37
N VAL IB 81 36.36 95.25 32.65
CA VAL IB 81 35.72 94.08 33.25
C VAL IB 81 36.78 93.12 33.77
N THR IB 82 37.59 92.60 32.86
CA THR IB 82 38.60 91.63 33.23
C THR IB 82 39.68 92.26 34.09
N ASP IB 83 40.42 91.42 34.79
CA ASP IB 83 41.36 91.87 35.80
C ASP IB 83 42.64 92.39 35.15
N LYS IB 84 43.17 93.48 35.69
CA LYS IB 84 44.41 94.03 35.16
C LYS IB 84 45.60 93.19 35.55
N ASP IB 85 45.54 92.51 36.70
CA ASP IB 85 46.67 91.75 37.18
C ASP IB 85 46.65 90.30 36.71
N PHE IB 86 45.47 89.73 36.47
CA PHE IB 86 45.44 88.45 35.78
C PHE IB 86 45.97 88.55 34.37
N TYR IB 87 45.76 89.70 33.72
CA TYR IB 87 46.11 89.84 32.32
C TYR IB 87 47.62 89.95 32.11
N ARG IB 88 48.34 90.57 33.04
CA ARG IB 88 49.79 90.58 32.98
C ARG IB 88 50.36 89.18 33.15
N ARG IB 89 49.82 88.43 34.11
CA ARG IB 89 50.34 87.10 34.36
C ARG IB 89 50.25 86.21 33.13
N LYS IB 90 49.20 86.36 32.34
CA LYS IB 90 49.04 85.50 31.17
C LYS IB 90 49.93 85.93 30.01
N VAL IB 91 50.19 87.23 29.87
CA VAL IB 91 51.13 87.67 28.85
C VAL IB 91 52.55 87.26 29.22
N ARG IB 92 52.87 87.25 30.50
CA ARG IB 92 54.12 86.64 30.95
C ARG IB 92 54.16 85.19 30.50
N TYR IB 93 53.21 84.40 31.01
CA TYR IB 93 53.20 82.96 30.78
C TYR IB 93 53.25 82.62 29.29
N GLU IB 94 52.56 83.41 28.47
CA GLU IB 94 52.62 83.18 27.03
C GLU IB 94 53.97 83.57 26.45
N LEU IB 95 54.77 84.36 27.16
CA LEU IB 95 56.10 84.74 26.72
C LEU IB 95 57.18 83.85 27.34
N GLU IB 96 56.79 82.74 27.94
CA GLU IB 96 57.68 81.64 28.26
C GLU IB 96 57.23 80.34 27.59
N VAL IB 97 55.94 80.01 27.70
CA VAL IB 97 55.44 78.77 27.11
C VAL IB 97 55.64 78.77 25.61
N THR IB 98 55.57 79.95 24.98
CA THR IB 98 55.82 80.03 23.55
C THR IB 98 57.31 80.15 23.26
N SER IB 99 58.08 80.73 24.17
CA SER IB 99 59.52 80.77 23.98
C SER IB 99 60.16 79.41 24.28
N ARG IB 100 59.64 78.70 25.27
CA ARG IB 100 60.33 77.50 25.76
C ARG IB 100 60.32 76.38 24.74
N GLN IB 101 59.14 75.85 24.43
CA GLN IB 101 59.06 74.67 23.56
C GLN IB 101 58.08 74.97 22.43
N THR IB 102 58.59 75.67 21.41
CA THR IB 102 57.94 75.87 20.13
C THR IB 102 59.01 75.89 19.05
N SER IB 103 58.59 76.14 17.82
CA SER IB 103 59.49 76.15 16.67
C SER IB 103 60.02 77.56 16.44
N SER IB 104 60.55 77.82 15.25
CA SER IB 104 60.99 79.16 14.88
C SER IB 104 59.82 79.99 14.39
N ARG IB 105 59.22 79.60 13.26
CA ARG IB 105 58.17 80.40 12.66
C ARG IB 105 57.00 80.57 13.62
N VAL IB 106 56.64 79.53 14.36
CA VAL IB 106 55.51 79.65 15.27
C VAL IB 106 55.84 80.60 16.42
N ARG IB 107 57.09 80.97 16.60
CA ARG IB 107 57.38 82.08 17.50
C ARG IB 107 57.31 83.41 16.77
N GLY IB 108 57.74 83.45 15.51
CA GLY IB 108 57.41 84.58 14.68
C GLY IB 108 55.95 84.63 14.29
N ILE IB 109 55.22 83.54 14.54
CA ILE IB 109 53.77 83.56 14.37
C ILE IB 109 53.10 84.13 15.61
N MET IB 110 53.53 83.67 16.79
CA MET IB 110 53.01 84.23 18.03
C MET IB 110 53.34 85.71 18.12
N PHE IB 111 54.62 86.07 17.90
CA PHE IB 111 55.00 87.47 17.98
C PHE IB 111 54.22 88.32 17.00
N GLU IB 112 54.04 87.83 15.78
CA GLU IB 112 53.17 88.52 14.84
C GLU IB 112 51.75 88.63 15.38
N LYS IB 113 51.32 87.63 16.14
CA LYS IB 113 49.99 87.69 16.74
C LYS IB 113 49.95 88.70 17.87
N GLY IB 114 51.05 88.88 18.59
CA GLY IB 114 51.12 89.98 19.52
C GLY IB 114 50.93 91.31 18.82
N HIS IB 115 51.52 91.46 17.64
CA HIS IB 115 51.33 92.66 16.85
C HIS IB 115 49.88 92.82 16.41
N TRP IB 116 49.26 91.73 15.97
CA TRP IB 116 47.90 91.82 15.47
C TRP IB 116 46.85 91.92 16.57
N MET IB 117 47.25 91.85 17.84
CA MET IB 117 46.28 91.98 18.92
C MET IB 117 45.88 93.43 19.10
N LEU IB 118 46.82 94.28 19.50
CA LEU IB 118 46.50 95.70 19.63
C LEU IB 118 46.17 96.33 18.29
N GLU IB 119 46.58 95.71 17.18
CA GLU IB 119 46.09 96.16 15.87
C GLU IB 119 44.61 95.86 15.71
N ASN IB 120 44.13 94.76 16.31
CA ASN IB 120 42.70 94.47 16.41
C ASN IB 120 42.07 95.19 17.58
N LYS IB 121 42.76 96.20 18.11
CA LYS IB 121 42.39 97.08 19.22
C LYS IB 121 42.40 96.32 20.55
N LEU IB 122 42.36 94.99 20.47
CA LEU IB 122 42.73 94.06 21.53
C LEU IB 122 42.44 92.66 21.03
N GLY IB 123 42.71 91.65 21.85
CA GLY IB 123 42.18 90.34 21.56
C GLY IB 123 40.75 90.22 22.05
N GLY IB 124 39.98 91.29 21.89
CA GLY IB 124 38.63 91.34 22.41
C GLY IB 124 38.52 91.17 23.89
N ILE IB 125 39.62 91.40 24.63
CA ILE IB 125 39.61 91.21 26.07
C ILE IB 125 39.07 92.46 26.75
N ILE IB 126 37.76 92.51 26.94
CA ILE IB 126 37.15 93.66 27.58
C ILE IB 126 36.81 93.29 29.02
N GLY JB 50 33.21 22.70 22.55
CA GLY JB 50 33.87 23.22 23.74
C GLY JB 50 35.11 22.46 24.16
N ALA JB 51 36.19 22.60 23.38
CA ALA JB 51 37.35 21.71 23.40
C ALA JB 51 38.51 22.22 24.24
N ALA JB 52 38.22 22.91 25.35
CA ALA JB 52 39.27 23.45 26.19
C ALA JB 52 40.10 22.33 26.83
N TRP JB 53 41.02 22.75 27.68
CA TRP JB 53 41.98 21.88 28.35
C TRP JB 53 41.69 21.82 29.85
N TYR JB 54 42.54 21.10 30.58
CA TYR JB 54 42.44 21.09 32.04
C TYR JB 54 42.56 22.51 32.56
N LEU JB 55 41.62 22.92 33.39
CA LEU JB 55 41.57 24.31 33.83
C LEU JB 55 41.46 24.36 35.35
N GLY JB 56 42.51 24.85 35.98
CA GLY JB 56 42.55 24.95 37.42
C GLY JB 56 43.97 25.26 37.84
N HIS JB 57 44.09 25.78 39.05
CA HIS JB 57 45.41 26.08 39.60
C HIS JB 57 46.23 24.80 39.72
N MET JB 58 47.49 24.88 39.32
CA MET JB 58 48.35 23.71 39.38
C MET JB 58 48.64 23.30 40.81
N GLN JB 59 48.70 24.24 41.74
CA GLN JB 59 49.01 23.92 43.12
C GLN JB 59 47.93 23.09 43.80
N SER JB 60 46.85 22.76 43.10
CA SER JB 60 45.94 21.74 43.56
C SER JB 60 46.10 20.44 42.80
N ALA JB 61 46.91 20.44 41.74
CA ALA JB 61 47.31 19.22 41.04
C ALA JB 61 48.61 18.66 41.56
N ALA JB 62 48.90 18.83 42.84
CA ALA JB 62 50.15 18.38 43.44
C ALA JB 62 50.00 17.02 44.10
N ASN JB 63 49.07 16.87 45.04
CA ASN JB 63 48.93 15.61 45.74
C ASN JB 63 48.52 14.48 44.82
N MET JB 64 48.02 14.80 43.62
CA MET JB 64 47.79 13.79 42.60
C MET JB 64 49.03 13.57 41.74
N LEU JB 65 49.86 14.60 41.58
CA LEU JB 65 51.13 14.43 40.89
C LEU JB 65 52.10 13.58 41.68
N ALA JB 66 52.04 13.67 43.01
CA ALA JB 66 52.92 12.87 43.86
C ALA JB 66 52.70 11.39 43.63
N ASP JB 67 51.46 10.92 43.82
CA ASP JB 67 51.14 9.52 43.58
C ASP JB 67 51.43 9.11 42.14
N LYS JB 68 51.58 10.06 41.22
CA LYS JB 68 52.06 9.73 39.88
C LYS JB 68 53.57 9.52 39.87
N VAL JB 69 54.30 10.23 40.74
CA VAL JB 69 55.72 9.99 40.90
C VAL JB 69 56.02 8.85 41.86
N LYS JB 70 55.08 8.50 42.73
CA LYS JB 70 55.29 7.41 43.68
C LYS JB 70 55.59 6.09 42.98
N ASP JB 71 55.16 5.93 41.73
CA ASP JB 71 55.41 4.71 40.97
C ASP JB 71 56.43 4.88 39.87
N ALA JB 72 56.74 6.11 39.45
CA ALA JB 72 57.64 6.31 38.34
C ALA JB 72 59.10 6.24 38.81
N ASP JB 73 60.01 6.12 37.85
CA ASP JB 73 61.42 5.94 38.15
C ASP JB 73 62.26 7.17 37.80
N PHE JB 74 62.25 7.60 36.55
CA PHE JB 74 63.04 8.76 36.14
C PHE JB 74 62.13 9.81 35.53
N ILE JB 75 62.21 11.02 36.06
CA ILE JB 75 61.33 12.10 35.68
C ILE JB 75 61.95 12.87 34.53
N LEU JB 76 61.14 13.20 33.53
CA LEU JB 76 61.58 14.01 32.41
C LEU JB 76 60.87 15.36 32.44
N GLU JB 77 61.26 16.23 31.52
CA GLU JB 77 60.61 17.52 31.34
C GLU JB 77 61.09 18.15 30.04
N ILE JB 78 60.19 18.83 29.35
CA ILE JB 78 60.52 19.59 28.16
C ILE JB 78 60.19 21.05 28.47
N ARG JB 79 61.22 21.88 28.57
CA ARG JB 79 61.08 23.30 28.85
C ARG JB 79 61.56 24.11 27.64
N ASP JB 80 61.59 25.43 27.81
CA ASP JB 80 62.15 26.33 26.82
C ASP JB 80 63.30 27.09 27.45
N ALA JB 81 64.49 26.94 26.89
CA ALA JB 81 65.68 27.56 27.48
C ALA JB 81 65.57 29.07 27.54
N ARG JB 82 64.66 29.67 26.77
CA ARG JB 82 64.36 31.09 26.91
C ARG JB 82 63.42 31.37 28.07
N LEU JB 83 62.98 30.34 28.77
CA LEU JB 83 62.05 30.49 29.90
C LEU JB 83 62.34 29.39 30.90
N PRO JB 84 63.42 29.53 31.66
CA PRO JB 84 63.87 28.40 32.50
C PRO JB 84 62.89 28.01 33.60
N PHE JB 85 62.08 28.93 34.09
CA PHE JB 85 61.24 28.63 35.24
C PHE JB 85 59.81 29.11 35.09
N THR JB 86 59.41 29.62 33.93
CA THR JB 86 58.00 29.86 33.67
C THR JB 86 57.32 28.67 33.02
N THR JB 87 58.08 27.86 32.28
CA THR JB 87 57.57 26.63 31.70
C THR JB 87 57.73 25.44 32.62
N GLU JB 88 58.10 25.68 33.89
CA GLU JB 88 58.23 24.61 34.87
C GLU JB 88 56.95 24.47 35.67
N ASN JB 89 56.67 23.25 36.11
CA ASN JB 89 55.57 23.06 37.02
C ASN JB 89 55.94 23.68 38.36
N PRO JB 90 54.95 24.12 39.14
CA PRO JB 90 55.27 24.82 40.39
C PRO JB 90 56.08 24.00 41.37
N ASN JB 91 55.99 22.68 41.32
CA ASN JB 91 56.61 21.84 42.34
C ASN JB 91 58.05 21.45 42.02
N ILE JB 92 58.59 21.86 40.87
CA ILE JB 92 59.92 21.45 40.41
C ILE JB 92 60.91 21.48 41.57
N ARG JB 93 60.75 22.47 42.46
CA ARG JB 93 61.51 22.52 43.69
C ARG JB 93 61.23 21.29 44.56
N LYS JB 94 59.99 21.18 45.04
CA LYS JB 94 59.60 20.14 45.98
C LYS JB 94 58.89 18.97 45.31
N LEU JB 95 58.91 18.90 43.97
CA LEU JB 95 58.25 17.84 43.23
C LEU JB 95 58.75 16.48 43.69
N THR JB 96 60.03 16.21 43.45
CA THR JB 96 60.59 14.92 43.82
C THR JB 96 61.76 15.02 44.79
N ALA JB 97 62.78 15.80 44.47
CA ALA JB 97 64.01 15.86 45.26
C ALA JB 97 64.51 14.44 45.58
N GLY JB 98 64.94 13.74 44.54
CA GLY JB 98 65.46 12.39 44.70
C GLY JB 98 65.14 11.44 43.57
N LYS JB 99 64.11 11.74 42.79
CA LYS JB 99 64.10 10.88 41.61
C LYS JB 99 65.00 11.48 40.54
N PRO JB 100 65.70 10.65 39.78
CA PRO JB 100 66.66 11.18 38.80
C PRO JB 100 65.95 11.91 37.68
N ARG JB 101 66.00 13.23 37.71
CA ARG JB 101 65.32 14.06 36.74
C ARG JB 101 66.20 14.27 35.52
N LEU JB 102 65.60 14.17 34.35
CA LEU JB 102 66.27 14.47 33.09
C LEU JB 102 65.56 15.69 32.50
N ILE JB 103 65.96 16.87 32.96
CA ILE JB 103 65.27 18.10 32.63
C ILE JB 103 65.90 18.71 31.39
N ILE JB 104 65.10 18.88 30.34
CA ILE JB 104 65.58 19.30 29.04
C ILE JB 104 65.06 20.69 28.73
N PHE JB 105 65.94 21.55 28.22
CA PHE JB 105 65.58 22.88 27.76
C PHE JB 105 65.68 22.90 26.25
N ASN JB 106 64.56 23.12 25.59
CA ASN JB 106 64.52 23.17 24.15
C ASN JB 106 64.80 24.58 23.65
N LYS JB 107 65.04 24.68 22.34
CA LYS JB 107 65.27 25.97 21.68
C LYS JB 107 66.41 26.75 22.34
N ALA JB 108 67.44 26.03 22.78
CA ALA JB 108 68.51 26.65 23.54
C ALA JB 108 69.40 27.55 22.68
N GLU JB 109 69.37 27.39 21.36
CA GLU JB 109 70.27 28.16 20.50
C GLU JB 109 69.96 29.65 20.51
N LEU JB 110 68.72 30.02 20.85
CA LEU JB 110 68.34 31.42 20.94
C LEU JB 110 68.36 31.94 22.36
N SER JB 111 68.52 31.08 23.35
CA SER JB 111 68.66 31.50 24.73
C SER JB 111 70.12 31.87 25.02
N ASN JB 112 70.30 32.95 25.78
CA ASN JB 112 71.64 33.49 25.98
C ASN JB 112 72.54 32.48 26.67
N GLU JB 113 73.84 32.61 26.43
CA GLU JB 113 74.80 31.61 26.86
C GLU JB 113 75.32 31.84 28.27
N ASP JB 114 75.38 33.10 28.72
CA ASP JB 114 75.79 33.35 30.10
C ASP JB 114 74.80 32.74 31.08
N SER JB 115 73.52 33.08 30.95
CA SER JB 115 72.49 32.47 31.78
C SER JB 115 72.39 30.96 31.56
N ASN JB 116 72.97 30.44 30.47
CA ASN JB 116 72.94 29.00 30.22
C ASN JB 116 73.88 28.24 31.13
N ARG JB 117 75.00 28.85 31.53
CA ARG JB 117 75.96 28.15 32.37
C ARG JB 117 75.40 27.89 33.76
N ALA JB 118 74.93 28.95 34.43
CA ALA JB 118 74.45 28.81 35.79
C ALA JB 118 73.27 27.83 35.87
N ILE JB 119 72.31 27.97 34.97
CA ILE JB 119 71.16 27.06 34.97
C ILE JB 119 71.61 25.64 34.68
N GLN JB 120 72.70 25.47 33.93
CA GLN JB 120 73.24 24.14 33.70
C GLN JB 120 73.82 23.57 35.00
N GLU JB 121 74.79 24.27 35.58
CA GLU JB 121 75.46 23.79 36.78
C GLU JB 121 74.58 23.79 38.01
N TYR JB 122 73.43 24.48 37.99
CA TYR JB 122 72.56 24.48 39.15
C TYR JB 122 72.01 23.08 39.41
N TYR JB 123 71.26 22.54 38.46
CA TYR JB 123 70.78 21.16 38.61
C TYR JB 123 71.95 20.20 38.62
N GLU JB 124 72.98 20.48 37.80
CA GLU JB 124 74.14 19.60 37.77
C GLU JB 124 74.82 19.52 39.13
N ARG JB 125 74.60 20.50 40.00
CA ARG JB 125 75.05 20.38 41.38
C ARG JB 125 74.08 19.57 42.21
N ASN JB 126 72.78 19.80 42.01
CA ASN JB 126 71.76 19.02 42.73
C ASN JB 126 71.83 17.54 42.38
N GLY JB 127 72.46 17.20 41.26
CA GLY JB 127 72.53 15.83 40.81
C GLY JB 127 71.61 15.59 39.62
N ALA JB 128 70.39 16.11 39.70
CA ALA JB 128 69.47 15.99 38.58
C ALA JB 128 70.07 16.67 37.35
N PHE JB 129 70.01 15.99 36.22
CA PHE JB 129 70.76 16.44 35.05
C PHE JB 129 69.98 17.45 34.25
N ALA JB 130 70.64 18.00 33.23
CA ALA JB 130 70.08 19.03 32.38
C ALA JB 130 70.74 18.95 31.01
N LEU JB 131 69.95 19.09 29.97
CA LEU JB 131 70.45 18.99 28.60
C LEU JB 131 69.81 20.08 27.75
N PHE JB 132 70.64 20.78 26.99
CA PHE JB 132 70.21 21.89 26.15
C PHE JB 132 70.39 21.52 24.69
N THR JB 133 69.41 21.88 23.87
CA THR JB 133 69.41 21.48 22.47
C THR JB 133 68.88 22.61 21.59
N SER JB 134 69.51 22.78 20.44
CA SER JB 134 69.08 23.78 19.48
C SER JB 134 67.82 23.39 18.72
N ALA JB 135 67.44 22.11 18.78
CA ALA JB 135 66.24 21.56 18.15
C ALA JB 135 66.36 21.51 16.63
N ARG JB 136 67.40 22.15 16.07
CA ARG JB 136 67.72 21.96 14.66
C ARG JB 136 68.20 20.54 14.42
N ARG JB 137 69.29 20.15 15.08
CA ARG JB 137 69.53 18.75 15.35
C ARG JB 137 68.37 18.28 16.22
N CYS JB 138 67.46 17.52 15.64
CA CYS JB 138 66.11 17.38 16.18
C CYS JB 138 66.13 16.56 17.46
N TRP JB 139 64.93 16.28 17.97
CA TRP JB 139 64.76 15.44 19.14
C TRP JB 139 65.39 14.07 18.96
N ARG JB 140 65.72 13.67 17.74
CA ARG JB 140 66.41 12.41 17.53
C ARG JB 140 67.67 12.32 18.39
N ASP JB 141 68.36 13.44 18.57
CA ASP JB 141 69.48 13.46 19.52
C ASP JB 141 69.00 13.57 20.96
N VAL JB 142 67.88 14.25 21.19
CA VAL JB 142 67.27 14.26 22.52
C VAL JB 142 66.88 12.84 22.91
N VAL JB 143 66.39 12.06 21.95
CA VAL JB 143 66.10 10.65 22.20
C VAL JB 143 67.37 9.91 22.57
N GLU JB 144 68.46 10.16 21.83
CA GLU JB 144 69.74 9.53 22.14
C GLU JB 144 70.12 9.79 23.58
N ALA JB 145 69.80 10.99 24.09
CA ALA JB 145 70.05 11.28 25.49
C ALA JB 145 69.35 10.29 26.39
N VAL JB 146 68.07 10.01 26.13
CA VAL JB 146 67.34 9.07 26.96
C VAL JB 146 67.86 7.66 26.80
N GLN JB 147 68.61 7.39 25.73
CA GLN JB 147 69.31 6.11 25.63
C GLN JB 147 70.58 6.10 26.48
N ARG JB 148 71.24 7.25 26.60
CA ARG JB 148 72.47 7.36 27.36
C ARG JB 148 72.22 7.78 28.80
N PHE JB 149 71.27 8.69 29.02
CA PHE JB 149 71.05 9.27 30.34
C PHE JB 149 70.31 8.37 31.26
N THR JB 150 70.26 7.08 30.94
CA THR JB 150 69.78 6.06 31.86
C THR JB 150 70.79 4.95 32.07
N THR JB 151 71.49 4.50 31.02
CA THR JB 151 72.51 3.47 31.15
C THR JB 151 73.53 3.81 32.22
N HIS JB 152 73.75 5.11 32.46
CA HIS JB 152 74.70 5.53 33.48
C HIS JB 152 74.05 5.70 34.85
N ILE JB 153 72.74 5.95 34.90
CA ILE JB 153 72.07 6.29 36.15
C ILE JB 153 70.94 5.32 36.48
N LEU JB 154 70.68 4.34 35.60
CA LEU JB 154 69.57 3.45 35.93
C LEU JB 154 69.98 2.48 37.02
N PRO JB 155 69.10 2.20 37.97
CA PRO JB 155 69.29 1.03 38.82
C PRO JB 155 69.03 -0.23 38.00
N PRO JB 156 69.86 -1.25 38.16
CA PRO JB 156 69.72 -2.44 37.31
C PRO JB 156 68.36 -3.09 37.46
N LEU JB 157 67.75 -3.44 36.33
CA LEU JB 157 66.42 -4.01 36.35
C LEU JB 157 66.44 -5.40 36.96
N PRO JB 158 65.50 -5.72 37.86
CA PRO JB 158 65.49 -7.06 38.44
C PRO JB 158 65.11 -8.12 37.44
N TYR JB 159 64.25 -7.79 36.49
CA TYR JB 159 63.75 -8.71 35.49
C TYR JB 159 64.21 -8.23 34.12
N LYS JB 160 64.87 -9.14 33.38
CA LYS JB 160 65.74 -8.74 32.27
C LYS JB 160 65.07 -7.76 31.32
N THR JB 161 63.77 -7.90 31.10
CA THR JB 161 63.05 -7.04 30.15
C THR JB 161 61.71 -6.66 30.76
N VAL JB 162 61.67 -5.51 31.44
CA VAL JB 162 60.39 -4.98 31.87
C VAL JB 162 60.17 -3.58 31.32
N ALA JB 163 60.93 -2.60 31.81
CA ALA JB 163 60.72 -1.20 31.44
C ALA JB 163 61.68 -0.31 32.22
N HIS JB 164 61.67 0.97 31.85
CA HIS JB 164 62.12 2.06 32.70
C HIS JB 164 60.99 3.09 32.63
N VAL JB 165 60.04 2.99 33.54
CA VAL JB 165 58.80 3.76 33.48
C VAL JB 165 59.12 5.25 33.59
N GLY JB 166 58.99 5.97 32.49
CA GLY JB 166 59.37 7.36 32.43
C GLY JB 166 58.18 8.28 32.61
N LEU JB 167 58.29 9.16 33.60
CA LEU JB 167 57.29 10.19 33.87
C LEU JB 167 57.75 11.47 33.19
N VAL JB 168 57.01 11.90 32.18
CA VAL JB 168 57.33 13.12 31.46
C VAL JB 168 56.36 14.20 31.89
N VAL JB 169 56.83 15.44 31.94
CA VAL JB 169 55.98 16.60 32.24
C VAL JB 169 56.31 17.70 31.25
N GLY JB 170 55.72 18.87 31.45
CA GLY JB 170 56.04 20.04 30.66
C GLY JB 170 54.86 20.52 29.85
N MET JB 171 55.01 21.72 29.32
CA MET JB 171 53.96 22.30 28.50
C MET JB 171 53.82 21.52 27.21
N PRO JB 172 52.61 21.13 26.82
CA PRO JB 172 52.45 20.41 25.54
C PRO JB 172 52.79 21.25 24.32
N ASN JB 173 52.80 22.57 24.43
CA ASN JB 173 53.07 23.43 23.29
C ASN JB 173 54.51 23.90 23.22
N VAL JB 174 55.38 23.44 24.13
CA VAL JB 174 56.80 23.78 24.06
C VAL JB 174 57.65 22.64 23.53
N GLY JB 175 57.07 21.46 23.32
CA GLY JB 175 57.82 20.34 22.78
C GLY JB 175 57.45 19.00 23.36
N LYS JB 176 56.57 18.99 24.36
CA LYS JB 176 56.21 17.73 25.00
C LYS JB 176 55.20 16.94 24.18
N SER JB 177 54.25 17.62 23.54
CA SER JB 177 53.31 16.93 22.66
C SER JB 177 54.03 16.30 21.48
N THR JB 178 54.72 17.13 20.69
CA THR JB 178 55.42 16.62 19.52
C THR JB 178 56.45 15.56 19.86
N LEU JB 179 56.90 15.50 21.12
CA LEU JB 179 57.82 14.43 21.51
C LEU JB 179 57.08 13.13 21.77
N ILE JB 180 55.85 13.21 22.24
CA ILE JB 180 55.05 11.99 22.45
C ILE JB 180 54.51 11.49 21.12
N ASN JB 181 53.75 12.33 20.43
CA ASN JB 181 53.07 11.91 19.21
C ASN JB 181 54.01 11.62 18.06
N SER JB 182 55.31 11.86 18.23
CA SER JB 182 56.26 11.38 17.23
C SER JB 182 56.70 9.95 17.55
N LEU JB 183 56.85 9.64 18.83
CA LEU JB 183 57.16 8.29 19.27
C LEU JB 183 55.92 7.45 19.49
N ARG JB 184 54.75 8.08 19.61
CA ARG JB 184 53.51 7.32 19.75
C ARG JB 184 52.99 6.83 18.43
N LEU JB 185 53.17 7.61 17.35
CA LEU JB 185 52.70 7.20 16.05
C LEU JB 185 53.55 6.08 15.47
N ALA JB 186 54.86 6.17 15.59
CA ALA JB 186 55.74 5.19 14.99
C ALA JB 186 55.69 3.85 15.71
N HIS JB 187 55.19 3.82 16.95
CA HIS JB 187 55.07 2.54 17.65
C HIS JB 187 53.91 1.71 17.12
N GLU JB 188 52.89 2.36 16.56
CA GLU JB 188 51.80 1.60 15.96
C GLU JB 188 52.29 0.70 14.85
N TYR JB 189 53.24 1.19 14.04
CA TYR JB 189 53.76 0.39 12.93
C TYR JB 189 54.78 -0.63 13.42
N GLN JB 190 55.92 -0.15 13.91
CA GLN JB 190 56.93 -1.02 14.48
C GLN JB 190 56.60 -1.28 15.95
N PHE JB 191 56.42 -2.54 16.30
CA PHE JB 191 55.63 -2.96 17.45
C PHE JB 191 56.51 -3.55 18.54
N HIS JB 192 56.25 -3.15 19.79
CA HIS JB 192 56.96 -3.74 20.92
C HIS JB 192 56.01 -4.43 21.91
N ARG JB 193 54.98 -3.75 22.41
CA ARG JB 193 54.04 -4.35 23.34
C ARG JB 193 52.63 -3.86 23.02
N GLU JB 194 51.69 -4.26 23.89
CA GLU JB 194 50.23 -4.25 23.77
C GLU JB 194 49.74 -5.41 22.90
N ASP JB 195 50.63 -6.06 22.14
CA ASP JB 195 50.40 -7.35 21.47
C ASP JB 195 49.00 -7.50 20.88
N PHE JB 196 48.69 -6.67 19.89
CA PHE JB 196 47.61 -7.00 18.99
C PHE JB 196 47.94 -6.50 17.59
N ARG JB 197 47.15 -6.95 16.62
CA ARG JB 197 47.51 -6.94 15.21
C ARG JB 197 47.40 -5.56 14.56
N ARG JB 198 47.36 -4.51 15.37
CA ARG JB 198 47.21 -3.12 14.90
C ARG JB 198 46.11 -2.99 13.85
N SER JB 199 44.89 -3.32 14.28
CA SER JB 199 43.70 -3.09 13.47
C SER JB 199 42.55 -2.44 14.23
N ARG JB 200 42.58 -2.44 15.58
CA ARG JB 200 41.44 -2.02 16.37
C ARG JB 200 41.40 -0.53 16.65
N SER JB 201 42.24 0.27 16.03
CA SER JB 201 42.14 1.72 16.17
C SER JB 201 40.93 2.21 15.38
N PRO JB 202 39.93 2.82 16.02
CA PRO JB 202 38.66 3.10 15.34
C PRO JB 202 38.78 4.13 14.23
N GLU JB 203 37.64 4.47 13.61
CA GLU JB 203 37.64 5.49 12.58
C GLU JB 203 37.95 6.85 13.20
N THR JB 204 38.67 7.66 12.43
CA THR JB 204 39.08 9.02 12.79
C THR JB 204 39.60 9.12 14.23
N VAL JB 205 40.69 8.41 14.50
CA VAL JB 205 41.55 8.79 15.61
C VAL JB 205 42.99 8.95 15.15
N SER JB 206 43.63 7.83 14.79
CA SER JB 206 45.02 7.74 14.34
C SER JB 206 46.01 8.13 15.43
N ILE JB 207 45.50 8.70 16.53
CA ILE JB 207 46.22 9.19 17.70
C ILE JB 207 45.14 9.40 18.76
N THR JB 208 45.47 9.16 20.04
CA THR JB 208 44.50 9.39 21.11
C THR JB 208 45.17 10.05 22.31
N PRO JB 209 45.30 11.38 22.28
CA PRO JB 209 45.66 12.15 23.49
C PRO JB 209 44.45 12.72 24.23
N GLY JB 210 43.24 12.29 23.89
CA GLY JB 210 42.05 12.77 24.57
C GLY JB 210 41.15 11.61 24.95
N THR JB 211 40.40 11.84 26.03
CA THR JB 211 39.28 11.08 26.59
C THR JB 211 39.60 9.67 27.06
N THR JB 212 40.79 9.14 26.76
CA THR JB 212 41.19 7.88 27.38
C THR JB 212 42.42 8.10 28.25
N ARG JB 213 43.57 8.44 27.65
CA ARG JB 213 44.80 8.81 28.34
C ARG JB 213 44.92 8.13 29.70
N GLY JB 214 44.67 6.83 29.72
CA GLY JB 214 44.73 6.04 30.94
C GLY JB 214 45.59 4.80 30.71
N MET JB 215 46.70 4.70 31.44
CA MET JB 215 47.74 3.70 31.20
C MET JB 215 48.36 3.86 29.80
N LYS JB 216 47.92 4.88 29.06
CA LYS JB 216 48.50 5.17 27.76
C LYS JB 216 49.92 5.66 27.94
N LEU JB 217 50.84 5.07 27.19
CA LEU JB 217 52.26 5.35 27.37
C LEU JB 217 52.99 4.95 26.11
N VAL JB 218 54.12 5.60 25.87
CA VAL JB 218 54.84 5.48 24.60
C VAL JB 218 56.16 4.76 24.85
N PRO JB 219 56.42 3.64 24.18
CA PRO JB 219 57.69 2.93 24.37
C PRO JB 219 58.83 3.51 23.57
N LEU JB 220 59.57 4.48 24.12
CA LEU JB 220 60.57 5.15 23.29
C LEU JB 220 61.70 4.22 22.88
N SER JB 221 62.12 3.30 23.75
CA SER JB 221 63.23 2.41 23.45
C SER JB 221 62.82 0.96 23.70
N LYS JB 222 63.68 0.03 23.27
CA LYS JB 222 63.32 -1.38 23.19
C LYS JB 222 64.12 -2.27 24.13
N ASP JB 223 65.45 -2.33 23.98
CA ASP JB 223 66.19 -3.31 24.78
C ASP JB 223 66.46 -2.79 26.18
N PRO JB 224 66.87 -1.53 26.36
CA PRO JB 224 66.64 -0.87 27.63
C PRO JB 224 65.31 -0.14 27.59
N PRO JB 225 64.20 -0.88 27.70
CA PRO JB 225 62.91 -0.31 27.26
C PRO JB 225 62.47 0.85 28.13
N VAL JB 226 63.09 2.00 27.93
CA VAL JB 226 62.77 3.17 28.72
C VAL JB 226 61.45 3.76 28.22
N VAL JB 227 60.35 3.27 28.78
CA VAL JB 227 59.05 3.74 28.36
C VAL JB 227 58.77 5.10 28.98
N LEU JB 228 57.80 5.81 28.43
CA LEU JB 228 57.48 7.15 28.89
C LEU JB 228 55.98 7.30 29.05
N TYR JB 229 55.55 7.95 30.12
CA TYR JB 229 54.13 8.17 30.36
C TYR JB 229 53.66 9.37 29.54
N ASP JB 230 52.47 9.89 29.87
CA ASP JB 230 51.89 10.99 29.11
C ASP JB 230 51.70 12.26 29.94
N THR JB 231 51.28 12.14 31.20
CA THR JB 231 50.98 13.29 32.06
C THR JB 231 49.96 14.20 31.38
N PRO JB 232 48.66 13.87 31.43
CA PRO JB 232 47.63 14.73 30.83
C PRO JB 232 47.85 16.19 31.18
N GLY JB 233 47.97 17.03 30.16
CA GLY JB 233 48.61 18.32 30.25
C GLY JB 233 48.32 19.14 31.49
N LEU JB 234 49.35 19.30 32.33
CA LEU JB 234 49.31 20.13 33.53
C LEU JB 234 50.36 21.22 33.37
N THR JB 235 49.97 22.32 32.72
CA THR JB 235 50.79 23.52 32.62
C THR JB 235 49.97 24.62 31.96
N LEU JB 236 50.52 25.84 32.02
CA LEU JB 236 49.96 27.07 31.44
C LEU JB 236 48.48 27.13 31.79
N PRO JB 237 48.13 27.38 33.04
CA PRO JB 237 46.76 27.15 33.49
C PRO JB 237 45.74 28.10 32.93
N GLY JB 238 46.15 29.07 32.10
CA GLY JB 238 45.27 30.11 31.65
C GLY JB 238 44.87 31.10 32.71
N CYS JB 239 45.05 30.74 33.99
CA CYS JB 239 44.99 31.69 35.09
C CYS JB 239 46.35 32.31 35.37
N PHE JB 240 47.17 32.45 34.34
CA PHE JB 240 48.53 32.91 34.49
C PHE JB 240 48.56 34.36 34.97
N THR JB 241 49.77 34.87 35.11
CA THR JB 241 50.03 36.21 35.63
C THR JB 241 49.99 37.23 34.51
N LYS JB 242 49.72 38.47 34.88
CA LYS JB 242 49.80 39.60 33.96
C LYS JB 242 51.07 39.55 33.11
N GLU JB 243 52.22 39.26 33.74
CA GLU JB 243 53.50 39.31 33.06
C GLU JB 243 53.87 37.98 32.40
N SER JB 244 53.48 36.85 33.00
CA SER JB 244 53.88 35.56 32.46
C SER JB 244 53.30 35.34 31.07
N GLY JB 245 52.08 35.82 30.84
CA GLY JB 245 51.51 35.73 29.51
C GLY JB 245 52.31 36.54 28.50
N LEU JB 246 53.00 37.58 28.95
CA LEU JB 246 53.86 38.33 28.04
C LEU JB 246 55.08 37.51 27.66
N LYS JB 247 55.83 37.02 28.66
CA LYS JB 247 56.99 36.19 28.37
C LYS JB 247 56.61 34.90 27.66
N LEU JB 248 55.39 34.41 27.87
CA LEU JB 248 54.96 33.19 27.20
C LEU JB 248 54.68 33.47 25.72
N ALA JB 249 53.83 34.46 25.43
CA ALA JB 249 53.58 34.83 24.05
C ALA JB 249 54.79 35.48 23.40
N ALA JB 250 55.78 35.91 24.19
CA ALA JB 250 57.02 36.42 23.61
C ALA JB 250 57.80 35.30 22.95
N CYS JB 251 57.88 34.14 23.59
CA CYS JB 251 58.69 33.04 23.12
C CYS JB 251 58.06 32.26 21.98
N GLY JB 252 56.94 32.72 21.44
CA GLY JB 252 56.17 31.95 20.50
C GLY JB 252 55.20 30.98 21.12
N ILE JB 253 55.47 30.55 22.35
CA ILE JB 253 54.52 29.75 23.10
C ILE JB 253 53.23 30.55 23.23
N ILE JB 254 52.12 29.83 23.41
CA ILE JB 254 50.77 30.38 23.44
C ILE JB 254 50.68 31.53 22.44
N PRO JB 255 50.94 31.27 21.15
CA PRO JB 255 51.13 32.36 20.18
C PRO JB 255 49.89 33.22 19.97
N THR JB 256 48.83 32.92 20.71
CA THR JB 256 47.60 33.69 20.63
C THR JB 256 47.82 35.14 21.00
N ASN JB 257 47.69 36.04 20.02
CA ASN JB 257 47.67 37.47 20.25
C ASN JB 257 46.29 37.97 19.84
N ASP JB 258 45.49 38.39 20.82
CA ASP JB 258 44.07 38.60 20.61
C ASP JB 258 43.63 39.78 21.48
N VAL JB 259 42.32 39.93 21.67
CA VAL JB 259 41.82 40.97 22.56
C VAL JB 259 42.34 40.76 23.97
N SER JB 260 42.60 39.50 24.33
CA SER JB 260 43.17 39.21 25.64
C SER JB 260 44.62 39.68 25.74
N LEU JB 261 45.32 39.78 24.63
CA LEU JB 261 46.74 40.10 24.68
C LEU JB 261 47.18 40.68 23.35
N PRO JB 262 46.93 41.96 23.10
CA PRO JB 262 47.25 42.54 21.78
C PRO JB 262 48.75 42.56 21.56
N GLN JB 263 49.12 42.66 20.29
CA GLN JB 263 50.54 42.77 19.95
C GLN JB 263 51.18 43.95 20.68
N GLY JB 264 50.48 45.08 20.70
CA GLY JB 264 51.00 46.29 21.32
C GLY JB 264 51.22 46.18 22.81
N MET JB 265 50.87 45.03 23.40
CA MET JB 265 51.13 44.78 24.80
C MET JB 265 52.37 43.93 25.02
N VAL JB 266 52.67 43.04 24.09
CA VAL JB 266 53.95 42.33 24.13
C VAL JB 266 55.03 43.15 23.42
N ALA JB 267 54.67 43.81 22.32
CA ALA JB 267 55.63 44.67 21.64
C ALA JB 267 56.12 45.78 22.56
N ARG JB 268 55.22 46.36 23.34
CA ARG JB 268 55.64 47.27 24.40
C ARG JB 268 56.53 46.58 25.41
N TYR JB 269 56.38 45.27 25.58
CA TYR JB 269 57.17 44.53 26.54
C TYR JB 269 58.55 44.15 26.00
N ILE JB 270 58.62 43.69 24.75
CA ILE JB 270 59.92 43.38 24.17
C ILE JB 270 60.73 44.64 23.87
N TYR JB 271 60.07 45.78 23.70
CA TYR JB 271 60.81 47.02 23.52
C TYR JB 271 61.33 47.56 24.86
N ASP JB 272 60.47 47.62 25.87
CA ASP JB 272 60.87 48.14 27.17
C ASP JB 272 61.73 47.17 27.96
N ILE JB 273 61.75 45.89 27.59
CA ILE JB 273 62.73 44.98 28.19
C ILE JB 273 64.11 45.29 27.66
N LEU JB 274 64.21 45.59 26.37
CA LEU JB 274 65.49 45.90 25.73
C LEU JB 274 65.69 47.42 25.68
N VAL JB 275 65.81 48.02 26.86
CA VAL JB 275 66.08 49.45 26.94
C VAL JB 275 67.49 49.74 26.46
N ALA JB 276 68.41 48.79 26.61
CA ALA JB 276 69.75 48.93 26.09
C ALA JB 276 69.71 48.85 24.57
N SER JB 277 69.75 49.99 23.91
CA SER JB 277 69.70 50.04 22.45
C SER JB 277 71.08 49.70 21.88
N GLY JB 278 71.14 48.64 21.09
CA GLY JB 278 72.38 48.19 20.50
C GLY JB 278 72.33 46.70 20.28
N SER JB 279 72.72 46.24 19.09
CA SER JB 279 72.61 44.85 18.66
C SER JB 279 71.14 44.46 18.56
N SER JB 280 70.27 45.37 19.00
CA SER JB 280 68.83 45.35 18.77
C SER JB 280 68.39 46.53 17.92
N GLU JB 281 68.97 47.70 18.16
CA GLU JB 281 68.90 48.77 17.17
C GLU JB 281 69.61 48.38 15.90
N HIS JB 282 70.51 47.39 15.96
CA HIS JB 282 71.11 46.86 14.74
C HIS JB 282 70.11 46.07 13.92
N MET JB 283 69.01 45.63 14.53
CA MET JB 283 67.86 45.21 13.74
C MET JB 283 67.07 46.42 13.26
N ALA JB 284 67.01 47.47 14.08
CA ALA JB 284 66.41 48.72 13.64
C ALA JB 284 67.24 49.36 12.54
N GLU JB 285 68.53 49.59 12.81
CA GLU JB 285 69.46 50.05 11.77
C GLU JB 285 69.46 49.13 10.57
N CYS JB 286 69.09 47.85 10.75
CA CYS JB 286 68.93 46.96 9.61
C CYS JB 286 67.82 47.42 8.67
N LEU JB 287 66.93 48.29 9.12
CA LEU JB 287 65.88 48.81 8.26
C LEU JB 287 65.87 50.34 8.26
N HIS JB 288 67.04 50.94 8.05
CA HIS JB 288 67.23 52.38 7.87
C HIS JB 288 66.93 53.19 9.12
N LEU JB 289 66.88 52.56 10.29
CA LEU JB 289 66.48 53.35 11.46
C LEU JB 289 67.65 54.20 11.95
N PRO JB 290 67.41 55.48 12.22
CA PRO JB 290 68.31 56.22 13.10
C PRO JB 290 68.54 55.43 14.37
N ARG JB 291 69.79 55.01 14.61
CA ARG JB 291 70.09 53.88 15.48
C ARG JB 291 69.24 53.85 16.73
N VAL JB 292 69.39 54.85 17.58
CA VAL JB 292 68.66 54.84 18.85
C VAL JB 292 67.20 55.21 18.59
N PRO JB 293 66.24 54.40 19.04
CA PRO JB 293 64.85 54.85 19.05
C PRO JB 293 64.54 55.56 20.36
N ILE JB 294 63.86 56.70 20.25
CA ILE JB 294 63.58 57.48 21.44
C ILE JB 294 62.51 56.79 22.28
N SER JB 295 61.50 56.20 21.64
CA SER JB 295 60.43 55.50 22.35
C SER JB 295 59.68 54.63 21.35
N PHE JB 296 58.52 54.13 21.78
CA PHE JB 296 57.78 53.15 20.99
C PHE JB 296 57.19 53.74 19.72
N ASP JB 297 56.99 55.05 19.66
CA ASP JB 297 56.28 55.64 18.52
C ASP JB 297 57.12 55.57 17.25
N ASP JB 298 58.36 56.05 17.31
CA ASP JB 298 59.18 56.16 16.11
C ASP JB 298 59.62 54.79 15.60
N CYS JB 299 60.18 53.96 16.47
CA CYS JB 299 60.75 52.69 16.04
C CYS JB 299 59.71 51.82 15.35
N VAL JB 300 58.51 51.73 15.92
CA VAL JB 300 57.44 50.98 15.27
C VAL JB 300 56.99 51.69 14.00
N ALA JB 301 56.95 53.02 14.01
CA ALA JB 301 56.56 53.75 12.81
C ALA JB 301 57.71 53.87 11.82
N MET JB 302 58.95 53.80 12.29
CA MET JB 302 60.07 53.80 11.36
C MET JB 302 60.13 52.53 10.55
N ILE JB 303 59.55 51.44 11.04
CA ILE JB 303 59.65 50.14 10.39
C ILE JB 303 58.38 49.82 9.59
N CYS JB 304 57.65 50.84 9.16
CA CYS JB 304 56.44 50.67 8.38
C CYS JB 304 56.72 50.52 6.88
N GLU JB 305 57.93 50.08 6.50
CA GLU JB 305 58.25 49.87 5.08
C GLU JB 305 57.50 48.70 4.47
N ARG JB 306 57.18 47.67 5.26
CA ARG JB 306 56.30 46.59 4.83
C ARG JB 306 54.93 46.69 5.49
N SER JB 307 54.58 47.88 6.00
CA SER JB 307 53.31 48.14 6.64
C SER JB 307 52.59 49.27 5.95
N GLY JB 308 51.35 49.51 6.36
CA GLY JB 308 50.56 50.60 5.83
C GLY JB 308 49.11 50.27 5.59
N THR JB 309 48.30 51.29 5.33
CA THR JB 309 46.90 51.13 4.98
C THR JB 309 46.50 52.29 4.07
N SER JB 310 45.19 52.50 3.92
CA SER JB 310 44.67 53.54 3.03
C SER JB 310 45.07 54.90 3.56
N GLY JB 311 46.07 55.51 2.94
CA GLY JB 311 46.52 56.84 3.32
C GLY JB 311 46.72 57.71 2.09
N GLN JB 312 46.58 59.02 2.31
CA GLN JB 312 46.54 59.96 1.20
C GLN JB 312 47.87 60.01 0.46
N THR JB 313 47.84 60.60 -0.73
CA THR JB 313 49.07 60.79 -1.49
C THR JB 313 49.93 61.89 -0.89
N GLU JB 314 49.35 62.73 -0.03
CA GLU JB 314 50.07 63.84 0.58
C GLU JB 314 50.33 63.63 2.06
N MET JB 315 49.49 62.87 2.75
CA MET JB 315 49.69 62.56 4.17
C MET JB 315 49.36 61.08 4.35
N GLY JB 316 50.39 60.25 4.48
CA GLY JB 316 50.20 58.81 4.63
C GLY JB 316 50.00 58.39 6.07
N ASN JB 317 48.92 57.67 6.34
CA ASN JB 317 48.59 57.20 7.68
C ASN JB 317 48.88 55.70 7.71
N LEU JB 318 50.12 55.35 8.03
CA LEU JB 318 50.60 53.98 7.95
C LEU JB 318 49.92 53.11 9.02
N ASP JB 319 50.24 51.82 9.00
CA ASP JB 319 49.61 50.85 9.88
C ASP JB 319 50.62 50.35 10.90
N PRO JB 320 50.46 50.69 12.19
CA PRO JB 320 51.43 50.24 13.20
C PRO JB 320 51.19 48.84 13.72
N VAL JB 321 50.22 48.11 13.18
CA VAL JB 321 50.02 46.74 13.65
C VAL JB 321 50.76 45.76 12.74
N ARG JB 322 50.93 46.08 11.45
CA ARG JB 322 51.80 45.27 10.62
C ARG JB 322 53.25 45.41 11.06
N ALA JB 323 53.59 46.54 11.67
CA ALA JB 323 54.89 46.68 12.31
C ALA JB 323 54.91 46.07 13.70
N HIS JB 324 53.74 45.95 14.33
CA HIS JB 324 53.67 45.29 15.63
C HIS JB 324 54.07 43.83 15.52
N ARG JB 325 53.36 43.08 14.68
CA ARG JB 325 53.60 41.65 14.56
C ARG JB 325 55.04 41.37 14.14
N PHE JB 326 55.58 42.20 13.25
CA PHE JB 326 56.97 42.02 12.83
C PHE JB 326 57.91 42.09 14.03
N PHE JB 327 57.90 43.21 14.75
CA PHE JB 327 58.75 43.35 15.93
C PHE JB 327 58.46 42.27 16.96
N VAL JB 328 57.24 41.75 17.00
CA VAL JB 328 56.92 40.69 17.95
C VAL JB 328 57.42 39.36 17.44
N HIS JB 329 57.02 38.98 16.22
CA HIS JB 329 57.29 37.62 15.75
C HIS JB 329 58.76 37.43 15.39
N ASP JB 330 59.49 38.51 15.09
CA ASP JB 330 60.90 38.33 14.76
C ASP JB 330 61.72 38.01 16.00
N PHE JB 331 61.39 38.64 17.13
CA PHE JB 331 62.06 38.30 18.39
C PHE JB 331 61.78 36.85 18.76
N ILE JB 332 60.67 36.29 18.30
CA ILE JB 332 60.37 34.89 18.56
C ILE JB 332 61.43 34.01 17.92
N MET JB 333 61.84 34.34 16.69
CA MET JB 333 62.82 33.57 15.93
C MET JB 333 64.22 33.67 16.49
N GLY JB 334 64.44 34.33 17.62
CA GLY JB 334 65.79 34.58 18.07
C GLY JB 334 66.61 35.36 17.09
N ASN JB 335 65.96 36.16 16.24
CA ASN JB 335 66.66 36.91 15.21
C ASN JB 335 67.19 38.23 15.76
N LEU JB 336 66.32 39.02 16.39
CA LEU JB 336 66.72 40.30 16.95
C LEU JB 336 67.89 40.13 17.91
N GLY JB 337 67.65 39.45 19.01
CA GLY JB 337 68.68 39.18 19.98
C GLY JB 337 68.55 37.78 20.52
N LYS JB 338 69.69 37.19 20.87
CA LYS JB 338 69.71 35.86 21.46
C LYS JB 338 69.81 35.95 22.98
N ILE JB 339 68.76 36.53 23.57
CA ILE JB 339 68.74 36.88 24.99
C ILE JB 339 67.49 36.31 25.64
N THR JB 340 67.66 35.77 26.85
CA THR JB 340 66.58 35.14 27.61
C THR JB 340 65.59 36.19 28.12
N LEU JB 341 64.60 35.72 28.88
CA LEU JB 341 63.61 36.55 29.52
C LEU JB 341 63.68 36.49 31.04
N ASP JB 342 63.81 35.29 31.61
CA ASP JB 342 63.74 35.14 33.05
C ASP JB 342 64.98 35.74 33.72
N VAL JB 343 64.92 35.81 35.05
CA VAL JB 343 65.92 36.56 35.81
C VAL JB 343 67.05 35.68 36.34
N LEU JB 344 66.89 34.35 36.32
CA LEU JB 344 67.89 33.42 36.83
C LEU JB 344 68.30 33.78 38.25
N PRO JB 345 67.48 33.45 39.24
CA PRO JB 345 67.90 33.61 40.63
C PRO JB 345 69.22 32.90 40.94
N ARG JB 346 70.26 33.67 41.28
CA ARG JB 346 71.53 33.06 41.65
C ARG JB 346 71.40 32.32 42.98
N ARG JB 347 70.55 32.83 43.87
CA ARG JB 347 70.17 32.10 45.08
C ARG JB 347 69.44 30.82 44.69
N LEU JB 348 69.10 29.99 45.67
CA LEU JB 348 68.39 28.75 45.37
C LEU JB 348 67.01 29.02 44.78
N LEU JB 349 66.46 30.21 44.99
CA LEU JB 349 65.16 30.58 44.43
C LEU JB 349 65.03 32.08 44.30
N VAL KB 31 59.01 -62.91 28.97
CA VAL KB 31 58.20 -63.82 28.17
C VAL KB 31 57.83 -63.16 26.85
N ALA KB 32 57.62 -63.97 25.81
CA ALA KB 32 57.37 -63.46 24.48
C ALA KB 32 56.50 -64.43 23.69
N ILE KB 33 55.50 -63.89 23.00
CA ILE KB 33 54.59 -64.67 22.20
C ILE KB 33 55.23 -64.85 20.83
N VAL KB 34 54.83 -65.91 20.13
CA VAL KB 34 55.44 -66.29 18.87
C VAL KB 34 54.56 -65.81 17.71
N GLY KB 35 55.09 -65.93 16.51
CA GLY KB 35 54.51 -65.23 15.37
C GLY KB 35 53.93 -66.04 14.23
N ARG KB 36 53.18 -67.09 14.52
CA ARG KB 36 52.27 -67.61 13.52
C ARG KB 36 51.28 -66.52 13.16
N MET KB 37 50.98 -66.38 11.87
CA MET KB 37 50.35 -65.16 11.35
C MET KB 37 48.88 -65.13 11.74
N ASN KB 38 48.57 -64.36 12.79
CA ASN KB 38 47.21 -63.98 13.13
C ASN KB 38 47.25 -62.98 14.28
N SER KB 39 46.06 -62.68 14.82
CA SER KB 39 45.89 -61.76 15.94
C SER KB 39 45.47 -62.49 17.20
N GLY KB 40 46.05 -63.65 17.48
CA GLY KB 40 45.83 -64.32 18.75
C GLY KB 40 47.02 -64.11 19.65
N LYS KB 41 48.21 -64.20 19.06
CA LYS KB 41 49.41 -63.70 19.71
C LYS KB 41 49.30 -62.22 20.05
N SER KB 42 48.40 -61.50 19.38
CA SER KB 42 48.12 -60.11 19.69
C SER KB 42 46.93 -59.98 20.63
N SER KB 43 46.04 -60.95 20.66
CA SER KB 43 44.90 -60.93 21.57
C SER KB 43 45.18 -61.67 22.87
N LEU KB 44 46.23 -62.48 22.92
CA LEU KB 44 46.70 -62.98 24.21
C LEU KB 44 47.33 -61.85 25.02
N PHE KB 45 48.01 -60.94 24.34
CA PHE KB 45 48.47 -59.70 24.94
C PHE KB 45 47.34 -58.95 25.62
N ASN KB 46 46.13 -59.06 25.05
CA ASN KB 46 45.00 -58.23 25.47
C ASN KB 46 44.78 -58.29 26.97
N LEU KB 47 44.69 -59.49 27.51
CA LEU KB 47 44.34 -59.67 28.91
C LEU KB 47 45.48 -59.32 29.84
N LEU KB 48 46.61 -58.84 29.32
CA LEU KB 48 47.79 -58.53 30.13
C LEU KB 48 48.34 -57.17 29.69
N CYS KB 49 47.81 -56.10 30.30
CA CYS KB 49 48.34 -54.76 30.07
C CYS KB 49 47.87 -53.88 31.22
N GLU KB 50 48.78 -53.54 32.13
CA GLU KB 50 48.41 -52.87 33.36
C GLU KB 50 49.26 -51.61 33.56
N ASP KB 51 48.58 -50.50 33.85
CA ASP KB 51 49.21 -49.20 34.09
C ASP KB 51 48.15 -48.23 34.60
N PRO KB 52 48.52 -47.03 35.04
CA PRO KB 52 47.51 -46.09 35.53
C PRO KB 52 46.66 -45.48 34.41
N THR KB 53 45.35 -45.42 34.67
CA THR KB 53 44.28 -44.63 34.04
C THR KB 53 44.02 -44.89 32.56
N MET KB 54 44.85 -45.68 31.91
CA MET KB 54 44.70 -45.93 30.48
C MET KB 54 45.37 -47.26 30.15
N PRO KB 55 44.58 -48.33 30.05
CA PRO KB 55 45.15 -49.61 29.61
C PRO KB 55 45.79 -49.48 28.24
N ALA KB 56 47.07 -49.84 28.15
CA ALA KB 56 47.77 -49.73 26.89
C ALA KB 56 47.30 -50.82 25.95
N LYS KB 57 46.05 -50.68 25.48
CA LYS KB 57 45.43 -51.69 24.63
C LYS KB 57 46.06 -51.69 23.25
N LYS KB 58 47.32 -52.10 23.17
CA LYS KB 58 47.99 -52.24 21.88
C LYS KB 58 47.33 -53.27 20.99
N ASN KB 59 46.30 -53.96 21.49
CA ASN KB 59 45.83 -55.17 20.86
C ASN KB 59 45.11 -54.86 19.56
N ILE KB 60 45.88 -54.46 18.56
CA ILE KB 60 45.37 -54.40 17.20
C ILE KB 60 45.08 -55.83 16.77
N VAL KB 61 43.79 -56.17 16.70
CA VAL KB 61 43.40 -57.54 16.46
C VAL KB 61 42.53 -57.60 15.22
N LYS KB 62 42.70 -56.63 14.31
CA LYS KB 62 42.02 -56.70 13.03
C LYS KB 62 42.35 -58.04 12.37
N ASP KB 63 41.33 -58.70 11.84
CA ASP KB 63 41.46 -60.06 11.35
C ASP KB 63 41.83 -60.05 9.87
N PHE KB 64 43.10 -59.72 9.62
CA PHE KB 64 43.58 -59.58 8.25
C PHE KB 64 44.98 -60.19 8.11
N ASN KB 65 45.18 -61.36 8.73
CA ASN KB 65 46.38 -62.17 8.51
C ASN KB 65 47.65 -61.40 8.86
N GLY KB 66 47.78 -61.06 10.14
CA GLY KB 66 49.00 -60.46 10.62
C GLY KB 66 48.96 -58.95 10.60
N ILE KB 67 48.76 -58.34 11.77
CA ILE KB 67 48.60 -56.89 11.85
C ILE KB 67 49.80 -56.27 12.55
N THR KB 68 50.21 -56.87 13.66
CA THR KB 68 51.35 -56.36 14.41
C THR KB 68 52.61 -56.52 13.58
N ARG KB 69 53.43 -55.46 13.52
CA ARG KB 69 54.60 -55.42 12.65
C ARG KB 69 55.92 -55.45 13.40
N ASP KB 70 55.97 -54.99 14.65
CA ASP KB 70 57.21 -54.86 15.37
C ASP KB 70 57.06 -55.48 16.75
N CYS KB 71 58.19 -55.79 17.37
CA CYS KB 71 58.18 -56.52 18.64
C CYS KB 71 57.71 -55.62 19.77
N VAL KB 72 56.39 -55.52 19.94
CA VAL KB 72 55.83 -54.67 20.97
C VAL KB 72 55.88 -55.41 22.30
N GLU KB 73 56.38 -54.74 23.33
CA GLU KB 73 56.45 -55.26 24.68
C GLU KB 73 55.65 -54.35 25.60
N ALA KB 74 55.24 -54.90 26.75
CA ALA KB 74 54.53 -54.13 27.75
C ALA KB 74 54.40 -54.95 29.01
N HIS KB 75 54.10 -54.25 30.10
CA HIS KB 75 53.90 -54.89 31.40
C HIS KB 75 52.71 -55.84 31.35
N ALA KB 76 52.75 -56.86 32.20
CA ALA KB 76 51.66 -57.81 32.33
C ALA KB 76 51.36 -58.03 33.80
N ALA KB 77 50.18 -58.59 34.08
CA ALA KB 77 49.81 -58.89 35.46
C ALA KB 77 48.72 -59.95 35.45
N LEU KB 78 49.09 -61.17 35.81
CA LEU KB 78 48.10 -62.16 36.22
C LEU KB 78 47.93 -62.06 37.74
N ASP KB 79 47.30 -63.07 38.35
CA ASP KB 79 46.93 -63.02 39.76
C ASP KB 79 48.00 -62.37 40.64
N ASP KB 80 49.23 -62.86 40.55
CA ASP KB 80 50.30 -62.31 41.36
C ASP KB 80 51.53 -61.95 40.54
N LEU KB 81 51.77 -62.70 39.48
CA LEU KB 81 53.05 -62.67 38.78
C LEU KB 81 53.07 -61.48 37.83
N HIS KB 82 53.95 -60.53 38.09
CA HIS KB 82 54.25 -59.46 37.15
C HIS KB 82 55.37 -59.89 36.22
N PHE KB 83 55.26 -59.51 34.96
CA PHE KB 83 56.27 -59.84 33.97
C PHE KB 83 55.97 -59.03 32.72
N THR KB 84 56.91 -59.05 31.79
CA THR KB 84 56.84 -58.26 30.57
C THR KB 84 56.59 -59.19 29.39
N VAL KB 85 55.40 -59.15 28.85
CA VAL KB 85 55.08 -59.90 27.65
C VAL KB 85 55.64 -59.15 26.45
N ILE KB 86 56.05 -59.90 25.43
CA ILE KB 86 56.64 -59.37 24.22
C ILE KB 86 55.94 -60.02 23.03
N ASP KB 87 55.91 -59.30 21.91
CA ASP KB 87 55.43 -59.87 20.66
C ASP KB 87 56.60 -60.14 19.72
N THR KB 88 56.44 -61.16 18.88
CA THR KB 88 57.41 -61.49 17.83
C THR KB 88 56.63 -61.70 16.53
N PRO KB 89 56.28 -60.62 15.85
CA PRO KB 89 55.48 -60.73 14.64
C PRO KB 89 56.29 -60.88 13.37
N GLY KB 90 55.59 -60.86 12.24
CA GLY KB 90 56.20 -60.56 10.95
C GLY KB 90 56.88 -61.64 10.13
N LEU KB 91 56.11 -62.59 9.61
CA LEU KB 91 56.59 -63.48 8.55
C LEU KB 91 56.50 -62.84 7.16
N LEU KB 92 56.23 -61.53 7.07
CA LEU KB 92 55.85 -60.89 5.80
C LEU KB 92 57.02 -60.47 4.93
N GLY KB 93 57.78 -59.47 5.37
CA GLY KB 93 58.78 -58.85 4.52
C GLY KB 93 60.15 -59.50 4.70
N GLY KB 94 60.81 -59.78 3.59
CA GLY KB 94 62.09 -60.48 3.57
C GLY KB 94 63.15 -59.94 4.51
N LYS KB 95 62.95 -58.72 5.01
CA LYS KB 95 63.86 -58.13 5.98
C LYS KB 95 63.27 -58.09 7.39
N LEU KB 96 61.95 -58.30 7.52
CA LEU KB 96 61.22 -57.93 8.72
C LEU KB 96 61.21 -58.98 9.81
N VAL KB 97 61.37 -60.26 9.46
CA VAL KB 97 61.36 -61.29 10.49
C VAL KB 97 62.60 -61.19 11.39
N GLU KB 98 63.69 -60.62 10.86
CA GLU KB 98 64.94 -60.58 11.61
C GLU KB 98 64.81 -59.77 12.89
N GLU KB 99 64.02 -58.70 12.87
CA GLU KB 99 63.89 -57.84 14.04
C GLU KB 99 63.33 -58.62 15.23
N ALA KB 100 62.57 -59.67 14.97
CA ALA KB 100 62.13 -60.54 16.07
C ALA KB 100 63.31 -61.30 16.65
N PHE KB 101 64.22 -61.78 15.81
CA PHE KB 101 65.32 -62.61 16.28
C PHE KB 101 66.13 -61.89 17.35
N ARG KB 102 66.20 -60.56 17.30
CA ARG KB 102 66.79 -59.83 18.41
C ARG KB 102 65.92 -59.93 19.65
N THR KB 103 64.61 -59.76 19.48
CA THR KB 103 63.68 -59.72 20.59
C THR KB 103 63.12 -61.09 20.96
N VAL KB 104 63.60 -62.16 20.32
CA VAL KB 104 63.31 -63.49 20.84
C VAL KB 104 64.41 -63.96 21.77
N GLU KB 105 65.63 -63.44 21.59
CA GLU KB 105 66.77 -63.89 22.39
C GLU KB 105 66.83 -63.18 23.74
N THR KB 106 66.30 -61.97 23.83
CA THR KB 106 66.33 -61.25 25.09
C THR KB 106 65.27 -61.76 26.07
N ALA KB 107 64.25 -62.45 25.58
CA ALA KB 107 63.18 -62.96 26.43
C ALA KB 107 63.51 -64.38 26.86
N ASP KB 108 63.61 -64.59 28.17
CA ASP KB 108 64.06 -65.87 28.69
C ASP KB 108 62.95 -66.92 28.70
N ALA KB 109 61.89 -66.72 27.94
CA ALA KB 109 60.83 -67.72 27.84
C ALA KB 109 60.09 -67.48 26.53
N ALA KB 110 59.09 -68.31 26.28
CA ALA KB 110 58.21 -68.15 25.13
C ALA KB 110 56.99 -69.02 25.33
N ILE KB 111 55.89 -68.61 24.70
CA ILE KB 111 54.66 -69.37 24.69
C ILE KB 111 54.21 -69.47 23.24
N PHE KB 112 54.53 -70.58 22.60
CA PHE KB 112 54.06 -70.82 21.24
C PHE KB 112 52.55 -70.98 21.26
N VAL KB 113 51.86 -70.23 20.41
CA VAL KB 113 50.41 -70.30 20.30
C VAL KB 113 50.05 -70.82 18.92
N THR KB 114 48.99 -71.63 18.86
CA THR KB 114 48.56 -72.25 17.62
C THR KB 114 47.07 -72.07 17.44
N ALA KB 115 46.67 -71.67 16.24
CA ALA KB 115 45.26 -71.56 15.90
C ALA KB 115 44.71 -72.94 15.55
N VAL KB 116 43.48 -73.21 15.98
CA VAL KB 116 42.86 -74.49 15.65
C VAL KB 116 42.32 -74.52 14.23
N ASP KB 117 42.36 -73.39 13.51
CA ASP KB 117 42.03 -73.37 12.09
C ASP KB 117 42.98 -74.24 11.30
N GLU KB 118 44.26 -73.89 11.30
CA GLU KB 118 45.32 -74.71 10.72
C GLU KB 118 46.25 -75.17 11.82
N ASP KB 119 46.45 -76.48 11.92
CA ASP KB 119 47.10 -77.08 13.08
C ASP KB 119 48.61 -77.26 12.88
N VAL KB 120 49.01 -78.04 11.89
CA VAL KB 120 50.41 -78.40 11.67
C VAL KB 120 50.85 -77.86 10.32
N SER KB 121 52.04 -77.26 10.29
CA SER KB 121 52.55 -76.69 9.05
C SER KB 121 54.07 -76.79 9.05
N ALA KB 122 54.70 -76.09 8.11
CA ALA KB 122 56.14 -76.11 8.00
C ALA KB 122 56.79 -75.13 8.95
N GLU KB 123 56.49 -73.84 8.79
CA GLU KB 123 57.13 -72.84 9.62
C GLU KB 123 56.70 -72.94 11.08
N GLU KB 124 55.49 -73.44 11.33
CA GLU KB 124 55.08 -73.68 12.71
C GLU KB 124 55.79 -74.87 13.33
N HIS KB 125 56.58 -75.59 12.53
CA HIS KB 125 57.45 -76.66 13.01
C HIS KB 125 58.91 -76.24 13.05
N ASP KB 126 59.38 -75.53 12.03
CA ASP KB 126 60.74 -75.00 12.05
C ASP KB 126 60.93 -74.02 13.18
N LEU KB 127 59.85 -73.47 13.73
CA LEU KB 127 59.91 -72.62 14.89
C LEU KB 127 59.98 -73.42 16.19
N ILE KB 128 59.74 -74.72 16.15
CA ILE KB 128 59.98 -75.56 17.33
C ILE KB 128 61.40 -76.09 17.33
N GLN KB 129 61.87 -76.61 16.19
CA GLN KB 129 63.27 -76.99 16.09
C GLN KB 129 64.18 -75.80 16.35
N TYR KB 130 63.70 -74.58 16.06
CA TYR KB 130 64.44 -73.41 16.46
C TYR KB 130 64.42 -73.26 17.98
N LEU KB 131 63.23 -73.21 18.57
CA LEU KB 131 63.12 -73.03 20.02
C LEU KB 131 63.94 -74.06 20.77
N ALA KB 132 64.05 -75.28 20.25
CA ALA KB 132 64.93 -76.25 20.86
C ALA KB 132 66.39 -75.93 20.62
N ALA KB 133 66.71 -75.30 19.49
CA ALA KB 133 68.10 -75.00 19.16
C ALA KB 133 68.68 -73.96 20.10
N LYS KB 134 67.83 -73.07 20.64
CA LYS KB 134 68.28 -71.97 21.46
C LYS KB 134 68.07 -72.23 22.95
N LYS KB 135 67.65 -73.44 23.32
CA LYS KB 135 67.47 -73.88 24.70
C LYS KB 135 66.37 -73.13 25.44
N MET KB 136 65.64 -72.22 24.79
CA MET KB 136 64.70 -71.47 25.60
C MET KB 136 63.47 -72.32 25.91
N PRO KB 137 62.99 -72.30 27.15
CA PRO KB 137 61.81 -73.09 27.50
C PRO KB 137 60.58 -72.53 26.82
N THR KB 138 59.50 -73.32 26.85
CA THR KB 138 58.26 -72.86 26.24
C THR KB 138 57.12 -73.79 26.60
N CYS KB 139 55.96 -73.19 26.89
CA CYS KB 139 54.71 -73.92 27.00
C CYS KB 139 53.88 -73.65 25.75
N LEU KB 140 53.18 -74.67 25.27
CA LEU KB 140 52.32 -74.54 24.09
C LEU KB 140 50.88 -74.44 24.55
N LEU KB 141 50.20 -73.38 24.13
CA LEU KB 141 48.77 -73.21 24.35
C LEU KB 141 48.08 -72.98 23.01
N VAL KB 142 46.81 -73.36 22.93
CA VAL KB 142 46.06 -73.36 21.69
C VAL KB 142 44.90 -72.39 21.79
N ASN KB 143 45.01 -71.28 21.05
CA ASN KB 143 43.96 -70.26 21.08
C ASN KB 143 42.80 -70.69 20.19
N LYS KB 144 41.71 -69.94 20.30
CA LYS KB 144 40.47 -70.23 19.59
C LYS KB 144 40.03 -71.67 19.82
N MET KB 145 39.97 -72.06 21.10
CA MET KB 145 39.44 -73.37 21.42
C MET KB 145 37.92 -73.38 21.45
N ASP KB 146 37.28 -72.30 21.03
CA ASP KB 146 35.94 -72.42 20.49
C ASP KB 146 36.10 -72.95 19.07
N LEU KB 147 35.06 -72.86 18.25
CA LEU KB 147 35.09 -73.31 16.86
C LEU KB 147 35.16 -74.82 16.72
N VAL KB 148 35.39 -75.56 17.80
CA VAL KB 148 35.44 -77.01 17.74
C VAL KB 148 34.27 -77.57 18.53
N PRO KB 149 33.67 -78.67 18.10
CA PRO KB 149 32.53 -79.22 18.82
C PRO KB 149 32.93 -79.80 20.16
N GLU KB 150 31.96 -80.29 20.92
CA GLU KB 150 32.27 -80.91 22.20
C GLU KB 150 32.96 -82.25 22.02
N GLU KB 151 32.98 -82.80 20.82
CA GLU KB 151 33.51 -84.13 20.58
C GLU KB 151 34.86 -84.10 19.87
N GLU KB 152 35.00 -83.31 18.81
CA GLU KB 152 36.22 -83.29 18.01
C GLU KB 152 37.32 -82.47 18.70
N GLU KB 153 37.66 -82.90 19.91
CA GLU KB 153 38.75 -82.31 20.66
C GLU KB 153 39.90 -83.27 20.88
N ALA KB 154 39.65 -84.57 20.90
CA ALA KB 154 40.74 -85.53 20.92
C ALA KB 154 41.67 -85.31 19.72
N LEU KB 155 41.08 -84.97 18.57
CA LEU KB 155 41.87 -84.75 17.36
C LEU KB 155 42.71 -83.48 17.46
N VAL KB 156 42.06 -82.34 17.67
CA VAL KB 156 42.76 -81.06 17.71
C VAL KB 156 43.86 -81.08 18.78
N LEU KB 157 43.64 -81.80 19.87
CA LEU KB 157 44.63 -81.82 20.94
C LEU KB 157 45.81 -82.72 20.61
N ASP KB 158 45.55 -83.90 20.03
CA ASP KB 158 46.62 -84.86 19.85
C ASP KB 158 47.67 -84.36 18.85
N VAL KB 159 47.24 -83.75 17.75
CA VAL KB 159 48.19 -83.26 16.75
C VAL KB 159 49.04 -82.14 17.33
N TYR KB 160 48.76 -81.76 18.57
CA TYR KB 160 49.52 -80.74 19.25
C TYR KB 160 50.41 -81.27 20.37
N ASN KB 161 50.04 -82.40 20.99
CA ASN KB 161 50.95 -83.04 21.92
C ASN KB 161 52.15 -83.63 21.21
N ARG KB 162 51.93 -84.18 20.01
CA ARG KB 162 53.00 -84.74 19.22
C ARG KB 162 53.95 -83.69 18.67
N LEU KB 163 53.64 -82.41 18.85
CA LEU KB 163 54.42 -81.27 18.34
C LEU KB 163 55.73 -81.08 19.05
N GLY KB 164 56.12 -81.98 19.94
CA GLY KB 164 57.39 -81.85 20.64
C GLY KB 164 57.32 -80.90 21.81
N LEU KB 165 56.45 -79.90 21.73
CA LEU KB 165 56.30 -78.94 22.82
C LEU KB 165 55.63 -79.54 24.04
N GLY KB 166 55.22 -80.80 24.00
CA GLY KB 166 54.51 -81.37 25.12
C GLY KB 166 53.03 -81.10 25.03
N LYS KB 167 52.38 -81.15 26.18
CA LYS KB 167 50.93 -81.04 26.23
C LYS KB 167 50.49 -79.63 25.86
N ALA KB 168 49.83 -79.48 24.73
CA ALA KB 168 49.18 -78.23 24.41
C ALA KB 168 48.00 -78.03 25.35
N VAL KB 169 47.87 -76.82 25.88
CA VAL KB 169 46.93 -76.54 26.96
C VAL KB 169 45.84 -75.63 26.41
N PRO KB 170 44.56 -75.98 26.58
CA PRO KB 170 43.51 -75.31 25.81
C PRO KB 170 43.30 -73.87 26.23
N PHE KB 171 43.15 -73.00 25.22
CA PHE KB 171 43.08 -71.56 25.44
C PHE KB 171 42.01 -70.98 24.55
N SER KB 172 41.46 -69.84 24.97
CA SER KB 172 40.55 -69.08 24.13
C SER KB 172 40.48 -67.66 24.66
N ALA KB 173 40.76 -66.69 23.82
CA ALA KB 173 40.66 -65.30 24.25
C ALA KB 173 39.22 -64.80 24.22
N ARG KB 174 38.46 -65.19 23.20
CA ARG KB 174 37.07 -64.76 23.10
C ARG KB 174 36.29 -65.22 24.33
N LYS KB 175 36.13 -66.53 24.49
CA LYS KB 175 35.66 -67.08 25.76
C LYS KB 175 36.81 -67.02 26.75
N ARG KB 176 36.73 -66.13 27.73
CA ARG KB 176 37.94 -65.80 28.49
C ARG KB 176 38.31 -66.93 29.43
N GLU KB 177 38.40 -68.14 28.89
CA GLU KB 177 38.97 -69.27 29.58
C GLU KB 177 40.43 -69.39 29.15
N GLY KB 178 41.07 -70.50 29.50
CA GLY KB 178 42.49 -70.59 29.22
C GLY KB 178 43.31 -69.65 30.05
N LEU KB 179 42.82 -69.26 31.21
CA LEU KB 179 43.49 -68.34 32.10
C LEU KB 179 43.12 -68.72 33.52
N ASP KB 180 44.02 -68.44 34.45
CA ASP KB 180 44.01 -68.93 35.83
C ASP KB 180 44.25 -70.43 35.88
N MET KB 181 44.38 -71.08 34.74
CA MET KB 181 44.81 -72.47 34.64
C MET KB 181 45.85 -72.66 33.56
N LEU KB 182 46.20 -71.62 32.80
CA LEU KB 182 47.22 -71.74 31.77
C LEU KB 182 48.41 -70.84 32.05
N SER KB 183 48.20 -69.54 32.10
CA SER KB 183 49.27 -68.59 32.35
C SER KB 183 49.51 -68.40 33.85
N ALA KB 184 48.60 -68.88 34.68
CA ALA KB 184 48.87 -69.07 36.09
C ALA KB 184 49.56 -70.40 36.36
N LEU KB 185 50.02 -71.09 35.31
CA LEU KB 185 50.82 -72.27 35.45
C LEU KB 185 52.20 -72.15 34.82
N LEU KB 186 52.45 -71.10 34.04
CA LEU KB 186 53.83 -70.73 33.73
C LEU KB 186 54.55 -70.21 34.95
N GLU KB 187 53.82 -69.91 36.01
CA GLU KB 187 54.27 -69.35 37.28
C GLU KB 187 55.61 -69.88 37.78
N PRO KB 188 55.90 -71.21 37.69
CA PRO KB 188 57.23 -71.69 38.06
C PRO KB 188 58.35 -70.81 37.54
N LEU KB 189 58.18 -70.30 36.32
CA LEU KB 189 59.22 -69.45 35.73
C LEU KB 189 59.42 -68.19 36.55
N TYR KB 190 58.33 -67.61 37.05
CA TYR KB 190 58.43 -66.35 37.78
C TYR KB 190 59.09 -66.57 39.14
N HIS KB 191 58.72 -67.64 39.84
CA HIS KB 191 59.36 -67.96 41.11
C HIS KB 191 60.86 -68.16 40.94
N ILE KB 192 61.26 -68.85 39.87
CA ILE KB 192 62.68 -69.03 39.60
C ILE KB 192 63.31 -67.71 39.19
N HIS KB 193 62.63 -66.95 38.32
CA HIS KB 193 63.22 -65.72 37.81
C HIS KB 193 63.35 -64.67 38.91
N ALA KB 194 62.49 -64.69 39.91
CA ALA KB 194 62.70 -63.82 41.05
C ALA KB 194 63.97 -64.18 41.80
N MET KB 195 64.33 -65.47 41.78
CA MET KB 195 65.48 -65.92 42.55
C MET KB 195 66.77 -65.75 41.78
N ARG KB 196 66.74 -65.96 40.47
CA ARG KB 196 67.94 -65.72 39.67
C ARG KB 196 68.32 -64.25 39.66
N LYS KB 197 67.35 -63.36 39.82
CA LYS KB 197 67.65 -61.93 39.88
C LYS KB 197 68.31 -61.57 41.19
N VAL KB 198 67.70 -61.95 42.32
CA VAL KB 198 68.22 -61.57 43.62
C VAL KB 198 69.63 -62.11 43.80
N GLU KB 199 69.90 -63.31 43.28
CA GLU KB 199 71.26 -63.83 43.31
C GLU KB 199 72.22 -62.90 42.59
N ASN KB 200 71.82 -62.42 41.40
CA ASN KB 200 72.64 -61.45 40.69
C ASN KB 200 72.79 -60.17 41.50
N ASP KB 201 71.75 -59.78 42.24
CA ASP KB 201 71.88 -58.66 43.15
C ASP KB 201 72.94 -58.95 44.21
N TRP KB 202 72.96 -60.17 44.73
CA TRP KB 202 74.03 -60.57 45.64
C TRP KB 202 75.38 -60.53 44.97
N ASP KB 203 75.44 -60.66 43.65
CA ASP KB 203 76.69 -60.87 42.94
C ASP KB 203 77.10 -59.72 42.04
N ILE KB 204 76.15 -58.96 41.47
CA ILE KB 204 76.51 -57.69 40.86
C ILE KB 204 76.85 -56.64 41.90
N GLU KB 205 76.55 -56.93 43.18
CA GLU KB 205 77.03 -56.11 44.28
C GLU KB 205 78.49 -56.39 44.58
N ASP KB 206 78.95 -57.61 44.32
CA ASP KB 206 80.35 -57.94 44.57
C ASP KB 206 81.28 -57.19 43.63
N LEU KB 207 80.76 -56.63 42.55
CA LEU KB 207 81.54 -55.77 41.66
C LEU KB 207 81.21 -54.30 41.84
N ALA KB 208 80.55 -53.94 42.95
CA ALA KB 208 80.15 -52.55 43.17
C ALA KB 208 81.34 -51.63 43.33
N MET KB 209 82.41 -52.10 43.97
CA MET KB 209 83.61 -51.29 44.10
C MET KB 209 84.19 -51.03 42.72
N ALA KB 210 85.19 -50.14 42.63
CA ALA KB 210 85.70 -49.67 41.35
C ALA KB 210 86.16 -50.80 40.45
N GLY KB 211 85.42 -51.05 39.38
CA GLY KB 211 84.28 -50.23 39.04
C GLY KB 211 84.00 -50.20 37.55
N ASP KB 212 84.00 -48.99 37.00
CA ASP KB 212 83.84 -48.73 35.56
C ASP KB 212 82.40 -49.02 35.15
N GLU KB 213 81.65 -49.59 36.09
CA GLU KB 213 80.27 -50.03 35.93
C GLU KB 213 79.88 -50.58 37.30
N ALA KB 214 78.62 -50.95 37.47
CA ALA KB 214 78.16 -51.60 38.70
C ALA KB 214 78.31 -50.71 39.93
N ALA KB 215 78.81 -49.49 39.75
CA ALA KB 215 78.91 -48.54 40.86
C ALA KB 215 77.55 -47.87 41.08
N MET KB 216 77.12 -47.09 40.11
CA MET KB 216 75.77 -46.55 40.11
C MET KB 216 74.78 -47.52 39.48
N GLU KB 217 75.26 -48.55 38.79
CA GLU KB 217 74.37 -49.56 38.26
C GLU KB 217 73.70 -50.36 39.37
N GLU KB 218 74.27 -50.36 40.57
CA GLU KB 218 73.53 -50.83 41.74
C GLU KB 218 72.46 -49.84 42.14
N ILE KB 219 72.59 -48.57 41.74
CA ILE KB 219 71.59 -47.55 42.00
C ILE KB 219 70.54 -47.50 40.89
N ARG KB 220 71.00 -47.64 39.65
CA ARG KB 220 70.06 -47.57 38.49
C ARG KB 220 69.01 -48.68 38.57
N ASP KB 221 69.32 -49.77 39.28
CA ASP KB 221 68.34 -50.85 39.41
C ASP KB 221 67.33 -50.56 40.50
N ARG KB 222 67.80 -50.16 41.68
CA ARG KB 222 66.93 -50.05 42.85
C ARG KB 222 66.88 -48.66 43.44
N ASN KB 223 68.02 -47.97 43.56
CA ASN KB 223 68.00 -46.64 44.13
C ASN KB 223 67.46 -45.61 43.15
N CYS KB 224 67.59 -45.86 41.85
CA CYS KB 224 67.06 -44.94 40.85
C CYS KB 224 65.54 -44.94 40.98
N THR KB 225 65.00 -43.84 41.50
CA THR KB 225 63.55 -43.66 41.65
C THR KB 225 63.19 -42.30 41.04
N ASP KB 226 63.00 -42.29 39.74
CA ASP KB 226 62.49 -41.15 38.99
C ASP KB 226 61.11 -41.51 38.47
N ARG KB 227 60.55 -40.65 37.63
CA ARG KB 227 59.20 -40.85 37.13
C ARG KB 227 59.16 -41.12 35.63
N TYR KB 228 60.26 -41.65 35.07
CA TYR KB 228 60.26 -42.20 33.72
C TYR KB 228 59.84 -41.14 32.69
N ILE KB 229 60.71 -40.16 32.49
CA ILE KB 229 60.54 -39.19 31.43
C ILE KB 229 60.13 -39.94 30.16
N ARG KB 230 58.96 -39.65 29.63
CA ARG KB 230 58.39 -40.40 28.51
C ARG KB 230 58.43 -39.51 27.28
N VAL KB 231 59.54 -39.57 26.56
CA VAL KB 231 59.68 -38.80 25.32
C VAL KB 231 58.76 -39.42 24.28
N ALA KB 232 58.56 -38.73 23.17
CA ALA KB 232 57.67 -39.23 22.13
C ALA KB 232 58.10 -38.64 20.80
N ILE KB 233 58.38 -39.51 19.84
CA ILE KB 233 58.76 -39.09 18.50
C ILE KB 233 57.48 -39.14 17.66
N VAL KB 234 56.82 -38.00 17.51
CA VAL KB 234 55.61 -37.91 16.71
C VAL KB 234 55.95 -37.23 15.39
N GLY KB 235 55.00 -37.23 14.49
CA GLY KB 235 55.17 -36.57 13.22
C GLY KB 235 54.51 -37.37 12.11
N ARG KB 236 54.41 -36.73 10.95
CA ARG KB 236 53.86 -37.41 9.78
C ARG KB 236 54.74 -38.60 9.42
N THR KB 237 54.11 -39.66 8.93
CA THR KB 237 54.78 -40.92 8.66
C THR KB 237 54.93 -41.12 7.17
N ASN KB 238 56.05 -40.65 6.63
CA ASN KB 238 56.51 -41.00 5.31
C ASN KB 238 57.85 -41.70 5.35
N SER KB 239 58.77 -41.19 6.15
CA SER KB 239 60.02 -41.86 6.43
C SER KB 239 59.82 -42.91 7.50
N GLY KB 240 60.76 -43.86 7.57
CA GLY KB 240 60.74 -44.79 8.67
C GLY KB 240 61.22 -44.06 9.90
N LYS KB 241 60.50 -43.03 10.32
CA LYS KB 241 60.98 -42.06 11.31
C LYS KB 241 61.34 -42.71 12.65
N THR KB 242 61.04 -43.99 12.83
CA THR KB 242 61.66 -44.79 13.87
C THR KB 242 63.13 -45.04 13.59
N SER KB 243 63.57 -44.80 12.36
CA SER KB 243 65.01 -44.80 12.03
C SER KB 243 65.75 -44.00 13.10
N LEU KB 244 65.25 -42.81 13.40
CA LEU KB 244 65.89 -41.97 14.43
C LEU KB 244 65.81 -42.70 15.77
N VAL KB 245 64.67 -43.31 16.08
CA VAL KB 245 64.51 -43.98 17.41
C VAL KB 245 65.53 -45.10 17.47
N ASN KB 246 65.71 -45.80 16.36
CA ASN KB 246 66.65 -46.94 16.34
C ASN KB 246 68.06 -46.42 16.64
N ARG KB 247 68.48 -45.33 16.03
CA ARG KB 247 69.88 -44.92 16.24
C ARG KB 247 70.07 -44.65 17.73
N LEU KB 248 69.13 -43.96 18.34
CA LEU KB 248 69.27 -43.58 19.78
C LEU KB 248 69.28 -44.84 20.66
N VAL KB 249 68.51 -45.86 20.27
CA VAL KB 249 68.41 -47.09 21.12
C VAL KB 249 69.68 -47.91 21.00
N GLY KB 250 70.56 -47.59 20.05
CA GLY KB 250 71.78 -48.39 19.83
C GLY KB 250 71.94 -48.75 18.37
N TYR KB 251 71.64 -47.80 17.48
CA TYR KB 251 71.73 -48.01 16.01
C TYR KB 251 71.11 -49.36 15.72
N GLU KB 252 70.40 -49.87 16.72
CA GLU KB 252 70.20 -51.28 17.00
C GLU KB 252 69.21 -51.93 16.05
N ARG KB 253 68.32 -51.14 15.43
CA ARG KB 253 67.27 -51.65 14.57
C ARG KB 253 66.31 -52.54 15.36
N ASN KB 254 65.69 -51.94 16.39
CA ASN KB 254 64.57 -52.57 17.07
C ASN KB 254 63.27 -52.38 16.32
N ARG KB 255 63.26 -51.60 15.24
CA ARG KB 255 62.05 -51.26 14.51
C ARG KB 255 62.29 -51.46 13.03
N ALA KB 256 61.22 -51.32 12.26
CA ALA KB 256 61.26 -51.48 10.82
C ALA KB 256 61.33 -50.13 10.15
N ALA KB 257 62.41 -49.88 9.42
CA ALA KB 257 62.56 -48.65 8.65
C ALA KB 257 61.68 -48.79 7.42
N ASP KB 258 60.51 -48.18 7.46
CA ASP KB 258 59.56 -48.28 6.36
C ASP KB 258 59.97 -47.38 5.22
N GLU KB 259 61.24 -47.45 4.82
CA GLU KB 259 61.72 -46.60 3.73
C GLU KB 259 61.11 -47.00 2.41
N SER KB 260 60.35 -48.09 2.36
CA SER KB 260 59.71 -48.52 1.13
C SER KB 260 58.74 -47.45 0.62
N ASN KB 261 57.71 -47.16 1.39
CA ASN KB 261 56.68 -46.21 1.01
C ASN KB 261 55.92 -45.80 2.27
N THR KB 262 54.81 -45.08 2.08
CA THR KB 262 53.97 -44.72 3.21
C THR KB 262 53.42 -46.00 3.85
N THR KB 263 53.87 -46.27 5.06
CA THR KB 263 53.67 -47.58 5.67
C THR KB 263 53.26 -47.38 7.12
N ARG KB 264 53.37 -48.44 7.90
CA ARG KB 264 52.76 -48.51 9.22
C ARG KB 264 53.75 -49.01 10.25
N ASP KB 265 53.53 -48.57 11.49
CA ASP KB 265 54.14 -49.13 12.69
C ASP KB 265 53.05 -49.27 13.73
N PRO KB 266 53.21 -50.20 14.67
CA PRO KB 266 52.53 -50.06 15.97
C PRO KB 266 53.45 -49.41 17.00
N ILE KB 267 52.92 -49.07 18.17
CA ILE KB 267 53.68 -48.35 19.20
C ILE KB 267 54.84 -49.19 19.73
N GLU KB 268 55.74 -48.57 20.50
CA GLU KB 268 56.88 -49.28 21.07
C GLU KB 268 57.43 -48.50 22.26
N ILE KB 269 58.03 -49.23 23.20
CA ILE KB 269 58.72 -48.65 24.34
C ILE KB 269 60.05 -49.36 24.53
N ALA KB 270 61.06 -48.62 24.96
CA ALA KB 270 62.43 -49.12 24.90
C ALA KB 270 63.18 -48.72 26.17
N CYS KB 271 64.50 -48.83 26.13
CA CYS KB 271 65.37 -48.73 27.30
C CYS KB 271 65.46 -47.28 27.78
N MET KB 272 66.05 -47.12 28.97
CA MET KB 272 65.99 -45.87 29.71
C MET KB 272 67.32 -45.57 30.38
N TYR KB 273 68.09 -44.66 29.75
CA TYR KB 273 69.27 -44.04 30.41
C TYR KB 273 69.44 -42.53 30.15
N LYS KB 274 70.59 -42.10 29.61
CA LYS KB 274 70.96 -40.66 29.42
C LYS KB 274 71.07 -39.86 30.73
N GLY KB 275 71.61 -40.45 31.80
CA GLY KB 275 71.71 -39.78 33.11
C GLY KB 275 70.44 -39.90 33.92
N ARG KB 276 69.45 -40.65 33.44
CA ARG KB 276 68.13 -40.77 34.11
C ARG KB 276 67.46 -42.08 33.69
N LYS KB 277 66.13 -42.14 33.76
CA LYS KB 277 65.39 -43.21 33.09
C LYS KB 277 64.46 -42.59 32.07
N LEU KB 278 64.85 -42.65 30.80
CA LEU KB 278 64.18 -41.93 29.72
C LEU KB 278 63.65 -42.95 28.73
N LYS KB 279 62.34 -43.15 28.71
CA LYS KB 279 61.71 -44.09 27.79
C LYS KB 279 61.43 -43.40 26.45
N LEU KB 280 61.34 -44.21 25.41
CA LEU KB 280 61.10 -43.72 24.06
C LEU KB 280 59.88 -44.40 23.48
N ILE KB 281 59.08 -43.64 22.72
CA ILE KB 281 57.97 -44.21 21.98
C ILE KB 281 57.99 -43.70 20.55
N ASP KB 282 57.04 -44.20 19.77
CA ASP KB 282 56.96 -44.00 18.33
C ASP KB 282 55.48 -43.94 17.94
N THR KB 283 55.19 -43.26 16.83
CA THR KB 283 53.81 -42.89 16.55
C THR KB 283 53.60 -42.75 15.04
N ALA KB 284 52.47 -42.15 14.66
CA ALA KB 284 52.09 -41.93 13.27
C ALA KB 284 50.97 -40.90 13.23
N GLY KB 285 50.82 -40.20 12.11
CA GLY KB 285 50.03 -38.95 12.09
C GLY KB 285 49.65 -38.49 10.70
N LEU KB 286 48.36 -38.20 10.47
CA LEU KB 286 47.89 -37.74 9.14
C LEU KB 286 46.61 -36.90 9.26
N ALA KB 287 46.34 -36.06 8.28
CA ALA KB 287 45.18 -35.15 8.31
C ALA KB 287 43.88 -35.96 8.24
N ARG KB 288 42.80 -35.49 8.86
CA ARG KB 288 41.55 -36.28 8.90
C ARG KB 288 41.11 -36.53 7.47
N GLN KB 289 41.24 -35.55 6.59
CA GLN KB 289 40.76 -35.72 5.20
C GLN KB 289 41.54 -36.89 4.60
N ARG KB 290 42.82 -37.01 4.97
CA ARG KB 290 43.70 -38.06 4.38
C ARG KB 290 43.26 -39.43 4.88
N TYR KB 291 42.34 -39.47 5.84
CA TYR KB 291 42.00 -40.78 6.42
C TYR KB 291 41.68 -41.72 5.25
N ARG KB 292 42.33 -42.89 5.21
CA ARG KB 292 41.98 -43.90 4.19
C ARG KB 292 41.19 -44.95 4.95
N THR KB 293 39.87 -44.91 4.79
CA THR KB 293 39.04 -45.90 5.50
C THR KB 293 39.47 -45.84 6.94
N ASP KB 294 39.81 -46.99 7.52
CA ASP KB 294 40.19 -47.08 8.94
C ASP KB 294 41.42 -47.99 9.03
N ARG KB 295 41.91 -48.26 10.23
CA ARG KB 295 43.16 -49.02 10.41
C ARG KB 295 44.23 -48.00 10.09
N GLU KB 296 43.81 -46.78 9.77
CA GLU KB 296 44.78 -45.69 9.60
C GLU KB 296 44.31 -44.56 10.49
N PHE KB 297 43.11 -44.65 11.06
CA PHE KB 297 42.64 -43.47 11.83
C PHE KB 297 41.60 -43.74 12.92
N LEU KB 298 40.33 -43.37 12.73
CA LEU KB 298 39.27 -43.40 13.79
C LEU KB 298 39.06 -44.81 14.35
N SER KB 299 39.08 -45.83 13.52
CA SER KB 299 39.02 -47.18 14.11
C SER KB 299 40.27 -47.42 14.97
N ARG KB 300 41.50 -47.05 14.50
CA ARG KB 300 42.68 -47.41 15.34
C ARG KB 300 43.93 -46.53 15.34
N ILE KB 301 44.76 -46.50 14.29
CA ILE KB 301 46.13 -45.89 14.34
C ILE KB 301 46.27 -44.40 14.63
N HIS KB 302 45.50 -43.50 14.00
CA HIS KB 302 45.72 -42.06 14.33
C HIS KB 302 45.37 -41.83 15.79
N SER KB 303 44.27 -42.41 16.26
CA SER KB 303 43.93 -42.29 17.70
C SER KB 303 44.96 -43.04 18.54
N LEU KB 304 45.35 -44.25 18.13
CA LEU KB 304 46.24 -45.09 18.99
C LEU KB 304 47.57 -44.38 19.20
N SER KB 305 47.85 -43.37 18.38
CA SER KB 305 49.07 -42.58 18.53
C SER KB 305 48.86 -41.29 19.29
N LEU KB 306 47.66 -40.72 19.25
CA LEU KB 306 47.37 -39.52 20.03
C LEU KB 306 47.02 -39.83 21.47
N ASN KB 307 46.50 -41.01 21.76
CA ASN KB 307 46.27 -41.41 23.14
C ASN KB 307 47.57 -41.61 23.89
N GLU KB 308 48.70 -41.61 23.20
CA GLU KB 308 50.00 -41.78 23.82
C GLU KB 308 50.86 -40.52 23.74
N ILE KB 309 50.29 -39.40 23.31
CA ILE KB 309 50.90 -38.10 23.54
C ILE KB 309 50.10 -37.27 24.51
N ARG KB 310 48.87 -37.68 24.85
CA ARG KB 310 48.24 -37.15 26.04
C ARG KB 310 48.93 -37.67 27.29
N TYR KB 311 49.66 -38.77 27.18
CA TYR KB 311 50.48 -39.32 28.27
C TYR KB 311 51.90 -39.44 27.75
N ALA KB 312 52.63 -38.33 27.80
CA ALA KB 312 54.00 -38.28 27.29
C ALA KB 312 54.67 -37.06 27.89
N HIS KB 313 55.69 -37.28 28.70
CA HIS KB 313 56.26 -36.18 29.47
C HIS KB 313 57.10 -35.26 28.60
N VAL KB 314 57.52 -35.70 27.42
CA VAL KB 314 58.07 -34.85 26.38
C VAL KB 314 57.59 -35.41 25.05
N VAL KB 315 57.69 -34.59 24.00
CA VAL KB 315 57.48 -35.07 22.64
C VAL KB 315 58.56 -34.47 21.75
N ILE KB 316 58.77 -35.11 20.60
CA ILE KB 316 59.71 -34.64 19.59
C ILE KB 316 58.96 -34.65 18.27
N VAL KB 317 58.46 -33.50 17.84
CA VAL KB 317 57.63 -33.51 16.65
C VAL KB 317 58.56 -33.57 15.45
N VAL KB 318 58.93 -34.77 15.06
CA VAL KB 318 59.92 -34.96 14.01
C VAL KB 318 59.25 -34.77 12.65
N PHE KB 319 60.04 -34.34 11.68
CA PHE KB 319 59.59 -34.29 10.30
C PHE KB 319 60.80 -34.52 9.41
N ASP KB 320 60.61 -34.43 8.11
CA ASP KB 320 61.64 -34.76 7.14
C ASP KB 320 62.18 -33.46 6.55
N ALA KB 321 63.44 -33.15 6.82
CA ALA KB 321 63.98 -31.88 6.38
C ALA KB 321 64.05 -31.79 4.85
N THR KB 322 64.25 -32.93 4.17
CA THR KB 322 64.43 -32.91 2.72
C THR KB 322 63.26 -32.27 2.01
N GLU KB 323 62.04 -32.45 2.52
CA GLU KB 323 60.90 -31.79 1.92
C GLU KB 323 61.01 -30.28 2.04
N GLY KB 324 61.71 -29.80 3.07
CA GLY KB 324 61.86 -28.38 3.29
C GLY KB 324 61.12 -27.88 4.51
N HIS KB 325 60.33 -26.83 4.33
CA HIS KB 325 59.61 -26.26 5.45
C HIS KB 325 58.56 -27.25 5.95
N PRO KB 326 58.31 -27.31 7.26
CA PRO KB 326 57.28 -28.22 7.78
C PRO KB 326 55.91 -27.79 7.28
N ASN KB 327 55.19 -28.74 6.69
CA ASN KB 327 53.94 -28.42 6.03
C ASN KB 327 52.91 -27.93 7.05
N LYS KB 328 51.81 -27.38 6.53
CA LYS KB 328 50.80 -26.75 7.37
C LYS KB 328 50.37 -27.65 8.52
N TYR KB 329 50.32 -28.96 8.29
CA TYR KB 329 49.91 -29.87 9.35
C TYR KB 329 51.05 -30.17 10.31
N ASP KB 330 52.29 -30.03 9.87
CA ASP KB 330 53.41 -30.33 10.75
C ASP KB 330 53.54 -29.34 11.90
N MET KB 331 52.82 -28.23 11.85
CA MET KB 331 52.70 -27.35 13.01
C MET KB 331 51.46 -27.62 13.83
N SER KB 332 50.52 -28.39 13.28
CA SER KB 332 49.32 -28.77 14.01
C SER KB 332 49.60 -29.85 15.03
N ILE KB 333 50.65 -30.64 14.83
CA ILE KB 333 51.09 -31.56 15.85
C ILE KB 333 51.66 -30.79 17.04
N LEU KB 334 52.29 -29.65 16.80
CA LEU KB 334 52.81 -28.85 17.88
C LEU KB 334 51.68 -28.28 18.73
N HIS KB 335 50.78 -27.52 18.10
CA HIS KB 335 49.72 -26.84 18.84
C HIS KB 335 48.88 -27.80 19.66
N LYS KB 336 48.80 -29.07 19.25
CA LYS KB 336 48.09 -30.04 20.09
C LYS KB 336 48.92 -30.38 21.32
N VAL KB 337 50.20 -30.68 21.13
CA VAL KB 337 51.09 -30.88 22.27
C VAL KB 337 51.15 -29.63 23.12
N ALA KB 338 51.23 -28.47 22.48
CA ALA KB 338 51.17 -27.21 23.20
C ALA KB 338 49.92 -27.12 24.04
N GLN KB 339 48.81 -27.66 23.55
CA GLN KB 339 47.55 -27.63 24.26
C GLN KB 339 47.38 -28.78 25.23
N GLU KB 340 48.42 -29.58 25.45
CA GLU KB 340 48.34 -30.70 26.37
C GLU KB 340 49.26 -30.54 27.57
N GLY KB 341 49.69 -29.30 27.85
CA GLY KB 341 50.63 -29.05 28.91
C GLY KB 341 51.99 -29.69 28.72
N ARG KB 342 52.18 -30.42 27.63
CA ARG KB 342 53.40 -31.14 27.36
C ARG KB 342 54.46 -30.20 26.79
N PRO KB 343 55.73 -30.54 26.94
CA PRO KB 343 56.79 -29.81 26.26
C PRO KB 343 57.11 -30.44 24.92
N PHE KB 344 57.53 -29.61 23.98
CA PHE KB 344 57.68 -30.06 22.60
C PHE KB 344 59.00 -29.59 22.02
N VAL KB 345 59.53 -30.39 21.10
CA VAL KB 345 60.71 -30.04 20.32
C VAL KB 345 60.38 -30.29 18.86
N LEU KB 346 61.03 -29.54 17.98
CA LEU KB 346 61.03 -29.86 16.56
C LEU KB 346 62.34 -30.53 16.21
N CYS KB 347 62.30 -31.44 15.25
CA CYS KB 347 63.46 -32.24 14.86
C CYS KB 347 63.40 -32.52 13.38
N ALA KB 348 64.24 -31.85 12.61
CA ALA KB 348 64.27 -32.02 11.16
C ALA KB 348 65.13 -33.23 10.84
N ASN KB 349 64.51 -34.40 10.89
CA ASN KB 349 65.18 -35.64 10.53
C ASN KB 349 65.59 -35.60 9.06
N LYS KB 350 66.43 -36.55 8.68
CA LYS KB 350 66.94 -36.66 7.31
C LYS KB 350 67.61 -35.36 6.87
N TRP KB 351 68.46 -34.83 7.74
CA TRP KB 351 69.05 -33.53 7.45
C TRP KB 351 70.24 -33.63 6.50
N ASP KB 352 70.96 -34.75 6.53
CA ASP KB 352 72.13 -34.87 5.64
C ASP KB 352 71.71 -35.02 4.19
N ALA KB 353 70.56 -35.66 3.94
CA ALA KB 353 70.07 -35.82 2.57
C ALA KB 353 69.66 -34.50 1.94
N VAL KB 354 69.46 -33.46 2.76
CA VAL KB 354 69.30 -32.11 2.23
C VAL KB 354 70.65 -31.64 1.72
N LEU KB 355 70.63 -30.69 0.78
CA LEU KB 355 71.88 -30.15 0.27
C LEU KB 355 72.47 -29.12 1.24
N ASP KB 356 72.59 -29.51 2.51
CA ASP KB 356 73.19 -28.69 3.57
C ASP KB 356 72.60 -27.28 3.57
N GLN KB 357 71.28 -27.20 3.49
CA GLN KB 357 70.62 -25.92 3.27
C GLN KB 357 70.40 -25.19 4.60
N SER KB 358 71.52 -24.85 5.24
CA SER KB 358 71.45 -23.85 6.28
C SER KB 358 71.08 -22.51 5.65
N ALA KB 359 70.24 -21.76 6.36
CA ALA KB 359 69.74 -20.46 5.92
C ALA KB 359 68.91 -20.58 4.64
N THR KB 360 68.71 -21.80 4.16
CA THR KB 360 67.76 -22.06 3.09
C THR KB 360 66.67 -23.03 3.52
N ALA KB 361 67.05 -24.15 4.12
CA ALA KB 361 66.11 -24.94 4.88
C ALA KB 361 66.05 -24.50 6.33
N GLU KB 362 66.42 -23.25 6.61
CA GLU KB 362 66.20 -22.65 7.91
C GLU KB 362 64.86 -21.95 7.99
N ALA KB 363 63.98 -22.15 7.00
CA ALA KB 363 62.59 -21.79 7.16
C ALA KB 363 61.97 -22.53 8.33
N ILE KB 364 62.51 -23.71 8.66
CA ILE KB 364 62.09 -24.39 9.88
C ILE KB 364 62.39 -23.54 11.10
N ASP KB 365 63.38 -22.65 11.01
CA ASP KB 365 63.67 -21.70 12.07
C ASP KB 365 63.07 -20.34 11.77
N PHE KB 366 62.23 -20.25 10.75
CA PHE KB 366 61.45 -19.06 10.46
C PHE KB 366 59.95 -19.30 10.55
N LYS KB 367 59.48 -20.43 10.01
CA LYS KB 367 58.06 -20.71 10.04
C LYS KB 367 57.55 -20.86 11.45
N ILE KB 368 58.40 -21.30 12.37
CA ILE KB 368 58.03 -21.42 13.77
C ILE KB 368 58.09 -20.05 14.42
N LYS KB 369 58.36 -19.02 13.61
CA LYS KB 369 58.41 -17.66 14.10
C LYS KB 369 57.43 -16.71 13.43
N ARG KB 370 56.99 -17.03 12.20
CA ARG KB 370 56.25 -16.04 11.42
C ARG KB 370 54.93 -15.66 12.10
N GLN KB 371 54.02 -16.60 12.24
CA GLN KB 371 52.72 -16.33 12.85
C GLN KB 371 52.33 -17.35 13.89
N VAL KB 372 53.13 -18.40 14.11
CA VAL KB 372 52.77 -19.42 15.08
C VAL KB 372 52.68 -18.77 16.45
N GLN KB 373 51.61 -19.08 17.17
CA GLN KB 373 51.15 -18.21 18.26
C GLN KB 373 52.03 -18.33 19.51
N GLU KB 374 52.03 -19.49 20.14
CA GLU KB 374 52.82 -19.71 21.35
C GLU KB 374 53.78 -20.87 21.23
N VAL KB 375 53.62 -21.72 20.22
CA VAL KB 375 54.58 -22.78 19.95
C VAL KB 375 55.96 -22.20 19.69
N LYS KB 376 56.03 -20.98 19.19
CA LYS KB 376 57.31 -20.31 19.07
C LYS KB 376 57.99 -20.23 20.43
N TYR KB 377 59.25 -19.78 20.42
CA TYR KB 377 60.19 -19.94 21.53
C TYR KB 377 60.70 -21.37 21.58
N SER KB 378 60.13 -22.25 20.76
CA SER KB 378 60.62 -23.61 20.71
C SER KB 378 61.97 -23.67 20.01
N ASN KB 379 62.76 -24.68 20.37
CA ASN KB 379 64.08 -24.88 19.79
C ASN KB 379 63.98 -25.99 18.76
N ALA KB 380 64.30 -25.65 17.51
CA ALA KB 380 64.24 -26.61 16.41
C ALA KB 380 65.63 -27.20 16.21
N VAL KB 381 65.85 -28.40 16.76
CA VAL KB 381 67.10 -29.12 16.61
C VAL KB 381 67.21 -29.62 15.18
N VAL KB 382 68.38 -30.13 14.80
CA VAL KB 382 68.62 -30.65 13.47
C VAL KB 382 69.35 -31.97 13.60
N VAL KB 383 68.87 -32.99 12.89
CA VAL KB 383 69.31 -34.37 13.11
C VAL KB 383 69.31 -35.12 11.80
N SER KB 384 70.20 -36.10 11.68
CA SER KB 384 70.11 -37.13 10.66
C SER KB 384 70.44 -38.46 11.30
N ALA KB 385 69.59 -39.47 11.11
CA ALA KB 385 69.82 -40.79 11.75
C ALA KB 385 71.12 -41.42 11.27
N HIS KB 386 71.17 -41.85 10.01
CA HIS KB 386 72.38 -42.54 9.52
C HIS KB 386 73.62 -41.78 10.03
N THR KB 387 73.57 -40.46 9.95
CA THR KB 387 74.74 -39.63 10.19
C THR KB 387 75.03 -39.50 11.67
N GLY KB 388 73.99 -39.36 12.50
CA GLY KB 388 74.16 -39.14 13.95
C GLY KB 388 74.21 -37.67 14.31
N MET KB 389 73.78 -36.81 13.40
CA MET KB 389 74.19 -35.41 13.32
C MET KB 389 74.21 -34.77 14.69
N ASN KB 390 73.10 -34.85 15.43
CA ASN KB 390 73.04 -34.22 16.73
C ASN KB 390 72.31 -35.05 17.77
N LEU KB 391 72.16 -36.35 17.50
CA LEU KB 391 71.32 -37.19 18.37
C LEU KB 391 71.77 -37.08 19.82
N THR KB 392 73.02 -36.70 20.09
CA THR KB 392 73.45 -36.45 21.46
C THR KB 392 72.95 -35.10 21.95
N LEU KB 393 73.07 -34.07 21.11
CA LEU KB 393 72.47 -32.77 21.42
C LEU KB 393 70.96 -32.89 21.58
N LEU KB 394 70.34 -33.78 20.81
CA LEU KB 394 68.91 -34.02 20.95
C LEU KB 394 68.58 -34.54 22.34
N MET KB 395 69.44 -35.38 22.91
CA MET KB 395 69.22 -35.86 24.27
C MET KB 395 69.25 -34.71 25.27
N ASP KB 396 69.97 -33.64 24.96
CA ASP KB 396 70.07 -32.52 25.88
C ASP KB 396 68.81 -31.67 25.86
N GLN KB 397 68.24 -31.43 24.67
CA GLN KB 397 67.01 -30.64 24.58
C GLN KB 397 65.89 -31.31 25.36
N VAL KB 398 65.71 -32.61 25.15
CA VAL KB 398 64.64 -33.32 25.85
C VAL KB 398 64.88 -33.33 27.34
N LEU KB 399 66.12 -33.64 27.76
CA LEU KB 399 66.43 -33.65 29.18
C LEU KB 399 66.30 -32.28 29.81
N GLU KB 400 66.47 -31.21 29.02
CA GLU KB 400 66.29 -29.88 29.56
C GLU KB 400 64.82 -29.51 29.65
N LEU KB 401 64.05 -29.85 28.63
CA LEU KB 401 62.63 -29.49 28.62
C LEU KB 401 61.91 -30.07 29.83
N TYR KB 402 62.17 -31.34 30.13
CA TYR KB 402 61.59 -31.91 31.35
C TYR KB 402 62.06 -31.18 32.60
N ASP KB 403 63.19 -30.48 32.54
CA ASP KB 403 63.58 -29.64 33.67
C ASP KB 403 62.78 -28.35 33.72
N THR KB 404 62.34 -27.85 32.56
CA THR KB 404 61.45 -26.70 32.52
C THR KB 404 59.99 -27.08 32.62
N TRP KB 405 59.63 -28.30 32.21
CA TRP KB 405 58.30 -28.82 32.43
C TRP KB 405 58.01 -29.07 33.89
N ASN KB 406 58.99 -28.84 34.75
CA ASN KB 406 58.78 -28.88 36.20
C ASN KB 406 59.65 -27.79 36.80
N LYS KB 407 59.06 -26.62 37.02
CA LYS KB 407 59.80 -25.47 37.54
C LYS KB 407 58.82 -24.57 38.24
N ARG KB 408 59.05 -24.32 39.52
CA ARG KB 408 58.16 -23.50 40.33
C ARG KB 408 58.86 -22.20 40.69
N VAL KB 409 58.12 -21.10 40.61
CA VAL KB 409 58.62 -19.77 40.91
C VAL KB 409 58.04 -19.31 42.23
N ARG KB 410 58.85 -18.64 43.03
CA ARG KB 410 58.40 -18.17 44.33
C ARG KB 410 57.27 -17.16 44.14
N ARG KB 411 56.20 -17.33 44.94
CA ARG KB 411 55.04 -16.46 44.84
C ARG KB 411 55.41 -14.98 44.88
N SER KB 412 56.48 -14.64 45.59
CA SER KB 412 56.90 -13.24 45.66
C SER KB 412 57.50 -12.79 44.35
N GLU KB 413 58.46 -13.56 43.82
CA GLU KB 413 59.18 -13.14 42.62
C GLU KB 413 58.24 -12.87 41.45
N LEU KB 414 57.12 -13.60 41.38
CA LEU KB 414 56.13 -13.35 40.34
C LEU KB 414 55.50 -11.97 40.51
N THR KB 415 54.95 -11.71 41.70
CA THR KB 415 54.20 -10.48 41.91
C THR KB 415 55.10 -9.26 41.73
N LYS KB 416 56.30 -9.29 42.32
CA LYS KB 416 57.23 -8.19 42.17
C LYS KB 416 57.74 -8.04 40.75
N PHE KB 417 57.26 -8.88 39.83
CA PHE KB 417 57.61 -8.81 38.42
C PHE KB 417 56.43 -8.37 37.57
N TRP KB 418 55.22 -8.78 37.93
CA TRP KB 418 54.08 -8.39 37.10
C TRP KB 418 53.74 -6.92 37.25
N ARG KB 419 53.77 -6.39 38.48
CA ARG KB 419 53.49 -4.98 38.65
C ARG KB 419 54.43 -4.14 37.82
N LYS KB 420 55.70 -4.55 37.73
CA LYS KB 420 56.63 -3.88 36.84
C LYS KB 420 56.28 -4.06 35.38
N LEU KB 421 55.54 -5.13 35.03
CA LEU KB 421 54.91 -5.18 33.72
C LEU KB 421 53.77 -4.19 33.64
N GLU KB 422 52.77 -4.34 34.52
CA GLU KB 422 51.61 -3.47 34.48
C GLU KB 422 51.97 -2.00 34.63
N LYS KB 423 53.16 -1.67 35.13
CA LYS KB 423 53.60 -0.30 35.06
C LYS KB 423 53.83 0.13 33.61
N SER KB 424 54.28 -0.78 32.75
CA SER KB 424 54.47 -0.49 31.33
C SER KB 424 53.83 -1.59 30.48
N VAL KB 425 52.53 -1.47 30.25
CA VAL KB 425 51.82 -2.17 29.20
C VAL KB 425 50.80 -1.19 28.65
N ILE KB 426 50.43 -1.37 27.39
CA ILE KB 426 49.55 -0.43 26.71
C ILE KB 426 48.10 -0.94 26.68
N ILE KB 427 47.73 -1.78 27.64
CA ILE KB 427 46.33 -2.17 27.82
C ILE KB 427 45.59 -0.98 28.43
N PRO KB 428 44.61 -0.40 27.72
CA PRO KB 428 44.00 0.86 28.17
C PRO KB 428 42.83 0.72 29.14
N TYR KB 429 42.66 -0.44 29.77
CA TYR KB 429 41.66 -0.71 30.82
C TYR KB 429 40.23 -0.67 30.31
N HIS KB 430 40.00 -0.35 29.05
CA HIS KB 430 38.69 -0.64 28.48
C HIS KB 430 38.68 -2.03 27.85
N VAL KB 431 39.80 -2.43 27.25
CA VAL KB 431 39.94 -3.81 26.83
C VAL KB 431 39.87 -4.73 28.03
N ALA KB 432 40.46 -4.31 29.15
CA ALA KB 432 40.47 -5.11 30.36
C ALA KB 432 40.18 -4.16 31.52
N ARG KB 433 38.90 -4.04 31.86
CA ARG KB 433 38.52 -3.36 33.08
C ARG KB 433 39.21 -3.94 34.30
N VAL KB 434 39.81 -5.12 34.17
CA VAL KB 434 40.56 -5.73 35.25
C VAL KB 434 41.72 -4.82 35.66
N GLY KB 435 42.07 -4.89 36.92
CA GLY KB 435 43.13 -4.07 37.47
C GLY KB 435 44.42 -4.84 37.69
N ARG KB 436 45.15 -4.43 38.72
CA ARG KB 436 46.40 -5.09 39.07
C ARG KB 436 46.19 -6.58 39.28
N ILE KB 437 46.83 -7.39 38.45
CA ILE KB 437 46.74 -8.82 38.66
C ILE KB 437 47.42 -9.07 40.00
N THR KB 438 46.62 -9.31 41.04
CA THR KB 438 47.08 -9.09 42.40
C THR KB 438 48.28 -9.94 42.77
N GLN KB 439 48.10 -11.26 42.86
CA GLN KB 439 49.19 -12.15 43.24
C GLN KB 439 49.13 -13.37 42.32
N ILE KB 440 49.86 -13.29 41.21
CA ILE KB 440 50.01 -14.44 40.35
C ILE KB 440 50.80 -15.49 41.11
N SER KB 441 50.13 -16.58 41.46
CA SER KB 441 50.84 -17.72 42.07
C SER KB 441 51.11 -18.78 41.01
N THR KB 442 52.04 -19.70 41.26
CA THR KB 442 52.22 -20.82 40.31
C THR KB 442 51.75 -22.09 41.02
N ARG KB 443 50.57 -22.61 40.68
CA ARG KB 443 50.13 -23.89 41.28
C ARG KB 443 50.97 -25.07 40.78
N PRO KB 444 51.17 -25.30 39.46
CA PRO KB 444 52.06 -26.34 38.93
C PRO KB 444 52.96 -25.87 37.78
N PRO KB 445 52.99 -26.56 36.59
CA PRO KB 445 53.74 -26.09 35.43
C PRO KB 445 53.17 -24.75 34.97
N THR KB 446 51.86 -24.53 35.20
CA THR KB 446 51.19 -23.30 34.72
C THR KB 446 50.56 -22.48 35.86
N PHE KB 447 50.90 -21.19 35.93
CA PHE KB 447 50.42 -20.29 37.02
C PHE KB 447 48.93 -19.99 36.88
N LEU KB 448 48.41 -19.28 37.88
CA LEU KB 448 47.06 -18.74 37.98
C LEU KB 448 47.09 -17.23 38.17
N LEU KB 449 46.04 -16.56 37.70
CA LEU KB 449 45.91 -15.11 37.79
C LEU KB 449 44.85 -14.75 38.82
N GLN KB 450 45.11 -13.72 39.62
CA GLN KB 450 44.13 -13.24 40.59
C GLN KB 450 43.97 -11.74 40.42
N LEU KB 451 42.77 -11.31 40.06
CA LEU KB 451 42.53 -9.96 39.59
C LEU KB 451 42.32 -8.99 40.76
N GLN KB 452 42.53 -7.71 40.48
CA GLN KB 452 42.54 -6.71 41.53
C GLN KB 452 41.14 -6.46 42.06
N THR KB 453 40.74 -7.23 43.07
CA THR KB 453 39.52 -6.95 43.85
C THR KB 453 38.34 -6.60 42.95
N LYS KB 454 38.27 -7.22 41.77
CA LYS KB 454 37.28 -6.79 40.79
C LYS KB 454 35.88 -7.22 41.18
N LYS KB 455 35.68 -8.53 41.42
CA LYS KB 455 34.37 -9.08 41.74
C LYS KB 455 33.37 -8.76 40.63
N GLU KB 456 33.82 -8.91 39.39
CA GLU KB 456 33.10 -8.48 38.19
C GLU KB 456 33.41 -9.50 37.09
N GLU KB 457 33.24 -9.10 35.83
CA GLU KB 457 33.58 -9.97 34.71
C GLU KB 457 35.01 -10.49 34.86
N SER KB 458 35.17 -11.80 34.72
CA SER KB 458 36.38 -12.48 35.18
C SER KB 458 37.51 -12.49 34.15
N GLN KB 459 37.23 -13.02 32.96
CA GLN KB 459 38.28 -13.36 32.00
C GLN KB 459 39.07 -12.14 31.56
N LEU KB 460 40.16 -12.40 30.85
CA LEU KB 460 40.96 -11.42 30.14
C LEU KB 460 40.99 -11.76 28.66
N PRO KB 461 41.21 -10.78 27.79
CA PRO KB 461 41.19 -11.04 26.35
C PRO KB 461 42.31 -11.98 25.93
N LYS KB 462 42.17 -12.51 24.72
CA LYS KB 462 43.25 -13.33 24.17
C LYS KB 462 44.49 -12.49 23.92
N ALA KB 463 44.32 -11.23 23.51
CA ALA KB 463 45.48 -10.38 23.29
C ALA KB 463 46.22 -10.14 24.59
N LEU KB 464 45.50 -9.92 25.68
CA LEU KB 464 46.10 -9.73 26.98
C LEU KB 464 46.37 -11.04 27.71
N GLN KB 465 45.97 -12.17 27.13
CA GLN KB 465 46.29 -13.47 27.72
C GLN KB 465 47.71 -13.89 27.35
N GLU KB 466 47.98 -14.05 26.06
CA GLU KB 466 49.32 -14.45 25.64
C GLU KB 466 50.37 -13.41 25.99
N MET KB 467 50.02 -12.13 25.91
CA MET KB 467 50.98 -11.09 26.29
C MET KB 467 51.44 -11.28 27.73
N MET KB 468 50.67 -11.96 28.56
CA MET KB 468 51.16 -12.35 29.86
C MET KB 468 52.08 -13.57 29.76
N LYS KB 469 51.68 -14.57 28.96
CA LYS KB 469 52.51 -15.77 28.83
C LYS KB 469 53.77 -15.49 28.04
N ASN KB 470 53.71 -14.56 27.07
CA ASN KB 470 54.93 -14.16 26.39
C ASN KB 470 55.94 -13.60 27.38
N ALA KB 471 55.47 -12.81 28.34
CA ALA KB 471 56.37 -12.22 29.31
C ALA KB 471 56.99 -13.27 30.21
N ILE KB 472 56.20 -14.25 30.64
CA ILE KB 472 56.69 -15.24 31.59
C ILE KB 472 57.85 -16.01 30.99
N THR KB 473 57.59 -16.70 29.87
CA THR KB 473 58.61 -17.55 29.27
C THR KB 473 59.90 -16.79 29.00
N GLU KB 474 59.82 -15.51 28.71
CA GLU KB 474 61.03 -14.72 28.53
C GLU KB 474 61.79 -14.58 29.83
N GLU KB 475 61.11 -14.12 30.88
CA GLU KB 475 61.83 -13.78 32.11
C GLU KB 475 62.37 -15.01 32.81
N PHE KB 476 61.52 -16.03 32.98
CA PHE KB 476 61.90 -17.20 33.75
C PHE KB 476 62.58 -18.28 32.92
N GLY KB 477 62.54 -18.17 31.60
CA GLY KB 477 63.15 -19.18 30.76
C GLY KB 477 62.33 -20.42 30.59
N PHE KB 478 61.02 -20.34 30.82
CA PHE KB 478 60.10 -21.45 30.63
C PHE KB 478 60.01 -21.91 29.18
N ARG KB 479 60.73 -21.28 28.26
CA ARG KB 479 60.60 -21.61 26.84
C ARG KB 479 61.00 -23.03 26.52
N GLY KB 480 61.43 -23.81 27.51
CA GLY KB 480 61.52 -25.25 27.35
C GLY KB 480 60.18 -25.78 26.90
N VAL KB 481 59.18 -25.70 27.78
CA VAL KB 481 57.80 -25.86 27.36
C VAL KB 481 57.21 -24.45 27.26
N PRO KB 482 57.22 -23.85 26.08
CA PRO KB 482 56.79 -22.45 25.96
C PRO KB 482 55.32 -22.23 26.29
N LEU KB 483 54.64 -23.29 26.76
CA LEU KB 483 53.19 -23.26 26.94
C LEU KB 483 52.82 -23.54 28.38
N ARG KB 484 52.11 -22.59 28.99
CA ARG KB 484 51.51 -22.74 30.30
C ARG KB 484 50.01 -22.51 30.18
N LEU KB 485 49.28 -23.02 31.17
CA LEU KB 485 47.83 -22.91 31.22
C LEU KB 485 47.51 -21.88 32.31
N VAL KB 486 47.34 -20.63 31.91
CA VAL KB 486 47.07 -19.55 32.85
C VAL KB 486 45.58 -19.57 33.20
N GLN KB 487 45.29 -19.54 34.49
CA GLN KB 487 43.92 -19.67 34.99
C GLN KB 487 43.56 -18.45 35.83
N GLU KB 488 42.32 -17.98 35.68
CA GLU KB 488 41.90 -16.72 36.28
C GLU KB 488 40.76 -16.94 37.25
N VAL KB 489 40.68 -16.06 38.26
CA VAL KB 489 39.65 -16.16 39.29
C VAL KB 489 39.62 -14.82 40.01
N LYS KB 490 38.45 -14.47 40.53
CA LYS KB 490 38.25 -13.22 41.25
C LYS KB 490 38.37 -13.46 42.75
N ASP KB 491 38.39 -12.36 43.50
CA ASP KB 491 38.43 -12.43 44.95
C ASP KB 491 37.03 -12.72 45.48
N SER KB 492 36.91 -13.79 46.26
CA SER KB 492 35.61 -14.27 46.68
C SER KB 492 35.04 -13.38 47.78
N ASN KB 493 33.94 -13.81 48.38
CA ASN KB 493 33.35 -13.10 49.51
C ASN KB 493 32.98 -14.10 50.61
N SER LB 93 3.22 -18.91 36.73
CA SER LB 93 2.78 -17.55 36.45
C SER LB 93 1.29 -17.42 36.72
N PRO LB 94 0.85 -16.25 37.17
CA PRO LB 94 -0.58 -16.04 37.38
C PRO LB 94 -1.33 -15.89 36.07
N ALA LB 95 -0.79 -15.08 35.16
CA ALA LB 95 -1.42 -14.88 33.86
C ALA LB 95 -1.02 -16.03 32.96
N ARG LB 96 -1.16 -17.23 33.49
CA ARG LB 96 -0.78 -18.51 32.91
C ARG LB 96 -1.19 -19.53 33.95
N THR LB 97 -1.07 -20.81 33.60
CA THR LB 97 -1.56 -21.89 34.45
C THR LB 97 -3.07 -21.77 34.63
N ALA LB 98 -3.66 -20.73 34.04
CA ALA LB 98 -5.10 -20.73 33.81
C ALA LB 98 -5.42 -21.55 32.57
N GLN LB 99 -4.72 -21.26 31.47
CA GLN LB 99 -4.77 -22.12 30.30
C GLN LB 99 -3.86 -23.32 30.49
N SER LB 100 -4.04 -24.04 31.59
CA SER LB 100 -3.28 -25.25 31.88
C SER LB 100 -3.97 -26.04 32.97
N PRO LB 101 -4.27 -27.32 32.76
CA PRO LB 101 -4.91 -28.11 33.80
C PRO LB 101 -3.99 -28.27 35.01
N LEU LB 102 -4.55 -28.89 36.05
CA LEU LB 102 -3.93 -29.09 37.37
C LEU LB 102 -3.86 -27.76 38.10
N LEU LB 103 -4.13 -26.67 37.40
CA LEU LB 103 -4.08 -25.35 37.98
C LEU LB 103 -5.28 -24.58 37.47
N ALA LB 104 -5.28 -23.27 37.74
CA ALA LB 104 -6.44 -22.39 37.57
C ALA LB 104 -7.49 -22.71 38.63
N LYS LB 105 -7.26 -23.79 39.37
CA LYS LB 105 -7.87 -24.43 40.52
C LYS LB 105 -7.06 -24.10 41.76
N PRO LB 106 -7.73 -23.80 42.87
CA PRO LB 106 -7.03 -23.21 44.00
C PRO LB 106 -5.88 -24.07 44.49
N VAL LB 107 -4.84 -23.39 44.96
CA VAL LB 107 -3.66 -24.03 45.53
C VAL LB 107 -3.75 -23.88 47.03
N LYS LB 108 -3.81 -25.00 47.76
CA LYS LB 108 -4.00 -24.93 49.20
C LYS LB 108 -2.78 -24.27 49.82
N THR LB 109 -2.94 -23.01 50.21
CA THR LB 109 -1.92 -22.22 50.86
C THR LB 109 -2.22 -21.98 52.34
N LYS LB 110 -3.12 -22.76 52.91
CA LYS LB 110 -3.49 -22.59 54.31
C LYS LB 110 -2.35 -23.05 55.20
N VAL LB 111 -1.50 -22.10 55.60
CA VAL LB 111 -0.41 -22.40 56.54
C VAL LB 111 -0.99 -22.83 57.87
N VAL LB 112 -0.39 -23.86 58.46
CA VAL LB 112 -0.73 -24.26 59.83
C VAL LB 112 0.43 -24.11 60.80
N ASP LB 113 1.66 -23.93 60.32
CA ASP LB 113 2.78 -23.32 61.02
C ASP LB 113 3.31 -24.08 62.23
N ASN LB 114 2.64 -25.14 62.69
CA ASN LB 114 3.23 -25.96 63.77
C ASN LB 114 2.70 -27.40 63.73
N PHE LB 115 3.44 -28.34 64.31
CA PHE LB 115 3.06 -29.76 64.11
C PHE LB 115 1.80 -30.06 64.92
N ALA LB 116 1.67 -29.45 66.08
CA ALA LB 116 0.49 -29.71 66.92
C ALA LB 116 -0.76 -29.42 66.09
N ASP LB 117 -0.88 -28.19 65.61
CA ASP LB 117 -2.10 -27.77 64.92
C ASP LB 117 -2.33 -28.45 63.58
N MET LB 118 -1.37 -29.22 63.08
CA MET LB 118 -1.62 -30.12 61.97
C MET LB 118 -2.17 -31.47 62.44
N LEU LB 119 -2.34 -31.64 63.75
CA LEU LB 119 -2.95 -32.80 64.37
C LEU LB 119 -2.13 -34.07 64.21
N VAL LB 120 -0.85 -33.96 63.88
CA VAL LB 120 -0.02 -35.15 63.80
C VAL LB 120 0.16 -35.72 65.20
N THR LB 121 -0.02 -37.04 65.32
CA THR LB 121 -0.15 -37.66 66.62
C THR LB 121 1.12 -37.47 67.45
N PRO LB 122 0.97 -37.30 68.77
CA PRO LB 122 2.15 -37.17 69.64
C PRO LB 122 3.02 -38.41 69.65
N ALA LB 123 2.51 -39.55 69.15
CA ALA LB 123 3.37 -40.70 68.92
C ALA LB 123 4.24 -40.52 67.69
N LEU LB 124 3.96 -39.52 66.86
CA LEU LB 124 4.79 -39.17 65.72
C LEU LB 124 5.62 -37.91 65.95
N GLN LB 125 5.13 -36.97 66.76
CA GLN LB 125 5.94 -35.81 67.11
C GLN LB 125 7.13 -36.23 67.96
N GLU LB 126 6.91 -37.14 68.92
CA GLU LB 126 8.01 -37.67 69.71
C GLU LB 126 9.08 -38.31 68.83
N ALA LB 127 8.67 -38.90 67.71
CA ALA LB 127 9.64 -39.48 66.78
C ALA LB 127 10.22 -38.42 65.86
N LEU LB 128 9.47 -37.37 65.57
CA LEU LB 128 9.98 -36.29 64.74
C LEU LB 128 11.02 -35.48 65.51
N ALA LB 129 10.63 -34.93 66.66
CA ALA LB 129 11.58 -34.23 67.51
C ALA LB 129 12.76 -35.12 67.87
N ASP LB 130 12.54 -36.43 67.89
CA ASP LB 130 13.64 -37.38 68.04
C ASP LB 130 14.65 -37.22 66.92
N MET LB 131 14.15 -36.90 65.72
CA MET LB 131 15.04 -36.80 64.53
C MET LB 131 15.77 -35.45 64.55
N GLY LB 132 15.06 -34.40 64.95
CA GLY LB 132 15.62 -33.05 65.11
C GLY LB 132 14.69 -32.00 64.54
N VAL LB 133 13.50 -32.41 64.11
CA VAL LB 133 12.55 -31.48 63.46
C VAL LB 133 11.67 -30.87 64.54
N SER LB 134 11.73 -29.55 64.68
CA SER LB 134 10.86 -28.84 65.65
C SER LB 134 9.84 -27.98 64.91
N THR LB 135 10.28 -27.26 63.87
CA THR LB 135 9.35 -26.31 63.23
C THR LB 135 9.05 -26.77 61.81
N PRO LB 136 7.78 -26.73 61.36
CA PRO LB 136 7.43 -27.15 60.02
C PRO LB 136 7.95 -26.14 58.99
N SER LB 137 8.54 -26.64 57.91
CA SER LB 137 9.05 -25.74 56.84
C SER LB 137 7.87 -25.25 56.03
N PRO LB 138 8.03 -24.40 54.96
CA PRO LB 138 6.93 -23.80 54.25
C PRO LB 138 6.09 -24.89 53.57
N ILE LB 139 6.70 -25.84 52.88
CA ILE LB 139 5.92 -26.87 52.11
C ILE LB 139 5.19 -27.75 53.11
N GLN LB 140 5.88 -28.10 54.18
CA GLN LB 140 5.29 -29.02 55.18
C GLN LB 140 4.03 -28.37 55.70
N GLN LB 141 4.11 -27.14 56.17
CA GLN LB 141 2.97 -26.55 56.91
C GLN LB 141 1.67 -26.83 56.17
N THR LB 142 1.67 -26.59 54.86
CA THR LB 142 0.49 -26.45 54.02
C THR LB 142 0.03 -27.75 53.40
N ALA LB 143 0.91 -28.72 53.23
CA ALA LB 143 0.57 -29.96 52.54
C ALA LB 143 0.53 -31.16 53.45
N ILE LB 144 0.78 -31.01 54.75
CA ILE LB 144 0.71 -32.16 55.63
C ILE LB 144 -0.72 -32.44 56.06
N GLU LB 145 -1.51 -31.40 56.28
CA GLU LB 145 -2.92 -31.61 56.52
C GLU LB 145 -3.75 -31.63 55.24
N ALA LB 146 -3.17 -31.24 54.10
CA ALA LB 146 -3.79 -31.52 52.82
C ALA LB 146 -3.65 -32.97 52.41
N VAL LB 147 -2.81 -33.73 53.11
CA VAL LB 147 -2.80 -35.19 52.98
C VAL LB 147 -3.19 -35.89 54.27
N LEU LB 148 -3.18 -35.20 55.41
CA LEU LB 148 -3.85 -35.75 56.58
C LEU LB 148 -5.34 -35.93 56.31
N GLN LB 149 -5.90 -35.03 55.52
CA GLN LB 149 -7.16 -35.31 54.86
C GLN LB 149 -6.91 -36.14 53.61
N ARG LB 150 -7.96 -36.74 53.08
CA ARG LB 150 -7.75 -37.69 51.98
C ARG LB 150 -7.65 -37.02 50.61
N LYS LB 151 -7.27 -35.75 50.57
CA LYS LB 151 -7.18 -35.00 49.32
C LYS LB 151 -5.97 -35.45 48.51
N ASN LB 152 -6.21 -35.88 47.27
CA ASN LB 152 -5.12 -36.22 46.37
C ASN LB 152 -4.31 -34.97 46.05
N THR LB 153 -3.00 -35.04 46.27
CA THR LB 153 -2.16 -33.86 46.41
C THR LB 153 -1.02 -33.87 45.40
N VAL LB 154 -0.54 -32.67 45.07
CA VAL LB 154 0.66 -32.49 44.27
C VAL LB 154 1.60 -31.59 45.07
N ILE LB 155 2.51 -32.18 45.82
CA ILE LB 155 3.47 -31.43 46.62
C ILE LB 155 4.57 -30.92 45.71
N ALA LB 156 4.81 -29.62 45.72
CA ALA LB 156 5.88 -29.06 44.88
C ALA LB 156 6.67 -28.06 45.71
N ALA LB 157 7.96 -28.29 45.85
CA ALA LB 157 8.79 -27.42 46.69
C ALA LB 157 10.02 -27.02 45.91
N PRO LB 158 11.00 -26.38 46.55
CA PRO LB 158 12.17 -25.94 45.85
C PRO LB 158 13.16 -27.10 45.98
N HIS LB 159 14.24 -26.93 46.73
CA HIS LB 159 15.16 -28.06 46.94
C HIS LB 159 15.50 -28.17 48.43
N GLY LB 160 15.48 -29.38 48.96
CA GLY LB 160 15.75 -29.57 50.41
C GLY LB 160 14.80 -28.74 51.25
N GLU LB 161 13.53 -28.72 50.89
CA GLU LB 161 12.53 -27.92 51.65
C GLU LB 161 11.70 -28.86 52.51
N GLY LB 162 12.09 -30.14 52.62
CA GLY LB 162 11.35 -31.00 53.55
C GLY LB 162 10.31 -31.88 52.91
N LYS LB 163 10.32 -32.01 51.58
CA LYS LB 163 9.24 -32.77 50.90
C LYS LB 163 9.21 -34.21 51.42
N THR LB 164 10.36 -34.82 51.65
CA THR LB 164 10.36 -36.26 52.06
C THR LB 164 9.54 -36.44 53.33
N LEU LB 165 9.69 -35.57 54.32
CA LEU LB 165 8.83 -35.71 55.51
C LEU LB 165 7.42 -35.31 55.08
N ALA LB 166 7.32 -34.28 54.25
CA ALA LB 166 6.00 -33.75 53.85
C ALA LB 166 5.04 -34.87 53.48
N TYR LB 167 5.38 -35.71 52.51
CA TYR LB 167 4.45 -36.75 52.10
C TYR LB 167 4.52 -37.97 53.00
N LEU LB 168 5.70 -38.35 53.45
CA LEU LB 168 5.86 -39.64 54.12
C LEU LB 168 5.22 -39.63 55.51
N LEU LB 169 5.55 -38.61 56.30
CA LEU LB 169 5.07 -38.50 57.67
C LEU LB 169 3.57 -38.70 57.78
N PRO LB 170 2.73 -37.95 57.06
CA PRO LB 170 1.29 -38.11 57.22
C PRO LB 170 0.77 -39.42 56.68
N LEU LB 171 1.48 -40.05 55.75
CA LEU LB 171 1.04 -41.34 55.26
C LEU LB 171 1.26 -42.43 56.28
N TYR LB 172 2.34 -42.35 57.05
CA TYR LB 172 2.47 -43.21 58.23
C TYR LB 172 1.39 -42.88 59.25
N GLN LB 173 1.16 -41.59 59.48
CA GLN LB 173 0.04 -41.15 60.31
C GLN LB 173 -1.26 -41.75 59.82
N ASN LB 174 -1.45 -41.81 58.51
CA ASN LB 174 -2.69 -42.34 57.95
C ASN LB 174 -2.73 -43.85 58.06
N MET LB 175 -1.64 -44.52 57.67
CA MET LB 175 -1.60 -45.98 57.81
C MET LB 175 -1.89 -46.41 59.23
N GLU LB 176 -1.36 -45.69 60.21
CA GLU LB 176 -1.61 -46.07 61.60
C GLU LB 176 -3.08 -45.99 61.95
N LYS LB 177 -3.79 -45.00 61.38
CA LYS LB 177 -5.22 -44.89 61.60
C LYS LB 177 -6.02 -45.85 60.74
N ASP LB 178 -5.35 -46.61 59.86
CA ASP LB 178 -6.04 -47.67 59.14
C ASP LB 178 -6.02 -48.97 59.95
N ARG LB 179 -4.82 -49.45 60.29
CA ARG LB 179 -4.68 -50.73 60.98
C ARG LB 179 -5.28 -50.71 62.37
N ASP LB 180 -5.35 -49.55 63.02
CA ASP LB 180 -5.85 -49.44 64.39
C ASP LB 180 -7.31 -49.05 64.44
N VAL LB 181 -7.68 -47.98 63.75
CA VAL LB 181 -9.04 -47.47 63.85
C VAL LB 181 -10.00 -48.29 62.98
N TYR LB 182 -9.78 -48.28 61.67
CA TYR LB 182 -10.65 -49.06 60.79
C TYR LB 182 -10.43 -50.55 61.00
N LYS LB 183 -9.25 -50.89 61.47
CA LYS LB 183 -8.87 -52.31 61.51
C LYS LB 183 -9.05 -52.89 60.12
N ILE LB 184 -8.33 -52.34 59.15
CA ILE LB 184 -8.35 -52.95 57.79
C ILE LB 184 -7.26 -54.02 57.83
N PRO LB 185 -7.59 -55.31 57.62
CA PRO LB 185 -6.61 -56.37 57.76
C PRO LB 185 -5.42 -56.32 56.79
N LEU LB 186 -4.23 -56.68 57.28
CA LEU LB 186 -2.99 -56.60 56.46
C LEU LB 186 -2.99 -57.60 55.30
N ARG LB 187 -3.40 -58.84 55.53
CA ARG LB 187 -3.39 -59.90 54.49
C ARG LB 187 -1.93 -60.24 54.19
N GLU LB 188 -1.71 -61.16 53.26
CA GLU LB 188 -0.31 -61.50 52.86
C GLU LB 188 0.15 -60.45 51.88
N ARG LB 189 0.13 -60.80 50.60
CA ARG LB 189 0.96 -60.07 49.63
C ARG LB 189 0.44 -58.68 49.32
N ARG LB 190 -0.54 -58.19 50.06
CA ARG LB 190 -1.24 -56.97 49.67
C ARG LB 190 -0.73 -55.80 50.47
N PRO LB 191 0.13 -54.96 49.92
CA PRO LB 191 0.67 -53.84 50.69
C PRO LB 191 -0.31 -52.69 50.78
N ARG LB 192 -0.28 -52.00 51.92
CA ARG LB 192 -1.13 -50.83 52.11
C ARG LB 192 -0.68 -49.66 51.24
N MET LB 193 0.63 -49.48 51.13
CA MET LB 193 1.19 -48.34 50.41
C MET LB 193 2.44 -48.78 49.68
N ILE LB 194 2.61 -48.25 48.48
CA ILE LB 194 3.85 -48.38 47.74
C ILE LB 194 4.51 -47.01 47.71
N LEU LB 195 5.83 -47.01 47.67
CA LEU LB 195 6.56 -45.80 47.35
C LEU LB 195 7.41 -46.04 46.12
N LEU LB 196 7.53 -45.02 45.30
CA LEU LB 196 8.37 -45.10 44.12
C LEU LB 196 9.63 -44.29 44.35
N ALA LB 197 10.66 -44.59 43.58
CA ALA LB 197 11.91 -43.85 43.68
C ALA LB 197 12.78 -44.11 42.47
N PRO LB 198 13.32 -43.08 41.86
CA PRO LB 198 14.05 -43.26 40.59
C PRO LB 198 15.36 -44.03 40.70
N THR LB 199 16.27 -43.65 41.60
CA THR LB 199 17.60 -44.22 41.65
C THR LB 199 17.76 -45.14 42.84
N LYS LB 200 18.68 -46.11 42.71
CA LYS LB 200 18.91 -47.09 43.75
C LYS LB 200 19.44 -46.46 45.02
N GLU LB 201 20.26 -45.42 44.91
CA GLU LB 201 20.75 -44.70 46.08
C GLU LB 201 19.72 -43.73 46.64
N LEU LB 202 18.60 -43.52 45.93
CA LEU LB 202 17.46 -42.78 46.42
C LEU LB 202 16.44 -43.68 47.08
N VAL LB 203 16.26 -44.89 46.54
CA VAL LB 203 15.37 -45.87 47.18
C VAL LB 203 15.79 -46.11 48.61
N GLU LB 204 17.09 -46.33 48.84
CA GLU LB 204 17.55 -46.77 50.14
C GLU LB 204 17.36 -45.71 51.20
N GLN LB 205 17.67 -44.46 50.87
CA GLN LB 205 17.50 -43.38 51.83
C GLN LB 205 16.03 -43.20 52.20
N LEU LB 206 15.14 -43.35 51.23
CA LEU LB 206 13.72 -43.32 51.52
C LEU LB 206 13.28 -44.46 52.42
N GLN LB 207 14.13 -45.48 52.59
CA GLN LB 207 13.80 -46.56 53.50
C GLN LB 207 14.24 -46.25 54.91
N THR LB 208 15.47 -45.78 55.10
CA THR LB 208 15.93 -45.48 56.45
C THR LB 208 15.20 -44.29 57.05
N VAL LB 209 14.85 -43.29 56.25
CA VAL LB 209 14.03 -42.19 56.74
C VAL LB 209 12.65 -42.67 57.10
N CYS LB 210 12.22 -43.76 56.48
CA CYS LB 210 10.94 -44.38 56.85
C CYS LB 210 11.17 -45.47 57.88
N ALA LB 211 12.37 -46.06 57.90
CA ALA LB 211 12.68 -47.02 58.95
C ALA LB 211 12.67 -46.34 60.31
N ARG LB 212 13.21 -45.12 60.39
CA ARG LB 212 13.21 -44.37 61.64
C ARG LB 212 11.81 -44.15 62.19
N LEU LB 213 10.79 -44.43 61.40
CA LEU LB 213 9.42 -44.40 61.88
C LEU LB 213 8.93 -45.82 62.17
N ASP LB 214 9.49 -46.38 63.24
CA ASP LB 214 8.87 -47.48 63.96
C ASP LB 214 8.05 -47.00 65.13
N ALA LB 215 8.09 -45.70 65.42
CA ALA LB 215 7.11 -45.11 66.31
C ALA LB 215 5.71 -45.27 65.75
N ALA LB 216 5.57 -45.15 64.43
CA ALA LB 216 4.40 -45.69 63.75
C ALA LB 216 4.55 -47.19 63.79
N THR LB 217 3.99 -47.81 64.83
CA THR LB 217 4.48 -49.08 65.34
C THR LB 217 4.46 -50.21 64.32
N GLY LB 218 3.26 -50.64 63.95
CA GLY LB 218 3.13 -51.85 63.16
C GLY LB 218 3.72 -51.77 61.77
N LEU LB 219 4.01 -50.58 61.27
CA LEU LB 219 4.41 -50.42 59.89
C LEU LB 219 5.80 -51.00 59.67
N THR LB 220 5.91 -51.97 58.79
CA THR LB 220 7.17 -52.58 58.41
C THR LB 220 7.39 -52.34 56.92
N SER LB 221 8.56 -51.83 56.57
CA SER LB 221 8.86 -51.45 55.21
C SER LB 221 10.05 -52.24 54.69
N VAL LB 222 10.03 -52.57 53.41
CA VAL LB 222 11.13 -53.27 52.75
C VAL LB 222 11.38 -52.60 51.42
N CYS LB 223 12.64 -52.24 51.17
CA CYS LB 223 13.07 -51.72 49.88
C CYS LB 223 13.84 -52.79 49.13
N PHE LB 224 13.85 -52.69 47.82
CA PHE LB 224 14.49 -53.71 47.01
C PHE LB 224 15.05 -53.08 45.75
N THR LB 225 16.25 -53.52 45.38
CA THR LB 225 16.95 -53.05 44.19
C THR LB 225 17.57 -54.25 43.49
N SER LB 226 18.28 -53.99 42.38
CA SER LB 226 18.89 -55.07 41.64
C SER LB 226 19.95 -55.77 42.49
N ARG LB 227 20.21 -57.03 42.15
CA ARG LB 227 21.08 -57.85 42.98
C ARG LB 227 21.68 -58.93 42.08
N LYS LB 228 22.19 -60.01 42.68
CA LYS LB 228 22.56 -61.20 41.94
C LYS LB 228 21.61 -62.32 42.31
N ARG LB 229 21.10 -63.02 41.29
CA ARG LB 229 19.92 -63.88 41.44
C ARG LB 229 18.92 -63.12 42.30
N SER LB 230 18.42 -62.02 41.76
CA SER LB 230 17.52 -61.10 42.45
C SER LB 230 16.07 -61.52 42.33
N LYS LB 231 15.67 -62.05 41.18
CA LYS LB 231 14.35 -62.66 41.08
C LYS LB 231 14.18 -63.72 42.16
N TYR LB 232 15.26 -64.39 42.55
CA TYR LB 232 15.23 -65.21 43.75
C TYR LB 232 15.57 -64.36 44.97
N HIS LB 233 14.96 -63.20 45.05
CA HIS LB 233 15.02 -62.42 46.29
C HIS LB 233 13.71 -61.71 46.53
N LEU LB 234 12.65 -62.06 45.82
CA LEU LB 234 11.29 -61.93 46.31
C LEU LB 234 10.94 -63.04 47.30
N SER LB 235 11.95 -63.79 47.74
CA SER LB 235 11.75 -64.65 48.90
C SER LB 235 11.16 -63.85 50.05
N ARG LB 236 11.52 -62.57 50.15
CA ARG LB 236 10.92 -61.66 51.12
C ARG LB 236 9.56 -61.18 50.67
N MET LB 237 8.92 -61.83 49.71
CA MET LB 237 7.48 -61.77 49.52
C MET LB 237 6.81 -63.03 50.05
N LEU LB 238 7.34 -64.18 49.67
CA LEU LB 238 6.96 -65.44 50.31
C LEU LB 238 7.15 -65.36 51.81
N LYS LB 239 8.21 -64.67 52.23
CA LYS LB 239 8.58 -64.58 53.64
C LYS LB 239 7.83 -63.41 54.29
N ASN LB 240 8.34 -62.96 55.44
CA ASN LB 240 7.63 -62.21 56.46
C ASN LB 240 6.97 -60.91 56.02
N THR LB 241 7.17 -60.49 54.78
CA THR LB 241 6.98 -59.09 54.41
C THR LB 241 5.74 -58.41 54.99
N MET LB 242 4.55 -58.81 54.53
CA MET LB 242 3.31 -58.14 54.87
C MET LB 242 3.49 -56.62 54.92
N ALA LB 243 4.36 -56.10 54.06
CA ALA LB 243 4.94 -54.79 54.29
C ALA LB 243 3.97 -53.70 53.84
N ASP LB 244 3.36 -53.03 54.82
CA ASP LB 244 2.36 -52.01 54.51
C ASP LB 244 2.93 -50.93 53.60
N VAL LB 245 4.22 -50.64 53.73
CA VAL LB 245 4.89 -49.65 52.89
C VAL LB 245 6.03 -50.35 52.17
N LEU LB 246 5.93 -50.39 50.85
CA LEU LB 246 6.85 -51.15 50.01
C LEU LB 246 7.45 -50.17 49.01
N VAL LB 247 8.62 -49.64 49.33
CA VAL LB 247 9.28 -48.66 48.48
C VAL LB 247 10.16 -49.38 47.48
N MET LB 248 9.99 -49.06 46.21
CA MET LB 248 10.72 -49.77 45.15
C MET LB 248 10.67 -48.93 43.88
N ASP LB 249 11.64 -49.19 43.01
CA ASP LB 249 11.60 -48.63 41.67
C ASP LB 249 10.37 -49.16 40.94
N PRO LB 250 9.80 -48.37 40.04
CA PRO LB 250 8.53 -48.77 39.42
C PRO LB 250 8.62 -50.04 38.63
N LYS LB 251 9.74 -50.27 37.93
CA LYS LB 251 9.84 -51.40 37.03
C LYS LB 251 9.73 -52.73 37.75
N LEU LB 252 10.38 -52.87 38.92
CA LEU LB 252 10.30 -54.10 39.68
C LEU LB 252 8.94 -54.34 40.32
N ILE LB 253 8.24 -53.27 40.68
CA ILE LB 253 6.86 -53.44 41.13
C ILE LB 253 6.00 -53.97 40.00
N LEU LB 254 6.17 -53.40 38.79
CA LEU LB 254 5.34 -53.78 37.66
C LEU LB 254 5.48 -55.26 37.34
N ARG LB 255 6.70 -55.81 37.50
CA ARG LB 255 6.87 -57.23 37.23
C ARG LB 255 6.32 -58.09 38.34
N LEU LB 256 6.36 -57.61 39.58
CA LEU LB 256 5.69 -58.34 40.65
C LEU LB 256 4.19 -58.38 40.43
N LEU LB 257 3.64 -57.45 39.66
CA LEU LB 257 2.22 -57.43 39.39
C LEU LB 257 1.86 -58.37 38.25
N ARG LB 258 2.39 -58.10 37.06
CA ARG LB 258 2.02 -58.85 35.86
C ARG LB 258 2.31 -60.34 35.98
N THR LB 259 3.16 -60.75 36.92
CA THR LB 259 3.37 -62.17 37.17
C THR LB 259 2.58 -62.66 38.38
N ARG LB 260 1.67 -61.85 38.89
CA ARG LB 260 0.76 -62.25 39.96
C ARG LB 260 1.52 -62.66 41.23
N ARG LB 261 2.25 -61.69 41.77
CA ARG LB 261 2.86 -61.84 43.08
C ARG LB 261 2.60 -60.67 44.02
N LEU LB 262 1.91 -59.62 43.58
CA LEU LB 262 1.79 -58.41 44.38
C LEU LB 262 0.37 -58.04 44.77
N PHE LB 263 -0.57 -58.02 43.82
CA PHE LB 263 -1.97 -57.79 44.16
C PHE LB 263 -2.28 -56.44 44.81
N ILE LB 264 -2.28 -55.36 44.02
CA ILE LB 264 -2.65 -54.03 44.51
C ILE LB 264 -4.06 -53.99 45.06
N GLU LB 265 -4.72 -55.16 45.12
CA GLU LB 265 -6.08 -55.28 45.64
C GLU LB 265 -6.37 -54.37 46.83
N ASP LB 266 -5.49 -54.34 47.82
CA ASP LB 266 -5.70 -53.54 49.02
C ASP LB 266 -4.71 -52.39 49.11
N LEU LB 267 -4.45 -51.72 47.99
CA LEU LB 267 -3.52 -50.60 47.99
C LEU LB 267 -4.26 -49.36 48.47
N ARG LB 268 -4.05 -48.99 49.73
CA ARG LB 268 -4.77 -47.86 50.28
C ARG LB 268 -4.11 -46.52 49.94
N TYR LB 269 -2.78 -46.48 49.91
CA TYR LB 269 -2.07 -45.24 49.60
C TYR LB 269 -1.13 -45.50 48.42
N PHE LB 270 -1.04 -44.52 47.54
CA PHE LB 270 -0.18 -44.64 46.36
C PHE LB 270 0.63 -43.36 46.26
N ALA LB 271 1.87 -43.39 46.74
CA ALA LB 271 2.74 -42.24 46.70
C ALA LB 271 3.74 -42.36 45.57
N VAL LB 272 4.23 -41.22 45.10
CA VAL LB 272 5.28 -41.15 44.09
C VAL LB 272 6.29 -40.10 44.53
N ASP LB 273 7.57 -40.36 44.30
CA ASP LB 273 8.66 -39.44 44.72
C ASP LB 273 9.50 -39.03 43.51
N GLU LB 274 9.95 -37.78 43.47
CA GLU LB 274 10.69 -37.22 42.31
C GLU LB 274 9.89 -37.48 41.04
N ALA LB 275 8.58 -37.29 41.13
CA ALA LB 275 7.68 -37.59 40.01
C ALA LB 275 8.00 -36.75 38.77
N ASP LB 276 8.66 -35.61 38.95
CA ASP LB 276 8.98 -34.80 37.78
C ASP LB 276 9.56 -35.65 36.67
N ALA LB 277 10.50 -36.53 37.01
CA ALA LB 277 11.16 -37.38 36.03
C ALA LB 277 10.54 -38.76 35.96
N MET LB 278 10.00 -39.27 37.07
CA MET LB 278 9.54 -40.65 37.11
C MET LB 278 8.34 -40.87 36.21
N MET LB 279 7.51 -39.86 36.02
CA MET LB 279 6.30 -39.99 35.19
C MET LB 279 6.58 -39.50 33.77
N SER LB 280 7.57 -40.11 33.13
CA SER LB 280 7.94 -39.67 31.80
C SER LB 280 8.75 -40.75 31.11
N SER LB 281 8.85 -40.62 29.79
CA SER LB 281 9.73 -41.47 29.01
C SER LB 281 11.18 -41.33 29.44
N LEU LB 282 11.51 -40.25 30.13
CA LEU LB 282 12.86 -40.10 30.65
C LEU LB 282 13.23 -41.27 31.52
N HIS LB 283 12.33 -41.71 32.39
CA HIS LB 283 12.68 -42.89 33.15
C HIS LB 283 12.15 -44.15 32.48
N ASP LB 284 10.85 -44.39 32.49
CA ASP LB 284 10.40 -45.50 31.67
C ASP LB 284 8.96 -45.35 31.18
N HIS LB 285 8.31 -44.24 31.53
CA HIS LB 285 6.85 -44.15 31.49
C HIS LB 285 6.21 -45.21 32.35
N ASP LB 286 6.90 -45.68 33.39
CA ASP LB 286 6.38 -46.77 34.20
C ASP LB 286 5.70 -46.31 35.47
N ALA LB 287 5.89 -45.06 35.88
CA ALA LB 287 5.02 -44.51 36.90
C ALA LB 287 3.58 -44.52 36.43
N VAL LB 288 3.33 -43.96 35.24
CA VAL LB 288 2.10 -44.26 34.56
C VAL LB 288 2.12 -45.74 34.14
N GLN LB 289 0.94 -46.26 33.81
CA GLN LB 289 0.70 -47.69 33.64
C GLN LB 289 0.71 -48.39 34.99
N LEU LB 290 1.06 -47.66 36.04
CA LEU LB 290 0.93 -48.16 37.39
C LEU LB 290 -0.12 -47.40 38.17
N LEU LB 291 -0.24 -46.09 37.94
CA LEU LB 291 -1.41 -45.36 38.40
C LEU LB 291 -2.68 -46.03 37.93
N MET LB 292 -2.73 -46.36 36.64
CA MET LB 292 -3.99 -46.77 36.02
C MET LB 292 -4.49 -48.08 36.60
N LYS LB 293 -3.62 -49.10 36.63
CA LYS LB 293 -4.03 -50.35 37.27
C LYS LB 293 -4.51 -50.12 38.69
N VAL LB 294 -3.91 -49.15 39.40
CA VAL LB 294 -4.44 -48.72 40.68
C VAL LB 294 -5.68 -47.88 40.48
N GLN LB 295 -5.66 -47.00 39.49
CA GLN LB 295 -6.81 -46.14 39.22
C GLN LB 295 -8.01 -46.94 38.80
N LYS LB 296 -7.80 -48.10 38.18
CA LYS LB 296 -8.87 -48.93 37.68
C LYS LB 296 -9.30 -49.99 38.67
N ARG LB 297 -8.73 -49.99 39.87
CA ARG LB 297 -9.13 -50.92 40.91
C ARG LB 297 -10.04 -50.28 41.94
N ASN LB 298 -9.77 -49.04 42.32
CA ASN LB 298 -10.66 -48.35 43.24
C ASN LB 298 -11.97 -47.93 42.57
N GLN LB 299 -12.08 -48.10 41.25
CA GLN LB 299 -13.34 -47.94 40.55
C GLN LB 299 -13.82 -49.29 40.02
N PHE LB 300 -13.67 -50.33 40.82
CA PHE LB 300 -14.08 -51.67 40.42
C PHE LB 300 -15.37 -52.14 41.09
N LYS LB 301 -15.73 -51.58 42.24
CA LYS LB 301 -17.05 -51.69 42.84
C LYS LB 301 -17.50 -53.12 43.10
N TYR LB 302 -16.62 -54.10 42.99
CA TYR LB 302 -16.93 -55.46 43.41
C TYR LB 302 -15.99 -55.95 44.50
N LEU LB 303 -15.03 -55.13 44.90
CA LEU LB 303 -14.29 -55.32 46.13
C LEU LB 303 -14.38 -54.03 46.92
N TRP LB 304 -13.99 -54.09 48.18
CA TRP LB 304 -14.27 -53.00 49.11
C TRP LB 304 -13.74 -51.68 48.56
N PRO LB 305 -14.41 -50.57 48.88
CA PRO LB 305 -14.08 -49.26 48.29
C PRO LB 305 -12.83 -48.63 48.90
N VAL LB 306 -11.67 -49.04 48.37
CA VAL LB 306 -10.39 -48.55 48.85
C VAL LB 306 -9.99 -47.38 47.96
N GLN LB 307 -10.34 -46.18 48.37
CA GLN LB 307 -10.04 -44.98 47.59
C GLN LB 307 -8.57 -44.64 47.82
N THR LB 308 -7.73 -45.01 46.87
CA THR LB 308 -6.29 -44.89 47.05
C THR LB 308 -5.89 -43.42 47.00
N GLN LB 309 -5.20 -42.97 48.04
CA GLN LB 309 -4.73 -41.59 48.15
C GLN LB 309 -3.49 -41.43 47.29
N TYR LB 310 -3.61 -40.74 46.17
CA TYR LB 310 -2.46 -40.47 45.31
C TYR LB 310 -1.75 -39.22 45.82
N VAL LB 311 -0.44 -39.32 45.97
CA VAL LB 311 0.40 -38.23 46.48
C VAL LB 311 1.60 -38.10 45.56
N PHE LB 312 1.70 -36.97 44.88
CA PHE LB 312 2.84 -36.69 44.01
C PHE LB 312 3.70 -35.62 44.66
N VAL LB 313 4.99 -35.89 44.77
CA VAL LB 313 5.95 -34.92 45.28
C VAL LB 313 7.02 -34.69 44.23
N THR LB 314 7.15 -33.45 43.80
CA THR LB 314 7.99 -33.10 42.65
C THR LB 314 8.56 -31.69 42.86
N ALA LB 315 9.88 -31.51 42.89
CA ALA LB 315 10.49 -30.17 42.98
C ALA LB 315 10.17 -29.38 41.71
N TYR LB 316 10.20 -30.05 40.57
CA TYR LB 316 9.94 -29.39 39.27
C TYR LB 316 8.49 -29.63 38.83
N MET LB 317 7.85 -28.58 38.31
CA MET LB 317 6.54 -28.61 37.68
C MET LB 317 6.78 -28.63 36.17
N THR LB 318 6.72 -29.82 35.58
CA THR LB 318 6.92 -29.97 34.15
C THR LB 318 5.57 -30.01 33.45
N ARG LB 319 5.60 -29.74 32.15
CA ARG LB 319 4.36 -29.80 31.38
C ARG LB 319 3.80 -31.21 31.34
N LYS LB 320 4.67 -32.21 31.30
CA LYS LB 320 4.20 -33.59 31.36
C LYS LB 320 3.48 -33.85 32.67
N LEU LB 321 4.08 -33.43 33.78
CA LEU LB 321 3.50 -33.70 35.09
C LEU LB 321 2.10 -33.11 35.22
N GLU LB 322 1.81 -32.05 34.48
CA GLU LB 322 0.50 -31.42 34.63
C GLU LB 322 -0.61 -32.34 34.12
N TYR LB 323 -0.50 -32.78 32.87
CA TYR LB 323 -1.65 -33.39 32.22
C TYR LB 323 -1.92 -34.78 32.76
N ILE LB 324 -0.89 -35.59 32.94
CA ILE LB 324 -1.08 -36.94 33.47
C ILE LB 324 -1.53 -36.88 34.92
N VAL LB 325 -1.60 -35.67 35.48
CA VAL LB 325 -2.18 -35.44 36.79
C VAL LB 325 -3.41 -34.54 36.72
N GLY LB 326 -3.34 -33.47 35.94
CA GLY LB 326 -4.48 -32.57 35.86
C GLY LB 326 -5.66 -33.17 35.12
N ARG LB 327 -5.42 -34.10 34.20
CA ARG LB 327 -6.47 -34.62 33.35
C ARG LB 327 -6.98 -36.00 33.76
N LYS LB 328 -6.21 -36.75 34.55
CA LYS LB 328 -6.60 -38.11 34.90
C LYS LB 328 -6.92 -38.28 36.38
N ILE LB 329 -6.18 -37.64 37.26
CA ILE LB 329 -6.41 -37.77 38.69
C ILE LB 329 -7.59 -36.90 39.11
N SER LB 330 -8.27 -37.30 40.18
CA SER LB 330 -9.47 -36.63 40.65
C SER LB 330 -9.16 -35.71 41.82
N ASP LB 331 -9.50 -34.43 41.66
CA ASP LB 331 -9.27 -33.39 42.66
C ASP LB 331 -7.82 -33.39 43.12
N PRO LB 332 -6.88 -33.00 42.29
CA PRO LB 332 -5.49 -32.86 42.75
C PRO LB 332 -5.32 -31.55 43.52
N VAL LB 333 -5.17 -31.67 44.84
CA VAL LB 333 -4.90 -30.50 45.68
C VAL LB 333 -3.46 -30.09 45.46
N THR LB 334 -3.26 -28.96 44.79
CA THR LB 334 -1.93 -28.47 44.49
C THR LB 334 -1.35 -27.78 45.73
N CYS LB 335 -0.03 -27.75 45.80
CA CYS LB 335 0.64 -27.03 46.89
C CYS LB 335 1.80 -26.20 46.37
N MET LB 336 1.73 -25.76 45.12
CA MET LB 336 2.77 -24.92 44.54
C MET LB 336 2.91 -23.61 45.32
N PHE LB 337 4.15 -23.19 45.53
CA PHE LB 337 4.48 -21.93 46.17
C PHE LB 337 5.24 -21.09 45.16
N ARG LB 338 4.48 -20.39 44.30
CA ARG LB 338 5.08 -19.84 43.10
C ARG LB 338 6.11 -18.76 43.37
N GLN LB 339 6.22 -18.27 44.61
CA GLN LB 339 7.21 -17.25 44.91
C GLN LB 339 8.45 -17.81 45.59
N LEU LB 340 8.55 -19.13 45.72
CA LEU LB 340 9.81 -19.81 45.98
C LEU LB 340 9.68 -21.19 45.33
N MET LB 341 10.06 -21.28 44.06
CA MET LB 341 10.02 -22.52 43.31
C MET LB 341 10.66 -22.27 41.96
N HIS LB 342 11.28 -23.32 41.41
CA HIS LB 342 12.04 -23.22 40.17
C HIS LB 342 13.17 -22.21 40.28
N ARG LB 343 13.66 -22.02 41.50
CA ARG LB 343 14.76 -21.14 41.82
C ARG LB 343 15.76 -21.90 42.68
N PRO LB 344 17.05 -21.67 42.48
CA PRO LB 344 18.05 -22.21 43.40
C PRO LB 344 18.00 -21.46 44.72
N GLN LB 345 18.45 -22.12 45.78
CA GLN LB 345 18.28 -21.58 47.12
C GLN LB 345 19.00 -20.24 47.27
N ALA LB 346 18.76 -19.59 48.41
CA ALA LB 346 19.32 -18.27 48.65
C ALA LB 346 20.75 -18.33 49.17
N ARG LB 347 20.99 -19.10 50.23
CA ARG LB 347 22.33 -19.19 50.81
C ARG LB 347 23.31 -19.88 49.89
N LEU LB 348 22.84 -20.51 48.83
CA LEU LB 348 23.73 -21.13 47.86
C LEU LB 348 24.29 -20.06 46.94
N ARG LB 349 25.60 -20.13 46.66
CA ARG LB 349 26.29 -19.14 45.85
C ARG LB 349 26.98 -19.81 44.68
N HIS LB 350 26.92 -19.17 43.51
CA HIS LB 350 27.35 -19.76 42.26
C HIS LB 350 28.62 -19.10 41.75
N ARG LB 351 29.42 -19.87 41.01
CA ARG LB 351 30.67 -19.36 40.43
C ARG LB 351 30.78 -19.86 39.00
N PHE LB 352 31.06 -18.96 38.07
CA PHE LB 352 31.12 -19.29 36.66
C PHE LB 352 32.54 -19.10 36.15
N TYR LB 353 33.14 -20.19 35.67
CA TYR LB 353 34.48 -20.19 35.11
C TYR LB 353 34.37 -20.38 33.60
N ALA LB 354 34.98 -19.48 32.84
CA ALA LB 354 34.96 -19.58 31.39
C ALA LB 354 36.21 -20.32 30.93
N ILE LB 355 36.01 -21.43 30.22
CA ILE LB 355 37.09 -22.31 29.82
C ILE LB 355 37.14 -22.34 28.30
N ARG LB 356 38.29 -22.00 27.74
CA ARG LB 356 38.44 -21.88 26.30
C ARG LB 356 38.89 -23.19 25.65
N ARG LB 357 39.67 -24.00 26.35
CA ARG LB 357 40.30 -25.18 25.77
C ARG LB 357 39.72 -26.44 26.39
N GLU LB 358 39.56 -27.48 25.58
CA GLU LB 358 39.13 -28.78 26.12
C GLU LB 358 39.99 -29.22 27.29
N PRO LB 359 41.32 -29.30 27.19
CA PRO LB 359 42.09 -29.89 28.30
C PRO LB 359 42.31 -28.95 29.46
N GLU LB 360 41.94 -27.68 29.33
CA GLU LB 360 42.11 -26.74 30.43
C GLU LB 360 41.03 -26.90 31.48
N LYS LB 361 39.95 -27.62 31.19
CA LYS LB 361 38.92 -27.85 32.18
C LYS LB 361 39.41 -28.64 33.38
N PHE LB 362 40.67 -29.09 33.36
CA PHE LB 362 41.15 -29.97 34.42
C PHE LB 362 41.86 -29.20 35.54
N THR LB 363 42.87 -28.41 35.19
CA THR LB 363 43.55 -27.60 36.18
C THR LB 363 42.57 -26.77 36.98
N VAL LB 364 41.57 -26.19 36.31
CA VAL LB 364 40.55 -25.42 37.01
C VAL LB 364 39.80 -26.30 38.00
N LEU LB 365 39.79 -27.60 37.79
CA LEU LB 365 39.14 -28.46 38.78
C LEU LB 365 40.05 -28.71 39.96
N MET LB 366 41.33 -29.02 39.71
CA MET LB 366 42.26 -29.25 40.80
C MET LB 366 42.52 -27.98 41.58
N HIS LB 367 42.63 -26.83 40.89
CA HIS LB 367 42.71 -25.57 41.59
C HIS LB 367 41.48 -25.35 42.47
N LEU LB 368 40.32 -25.83 42.02
CA LEU LB 368 39.14 -25.79 42.87
C LEU LB 368 39.23 -26.83 43.96
N LEU LB 369 39.93 -27.92 43.72
CA LEU LB 369 40.06 -29.00 44.69
C LEU LB 369 41.19 -28.75 45.67
N ARG LB 370 41.61 -27.50 45.84
CA ARG LB 370 42.61 -27.13 46.82
C ARG LB 370 41.99 -26.45 48.03
N LYS LB 371 40.84 -26.96 48.49
CA LYS LB 371 40.17 -26.40 49.64
C LYS LB 371 40.26 -27.28 50.88
N ASN LB 372 40.98 -28.41 50.80
CA ASN LB 372 41.56 -29.06 51.97
C ASN LB 372 40.49 -29.43 53.02
N GLY LB 373 39.63 -30.37 52.64
CA GLY LB 373 38.58 -30.85 53.53
C GLY LB 373 38.79 -32.30 53.98
N HIS LB 374 38.43 -32.58 55.23
CA HIS LB 374 38.44 -33.95 55.75
C HIS LB 374 37.60 -33.99 57.02
N VAL LB 375 36.74 -35.00 57.12
CA VAL LB 375 35.74 -35.12 58.18
C VAL LB 375 35.94 -36.45 58.91
N PRO LB 376 35.35 -36.65 60.08
CA PRO LB 376 35.41 -37.97 60.71
C PRO LB 376 34.74 -39.10 59.93
N LEU LB 377 33.40 -39.05 59.86
CA LEU LB 377 32.58 -40.06 59.19
C LEU LB 377 31.37 -39.43 58.53
N PRO LB 378 31.51 -38.19 58.08
CA PRO LB 378 30.41 -37.46 57.49
C PRO LB 378 29.24 -37.30 58.44
N PHE LB 503 48.46 -36.41 49.26
CA PHE LB 503 49.33 -35.69 48.36
C PHE LB 503 48.63 -34.45 47.79
N ALA LB 504 47.30 -34.46 47.89
CA ALA LB 504 46.50 -33.30 47.56
C ALA LB 504 45.24 -33.36 48.40
N GLU LB 505 44.59 -32.20 48.59
CA GLU LB 505 43.61 -32.03 49.66
C GLU LB 505 42.39 -31.27 49.16
N GLY LB 506 41.28 -31.98 48.96
CA GLY LB 506 40.03 -31.38 48.54
C GLY LB 506 38.98 -31.36 49.63
N ARG LB 507 37.94 -30.53 49.48
CA ARG LB 507 36.90 -30.37 50.49
C ARG LB 507 35.80 -31.39 50.24
N ARG LB 508 34.63 -31.20 50.84
CA ARG LB 508 33.44 -31.99 50.51
C ARG LB 508 32.89 -31.49 49.18
N THR LB 509 32.77 -32.39 48.20
CA THR LB 509 32.55 -31.93 46.85
C THR LB 509 32.04 -33.07 45.99
N ILE LB 510 31.21 -32.72 45.02
CA ILE LB 510 30.77 -33.64 43.97
C ILE LB 510 31.12 -33.01 42.63
N ILE LB 511 31.57 -33.83 41.70
CA ILE LB 511 31.93 -33.37 40.37
C ILE LB 511 31.01 -34.06 39.38
N PHE LB 512 30.19 -33.27 38.69
CA PHE LB 512 29.13 -33.79 37.83
C PHE LB 512 29.57 -33.75 36.38
N PHE LB 513 29.46 -34.88 35.69
CA PHE LB 513 30.02 -35.03 34.35
C PHE LB 513 28.93 -35.23 33.30
N ARG LB 514 29.32 -34.95 32.06
CA ARG LB 514 28.41 -35.05 30.92
C ARG LB 514 28.08 -36.48 30.55
N ASN LB 515 28.85 -37.44 31.06
CA ASN LB 515 28.75 -38.82 30.57
C ASN LB 515 29.63 -39.69 31.45
N ILE LB 516 29.27 -40.98 31.53
CA ILE LB 516 30.06 -41.93 32.31
C ILE LB 516 31.29 -42.43 31.55
N ASP LB 517 31.38 -42.18 30.25
CA ASP LB 517 32.66 -42.31 29.58
C ASP LB 517 33.68 -41.40 30.23
N ALA LB 518 33.29 -40.16 30.50
CA ALA LB 518 34.18 -39.17 31.09
C ALA LB 518 34.21 -39.21 32.60
N THR LB 519 33.13 -39.63 33.27
CA THR LB 519 33.12 -39.61 34.72
C THR LB 519 34.18 -40.52 35.33
N THR LB 520 34.69 -41.49 34.57
CA THR LB 520 35.79 -42.30 35.05
C THR LB 520 37.13 -41.83 34.50
N ALA LB 521 37.13 -41.23 33.31
CA ALA LB 521 38.34 -40.65 32.78
C ALA LB 521 38.95 -39.66 33.76
N VAL LB 522 38.17 -38.62 34.10
CA VAL LB 522 38.66 -37.65 35.07
C VAL LB 522 38.90 -38.31 36.41
N PHE LB 523 38.04 -39.26 36.79
CA PHE LB 523 38.21 -39.94 38.07
C PHE LB 523 39.60 -40.52 38.19
N HIS LB 524 40.05 -41.26 37.18
CA HIS LB 524 41.38 -41.82 37.24
C HIS LB 524 42.43 -40.74 37.14
N GLN LB 525 42.16 -39.67 36.40
CA GLN LB 525 43.11 -38.57 36.33
C GLN LB 525 43.27 -37.90 37.68
N LEU LB 526 42.16 -37.70 38.39
CA LEU LB 526 42.24 -37.18 39.75
C LEU LB 526 43.03 -38.11 40.65
N ARG LB 527 42.59 -39.36 40.74
CA ARG LB 527 43.23 -40.34 41.60
C ARG LB 527 44.73 -40.43 41.33
N SER LB 528 45.11 -40.60 40.05
CA SER LB 528 46.51 -40.65 39.69
C SER LB 528 47.22 -39.31 39.87
N ALA LB 529 46.50 -38.25 40.25
CA ALA LB 529 47.12 -37.00 40.61
C ALA LB 529 47.25 -36.81 42.11
N GLY LB 530 46.65 -37.70 42.91
CA GLY LB 530 46.87 -37.73 44.34
C GLY LB 530 45.65 -37.50 45.20
N PHE LB 531 44.46 -37.34 44.64
CA PHE LB 531 43.29 -37.12 45.48
C PHE LB 531 42.71 -38.45 45.95
N ALA LB 532 41.86 -38.36 46.96
CA ALA LB 532 41.13 -39.54 47.42
C ALA LB 532 39.79 -39.66 46.71
N VAL LB 533 39.79 -39.50 45.38
CA VAL LB 533 38.54 -39.36 44.66
C VAL LB 533 37.77 -40.67 44.65
N SER LB 534 36.44 -40.57 44.62
CA SER LB 534 35.53 -41.70 44.54
C SER LB 534 34.85 -41.71 43.18
N LEU LB 535 34.10 -42.78 42.90
CA LEU LB 535 33.45 -42.91 41.60
C LEU LB 535 32.10 -43.60 41.75
N LEU LB 536 31.07 -43.02 41.16
CA LEU LB 536 29.72 -43.56 41.23
C LEU LB 536 29.03 -43.32 39.90
N HIS LB 537 28.84 -44.38 39.12
CA HIS LB 537 27.99 -44.35 37.94
C HIS LB 537 27.26 -45.67 37.85
N ALA LB 538 26.47 -45.83 36.79
CA ALA LB 538 25.58 -46.97 36.68
C ALA LB 538 26.29 -48.26 36.27
N SER LB 539 27.23 -48.18 35.33
CA SER LB 539 27.87 -49.36 34.79
C SER LB 539 28.89 -49.97 35.73
N LEU LB 540 28.97 -49.50 36.96
CA LEU LB 540 29.82 -50.12 37.95
C LEU LB 540 29.20 -51.44 38.40
N PRO LB 541 30.03 -52.39 38.85
CA PRO LB 541 29.47 -53.63 39.40
C PRO LB 541 28.74 -53.38 40.70
N TYR LB 542 28.23 -54.44 41.34
CA TYR LB 542 27.44 -54.26 42.54
C TYR LB 542 28.32 -53.98 43.75
N LYS LB 543 29.41 -54.72 43.91
CA LYS LB 543 30.27 -54.51 45.06
C LYS LB 543 30.93 -53.14 45.01
N VAL LB 544 31.43 -52.75 43.83
CA VAL LB 544 32.19 -51.52 43.72
C VAL LB 544 31.30 -50.32 43.95
N ARG LB 545 30.12 -50.31 43.34
CA ARG LB 545 29.23 -49.16 43.49
C ARG LB 545 28.69 -49.05 44.92
N LYS LB 546 28.35 -50.19 45.53
CA LYS LB 546 27.98 -50.17 46.95
C LYS LB 546 29.10 -49.62 47.81
N GLU LB 547 30.32 -50.14 47.61
CA GLU LB 547 31.46 -49.68 48.38
C GLU LB 547 31.76 -48.21 48.07
N MET LB 548 31.92 -47.88 46.78
CA MET LB 548 32.34 -46.53 46.41
C MET LB 548 31.34 -45.47 46.84
N TYR LB 549 30.13 -45.87 47.21
CA TYR LB 549 29.22 -44.93 47.85
C TYR LB 549 29.50 -44.85 49.35
N ALA LB 550 29.60 -46.01 50.00
CA ALA LB 550 29.85 -46.04 51.43
C ALA LB 550 31.24 -45.56 51.81
N ASP LB 551 32.07 -45.17 50.84
CA ASP LB 551 33.28 -44.47 51.23
C ASP LB 551 33.07 -42.97 51.19
N PHE LB 552 32.47 -42.45 50.12
CA PHE LB 552 32.23 -41.02 50.05
C PHE LB 552 31.34 -40.56 51.19
N ALA LB 553 30.11 -41.05 51.23
CA ALA LB 553 29.37 -41.00 52.47
C ALA LB 553 30.20 -41.71 53.54
N SER LB 554 30.03 -41.28 54.78
CA SER LB 554 30.86 -41.76 55.89
C SER LB 554 32.32 -41.39 55.69
N GLY LB 555 32.57 -40.09 55.67
CA GLY LB 555 33.91 -39.56 55.87
C GLY LB 555 34.88 -39.72 54.73
N ARG LB 556 35.16 -40.96 54.34
CA ARG LB 556 36.24 -41.25 53.41
C ARG LB 556 36.03 -40.54 52.07
N THR LB 557 37.14 -40.35 51.36
CA THR LB 557 37.24 -40.07 49.94
C THR LB 557 36.69 -38.73 49.48
N ASN LB 558 35.94 -38.02 50.31
CA ASN LB 558 35.87 -36.56 50.28
C ASN LB 558 35.46 -35.91 48.95
N ILE LB 559 35.43 -36.67 47.85
CA ILE LB 559 35.09 -36.14 46.54
C ILE LB 559 34.64 -37.30 45.69
N LEU LB 560 33.66 -37.05 44.83
CA LEU LB 560 32.89 -38.10 44.19
C LEU LB 560 32.74 -37.77 42.71
N CYS LB 561 33.51 -38.44 41.87
CA CYS LB 561 33.33 -38.27 40.43
C CYS LB 561 32.02 -38.95 40.06
N ALA LB 562 30.94 -38.17 40.01
CA ALA LB 562 29.62 -38.70 39.75
C ALA LB 562 29.10 -38.26 38.40
N THR LB 563 28.19 -39.05 37.87
CA THR LB 563 27.33 -38.65 36.77
C THR LB 563 25.96 -38.34 37.35
N ASP LB 564 24.96 -38.17 36.49
CA ASP LB 564 23.65 -37.68 36.90
C ASP LB 564 22.90 -38.62 37.83
N VAL LB 565 23.55 -39.67 38.32
CA VAL LB 565 22.95 -40.45 39.40
C VAL LB 565 22.83 -39.61 40.65
N ALA LB 566 23.87 -38.85 40.99
CA ALA LB 566 23.88 -38.08 42.22
C ALA LB 566 23.06 -36.80 42.11
N ALA LB 567 22.67 -36.39 40.92
CA ALA LB 567 21.82 -35.21 40.78
C ALA LB 567 20.42 -35.49 41.30
N ARG LB 568 19.92 -36.71 41.08
CA ARG LB 568 18.52 -37.01 41.37
C ARG LB 568 18.32 -37.15 42.87
N GLY LB 569 17.97 -36.05 43.52
CA GLY LB 569 17.45 -36.04 44.88
C GLY LB 569 18.12 -36.93 45.91
N LEU LB 570 19.39 -36.65 46.21
CA LEU LB 570 20.09 -37.44 47.26
C LEU LB 570 20.53 -36.49 48.38
N ASP LB 571 20.43 -36.93 49.64
CA ASP LB 571 20.80 -36.08 50.80
C ASP LB 571 22.08 -36.65 51.42
N LEU LB 572 22.96 -35.77 51.89
CA LEU LB 572 24.19 -36.19 52.59
C LEU LB 572 24.76 -34.98 53.31
N HIS LB 573 26.05 -34.72 53.10
CA HIS LB 573 26.83 -33.66 53.68
C HIS LB 573 27.49 -32.76 52.65
N VAL LB 574 27.33 -33.04 51.36
CA VAL LB 574 28.02 -32.34 50.28
C VAL LB 574 27.89 -30.83 50.43
N ASP LB 575 28.96 -30.10 50.09
CA ASP LB 575 28.98 -28.65 50.27
C ASP LB 575 29.57 -27.90 49.10
N MET LB 576 29.91 -28.56 47.99
CA MET LB 576 30.50 -27.84 46.87
C MET LB 576 30.37 -28.63 45.59
N VAL LB 577 29.57 -28.16 44.64
CA VAL LB 577 29.28 -28.91 43.43
C VAL LB 577 30.04 -28.26 42.28
N ILE LB 578 30.89 -29.05 41.63
CA ILE LB 578 31.61 -28.60 40.44
C ILE LB 578 30.85 -29.11 39.23
N ASN LB 579 30.33 -28.20 38.42
CA ASN LB 579 29.74 -28.57 37.15
C ASN LB 579 30.88 -28.70 36.16
N PHE LB 580 31.50 -29.89 36.13
CA PHE LB 580 32.57 -30.14 35.16
C PHE LB 580 32.08 -30.00 33.73
N ASP LB 581 30.79 -29.83 33.54
CA ASP LB 581 30.22 -29.38 32.27
C ASP LB 581 28.87 -28.80 32.62
N VAL LB 582 28.74 -27.49 32.56
CA VAL LB 582 27.43 -26.92 32.92
C VAL LB 582 26.37 -27.57 32.03
N PRO LB 583 25.30 -28.11 32.59
CA PRO LB 583 24.38 -28.90 31.78
C PRO LB 583 23.60 -28.03 30.82
N THR LB 584 23.06 -28.66 29.79
CA THR LB 584 22.29 -27.98 28.78
C THR LB 584 20.82 -27.84 29.13
N ASN LB 585 20.48 -27.94 30.42
CA ASN LB 585 19.08 -27.90 30.83
C ASN LB 585 18.94 -27.05 32.08
N ALA LB 586 17.68 -26.86 32.48
CA ALA LB 586 17.37 -26.21 33.73
C ALA LB 586 16.98 -27.19 34.81
N LEU LB 587 16.65 -28.43 34.44
CA LEU LB 587 16.51 -29.49 35.43
C LEU LB 587 17.86 -30.08 35.78
N ALA LB 588 18.66 -30.42 34.77
CA ALA LB 588 19.99 -30.94 34.99
C ALA LB 588 20.91 -29.94 35.67
N TYR LB 589 20.44 -28.72 35.94
CA TYR LB 589 21.20 -27.75 36.71
C TYR LB 589 20.61 -27.51 38.08
N LEU LB 590 19.29 -27.44 38.20
CA LEU LB 590 18.70 -27.31 39.52
C LEU LB 590 18.85 -28.60 40.31
N SER LB 591 18.96 -29.74 39.64
CA SER LB 591 19.09 -31.00 40.35
C SER LB 591 20.50 -31.22 40.87
N ARG LB 592 21.51 -30.82 40.10
CA ARG LB 592 22.87 -30.86 40.61
C ARG LB 592 23.07 -29.79 41.69
N SER LB 593 22.80 -28.54 41.34
CA SER LB 593 22.99 -27.46 42.29
C SER LB 593 22.21 -27.68 43.56
N GLY LB 594 20.96 -28.13 43.44
CA GLY LB 594 20.13 -28.36 44.59
C GLY LB 594 20.61 -29.45 45.53
N ARG LB 595 21.68 -30.15 45.17
CA ARG LB 595 22.30 -31.11 46.08
C ARG LB 595 23.29 -30.43 47.03
N THR LB 596 23.76 -29.24 46.68
CA THR LB 596 24.73 -28.51 47.48
C THR LB 596 24.16 -28.02 48.80
N ALA LB 597 23.31 -26.99 48.71
CA ALA LB 597 22.81 -26.33 49.94
C ALA LB 597 21.42 -26.87 50.27
N ARG LB 598 21.29 -27.62 51.36
CA ARG LB 598 20.00 -28.25 51.68
C ARG LB 598 19.57 -27.81 53.08
N MET LB 599 18.32 -27.36 53.24
CA MET LB 599 17.76 -26.93 54.55
C MET LB 599 18.67 -25.97 55.30
N GLY LB 600 19.02 -24.86 54.67
CA GLY LB 600 19.68 -23.73 55.34
C GLY LB 600 21.18 -23.89 55.42
N ARG LB 601 21.71 -25.09 55.18
CA ARG LB 601 23.18 -25.26 55.09
C ARG LB 601 23.71 -24.34 53.99
N GLU LB 602 24.83 -23.65 54.23
CA GLU LB 602 25.48 -22.86 53.15
C GLU LB 602 26.09 -23.83 52.13
N GLY LB 603 26.60 -23.32 51.01
CA GLY LB 603 27.05 -24.16 49.92
C GLY LB 603 27.44 -23.39 48.67
N GLN LB 604 28.39 -23.92 47.92
CA GLN LB 604 28.89 -23.25 46.73
C GLN LB 604 28.83 -24.19 45.55
N VAL LB 605 28.43 -23.67 44.38
CA VAL LB 605 28.43 -24.43 43.15
C VAL LB 605 29.27 -23.68 42.13
N LEU LB 606 30.21 -24.39 41.50
CA LEU LB 606 31.13 -23.81 40.53
C LEU LB 606 30.83 -24.39 39.15
N ASN LB 607 30.85 -23.53 38.14
CA ASN LB 607 30.36 -23.86 36.81
C ASN LB 607 31.49 -23.66 35.80
N LEU LB 608 31.97 -24.73 35.21
CA LEU LB 608 33.09 -24.68 34.27
C LEU LB 608 32.59 -24.53 32.84
N TYR LB 609 31.75 -23.53 32.61
CA TYR LB 609 31.04 -23.47 31.35
C TYR LB 609 32.01 -23.34 30.19
N ASN LB 610 31.51 -23.67 29.00
CA ASN LB 610 32.35 -23.78 27.82
C ASN LB 610 31.85 -22.84 26.73
N LYS LB 611 32.44 -22.92 25.54
CA LYS LB 611 31.94 -22.12 24.44
C LYS LB 611 30.59 -22.61 23.95
N HIS LB 612 30.34 -23.92 24.07
CA HIS LB 612 29.14 -24.51 23.48
C HIS LB 612 27.94 -24.38 24.39
N GLN LB 613 28.16 -24.29 25.69
CA GLN LB 613 27.08 -24.04 26.63
C GLN LB 613 27.01 -22.58 27.04
N GLY LB 614 27.50 -21.68 26.20
CA GLY LB 614 27.57 -20.28 26.59
C GLY LB 614 26.22 -19.62 26.74
N VAL LB 615 25.26 -19.99 25.89
CA VAL LB 615 23.95 -19.35 25.93
C VAL LB 615 23.27 -19.63 27.27
N ILE LB 616 23.10 -20.92 27.60
CA ILE LB 616 22.45 -21.29 28.85
C ILE LB 616 23.14 -20.63 30.03
N VAL LB 617 24.46 -20.43 29.95
CA VAL LB 617 25.19 -19.72 30.99
C VAL LB 617 25.25 -18.22 30.75
N SER LB 618 24.81 -17.75 29.58
CA SER LB 618 24.56 -16.33 29.43
C SER LB 618 23.30 -15.93 30.19
N ALA LB 619 22.36 -16.86 30.31
CA ALA LB 619 21.08 -16.61 30.96
C ALA LB 619 21.07 -17.01 32.43
N ILE LB 620 21.65 -18.16 32.77
CA ILE LB 620 21.78 -18.53 34.19
C ILE LB 620 22.49 -17.42 34.95
N LYS LB 621 23.58 -16.91 34.39
CA LYS LB 621 24.28 -15.78 35.00
C LYS LB 621 23.36 -14.58 35.18
N ALA LB 622 22.37 -14.42 34.30
CA ALA LB 622 21.47 -13.27 34.35
C ALA LB 622 20.23 -13.52 35.18
N PHE LB 623 19.75 -14.75 35.25
CA PHE LB 623 18.59 -15.05 36.09
C PHE LB 623 18.94 -15.06 37.57
N LEU LB 624 20.20 -15.33 37.91
CA LEU LB 624 20.58 -15.44 39.32
C LEU LB 624 20.65 -14.08 39.98
N LYS LB 625 21.33 -13.12 39.35
CA LYS LB 625 21.42 -11.78 39.89
C LYS LB 625 20.03 -11.16 40.06
N ASP LB 626 19.02 -11.70 39.39
CA ASP LB 626 17.66 -11.22 39.52
C ASP LB 626 16.80 -12.12 40.40
N ASN LB 627 17.22 -13.36 40.64
CA ASN LB 627 16.41 -14.34 41.36
C ASN LB 627 15.08 -14.53 40.64
N LEU LB 628 15.18 -14.99 39.48
CA LEU LB 628 14.00 -15.27 38.68
C LEU LB 628 13.75 -16.77 38.63
N PRO LB 629 12.49 -17.18 38.51
CA PRO LB 629 12.22 -18.59 38.20
C PRO LB 629 12.85 -18.96 36.88
N MET LB 630 13.51 -20.12 36.85
CA MET LB 630 14.22 -20.56 35.66
C MET LB 630 13.20 -21.02 34.63
N GLU LB 631 12.56 -20.05 33.97
CA GLU LB 631 11.48 -20.32 33.02
C GLU LB 631 10.40 -21.16 33.70
N GLY LB 632 9.67 -20.50 34.59
CA GLY LB 632 9.05 -21.15 35.72
C GLY LB 632 8.41 -22.51 35.53
N LEU LB 633 8.00 -22.85 34.31
CA LEU LB 633 7.63 -24.23 33.99
C LEU LB 633 8.84 -24.84 33.29
N THR LB 634 9.70 -25.49 34.07
CA THR LB 634 10.96 -25.97 33.55
C THR LB 634 10.74 -26.92 32.37
N ASN LB 635 11.80 -27.13 31.60
CA ASN LB 635 11.64 -27.90 30.38
C ASN LB 635 13.00 -28.48 29.98
N ARG LB 636 13.09 -28.92 28.72
CA ARG LB 636 14.28 -29.40 28.04
C ARG LB 636 14.69 -30.78 28.54
N LYS LB 637 14.10 -31.25 29.65
CA LYS LB 637 14.47 -32.55 30.22
C LYS LB 637 13.32 -33.54 30.24
N ALA LB 638 12.22 -33.21 30.92
CA ALA LB 638 11.09 -34.12 30.98
C ALA LB 638 10.07 -33.80 29.90
N ASP LB 639 9.60 -32.58 29.88
CA ASP LB 639 8.90 -32.03 28.73
C ASP LB 639 9.95 -31.42 27.83
N MET LB 640 10.36 -32.14 26.79
CA MET LB 640 11.47 -31.67 25.97
C MET LB 640 11.17 -30.31 25.37
N MET LB 641 9.89 -30.06 25.08
CA MET LB 641 9.39 -28.70 24.94
C MET LB 641 10.14 -27.93 23.84
N GLN LB 642 9.88 -28.33 22.61
CA GLN LB 642 10.16 -27.44 21.50
C GLN LB 642 9.54 -26.04 21.69
N PRO LB 643 8.41 -25.87 22.39
CA PRO LB 643 8.01 -24.52 22.84
C PRO LB 643 8.93 -23.95 23.91
N ARG LB 644 10.04 -23.34 23.50
CA ARG LB 644 10.98 -22.70 24.41
C ARG LB 644 10.27 -21.99 25.56
N TYR LB 645 9.35 -21.08 25.24
CA TYR LB 645 8.54 -20.39 26.22
C TYR LB 645 7.09 -20.84 26.09
N ALA LB 646 6.56 -21.42 27.16
CA ALA LB 646 5.43 -22.34 27.10
C ALA LB 646 4.15 -21.61 26.73
N GLU LB 647 3.80 -21.67 25.45
CA GLU LB 647 2.43 -21.46 24.98
C GLU LB 647 2.39 -21.77 23.49
N TRP LB 648 1.27 -21.49 22.82
CA TRP LB 648 1.24 -21.72 21.39
C TRP LB 648 2.17 -20.71 20.73
N ARG LB 649 3.46 -20.83 21.02
CA ARG LB 649 4.47 -19.85 20.62
C ARG LB 649 5.51 -20.49 19.72
N THR LB 650 5.84 -19.81 18.63
CA THR LB 650 7.11 -19.95 17.94
C THR LB 650 7.57 -18.51 17.70
N HIS LB 651 8.40 -18.01 18.62
CA HIS LB 651 8.71 -16.59 18.69
C HIS LB 651 9.07 -16.05 17.32
N LYS LB 652 8.61 -14.84 17.05
CA LYS LB 652 8.72 -14.19 15.75
C LYS LB 652 10.15 -13.69 15.52
N ILE LB 653 10.36 -13.01 14.40
CA ILE LB 653 11.59 -12.24 14.16
C ILE LB 653 11.13 -10.85 13.78
N ASN LB 654 10.91 -9.99 14.79
CA ASN LB 654 9.97 -8.89 14.69
C ASN LB 654 10.39 -7.85 13.67
N ALA LB 655 9.47 -6.95 13.38
CA ALA LB 655 9.69 -5.92 12.39
C ALA LB 655 8.47 -5.02 12.32
N LEU LB 656 8.70 -3.80 11.85
CA LEU LB 656 7.68 -3.01 11.19
C LEU LB 656 8.30 -2.23 10.04
N ALA LB 657 9.34 -2.78 9.43
CA ALA LB 657 10.33 -1.99 8.70
C ALA LB 657 9.75 -1.18 7.55
N ARG LB 658 9.29 -1.86 6.50
CA ARG LB 658 8.71 -1.18 5.34
C ARG LB 658 9.65 -0.13 4.76
N SER LB 659 10.88 -0.51 4.42
CA SER LB 659 11.71 0.23 3.48
C SER LB 659 12.06 -0.60 2.27
N TYR LB 660 12.54 -1.83 2.47
CA TYR LB 660 12.67 -2.84 1.43
C TYR LB 660 13.61 -2.37 0.33
N VAL LB 661 14.89 -2.28 0.70
CA VAL LB 661 15.95 -1.61 -0.07
C VAL LB 661 15.91 -1.98 -1.55
N SER LB 662 16.24 -1.01 -2.39
CA SER LB 662 16.28 -1.20 -3.83
C SER LB 662 17.72 -1.07 -4.34
N LEU LB 663 17.91 -1.45 -5.59
CA LEU LB 663 19.23 -1.40 -6.22
C LEU LB 663 19.16 -0.72 -7.58
N PHE MB 97 60.49 -16.11 -7.33
CA PHE MB 97 60.30 -14.78 -7.88
C PHE MB 97 61.64 -14.08 -8.20
N PRO MB 98 62.42 -14.60 -9.16
CA PRO MB 98 63.60 -13.87 -9.61
C PRO MB 98 63.32 -13.01 -10.84
N GLU MB 99 63.86 -11.80 -10.92
CA GLU MB 99 63.45 -10.85 -11.94
C GLU MB 99 64.63 -10.07 -12.50
N VAL MB 100 64.39 -9.43 -13.64
CA VAL MB 100 65.40 -8.65 -14.35
C VAL MB 100 64.81 -7.33 -14.81
N CYS MB 101 64.94 -6.28 -14.01
CA CYS MB 101 64.37 -4.98 -14.33
C CYS MB 101 65.16 -4.32 -15.46
N PHE MB 102 64.47 -3.53 -16.27
CA PHE MB 102 65.10 -2.82 -17.39
C PHE MB 102 64.94 -1.32 -17.15
N ILE MB 103 65.81 -0.75 -16.34
CA ILE MB 103 65.66 0.66 -15.99
C ILE MB 103 66.24 1.50 -17.11
N GLY MB 104 65.58 2.62 -17.41
CA GLY MB 104 66.03 3.48 -18.49
C GLY MB 104 65.05 4.62 -18.71
N LYS MB 105 65.59 5.73 -19.19
CA LYS MB 105 64.87 6.96 -19.49
C LYS MB 105 63.77 6.73 -20.50
N PRO MB 106 62.83 7.67 -20.67
CA PRO MB 106 61.69 7.41 -21.56
C PRO MB 106 62.09 7.28 -23.02
N GLY MB 107 61.50 6.30 -23.69
CA GLY MB 107 61.73 6.08 -25.10
C GLY MB 107 62.86 5.15 -25.45
N CYS MB 108 63.10 4.12 -24.63
CA CYS MB 108 64.29 3.28 -24.77
C CYS MB 108 63.97 1.85 -25.18
N GLY MB 109 62.77 1.60 -25.70
CA GLY MB 109 62.42 0.26 -26.12
C GLY MB 109 62.27 -0.72 -24.97
N LYS MB 110 62.06 -0.22 -23.76
CA LYS MB 110 61.91 -1.08 -22.61
C LYS MB 110 60.68 -1.97 -22.69
N SER MB 111 59.67 -1.58 -23.47
CA SER MB 111 58.54 -2.46 -23.75
C SER MB 111 58.71 -3.23 -25.05
N SER MB 112 59.32 -2.64 -26.07
CA SER MB 112 59.64 -3.42 -27.26
C SER MB 112 60.54 -4.58 -26.92
N LEU MB 113 61.44 -4.40 -25.94
CA LEU MB 113 62.34 -5.47 -25.52
C LEU MB 113 61.69 -6.44 -24.55
N ILE MB 114 60.42 -6.26 -24.21
CA ILE MB 114 59.66 -7.29 -23.52
C ILE MB 114 58.51 -7.80 -24.39
N SER MB 115 58.03 -6.97 -25.31
CA SER MB 115 57.10 -7.46 -26.32
C SER MB 115 57.81 -8.27 -27.40
N CYS MB 116 59.12 -8.08 -27.58
CA CYS MB 116 59.86 -8.94 -28.49
C CYS MB 116 60.31 -10.23 -27.83
N LEU MB 117 60.08 -10.37 -26.53
CA LEU MB 117 60.18 -11.67 -25.88
C LEU MB 117 58.82 -12.35 -25.78
N LEU MB 118 57.86 -11.91 -26.61
CA LEU MB 118 56.61 -12.60 -26.87
C LEU MB 118 56.71 -13.59 -28.01
N HIS MB 119 57.81 -13.55 -28.78
CA HIS MB 119 58.02 -14.47 -29.90
C HIS MB 119 58.47 -15.82 -29.36
N ASN MB 120 57.52 -16.54 -28.76
CA ASN MB 120 57.76 -17.90 -28.30
C ASN MB 120 56.66 -18.81 -28.79
N HIS MB 121 55.48 -18.24 -29.05
CA HIS MB 121 54.30 -18.89 -29.62
C HIS MB 121 53.86 -20.12 -28.83
N ARG MB 122 54.47 -20.38 -27.67
CA ARG MB 122 54.15 -21.58 -26.91
C ARG MB 122 52.74 -21.51 -26.37
N LEU MB 123 52.46 -20.52 -25.50
CA LEU MB 123 51.12 -20.23 -25.00
C LEU MB 123 51.07 -18.73 -24.70
N GLY MB 124 50.68 -17.95 -25.69
CA GLY MB 124 50.56 -16.52 -25.46
C GLY MB 124 51.91 -15.83 -25.48
N LYS MB 125 52.22 -15.14 -24.38
CA LYS MB 125 53.44 -14.36 -24.25
C LYS MB 125 54.26 -14.84 -23.05
N ALA MB 126 54.41 -16.17 -22.92
CA ALA MB 126 55.09 -16.78 -21.79
C ALA MB 126 54.50 -16.28 -20.48
N GLY MB 127 53.24 -16.64 -20.25
CA GLY MB 127 52.48 -16.06 -19.17
C GLY MB 127 51.81 -14.80 -19.66
N ALA MB 128 51.62 -13.82 -18.78
CA ALA MB 128 51.09 -12.53 -19.19
C ALA MB 128 51.30 -11.58 -18.02
N THR MB 129 50.66 -10.42 -18.11
CA THR MB 129 50.85 -9.38 -17.11
C THR MB 129 50.34 -9.86 -15.76
N ALA MB 130 51.24 -10.32 -14.91
CA ALA MB 130 50.88 -10.52 -13.51
C ALA MB 130 50.66 -9.17 -12.84
N GLY MB 131 50.24 -9.20 -11.59
CA GLY MB 131 49.86 -7.98 -10.90
C GLY MB 131 50.90 -6.88 -10.96
N THR MB 132 50.56 -5.80 -11.66
CA THR MB 132 51.47 -4.66 -11.74
C THR MB 132 51.52 -3.94 -10.40
N THR MB 133 52.73 -3.58 -9.97
CA THR MB 133 52.91 -2.80 -8.74
C THR MB 133 52.32 -1.42 -8.96
N ARG MB 134 52.46 -0.50 -8.00
CA ARG MB 134 52.06 0.89 -8.31
C ARG MB 134 52.84 1.39 -9.53
N LEU MB 135 52.48 0.99 -10.77
CA LEU MB 135 53.09 1.47 -12.07
C LEU MB 135 54.39 0.74 -12.45
N LEU MB 136 54.90 -0.14 -11.58
CA LEU MB 136 56.09 -0.95 -11.97
C LEU MB 136 55.49 -2.09 -12.78
N GLN MB 137 55.02 -1.76 -13.97
CA GLN MB 137 54.33 -2.74 -14.85
C GLN MB 137 55.10 -4.06 -14.96
N PHE MB 138 54.96 -4.86 -13.92
CA PHE MB 138 55.07 -6.32 -13.89
C PHE MB 138 54.38 -7.01 -15.07
N PHE MB 139 55.17 -7.55 -16.00
CA PHE MB 139 54.67 -8.24 -17.21
C PHE MB 139 55.37 -9.59 -17.35
N ASN MB 140 55.35 -10.39 -16.30
CA ASN MB 140 56.27 -11.49 -16.08
C ASN MB 140 55.67 -12.86 -16.39
N VAL MB 141 56.56 -13.85 -16.46
CA VAL MB 141 56.13 -15.24 -16.51
C VAL MB 141 55.48 -15.62 -15.18
N GLY MB 142 56.20 -15.43 -14.08
CA GLY MB 142 55.73 -15.74 -12.75
C GLY MB 142 55.99 -17.16 -12.28
N ASP MB 143 55.92 -18.13 -13.20
CA ASP MB 143 56.10 -19.53 -12.84
C ASP MB 143 57.58 -19.92 -12.78
N ALA MB 144 58.43 -19.30 -13.56
CA ALA MB 144 59.86 -19.55 -13.45
C ALA MB 144 60.68 -18.28 -13.34
N LEU MB 145 60.28 -17.20 -14.00
CA LEU MB 145 61.13 -16.04 -14.14
C LEU MB 145 60.27 -14.81 -14.29
N LEU MB 146 60.79 -13.67 -13.84
CA LEU MB 146 60.04 -12.41 -13.84
C LEU MB 146 60.80 -11.39 -14.68
N LEU MB 147 60.08 -10.68 -15.54
CA LEU MB 147 60.67 -9.63 -16.37
C LEU MB 147 59.87 -8.35 -16.13
N VAL MB 148 60.53 -7.33 -15.61
CA VAL MB 148 59.86 -6.18 -14.99
C VAL MB 148 60.36 -4.92 -15.68
N ASP MB 149 59.62 -4.44 -16.69
CA ASP MB 149 59.72 -3.04 -17.08
C ASP MB 149 58.69 -2.72 -18.15
N THR MB 150 58.59 -1.40 -18.45
CA THR MB 150 57.86 -0.72 -19.52
C THR MB 150 58.17 0.77 -19.43
N PRO MB 151 58.01 1.55 -20.51
CA PRO MB 151 58.01 3.01 -20.32
C PRO MB 151 56.80 3.52 -19.55
N GLY MB 152 55.69 2.80 -19.57
CA GLY MB 152 54.50 3.24 -18.86
C GLY MB 152 54.06 4.61 -19.33
N TYR MB 153 54.20 5.62 -18.47
CA TYR MB 153 54.05 7.00 -18.89
C TYR MB 153 54.86 7.88 -17.94
N GLY MB 154 56.10 8.19 -18.30
CA GLY MB 154 56.89 9.04 -17.45
C GLY MB 154 57.13 10.45 -17.93
N GLY MB 155 57.53 10.62 -19.19
CA GLY MB 155 57.96 11.93 -19.63
C GLY MB 155 56.86 12.95 -19.82
N TRP MB 156 56.11 12.83 -20.91
CA TRP MB 156 54.91 13.64 -21.12
C TRP MB 156 53.87 12.67 -21.69
N ARG MB 157 52.85 12.33 -20.89
CA ARG MB 157 51.82 11.44 -21.37
C ARG MB 157 50.51 11.73 -20.64
N GLY MB 158 49.41 11.61 -21.37
CA GLY MB 158 48.09 11.77 -20.80
C GLY MB 158 47.54 13.18 -20.89
N ARG MB 159 47.01 13.69 -19.78
CA ARG MB 159 46.49 15.05 -19.76
C ARG MB 159 47.59 16.05 -20.07
N GLU MB 160 48.78 15.80 -19.52
CA GLU MB 160 49.92 16.69 -19.59
C GLU MB 160 51.11 15.89 -19.07
N VAL MB 161 52.20 16.58 -18.71
CA VAL MB 161 53.23 15.93 -17.89
C VAL MB 161 52.60 15.22 -16.70
N GLY MB 162 51.49 15.75 -16.18
CA GLY MB 162 50.64 14.98 -15.30
C GLY MB 162 50.47 15.52 -13.89
N GLN MB 163 50.61 16.84 -13.73
CA GLN MB 163 50.58 17.55 -12.45
C GLN MB 163 51.76 17.21 -11.57
N ARG MB 164 52.78 16.54 -12.12
CA ARG MB 164 54.08 16.38 -11.49
C ARG MB 164 54.01 15.52 -10.23
N LEU MB 165 52.82 15.01 -9.92
CA LEU MB 165 52.65 14.28 -8.67
C LEU MB 165 51.46 13.35 -8.86
N ALA MB 166 51.47 12.24 -8.11
CA ALA MB 166 50.42 11.23 -8.12
C ALA MB 166 50.31 10.51 -9.46
N GLU MB 167 51.06 10.98 -10.45
CA GLU MB 167 51.13 10.35 -11.75
C GLU MB 167 52.51 9.85 -12.10
N GLN MB 168 53.53 10.59 -11.71
CA GLN MB 168 54.92 10.25 -11.97
C GLN MB 168 55.73 10.17 -10.71
N ALA MB 169 55.59 11.13 -9.80
CA ALA MB 169 56.30 11.09 -8.54
C ALA MB 169 55.79 10.01 -7.60
N ASN MB 170 54.68 9.35 -7.94
CA ASN MB 170 54.32 8.10 -7.30
C ASN MB 170 54.83 6.89 -8.05
N ALA MB 171 55.09 7.03 -9.35
CA ALA MB 171 55.76 6.00 -10.13
C ALA MB 171 57.25 5.97 -9.87
N PHE MB 172 57.79 6.98 -9.19
CA PHE MB 172 59.21 7.07 -8.92
C PHE MB 172 59.56 6.61 -7.52
N SER MB 173 58.66 6.77 -6.56
CA SER MB 173 58.91 6.27 -5.22
C SER MB 173 58.88 4.75 -5.24
N ILE MB 174 58.61 4.17 -6.40
CA ILE MB 174 58.59 2.73 -6.57
C ILE MB 174 59.80 2.22 -7.35
N LEU MB 175 60.57 3.08 -7.98
CA LEU MB 175 61.85 2.66 -8.53
C LEU MB 175 62.93 2.74 -7.47
N PHE MB 176 62.97 3.84 -6.72
CA PHE MB 176 63.93 3.97 -5.63
C PHE MB 176 63.63 2.97 -4.51
N ARG MB 177 62.35 2.77 -4.19
CA ARG MB 177 62.04 1.78 -3.17
C ARG MB 177 62.40 0.38 -3.64
N TYR MB 178 61.98 -0.01 -4.84
CA TYR MB 178 62.17 -1.38 -5.30
C TYR MB 178 63.66 -1.73 -5.38
N LEU MB 179 64.40 -1.02 -6.22
CA LEU MB 179 65.81 -1.33 -6.44
C LEU MB 179 66.57 -1.36 -5.13
N ALA MB 180 66.16 -0.56 -4.15
CA ALA MB 180 66.74 -0.63 -2.82
C ALA MB 180 66.08 -1.67 -1.95
N LEU MB 181 64.91 -2.18 -2.34
CA LEU MB 181 64.20 -3.14 -1.52
C LEU MB 181 64.79 -4.54 -1.68
N ARG MB 182 64.76 -5.06 -2.91
CA ARG MB 182 65.21 -6.41 -3.18
C ARG MB 182 66.63 -6.47 -3.72
N ASN MB 183 67.47 -5.49 -3.40
CA ASN MB 183 68.85 -5.55 -3.86
C ASN MB 183 69.57 -6.76 -3.28
N GLY MB 184 69.26 -7.11 -2.05
CA GLY MB 184 69.85 -8.29 -1.43
C GLY MB 184 68.99 -9.52 -1.64
N SER MB 185 67.72 -9.28 -1.97
CA SER MB 185 66.75 -10.36 -2.20
C SER MB 185 66.84 -10.80 -3.66
N ASN MB 186 65.82 -11.50 -4.13
CA ASN MB 186 65.88 -12.24 -5.39
C ASN MB 186 65.79 -11.34 -6.62
N LEU MB 187 66.03 -10.05 -6.47
CA LEU MB 187 66.25 -9.19 -7.63
C LEU MB 187 67.70 -9.32 -8.08
N LYS MB 188 67.89 -9.69 -9.35
CA LYS MB 188 69.19 -10.15 -9.80
C LYS MB 188 69.89 -9.22 -10.78
N ARG MB 189 69.21 -8.72 -11.80
CA ARG MB 189 69.84 -7.85 -12.77
C ARG MB 189 69.08 -6.53 -12.87
N VAL MB 190 69.79 -5.51 -13.35
CA VAL MB 190 69.17 -4.23 -13.64
C VAL MB 190 69.65 -3.76 -15.01
N TYR MB 191 68.89 -4.07 -16.05
CA TYR MB 191 69.33 -3.73 -17.40
C TYR MB 191 69.19 -2.25 -17.66
N TRP MB 192 70.24 -1.49 -17.37
CA TRP MB 192 70.26 -0.04 -17.55
C TRP MB 192 70.34 0.24 -19.05
N LEU MB 193 69.20 0.11 -19.72
CA LEU MB 193 69.15 0.29 -21.16
C LEU MB 193 69.64 1.67 -21.57
N MET MB 194 70.06 1.78 -22.82
CA MET MB 194 70.67 3.00 -23.34
C MET MB 194 70.39 3.05 -24.83
N GLU MB 195 69.47 3.92 -25.25
CA GLU MB 195 69.18 4.05 -26.66
C GLU MB 195 70.38 4.64 -27.38
N SER MB 196 70.76 4.02 -28.48
CA SER MB 196 71.87 4.46 -29.32
C SER MB 196 71.36 4.96 -30.66
N SER MB 197 70.22 5.64 -30.64
CA SER MB 197 69.58 6.09 -31.87
C SER MB 197 70.53 6.94 -32.70
N ALA MB 198 70.85 6.48 -33.91
CA ALA MB 198 71.69 7.20 -34.86
C ALA MB 198 71.08 8.53 -35.28
N PRO MB 199 69.76 8.75 -35.12
CA PRO MB 199 69.27 10.13 -35.04
C PRO MB 199 70.12 11.00 -34.13
N THR MB 200 70.74 10.38 -33.13
CA THR MB 200 71.69 11.02 -32.23
C THR MB 200 73.08 10.48 -32.49
N PRO MB 201 74.03 11.30 -32.95
CA PRO MB 201 75.37 10.76 -33.20
C PRO MB 201 76.09 10.35 -31.93
N VAL MB 202 76.05 11.20 -30.90
CA VAL MB 202 76.50 10.83 -29.57
C VAL MB 202 75.25 10.48 -28.76
N SER MB 203 75.44 9.67 -27.71
CA SER MB 203 74.30 9.07 -27.03
C SER MB 203 74.47 9.19 -25.51
N PHE MB 204 73.85 10.20 -24.92
CA PHE MB 204 73.75 10.34 -23.46
C PHE MB 204 72.75 11.44 -23.14
N GLN MB 205 72.53 11.67 -21.84
CA GLN MB 205 71.62 12.67 -21.32
C GLN MB 205 71.86 12.85 -19.84
N PRO MB 206 71.87 14.09 -19.33
CA PRO MB 206 72.13 14.33 -17.91
C PRO MB 206 71.16 13.68 -16.93
N ARG MB 207 70.12 13.01 -17.42
CA ARG MB 207 69.31 12.18 -16.52
C ARG MB 207 70.16 11.06 -15.94
N ASP MB 208 70.75 10.25 -16.82
CA ASP MB 208 71.52 9.09 -16.40
C ASP MB 208 72.75 9.45 -15.57
N GLU MB 209 73.16 10.71 -15.59
CA GLU MB 209 74.16 11.16 -14.63
C GLU MB 209 73.68 10.97 -13.20
N GLU MB 210 72.38 11.10 -12.97
CA GLU MB 210 71.81 10.91 -11.64
C GLU MB 210 71.34 9.48 -11.41
N LEU MB 211 70.95 8.77 -12.47
CA LEU MB 211 70.67 7.34 -12.33
C LEU MB 211 71.94 6.59 -11.96
N LEU MB 212 72.96 6.66 -12.81
CA LEU MB 212 74.25 6.02 -12.53
C LEU MB 212 74.81 6.46 -11.18
N THR MB 213 74.46 7.67 -10.74
CA THR MB 213 74.83 8.10 -9.39
C THR MB 213 74.07 7.30 -8.34
N PHE MB 214 72.75 7.21 -8.49
CA PHE MB 214 71.92 6.59 -7.46
C PHE MB 214 72.07 5.08 -7.42
N LEU MB 215 72.54 4.45 -8.50
CA LEU MB 215 72.86 3.03 -8.45
C LEU MB 215 74.04 2.78 -7.52
N SER MB 216 75.11 3.57 -7.67
CA SER MB 216 76.33 3.34 -6.93
C SER MB 216 76.09 3.49 -5.43
N ARG MB 217 75.20 4.39 -5.03
CA ARG MB 217 74.92 4.58 -3.61
C ARG MB 217 74.38 3.32 -2.95
N GLU MB 218 73.99 2.32 -3.75
CA GLU MB 218 73.57 1.03 -3.22
C GLU MB 218 74.47 -0.11 -3.66
N ARG MB 219 75.43 0.14 -4.54
CA ARG MB 219 76.32 -0.89 -5.07
C ARG MB 219 75.53 -2.02 -5.70
N ILE MB 220 74.63 -1.67 -6.61
CA ILE MB 220 73.76 -2.68 -7.23
C ILE MB 220 74.51 -3.31 -8.40
N PRO MB 221 74.53 -4.64 -8.50
CA PRO MB 221 75.04 -5.27 -9.72
C PRO MB 221 74.05 -5.08 -10.85
N PHE MB 222 74.55 -4.63 -12.00
CA PHE MB 222 73.65 -4.24 -13.08
C PHE MB 222 74.35 -4.39 -14.42
N SER MB 223 73.57 -4.63 -15.45
CA SER MB 223 74.06 -4.72 -16.81
C SER MB 223 73.75 -3.43 -17.56
N VAL MB 224 74.10 -3.41 -18.84
CA VAL MB 224 73.81 -2.30 -19.74
C VAL MB 224 73.45 -2.88 -21.09
N VAL MB 225 72.50 -2.27 -21.78
CA VAL MB 225 72.11 -2.71 -23.11
C VAL MB 225 72.04 -1.49 -24.00
N LEU MB 226 72.34 -1.68 -25.28
CA LEU MB 226 72.34 -0.61 -26.27
C LEU MB 226 71.24 -0.91 -27.30
N THR MB 227 70.02 -0.50 -27.00
CA THR MB 227 68.89 -0.80 -27.86
C THR MB 227 68.93 0.06 -29.12
N LYS MB 228 67.90 -0.09 -29.95
CA LYS MB 228 67.73 0.72 -31.16
C LYS MB 228 68.97 0.66 -32.04
N ILE MB 229 69.59 -0.52 -32.10
CA ILE MB 229 70.77 -0.70 -32.93
C ILE MB 229 70.43 -0.66 -34.41
N ASP MB 230 69.18 -0.94 -34.78
CA ASP MB 230 68.79 -0.87 -36.18
C ASP MB 230 68.87 0.54 -36.74
N ARG MB 231 69.15 1.53 -35.90
CA ARG MB 231 69.42 2.88 -36.39
C ARG MB 231 70.81 2.98 -37.01
N HIS MB 232 71.71 2.07 -36.67
CA HIS MB 232 73.06 2.06 -37.20
C HIS MB 232 73.22 1.21 -38.45
N TRP MB 233 72.51 0.08 -38.54
CA TRP MB 233 72.55 -0.73 -39.75
C TRP MB 233 71.63 -0.13 -40.81
N ARG MB 234 71.78 1.16 -41.10
CA ARG MB 234 70.91 1.82 -42.07
C ARG MB 234 71.72 2.80 -42.91
N HIS MB 235 72.17 2.33 -44.08
CA HIS MB 235 72.57 3.23 -45.15
C HIS MB 235 71.37 4.06 -45.61
N TYR MB 236 70.30 3.37 -46.03
CA TYR MB 236 69.05 4.02 -46.40
C TYR MB 236 68.25 4.38 -45.14
N PHE MB 266 80.91 6.43 -50.44
CA PHE MB 266 79.92 5.44 -50.06
C PHE MB 266 80.18 4.10 -50.75
N PHE MB 267 80.95 4.12 -51.84
CA PHE MB 267 81.21 2.88 -52.57
C PHE MB 267 82.29 2.05 -51.88
N THR MB 268 83.30 2.69 -51.31
CA THR MB 268 84.24 2.05 -50.38
C THR MB 268 84.12 2.81 -49.08
N ARG MB 269 83.13 2.42 -48.26
CA ARG MB 269 82.77 3.20 -47.10
C ARG MB 269 83.88 3.16 -46.06
N THR MB 270 84.03 4.26 -45.32
CA THR MB 270 85.05 4.31 -44.28
C THR MB 270 84.54 3.68 -42.98
N SER MB 271 83.56 4.33 -42.35
CA SER MB 271 83.01 3.87 -41.07
C SER MB 271 81.66 3.23 -41.32
N LEU MB 272 81.52 1.97 -40.93
CA LEU MB 272 80.42 1.13 -41.37
C LEU MB 272 79.42 0.93 -40.24
N PRO MB 273 78.31 0.18 -40.46
CA PRO MB 273 77.51 -0.31 -39.34
C PRO MB 273 78.36 -0.91 -38.22
N GLN MB 274 79.56 -1.36 -38.57
CA GLN MB 274 80.54 -1.80 -37.59
C GLN MB 274 81.22 -0.65 -36.86
N ASP MB 275 80.84 0.60 -37.16
CA ASP MB 275 81.26 1.77 -36.38
C ASP MB 275 79.99 2.41 -35.84
N GLY MB 276 79.63 2.03 -34.62
CA GLY MB 276 78.40 2.47 -34.00
C GLY MB 276 77.78 1.33 -33.22
N VAL MB 277 77.97 0.10 -33.69
CA VAL MB 277 77.61 -1.05 -32.87
C VAL MB 277 78.54 -1.13 -31.68
N ALA MB 278 79.78 -0.69 -31.85
CA ALA MB 278 80.74 -0.57 -30.76
C ALA MB 278 81.37 0.81 -30.65
N ARG MB 279 81.34 1.62 -31.71
CA ARG MB 279 81.79 3.00 -31.58
C ARG MB 279 80.90 3.76 -30.62
N ASN MB 280 79.59 3.50 -30.65
CA ASN MB 280 78.72 4.02 -29.61
C ASN MB 280 79.07 3.41 -28.25
N MET MB 281 79.57 2.18 -28.24
CA MET MB 281 80.02 1.60 -26.98
C MET MB 281 81.26 2.32 -26.45
N GLN MB 282 82.11 2.80 -27.35
CA GLN MB 282 83.20 3.69 -26.95
C GLN MB 282 82.67 5.01 -26.43
N GLU MB 283 81.42 5.36 -26.75
CA GLU MB 283 80.79 6.52 -26.14
C GLU MB 283 80.17 6.16 -24.79
N VAL MB 284 79.90 4.87 -24.57
CA VAL MB 284 79.35 4.45 -23.28
C VAL MB 284 80.44 4.49 -22.21
N TYR MB 285 81.68 4.19 -22.57
CA TYR MB 285 82.72 3.92 -21.59
C TYR MB 285 83.32 5.17 -21.00
N GLU MB 286 82.95 6.36 -21.45
CA GLU MB 286 83.50 7.57 -20.87
C GLU MB 286 82.70 8.08 -19.69
N PHE MB 287 81.37 7.98 -19.75
CA PHE MB 287 80.52 8.39 -18.64
C PHE MB 287 80.51 7.35 -17.52
N LEU MB 288 80.26 6.09 -17.87
CA LEU MB 288 80.39 5.00 -16.93
C LEU MB 288 81.87 4.75 -16.68
N GLY MB 289 82.27 4.78 -15.41
CA GLY MB 289 83.69 4.78 -15.08
C GLY MB 289 84.40 3.53 -15.53
N THR MB 290 83.87 2.37 -15.14
CA THR MB 290 84.48 1.10 -15.55
C THR MB 290 84.21 0.82 -17.02
N ASP MB 291 84.72 -0.33 -17.48
CA ASP MB 291 84.38 -0.85 -18.79
C ASP MB 291 84.02 -2.33 -18.76
N GLN MB 292 84.20 -3.01 -17.62
CA GLN MB 292 83.95 -4.43 -17.49
C GLN MB 292 82.47 -4.77 -17.34
N VAL MB 293 81.58 -3.78 -17.36
CA VAL MB 293 80.15 -4.05 -17.20
C VAL MB 293 79.63 -4.70 -18.47
N PRO MB 294 78.71 -5.66 -18.38
CA PRO MB 294 78.22 -6.31 -19.61
C PRO MB 294 77.37 -5.37 -20.43
N ILE MB 295 77.59 -5.37 -21.74
CA ILE MB 295 76.87 -4.51 -22.66
C ILE MB 295 76.38 -5.33 -23.83
N LEU MB 296 75.14 -5.10 -24.23
CA LEU MB 296 74.53 -5.72 -25.40
C LEU MB 296 74.00 -4.65 -26.35
N GLY MB 297 74.01 -4.97 -27.63
CA GLY MB 297 73.30 -4.17 -28.62
C GLY MB 297 72.22 -4.99 -29.29
N VAL MB 298 70.97 -4.70 -28.97
CA VAL MB 298 69.84 -5.53 -29.40
C VAL MB 298 68.75 -4.65 -29.98
N SER MB 299 68.11 -5.12 -31.04
CA SER MB 299 66.98 -4.43 -31.64
C SER MB 299 65.70 -5.18 -31.31
N ALA MB 300 64.63 -4.42 -31.09
CA ALA MB 300 63.31 -5.00 -30.90
C ALA MB 300 62.30 -4.20 -31.72
N ASN MB 301 62.63 -2.95 -32.03
CA ASN MB 301 61.74 -2.02 -32.71
C ASN MB 301 61.45 -2.47 -34.14
N ARG MB 302 61.84 -3.70 -34.47
CA ARG MB 302 61.39 -4.38 -35.68
C ARG MB 302 60.35 -5.39 -35.24
N LEU MB 303 59.07 -5.04 -35.37
CA LEU MB 303 57.99 -6.00 -35.12
C LEU MB 303 57.44 -6.55 -36.43
N GLN MB 304 58.33 -7.21 -37.15
CA GLN MB 304 58.07 -7.80 -38.45
C GLN MB 304 58.46 -9.27 -38.43
N PRO MB 305 57.91 -10.09 -39.32
CA PRO MB 305 58.34 -11.48 -39.42
C PRO MB 305 59.67 -11.61 -40.17
N ASN MB 306 60.46 -12.58 -39.70
CA ASN MB 306 61.81 -12.85 -40.21
C ASN MB 306 62.74 -11.66 -39.96
N ARG MB 307 62.23 -10.63 -39.30
CA ARG MB 307 62.96 -9.40 -39.05
C ARG MB 307 62.95 -9.02 -37.59
N SER MB 308 62.25 -9.77 -36.76
CA SER MB 308 61.79 -9.31 -35.46
C SER MB 308 62.91 -9.05 -34.45
N ARG MB 309 64.19 -9.06 -34.80
CA ARG MB 309 65.23 -8.83 -33.81
C ARG MB 309 66.55 -8.52 -34.54
N ASN MB 310 67.58 -8.26 -33.74
CA ASN MB 310 68.98 -8.26 -34.18
C ASN MB 310 69.80 -8.70 -32.96
N LEU MB 311 70.03 -10.01 -32.86
CA LEU MB 311 70.72 -10.63 -31.72
C LEU MB 311 69.95 -10.39 -30.41
N GLU MB 312 68.76 -10.99 -30.36
CA GLU MB 312 67.82 -10.76 -29.27
C GLU MB 312 68.25 -11.48 -27.99
N LEU MB 313 69.31 -10.96 -27.38
CA LEU MB 313 69.64 -11.19 -25.98
C LEU MB 313 69.91 -12.64 -25.62
N LEU MB 314 69.86 -13.54 -26.59
CA LEU MB 314 70.30 -14.93 -26.41
C LEU MB 314 69.41 -15.70 -25.43
N GLN MB 315 68.49 -14.99 -24.76
CA GLN MB 315 67.41 -15.57 -23.96
C GLN MB 315 67.92 -16.33 -22.75
N HIS MB 316 69.23 -16.49 -22.64
CA HIS MB 316 69.84 -17.28 -21.58
C HIS MB 316 70.69 -16.47 -20.63
N ASP MB 317 71.27 -15.36 -21.10
CA ASP MB 317 71.97 -14.46 -20.20
C ASP MB 317 71.04 -13.92 -19.13
N ILE MB 318 69.75 -13.88 -19.42
CA ILE MB 318 68.76 -13.55 -18.40
C ILE MB 318 68.59 -14.71 -17.44
N VAL MB 319 68.52 -15.93 -17.97
CA VAL MB 319 68.42 -17.10 -17.12
C VAL MB 319 69.74 -17.34 -16.40
N HIS MB 320 70.86 -16.96 -17.02
CA HIS MB 320 72.17 -17.23 -16.43
C HIS MB 320 72.29 -16.63 -15.03
N TYR MB 321 71.80 -15.40 -14.86
CA TYR MB 321 71.88 -14.77 -13.54
C TYR MB 321 70.83 -15.33 -12.59
N CYS MB 322 69.63 -15.57 -13.10
CA CYS MB 322 68.56 -16.11 -12.30
C CYS MB 322 68.62 -17.62 -12.18
N THR MB 323 69.79 -18.22 -12.37
CA THR MB 323 70.01 -19.63 -12.09
C THR MB 323 70.95 -19.77 -10.91
N GLN MB 324 70.48 -20.43 -9.85
CA GLN MB 324 71.30 -20.61 -8.66
C GLN MB 324 71.18 -22.05 -8.12
N UNK NB 1 11.85 -13.97 71.74
CA UNK NB 1 11.10 -14.83 70.83
C UNK NB 1 9.73 -15.18 71.44
N UNK NB 2 9.48 -14.66 72.63
CA UNK NB 2 8.23 -14.89 73.33
C UNK NB 2 8.09 -13.83 74.42
N UNK NB 3 6.99 -13.90 75.17
CA UNK NB 3 6.70 -13.12 76.37
C UNK NB 3 6.40 -11.66 76.08
N UNK NB 4 6.20 -11.26 74.83
CA UNK NB 4 5.90 -9.87 74.55
C UNK NB 4 4.52 -9.49 75.09
N UNK NB 5 4.39 -8.23 75.48
CA UNK NB 5 3.25 -7.77 76.27
C UNK NB 5 1.97 -7.78 75.43
N UNK NB 6 0.85 -7.77 76.14
CA UNK NB 6 -0.46 -7.59 75.54
C UNK NB 6 -1.30 -6.75 76.47
N UNK NB 7 -1.26 -5.44 76.30
CA UNK NB 7 -1.86 -4.52 77.25
C UNK NB 7 -2.95 -3.72 76.57
N UNK NB 8 -4.08 -3.55 77.26
CA UNK NB 8 -5.22 -2.82 76.73
C UNK NB 8 -5.41 -1.58 77.58
N UNK NB 9 -4.58 -0.58 77.32
CA UNK NB 9 -4.73 0.71 77.97
C UNK NB 9 -4.47 1.90 77.06
N UNK NB 10 -3.71 1.74 75.98
CA UNK NB 10 -3.22 2.90 75.25
C UNK NB 10 -4.29 3.51 74.36
N UNK NB 11 -4.68 2.80 73.30
CA UNK NB 11 -5.62 3.30 72.30
C UNK NB 11 -5.34 4.77 72.01
N UNK NB 12 -4.07 5.05 71.75
CA UNK NB 12 -3.56 6.42 71.79
C UNK NB 12 -4.36 7.34 70.88
N UNK NB 13 -5.09 8.26 71.49
CA UNK NB 13 -5.77 9.30 70.73
C UNK NB 13 -4.78 10.39 70.37
N UNK NB 14 -5.11 11.14 69.31
CA UNK NB 14 -4.31 12.26 68.85
C UNK NB 14 -2.96 11.82 68.32
N UNK NB 15 -2.64 10.53 68.45
CA UNK NB 15 -1.43 9.94 67.88
C UNK NB 15 -1.73 9.20 66.59
N UNK NB 16 -2.88 8.53 66.52
CA UNK NB 16 -3.34 7.95 65.27
C UNK NB 16 -4.64 8.63 64.86
N UNK NB 17 -4.68 9.95 65.02
CA UNK NB 17 -5.93 10.68 64.89
C UNK NB 17 -6.45 10.64 63.45
N UNK NB 18 -7.74 10.94 63.33
CA UNK NB 18 -8.34 11.24 62.04
C UNK NB 18 -7.86 12.57 61.49
N UNK NB 19 -6.98 13.27 62.20
CA UNK NB 19 -6.51 14.60 61.85
C UNK NB 19 -6.09 14.72 60.39
N UNK NB 20 -5.61 13.62 59.80
CA UNK NB 20 -5.04 13.68 58.46
C UNK NB 20 -6.09 14.07 57.43
N UNK NB 21 -7.38 13.83 57.71
CA UNK NB 21 -8.41 14.14 56.75
C UNK NB 21 -9.76 14.24 57.44
N UNK NB 22 -10.63 15.10 56.91
CA UNK NB 22 -11.97 15.23 57.46
C UNK NB 22 -12.83 14.01 57.14
N UNK NB 23 -12.72 13.50 55.92
CA UNK NB 23 -13.55 12.40 55.45
C UNK NB 23 -13.16 11.05 56.05
N UNK NB 24 -12.37 11.03 57.12
CA UNK NB 24 -11.88 9.79 57.71
C UNK NB 24 -12.19 9.71 59.20
N UNK NB 25 -13.42 10.00 59.60
CA UNK NB 25 -13.77 9.93 61.01
C UNK NB 25 -13.52 8.53 61.54
N UNK NB 26 -14.31 7.56 61.10
CA UNK NB 26 -14.03 6.12 61.24
C UNK NB 26 -13.28 5.75 62.51
N UNK NB 27 -13.74 6.24 63.66
CA UNK NB 27 -13.03 6.06 64.92
C UNK NB 27 -13.78 5.17 65.89
N UNK NB 28 -14.41 4.11 65.38
CA UNK NB 28 -15.07 3.11 66.21
C UNK NB 28 -14.26 1.82 66.30
N UNK NB 29 -12.94 1.93 66.43
CA UNK NB 29 -12.07 0.81 66.76
C UNK NB 29 -10.94 1.34 67.62
N UNK NB 30 -10.87 0.86 68.85
CA UNK NB 30 -10.03 1.47 69.87
C UNK NB 30 -9.91 0.56 71.07
N UNK NB 31 -9.49 1.12 72.20
CA UNK NB 31 -9.38 0.46 73.49
C UNK NB 31 -8.16 -0.44 73.58
N UNK NB 32 -7.20 -0.28 72.67
CA UNK NB 32 -5.85 -0.80 72.85
C UNK NB 32 -5.78 -2.31 72.91
N UNK NB 33 -6.92 -2.99 72.78
CA UNK NB 33 -6.91 -4.43 72.91
C UNK NB 33 -6.12 -5.03 71.76
N UNK NB 34 -4.83 -5.31 72.00
CA UNK NB 34 -3.89 -5.62 70.94
C UNK NB 34 -2.95 -6.74 71.41
N UNK NB 35 -1.98 -7.08 70.56
CA UNK NB 35 -0.94 -8.04 70.89
C UNK NB 35 0.30 -7.68 70.07
N UNK NB 36 1.42 -8.32 70.41
CA UNK NB 36 2.68 -8.03 69.74
C UNK NB 36 3.68 -9.12 70.11
N UNK NB 37 4.82 -9.11 69.42
CA UNK NB 37 5.92 -10.05 69.67
C UNK NB 37 7.13 -9.72 68.81
N UNK NB 38 8.32 -9.85 69.37
CA UNK NB 38 9.53 -9.80 68.57
C UNK NB 38 9.80 -11.18 68.01
N UNK NB 39 10.67 -11.24 66.99
CA UNK NB 39 10.76 -12.42 66.15
C UNK NB 39 11.11 -13.67 66.94
N UNK NB 40 10.70 -14.82 66.43
CA UNK NB 40 11.09 -16.10 66.98
C UNK NB 40 11.59 -16.99 65.86
N ALA OB 1 -0.58 118.53 40.25
CA ALA OB 1 -0.30 117.93 41.54
C ALA OB 1 0.31 116.55 41.37
N ALA OB 2 0.66 116.21 40.11
CA ALA OB 2 1.24 114.92 39.76
C ALA OB 2 0.28 113.77 40.05
N ALA OB 3 -0.94 114.09 40.49
CA ALA OB 3 -1.98 113.11 40.75
C ALA OB 3 -1.50 112.03 41.71
N ALA OB 4 -1.17 112.46 42.93
CA ALA OB 4 -0.74 111.52 43.97
C ALA OB 4 -1.78 110.42 44.14
N ALA OB 5 -1.37 109.18 43.91
CA ALA OB 5 -2.22 108.03 44.18
C ALA OB 5 -2.23 107.79 45.69
N ALA OB 6 -2.79 106.66 46.12
CA ALA OB 6 -2.77 106.34 47.53
C ALA OB 6 -2.84 104.83 47.69
N ALA OB 7 -2.37 104.36 48.84
CA ALA OB 7 -2.51 102.97 49.22
C ALA OB 7 -3.33 102.92 50.51
N ALA OB 8 -3.63 101.70 50.93
CA ALA OB 8 -4.38 101.52 52.17
C ALA OB 8 -4.20 100.07 52.61
N ALA OB 9 -3.65 99.87 53.79
CA ALA OB 9 -3.44 98.54 54.33
C ALA OB 9 -4.48 98.25 55.39
N ALA OB 10 -4.89 96.98 55.48
CA ALA OB 10 -5.82 96.53 56.52
C ALA OB 10 -5.45 95.09 56.86
N ALA OB 11 -4.63 94.91 57.89
CA ALA OB 11 -4.18 93.57 58.27
C ALA OB 11 -5.24 92.98 59.19
N ALA OB 12 -6.07 92.11 58.63
CA ALA OB 12 -7.08 91.41 59.41
C ALA OB 12 -6.43 90.67 60.55
N ALA OB 13 -6.75 91.05 61.78
CA ALA OB 13 -6.02 90.53 62.93
C ALA OB 13 -6.52 89.14 63.28
N ALA OB 14 -7.74 89.06 63.80
CA ALA OB 14 -8.35 87.81 64.24
C ALA OB 14 -9.67 88.07 64.93
N ALA OB 15 -10.34 87.00 65.35
CA ALA OB 15 -11.32 87.05 66.43
C ALA OB 15 -11.61 85.63 66.89
N ALA OB 16 -11.38 85.34 68.17
CA ALA OB 16 -11.57 83.98 68.65
C ALA OB 16 -13.04 83.61 68.62
N ALA OB 17 -13.31 82.31 68.58
CA ALA OB 17 -14.65 81.78 68.39
C ALA OB 17 -15.23 81.38 69.74
N ALA OB 18 -16.44 81.84 70.03
CA ALA OB 18 -17.00 81.69 71.37
C ALA OB 18 -17.78 80.39 71.53
N ALA OB 19 -18.56 80.00 70.52
CA ALA OB 19 -19.39 78.80 70.64
C ALA OB 19 -18.53 77.56 70.86
N ALA OB 20 -17.47 77.40 70.07
CA ALA OB 20 -16.39 76.46 70.32
C ALA OB 20 -16.91 75.07 70.71
N ALA OB 21 -17.63 74.46 69.78
CA ALA OB 21 -18.07 73.08 69.98
C ALA OB 21 -16.89 72.13 70.00
N ALA OB 22 -16.17 72.06 68.88
CA ALA OB 22 -15.05 71.10 68.73
C ALA OB 22 -13.71 71.84 68.61
N ALA OB 23 -13.61 73.07 69.11
CA ALA OB 23 -12.38 73.87 68.94
C ALA OB 23 -11.19 73.17 69.60
N ALA OB 24 -11.37 72.55 70.76
CA ALA OB 24 -10.17 71.89 71.33
C ALA OB 24 -9.72 70.77 70.39
N ALA OB 25 -10.64 69.91 69.94
CA ALA OB 25 -10.26 68.75 69.11
C ALA OB 25 -9.72 69.20 67.75
N ALA OB 26 -10.38 70.18 67.13
CA ALA OB 26 -9.94 70.64 65.81
C ALA OB 26 -8.55 71.26 65.89
N ALA OB 27 -8.23 71.95 66.99
CA ALA OB 27 -6.87 72.48 67.23
C ALA OB 27 -6.07 71.49 68.08
N ALA OB 28 -6.62 70.29 68.32
CA ALA OB 28 -5.82 69.26 69.00
C ALA OB 28 -4.96 68.54 67.95
N ALA OB 29 -3.91 69.19 67.44
CA ALA OB 29 -2.91 68.56 66.54
C ALA OB 29 -1.56 68.77 67.23
N ALA OB 30 -0.59 67.85 67.09
CA ALA OB 30 0.66 67.92 67.89
C ALA OB 30 1.46 69.21 67.70
N ALA OB 31 1.65 69.70 66.48
CA ALA OB 31 2.37 70.99 66.32
C ALA OB 31 1.35 72.11 66.41
N ALA OB 32 0.44 72.13 65.45
CA ALA OB 32 -0.69 73.06 65.40
C ALA OB 32 -0.22 74.48 65.06
N ALA OB 33 0.52 74.59 63.95
CA ALA OB 33 0.86 75.87 63.35
C ALA OB 33 1.60 76.76 64.35
N ALA OB 34 2.84 76.36 64.62
CA ALA OB 34 3.65 77.08 65.59
C ALA OB 34 3.98 78.46 65.05
N ALA OB 35 2.95 79.31 64.97
CA ALA OB 35 2.83 80.35 63.93
C ALA OB 35 2.06 81.54 64.47
N ALA OB 36 2.43 82.01 65.66
CA ALA OB 36 1.71 83.12 66.30
C ALA OB 36 1.81 84.40 65.47
N ALA OB 37 2.98 84.71 64.93
CA ALA OB 37 3.12 86.01 64.22
C ALA OB 37 2.58 85.86 62.79
N ALA OB 38 1.29 85.60 62.66
CA ALA OB 38 0.66 85.42 61.34
C ALA OB 38 0.33 86.81 60.79
N ALA OB 39 1.35 87.57 60.41
CA ALA OB 39 1.10 88.96 59.96
C ALA OB 39 0.74 88.92 58.48
N ALA OB 40 0.78 87.72 57.90
CA ALA OB 40 0.45 87.57 56.47
C ALA OB 40 -1.06 87.66 56.30
N ALA OB 41 -1.54 87.71 55.06
CA ALA OB 41 -2.98 87.90 54.80
C ALA OB 41 -3.33 89.39 54.90
N ALA OB 42 -2.35 90.27 54.72
CA ALA OB 42 -2.68 91.71 54.69
C ALA OB 42 -3.64 91.94 53.52
N ALA OB 43 -4.73 92.66 53.73
CA ALA OB 43 -5.60 92.97 52.59
C ALA OB 43 -5.42 94.46 52.30
N ALA OB 44 -4.90 94.80 51.12
CA ALA OB 44 -4.60 96.22 50.84
C ALA OB 44 -5.64 96.78 49.87
N ALA OB 45 -6.50 97.68 50.37
CA ALA OB 45 -7.52 98.31 49.54
C ALA OB 45 -6.91 99.54 48.90
N ALA OB 46 -6.13 99.34 47.86
CA ALA OB 46 -5.36 100.41 47.22
C ALA OB 46 -6.30 101.32 46.45
N ALA OB 47 -6.51 102.53 46.95
CA ALA OB 47 -7.37 103.50 46.29
C ALA OB 47 -6.51 104.40 45.41
N ALA OB 48 -6.80 104.42 44.11
CA ALA OB 48 -6.12 105.32 43.19
C ALA OB 48 -6.73 106.71 43.30
N ALA OB 49 -6.50 107.56 42.30
CA ALA OB 49 -7.16 108.88 42.31
C ALA OB 49 -7.20 109.52 40.93
N ALA OB 50 -8.36 110.06 40.54
CA ALA OB 50 -8.44 110.82 39.28
C ALA OB 50 -8.92 112.22 39.62
N ALA OB 51 -9.16 112.52 40.91
CA ALA OB 51 -9.77 113.79 41.34
C ALA OB 51 -11.28 113.59 41.26
N ALA OB 52 -12.09 114.39 41.95
CA ALA OB 52 -13.55 114.10 41.93
C ALA OB 52 -13.70 112.65 42.38
N ALA OB 53 -14.38 111.81 41.59
CA ALA OB 53 -14.88 110.50 42.08
C ALA OB 53 -13.73 109.51 42.28
N ALA OB 54 -12.52 109.84 41.84
CA ALA OB 54 -11.38 108.94 42.16
C ALA OB 54 -11.60 107.54 41.59
N ALA OB 55 -11.21 106.49 42.32
CA ALA OB 55 -11.30 105.10 41.80
C ALA OB 55 -10.53 104.15 42.71
N ALA OB 56 -11.21 103.14 43.25
CA ALA OB 56 -10.64 102.13 44.13
C ALA OB 56 -10.06 101.01 43.30
N ALA OB 57 -9.07 100.31 43.84
CA ALA OB 57 -8.54 99.11 43.22
C ALA OB 57 -8.08 98.17 44.34
N ALA OB 58 -8.96 97.26 44.74
CA ALA OB 58 -8.71 96.41 45.89
C ALA OB 58 -8.03 95.13 45.43
N ALA OB 59 -6.85 94.85 45.98
CA ALA OB 59 -6.12 93.62 45.70
C ALA OB 59 -5.59 93.09 47.02
N ALA OB 60 -6.03 91.89 47.39
CA ALA OB 60 -5.64 91.29 48.67
C ALA OB 60 -4.35 90.49 48.46
N ALA OB 61 -3.22 91.09 48.82
CA ALA OB 61 -1.91 90.50 48.63
C ALA OB 61 -1.50 89.85 49.94
N ALA OB 62 -1.29 88.54 49.92
CA ALA OB 62 -0.94 87.82 51.14
C ALA OB 62 -0.54 86.39 50.76
N ALA OB 63 -0.13 85.63 51.77
CA ALA OB 63 0.32 84.28 51.56
C ALA OB 63 0.52 83.57 52.87
N ALA OB 64 1.34 82.53 52.85
CA ALA OB 64 1.59 81.72 54.05
C ALA OB 64 2.90 82.12 54.72
N ALA OB 65 2.94 83.36 55.19
CA ALA OB 65 4.06 83.82 56.01
C ALA OB 65 3.91 83.18 57.38
N ALA OB 66 4.25 81.91 57.44
CA ALA OB 66 4.28 81.08 58.64
C ALA OB 66 2.88 80.75 59.13
N ALA OB 67 1.89 81.51 58.66
CA ALA OB 67 0.47 81.23 58.82
C ALA OB 67 -0.27 82.41 58.22
N ALA OB 68 -1.58 82.28 58.07
CA ALA OB 68 -2.43 83.34 57.58
C ALA OB 68 -3.88 82.93 57.79
N ALA OB 69 -4.78 83.81 57.40
CA ALA OB 69 -6.01 83.32 56.78
C ALA OB 69 -5.53 82.53 55.56
N ALA OB 70 -6.13 81.37 55.30
CA ALA OB 70 -5.75 80.66 54.07
C ALA OB 70 -6.52 81.33 52.93
N ALA OB 71 -6.08 82.52 52.51
CA ALA OB 71 -6.82 83.30 51.50
C ALA OB 71 -6.89 82.51 50.20
N ALA OB 72 -5.79 81.87 49.80
CA ALA OB 72 -5.86 81.00 48.61
C ALA OB 72 -6.76 79.80 48.89
N ALA OB 73 -6.62 79.19 50.07
CA ALA OB 73 -7.38 77.97 50.43
C ALA OB 73 -8.84 78.28 50.72
N ALA OB 74 -9.21 79.57 50.82
CA ALA OB 74 -10.62 79.96 50.97
C ALA OB 74 -11.07 79.86 52.43
N ALA OB 75 -12.37 80.03 52.69
CA ALA OB 75 -12.90 80.08 54.06
C ALA OB 75 -12.62 81.50 54.55
N ALA OB 76 -11.97 82.32 53.70
CA ALA OB 76 -11.70 83.73 54.01
C ALA OB 76 -11.37 84.45 52.70
N ALA OB 77 -11.47 85.80 52.64
CA ALA OB 77 -11.00 86.60 51.48
C ALA OB 77 -11.98 86.97 50.36
N ALA OB 78 -11.71 88.09 49.66
CA ALA OB 78 -12.47 88.53 48.46
C ALA OB 78 -11.58 89.58 47.76
N ALA OB 79 -11.82 89.91 46.48
CA ALA OB 79 -11.03 91.00 45.83
C ALA OB 79 -11.84 91.61 44.69
N ALA OB 80 -11.41 92.75 44.14
CA ALA OB 80 -12.09 93.27 42.96
C ALA OB 80 -11.28 94.43 42.41
N ALA OB 81 -10.23 94.10 41.66
CA ALA OB 81 -9.19 95.06 41.32
C ALA OB 81 -9.69 96.22 40.48
N ALA OB 82 -10.02 95.98 39.22
CA ALA OB 82 -10.35 97.06 38.30
C ALA OB 82 -11.78 97.49 38.56
N ALA OB 83 -11.98 98.28 39.60
CA ALA OB 83 -13.31 98.65 40.04
C ALA OB 83 -14.04 99.44 38.96
N ALA OB 84 -15.32 99.17 38.81
CA ALA OB 84 -16.14 99.82 37.80
C ALA OB 84 -17.32 100.59 38.38
N ALA OB 85 -17.51 100.55 39.70
CA ALA OB 85 -18.67 101.23 40.28
C ALA OB 85 -18.41 102.72 40.49
N ALA OB 86 -17.55 103.05 41.44
CA ALA OB 86 -17.19 104.42 41.79
C ALA OB 86 -16.32 104.44 43.03
N ALA OB 87 -15.86 105.62 43.43
CA ALA OB 87 -15.33 105.84 44.77
C ALA OB 87 -15.46 107.32 45.09
N ALA OB 88 -15.12 107.68 46.32
CA ALA OB 88 -15.13 109.06 46.82
C ALA OB 88 -16.54 109.63 46.92
N ALA OB 89 -17.55 108.88 46.46
CA ALA OB 89 -18.93 109.26 46.72
C ALA OB 89 -19.47 108.52 47.95
N ALA OB 90 -19.58 107.20 47.88
CA ALA OB 90 -19.88 106.32 49.01
C ALA OB 90 -20.04 104.88 48.54
N ALA OB 91 -20.25 103.97 49.50
CA ALA OB 91 -20.75 102.62 49.25
C ALA OB 91 -19.84 101.79 48.36
N ALA OB 92 -18.69 102.34 47.97
CA ALA OB 92 -17.66 101.52 47.33
C ALA OB 92 -16.98 100.65 48.38
N ALA OB 93 -16.34 101.28 49.34
CA ALA OB 93 -15.92 100.62 50.56
C ALA OB 93 -17.04 100.74 51.59
N ALA OB 94 -16.73 100.43 52.85
CA ALA OB 94 -17.67 100.24 53.94
C ALA OB 94 -18.44 98.96 53.70
N ALA OB 95 -18.25 98.39 52.52
CA ALA OB 95 -18.51 97.00 52.20
C ALA OB 95 -17.23 96.24 51.94
N ALA OB 96 -16.31 96.85 51.21
CA ALA OB 96 -15.00 96.24 51.04
C ALA OB 96 -14.14 96.40 52.29
N ALA OB 97 -14.36 97.46 53.06
CA ALA OB 97 -13.67 97.62 54.33
C ALA OB 97 -14.33 96.83 55.44
N ALA OB 98 -15.58 96.42 55.25
CA ALA OB 98 -16.25 95.51 56.16
C ALA OB 98 -16.08 94.05 55.78
N ALA OB 99 -15.09 93.76 54.93
CA ALA OB 99 -14.92 92.41 54.41
C ALA OB 99 -14.34 91.49 55.48
N ALA OB 100 -13.14 91.79 55.97
CA ALA OB 100 -12.43 90.90 56.87
C ALA OB 100 -13.01 91.00 58.27
N ALA OB 101 -12.34 90.37 59.24
CA ALA OB 101 -12.49 90.72 60.65
C ALA OB 101 -11.41 91.73 61.02
N ALA OB 102 -11.45 92.85 60.29
CA ALA OB 102 -10.26 93.64 60.01
C ALA OB 102 -9.77 94.44 61.21
N ALA OB 103 -8.47 94.73 61.19
CA ALA OB 103 -7.93 95.83 61.95
C ALA OB 103 -8.23 97.14 61.23
N ALA OB 104 -7.66 98.23 61.71
CA ALA OB 104 -7.93 99.52 61.11
C ALA OB 104 -7.30 99.60 59.73
N ALA OB 105 -7.65 100.66 58.99
CA ALA OB 105 -7.09 100.87 57.66
C ALA OB 105 -5.88 101.77 57.80
N ALA OB 106 -4.79 101.18 58.28
CA ALA OB 106 -3.51 101.87 58.30
C ALA OB 106 -3.12 102.21 56.87
N ALA OB 107 -2.92 103.50 56.59
CA ALA OB 107 -2.77 103.98 55.22
C ALA OB 107 -1.29 103.94 54.80
N ALA OB 108 -1.08 104.32 53.55
CA ALA OB 108 0.24 104.48 52.97
C ALA OB 108 0.11 105.35 51.73
N ALA OB 109 1.01 106.31 51.57
CA ALA OB 109 0.88 107.35 50.56
C ALA OB 109 1.89 107.13 49.44
N ALA OB 110 1.44 107.28 48.20
CA ALA OB 110 2.30 107.10 47.05
C ALA OB 110 2.02 108.21 46.04
N ALA OB 111 2.90 108.33 45.06
CA ALA OB 111 2.79 109.35 44.03
C ALA OB 111 3.09 108.75 42.67
N ALA OB 112 3.19 109.60 41.65
CA ALA OB 112 3.49 109.29 40.24
C ALA OB 112 2.25 108.79 39.51
N ALA OB 113 1.09 108.70 40.17
CA ALA OB 113 -0.26 108.71 39.60
C ALA OB 113 -0.68 107.42 38.93
N ALA OB 114 0.20 106.45 38.75
CA ALA OB 114 -0.14 105.21 38.05
C ALA OB 114 1.04 104.27 38.18
N ALA OB 115 0.95 103.16 37.46
CA ALA OB 115 2.05 102.20 37.29
C ALA OB 115 2.30 101.43 38.58
N ALA OB 116 1.65 101.83 39.67
CA ALA OB 116 1.72 101.04 40.88
C ALA OB 116 0.95 99.74 40.72
N ALA OB 117 -0.36 99.85 40.49
CA ALA OB 117 -1.16 98.69 40.14
C ALA OB 117 -2.44 99.17 39.48
N ALA OB 118 -2.60 98.94 38.17
CA ALA OB 118 -3.93 98.93 37.58
C ALA OB 118 -4.23 97.59 36.91
N ALA OB 119 -3.45 97.21 35.92
CA ALA OB 119 -3.53 95.94 35.21
C ALA OB 119 -2.51 94.96 35.79
N ALA OB 120 -2.20 93.91 35.03
CA ALA OB 120 -1.16 92.91 35.25
C ALA OB 120 -1.54 91.92 36.33
N ALA OB 121 -2.62 92.14 37.06
CA ALA OB 121 -3.36 91.08 37.72
C ALA OB 121 -4.65 90.89 36.95
N ALA OB 122 -5.09 89.64 36.83
CA ALA OB 122 -6.07 89.31 35.80
C ALA OB 122 -7.34 90.15 35.91
N ALA OB 123 -7.73 90.53 37.13
CA ALA OB 123 -8.96 91.30 37.37
C ALA OB 123 -10.17 90.60 36.77
N ALA OB 124 -10.27 89.29 37.05
CA ALA OB 124 -11.38 88.51 36.53
C ALA OB 124 -12.59 88.57 37.45
N ALA OB 125 -12.38 88.76 38.75
CA ALA OB 125 -13.45 88.91 39.71
C ALA OB 125 -13.87 90.37 39.90
N ALA OB 126 -13.17 91.30 39.26
CA ALA OB 126 -13.58 92.70 39.24
C ALA OB 126 -14.56 93.00 38.14
N ALA OB 127 -14.91 92.00 37.33
CA ALA OB 127 -16.02 92.13 36.40
C ALA OB 127 -17.36 91.93 37.09
N ALA OB 128 -17.36 91.72 38.40
CA ALA OB 128 -18.61 91.68 39.14
C ALA OB 128 -19.32 93.02 39.08
N ALA OB 129 -18.56 94.11 39.16
CA ALA OB 129 -19.18 95.43 39.20
C ALA OB 129 -19.71 95.83 37.85
N ALA OB 130 -19.01 95.48 36.78
CA ALA OB 130 -19.50 95.81 35.45
C ALA OB 130 -20.81 95.09 35.15
N ALA OB 131 -20.91 93.81 35.54
CA ALA OB 131 -22.15 93.08 35.33
C ALA OB 131 -23.27 93.59 36.23
N ALA OB 132 -22.94 94.29 37.31
CA ALA OB 132 -23.98 94.89 38.14
C ALA OB 132 -24.56 96.12 37.47
N ALA OB 133 -23.79 96.77 36.60
CA ALA OB 133 -24.30 97.87 35.80
C ALA OB 133 -24.67 97.46 34.38
N ALA OB 134 -24.00 96.44 33.82
CA ALA OB 134 -24.45 95.89 32.56
C ALA OB 134 -25.88 95.38 32.68
N ALA OB 135 -26.26 94.89 33.86
CA ALA OB 135 -27.62 94.53 34.17
C ALA OB 135 -28.47 95.74 34.56
N ALA OB 136 -27.85 96.86 34.90
CA ALA OB 136 -28.63 98.03 35.27
C ALA OB 136 -29.35 98.63 34.08
N ALA OB 137 -28.84 98.40 32.87
CA ALA OB 137 -29.63 98.74 31.69
C ALA OB 137 -30.90 97.91 31.63
N ALA OB 138 -30.88 96.72 32.23
CA ALA OB 138 -32.02 95.83 32.43
C ALA OB 138 -32.61 95.29 31.14
N ALA OB 139 -31.95 95.49 29.99
CA ALA OB 139 -32.44 94.87 28.77
C ALA OB 139 -32.09 93.38 28.74
N ALA OB 140 -30.80 93.07 28.74
CA ALA OB 140 -30.34 91.69 28.65
C ALA OB 140 -30.45 91.02 30.01
N ALA OB 141 -31.15 89.89 30.06
CA ALA OB 141 -31.34 89.13 31.29
C ALA OB 141 -30.78 87.72 31.10
N ALA OB 142 -30.07 87.24 32.11
CA ALA OB 142 -29.52 85.90 32.09
C ALA OB 142 -30.63 84.86 32.22
N ALA OB 143 -30.50 83.71 31.51
CA ALA OB 143 -29.50 83.31 30.51
C ALA OB 143 -28.05 83.35 30.99
N ALA OB 144 -27.75 82.51 31.99
CA ALA OB 144 -26.48 82.60 32.70
C ALA OB 144 -25.28 82.54 31.78
N ALA OB 145 -25.38 81.79 30.69
CA ALA OB 145 -24.28 81.68 29.74
C ALA OB 145 -24.43 82.61 28.55
N ALA OB 146 -25.51 83.40 28.50
CA ALA OB 146 -25.71 84.34 27.42
C ALA OB 146 -25.56 85.78 27.86
N ALA OB 147 -25.81 86.08 29.14
CA ALA OB 147 -25.51 87.41 29.65
C ALA OB 147 -24.03 87.54 29.98
N ALA OB 148 -23.37 86.44 30.33
CA ALA OB 148 -21.94 86.48 30.59
C ALA OB 148 -21.14 86.82 29.35
N ALA OB 149 -21.78 86.83 28.17
CA ALA OB 149 -21.13 87.38 27.00
C ALA OB 149 -21.42 88.86 26.85
N ALA OB 150 -22.70 89.23 26.84
CA ALA OB 150 -23.05 90.63 26.67
C ALA OB 150 -22.62 91.48 27.85
N ALA OB 151 -22.37 90.86 29.01
CA ALA OB 151 -21.84 91.61 30.14
C ALA OB 151 -20.32 91.55 30.18
N ALA OB 152 -19.71 90.72 29.34
CA ALA OB 152 -18.28 90.75 29.10
C ALA OB 152 -17.94 91.35 27.75
N ALA OB 153 -18.93 91.89 27.05
CA ALA OB 153 -18.66 92.70 25.85
C ALA OB 153 -18.51 94.16 26.24
N ALA OB 154 -19.50 94.73 26.91
CA ALA OB 154 -19.36 96.09 27.43
C ALA OB 154 -18.22 96.17 28.43
N ALA OB 155 -17.97 95.08 29.18
CA ALA OB 155 -16.86 95.08 30.11
C ALA OB 155 -15.54 95.41 29.43
N ALA OB 156 -15.39 95.03 28.17
CA ALA OB 156 -14.22 95.48 27.41
C ALA OB 156 -14.25 96.98 27.22
N ALA OB 157 -15.38 97.52 26.77
CA ALA OB 157 -15.46 98.95 26.52
C ALA OB 157 -15.19 99.76 27.77
N ALA OB 158 -15.47 99.20 28.95
CA ALA OB 158 -15.15 99.90 30.18
C ALA OB 158 -13.66 100.08 30.35
N ALA OB 159 -12.88 99.08 29.90
CA ALA OB 159 -11.43 99.18 29.97
C ALA OB 159 -10.80 99.49 28.61
N ALA OB 160 -11.58 99.42 27.53
CA ALA OB 160 -11.07 99.82 26.22
C ALA OB 160 -11.13 101.33 26.06
N ALA OB 161 -12.26 101.92 26.42
CA ALA OB 161 -12.39 103.37 26.45
C ALA OB 161 -11.82 103.99 27.70
N ALA OB 162 -11.29 103.19 28.63
CA ALA OB 162 -10.71 103.79 29.82
C ALA OB 162 -9.48 104.60 29.47
N ALA OB 163 -8.31 103.96 29.43
CA ALA OB 163 -7.03 104.66 29.64
C ALA OB 163 -6.97 105.98 28.89
N ALA OB 164 -7.40 106.00 27.62
CA ALA OB 164 -7.23 107.20 26.78
C ALA OB 164 -8.01 108.41 27.28
N ALA OB 165 -9.27 108.25 27.66
CA ALA OB 165 -10.05 109.46 28.02
C ALA OB 165 -10.48 109.41 29.47
N ALA OB 166 -11.06 108.30 29.88
CA ALA OB 166 -11.69 108.27 31.21
C ALA OB 166 -10.69 108.56 32.31
N ALA OB 167 -9.50 108.00 32.24
CA ALA OB 167 -8.60 108.24 33.39
C ALA OB 167 -7.59 109.35 33.06
N ALA OB 168 -7.58 109.85 31.83
CA ALA OB 168 -6.55 110.86 31.48
C ALA OB 168 -7.22 112.18 31.13
N ALA OB 169 -8.12 112.18 30.14
CA ALA OB 169 -8.70 113.46 29.73
C ALA OB 169 -9.45 114.00 30.95
N ALA OB 170 -10.10 113.11 31.69
CA ALA OB 170 -10.89 113.57 32.85
C ALA OB 170 -9.92 114.25 33.80
N ALA OB 171 -8.74 113.68 34.04
CA ALA OB 171 -7.88 114.36 35.03
C ALA OB 171 -7.50 115.72 34.47
N ALA OB 172 -7.09 115.77 33.20
CA ALA OB 172 -6.60 117.06 32.65
C ALA OB 172 -7.79 117.99 32.51
N ALA OB 173 -8.98 117.42 32.50
CA ALA OB 173 -10.19 118.24 32.43
C ALA OB 173 -10.58 118.73 33.81
N ALA OB 174 -10.64 117.83 34.79
CA ALA OB 174 -11.07 118.22 36.13
C ALA OB 174 -10.08 119.16 36.78
N ALA OB 175 -8.79 118.97 36.51
CA ALA OB 175 -7.79 119.91 37.03
C ALA OB 175 -7.75 121.17 36.21
N ALA OB 176 -8.28 121.14 34.98
CA ALA OB 176 -8.35 122.36 34.18
C ALA OB 176 -9.36 123.33 34.77
N ALA OB 177 -10.47 122.81 35.30
CA ALA OB 177 -11.49 123.69 35.87
C ALA OB 177 -10.92 124.48 37.04
N ALA OB 178 -10.13 123.82 37.90
CA ALA OB 178 -9.48 124.56 38.98
C ALA OB 178 -8.56 125.62 38.43
N ALA OB 179 -7.89 125.35 37.31
CA ALA OB 179 -7.07 126.37 36.67
C ALA OB 179 -7.92 127.38 35.95
N ALA OB 180 -8.80 126.91 35.04
CA ALA OB 180 -9.61 127.81 34.23
C ALA OB 180 -10.54 128.67 35.08
N ALA OB 181 -10.83 128.28 36.33
CA ALA OB 181 -11.60 129.14 37.21
C ALA OB 181 -10.68 130.08 37.98
N ALA OB 182 -9.51 129.60 38.41
CA ALA OB 182 -8.55 130.48 39.05
C ALA OB 182 -7.99 131.49 38.07
N ALA OB 183 -7.85 131.10 36.80
CA ALA OB 183 -7.43 132.07 35.79
C ALA OB 183 -8.47 133.16 35.64
N ALA OB 184 -9.74 132.83 35.82
CA ALA OB 184 -10.82 133.80 35.78
C ALA OB 184 -11.34 134.14 37.16
N ALA OB 185 -10.69 133.66 38.23
CA ALA OB 185 -11.05 134.09 39.57
C ALA OB 185 -10.95 135.60 39.72
N ALA OB 186 -10.19 136.25 38.86
CA ALA OB 186 -10.19 137.69 38.72
C ALA OB 186 -10.37 138.03 37.25
N ALA OB 187 -10.60 139.32 36.97
CA ALA OB 187 -10.74 139.85 35.62
C ALA OB 187 -11.78 139.08 34.78
N ALA PB 1 -8.06 64.61 104.59
CA ALA PB 1 -8.84 63.46 105.01
C ALA PB 1 -9.23 62.65 103.77
N ALA PB 2 -8.96 63.22 102.62
CA ALA PB 2 -9.23 62.58 101.34
C ALA PB 2 -8.17 63.06 100.35
N ALA PB 3 -8.51 62.92 99.07
CA ALA PB 3 -7.52 63.00 97.99
C ALA PB 3 -7.43 64.41 97.42
N ALA PB 4 -6.83 64.54 96.24
CA ALA PB 4 -6.53 65.87 95.67
C ALA PB 4 -7.76 66.74 95.42
N ALA PB 5 -7.56 68.05 95.45
CA ALA PB 5 -8.67 68.99 95.21
C ALA PB 5 -8.25 70.10 94.25
N ALA PB 6 -9.21 70.75 93.59
CA ALA PB 6 -9.00 71.82 92.59
C ALA PB 6 -10.13 71.55 91.61
N ALA PB 7 -10.58 72.54 90.83
CA ALA PB 7 -11.74 72.28 89.96
C ALA PB 7 -12.92 71.73 90.79
N ALA PB 8 -13.54 70.64 90.32
CA ALA PB 8 -14.70 70.03 91.03
C ALA PB 8 -14.50 68.53 91.05
N ALA PB 9 -15.16 67.81 91.96
CA ALA PB 9 -14.87 66.35 92.00
C ALA PB 9 -15.76 65.67 90.96
N ALA PB 10 -15.22 65.41 89.77
CA ALA PB 10 -16.07 64.88 88.69
C ALA PB 10 -16.53 63.45 88.96
N ALA PB 11 -15.63 62.55 89.37
CA ALA PB 11 -15.99 61.14 89.57
C ALA PB 11 -16.34 60.49 88.23
N ALA PB 12 -16.92 59.30 88.26
CA ALA PB 12 -17.42 58.65 87.02
C ALA PB 12 -16.43 58.55 85.87
N ALA PB 13 -15.21 58.09 86.12
CA ALA PB 13 -14.31 57.81 84.98
C ALA PB 13 -14.43 58.94 83.97
N ALA PB 14 -14.07 60.16 84.34
CA ALA PB 14 -14.27 61.32 83.45
C ALA PB 14 -13.60 60.98 82.11
N ALA PB 15 -12.48 60.27 82.17
CA ALA PB 15 -11.80 59.84 80.92
C ALA PB 15 -12.70 58.95 80.06
N ALA PB 16 -13.70 59.52 79.41
CA ALA PB 16 -14.47 58.75 78.44
C ALA PB 16 -15.56 59.65 77.87
N ALA PB 17 -16.37 59.08 76.97
CA ALA PB 17 -17.54 59.75 76.41
C ALA PB 17 -17.16 61.07 75.72
N ALA PB 18 -16.36 60.93 74.66
CA ALA PB 18 -15.78 62.10 74.01
C ALA PB 18 -16.74 62.84 73.09
N ALA PB 19 -18.03 62.48 73.08
CA ALA PB 19 -19.06 63.22 72.34
C ALA PB 19 -18.72 63.30 70.85
N ALA PB 20 -18.81 62.15 70.19
CA ALA PB 20 -18.59 62.07 68.75
C ALA PB 20 -19.49 63.06 68.00
N ALA PB 21 -18.93 63.70 66.98
CA ALA PB 21 -19.67 64.66 66.17
C ALA PB 21 -20.48 63.96 65.11
N ALA PB 22 -20.92 64.69 64.09
CA ALA PB 22 -21.62 64.06 62.97
C ALA PB 22 -20.68 63.16 62.18
N ALA PB 23 -19.60 63.72 61.66
CA ALA PB 23 -18.72 62.98 60.76
C ALA PB 23 -18.10 61.78 61.44
N ALA PB 24 -18.02 61.78 62.76
CA ALA PB 24 -17.47 60.62 63.46
C ALA PB 24 -18.48 59.49 63.50
N ALA PB 25 -19.74 59.78 63.82
CA ALA PB 25 -20.74 58.73 63.85
C ALA PB 25 -21.02 58.20 62.45
N ALA PB 26 -21.05 59.08 61.45
CA ALA PB 26 -21.17 58.61 60.08
C ALA PB 26 -19.97 57.76 59.69
N ALA PB 27 -18.85 57.89 60.39
CA ALA PB 27 -17.69 57.06 60.14
C ALA PB 27 -17.64 55.88 61.09
N ALA PB 28 -18.01 56.08 62.36
CA ALA PB 28 -17.98 54.99 63.33
C ALA PB 28 -19.03 53.93 63.00
N ALA PB 29 -20.01 54.27 62.18
CA ALA PB 29 -21.00 53.29 61.75
C ALA PB 29 -20.56 52.58 60.48
N ALA PB 30 -20.20 53.36 59.45
CA ALA PB 30 -19.71 52.77 58.21
C ALA PB 30 -18.48 51.92 58.44
N ALA PB 31 -17.65 52.27 59.43
CA ALA PB 31 -16.55 51.38 59.80
C ALA PB 31 -17.06 50.11 60.44
N ALA PB 32 -18.13 50.21 61.23
CA ALA PB 32 -18.71 49.03 61.86
C ALA PB 32 -19.49 48.18 60.87
N ALA PB 33 -20.05 48.81 59.83
CA ALA PB 33 -20.69 48.03 58.78
C ALA PB 33 -19.68 47.25 57.97
N ALA PB 34 -18.48 47.78 57.80
CA ALA PB 34 -17.45 47.05 57.07
C ALA PB 34 -16.97 45.83 57.85
N ALA PB 35 -17.12 45.86 59.18
CA ALA PB 35 -16.71 44.70 59.97
C ALA PB 35 -17.75 43.58 59.90
N ALA PB 36 -19.03 43.93 59.73
CA ALA PB 36 -20.04 42.88 59.58
C ALA PB 36 -19.79 42.06 58.32
N ALA PB 37 -19.38 42.72 57.24
CA ALA PB 37 -18.98 41.99 56.04
C ALA PB 37 -17.63 41.30 56.25
N ALA PB 38 -16.67 42.00 56.83
CA ALA PB 38 -15.36 41.41 57.10
C ALA PB 38 -15.45 40.28 58.12
N ALA PB 39 -16.57 40.15 58.81
CA ALA PB 39 -16.83 38.94 59.58
C ALA PB 39 -17.70 37.96 58.83
N ALA PB 40 -18.29 38.37 57.70
CA ALA PB 40 -19.09 37.45 56.90
C ALA PB 40 -18.24 36.80 55.81
N ALA PB 41 -17.51 37.60 55.04
CA ALA PB 41 -16.61 37.06 54.02
C ALA PB 41 -15.61 36.09 54.63
N ALA PB 42 -15.23 36.30 55.89
CA ALA PB 42 -14.38 35.34 56.57
C ALA PB 42 -15.10 34.03 56.82
N ALA PB 43 -16.40 34.09 57.12
CA ALA PB 43 -17.18 32.87 57.26
C ALA PB 43 -17.50 32.24 55.92
N ALA PB 44 -17.36 32.98 54.82
CA ALA PB 44 -17.57 32.42 53.49
C ALA PB 44 -16.36 31.63 53.01
N ALA PB 45 -15.18 31.88 53.60
CA ALA PB 45 -14.06 30.98 53.40
C ALA PB 45 -14.16 29.75 54.28
N ALA PB 46 -14.79 29.88 55.45
CA ALA PB 46 -15.01 28.75 56.35
C ALA PB 46 -16.49 28.46 56.51
N ALA QB 1 -27.72 -14.61 90.09
CA ALA QB 1 -27.65 -13.16 90.18
C ALA QB 1 -28.88 -12.53 89.56
N ALA QB 2 -30.04 -13.17 89.73
CA ALA QB 2 -31.28 -12.60 89.23
C ALA QB 2 -31.77 -11.50 90.14
N ALA QB 3 -31.58 -11.66 91.45
CA ALA QB 3 -32.03 -10.64 92.40
C ALA QB 3 -30.97 -9.56 92.57
N ALA QB 4 -29.70 -9.92 92.39
CA ALA QB 4 -28.63 -8.93 92.53
C ALA QB 4 -28.79 -7.81 91.51
N ALA QB 5 -29.11 -8.16 90.27
CA ALA QB 5 -29.49 -7.14 89.29
C ALA QB 5 -30.81 -6.50 89.69
N ALA QB 6 -31.85 -7.32 89.88
CA ALA QB 6 -33.16 -6.81 90.26
C ALA QB 6 -33.13 -6.01 91.56
N ALA QB 7 -32.08 -6.15 92.36
CA ALA QB 7 -31.98 -5.39 93.61
C ALA QB 7 -32.14 -3.90 93.34
N ALA QB 8 -31.21 -3.33 92.57
CA ALA QB 8 -31.33 -1.93 92.21
C ALA QB 8 -32.22 -1.73 90.99
N ALA QB 9 -32.43 -2.76 90.19
CA ALA QB 9 -33.31 -2.62 89.03
C ALA QB 9 -34.74 -2.33 89.47
N ALA QB 10 -35.20 -2.99 90.53
CA ALA QB 10 -36.51 -2.68 91.08
C ALA QB 10 -36.57 -1.27 91.65
N ALA QB 11 -35.43 -0.57 91.70
CA ALA QB 11 -35.40 0.80 92.19
C ALA QB 11 -35.33 1.81 91.06
N ALA QB 12 -34.63 1.46 89.97
CA ALA QB 12 -34.53 2.38 88.84
C ALA QB 12 -35.91 2.73 88.30
N ALA QB 13 -36.91 1.89 88.58
CA ALA QB 13 -38.29 2.26 88.28
C ALA QB 13 -38.91 3.06 89.41
N ALA QB 14 -38.58 2.72 90.66
CA ALA QB 14 -39.14 3.44 91.79
C ALA QB 14 -38.63 4.87 91.87
N ALA QB 15 -37.39 5.11 91.44
CA ALA QB 15 -36.90 6.48 91.34
C ALA QB 15 -37.53 7.21 90.17
N ALA QB 16 -38.04 6.47 89.20
CA ALA QB 16 -38.89 7.05 88.16
C ALA QB 16 -40.37 6.90 88.48
N ALA QB 17 -40.70 6.28 89.62
CA ALA QB 17 -42.10 6.17 90.03
C ALA QB 17 -42.52 7.36 90.89
N ALA QB 18 -41.68 7.75 91.85
CA ALA QB 18 -41.97 8.95 92.64
C ALA QB 18 -42.01 10.17 91.74
N ALA QB 19 -41.05 10.30 90.83
CA ALA QB 19 -41.05 11.39 89.87
C ALA QB 19 -42.11 11.20 88.79
N ALA QB 20 -42.74 10.03 88.73
CA ALA QB 20 -43.90 9.87 87.86
C ALA QB 20 -45.10 10.58 88.44
N ALA QB 21 -45.46 10.26 89.68
CA ALA QB 21 -46.57 10.91 90.35
C ALA QB 21 -46.37 12.42 90.49
N ALA QB 22 -45.17 12.92 90.23
CA ALA QB 22 -44.99 14.37 90.11
C ALA QB 22 -45.84 14.90 88.97
N ALA QB 23 -45.98 14.13 87.90
CA ALA QB 23 -46.94 14.47 86.85
C ALA QB 23 -48.37 14.23 87.29
N ALA QB 24 -48.58 13.42 88.33
CA ALA QB 24 -49.90 13.33 88.94
C ALA QB 24 -50.08 14.37 90.02
N ALA QB 25 -48.99 14.82 90.65
CA ALA QB 25 -49.06 15.95 91.55
C ALA QB 25 -49.53 17.20 90.81
N ALA QB 26 -49.06 17.39 89.58
CA ALA QB 26 -49.43 18.53 88.76
C ALA QB 26 -50.80 18.38 88.12
N ALA QB 27 -51.55 17.38 88.60
CA ALA QB 27 -53.00 17.23 88.37
C ALA QB 27 -53.71 18.48 88.90
N ALA QB 28 -52.95 19.53 89.20
CA ALA QB 28 -53.59 20.81 89.60
C ALA QB 28 -54.38 21.23 88.37
N ALA QB 29 -55.45 22.01 88.52
CA ALA QB 29 -56.38 22.27 87.39
C ALA QB 29 -57.32 21.07 87.41
N ALA QB 30 -57.36 20.36 88.54
CA ALA QB 30 -58.32 19.25 88.70
C ALA QB 30 -59.72 19.87 88.59
N ALA QB 31 -59.87 21.08 89.15
CA ALA QB 31 -60.98 21.99 88.73
C ALA QB 31 -60.74 22.33 87.26
N ALA QB 32 -61.72 22.07 86.40
CA ALA QB 32 -61.50 22.25 84.95
C ALA QB 32 -62.85 22.45 84.26
N ALA QB 33 -62.85 22.54 82.93
CA ALA QB 33 -64.15 22.61 82.21
C ALA QB 33 -64.12 21.62 81.03
N ALA QB 34 -64.31 20.33 81.28
CA ALA QB 34 -64.22 19.33 80.19
C ALA QB 34 -65.53 19.38 79.40
N ALA QB 35 -65.75 20.47 78.68
CA ALA QB 35 -67.04 20.67 77.99
C ALA QB 35 -67.27 19.59 76.94
N ALA QB 36 -68.52 19.20 76.77
CA ALA QB 36 -68.88 18.23 75.73
C ALA QB 36 -69.18 18.96 74.42
N ALA QB 37 -69.68 18.22 73.44
CA ALA QB 37 -69.99 18.81 72.11
C ALA QB 37 -71.50 18.77 71.87
N ALA QB 38 -72.02 19.85 71.29
CA ALA QB 38 -73.45 20.08 71.14
C ALA QB 38 -73.93 19.43 69.86
N ALA QB 39 -74.76 18.38 69.99
CA ALA QB 39 -75.36 17.75 68.83
C ALA QB 39 -76.19 18.76 68.05
N ALA QB 40 -75.74 19.11 66.85
CA ALA QB 40 -76.27 20.26 66.15
C ALA QB 40 -77.73 20.05 65.71
N ALA QB 41 -78.55 21.07 65.96
CA ALA QB 41 -79.94 21.13 65.50
C ALA QB 41 -80.56 22.47 65.88
N ALA QB 42 -81.76 22.75 65.37
CA ALA QB 42 -82.57 23.90 65.77
C ALA QB 42 -81.80 25.21 65.59
N ALA QB 43 -81.52 25.51 64.33
CA ALA QB 43 -80.82 26.74 63.99
C ALA QB 43 -81.69 27.95 64.35
N ALA QB 44 -81.03 29.04 64.74
CA ALA QB 44 -81.72 30.29 65.03
C ALA QB 44 -80.71 31.43 64.98
N ALA QB 45 -81.21 32.65 65.17
CA ALA QB 45 -80.37 33.79 65.53
C ALA QB 45 -80.15 33.85 67.04
N ALA QB 46 -80.34 32.72 67.71
CA ALA QB 46 -80.49 32.64 69.15
C ALA QB 46 -80.16 31.21 69.56
N ALA QB 47 -80.64 30.80 70.74
CA ALA QB 47 -80.45 29.46 71.26
C ALA QB 47 -80.58 28.39 70.18
N ALA QB 48 -79.69 27.42 70.25
CA ALA QB 48 -79.59 26.34 69.27
C ALA QB 48 -79.13 25.10 70.01
N ALA QB 49 -78.55 24.14 69.28
CA ALA QB 49 -78.04 22.89 69.82
C ALA QB 49 -77.43 23.05 71.20
N ALA QB 50 -77.85 22.20 72.12
CA ALA QB 50 -77.43 22.31 73.52
C ALA QB 50 -76.05 21.69 73.71
N ALA QB 51 -75.14 22.45 74.30
CA ALA QB 51 -73.81 21.96 74.65
C ALA QB 51 -73.82 21.49 76.08
N ALA QB 52 -73.93 20.18 76.29
CA ALA QB 52 -73.94 19.64 77.64
C ALA QB 52 -72.55 19.79 78.24
N ALA QB 53 -72.17 21.00 78.60
CA ALA QB 53 -70.82 21.30 79.03
C ALA QB 53 -70.54 20.72 80.41
N ALA QB 54 -70.19 19.44 80.45
CA ALA QB 54 -69.88 18.79 81.72
C ALA QB 54 -68.79 19.55 82.45
N ALA QB 55 -69.09 19.96 83.68
CA ALA QB 55 -68.16 20.74 84.47
C ALA QB 55 -67.05 19.85 85.02
N ALA QB 56 -66.10 20.48 85.72
CA ALA QB 56 -64.94 19.77 86.21
C ALA QB 56 -64.52 20.34 87.55
N ALA QB 57 -64.32 19.44 88.52
CA ALA QB 57 -63.74 19.75 89.83
C ALA QB 57 -63.19 18.45 90.38
N ALA QB 58 -62.94 18.42 91.69
CA ALA QB 58 -62.68 17.15 92.34
C ALA QB 58 -64.01 16.44 92.56
N ALA QB 59 -64.25 15.36 91.81
CA ALA QB 59 -65.53 14.66 91.77
C ALA QB 59 -66.64 15.62 91.32
N ALA QB 60 -66.54 16.00 90.04
CA ALA QB 60 -67.33 17.08 89.48
C ALA QB 60 -68.82 16.75 89.46
N ALA QB 61 -69.61 17.79 89.18
CA ALA QB 61 -71.04 17.66 88.96
C ALA QB 61 -71.36 18.24 87.58
N ALA QB 62 -72.11 17.51 86.79
CA ALA QB 62 -72.33 17.87 85.40
C ALA QB 62 -73.16 19.14 85.27
N ALA QB 63 -73.43 19.55 84.02
CA ALA QB 63 -74.30 20.69 83.75
C ALA QB 63 -74.82 20.55 82.33
N ALA QB 64 -76.08 20.18 82.18
CA ALA QB 64 -76.70 20.00 80.87
C ALA QB 64 -77.18 21.35 80.36
N ALA QB 65 -76.28 22.09 79.72
CA ALA QB 65 -76.54 23.48 79.37
C ALA QB 65 -77.03 23.57 77.94
N ALA QB 66 -77.80 24.61 77.67
CA ALA QB 66 -78.30 24.95 76.35
C ALA QB 66 -77.45 26.08 75.78
N ALA QB 67 -77.90 26.63 74.64
CA ALA QB 67 -77.16 27.73 74.02
C ALA QB 67 -77.47 29.06 74.70
N ALA QB 68 -78.74 29.46 74.69
CA ALA QB 68 -79.18 30.67 75.38
C ALA QB 68 -80.09 30.35 76.56
N ALA QB 69 -79.78 29.28 77.30
CA ALA QB 69 -80.50 28.92 78.51
C ALA QB 69 -79.55 28.10 79.36
N ALA QB 70 -79.09 28.65 80.48
CA ALA QB 70 -78.06 28.01 81.28
C ALA QB 70 -78.71 26.97 82.18
N ALA QB 71 -78.95 25.78 81.65
CA ALA QB 71 -79.59 24.72 82.39
C ALA QB 71 -78.54 23.85 83.08
N ALA QB 72 -78.88 23.38 84.28
CA ALA QB 72 -77.97 22.58 85.08
C ALA QB 72 -78.52 21.18 85.25
N ALA QB 73 -77.73 20.32 85.89
CA ALA QB 73 -78.13 18.95 86.21
C ALA QB 73 -77.59 18.63 87.59
N ALA QB 74 -78.49 18.43 88.55
CA ALA QB 74 -78.13 18.19 89.94
C ALA QB 74 -77.42 16.85 90.04
N ALA QB 75 -76.71 16.58 91.15
CA ALA QB 75 -75.98 15.35 91.52
C ALA QB 75 -75.12 14.81 90.40
N ALA RB 1 66.94 -65.69 53.43
CA ALA RB 1 68.39 -65.56 53.33
C ALA RB 1 68.92 -66.39 52.17
N ALA RB 2 70.20 -66.75 52.23
CA ALA RB 2 70.78 -67.66 51.25
C ALA RB 2 70.52 -69.11 51.60
N ALA RB 3 69.68 -69.38 52.60
CA ALA RB 3 69.27 -70.73 52.91
C ALA RB 3 68.16 -71.18 51.99
N ALA RB 4 66.99 -70.51 52.06
CA ALA RB 4 65.87 -70.88 51.23
C ALA RB 4 66.21 -70.80 49.74
N ALA RB 5 67.11 -69.89 49.36
CA ALA RB 5 67.56 -69.83 47.98
C ALA RB 5 68.26 -71.12 47.59
N ALA RB 6 69.30 -71.50 48.32
CA ALA RB 6 70.01 -72.73 48.02
C ALA RB 6 69.22 -73.97 48.41
N ALA RB 7 68.16 -73.82 49.21
CA ALA RB 7 67.29 -74.96 49.50
C ALA RB 7 66.32 -75.23 48.37
N ALA RB 8 65.90 -74.17 47.66
CA ALA RB 8 65.00 -74.30 46.53
C ALA RB 8 65.74 -74.47 45.21
N ALA RB 9 66.82 -73.71 45.01
CA ALA RB 9 67.53 -73.76 43.73
C ALA RB 9 68.00 -75.16 43.40
N ALA RB 10 68.41 -75.92 44.43
CA ALA RB 10 68.81 -77.30 44.19
C ALA RB 10 67.62 -78.18 43.89
N ALA RB 11 66.44 -77.81 44.38
CA ALA RB 11 65.22 -78.55 44.10
C ALA RB 11 64.47 -78.03 42.89
N ALA RB 12 64.91 -76.91 42.31
CA ALA RB 12 64.26 -76.35 41.13
C ALA RB 12 65.07 -76.51 39.86
N ALA RB 13 66.38 -76.78 39.97
CA ALA RB 13 67.20 -76.92 38.77
C ALA RB 13 66.64 -77.96 37.83
N ALA RB 14 66.08 -79.05 38.38
CA ALA RB 14 65.44 -80.05 37.54
C ALA RB 14 64.14 -79.53 36.95
N ALA RB 15 63.39 -78.72 37.71
CA ALA RB 15 62.16 -78.14 37.19
C ALA RB 15 62.45 -77.20 36.03
N ALA RB 16 63.33 -76.22 36.25
CA ALA RB 16 63.70 -75.30 35.19
C ALA RB 16 64.29 -76.02 33.99
N ALA RB 17 64.79 -77.24 34.17
CA ALA RB 17 65.28 -78.05 33.08
C ALA RB 17 64.21 -78.96 32.51
N ALA RB 18 63.20 -79.30 33.29
CA ALA RB 18 62.06 -80.03 32.76
C ALA RB 18 61.33 -79.25 31.69
N ALA RB 19 61.49 -77.92 31.68
CA ALA RB 19 61.01 -77.10 30.58
C ALA RB 19 62.05 -77.12 29.47
N ALA RB 20 62.52 -78.31 29.10
CA ALA RB 20 63.43 -78.47 27.97
C ALA RB 20 62.65 -78.32 26.67
N ALA RB 21 62.19 -77.08 26.45
CA ALA RB 21 61.34 -76.73 25.32
C ALA RB 21 60.04 -77.52 25.29
N ALA RB 22 59.67 -78.18 26.40
CA ALA RB 22 58.39 -78.84 26.51
C ALA RB 22 57.52 -78.22 27.60
N ALA RB 23 58.00 -78.19 28.84
CA ALA RB 23 57.43 -77.44 29.96
C ALA RB 23 55.98 -77.79 30.29
N ALA RB 24 55.37 -78.74 29.57
CA ALA RB 24 53.93 -78.92 29.70
C ALA RB 24 53.66 -80.42 29.89
N ALA RB 25 53.38 -80.79 31.12
CA ALA RB 25 52.94 -82.14 31.48
C ALA RB 25 51.98 -82.02 32.65
N ALA RB 26 51.75 -83.14 33.33
CA ALA RB 26 50.87 -83.11 34.49
C ALA RB 26 51.58 -82.48 35.68
N ALA RB 27 52.64 -83.13 36.18
CA ALA RB 27 53.35 -82.59 37.33
C ALA RB 27 54.52 -81.71 36.90
N ALA RB 28 55.09 -81.99 35.72
CA ALA RB 28 56.22 -81.20 35.24
C ALA RB 28 55.88 -79.72 35.10
N ALA RB 29 54.64 -79.32 35.34
CA ALA RB 29 54.29 -77.91 35.47
C ALA RB 29 53.53 -77.63 36.76
N ALA RB 30 52.83 -78.63 37.30
CA ALA RB 30 52.04 -78.39 38.50
C ALA RB 30 52.86 -78.62 39.76
N ALA RB 31 53.49 -79.79 39.89
CA ALA RB 31 54.21 -80.11 41.12
C ALA RB 31 55.51 -79.32 41.21
N ALA RB 32 55.96 -78.72 40.11
CA ALA RB 32 57.07 -77.79 40.22
C ALA RB 32 56.63 -76.49 40.90
N ALA RB 33 55.45 -75.99 40.56
CA ALA RB 33 54.94 -74.78 41.17
C ALA RB 33 54.39 -75.02 42.56
N ALA RB 34 54.16 -76.28 42.94
CA ALA RB 34 53.74 -76.56 44.31
C ALA RB 34 54.86 -76.27 45.29
N ALA RB 35 56.08 -76.69 44.96
CA ALA RB 35 57.21 -76.40 45.83
C ALA RB 35 57.62 -74.95 45.75
N ALA RB 36 57.27 -74.26 44.67
CA ALA RB 36 57.55 -72.84 44.57
C ALA RB 36 56.91 -72.07 45.70
N ALA RB 37 55.69 -72.46 46.09
CA ALA RB 37 55.06 -71.86 47.26
C ALA RB 37 55.67 -72.38 48.55
N ALA RB 38 56.45 -73.47 48.46
CA ALA RB 38 57.13 -74.07 49.62
C ALA RB 38 56.13 -74.45 50.72
N ALA RB 39 54.89 -74.71 50.34
CA ALA RB 39 53.87 -75.19 51.26
C ALA RB 39 53.62 -76.67 51.04
N ALA RB 40 53.57 -77.43 52.14
CA ALA RB 40 53.33 -78.87 52.10
C ALA RB 40 54.30 -79.60 51.20
N ALA RB 41 55.39 -78.94 50.81
CA ALA RB 41 56.45 -79.54 50.02
C ALA RB 41 57.70 -79.82 50.85
N ALA RB 42 57.52 -80.10 52.14
CA ALA RB 42 58.65 -80.39 53.01
C ALA RB 42 59.17 -81.81 52.82
N ALA RB 43 58.33 -82.71 52.32
CA ALA RB 43 58.83 -84.03 51.96
C ALA RB 43 59.56 -83.99 50.62
N ALA RB 44 58.96 -83.31 49.63
CA ALA RB 44 59.64 -83.15 48.35
C ALA RB 44 60.92 -82.35 48.48
N ALA RB 45 61.05 -81.52 49.52
CA ALA RB 45 62.31 -80.86 49.78
C ALA RB 45 63.40 -81.87 50.12
N ALA RB 46 63.15 -82.70 51.13
CA ALA RB 46 64.13 -83.67 51.59
C ALA RB 46 64.25 -84.87 50.65
N ALA RB 47 63.26 -85.09 49.79
CA ALA RB 47 63.30 -86.25 48.90
C ALA RB 47 64.37 -86.08 47.83
N ALA RB 48 64.26 -85.02 47.02
CA ALA RB 48 65.26 -84.76 46.00
C ALA RB 48 66.61 -84.37 46.59
N ALA RB 49 66.68 -84.16 47.91
CA ALA RB 49 67.96 -83.96 48.56
C ALA RB 49 68.83 -85.20 48.46
N ALA RB 50 68.32 -86.33 48.94
CA ALA RB 50 69.06 -87.59 48.85
C ALA RB 50 69.25 -88.04 47.41
N ALA RB 51 68.38 -87.60 46.51
CA ALA RB 51 68.47 -88.03 45.13
C ALA RB 51 69.59 -87.32 44.37
N ALA RB 52 70.19 -86.29 44.96
CA ALA RB 52 71.33 -85.64 44.31
C ALA RB 52 72.61 -86.36 44.66
N ALA RB 53 72.91 -86.49 45.96
CA ALA RB 53 74.13 -87.16 46.39
C ALA RB 53 74.27 -88.53 45.75
N ALA RB 54 73.17 -89.28 45.68
CA ALA RB 54 73.21 -90.59 45.05
C ALA RB 54 73.49 -90.49 43.55
N ALA RB 55 73.26 -89.33 42.95
CA ALA RB 55 73.55 -89.15 41.53
C ALA RB 55 74.85 -88.41 41.29
N ALA RB 56 75.48 -87.87 42.34
CA ALA RB 56 76.82 -87.31 42.24
C ALA RB 56 77.87 -88.26 42.79
N ALA RB 57 77.58 -88.96 43.89
CA ALA RB 57 78.50 -89.98 44.38
C ALA RB 57 78.51 -91.20 43.47
N ALA RB 58 77.43 -91.42 42.72
CA ALA RB 58 77.47 -92.39 41.65
C ALA RB 58 78.00 -91.79 40.36
N ALA RB 59 78.37 -90.51 40.38
CA ALA RB 59 79.06 -89.91 39.26
C ALA RB 59 80.55 -89.75 39.55
N ALA RB 60 80.94 -89.85 40.81
CA ALA RB 60 82.34 -89.73 41.20
C ALA RB 60 82.99 -91.08 41.46
N ALA RB 61 82.24 -92.05 41.95
CA ALA RB 61 82.80 -93.38 42.20
C ALA RB 61 82.97 -94.17 40.91
N ALA RB 62 81.99 -94.09 40.01
CA ALA RB 62 82.08 -94.83 38.76
C ALA RB 62 83.08 -94.19 37.81
N ALA RB 63 83.08 -92.86 37.72
CA ALA RB 63 83.97 -92.19 36.79
C ALA RB 63 85.43 -92.49 37.12
N ALA RB 64 85.76 -92.62 38.40
CA ALA RB 64 87.07 -93.12 38.76
C ALA RB 64 87.23 -94.59 38.36
N ALA RB 65 86.34 -95.45 38.86
CA ALA RB 65 86.39 -96.86 38.52
C ALA RB 65 86.17 -97.13 37.04
N ALA RB 66 85.85 -96.11 36.24
CA ALA RB 66 85.85 -96.23 34.79
C ALA RB 66 87.08 -95.62 34.16
N ALA RB 67 87.73 -94.69 34.86
CA ALA RB 67 89.06 -94.26 34.46
C ALA RB 67 90.14 -95.16 35.03
N ALA RB 68 89.86 -95.80 36.17
CA ALA RB 68 90.82 -96.73 36.77
C ALA RB 68 90.70 -98.12 36.18
N ALA RB 69 89.50 -98.51 35.72
CA ALA RB 69 89.35 -99.80 35.06
C ALA RB 69 90.24 -99.91 33.84
N ALA RB 70 90.58 -98.78 33.23
CA ALA RB 70 91.54 -98.78 32.14
C ALA RB 70 92.97 -98.85 32.68
N ALA RB 71 93.32 -97.88 33.53
CA ALA RB 71 94.70 -97.80 34.01
C ALA RB 71 95.10 -99.04 34.77
N ALA RB 72 94.19 -99.62 35.55
CA ALA RB 72 94.51 -100.82 36.30
C ALA RB 72 94.64 -102.04 35.37
N ALA RB 73 93.72 -102.18 34.41
CA ALA RB 73 93.78 -103.35 33.52
C ALA RB 73 94.89 -103.18 32.50
N ALA RB 74 94.74 -102.22 31.59
CA ALA RB 74 95.78 -101.81 30.65
C ALA RB 74 96.37 -102.98 29.86
N ALA RB 75 95.70 -104.13 29.86
CA ALA RB 75 96.22 -105.30 29.13
C ALA RB 75 96.01 -105.13 27.64
N ALA RB 76 94.75 -105.07 27.21
CA ALA RB 76 94.40 -104.67 25.85
C ALA RB 76 93.55 -103.41 25.86
N ALA RB 77 93.47 -102.72 26.99
CA ALA RB 77 92.72 -101.47 27.05
C ALA RB 77 93.24 -100.45 26.04
N ALA RB 78 94.55 -100.30 25.95
CA ALA RB 78 95.11 -99.40 24.94
C ALA RB 78 94.76 -99.84 23.53
N ALA RB 79 94.39 -101.11 23.33
CA ALA RB 79 94.00 -101.59 22.01
C ALA RB 79 92.50 -101.47 21.80
N ALA RB 80 91.71 -101.68 22.85
CA ALA RB 80 90.26 -101.60 22.74
C ALA RB 80 89.70 -100.57 23.71
N ALA RB 81 90.32 -99.39 23.76
CA ALA RB 81 89.84 -98.34 24.65
C ALA RB 81 88.46 -97.84 24.25
N ALA RB 82 88.14 -97.86 22.96
CA ALA RB 82 86.85 -97.35 22.50
C ALA RB 82 85.69 -98.22 22.96
N ALA RB 83 85.95 -99.51 23.22
CA ALA RB 83 84.89 -100.42 23.66
C ALA RB 83 84.70 -100.43 25.17
N ALA RB 84 85.53 -99.69 25.92
CA ALA RB 84 85.35 -99.64 27.36
C ALA RB 84 84.39 -98.52 27.74
N ALA RB 85 84.65 -97.31 27.28
CA ALA RB 85 83.79 -96.17 27.63
C ALA RB 85 82.42 -96.30 26.98
N ALA RB 86 82.40 -96.56 25.67
CA ALA RB 86 81.13 -96.68 24.95
C ALA RB 86 80.19 -97.65 25.63
N ALA RB 87 80.73 -98.73 26.22
CA ALA RB 87 79.91 -99.60 27.03
C ALA RB 87 79.65 -98.98 28.40
N ALA RB 88 80.69 -98.44 29.03
CA ALA RB 88 80.54 -97.91 30.38
C ALA RB 88 79.66 -96.67 30.39
N ALA RB 89 79.87 -95.75 29.44
CA ALA RB 89 79.07 -94.53 29.42
C ALA RB 89 77.60 -94.82 29.18
N ALA RB 90 77.31 -95.91 28.46
CA ALA RB 90 75.92 -96.33 28.31
C ALA RB 90 75.30 -96.65 29.67
N ALA RB 91 76.00 -97.44 30.48
CA ALA RB 91 75.54 -97.70 31.84
C ALA RB 91 75.41 -96.40 32.62
N ALA RB 92 76.27 -95.42 32.34
CA ALA RB 92 76.09 -94.10 32.94
C ALA RB 92 74.91 -93.36 32.33
N ALA RB 93 74.65 -93.59 31.04
CA ALA RB 93 73.49 -92.99 30.39
C ALA RB 93 72.21 -93.72 30.73
N ALA RB 94 72.26 -95.04 30.87
CA ALA RB 94 71.06 -95.78 31.25
C ALA RB 94 70.64 -95.46 32.69
N ALA RB 95 71.47 -94.76 33.45
CA ALA RB 95 71.04 -94.27 34.74
C ALA RB 95 70.04 -93.14 34.59
N ALA RB 96 70.06 -92.44 33.45
CA ALA RB 96 69.15 -91.32 33.23
C ALA RB 96 67.69 -91.74 33.23
N ALA RB 97 67.42 -93.05 33.08
CA ALA RB 97 66.04 -93.54 33.12
C ALA RB 97 65.45 -93.35 34.51
N ALA RB 98 66.27 -92.90 35.46
CA ALA RB 98 65.73 -92.51 36.75
C ALA RB 98 64.77 -91.35 36.62
N ALA RB 99 64.91 -90.55 35.57
CA ALA RB 99 64.07 -89.37 35.38
C ALA RB 99 62.74 -89.74 34.73
N ALA RB 100 62.78 -90.44 33.60
CA ALA RB 100 61.54 -90.85 32.94
C ALA RB 100 60.67 -91.67 33.87
N ALA RB 101 61.27 -92.40 34.79
CA ALA RB 101 60.48 -93.11 35.79
C ALA RB 101 59.93 -92.15 36.85
N ALA RB 102 60.71 -91.13 37.19
CA ALA RB 102 60.28 -90.22 38.24
C ALA RB 102 59.59 -88.98 37.69
N ALA RB 103 59.78 -88.66 36.41
CA ALA RB 103 59.01 -87.58 35.81
C ALA RB 103 57.65 -88.05 35.36
N ALA RB 104 57.43 -89.36 35.33
CA ALA RB 104 56.10 -89.90 35.07
C ALA RB 104 55.38 -90.22 36.37
N ALA RB 105 56.00 -91.03 37.22
CA ALA RB 105 55.36 -91.41 38.49
C ALA RB 105 55.10 -90.21 39.38
N ALA RB 106 55.66 -89.04 39.05
CA ALA RB 106 55.23 -87.79 39.65
C ALA RB 106 54.09 -87.16 38.88
N ALA RB 107 54.09 -87.31 37.55
CA ALA RB 107 52.98 -86.82 36.74
C ALA RB 107 51.80 -87.76 36.79
N ALA RB 108 52.03 -89.04 37.12
CA ALA RB 108 50.97 -90.03 37.15
C ALA RB 108 49.98 -89.75 38.27
N ALA RB 109 50.24 -88.71 39.06
CA ALA RB 109 49.30 -88.19 40.03
C ALA RB 109 48.86 -86.80 39.61
N ALA RB 110 47.56 -86.54 39.66
CA ALA RB 110 47.06 -85.17 39.56
C ALA RB 110 47.42 -84.45 40.84
N ALA RB 111 48.55 -83.75 40.82
CA ALA RB 111 49.28 -83.42 42.04
C ALA RB 111 48.50 -82.56 43.01
N ALA RB 112 48.03 -83.18 44.10
CA ALA RB 112 47.49 -82.43 45.21
C ALA RB 112 48.62 -81.88 46.07
N ALA RB 113 48.25 -81.19 47.14
CA ALA RB 113 49.25 -80.58 48.00
C ALA RB 113 50.15 -81.63 48.64
N ALA RB 114 49.59 -82.45 49.52
CA ALA RB 114 50.40 -83.44 50.24
C ALA RB 114 50.28 -84.81 49.60
N ALA RB 115 49.08 -85.18 49.16
CA ALA RB 115 48.87 -86.49 48.55
C ALA RB 115 49.75 -86.70 47.33
N ALA RB 116 50.38 -85.63 46.82
CA ALA RB 116 51.42 -85.78 45.81
C ALA RB 116 52.81 -85.62 46.41
N ALA RB 117 52.96 -84.72 47.39
CA ALA RB 117 54.25 -84.57 48.06
C ALA RB 117 54.60 -85.81 48.86
N ALA RB 118 53.61 -86.62 49.22
CA ALA RB 118 53.90 -87.84 49.95
C ALA RB 118 53.98 -89.04 49.01
N ALA RB 119 53.04 -89.14 48.07
CA ALA RB 119 52.99 -90.32 47.20
C ALA RB 119 54.01 -90.26 46.08
N ALA RB 120 54.76 -89.17 45.97
CA ALA RB 120 55.83 -89.10 44.98
C ALA RB 120 57.20 -89.11 45.65
N ALA RB 121 57.39 -88.27 46.66
CA ALA RB 121 58.65 -88.26 47.39
C ALA RB 121 59.01 -89.66 47.88
N ALA RB 122 58.04 -90.34 48.50
CA ALA RB 122 58.28 -91.70 48.97
C ALA RB 122 58.66 -92.63 47.83
N ALA RB 123 58.34 -92.26 46.59
CA ALA RB 123 58.76 -93.06 45.45
C ALA RB 123 60.18 -92.71 45.02
N ALA RB 124 60.53 -91.42 45.03
CA ALA RB 124 61.87 -91.02 44.62
C ALA RB 124 62.94 -91.62 45.51
N ALA RB 125 62.58 -92.03 46.73
CA ALA RB 125 63.52 -92.76 47.56
C ALA RB 125 63.65 -94.20 47.08
N ALA RB 126 62.54 -94.82 46.67
CA ALA RB 126 62.60 -96.16 46.11
C ALA RB 126 63.15 -96.16 44.69
N ALA RB 127 63.40 -95.00 44.10
CA ALA RB 127 64.22 -94.92 42.90
C ALA RB 127 65.64 -94.53 43.25
N ALA RB 128 65.83 -93.88 44.40
CA ALA RB 128 67.17 -93.62 44.90
C ALA RB 128 67.76 -94.88 45.52
N ALA RB 129 67.06 -95.45 46.50
CA ALA RB 129 67.51 -96.69 47.12
C ALA RB 129 67.62 -97.83 46.11
N ALA RB 130 66.99 -97.67 44.94
CA ALA RB 130 67.26 -98.59 43.84
C ALA RB 130 68.70 -98.44 43.35
N ALA RB 131 69.24 -97.23 43.43
CA ALA RB 131 70.65 -97.00 43.14
C ALA RB 131 71.52 -97.20 44.37
N ALA RB 132 71.02 -97.91 45.38
CA ALA RB 132 71.88 -98.39 46.45
C ALA RB 132 72.51 -99.72 46.04
N ALA RB 133 71.67 -100.72 45.73
CA ALA RB 133 72.20 -102.01 45.30
C ALA RB 133 72.82 -101.92 43.90
N ALA RB 134 72.33 -101.00 43.06
CA ALA RB 134 72.95 -100.80 41.76
C ALA RB 134 74.35 -100.23 41.88
N ALA RB 135 74.66 -99.59 43.01
CA ALA RB 135 76.02 -99.14 43.28
C ALA RB 135 76.91 -100.27 43.78
N ALA RB 136 76.47 -101.52 43.65
CA ALA RB 136 77.25 -102.67 44.10
C ALA RB 136 77.71 -103.51 42.91
N ALA SB 1 -15.76 -63.66 34.41
CA ALA SB 1 -14.50 -63.79 35.13
C ALA SB 1 -14.29 -62.60 36.04
N ALA SB 2 -14.43 -62.79 37.34
CA ALA SB 2 -14.27 -61.70 38.30
C ALA SB 2 -12.81 -61.61 38.72
N ALA SB 3 -12.27 -60.38 38.73
CA ALA SB 3 -10.82 -60.20 38.73
C ALA SB 3 -10.20 -60.26 40.13
N ALA SB 4 -10.51 -59.28 40.98
CA ALA SB 4 -9.95 -59.17 42.32
C ALA SB 4 -8.43 -59.28 42.32
N ALA SB 5 -7.80 -58.41 41.55
CA ALA SB 5 -6.34 -58.32 41.51
C ALA SB 5 -5.97 -57.04 40.78
N ALA SB 6 -4.70 -56.91 40.45
CA ALA SB 6 -4.22 -55.92 39.49
C ALA SB 6 -4.12 -56.61 38.14
N ALA SB 7 -5.22 -56.63 37.39
CA ALA SB 7 -5.53 -57.80 36.58
C ALA SB 7 -4.39 -58.20 35.66
N ALA SB 8 -4.20 -57.45 34.58
CA ALA SB 8 -3.08 -57.65 33.67
C ALA SB 8 -3.25 -56.75 32.46
N ALA SB 9 -2.28 -56.77 31.56
CA ALA SB 9 -2.54 -56.40 30.18
C ALA SB 9 -3.08 -57.63 29.45
N ALA SB 10 -3.30 -57.47 28.16
CA ALA SB 10 -3.74 -58.57 27.32
C ALA SB 10 -2.54 -59.45 26.97
N ALA SB 11 -2.68 -60.27 25.95
CA ALA SB 11 -1.69 -61.27 25.60
C ALA SB 11 -0.71 -60.81 24.52
N ALA SB 12 -0.22 -59.57 24.59
CA ALA SB 12 0.70 -59.04 23.60
C ALA SB 12 1.93 -59.92 23.38
N ALA SB 13 2.75 -60.09 24.40
CA ALA SB 13 3.89 -61.00 24.36
C ALA SB 13 3.55 -62.25 25.17
N ALA SB 14 3.53 -63.39 24.49
CA ALA SB 14 2.84 -64.57 24.99
C ALA SB 14 3.82 -65.69 25.30
N ALA SB 15 3.72 -66.23 26.51
CA ALA SB 15 4.35 -67.49 26.88
C ALA SB 15 3.27 -68.56 26.90
N ALA SB 16 3.26 -69.43 25.88
CA ALA SB 16 2.17 -70.36 25.66
C ALA SB 16 2.24 -71.52 26.64
N ALA SB 17 1.09 -71.92 27.17
CA ALA SB 17 0.99 -73.03 28.11
C ALA SB 17 0.07 -74.08 27.51
N ALA SB 18 0.65 -75.13 26.95
CA ALA SB 18 -0.10 -76.13 26.21
C ALA SB 18 -0.59 -77.22 27.14
N ALA SB 19 -1.67 -77.90 26.73
CA ALA SB 19 -2.12 -79.10 27.43
C ALA SB 19 -2.02 -80.35 26.55
N ALA SB 20 -2.75 -80.42 25.44
CA ALA SB 20 -2.61 -81.51 24.48
C ALA SB 20 -3.43 -81.24 23.23
N ALA SB 21 -2.82 -81.39 22.05
CA ALA SB 21 -3.52 -81.18 20.78
C ALA SB 21 -2.62 -81.58 19.62
N ALA SB 22 -3.03 -81.20 18.41
CA ALA SB 22 -2.03 -80.98 17.36
C ALA SB 22 -0.98 -80.05 17.97
N ALA SB 23 -1.40 -78.83 18.30
CA ALA SB 23 -0.63 -77.91 19.14
C ALA SB 23 0.73 -77.56 18.55
N ALA SB 24 1.05 -78.09 17.38
CA ALA SB 24 2.31 -77.73 16.74
C ALA SB 24 2.24 -76.39 16.03
N ALA SB 25 1.15 -75.65 16.23
CA ALA SB 25 0.95 -74.35 15.61
C ALA SB 25 0.32 -73.37 16.59
N ALA SB 26 0.81 -73.32 17.83
CA ALA SB 26 0.22 -72.42 18.82
C ALA SB 26 0.84 -71.03 18.73
N ALA SB 27 2.14 -70.91 19.02
CA ALA SB 27 2.78 -69.61 19.01
C ALA SB 27 2.88 -69.02 17.62
N ALA SB 28 2.50 -69.77 16.58
CA ALA SB 28 2.32 -69.20 15.25
C ALA SB 28 0.87 -68.86 14.98
N ALA SB 29 -0.03 -69.26 15.88
CA ALA SB 29 -1.42 -68.82 15.87
C ALA SB 29 -1.79 -68.05 17.13
N ALA SB 30 -0.82 -67.81 18.01
CA ALA SB 30 -1.02 -66.96 19.17
C ALA SB 30 -0.41 -65.58 18.98
N ALA SB 31 0.51 -65.43 18.03
CA ALA SB 31 0.97 -64.13 17.58
C ALA SB 31 0.36 -63.74 16.25
N ALA SB 32 -0.58 -64.54 15.74
CA ALA SB 32 -1.27 -64.19 14.51
C ALA SB 32 -2.59 -63.50 14.81
N ALA SB 33 -3.25 -63.87 15.92
CA ALA SB 33 -4.48 -63.24 16.34
C ALA SB 33 -4.28 -62.32 17.52
N ALA SB 34 -3.03 -61.95 17.82
CA ALA SB 34 -2.76 -61.05 18.93
C ALA SB 34 -2.58 -59.61 18.50
N ALA SB 35 -2.35 -59.36 17.21
CA ALA SB 35 -2.10 -58.02 16.72
C ALA SB 35 -3.37 -57.32 16.29
N ALA SB 36 -4.40 -58.08 15.92
CA ALA SB 36 -5.73 -57.54 15.65
C ALA SB 36 -6.59 -57.44 16.90
N ALA SB 37 -5.98 -57.53 18.09
CA ALA SB 37 -6.61 -57.22 19.37
C ALA SB 37 -7.81 -58.12 19.59
N ALA SB 38 -7.57 -59.41 19.76
CA ALA SB 38 -8.63 -60.33 19.38
C ALA SB 38 -8.89 -61.48 20.31
N ALA SB 39 -9.98 -62.20 20.03
CA ALA SB 39 -10.21 -63.55 20.51
C ALA SB 39 -9.38 -64.48 19.64
N ALA SB 40 -9.65 -65.78 19.74
CA ALA SB 40 -8.70 -66.84 19.45
C ALA SB 40 -7.59 -66.85 20.47
N ALA SB 41 -7.71 -66.02 21.51
CA ALA SB 41 -7.00 -66.19 22.75
C ALA SB 41 -7.94 -66.15 23.96
N ALA SB 42 -9.25 -66.05 23.74
CA ALA SB 42 -10.36 -66.07 24.69
C ALA SB 42 -10.52 -64.76 25.47
N ALA SB 43 -9.60 -63.82 25.37
CA ALA SB 43 -9.82 -62.41 25.70
C ALA SB 43 -9.97 -62.09 27.19
N ALA SB 44 -10.09 -63.09 28.06
CA ALA SB 44 -10.04 -62.89 29.50
C ALA SB 44 -10.86 -61.70 30.00
N ALA SB 45 -12.18 -61.77 29.90
CA ALA SB 45 -13.02 -60.65 30.32
C ALA SB 45 -12.76 -60.29 31.77
N ALA SB 46 -12.24 -59.09 31.99
CA ALA SB 46 -11.92 -58.60 33.32
C ALA SB 46 -12.60 -57.26 33.57
N ALA SB 47 -12.49 -56.78 34.80
CA ALA SB 47 -12.92 -55.45 35.18
C ALA SB 47 -14.42 -55.25 34.94
N ALA SB 48 -15.22 -55.93 35.77
CA ALA SB 48 -16.67 -55.90 35.62
C ALA SB 48 -17.27 -54.51 35.80
N ALA SB 49 -16.64 -53.60 36.54
CA ALA SB 49 -17.12 -52.22 36.63
C ALA SB 49 -16.33 -51.34 35.66
N ALA SB 50 -16.59 -51.57 34.38
CA ALA SB 50 -16.19 -50.65 33.32
C ALA SB 50 -17.26 -49.61 33.05
N ALA SB 51 -18.21 -49.46 33.97
CA ALA SB 51 -19.18 -48.37 33.86
C ALA SB 51 -18.54 -47.05 34.24
N ALA SB 52 -17.73 -47.04 35.30
CA ALA SB 52 -17.06 -45.82 35.71
C ALA SB 52 -16.14 -45.25 34.64
N ALA SB 53 -15.83 -46.03 33.60
CA ALA SB 53 -15.09 -45.48 32.48
C ALA SB 53 -16.02 -44.91 31.42
N ALA SB 54 -17.22 -45.46 31.30
CA ALA SB 54 -18.21 -44.87 30.41
C ALA SB 54 -18.81 -43.62 31.04
N ALA SB 55 -18.70 -43.48 32.35
CA ALA SB 55 -19.15 -42.29 33.05
C ALA SB 55 -18.02 -41.31 33.32
N ALA SB 56 -16.84 -41.53 32.73
CA ALA SB 56 -15.80 -40.50 32.75
C ALA SB 56 -15.86 -39.69 31.46
N ALA SB 57 -15.80 -40.35 30.32
CA ALA SB 57 -16.00 -39.68 29.04
C ALA SB 57 -17.42 -39.19 28.91
N ALA SB 58 -18.26 -39.51 29.89
CA ALA SB 58 -19.54 -38.83 30.02
C ALA SB 58 -19.36 -37.48 30.70
N ALA SB 59 -18.46 -37.40 31.68
CA ALA SB 59 -18.17 -36.16 32.38
C ALA SB 59 -17.00 -35.41 31.77
N ALA SB 60 -15.95 -36.12 31.35
CA ALA SB 60 -14.82 -35.47 30.70
C ALA SB 60 -15.16 -34.92 29.33
N ALA SB 61 -16.39 -35.13 28.85
CA ALA SB 61 -16.89 -34.50 27.63
C ALA SB 61 -18.08 -33.59 27.88
N ALA SB 62 -18.70 -33.69 29.06
CA ALA SB 62 -19.75 -32.75 29.44
C ALA SB 62 -19.23 -31.65 30.35
N ALA SB 63 -17.95 -31.72 30.72
CA ALA SB 63 -17.29 -30.65 31.46
C ALA SB 63 -16.24 -29.96 30.63
N ALA SB 64 -15.94 -30.48 29.44
CA ALA SB 64 -15.07 -29.82 28.49
C ALA SB 64 -15.82 -29.28 27.30
N ALA SB 65 -17.06 -29.72 27.10
CA ALA SB 65 -17.96 -29.07 26.15
C ALA SB 65 -18.71 -27.92 26.79
N ALA SB 66 -18.76 -27.91 28.12
CA ALA SB 66 -19.22 -26.76 28.87
C ALA SB 66 -18.09 -25.78 29.15
N ALA SB 67 -16.85 -26.15 28.82
CA ALA SB 67 -15.77 -25.18 28.85
C ALA SB 67 -15.96 -24.11 27.79
N ALA SB 68 -16.75 -24.40 26.76
CA ALA SB 68 -17.14 -23.42 25.75
C ALA SB 68 -18.60 -23.01 25.94
N ALA SB 69 -19.03 -22.86 27.20
CA ALA SB 69 -20.38 -22.38 27.50
C ALA SB 69 -21.46 -23.31 26.93
N ALA SB 70 -21.68 -24.46 27.56
CA ALA SB 70 -22.63 -25.49 27.14
C ALA SB 70 -23.89 -24.94 26.51
N ALA SB 71 -24.47 -23.90 27.11
CA ALA SB 71 -25.43 -23.03 26.45
C ALA SB 71 -26.62 -23.80 25.89
N ALA SB 72 -27.47 -24.25 26.81
CA ALA SB 72 -28.87 -24.39 26.47
C ALA SB 72 -29.58 -23.07 26.52
N ALA SB 73 -28.81 -21.98 26.52
CA ALA SB 73 -29.38 -20.63 26.45
C ALA SB 73 -30.11 -20.43 25.13
N ALA SB 74 -29.38 -20.45 24.04
CA ALA SB 74 -29.94 -20.21 22.72
C ALA SB 74 -28.83 -20.47 21.70
N ALA SB 75 -29.06 -20.05 20.47
CA ALA SB 75 -27.95 -19.56 19.67
C ALA SB 75 -27.45 -18.32 20.40
N ALA SB 76 -26.26 -18.41 21.01
CA ALA SB 76 -25.88 -17.51 22.09
C ALA SB 76 -26.04 -16.05 21.69
N ALA SB 77 -26.43 -15.23 22.68
CA ALA SB 77 -26.61 -13.79 22.53
C ALA SB 77 -27.60 -13.47 21.42
N ALA SB 78 -28.81 -14.02 21.54
CA ALA SB 78 -29.82 -13.81 20.52
C ALA SB 78 -30.24 -12.35 20.45
N ALA SB 79 -31.02 -11.91 21.44
CA ALA SB 79 -31.30 -10.51 21.71
C ALA SB 79 -31.94 -9.76 20.55
N ALA SB 80 -32.01 -10.40 19.39
CA ALA SB 80 -32.58 -9.82 18.19
C ALA SB 80 -33.61 -10.71 17.54
N ALA SB 81 -33.61 -12.00 17.86
CA ALA SB 81 -34.83 -12.79 17.83
C ALA SB 81 -35.56 -12.42 19.11
N ALA SB 82 -36.58 -13.18 19.47
CA ALA SB 82 -37.46 -12.86 20.59
C ALA SB 82 -38.36 -11.70 20.22
N ALA SB 83 -38.12 -11.10 19.05
CA ALA SB 83 -39.16 -10.32 18.38
C ALA SB 83 -39.82 -11.23 17.35
N ALA SB 84 -39.09 -11.57 16.29
CA ALA SB 84 -39.28 -12.75 15.44
C ALA SB 84 -38.28 -12.65 14.29
N ALA SB 85 -37.83 -13.79 13.76
CA ALA SB 85 -36.88 -13.78 12.66
C ALA SB 85 -36.56 -15.20 12.22
N ALA SB 86 -35.65 -15.32 11.26
CA ALA SB 86 -34.96 -16.57 10.96
C ALA SB 86 -33.49 -16.24 10.90
N ALA SB 87 -32.75 -16.59 11.95
CA ALA SB 87 -31.35 -16.20 12.06
C ALA SB 87 -30.57 -16.67 10.85
N ALA SB 88 -29.64 -15.85 10.39
CA ALA SB 88 -28.91 -16.12 9.16
C ALA SB 88 -27.62 -16.89 9.43
N ALA SB 89 -26.62 -16.24 10.03
CA ALA SB 89 -25.32 -16.84 10.28
C ALA SB 89 -24.39 -15.79 10.84
N ALA SB 90 -23.17 -16.20 11.17
CA ALA SB 90 -22.05 -15.27 11.23
C ALA SB 90 -20.80 -16.14 11.11
N ALA SB 91 -20.15 -16.06 9.95
CA ALA SB 91 -19.00 -16.90 9.70
C ALA SB 91 -17.95 -16.68 10.79
N ALA SB 92 -17.25 -17.75 11.15
CA ALA SB 92 -16.50 -17.74 12.40
C ALA SB 92 -15.25 -16.88 12.31
N ALA SB 93 -14.30 -17.28 11.46
CA ALA SB 93 -12.98 -16.65 11.39
C ALA SB 93 -12.40 -16.45 12.79
N ALA SB 94 -12.71 -17.37 13.70
CA ALA SB 94 -12.42 -17.19 15.11
C ALA SB 94 -12.59 -18.49 15.87
N CYS TB 30 -42.18 8.62 -31.78
CA CYS TB 30 -43.46 9.01 -31.17
C CYS TB 30 -44.25 7.81 -30.67
N ILE TB 31 -44.33 7.70 -29.33
CA ILE TB 31 -45.05 6.60 -28.73
C ILE TB 31 -46.52 6.68 -29.10
N SER TB 32 -47.15 5.51 -29.25
CA SER TB 32 -48.51 5.36 -29.76
C SER TB 32 -48.58 5.72 -31.23
N GLY TB 33 -47.46 6.18 -31.80
CA GLY TB 33 -47.41 6.53 -33.21
C GLY TB 33 -48.30 7.70 -33.57
N GLY TB 34 -49.34 7.43 -34.35
CA GLY TB 34 -50.25 8.48 -34.76
C GLY TB 34 -51.42 8.63 -33.82
N GLY TB 35 -51.38 9.64 -32.97
CA GLY TB 35 -52.48 9.92 -32.07
C GLY TB 35 -53.79 10.01 -32.82
N ARG TB 36 -53.88 10.97 -33.74
CA ARG TB 36 -55.00 11.04 -34.67
C ARG TB 36 -54.58 10.94 -36.12
N GLY TB 37 -53.63 11.77 -36.55
CA GLY TB 37 -53.30 11.86 -37.95
C GLY TB 37 -52.63 10.65 -38.56
N ASP TB 38 -51.42 10.35 -38.11
CA ASP TB 38 -50.51 9.47 -38.84
C ASP TB 38 -51.06 8.06 -38.98
N LEU TB 39 -50.52 7.34 -39.97
CA LEU TB 39 -50.78 5.93 -40.15
C LEU TB 39 -49.92 5.10 -39.21
N PHE TB 40 -48.67 5.49 -39.02
CA PHE TB 40 -47.72 4.72 -38.23
C PHE TB 40 -48.15 4.66 -36.77
N THR TB 41 -47.82 3.55 -36.14
CA THR TB 41 -48.05 3.38 -34.71
C THR TB 41 -47.01 2.41 -34.18
N ARG TB 42 -47.16 2.06 -32.91
CA ARG TB 42 -46.22 1.16 -32.25
C ARG TB 42 -47.01 0.12 -31.47
N HIS TB 43 -47.32 -0.99 -32.14
CA HIS TB 43 -48.20 -2.03 -31.60
C HIS TB 43 -47.59 -3.39 -31.89
N ALA TB 44 -47.21 -4.12 -30.84
CA ALA TB 44 -46.86 -5.54 -30.94
C ALA TB 44 -45.63 -5.79 -31.80
N SER TB 45 -45.12 -4.75 -32.44
CA SER TB 45 -43.85 -4.79 -33.16
C SER TB 45 -42.86 -3.79 -32.61
N ALA TB 46 -43.32 -2.83 -31.82
CA ALA TB 46 -42.47 -2.06 -30.92
C ALA TB 46 -42.44 -2.86 -29.63
N PHE TB 47 -41.30 -3.46 -29.35
CA PHE TB 47 -41.11 -4.42 -28.29
C PHE TB 47 -41.11 -3.71 -26.93
N LYS TB 48 -40.71 -4.45 -25.89
CA LYS TB 48 -40.45 -3.84 -24.59
C LYS TB 48 -38.98 -4.03 -24.25
N PRO TB 49 -38.16 -2.99 -24.27
CA PRO TB 49 -36.74 -3.14 -23.97
C PRO TB 49 -36.50 -3.31 -22.49
N PRO TB 50 -35.87 -4.41 -22.08
CA PRO TB 50 -35.78 -4.73 -20.66
C PRO TB 50 -34.49 -4.26 -20.00
N ALA TB 51 -33.53 -3.80 -20.81
CA ALA TB 51 -32.20 -3.43 -20.32
C ALA TB 51 -31.92 -1.98 -20.67
N PHE TB 52 -32.38 -1.07 -19.81
CA PHE TB 52 -32.13 0.36 -19.89
C PHE TB 52 -32.75 1.01 -18.66
N GLY TB 53 -32.32 2.24 -18.37
CA GLY TB 53 -32.93 2.99 -17.30
C GLY TB 53 -34.28 3.52 -17.73
N VAL TB 54 -35.35 2.84 -17.30
CA VAL TB 54 -36.70 3.18 -17.74
C VAL TB 54 -37.00 4.63 -17.41
N LEU TB 55 -37.33 5.41 -18.44
CA LEU TB 55 -37.17 6.85 -18.36
C LEU TB 55 -38.05 7.46 -17.28
N ARG TB 56 -39.36 7.49 -17.50
CA ARG TB 56 -40.20 8.38 -16.72
C ARG TB 56 -41.36 7.59 -16.16
N GLY TB 57 -42.32 8.31 -15.60
CA GLY TB 57 -43.44 7.70 -14.95
C GLY TB 57 -43.10 6.85 -13.75
N LEU TB 58 -41.81 6.62 -13.49
CA LEU TB 58 -41.43 5.92 -12.29
C LEU TB 58 -41.66 6.86 -11.12
N THR TB 59 -42.92 7.17 -10.86
CA THR TB 59 -43.27 8.00 -9.71
C THR TB 59 -42.63 7.45 -8.45
N HIS TB 60 -42.83 6.17 -8.19
CA HIS TB 60 -42.30 5.53 -7.01
C HIS TB 60 -41.18 4.59 -7.39
N SER TB 61 -40.32 4.29 -6.42
CA SER TB 61 -39.24 3.35 -6.67
C SER TB 61 -39.75 1.92 -6.75
N SER TB 62 -40.94 1.68 -6.22
CA SER TB 62 -41.58 0.37 -6.35
C SER TB 62 -41.79 -0.03 -7.80
N GLN TB 63 -41.70 0.91 -8.72
CA GLN TB 63 -41.98 0.68 -10.12
C GLN TB 63 -40.85 0.02 -10.83
N THR TB 64 -39.96 -0.70 -10.14
CA THR TB 64 -38.92 -1.47 -10.80
C THR TB 64 -39.28 -2.94 -10.97
N THR TB 65 -39.90 -3.54 -9.95
CA THR TB 65 -40.30 -4.94 -10.02
C THR TB 65 -41.74 -5.11 -10.45
N HIS TB 66 -42.56 -4.08 -10.26
CA HIS TB 66 -43.93 -4.06 -10.75
C HIS TB 66 -44.24 -2.65 -11.23
N PRO TB 67 -43.75 -2.29 -12.41
CA PRO TB 67 -44.05 -0.95 -12.93
C PRO TB 67 -45.54 -0.72 -13.12
N GLN TB 68 -46.31 -1.79 -13.31
CA GLN TB 68 -47.75 -1.70 -13.42
C GLN TB 68 -48.18 -0.61 -14.38
N THR TB 69 -47.52 -0.50 -15.52
CA THR TB 69 -48.09 0.31 -16.58
C THR TB 69 -49.32 -0.40 -17.13
N GLY TB 70 -50.07 0.31 -17.96
CA GLY TB 70 -51.37 -0.19 -18.34
C GLY TB 70 -52.41 0.46 -17.47
N GLN TB 71 -52.12 0.61 -16.19
CA GLN TB 71 -52.90 1.53 -15.38
C GLN TB 71 -52.83 2.91 -16.00
N LEU TB 72 -53.97 3.58 -16.10
CA LEU TB 72 -54.03 4.76 -16.96
C LEU TB 72 -53.22 5.92 -16.41
N ARG TB 73 -53.05 6.01 -15.10
CA ARG TB 73 -52.33 7.13 -14.53
C ARG TB 73 -50.84 6.86 -14.46
N ALA TB 74 -50.46 5.62 -14.22
CA ALA TB 74 -49.07 5.19 -14.33
C ALA TB 74 -48.67 4.97 -15.73
N ARG TB 75 -49.49 5.41 -16.68
CA ARG TB 75 -49.14 5.37 -18.09
C ARG TB 75 -49.03 6.75 -18.71
N LYS TB 76 -49.89 7.70 -18.33
CA LYS TB 76 -49.76 9.05 -18.87
C LYS TB 76 -48.47 9.68 -18.39
N LEU TB 77 -48.03 9.32 -17.18
CA LEU TB 77 -46.72 9.76 -16.73
C LEU TB 77 -45.62 9.18 -17.60
N ILE TB 78 -45.74 7.90 -17.96
CA ILE TB 78 -44.72 7.24 -18.76
C ILE TB 78 -44.85 7.60 -20.23
N GLN TB 79 -46.06 7.58 -20.77
CA GLN TB 79 -46.23 7.71 -22.22
C GLN TB 79 -45.93 9.13 -22.70
N HIS TB 80 -46.08 10.13 -21.85
CA HIS TB 80 -45.91 11.49 -22.31
C HIS TB 80 -44.46 11.86 -22.52
N ALA TB 81 -43.59 11.48 -21.59
CA ALA TB 81 -42.19 11.86 -21.64
C ALA TB 81 -41.37 10.94 -22.53
N MET TB 82 -42.00 9.95 -23.16
CA MET TB 82 -41.32 9.01 -24.01
C MET TB 82 -41.04 9.65 -25.35
N HIS TB 83 -40.77 8.85 -26.38
CA HIS TB 83 -40.60 9.34 -27.74
C HIS TB 83 -41.60 10.45 -28.01
N ASP TB 84 -41.09 11.62 -28.41
CA ASP TB 84 -41.86 12.86 -28.38
C ASP TB 84 -43.29 12.65 -28.83
N ARG TB 85 -44.23 13.02 -27.98
CA ARG TB 85 -45.60 13.15 -28.44
C ARG TB 85 -45.62 14.23 -29.51
N THR TB 86 -45.76 13.79 -30.77
CA THR TB 86 -45.29 14.56 -31.92
C THR TB 86 -45.71 16.02 -31.85
N LEU TB 87 -44.73 16.92 -31.67
CA LEU TB 87 -44.98 18.34 -31.59
C LEU TB 87 -43.93 19.19 -32.31
N SER TB 88 -42.99 18.59 -33.03
CA SER TB 88 -41.93 19.22 -33.80
C SER TB 88 -40.88 19.89 -32.92
N GLY TB 89 -41.09 19.98 -31.62
CA GLY TB 89 -40.38 20.85 -30.69
C GLY TB 89 -41.51 21.76 -30.24
N SER TB 90 -41.57 22.00 -28.92
CA SER TB 90 -42.78 22.54 -28.33
C SER TB 90 -43.20 23.88 -28.92
N GLY TB 91 -42.44 24.43 -29.86
CA GLY TB 91 -42.90 25.57 -30.61
C GLY TB 91 -42.59 25.49 -32.10
N HIS TB 92 -41.91 24.43 -32.52
CA HIS TB 92 -41.52 24.33 -33.92
C HIS TB 92 -42.76 24.12 -34.79
N HIS TB 93 -42.57 24.27 -36.09
CA HIS TB 93 -43.68 24.18 -37.03
C HIS TB 93 -44.12 22.73 -37.18
N ARG TB 94 -45.40 22.48 -36.97
CA ARG TB 94 -45.98 21.17 -37.16
C ARG TB 94 -46.86 21.17 -38.41
N THR TB 95 -47.10 19.97 -38.93
CA THR TB 95 -47.71 19.84 -40.24
C THR TB 95 -49.22 20.04 -40.17
N ALA TB 96 -49.77 20.54 -41.28
CA ALA TB 96 -51.21 20.77 -41.42
C ALA TB 96 -51.77 19.59 -42.20
N VAL TB 97 -52.10 18.52 -41.48
CA VAL TB 97 -52.60 17.31 -42.11
C VAL TB 97 -54.12 17.22 -42.06
N ALA TB 98 -54.78 18.03 -41.24
CA ALA TB 98 -56.21 17.86 -41.02
C ALA TB 98 -57.05 18.36 -42.18
N THR TB 99 -56.45 19.09 -43.12
CA THR TB 99 -57.22 19.83 -44.10
C THR TB 99 -57.40 19.04 -45.39
N TRP TB 100 -58.56 19.21 -46.02
CA TRP TB 100 -58.85 18.54 -47.28
C TRP TB 100 -57.82 18.86 -48.34
N SER TB 101 -57.18 20.02 -48.25
CA SER TB 101 -56.12 20.37 -49.18
C SER TB 101 -54.88 19.51 -49.00
N TYR TB 102 -54.84 18.65 -47.98
CA TYR TB 102 -53.72 17.74 -47.83
C TYR TB 102 -54.14 16.29 -47.93
N LEU TB 103 -55.19 15.90 -47.21
CA LEU TB 103 -55.59 14.49 -47.17
C LEU TB 103 -55.90 13.96 -48.55
N LEU TB 104 -56.59 14.74 -49.37
CA LEU TB 104 -57.09 14.18 -50.62
C LEU TB 104 -56.05 14.19 -51.73
N PRO TB 105 -55.25 15.24 -51.92
CA PRO TB 105 -54.06 15.09 -52.75
C PRO TB 105 -53.00 14.19 -52.14
N SER TB 106 -53.14 13.81 -50.88
CA SER TB 106 -52.34 12.70 -50.34
C SER TB 106 -52.89 11.37 -50.83
N LEU TB 107 -54.19 11.16 -50.68
CA LEU TB 107 -54.81 9.94 -51.16
C LEU TB 107 -54.66 9.78 -52.66
N ARG TB 108 -54.43 10.87 -53.39
CA ARG TB 108 -54.11 10.75 -54.80
C ARG TB 108 -52.84 9.93 -55.01
N GLN TB 109 -51.82 10.18 -54.19
CA GLN TB 109 -50.53 9.51 -54.39
C GLN TB 109 -50.56 8.06 -53.90
N ASN TB 110 -51.43 7.75 -52.94
CA ASN TB 110 -51.54 6.37 -52.46
C ASN TB 110 -51.93 5.44 -53.60
N VAL TB 111 -53.11 5.67 -54.18
CA VAL TB 111 -53.60 4.80 -55.23
C VAL TB 111 -52.86 5.04 -56.55
N GLU TB 112 -52.27 6.20 -56.75
CA GLU TB 112 -51.43 6.42 -57.91
C GLU TB 112 -50.08 5.73 -57.80
N GLN TB 113 -49.81 5.06 -56.68
CA GLN TB 113 -48.59 4.28 -56.52
C GLN TB 113 -48.88 2.81 -56.28
N ALA TB 114 -49.76 2.50 -55.32
CA ALA TB 114 -50.09 1.10 -55.06
C ALA TB 114 -50.89 0.49 -56.20
N VAL TB 115 -51.42 1.32 -57.10
CA VAL TB 115 -52.09 0.89 -58.32
C VAL TB 115 -51.62 1.77 -59.47
N PRO TB 116 -50.51 1.46 -60.11
CA PRO TB 116 -50.06 2.29 -61.25
C PRO TB 116 -51.05 2.22 -62.39
N ASP TB 117 -50.96 3.21 -63.29
CA ASP TB 117 -51.97 3.35 -64.35
C ASP TB 117 -52.06 2.10 -65.22
N THR TB 118 -50.97 1.34 -65.32
CA THR TB 118 -51.00 0.09 -66.07
C THR TB 118 -52.06 -0.85 -65.55
N LEU TB 119 -52.34 -0.82 -64.25
CA LEU TB 119 -53.49 -1.54 -63.73
C LEU TB 119 -54.78 -0.79 -63.98
N TYR TB 120 -54.72 0.55 -63.89
CA TYR TB 120 -55.89 1.37 -64.13
C TYR TB 120 -56.37 1.25 -65.57
N GLU TB 121 -55.44 1.21 -66.51
CA GLU TB 121 -55.85 1.08 -67.91
C GLU TB 121 -56.54 -0.24 -68.15
N LYS TB 122 -55.92 -1.35 -67.73
CA LYS TB 122 -56.48 -2.66 -68.03
C LYS TB 122 -57.76 -2.90 -67.26
N LEU TB 123 -57.98 -2.17 -66.17
CA LEU TB 123 -59.23 -2.28 -65.45
C LEU TB 123 -60.29 -1.37 -66.06
N LEU TB 124 -59.95 -0.09 -66.25
CA LEU TB 124 -60.91 0.86 -66.77
C LEU TB 124 -61.30 0.54 -68.20
N THR TB 125 -60.32 0.25 -69.05
CA THR TB 125 -60.63 -0.02 -70.44
C THR TB 125 -61.24 -1.40 -70.61
N ASP TB 126 -60.44 -2.44 -70.42
CA ASP TB 126 -60.89 -3.80 -70.68
C ASP TB 126 -61.47 -4.41 -69.41
N GLU TB 127 -62.41 -5.33 -69.60
CA GLU TB 127 -62.96 -6.08 -68.49
C GLU TB 127 -62.27 -7.43 -68.31
N VAL TB 128 -61.33 -7.77 -69.20
CA VAL TB 128 -60.65 -9.06 -69.20
C VAL TB 128 -59.82 -9.18 -67.92
N PRO TB 129 -59.55 -10.39 -67.45
CA PRO TB 129 -58.80 -10.54 -66.19
C PRO TB 129 -57.34 -10.15 -66.38
N LEU TB 130 -56.83 -9.37 -65.43
CA LEU TB 130 -55.46 -8.89 -65.54
C LEU TB 130 -54.47 -10.04 -65.52
N THR TB 131 -54.35 -10.68 -64.36
CA THR TB 131 -53.63 -11.94 -64.12
C THR TB 131 -53.78 -12.17 -62.62
N PRO TB 132 -53.46 -13.36 -62.10
CA PRO TB 132 -53.49 -13.51 -60.63
C PRO TB 132 -52.60 -12.51 -59.91
N ALA TB 133 -51.37 -12.31 -60.39
CA ALA TB 133 -50.46 -11.37 -59.76
C ALA TB 133 -51.09 -9.98 -59.68
N GLU TB 134 -51.42 -9.40 -60.82
CA GLU TB 134 -51.98 -8.06 -60.83
C GLU TB 134 -53.34 -8.02 -60.14
N SER TB 135 -54.03 -9.15 -60.03
CA SER TB 135 -55.25 -9.18 -59.23
C SER TB 135 -54.93 -9.15 -57.75
N ARG TB 136 -53.74 -9.63 -57.36
CA ARG TB 136 -53.30 -9.44 -55.98
C ARG TB 136 -52.90 -7.99 -55.74
N GLN TB 137 -52.13 -7.41 -56.66
CA GLN TB 137 -51.80 -5.99 -56.54
C GLN TB 137 -53.05 -5.12 -56.60
N LEU TB 138 -54.14 -5.62 -57.16
CA LEU TB 138 -55.40 -4.89 -57.08
C LEU TB 138 -56.03 -5.05 -55.70
N ALA TB 139 -55.85 -6.21 -55.08
CA ALA TB 139 -56.40 -6.43 -53.74
C ALA TB 139 -55.41 -6.08 -52.66
N ASP TB 140 -54.12 -6.08 -52.97
CA ASP TB 140 -53.13 -5.58 -52.03
C ASP TB 140 -53.40 -4.11 -51.70
N ALA TB 141 -53.85 -3.34 -52.68
CA ALA TB 141 -54.15 -1.94 -52.47
C ALA TB 141 -55.61 -1.71 -52.12
N HIS TB 142 -56.49 -2.68 -52.38
CA HIS TB 142 -57.86 -2.63 -51.89
C HIS TB 142 -57.88 -2.33 -50.40
N ARG TB 143 -57.27 -3.22 -49.62
CA ARG TB 143 -57.18 -3.06 -48.18
C ARG TB 143 -56.05 -2.12 -47.76
N LEU TB 144 -55.48 -1.37 -48.69
CA LEU TB 144 -54.61 -0.26 -48.31
C LEU TB 144 -55.41 1.04 -48.27
N LEU TB 145 -56.49 1.13 -49.05
CA LEU TB 145 -57.40 2.25 -48.87
C LEU TB 145 -58.16 2.12 -47.56
N ARG TB 146 -58.60 0.90 -47.21
CA ARG TB 146 -59.26 0.68 -45.93
C ARG TB 146 -58.39 1.01 -44.74
N PHE TB 147 -57.10 1.29 -44.96
CA PHE TB 147 -56.23 1.70 -43.86
C PHE TB 147 -56.14 3.23 -43.78
N GLU TB 148 -55.64 3.88 -44.83
CA GLU TB 148 -55.53 5.33 -44.82
C GLU TB 148 -56.88 5.99 -44.64
N LEU TB 149 -57.96 5.30 -45.00
CA LEU TB 149 -59.29 5.79 -44.66
C LEU TB 149 -59.54 5.68 -43.16
N GLN TB 150 -59.42 4.47 -42.62
CA GLN TB 150 -59.73 4.25 -41.21
C GLN TB 150 -58.90 5.15 -40.31
N LYS TB 151 -57.72 5.55 -40.75
CA LYS TB 151 -56.86 6.40 -39.94
C LYS TB 151 -57.24 7.87 -40.09
N ARG TB 152 -57.41 8.33 -41.33
CA ARG TB 152 -57.65 9.73 -41.62
C ARG TB 152 -59.09 10.00 -42.05
N ILE TB 153 -60.05 9.24 -41.54
CA ILE TB 153 -61.43 9.56 -41.84
C ILE TB 153 -61.92 10.67 -40.94
N GLY TB 154 -61.61 10.59 -39.64
CA GLY TB 154 -62.05 11.62 -38.72
C GLY TB 154 -61.61 13.01 -39.13
N LEU TB 155 -60.48 13.11 -39.83
CA LEU TB 155 -60.02 14.40 -40.29
C LEU TB 155 -60.81 14.86 -41.51
N LEU TB 156 -61.22 13.92 -42.35
CA LEU TB 156 -61.85 14.30 -43.61
C LEU TB 156 -63.16 15.04 -43.37
N GLU TB 157 -63.89 14.66 -42.33
CA GLU TB 157 -65.20 15.25 -42.10
C GLU TB 157 -65.11 16.69 -41.63
N ASP TB 158 -64.05 17.04 -40.89
CA ASP TB 158 -63.93 18.40 -40.39
C ASP TB 158 -63.67 19.38 -41.52
N SER TB 159 -62.56 19.22 -42.21
CA SER TB 159 -62.26 20.15 -43.30
C SER TB 159 -63.15 19.97 -44.50
N LEU TB 160 -64.21 19.16 -44.39
CA LEU TB 160 -65.22 19.13 -45.43
C LEU TB 160 -65.95 20.46 -45.53
N ALA TB 161 -66.15 21.14 -44.40
CA ALA TB 161 -66.78 22.45 -44.41
C ALA TB 161 -66.02 23.40 -45.32
N ASP TB 162 -64.77 23.67 -45.00
CA ASP TB 162 -63.96 24.57 -45.80
C ASP TB 162 -63.27 23.87 -46.97
N ALA TB 163 -63.65 22.64 -47.29
CA ALA TB 163 -63.07 21.99 -48.45
C ALA TB 163 -63.48 22.72 -49.71
N ALA TB 164 -62.60 22.69 -50.71
CA ALA TB 164 -62.84 23.37 -51.98
C ALA TB 164 -63.29 22.36 -53.04
N LEU TB 165 -64.11 22.84 -53.96
CA LEU TB 165 -64.54 22.02 -55.10
C LEU TB 165 -63.38 21.36 -55.84
N PRO TB 166 -62.28 22.05 -56.14
CA PRO TB 166 -61.16 21.34 -56.78
C PRO TB 166 -60.72 20.10 -56.01
N TYR TB 167 -60.95 20.08 -54.70
CA TYR TB 167 -60.62 18.94 -53.88
C TYR TB 167 -61.83 18.08 -53.55
N LEU TB 168 -63.03 18.64 -53.59
CA LEU TB 168 -64.22 17.81 -53.41
C LEU TB 168 -64.54 17.00 -54.64
N LEU TB 169 -63.79 17.19 -55.72
CA LEU TB 169 -64.08 16.56 -56.99
C LEU TB 169 -63.28 15.29 -57.23
N GLN TB 170 -62.20 15.08 -56.50
CA GLN TB 170 -61.43 13.86 -56.61
C GLN TB 170 -61.85 12.79 -55.64
N TRP TB 171 -62.68 13.13 -54.66
CA TRP TB 171 -63.16 12.11 -53.73
C TRP TB 171 -63.86 10.95 -54.42
N PRO TB 172 -64.64 11.15 -55.47
CA PRO TB 172 -65.05 10.00 -56.29
C PRO TB 172 -63.95 9.50 -57.19
N ALA TB 173 -63.05 10.37 -57.65
CA ALA TB 173 -62.00 9.96 -58.57
C ALA TB 173 -60.89 9.18 -57.90
N LEU TB 174 -61.04 8.84 -56.61
CA LEU TB 174 -60.05 8.01 -55.94
C LEU TB 174 -60.45 6.54 -56.00
N PHE TB 175 -61.65 6.23 -55.51
CA PHE TB 175 -62.12 4.86 -55.39
C PHE TB 175 -62.24 4.16 -56.73
N GLN TB 176 -61.94 4.85 -57.83
CA GLN TB 176 -61.86 4.20 -59.12
C GLN TB 176 -60.56 3.44 -59.27
N ARG TB 177 -59.42 4.12 -59.07
CA ARG TB 177 -58.13 3.45 -59.21
C ARG TB 177 -57.93 2.36 -58.18
N ALA TB 178 -58.65 2.41 -57.07
CA ALA TB 178 -58.72 1.28 -56.15
C ALA TB 178 -59.77 0.26 -56.56
N TRP TB 179 -60.51 0.53 -57.63
CA TRP TB 179 -61.57 -0.35 -58.13
C TRP TB 179 -62.54 -0.77 -57.03
N LEU TB 180 -63.20 0.24 -56.50
CA LEU TB 180 -64.31 0.02 -55.57
C LEU TB 180 -65.46 0.90 -56.03
N ARG TB 181 -66.65 0.31 -56.10
CA ARG TB 181 -67.83 1.12 -56.37
C ARG TB 181 -68.02 2.08 -55.21
N LEU TB 182 -68.02 3.38 -55.52
CA LEU TB 182 -68.02 4.38 -54.46
C LEU TB 182 -69.18 4.24 -53.48
N PRO TB 183 -70.42 3.97 -53.91
CA PRO TB 183 -71.43 3.79 -52.87
C PRO TB 183 -71.65 2.32 -52.51
N GLY TB 238 -67.12 4.78 -34.91
CA GLY TB 238 -67.87 3.67 -35.47
C GLY TB 238 -67.20 3.03 -36.67
N ALA TB 239 -67.91 2.11 -37.31
CA ALA TB 239 -67.39 1.48 -38.52
C ALA TB 239 -67.31 2.51 -39.65
N LEU TB 240 -66.54 2.16 -40.68
CA LEU TB 240 -66.30 3.10 -41.76
C LEU TB 240 -67.47 3.18 -42.72
N VAL TB 241 -68.02 2.03 -43.10
CA VAL TB 241 -69.17 2.01 -44.02
C VAL TB 241 -70.27 2.97 -43.58
N PRO TB 242 -70.73 2.98 -42.32
CA PRO TB 242 -71.73 3.99 -41.94
C PRO TB 242 -71.28 5.41 -42.21
N ARG TB 243 -69.99 5.68 -42.03
CA ARG TB 243 -69.50 7.04 -42.11
C ARG TB 243 -68.98 7.41 -43.49
N LEU TB 244 -68.66 6.42 -44.33
CA LEU TB 244 -68.30 6.73 -45.71
C LEU TB 244 -69.53 7.06 -46.52
N ALA TB 245 -70.64 6.38 -46.25
CA ALA TB 245 -71.89 6.68 -46.94
C ALA TB 245 -72.28 8.12 -46.71
N GLN TB 246 -72.62 8.47 -45.46
CA GLN TB 246 -73.12 9.80 -45.16
C GLN TB 246 -72.17 10.87 -45.67
N LEU TB 247 -70.87 10.62 -45.60
CA LEU TB 247 -69.92 11.59 -46.12
C LEU TB 247 -70.00 11.68 -47.64
N THR TB 248 -70.04 10.53 -48.31
CA THR TB 248 -70.14 10.55 -49.78
C THR TB 248 -71.46 11.16 -50.22
N ARG TB 249 -72.53 10.93 -49.48
CA ARG TB 249 -73.75 11.66 -49.78
C ARG TB 249 -73.57 13.15 -49.46
N HIS TB 250 -72.86 13.45 -48.37
CA HIS TB 250 -72.65 14.86 -48.00
C HIS TB 250 -71.86 15.60 -49.06
N VAL TB 251 -70.83 14.95 -49.62
CA VAL TB 251 -70.02 15.66 -50.61
C VAL TB 251 -70.77 15.81 -51.91
N ILE TB 252 -71.55 14.79 -52.30
CA ILE TB 252 -72.22 14.81 -53.61
C ILE TB 252 -73.05 16.07 -53.76
N ARG TB 253 -73.86 16.38 -52.76
CA ARG TB 253 -74.67 17.59 -52.81
C ARG TB 253 -73.78 18.82 -52.93
N CYS TB 254 -72.77 18.93 -52.07
CA CYS TB 254 -71.89 20.09 -52.08
C CYS TB 254 -71.20 20.25 -53.43
N VAL TB 255 -71.04 19.17 -54.19
CA VAL TB 255 -70.48 19.30 -55.52
C VAL TB 255 -71.50 19.86 -56.49
N GLU TB 256 -72.74 19.36 -56.43
CA GLU TB 256 -73.77 19.85 -57.34
C GLU TB 256 -74.21 21.25 -56.96
N GLU TB 257 -74.23 21.56 -55.66
CA GLU TB 257 -74.42 22.93 -55.22
C GLU TB 257 -73.46 23.86 -55.92
N ASP TB 258 -72.16 23.59 -55.78
CA ASP TB 258 -71.15 24.40 -56.46
C ASP TB 258 -71.38 24.39 -57.96
N LEU TB 259 -71.60 23.20 -58.53
CA LEU TB 259 -71.88 23.14 -59.97
C LEU TB 259 -73.18 23.88 -60.30
N GLY TB 260 -74.17 23.81 -59.40
CA GLY TB 260 -75.32 24.67 -59.53
C GLY TB 260 -75.04 26.10 -59.12
N ARG TB 261 -73.97 26.32 -58.33
CA ARG TB 261 -73.52 27.67 -58.05
C ARG TB 261 -72.65 28.22 -59.17
N LEU TB 262 -72.23 27.38 -60.11
CA LEU TB 262 -71.39 27.85 -61.19
C LEU TB 262 -72.21 28.42 -62.35
N GLU TB 263 -73.33 27.78 -62.67
CA GLU TB 263 -74.14 28.22 -63.80
C GLU TB 263 -74.60 29.65 -63.63
N HIS TB 264 -74.83 30.07 -62.39
CA HIS TB 264 -75.15 31.46 -62.08
C HIS TB 264 -74.03 32.13 -61.31
N GLY TB 265 -72.80 31.65 -61.52
CA GLY TB 265 -71.64 32.07 -60.76
C GLY TB 265 -71.49 33.57 -60.62
N SER TB 266 -71.38 34.04 -59.37
CA SER TB 266 -71.12 35.44 -59.12
C SER TB 266 -69.74 35.80 -59.61
N GLU TB 267 -69.34 37.04 -59.36
CA GLU TB 267 -68.00 37.45 -59.75
C GLU TB 267 -66.99 36.95 -58.72
N PRO TB 268 -66.21 35.92 -59.04
CA PRO TB 268 -65.21 35.46 -58.07
C PRO TB 268 -64.09 36.46 -57.89
N ARG TB 269 -63.57 37.01 -58.99
CA ARG TB 269 -62.59 38.09 -58.94
C ARG TB 269 -62.94 39.08 -60.03
N GLU TB 270 -63.47 40.24 -59.65
CA GLU TB 270 -63.57 41.36 -60.55
C GLU TB 270 -62.23 42.07 -60.71
N ASP TB 271 -61.17 41.55 -60.11
CA ASP TB 271 -59.88 42.21 -60.06
C ASP TB 271 -58.80 41.13 -59.97
N GLY TB 272 -57.73 41.32 -60.73
CA GLY TB 272 -56.70 40.30 -60.81
C GLY TB 272 -57.02 39.27 -61.88
N ALA TB 273 -58.31 38.94 -62.01
CA ALA TB 273 -58.80 38.16 -63.16
C ALA TB 273 -60.29 38.44 -63.32
N PRO TB 274 -60.66 39.67 -63.69
CA PRO TB 274 -62.08 39.93 -63.98
C PRO TB 274 -62.57 39.23 -65.22
N ARG TB 275 -61.66 38.86 -66.13
CA ARG TB 275 -62.01 38.03 -67.28
C ARG TB 275 -61.90 36.57 -66.88
N SER TB 276 -63.03 35.86 -66.91
CA SER TB 276 -63.06 34.45 -66.53
C SER TB 276 -62.43 33.63 -67.66
N ARG TB 277 -61.09 33.60 -67.68
CA ARG TB 277 -60.34 32.75 -68.60
C ARG TB 277 -59.72 31.60 -67.83
N ARG TB 278 -59.64 30.44 -68.49
CA ARG TB 278 -59.24 29.17 -67.92
C ARG TB 278 -60.33 28.66 -66.99
N GLN TB 279 -61.26 29.54 -66.65
CA GLN TB 279 -62.38 29.11 -65.82
C GLN TB 279 -63.47 28.47 -66.68
N VAL TB 280 -63.48 28.78 -67.97
CA VAL TB 280 -64.47 28.18 -68.86
C VAL TB 280 -64.19 26.69 -69.01
N THR TB 281 -63.02 26.36 -69.54
CA THR TB 281 -62.72 24.96 -69.83
C THR TB 281 -62.55 24.14 -68.56
N LEU TB 282 -61.78 24.66 -67.61
CA LEU TB 282 -61.48 23.91 -66.40
C LEU TB 282 -62.75 23.59 -65.61
N GLU TB 283 -63.68 24.54 -65.51
CA GLU TB 283 -64.93 24.24 -64.83
C GLU TB 283 -65.94 23.54 -65.73
N ALA TB 284 -65.78 23.60 -67.05
CA ALA TB 284 -66.60 22.77 -67.93
C ALA TB 284 -66.19 21.31 -67.80
N ALA TB 285 -64.88 21.04 -67.91
CA ALA TB 285 -64.40 19.67 -67.78
C ALA TB 285 -64.72 19.10 -66.41
N TRP TB 286 -64.83 19.95 -65.39
CA TRP TB 286 -65.32 19.48 -64.09
C TRP TB 286 -66.73 18.91 -64.23
N ARG TB 287 -67.67 19.73 -64.70
CA ARG TB 287 -69.02 19.26 -64.96
C ARG TB 287 -69.02 18.06 -65.88
N ALA TB 288 -68.06 18.01 -66.81
CA ALA TB 288 -67.89 16.83 -67.64
C ALA TB 288 -67.44 15.64 -66.82
N GLN TB 289 -66.28 15.78 -66.17
CA GLN TB 289 -65.69 14.66 -65.45
C GLN TB 289 -66.43 14.34 -64.15
N TRP TB 290 -67.37 15.17 -63.73
CA TRP TB 290 -68.17 14.82 -62.56
C TRP TB 290 -69.20 13.75 -62.90
N ALA TB 291 -69.92 13.94 -64.01
CA ALA TB 291 -70.93 12.98 -64.41
C ALA TB 291 -70.33 11.76 -65.08
N SER TB 292 -69.05 11.82 -65.44
CA SER TB 292 -68.40 10.64 -66.01
C SER TB 292 -68.33 9.51 -64.99
N LEU TB 293 -68.03 9.85 -63.73
CA LEU TB 293 -67.96 8.82 -62.71
C LEU TB 293 -69.34 8.40 -62.21
N LEU TB 294 -70.37 9.23 -62.42
CA LEU TB 294 -71.67 8.91 -61.88
C LEU TB 294 -72.18 7.58 -62.43
N SER TB 295 -72.17 7.43 -63.75
CA SER TB 295 -72.53 6.13 -64.32
C SER TB 295 -71.61 5.03 -63.82
N TRP TB 296 -70.32 5.34 -63.65
CA TRP TB 296 -69.39 4.38 -63.07
C TRP TB 296 -69.83 4.02 -61.66
N HIS TB 297 -69.99 5.01 -60.80
CA HIS TB 297 -70.37 4.76 -59.41
C HIS TB 297 -71.80 4.24 -59.33
N ALA UB 1 -4.64 8.55 25.61
CA ALA UB 1 -4.02 7.58 26.51
C ALA UB 1 -5.06 6.75 27.25
N ALA UB 2 -5.30 7.08 28.51
CA ALA UB 2 -6.35 6.48 29.30
C ALA UB 2 -7.48 7.50 29.35
N ALA UB 3 -8.43 7.39 28.42
CA ALA UB 3 -9.46 8.40 28.28
C ALA UB 3 -10.40 8.42 29.48
N ALA UB 4 -10.24 9.42 30.35
CA ALA UB 4 -11.00 9.51 31.58
C ALA UB 4 -11.90 10.74 31.54
N ALA UB 5 -13.01 10.67 32.29
CA ALA UB 5 -13.94 11.78 32.48
C ALA UB 5 -14.52 12.27 31.15
N ALA UB 6 -15.39 11.43 30.59
CA ALA UB 6 -16.12 11.80 29.39
C ALA UB 6 -16.95 13.06 29.62
N ALA UB 7 -17.54 13.58 28.56
CA ALA UB 7 -18.40 14.76 28.65
C ALA UB 7 -19.56 14.61 27.68
N ALA UB 8 -20.77 14.56 28.23
CA ALA UB 8 -21.99 14.39 27.43
C ALA UB 8 -22.66 15.74 27.30
N ALA UB 9 -22.59 16.34 26.12
CA ALA UB 9 -23.10 17.69 25.89
C ALA UB 9 -24.60 17.60 25.63
N ALA UB 10 -25.39 18.39 26.37
CA ALA UB 10 -26.84 18.34 26.21
C ALA UB 10 -27.33 19.36 25.19
N ALA UB 11 -27.19 20.66 25.46
CA ALA UB 11 -27.21 21.57 24.31
C ALA UB 11 -26.12 22.63 24.32
N ALA UB 12 -26.41 23.75 24.99
CA ALA UB 12 -25.52 24.90 25.16
C ALA UB 12 -26.33 26.00 25.82
N ALA UB 13 -25.71 26.89 26.60
CA ALA UB 13 -26.42 28.04 27.17
C ALA UB 13 -27.58 27.58 28.06
N ALA UB 14 -27.72 26.28 28.23
CA ALA UB 14 -28.66 25.66 29.13
C ALA UB 14 -28.03 24.48 29.86
N ALA UB 15 -26.74 24.21 29.65
CA ALA UB 15 -26.03 23.16 30.34
C ALA UB 15 -24.93 23.67 31.26
N ALA UB 16 -24.52 24.93 31.11
CA ALA UB 16 -23.58 25.64 31.99
C ALA UB 16 -22.14 25.16 31.87
N ALA UB 17 -21.87 24.12 31.08
CA ALA UB 17 -20.53 23.67 30.72
C ALA UB 17 -19.81 23.03 31.89
N ALA UB 18 -20.39 23.13 33.08
CA ALA UB 18 -19.93 22.37 34.25
C ALA UB 18 -20.77 21.14 34.49
N ALA UB 19 -22.00 21.15 34.00
CA ALA UB 19 -22.88 20.00 34.05
C ALA UB 19 -22.67 19.05 32.88
N ALA UB 20 -21.97 19.48 31.83
CA ALA UB 20 -21.53 18.55 30.81
C ALA UB 20 -20.70 17.45 31.43
N ALA UB 21 -19.58 17.82 32.05
CA ALA UB 21 -18.72 16.86 32.71
C ALA UB 21 -19.34 16.30 33.98
N ALA UB 22 -20.55 16.74 34.35
CA ALA UB 22 -21.30 16.09 35.41
C ALA UB 22 -21.93 14.83 34.84
N ALA UB 23 -22.81 14.19 35.61
CA ALA UB 23 -23.18 12.80 35.36
C ALA UB 23 -21.97 11.89 35.41
N ALA UB 24 -21.01 12.25 36.24
CA ALA UB 24 -19.86 11.43 36.57
C ALA UB 24 -19.65 11.53 38.07
N ALA UB 25 -19.63 10.38 38.74
CA ALA UB 25 -19.69 10.33 40.20
C ALA UB 25 -18.40 10.86 40.77
N ALA UB 26 -18.40 12.11 41.21
CA ALA UB 26 -17.16 12.77 41.63
C ALA UB 26 -17.49 14.00 42.46
N ALA UB 27 -16.48 14.84 42.69
CA ALA UB 27 -16.69 16.14 43.32
C ALA UB 27 -17.50 17.06 42.44
N ALA UB 28 -17.49 16.83 41.12
CA ALA UB 28 -18.50 17.45 40.28
C ALA UB 28 -19.86 16.91 40.70
N ALA UB 29 -20.90 17.43 40.07
CA ALA UB 29 -22.29 17.36 40.53
C ALA UB 29 -22.45 18.31 41.71
N ALA UB 30 -21.53 19.26 41.86
CA ALA UB 30 -21.65 20.36 42.77
C ALA UB 30 -21.61 21.66 41.96
N ALA UB 31 -21.54 22.79 42.65
CA ALA UB 31 -21.42 24.07 41.99
C ALA UB 31 -19.95 24.46 41.92
N ALA UB 32 -19.49 24.79 40.71
CA ALA UB 32 -18.13 25.28 40.55
C ALA UB 32 -17.87 26.40 41.54
N ALA UB 33 -16.85 26.22 42.37
CA ALA UB 33 -16.61 27.15 43.46
C ALA UB 33 -16.14 28.51 42.96
N ALA UB 34 -15.38 28.56 41.87
CA ALA UB 34 -14.87 29.83 41.37
C ALA UB 34 -14.85 29.76 39.84
N ALA UB 35 -15.91 30.25 39.22
CA ALA UB 35 -16.06 30.19 37.78
C ALA UB 35 -15.29 31.34 37.12
N ALA UB 36 -14.88 31.10 35.89
CA ALA UB 36 -14.26 32.13 35.06
C ALA UB 36 -15.11 32.34 33.82
N ALA UB 37 -15.24 33.58 33.40
CA ALA UB 37 -16.14 33.93 32.29
C ALA UB 37 -15.57 33.49 30.96
N ALA ZB 1 -13.52 46.08 23.60
CA ALA ZB 1 -14.43 44.94 23.46
C ALA ZB 1 -15.16 44.65 24.77
N ALA ZB 2 -16.45 44.93 24.80
CA ALA ZB 2 -17.25 44.69 26.00
C ALA ZB 2 -17.77 43.26 26.05
N ALA ZB 3 -18.29 42.82 24.86
CA ALA ZB 3 -18.79 41.46 24.72
C ALA ZB 3 -17.91 40.47 25.46
N ALA ZB 4 -16.59 40.91 25.57
CA ALA ZB 4 -15.60 40.11 26.27
C ALA ZB 4 -14.89 39.15 25.33
N ALA ZB 5 -14.31 38.08 25.98
CA ALA ZB 5 -13.57 37.07 25.22
C ALA ZB 5 -12.14 36.95 25.72
N ALA ZB 6 -11.82 37.49 26.85
CA ALA ZB 6 -10.46 37.41 27.42
C ALA ZB 6 -10.36 36.15 28.26
N ALA ZB 7 -10.32 34.99 27.60
CA ALA ZB 7 -10.23 33.70 28.31
C ALA ZB 7 -8.84 33.55 28.94
N ALA ZB 8 -8.71 32.72 29.98
CA ALA ZB 8 -7.43 32.56 30.70
C ALA ZB 8 -6.53 31.63 29.88
N ALA ZB 9 -5.48 31.10 30.50
CA ALA ZB 9 -4.56 30.17 29.83
C ALA ZB 9 -5.27 28.83 29.61
N ALA ZB 10 -6.47 28.66 30.13
CA ALA ZB 10 -7.27 27.45 29.83
C ALA ZB 10 -8.42 27.18 30.80
N ALA ZB 11 -8.13 26.90 32.06
CA ALA ZB 11 -9.15 26.64 33.09
C ALA ZB 11 -10.43 27.41 32.78
N ALA ZB 12 -11.57 26.74 32.98
CA ALA ZB 12 -12.86 27.46 33.03
C ALA ZB 12 -13.29 27.55 34.49
N ALA ZB 13 -13.78 26.48 35.06
CA ALA ZB 13 -14.32 26.53 36.43
C ALA ZB 13 -13.52 25.61 37.34
N ALA ZB 14 -13.14 26.07 38.52
CA ALA ZB 14 -12.40 25.26 39.48
C ALA ZB 14 -13.26 25.07 40.72
N ALA ZB 15 -13.39 23.84 41.17
CA ALA ZB 15 -14.28 23.53 42.31
C ALA ZB 15 -13.51 23.74 43.61
N ALA ZB 16 -14.03 23.26 44.74
CA ALA ZB 16 -13.45 23.55 46.08
C ALA ZB 16 -12.12 22.85 46.33
N ALA ZB 17 -11.33 23.35 47.29
CA ALA ZB 17 -9.97 22.82 47.53
C ALA ZB 17 -9.92 21.36 47.98
N ALA ZB 18 -10.75 20.91 48.92
CA ALA ZB 18 -10.64 19.52 49.43
C ALA ZB 18 -9.20 19.15 49.72
N ALA ZB 19 -8.51 19.93 50.56
CA ALA ZB 19 -7.10 19.67 50.95
C ALA ZB 19 -6.13 20.10 49.86
N ALA ZB 20 -5.02 19.39 49.73
CA ALA ZB 20 -3.93 19.83 48.83
C ALA ZB 20 -4.42 19.90 47.38
N ALA ZB 21 -5.24 18.96 46.92
CA ALA ZB 21 -5.65 18.88 45.50
C ALA ZB 21 -6.90 19.68 45.17
N ALA ZB 22 -6.82 20.67 44.28
CA ALA ZB 22 -8.00 21.45 43.84
C ALA ZB 22 -8.33 21.10 42.39
N ALA ZB 23 -9.60 20.91 42.04
CA ALA ZB 23 -9.97 20.49 40.67
C ALA ZB 23 -9.80 21.65 39.70
N ALA ZB 24 -10.22 21.45 38.45
CA ALA ZB 24 -10.31 22.57 37.50
C ALA ZB 24 -10.82 22.00 36.19
N ALA ZB 25 -11.66 22.73 35.45
CA ALA ZB 25 -12.14 22.19 34.16
C ALA ZB 25 -11.05 22.18 33.08
N ALA ZB 26 -10.17 23.17 33.04
CA ALA ZB 26 -9.18 23.20 31.96
C ALA ZB 26 -9.90 22.95 30.65
N ALA ZB 27 -10.87 23.79 30.31
CA ALA ZB 27 -11.76 23.53 29.15
C ALA ZB 27 -11.05 23.40 27.81
N ALA ZB 28 -10.08 24.26 27.51
CA ALA ZB 28 -9.41 24.27 26.18
C ALA ZB 28 -9.98 23.28 25.17
N ALA ZB 29 -9.21 22.24 24.79
CA ALA ZB 29 -9.71 21.35 23.73
C ALA ZB 29 -9.42 19.87 23.92
N ALA ZB 30 -8.59 19.47 24.87
CA ALA ZB 30 -8.26 18.02 24.92
C ALA ZB 30 -7.63 17.64 26.25
N ALA ZB 31 -6.28 17.58 26.30
CA ALA ZB 31 -5.52 17.19 27.51
C ALA ZB 31 -4.27 16.45 27.08
N ALA ZB 32 -4.09 15.30 27.73
CA ALA ZB 32 -2.86 14.53 27.94
C ALA ZB 32 -2.27 15.06 29.24
N ALA ZB 33 -1.53 14.24 29.97
CA ALA ZB 33 -1.06 14.68 31.29
C ALA ZB 33 -0.31 13.52 31.89
N ALA ZB 34 -0.78 13.06 33.04
CA ALA ZB 34 -0.15 11.89 33.70
C ALA ZB 34 -1.01 11.64 34.92
N ALA ZB 35 -0.43 11.67 36.10
CA ALA ZB 35 -1.15 11.43 37.36
C ALA ZB 35 -0.16 10.80 38.33
N ALA ZB 36 0.07 11.45 39.45
CA ALA ZB 36 0.95 10.91 40.48
C ALA ZB 36 0.37 9.59 41.00
N ALA ZB 37 -0.94 9.51 41.24
CA ALA ZB 37 -1.49 8.31 41.89
C ALA ZB 37 -1.37 7.06 41.04
N ALA ZB 38 -1.64 7.17 39.75
CA ALA ZB 38 -1.44 6.03 38.83
C ALA ZB 38 -0.95 6.73 37.58
N ALA ZB 39 0.30 6.53 37.20
CA ALA ZB 39 0.83 7.35 36.10
C ALA ZB 39 0.51 6.74 34.76
N ALA ZB 40 -0.51 7.25 34.09
CA ALA ZB 40 -0.82 6.77 32.75
C ALA ZB 40 -1.18 8.00 31.96
N ALA ZB 41 -0.68 8.15 30.76
CA ALA ZB 41 -1.09 9.39 30.08
C ALA ZB 41 -2.60 9.38 30.13
N ALA ZB 42 -3.25 10.44 30.63
CA ALA ZB 42 -4.71 10.40 30.84
C ALA ZB 42 -5.41 11.52 30.11
N ALA ZB 43 -5.67 11.41 28.81
CA ALA ZB 43 -6.44 12.48 28.17
C ALA ZB 43 -7.75 12.57 28.93
N ALA ZB 44 -8.09 13.75 29.44
CA ALA ZB 44 -9.35 13.98 30.16
C ALA ZB 44 -9.15 15.31 30.83
N ALA ZB 45 -8.69 16.30 30.07
CA ALA ZB 45 -8.33 17.59 30.70
C ALA ZB 45 -9.61 18.22 31.20
N ALA ZB 46 -10.73 17.67 30.78
CA ALA ZB 46 -11.96 18.34 31.17
C ALA ZB 46 -11.89 18.40 32.69
N ALA ZB 47 -11.13 17.50 33.31
CA ALA ZB 47 -10.95 17.64 34.77
C ALA ZB 47 -9.52 17.25 35.19
N ALA ZB 48 -8.72 18.19 35.69
CA ALA ZB 48 -7.36 17.94 36.20
C ALA ZB 48 -7.28 18.43 37.63
N ALA ZB 49 -7.03 17.56 38.61
CA ALA ZB 49 -6.87 18.01 40.02
C ALA ZB 49 -5.40 18.29 40.32
N ALA ZB 50 -5.01 19.56 40.46
CA ALA ZB 50 -3.61 19.96 40.70
C ALA ZB 50 -3.26 19.55 42.13
N ALA ZB 51 -1.99 19.56 42.50
CA ALA ZB 51 -1.60 19.24 43.89
C ALA ZB 51 -1.70 20.54 44.66
N ALA ZB 52 -0.71 20.89 45.49
CA ALA ZB 52 -0.91 22.08 46.34
C ALA ZB 52 -1.25 23.26 45.45
N ALA ZB 53 -0.46 23.48 44.41
CA ALA ZB 53 -0.80 24.51 43.41
C ALA ZB 53 0.14 24.28 42.24
N ALA ZB 54 0.98 23.25 42.35
CA ALA ZB 54 1.99 23.08 41.29
C ALA ZB 54 1.27 22.47 40.09
N ALA ZB 55 1.26 23.19 38.99
CA ALA ZB 55 0.64 22.66 37.77
C ALA ZB 55 1.49 21.48 37.28
N ALA ZB 56 2.70 21.31 37.80
CA ALA ZB 56 3.56 20.16 37.45
C ALA ZB 56 2.93 18.84 37.90
N ALA ZB 57 2.33 18.80 39.08
CA ALA ZB 57 1.72 17.55 39.63
C ALA ZB 57 0.22 17.59 39.39
N ALA ZB 58 -0.38 16.54 38.82
CA ALA ZB 58 -1.80 16.59 38.43
C ALA ZB 58 -2.60 15.35 38.86
N ALA ZB 59 -3.93 15.39 38.79
CA ALA ZB 59 -4.83 14.29 39.20
C ALA ZB 59 -4.20 13.45 40.30
#